data_8XJI
#
_entry.id   8XJI
#
loop_
_entity.id
_entity.type
_entity.pdbx_description
1 polymer 'Peptidyl-prolyl cis-trans isomerase FKBP1B'
2 polymer Calmodulin-1
3 polymer 'Ryanodine receptor 1'
4 non-polymer Flubendiamide
5 non-polymer 'ZINC ION'
6 non-polymer 'CALCIUM ION'
7 non-polymer "ADENOSINE-5'-TRIPHOSPHATE"
8 non-polymer CAFFEINE
#
loop_
_entity_poly.entity_id
_entity_poly.type
_entity_poly.pdbx_seq_one_letter_code
_entity_poly.pdbx_strand_id
1 'polypeptide(L)'
;GVEIETISPGDGRTFPKKGQTCVVHYTGMLQNGKKFDSSRDRNKPFKFRIGKQEVIKGFEEGAAQMSLGQRAKLTCTPDV
AYGATGHPGVIPPNATLIFDVELLNLE
;
H,G,F,E
2 'polypeptide(L)'
;MADQLTEEQIAEFKEAFSLFDKDGDGTITTKALGTVMRSLGQNPTEAELQDMINEVDADGNGTIDFPAFLTMMARKMKDT
DSEEEIREAFRVFDKDGNGYISAAALRHVMTNLGEKLTDEEVDEMIREADIDGDGQVNYEAFVQMMTA
;
L,K,J,I
3 'polypeptide(L)'
;MGDGGEGEDEVQFLRTDDEVVLQCSATVLKEQLKLCLAAEGFGNRLCFLEPTSNAQNVPPDLAICCFTLEQSLSVRALQE
MLANTVEAGVESSQGGGHRTLLYGHAILLRHAHSRMYLSCLTTSRSMTDKLAFDVGLQEDATGEACWWTMHPASKQRSEG
EKVRVGDDLILVSVSSERYLHLSTASGELQVDASFMQTLWNMNPICSCCEEGYVTGGHVLRLFHGHMDECLTISAADSDD
QRRLVYYEGGAVCTHARSLWRLEPLRISWSGSHLRWGQPLRIRHVTTGRYLALTEDQGLVVVDACKAHTKATSFCFRVSK
EKLDTAPKRDVEGMGPPEIKYGESLCFVQHVASGLWLTYAAPDPKALRLGVLKKKAILHQEGHMDDALFLTRCQQEESQA
ARMIHSTAGLYNQFIKGLDSFSGKPRGSGPPAGPALPIEAVILSLQDLIGYFEPPSEELQHEEKQSKLRSLRNRQSLFQE
EGMLSLVLNCIDRLNVYTTAAHFAEYAGEEAAESWKEIVNLLYELLASLIRGNRANCALFSTNLDWVVSKLDRLEASSGI
LEVLYCVLIESPEVLNIIQENHIKSIISLLDKHGRNHKVLDVLCSLCVCNGVAVRSNQDLITENLLPGRELLLQTNLINY
VTSIRPNIFVGRAEGSTQYGKWYFEVMVDEVVPFLTAQATHLRVGWALTEGYSPYPGGGEGWGGNGVGDDLYSYGFDGLH
LWTGHVARPVTSPGQHLLAPEDVVSCCLDLSVPSISFRINGCPVQGVFEAFNLDGLFFPVVSFSAGVKVRFLLGGRHGEF
KFLPPPGYAPCHEAVLPRERLRLEPIKEYRREGPRGPHLVGPSRCLSHTDFVPCPVDTVQIVLPPHLERIREKLAENIHE
LWALTRIEQGWTYGPVRDDNKRLHPCLVNFHSLPEPERNYNLQMSGETLKTLLALGCHVGMADEKAEDNLKKTKLPKTYM
MSNGYKPAPLDLSHVRLTPAQTTLVDRLAENGHNVWARDRVAQGWSYSAVQDIPARRNPRLVPYRLLDEATKRSNRDSLC
QAVRTLLGYGYNIEPPDQEPSQVENQSRWDRVRIFRAEKSYTVQSGRWYFEFEAVTTGEMRVGWARPELRPDVELGADEL
AYVFNGHRGQRWHLGSEPFGRPWQSGDVVGCMIDLTENTIIFTLNGEVLMSDSGSETAFREIEIGDGFLPVCSLGPGQVG
HLNLGQDVSSLRFFAICGLQEGFEPFAINMQRPVTTWFSKSLPQFEPVPPEHPHYEVARMDGTVDTPPCLRLAHRTWGSQ
NSLVEMLFLRLSLPVQFHQHFRCTAGATPLAPPGLQPPAEDEARAAEPDPDYENLRRSAGGWGEAEGGKEGTAKEGTPGG
TPQPGVEAQPVRAENEKDATTEKNKKRGFLFKAKKAAMMTQPPATPALPRLPHDVVPADNRDDPEIILNTTTYYYSVRVF
AGQEPSCVWVGWVTPDYHQHDMNFDLSKVRAVTVTMGDEQGNVHSSLKCSNCYMVWGGDFVSPGQQGRISHTDLVIGCLV
DLATGLMTFTANGKESNTFFQVEPNTKLFPAVFVLPTHQNVIQFELGKQKNIMPLSAAMFLSERKNPAPQCPPRLEVQML
MPVSWSRMPNHFLQVETRRAGERLGWAVQCQDPLTMMALHIPEENRCMDILELSERLDLQRFHSHTLRLYRAVCALGNNR
VAHALCSHVDQAQLLHALEDAHLPGPLRAGYYDLLISIHLESACRSRRSMLSEYIVPLTPETRAITLFPPGRKGGNARRH
GLPGVGVTTSLRPPHHFSPPCFVAALPAAGVAEAPARLSPAIPLEALRDKALRMLGEAVRDGGQHARDPVGGSVEFQFVP
VLKLVSTLLVMGIFGDEDVKQILKMIEPEVFTEEEEEEEEEEEEEEEEEEDEEEKEEDEEEEEKEDAEKEEEEAPEGEKE
DLEEGLLQMKLPESVKLQMCNLLEYFCDQELQHRVESLAAFAERYVDKLQANQRSRYALLMRAFTMSAAETARRTREFRS
PPQEQINMLLHFKDEADEEDCPLPEDIRQDLQDFHQDLLAHCGIQLEGEEEEPEEETSLSSRLRSLLETVRLVKKKEEKP
EEELPAEEKKPQSLQELVSHMVVRWAQEDYVQSPELVRAMFSLLHRQYDGLGELLRALPRAYTISPSSVEDTMSLLECLG
QIRSLLIVQMGPQEENLMIQSIGNIMNNKVFYQHPNLMRALGMHETVMEVMVNVLGGGETKEIRFPKMVTSCCRFLCYFC
RISRQNQRSMFDHLSYLLENSGIGLGMQGSTPLDVAAASVIDNNELALALQEQDLEKVVSYLAGCGLQSCPMLLAKGYPD
IGWNPCGGERYLDFLRFAVFVNGESVEENANVVVRLLIRKPECFGPALRGEGGSGLLAAIEEAIRISEDPARDGPGVRRD
RRREHFGEEPPEENRVHLGHAIMSFYAALIDLLGRCAPEMHLIQAGKGEALRIRAILRSLVPLDDLVGIISLPLQIPTLG
KDGALVQPKMSASFVPDHKASMVLFLDRVYGIENQDFLLHVLDVGFLPDMRAAASLDTATFSTTEMALALNRYLCLAVLP
LITKCAPLFAGTEHRAIMVDSMLHTVYRLSRGRSLTKAQRDVIEDCLMALCRYIRPSMLQHLLRRLVFDVPILNEFAKMP
LKLLTNHYERCWKYYCLPTGWANFGVTSEEELHLTRKLFWGIFDSLAHKKYDQELYRMAMPCLCAIAGALPPDYVDASYS
SKAEKKATVDAEGNFDPRPVETLNVIIPEKLDSFINKFAEYTHEKWAFDKIQNNWSYGENVDEELKTHPMLRPYKTFSEK
DKEIYRWPIKESLKAMIAWEWTIEKAREGEEERTEKKKTRKISQTAQTYDPREGYNPQPPDLSGVTLSRELQAMAEQLAE
NYHNTWGRKKKQELEAKGGGTHPLLVPYDTLTAKEKARDREKAQELLKFLQMNGYAVTRGLKDMELDTSSIEKRFAFGFL
QQLLRWMDISQEFIAHLEAVVSSGRVEKSPHEQEIKFFAKILLPLINQYFTNHCLYFLSTPAKVLGSGGHASNKEKEMIT
SLFCKLAALVRHRVSLFGTDAPAVVNCLHILARSLDARTVMKSGPEIVKAGLRSFFESASEDIEKMVENLRLGKVSQART
QVKGVGQNLTYTTVALLPVLTTLFQHIAQHQFGDDVILDDVQVSCYRTLCSIYSLGTTKNTYVEKLRPALGECLARLAAA
MPVAFLEPQLNEYNACSVYTTKSPRERAILGLPNSVEEMCPDIPVLDRLMADIGGLAESGARYTEMPHVIEITLPMLCSY
LPRWWERGPEAPPPALPAGAPPPCTAVTSDHLNSLLGNILRIIVNNLGIDEATWMKRLAVFAQPIVSRARPELLHSHFIP
TIGRLRKRAGKVVAEEEQLRLEAKAEAEEGELLVRDEFSVLCRDLYALYPLLIRYVDNNRAHWLTEPNANAEELFRMVGE
IFIYWSKSHNFKREEQNFVVQNEINNMSFLTADSKSKMAKAGDAQSGGSDQERTKKKRRGDRYSVQTSLIVATLKKMLPI
GLNMCAPTDQDLIMLAKTRYALKDTDEEVREFLQNNLHLQGKVEGSPSLRWQMALYRGLPGREEDADDPEKIVRRVQEVS
AVLYHLEQTEHPYKSKKAVWHKLLSKQRRRAVVACFRMTPLYNLPTHRACNMFLESYKAAWILTEDHSFEDRMIDDLSKA
GEQEEEEEEVEEKKPDPLHQLVLHFSRTALTEKSKLDEDYLYMAYADIMAKSCHLEEGGENGEAEEEEVEVSFEEKEMEK
QRLLYQQSRLHTRGAAEMVLQMISACKGETGAMVSSTLKLGISILNGGNAEVQQKMLDYLKDKKEVGFFQSIQALMQTCS
VLDLNAFERQNKAEGLGMVNEDGTVINRQNGEKVMADDEFTQDLFRFLQLLCEGHNNDFQNYLRTQTGNTTTINIIICTV
DYLLRLQESISDFYWYYSGKDVIEEQGKRNFSKAMSVAKQVFNSLTEYIQGPCTGNQQSLAHSRLWDAVVGFLHVFAHMM
MKLAQDSSQIELLKELLDLQKDMVVMLLSLLEGNVVNGMIARQMVDMLVESSSNVEMILKFFDMFLKLKDIVGSEAFQDY
VTDPRGLISKKDFQKAMDSQKQFTGPEIQFLLSCSEADENEMINFEEFANRFQEPARDIGFNVAVLLTNLSEHVPHDPRL
RNFLELAESILEYFRPYLGRIEIMGASRRIERIYFEISETNRAQWEMPQVKESKRQFIFDVVNEGGEAEKMELFVSFCED
TIFEMQIAAQISEPEGEPEADEDEGMGEAAAEGAEEGAAGAEGAAGTVAAGATARLAAAAARALRGLSYRSLRRRVRRLR
RLTAREAATALAALLWAVVARAGAAGAGAAAGALRLLWGSLFGGGLVEGAKKVTVTELLAGMPDPTSDEVHGEQPAGPGG
DADGAGEGEGEGDAAEGDGDEEVAGHEAGPGGAEGVVAVADGGPFRPEGAGGLGDMGDTTPAEPPTPEGSPILKRKLGVD
GEEEELVPEPEPEPEPEPEKADEENGEKEEVPEAPPEPPKKAPPSPPAKKEEAGGAGMEFWGELEVQRVKFLNYLSRNFY
TLKYLALFLAFAINFILLFYKVSDSPPGEDDMEGSAAGDLAGAGSGGGSGWGSGAGEEAEGDEDENMVYYFLEESTGYME
PALWCLSLLHTLVAFLIIIGYNCLKVPLVIFKREKELARKLEFDGLYITEQPGDDDVKGQWDRLVLNTPSFPSNYWDKFV
KRKVLDKHGDIFGRERIAELLGMDLASLEITAHNERKPDPPPGLLTWLMSIDVKYQIWKFGVIFTDNSFLYSGWYMVMSL
LGHYNNFFFAAHLLDIAMGVKTLRTILSSVTHNGKQLVMTVGLLAVVVYLYTVVAFNFFRKFYNKSEDEDEPDMKCDDMM
TCYLFHMYVGVRAGGGIGDEIEDPAGDEYELYRVVFDITFFFFVIVILLAIIQGLIIDAFGELRDQQEQVKEDMETKCFI
CGIGSDYFDTTPHGFETHTLEEHNLANYMFFLMYLINKDETEHTGQESYVWKMYQERCWDFFPAGDCFRKQYEDQLS
;
D,A,B,C
#
# COMPACT_ATOMS: atom_id res chain seq x y z
N GLY A 1 -48.42 49.53 111.01
CA GLY A 1 -47.58 50.47 110.30
C GLY A 1 -48.36 51.34 109.34
N VAL A 2 -49.40 51.98 109.86
CA VAL A 2 -50.26 52.87 109.08
C VAL A 2 -50.16 54.26 109.69
N GLU A 3 -49.29 55.10 109.14
CA GLU A 3 -49.07 56.43 109.65
C GLU A 3 -49.78 57.43 108.76
N ILE A 4 -50.78 58.11 109.31
CA ILE A 4 -51.52 59.15 108.61
C ILE A 4 -51.09 60.51 109.15
N GLU A 5 -50.49 61.31 108.27
CA GLU A 5 -50.16 62.70 108.57
C GLU A 5 -51.03 63.57 107.67
N THR A 6 -51.77 64.50 108.29
CA THR A 6 -52.76 65.26 107.55
C THR A 6 -52.11 66.32 106.68
N ILE A 7 -52.77 66.63 105.58
CA ILE A 7 -52.33 67.65 104.63
C ILE A 7 -53.35 68.79 104.54
N SER A 8 -54.64 68.46 104.59
CA SER A 8 -55.69 69.45 104.71
C SER A 8 -56.90 68.79 105.37
N PRO A 9 -57.49 69.43 106.37
CA PRO A 9 -58.59 68.80 107.09
C PRO A 9 -59.89 68.90 106.33
N GLY A 10 -60.73 67.89 106.54
CA GLY A 10 -62.02 67.79 105.90
C GLY A 10 -63.13 68.17 106.85
N ASP A 11 -64.23 67.40 106.79
CA ASP A 11 -65.39 67.66 107.62
C ASP A 11 -65.10 67.35 109.09
N GLY A 12 -64.27 66.35 109.36
CA GLY A 12 -63.93 65.96 110.70
C GLY A 12 -64.95 65.09 111.40
N ARG A 13 -66.14 64.92 110.82
CA ARG A 13 -67.20 64.14 111.44
C ARG A 13 -67.71 63.01 110.57
N THR A 14 -67.59 63.13 109.25
CA THR A 14 -68.11 62.12 108.34
C THR A 14 -67.01 61.10 108.07
N PHE A 15 -67.28 59.84 108.41
CA PHE A 15 -66.32 58.77 108.24
C PHE A 15 -66.93 57.66 107.40
N PRO A 16 -66.13 56.93 106.63
CA PRO A 16 -66.68 55.80 105.87
C PRO A 16 -66.99 54.64 106.80
N LYS A 17 -68.16 54.05 106.59
CA LYS A 17 -68.60 52.88 107.33
C LYS A 17 -68.48 51.66 106.42
N LYS A 18 -68.64 50.48 106.99
CA LYS A 18 -68.43 49.26 106.22
C LYS A 18 -69.58 49.02 105.26
N GLY A 19 -69.34 48.14 104.28
CA GLY A 19 -70.31 47.89 103.24
C GLY A 19 -70.57 49.07 102.34
N GLN A 20 -69.60 49.95 102.15
CA GLN A 20 -69.81 51.21 101.46
C GLN A 20 -68.69 51.47 100.46
N THR A 21 -68.97 52.30 99.48
CA THR A 21 -67.98 52.65 98.49
C THR A 21 -67.30 53.96 98.87
N CYS A 22 -66.11 54.17 98.32
CA CYS A 22 -65.39 55.42 98.45
C CYS A 22 -64.98 55.87 97.07
N VAL A 23 -64.59 57.14 96.94
CA VAL A 23 -63.98 57.66 95.73
C VAL A 23 -62.73 58.43 96.14
N VAL A 24 -61.58 57.92 95.74
CA VAL A 24 -60.29 58.47 96.18
C VAL A 24 -59.53 58.92 94.94
N HIS A 25 -59.07 60.17 94.96
CA HIS A 25 -58.27 60.70 93.87
C HIS A 25 -56.79 60.65 94.24
N TYR A 26 -56.30 59.43 94.37
CA TYR A 26 -55.02 59.16 95.01
C TYR A 26 -53.85 59.41 94.09
N THR A 27 -52.65 59.27 94.67
CA THR A 27 -51.38 59.14 93.96
C THR A 27 -50.37 58.54 94.93
N GLY A 28 -49.35 57.88 94.39
CA GLY A 28 -48.37 57.21 95.21
C GLY A 28 -46.95 57.45 94.75
N MET A 29 -46.00 57.11 95.61
CA MET A 29 -44.57 57.23 95.33
C MET A 29 -43.83 56.07 95.98
N LEU A 30 -42.52 56.10 95.87
CA LEU A 30 -41.65 55.27 96.69
C LEU A 30 -40.89 56.16 97.66
N GLN A 31 -40.08 55.51 98.52
CA GLN A 31 -39.25 56.28 99.44
C GLN A 31 -38.13 57.02 98.74
N ASN A 32 -37.71 56.55 97.57
CA ASN A 32 -36.79 57.35 96.78
C ASN A 32 -37.48 58.55 96.18
N GLY A 33 -38.80 58.53 96.07
CA GLY A 33 -39.55 59.63 95.54
C GLY A 33 -40.04 59.45 94.13
N LYS A 34 -39.73 58.33 93.49
CA LYS A 34 -40.06 58.08 92.10
C LYS A 34 -41.55 57.77 91.99
N LYS A 35 -42.26 58.53 91.17
CA LYS A 35 -43.71 58.47 91.15
C LYS A 35 -44.20 57.33 90.28
N PHE A 36 -44.53 56.21 90.93
CA PHE A 36 -44.96 55.02 90.22
C PHE A 36 -46.42 55.02 89.82
N ASP A 37 -47.22 55.96 90.31
CA ASP A 37 -48.65 55.91 90.05
C ASP A 37 -49.28 57.27 90.28
N SER A 38 -50.41 57.48 89.61
CA SER A 38 -51.30 58.59 89.91
C SER A 38 -52.70 58.21 89.47
N SER A 39 -53.64 59.11 89.68
CA SER A 39 -55.01 58.93 89.22
C SER A 39 -55.49 60.07 88.35
N ARG A 40 -55.06 61.29 88.66
CA ARG A 40 -55.46 62.48 87.92
C ARG A 40 -54.99 62.47 86.48
N ASP A 41 -53.85 61.83 86.21
CA ASP A 41 -53.40 61.65 84.84
C ASP A 41 -54.34 60.77 84.06
N ARG A 42 -54.94 59.78 84.71
CA ARG A 42 -55.97 59.02 84.03
C ARG A 42 -57.31 59.71 84.08
N ASN A 43 -57.42 60.83 84.80
CA ASN A 43 -58.62 61.66 84.89
C ASN A 43 -59.81 60.88 85.41
N LYS A 44 -59.54 59.94 86.29
CA LYS A 44 -60.62 59.10 86.78
C LYS A 44 -60.57 59.06 88.29
N PRO A 45 -61.65 59.47 88.96
CA PRO A 45 -61.73 59.26 90.40
C PRO A 45 -61.82 57.78 90.71
N PHE A 46 -60.75 57.25 91.29
CA PHE A 46 -60.69 55.83 91.60
C PHE A 46 -61.66 55.50 92.72
N LYS A 47 -62.44 54.44 92.52
CA LYS A 47 -63.44 54.04 93.49
C LYS A 47 -63.20 52.60 93.93
N PHE A 48 -63.67 52.26 95.12
CA PHE A 48 -63.55 50.93 95.68
C PHE A 48 -64.49 50.80 96.87
N ARG A 49 -64.82 49.56 97.21
CA ARG A 49 -65.63 49.28 98.38
C ARG A 49 -64.73 48.91 99.54
N ILE A 50 -65.04 49.44 100.71
CA ILE A 50 -64.25 49.21 101.91
C ILE A 50 -64.58 47.82 102.43
N GLY A 51 -63.66 47.24 103.20
CA GLY A 51 -63.88 45.99 103.89
C GLY A 51 -63.66 44.74 103.07
N LYS A 52 -63.97 44.78 101.77
CA LYS A 52 -63.92 43.60 100.93
C LYS A 52 -62.52 43.27 100.42
N GLN A 53 -61.51 44.01 100.89
CA GLN A 53 -60.08 43.72 100.66
C GLN A 53 -59.72 43.74 99.17
N GLU A 54 -60.31 44.69 98.45
CA GLU A 54 -59.92 44.90 97.06
C GLU A 54 -58.54 45.54 96.99
N VAL A 55 -58.34 46.59 97.79
CA VAL A 55 -57.05 47.25 97.90
C VAL A 55 -56.18 46.48 98.88
N ILE A 56 -54.90 46.86 98.96
CA ILE A 56 -53.99 46.32 99.96
C ILE A 56 -54.39 46.77 101.35
N LYS A 57 -53.82 46.12 102.37
CA LYS A 57 -54.25 46.33 103.75
C LYS A 57 -53.88 47.71 104.26
N GLY A 58 -52.74 48.24 103.85
CA GLY A 58 -52.36 49.57 104.28
C GLY A 58 -53.20 50.67 103.68
N PHE A 59 -53.96 50.38 102.63
CA PHE A 59 -54.77 51.40 101.98
C PHE A 59 -56.11 51.59 102.70
N GLU A 60 -56.89 50.53 102.85
CA GLU A 60 -58.22 50.67 103.43
C GLU A 60 -58.16 50.96 104.92
N GLU A 61 -57.08 50.54 105.59
CA GLU A 61 -56.90 50.96 106.98
C GLU A 61 -56.60 52.44 107.08
N GLY A 62 -55.93 53.01 106.09
CA GLY A 62 -55.78 54.44 106.04
C GLY A 62 -57.08 55.12 105.65
N ALA A 63 -57.90 54.41 104.87
CA ALA A 63 -59.10 55.00 104.29
C ALA A 63 -60.17 55.33 105.32
N ALA A 64 -60.49 54.41 106.22
CA ALA A 64 -61.49 54.70 107.25
C ALA A 64 -60.96 55.62 108.34
N GLN A 65 -59.64 55.83 108.40
CA GLN A 65 -59.05 56.78 109.34
C GLN A 65 -59.03 58.20 108.81
N MET A 66 -59.82 58.51 107.80
CA MET A 66 -59.92 59.85 107.25
C MET A 66 -61.34 60.37 107.37
N SER A 67 -61.47 61.68 107.28
CA SER A 67 -62.78 62.31 107.20
C SER A 67 -63.08 62.64 105.75
N LEU A 68 -64.33 63.01 105.49
CA LEU A 68 -64.73 63.35 104.14
C LEU A 68 -64.10 64.68 103.74
N GLY A 69 -63.45 64.70 102.59
CA GLY A 69 -62.78 65.88 102.11
C GLY A 69 -61.40 66.12 102.70
N GLN A 70 -60.96 65.29 103.63
CA GLN A 70 -59.63 65.42 104.18
C GLN A 70 -58.60 65.00 103.15
N ARG A 71 -57.39 65.54 103.27
CA ARG A 71 -56.27 65.15 102.44
C ARG A 71 -55.17 64.64 103.37
N ALA A 72 -54.74 63.42 103.13
CA ALA A 72 -53.85 62.74 104.06
C ALA A 72 -52.65 62.17 103.32
N LYS A 73 -51.53 62.10 104.02
CA LYS A 73 -50.35 61.41 103.55
C LYS A 73 -50.21 60.13 104.33
N LEU A 74 -50.18 59.01 103.63
CA LEU A 74 -50.06 57.71 104.27
C LEU A 74 -48.63 57.21 104.15
N THR A 75 -48.34 56.15 104.90
CA THR A 75 -47.04 55.49 104.86
C THR A 75 -47.31 54.04 105.20
N CYS A 76 -47.39 53.20 104.17
CA CYS A 76 -47.68 51.79 104.38
C CYS A 76 -46.37 51.02 104.46
N THR A 77 -46.22 50.21 105.52
CA THR A 77 -44.99 49.50 105.79
C THR A 77 -44.82 48.34 104.80
N PRO A 78 -43.61 47.78 104.68
CA PRO A 78 -43.44 46.56 103.89
C PRO A 78 -44.31 45.39 104.30
N ASP A 79 -44.52 45.16 105.59
CA ASP A 79 -45.26 43.97 106.00
C ASP A 79 -46.75 44.09 105.73
N VAL A 80 -47.27 45.30 105.49
CA VAL A 80 -48.70 45.46 105.28
C VAL A 80 -49.07 45.36 103.81
N ALA A 81 -48.10 45.44 102.90
CA ALA A 81 -48.40 45.42 101.47
C ALA A 81 -47.16 45.00 100.70
N TYR A 82 -47.33 44.02 99.81
CA TYR A 82 -46.33 43.59 98.82
C TYR A 82 -45.03 43.16 99.49
N GLY A 83 -45.20 42.39 100.57
CA GLY A 83 -44.15 42.15 101.54
C GLY A 83 -42.87 41.52 101.06
N ALA A 84 -42.92 40.25 100.71
CA ALA A 84 -41.72 39.55 100.26
C ALA A 84 -41.45 39.81 98.80
N THR A 85 -42.37 39.43 97.92
CA THR A 85 -42.11 39.47 96.49
C THR A 85 -42.39 40.82 95.86
N GLY A 86 -43.34 41.59 96.37
CA GLY A 86 -43.72 42.81 95.69
C GLY A 86 -44.52 42.53 94.42
N HIS A 87 -44.96 43.63 93.81
CA HIS A 87 -45.68 43.53 92.55
C HIS A 87 -44.68 43.13 91.48
N PRO A 88 -45.07 42.33 90.49
CA PRO A 88 -44.16 42.04 89.38
C PRO A 88 -44.04 43.25 88.48
N GLY A 89 -42.82 43.61 88.15
CA GLY A 89 -42.55 44.64 87.17
C GLY A 89 -42.55 46.06 87.71
N VAL A 90 -43.23 46.32 88.80
CA VAL A 90 -43.42 47.68 89.28
C VAL A 90 -42.67 47.93 90.57
N ILE A 91 -43.07 47.29 91.65
CA ILE A 91 -42.63 47.63 92.99
C ILE A 91 -41.60 46.60 93.44
N PRO A 92 -40.41 47.02 93.87
CA PRO A 92 -39.36 46.06 94.20
C PRO A 92 -39.65 45.36 95.50
N PRO A 93 -38.94 44.27 95.80
CA PRO A 93 -39.17 43.56 97.07
C PRO A 93 -38.79 44.39 98.28
N ASN A 94 -39.61 44.27 99.33
CA ASN A 94 -39.45 44.95 100.62
C ASN A 94 -39.36 46.46 100.46
N ALA A 95 -40.42 47.01 99.91
CA ALA A 95 -40.46 48.44 99.59
C ALA A 95 -41.53 49.11 100.44
N THR A 96 -41.17 50.20 101.06
CA THR A 96 -42.08 51.00 101.84
C THR A 96 -42.75 52.01 100.93
N LEU A 97 -44.06 52.14 101.03
CA LEU A 97 -44.84 52.92 100.06
C LEU A 97 -45.31 54.21 100.71
N ILE A 98 -45.48 55.24 99.91
CA ILE A 98 -45.87 56.57 100.36
C ILE A 98 -46.99 57.06 99.46
N PHE A 99 -48.09 57.46 100.07
CA PHE A 99 -49.32 57.75 99.32
C PHE A 99 -49.77 59.17 99.60
N ASP A 100 -50.59 59.68 98.69
CA ASP A 100 -51.29 60.95 98.86
C ASP A 100 -52.72 60.75 98.36
N VAL A 101 -53.64 60.65 99.30
CA VAL A 101 -55.02 60.35 98.97
C VAL A 101 -55.89 61.55 99.28
N GLU A 102 -57.15 61.47 98.86
CA GLU A 102 -58.15 62.49 99.15
C GLU A 102 -59.52 61.85 98.99
N LEU A 103 -60.29 61.82 100.07
CA LEU A 103 -61.65 61.29 100.04
C LEU A 103 -62.53 62.31 99.33
N LEU A 104 -62.99 61.97 98.12
CA LEU A 104 -63.78 62.93 97.36
C LEU A 104 -65.18 63.05 97.93
N ASN A 105 -65.93 61.95 97.95
CA ASN A 105 -67.27 61.96 98.52
C ASN A 105 -67.67 60.55 98.91
N LEU A 106 -68.96 60.43 99.24
CA LEU A 106 -69.64 59.18 99.59
C LEU A 106 -68.96 58.52 100.79
N GLU A 107 -69.10 59.22 101.93
CA GLU A 107 -68.59 58.82 103.25
C GLU A 107 -67.08 58.59 103.28
N MET B 1 -71.23 8.70 62.89
CA MET B 1 -71.65 10.01 62.39
C MET B 1 -72.73 10.60 63.27
N ALA B 2 -72.40 11.67 63.99
CA ALA B 2 -73.31 12.28 64.94
C ALA B 2 -74.34 13.19 64.29
N ASP B 3 -74.36 13.27 62.97
CA ASP B 3 -75.30 14.12 62.26
C ASP B 3 -76.69 13.51 62.14
N GLN B 4 -76.86 12.22 62.48
CA GLN B 4 -78.14 11.57 62.32
C GLN B 4 -79.17 12.02 63.34
N LEU B 5 -78.77 12.75 64.36
CA LEU B 5 -79.70 13.41 65.26
C LEU B 5 -79.96 14.83 64.78
N THR B 6 -81.18 15.29 64.98
CA THR B 6 -81.52 16.66 64.61
C THR B 6 -81.10 17.61 65.72
N GLU B 7 -81.35 18.91 65.53
CA GLU B 7 -80.81 19.91 66.45
C GLU B 7 -81.51 19.90 67.79
N GLU B 8 -82.84 19.89 67.79
CA GLU B 8 -83.63 20.07 69.00
C GLU B 8 -83.44 18.97 70.03
N GLN B 9 -83.07 17.77 69.59
CA GLN B 9 -82.68 16.73 70.53
C GLN B 9 -81.41 17.11 71.27
N ILE B 10 -80.40 17.58 70.55
CA ILE B 10 -79.17 18.05 71.18
C ILE B 10 -79.45 19.25 72.06
N ALA B 11 -80.39 20.10 71.62
CA ALA B 11 -80.90 21.15 72.49
C ALA B 11 -81.57 20.57 73.72
N GLU B 12 -82.39 19.54 73.54
CA GLU B 12 -82.99 18.86 74.69
C GLU B 12 -81.95 18.09 75.50
N PHE B 13 -80.95 17.51 74.83
CA PHE B 13 -79.92 16.78 75.54
C PHE B 13 -79.07 17.70 76.40
N LYS B 14 -78.59 18.81 75.82
CA LYS B 14 -77.78 19.75 76.58
C LYS B 14 -78.57 20.40 77.70
N GLU B 15 -79.85 20.66 77.47
CA GLU B 15 -80.72 21.14 78.53
C GLU B 15 -80.83 20.10 79.65
N ALA B 16 -80.96 18.84 79.27
CA ALA B 16 -80.95 17.78 80.27
C ALA B 16 -79.58 17.62 80.91
N PHE B 17 -78.52 17.76 80.13
CA PHE B 17 -77.19 17.49 80.65
C PHE B 17 -76.72 18.61 81.58
N SER B 18 -76.99 19.86 81.21
CA SER B 18 -76.64 20.97 82.07
C SER B 18 -77.49 21.02 83.32
N LEU B 19 -78.68 20.42 83.29
CA LEU B 19 -79.53 20.40 84.47
C LEU B 19 -78.94 19.52 85.55
N PHE B 20 -78.27 18.43 85.16
CA PHE B 20 -77.63 17.54 86.10
C PHE B 20 -76.12 17.61 86.03
N ASP B 21 -75.58 18.63 85.37
CA ASP B 21 -74.15 18.87 85.36
C ASP B 21 -73.66 19.14 86.78
N LYS B 22 -72.52 18.53 87.12
CA LYS B 22 -72.05 18.52 88.50
C LYS B 22 -71.61 19.91 88.95
N ASP B 23 -70.63 20.49 88.27
CA ASP B 23 -70.15 21.81 88.63
C ASP B 23 -70.15 22.77 87.44
N GLY B 24 -70.92 22.45 86.40
CA GLY B 24 -70.81 23.17 85.15
C GLY B 24 -69.70 22.70 84.25
N ASP B 25 -68.88 21.73 84.71
CA ASP B 25 -67.80 21.19 83.91
C ASP B 25 -68.32 20.38 82.73
N GLY B 26 -69.48 19.75 82.88
CA GLY B 26 -69.91 18.75 81.94
C GLY B 26 -69.57 17.34 82.37
N THR B 27 -69.19 17.15 83.63
CA THR B 27 -69.03 15.84 84.20
C THR B 27 -70.30 15.46 84.97
N ILE B 28 -70.66 14.18 84.90
CA ILE B 28 -71.73 13.62 85.68
C ILE B 28 -71.26 12.29 86.22
N THR B 29 -72.00 11.78 87.21
CA THR B 29 -71.68 10.49 87.79
C THR B 29 -72.28 9.38 86.93
N THR B 30 -71.88 8.14 87.22
CA THR B 30 -72.45 6.99 86.53
C THR B 30 -73.92 6.79 86.85
N LYS B 31 -74.33 7.12 88.08
CA LYS B 31 -75.72 7.01 88.46
C LYS B 31 -76.58 8.04 87.75
N ALA B 32 -76.09 9.28 87.66
CA ALA B 32 -76.85 10.38 87.10
C ALA B 32 -77.15 10.19 85.63
N LEU B 33 -76.32 9.43 84.93
CA LEU B 33 -76.60 9.03 83.55
C LEU B 33 -77.89 8.23 83.45
N GLY B 34 -78.14 7.36 84.42
CA GLY B 34 -79.40 6.63 84.43
C GLY B 34 -80.58 7.53 84.77
N THR B 35 -80.39 8.44 85.72
CA THR B 35 -81.45 9.35 86.11
C THR B 35 -81.78 10.34 85.01
N VAL B 36 -80.79 10.80 84.25
CA VAL B 36 -81.06 11.81 83.25
C VAL B 36 -81.77 11.22 82.03
N MET B 37 -81.56 9.94 81.74
CA MET B 37 -82.35 9.33 80.68
C MET B 37 -83.77 9.07 81.13
N ARG B 38 -83.95 8.71 82.40
CA ARG B 38 -85.29 8.63 82.95
C ARG B 38 -85.89 10.01 83.21
N SER B 39 -85.05 11.05 83.28
CA SER B 39 -85.56 12.40 83.16
C SER B 39 -85.99 12.72 81.73
N LEU B 40 -85.49 11.98 80.74
CA LEU B 40 -85.94 12.10 79.37
C LEU B 40 -86.91 11.00 78.98
N GLY B 41 -87.47 10.29 79.96
CA GLY B 41 -88.46 9.26 79.71
C GLY B 41 -87.89 7.92 79.30
N GLN B 42 -86.64 7.89 78.84
CA GLN B 42 -85.99 6.65 78.45
C GLN B 42 -85.68 5.83 79.70
N ASN B 43 -86.14 4.58 79.73
CA ASN B 43 -85.92 3.71 80.89
C ASN B 43 -85.19 2.43 80.48
N PRO B 44 -83.87 2.48 80.33
CA PRO B 44 -83.12 1.26 80.15
C PRO B 44 -82.61 0.72 81.47
N THR B 45 -82.53 -0.60 81.56
CA THR B 45 -82.03 -1.18 82.80
C THR B 45 -80.51 -1.12 82.83
N GLU B 46 -79.94 -1.58 83.94
CA GLU B 46 -78.51 -1.53 84.19
C GLU B 46 -77.69 -2.35 83.21
N ALA B 47 -78.29 -3.31 82.51
CA ALA B 47 -77.62 -3.98 81.41
C ALA B 47 -77.28 -3.01 80.28
N GLU B 48 -78.24 -2.17 79.88
CA GLU B 48 -77.94 -1.18 78.85
C GLU B 48 -77.14 -0.02 79.41
N LEU B 49 -77.07 0.10 80.74
CA LEU B 49 -76.20 1.11 81.34
C LEU B 49 -74.77 0.62 81.44
N GLN B 50 -74.58 -0.68 81.73
CA GLN B 50 -73.23 -1.17 82.03
C GLN B 50 -72.35 -1.21 80.80
N ASP B 51 -72.86 -1.69 79.68
CA ASP B 51 -72.08 -1.83 78.46
C ASP B 51 -71.74 -0.48 77.81
N MET B 52 -72.42 0.58 78.20
CA MET B 52 -72.20 1.86 77.55
C MET B 52 -71.00 2.59 78.11
N ILE B 53 -70.78 2.51 79.43
CA ILE B 53 -69.63 3.19 80.03
C ILE B 53 -68.34 2.47 79.68
N ASN B 54 -68.34 1.13 79.71
CA ASN B 54 -67.13 0.41 79.34
C ASN B 54 -66.87 0.46 77.85
N GLU B 55 -67.88 0.83 77.05
CA GLU B 55 -67.66 1.12 75.64
C GLU B 55 -66.80 2.37 75.48
N VAL B 56 -66.96 3.35 76.37
CA VAL B 56 -66.20 4.58 76.30
C VAL B 56 -65.26 4.69 77.50
N ASN B 61 -64.16 5.16 84.60
CA ASN B 61 -63.56 6.14 85.51
C ASN B 61 -64.64 6.89 86.30
N GLY B 62 -65.90 6.68 85.93
CA GLY B 62 -67.02 7.33 86.57
C GLY B 62 -67.29 8.75 86.09
N THR B 63 -66.46 9.30 85.23
CA THR B 63 -66.57 10.67 84.76
C THR B 63 -67.10 10.65 83.34
N ILE B 64 -68.34 11.09 83.16
CA ILE B 64 -68.94 11.12 81.84
C ILE B 64 -68.93 12.56 81.35
N ASP B 65 -68.21 12.80 80.27
CA ASP B 65 -68.10 14.11 79.64
C ASP B 65 -69.12 14.23 78.52
N PHE B 66 -69.50 15.47 78.19
CA PHE B 66 -70.62 15.72 77.29
C PHE B 66 -70.44 15.20 75.86
N PRO B 67 -69.26 15.25 75.23
CA PRO B 67 -69.11 14.48 74.00
C PRO B 67 -69.14 12.98 74.21
N ALA B 68 -68.57 12.50 75.31
CA ALA B 68 -68.65 11.08 75.61
C ALA B 68 -70.08 10.67 75.93
N PHE B 69 -70.85 11.57 76.52
CA PHE B 69 -72.27 11.33 76.69
C PHE B 69 -73.01 11.34 75.37
N LEU B 70 -72.63 12.23 74.46
CA LEU B 70 -73.45 12.43 73.27
C LEU B 70 -73.24 11.33 72.25
N THR B 71 -72.05 10.75 72.18
CA THR B 71 -71.80 9.65 71.26
C THR B 71 -72.61 8.41 71.64
N MET B 72 -72.86 8.21 72.93
CA MET B 72 -73.78 7.17 73.33
C MET B 72 -75.22 7.52 72.99
N MET B 73 -75.55 8.81 72.96
CA MET B 73 -76.90 9.20 72.60
C MET B 73 -77.15 9.03 71.11
N ALA B 74 -76.10 9.05 70.30
CA ALA B 74 -76.28 8.82 68.87
C ALA B 74 -76.61 7.37 68.59
N ARG B 75 -75.90 6.45 69.24
CA ARG B 75 -76.06 5.03 68.95
C ARG B 75 -77.39 4.48 69.47
N LYS B 76 -77.89 5.01 70.59
CA LYS B 76 -79.18 4.57 71.11
C LYS B 76 -80.34 5.00 70.22
N MET B 77 -80.18 6.05 69.44
CA MET B 77 -81.23 6.45 68.52
C MET B 77 -80.90 6.16 67.07
N LYS B 78 -79.74 5.55 66.80
CA LYS B 78 -79.43 5.14 65.43
C LYS B 78 -80.06 3.79 65.09
N ASP B 79 -80.08 2.87 66.05
CA ASP B 79 -80.58 1.51 65.78
C ASP B 79 -82.10 1.49 65.69
N THR B 80 -82.78 2.31 66.49
CA THR B 80 -84.24 2.33 66.50
C THR B 80 -84.82 2.89 65.21
N ASP B 81 -84.20 3.92 64.66
CA ASP B 81 -84.69 4.49 63.40
C ASP B 81 -84.26 3.66 62.21
N SER B 82 -83.27 2.78 62.37
CA SER B 82 -82.77 2.00 61.25
C SER B 82 -83.72 0.88 60.82
N GLU B 83 -84.68 0.50 61.66
CA GLU B 83 -85.63 -0.54 61.31
C GLU B 83 -87.01 0.01 61.00
N GLU B 84 -87.42 1.11 61.64
CA GLU B 84 -88.71 1.74 61.38
C GLU B 84 -88.69 2.62 60.15
N GLU B 85 -87.52 2.80 59.51
CA GLU B 85 -87.44 3.59 58.30
C GLU B 85 -87.95 2.85 57.08
N ILE B 86 -87.89 1.51 57.09
CA ILE B 86 -88.07 0.72 55.87
C ILE B 86 -89.53 0.34 55.61
N ARG B 87 -90.37 0.33 56.64
CA ARG B 87 -91.80 0.12 56.39
C ARG B 87 -92.44 1.37 55.82
N GLU B 88 -92.09 2.53 56.39
CA GLU B 88 -92.54 3.80 55.83
C GLU B 88 -91.87 4.09 54.49
N ALA B 89 -90.72 3.45 54.21
CA ALA B 89 -90.14 3.49 52.88
C ALA B 89 -90.99 2.74 51.87
N PHE B 90 -91.67 1.67 52.28
CA PHE B 90 -92.56 0.96 51.37
C PHE B 90 -93.92 1.63 51.21
N ARG B 91 -94.26 2.56 52.11
CA ARG B 91 -95.54 3.24 52.11
C ARG B 91 -95.81 4.00 50.81
N VAL B 92 -94.77 4.58 50.21
CA VAL B 92 -94.95 5.36 48.98
C VAL B 92 -95.20 4.50 47.75
N PHE B 93 -94.87 3.21 47.79
CA PHE B 93 -95.09 2.34 46.64
C PHE B 93 -96.56 2.01 46.45
N ASP B 94 -97.14 1.32 47.42
CA ASP B 94 -98.52 0.89 47.34
C ASP B 94 -99.45 2.08 47.55
N LYS B 95 -100.52 2.10 46.75
CA LYS B 95 -101.49 3.19 46.79
C LYS B 95 -102.31 3.16 48.08
N ASP B 96 -102.46 1.99 48.69
CA ASP B 96 -103.19 1.84 49.94
C ASP B 96 -102.27 2.07 51.15
N GLY B 97 -101.10 1.45 51.15
CA GLY B 97 -100.18 1.55 52.27
C GLY B 97 -100.02 0.28 53.07
N ASN B 98 -100.51 -0.85 52.58
CA ASN B 98 -100.44 -2.11 53.32
C ASN B 98 -99.21 -2.92 52.98
N GLY B 99 -98.80 -2.96 51.71
CA GLY B 99 -97.75 -3.85 51.28
C GLY B 99 -98.00 -4.38 49.89
N TYR B 100 -99.19 -4.11 49.36
CA TYR B 100 -99.61 -4.60 48.05
C TYR B 100 -99.28 -3.54 47.00
N ILE B 101 -98.04 -3.55 46.55
CA ILE B 101 -97.59 -2.68 45.46
C ILE B 101 -97.47 -3.54 44.21
N SER B 102 -98.21 -3.16 43.17
CA SER B 102 -98.16 -3.89 41.92
C SER B 102 -96.83 -3.67 41.22
N ALA B 103 -96.32 -4.73 40.60
CA ALA B 103 -95.01 -4.67 39.94
C ALA B 103 -95.03 -3.79 38.70
N ALA B 104 -96.20 -3.56 38.11
CA ALA B 104 -96.33 -2.61 37.02
C ALA B 104 -96.05 -1.18 37.47
N ALA B 105 -96.40 -0.84 38.71
CA ALA B 105 -96.21 0.52 39.22
C ALA B 105 -94.82 0.75 39.80
N LEU B 106 -93.85 -0.11 39.48
CA LEU B 106 -92.52 0.01 40.08
C LEU B 106 -91.46 0.47 39.09
N ARG B 107 -91.57 0.11 37.82
CA ARG B 107 -90.51 0.40 36.86
C ARG B 107 -90.57 1.81 36.29
N HIS B 108 -91.36 2.69 36.88
CA HIS B 108 -91.22 4.12 36.67
C HIS B 108 -90.97 4.89 37.96
N VAL B 109 -91.30 4.30 39.11
CA VAL B 109 -90.97 4.94 40.38
C VAL B 109 -89.53 4.68 40.77
N MET B 110 -88.89 3.66 40.17
CA MET B 110 -87.52 3.32 40.54
C MET B 110 -86.48 3.91 39.61
N THR B 111 -86.82 4.15 38.36
CA THR B 111 -85.92 4.88 37.47
C THR B 111 -86.06 6.39 37.61
N ASN B 112 -86.91 6.86 38.52
CA ASN B 112 -87.16 8.28 38.72
C ASN B 112 -86.98 8.69 40.18
N LEU B 113 -85.85 8.37 40.79
CA LEU B 113 -85.69 8.75 42.19
C LEU B 113 -84.44 9.58 42.46
N GLY B 114 -83.35 9.37 41.73
CA GLY B 114 -82.20 10.24 41.85
C GLY B 114 -80.90 9.57 42.24
N GLU B 115 -80.85 8.24 42.28
CA GLU B 115 -79.60 7.52 42.36
C GLU B 115 -79.07 7.16 40.98
N LYS B 116 -79.71 7.69 39.92
CA LYS B 116 -79.31 7.51 38.52
C LYS B 116 -79.27 6.05 38.11
N LEU B 117 -80.27 5.29 38.53
CA LEU B 117 -80.37 3.88 38.18
C LEU B 117 -81.01 3.75 36.80
N THR B 118 -80.35 3.02 35.91
CA THR B 118 -80.86 2.89 34.55
C THR B 118 -81.86 1.74 34.50
N ASP B 119 -82.32 1.41 33.29
CA ASP B 119 -83.32 0.37 33.12
C ASP B 119 -82.78 -1.02 33.38
N GLU B 120 -81.47 -1.23 33.21
CA GLU B 120 -80.89 -2.55 33.40
C GLU B 120 -80.82 -2.97 34.86
N GLU B 121 -80.51 -2.04 35.77
CA GLU B 121 -80.38 -2.42 37.17
C GLU B 121 -81.73 -2.51 37.85
N VAL B 122 -82.69 -1.66 37.46
CA VAL B 122 -84.03 -1.79 38.01
C VAL B 122 -84.71 -3.03 37.43
N ASP B 123 -84.28 -3.48 36.25
CA ASP B 123 -84.58 -4.85 35.84
C ASP B 123 -83.88 -5.85 36.75
N GLU B 124 -82.58 -5.67 36.95
CA GLU B 124 -81.77 -6.55 37.79
C GLU B 124 -82.25 -6.55 39.23
N MET B 125 -82.86 -5.45 39.67
CA MET B 125 -83.52 -5.40 40.97
C MET B 125 -84.73 -6.31 41.03
N ILE B 126 -85.41 -6.51 39.90
CA ILE B 126 -86.72 -7.17 39.91
C ILE B 126 -86.65 -8.67 39.69
N ARG B 127 -85.95 -9.16 38.67
CA ARG B 127 -85.94 -10.59 38.39
C ARG B 127 -85.05 -11.38 39.35
N GLU B 128 -84.30 -10.69 40.22
CA GLU B 128 -83.64 -11.32 41.35
C GLU B 128 -84.24 -10.89 42.67
N ALA B 129 -85.56 -10.81 42.76
CA ALA B 129 -86.26 -10.42 43.97
C ALA B 129 -86.08 -11.44 45.08
N GLY B 135 -97.69 -9.77 39.01
CA GLY B 135 -98.21 -9.88 40.36
C GLY B 135 -97.62 -8.87 41.31
N GLN B 136 -98.28 -8.66 42.45
CA GLN B 136 -97.82 -7.70 43.44
C GLN B 136 -97.00 -8.43 44.49
N VAL B 137 -95.87 -7.84 44.85
CA VAL B 137 -94.99 -8.39 45.88
C VAL B 137 -95.31 -7.66 47.18
N ASN B 138 -95.00 -8.30 48.29
CA ASN B 138 -95.32 -7.77 49.61
C ASN B 138 -94.28 -6.74 50.05
N TYR B 139 -94.33 -6.39 51.33
CA TYR B 139 -93.33 -5.47 51.87
C TYR B 139 -92.17 -6.21 52.52
N GLU B 140 -92.43 -7.31 53.24
CA GLU B 140 -91.37 -7.96 53.99
C GLU B 140 -90.38 -8.72 53.11
N ALA B 141 -90.82 -9.21 51.96
CA ALA B 141 -89.87 -9.67 50.96
C ALA B 141 -89.13 -8.51 50.32
N PHE B 142 -89.73 -7.33 50.30
CA PHE B 142 -89.07 -6.19 49.70
C PHE B 142 -88.05 -5.56 50.64
N VAL B 143 -88.29 -5.59 51.94
CA VAL B 143 -87.25 -5.16 52.86
C VAL B 143 -86.16 -6.21 52.97
N GLN B 144 -86.46 -7.46 52.58
CA GLN B 144 -85.41 -8.47 52.51
C GLN B 144 -84.57 -8.30 51.25
N MET B 145 -85.22 -8.05 50.11
CA MET B 145 -84.52 -7.92 48.85
C MET B 145 -83.81 -6.58 48.67
N MET B 146 -84.06 -5.61 49.54
CA MET B 146 -83.33 -4.34 49.49
C MET B 146 -82.14 -4.33 50.44
N THR B 147 -82.33 -4.83 51.66
CA THR B 147 -81.21 -4.86 52.61
C THR B 147 -80.17 -5.90 52.21
N ALA B 148 -80.62 -7.05 51.70
CA ALA B 148 -79.79 -8.16 51.23
C ALA B 148 -78.76 -8.64 52.25
N GLY C 1 -63.17 -109.20 34.32
CA GLY C 1 -63.84 -107.99 34.77
C GLY C 1 -64.86 -107.49 33.78
N VAL C 2 -65.77 -108.36 33.37
CA VAL C 2 -66.83 -108.04 32.43
C VAL C 2 -68.16 -108.27 33.13
N GLU C 3 -68.73 -107.20 33.69
CA GLU C 3 -69.97 -107.27 34.44
C GLU C 3 -71.10 -106.76 33.57
N ILE C 4 -72.03 -107.65 33.22
CA ILE C 4 -73.22 -107.30 32.44
C ILE C 4 -74.42 -107.27 33.36
N GLU C 5 -75.02 -106.10 33.52
CA GLU C 5 -76.28 -105.93 34.22
C GLU C 5 -77.33 -105.53 33.20
N THR C 6 -78.42 -106.27 33.16
CA THR C 6 -79.40 -106.07 32.10
C THR C 6 -80.25 -104.83 32.34
N ILE C 7 -80.69 -104.23 31.24
CA ILE C 7 -81.54 -103.05 31.26
C ILE C 7 -82.90 -103.33 30.64
N SER C 8 -82.92 -104.13 29.57
CA SER C 8 -84.16 -104.63 29.00
C SER C 8 -83.86 -105.94 28.28
N PRO C 9 -84.65 -106.97 28.51
CA PRO C 9 -84.34 -108.27 27.92
C PRO C 9 -84.77 -108.34 26.46
N GLY C 10 -84.02 -109.14 25.71
CA GLY C 10 -84.26 -109.33 24.29
C GLY C 10 -84.93 -110.66 24.02
N ASP C 11 -84.47 -111.32 22.96
CA ASP C 11 -85.05 -112.60 22.57
C ASP C 11 -84.71 -113.71 23.56
N GLY C 12 -83.54 -113.63 24.18
CA GLY C 12 -83.10 -114.63 25.13
C GLY C 12 -82.54 -115.89 24.53
N ARG C 13 -82.68 -116.11 23.23
CA ARG C 13 -82.22 -117.31 22.56
C ARG C 13 -81.24 -117.06 21.44
N THR C 14 -81.29 -115.89 20.80
CA THR C 14 -80.43 -115.59 19.67
C THR C 14 -79.15 -114.95 20.18
N PHE C 15 -78.02 -115.58 19.90
CA PHE C 15 -76.74 -115.10 20.35
C PHE C 15 -75.81 -114.93 19.17
N PRO C 16 -74.87 -113.98 19.22
CA PRO C 16 -73.91 -113.84 18.13
C PRO C 16 -72.89 -114.97 18.16
N LYS C 17 -72.63 -115.54 16.99
CA LYS C 17 -71.63 -116.57 16.82
C LYS C 17 -70.40 -115.96 16.14
N LYS C 18 -69.31 -116.72 16.10
CA LYS C 18 -68.06 -116.18 15.58
C LYS C 18 -68.11 -116.06 14.07
N GLY C 19 -67.19 -115.26 13.53
CA GLY C 19 -67.18 -114.97 12.11
C GLY C 19 -68.36 -114.18 11.63
N GLN C 20 -68.95 -113.35 12.48
CA GLN C 20 -70.21 -112.69 12.17
C GLN C 20 -70.14 -111.22 12.55
N THR C 21 -70.99 -110.41 11.94
CA THR C 21 -71.04 -109.00 12.24
C THR C 21 -72.14 -108.73 13.27
N CYS C 22 -72.01 -107.58 13.95
CA CYS C 22 -73.04 -107.10 14.85
C CYS C 22 -73.33 -105.66 14.48
N VAL C 23 -74.45 -105.14 14.98
CA VAL C 23 -74.76 -103.72 14.89
C VAL C 23 -75.19 -103.25 16.26
N VAL C 24 -74.39 -102.38 16.87
CA VAL C 24 -74.58 -101.95 18.24
C VAL C 24 -74.80 -100.45 18.24
N HIS C 25 -75.88 -100.00 18.87
CA HIS C 25 -76.16 -98.58 19.00
C HIS C 25 -75.73 -98.09 20.38
N TYR C 26 -74.43 -98.14 20.60
CA TYR C 26 -73.85 -98.02 21.93
C TYR C 26 -73.76 -96.57 22.39
N THR C 27 -73.32 -96.42 23.64
CA THR C 27 -72.84 -95.17 24.22
C THR C 27 -72.02 -95.51 25.46
N GLY C 28 -71.09 -94.63 25.83
CA GLY C 28 -70.20 -94.88 26.94
C GLY C 28 -70.06 -93.69 27.86
N MET C 29 -69.49 -93.94 29.04
CA MET C 29 -69.23 -92.91 30.04
C MET C 29 -67.94 -93.24 30.76
N LEU C 30 -67.62 -92.43 31.76
CA LEU C 30 -66.61 -92.78 32.74
C LEU C 30 -67.28 -93.00 34.08
N GLN C 31 -66.48 -93.38 35.08
CA GLN C 31 -67.02 -93.56 36.42
C GLN C 31 -67.41 -92.26 37.07
N ASN C 32 -66.82 -91.15 36.64
CA ASN C 32 -67.34 -89.87 37.09
C ASN C 32 -68.67 -89.54 36.45
N GLY C 33 -68.99 -90.17 35.33
CA GLY C 33 -70.24 -89.96 34.65
C GLY C 33 -70.16 -89.09 33.42
N LYS C 34 -68.98 -88.60 33.09
CA LYS C 34 -68.81 -87.67 31.97
C LYS C 34 -68.89 -88.44 30.66
N LYS C 35 -69.79 -88.02 29.79
CA LYS C 35 -70.12 -88.80 28.60
C LYS C 35 -69.12 -88.54 27.49
N PHE C 36 -68.14 -89.44 27.36
CA PHE C 36 -67.09 -89.29 26.37
C PHE C 36 -67.46 -89.76 24.98
N ASP C 37 -68.59 -90.45 24.82
CA ASP C 37 -68.92 -91.02 23.52
C ASP C 37 -70.40 -91.32 23.43
N SER C 38 -70.89 -91.35 22.19
CA SER C 38 -72.20 -91.89 21.87
C SER C 38 -72.18 -92.34 20.43
N SER C 39 -73.31 -92.88 19.98
CA SER C 39 -73.49 -93.28 18.60
C SER C 39 -74.69 -92.64 17.96
N ARG C 40 -75.76 -92.45 18.72
CA ARG C 40 -77.00 -91.86 18.22
C ARG C 40 -76.83 -90.41 17.78
N ASP C 41 -75.90 -89.69 18.40
CA ASP C 41 -75.59 -88.34 17.95
C ASP C 41 -74.97 -88.36 16.57
N ARG C 42 -74.18 -89.39 16.26
CA ARG C 42 -73.71 -89.51 14.90
C ARG C 42 -74.72 -90.17 14.00
N ASN C 43 -75.86 -90.63 14.55
CA ASN C 43 -76.98 -91.22 13.82
C ASN C 43 -76.54 -92.43 13.00
N LYS C 44 -75.59 -93.17 13.52
CA LYS C 44 -75.08 -94.29 12.77
C LYS C 44 -75.06 -95.51 13.66
N PRO C 45 -75.75 -96.58 13.27
CA PRO C 45 -75.60 -97.85 13.97
C PRO C 45 -74.20 -98.40 13.77
N PHE C 46 -73.43 -98.38 14.84
CA PHE C 46 -72.04 -98.84 14.78
C PHE C 46 -72.00 -100.34 14.58
N LYS C 47 -71.19 -100.79 13.63
CA LYS C 47 -71.08 -102.20 13.30
C LYS C 47 -69.65 -102.67 13.45
N PHE C 48 -69.47 -103.96 13.67
CA PHE C 48 -68.16 -104.57 13.83
C PHE C 48 -68.31 -106.08 13.73
N ARG C 49 -67.21 -106.75 13.40
CA ARG C 49 -67.18 -108.20 13.37
C ARG C 49 -66.61 -108.73 14.68
N ILE C 50 -67.24 -109.78 15.19
CA ILE C 50 -66.82 -110.37 16.45
C ILE C 50 -65.58 -111.21 16.20
N GLY C 51 -64.80 -111.43 17.25
CA GLY C 51 -63.67 -112.34 17.21
C GLY C 51 -62.39 -111.74 16.67
N LYS C 52 -62.47 -110.85 15.69
CA LYS C 52 -61.30 -110.33 15.01
C LYS C 52 -60.61 -109.20 15.77
N GLN C 53 -61.06 -108.90 17.00
CA GLN C 53 -60.40 -107.99 17.94
C GLN C 53 -60.30 -106.57 17.39
N GLU C 54 -61.34 -106.14 16.70
CA GLU C 54 -61.43 -104.75 16.27
C GLU C 54 -61.68 -103.83 17.46
N VAL C 55 -62.64 -104.20 18.29
CA VAL C 55 -62.95 -103.49 19.52
C VAL C 55 -62.01 -103.94 20.61
N ILE C 56 -62.04 -103.25 21.75
CA ILE C 56 -61.28 -103.67 22.93
C ILE C 56 -61.87 -104.97 23.50
N LYS C 57 -61.11 -105.59 24.40
CA LYS C 57 -61.45 -106.93 24.88
C LYS C 57 -62.70 -106.92 25.75
N GLY C 58 -62.90 -105.87 26.54
CA GLY C 58 -64.10 -105.80 27.36
C GLY C 58 -65.37 -105.57 26.57
N PHE C 59 -65.26 -105.18 25.30
CA PHE C 59 -66.44 -104.92 24.49
C PHE C 59 -67.00 -106.19 23.88
N GLU C 60 -66.18 -106.91 23.12
CA GLU C 60 -66.68 -108.09 22.42
C GLU C 60 -66.98 -109.24 23.38
N GLU C 61 -66.30 -109.28 24.53
CA GLU C 61 -66.69 -110.25 25.55
C GLU C 61 -68.04 -109.92 26.15
N GLY C 62 -68.39 -108.65 26.23
CA GLY C 62 -69.73 -108.29 26.62
C GLY C 62 -70.72 -108.56 25.50
N ALA C 63 -70.24 -108.49 24.26
CA ALA C 63 -71.12 -108.56 23.10
C ALA C 63 -71.74 -109.94 22.90
N ALA C 64 -70.96 -111.01 22.97
CA ALA C 64 -71.53 -112.34 22.81
C ALA C 64 -72.29 -112.79 24.04
N GLN C 65 -72.14 -112.10 25.17
CA GLN C 65 -72.92 -112.38 26.37
C GLN C 65 -74.28 -111.71 26.37
N MET C 66 -74.77 -111.26 25.22
CA MET C 66 -76.07 -110.64 25.12
C MET C 66 -76.95 -111.40 24.15
N SER C 67 -78.25 -111.19 24.26
CA SER C 67 -79.19 -111.73 23.31
C SER C 67 -79.56 -110.64 22.31
N LEU C 68 -80.23 -111.05 21.25
CA LEU C 68 -80.64 -110.09 20.23
C LEU C 68 -81.76 -109.21 20.77
N GLY C 69 -81.56 -107.90 20.65
CA GLY C 69 -82.53 -106.94 21.15
C GLY C 69 -82.41 -106.64 22.62
N GLN C 70 -81.51 -107.30 23.34
CA GLN C 70 -81.29 -107.01 24.75
C GLN C 70 -80.60 -105.67 24.89
N ARG C 71 -80.81 -105.03 26.03
CA ARG C 71 -80.11 -103.80 26.38
C ARG C 71 -79.36 -104.05 27.67
N ALA C 72 -78.05 -103.83 27.63
CA ALA C 72 -77.19 -104.22 28.73
C ALA C 72 -76.31 -103.06 29.15
N LYS C 73 -75.96 -103.04 30.43
CA LYS C 73 -74.98 -102.11 30.96
C LYS C 73 -73.72 -102.91 31.25
N LEU C 74 -72.61 -102.50 30.65
CA LEU C 74 -71.34 -103.17 30.84
C LEU C 74 -70.48 -102.38 31.81
N THR C 75 -69.41 -103.03 32.26
CA THR C 75 -68.42 -102.39 33.14
C THR C 75 -67.10 -103.07 32.81
N CYS C 76 -66.29 -102.41 32.00
CA CYS C 76 -65.01 -102.96 31.60
C CYS C 76 -63.93 -102.45 32.54
N THR C 77 -63.14 -103.37 33.08
CA THR C 77 -62.12 -103.04 34.07
C THR C 77 -60.94 -102.33 33.41
N PRO C 78 -60.08 -101.67 34.19
CA PRO C 78 -58.84 -101.13 33.63
C PRO C 78 -57.95 -102.13 32.92
N ASP C 79 -57.81 -103.35 33.44
CA ASP C 79 -56.87 -104.29 32.84
C ASP C 79 -57.37 -104.86 31.52
N VAL C 80 -58.66 -104.74 31.23
CA VAL C 80 -59.20 -105.31 30.00
C VAL C 80 -59.17 -104.32 28.85
N ALA C 81 -58.96 -103.04 29.11
CA ALA C 81 -58.98 -102.02 28.06
C ALA C 81 -58.24 -100.79 28.53
N TYR C 82 -57.32 -100.30 27.69
CA TYR C 82 -56.62 -99.02 27.84
C TYR C 82 -55.88 -98.94 29.18
N GLY C 83 -55.21 -100.05 29.49
CA GLY C 83 -54.72 -100.32 30.82
C GLY C 83 -53.76 -99.33 31.44
N ALA C 84 -52.54 -99.29 30.94
CA ALA C 84 -51.54 -98.39 31.50
C ALA C 84 -51.70 -96.98 30.94
N THR C 85 -51.55 -96.83 29.63
CA THR C 85 -51.49 -95.51 29.03
C THR C 85 -52.85 -94.91 28.73
N GLY C 86 -53.85 -95.72 28.42
CA GLY C 86 -55.11 -95.16 27.98
C GLY C 86 -55.03 -94.61 26.57
N HIS C 87 -56.18 -94.15 26.09
CA HIS C 87 -56.25 -93.51 24.78
C HIS C 87 -55.58 -92.16 24.88
N PRO C 88 -54.89 -91.70 23.85
CA PRO C 88 -54.35 -90.34 23.89
C PRO C 88 -55.46 -89.34 23.71
N GLY C 89 -55.49 -88.34 24.57
CA GLY C 89 -56.38 -87.22 24.45
C GLY C 89 -57.76 -87.42 25.04
N VAL C 90 -58.21 -88.65 25.18
CA VAL C 90 -59.59 -88.92 25.57
C VAL C 90 -59.66 -89.52 26.96
N ILE C 91 -59.17 -90.74 27.12
CA ILE C 91 -59.42 -91.55 28.31
C ILE C 91 -58.16 -91.53 29.17
N PRO C 92 -58.26 -91.17 30.44
CA PRO C 92 -57.07 -91.02 31.28
C PRO C 92 -56.50 -92.38 31.64
N PRO C 93 -55.26 -92.42 32.15
CA PRO C 93 -54.67 -93.71 32.54
C PRO C 93 -55.39 -94.35 33.71
N ASN C 94 -55.53 -95.68 33.62
CA ASN C 94 -56.16 -96.54 34.62
C ASN C 94 -57.59 -96.11 34.91
N ALA C 95 -58.39 -96.14 33.86
CA ALA C 95 -59.77 -95.66 33.93
C ALA C 95 -60.73 -96.83 33.70
N THR C 96 -61.70 -96.96 34.58
CA THR C 96 -62.72 -97.96 34.45
C THR C 96 -63.85 -97.40 33.61
N LEU C 97 -64.32 -98.18 32.65
CA LEU C 97 -65.25 -97.68 31.63
C LEU C 97 -66.64 -98.26 31.89
N ILE C 98 -67.67 -97.51 31.51
CA ILE C 98 -69.05 -97.87 31.73
C ILE C 98 -69.80 -97.66 30.43
N PHE C 99 -70.49 -98.69 29.97
CA PHE C 99 -71.08 -98.70 28.64
C PHE C 99 -72.57 -98.92 28.71
N ASP C 100 -73.27 -98.54 27.65
CA ASP C 100 -74.68 -98.85 27.45
C ASP C 100 -74.84 -99.26 25.99
N VAL C 101 -75.02 -100.53 25.77
CA VAL C 101 -75.08 -101.06 24.42
C VAL C 101 -76.48 -101.60 24.14
N GLU C 102 -76.71 -101.95 22.89
CA GLU C 102 -77.96 -102.57 22.46
C GLU C 102 -77.72 -103.28 21.15
N LEU C 103 -77.90 -104.60 21.14
CA LEU C 103 -77.75 -105.39 19.93
C LEU C 103 -78.95 -105.11 19.04
N LEU C 104 -78.73 -104.43 17.92
CA LEU C 104 -79.82 -104.08 17.04
C LEU C 104 -80.33 -105.28 16.28
N ASN C 105 -79.47 -105.90 15.47
CA ASN C 105 -79.84 -107.08 14.73
C ASN C 105 -78.60 -107.86 14.33
N LEU C 106 -78.82 -108.85 13.47
CA LEU C 106 -77.81 -109.71 12.88
C LEU C 106 -77.02 -110.45 13.97
N GLU C 107 -77.75 -111.35 14.64
CA GLU C 107 -77.26 -112.22 15.71
C GLU C 107 -76.65 -111.46 16.89
N MET D 1 -28.72 -88.84 -19.55
CA MET D 1 -30.07 -88.43 -19.90
C MET D 1 -30.95 -89.65 -20.15
N ALA D 2 -31.91 -89.88 -19.25
CA ALA D 2 -32.76 -91.06 -19.31
C ALA D 2 -33.90 -90.93 -20.33
N ASP D 3 -33.95 -89.83 -21.07
CA ASP D 3 -35.01 -89.63 -22.06
C ASP D 3 -34.77 -90.39 -23.35
N GLN D 4 -33.59 -90.97 -23.54
CA GLN D 4 -33.28 -91.64 -24.79
C GLN D 4 -34.02 -92.96 -24.95
N LEU D 5 -34.64 -93.46 -23.90
CA LEU D 5 -35.54 -94.60 -23.99
C LEU D 5 -36.96 -94.11 -24.19
N THR D 6 -37.74 -94.86 -24.96
CA THR D 6 -39.14 -94.51 -25.15
C THR D 6 -39.97 -95.04 -23.99
N GLU D 7 -41.28 -94.80 -24.04
CA GLU D 7 -42.13 -95.09 -22.89
C GLU D 7 -42.33 -96.59 -22.67
N GLU D 8 -42.67 -97.31 -23.74
CA GLU D 8 -43.09 -98.70 -23.64
C GLU D 8 -42.00 -99.62 -23.14
N GLN D 9 -40.73 -99.26 -23.33
CA GLN D 9 -39.64 -100.00 -22.70
C GLN D 9 -39.69 -99.87 -21.19
N ILE D 10 -39.87 -98.63 -20.69
CA ILE D 10 -40.01 -98.41 -19.26
C ILE D 10 -41.27 -99.09 -18.75
N ALA D 11 -42.31 -99.09 -19.56
CA ALA D 11 -43.48 -99.90 -19.26
C ALA D 11 -43.13 -101.39 -19.21
N GLU D 12 -42.34 -101.86 -20.18
CA GLU D 12 -41.88 -103.23 -20.14
C GLU D 12 -40.88 -103.47 -19.03
N PHE D 13 -40.04 -102.47 -18.72
CA PHE D 13 -39.08 -102.62 -17.64
C PHE D 13 -39.76 -102.70 -16.28
N LYS D 14 -40.69 -101.79 -16.01
CA LYS D 14 -41.40 -101.80 -14.73
C LYS D 14 -42.27 -103.04 -14.60
N GLU D 15 -42.85 -103.51 -15.70
CA GLU D 15 -43.56 -104.79 -15.69
C GLU D 15 -42.61 -105.94 -15.35
N ALA D 16 -41.41 -105.90 -15.93
CA ALA D 16 -40.41 -106.90 -15.57
C ALA D 16 -39.92 -106.71 -14.15
N PHE D 17 -39.75 -105.46 -13.72
CA PHE D 17 -39.16 -105.22 -12.41
C PHE D 17 -40.14 -105.54 -11.29
N SER D 18 -41.40 -105.17 -11.47
CA SER D 18 -42.41 -105.50 -10.47
C SER D 18 -42.71 -106.99 -10.42
N LEU D 19 -42.44 -107.70 -11.51
CA LEU D 19 -42.66 -109.14 -11.52
C LEU D 19 -41.68 -109.86 -10.61
N PHE D 20 -40.45 -109.35 -10.53
CA PHE D 20 -39.44 -109.93 -9.66
C PHE D 20 -39.11 -109.03 -8.48
N ASP D 21 -39.94 -108.03 -8.23
CA ASP D 21 -39.79 -107.21 -7.04
C ASP D 21 -39.95 -108.07 -5.79
N LYS D 22 -39.08 -107.82 -4.81
CA LYS D 22 -38.98 -108.70 -3.65
C LYS D 22 -40.22 -108.60 -2.76
N ASP D 23 -40.50 -107.41 -2.25
CA ASP D 23 -41.65 -107.24 -1.39
C ASP D 23 -42.55 -106.10 -1.87
N GLY D 24 -42.43 -105.71 -3.13
CA GLY D 24 -43.06 -104.50 -3.62
C GLY D 24 -42.29 -103.24 -3.33
N ASP D 25 -41.16 -103.33 -2.62
CA ASP D 25 -40.34 -102.17 -2.32
C ASP D 25 -39.66 -101.63 -3.58
N GLY D 26 -39.36 -102.49 -4.54
CA GLY D 26 -38.49 -102.11 -5.62
C GLY D 26 -37.05 -102.52 -5.39
N THR D 27 -36.80 -103.38 -4.41
CA THR D 27 -35.50 -103.98 -4.23
C THR D 27 -35.49 -105.36 -4.89
N ILE D 28 -34.34 -105.71 -5.47
CA ILE D 28 -34.11 -107.04 -6.00
C ILE D 28 -32.70 -107.45 -5.59
N THR D 29 -32.43 -108.74 -5.71
CA THR D 29 -31.11 -109.27 -5.41
C THR D 29 -30.18 -109.07 -6.59
N THR D 30 -28.90 -109.31 -6.37
CA THR D 30 -27.92 -109.23 -7.44
C THR D 30 -28.12 -110.33 -8.47
N LYS D 31 -28.58 -111.51 -8.03
CA LYS D 31 -28.83 -112.60 -8.96
C LYS D 31 -30.05 -112.31 -9.83
N ALA D 32 -31.11 -111.76 -9.23
CA ALA D 32 -32.36 -111.54 -9.93
C ALA D 32 -32.22 -110.51 -11.05
N LEU D 33 -31.25 -109.62 -10.94
CA LEU D 33 -30.92 -108.70 -12.02
C LEU D 33 -30.48 -109.45 -13.28
N GLY D 34 -29.72 -110.53 -13.09
CA GLY D 34 -29.35 -111.34 -14.24
C GLY D 34 -30.53 -112.11 -14.80
N THR D 35 -31.39 -112.64 -13.93
CA THR D 35 -32.55 -113.39 -14.38
C THR D 35 -33.58 -112.49 -15.06
N VAL D 36 -33.73 -111.25 -14.60
CA VAL D 36 -34.77 -110.40 -15.19
C VAL D 36 -34.35 -109.90 -16.56
N MET D 37 -33.05 -109.74 -16.83
CA MET D 37 -32.64 -109.41 -18.17
C MET D 37 -32.78 -110.59 -19.11
N ARG D 38 -32.51 -111.79 -18.61
CA ARG D 38 -32.80 -112.99 -19.38
C ARG D 38 -34.29 -113.29 -19.42
N SER D 39 -35.07 -112.72 -18.51
CA SER D 39 -36.51 -112.68 -18.71
C SER D 39 -36.90 -111.68 -19.79
N LEU D 40 -36.03 -110.73 -20.10
CA LEU D 40 -36.24 -109.82 -21.22
C LEU D 40 -35.42 -110.21 -22.44
N GLY D 41 -34.91 -111.44 -22.47
CA GLY D 41 -34.17 -111.94 -23.61
C GLY D 41 -32.72 -111.52 -23.66
N GLN D 42 -32.35 -110.46 -22.94
CA GLN D 42 -30.97 -110.00 -22.90
C GLN D 42 -30.12 -111.00 -22.11
N ASN D 43 -29.04 -111.48 -22.71
CA ASN D 43 -28.17 -112.46 -22.06
C ASN D 43 -26.74 -111.94 -21.97
N PRO D 44 -26.44 -111.10 -20.99
CA PRO D 44 -25.04 -110.74 -20.74
C PRO D 44 -24.43 -111.65 -19.70
N THR D 45 -23.14 -111.90 -19.85
CA THR D 45 -22.47 -112.74 -18.87
C THR D 45 -22.13 -111.92 -17.63
N GLU D 46 -21.56 -112.61 -16.64
CA GLU D 46 -21.25 -112.03 -15.34
C GLU D 46 -20.22 -110.91 -15.41
N ALA D 47 -19.44 -110.83 -16.49
CA ALA D 47 -18.59 -109.67 -16.72
C ALA D 47 -19.40 -108.39 -16.89
N GLU D 48 -20.46 -108.44 -17.71
CA GLU D 48 -21.31 -107.27 -17.86
C GLU D 48 -22.23 -107.10 -16.66
N LEU D 49 -22.36 -108.13 -15.82
CA LEU D 49 -23.11 -107.98 -14.59
C LEU D 49 -22.26 -107.37 -13.49
N GLN D 50 -20.98 -107.72 -13.43
CA GLN D 50 -20.15 -107.33 -12.29
C GLN D 50 -19.85 -105.84 -12.30
N ASP D 51 -19.50 -105.28 -13.44
CA ASP D 51 -19.14 -103.87 -13.54
C ASP D 51 -20.32 -102.93 -13.35
N MET D 52 -21.54 -103.44 -13.46
CA MET D 52 -22.70 -102.56 -13.40
C MET D 52 -23.10 -102.26 -11.97
N ILE D 53 -22.99 -103.24 -11.06
CA ILE D 53 -23.36 -102.99 -9.67
C ILE D 53 -22.32 -102.12 -8.99
N ASN D 54 -21.03 -102.37 -9.24
CA ASN D 54 -20.01 -101.53 -8.62
C ASN D 54 -19.96 -100.15 -9.26
N GLU D 55 -20.55 -99.99 -10.44
CA GLU D 55 -20.75 -98.66 -11.00
C GLU D 55 -21.73 -97.84 -10.16
N VAL D 56 -22.73 -98.50 -9.59
CA VAL D 56 -23.72 -97.82 -8.77
C VAL D 56 -23.60 -98.28 -7.32
N ASN D 61 -23.93 -103.45 -2.31
CA ASN D 61 -24.73 -103.72 -1.11
C ASN D 61 -25.76 -104.82 -1.37
N GLY D 62 -25.88 -105.23 -2.63
CA GLY D 62 -26.82 -106.26 -3.03
C GLY D 62 -28.24 -105.78 -3.22
N THR D 63 -28.53 -104.52 -2.94
CA THR D 63 -29.88 -103.96 -3.01
C THR D 63 -29.96 -103.09 -4.24
N ILE D 64 -30.71 -103.53 -5.25
CA ILE D 64 -30.87 -102.77 -6.47
C ILE D 64 -32.26 -102.13 -6.44
N ASP D 65 -32.27 -100.81 -6.44
CA ASP D 65 -33.49 -100.02 -6.44
C ASP D 65 -33.85 -99.63 -7.87
N PHE D 66 -35.14 -99.35 -8.10
CA PHE D 66 -35.65 -99.18 -9.46
C PHE D 66 -35.07 -98.00 -10.23
N PRO D 67 -34.79 -96.82 -9.63
CA PRO D 67 -33.97 -95.85 -10.37
C PRO D 67 -32.56 -96.30 -10.59
N ALA D 68 -31.95 -96.97 -9.60
CA ALA D 68 -30.61 -97.50 -9.78
C ALA D 68 -30.60 -98.61 -10.83
N PHE D 69 -31.69 -99.36 -10.92
CA PHE D 69 -31.83 -100.32 -12.01
C PHE D 69 -32.01 -99.63 -13.34
N LEU D 70 -32.75 -98.53 -13.38
CA LEU D 70 -33.13 -97.95 -14.67
C LEU D 70 -31.99 -97.19 -15.31
N THR D 71 -31.12 -96.58 -14.51
CA THR D 71 -29.96 -95.88 -15.05
C THR D 71 -28.99 -96.84 -15.74
N MET D 72 -28.89 -98.07 -15.25
CA MET D 72 -28.14 -99.07 -15.97
C MET D 72 -28.85 -99.51 -17.24
N MET D 73 -30.18 -99.46 -17.26
CA MET D 73 -30.91 -99.82 -18.46
C MET D 73 -30.78 -98.77 -19.54
N ALA D 74 -30.50 -97.52 -19.15
CA ALA D 74 -30.30 -96.48 -20.16
C ALA D 74 -28.98 -96.67 -20.87
N ARG D 75 -27.91 -96.97 -20.13
CA ARG D 75 -26.58 -97.07 -20.71
C ARG D 75 -26.42 -98.30 -21.59
N LYS D 76 -27.08 -99.40 -21.25
CA LYS D 76 -27.01 -100.61 -22.06
C LYS D 76 -27.71 -100.44 -23.40
N MET D 77 -28.66 -99.53 -23.51
CA MET D 77 -29.30 -99.27 -24.79
C MET D 77 -28.90 -97.95 -25.40
N LYS D 78 -28.01 -97.20 -24.77
CA LYS D 78 -27.49 -95.98 -25.37
C LYS D 78 -26.35 -96.27 -26.34
N ASP D 79 -25.49 -97.23 -26.01
CA ASP D 79 -24.32 -97.50 -26.83
C ASP D 79 -24.68 -98.26 -28.10
N THR D 80 -25.67 -99.15 -28.02
CA THR D 80 -26.07 -99.94 -29.17
C THR D 80 -26.73 -99.10 -30.26
N ASP D 81 -27.56 -98.14 -29.87
CA ASP D 81 -28.21 -97.28 -30.85
C ASP D 81 -27.27 -96.20 -31.36
N SER D 82 -26.17 -95.95 -30.66
CA SER D 82 -25.24 -94.88 -31.05
C SER D 82 -24.42 -95.23 -32.28
N GLU D 83 -24.32 -96.51 -32.64
CA GLU D 83 -23.56 -96.90 -33.82
C GLU D 83 -24.45 -97.31 -34.99
N GLU D 84 -25.62 -97.88 -34.72
CA GLU D 84 -26.56 -98.26 -35.77
C GLU D 84 -27.39 -97.08 -36.26
N GLU D 85 -27.23 -95.90 -35.67
CA GLU D 85 -27.95 -94.73 -36.13
C GLU D 85 -27.33 -94.13 -37.39
N ILE D 86 -26.04 -94.33 -37.60
CA ILE D 86 -25.30 -93.55 -38.60
C ILE D 86 -25.30 -94.19 -39.98
N ARG D 87 -25.54 -95.50 -40.08
CA ARG D 87 -25.70 -96.10 -41.40
C ARG D 87 -27.07 -95.78 -41.96
N GLU D 88 -28.11 -95.85 -41.14
CA GLU D 88 -29.43 -95.42 -41.55
C GLU D 88 -29.50 -93.92 -41.72
N ALA D 89 -28.58 -93.17 -41.09
CA ALA D 89 -28.44 -91.76 -41.39
C ALA D 89 -27.92 -91.50 -42.79
N PHE D 90 -27.08 -92.39 -43.31
CA PHE D 90 -26.61 -92.25 -44.68
C PHE D 90 -27.60 -92.74 -45.71
N ARG D 91 -28.61 -93.51 -45.28
CA ARG D 91 -29.60 -94.09 -46.17
C ARG D 91 -30.37 -93.05 -46.97
N VAL D 92 -30.65 -91.89 -46.37
CA VAL D 92 -31.43 -90.84 -47.05
C VAL D 92 -30.63 -90.11 -48.13
N PHE D 93 -29.30 -90.17 -48.10
CA PHE D 93 -28.49 -89.50 -49.10
C PHE D 93 -28.56 -90.19 -50.45
N ASP D 94 -28.08 -91.43 -50.51
CA ASP D 94 -28.02 -92.19 -51.74
C ASP D 94 -29.41 -92.66 -52.12
N LYS D 95 -29.69 -92.59 -53.42
CA LYS D 95 -31.00 -92.96 -53.94
C LYS D 95 -31.22 -94.47 -53.87
N ASP D 96 -30.13 -95.25 -53.89
CA ASP D 96 -30.22 -96.70 -53.79
C ASP D 96 -30.22 -97.16 -52.33
N GLY D 97 -29.32 -96.62 -51.51
CA GLY D 97 -29.20 -97.04 -50.13
C GLY D 97 -27.95 -97.82 -49.80
N ASN D 98 -26.97 -97.86 -50.70
CA ASN D 98 -25.76 -98.65 -50.48
C ASN D 98 -24.64 -97.83 -49.86
N GLY D 99 -24.48 -96.58 -50.27
CA GLY D 99 -23.33 -95.79 -49.86
C GLY D 99 -22.85 -94.88 -50.96
N TYR D 100 -23.42 -95.04 -52.15
CA TYR D 100 -23.02 -94.27 -53.32
C TYR D 100 -23.93 -93.06 -53.45
N ILE D 101 -23.59 -92.01 -52.71
CA ILE D 101 -24.28 -90.74 -52.80
C ILE D 101 -23.40 -89.78 -53.58
N SER D 102 -23.94 -89.26 -54.68
CA SER D 102 -23.19 -88.33 -55.50
C SER D 102 -23.04 -86.99 -54.80
N ALA D 103 -21.87 -86.38 -54.96
CA ALA D 103 -21.56 -85.12 -54.29
C ALA D 103 -22.38 -83.96 -54.82
N ALA D 104 -22.90 -84.08 -56.04
CA ALA D 104 -23.83 -83.08 -56.56
C ALA D 104 -25.15 -83.07 -55.81
N ALA D 105 -25.59 -84.22 -55.30
CA ALA D 105 -26.86 -84.30 -54.59
C ALA D 105 -26.73 -84.00 -53.10
N LEU D 106 -25.65 -83.35 -52.68
CA LEU D 106 -25.42 -83.10 -51.26
C LEU D 106 -25.57 -81.63 -50.88
N ARG D 107 -25.23 -80.71 -51.77
CA ARG D 107 -25.20 -79.29 -51.40
C ARG D 107 -26.55 -78.62 -51.49
N HIS D 108 -27.63 -79.39 -51.60
CA HIS D 108 -28.97 -78.89 -51.32
C HIS D 108 -29.67 -79.69 -50.23
N VAL D 109 -29.21 -80.92 -49.95
CA VAL D 109 -29.78 -81.67 -48.85
C VAL D 109 -29.15 -81.25 -47.53
N MET D 110 -28.00 -80.59 -47.56
CA MET D 110 -27.32 -80.21 -46.33
C MET D 110 -27.58 -78.77 -45.91
N THR D 111 -27.88 -77.89 -46.85
CA THR D 111 -28.33 -76.55 -46.48
C THR D 111 -29.83 -76.48 -46.21
N ASN D 112 -30.52 -77.62 -46.27
CA ASN D 112 -31.96 -77.68 -46.07
C ASN D 112 -32.34 -78.72 -45.01
N LEU D 113 -31.75 -78.66 -43.83
CA LEU D 113 -32.11 -79.65 -42.83
C LEU D 113 -32.58 -79.06 -41.51
N GLY D 114 -32.08 -77.91 -41.10
CA GLY D 114 -32.61 -77.23 -39.93
C GLY D 114 -31.64 -76.96 -38.82
N GLU D 115 -30.34 -77.19 -39.03
CA GLU D 115 -29.31 -76.69 -38.13
C GLU D 115 -28.80 -75.33 -38.56
N LYS D 116 -29.46 -74.72 -39.56
CA LYS D 116 -29.15 -73.38 -40.09
C LYS D 116 -27.71 -73.27 -40.58
N LEU D 117 -27.26 -74.29 -41.30
CA LEU D 117 -25.92 -74.27 -41.86
C LEU D 117 -25.93 -73.52 -43.18
N THR D 118 -25.03 -72.54 -43.31
CA THR D 118 -25.01 -71.74 -44.52
C THR D 118 -24.16 -72.43 -45.58
N ASP D 119 -23.94 -71.74 -46.71
CA ASP D 119 -23.20 -72.31 -47.82
C ASP D 119 -21.72 -72.47 -47.51
N GLU D 120 -21.18 -71.66 -46.61
CA GLU D 120 -19.75 -71.71 -46.31
C GLU D 120 -19.36 -72.94 -45.51
N GLU D 121 -20.19 -73.36 -44.56
CA GLU D 121 -19.83 -74.51 -43.74
C GLU D 121 -20.11 -75.83 -44.44
N VAL D 122 -21.17 -75.89 -45.25
CA VAL D 122 -21.41 -77.08 -46.04
C VAL D 122 -20.38 -77.18 -47.16
N ASP D 123 -19.80 -76.06 -47.59
CA ASP D 123 -18.56 -76.11 -48.34
C ASP D 123 -17.43 -76.64 -47.47
N GLU D 124 -17.26 -76.07 -46.27
CA GLU D 124 -16.22 -76.46 -45.34
C GLU D 124 -16.37 -77.92 -44.90
N MET D 125 -17.61 -78.43 -44.90
CA MET D 125 -17.87 -79.84 -44.68
C MET D 125 -17.30 -80.70 -45.81
N ILE D 126 -17.27 -80.17 -47.02
CA ILE D 126 -16.98 -81.00 -48.19
C ILE D 126 -15.49 -81.04 -48.58
N ARG D 127 -14.82 -79.90 -48.69
CA ARG D 127 -13.43 -79.91 -49.14
C ARG D 127 -12.47 -80.34 -48.04
N GLU D 128 -12.94 -80.54 -46.82
CA GLU D 128 -12.19 -81.21 -45.77
C GLU D 128 -12.79 -82.55 -45.40
N ALA D 129 -13.21 -83.33 -46.40
CA ALA D 129 -13.81 -84.64 -46.18
C ALA D 129 -12.79 -85.63 -45.62
N GLY D 135 -17.33 -86.66 -57.98
CA GLY D 135 -17.38 -88.08 -57.65
C GLY D 135 -18.23 -88.37 -56.44
N GLN D 136 -18.62 -89.63 -56.28
CA GLN D 136 -19.45 -90.03 -55.15
C GLN D 136 -18.56 -90.57 -54.05
N VAL D 137 -18.84 -90.16 -52.82
CA VAL D 137 -18.10 -90.62 -51.65
C VAL D 137 -18.92 -91.73 -51.02
N ASN D 138 -18.24 -92.59 -50.26
CA ASN D 138 -18.88 -93.76 -49.66
C ASN D 138 -19.60 -93.38 -48.38
N TYR D 139 -19.98 -94.41 -47.61
CA TYR D 139 -20.61 -94.15 -46.33
C TYR D 139 -19.61 -94.17 -45.18
N GLU D 140 -18.63 -95.09 -45.21
CA GLU D 140 -17.75 -95.25 -44.06
C GLU D 140 -16.74 -94.12 -43.93
N ALA D 141 -16.35 -93.49 -45.04
CA ALA D 141 -15.63 -92.23 -44.94
C ALA D 141 -16.54 -91.11 -44.47
N PHE D 142 -17.84 -91.21 -44.73
CA PHE D 142 -18.76 -90.18 -44.31
C PHE D 142 -19.11 -90.28 -42.84
N VAL D 143 -19.17 -91.50 -42.29
CA VAL D 143 -19.34 -91.62 -40.85
C VAL D 143 -18.03 -91.29 -40.13
N GLN D 144 -16.91 -91.34 -40.85
CA GLN D 144 -15.65 -90.87 -40.26
C GLN D 144 -15.57 -89.36 -40.28
N MET D 145 -15.95 -88.73 -41.39
CA MET D 145 -15.87 -87.29 -41.53
C MET D 145 -16.97 -86.54 -40.79
N MET D 146 -18.00 -87.22 -40.29
CA MET D 146 -19.02 -86.58 -39.48
C MET D 146 -18.75 -86.71 -37.98
N THR D 147 -18.34 -87.89 -37.54
CA THR D 147 -18.03 -88.07 -36.12
C THR D 147 -16.75 -87.36 -35.73
N ALA D 148 -15.75 -87.37 -36.62
CA ALA D 148 -14.44 -86.72 -36.45
C ALA D 148 -13.73 -87.08 -35.13
N GLY E 1 87.83 -80.93 -53.17
CA GLY E 1 86.47 -81.47 -53.20
C GLY E 1 85.74 -81.13 -54.48
N VAL E 2 86.35 -81.44 -55.61
CA VAL E 2 85.79 -81.18 -56.93
C VAL E 2 85.64 -82.52 -57.64
N GLU E 3 84.44 -83.09 -57.55
CA GLU E 3 84.17 -84.41 -58.13
C GLU E 3 83.41 -84.21 -59.43
N ILE E 4 84.02 -84.58 -60.54
CA ILE E 4 83.39 -84.52 -61.86
C ILE E 4 83.02 -85.94 -62.30
N GLU E 5 81.73 -86.18 -62.44
CA GLU E 5 81.22 -87.42 -63.02
C GLU E 5 80.58 -87.08 -64.35
N THR E 6 81.01 -87.77 -65.40
CA THR E 6 80.58 -87.40 -66.74
C THR E 6 79.16 -87.84 -67.02
N ILE E 7 78.49 -87.08 -67.87
CA ILE E 7 77.12 -87.36 -68.30
C ILE E 7 77.05 -87.63 -69.79
N SER E 8 77.84 -86.91 -70.58
CA SER E 8 78.01 -87.18 -72.00
C SER E 8 79.37 -86.65 -72.43
N PRO E 9 80.15 -87.45 -73.14
CA PRO E 9 81.50 -87.01 -73.50
C PRO E 9 81.49 -86.06 -74.68
N GLY E 10 82.48 -85.16 -74.68
CA GLY E 10 82.63 -84.15 -75.69
C GLY E 10 83.74 -84.52 -76.66
N ASP E 11 84.52 -83.51 -77.03
CA ASP E 11 85.62 -83.71 -77.98
C ASP E 11 86.75 -84.53 -77.38
N GLY E 12 86.97 -84.39 -76.07
CA GLY E 12 88.02 -85.10 -75.39
C GLY E 12 89.41 -84.52 -75.53
N ARG E 13 89.61 -83.56 -76.44
CA ARG E 13 90.91 -82.98 -76.68
C ARG E 13 90.95 -81.48 -76.49
N THR E 14 89.83 -80.78 -76.65
CA THR E 14 89.79 -79.34 -76.56
C THR E 14 89.49 -78.95 -75.12
N PHE E 15 90.40 -78.21 -74.50
CA PHE E 15 90.26 -77.80 -73.12
C PHE E 15 90.38 -76.29 -73.01
N PRO E 16 89.70 -75.68 -72.05
CA PRO E 16 89.85 -74.22 -71.87
C PRO E 16 91.21 -73.89 -71.27
N LYS E 17 91.86 -72.89 -71.85
CA LYS E 17 93.12 -72.37 -71.35
C LYS E 17 92.87 -71.04 -70.63
N LYS E 18 93.89 -70.55 -69.95
CA LYS E 18 93.71 -69.36 -69.13
C LYS E 18 93.61 -68.11 -70.00
N GLY E 19 93.11 -67.04 -69.41
CA GLY E 19 92.86 -65.81 -70.15
C GLY E 19 91.79 -65.93 -71.21
N GLN E 20 90.82 -66.80 -71.02
CA GLN E 20 89.86 -67.13 -72.07
C GLN E 20 88.45 -67.16 -71.49
N THR E 21 87.47 -66.98 -72.37
CA THR E 21 86.08 -67.02 -71.94
C THR E 21 85.50 -68.41 -72.18
N CYS E 22 84.42 -68.70 -71.45
CA CYS E 22 83.66 -69.93 -71.67
C CYS E 22 82.20 -69.54 -71.82
N VAL E 23 81.39 -70.46 -72.32
CA VAL E 23 79.94 -70.32 -72.33
C VAL E 23 79.34 -71.61 -71.79
N VAL E 24 78.71 -71.51 -70.63
CA VAL E 24 78.21 -72.69 -69.92
C VAL E 24 76.70 -72.55 -69.79
N HIS E 25 75.97 -73.58 -70.20
CA HIS E 25 74.52 -73.59 -70.06
C HIS E 25 74.13 -74.41 -68.83
N TYR E 26 74.51 -73.90 -67.68
CA TYR E 26 74.52 -74.65 -66.43
C TYR E 26 73.13 -74.74 -65.81
N THR E 27 73.08 -75.50 -64.71
CA THR E 27 71.99 -75.52 -63.75
C THR E 27 72.50 -76.15 -62.47
N GLY E 28 71.89 -75.80 -61.33
CA GLY E 28 72.34 -76.28 -60.05
C GLY E 28 71.20 -76.76 -59.17
N MET E 29 71.57 -77.46 -58.10
CA MET E 29 70.62 -77.97 -57.11
C MET E 29 71.26 -77.92 -55.74
N LEU E 30 70.54 -78.42 -54.75
CA LEU E 30 71.12 -78.74 -53.46
C LEU E 30 71.13 -80.25 -53.28
N GLN E 31 71.68 -80.70 -52.15
CA GLN E 31 71.68 -82.13 -51.85
C GLN E 31 70.31 -82.65 -51.53
N ASN E 32 69.39 -81.79 -51.08
CA ASN E 32 68.02 -82.22 -50.97
C ASN E 32 67.37 -82.36 -52.33
N GLY E 33 67.92 -81.73 -53.36
CA GLY E 33 67.40 -81.81 -54.69
C GLY E 33 66.61 -80.61 -55.15
N LYS E 34 66.45 -79.60 -54.29
CA LYS E 34 65.63 -78.44 -54.60
C LYS E 34 66.39 -77.54 -55.57
N LYS E 35 65.76 -77.24 -56.70
CA LYS E 35 66.46 -76.58 -57.80
C LYS E 35 66.50 -75.07 -57.57
N PHE E 36 67.63 -74.58 -57.06
CA PHE E 36 67.78 -73.18 -56.74
C PHE E 36 68.16 -72.31 -57.92
N ASP E 37 68.54 -72.91 -59.06
CA ASP E 37 69.03 -72.11 -60.17
C ASP E 37 68.93 -72.89 -61.47
N SER E 38 68.86 -72.14 -62.57
CA SER E 38 69.05 -72.68 -63.90
C SER E 38 69.53 -71.57 -64.81
N SER E 39 69.75 -71.90 -66.07
CA SER E 39 70.13 -70.93 -67.07
C SER E 39 69.20 -70.94 -68.27
N ARG E 40 68.72 -72.12 -68.65
CA ARG E 40 67.84 -72.28 -69.80
C ARG E 40 66.50 -71.58 -69.62
N ASP E 41 66.03 -71.47 -68.38
CA ASP E 41 64.83 -70.69 -68.11
C ASP E 41 65.05 -69.23 -68.40
N ARG E 42 66.24 -68.72 -68.15
CA ARG E 42 66.52 -67.37 -68.58
C ARG E 42 66.90 -67.28 -70.04
N ASN E 43 67.04 -68.43 -70.71
CA ASN E 43 67.34 -68.53 -72.16
C ASN E 43 68.64 -67.83 -72.51
N LYS E 44 69.58 -67.87 -71.61
CA LYS E 44 70.82 -67.16 -71.85
C LYS E 44 71.99 -68.09 -71.58
N PRO E 45 72.84 -68.32 -72.58
CA PRO E 45 74.09 -69.03 -72.32
C PRO E 45 74.99 -68.20 -71.43
N PHE E 46 75.15 -68.66 -70.20
CA PHE E 46 75.96 -67.93 -69.22
C PHE E 46 77.42 -68.00 -69.61
N LYS E 47 78.09 -66.85 -69.59
CA LYS E 47 79.49 -66.76 -69.98
C LYS E 47 80.30 -66.18 -68.84
N PHE E 48 81.60 -66.48 -68.84
CA PHE E 48 82.53 -66.00 -67.83
C PHE E 48 83.95 -66.26 -68.32
N ARG E 49 84.89 -65.51 -67.76
CA ARG E 49 86.30 -65.70 -68.05
C ARG E 49 86.93 -66.57 -66.97
N ILE E 50 87.76 -67.50 -67.38
CA ILE E 50 88.40 -68.42 -66.46
C ILE E 50 89.56 -67.69 -65.79
N GLY E 51 89.95 -68.16 -64.62
CA GLY E 51 91.12 -67.67 -63.93
C GLY E 51 90.90 -66.43 -63.08
N LYS E 52 90.04 -65.52 -63.52
CA LYS E 52 89.86 -64.23 -62.87
C LYS E 52 88.94 -64.29 -61.65
N GLN E 53 88.51 -65.49 -61.26
CA GLN E 53 87.78 -65.76 -60.01
C GLN E 53 86.45 -65.02 -59.95
N GLU E 54 85.77 -64.94 -61.09
CA GLU E 54 84.41 -64.39 -61.11
C GLU E 54 83.44 -65.36 -60.46
N VAL E 55 83.52 -66.62 -60.83
CA VAL E 55 82.72 -67.68 -60.24
C VAL E 55 83.38 -68.15 -58.95
N ILE E 56 82.69 -68.98 -58.19
CA ILE E 56 83.26 -69.62 -57.00
C ILE E 56 84.33 -70.61 -57.40
N LYS E 57 85.13 -71.06 -56.42
CA LYS E 57 86.31 -71.86 -56.70
C LYS E 57 85.96 -73.25 -57.19
N GLY E 58 84.87 -73.83 -56.69
CA GLY E 58 84.46 -75.14 -57.17
C GLY E 58 83.93 -75.15 -58.59
N PHE E 59 83.60 -73.98 -59.13
CA PHE E 59 83.06 -73.91 -60.48
C PHE E 59 84.16 -73.92 -61.53
N GLU E 60 85.09 -72.98 -61.46
CA GLU E 60 86.11 -72.87 -62.50
C GLU E 60 87.11 -74.01 -62.42
N GLU E 61 87.31 -74.60 -61.24
CA GLU E 61 88.12 -75.82 -61.17
C GLU E 61 87.43 -76.99 -61.83
N GLY E 62 86.10 -77.03 -61.81
CA GLY E 62 85.40 -78.02 -62.59
C GLY E 62 85.42 -77.68 -64.06
N ALA E 63 85.51 -76.38 -64.37
CA ALA E 63 85.38 -75.91 -65.74
C ALA E 63 86.55 -76.31 -66.63
N ALA E 64 87.78 -76.12 -66.19
CA ALA E 64 88.92 -76.53 -67.00
C ALA E 64 89.13 -78.04 -67.01
N GLN E 65 88.47 -78.77 -66.11
CA GLN E 65 88.51 -80.22 -66.11
C GLN E 65 87.51 -80.85 -67.05
N MET E 66 86.97 -80.09 -68.00
CA MET E 66 86.03 -80.62 -68.97
C MET E 66 86.56 -80.43 -70.38
N SER E 67 86.01 -81.18 -71.30
CA SER E 67 86.30 -81.00 -72.71
C SER E 67 85.18 -80.20 -73.35
N LEU E 68 85.42 -79.75 -74.57
CA LEU E 68 84.41 -78.98 -75.28
C LEU E 68 83.25 -79.87 -75.68
N GLY E 69 82.04 -79.45 -75.33
CA GLY E 69 80.85 -80.23 -75.62
C GLY E 69 80.56 -81.33 -74.63
N GLN E 70 81.42 -81.54 -73.64
CA GLN E 70 81.17 -82.53 -72.61
C GLN E 70 80.05 -82.05 -71.70
N ARG E 71 79.35 -82.99 -71.09
CA ARG E 71 78.34 -82.69 -70.09
C ARG E 71 78.75 -83.38 -68.80
N ALA E 72 78.88 -82.61 -67.74
CA ALA E 72 79.46 -83.12 -66.50
C ALA E 72 78.56 -82.78 -65.33
N LYS E 73 78.61 -83.65 -64.32
CA LYS E 73 77.96 -83.39 -63.05
C LYS E 73 79.05 -83.08 -62.04
N LEU E 74 78.96 -81.92 -61.41
CA LEU E 74 79.94 -81.49 -60.43
C LEU E 74 79.39 -81.69 -59.03
N THR E 75 80.27 -81.59 -58.05
CA THR E 75 79.90 -81.68 -56.64
C THR E 75 80.91 -80.80 -55.90
N CYS E 76 80.51 -79.58 -55.59
CA CYS E 76 81.39 -78.65 -54.90
C CYS E 76 81.16 -78.74 -53.40
N THR E 77 82.24 -78.91 -52.65
CA THR E 77 82.16 -79.13 -51.22
C THR E 77 81.81 -77.83 -50.51
N PRO E 78 81.38 -77.89 -49.24
CA PRO E 78 81.19 -76.66 -48.47
C PRO E 78 82.42 -75.77 -48.36
N ASP E 79 83.62 -76.33 -48.20
CA ASP E 79 84.78 -75.48 -47.98
C ASP E 79 85.23 -74.75 -49.24
N VAL E 80 84.78 -75.20 -50.42
CA VAL E 80 85.22 -74.57 -51.66
C VAL E 80 84.30 -73.44 -52.08
N ALA E 81 83.12 -73.33 -51.51
CA ALA E 81 82.16 -72.31 -51.92
C ALA E 81 81.15 -72.09 -50.81
N TYR E 82 80.95 -70.81 -50.45
CA TYR E 82 79.89 -70.33 -49.55
C TYR E 82 79.98 -71.01 -48.19
N GLY E 83 81.21 -71.10 -47.69
CA GLY E 83 81.58 -71.99 -46.61
C GLY E 83 80.85 -71.81 -45.29
N ALA E 84 81.15 -70.72 -44.59
CA ALA E 84 80.53 -70.49 -43.29
C ALA E 84 79.14 -69.87 -43.44
N THR E 85 79.07 -68.70 -44.04
CA THR E 85 77.83 -67.95 -44.06
C THR E 85 76.90 -68.34 -45.20
N GLY E 86 77.42 -68.76 -46.34
CA GLY E 86 76.56 -68.99 -47.48
C GLY E 86 76.08 -67.68 -48.11
N HIS E 87 75.35 -67.84 -49.20
CA HIS E 87 74.75 -66.70 -49.86
C HIS E 87 73.62 -66.19 -49.00
N PRO E 88 73.38 -64.88 -48.93
CA PRO E 88 72.22 -64.40 -48.21
C PRO E 88 70.95 -64.68 -48.99
N GLY E 89 69.96 -65.24 -48.31
CA GLY E 89 68.65 -65.43 -48.88
C GLY E 89 68.46 -66.70 -49.68
N VAL E 90 69.53 -67.27 -50.21
CA VAL E 90 69.41 -68.38 -51.14
C VAL E 90 69.95 -69.67 -50.53
N ILE E 91 71.24 -69.73 -50.30
CA ILE E 91 71.93 -70.98 -49.98
C ILE E 91 72.22 -71.00 -48.50
N PRO E 92 71.82 -72.04 -47.77
CA PRO E 92 71.97 -72.06 -46.32
C PRO E 92 73.42 -72.27 -45.93
N PRO E 93 73.78 -72.04 -44.67
CA PRO E 93 75.17 -72.26 -44.23
C PRO E 93 75.57 -73.72 -44.28
N ASN E 94 76.81 -73.94 -44.72
CA ASN E 94 77.45 -75.26 -44.82
C ASN E 94 76.65 -76.19 -45.71
N ALA E 95 76.50 -75.77 -46.95
CA ALA E 95 75.68 -76.50 -47.91
C ALA E 95 76.55 -77.01 -49.04
N THR E 96 76.40 -78.29 -49.34
CA THR E 96 77.11 -78.90 -50.44
C THR E 96 76.29 -78.74 -51.70
N LEU E 97 76.93 -78.34 -52.78
CA LEU E 97 76.23 -77.92 -54.00
C LEU E 97 76.41 -78.98 -55.07
N ILE E 98 75.44 -79.10 -55.96
CA ILE E 98 75.41 -80.10 -57.02
C ILE E 98 75.04 -79.40 -58.31
N PHE E 99 75.86 -79.56 -59.33
CA PHE E 99 75.75 -78.78 -60.55
C PHE E 99 75.57 -79.70 -61.75
N ASP E 100 75.05 -79.14 -62.83
CA ASP E 100 74.98 -79.79 -64.13
C ASP E 100 75.36 -78.74 -65.18
N VAL E 101 76.54 -78.87 -65.70
CA VAL E 101 77.08 -77.89 -66.63
C VAL E 101 77.23 -78.50 -68.00
N GLU E 102 77.53 -77.67 -68.98
CA GLU E 102 77.81 -78.10 -70.34
C GLU E 102 78.59 -77.00 -71.03
N LEU E 103 79.82 -77.31 -71.45
CA LEU E 103 80.65 -76.37 -72.19
C LEU E 103 80.09 -76.24 -73.59
N LEU E 104 79.52 -75.08 -73.90
CA LEU E 104 78.90 -74.90 -75.22
C LEU E 104 79.96 -74.75 -76.30
N ASN E 105 80.79 -73.71 -76.20
CA ASN E 105 81.86 -73.51 -77.16
C ASN E 105 82.93 -72.65 -76.55
N LEU E 106 83.86 -72.22 -77.42
CA LEU E 106 84.97 -71.33 -77.12
C LEU E 106 85.87 -71.93 -76.03
N GLU E 107 86.52 -73.03 -76.41
CA GLU E 107 87.46 -73.79 -75.58
C GLU E 107 86.87 -74.29 -74.27
N MET F 1 78.54 -14.48 -52.13
CA MET F 1 77.80 -14.87 -53.32
C MET F 1 78.75 -15.34 -54.40
N ALA F 2 78.70 -16.64 -54.72
CA ALA F 2 79.61 -17.25 -55.67
C ALA F 2 79.22 -17.02 -57.12
N ASP F 3 78.16 -16.25 -57.36
CA ASP F 3 77.71 -15.97 -58.72
C ASP F 3 78.53 -14.91 -59.43
N GLN F 4 79.41 -14.20 -58.72
CA GLN F 4 80.17 -13.11 -59.31
C GLN F 4 81.25 -13.61 -60.26
N LEU F 5 81.55 -14.90 -60.26
CA LEU F 5 82.41 -15.50 -61.25
C LEU F 5 81.56 -16.04 -62.40
N THR F 6 82.10 -15.95 -63.61
CA THR F 6 81.40 -16.48 -64.77
C THR F 6 81.66 -17.99 -64.89
N GLU F 7 81.09 -18.62 -65.91
CA GLU F 7 81.12 -20.08 -65.99
C GLU F 7 82.50 -20.61 -66.33
N GLU F 8 83.14 -20.05 -67.36
CA GLU F 8 84.37 -20.58 -67.92
C GLU F 8 85.53 -20.56 -66.95
N GLN F 9 85.52 -19.64 -65.98
CA GLN F 9 86.50 -19.70 -64.90
C GLN F 9 86.32 -20.95 -64.05
N ILE F 10 85.08 -21.24 -63.66
CA ILE F 10 84.80 -22.47 -62.92
C ILE F 10 85.10 -23.68 -63.76
N ALA F 11 84.85 -23.58 -65.07
CA ALA F 11 85.32 -24.60 -65.99
C ALA F 11 86.84 -24.69 -65.99
N GLU F 12 87.52 -23.55 -66.00
CA GLU F 12 88.97 -23.56 -65.89
C GLU F 12 89.43 -23.99 -64.50
N PHE F 13 88.68 -23.61 -63.47
CA PHE F 13 89.06 -24.00 -62.11
C PHE F 13 88.93 -25.50 -61.90
N LYS F 14 87.79 -26.09 -62.30
CA LYS F 14 87.59 -27.51 -62.16
C LYS F 14 88.56 -28.30 -63.01
N GLU F 15 88.88 -27.80 -64.21
CA GLU F 15 89.92 -28.41 -65.02
C GLU F 15 91.26 -28.36 -64.31
N ALA F 16 91.57 -27.23 -63.68
CA ALA F 16 92.79 -27.15 -62.88
C ALA F 16 92.70 -28.02 -61.64
N PHE F 17 91.53 -28.08 -61.00
CA PHE F 17 91.42 -28.78 -59.74
C PHE F 17 91.45 -30.29 -59.94
N SER F 18 90.76 -30.78 -60.98
CA SER F 18 90.79 -32.21 -61.28
C SER F 18 92.14 -32.64 -61.79
N LEU F 19 92.93 -31.73 -62.35
CA LEU F 19 94.26 -32.09 -62.84
C LEU F 19 95.19 -32.41 -61.67
N PHE F 20 95.02 -31.74 -60.55
CA PHE F 20 95.83 -32.00 -59.37
C PHE F 20 95.02 -32.63 -58.25
N ASP F 21 93.82 -33.13 -58.56
CA ASP F 21 93.05 -33.89 -57.60
C ASP F 21 93.80 -35.15 -57.18
N LYS F 22 93.77 -35.44 -55.89
CA LYS F 22 94.61 -36.49 -55.33
C LYS F 22 94.18 -37.86 -55.79
N ASP F 23 92.94 -38.24 -55.48
CA ASP F 23 92.44 -39.56 -55.88
C ASP F 23 91.13 -39.45 -56.64
N GLY F 24 90.80 -38.27 -57.18
CA GLY F 24 89.49 -38.02 -57.71
C GLY F 24 88.46 -37.62 -56.67
N ASP F 25 88.85 -37.61 -55.39
CA ASP F 25 87.93 -37.20 -54.33
C ASP F 25 87.61 -35.72 -54.39
N GLY F 26 88.54 -34.92 -54.87
CA GLY F 26 88.44 -33.48 -54.71
C GLY F 26 89.21 -32.96 -53.53
N THR F 27 90.08 -33.77 -52.94
CA THR F 27 91.00 -33.32 -51.92
C THR F 27 92.35 -33.01 -52.58
N ILE F 28 92.99 -31.97 -52.06
CA ILE F 28 94.36 -31.63 -52.44
C ILE F 28 95.10 -31.27 -51.17
N THR F 29 96.43 -31.24 -51.29
CA THR F 29 97.28 -30.87 -50.17
C THR F 29 97.36 -29.36 -50.07
N THR F 30 97.92 -28.88 -48.95
CA THR F 30 98.14 -27.46 -48.77
C THR F 30 99.17 -26.90 -49.74
N LYS F 31 100.17 -27.71 -50.09
CA LYS F 31 101.18 -27.27 -51.05
C LYS F 31 100.59 -27.16 -52.45
N ALA F 32 99.78 -28.13 -52.85
CA ALA F 32 99.24 -28.20 -54.20
C ALA F 32 98.33 -27.04 -54.51
N LEU F 33 97.70 -26.45 -53.49
CA LEU F 33 96.94 -25.21 -53.66
C LEU F 33 97.81 -24.08 -54.17
N GLY F 34 99.05 -23.99 -53.69
CA GLY F 34 99.96 -22.99 -54.21
C GLY F 34 100.39 -23.29 -55.63
N THR F 35 100.66 -24.56 -55.92
CA THR F 35 101.08 -24.96 -57.25
C THR F 35 99.97 -24.80 -58.28
N VAL F 36 98.72 -25.05 -57.89
CA VAL F 36 97.65 -24.99 -58.86
C VAL F 36 97.29 -23.55 -59.21
N MET F 37 97.50 -22.61 -58.30
CA MET F 37 97.30 -21.21 -58.67
C MET F 37 98.44 -20.72 -59.54
N ARG F 38 99.65 -21.19 -59.29
CA ARG F 38 100.75 -20.92 -60.21
C ARG F 38 100.65 -21.73 -61.47
N SER F 39 99.88 -22.81 -61.47
CA SER F 39 99.46 -23.42 -62.72
C SER F 39 98.42 -22.58 -63.44
N LEU F 40 97.73 -21.68 -62.72
CA LEU F 40 96.83 -20.72 -63.35
C LEU F 40 97.45 -19.35 -63.47
N GLY F 41 98.77 -19.24 -63.33
CA GLY F 41 99.49 -18.00 -63.49
C GLY F 41 99.46 -17.09 -62.27
N GLN F 42 98.52 -17.31 -61.36
CA GLN F 42 98.43 -16.52 -60.14
C GLN F 42 99.60 -16.88 -59.23
N ASN F 43 100.38 -15.88 -58.80
CA ASN F 43 101.52 -16.10 -57.92
C ASN F 43 101.40 -15.31 -56.64
N PRO F 44 100.64 -15.81 -55.66
CA PRO F 44 100.66 -15.21 -54.34
C PRO F 44 101.68 -15.88 -53.44
N THR F 45 102.26 -15.09 -52.54
CA THR F 45 103.22 -15.68 -51.63
C THR F 45 102.49 -16.39 -50.49
N GLU F 46 103.28 -17.01 -49.61
CA GLU F 46 102.77 -17.80 -48.50
C GLU F 46 101.97 -17.00 -47.49
N ALA F 47 102.12 -15.67 -47.47
CA ALA F 47 101.23 -14.84 -46.68
C ALA F 47 99.79 -14.91 -47.17
N GLU F 48 99.57 -14.82 -48.49
CA GLU F 48 98.22 -14.97 -49.02
C GLU F 48 97.79 -16.43 -49.03
N LEU F 49 98.74 -17.35 -48.86
CA LEU F 49 98.36 -18.75 -48.74
C LEU F 49 97.96 -19.09 -47.32
N GLN F 50 98.65 -18.50 -46.34
CA GLN F 50 98.45 -18.92 -44.94
C GLN F 50 97.10 -18.52 -44.40
N ASP F 51 96.68 -17.27 -44.66
CA ASP F 51 95.42 -16.77 -44.13
C ASP F 51 94.20 -17.40 -44.79
N MET F 52 94.37 -18.06 -45.93
CA MET F 52 93.22 -18.60 -46.63
C MET F 52 92.78 -19.94 -46.07
N ILE F 53 93.73 -20.79 -45.68
CA ILE F 53 93.38 -22.10 -45.13
C ILE F 53 92.79 -21.95 -43.73
N ASN F 54 93.37 -21.08 -42.90
CA ASN F 54 92.82 -20.89 -41.57
C ASN F 54 91.51 -20.10 -41.60
N GLU F 55 91.23 -19.43 -42.72
CA GLU F 55 89.91 -18.85 -42.92
C GLU F 55 88.85 -19.93 -43.06
N VAL F 56 89.20 -21.06 -43.66
CA VAL F 56 88.27 -22.15 -43.84
C VAL F 56 88.71 -23.36 -43.04
N ASN F 61 93.48 -28.54 -41.49
CA ASN F 61 93.51 -29.99 -41.52
C ASN F 61 94.30 -30.54 -42.70
N GLY F 62 94.70 -29.64 -43.60
CA GLY F 62 95.45 -30.00 -44.78
C GLY F 62 94.62 -30.52 -45.93
N THR F 63 93.31 -30.69 -45.74
CA THR F 63 92.44 -31.28 -46.74
C THR F 63 91.60 -30.15 -47.33
N ILE F 64 91.85 -29.82 -48.59
CA ILE F 64 91.11 -28.77 -49.26
C ILE F 64 90.12 -29.44 -50.21
N ASP F 65 88.83 -29.22 -49.95
CA ASP F 65 87.75 -29.74 -50.76
C ASP F 65 87.32 -28.70 -51.78
N PHE F 66 86.72 -29.17 -52.89
CA PHE F 66 86.45 -28.29 -54.03
C PHE F 66 85.48 -27.14 -53.76
N PRO F 67 84.41 -27.29 -52.97
CA PRO F 67 83.70 -26.07 -52.54
C PRO F 67 84.52 -25.20 -51.61
N ALA F 68 85.30 -25.80 -50.72
CA ALA F 68 86.17 -25.02 -49.85
C ALA F 68 87.26 -24.34 -50.66
N PHE F 69 87.70 -24.98 -51.75
CA PHE F 69 88.62 -24.31 -52.66
C PHE F 69 87.94 -23.19 -53.42
N LEU F 70 86.67 -23.38 -53.82
CA LEU F 70 86.06 -22.44 -54.73
C LEU F 70 85.64 -21.16 -54.02
N THR F 71 85.26 -21.25 -52.75
CA THR F 71 84.90 -20.05 -52.01
C THR F 71 86.09 -19.12 -51.81
N MET F 72 87.29 -19.68 -51.71
CA MET F 72 88.49 -18.84 -51.71
C MET F 72 88.75 -18.25 -53.09
N MET F 73 88.34 -18.95 -54.15
CA MET F 73 88.53 -18.42 -55.49
C MET F 73 87.57 -17.28 -55.78
N ALA F 74 86.44 -17.23 -55.10
CA ALA F 74 85.51 -16.14 -55.28
C ALA F 74 86.06 -14.85 -54.68
N ARG F 75 86.61 -14.95 -53.46
CA ARG F 75 87.07 -13.76 -52.76
C ARG F 75 88.32 -13.16 -53.37
N LYS F 76 89.20 -13.99 -53.94
CA LYS F 76 90.41 -13.48 -54.59
C LYS F 76 90.09 -12.73 -55.87
N MET F 77 88.95 -13.00 -56.51
CA MET F 77 88.57 -12.25 -57.69
C MET F 77 87.42 -11.30 -57.46
N LYS F 78 86.91 -11.22 -56.22
CA LYS F 78 85.89 -10.23 -55.91
C LYS F 78 86.49 -8.87 -55.60
N ASP F 79 87.64 -8.84 -54.92
CA ASP F 79 88.22 -7.56 -54.51
C ASP F 79 88.88 -6.85 -55.68
N THR F 80 89.48 -7.60 -56.60
CA THR F 80 90.18 -7.00 -57.73
C THR F 80 89.22 -6.33 -58.71
N ASP F 81 88.06 -6.94 -58.95
CA ASP F 81 87.09 -6.34 -59.85
C ASP F 81 86.30 -5.23 -59.17
N SER F 82 86.33 -5.16 -57.84
CA SER F 82 85.56 -4.16 -57.11
C SER F 82 86.14 -2.75 -57.22
N GLU F 83 87.41 -2.62 -57.61
CA GLU F 83 88.02 -1.31 -57.76
C GLU F 83 88.20 -0.89 -59.22
N GLU F 84 88.43 -1.85 -60.11
CA GLU F 84 88.57 -1.56 -61.54
C GLU F 84 87.24 -1.39 -62.23
N GLU F 85 86.13 -1.61 -61.53
CA GLU F 85 84.82 -1.43 -62.12
C GLU F 85 84.43 0.05 -62.22
N ILE F 86 84.97 0.91 -61.36
CA ILE F 86 84.44 2.25 -61.17
C ILE F 86 85.08 3.28 -62.10
N ARG F 87 86.30 3.01 -62.60
CA ARG F 87 86.86 3.90 -63.60
C ARG F 87 86.20 3.69 -64.96
N GLU F 88 85.98 2.42 -65.32
CA GLU F 88 85.23 2.12 -66.53
C GLU F 88 83.75 2.47 -66.38
N ALA F 89 83.27 2.58 -65.14
CA ALA F 89 81.94 3.14 -64.90
C ALA F 89 81.87 4.61 -65.21
N PHE F 90 82.96 5.36 -65.04
CA PHE F 90 82.98 6.77 -65.39
C PHE F 90 83.21 6.99 -66.88
N ARG F 91 83.69 5.96 -67.60
CA ARG F 91 84.01 6.05 -69.02
C ARG F 91 82.81 6.47 -69.87
N VAL F 92 81.60 6.02 -69.51
CA VAL F 92 80.42 6.33 -70.31
C VAL F 92 79.93 7.77 -70.14
N PHE F 93 80.36 8.46 -69.07
CA PHE F 93 79.93 9.84 -68.86
C PHE F 93 80.62 10.79 -69.82
N ASP F 94 81.94 10.90 -69.72
CA ASP F 94 82.72 11.82 -70.52
C ASP F 94 82.82 11.29 -71.95
N LYS F 95 82.70 12.23 -72.90
CA LYS F 95 82.74 11.88 -74.31
C LYS F 95 84.12 11.46 -74.75
N ASP F 96 85.16 11.92 -74.06
CA ASP F 96 86.53 11.54 -74.36
C ASP F 96 86.94 10.27 -73.63
N GLY F 97 86.65 10.17 -72.33
CA GLY F 97 87.04 9.03 -71.54
C GLY F 97 88.12 9.31 -70.51
N ASN F 98 88.45 10.58 -70.26
CA ASN F 98 89.51 10.92 -69.34
C ASN F 98 89.00 11.16 -67.91
N GLY F 99 87.86 11.79 -67.76
CA GLY F 99 87.40 12.20 -66.45
C GLY F 99 86.66 13.52 -66.52
N TYR F 100 86.69 14.17 -67.67
CA TYR F 100 86.08 15.48 -67.87
C TYR F 100 84.68 15.29 -68.41
N ILE F 101 83.73 15.05 -67.51
CA ILE F 101 82.33 14.96 -67.85
C ILE F 101 81.65 16.24 -67.40
N SER F 102 81.04 16.94 -68.35
CA SER F 102 80.36 18.19 -68.03
C SER F 102 79.08 17.91 -67.23
N ALA F 103 78.82 18.78 -66.26
CA ALA F 103 77.66 18.61 -65.38
C ALA F 103 76.34 18.80 -66.10
N ALA F 104 76.34 19.50 -67.23
CA ALA F 104 75.16 19.59 -68.08
C ALA F 104 74.78 18.25 -68.68
N ALA F 105 75.76 17.40 -68.98
CA ALA F 105 75.49 16.11 -69.61
C ALA F 105 75.19 15.01 -68.60
N LEU F 106 74.84 15.36 -67.38
CA LEU F 106 74.63 14.37 -66.34
C LEU F 106 73.16 14.21 -65.93
N ARG F 107 72.38 15.29 -65.97
CA ARG F 107 71.02 15.24 -65.46
C ARG F 107 70.02 14.69 -66.46
N HIS F 108 70.47 14.07 -67.53
CA HIS F 108 69.63 13.19 -68.33
C HIS F 108 70.19 11.79 -68.44
N VAL F 109 71.49 11.60 -68.16
CA VAL F 109 72.04 10.25 -68.14
C VAL F 109 71.77 9.58 -66.80
N MET F 110 71.44 10.34 -65.77
CA MET F 110 71.23 9.78 -64.45
C MET F 110 69.76 9.52 -64.14
N THR F 111 68.85 10.27 -64.72
CA THR F 111 67.44 9.95 -64.60
C THR F 111 66.97 8.93 -65.62
N ASN F 112 67.88 8.41 -66.44
CA ASN F 112 67.56 7.46 -67.49
C ASN F 112 68.43 6.21 -67.40
N LEU F 113 68.50 5.56 -66.25
CA LEU F 113 69.35 4.37 -66.17
C LEU F 113 68.61 3.13 -65.67
N GLY F 114 67.62 3.26 -64.81
CA GLY F 114 66.82 2.12 -64.43
C GLY F 114 66.77 1.78 -62.97
N GLU F 115 67.34 2.62 -62.10
CA GLU F 115 67.10 2.52 -60.68
C GLU F 115 65.94 3.39 -60.23
N LYS F 116 65.20 3.96 -61.19
CA LYS F 116 64.01 4.78 -60.97
C LYS F 116 64.28 5.99 -60.09
N LEU F 117 65.41 6.65 -60.35
CA LEU F 117 65.76 7.84 -59.60
C LEU F 117 65.06 9.05 -60.19
N THR F 118 64.36 9.80 -59.35
CA THR F 118 63.61 10.95 -59.86
C THR F 118 64.53 12.17 -59.92
N ASP F 119 63.95 13.33 -60.24
CA ASP F 119 64.73 14.54 -60.40
C ASP F 119 65.26 15.08 -59.07
N GLU F 120 64.60 14.76 -57.96
CA GLU F 120 65.02 15.28 -56.67
C GLU F 120 66.30 14.63 -56.16
N GLU F 121 66.46 13.32 -56.37
CA GLU F 121 67.64 12.65 -55.83
C GLU F 121 68.85 12.86 -56.73
N VAL F 122 68.65 12.94 -58.05
CA VAL F 122 69.76 13.26 -58.93
C VAL F 122 70.16 14.72 -58.77
N ASP F 123 69.23 15.57 -58.33
CA ASP F 123 69.63 16.85 -57.77
C ASP F 123 70.42 16.67 -56.48
N GLU F 124 69.88 15.87 -55.56
CA GLU F 124 70.52 15.60 -54.27
C GLU F 124 71.87 14.91 -54.45
N MET F 125 72.03 14.15 -55.54
CA MET F 125 73.33 13.60 -55.90
C MET F 125 74.33 14.68 -56.26
N ILE F 126 73.85 15.80 -56.83
CA ILE F 126 74.76 16.78 -57.42
C ILE F 126 75.20 17.88 -56.46
N ARG F 127 74.28 18.54 -55.77
CA ARG F 127 74.66 19.66 -54.91
C ARG F 127 75.31 19.21 -53.61
N GLU F 128 75.34 17.91 -53.33
CA GLU F 128 76.16 17.35 -52.27
C GLU F 128 77.28 16.49 -52.82
N ALA F 129 77.95 16.95 -53.88
CA ALA F 129 79.06 16.23 -54.50
C ALA F 129 80.26 16.15 -53.57
N GLY F 135 80.36 23.68 -64.42
CA GLY F 135 81.70 23.15 -64.57
C GLY F 135 81.73 21.63 -64.60
N GLN F 136 82.84 21.08 -65.09
CA GLN F 136 82.97 19.63 -65.19
C GLN F 136 83.71 19.12 -63.96
N VAL F 137 83.20 18.03 -63.40
CA VAL F 137 83.81 17.39 -62.25
C VAL F 137 84.66 16.24 -62.76
N ASN F 138 85.65 15.84 -61.98
CA ASN F 138 86.59 14.81 -62.37
C ASN F 138 86.00 13.41 -62.15
N TYR F 139 86.88 12.41 -62.23
CA TYR F 139 86.43 11.05 -61.95
C TYR F 139 86.70 10.65 -60.51
N GLU F 140 87.84 11.05 -59.92
CA GLU F 140 88.20 10.56 -58.60
C GLU F 140 87.37 11.19 -57.50
N ALA F 141 86.89 12.42 -57.68
CA ALA F 141 85.86 12.93 -56.79
C ALA F 141 84.52 12.25 -57.02
N PHE F 142 84.30 11.74 -58.24
CA PHE F 142 83.04 11.07 -58.50
C PHE F 142 83.02 9.64 -57.97
N VAL F 143 84.16 8.96 -57.97
CA VAL F 143 84.19 7.66 -57.31
C VAL F 143 84.21 7.83 -55.79
N GLN F 144 84.57 9.02 -55.31
CA GLN F 144 84.43 9.30 -53.88
C GLN F 144 82.99 9.62 -53.51
N MET F 145 82.31 10.43 -54.32
CA MET F 145 80.95 10.83 -54.03
C MET F 145 79.92 9.75 -54.33
N MET F 146 80.30 8.67 -55.02
CA MET F 146 79.39 7.56 -55.24
C MET F 146 79.55 6.45 -54.21
N THR F 147 80.79 6.10 -53.86
CA THR F 147 81.01 5.08 -52.85
C THR F 147 80.65 5.57 -51.46
N ALA F 148 80.95 6.84 -51.17
CA ALA F 148 80.66 7.52 -49.90
C ALA F 148 81.16 6.78 -48.66
N GLY G 1 102.44 77.75 23.33
CA GLY G 1 102.60 76.95 22.13
C GLY G 1 102.11 77.66 20.89
N VAL G 2 102.59 78.87 20.68
CA VAL G 2 102.23 79.68 19.52
C VAL G 2 103.49 79.96 18.73
N GLU G 3 103.74 79.15 17.71
CA GLU G 3 104.94 79.26 16.89
C GLU G 3 104.58 79.94 15.58
N ILE G 4 105.13 81.13 15.36
CA ILE G 4 104.94 81.88 14.13
C ILE G 4 106.21 81.81 13.30
N GLU G 5 106.11 81.18 12.13
CA GLU G 5 107.19 81.16 11.15
C GLU G 5 106.73 81.97 9.95
N THR G 6 107.52 82.95 9.56
CA THR G 6 107.09 83.89 8.54
C THR G 6 107.15 83.27 7.15
N ILE G 7 106.25 83.74 6.28
CA ILE G 7 106.16 83.30 4.89
C ILE G 7 106.45 84.45 3.94
N SER G 8 105.97 85.65 4.27
CA SER G 8 106.32 86.86 3.55
C SER G 8 106.18 88.04 4.49
N PRO G 9 107.17 88.92 4.55
CA PRO G 9 107.11 90.02 5.51
C PRO G 9 106.22 91.14 5.03
N GLY G 10 105.61 91.82 5.99
CA GLY G 10 104.71 92.93 5.74
C GLY G 10 105.39 94.26 6.00
N ASP G 11 104.62 95.16 6.63
CA ASP G 11 105.13 96.50 6.91
C ASP G 11 106.20 96.47 7.99
N GLY G 12 106.09 95.54 8.94
CA GLY G 12 107.04 95.43 10.02
C GLY G 12 106.85 96.40 11.17
N ARG G 13 105.99 97.41 10.99
CA ARG G 13 105.77 98.42 12.02
C ARG G 13 104.33 98.54 12.47
N THR G 14 103.37 98.18 11.62
CA THR G 14 101.96 98.33 11.94
C THR G 14 101.48 97.04 12.61
N PHE G 15 100.99 97.16 13.83
CA PHE G 15 100.54 96.02 14.59
C PHE G 15 99.10 96.24 15.05
N PRO G 16 98.31 95.18 15.19
CA PRO G 16 96.95 95.37 15.69
C PRO G 16 96.97 95.67 17.18
N LYS G 17 96.17 96.65 17.58
CA LYS G 17 96.01 97.01 18.98
C LYS G 17 94.65 96.52 19.46
N LYS G 18 94.42 96.58 20.77
CA LYS G 18 93.20 96.02 21.32
C LYS G 18 92.01 96.90 21.01
N GLY G 19 90.81 96.32 21.16
CA GLY G 19 89.59 97.00 20.79
C GLY G 19 89.44 97.27 19.32
N GLN G 20 90.03 96.44 18.47
CA GLN G 20 90.11 96.73 17.04
C GLN G 20 89.75 95.48 16.23
N THR G 21 89.34 95.69 15.00
CA THR G 21 89.01 94.60 14.12
C THR G 21 90.20 94.24 13.25
N CYS G 22 90.18 93.00 12.74
CA CYS G 22 91.16 92.56 11.76
C CYS G 22 90.40 91.95 10.59
N VAL G 23 91.09 91.78 9.47
CA VAL G 23 90.57 91.02 8.34
C VAL G 23 91.66 90.04 7.90
N VAL G 24 91.36 88.75 8.06
CA VAL G 24 92.34 87.70 7.84
C VAL G 24 91.81 86.80 6.74
N HIS G 25 92.62 86.56 5.72
CA HIS G 25 92.26 85.66 4.64
C HIS G 25 92.91 84.29 4.85
N TYR G 26 92.48 83.65 5.92
CA TYR G 26 93.19 82.50 6.47
C TYR G 26 92.89 81.21 5.71
N THR G 27 93.59 80.16 6.13
CA THR G 27 93.29 78.77 5.81
C THR G 27 94.00 77.88 6.81
N GLY G 28 93.48 76.68 7.03
CA GLY G 28 94.03 75.79 8.03
C GLY G 28 94.17 74.36 7.53
N MET G 29 94.91 73.56 8.29
CA MET G 29 95.14 72.16 7.98
C MET G 29 95.22 71.38 9.29
N LEU G 30 95.49 70.09 9.17
CA LEU G 30 95.93 69.29 10.30
C LEU G 30 97.38 68.89 10.10
N GLN G 31 97.93 68.18 11.09
CA GLN G 31 99.30 67.70 10.97
C GLN G 31 99.43 66.60 9.93
N ASN G 32 98.35 65.88 9.65
CA ASN G 32 98.41 64.97 8.52
C ASN G 32 98.41 65.71 7.20
N GLY G 33 97.96 66.96 7.19
CA GLY G 33 97.93 67.76 6.00
C GLY G 33 96.58 67.92 5.36
N LYS G 34 95.55 67.30 5.91
CA LYS G 34 94.22 67.30 5.33
C LYS G 34 93.56 68.66 5.56
N LYS G 35 93.14 69.30 4.49
CA LYS G 35 92.71 70.68 4.56
C LYS G 35 91.26 70.78 5.02
N PHE G 36 91.08 71.04 6.31
CA PHE G 36 89.76 71.11 6.90
C PHE G 36 89.05 72.44 6.72
N ASP G 37 89.75 73.47 6.24
CA ASP G 37 89.14 74.79 6.16
C ASP G 37 89.89 75.67 5.20
N SER G 38 89.19 76.66 4.66
CA SER G 38 89.79 77.77 3.94
C SER G 38 88.85 78.96 4.04
N SER G 39 89.27 80.08 3.45
CA SER G 39 88.44 81.27 3.37
C SER G 39 88.25 81.75 1.94
N ARG G 40 89.27 81.60 1.10
CA ARG G 40 89.21 82.04 -0.29
C ARG G 40 88.18 81.28 -1.10
N ASP G 41 87.93 80.03 -0.76
CA ASP G 41 86.86 79.28 -1.40
C ASP G 41 85.50 79.89 -1.10
N ARG G 42 85.33 80.42 0.11
CA ARG G 42 84.10 81.15 0.37
C ARG G 42 84.15 82.58 -0.15
N ASN G 43 85.32 83.01 -0.65
CA ASN G 43 85.53 84.33 -1.25
C ASN G 43 85.19 85.45 -0.28
N LYS G 44 85.46 85.22 0.98
CA LYS G 44 85.12 86.21 1.97
C LYS G 44 86.31 86.47 2.87
N PRO G 45 86.78 87.71 2.94
CA PRO G 45 87.79 88.04 3.93
C PRO G 45 87.21 87.95 5.33
N PHE G 46 87.66 86.94 6.06
CA PHE G 46 87.15 86.70 7.41
C PHE G 46 87.62 87.81 8.35
N LYS G 47 86.68 88.35 9.12
CA LYS G 47 86.98 89.44 10.03
C LYS G 47 86.60 89.04 11.45
N PHE G 48 87.24 89.69 12.42
CA PHE G 48 87.00 89.46 13.83
C PHE G 48 87.63 90.59 14.63
N ARG G 49 87.14 90.76 15.85
CA ARG G 49 87.70 91.74 16.77
C ARG G 49 88.67 91.04 17.71
N ILE G 50 89.81 91.68 17.95
CA ILE G 50 90.83 91.10 18.80
C ILE G 50 90.41 91.31 20.25
N GLY G 51 90.95 90.47 21.14
CA GLY G 51 90.77 90.61 22.56
C GLY G 51 89.49 90.01 23.12
N LYS G 52 88.40 90.06 22.36
CA LYS G 52 87.10 89.64 22.85
C LYS G 52 86.88 88.14 22.79
N GLN G 53 87.92 87.38 22.43
CA GLN G 53 87.96 85.91 22.51
C GLN G 53 86.88 85.26 21.63
N GLU G 54 86.66 85.84 20.46
CA GLU G 54 85.78 85.22 19.48
C GLU G 54 86.43 83.98 18.88
N VAL G 55 87.68 84.13 18.47
CA VAL G 55 88.47 83.01 17.96
C VAL G 55 89.07 82.25 19.12
N ILE G 56 89.67 81.10 18.83
CA ILE G 56 90.41 80.33 19.83
C ILE G 56 91.67 81.07 20.25
N LYS G 57 92.27 80.62 21.35
CA LYS G 57 93.37 81.36 21.97
C LYS G 57 94.62 81.34 21.12
N GLY G 58 94.89 80.24 20.42
CA GLY G 58 96.06 80.19 19.56
C GLY G 58 95.96 81.07 18.33
N PHE G 59 94.76 81.53 18.00
CA PHE G 59 94.58 82.35 16.82
C PHE G 59 94.91 83.82 17.09
N GLU G 60 94.24 84.43 18.07
CA GLU G 60 94.43 85.85 18.32
C GLU G 60 95.80 86.14 18.93
N GLU G 61 96.39 85.17 19.63
CA GLU G 61 97.77 85.34 20.07
C GLU G 61 98.73 85.33 18.90
N GLY G 62 98.42 84.58 17.85
CA GLY G 62 99.21 84.66 16.65
C GLY G 62 98.92 85.95 15.90
N ALA G 63 97.70 86.47 16.06
CA ALA G 63 97.25 87.61 15.27
C ALA G 63 97.97 88.90 15.60
N ALA G 64 98.10 89.25 16.89
CA ALA G 64 98.81 90.46 17.25
C ALA G 64 100.32 90.33 17.11
N GLN G 65 100.83 89.11 16.94
CA GLN G 65 102.24 88.89 16.68
C GLN G 65 102.60 89.00 15.21
N MET G 66 101.76 89.61 14.40
CA MET G 66 102.03 89.82 12.99
C MET G 66 102.02 91.31 12.66
N SER G 67 102.63 91.63 11.53
CA SER G 67 102.57 92.98 11.01
C SER G 67 101.51 93.04 9.92
N LEU G 68 101.18 94.25 9.50
CA LEU G 68 100.18 94.42 8.46
C LEU G 68 100.75 93.96 7.12
N GLY G 69 100.01 93.10 6.43
CA GLY G 69 100.45 92.56 5.17
C GLY G 69 101.41 91.39 5.27
N GLN G 70 101.82 91.01 6.48
CA GLN G 70 102.68 89.86 6.66
C GLN G 70 101.90 88.59 6.38
N ARG G 71 102.61 87.54 5.97
CA ARG G 71 102.03 86.22 5.81
C ARG G 71 102.78 85.26 6.71
N ALA G 72 102.04 84.60 7.59
CA ALA G 72 102.65 83.80 8.64
C ALA G 72 102.07 82.40 8.67
N LYS G 73 102.88 81.45 9.09
CA LYS G 73 102.44 80.10 9.36
C LYS G 73 102.41 79.91 10.86
N LEU G 74 101.25 79.55 11.38
CA LEU G 74 101.07 79.34 12.80
C LEU G 74 101.09 77.86 13.12
N THR G 75 101.20 77.55 14.41
CA THR G 75 101.14 76.18 14.89
C THR G 75 100.55 76.26 16.29
N CYS G 76 99.26 75.99 16.40
CA CYS G 76 98.58 76.07 17.68
C CYS G 76 98.57 74.69 18.32
N THR G 77 99.01 74.63 19.58
CA THR G 77 99.17 73.37 20.29
C THR G 77 97.79 72.82 20.68
N PRO G 78 97.71 71.53 21.04
CA PRO G 78 96.45 71.00 21.59
C PRO G 78 95.92 71.72 22.81
N ASP G 79 96.77 72.14 23.74
CA ASP G 79 96.25 72.74 24.97
C ASP G 79 95.70 74.15 24.75
N VAL G 80 96.04 74.80 23.64
CA VAL G 80 95.59 76.16 23.42
C VAL G 80 94.26 76.20 22.67
N ALA G 81 93.83 75.10 22.06
CA ALA G 81 92.60 75.08 21.28
C ALA G 81 92.09 73.67 21.16
N TYR G 82 90.80 73.48 21.46
CA TYR G 82 90.05 72.25 21.22
C TYR G 82 90.69 71.06 21.93
N GLY G 83 91.08 71.31 23.18
CA GLY G 83 92.01 70.46 23.91
C GLY G 83 91.61 69.01 24.11
N ALA G 84 90.62 68.77 24.96
CA ALA G 84 90.21 67.42 25.25
C ALA G 84 89.26 66.89 24.19
N THR G 85 88.12 67.54 24.03
CA THR G 85 87.07 67.01 23.19
C THR G 85 87.22 67.38 21.72
N GLY G 86 87.79 68.53 21.40
CA GLY G 86 87.81 68.97 20.02
C GLY G 86 86.45 69.43 19.54
N HIS G 87 86.43 69.92 18.31
CA HIS G 87 85.19 70.33 17.69
C HIS G 87 84.37 69.09 17.38
N PRO G 88 83.05 69.13 17.49
CA PRO G 88 82.25 67.97 17.08
C PRO G 88 82.22 67.89 15.57
N GLY G 89 82.47 66.70 15.04
CA GLY G 89 82.33 66.42 13.64
C GLY G 89 83.52 66.77 12.78
N VAL G 90 84.37 67.69 13.20
CA VAL G 90 85.44 68.20 12.36
C VAL G 90 86.80 67.77 12.88
N ILE G 91 87.20 68.27 14.03
CA ILE G 91 88.58 68.18 14.50
C ILE G 91 88.63 67.11 15.58
N PRO G 92 89.52 66.12 15.44
CA PRO G 92 89.54 65.00 16.39
C PRO G 92 90.12 65.43 17.72
N PRO G 93 89.95 64.63 18.77
CA PRO G 93 90.52 64.99 20.08
C PRO G 93 92.04 65.00 20.08
N ASN G 94 92.60 66.00 20.78
CA ASN G 94 94.03 66.21 20.95
C ASN G 94 94.74 66.35 19.63
N ALA G 95 94.32 67.34 18.89
CA ALA G 95 94.84 67.57 17.53
C ALA G 95 95.59 68.88 17.48
N THR G 96 96.79 68.85 16.93
CA THR G 96 97.60 70.02 16.75
C THR G 96 97.25 70.64 15.41
N LEU G 97 97.05 71.96 15.39
CA LEU G 97 96.49 72.65 14.23
C LEU G 97 97.60 73.44 13.55
N ILE G 98 97.47 73.63 12.23
CA ILE G 98 98.44 74.31 11.41
C ILE G 98 97.70 75.29 10.54
N PHE G 99 98.11 76.56 10.58
CA PHE G 99 97.35 77.63 9.94
C PHE G 99 98.22 78.37 8.94
N ASP G 100 97.57 79.06 8.02
CA ASP G 100 98.21 79.98 7.09
C ASP G 100 97.32 81.23 7.02
N VAL G 101 97.78 82.28 7.64
CA VAL G 101 96.98 83.49 7.75
C VAL G 101 97.66 84.61 6.95
N GLU G 102 96.94 85.72 6.81
CA GLU G 102 97.47 86.91 6.17
C GLU G 102 96.64 88.10 6.63
N LEU G 103 97.27 89.06 7.30
CA LEU G 103 96.59 90.27 7.74
C LEU G 103 96.36 91.14 6.52
N LEU G 104 95.10 91.29 6.13
CA LEU G 104 94.79 92.05 4.93
C LEU G 104 94.94 93.55 5.18
N ASN G 105 94.17 94.08 6.12
CA ASN G 105 94.28 95.49 6.46
C ASN G 105 93.71 95.72 7.86
N LEU G 106 93.56 97.01 8.18
CA LEU G 106 92.99 97.52 9.42
C LEU G 106 93.77 97.00 10.62
N GLU G 107 95.01 97.49 10.71
CA GLU G 107 95.98 97.19 11.78
C GLU G 107 96.29 95.71 11.94
N MET H 1 35.88 83.05 30.08
CA MET H 1 36.09 83.57 28.74
C MET H 1 36.83 84.89 28.79
N ALA H 2 38.07 84.90 28.31
CA ALA H 2 38.92 86.08 28.37
C ALA H 2 38.62 87.09 27.28
N ASP H 3 37.60 86.85 26.44
CA ASP H 3 37.26 87.77 25.38
C ASP H 3 36.46 88.98 25.85
N GLN H 4 36.00 88.98 27.09
CA GLN H 4 35.17 90.08 27.58
C GLN H 4 35.95 91.36 27.81
N LEU H 5 37.27 91.30 27.78
CA LEU H 5 38.10 92.50 27.77
C LEU H 5 38.42 92.88 26.35
N THR H 6 38.51 94.18 26.11
CA THR H 6 38.87 94.67 24.77
C THR H 6 40.39 94.65 24.62
N GLU H 7 40.87 95.08 23.46
CA GLU H 7 42.29 94.92 23.14
C GLU H 7 43.17 95.86 23.93
N GLU H 8 42.82 97.15 23.96
CA GLU H 8 43.67 98.18 24.52
C GLU H 8 43.94 98.02 26.01
N GLN H 9 43.04 97.37 26.73
CA GLN H 9 43.32 97.00 28.12
C GLN H 9 44.45 96.00 28.20
N ILE H 10 44.40 94.95 27.37
CA ILE H 10 45.49 93.97 27.31
C ILE H 10 46.77 94.63 26.83
N ALA H 11 46.64 95.59 25.91
CA ALA H 11 47.77 96.43 25.55
C ALA H 11 48.25 97.23 26.74
N GLU H 12 47.33 97.82 27.52
CA GLU H 12 47.72 98.51 28.73
C GLU H 12 48.21 97.55 29.80
N PHE H 13 47.63 96.35 29.87
CA PHE H 13 48.08 95.37 30.85
C PHE H 13 49.48 94.88 30.57
N LYS H 14 49.75 94.49 29.31
CA LYS H 14 51.08 94.01 28.94
C LYS H 14 52.12 95.11 29.07
N GLU H 15 51.74 96.35 28.76
CA GLU H 15 52.61 97.49 29.00
C GLU H 15 52.90 97.64 30.48
N ALA H 16 51.88 97.48 31.32
CA ALA H 16 52.11 97.50 32.75
C ALA H 16 52.90 96.28 33.21
N PHE H 17 52.63 95.12 32.63
CA PHE H 17 53.26 93.89 33.11
C PHE H 17 54.72 93.82 32.72
N SER H 18 55.03 94.21 31.48
CA SER H 18 56.42 94.24 31.04
C SER H 18 57.22 95.33 31.74
N LEU H 19 56.55 96.37 32.23
CA LEU H 19 57.26 97.42 32.95
C LEU H 19 57.79 96.91 34.27
N PHE H 20 57.06 96.01 34.92
CA PHE H 20 57.50 95.43 36.18
C PHE H 20 57.88 93.97 36.04
N ASP H 21 58.05 93.49 34.82
CA ASP H 21 58.55 92.15 34.58
C ASP H 21 59.96 92.01 35.15
N LYS H 22 60.20 90.88 35.82
CA LYS H 22 61.42 90.69 36.60
C LYS H 22 62.65 90.61 35.70
N ASP H 23 62.68 89.62 34.81
CA ASP H 23 63.81 89.46 33.92
C ASP H 23 63.38 89.38 32.46
N GLY H 24 62.18 89.85 32.14
CA GLY H 24 61.60 89.61 30.84
C GLY H 24 60.93 88.28 30.69
N ASP H 25 60.98 87.43 31.73
CA ASP H 25 60.33 86.13 31.68
C ASP H 25 58.81 86.26 31.69
N GLY H 26 58.29 87.30 32.33
CA GLY H 26 56.88 87.35 32.63
C GLY H 26 56.55 86.87 34.02
N THR H 27 57.55 86.73 34.88
CA THR H 27 57.34 86.47 36.29
C THR H 27 57.40 87.78 37.06
N ILE H 28 56.55 87.89 38.08
CA ILE H 28 56.60 89.00 39.02
C ILE H 28 56.42 88.42 40.41
N THR H 29 56.74 89.24 41.41
CA THR H 29 56.58 88.85 42.79
C THR H 29 55.14 89.05 43.22
N THR H 30 54.80 88.53 44.40
CA THR H 30 53.48 88.74 44.97
C THR H 30 53.25 90.19 45.35
N LYS H 31 54.30 90.88 45.79
CA LYS H 31 54.16 92.30 46.13
C LYS H 31 53.93 93.14 44.91
N ALA H 32 54.67 92.87 43.83
CA ALA H 32 54.62 93.67 42.61
C ALA H 32 53.26 93.63 41.94
N LEU H 33 52.51 92.56 42.15
CA LEU H 33 51.12 92.48 41.70
C LEU H 33 50.27 93.56 42.33
N GLY H 34 50.50 93.86 43.62
CA GLY H 34 49.78 94.95 44.25
C GLY H 34 50.23 96.31 43.72
N THR H 35 51.53 96.47 43.51
CA THR H 35 52.05 97.73 43.01
C THR H 35 51.64 98.00 41.58
N VAL H 36 51.53 96.97 40.75
CA VAL H 36 51.22 97.19 39.35
C VAL H 36 49.74 97.53 39.16
N MET H 37 48.86 97.05 40.03
CA MET H 37 47.48 97.48 39.96
C MET H 37 47.32 98.90 40.47
N ARG H 38 48.10 99.27 41.49
CA ARG H 38 48.14 100.66 41.90
C ARG H 38 48.93 101.52 40.93
N SER H 39 49.77 100.92 40.10
CA SER H 39 50.28 101.62 38.93
C SER H 39 49.19 101.79 37.86
N LEU H 40 48.14 100.98 37.90
CA LEU H 40 47.00 101.16 37.02
C LEU H 40 45.84 101.83 37.73
N GLY H 41 46.07 102.45 38.89
CA GLY H 41 45.07 103.17 39.62
C GLY H 41 44.16 102.31 40.48
N GLN H 42 44.09 101.02 40.20
CA GLN H 42 43.29 100.09 40.99
C GLN H 42 43.91 99.91 42.36
N ASN H 43 43.14 100.15 43.42
CA ASN H 43 43.65 100.02 44.78
C ASN H 43 42.82 99.03 45.58
N PRO H 44 43.08 97.73 45.43
CA PRO H 44 42.46 96.75 46.32
C PRO H 44 43.37 96.45 47.51
N THR H 45 42.74 96.17 48.64
CA THR H 45 43.54 95.83 49.80
C THR H 45 44.00 94.38 49.73
N GLU H 46 44.78 93.98 50.73
CA GLU H 46 45.40 92.66 50.79
C GLU H 46 44.38 91.53 50.89
N ALA H 47 43.14 91.81 51.29
CA ALA H 47 42.07 90.83 51.19
C ALA H 47 41.79 90.43 49.75
N GLU H 48 41.67 91.42 48.85
CA GLU H 48 41.47 91.09 47.45
C GLU H 48 42.76 90.62 46.80
N LEU H 49 43.90 90.85 47.45
CA LEU H 49 45.16 90.30 46.95
C LEU H 49 45.34 88.85 47.36
N GLN H 50 44.92 88.52 48.59
CA GLN H 50 45.25 87.20 49.14
C GLN H 50 44.48 86.08 48.45
N ASP H 51 43.19 86.27 48.22
CA ASP H 51 42.35 85.25 47.62
C ASP H 51 42.66 85.02 46.15
N MET H 52 43.36 85.94 45.50
CA MET H 52 43.59 85.80 44.07
C MET H 52 44.76 84.88 43.76
N ILE H 53 45.82 84.93 44.58
CA ILE H 53 46.97 84.06 44.34
C ILE H 53 46.65 82.61 44.69
N ASN H 54 45.93 82.39 45.80
CA ASN H 54 45.58 81.03 46.16
C ASN H 54 44.48 80.49 45.26
N GLU H 55 43.78 81.35 44.54
CA GLU H 55 42.88 80.91 43.49
C GLU H 55 43.65 80.27 42.34
N VAL H 56 44.84 80.76 42.05
CA VAL H 56 45.66 80.22 40.98
C VAL H 56 46.91 79.59 41.55
N ASN H 61 53.13 80.04 45.17
CA ASN H 61 54.54 79.83 44.88
C ASN H 61 55.29 81.14 44.72
N GLY H 62 54.55 82.24 44.72
CA GLY H 62 55.12 83.57 44.57
C GLY H 62 55.44 83.97 43.15
N THR H 63 55.27 83.08 42.18
CA THR H 63 55.62 83.32 40.79
C THR H 63 54.33 83.54 40.02
N ILE H 64 54.10 84.78 39.58
CA ILE H 64 52.90 85.11 38.81
C ILE H 64 53.31 85.24 37.35
N ASP H 65 52.76 84.36 36.52
CA ASP H 65 53.01 84.35 35.09
C ASP H 65 51.91 85.13 34.38
N PHE H 66 52.22 85.64 33.18
CA PHE H 66 51.34 86.58 32.49
C PHE H 66 49.97 86.03 32.10
N PRO H 67 49.81 84.77 31.67
CA PRO H 67 48.44 84.23 31.59
C PRO H 67 47.79 84.06 32.95
N ALA H 68 48.55 83.65 33.97
CA ALA H 68 48.00 83.55 35.30
C ALA H 68 47.65 84.92 35.86
N PHE H 69 48.41 85.94 35.47
CA PHE H 69 48.04 87.30 35.81
C PHE H 69 46.80 87.75 35.06
N LEU H 70 46.65 87.35 33.80
CA LEU H 70 45.60 87.93 32.98
C LEU H 70 44.24 87.34 33.30
N THR H 71 44.19 86.07 33.71
CA THR H 71 42.92 85.46 34.09
C THR H 71 42.34 86.10 35.34
N MET H 72 43.19 86.58 36.24
CA MET H 72 42.70 87.37 37.35
C MET H 72 42.24 88.74 36.90
N MET H 73 42.84 89.28 35.84
CA MET H 73 42.40 90.58 35.34
C MET H 73 41.05 90.49 34.64
N ALA H 74 40.70 89.32 34.13
CA ALA H 74 39.39 89.15 33.52
C ALA H 74 38.29 89.18 34.56
N ARG H 75 38.49 88.45 35.66
CA ARG H 75 37.45 88.32 36.68
C ARG H 75 37.22 89.61 37.45
N LYS H 76 38.26 90.41 37.67
CA LYS H 76 38.10 91.68 38.35
C LYS H 76 37.32 92.70 37.53
N MET H 77 37.30 92.55 36.21
CA MET H 77 36.51 93.45 35.38
C MET H 77 35.28 92.78 34.79
N LYS H 78 35.04 91.51 35.11
CA LYS H 78 33.81 90.87 34.67
C LYS H 78 32.65 91.17 35.59
N ASP H 79 32.90 91.24 36.90
CA ASP H 79 31.82 91.44 37.86
C ASP H 79 31.33 92.88 37.88
N THR H 80 32.25 93.83 37.67
CA THR H 80 31.88 95.24 37.71
C THR H 80 31.00 95.63 36.53
N ASP H 81 31.29 95.10 35.34
CA ASP H 81 30.46 95.42 34.17
C ASP H 81 29.17 94.62 34.16
N SER H 82 29.09 93.55 34.96
CA SER H 82 27.90 92.71 34.96
C SER H 82 26.70 93.35 35.65
N GLU H 83 26.92 94.38 36.46
CA GLU H 83 25.82 95.05 37.14
C GLU H 83 25.49 96.41 36.54
N GLU H 84 26.50 97.12 36.02
CA GLU H 84 26.29 98.42 35.39
C GLU H 84 25.80 98.30 33.95
N GLU H 85 25.69 97.08 33.43
CA GLU H 85 25.18 96.88 32.08
C GLU H 85 23.67 97.00 32.01
N ILE H 86 22.96 96.72 33.11
CA ILE H 86 21.52 96.51 33.07
C ILE H 86 20.72 97.80 33.27
N ARG H 87 21.31 98.83 33.89
CA ARG H 87 20.62 100.11 33.96
C ARG H 87 20.69 100.83 32.62
N GLU H 88 21.86 100.79 31.98
CA GLU H 88 21.99 101.33 30.63
C GLU H 88 21.25 100.47 29.61
N ALA H 89 20.99 99.20 29.95
CA ALA H 89 20.10 98.38 29.14
C ALA H 89 18.66 98.85 29.21
N PHE H 90 18.22 99.42 30.34
CA PHE H 90 16.88 99.96 30.42
C PHE H 90 16.76 101.35 29.82
N ARG H 91 17.89 102.02 29.58
CA ARG H 91 17.92 103.38 29.05
C ARG H 91 17.22 103.50 27.69
N VAL H 92 17.33 102.48 26.84
CA VAL H 92 16.73 102.54 25.50
C VAL H 92 15.21 102.38 25.52
N PHE H 93 14.64 101.85 26.60
CA PHE H 93 13.19 101.68 26.66
C PHE H 93 12.48 103.00 26.86
N ASP H 94 12.72 103.65 27.99
CA ASP H 94 12.06 104.89 28.33
C ASP H 94 12.62 106.03 27.50
N LYS H 95 11.72 106.91 27.06
CA LYS H 95 12.09 108.03 26.21
C LYS H 95 12.89 109.07 26.98
N ASP H 96 12.69 109.14 28.30
CA ASP H 96 13.42 110.07 29.15
C ASP H 96 14.74 109.48 29.63
N GLY H 97 14.73 108.24 30.11
CA GLY H 97 15.91 107.60 30.64
C GLY H 97 15.90 107.39 32.14
N ASN H 98 14.76 107.58 32.80
CA ASN H 98 14.69 107.45 34.25
C ASN H 98 14.30 106.04 34.69
N GLY H 99 13.37 105.39 33.99
CA GLY H 99 12.83 104.13 34.46
C GLY H 99 11.36 104.01 34.11
N TYR H 100 10.78 105.09 33.61
CA TYR H 100 9.35 105.14 33.28
C TYR H 100 9.18 104.80 31.81
N ILE H 101 9.14 103.51 31.52
CA ILE H 101 8.87 103.01 30.19
C ILE H 101 7.44 102.48 30.17
N SER H 102 6.62 103.05 29.29
CA SER H 102 5.23 102.63 29.18
C SER H 102 5.15 101.23 28.56
N ALA H 103 4.21 100.43 29.06
CA ALA H 103 4.06 99.06 28.62
C ALA H 103 3.54 98.97 27.19
N ALA H 104 2.89 100.01 26.70
CA ALA H 104 2.51 100.07 25.29
C ALA H 104 3.72 100.15 24.37
N ALA H 105 4.80 100.79 24.81
CA ALA H 105 5.99 100.93 23.97
C ALA H 105 6.95 99.76 24.07
N LEU H 106 6.49 98.61 24.57
CA LEU H 106 7.37 97.48 24.78
C LEU H 106 7.11 96.33 23.81
N ARG H 107 5.88 96.12 23.39
CA ARG H 107 5.55 94.94 22.59
C ARG H 107 5.84 95.12 21.10
N HIS H 108 6.59 96.15 20.73
CA HIS H 108 7.23 96.21 19.44
C HIS H 108 8.74 96.37 19.53
N VAL H 109 9.26 96.82 20.68
CA VAL H 109 10.70 96.87 20.86
C VAL H 109 11.25 95.51 21.26
N MET H 110 10.39 94.61 21.74
CA MET H 110 10.86 93.32 22.21
C MET H 110 10.71 92.22 21.17
N THR H 111 9.76 92.33 20.25
CA THR H 111 9.69 91.40 19.14
C THR H 111 10.57 91.81 17.98
N ASN H 112 11.33 92.90 18.13
CA ASN H 112 12.20 93.43 17.08
C ASN H 112 13.63 93.62 17.57
N LEU H 113 14.25 92.60 18.16
CA LEU H 113 15.61 92.79 18.63
C LEU H 113 16.61 91.78 18.08
N GLY H 114 16.19 90.55 17.80
CA GLY H 114 17.06 89.61 17.13
C GLY H 114 17.35 88.32 17.86
N GLU H 115 16.67 88.06 18.98
CA GLU H 115 16.68 86.74 19.58
C GLU H 115 15.52 85.89 19.08
N LYS H 116 14.80 86.38 18.07
CA LYS H 116 13.70 85.69 17.41
C LYS H 116 12.57 85.31 18.38
N LEU H 117 12.24 86.24 19.26
CA LEU H 117 11.17 86.03 20.22
C LEU H 117 9.83 86.34 19.56
N THR H 118 8.89 85.39 19.63
CA THR H 118 7.60 85.60 18.99
C THR H 118 6.67 86.36 19.93
N ASP H 119 5.41 86.50 19.51
CA ASP H 119 4.44 87.26 20.29
C ASP H 119 4.05 86.54 21.58
N GLU H 120 4.14 85.22 21.63
CA GLU H 120 3.72 84.47 22.80
C GLU H 120 4.68 84.63 23.97
N GLU H 121 5.99 84.67 23.72
CA GLU H 121 6.93 84.76 24.83
C GLU H 121 7.07 86.19 25.33
N VAL H 122 6.97 87.18 24.43
CA VAL H 122 6.98 88.56 24.89
C VAL H 122 5.67 88.89 25.59
N ASP H 123 4.59 88.17 25.28
CA ASP H 123 3.45 88.13 26.17
C ASP H 123 3.81 87.47 27.49
N GLU H 124 4.41 86.28 27.43
CA GLU H 124 4.82 85.54 28.61
C GLU H 124 5.84 86.29 29.44
N MET H 125 6.63 87.15 28.80
CA MET H 125 7.52 88.05 29.51
C MET H 125 6.75 89.08 30.34
N ILE H 126 5.56 89.48 29.86
CA ILE H 126 4.87 90.62 30.44
C ILE H 126 3.89 90.26 31.57
N ARG H 127 3.00 89.29 31.36
CA ARG H 127 2.01 88.99 32.38
C ARG H 127 2.57 88.19 33.54
N GLU H 128 3.83 87.76 33.46
CA GLU H 128 4.56 87.24 34.60
C GLU H 128 5.70 88.16 35.02
N ALA H 129 5.46 89.47 35.03
CA ALA H 129 6.46 90.46 35.42
C ALA H 129 6.83 90.34 36.89
N GLY H 135 -0.14 100.59 32.34
CA GLY H 135 0.72 101.34 33.22
C GLY H 135 2.19 101.14 32.91
N GLN H 136 3.03 102.05 33.42
CA GLN H 136 4.46 101.96 33.16
C GLN H 136 5.12 101.26 34.35
N VAL H 137 6.03 100.34 34.04
CA VAL H 137 6.78 99.61 35.05
C VAL H 137 8.13 100.30 35.20
N ASN H 138 8.75 100.12 36.35
CA ASN H 138 10.01 100.79 36.66
C ASN H 138 11.19 100.05 36.04
N TYR H 139 12.39 100.42 36.49
CA TYR H 139 13.58 99.72 36.02
C TYR H 139 14.01 98.61 36.96
N GLU H 140 13.91 98.81 38.28
CA GLU H 140 14.44 97.84 39.22
C GLU H 140 13.58 96.58 39.32
N ALA H 141 12.28 96.68 39.08
CA ALA H 141 11.49 95.48 38.87
C ALA H 141 11.80 94.83 37.54
N PHE H 142 12.26 95.62 36.56
CA PHE H 142 12.59 95.05 35.27
C PHE H 142 13.94 94.36 35.26
N VAL H 143 14.90 94.86 36.04
CA VAL H 143 16.15 94.11 36.17
C VAL H 143 15.95 92.90 37.08
N GLN H 144 14.88 92.90 37.89
CA GLN H 144 14.54 91.70 38.65
C GLN H 144 13.85 90.67 37.77
N MET H 145 12.91 91.10 36.94
CA MET H 145 12.16 90.20 36.09
C MET H 145 12.93 89.70 34.88
N MET H 146 14.09 90.29 34.57
CA MET H 146 14.93 89.79 33.49
C MET H 146 16.01 88.83 33.98
N THR H 147 16.67 89.17 35.09
CA THR H 147 17.69 88.29 35.64
C THR H 147 17.09 87.03 36.24
N ALA H 148 15.94 87.16 36.91
CA ALA H 148 15.17 86.08 37.54
C ALA H 148 16.00 85.21 38.48
N GLN I 12 8.10 26.91 21.52
CA GLN I 12 9.52 26.94 21.83
C GLN I 12 9.94 28.33 22.25
N PHE I 13 9.00 29.26 22.21
CA PHE I 13 9.26 30.63 22.63
C PHE I 13 8.17 31.09 23.58
N LEU I 14 8.53 32.00 24.46
CA LEU I 14 7.60 32.42 25.50
C LEU I 14 6.60 33.43 24.95
N ARG I 15 5.47 33.54 25.64
CA ARG I 15 4.39 34.40 25.21
C ARG I 15 3.70 34.99 26.43
N THR I 16 2.52 35.55 26.20
CA THR I 16 1.69 36.09 27.27
C THR I 16 0.72 35.02 27.74
N ASP I 17 0.31 35.15 29.01
CA ASP I 17 -0.74 34.34 29.64
C ASP I 17 -0.38 32.85 29.66
N ASP I 18 0.76 32.55 30.27
CA ASP I 18 1.24 31.20 30.45
C ASP I 18 2.23 31.19 31.61
N GLU I 19 1.94 30.34 32.60
CA GLU I 19 2.64 30.41 33.87
C GLU I 19 4.08 29.94 33.75
N VAL I 20 4.97 30.60 34.48
CA VAL I 20 6.38 30.25 34.54
C VAL I 20 6.78 30.14 36.01
N VAL I 21 8.01 29.65 36.23
CA VAL I 21 8.55 29.49 37.57
C VAL I 21 10.01 29.94 37.57
N LEU I 22 10.33 30.93 38.37
CA LEU I 22 11.69 31.44 38.42
C LEU I 22 12.55 30.49 39.25
N GLN I 23 13.64 30.01 38.65
CA GLN I 23 14.57 29.15 39.37
C GLN I 23 15.99 29.67 39.16
N CYS I 24 16.79 29.56 40.20
CA CYS I 24 18.16 30.03 40.23
C CYS I 24 19.09 28.83 40.24
N SER I 25 20.39 29.10 40.41
CA SER I 25 21.38 28.05 40.47
C SER I 25 22.53 28.47 41.36
N ALA I 26 22.76 27.70 42.42
CA ALA I 26 23.86 27.98 43.33
C ALA I 26 24.36 26.69 43.99
N GLU I 31 27.73 22.97 46.54
CA GLU I 31 27.58 22.47 45.19
C GLU I 31 26.51 23.25 44.43
N GLN I 32 26.30 22.88 43.17
CA GLN I 32 25.27 23.51 42.36
C GLN I 32 23.90 23.05 42.81
N LEU I 33 22.96 23.97 42.91
CA LEU I 33 21.66 23.70 43.54
C LEU I 33 20.63 24.65 42.97
N LYS I 34 19.50 24.09 42.53
CA LYS I 34 18.44 24.87 41.89
C LYS I 34 17.39 25.29 42.91
N LEU I 35 17.26 26.60 43.10
CA LEU I 35 16.33 27.18 44.06
C LEU I 35 15.19 27.82 43.28
N CYS I 36 13.97 27.30 43.46
CA CYS I 36 12.81 27.96 42.90
C CYS I 36 12.36 29.07 43.83
N LEU I 37 11.69 30.07 43.28
CA LEU I 37 11.31 31.27 44.03
C LEU I 37 9.81 31.30 44.21
N ALA I 38 9.37 31.19 45.46
CA ALA I 38 7.95 31.15 45.79
C ALA I 38 7.68 32.11 46.95
N ALA I 39 6.39 32.39 47.17
CA ALA I 39 5.97 33.30 48.23
C ALA I 39 4.56 32.96 48.67
N GLU I 40 4.27 33.14 49.95
CA GLU I 40 3.03 32.60 50.51
C GLU I 40 1.84 33.49 50.20
N GLY I 41 1.84 34.71 50.74
CA GLY I 41 0.67 35.57 50.61
C GLY I 41 -0.42 35.23 51.61
N PHE I 42 -1.30 36.20 51.89
CA PHE I 42 -2.29 36.15 52.97
C PHE I 42 -1.62 35.82 54.30
N GLY I 43 -0.75 36.72 54.74
CA GLY I 43 0.19 36.38 55.77
C GLY I 43 1.49 36.01 55.10
N ASN I 44 2.61 36.52 55.62
CA ASN I 44 3.94 36.37 55.03
C ASN I 44 3.97 36.88 53.59
N ARG I 45 3.84 38.20 53.47
CA ARG I 45 3.85 38.82 52.16
C ARG I 45 5.22 38.83 51.51
N LEU I 46 6.28 38.59 52.27
CA LEU I 46 7.61 38.54 51.69
C LEU I 46 7.83 37.23 50.96
N CYS I 47 8.92 37.14 50.21
CA CYS I 47 9.22 35.93 49.48
C CYS I 47 10.45 35.24 50.06
N PHE I 48 10.45 33.92 49.96
CA PHE I 48 11.61 33.13 50.34
C PHE I 48 12.04 32.28 49.16
N LEU I 49 12.96 31.36 49.42
CA LEU I 49 13.42 30.43 48.41
C LEU I 49 12.93 29.03 48.75
N GLU I 50 13.00 28.15 47.78
CA GLU I 50 12.71 26.75 47.98
C GLU I 50 13.52 25.91 47.01
N PRO I 51 14.25 24.91 47.49
CA PRO I 51 15.09 24.10 46.60
C PRO I 51 14.26 23.08 45.85
N THR I 52 14.78 22.62 44.72
CA THR I 52 14.11 21.62 43.91
C THR I 52 15.06 20.57 43.37
N SER I 53 16.36 20.68 43.63
CA SER I 53 17.32 19.70 43.13
C SER I 53 17.22 18.36 43.84
N ASN I 54 16.62 18.34 45.04
CA ASN I 54 16.44 17.11 45.81
C ASN I 54 15.00 16.61 45.71
N ALA I 55 14.42 16.64 44.52
CA ALA I 55 13.06 16.15 44.33
C ALA I 55 12.93 14.65 44.52
N GLN I 56 14.04 13.90 44.48
CA GLN I 56 13.97 12.45 44.60
C GLN I 56 13.62 12.00 46.02
N ASN I 57 14.24 12.58 47.04
CA ASN I 57 13.91 12.21 48.39
C ASN I 57 12.82 13.07 49.02
N VAL I 58 12.63 14.30 48.56
CA VAL I 58 11.56 15.13 49.08
C VAL I 58 10.97 16.01 47.99
N PRO I 59 9.68 15.86 47.69
CA PRO I 59 9.04 16.73 46.72
C PRO I 59 8.87 18.14 47.28
N PRO I 60 9.41 19.15 46.61
CA PRO I 60 9.17 20.53 47.05
C PRO I 60 7.76 20.98 46.70
N ASP I 61 7.34 22.14 47.19
CA ASP I 61 5.97 22.62 47.02
C ASP I 61 5.95 23.65 45.91
N LEU I 62 5.22 23.34 44.84
CA LEU I 62 5.07 24.22 43.70
C LEU I 62 3.81 25.06 43.76
N ALA I 63 3.00 24.93 44.80
CA ALA I 63 1.72 25.64 44.90
C ALA I 63 1.88 27.15 44.93
N ILE I 64 2.95 27.64 45.54
CA ILE I 64 3.13 29.06 45.70
C ILE I 64 4.22 29.60 44.77
N CYS I 65 4.60 28.82 43.76
CA CYS I 65 5.69 29.19 42.87
C CYS I 65 5.22 29.57 41.47
N CYS I 66 3.95 29.32 41.14
CA CYS I 66 3.41 29.63 39.82
C CYS I 66 3.33 31.13 39.63
N PHE I 67 3.61 31.60 38.41
CA PHE I 67 3.61 33.00 38.09
C PHE I 67 3.19 33.18 36.65
N THR I 68 2.04 33.80 36.44
CA THR I 68 1.55 34.08 35.11
C THR I 68 2.02 35.45 34.66
N LEU I 69 2.33 35.57 33.38
CA LEU I 69 2.70 36.85 32.78
C LEU I 69 1.45 37.38 32.10
N GLU I 70 0.74 38.27 32.78
CA GLU I 70 -0.54 38.67 32.21
C GLU I 70 -0.40 39.87 31.28
N GLN I 71 0.69 40.63 31.41
CA GLN I 71 0.97 41.69 30.45
C GLN I 71 2.47 41.80 30.22
N SER I 72 2.83 42.41 29.09
CA SER I 72 4.21 42.65 28.71
C SER I 72 4.25 43.81 27.74
N LEU I 73 4.95 44.88 28.10
CA LEU I 73 4.98 46.08 27.28
C LEU I 73 6.43 46.44 26.98
N SER I 74 6.61 47.44 26.13
CA SER I 74 7.90 48.04 25.89
C SER I 74 8.16 49.07 26.99
N VAL I 75 9.38 49.61 27.02
CA VAL I 75 9.77 50.47 28.12
C VAL I 75 9.04 51.80 28.07
N ARG I 76 8.97 52.40 26.89
CA ARG I 76 8.18 53.61 26.75
C ARG I 76 6.70 53.32 26.70
N ALA I 77 6.32 52.06 26.54
CA ALA I 77 4.91 51.73 26.36
C ALA I 77 4.11 51.91 27.64
N LEU I 78 4.65 51.48 28.78
CA LEU I 78 3.92 51.67 30.02
C LEU I 78 3.97 53.10 30.50
N GLN I 79 4.89 53.90 29.95
CA GLN I 79 5.01 55.30 30.35
C GLN I 79 3.75 56.08 30.04
N GLU I 80 3.03 55.68 29.00
CA GLU I 80 1.72 56.27 28.77
C GLU I 80 0.59 55.41 29.28
N MET I 81 0.90 54.37 30.05
CA MET I 81 -0.16 53.77 30.85
C MET I 81 -0.27 54.47 32.20
N LEU I 82 0.86 54.86 32.78
CA LEU I 82 0.86 55.45 34.11
C LEU I 82 0.30 56.85 34.12
N ALA I 83 0.60 57.66 33.11
CA ALA I 83 -0.02 58.98 33.02
C ALA I 83 -1.49 58.88 32.64
N ASN I 84 -1.87 57.80 31.97
CA ASN I 84 -3.26 57.58 31.60
C ASN I 84 -4.07 57.19 32.83
N GLY I 97 -4.26 39.18 21.76
CA GLY I 97 -4.38 38.79 23.16
C GLY I 97 -3.17 38.04 23.68
N HIS I 98 -2.38 37.48 22.77
CA HIS I 98 -1.18 36.73 23.12
C HIS I 98 0.00 37.31 22.36
N ARG I 99 0.64 38.30 22.96
CA ARG I 99 1.79 38.95 22.36
C ARG I 99 3.06 38.31 22.90
N THR I 100 3.90 37.81 22.00
CA THR I 100 5.18 37.27 22.43
C THR I 100 6.10 38.42 22.84
N LEU I 101 7.17 38.11 23.54
CA LEU I 101 7.93 39.13 24.24
C LEU I 101 9.43 39.03 23.94
N LEU I 102 10.11 40.15 24.14
CA LEU I 102 11.49 40.33 23.74
C LEU I 102 12.34 40.77 24.92
N TYR I 103 13.65 40.71 24.74
CA TYR I 103 14.54 41.35 25.69
C TYR I 103 14.38 42.85 25.59
N GLY I 104 14.60 43.53 26.69
CA GLY I 104 14.34 44.96 26.75
C GLY I 104 12.87 45.31 26.80
N HIS I 105 12.00 44.35 27.06
CA HIS I 105 10.61 44.67 27.33
C HIS I 105 10.39 44.82 28.82
N ALA I 106 9.17 45.20 29.18
CA ALA I 106 8.75 45.22 30.56
C ALA I 106 7.79 44.07 30.82
N ILE I 107 7.59 43.74 32.10
CA ILE I 107 6.86 42.54 32.43
C ILE I 107 6.09 42.76 33.73
N LEU I 108 4.94 42.10 33.85
CA LEU I 108 4.05 42.22 35.00
C LEU I 108 3.62 40.81 35.41
N LEU I 109 4.20 40.32 36.50
CA LEU I 109 3.91 38.95 36.95
C LEU I 109 2.72 38.94 37.88
N ARG I 110 2.00 37.82 37.88
CA ARG I 110 0.88 37.62 38.78
C ARG I 110 1.05 36.32 39.53
N HIS I 111 0.88 36.39 40.84
CA HIS I 111 0.93 35.18 41.65
C HIS I 111 -0.38 34.42 41.52
N ALA I 112 -0.31 33.28 40.82
CA ALA I 112 -1.48 32.56 40.34
C ALA I 112 -2.36 32.01 41.45
N HIS I 113 -1.80 31.71 42.60
CA HIS I 113 -2.63 31.24 43.70
C HIS I 113 -3.31 32.40 44.40
N SER I 114 -2.54 33.43 44.73
CA SER I 114 -3.03 34.51 45.57
C SER I 114 -3.68 35.64 44.77
N ARG I 115 -3.66 35.55 43.44
CA ARG I 115 -4.28 36.51 42.53
C ARG I 115 -3.78 37.93 42.75
N MET I 116 -2.50 38.09 43.07
CA MET I 116 -1.91 39.40 43.20
C MET I 116 -0.58 39.42 42.47
N TYR I 117 0.10 40.56 42.50
CA TYR I 117 1.25 40.81 41.66
C TYR I 117 2.53 40.88 42.47
N LEU I 118 3.61 40.40 41.87
CA LEU I 118 4.94 40.50 42.45
C LEU I 118 5.37 41.95 42.34
N SER I 119 6.18 42.40 43.28
CA SER I 119 6.73 43.75 43.25
C SER I 119 8.00 43.80 44.06
N CYS I 120 8.61 44.99 44.09
CA CYS I 120 9.79 45.25 44.92
C CYS I 120 9.35 46.24 46.00
N LEU I 121 9.66 45.93 47.25
CA LEU I 121 9.05 46.63 48.35
C LEU I 121 9.90 47.79 48.83
N THR I 122 9.34 48.55 49.76
CA THR I 122 9.94 49.79 50.25
C THR I 122 10.98 49.56 51.34
N THR I 123 10.75 48.58 52.21
CA THR I 123 11.60 48.38 53.38
C THR I 123 12.89 47.66 53.01
N SER I 124 13.58 47.16 54.04
CA SER I 124 14.81 46.42 53.86
C SER I 124 14.88 45.31 54.89
N ARG I 125 14.89 44.06 54.43
CA ARG I 125 15.07 42.90 55.29
C ARG I 125 16.53 42.52 55.45
N SER I 126 17.45 43.43 55.15
CA SER I 126 18.88 43.13 55.29
C SER I 126 19.41 43.53 56.65
N MET I 127 19.10 44.76 57.09
CA MET I 127 19.51 45.34 58.38
C MET I 127 21.03 45.36 58.53
N THR I 128 21.74 45.61 57.44
CA THR I 128 23.20 45.69 57.48
C THR I 128 23.73 46.83 56.62
N ASP I 129 22.89 47.82 56.28
CA ASP I 129 23.21 48.97 55.42
C ASP I 129 23.70 48.53 54.04
N LYS I 130 23.23 47.37 53.60
CA LYS I 130 23.60 46.85 52.29
C LYS I 130 22.85 47.52 51.15
N LEU I 131 21.79 48.27 51.48
CA LEU I 131 20.85 48.87 50.53
C LEU I 131 20.28 47.82 49.58
N ALA I 132 19.98 46.65 50.17
CA ALA I 132 19.38 45.55 49.44
C ALA I 132 17.90 45.53 49.76
N PHE I 133 17.07 45.80 48.77
CA PHE I 133 15.65 45.87 49.03
C PHE I 133 15.07 44.47 49.07
N ASP I 134 13.86 44.37 49.59
CA ASP I 134 13.23 43.10 49.82
C ASP I 134 12.06 42.90 48.86
N VAL I 135 11.94 41.69 48.35
CA VAL I 135 10.94 41.34 47.35
C VAL I 135 9.71 40.75 48.05
N GLY I 136 8.55 41.28 47.73
CA GLY I 136 7.31 40.81 48.31
C GLY I 136 6.19 40.98 47.30
N LEU I 137 4.97 40.84 47.77
CA LEU I 137 3.83 40.88 46.87
C LEU I 137 3.03 42.14 47.09
N GLN I 138 2.09 42.42 46.19
CA GLN I 138 1.29 43.62 46.28
C GLN I 138 -0.10 43.37 45.75
N GLU I 139 -1.09 43.93 46.44
CA GLU I 139 -2.48 43.78 46.03
C GLU I 139 -2.89 44.81 45.00
N ASP I 140 -2.34 46.01 45.09
CA ASP I 140 -2.73 47.07 44.17
C ASP I 140 -2.15 46.81 42.79
N ALA I 141 -2.85 47.34 41.78
CA ALA I 141 -2.42 47.23 40.40
C ALA I 141 -1.75 48.50 39.91
N THR I 142 -1.22 49.31 40.82
CA THR I 142 -0.44 50.46 40.41
C THR I 142 0.87 50.01 39.77
N GLY I 143 1.40 50.86 38.90
CA GLY I 143 2.50 50.43 38.06
C GLY I 143 3.84 50.95 38.50
N GLU I 144 3.95 51.35 39.76
CA GLU I 144 5.21 51.93 40.22
C GLU I 144 6.28 50.88 40.36
N ALA I 145 6.11 49.93 41.27
CA ALA I 145 7.13 48.94 41.55
C ALA I 145 6.71 47.53 41.14
N CYS I 146 5.59 47.38 40.46
CA CYS I 146 5.14 46.06 40.04
C CYS I 146 5.89 45.55 38.83
N TRP I 147 6.60 46.40 38.11
CA TRP I 147 7.12 46.06 36.80
C TRP I 147 8.61 45.77 36.85
N TRP I 148 9.05 44.92 35.93
CA TRP I 148 10.45 44.53 35.82
C TRP I 148 10.84 44.55 34.36
N THR I 149 12.12 44.74 34.08
CA THR I 149 12.66 44.60 32.74
C THR I 149 13.68 43.47 32.73
N MET I 150 13.68 42.70 31.66
CA MET I 150 14.65 41.63 31.50
C MET I 150 15.81 42.11 30.65
N HIS I 151 16.92 41.38 30.74
CA HIS I 151 18.11 41.74 30.00
C HIS I 151 18.84 40.46 29.62
N PRO I 152 19.45 40.44 28.45
CA PRO I 152 20.25 39.27 28.07
C PRO I 152 21.54 39.22 28.88
N ALA I 153 21.95 38.00 29.20
CA ALA I 153 23.06 37.80 30.12
C ALA I 153 24.40 38.10 29.44
N SER I 154 24.72 37.37 28.37
CA SER I 154 25.95 37.56 27.63
C SER I 154 25.69 38.43 26.42
N LYS I 155 26.68 38.48 25.54
CA LYS I 155 26.50 39.12 24.25
C LYS I 155 26.05 38.14 23.17
N GLN I 156 25.51 36.98 23.55
CA GLN I 156 25.02 36.04 22.56
C GLN I 156 23.74 36.56 21.92
N ARG I 157 22.73 36.89 22.72
CA ARG I 157 21.56 37.61 22.25
C ARG I 157 21.71 39.07 22.61
N SER I 158 20.78 39.90 22.16
CA SER I 158 20.75 41.30 22.51
C SER I 158 19.31 41.81 22.46
N GLU I 159 19.17 43.13 22.42
CA GLU I 159 17.86 43.76 22.42
C GLU I 159 17.10 43.43 21.14
N GLY I 160 15.79 43.22 21.26
CA GLY I 160 14.95 42.92 20.13
C GLY I 160 14.72 41.45 19.89
N GLU I 161 15.65 40.59 20.31
CA GLU I 161 15.49 39.15 20.14
C GLU I 161 14.43 38.62 21.10
N LYS I 162 13.84 37.50 20.71
CA LYS I 162 12.85 36.82 21.53
C LYS I 162 13.55 36.10 22.67
N VAL I 163 12.81 35.85 23.72
CA VAL I 163 13.31 34.97 24.77
C VAL I 163 13.00 33.52 24.40
N ARG I 164 14.05 32.73 24.27
CA ARG I 164 13.90 31.30 24.03
C ARG I 164 13.63 30.62 25.36
N VAL I 165 13.19 29.37 25.28
CA VAL I 165 12.95 28.59 26.49
C VAL I 165 14.30 28.21 27.10
N GLY I 166 14.47 28.52 28.38
CA GLY I 166 15.71 28.21 29.05
C GLY I 166 16.87 29.08 28.64
N ASP I 167 16.77 30.37 28.91
CA ASP I 167 17.85 31.31 28.67
C ASP I 167 18.15 32.09 29.93
N ASP I 168 19.39 32.54 30.08
CA ASP I 168 19.82 33.21 31.30
C ASP I 168 19.35 34.66 31.27
N LEU I 169 18.67 35.08 32.33
CA LEU I 169 18.01 36.37 32.38
C LEU I 169 18.51 37.16 33.58
N ILE I 170 18.42 38.48 33.45
CA ILE I 170 18.72 39.40 34.53
C ILE I 170 17.53 40.33 34.67
N LEU I 171 16.93 40.37 35.84
CA LEU I 171 15.70 41.12 36.03
C LEU I 171 15.97 42.36 36.86
N VAL I 172 15.61 43.51 36.32
CA VAL I 172 15.92 44.80 36.91
C VAL I 172 14.60 45.45 37.30
N SER I 173 14.60 46.12 38.45
CA SER I 173 13.44 46.90 38.85
C SER I 173 13.19 48.07 37.91
N VAL I 174 11.96 48.55 37.96
CA VAL I 174 11.61 49.74 37.20
C VAL I 174 11.69 50.93 38.14
N SER I 175 11.11 50.78 39.32
CA SER I 175 11.09 51.91 40.26
C SER I 175 12.40 52.05 40.99
N SER I 176 13.08 50.94 41.27
CA SER I 176 14.27 50.99 42.10
C SER I 176 15.56 50.80 41.34
N GLU I 177 15.50 50.25 40.13
CA GLU I 177 16.63 50.02 39.25
C GLU I 177 17.67 49.09 39.86
N ARG I 178 17.22 48.19 40.73
CA ARG I 178 18.09 47.16 41.30
C ARG I 178 17.75 45.81 40.68
N TYR I 179 18.63 44.84 40.93
CA TYR I 179 18.51 43.52 40.33
C TYR I 179 17.97 42.51 41.35
N LEU I 180 17.02 41.71 40.91
CA LEU I 180 16.55 40.57 41.69
C LEU I 180 17.69 39.56 41.76
N HIS I 181 18.34 39.47 42.91
CA HIS I 181 19.51 38.60 43.06
C HIS I 181 19.38 37.78 44.32
N LEU I 182 20.09 36.67 44.33
CA LEU I 182 20.18 35.83 45.51
C LEU I 182 21.24 36.44 46.41
N SER I 183 21.04 36.32 47.72
CA SER I 183 22.00 36.84 48.68
C SER I 183 22.47 35.71 49.60
N THR I 184 23.78 35.64 49.83
CA THR I 184 24.39 34.56 50.59
C THR I 184 25.01 35.05 51.90
N ALA I 185 24.90 36.35 52.18
CA ALA I 185 25.63 36.94 53.30
C ALA I 185 25.03 36.53 54.64
N SER I 186 23.76 36.85 54.86
CA SER I 186 23.11 36.65 56.15
C SER I 186 22.78 35.18 56.34
N GLY I 187 23.79 34.40 56.71
CA GLY I 187 23.58 33.00 57.03
C GLY I 187 23.20 32.19 55.80
N GLU I 188 21.93 31.80 55.74
CA GLU I 188 21.40 31.02 54.64
C GLU I 188 21.11 31.93 53.44
N LEU I 189 20.39 31.38 52.48
CA LEU I 189 20.18 32.06 51.20
C LEU I 189 18.81 32.71 51.16
N GLN I 190 18.73 33.89 50.56
CA GLN I 190 17.46 34.56 50.33
C GLN I 190 17.58 35.43 49.08
N VAL I 191 16.45 35.97 48.65
CA VAL I 191 16.38 36.79 47.46
C VAL I 191 16.16 38.24 47.84
N ASP I 192 16.81 39.13 47.12
CA ASP I 192 16.80 40.56 47.45
C ASP I 192 17.06 41.37 46.19
N ALA I 193 16.72 42.65 46.27
CA ALA I 193 16.98 43.59 45.18
C ALA I 193 18.14 44.49 45.60
N SER I 194 19.31 44.27 45.00
CA SER I 194 20.44 45.16 45.17
C SER I 194 21.30 45.10 43.92
N PHE I 195 22.44 45.77 44.00
CA PHE I 195 23.29 46.00 42.83
C PHE I 195 24.26 44.86 42.60
N MET I 196 23.74 43.64 42.53
CA MET I 196 24.45 42.48 42.02
C MET I 196 23.53 41.76 41.06
N GLN I 197 24.03 41.40 39.90
CA GLN I 197 23.21 40.71 38.91
C GLN I 197 23.33 39.21 39.11
N THR I 198 22.26 38.49 38.82
CA THR I 198 22.20 37.06 39.07
C THR I 198 21.41 36.42 37.94
N LEU I 199 21.95 35.34 37.38
CA LEU I 199 21.30 34.64 36.27
C LEU I 199 20.03 33.98 36.77
N TRP I 200 19.03 33.92 35.89
CA TRP I 200 17.74 33.36 36.23
C TRP I 200 17.15 32.66 35.03
N ASN I 201 16.66 31.45 35.25
CA ASN I 201 15.93 30.70 34.25
C ASN I 201 14.45 30.98 34.41
N MET I 202 13.76 31.11 33.29
CA MET I 202 12.34 31.45 33.34
C MET I 202 11.47 30.20 33.43
N ASN I 203 11.87 29.14 32.71
CA ASN I 203 11.35 27.77 32.82
C ASN I 203 9.85 27.66 32.68
N PRO I 204 9.31 27.67 31.46
CA PRO I 204 7.86 27.65 31.24
C PRO I 204 7.19 26.43 31.86
N ILE I 205 6.07 26.66 32.55
CA ILE I 205 5.51 25.59 33.34
C ILE I 205 4.14 25.14 32.83
N CYS I 206 3.39 26.01 32.16
CA CYS I 206 2.05 25.68 31.69
C CYS I 206 1.66 26.69 30.64
N SER I 207 1.47 26.24 29.41
CA SER I 207 0.98 27.13 28.36
C SER I 207 -0.54 27.04 28.29
N CYS I 208 -1.11 27.57 27.21
CA CYS I 208 -2.57 27.56 27.03
C CYS I 208 -3.03 26.13 26.78
N CYS I 209 -3.75 25.57 27.75
CA CYS I 209 -4.22 24.19 27.68
C CYS I 209 -5.60 24.15 27.04
N GLU I 210 -5.95 22.99 26.48
CA GLU I 210 -7.27 22.81 25.88
C GLU I 210 -8.28 22.54 26.97
N GLU I 211 -9.54 22.91 26.70
CA GLU I 211 -10.60 22.69 27.67
C GLU I 211 -10.99 21.22 27.73
N GLY I 212 -11.37 20.76 28.91
CA GLY I 212 -11.76 19.39 29.11
C GLY I 212 -10.64 18.40 29.30
N TYR I 213 -9.41 18.87 29.48
CA TYR I 213 -8.27 17.99 29.66
C TYR I 213 -7.54 18.39 30.93
N VAL I 214 -6.66 17.51 31.38
CA VAL I 214 -5.99 17.72 32.66
C VAL I 214 -4.52 18.06 32.42
N THR I 215 -3.99 18.92 33.26
CA THR I 215 -2.58 19.21 33.36
C THR I 215 -2.18 19.18 34.83
N GLY I 216 -0.89 19.36 35.08
CA GLY I 216 -0.41 19.45 36.45
C GLY I 216 -0.89 20.73 37.10
N GLY I 217 -1.01 20.68 38.42
CA GLY I 217 -1.54 21.81 39.16
C GLY I 217 -3.05 21.84 39.25
N HIS I 218 -3.74 20.92 38.60
CA HIS I 218 -5.18 20.89 38.64
C HIS I 218 -5.67 20.33 39.96
N VAL I 219 -6.47 21.10 40.67
CA VAL I 219 -7.18 20.61 41.84
C VAL I 219 -8.43 19.90 41.34
N LEU I 220 -8.68 18.69 41.83
CA LEU I 220 -9.70 17.86 41.22
C LEU I 220 -10.21 16.83 42.23
N ARG I 221 -11.35 16.23 41.88
CA ARG I 221 -11.99 15.20 42.67
C ARG I 221 -12.00 13.89 41.89
N LEU I 222 -12.32 12.80 42.58
CA LEU I 222 -11.97 11.44 42.16
C LEU I 222 -13.15 10.50 42.27
N PHE I 223 -14.29 10.86 41.66
CA PHE I 223 -15.51 10.10 41.86
C PHE I 223 -15.51 8.80 41.06
N HIS I 224 -16.49 7.94 41.36
CA HIS I 224 -16.68 6.69 40.62
C HIS I 224 -18.15 6.27 40.62
N GLU I 229 -19.10 9.33 44.67
CA GLU I 229 -18.37 9.00 45.89
C GLU I 229 -16.95 9.52 45.83
N CYS I 230 -16.57 10.30 46.84
CA CYS I 230 -15.32 11.02 46.83
C CYS I 230 -14.22 10.21 47.50
N LEU I 231 -13.02 10.78 47.51
CA LEU I 231 -11.87 10.14 48.14
C LEU I 231 -11.43 11.04 49.29
N THR I 232 -12.03 10.83 50.46
CA THR I 232 -11.87 11.70 51.62
C THR I 232 -10.77 11.18 52.54
N ILE I 233 -10.47 11.97 53.56
CA ILE I 233 -9.72 11.54 54.72
C ILE I 233 -10.65 11.82 55.90
N SER I 234 -10.19 11.61 57.13
CA SER I 234 -10.97 11.97 58.29
C SER I 234 -10.68 13.40 58.71
N ALA I 235 -11.69 14.04 59.31
CA ALA I 235 -11.57 15.43 59.73
C ALA I 235 -10.76 15.57 61.02
N GLN I 241 -4.67 9.44 63.84
CA GLN I 241 -4.24 10.80 63.56
C GLN I 241 -4.43 11.15 62.09
N ARG I 242 -5.58 10.74 61.55
CA ARG I 242 -6.08 11.15 60.22
C ARG I 242 -5.12 10.79 59.09
N ARG I 243 -4.91 9.50 58.89
CA ARG I 243 -4.02 9.06 57.83
C ARG I 243 -4.64 8.02 56.90
N LEU I 244 -5.72 7.37 57.32
CA LEU I 244 -6.35 6.36 56.49
C LEU I 244 -7.17 7.00 55.40
N VAL I 245 -7.16 6.40 54.22
CA VAL I 245 -7.98 6.82 53.10
C VAL I 245 -9.32 6.15 53.28
N TYR I 246 -10.39 6.80 52.81
CA TYR I 246 -11.73 6.25 52.91
C TYR I 246 -12.48 6.54 51.61
N TYR I 247 -13.79 6.33 51.66
CA TYR I 247 -14.73 6.85 50.69
C TYR I 247 -15.87 7.50 51.45
N GLU I 248 -16.71 8.24 50.72
CA GLU I 248 -17.84 8.90 51.36
C GLU I 248 -18.94 9.09 50.33
N GLY I 249 -20.05 9.65 50.78
CA GLY I 249 -21.18 9.96 49.93
C GLY I 249 -21.00 11.29 49.23
N GLY I 250 -22.00 12.16 49.36
CA GLY I 250 -21.95 13.46 48.74
C GLY I 250 -21.64 14.62 49.67
N ALA I 251 -21.73 14.41 50.97
CA ALA I 251 -21.52 15.50 51.92
C ALA I 251 -20.05 15.92 51.97
N VAL I 252 -19.15 14.95 52.06
CA VAL I 252 -17.72 15.28 52.08
C VAL I 252 -17.19 15.36 50.65
N CYS I 253 -18.06 15.09 49.67
CA CYS I 253 -17.67 15.26 48.27
C CYS I 253 -17.40 16.72 47.94
N THR I 254 -18.25 17.63 48.40
CA THR I 254 -18.09 19.05 48.10
C THR I 254 -17.06 19.73 48.98
N HIS I 255 -16.81 19.24 50.19
CA HIS I 255 -16.08 20.00 51.18
C HIS I 255 -14.58 19.95 50.93
N ALA I 256 -13.82 20.46 51.90
CA ALA I 256 -12.40 20.75 51.72
C ALA I 256 -11.53 19.51 51.63
N ARG I 257 -11.97 18.38 52.18
CA ARG I 257 -11.13 17.18 52.21
C ARG I 257 -10.96 16.55 50.83
N SER I 258 -12.02 16.52 50.02
CA SER I 258 -12.02 15.79 48.76
C SER I 258 -11.48 16.65 47.61
N LEU I 259 -10.28 17.18 47.82
CA LEU I 259 -9.63 18.02 46.82
C LEU I 259 -8.19 17.54 46.67
N TRP I 260 -7.85 17.12 45.46
CA TRP I 260 -6.58 16.48 45.20
C TRP I 260 -5.93 17.08 43.97
N ARG I 261 -4.61 17.25 44.03
CA ARG I 261 -3.86 17.87 42.95
C ARG I 261 -2.73 16.93 42.53
N LEU I 262 -2.40 16.95 41.25
CA LEU I 262 -1.51 15.98 40.63
C LEU I 262 -0.15 16.62 40.41
N GLU I 263 0.91 15.88 40.73
CA GLU I 263 2.26 16.42 40.65
C GLU I 263 3.18 15.43 39.96
N PRO I 264 3.42 15.59 38.66
CA PRO I 264 4.36 14.70 37.96
C PRO I 264 5.80 14.96 38.39
N LEU I 265 6.65 14.00 38.03
CA LEU I 265 8.01 13.97 38.57
C LEU I 265 8.88 15.04 37.94
N ARG I 266 8.68 15.32 36.67
CA ARG I 266 9.47 16.33 35.98
C ARG I 266 9.08 17.72 36.46
N ILE I 267 10.09 18.55 36.71
CA ILE I 267 9.84 19.89 37.21
C ILE I 267 9.24 20.77 36.12
N SER I 268 9.98 21.00 35.05
CA SER I 268 9.57 21.89 33.99
C SER I 268 8.42 21.29 33.20
N TRP I 269 7.56 22.18 32.67
CA TRP I 269 6.38 21.83 31.87
C TRP I 269 5.45 20.88 32.62
N SER I 270 5.34 21.11 33.93
CA SER I 270 4.50 20.28 34.76
C SER I 270 3.03 20.47 34.43
N GLY I 271 2.66 21.65 33.96
CA GLY I 271 1.31 21.88 33.51
C GLY I 271 1.13 21.57 32.04
N SER I 272 1.88 20.60 31.53
CA SER I 272 1.55 20.05 30.23
C SER I 272 0.44 19.02 30.39
N HIS I 273 -0.13 18.62 29.26
CA HIS I 273 -1.19 17.62 29.27
C HIS I 273 -0.66 16.29 29.74
N LEU I 274 -1.32 15.71 30.74
CA LEU I 274 -0.91 14.40 31.22
C LEU I 274 -1.34 13.32 30.25
N ARG I 275 -0.46 12.34 30.06
CA ARG I 275 -0.70 11.22 29.16
C ARG I 275 -0.72 9.94 29.97
N TRP I 276 -1.09 8.85 29.31
CA TRP I 276 -1.16 7.57 29.98
C TRP I 276 0.23 7.04 30.30
N GLY I 277 0.31 6.25 31.35
CA GLY I 277 1.57 5.68 31.76
C GLY I 277 2.53 6.69 32.33
N GLN I 278 2.02 7.71 33.00
CA GLN I 278 2.87 8.80 33.46
C GLN I 278 2.99 8.76 34.98
N PRO I 279 4.19 8.86 35.53
CA PRO I 279 4.35 8.86 36.98
C PRO I 279 4.06 10.23 37.57
N LEU I 280 3.54 10.22 38.80
CA LEU I 280 3.14 11.45 39.46
C LEU I 280 3.00 11.18 40.95
N ARG I 281 2.94 12.27 41.71
CA ARG I 281 2.69 12.23 43.13
C ARG I 281 1.27 12.70 43.40
N ILE I 282 0.77 12.45 44.61
CA ILE I 282 -0.57 12.85 44.98
C ILE I 282 -0.48 13.68 46.25
N ARG I 283 -1.09 14.87 46.22
CA ARG I 283 -1.05 15.81 47.34
C ARG I 283 -2.45 16.02 47.87
N HIS I 284 -2.61 15.91 49.18
CA HIS I 284 -3.76 16.47 49.84
C HIS I 284 -3.50 17.94 50.10
N VAL I 285 -4.51 18.77 49.83
CA VAL I 285 -4.29 20.21 49.86
C VAL I 285 -4.37 20.80 51.25
N THR I 286 -5.28 20.35 52.11
CA THR I 286 -5.45 20.97 53.41
C THR I 286 -4.39 20.51 54.40
N THR I 287 -4.22 19.20 54.52
CA THR I 287 -3.18 18.65 55.37
C THR I 287 -1.79 18.92 54.83
N GLY I 288 -1.65 19.02 53.51
CA GLY I 288 -0.33 19.13 52.93
C GLY I 288 0.44 17.84 52.95
N ARG I 289 -0.26 16.71 53.11
CA ARG I 289 0.38 15.41 53.15
C ARG I 289 0.41 14.79 51.76
N TYR I 290 1.30 13.83 51.58
CA TYR I 290 1.43 13.10 50.33
C TYR I 290 0.86 11.70 50.49
N LEU I 291 0.04 11.30 49.52
CA LEU I 291 -0.52 9.95 49.52
C LEU I 291 0.55 8.94 49.16
N ALA I 292 0.66 7.88 49.95
CA ALA I 292 1.64 6.84 49.68
C ALA I 292 0.98 5.47 49.57
N LEU I 299 -1.53 2.17 51.12
CA LEU I 299 -2.53 3.18 50.79
C LEU I 299 -2.82 4.11 51.96
N VAL I 300 -1.81 4.86 52.39
CA VAL I 300 -1.94 5.84 53.46
C VAL I 300 -1.43 7.17 52.95
N VAL I 301 -1.78 8.23 53.65
CA VAL I 301 -1.19 9.53 53.35
C VAL I 301 -0.05 9.78 54.33
N VAL I 302 0.96 10.52 53.88
CA VAL I 302 2.20 10.62 54.62
C VAL I 302 2.77 12.01 54.40
N ASP I 303 3.71 12.39 55.27
CA ASP I 303 4.30 13.71 55.19
C ASP I 303 5.24 13.81 53.99
N ALA I 304 5.46 15.05 53.54
CA ALA I 304 6.34 15.32 52.41
C ALA I 304 7.80 15.05 52.71
N CYS I 305 8.22 15.19 53.96
CA CYS I 305 9.61 14.92 54.33
C CYS I 305 9.93 13.44 54.24
N LYS I 306 8.94 12.60 54.53
CA LYS I 306 9.07 11.15 54.36
C LYS I 306 8.31 10.65 53.14
N ALA I 307 8.08 11.50 52.14
CA ALA I 307 7.54 11.06 50.86
C ALA I 307 8.68 10.86 49.88
N HIS I 308 8.91 9.61 49.49
CA HIS I 308 10.02 9.27 48.61
C HIS I 308 9.47 8.84 47.26
N THR I 309 10.29 9.02 46.21
CA THR I 309 9.88 8.57 44.89
C THR I 309 9.77 7.06 44.81
N LYS I 310 10.56 6.35 45.62
CA LYS I 310 10.39 4.92 45.76
C LYS I 310 9.14 4.56 46.54
N ALA I 311 8.86 5.27 47.63
CA ALA I 311 7.72 4.96 48.47
C ALA I 311 6.41 5.37 47.80
N THR I 312 6.31 6.62 47.36
CA THR I 312 5.09 7.14 46.75
C THR I 312 5.40 7.67 45.35
N SER I 313 4.92 6.93 44.35
CA SER I 313 4.92 7.36 42.96
C SER I 313 3.83 6.59 42.26
N PHE I 314 2.80 7.28 41.79
CA PHE I 314 1.58 6.65 41.33
C PHE I 314 1.43 6.92 39.84
N CYS I 315 0.41 6.33 39.22
CA CYS I 315 0.23 6.49 37.79
C CYS I 315 -1.22 6.21 37.40
N PHE I 316 -1.59 6.71 36.23
CA PHE I 316 -2.92 6.51 35.66
C PHE I 316 -2.81 5.55 34.49
N ARG I 317 -3.43 4.38 34.62
CA ARG I 317 -3.53 3.44 33.52
C ARG I 317 -5.01 3.19 33.25
N VAL I 318 -5.31 2.77 32.02
CA VAL I 318 -6.69 2.52 31.66
C VAL I 318 -7.15 1.16 32.17
N SER I 319 -6.48 0.11 31.71
CA SER I 319 -6.69 -1.24 32.22
C SER I 319 -5.38 -1.99 32.05
N LYS I 320 -5.10 -2.92 32.96
CA LYS I 320 -3.80 -3.57 33.01
C LYS I 320 -3.71 -4.65 31.95
N GLU I 321 -3.35 -4.25 30.74
CA GLU I 321 -2.71 -5.15 29.81
C GLU I 321 -1.24 -5.24 30.22
N LYS I 322 -0.58 -6.34 29.82
CA LYS I 322 0.80 -6.59 30.24
C LYS I 322 1.72 -5.67 29.46
N LEU I 323 1.80 -4.42 29.93
CA LEU I 323 2.59 -3.40 29.26
C LEU I 323 3.90 -3.17 30.00
N GLY I 333 7.33 20.50 25.17
CA GLY I 333 6.59 21.62 25.72
C GLY I 333 5.31 21.21 26.39
N MET I 334 4.18 21.52 25.76
CA MET I 334 2.91 21.00 26.24
C MET I 334 2.72 19.57 25.76
N GLY I 335 1.58 18.99 26.13
CA GLY I 335 1.28 17.64 25.76
C GLY I 335 0.11 17.53 24.81
N PRO I 336 -0.01 16.39 24.14
CA PRO I 336 -1.22 16.09 23.38
C PRO I 336 -2.39 15.86 24.33
N PRO I 337 -3.58 16.26 23.96
CA PRO I 337 -4.74 16.18 24.87
C PRO I 337 -5.23 14.74 25.07
N GLU I 338 -4.60 14.06 26.01
CA GLU I 338 -4.86 12.64 26.23
C GLU I 338 -6.07 12.37 27.12
N ILE I 339 -6.16 13.02 28.28
CA ILE I 339 -7.10 12.61 29.33
C ILE I 339 -8.30 13.54 29.35
N LYS I 340 -9.44 13.03 28.93
CA LYS I 340 -10.69 13.78 28.95
C LYS I 340 -11.23 13.89 30.37
N TYR I 341 -12.27 14.71 30.53
CA TYR I 341 -12.90 14.93 31.82
C TYR I 341 -14.22 14.17 31.88
N GLY I 342 -14.41 13.36 32.91
CA GLY I 342 -15.61 12.59 33.09
C GLY I 342 -15.72 11.37 32.20
N GLU I 343 -14.73 11.10 31.36
CA GLU I 343 -14.84 10.08 30.33
C GLU I 343 -13.75 9.01 30.43
N SER I 344 -12.64 9.30 31.07
CA SER I 344 -11.49 8.39 31.10
C SER I 344 -11.73 7.13 31.92
N LEU I 345 -12.31 7.29 33.12
CA LEU I 345 -12.72 6.19 34.00
C LEU I 345 -11.56 5.26 34.34
N CYS I 346 -10.43 5.86 34.70
CA CYS I 346 -9.18 5.13 34.87
C CYS I 346 -8.83 5.03 36.35
N PHE I 347 -7.99 4.04 36.68
CA PHE I 347 -7.63 3.72 38.05
C PHE I 347 -6.25 4.27 38.39
N VAL I 348 -5.78 3.89 39.58
CA VAL I 348 -4.42 4.18 40.03
C VAL I 348 -3.80 2.90 40.57
N GLN I 349 -2.47 2.82 40.47
CA GLN I 349 -1.68 1.78 41.10
C GLN I 349 -0.27 2.32 41.27
N HIS I 350 0.49 1.69 42.16
CA HIS I 350 1.87 2.10 42.36
C HIS I 350 2.71 1.75 41.13
N VAL I 351 3.68 2.60 40.83
CA VAL I 351 4.52 2.35 39.68
C VAL I 351 5.61 1.33 40.02
N ALA I 352 5.90 1.16 41.30
CA ALA I 352 6.84 0.15 41.79
C ALA I 352 6.17 -1.14 42.19
N SER I 353 4.86 -1.13 42.38
CA SER I 353 4.21 -2.27 43.01
C SER I 353 3.02 -2.77 42.18
N GLY I 354 2.38 -1.88 41.43
CA GLY I 354 1.28 -2.29 40.57
C GLY I 354 0.02 -2.63 41.34
N LEU I 355 -0.15 -2.05 42.52
CA LEU I 355 -1.19 -2.43 43.47
C LEU I 355 -2.39 -1.49 43.36
N TRP I 356 -3.52 -2.06 42.96
CA TRP I 356 -4.73 -1.27 42.70
C TRP I 356 -5.42 -0.88 43.99
N LEU I 357 -5.58 0.42 44.18
CA LEU I 357 -6.30 0.95 45.35
C LEU I 357 -7.78 0.65 45.17
N THR I 358 -8.34 -0.11 46.11
CA THR I 358 -9.77 -0.35 46.11
C THR I 358 -10.28 -0.53 47.54
N TYR I 359 -11.59 -0.68 47.68
CA TYR I 359 -12.22 -0.67 48.99
C TYR I 359 -12.04 -2.01 49.70
N ALA I 360 -12.77 -2.19 50.78
CA ALA I 360 -12.72 -3.43 51.53
C ALA I 360 -13.94 -4.29 51.26
N LEU I 372 -20.16 2.83 56.01
CA LEU I 372 -20.17 3.66 54.82
C LEU I 372 -18.76 4.00 54.41
N LYS I 373 -17.85 3.92 55.37
CA LYS I 373 -16.45 4.27 55.15
C LYS I 373 -15.76 3.05 54.55
N LYS I 374 -15.96 2.84 53.25
CA LYS I 374 -15.34 1.75 52.52
C LYS I 374 -13.85 2.02 52.42
N LYS I 375 -13.06 1.36 53.28
CA LYS I 375 -11.66 1.71 53.43
C LYS I 375 -10.86 1.32 52.20
N ALA I 376 -10.24 2.32 51.58
CA ALA I 376 -9.49 2.12 50.35
C ALA I 376 -8.15 1.47 50.66
N ILE I 377 -7.82 0.42 49.92
CA ILE I 377 -6.58 -0.31 50.12
C ILE I 377 -6.05 -0.74 48.77
N LEU I 378 -4.73 -0.61 48.59
CA LEU I 378 -4.03 -1.16 47.43
C LEU I 378 -4.14 -2.67 47.52
N HIS I 379 -4.82 -3.27 46.54
CA HIS I 379 -5.09 -4.70 46.53
C HIS I 379 -4.69 -5.30 45.20
N GLN I 380 -3.93 -6.40 45.25
CA GLN I 380 -3.40 -7.00 44.05
C GLN I 380 -4.44 -7.81 43.29
N GLU I 381 -5.58 -8.11 43.91
CA GLU I 381 -6.65 -8.74 43.17
C GLU I 381 -7.40 -7.73 42.32
N GLY I 382 -7.58 -6.52 42.85
CA GLY I 382 -8.40 -5.53 42.20
C GLY I 382 -9.87 -5.90 42.24
N HIS I 383 -10.64 -5.19 41.43
CA HIS I 383 -12.07 -5.40 41.37
C HIS I 383 -12.57 -4.99 39.99
N MET I 384 -13.88 -4.87 39.87
CA MET I 384 -14.51 -4.26 38.71
C MET I 384 -15.02 -2.86 38.99
N ASP I 385 -14.57 -2.24 40.08
CA ASP I 385 -15.08 -0.94 40.52
C ASP I 385 -13.99 0.10 40.69
N ASP I 386 -12.80 -0.12 40.14
CA ASP I 386 -11.74 0.88 40.19
C ASP I 386 -11.75 1.79 38.97
N ALA I 387 -12.75 1.67 38.10
CA ALA I 387 -12.91 2.57 36.96
C ALA I 387 -13.57 3.85 37.46
N LEU I 388 -12.74 4.85 37.74
CA LEU I 388 -13.20 6.05 38.42
C LEU I 388 -12.97 7.29 37.57
N PHE I 389 -13.97 8.19 37.54
CA PHE I 389 -13.96 9.36 36.67
C PHE I 389 -13.65 10.62 37.47
N LEU I 390 -12.86 11.50 36.87
CA LEU I 390 -12.37 12.68 37.58
C LEU I 390 -13.22 13.90 37.26
N THR I 391 -13.24 14.85 38.19
CA THR I 391 -13.94 16.13 38.02
C THR I 391 -13.02 17.25 38.49
N ARG I 392 -12.89 18.28 37.67
CA ARG I 392 -12.07 19.42 38.01
C ARG I 392 -12.79 20.31 39.03
N CYS I 393 -12.01 20.89 39.93
CA CYS I 393 -12.55 21.75 40.98
C CYS I 393 -12.85 23.15 40.45
N GLN I 394 -13.11 24.07 41.38
CA GLN I 394 -13.49 25.43 41.07
C GLN I 394 -12.42 26.40 41.58
N GLN I 395 -12.26 27.53 40.88
CA GLN I 395 -11.16 28.46 41.11
C GLN I 395 -11.23 29.19 42.44
N GLU I 396 -12.40 29.69 42.82
CA GLU I 396 -12.54 30.35 44.11
C GLU I 396 -12.42 29.37 45.28
N GLU I 397 -12.93 28.16 45.12
CA GLU I 397 -12.81 27.14 46.14
C GLU I 397 -11.39 26.69 46.36
N SER I 398 -10.65 26.42 45.27
CA SER I 398 -9.29 25.93 45.38
C SER I 398 -8.36 26.98 45.94
N GLN I 399 -8.65 28.25 45.69
CA GLN I 399 -7.91 29.32 46.35
C GLN I 399 -8.20 29.33 47.84
N ALA I 400 -9.44 29.06 48.21
CA ALA I 400 -9.79 28.98 49.62
C ALA I 400 -9.19 27.75 50.28
N ALA I 401 -8.83 26.74 49.49
CA ALA I 401 -8.27 25.53 50.06
C ALA I 401 -6.88 25.76 50.62
N ARG I 402 -5.95 26.26 49.81
CA ARG I 402 -4.55 26.29 50.21
C ARG I 402 -4.28 27.25 51.35
N MET I 403 -5.13 28.26 51.53
CA MET I 403 -4.91 29.16 52.63
C MET I 403 -5.27 28.55 53.98
N ILE I 404 -6.08 27.50 54.00
CA ILE I 404 -6.31 26.76 55.24
C ILE I 404 -5.02 26.15 55.73
N HIS I 405 -4.29 25.49 54.83
CA HIS I 405 -3.00 24.90 55.14
C HIS I 405 -1.98 25.96 55.54
N SER I 406 -2.06 27.13 54.92
CA SER I 406 -1.12 28.19 55.27
C SER I 406 -1.42 28.77 56.63
N THR I 407 -2.68 28.79 57.02
CA THR I 407 -3.04 29.35 58.32
C THR I 407 -2.85 28.35 59.45
N ALA I 408 -3.36 27.13 59.28
CA ALA I 408 -3.30 26.14 60.35
C ALA I 408 -1.88 25.73 60.67
N GLY I 409 -1.01 25.72 59.66
CA GLY I 409 0.42 25.52 59.91
C GLY I 409 1.04 26.63 60.71
N LEU I 410 0.53 27.85 60.59
CA LEU I 410 1.00 28.93 61.45
C LEU I 410 0.35 28.87 62.83
N TYR I 411 -0.93 28.55 62.87
CA TYR I 411 -1.68 28.64 64.11
C TYR I 411 -1.31 27.57 65.12
N ASN I 412 -1.22 26.31 64.71
CA ASN I 412 -0.79 25.27 65.63
C ASN I 412 0.65 25.46 66.03
N GLN I 413 1.47 26.01 65.14
CA GLN I 413 2.79 26.47 65.52
C GLN I 413 2.72 27.59 66.54
N PHE I 414 1.71 28.45 66.44
CA PHE I 414 1.56 29.51 67.41
C PHE I 414 1.03 29.00 68.74
N ILE I 415 0.19 27.96 68.71
CA ILE I 415 -0.40 27.45 69.94
C ILE I 415 0.65 26.78 70.80
N LYS I 416 1.40 25.83 70.24
CA LYS I 416 2.42 25.14 71.01
C LYS I 416 3.62 26.03 71.29
N GLY I 417 3.82 27.09 70.51
CA GLY I 417 4.80 28.09 70.90
C GLY I 417 4.37 28.81 72.16
N LEU I 418 3.06 29.03 72.31
CA LEU I 418 2.55 29.60 73.54
C LEU I 418 2.55 28.59 74.66
N ASP I 419 2.28 27.32 74.35
CA ASP I 419 2.23 26.26 75.35
C ASP I 419 3.58 25.94 75.98
N SER I 420 4.67 26.41 75.40
CA SER I 420 5.99 26.13 75.95
C SER I 420 6.20 26.80 77.30
N PHE I 421 5.89 28.09 77.42
CA PHE I 421 6.00 28.79 78.69
C PHE I 421 4.64 28.97 79.33
N SER I 422 3.72 28.06 79.03
CA SER I 422 2.36 28.16 79.57
C SER I 422 2.34 27.93 81.08
N GLY I 423 3.34 27.24 81.61
CA GLY I 423 3.50 27.10 83.04
C GLY I 423 4.76 27.70 83.62
N LYS I 424 5.77 27.98 82.80
CA LYS I 424 7.08 28.41 83.29
C LYS I 424 7.21 29.92 83.14
N PRO I 425 7.30 30.66 84.24
CA PRO I 425 7.56 32.10 84.13
C PRO I 425 8.98 32.37 83.66
N ARG I 426 9.16 33.55 83.08
CA ARG I 426 10.45 33.96 82.55
C ARG I 426 11.05 35.04 83.45
N GLY I 427 12.22 34.76 84.01
CA GLY I 427 12.93 35.73 84.82
C GLY I 427 13.84 36.58 83.95
N PRO I 434 12.69 29.26 71.20
CA PRO I 434 12.29 29.92 69.96
C PRO I 434 11.52 31.20 70.22
N ALA I 435 11.19 31.93 69.15
CA ALA I 435 10.36 33.11 69.26
C ALA I 435 9.02 32.86 68.61
N LEU I 436 7.95 33.23 69.30
CA LEU I 436 6.61 32.99 68.80
C LEU I 436 6.29 33.96 67.66
N PRO I 437 5.57 33.52 66.62
CA PRO I 437 5.37 34.37 65.43
C PRO I 437 4.36 35.50 65.63
N ILE I 438 4.84 36.61 66.20
CA ILE I 438 3.95 37.73 66.50
C ILE I 438 3.59 38.49 65.22
N GLU I 439 4.60 38.94 64.49
CA GLU I 439 4.33 39.74 63.29
C GLU I 439 3.76 38.89 62.16
N ALA I 440 4.04 37.59 62.16
CA ALA I 440 3.48 36.72 61.14
C ALA I 440 1.99 36.49 61.33
N VAL I 441 1.50 36.56 62.57
CA VAL I 441 0.10 36.22 62.77
C VAL I 441 -0.80 37.44 62.68
N ILE I 442 -0.26 38.64 62.91
CA ILE I 442 -1.07 39.86 62.89
C ILE I 442 -1.53 40.17 61.48
N LEU I 443 -0.63 40.04 60.53
CA LEU I 443 -0.99 40.30 59.14
C LEU I 443 -1.83 39.17 58.58
N SER I 444 -1.69 37.96 59.13
CA SER I 444 -2.43 36.84 58.59
C SER I 444 -3.89 36.86 58.98
N LEU I 445 -4.22 37.42 60.14
CA LEU I 445 -5.63 37.58 60.49
C LEU I 445 -6.28 38.66 59.64
N GLN I 446 -5.57 39.75 59.40
CA GLN I 446 -6.19 40.92 58.79
C GLN I 446 -6.56 40.66 57.33
N ASP I 447 -5.82 39.80 56.65
CA ASP I 447 -6.24 39.36 55.33
C ASP I 447 -7.47 38.49 55.40
N LEU I 448 -7.65 37.78 56.52
CA LEU I 448 -8.81 36.91 56.62
C LEU I 448 -10.07 37.69 56.94
N ILE I 449 -9.94 38.84 57.61
CA ILE I 449 -11.11 39.66 57.87
C ILE I 449 -11.65 40.23 56.57
N GLY I 450 -10.77 40.80 55.74
CA GLY I 450 -11.16 41.26 54.44
C GLY I 450 -11.52 40.15 53.48
N TYR I 451 -11.06 38.93 53.75
CA TYR I 451 -11.53 37.80 52.96
C TYR I 451 -12.99 37.52 53.23
N PHE I 452 -13.43 37.70 54.47
CA PHE I 452 -14.78 37.33 54.87
C PHE I 452 -15.70 38.54 54.99
N GLU I 453 -15.34 39.64 54.38
CA GLU I 453 -16.07 40.88 54.63
C GLU I 453 -17.40 40.85 53.88
N PRO I 454 -18.51 41.20 54.53
CA PRO I 454 -19.80 41.10 53.87
C PRO I 454 -19.96 42.19 52.85
N PRO I 455 -20.64 41.93 51.74
CA PRO I 455 -20.70 42.89 50.64
C PRO I 455 -21.58 44.08 50.98
N SER I 456 -21.38 45.16 50.22
CA SER I 456 -21.99 46.44 50.54
C SER I 456 -23.48 46.43 50.25
N GLU I 457 -24.20 47.26 51.00
CA GLU I 457 -25.63 47.41 50.78
C GLU I 457 -25.96 48.31 49.60
N GLU I 458 -25.03 49.16 49.19
CA GLU I 458 -25.25 50.02 48.04
C GLU I 458 -25.03 49.31 46.72
N LEU I 459 -24.66 48.04 46.76
CA LEU I 459 -24.45 47.26 45.56
C LEU I 459 -25.78 46.96 44.90
N GLN I 460 -25.74 46.59 43.63
CA GLN I 460 -26.94 46.19 42.91
C GLN I 460 -27.45 44.85 43.45
N HIS I 461 -28.79 44.74 43.53
CA HIS I 461 -29.44 43.62 44.20
C HIS I 461 -29.11 42.26 43.60
N GLU I 462 -29.09 42.15 42.27
CA GLU I 462 -28.81 40.86 41.64
C GLU I 462 -27.37 40.43 41.87
N GLU I 463 -26.46 41.38 42.05
CA GLU I 463 -25.08 41.01 42.33
C GLU I 463 -24.83 40.78 43.81
N LYS I 464 -25.52 41.54 44.67
CA LYS I 464 -25.43 41.32 46.12
C LYS I 464 -25.84 39.92 46.50
N GLN I 465 -26.94 39.44 45.92
CA GLN I 465 -27.40 38.08 46.20
C GLN I 465 -26.42 37.04 45.66
N SER I 466 -25.79 37.32 44.53
CA SER I 466 -24.84 36.37 43.97
C SER I 466 -23.59 36.28 44.80
N LYS I 467 -23.11 37.39 45.34
CA LYS I 467 -21.91 37.37 46.15
C LYS I 467 -22.16 36.77 47.52
N LEU I 468 -23.42 36.75 47.97
CA LEU I 468 -23.72 36.18 49.27
C LEU I 468 -23.55 34.68 49.26
N ARG I 469 -24.06 34.01 48.23
CA ARG I 469 -23.99 32.55 48.19
C ARG I 469 -22.57 32.06 47.98
N SER I 470 -21.69 32.91 47.46
CA SER I 470 -20.27 32.59 47.49
C SER I 470 -19.74 32.64 48.91
N LEU I 471 -20.18 33.65 49.68
CA LEU I 471 -19.71 33.79 51.04
C LEU I 471 -20.27 32.69 51.93
N ARG I 472 -21.51 32.26 51.66
CA ARG I 472 -22.10 31.18 52.44
C ARG I 472 -21.34 29.87 52.27
N ASN I 473 -20.76 29.64 51.09
CA ASN I 473 -19.90 28.48 50.92
C ASN I 473 -18.63 28.62 51.73
N ARG I 474 -17.89 29.70 51.51
CA ARG I 474 -16.55 29.74 52.03
C ARG I 474 -16.46 30.19 53.47
N GLN I 475 -17.56 30.24 54.21
CA GLN I 475 -17.46 30.12 55.65
C GLN I 475 -17.90 28.76 56.15
N SER I 476 -18.85 28.13 55.45
CA SER I 476 -19.13 26.72 55.70
C SER I 476 -17.95 25.85 55.32
N LEU I 477 -17.18 26.28 54.33
CA LEU I 477 -15.99 25.55 53.92
C LEU I 477 -14.85 25.71 54.92
N PHE I 478 -14.95 26.65 55.84
CA PHE I 478 -13.92 26.74 56.87
C PHE I 478 -14.33 26.03 58.14
N GLN I 479 -15.53 26.32 58.64
CA GLN I 479 -15.96 25.79 59.92
C GLN I 479 -16.16 24.29 59.91
N GLU I 480 -16.48 23.71 58.76
CA GLU I 480 -16.49 22.26 58.64
C GLU I 480 -15.09 21.68 58.77
N GLU I 481 -14.17 22.06 57.89
CA GLU I 481 -12.79 21.59 57.98
C GLU I 481 -12.05 22.41 59.04
N GLY I 482 -12.32 22.05 60.28
CA GLY I 482 -11.70 22.66 61.44
C GLY I 482 -12.00 24.14 61.57
N MET I 483 -10.97 24.91 61.91
CA MET I 483 -10.88 26.35 61.73
C MET I 483 -11.95 27.15 62.45
N LEU I 484 -12.71 26.53 63.34
CA LEU I 484 -13.57 27.30 64.21
C LEU I 484 -13.08 27.08 65.62
N SER I 485 -13.00 25.82 66.03
CA SER I 485 -12.48 25.47 67.34
C SER I 485 -10.98 25.74 67.43
N LEU I 486 -10.29 25.63 66.30
CA LEU I 486 -8.88 26.03 66.23
C LEU I 486 -8.72 27.50 66.54
N VAL I 487 -9.67 28.32 66.09
CA VAL I 487 -9.69 29.71 66.51
C VAL I 487 -10.14 29.83 67.96
N LEU I 488 -11.04 28.93 68.40
CA LEU I 488 -11.47 28.99 69.79
C LEU I 488 -10.35 28.65 70.76
N ASN I 489 -9.43 27.77 70.34
CA ASN I 489 -8.28 27.41 71.16
C ASN I 489 -7.37 28.58 71.45
N CYS I 490 -6.92 29.28 70.41
CA CYS I 490 -5.94 30.35 70.60
C CYS I 490 -6.52 31.54 71.36
N ILE I 491 -7.85 31.63 71.47
CA ILE I 491 -8.43 32.48 72.50
C ILE I 491 -8.15 31.92 73.88
N ASP I 492 -8.48 30.65 74.12
CA ASP I 492 -8.47 30.17 75.49
C ASP I 492 -7.07 29.87 76.00
N ARG I 493 -6.06 29.86 75.14
CA ARG I 493 -4.70 29.91 75.65
C ARG I 493 -4.27 31.33 75.96
N LEU I 494 -4.97 32.33 75.43
CA LEU I 494 -4.56 33.71 75.57
C LEU I 494 -5.35 34.47 76.61
N ASN I 495 -6.59 34.07 76.86
CA ASN I 495 -7.49 34.83 77.73
C ASN I 495 -7.10 34.74 79.20
N VAL I 496 -6.21 33.81 79.56
CA VAL I 496 -5.88 33.56 80.95
C VAL I 496 -4.96 34.65 81.50
N TYR I 497 -4.44 35.51 80.63
CA TYR I 497 -3.53 36.56 81.06
C TYR I 497 -4.30 37.88 81.11
N THR I 498 -5.04 38.10 82.20
CA THR I 498 -5.89 39.28 82.25
C THR I 498 -5.12 40.56 82.48
N THR I 499 -4.07 40.52 83.27
CA THR I 499 -3.13 41.63 83.27
C THR I 499 -2.42 41.66 81.93
N ALA I 500 -2.58 42.79 81.23
CA ALA I 500 -2.17 42.88 79.84
C ALA I 500 -0.66 42.84 79.67
N ALA I 501 0.08 43.19 80.72
CA ALA I 501 1.53 43.15 80.68
C ALA I 501 2.15 42.17 81.64
N HIS I 502 1.68 42.14 82.90
CA HIS I 502 2.30 41.33 83.94
C HIS I 502 2.13 39.85 83.65
N PHE I 503 0.94 39.44 83.26
CA PHE I 503 0.77 38.05 82.87
C PHE I 503 1.13 37.81 81.42
N ALA I 504 1.49 38.86 80.68
CA ALA I 504 2.17 38.70 79.40
C ALA I 504 3.68 38.69 79.55
N GLU I 505 4.18 38.85 80.78
CA GLU I 505 5.61 38.76 81.02
C GLU I 505 6.12 37.33 81.09
N TYR I 506 5.24 36.35 80.96
CA TYR I 506 5.68 34.97 80.76
C TYR I 506 6.39 34.79 79.44
N ALA I 507 6.02 35.57 78.42
CA ALA I 507 6.77 35.67 77.18
C ALA I 507 7.92 36.65 77.32
N GLY I 508 7.65 37.83 77.85
CA GLY I 508 8.66 38.87 77.92
C GLY I 508 8.01 40.22 77.65
N GLU I 509 8.82 41.12 77.08
CA GLU I 509 8.31 42.43 76.71
C GLU I 509 8.04 42.52 75.21
N GLU I 510 8.53 41.55 74.43
CA GLU I 510 8.37 41.62 72.99
C GLU I 510 6.94 41.33 72.56
N ALA I 511 6.38 40.19 72.97
CA ALA I 511 5.01 39.88 72.63
C ALA I 511 4.02 40.63 73.50
N ALA I 512 4.48 41.26 74.58
CA ALA I 512 3.58 41.92 75.52
C ALA I 512 2.95 43.17 74.91
N GLU I 513 3.68 43.86 74.05
CA GLU I 513 3.15 45.09 73.46
C GLU I 513 2.06 44.80 72.44
N SER I 514 2.02 43.59 71.88
CA SER I 514 1.05 43.24 70.87
C SER I 514 -0.05 42.34 71.40
N TRP I 515 -0.13 42.15 72.72
CA TRP I 515 -1.18 41.30 73.26
C TRP I 515 -2.54 41.96 73.15
N LYS I 516 -2.59 43.29 73.26
CA LYS I 516 -3.86 44.00 73.18
C LYS I 516 -4.46 43.91 71.79
N GLU I 517 -3.61 43.87 70.77
CA GLU I 517 -4.12 43.80 69.40
C GLU I 517 -4.65 42.42 69.07
N ILE I 518 -3.92 41.37 69.45
CA ILE I 518 -4.15 40.06 68.87
C ILE I 518 -5.46 39.46 69.39
N VAL I 519 -5.92 39.92 70.55
CA VAL I 519 -7.23 39.52 71.02
C VAL I 519 -8.34 40.16 70.20
N ASN I 520 -8.23 41.46 69.93
CA ASN I 520 -9.31 42.17 69.25
C ASN I 520 -9.49 41.69 67.82
N LEU I 521 -8.39 41.44 67.13
CA LEU I 521 -8.49 40.90 65.78
C LEU I 521 -9.04 39.49 65.77
N LEU I 522 -8.85 38.74 66.86
CA LEU I 522 -9.35 37.38 66.89
C LEU I 522 -10.85 37.33 66.98
N TYR I 523 -11.45 38.17 67.83
CA TYR I 523 -12.90 38.19 67.93
C TYR I 523 -13.56 38.76 66.71
N GLU I 524 -12.84 39.61 65.96
CA GLU I 524 -13.39 40.11 64.71
C GLU I 524 -13.48 39.00 63.67
N LEU I 525 -12.52 38.08 63.67
CA LEU I 525 -12.56 36.95 62.75
C LEU I 525 -13.75 36.06 63.03
N LEU I 526 -13.90 35.66 64.29
CA LEU I 526 -14.99 34.79 64.71
C LEU I 526 -16.34 35.43 64.45
N ALA I 527 -16.47 36.72 64.74
CA ALA I 527 -17.70 37.43 64.40
C ALA I 527 -17.90 37.51 62.89
N SER I 528 -16.82 37.53 62.12
CA SER I 528 -16.99 37.53 60.69
C SER I 528 -17.35 36.16 60.16
N LEU I 529 -17.05 35.12 60.92
CA LEU I 529 -17.41 33.78 60.47
C LEU I 529 -18.89 33.51 60.55
N ILE I 530 -19.51 33.76 61.69
CA ILE I 530 -20.87 33.30 61.92
C ILE I 530 -21.85 34.43 61.65
N ARG I 531 -21.45 35.42 60.88
CA ARG I 531 -22.38 36.48 60.50
C ARG I 531 -23.30 35.89 59.44
N GLY I 532 -24.60 36.03 59.64
CA GLY I 532 -25.57 35.57 58.67
C GLY I 532 -25.87 34.10 58.69
N ASN I 533 -24.84 33.26 58.76
CA ASN I 533 -24.98 31.82 58.64
C ASN I 533 -25.75 31.24 59.82
N ARG I 534 -26.78 30.47 59.52
CA ARG I 534 -27.53 29.80 60.59
C ARG I 534 -26.83 28.53 61.06
N ALA I 535 -26.20 27.81 60.14
CA ALA I 535 -25.63 26.51 60.47
C ALA I 535 -24.43 26.63 61.40
N ASN I 536 -23.59 27.64 61.19
CA ASN I 536 -22.47 27.81 62.10
C ASN I 536 -22.89 28.47 63.40
N CYS I 537 -24.04 29.12 63.44
CA CYS I 537 -24.50 29.70 64.69
C CYS I 537 -24.94 28.66 65.69
N ALA I 538 -25.42 27.51 65.23
CA ALA I 538 -25.76 26.43 66.15
C ALA I 538 -24.54 25.77 66.77
N LEU I 539 -23.33 26.06 66.25
CA LEU I 539 -22.12 25.49 66.80
C LEU I 539 -21.73 26.11 68.13
N PHE I 540 -22.44 27.13 68.58
CA PHE I 540 -22.18 27.73 69.88
C PHE I 540 -23.25 27.37 70.90
N SER I 541 -24.14 26.44 70.55
CA SER I 541 -25.19 26.03 71.48
C SER I 541 -24.65 25.19 72.62
N THR I 542 -23.45 24.64 72.48
CA THR I 542 -22.85 23.87 73.55
C THR I 542 -22.01 24.74 74.49
N ASN I 543 -21.26 25.69 73.96
CA ASN I 543 -20.40 26.53 74.79
C ASN I 543 -20.90 27.96 74.80
N LEU I 544 -22.21 28.11 74.92
CA LEU I 544 -22.81 29.43 75.13
C LEU I 544 -22.29 30.08 76.39
N ASP I 545 -22.18 29.31 77.48
CA ASP I 545 -21.67 29.83 78.74
C ASP I 545 -20.19 30.18 78.66
N TRP I 546 -19.46 29.61 77.71
CA TRP I 546 -18.08 30.02 77.50
C TRP I 546 -18.01 31.46 77.00
N VAL I 547 -18.99 31.89 76.22
CA VAL I 547 -19.01 33.24 75.69
C VAL I 547 -19.35 34.26 76.76
N VAL I 548 -20.46 34.05 77.48
CA VAL I 548 -21.00 35.04 78.40
C VAL I 548 -20.10 35.20 79.63
N SER I 549 -19.27 34.20 79.91
CA SER I 549 -18.36 34.28 81.05
C SER I 549 -17.22 35.25 80.82
N LYS I 550 -17.02 35.75 79.60
CA LYS I 550 -15.91 36.64 79.31
C LYS I 550 -16.37 38.04 78.94
N LEU I 551 -17.58 38.43 79.35
CA LEU I 551 -18.12 39.71 78.92
C LEU I 551 -17.47 40.87 79.64
N ASP I 552 -17.10 40.69 80.91
CA ASP I 552 -16.47 41.76 81.68
C ASP I 552 -14.96 41.66 81.65
N ARG I 553 -14.40 41.15 80.54
CA ARG I 553 -12.98 40.85 80.51
C ARG I 553 -12.12 42.10 80.30
N LEU I 554 -12.74 43.26 80.05
CA LEU I 554 -12.14 44.60 80.02
C LEU I 554 -11.25 44.84 78.81
N GLU I 555 -10.94 43.81 78.04
CA GLU I 555 -10.19 43.94 76.80
C GLU I 555 -11.09 43.40 75.70
N ALA I 556 -11.30 44.22 74.66
CA ALA I 556 -12.19 43.93 73.53
C ALA I 556 -13.61 43.63 74.01
N SER I 557 -14.08 44.45 74.95
CA SER I 557 -15.43 44.33 75.46
C SER I 557 -16.47 44.53 74.37
N SER I 558 -16.21 45.41 73.41
CA SER I 558 -17.08 45.49 72.24
C SER I 558 -16.93 44.27 71.36
N GLY I 559 -15.76 43.63 71.36
CA GLY I 559 -15.49 42.52 70.50
C GLY I 559 -16.35 41.30 70.77
N ILE I 560 -16.38 40.86 72.04
CA ILE I 560 -17.18 39.69 72.38
C ILE I 560 -18.66 40.02 72.28
N LEU I 561 -19.04 41.24 72.68
CA LEU I 561 -20.42 41.67 72.57
C LEU I 561 -20.88 41.73 71.12
N GLU I 562 -19.96 41.99 70.21
CA GLU I 562 -20.25 41.84 68.79
C GLU I 562 -20.55 40.40 68.42
N VAL I 563 -19.78 39.45 68.97
CA VAL I 563 -19.96 38.05 68.62
C VAL I 563 -21.29 37.53 69.14
N LEU I 564 -21.68 37.99 70.32
CA LEU I 564 -22.93 37.55 70.91
C LEU I 564 -24.13 38.07 70.12
N TYR I 565 -23.99 39.22 69.49
CA TYR I 565 -25.14 39.80 68.81
C TYR I 565 -25.42 39.08 67.50
N CYS I 566 -24.39 38.68 66.78
CA CYS I 566 -24.62 38.00 65.52
C CYS I 566 -25.07 36.57 65.69
N VAL I 567 -24.75 35.93 66.82
CA VAL I 567 -25.20 34.55 67.03
C VAL I 567 -26.64 34.49 67.52
N LEU I 568 -27.13 35.55 68.15
CA LEU I 568 -28.47 35.55 68.72
C LEU I 568 -29.51 36.08 67.77
N ILE I 569 -29.23 36.13 66.47
CA ILE I 569 -30.20 36.57 65.49
C ILE I 569 -30.36 35.58 64.36
N GLU I 570 -29.51 34.56 64.28
CA GLU I 570 -29.57 33.63 63.18
C GLU I 570 -30.17 32.28 63.53
N SER I 571 -29.89 31.74 64.72
CA SER I 571 -30.37 30.42 65.10
C SER I 571 -31.20 30.56 66.36
N PRO I 572 -32.53 30.41 66.27
CA PRO I 572 -33.41 30.71 67.40
C PRO I 572 -33.35 29.71 68.54
N GLU I 573 -32.72 28.55 68.32
CA GLU I 573 -32.60 27.55 69.38
C GLU I 573 -31.66 27.99 70.49
N VAL I 574 -30.86 29.03 70.27
CA VAL I 574 -29.95 29.46 71.31
C VAL I 574 -30.67 30.43 72.24
N LEU I 575 -31.88 30.86 71.90
CA LEU I 575 -32.66 31.67 72.83
C LEU I 575 -33.12 30.90 74.05
N ASN I 576 -33.87 29.82 73.87
CA ASN I 576 -34.55 29.14 74.97
C ASN I 576 -33.64 28.20 75.75
N ILE I 577 -32.33 28.25 75.52
CA ILE I 577 -31.36 27.56 76.35
C ILE I 577 -30.63 28.53 77.27
N ILE I 578 -31.25 29.67 77.57
CA ILE I 578 -30.63 30.71 78.36
C ILE I 578 -31.39 30.82 79.68
N GLN I 579 -30.67 30.73 80.79
CA GLN I 579 -31.28 30.82 82.10
C GLN I 579 -31.02 32.18 82.71
N GLU I 580 -31.49 32.36 83.94
CA GLU I 580 -31.44 33.65 84.61
C GLU I 580 -30.04 34.04 85.03
N ASN I 581 -29.12 33.09 85.10
CA ASN I 581 -27.73 33.42 85.42
C ASN I 581 -27.05 34.16 84.27
N HIS I 582 -27.54 34.00 83.05
CA HIS I 582 -26.91 34.69 81.92
C HIS I 582 -27.39 36.13 81.81
N ILE I 583 -28.70 36.35 81.92
CA ILE I 583 -29.27 37.68 81.79
C ILE I 583 -28.77 38.61 82.89
N LYS I 584 -28.52 38.06 84.08
CA LYS I 584 -28.01 38.89 85.17
C LYS I 584 -26.56 39.31 84.95
N SER I 585 -25.85 38.68 84.02
CA SER I 585 -24.53 39.18 83.68
C SER I 585 -24.63 40.32 82.67
N ILE I 586 -25.58 40.24 81.74
CA ILE I 586 -25.72 41.24 80.68
C ILE I 586 -26.15 42.59 81.25
N ILE I 587 -27.12 42.59 82.16
CA ILE I 587 -27.45 43.82 82.86
C ILE I 587 -26.28 44.30 83.70
N SER I 588 -25.51 43.37 84.26
CA SER I 588 -24.28 43.75 84.95
C SER I 588 -23.21 44.22 83.97
N LEU I 589 -23.32 43.90 82.69
CA LEU I 589 -22.40 44.48 81.71
C LEU I 589 -22.78 45.92 81.44
N LEU I 590 -24.08 46.19 81.31
CA LEU I 590 -24.56 47.53 81.02
C LEU I 590 -24.26 48.49 82.18
N ASP I 591 -24.34 48.00 83.40
CA ASP I 591 -24.07 48.81 84.59
C ASP I 591 -22.59 49.11 84.78
N LYS I 592 -21.71 48.44 84.06
CA LYS I 592 -20.28 48.70 84.17
C LYS I 592 -19.63 49.16 82.88
N HIS I 593 -20.41 49.43 81.85
CA HIS I 593 -19.84 49.86 80.58
C HIS I 593 -20.67 50.96 79.94
N GLY I 594 -21.28 51.80 80.77
CA GLY I 594 -21.98 52.96 80.29
C GLY I 594 -23.27 52.62 79.59
N ARG I 595 -23.90 53.65 79.04
CA ARG I 595 -25.15 53.49 78.33
C ARG I 595 -24.85 53.14 76.89
N ASN I 596 -24.30 51.95 76.67
CA ASN I 596 -24.01 51.47 75.34
C ASN I 596 -25.30 51.06 74.66
N HIS I 597 -25.53 51.60 73.47
CA HIS I 597 -26.75 51.30 72.74
C HIS I 597 -26.71 49.96 72.03
N LYS I 598 -25.59 49.27 72.03
CA LYS I 598 -25.56 47.92 71.46
C LYS I 598 -26.14 46.89 72.41
N VAL I 599 -26.02 47.11 73.71
CA VAL I 599 -26.57 46.17 74.68
C VAL I 599 -28.08 46.13 74.63
N LEU I 600 -28.72 47.22 74.23
CA LEU I 600 -30.16 47.17 74.08
C LEU I 600 -30.58 46.43 72.82
N ASP I 601 -29.67 46.25 71.87
CA ASP I 601 -30.01 45.44 70.71
C ASP I 601 -30.13 43.97 71.07
N VAL I 602 -29.15 43.43 71.81
CA VAL I 602 -29.14 42.01 72.09
C VAL I 602 -30.28 41.65 73.02
N LEU I 603 -30.73 42.57 73.86
CA LEU I 603 -31.92 42.31 74.65
C LEU I 603 -33.18 42.42 73.80
N CYS I 604 -33.13 43.19 72.72
CA CYS I 604 -34.29 43.24 71.84
C CYS I 604 -34.37 42.01 70.95
N SER I 605 -33.26 41.31 70.76
CA SER I 605 -33.31 40.04 70.06
C SER I 605 -33.67 38.90 70.98
N LEU I 606 -33.60 39.11 72.28
CA LEU I 606 -33.84 38.05 73.25
C LEU I 606 -35.31 37.84 73.53
N CYS I 607 -36.16 38.78 73.15
CA CYS I 607 -37.59 38.62 73.41
C CYS I 607 -38.23 37.67 72.41
N VAL I 608 -38.10 37.98 71.12
CA VAL I 608 -38.78 37.20 70.11
C VAL I 608 -37.77 36.45 69.26
N CYS I 609 -38.28 35.49 68.50
CA CYS I 609 -37.51 34.85 67.44
C CYS I 609 -38.49 34.35 66.39
N ASN I 610 -38.28 34.80 65.15
CA ASN I 610 -39.08 34.41 63.98
C ASN I 610 -40.56 34.72 64.17
N GLY I 611 -40.84 35.85 64.84
CA GLY I 611 -42.19 36.18 65.17
C GLY I 611 -42.80 35.37 66.29
N VAL I 612 -41.99 34.65 67.06
CA VAL I 612 -42.47 33.84 68.17
C VAL I 612 -41.77 34.28 69.43
N ALA I 613 -42.54 34.70 70.43
CA ALA I 613 -41.97 35.24 71.64
C ALA I 613 -41.68 34.14 72.64
N VAL I 614 -40.86 34.47 73.63
CA VAL I 614 -40.47 33.55 74.68
C VAL I 614 -40.94 34.14 76.00
N ARG I 615 -42.04 33.63 76.53
CA ARG I 615 -42.58 34.13 77.79
C ARG I 615 -41.68 33.86 78.98
N SER I 616 -40.77 32.91 78.87
CA SER I 616 -39.81 32.72 79.95
C SER I 616 -38.76 33.81 79.98
N ASN I 617 -38.37 34.32 78.81
CA ASN I 617 -37.40 35.39 78.76
C ASN I 617 -38.02 36.77 78.90
N GLN I 618 -39.30 36.93 78.58
CA GLN I 618 -39.91 38.25 78.65
C GLN I 618 -40.24 38.67 80.07
N ASP I 619 -40.00 37.83 81.06
CA ASP I 619 -40.15 38.28 82.43
C ASP I 619 -38.83 38.34 83.17
N LEU I 620 -37.83 37.57 82.72
CA LEU I 620 -36.53 37.64 83.37
C LEU I 620 -35.87 38.99 83.17
N ILE I 621 -36.10 39.63 82.02
CA ILE I 621 -35.62 40.98 81.83
C ILE I 621 -36.39 41.95 82.71
N THR I 622 -37.71 41.83 82.73
CA THR I 622 -38.58 42.88 83.27
C THR I 622 -38.45 43.03 84.77
N GLU I 623 -38.56 41.94 85.53
CA GLU I 623 -38.43 42.04 86.98
C GLU I 623 -36.99 42.20 87.44
N ASN I 624 -36.03 42.23 86.52
CA ASN I 624 -34.67 42.59 86.87
C ASN I 624 -34.32 44.01 86.49
N LEU I 625 -34.53 44.40 85.23
CA LEU I 625 -34.12 45.70 84.72
C LEU I 625 -34.95 46.84 85.26
N LEU I 626 -36.23 46.86 84.95
CA LEU I 626 -37.18 47.90 85.36
C LEU I 626 -37.28 48.26 86.84
N PRO I 627 -37.47 47.32 87.78
CA PRO I 627 -38.05 47.71 89.08
C PRO I 627 -37.13 48.53 89.95
N GLY I 628 -35.82 48.42 89.76
CA GLY I 628 -34.91 49.30 90.45
C GLY I 628 -35.07 50.74 90.01
N ARG I 629 -35.45 50.96 88.75
CA ARG I 629 -35.65 52.27 88.13
C ARG I 629 -34.41 53.13 88.21
N GLU I 630 -33.24 52.51 88.22
CA GLU I 630 -31.99 53.22 88.50
C GLU I 630 -30.91 52.93 87.49
N LEU I 631 -31.24 52.46 86.30
CA LEU I 631 -30.26 52.26 85.23
C LEU I 631 -30.70 52.89 83.93
N LEU I 632 -32.00 53.07 83.73
CA LEU I 632 -32.55 53.66 82.54
C LEU I 632 -32.99 55.09 82.82
N LEU I 633 -33.59 55.71 81.81
CA LEU I 633 -34.09 57.07 81.98
C LEU I 633 -35.58 57.01 82.33
N GLN I 634 -36.03 57.97 83.12
CA GLN I 634 -37.43 58.05 83.50
C GLN I 634 -38.05 59.32 82.96
N THR I 635 -39.31 59.25 82.56
CA THR I 635 -40.01 60.40 82.01
C THR I 635 -41.16 60.76 82.93
N ASN I 636 -41.50 62.04 82.97
CA ASN I 636 -42.60 62.49 83.79
C ASN I 636 -43.07 63.86 83.32
N LEU I 637 -44.35 64.14 83.55
CA LEU I 637 -44.87 65.48 83.39
C LEU I 637 -44.75 66.21 84.71
N ILE I 638 -44.19 67.43 84.69
CA ILE I 638 -44.10 68.25 85.88
C ILE I 638 -44.56 69.66 85.57
N ASN I 639 -44.66 70.46 86.62
CA ASN I 639 -45.15 71.82 86.50
C ASN I 639 -43.98 72.80 86.38
N TYR I 640 -44.30 74.00 85.91
CA TYR I 640 -43.37 75.11 85.91
C TYR I 640 -43.40 75.84 87.25
N VAL I 641 -42.27 76.41 87.62
CA VAL I 641 -42.20 77.33 88.75
C VAL I 641 -41.49 78.59 88.30
N THR I 642 -41.81 79.69 88.97
CA THR I 642 -41.06 80.93 88.86
C THR I 642 -40.75 81.43 90.27
N SER I 643 -40.08 82.58 90.34
CA SER I 643 -39.78 83.19 91.61
C SER I 643 -39.87 84.70 91.42
N ILE I 644 -40.38 85.39 92.43
CA ILE I 644 -40.52 86.83 92.40
C ILE I 644 -40.00 87.40 93.70
N ARG I 645 -39.67 88.69 93.68
CA ARG I 645 -39.08 89.40 94.81
C ARG I 645 -39.38 90.87 94.72
N PRO I 646 -39.34 91.59 95.83
CA PRO I 646 -39.18 93.03 95.79
C PRO I 646 -37.71 93.40 95.67
N ASN I 647 -37.44 94.69 95.62
CA ASN I 647 -36.07 95.18 95.47
C ASN I 647 -35.44 95.48 96.82
N ILE I 648 -35.54 94.52 97.74
CA ILE I 648 -35.18 94.73 99.13
C ILE I 648 -34.01 93.80 99.45
N PHE I 649 -32.80 94.28 99.26
CA PHE I 649 -31.61 93.46 99.39
C PHE I 649 -30.88 93.82 100.67
N VAL I 650 -31.13 93.06 101.73
CA VAL I 650 -30.54 93.32 103.03
C VAL I 650 -29.36 92.39 103.22
N GLY I 651 -28.22 92.95 103.58
CA GLY I 651 -27.05 92.16 103.95
C GLY I 651 -26.21 92.89 104.95
N ARG I 652 -25.38 92.13 105.66
CA ARG I 652 -24.52 92.69 106.70
C ARG I 652 -23.06 92.46 106.34
N ALA I 653 -22.19 93.22 106.98
CA ALA I 653 -20.76 93.17 106.73
C ALA I 653 -20.05 93.77 107.94
N GLU I 654 -18.76 94.07 107.78
CA GLU I 654 -18.05 94.84 108.79
C GLU I 654 -18.61 96.26 108.89
N GLY I 655 -18.48 97.04 107.81
CA GLY I 655 -19.05 98.35 107.81
C GLY I 655 -20.50 98.27 107.39
N SER I 656 -21.39 98.20 108.37
CA SER I 656 -22.79 97.87 108.12
C SER I 656 -23.64 99.11 108.37
N THR I 657 -24.18 99.67 107.29
CA THR I 657 -25.18 100.72 107.39
C THR I 657 -26.59 100.17 107.43
N GLN I 658 -26.76 98.87 107.64
CA GLN I 658 -28.05 98.22 107.58
C GLN I 658 -28.43 97.65 108.94
N TYR I 659 -29.68 97.22 109.07
CA TYR I 659 -30.23 96.86 110.37
C TYR I 659 -29.80 95.45 110.78
N GLY I 660 -30.24 94.44 110.05
CA GLY I 660 -29.87 93.06 110.33
C GLY I 660 -30.95 92.24 111.00
N LYS I 661 -32.18 92.76 111.10
CA LYS I 661 -33.29 92.06 111.71
C LYS I 661 -34.61 92.63 111.23
N TRP I 662 -35.27 91.90 110.34
CA TRP I 662 -36.37 92.41 109.55
C TRP I 662 -37.57 91.48 109.67
N TYR I 663 -38.63 91.82 108.93
CA TYR I 663 -39.93 91.18 109.08
C TYR I 663 -40.81 91.58 107.91
N PHE I 664 -41.63 90.64 107.45
CA PHE I 664 -42.67 90.93 106.46
C PHE I 664 -43.71 89.82 106.52
N GLU I 665 -44.86 90.10 105.91
CA GLU I 665 -46.00 89.19 105.96
C GLU I 665 -46.48 88.88 104.56
N VAL I 666 -47.09 87.70 104.41
CA VAL I 666 -47.67 87.26 103.15
C VAL I 666 -49.04 86.66 103.46
N MET I 667 -50.08 87.16 102.78
CA MET I 667 -51.44 86.69 102.96
C MET I 667 -51.86 85.94 101.71
N VAL I 668 -52.22 84.68 101.88
CA VAL I 668 -52.67 83.83 100.78
C VAL I 668 -54.18 83.77 100.78
N ASP I 669 -54.77 83.95 99.61
CA ASP I 669 -56.23 84.05 99.52
C ASP I 669 -56.85 83.20 98.43
N GLU I 670 -56.08 82.65 97.49
CA GLU I 670 -56.68 81.89 96.40
C GLU I 670 -55.67 80.87 95.90
N VAL I 671 -55.86 79.61 96.30
CA VAL I 671 -55.00 78.51 95.85
C VAL I 671 -55.88 77.34 95.46
N VAL I 672 -55.80 76.94 94.20
CA VAL I 672 -56.30 75.63 93.80
C VAL I 672 -55.27 74.58 94.21
N PRO I 673 -55.67 73.55 94.93
CA PRO I 673 -54.68 72.54 95.34
C PRO I 673 -54.20 71.68 94.19
N PHE I 674 -55.09 71.38 93.24
CA PHE I 674 -54.73 70.51 92.12
C PHE I 674 -55.36 71.07 90.85
N LEU I 675 -54.58 71.91 90.15
CA LEU I 675 -54.94 72.24 88.78
C LEU I 675 -54.35 71.24 87.82
N THR I 676 -53.13 70.78 88.08
CA THR I 676 -52.41 69.88 87.21
C THR I 676 -52.41 68.49 87.82
N ALA I 677 -51.67 67.58 87.18
CA ALA I 677 -51.48 66.26 87.76
C ALA I 677 -50.58 66.31 88.98
N GLN I 678 -49.66 67.27 89.03
CA GLN I 678 -48.76 67.38 90.16
C GLN I 678 -49.35 68.36 91.16
N ALA I 679 -48.83 68.33 92.39
CA ALA I 679 -49.33 69.24 93.41
C ALA I 679 -48.90 70.67 93.12
N THR I 680 -49.75 71.62 93.49
CA THR I 680 -49.49 73.02 93.19
C THR I 680 -48.41 73.55 94.12
N HIS I 681 -47.28 73.93 93.55
CA HIS I 681 -46.09 74.28 94.31
C HIS I 681 -46.20 75.72 94.78
N LEU I 682 -46.00 75.95 96.08
CA LEU I 682 -46.05 77.29 96.65
C LEU I 682 -45.27 77.30 97.96
N ARG I 683 -44.11 77.96 97.95
CA ARG I 683 -43.29 78.10 99.15
C ARG I 683 -42.90 79.57 99.33
N VAL I 684 -42.52 79.92 100.56
CA VAL I 684 -42.19 81.29 100.94
C VAL I 684 -40.96 81.28 101.83
N GLY I 685 -39.98 82.12 101.52
CA GLY I 685 -38.82 82.25 102.39
C GLY I 685 -37.87 83.34 101.97
N TRP I 686 -36.60 83.12 102.25
CA TRP I 686 -35.52 84.06 102.01
C TRP I 686 -34.47 83.42 101.11
N ALA I 687 -33.71 84.26 100.42
CA ALA I 687 -32.74 83.77 99.45
C ALA I 687 -31.58 84.76 99.34
N LEU I 688 -30.41 84.24 98.99
CA LEU I 688 -29.25 85.02 98.63
C LEU I 688 -29.42 85.62 97.25
N THR I 689 -28.43 86.42 96.85
CA THR I 689 -28.48 87.06 95.55
C THR I 689 -27.62 86.31 94.53
N GLU I 690 -26.36 86.10 94.85
CA GLU I 690 -25.41 85.59 93.87
C GLU I 690 -25.58 84.10 93.60
N GLY I 691 -26.31 83.38 94.44
CA GLY I 691 -26.36 81.93 94.29
C GLY I 691 -27.67 81.37 93.78
N TYR I 692 -28.78 81.96 94.20
CA TYR I 692 -30.09 81.42 93.85
C TYR I 692 -30.45 81.86 92.44
N SER I 693 -30.51 80.90 91.52
CA SER I 693 -30.82 81.18 90.11
C SER I 693 -31.82 80.12 89.64
N PRO I 694 -33.10 80.38 89.80
CA PRO I 694 -34.13 79.42 89.33
C PRO I 694 -34.31 79.51 87.83
N TYR I 695 -34.26 78.38 87.17
CA TYR I 695 -34.51 78.43 85.74
C TYR I 695 -35.80 77.71 85.42
N PRO I 696 -36.55 78.16 84.40
CA PRO I 696 -37.94 77.69 84.24
C PRO I 696 -38.08 76.23 83.85
N GLY I 697 -37.00 75.56 83.48
CA GLY I 697 -37.08 74.13 83.27
C GLY I 697 -35.83 73.42 83.72
N GLY I 698 -35.94 72.13 84.03
CA GLY I 698 -34.79 71.36 84.43
C GLY I 698 -34.27 71.76 85.80
N GLY I 699 -33.02 71.40 86.05
CA GLY I 699 -32.34 71.83 87.24
C GLY I 699 -32.09 70.67 88.17
N GLU I 700 -31.77 71.00 89.43
CA GLU I 700 -31.49 69.99 90.42
C GLU I 700 -32.77 69.34 90.91
N GLY I 701 -32.69 68.04 91.16
CA GLY I 701 -33.86 67.30 91.59
C GLY I 701 -34.69 66.84 90.42
N TRP I 702 -35.93 66.48 90.71
CA TRP I 702 -36.81 65.98 89.66
C TRP I 702 -37.30 67.12 88.77
N GLY I 703 -37.32 68.33 89.28
CA GLY I 703 -37.71 69.46 88.47
C GLY I 703 -38.69 70.35 89.21
N GLY I 704 -38.87 71.54 88.64
CA GLY I 704 -39.71 72.54 89.26
C GLY I 704 -39.07 73.09 90.50
N ASN I 705 -37.74 73.11 90.52
CA ASN I 705 -36.99 73.56 91.68
C ASN I 705 -37.15 75.07 91.89
N GLY I 706 -37.39 75.45 93.15
CA GLY I 706 -37.60 76.84 93.51
C GLY I 706 -36.96 77.19 94.85
N VAL I 707 -37.74 77.79 95.74
CA VAL I 707 -37.22 78.22 97.03
C VAL I 707 -36.91 77.00 97.89
N GLY I 708 -35.70 76.98 98.47
CA GLY I 708 -35.29 75.88 99.31
C GLY I 708 -34.75 74.69 98.56
N ASP I 709 -34.66 74.76 97.25
CA ASP I 709 -34.29 73.61 96.44
C ASP I 709 -32.80 73.46 96.27
N ASP I 710 -32.00 74.27 96.94
CA ASP I 710 -30.56 74.09 97.03
C ASP I 710 -30.06 74.83 98.25
N LEU I 711 -28.75 75.08 98.27
CA LEU I 711 -28.10 75.67 99.42
C LEU I 711 -28.13 77.19 99.41
N TYR I 712 -29.04 77.80 98.65
CA TYR I 712 -29.04 79.25 98.53
C TYR I 712 -30.33 79.90 99.00
N SER I 713 -31.32 79.11 99.40
CA SER I 713 -32.57 79.65 99.88
C SER I 713 -33.21 78.69 100.87
N TYR I 714 -34.17 79.21 101.64
CA TYR I 714 -34.76 78.48 102.77
C TYR I 714 -36.26 78.64 102.70
N GLY I 715 -36.97 77.54 102.47
CA GLY I 715 -38.39 77.60 102.16
C GLY I 715 -39.28 77.05 103.24
N PHE I 716 -40.53 77.52 103.22
CA PHE I 716 -41.57 77.02 104.10
C PHE I 716 -42.86 76.96 103.30
N ASP I 717 -43.61 75.88 103.43
CA ASP I 717 -44.82 75.67 102.66
C ASP I 717 -46.05 75.56 103.53
N GLY I 718 -45.92 75.68 104.84
CA GLY I 718 -47.02 75.39 105.71
C GLY I 718 -46.71 74.23 106.63
N LEU I 719 -46.03 73.21 106.13
CA LEU I 719 -45.69 72.09 107.00
C LEU I 719 -44.33 71.47 106.69
N HIS I 720 -43.47 72.13 105.92
CA HIS I 720 -42.13 71.63 105.69
C HIS I 720 -41.14 72.78 105.63
N LEU I 721 -39.94 72.54 106.16
CA LEU I 721 -38.84 73.48 106.03
C LEU I 721 -38.00 73.03 104.85
N TRP I 722 -38.09 73.77 103.76
CA TRP I 722 -37.38 73.43 102.53
C TRP I 722 -36.02 74.12 102.52
N THR I 723 -34.95 73.34 102.50
CA THR I 723 -33.60 73.84 102.35
C THR I 723 -32.72 72.70 101.87
N GLY I 724 -31.79 73.01 100.97
CA GLY I 724 -30.86 72.02 100.46
C GLY I 724 -31.50 70.90 99.66
N HIS I 725 -32.67 71.17 99.06
CA HIS I 725 -33.50 70.20 98.34
C HIS I 725 -33.84 68.98 99.19
N VAL I 726 -34.54 69.19 100.31
CA VAL I 726 -35.12 68.13 101.11
C VAL I 726 -36.24 68.75 101.94
N ALA I 727 -37.34 68.02 102.08
CA ALA I 727 -38.41 68.44 102.97
C ALA I 727 -37.99 68.14 104.40
N ARG I 728 -38.41 68.99 105.33
CA ARG I 728 -38.19 68.74 106.75
C ARG I 728 -39.51 68.85 107.49
N PRO I 729 -40.01 67.76 108.06
CA PRO I 729 -41.32 67.79 108.71
C PRO I 729 -41.27 68.60 110.00
N VAL I 730 -42.24 69.50 110.13
CA VAL I 730 -42.29 70.42 111.25
C VAL I 730 -43.43 70.03 112.17
N THR I 731 -43.45 70.65 113.35
CA THR I 731 -44.53 70.47 114.31
C THR I 731 -45.18 71.83 114.52
N SER I 732 -46.21 72.09 113.74
CA SER I 732 -46.95 73.33 113.90
C SER I 732 -48.34 73.06 114.43
N PRO I 733 -48.86 73.94 115.29
CA PRO I 733 -50.23 73.78 115.78
C PRO I 733 -51.25 74.09 114.69
N GLY I 734 -52.06 73.09 114.35
CA GLY I 734 -53.00 73.22 113.26
C GLY I 734 -52.30 73.25 111.92
N GLN I 735 -51.29 72.39 111.76
CA GLN I 735 -50.43 72.45 110.59
C GLN I 735 -51.17 71.96 109.36
N HIS I 736 -51.01 72.69 108.26
CA HIS I 736 -51.57 72.33 106.97
C HIS I 736 -50.79 73.10 105.92
N LEU I 737 -51.22 73.00 104.67
CA LEU I 737 -50.57 73.75 103.61
C LEU I 737 -50.97 75.22 103.67
N LEU I 738 -50.50 75.98 102.69
CA LEU I 738 -50.89 77.38 102.59
C LEU I 738 -52.29 77.44 102.02
N ALA I 739 -53.27 77.28 102.91
CA ALA I 739 -54.66 77.40 102.54
C ALA I 739 -54.99 78.88 102.32
N PRO I 740 -56.08 79.18 101.61
CA PRO I 740 -56.53 80.57 101.54
C PRO I 740 -56.97 81.10 102.89
N GLU I 741 -57.00 82.43 102.98
CA GLU I 741 -57.22 83.18 104.22
C GLU I 741 -56.22 82.79 105.30
N ASP I 742 -54.95 82.66 104.92
CA ASP I 742 -53.86 82.43 105.84
C ASP I 742 -52.83 83.53 105.69
N VAL I 743 -52.19 83.88 106.80
CA VAL I 743 -51.17 84.91 106.83
C VAL I 743 -49.92 84.31 107.42
N VAL I 744 -48.84 84.26 106.65
CA VAL I 744 -47.57 83.74 107.11
C VAL I 744 -46.65 84.93 107.35
N SER I 745 -45.66 84.73 108.21
CA SER I 745 -44.66 85.74 108.53
C SER I 745 -43.28 85.11 108.58
N CYS I 746 -42.26 85.91 108.35
CA CYS I 746 -40.88 85.43 108.30
C CYS I 746 -40.03 86.30 109.20
N CYS I 747 -39.62 85.75 110.34
CA CYS I 747 -38.70 86.43 111.21
C CYS I 747 -37.27 86.16 110.76
N LEU I 748 -36.51 87.24 110.58
CA LEU I 748 -35.16 87.14 110.03
C LEU I 748 -34.18 87.82 110.98
N ASP I 749 -33.03 87.19 111.18
CA ASP I 749 -31.97 87.77 111.98
C ASP I 749 -30.65 87.60 111.24
N LEU I 750 -29.84 88.65 111.21
CA LEU I 750 -28.52 88.61 110.61
C LEU I 750 -27.40 88.63 111.63
N SER I 751 -27.67 89.08 112.86
CA SER I 751 -26.66 89.03 113.91
C SER I 751 -26.34 87.59 114.26
N VAL I 752 -27.32 86.88 114.78
CA VAL I 752 -27.25 85.42 114.83
C VAL I 752 -27.85 84.95 113.50
N PRO I 753 -27.28 83.94 112.87
CA PRO I 753 -27.91 83.38 111.67
C PRO I 753 -29.18 82.65 112.06
N SER I 754 -30.33 83.25 111.72
CA SER I 754 -31.60 82.76 112.24
C SER I 754 -32.73 83.18 111.32
N ILE I 755 -33.58 82.21 110.97
CA ILE I 755 -34.82 82.46 110.25
C ILE I 755 -35.92 81.74 111.00
N SER I 756 -36.97 82.46 111.37
CA SER I 756 -38.14 81.87 111.99
C SER I 756 -39.40 82.20 111.20
N PHE I 757 -40.50 81.57 111.58
CA PHE I 757 -41.77 81.73 110.90
C PHE I 757 -42.93 81.68 111.88
N ARG I 758 -43.97 82.46 111.60
CA ARG I 758 -45.27 82.31 112.24
C ARG I 758 -46.32 82.36 111.16
N ILE I 759 -47.35 81.52 111.29
CA ILE I 759 -48.48 81.50 110.38
C ILE I 759 -49.74 81.78 111.18
N ASN I 760 -50.48 82.82 110.75
CA ASN I 760 -51.73 83.27 111.38
C ASN I 760 -51.51 83.58 112.85
N GLY I 761 -50.41 84.25 113.15
CA GLY I 761 -50.04 84.56 114.52
C GLY I 761 -49.38 83.44 115.27
N CYS I 762 -49.38 82.22 114.74
CA CYS I 762 -48.91 81.07 115.48
C CYS I 762 -47.50 80.68 115.03
N PRO I 763 -46.52 80.70 115.92
CA PRO I 763 -45.14 80.44 115.52
C PRO I 763 -44.87 78.98 115.24
N VAL I 764 -43.79 78.73 114.48
CA VAL I 764 -43.43 77.38 114.09
C VAL I 764 -42.31 76.88 114.99
N GLN I 765 -42.21 75.56 115.11
CA GLN I 765 -41.25 74.93 116.01
C GLN I 765 -40.03 74.44 115.24
N GLY I 766 -39.31 75.39 114.67
CA GLY I 766 -38.08 75.08 113.94
C GLY I 766 -37.47 76.28 113.26
N VAL I 767 -36.14 76.39 113.31
CA VAL I 767 -35.41 77.55 112.79
C VAL I 767 -34.12 77.09 112.13
N PHE I 768 -33.57 77.98 111.29
CA PHE I 768 -32.36 77.72 110.53
C PHE I 768 -31.19 78.43 111.19
N GLU I 769 -29.98 77.88 111.07
CA GLU I 769 -28.79 78.44 111.70
C GLU I 769 -27.59 78.28 110.78
N ALA I 770 -26.56 79.07 111.11
CA ALA I 770 -25.16 78.84 110.72
C ALA I 770 -24.93 78.90 109.22
N PHE I 771 -25.82 79.56 108.50
CA PHE I 771 -25.65 79.72 107.07
C PHE I 771 -24.61 80.79 106.78
N ASN I 772 -24.14 80.83 105.54
CA ASN I 772 -23.12 81.80 105.16
C ASN I 772 -23.71 83.20 105.09
N LEU I 773 -22.83 84.20 105.03
CA LEU I 773 -23.24 85.59 105.01
C LEU I 773 -22.51 86.40 103.94
N ASP I 774 -22.16 85.76 102.82
CA ASP I 774 -21.44 86.43 101.74
C ASP I 774 -22.45 86.84 100.67
N GLY I 775 -23.19 87.90 100.93
CA GLY I 775 -24.16 88.40 99.98
C GLY I 775 -25.35 88.98 100.70
N LEU I 776 -26.31 89.46 99.90
CA LEU I 776 -27.50 90.13 100.41
C LEU I 776 -28.64 89.13 100.49
N PHE I 777 -29.77 89.56 101.04
CA PHE I 777 -30.93 88.71 101.19
C PHE I 777 -32.20 89.46 100.77
N PHE I 778 -33.12 88.73 100.15
CA PHE I 778 -34.38 89.33 99.73
C PHE I 778 -35.49 88.31 99.88
N PRO I 779 -36.73 88.74 100.10
CA PRO I 779 -37.82 87.78 100.23
C PRO I 779 -38.17 87.14 98.89
N VAL I 780 -38.49 85.86 98.93
CA VAL I 780 -38.84 85.10 97.74
C VAL I 780 -40.10 84.28 98.02
N VAL I 781 -40.99 84.26 97.03
CA VAL I 781 -42.07 83.29 96.99
C VAL I 781 -42.04 82.60 95.63
N SER I 782 -41.94 81.28 95.66
CA SER I 782 -41.96 80.49 94.45
C SER I 782 -43.34 79.86 94.33
N PHE I 783 -43.94 79.97 93.16
CA PHE I 783 -45.30 79.50 92.98
C PHE I 783 -45.39 78.70 91.68
N SER I 784 -46.30 77.75 91.67
CA SER I 784 -46.73 77.10 90.43
C SER I 784 -47.89 77.90 89.85
N ALA I 785 -48.58 77.34 88.86
CA ALA I 785 -49.73 78.02 88.30
C ALA I 785 -50.92 77.91 89.26
N GLY I 786 -51.93 78.73 89.04
CA GLY I 786 -53.16 78.65 89.80
C GLY I 786 -53.05 79.19 91.21
N VAL I 787 -52.18 80.17 91.42
CA VAL I 787 -51.96 80.75 92.75
C VAL I 787 -52.07 82.26 92.64
N LYS I 788 -52.96 82.83 93.46
CA LYS I 788 -53.09 84.28 93.59
C LYS I 788 -52.74 84.67 95.01
N VAL I 789 -51.83 85.62 95.17
CA VAL I 789 -51.33 85.97 96.49
C VAL I 789 -50.94 87.44 96.50
N ARG I 790 -50.93 88.02 97.70
CA ARG I 790 -50.66 89.44 97.89
C ARG I 790 -49.48 89.64 98.83
N PHE I 791 -48.82 90.79 98.69
CA PHE I 791 -47.67 91.16 99.50
C PHE I 791 -48.06 92.14 100.61
N LEU I 792 -47.49 91.91 101.79
CA LEU I 792 -47.62 92.81 102.95
C LEU I 792 -46.20 93.18 103.36
N LEU I 793 -45.77 94.37 102.92
CA LEU I 793 -44.39 94.81 103.09
C LEU I 793 -44.21 95.77 104.26
N GLY I 794 -45.12 96.72 104.40
CA GLY I 794 -45.06 97.72 105.44
C GLY I 794 -46.24 98.65 105.28
N GLY I 795 -46.42 99.52 106.28
CA GLY I 795 -47.65 100.27 106.39
C GLY I 795 -47.90 101.27 105.28
N ARG I 796 -46.84 101.72 104.61
CA ARG I 796 -47.03 102.59 103.46
C ARG I 796 -47.54 101.83 102.25
N HIS I 797 -47.29 100.53 102.18
CA HIS I 797 -47.74 99.73 101.05
C HIS I 797 -48.72 98.63 101.44
N GLY I 798 -48.36 97.78 102.39
CA GLY I 798 -49.32 96.85 102.93
C GLY I 798 -49.92 97.40 104.20
N GLU I 799 -50.61 96.55 104.95
CA GLU I 799 -51.04 96.86 106.31
C GLU I 799 -50.85 95.60 107.13
N PHE I 800 -49.92 95.65 108.08
CA PHE I 800 -49.48 94.45 108.79
C PHE I 800 -50.63 93.87 109.61
N LYS I 801 -51.06 92.67 109.24
CA LYS I 801 -52.16 92.02 109.93
C LYS I 801 -51.75 91.47 111.28
N PHE I 802 -50.46 91.48 111.60
CA PHE I 802 -49.96 91.08 112.90
C PHE I 802 -48.86 92.04 113.32
N LEU I 803 -48.68 92.16 114.61
CA LEU I 803 -47.61 92.99 115.11
C LEU I 803 -46.27 92.27 114.97
N PRO I 804 -45.25 92.95 114.46
CA PRO I 804 -43.92 92.36 114.43
C PRO I 804 -43.38 92.19 115.83
N PRO I 805 -42.61 91.14 116.08
CA PRO I 805 -41.94 91.01 117.37
C PRO I 805 -40.90 92.11 117.53
N PRO I 806 -40.64 92.56 118.76
CA PRO I 806 -39.83 93.76 118.98
C PRO I 806 -38.39 93.57 118.54
N GLY I 807 -37.94 94.48 117.68
CA GLY I 807 -36.65 94.37 117.04
C GLY I 807 -36.74 94.11 115.55
N TYR I 808 -37.94 94.07 114.98
CA TYR I 808 -38.10 93.67 113.60
C TYR I 808 -38.77 94.80 112.83
N ALA I 809 -38.00 95.43 111.96
CA ALA I 809 -38.37 96.57 111.15
C ALA I 809 -39.34 96.17 110.03
N PRO I 810 -40.31 97.02 109.70
CA PRO I 810 -41.16 96.74 108.55
C PRO I 810 -40.38 96.83 107.27
N CYS I 811 -40.69 95.92 106.35
CA CYS I 811 -39.79 95.62 105.24
C CYS I 811 -39.74 96.72 104.20
N HIS I 812 -40.65 97.68 104.23
CA HIS I 812 -40.61 98.79 103.27
C HIS I 812 -39.62 99.87 103.65
N GLU I 813 -38.70 99.60 104.58
CA GLU I 813 -37.73 100.59 105.00
C GLU I 813 -36.38 100.44 104.32
N ALA I 814 -36.04 99.25 103.85
CA ALA I 814 -34.73 99.02 103.25
C ALA I 814 -34.70 99.35 101.76
N VAL I 815 -35.69 100.06 101.24
CA VAL I 815 -35.69 100.49 99.85
C VAL I 815 -34.60 101.53 99.65
N LEU I 816 -33.91 101.42 98.56
CA LEU I 816 -32.83 102.35 98.29
C LEU I 816 -33.40 103.67 97.82
N PRO I 817 -32.69 104.79 98.04
CA PRO I 817 -33.20 106.09 97.58
C PRO I 817 -33.27 106.22 96.08
N ARG I 818 -32.46 105.48 95.32
CA ARG I 818 -32.41 105.63 93.89
C ARG I 818 -33.55 104.91 93.18
N GLU I 819 -34.20 103.96 93.83
CA GLU I 819 -35.20 103.15 93.15
C GLU I 819 -36.42 102.98 94.04
N ARG I 820 -37.59 103.14 93.44
CA ARG I 820 -38.85 102.90 94.15
C ARG I 820 -39.07 101.41 94.32
N LEU I 821 -40.05 101.06 95.14
CA LEU I 821 -40.39 99.67 95.39
C LEU I 821 -41.06 99.08 94.16
N ARG I 822 -40.65 97.88 93.77
CA ARG I 822 -41.09 97.26 92.54
C ARG I 822 -41.04 95.74 92.70
N LEU I 823 -41.84 95.04 91.91
CA LEU I 823 -41.92 93.59 91.92
C LEU I 823 -41.29 93.06 90.65
N GLU I 824 -40.46 92.03 90.77
CA GLU I 824 -39.70 91.55 89.62
C GLU I 824 -39.40 90.07 89.73
N PRO I 825 -39.18 89.41 88.60
CA PRO I 825 -38.58 88.08 88.61
C PRO I 825 -37.08 88.17 88.85
N ILE I 826 -36.42 87.02 88.75
CA ILE I 826 -35.00 86.90 89.10
C ILE I 826 -34.25 86.29 87.93
N LYS I 827 -33.18 86.98 87.49
CA LYS I 827 -32.15 86.43 86.61
C LYS I 827 -32.69 86.05 85.23
N GLU I 828 -33.76 86.73 84.82
CA GLU I 828 -34.53 86.29 83.67
C GLU I 828 -33.79 86.55 82.37
N TYR I 829 -34.35 86.01 81.29
CA TYR I 829 -33.85 86.37 79.98
C TYR I 829 -34.93 86.81 79.02
N ARG I 830 -36.15 86.33 79.15
CA ARG I 830 -37.23 86.72 78.26
C ARG I 830 -38.01 87.84 78.93
N ARG I 831 -38.39 88.83 78.13
CA ARG I 831 -39.24 89.91 78.62
C ARG I 831 -40.16 90.32 77.48
N GLU I 832 -41.46 90.06 77.65
CA GLU I 832 -42.40 90.24 76.55
C GLU I 832 -42.59 91.71 76.24
N GLY I 833 -42.24 92.10 75.02
CA GLY I 833 -42.21 93.49 74.65
C GLY I 833 -43.36 93.88 73.75
N PRO I 834 -43.35 95.13 73.31
CA PRO I 834 -44.39 95.64 72.43
C PRO I 834 -44.24 94.93 71.13
N ARG I 835 -43.14 95.22 70.46
CA ARG I 835 -42.84 94.62 69.17
C ARG I 835 -42.91 93.12 69.23
N GLY I 836 -42.22 92.55 70.22
CA GLY I 836 -42.18 91.13 70.41
C GLY I 836 -41.01 90.78 71.26
N PRO I 837 -41.17 89.81 72.12
CA PRO I 837 -40.36 89.17 73.13
C PRO I 837 -38.95 89.67 73.20
N HIS I 838 -38.60 90.51 74.17
CA HIS I 838 -37.24 90.98 74.26
C HIS I 838 -36.35 89.99 75.00
N LEU I 839 -35.08 90.01 74.64
CA LEU I 839 -34.06 89.21 75.32
C LEU I 839 -33.17 90.15 76.10
N VAL I 840 -32.90 89.81 77.35
CA VAL I 840 -32.06 90.64 78.20
C VAL I 840 -30.78 89.86 78.53
N GLY I 841 -29.76 90.60 78.92
CA GLY I 841 -28.52 90.01 79.36
C GLY I 841 -28.58 89.74 80.84
N PRO I 842 -27.44 89.42 81.45
CA PRO I 842 -27.42 89.16 82.89
C PRO I 842 -27.58 90.46 83.66
N SER I 843 -28.34 90.36 84.76
CA SER I 843 -28.57 91.52 85.60
C SER I 843 -27.30 91.85 86.38
N ARG I 844 -27.05 93.14 86.57
CA ARG I 844 -25.89 93.58 87.33
C ARG I 844 -26.32 93.70 88.79
N CYS I 845 -25.83 92.79 89.62
CA CYS I 845 -26.24 92.77 91.00
C CYS I 845 -25.38 93.70 91.84
N LEU I 846 -26.01 94.31 92.83
CA LEU I 846 -25.26 95.04 93.84
C LEU I 846 -24.45 94.06 94.66
N SER I 847 -23.22 94.42 94.97
CA SER I 847 -22.35 93.49 95.66
C SER I 847 -22.68 93.44 97.15
N HIS I 848 -21.93 92.60 97.86
CA HIS I 848 -22.09 92.50 99.30
C HIS I 848 -21.61 93.77 99.99
N THR I 849 -20.42 94.25 99.65
CA THR I 849 -19.80 95.40 100.30
C THR I 849 -20.05 96.69 99.53
N ASP I 850 -21.19 96.81 98.87
CA ASP I 850 -21.56 98.08 98.24
C ASP I 850 -22.26 99.01 99.20
N PHE I 851 -22.28 98.68 100.49
CA PHE I 851 -22.97 99.48 101.48
C PHE I 851 -22.03 100.05 102.52
N VAL I 852 -20.79 99.56 102.59
CA VAL I 852 -19.80 100.10 103.50
C VAL I 852 -19.22 101.37 102.89
N PRO I 853 -19.14 102.46 103.65
CA PRO I 853 -18.52 103.68 103.12
C PRO I 853 -17.00 103.59 103.02
N CYS I 854 -16.38 104.69 102.62
CA CYS I 854 -14.94 104.70 102.44
C CYS I 854 -14.36 106.05 102.88
N PRO I 855 -13.13 106.04 103.42
CA PRO I 855 -12.43 107.29 103.76
C PRO I 855 -11.54 107.79 102.63
N ILE I 861 -2.85 113.33 107.62
CA ILE I 861 -1.49 113.47 107.12
C ILE I 861 -0.94 114.86 107.44
N VAL I 862 0.25 115.16 106.94
CA VAL I 862 0.90 116.43 107.20
C VAL I 862 0.24 117.53 106.39
N LEU I 863 0.54 118.78 106.74
CA LEU I 863 -0.06 119.94 106.08
C LEU I 863 1.00 121.02 105.88
N PRO I 864 1.19 121.52 104.67
CA PRO I 864 2.26 122.49 104.40
C PRO I 864 1.92 123.86 104.98
N PRO I 865 2.93 124.66 105.33
CA PRO I 865 2.66 125.94 106.00
C PRO I 865 2.03 126.99 105.09
N HIS I 866 2.24 126.91 103.77
CA HIS I 866 1.61 127.88 102.87
C HIS I 866 0.11 127.68 102.79
N LEU I 867 -0.38 126.48 103.09
CA LEU I 867 -1.80 126.22 103.23
C LEU I 867 -2.27 126.35 104.67
N GLU I 868 -1.36 126.52 105.62
CA GLU I 868 -1.75 126.66 107.02
C GLU I 868 -2.41 128.02 107.29
N ARG I 869 -1.86 129.09 106.71
CA ARG I 869 -2.44 130.42 106.88
C ARG I 869 -3.73 130.59 106.09
N ILE I 870 -3.84 129.98 104.91
CA ILE I 870 -5.03 130.13 104.08
C ILE I 870 -6.20 129.29 104.59
N ARG I 871 -5.96 128.40 105.56
CA ARG I 871 -7.03 127.55 106.09
C ARG I 871 -8.08 128.36 106.84
N GLU I 872 -7.65 129.34 107.65
CA GLU I 872 -8.62 130.23 108.29
C GLU I 872 -9.17 131.26 107.31
N LYS I 873 -8.42 131.55 106.22
CA LYS I 873 -8.88 132.48 105.22
C LYS I 873 -10.09 131.94 104.45
N LEU I 874 -10.06 130.66 104.08
CA LEU I 874 -11.22 130.03 103.49
C LEU I 874 -12.30 129.76 104.54
N ALA I 875 -11.90 129.61 105.81
CA ALA I 875 -12.87 129.41 106.87
C ALA I 875 -13.69 130.67 107.12
N GLU I 876 -13.03 131.83 107.11
CA GLU I 876 -13.75 133.09 107.17
C GLU I 876 -14.52 133.33 105.89
N ASN I 877 -14.04 132.79 104.77
CA ASN I 877 -14.78 132.87 103.51
C ASN I 877 -16.02 131.98 103.54
N ILE I 878 -15.93 130.83 104.21
CA ILE I 878 -17.05 129.88 104.22
C ILE I 878 -18.17 130.37 105.11
N HIS I 879 -17.85 130.93 106.26
CA HIS I 879 -18.88 131.46 107.15
C HIS I 879 -19.52 132.71 106.57
N GLU I 880 -18.74 133.55 105.88
CA GLU I 880 -19.30 134.71 105.21
C GLU I 880 -20.16 134.31 104.03
N LEU I 881 -19.79 133.23 103.33
CA LEU I 881 -20.66 132.69 102.30
C LEU I 881 -21.88 132.01 102.89
N TRP I 882 -21.77 131.44 104.10
CA TRP I 882 -22.92 130.84 104.74
C TRP I 882 -23.91 131.90 105.23
N ALA I 883 -23.41 132.97 105.82
CA ALA I 883 -24.29 134.04 106.28
C ALA I 883 -24.95 134.78 105.13
N LEU I 884 -24.28 134.86 103.97
CA LEU I 884 -24.94 135.35 102.77
C LEU I 884 -26.00 134.38 102.28
N THR I 885 -25.77 133.08 102.46
CA THR I 885 -26.78 132.08 102.19
C THR I 885 -27.87 132.11 103.26
N ARG I 886 -27.51 132.44 104.51
CA ARG I 886 -28.49 132.54 105.57
C ARG I 886 -29.38 133.76 105.38
N ILE I 887 -28.78 134.92 105.05
CA ILE I 887 -29.54 136.14 104.89
C ILE I 887 -30.39 136.13 103.62
N GLU I 888 -30.04 135.29 102.64
CA GLU I 888 -30.79 135.25 101.39
C GLU I 888 -32.15 134.59 101.57
N GLN I 889 -32.29 133.67 102.52
CA GLN I 889 -33.58 133.04 102.79
C GLN I 889 -34.35 133.77 103.87
N GLY I 890 -33.68 134.40 104.83
CA GLY I 890 -34.39 135.12 105.86
C GLY I 890 -33.83 134.98 107.26
N TRP I 891 -32.69 134.29 107.41
CA TRP I 891 -32.03 134.26 108.69
C TRP I 891 -31.39 135.62 109.00
N THR I 892 -31.61 136.09 110.21
CA THR I 892 -31.00 137.31 110.70
C THR I 892 -30.01 136.95 111.79
N TYR I 893 -29.30 137.97 112.27
CA TYR I 893 -28.41 137.75 113.41
C TYR I 893 -29.21 137.76 114.70
N GLY I 894 -29.29 136.61 115.35
CA GLY I 894 -29.98 136.48 116.60
C GLY I 894 -29.08 135.87 117.66
N PRO I 895 -29.36 136.17 118.93
CA PRO I 895 -28.53 135.59 120.00
C PRO I 895 -28.79 134.10 120.19
N VAL I 896 -30.00 133.67 119.84
CA VAL I 896 -30.35 132.26 119.88
C VAL I 896 -30.33 131.71 118.46
N ARG I 897 -30.32 130.39 118.35
CA ARG I 897 -30.35 129.69 117.08
C ARG I 897 -31.72 129.07 116.89
N ASP I 898 -32.61 129.79 116.21
CA ASP I 898 -33.96 129.30 115.95
C ASP I 898 -34.21 129.32 114.46
N ASP I 899 -34.31 128.13 113.86
CA ASP I 899 -34.54 128.04 112.43
C ASP I 899 -36.00 128.37 112.07
N ASN I 900 -36.94 128.02 112.96
CA ASN I 900 -38.34 128.34 112.73
C ASN I 900 -38.59 129.84 112.82
N LYS I 901 -37.88 130.53 113.71
CA LYS I 901 -37.89 131.99 113.75
C LYS I 901 -36.89 132.60 112.79
N ARG I 902 -36.15 131.77 112.05
CA ARG I 902 -35.09 132.18 111.12
C ARG I 902 -34.03 133.04 111.81
N LEU I 903 -33.35 132.43 112.77
CA LEU I 903 -32.31 133.08 113.55
C LEU I 903 -30.98 132.41 113.28
N HIS I 904 -29.95 133.19 113.03
CA HIS I 904 -28.61 132.69 112.77
C HIS I 904 -27.61 133.38 113.70
N PRO I 905 -27.00 132.67 114.66
CA PRO I 905 -26.01 133.31 115.54
C PRO I 905 -24.63 133.44 114.89
N CYS I 906 -24.48 132.95 113.66
CA CYS I 906 -23.28 133.14 112.87
C CYS I 906 -23.55 133.98 111.62
N LEU I 907 -24.43 134.98 111.75
CA LEU I 907 -24.85 135.78 110.60
C LEU I 907 -24.11 137.09 110.48
N VAL I 908 -23.29 137.47 111.45
CA VAL I 908 -22.58 138.75 111.39
C VAL I 908 -21.24 138.59 110.69
N ASN I 909 -20.35 137.77 111.27
CA ASN I 909 -19.04 137.54 110.71
C ASN I 909 -18.53 136.20 111.23
N PHE I 910 -17.37 135.79 110.72
CA PHE I 910 -16.76 134.54 111.19
C PHE I 910 -16.17 134.71 112.58
N HIS I 911 -15.66 135.91 112.89
CA HIS I 911 -15.22 136.19 114.25
C HIS I 911 -16.40 136.30 115.20
N SER I 912 -17.57 136.70 114.68
CA SER I 912 -18.78 136.73 115.48
C SER I 912 -19.39 135.35 115.68
N LEU I 913 -18.91 134.34 114.96
CA LEU I 913 -19.33 132.98 115.22
C LEU I 913 -18.73 132.51 116.55
N PRO I 914 -19.46 131.67 117.29
CA PRO I 914 -18.94 131.20 118.59
C PRO I 914 -17.75 130.27 118.42
N GLU I 915 -17.00 130.13 119.51
CA GLU I 915 -15.76 129.35 119.55
C GLU I 915 -15.92 127.86 119.20
N PRO I 916 -17.01 127.16 119.58
CA PRO I 916 -17.23 125.84 118.95
C PRO I 916 -17.49 125.91 117.46
N GLU I 917 -18.20 126.94 116.97
CA GLU I 917 -18.36 127.09 115.54
C GLU I 917 -17.11 127.66 114.89
N ARG I 918 -16.30 128.41 115.64
CA ARG I 918 -15.03 128.91 115.12
C ARG I 918 -14.00 127.81 115.02
N ASN I 919 -14.01 126.87 115.98
CA ASN I 919 -13.16 125.69 115.87
C ASN I 919 -13.67 124.73 114.81
N TYR I 920 -14.98 124.70 114.57
CA TYR I 920 -15.54 123.83 113.55
C TYR I 920 -15.18 124.32 112.15
N ASN I 921 -15.09 125.64 111.97
CA ASN I 921 -14.76 126.19 110.67
C ASN I 921 -13.30 125.94 110.32
N LEU I 922 -12.44 125.76 111.32
CA LEU I 922 -11.04 125.45 111.05
C LEU I 922 -10.79 123.95 110.87
N GLN I 923 -11.46 123.11 111.67
CA GLN I 923 -11.24 121.67 111.54
C GLN I 923 -11.92 121.11 110.30
N MET I 924 -12.94 121.80 109.78
CA MET I 924 -13.47 121.43 108.47
C MET I 924 -12.58 121.95 107.35
N SER I 925 -11.77 122.97 107.63
CA SER I 925 -10.82 123.47 106.64
C SER I 925 -9.61 122.54 106.52
N GLY I 926 -9.09 122.06 107.64
CA GLY I 926 -7.94 121.17 107.61
C GLY I 926 -8.25 119.78 107.09
N GLU I 927 -9.51 119.36 107.19
CA GLU I 927 -9.88 118.04 106.70
C GLU I 927 -9.95 117.99 105.17
N THR I 928 -10.56 119.00 104.56
CA THR I 928 -10.71 119.02 103.11
C THR I 928 -9.42 119.35 102.38
N LEU I 929 -8.40 119.81 103.09
CA LEU I 929 -7.11 120.09 102.49
C LEU I 929 -6.14 118.93 102.60
N LYS I 930 -6.16 118.20 103.71
CA LYS I 930 -5.29 117.03 103.87
C LYS I 930 -5.72 115.90 102.93
N THR I 931 -7.00 115.84 102.60
CA THR I 931 -7.48 114.90 101.60
C THR I 931 -7.33 115.42 100.18
N LEU I 932 -7.07 116.72 100.01
CA LEU I 932 -6.89 117.25 98.67
C LEU I 932 -5.54 116.84 98.10
N LEU I 933 -4.52 116.80 98.94
CA LEU I 933 -3.23 116.25 98.58
C LEU I 933 -3.24 114.73 98.57
N ALA I 934 -4.16 114.10 99.29
CA ALA I 934 -4.15 112.66 99.44
C ALA I 934 -4.61 111.95 98.16
N LEU I 935 -5.45 112.60 97.35
CA LEU I 935 -5.91 111.95 96.13
C LEU I 935 -4.89 112.05 95.00
N GLY I 936 -3.94 112.97 95.12
CA GLY I 936 -2.92 113.12 94.09
C GLY I 936 -2.94 114.47 93.41
N CYS I 937 -3.79 115.38 93.91
CA CYS I 937 -3.84 116.73 93.37
C CYS I 937 -2.72 117.57 93.96
N HIS I 938 -1.77 117.96 93.11
CA HIS I 938 -0.68 118.81 93.56
C HIS I 938 -1.14 120.26 93.64
N VAL I 939 -0.74 120.95 94.70
CA VAL I 939 -1.14 122.33 94.92
C VAL I 939 0.12 123.18 95.06
N GLY I 940 0.04 124.42 94.58
CA GLY I 940 1.12 125.36 94.68
C GLY I 940 0.61 126.76 94.94
N MET I 941 1.51 127.60 95.46
CA MET I 941 1.19 128.96 95.85
C MET I 941 1.76 129.92 94.81
N ALA I 942 0.90 130.74 94.22
CA ALA I 942 1.31 131.72 93.22
C ALA I 942 0.28 132.83 93.14
N ASP I 943 0.74 134.01 92.73
CA ASP I 943 -0.08 135.19 92.40
C ASP I 943 -0.93 135.65 93.59
N GLU I 944 -0.24 135.92 94.69
CA GLU I 944 -0.92 136.45 95.88
C GLU I 944 -1.32 137.91 95.70
N LYS I 945 -0.67 138.61 94.76
CA LYS I 945 -1.03 139.99 94.50
C LYS I 945 -2.36 140.11 93.77
N ALA I 946 -2.56 139.31 92.73
CA ALA I 946 -3.85 139.31 92.02
C ALA I 946 -4.95 138.69 92.87
N GLU I 947 -4.59 137.81 93.81
CA GLU I 947 -5.56 137.29 94.77
C GLU I 947 -6.01 138.38 95.74
N ASP I 948 -5.06 139.18 96.23
CA ASP I 948 -5.42 140.29 97.12
C ASP I 948 -6.07 141.43 96.35
N ASN I 949 -5.74 141.58 95.07
CA ASN I 949 -6.38 142.60 94.25
C ASN I 949 -7.83 142.28 93.94
N LEU I 950 -8.22 141.01 93.99
CA LEU I 950 -9.63 140.64 93.87
C LEU I 950 -10.37 141.06 95.14
N LYS I 951 -11.39 141.89 94.97
CA LYS I 951 -12.16 142.40 96.08
C LYS I 951 -13.25 141.40 96.47
N LYS I 952 -14.16 141.84 97.33
CA LYS I 952 -15.25 140.99 97.75
C LYS I 952 -16.41 141.08 96.77
N THR I 953 -17.35 140.16 96.91
CA THR I 953 -18.58 140.23 96.14
C THR I 953 -19.44 141.39 96.62
N LYS I 954 -20.09 142.05 95.67
CA LYS I 954 -20.88 143.24 95.98
C LYS I 954 -22.17 142.85 96.70
N LEU I 955 -22.41 143.52 97.83
CA LEU I 955 -23.58 143.24 98.65
C LEU I 955 -24.53 144.44 98.59
N PRO I 956 -25.69 144.30 97.96
CA PRO I 956 -26.61 145.44 97.86
C PRO I 956 -27.41 145.64 99.14
N LYS I 957 -28.38 146.57 99.11
CA LYS I 957 -29.23 146.79 100.26
C LYS I 957 -30.16 145.60 100.54
N THR I 958 -30.48 144.82 99.51
CA THR I 958 -31.21 143.58 99.68
C THR I 958 -30.32 142.46 100.21
N TYR I 959 -29.00 142.57 100.07
CA TYR I 959 -28.10 141.55 100.57
C TYR I 959 -27.86 141.67 102.07
N MET I 960 -27.95 142.88 102.62
CA MET I 960 -27.81 143.08 104.05
C MET I 960 -29.06 142.61 104.76
N MET I 961 -28.86 141.84 105.85
CA MET I 961 -29.97 141.26 106.60
C MET I 961 -30.55 142.30 107.55
N SER I 962 -31.39 141.83 108.48
CA SER I 962 -32.03 142.71 109.45
C SER I 962 -31.03 143.30 110.44
N ASN I 963 -29.89 142.65 110.66
CA ASN I 963 -28.87 143.22 111.53
C ASN I 963 -28.12 144.36 110.85
N GLY I 964 -28.17 144.42 109.52
CA GLY I 964 -27.47 145.45 108.77
C GLY I 964 -26.04 145.12 108.41
N TYR I 965 -25.49 144.03 108.91
CA TYR I 965 -24.12 143.64 108.64
C TYR I 965 -24.12 142.54 107.58
N LYS I 966 -23.84 142.93 106.33
CA LYS I 966 -23.71 141.95 105.26
C LYS I 966 -22.28 141.45 105.21
N PRO I 967 -22.08 140.14 105.22
CA PRO I 967 -20.72 139.59 105.09
C PRO I 967 -20.18 139.81 103.68
N ALA I 968 -18.85 139.82 103.57
CA ALA I 968 -18.15 140.11 102.33
C ALA I 968 -17.21 138.97 102.00
N PRO I 969 -17.71 137.88 101.41
CA PRO I 969 -16.82 136.78 101.02
C PRO I 969 -16.02 137.12 99.78
N LEU I 970 -14.99 136.32 99.55
CA LEU I 970 -14.07 136.56 98.45
C LEU I 970 -14.74 136.28 97.10
N ASP I 971 -14.45 137.11 96.12
CA ASP I 971 -15.09 137.00 94.81
C ASP I 971 -14.44 135.89 94.00
N LEU I 972 -15.27 134.96 93.51
CA LEU I 972 -14.81 133.86 92.66
C LEU I 972 -15.42 133.92 91.27
N SER I 973 -15.88 135.10 90.85
CA SER I 973 -16.41 135.26 89.50
C SER I 973 -15.31 135.25 88.44
N HIS I 974 -14.06 135.49 88.84
CA HIS I 974 -12.95 135.46 87.90
C HIS I 974 -12.44 134.04 87.63
N VAL I 975 -12.63 133.12 88.58
CA VAL I 975 -12.11 131.76 88.48
C VAL I 975 -13.20 130.88 87.88
N ARG I 976 -12.85 130.16 86.82
CA ARG I 976 -13.72 129.18 86.20
C ARG I 976 -13.17 127.78 86.44
N LEU I 977 -14.00 126.90 86.97
CA LEU I 977 -13.55 125.55 87.32
C LEU I 977 -13.40 124.69 86.08
N THR I 978 -12.34 123.90 86.05
CA THR I 978 -12.02 123.03 84.94
C THR I 978 -12.85 121.75 85.02
N PRO I 979 -13.00 121.02 83.89
CA PRO I 979 -13.56 119.67 83.97
C PRO I 979 -12.70 118.71 84.77
N ALA I 980 -11.38 118.90 84.82
CA ALA I 980 -10.56 118.18 85.77
C ALA I 980 -10.91 118.56 87.20
N GLN I 981 -11.16 119.85 87.45
CA GLN I 981 -11.66 120.26 88.75
C GLN I 981 -13.10 119.83 88.99
N THR I 982 -13.92 119.78 87.92
CA THR I 982 -15.28 119.26 88.05
C THR I 982 -15.27 117.77 88.33
N THR I 983 -14.22 117.07 87.91
CA THR I 983 -14.04 115.68 88.35
C THR I 983 -13.59 115.62 89.80
N LEU I 984 -12.68 116.50 90.21
CA LEU I 984 -12.13 116.46 91.55
C LEU I 984 -13.11 116.97 92.60
N VAL I 985 -14.07 117.82 92.20
CA VAL I 985 -15.04 118.32 93.16
C VAL I 985 -16.04 117.23 93.56
N ASP I 986 -16.23 116.22 92.71
CA ASP I 986 -17.10 115.12 93.08
C ASP I 986 -16.39 114.12 93.97
N ARG I 987 -15.10 113.88 93.73
CA ARG I 987 -14.33 112.91 94.51
C ARG I 987 -14.12 113.36 95.94
N LEU I 988 -14.08 114.68 96.17
CA LEU I 988 -13.96 115.18 97.51
C LEU I 988 -15.28 115.07 98.27
N ALA I 989 -16.38 115.47 97.65
CA ALA I 989 -17.70 115.39 98.29
C ALA I 989 -18.14 113.95 98.47
N GLU I 990 -17.66 113.03 97.63
CA GLU I 990 -17.88 111.61 97.86
C GLU I 990 -17.17 111.14 99.12
N ASN I 991 -15.90 111.53 99.26
CA ASN I 991 -15.14 111.18 100.45
C ASN I 991 -15.68 111.83 101.70
N GLY I 992 -16.01 113.13 101.64
CA GLY I 992 -16.45 113.84 102.82
C GLY I 992 -17.79 113.35 103.36
N HIS I 993 -18.72 113.04 102.47
CA HIS I 993 -19.99 112.46 102.90
C HIS I 993 -19.82 111.05 103.43
N ASN I 994 -18.94 110.25 102.82
CA ASN I 994 -18.79 108.87 103.27
C ASN I 994 -17.94 108.78 104.53
N VAL I 995 -16.99 109.69 104.71
CA VAL I 995 -16.26 109.70 105.97
C VAL I 995 -17.13 110.28 107.09
N TRP I 996 -18.15 111.08 106.74
CA TRP I 996 -19.09 111.55 107.75
C TRP I 996 -20.00 110.43 108.23
N ALA I 997 -20.58 109.69 107.28
CA ALA I 997 -21.40 108.55 107.63
C ALA I 997 -20.58 107.44 108.27
N ARG I 998 -19.27 107.37 107.98
CA ARG I 998 -18.36 106.49 108.70
C ARG I 998 -18.32 106.84 110.18
N ASP I 999 -18.30 108.13 110.50
CA ASP I 999 -18.46 108.54 111.89
C ASP I 999 -19.86 108.26 112.39
N ARG I 1000 -20.87 108.39 111.51
CA ARG I 1000 -22.23 108.09 111.92
C ARG I 1000 -22.46 106.59 112.08
N VAL I 1001 -21.77 105.77 111.27
CA VAL I 1001 -21.85 104.32 111.45
C VAL I 1001 -21.15 103.92 112.73
N ALA I 1002 -20.05 104.60 113.07
CA ALA I 1002 -19.43 104.40 114.37
C ALA I 1002 -20.29 104.97 115.49
N GLN I 1003 -21.18 105.92 115.17
CA GLN I 1003 -22.12 106.45 116.15
C GLN I 1003 -23.27 105.50 116.41
N GLY I 1004 -23.33 104.37 115.70
CA GLY I 1004 -24.35 103.37 115.98
C GLY I 1004 -25.62 103.63 115.21
N TRP I 1005 -25.48 103.96 113.93
CA TRP I 1005 -26.60 104.33 113.10
C TRP I 1005 -26.71 103.41 111.89
N SER I 1006 -27.94 103.21 111.41
CA SER I 1006 -28.20 102.37 110.25
C SER I 1006 -29.23 103.05 109.38
N TYR I 1007 -29.35 102.59 108.14
CA TYR I 1007 -30.22 103.23 107.16
C TYR I 1007 -31.65 102.77 107.34
N SER I 1008 -32.58 103.69 107.10
CA SER I 1008 -33.95 103.35 106.75
C SER I 1008 -34.45 104.41 105.78
N ALA I 1009 -35.55 104.11 105.10
CA ALA I 1009 -36.16 105.12 104.25
C ALA I 1009 -36.82 106.22 105.07
N VAL I 1010 -37.47 105.84 106.17
CA VAL I 1010 -38.00 106.82 107.10
C VAL I 1010 -36.86 107.35 107.96
N GLN I 1011 -37.09 108.49 108.58
CA GLN I 1011 -36.08 109.17 109.40
C GLN I 1011 -36.46 108.97 110.87
N ASP I 1012 -35.78 108.04 111.53
CA ASP I 1012 -36.01 107.75 112.95
C ASP I 1012 -34.73 108.08 113.70
N ILE I 1013 -34.67 109.29 114.24
CA ILE I 1013 -33.46 109.77 114.94
C ILE I 1013 -33.19 109.02 116.25
N PRO I 1014 -34.17 108.83 117.17
CA PRO I 1014 -33.85 108.00 118.34
C PRO I 1014 -33.68 106.52 118.02
N ALA I 1015 -34.29 106.03 116.94
CA ALA I 1015 -34.07 104.66 116.50
C ALA I 1015 -32.91 104.56 115.52
N ARG I 1016 -32.06 105.59 115.44
CA ARG I 1016 -30.79 105.60 114.71
C ARG I 1016 -30.99 105.37 113.22
N ARG I 1017 -31.90 106.12 112.61
CA ARG I 1017 -32.15 106.04 111.18
C ARG I 1017 -31.98 107.43 110.57
N ASN I 1018 -31.12 107.52 109.56
CA ASN I 1018 -30.94 108.74 108.81
C ASN I 1018 -31.02 108.34 107.33
N PRO I 1019 -31.87 109.00 106.55
CA PRO I 1019 -32.10 108.55 105.16
C PRO I 1019 -30.97 108.84 104.19
N ARG I 1020 -29.81 109.29 104.64
CA ARG I 1020 -28.65 109.47 103.77
C ARG I 1020 -27.49 108.57 104.21
N LEU I 1021 -27.78 107.54 104.99
CA LEU I 1021 -26.76 106.65 105.53
C LEU I 1021 -26.35 105.57 104.53
N VAL I 1022 -25.96 105.98 103.33
CA VAL I 1022 -25.46 105.09 102.30
C VAL I 1022 -24.17 105.68 101.79
N PRO I 1023 -23.35 104.90 101.09
CA PRO I 1023 -22.26 105.49 100.30
C PRO I 1023 -22.78 106.40 99.21
N TYR I 1024 -21.87 107.23 98.70
CA TYR I 1024 -22.24 108.44 97.98
C TYR I 1024 -22.89 108.16 96.64
N ARG I 1025 -22.48 107.08 95.96
CA ARG I 1025 -23.11 106.75 94.69
C ARG I 1025 -24.50 106.15 94.89
N LEU I 1026 -24.82 105.65 96.08
CA LEU I 1026 -26.16 105.18 96.40
C LEU I 1026 -27.07 106.31 96.82
N LEU I 1027 -26.50 107.45 97.20
CA LEU I 1027 -27.26 108.66 97.50
C LEU I 1027 -27.94 109.16 96.24
N ASP I 1028 -29.15 109.67 96.40
CA ASP I 1028 -29.86 110.26 95.27
C ASP I 1028 -29.20 111.59 94.89
N GLU I 1029 -29.54 112.07 93.68
CA GLU I 1029 -28.86 113.20 93.07
C GLU I 1029 -29.06 114.51 93.82
N ALA I 1030 -30.16 114.66 94.55
CA ALA I 1030 -30.48 115.92 95.20
C ALA I 1030 -29.51 116.23 96.32
N THR I 1031 -29.31 115.27 97.23
CA THR I 1031 -28.31 115.44 98.27
C THR I 1031 -26.90 115.32 97.69
N LYS I 1032 -26.76 114.58 96.59
CA LYS I 1032 -25.48 114.52 95.88
C LYS I 1032 -25.10 115.87 95.30
N ARG I 1033 -26.08 116.60 94.76
CA ARG I 1033 -25.81 117.94 94.30
C ARG I 1033 -25.61 118.90 95.46
N SER I 1034 -26.29 118.63 96.59
CA SER I 1034 -26.28 119.56 97.73
C SER I 1034 -24.91 119.67 98.38
N ASN I 1035 -24.24 118.54 98.58
CA ASN I 1035 -22.86 118.60 99.04
C ASN I 1035 -21.91 119.03 97.94
N ARG I 1036 -22.29 118.84 96.67
CA ARG I 1036 -21.45 119.27 95.57
C ARG I 1036 -21.42 120.79 95.42
N ASP I 1037 -22.58 121.45 95.46
CA ASP I 1037 -22.58 122.91 95.44
C ASP I 1037 -22.00 123.51 96.72
N SER I 1038 -22.07 122.77 97.82
CA SER I 1038 -21.38 123.15 99.04
C SER I 1038 -19.87 123.22 98.86
N LEU I 1039 -19.29 122.23 98.17
CA LEU I 1039 -17.84 122.17 98.05
C LEU I 1039 -17.32 122.92 96.84
N CYS I 1040 -18.19 123.29 95.88
CA CYS I 1040 -17.79 124.15 94.79
C CYS I 1040 -17.48 125.58 95.23
N GLN I 1041 -17.96 125.98 96.41
CA GLN I 1041 -17.67 127.32 96.91
C GLN I 1041 -16.20 127.46 97.30
N ALA I 1042 -15.65 126.44 97.95
CA ALA I 1042 -14.28 126.51 98.45
C ALA I 1042 -13.23 126.34 97.37
N VAL I 1043 -13.62 125.91 96.16
CA VAL I 1043 -12.64 125.62 95.12
C VAL I 1043 -12.18 126.89 94.44
N ARG I 1044 -13.10 127.63 93.82
CA ARG I 1044 -12.73 128.77 93.00
C ARG I 1044 -12.32 129.98 93.82
N THR I 1045 -12.72 130.04 95.10
CA THR I 1045 -12.17 131.07 95.99
C THR I 1045 -10.73 130.75 96.36
N LEU I 1046 -10.40 129.46 96.51
CA LEU I 1046 -9.01 129.07 96.69
C LEU I 1046 -8.25 129.18 95.38
N LEU I 1047 -8.94 128.99 94.25
CA LEU I 1047 -8.38 129.41 92.97
C LEU I 1047 -8.34 130.92 92.86
N GLY I 1048 -9.28 131.62 93.50
CA GLY I 1048 -9.20 133.06 93.62
C GLY I 1048 -8.21 133.53 94.68
N TYR I 1049 -7.77 132.62 95.53
CA TYR I 1049 -6.63 132.87 96.42
C TYR I 1049 -5.30 132.59 95.74
N GLY I 1050 -5.33 132.22 94.45
CA GLY I 1050 -4.13 132.05 93.66
C GLY I 1050 -3.60 130.65 93.57
N TYR I 1051 -4.16 129.70 94.33
CA TYR I 1051 -3.62 128.37 94.41
C TYR I 1051 -4.15 127.50 93.27
N ASN I 1052 -3.25 126.84 92.57
CA ASN I 1052 -3.57 126.00 91.43
C ASN I 1052 -3.68 124.54 91.84
N ILE I 1053 -4.39 123.75 91.03
CA ILE I 1053 -4.69 122.35 91.33
C ILE I 1053 -4.23 121.50 90.16
N GLU I 1054 -3.31 120.57 90.42
CA GLU I 1054 -2.97 119.62 89.38
C GLU I 1054 -3.92 118.43 89.40
N PRO I 1055 -4.04 117.68 88.30
CA PRO I 1055 -4.96 116.55 88.31
C PRO I 1055 -4.26 115.19 88.31
N ASP I 1070 -20.98 89.44 86.03
CA ASP I 1070 -20.90 88.02 85.69
C ASP I 1070 -20.19 87.83 84.36
N ARG I 1071 -20.81 87.03 83.49
CA ARG I 1071 -20.28 86.76 82.17
C ARG I 1071 -21.28 87.28 81.14
N VAL I 1072 -21.05 86.93 79.89
CA VAL I 1072 -21.87 87.39 78.76
C VAL I 1072 -22.72 86.22 78.27
N ARG I 1073 -24.00 86.47 78.04
CA ARG I 1073 -24.89 85.43 77.55
C ARG I 1073 -24.82 85.35 76.03
N ILE I 1074 -24.88 84.13 75.52
CA ILE I 1074 -24.80 83.87 74.09
C ILE I 1074 -26.11 83.24 73.66
N PHE I 1075 -26.68 83.75 72.57
CA PHE I 1075 -28.00 83.36 72.12
C PHE I 1075 -27.85 82.83 70.71
N ARG I 1076 -28.53 81.73 70.38
CA ARG I 1076 -28.54 81.22 69.03
C ARG I 1076 -29.80 80.41 68.77
N ALA I 1077 -29.91 79.92 67.55
CA ALA I 1077 -31.00 79.04 67.17
C ALA I 1077 -30.52 77.59 67.24
N GLU I 1078 -31.48 76.67 67.20
CA GLU I 1078 -31.21 75.24 67.38
C GLU I 1078 -30.41 74.70 66.20
N LYS I 1079 -29.64 73.65 66.47
CA LYS I 1079 -28.68 73.15 65.50
C LYS I 1079 -29.32 72.43 64.33
N SER I 1080 -30.62 72.19 64.36
CA SER I 1080 -31.32 71.73 63.18
C SER I 1080 -31.39 72.77 62.09
N TYR I 1081 -31.45 74.05 62.46
CA TYR I 1081 -31.81 75.12 61.54
C TYR I 1081 -30.64 75.66 60.75
N THR I 1082 -29.56 74.90 60.62
CA THR I 1082 -28.39 75.36 59.91
C THR I 1082 -28.66 75.52 58.42
N VAL I 1083 -27.90 76.39 57.78
CA VAL I 1083 -28.04 76.63 56.35
C VAL I 1083 -26.77 76.19 55.64
N GLN I 1084 -26.93 75.78 54.40
CA GLN I 1084 -25.81 75.35 53.58
C GLN I 1084 -25.73 76.05 52.24
N SER I 1085 -26.75 76.81 51.86
CA SER I 1085 -26.80 77.40 50.54
C SER I 1085 -27.75 78.60 50.57
N GLY I 1086 -27.94 79.19 49.40
CA GLY I 1086 -28.85 80.30 49.28
C GLY I 1086 -28.32 81.58 49.89
N ARG I 1087 -29.21 82.55 49.99
CA ARG I 1087 -28.89 83.84 50.60
C ARG I 1087 -29.98 84.14 51.62
N TRP I 1088 -29.56 84.59 52.80
CA TRP I 1088 -30.48 84.67 53.92
C TRP I 1088 -30.31 86.01 54.61
N TYR I 1089 -31.23 86.29 55.54
CA TYR I 1089 -31.33 87.60 56.16
C TYR I 1089 -32.17 87.52 57.41
N PHE I 1090 -31.88 88.40 58.37
CA PHE I 1090 -32.77 88.65 59.50
C PHE I 1090 -32.57 90.09 59.95
N GLU I 1091 -33.15 90.41 61.10
CA GLU I 1091 -33.06 91.75 61.66
C GLU I 1091 -32.87 91.65 63.16
N PHE I 1092 -32.45 92.76 63.77
CA PHE I 1092 -32.16 92.79 65.19
C PHE I 1092 -32.25 94.22 65.70
N GLU I 1093 -33.27 94.51 66.49
CA GLU I 1093 -33.37 95.80 67.15
C GLU I 1093 -32.53 95.79 68.41
N ALA I 1094 -31.87 96.90 68.68
CA ALA I 1094 -31.03 97.09 69.85
C ALA I 1094 -31.64 98.23 70.65
N VAL I 1095 -32.16 97.93 71.83
CA VAL I 1095 -32.92 98.96 72.54
C VAL I 1095 -31.98 99.88 73.31
N THR I 1096 -31.19 99.35 74.23
CA THR I 1096 -30.24 100.14 74.99
C THR I 1096 -28.84 99.72 74.57
N THR I 1097 -28.09 100.64 73.97
CA THR I 1097 -26.80 100.29 73.41
C THR I 1097 -25.77 100.04 74.49
N GLY I 1098 -24.59 99.62 74.05
CA GLY I 1098 -23.55 99.16 74.95
C GLY I 1098 -22.87 97.95 74.34
N GLU I 1099 -22.50 97.02 75.21
CA GLU I 1099 -21.80 95.81 74.77
C GLU I 1099 -22.84 94.80 74.31
N MET I 1100 -22.99 94.68 73.00
CA MET I 1100 -23.75 93.61 72.37
C MET I 1100 -22.98 93.15 71.13
N ARG I 1101 -23.37 92.01 70.60
CA ARG I 1101 -22.68 91.40 69.47
C ARG I 1101 -23.67 90.56 68.69
N VAL I 1102 -23.76 90.78 67.38
CA VAL I 1102 -24.62 89.95 66.54
C VAL I 1102 -23.86 89.58 65.28
N GLY I 1103 -24.20 88.42 64.72
CA GLY I 1103 -23.55 87.96 63.51
C GLY I 1103 -23.97 86.55 63.13
N TRP I 1104 -23.01 85.78 62.65
CA TRP I 1104 -23.24 84.41 62.20
C TRP I 1104 -22.17 83.51 62.78
N ALA I 1105 -22.54 82.26 63.10
CA ALA I 1105 -21.61 81.35 63.75
C ALA I 1105 -21.70 79.97 63.15
N ARG I 1106 -20.60 79.25 63.25
CA ARG I 1106 -20.49 77.83 62.98
C ARG I 1106 -21.35 77.05 63.97
N PRO I 1107 -21.84 75.87 63.60
CA PRO I 1107 -22.75 75.15 64.50
C PRO I 1107 -22.08 74.60 65.73
N GLU I 1108 -20.83 74.17 65.64
CA GLU I 1108 -20.14 73.59 66.80
C GLU I 1108 -19.53 74.67 67.69
N LEU I 1109 -20.36 75.60 68.15
CA LEU I 1109 -19.88 76.75 68.88
C LEU I 1109 -19.77 76.45 70.37
N ARG I 1110 -18.59 76.64 70.91
CA ARG I 1110 -18.26 76.53 72.32
C ARG I 1110 -18.85 77.72 73.09
N PRO I 1111 -19.51 77.47 74.23
CA PRO I 1111 -20.09 78.60 74.98
C PRO I 1111 -19.14 79.23 75.97
N ASP I 1112 -17.88 78.78 76.03
CA ASP I 1112 -16.95 79.34 77.00
C ASP I 1112 -16.31 80.62 76.46
N VAL I 1113 -16.08 80.66 75.16
CA VAL I 1113 -15.24 81.70 74.56
C VAL I 1113 -16.05 82.97 74.37
N GLU I 1114 -15.36 84.10 74.29
CA GLU I 1114 -15.95 85.34 73.84
C GLU I 1114 -16.37 85.18 72.38
N LEU I 1115 -17.55 85.71 72.05
CA LEU I 1115 -18.16 85.50 70.73
C LEU I 1115 -17.33 86.16 69.65
N GLY I 1116 -16.65 85.36 68.85
CA GLY I 1116 -15.83 85.84 67.75
C GLY I 1116 -14.35 85.74 67.99
N ALA I 1117 -13.90 85.41 69.19
CA ALA I 1117 -12.49 85.30 69.46
C ALA I 1117 -11.85 84.09 68.81
N ASP I 1118 -12.59 83.01 68.63
CA ASP I 1118 -12.11 81.82 67.96
C ASP I 1118 -12.58 81.84 66.52
N GLU I 1119 -12.28 80.76 65.80
CA GLU I 1119 -12.58 80.67 64.38
C GLU I 1119 -13.98 80.13 64.09
N LEU I 1120 -14.90 80.27 65.03
CA LEU I 1120 -16.22 79.69 64.88
C LEU I 1120 -17.32 80.71 64.68
N ALA I 1121 -16.99 82.00 64.71
CA ALA I 1121 -18.02 83.02 64.63
C ALA I 1121 -17.58 84.12 63.69
N TYR I 1122 -18.56 84.81 63.11
CA TYR I 1122 -18.36 86.06 62.39
C TYR I 1122 -19.41 87.00 62.93
N VAL I 1123 -18.97 88.08 63.56
CA VAL I 1123 -19.86 88.87 64.40
C VAL I 1123 -19.39 90.32 64.48
N PHE I 1124 -20.33 91.22 64.21
CA PHE I 1124 -20.10 92.66 64.29
C PHE I 1124 -20.35 93.11 65.72
N ASN I 1125 -19.60 94.12 66.16
CA ASN I 1125 -19.79 94.74 67.47
C ASN I 1125 -20.29 96.16 67.32
N GLY I 1126 -21.40 96.44 68.00
CA GLY I 1126 -22.08 97.73 67.92
C GLY I 1126 -21.70 98.72 69.00
N HIS I 1127 -20.73 98.38 69.86
CA HIS I 1127 -20.35 99.36 70.88
C HIS I 1127 -19.42 100.40 70.32
N ARG I 1128 -18.35 99.97 69.65
CA ARG I 1128 -17.39 100.87 69.06
C ARG I 1128 -17.30 100.74 67.55
N GLY I 1129 -18.17 99.93 66.95
CA GLY I 1129 -18.18 99.80 65.51
C GLY I 1129 -17.02 99.01 64.95
N GLN I 1130 -16.95 97.72 65.26
CA GLN I 1130 -15.87 96.90 64.74
C GLN I 1130 -16.36 95.47 64.56
N ARG I 1131 -15.73 94.76 63.63
CA ARG I 1131 -16.05 93.36 63.42
C ARG I 1131 -15.14 92.46 64.25
N TRP I 1132 -15.69 91.33 64.67
CA TRP I 1132 -14.97 90.36 65.50
C TRP I 1132 -14.88 89.06 64.72
N HIS I 1133 -13.66 88.66 64.37
CA HIS I 1133 -13.35 87.29 63.98
C HIS I 1133 -11.86 87.11 64.12
N LEU I 1134 -11.43 86.25 65.06
CA LEU I 1134 -10.02 86.01 65.39
C LEU I 1134 -9.29 87.30 65.75
N GLY I 1135 -10.00 88.22 66.38
CA GLY I 1135 -9.50 89.54 66.64
C GLY I 1135 -10.50 90.57 66.18
N SER I 1136 -10.01 91.78 65.95
CA SER I 1136 -10.91 92.89 65.65
C SER I 1136 -10.33 93.76 64.55
N GLU I 1137 -11.23 94.51 63.90
CA GLU I 1137 -10.89 95.48 62.88
C GLU I 1137 -12.07 96.45 62.84
N PRO I 1138 -11.81 97.76 62.81
CA PRO I 1138 -12.89 98.74 62.94
C PRO I 1138 -13.79 98.75 61.71
N PHE I 1139 -15.09 98.90 61.96
CA PHE I 1139 -16.08 98.66 60.92
C PHE I 1139 -17.33 99.46 61.22
N GLY I 1140 -17.49 100.59 60.53
CA GLY I 1140 -18.75 101.28 60.57
C GLY I 1140 -18.98 102.06 61.85
N ARG I 1141 -20.16 102.67 61.94
CA ARG I 1141 -20.53 103.58 62.99
C ARG I 1141 -21.04 102.81 64.21
N PRO I 1142 -20.77 103.30 65.42
CA PRO I 1142 -21.41 102.74 66.60
C PRO I 1142 -22.89 103.11 66.68
N TRP I 1143 -23.50 102.70 67.78
CA TRP I 1143 -24.95 102.60 67.87
C TRP I 1143 -25.62 103.86 68.39
N GLN I 1144 -26.95 103.83 68.29
CA GLN I 1144 -27.85 104.73 68.99
C GLN I 1144 -28.80 103.84 69.78
N SER I 1145 -29.84 104.40 70.37
CA SER I 1145 -30.80 103.62 71.14
C SER I 1145 -32.09 103.50 70.35
N GLY I 1146 -32.24 102.40 69.61
CA GLY I 1146 -33.48 102.16 68.91
C GLY I 1146 -33.30 102.00 67.41
N ASP I 1147 -32.10 101.60 67.00
CA ASP I 1147 -31.78 101.41 65.60
C ASP I 1147 -31.71 99.93 65.26
N VAL I 1148 -32.05 99.61 64.02
CA VAL I 1148 -32.14 98.25 63.53
C VAL I 1148 -30.82 97.87 62.87
N VAL I 1149 -30.23 96.76 63.33
CA VAL I 1149 -29.01 96.23 62.76
C VAL I 1149 -29.35 94.92 62.07
N GLY I 1150 -29.49 94.97 60.75
CA GLY I 1150 -29.72 93.76 59.98
C GLY I 1150 -28.43 92.99 59.82
N CYS I 1151 -28.56 91.72 59.44
CA CYS I 1151 -27.43 90.90 59.03
C CYS I 1151 -27.90 90.06 57.85
N MET I 1152 -27.01 89.79 56.92
CA MET I 1152 -27.35 88.95 55.78
C MET I 1152 -26.12 88.18 55.34
N ILE I 1153 -26.37 87.03 54.76
CA ILE I 1153 -25.32 86.14 54.28
C ILE I 1153 -25.72 85.66 52.89
N ASP I 1154 -24.73 85.39 52.05
CA ASP I 1154 -24.96 84.82 50.73
C ASP I 1154 -23.94 83.72 50.53
N LEU I 1155 -24.36 82.48 50.74
CA LEU I 1155 -23.49 81.32 50.64
C LEU I 1155 -23.03 81.04 49.22
N THR I 1156 -23.71 81.58 48.21
CA THR I 1156 -23.32 81.32 46.85
C THR I 1156 -22.04 82.07 46.46
N GLU I 1157 -21.63 83.04 47.28
CA GLU I 1157 -20.46 83.84 46.98
C GLU I 1157 -19.56 84.03 48.19
N ASN I 1158 -19.85 83.38 49.32
CA ASN I 1158 -19.04 83.37 50.54
C ASN I 1158 -18.86 84.78 51.10
N THR I 1159 -19.98 85.47 51.25
CA THR I 1159 -19.97 86.87 51.66
C THR I 1159 -20.80 87.05 52.92
N ILE I 1160 -20.44 88.06 53.70
CA ILE I 1160 -21.22 88.47 54.87
C ILE I 1160 -21.36 89.98 54.81
N ILE I 1161 -22.60 90.46 54.90
CA ILE I 1161 -22.92 91.87 54.74
C ILE I 1161 -23.69 92.32 55.96
N PHE I 1162 -23.30 93.46 56.53
CA PHE I 1162 -24.03 94.06 57.63
C PHE I 1162 -24.66 95.37 57.18
N THR I 1163 -25.96 95.51 57.42
CA THR I 1163 -26.70 96.71 57.08
C THR I 1163 -27.14 97.38 58.36
N LEU I 1164 -27.00 98.70 58.43
CA LEU I 1164 -27.47 99.48 59.58
C LEU I 1164 -28.55 100.44 59.13
N ASN I 1165 -29.74 100.30 59.72
CA ASN I 1165 -30.88 101.18 59.50
C ASN I 1165 -31.32 101.21 58.04
N GLY I 1166 -31.14 100.08 57.35
CA GLY I 1166 -31.36 100.02 55.93
C GLY I 1166 -30.19 100.47 55.08
N GLU I 1167 -29.21 101.13 55.67
CA GLU I 1167 -28.03 101.56 54.94
C GLU I 1167 -26.92 100.54 55.13
N VAL I 1168 -26.18 100.27 54.06
CA VAL I 1168 -25.16 99.23 54.09
C VAL I 1168 -23.87 99.79 54.68
N LEU I 1169 -23.35 99.12 55.70
CA LEU I 1169 -22.09 99.53 56.32
C LEU I 1169 -20.94 99.17 55.40
N MET I 1170 -19.89 100.00 55.43
CA MET I 1170 -18.70 99.78 54.65
C MET I 1170 -17.48 99.70 55.55
N SER I 1171 -16.40 99.20 54.98
CA SER I 1171 -15.15 99.04 55.70
C SER I 1171 -14.39 100.36 55.72
N ASP I 1172 -13.15 100.32 56.18
CA ASP I 1172 -12.27 101.48 56.01
C ASP I 1172 -11.87 101.65 54.55
N SER I 1173 -11.82 100.55 53.80
CA SER I 1173 -11.49 100.59 52.39
C SER I 1173 -12.69 100.88 51.50
N GLY I 1174 -13.85 101.18 52.09
CA GLY I 1174 -15.06 101.43 51.33
C GLY I 1174 -15.84 100.20 50.95
N SER I 1175 -15.27 99.01 51.12
CA SER I 1175 -15.94 97.78 50.72
C SER I 1175 -17.08 97.46 51.68
N GLU I 1176 -18.21 97.04 51.13
CA GLU I 1176 -19.36 96.69 51.95
C GLU I 1176 -19.25 95.29 52.52
N THR I 1177 -18.67 94.35 51.76
CA THR I 1177 -18.55 92.97 52.19
C THR I 1177 -17.60 92.86 53.36
N ALA I 1178 -18.15 92.57 54.52
CA ALA I 1178 -17.39 92.52 55.76
C ALA I 1178 -16.39 91.37 55.78
N PHE I 1179 -16.78 90.22 55.25
CA PHE I 1179 -15.89 89.07 55.17
C PHE I 1179 -16.12 88.36 53.83
N ARG I 1180 -15.03 88.03 53.16
CA ARG I 1180 -15.08 87.28 51.92
C ARG I 1180 -14.32 85.98 52.09
N GLU I 1181 -14.55 85.07 51.13
CA GLU I 1181 -13.80 83.81 50.98
C GLU I 1181 -13.94 82.92 52.21
N ILE I 1182 -15.10 82.94 52.84
CA ILE I 1182 -15.37 82.07 53.96
C ILE I 1182 -15.72 80.69 53.45
N GLU I 1183 -15.14 79.66 54.06
CA GLU I 1183 -15.49 78.30 53.72
C GLU I 1183 -16.88 77.99 54.22
N ILE I 1184 -17.63 77.25 53.40
CA ILE I 1184 -19.01 76.91 53.73
C ILE I 1184 -19.01 75.92 54.88
N GLY I 1185 -18.41 74.75 54.66
CA GLY I 1185 -18.27 73.76 55.69
C GLY I 1185 -19.57 73.16 56.13
N ASP I 1186 -19.72 72.93 57.43
CA ASP I 1186 -20.93 72.35 57.98
C ASP I 1186 -22.10 73.32 57.99
N GLY I 1187 -21.85 74.61 57.92
CA GLY I 1187 -22.93 75.57 57.77
C GLY I 1187 -22.82 76.73 58.75
N PHE I 1188 -23.90 77.50 58.79
CA PHE I 1188 -24.00 78.66 59.67
C PHE I 1188 -25.42 78.75 60.22
N LEU I 1189 -25.57 79.56 61.26
CA LEU I 1189 -26.85 79.77 61.92
C LEU I 1189 -26.73 81.04 62.73
N PRO I 1190 -27.81 81.82 62.87
CA PRO I 1190 -27.68 83.16 63.43
C PRO I 1190 -27.41 83.13 64.91
N VAL I 1191 -26.73 84.15 65.40
CA VAL I 1191 -26.24 84.18 66.77
C VAL I 1191 -26.28 85.61 67.27
N CYS I 1192 -26.63 85.77 68.55
CA CYS I 1192 -26.61 87.08 69.19
C CYS I 1192 -25.76 86.98 70.44
N SER I 1193 -25.57 88.11 71.11
CA SER I 1193 -24.82 88.15 72.36
C SER I 1193 -25.18 89.42 73.14
N LEU I 1194 -25.54 89.25 74.40
CA LEU I 1194 -25.97 90.36 75.21
C LEU I 1194 -25.05 90.50 76.41
N GLY I 1195 -24.51 91.70 76.59
CA GLY I 1195 -23.75 92.03 77.77
C GLY I 1195 -24.66 92.33 78.93
N PRO I 1196 -24.08 92.76 80.05
CA PRO I 1196 -24.90 93.01 81.25
C PRO I 1196 -25.73 94.27 81.07
N GLY I 1197 -27.00 94.20 81.47
CA GLY I 1197 -27.90 95.31 81.36
C GLY I 1197 -28.54 95.50 80.00
N GLN I 1198 -27.91 95.05 78.93
CA GLN I 1198 -28.36 95.30 77.57
C GLN I 1198 -29.65 94.56 77.26
N VAL I 1199 -30.54 95.26 76.57
CA VAL I 1199 -31.85 94.72 76.22
C VAL I 1199 -32.01 94.88 74.71
N GLY I 1200 -32.40 93.81 74.03
CA GLY I 1200 -32.67 93.90 72.62
C GLY I 1200 -33.35 92.66 72.08
N HIS I 1201 -34.39 92.82 71.27
CA HIS I 1201 -35.09 91.67 70.76
C HIS I 1201 -34.59 91.30 69.38
N LEU I 1202 -34.82 90.06 69.00
CA LEU I 1202 -34.23 89.46 67.83
C LEU I 1202 -35.36 89.01 66.91
N ASN I 1203 -35.70 89.86 65.95
CA ASN I 1203 -36.71 89.50 64.95
C ASN I 1203 -36.06 88.56 63.95
N LEU I 1204 -36.29 87.26 64.11
CA LEU I 1204 -35.73 86.28 63.20
C LEU I 1204 -36.47 86.22 61.88
N GLY I 1205 -37.61 86.89 61.77
CA GLY I 1205 -38.29 87.02 60.50
C GLY I 1205 -39.33 85.96 60.23
N GLN I 1206 -40.28 85.78 61.14
CA GLN I 1206 -41.40 84.93 60.81
C GLN I 1206 -42.39 85.64 59.92
N ASP I 1207 -42.92 86.77 60.37
CA ASP I 1207 -43.81 87.60 59.58
C ASP I 1207 -42.99 88.61 58.81
N VAL I 1208 -43.17 88.63 57.48
CA VAL I 1208 -42.38 89.50 56.63
C VAL I 1208 -42.73 90.95 56.86
N SER I 1209 -44.02 91.23 57.08
CA SER I 1209 -44.45 92.60 57.37
C SER I 1209 -44.00 93.05 58.74
N SER I 1210 -43.71 92.12 59.66
CA SER I 1210 -43.17 92.50 60.96
C SER I 1210 -41.75 93.04 60.87
N LEU I 1211 -41.03 92.72 59.80
CA LEU I 1211 -39.72 93.33 59.58
C LEU I 1211 -39.90 94.79 59.16
N ARG I 1212 -38.84 95.57 59.28
CA ARG I 1212 -38.96 97.00 59.01
C ARG I 1212 -38.13 97.41 57.80
N PHE I 1213 -36.85 97.11 57.81
CA PHE I 1213 -35.93 97.66 56.82
C PHE I 1213 -35.53 96.63 55.78
N PHE I 1214 -36.24 95.50 55.76
CA PHE I 1214 -35.96 94.46 54.78
C PHE I 1214 -36.37 94.91 53.38
N ALA I 1215 -37.47 95.64 53.28
CA ALA I 1215 -37.90 96.18 52.01
C ALA I 1215 -36.96 97.24 51.46
N ILE I 1216 -36.27 97.95 52.35
CA ILE I 1216 -35.31 98.97 51.91
C ILE I 1216 -34.10 98.30 51.27
N CYS I 1217 -33.53 97.32 51.96
CA CYS I 1217 -32.39 96.60 51.42
C CYS I 1217 -32.51 95.13 51.81
N GLY I 1218 -32.20 94.24 50.89
CA GLY I 1218 -32.33 92.82 51.09
C GLY I 1218 -33.46 92.17 50.32
N LEU I 1219 -34.57 92.89 50.12
CA LEU I 1219 -35.73 92.36 49.42
C LEU I 1219 -35.46 92.14 47.95
N GLN I 1220 -35.14 93.20 47.22
CA GLN I 1220 -34.95 93.07 45.78
C GLN I 1220 -33.55 92.61 45.44
N GLU I 1221 -32.66 92.53 46.42
CA GLU I 1221 -31.37 91.90 46.19
C GLU I 1221 -31.51 90.41 45.94
N GLY I 1222 -32.41 89.75 46.66
CA GLY I 1222 -32.63 88.31 46.53
C GLY I 1222 -32.64 87.56 47.84
N PHE I 1223 -32.37 88.24 48.95
CA PHE I 1223 -32.26 87.56 50.23
C PHE I 1223 -33.63 87.20 50.77
N GLU I 1224 -33.81 85.94 51.12
CA GLU I 1224 -35.01 85.56 51.81
C GLU I 1224 -34.80 85.69 53.32
N PRO I 1225 -35.84 85.95 54.10
CA PRO I 1225 -35.69 85.93 55.56
C PRO I 1225 -35.53 84.51 56.06
N PHE I 1226 -35.33 84.39 57.36
CA PHE I 1226 -35.00 83.08 57.93
C PHE I 1226 -36.23 82.22 58.10
N ALA I 1227 -37.20 82.69 58.87
CA ALA I 1227 -38.42 81.93 59.12
C ALA I 1227 -39.51 82.32 58.11
N ILE I 1228 -39.21 82.09 56.83
CA ILE I 1228 -40.12 82.54 55.80
C ILE I 1228 -41.34 81.64 55.69
N ASN I 1229 -41.14 80.32 55.74
CA ASN I 1229 -42.26 79.37 55.74
C ASN I 1229 -42.06 78.41 56.90
N MET I 1230 -42.48 78.84 58.08
CA MET I 1230 -42.43 78.03 59.28
C MET I 1230 -43.62 78.41 60.15
N GLN I 1231 -44.54 77.48 60.33
CA GLN I 1231 -45.73 77.77 61.10
C GLN I 1231 -45.47 77.78 62.60
N ARG I 1232 -44.29 77.35 63.03
CA ARG I 1232 -43.89 77.40 64.43
C ARG I 1232 -42.64 78.24 64.56
N PRO I 1233 -42.47 78.95 65.67
CA PRO I 1233 -41.28 79.78 65.85
C PRO I 1233 -40.04 78.92 66.06
N VAL I 1234 -38.89 79.48 65.70
CA VAL I 1234 -37.63 78.76 65.82
C VAL I 1234 -37.21 78.71 67.28
N THR I 1235 -36.93 77.51 67.77
CA THR I 1235 -36.52 77.35 69.16
C THR I 1235 -35.12 77.91 69.36
N THR I 1236 -34.91 78.55 70.51
CA THR I 1236 -33.67 79.26 70.77
C THR I 1236 -32.91 78.59 71.90
N TRP I 1237 -31.59 78.57 71.78
CA TRP I 1237 -30.72 77.94 72.77
C TRP I 1237 -29.84 78.99 73.40
N PHE I 1238 -29.95 79.16 74.71
CA PHE I 1238 -29.10 80.11 75.39
C PHE I 1238 -28.05 79.38 76.22
N SER I 1239 -26.95 80.08 76.48
CA SER I 1239 -25.89 79.56 77.33
C SER I 1239 -26.21 79.85 78.78
N LYS I 1240 -26.15 78.82 79.60
CA LYS I 1240 -26.42 78.93 81.02
C LYS I 1240 -25.25 79.59 81.74
N SER I 1241 -25.44 79.79 83.04
CA SER I 1241 -24.37 80.21 83.92
C SER I 1241 -24.06 79.18 84.98
N LEU I 1242 -24.96 78.22 85.18
CA LEU I 1242 -24.80 77.21 86.22
C LEU I 1242 -23.76 76.20 85.76
N PRO I 1243 -22.66 76.03 86.47
CA PRO I 1243 -21.67 75.03 86.06
C PRO I 1243 -22.17 73.64 86.38
N GLN I 1244 -21.93 72.72 85.45
CA GLN I 1244 -22.31 71.33 85.64
C GLN I 1244 -21.11 70.46 85.30
N PHE I 1245 -21.14 69.23 85.81
CA PHE I 1245 -20.02 68.34 85.58
C PHE I 1245 -20.10 67.74 84.19
N GLU I 1246 -18.94 67.31 83.69
CA GLU I 1246 -18.80 66.75 82.36
C GLU I 1246 -17.51 65.97 82.32
N PRO I 1247 -17.43 64.89 81.54
CA PRO I 1247 -16.20 64.13 81.46
C PRO I 1247 -15.14 64.92 80.72
N VAL I 1248 -13.90 64.66 81.09
CA VAL I 1248 -12.77 65.41 80.51
C VAL I 1248 -12.51 64.90 79.09
N PRO I 1249 -12.41 65.78 78.10
CA PRO I 1249 -12.15 65.31 76.74
C PRO I 1249 -10.73 64.82 76.61
N PRO I 1250 -10.51 63.73 75.87
CA PRO I 1250 -9.15 63.19 75.76
C PRO I 1250 -8.23 64.06 74.94
N GLU I 1251 -8.78 64.89 74.06
CA GLU I 1251 -8.00 65.89 73.35
C GLU I 1251 -8.06 67.23 74.09
N HIS I 1252 -7.75 67.19 75.37
CA HIS I 1252 -7.70 68.45 76.09
C HIS I 1252 -6.28 68.98 76.07
N PRO I 1253 -6.07 70.28 75.83
CA PRO I 1253 -4.70 70.77 75.63
C PRO I 1253 -3.87 70.85 76.89
N HIS I 1254 -4.48 70.84 78.07
CA HIS I 1254 -3.71 71.02 79.30
C HIS I 1254 -3.80 69.81 80.22
N TYR I 1255 -4.99 69.23 80.34
CA TYR I 1255 -5.23 68.17 81.30
C TYR I 1255 -5.31 66.85 80.56
N GLU I 1256 -4.86 65.79 81.21
CA GLU I 1256 -5.00 64.45 80.66
C GLU I 1256 -4.98 63.46 81.80
N VAL I 1257 -5.70 62.36 81.62
CA VAL I 1257 -5.81 61.32 82.63
C VAL I 1257 -5.28 60.02 82.06
N ALA I 1258 -5.09 59.05 82.94
CA ALA I 1258 -4.59 57.75 82.52
C ALA I 1258 -5.00 56.73 83.57
N ARG I 1259 -5.91 55.84 83.20
CA ARG I 1259 -6.36 54.78 84.09
C ARG I 1259 -5.33 53.68 84.05
N MET I 1260 -4.55 53.55 85.11
CA MET I 1260 -3.47 52.58 85.15
C MET I 1260 -3.96 51.26 85.73
N ASP I 1261 -3.30 50.18 85.33
CA ASP I 1261 -3.68 48.82 85.71
C ASP I 1261 -3.40 48.58 87.19
N GLY I 1262 -4.16 47.64 87.77
CA GLY I 1262 -3.97 47.25 89.15
C GLY I 1262 -3.08 46.03 89.25
N THR I 1263 -2.02 46.15 90.02
CA THR I 1263 -1.03 45.10 90.15
C THR I 1263 -1.20 44.36 91.47
N VAL I 1264 -0.25 43.48 91.78
CA VAL I 1264 -0.21 42.89 93.12
C VAL I 1264 0.32 43.91 94.13
N ASP I 1265 1.10 44.88 93.68
CA ASP I 1265 1.62 45.93 94.55
C ASP I 1265 0.77 47.19 94.52
N THR I 1266 -0.06 47.35 93.51
CA THR I 1266 -0.80 48.58 93.33
C THR I 1266 -2.26 48.29 93.04
N PRO I 1267 -3.20 49.00 93.64
CA PRO I 1267 -4.61 48.87 93.25
C PRO I 1267 -4.86 49.42 91.87
N PRO I 1268 -6.01 49.12 91.27
CA PRO I 1268 -6.41 49.85 90.05
C PRO I 1268 -6.53 51.34 90.34
N CYS I 1269 -5.97 52.14 89.46
CA CYS I 1269 -5.76 53.55 89.76
C CYS I 1269 -5.78 54.38 88.50
N LEU I 1270 -6.04 55.67 88.68
CA LEU I 1270 -6.07 56.64 87.61
C LEU I 1270 -5.51 57.96 88.10
N ARG I 1271 -4.76 58.63 87.23
CA ARG I 1271 -3.98 59.80 87.59
C ARG I 1271 -4.42 61.00 86.80
N LEU I 1272 -3.88 62.16 87.18
CA LEU I 1272 -4.07 63.40 86.44
C LEU I 1272 -2.74 64.11 86.34
N ALA I 1273 -2.19 64.18 85.13
CA ALA I 1273 -0.90 64.81 84.90
C ALA I 1273 -1.09 66.02 84.02
N HIS I 1274 -0.42 67.11 84.36
CA HIS I 1274 -0.49 68.32 83.56
C HIS I 1274 0.33 68.14 82.29
N ARG I 1275 -0.25 68.51 81.16
CA ARG I 1275 0.49 68.43 79.90
C ARG I 1275 1.52 69.53 79.80
N THR I 1276 1.05 70.78 79.83
CA THR I 1276 1.90 71.95 79.62
C THR I 1276 2.19 72.57 80.96
N TRP I 1277 3.15 71.99 81.68
CA TRP I 1277 3.59 72.63 82.91
C TRP I 1277 4.84 73.47 82.70
N GLY I 1278 5.48 73.35 81.55
CA GLY I 1278 6.61 74.18 81.23
C GLY I 1278 6.20 75.56 80.75
N SER I 1279 6.81 76.04 79.68
CA SER I 1279 6.46 77.33 79.12
C SER I 1279 5.38 77.17 78.06
N GLN I 1280 5.18 78.23 77.26
CA GLN I 1280 4.26 78.28 76.14
C GLN I 1280 2.81 78.06 76.59
N ASN I 1281 2.32 79.08 77.32
CA ASN I 1281 0.92 79.23 77.72
C ASN I 1281 0.48 78.11 78.67
N SER I 1282 1.26 77.96 79.73
CA SER I 1282 0.93 77.01 80.78
C SER I 1282 -0.22 77.57 81.59
N LEU I 1283 -1.42 77.04 81.37
CA LEU I 1283 -2.62 77.47 82.08
C LEU I 1283 -2.68 76.71 83.40
N VAL I 1284 -3.02 77.40 84.47
CA VAL I 1284 -3.16 76.80 85.78
C VAL I 1284 -4.23 77.57 86.56
N GLU I 1285 -5.23 76.83 87.04
CA GLU I 1285 -6.26 77.36 87.91
C GLU I 1285 -6.89 76.18 88.64
N MET I 1286 -7.63 76.49 89.70
CA MET I 1286 -8.10 75.44 90.59
C MET I 1286 -9.25 74.68 89.95
N LEU I 1287 -8.97 73.45 89.51
CA LEU I 1287 -9.96 72.61 88.85
C LEU I 1287 -10.53 71.63 89.87
N PHE I 1288 -11.72 71.15 89.58
CA PHE I 1288 -12.50 70.36 90.53
C PHE I 1288 -12.79 69.00 89.91
N LEU I 1289 -12.29 67.94 90.53
CA LEU I 1289 -12.47 66.60 90.03
C LEU I 1289 -13.55 65.87 90.82
N ARG I 1290 -14.59 65.43 90.11
CA ARG I 1290 -15.61 64.58 90.69
C ARG I 1290 -15.57 63.25 89.95
N LEU I 1291 -15.82 62.17 90.68
CA LEU I 1291 -15.96 60.92 89.96
C LEU I 1291 -17.37 60.78 89.41
N SER I 1292 -17.60 59.66 88.74
CA SER I 1292 -18.81 59.52 87.92
C SER I 1292 -19.88 58.69 88.58
N LEU I 1293 -19.56 57.95 89.61
CA LEU I 1293 -20.62 57.14 90.17
C LEU I 1293 -20.81 57.50 91.64
N PRO I 1294 -22.04 57.63 92.10
CA PRO I 1294 -22.29 57.94 93.50
C PRO I 1294 -22.27 56.68 94.35
N VAL I 1295 -22.15 56.89 95.65
CA VAL I 1295 -22.44 55.87 96.64
C VAL I 1295 -23.75 56.27 97.30
N GLN I 1296 -24.46 55.27 97.83
CA GLN I 1296 -25.80 55.50 98.32
C GLN I 1296 -25.87 55.10 99.78
N PHE I 1297 -26.30 56.02 100.63
CA PHE I 1297 -26.53 55.66 102.02
C PHE I 1297 -27.87 54.95 102.16
N HIS I 1298 -27.92 54.00 103.10
CA HIS I 1298 -29.07 53.12 103.23
C HIS I 1298 -30.29 53.86 103.72
N GLN I 1299 -31.44 53.22 103.57
CA GLN I 1299 -32.72 53.87 103.79
C GLN I 1299 -32.98 54.18 105.25
N HIS I 1300 -32.67 53.24 106.13
CA HIS I 1300 -32.76 53.46 107.57
C HIS I 1300 -31.41 53.13 108.18
N PHE I 1301 -31.03 53.87 109.21
CA PHE I 1301 -29.73 53.63 109.80
C PHE I 1301 -29.78 52.45 110.77
N ARG I 1302 -28.61 52.07 111.26
CA ARG I 1302 -28.50 50.95 112.18
C ARG I 1302 -29.12 51.28 113.53
N CYS I 1303 -29.00 52.55 113.95
CA CYS I 1303 -29.57 53.11 115.18
C CYS I 1303 -29.12 52.37 116.44
N ASP I 1422 -8.05 39.69 105.87
CA ASP I 1422 -9.29 39.82 106.62
C ASP I 1422 -9.95 38.49 106.86
N ASP I 1423 -10.80 38.44 107.88
CA ASP I 1423 -11.63 37.27 108.07
C ASP I 1423 -12.77 37.28 107.06
N PRO I 1424 -13.14 36.11 106.53
CA PRO I 1424 -14.30 36.05 105.63
C PRO I 1424 -15.63 36.32 106.32
N GLU I 1425 -15.68 36.29 107.65
CA GLU I 1425 -16.90 36.67 108.34
C GLU I 1425 -17.09 38.17 108.35
N ILE I 1426 -16.05 38.92 108.72
CA ILE I 1426 -16.18 40.37 108.85
C ILE I 1426 -16.28 41.05 107.50
N ILE I 1427 -15.65 40.52 106.46
CA ILE I 1427 -15.61 41.22 105.19
C ILE I 1427 -16.89 40.97 104.38
N LEU I 1428 -17.70 40.01 104.78
CA LEU I 1428 -18.95 39.76 104.06
C LEU I 1428 -20.16 40.32 104.80
N ASN I 1429 -19.93 41.06 105.89
CA ASN I 1429 -20.99 41.69 106.63
C ASN I 1429 -20.77 43.19 106.80
N THR I 1430 -19.57 43.67 106.51
CA THR I 1430 -19.19 45.05 106.76
C THR I 1430 -19.92 46.02 105.84
N THR I 1431 -20.31 47.16 106.41
CA THR I 1431 -20.78 48.30 105.63
C THR I 1431 -19.93 49.50 106.02
N THR I 1432 -18.73 49.56 105.44
CA THR I 1432 -17.85 50.71 105.48
C THR I 1432 -16.76 50.51 104.43
N TYR I 1433 -16.46 51.59 103.71
CA TYR I 1433 -15.69 51.52 102.49
C TYR I 1433 -14.53 52.48 102.51
N TYR I 1434 -13.56 52.22 101.66
CA TYR I 1434 -12.33 52.99 101.62
C TYR I 1434 -11.94 53.30 100.19
N TYR I 1435 -11.57 54.54 99.95
CA TYR I 1435 -10.84 54.91 98.74
C TYR I 1435 -9.65 55.74 99.16
N SER I 1436 -8.78 56.03 98.21
CA SER I 1436 -7.50 56.62 98.53
C SER I 1436 -7.02 57.53 97.41
N VAL I 1437 -6.42 58.64 97.79
CA VAL I 1437 -5.68 59.50 96.87
C VAL I 1437 -4.27 59.65 97.40
N ARG I 1438 -3.34 59.90 96.51
CA ARG I 1438 -1.95 60.14 96.89
C ARG I 1438 -1.46 61.38 96.18
N VAL I 1439 -1.17 62.41 96.95
CA VAL I 1439 -0.60 63.63 96.40
C VAL I 1439 0.87 63.37 96.11
N PHE I 1440 1.27 63.59 94.87
CA PHE I 1440 2.65 63.36 94.48
C PHE I 1440 3.56 64.45 95.02
N ALA I 1441 4.86 64.21 94.90
CA ALA I 1441 5.84 65.22 95.23
C ALA I 1441 5.76 66.37 94.24
N GLY I 1442 6.16 67.56 94.68
CA GLY I 1442 6.02 68.74 93.88
C GLY I 1442 4.65 69.36 93.89
N GLN I 1443 3.70 68.75 94.60
CA GLN I 1443 2.38 69.34 94.79
C GLN I 1443 2.18 69.64 96.26
N GLU I 1444 1.78 70.87 96.56
CA GLU I 1444 1.60 71.26 97.93
C GLU I 1444 0.26 70.79 98.45
N PRO I 1445 0.21 70.10 99.59
CA PRO I 1445 -1.07 69.81 100.24
C PRO I 1445 -1.80 71.03 100.77
N SER I 1446 -1.13 72.18 100.84
CA SER I 1446 -1.81 73.44 101.17
C SER I 1446 -2.86 73.80 100.12
N CYS I 1447 -2.64 73.43 98.86
CA CYS I 1447 -3.58 73.68 97.78
C CYS I 1447 -4.26 72.42 97.29
N VAL I 1448 -4.60 71.51 98.20
CA VAL I 1448 -5.27 70.26 97.86
C VAL I 1448 -6.42 70.07 98.83
N TRP I 1449 -7.61 69.80 98.30
CA TRP I 1449 -8.77 69.52 99.13
C TRP I 1449 -9.33 68.18 98.70
N VAL I 1450 -9.55 67.27 99.65
CA VAL I 1450 -9.99 65.92 99.37
C VAL I 1450 -11.22 65.63 100.19
N GLY I 1451 -12.25 65.06 99.56
CA GLY I 1451 -13.39 64.57 100.30
C GLY I 1451 -14.58 64.13 99.46
N TRP I 1452 -15.76 64.62 99.80
CA TRP I 1452 -17.01 64.13 99.22
C TRP I 1452 -17.92 65.29 98.85
N VAL I 1453 -18.71 65.09 97.81
CA VAL I 1453 -19.54 66.13 97.20
C VAL I 1453 -20.86 65.52 96.76
N THR I 1454 -21.97 66.13 97.16
CA THR I 1454 -23.31 65.79 96.73
C THR I 1454 -23.65 66.52 95.44
N PRO I 1455 -24.57 65.98 94.62
CA PRO I 1455 -24.84 66.57 93.29
C PRO I 1455 -25.28 68.03 93.26
N ASP I 1456 -25.96 68.54 94.28
CA ASP I 1456 -26.38 69.94 94.24
C ASP I 1456 -25.28 70.86 94.78
N TYR I 1457 -24.19 70.92 94.02
CA TYR I 1457 -23.03 71.75 94.36
C TYR I 1457 -22.49 72.32 93.06
N HIS I 1458 -22.54 73.64 92.92
CA HIS I 1458 -22.11 74.31 91.69
C HIS I 1458 -21.30 75.56 92.00
N GLN I 1459 -20.30 75.47 92.87
CA GLN I 1459 -19.42 76.60 93.17
C GLN I 1459 -18.17 76.48 92.32
N HIS I 1460 -18.07 77.31 91.29
CA HIS I 1460 -16.91 77.34 90.40
C HIS I 1460 -16.21 78.67 90.65
N ASP I 1461 -15.18 78.65 91.48
CA ASP I 1461 -14.41 79.84 91.80
C ASP I 1461 -12.95 79.47 91.95
N MET I 1462 -12.07 80.41 91.67
CA MET I 1462 -10.65 80.20 91.85
C MET I 1462 -10.15 80.64 93.22
N ASN I 1463 -11.02 81.18 94.05
CA ASN I 1463 -10.61 81.69 95.35
C ASN I 1463 -11.21 80.84 96.46
N PHE I 1464 -11.40 79.55 96.17
CA PHE I 1464 -12.10 78.68 97.10
C PHE I 1464 -11.21 78.31 98.28
N ASP I 1465 -11.72 78.56 99.48
CA ASP I 1465 -11.17 78.00 100.70
C ASP I 1465 -12.32 77.32 101.43
N LEU I 1466 -11.99 76.58 102.49
CA LEU I 1466 -13.00 75.82 103.23
C LEU I 1466 -14.01 76.69 103.94
N SER I 1467 -13.72 77.98 104.13
CA SER I 1467 -14.74 78.91 104.59
C SER I 1467 -15.82 79.15 103.54
N LYS I 1468 -15.48 78.99 102.27
CA LYS I 1468 -16.44 79.19 101.18
C LYS I 1468 -17.19 77.91 100.85
N VAL I 1469 -17.74 77.27 101.87
CA VAL I 1469 -18.53 76.06 101.71
C VAL I 1469 -19.91 76.32 102.29
N ARG I 1470 -20.94 76.02 101.51
CA ARG I 1470 -22.30 76.18 102.01
C ARG I 1470 -22.56 75.17 103.10
N ALA I 1471 -23.17 75.63 104.19
CA ALA I 1471 -23.53 74.78 105.31
C ALA I 1471 -24.68 75.45 106.04
N VAL I 1472 -25.79 74.75 106.15
CA VAL I 1472 -27.01 75.29 106.75
C VAL I 1472 -27.40 74.35 107.89
N THR I 1473 -27.56 74.91 109.09
CA THR I 1473 -27.91 74.15 110.27
C THR I 1473 -29.39 74.29 110.52
N VAL I 1474 -30.10 73.17 110.54
CA VAL I 1474 -31.52 73.12 110.82
C VAL I 1474 -31.72 72.56 112.22
N THR I 1475 -32.44 73.31 113.06
CA THR I 1475 -32.78 72.86 114.41
C THR I 1475 -34.29 72.93 114.55
N MET I 1476 -34.84 71.97 115.31
CA MET I 1476 -36.26 71.93 115.62
C MET I 1476 -36.44 71.62 117.08
N GLY I 1477 -37.50 72.13 117.68
CA GLY I 1477 -37.79 71.87 119.06
C GLY I 1477 -39.28 71.70 119.33
N ASP I 1478 -39.65 71.70 120.60
CA ASP I 1478 -41.04 71.60 120.99
C ASP I 1478 -41.64 73.00 121.10
N GLU I 1479 -42.91 73.06 121.52
CA GLU I 1479 -43.54 74.32 121.85
C GLU I 1479 -42.95 74.94 123.12
N GLN I 1480 -42.31 74.14 123.97
CA GLN I 1480 -41.62 74.67 125.14
C GLN I 1480 -40.35 75.41 124.76
N GLY I 1481 -39.83 75.19 123.57
CA GLY I 1481 -38.61 75.82 123.10
C GLY I 1481 -37.37 74.97 123.24
N ASN I 1482 -37.44 73.89 124.02
CA ASN I 1482 -36.32 72.97 124.13
C ASN I 1482 -36.15 72.20 122.83
N VAL I 1483 -34.90 72.13 122.36
CA VAL I 1483 -34.62 71.59 121.03
C VAL I 1483 -34.79 70.07 121.02
N HIS I 1484 -35.01 69.54 119.84
CA HIS I 1484 -35.17 68.11 119.63
C HIS I 1484 -34.10 67.53 118.73
N SER I 1485 -33.63 68.30 117.76
CA SER I 1485 -32.65 67.85 116.80
C SER I 1485 -31.92 69.05 116.24
N SER I 1486 -30.70 68.83 115.77
CA SER I 1486 -29.89 69.89 115.17
C SER I 1486 -29.17 69.29 113.97
N LEU I 1487 -29.76 69.45 112.78
CA LEU I 1487 -29.23 68.85 111.58
C LEU I 1487 -28.45 69.89 110.79
N LYS I 1488 -27.31 69.48 110.24
CA LYS I 1488 -26.50 70.33 109.38
C LYS I 1488 -26.35 69.70 108.01
N CYS I 1489 -26.92 70.34 107.00
CA CYS I 1489 -26.74 69.94 105.61
C CYS I 1489 -25.64 70.79 105.01
N SER I 1490 -24.68 70.13 104.37
CA SER I 1490 -23.65 70.82 103.62
C SER I 1490 -23.59 70.23 102.22
N ASN I 1491 -23.25 71.06 101.25
CA ASN I 1491 -23.12 70.59 99.88
C ASN I 1491 -21.74 70.04 99.57
N CYS I 1492 -20.92 69.81 100.59
CA CYS I 1492 -19.52 69.46 100.42
C CYS I 1492 -19.01 68.86 101.73
N TYR I 1493 -18.29 67.75 101.64
CA TYR I 1493 -17.73 67.08 102.81
C TYR I 1493 -16.29 66.75 102.50
N MET I 1494 -15.39 67.66 102.84
CA MET I 1494 -13.98 67.50 102.56
C MET I 1494 -13.13 67.86 103.77
N VAL I 1495 -11.83 67.62 103.63
CA VAL I 1495 -10.80 68.02 104.58
C VAL I 1495 -9.80 68.89 103.84
N TRP I 1496 -8.85 69.43 104.59
CA TRP I 1496 -7.74 70.15 103.99
C TRP I 1496 -6.48 69.31 104.12
N GLY I 1497 -5.81 69.09 102.98
CA GLY I 1497 -4.53 68.42 103.00
C GLY I 1497 -3.43 69.21 103.65
N GLY I 1498 -3.57 70.55 103.69
CA GLY I 1498 -2.63 71.39 104.40
C GLY I 1498 -2.76 71.32 105.91
N ASP I 1499 -3.83 70.69 106.41
CA ASP I 1499 -4.00 70.51 107.84
C ASP I 1499 -3.25 69.30 108.39
N PHE I 1500 -2.44 68.63 107.57
CA PHE I 1500 -1.66 67.51 108.06
C PHE I 1500 -0.16 67.71 107.82
N VAL I 1501 0.18 68.31 106.69
CA VAL I 1501 1.58 68.60 106.39
C VAL I 1501 1.79 70.10 106.42
N ILE I 1509 9.08 72.39 101.18
CA ILE I 1509 9.50 71.42 100.18
C ILE I 1509 9.57 70.03 100.79
N SER I 1510 8.51 69.25 100.59
CA SER I 1510 8.47 67.88 101.09
C SER I 1510 8.79 66.91 99.96
N HIS I 1511 9.73 66.00 100.22
CA HIS I 1511 10.09 64.98 99.25
C HIS I 1511 9.30 63.69 99.43
N THR I 1512 8.18 63.73 100.12
CA THR I 1512 7.35 62.55 100.37
C THR I 1512 5.91 62.82 100.01
N ASP I 1513 5.14 61.75 99.90
CA ASP I 1513 3.79 61.80 99.38
C ASP I 1513 2.76 61.67 100.49
N LEU I 1514 2.03 62.75 100.72
CA LEU I 1514 0.92 62.76 101.66
C LEU I 1514 -0.24 61.96 101.07
N VAL I 1515 -0.55 60.83 101.69
CA VAL I 1515 -1.61 59.95 101.21
C VAL I 1515 -2.81 60.11 102.13
N ILE I 1516 -3.92 60.54 101.58
CA ILE I 1516 -5.14 60.78 102.35
C ILE I 1516 -6.17 59.74 101.93
N GLY I 1517 -6.70 59.01 102.90
CA GLY I 1517 -7.75 58.04 102.66
C GLY I 1517 -8.96 58.36 103.51
N CYS I 1518 -10.14 58.04 102.99
CA CYS I 1518 -11.39 58.39 103.63
C CYS I 1518 -12.19 57.13 103.94
N LEU I 1519 -13.10 57.23 104.90
CA LEU I 1519 -13.86 56.10 105.39
C LEU I 1519 -15.32 56.50 105.53
N VAL I 1520 -16.20 55.77 104.86
CA VAL I 1520 -17.62 56.06 104.86
C VAL I 1520 -18.38 54.81 105.26
N ASP I 1521 -19.17 54.92 106.32
CA ASP I 1521 -19.93 53.81 106.89
C ASP I 1521 -21.38 53.96 106.49
N LEU I 1522 -21.86 53.09 105.59
CA LEU I 1522 -23.15 53.27 104.95
C LEU I 1522 -24.34 53.04 105.88
N ALA I 1523 -24.26 52.08 106.79
CA ALA I 1523 -25.42 51.79 107.62
C ALA I 1523 -25.58 52.78 108.76
N THR I 1524 -24.58 53.64 108.97
CA THR I 1524 -24.69 54.69 109.98
C THR I 1524 -24.63 56.08 109.38
N GLY I 1525 -24.11 56.21 108.17
CA GLY I 1525 -23.89 57.53 107.61
C GLY I 1525 -22.76 58.29 108.25
N LEU I 1526 -21.84 57.59 108.91
CA LEU I 1526 -20.72 58.19 109.59
C LEU I 1526 -19.53 58.22 108.65
N MET I 1527 -18.91 59.39 108.51
CA MET I 1527 -17.78 59.57 107.61
C MET I 1527 -16.57 60.04 108.40
N THR I 1528 -15.46 59.34 108.25
CA THR I 1528 -14.20 59.69 108.88
C THR I 1528 -13.09 59.69 107.84
N PHE I 1529 -11.94 60.25 108.21
CA PHE I 1529 -10.85 60.48 107.29
C PHE I 1529 -9.53 60.14 107.95
N THR I 1530 -8.70 59.37 107.26
CA THR I 1530 -7.41 58.93 107.79
C THR I 1530 -6.29 59.62 107.03
N ALA I 1531 -5.28 60.06 107.79
CA ALA I 1531 -4.11 60.72 107.22
C ALA I 1531 -2.90 59.84 107.46
N ASN I 1532 -2.45 59.15 106.40
CA ASN I 1532 -1.32 58.22 106.42
C ASN I 1532 -1.49 57.14 107.49
N GLY I 1533 -2.71 56.65 107.63
CA GLY I 1533 -3.01 55.68 108.67
C GLY I 1533 -3.19 56.25 110.06
N LYS I 1534 -3.00 57.55 110.23
CA LYS I 1534 -3.25 58.22 111.51
C LYS I 1534 -4.56 58.98 111.38
N GLU I 1535 -5.52 58.65 112.24
CA GLU I 1535 -6.86 59.20 112.15
C GLU I 1535 -6.85 60.69 112.50
N SER I 1536 -7.58 61.46 111.71
CA SER I 1536 -7.70 62.90 111.92
C SER I 1536 -8.80 63.14 112.95
N ASN I 1537 -8.81 64.36 113.48
CA ASN I 1537 -9.78 64.74 114.49
C ASN I 1537 -11.19 64.90 113.93
N THR I 1538 -11.32 65.20 112.65
CA THR I 1538 -12.63 65.50 112.10
C THR I 1538 -13.42 64.23 111.79
N PHE I 1539 -14.71 64.42 111.56
CA PHE I 1539 -15.65 63.36 111.28
C PHE I 1539 -16.93 64.00 110.74
N PHE I 1540 -17.78 63.17 110.13
CA PHE I 1540 -19.00 63.68 109.53
C PHE I 1540 -20.11 62.65 109.59
N GLN I 1541 -21.32 63.12 109.81
CA GLN I 1541 -22.50 62.27 109.87
C GLN I 1541 -23.64 62.93 109.11
N VAL I 1542 -24.37 62.13 108.34
CA VAL I 1542 -25.34 62.66 107.37
C VAL I 1542 -26.74 62.11 107.61
N GLU I 1543 -27.67 62.54 106.76
CA GLU I 1543 -29.05 62.08 106.77
C GLU I 1543 -29.12 60.63 106.28
N PRO I 1544 -30.24 59.92 106.51
CA PRO I 1544 -30.34 58.54 106.01
C PRO I 1544 -30.32 58.40 104.49
N ASN I 1545 -31.25 59.01 103.78
CA ASN I 1545 -31.36 58.79 102.35
C ASN I 1545 -30.66 59.93 101.62
N THR I 1546 -29.35 59.80 101.46
CA THR I 1546 -28.59 60.75 100.67
C THR I 1546 -27.47 60.03 99.96
N LYS I 1547 -26.99 60.65 98.89
CA LYS I 1547 -25.91 60.08 98.10
C LYS I 1547 -24.71 61.00 98.18
N LEU I 1548 -23.58 60.52 97.65
CA LEU I 1548 -22.33 61.25 97.73
C LEU I 1548 -21.42 60.86 96.58
N PHE I 1549 -20.76 61.82 96.02
CA PHE I 1549 -19.73 61.51 95.04
C PHE I 1549 -18.37 61.70 95.68
N PRO I 1550 -17.41 60.83 95.39
CA PRO I 1550 -16.03 61.08 95.83
C PRO I 1550 -15.46 62.28 95.11
N ALA I 1551 -14.72 63.12 95.81
CA ALA I 1551 -14.31 64.41 95.26
C ALA I 1551 -12.89 64.76 95.67
N VAL I 1552 -12.19 65.42 94.74
CA VAL I 1552 -10.86 65.99 94.98
C VAL I 1552 -10.83 67.34 94.30
N PHE I 1553 -10.49 68.39 95.05
CA PHE I 1553 -10.30 69.72 94.48
C PHE I 1553 -8.83 70.05 94.60
N VAL I 1554 -8.25 70.62 93.54
CA VAL I 1554 -6.82 70.84 93.52
C VAL I 1554 -6.50 72.01 92.61
N LEU I 1555 -5.52 72.82 93.03
CA LEU I 1555 -4.81 73.71 92.14
C LEU I 1555 -3.44 73.09 91.88
N PRO I 1556 -3.12 72.71 90.65
CA PRO I 1556 -1.92 71.89 90.41
C PRO I 1556 -0.67 72.75 90.38
N THR I 1557 0.44 72.19 90.87
CA THR I 1557 1.74 72.87 90.83
C THR I 1557 2.86 71.93 90.44
N HIS I 1558 2.62 70.96 89.58
CA HIS I 1558 3.65 70.01 89.18
C HIS I 1558 3.32 69.46 87.81
N GLN I 1559 4.26 68.71 87.23
CA GLN I 1559 3.96 67.96 86.02
C GLN I 1559 3.06 66.77 86.32
N ASN I 1560 3.23 66.16 87.49
CA ASN I 1560 2.38 65.07 87.94
C ASN I 1560 1.74 65.49 89.25
N VAL I 1561 0.41 65.42 89.34
CA VAL I 1561 -0.23 66.06 90.47
C VAL I 1561 -0.78 65.07 91.48
N ILE I 1562 -1.84 64.34 91.12
CA ILE I 1562 -2.52 63.44 92.05
C ILE I 1562 -2.73 62.10 91.38
N GLN I 1563 -3.20 61.14 92.17
CA GLN I 1563 -3.55 59.82 91.64
C GLN I 1563 -4.73 59.31 92.46
N PHE I 1564 -5.83 58.99 91.80
CA PHE I 1564 -6.93 58.31 92.45
C PHE I 1564 -6.57 56.84 92.59
N GLU I 1565 -6.53 56.33 93.82
CA GLU I 1565 -6.16 54.94 94.09
C GLU I 1565 -7.35 54.19 94.65
N LEU I 1566 -7.85 53.23 93.89
CA LEU I 1566 -9.07 52.51 94.24
C LEU I 1566 -8.71 51.21 94.95
N GLY I 1567 -8.32 51.35 96.21
CA GLY I 1567 -7.87 50.23 96.99
C GLY I 1567 -8.67 49.98 98.26
N LYS I 1568 -8.38 48.85 98.88
CA LYS I 1568 -9.04 48.44 100.11
C LYS I 1568 -8.03 48.37 101.25
N GLN I 1569 -8.53 48.50 102.47
CA GLN I 1569 -7.70 48.36 103.66
C GLN I 1569 -7.81 46.93 104.19
N LYS I 1570 -7.37 46.71 105.43
CA LYS I 1570 -7.09 45.36 105.92
C LYS I 1570 -8.35 44.54 106.12
N ASN I 1571 -9.48 45.18 106.41
CA ASN I 1571 -10.68 44.41 106.67
C ASN I 1571 -11.96 45.05 106.11
N ILE I 1572 -11.85 45.88 105.08
CA ILE I 1572 -13.00 46.59 104.51
C ILE I 1572 -12.93 46.54 102.99
N MET I 1573 -14.10 46.50 102.36
CA MET I 1573 -14.19 46.27 100.93
C MET I 1573 -14.00 47.56 100.15
N PRO I 1574 -13.37 47.50 98.96
CA PRO I 1574 -13.06 48.72 98.22
C PRO I 1574 -14.27 49.31 97.53
N LEU I 1575 -14.05 50.43 96.83
CA LEU I 1575 -15.14 51.20 96.26
C LEU I 1575 -15.81 50.53 95.08
N SER I 1576 -15.19 49.49 94.50
CA SER I 1576 -15.84 48.72 93.45
C SER I 1576 -17.09 48.01 93.94
N ALA I 1577 -17.07 47.48 95.16
CA ALA I 1577 -18.23 46.78 95.66
C ALA I 1577 -19.35 47.73 96.06
N ALA I 1578 -19.04 49.00 96.27
CA ALA I 1578 -20.04 49.94 96.73
C ALA I 1578 -21.00 50.36 95.64
N MET I 1579 -20.53 50.46 94.41
CA MET I 1579 -21.27 51.16 93.37
C MET I 1579 -21.79 50.26 92.28
N PHE I 1580 -21.58 48.96 92.38
CA PHE I 1580 -22.08 48.02 91.39
C PHE I 1580 -22.77 46.87 92.10
N LEU I 1581 -24.10 46.83 91.95
CA LEU I 1581 -24.95 45.91 92.70
C LEU I 1581 -24.66 44.45 92.40
N SER I 1582 -24.09 44.16 91.25
CA SER I 1582 -23.72 42.79 90.94
C SER I 1582 -22.45 42.35 91.66
N GLU I 1583 -21.71 43.29 92.24
CA GLU I 1583 -20.40 42.96 92.81
C GLU I 1583 -20.27 43.43 94.26
N ARG I 1584 -21.36 43.45 95.00
CA ARG I 1584 -21.31 43.90 96.39
C ARG I 1584 -20.58 42.91 97.28
N LYS I 1585 -20.51 41.66 96.86
CA LYS I 1585 -19.89 40.62 97.66
C LYS I 1585 -18.43 40.38 97.28
N ASN I 1586 -17.97 40.99 96.19
CA ASN I 1586 -16.59 40.82 95.77
C ASN I 1586 -15.73 41.86 96.45
N PRO I 1587 -14.67 41.47 97.16
CA PRO I 1587 -13.74 42.46 97.69
C PRO I 1587 -12.55 42.74 96.78
N ALA I 1588 -12.53 42.18 95.59
CA ALA I 1588 -11.43 42.51 94.71
C ALA I 1588 -11.66 43.87 94.06
N PRO I 1589 -10.71 44.79 94.17
CA PRO I 1589 -10.91 46.14 93.60
C PRO I 1589 -10.85 46.10 92.08
N GLN I 1590 -11.85 46.71 91.45
CA GLN I 1590 -11.96 46.77 90.01
C GLN I 1590 -12.16 48.21 89.56
N CYS I 1591 -11.94 48.45 88.27
CA CYS I 1591 -12.22 49.75 87.67
C CYS I 1591 -12.77 49.54 86.27
N PRO I 1592 -14.08 49.34 86.15
CA PRO I 1592 -14.70 49.19 84.84
C PRO I 1592 -14.80 50.55 84.16
N PRO I 1593 -14.96 50.59 82.83
CA PRO I 1593 -14.85 51.87 82.12
C PRO I 1593 -16.02 52.82 82.33
N ARG I 1594 -17.10 52.38 82.97
CA ARG I 1594 -18.15 53.33 83.31
C ARG I 1594 -17.69 54.31 84.38
N LEU I 1595 -16.78 53.88 85.22
CA LEU I 1595 -16.15 54.79 86.18
C LEU I 1595 -15.14 55.62 85.41
N GLU I 1596 -15.19 56.94 85.60
CA GLU I 1596 -14.15 57.83 85.09
C GLU I 1596 -14.17 59.12 85.90
N VAL I 1597 -13.23 60.00 85.57
CA VAL I 1597 -13.07 61.26 86.27
C VAL I 1597 -13.74 62.38 85.50
N GLN I 1598 -14.73 63.00 86.14
CA GLN I 1598 -15.41 64.16 85.59
C GLN I 1598 -14.62 65.40 85.95
N MET I 1599 -15.08 66.55 85.46
CA MET I 1599 -14.59 67.83 85.94
C MET I 1599 -15.68 68.85 85.74
N LEU I 1600 -15.42 70.08 86.18
CA LEU I 1600 -16.47 71.08 86.28
C LEU I 1600 -16.24 72.18 85.24
N MET I 1601 -16.93 72.08 84.13
CA MET I 1601 -16.90 73.12 83.14
C MET I 1601 -17.82 74.27 83.57
N PRO I 1602 -17.52 75.50 83.19
CA PRO I 1602 -18.24 76.63 83.78
C PRO I 1602 -19.62 76.88 83.21
N VAL I 1603 -19.83 76.70 81.91
CA VAL I 1603 -21.14 76.95 81.32
C VAL I 1603 -21.50 75.80 80.41
N SER I 1604 -22.75 75.81 79.95
CA SER I 1604 -23.25 74.76 79.07
C SER I 1604 -24.45 75.29 78.32
N TRP I 1605 -24.72 74.68 77.17
CA TRP I 1605 -25.82 75.07 76.30
C TRP I 1605 -27.10 74.41 76.77
N SER I 1606 -28.10 75.21 77.11
CA SER I 1606 -29.41 74.67 77.41
C SER I 1606 -30.40 75.21 76.40
N ARG I 1607 -31.67 74.89 76.60
CA ARG I 1607 -32.70 75.17 75.62
C ARG I 1607 -33.81 76.00 76.25
N MET I 1608 -34.18 77.09 75.59
CA MET I 1608 -35.30 77.88 76.06
C MET I 1608 -36.60 77.12 75.83
N PRO I 1609 -37.57 77.25 76.73
CA PRO I 1609 -38.90 76.69 76.45
C PRO I 1609 -39.65 77.58 75.49
N ASN I 1610 -40.73 77.03 74.95
CA ASN I 1610 -41.52 77.74 73.96
C ASN I 1610 -42.60 78.61 74.54
N HIS I 1611 -42.97 78.42 75.81
CA HIS I 1611 -43.94 79.30 76.47
C HIS I 1611 -43.48 79.51 77.90
N PHE I 1612 -43.96 80.58 78.52
CA PHE I 1612 -43.59 80.94 79.87
C PHE I 1612 -44.85 81.25 80.68
N LEU I 1613 -44.65 81.35 81.99
CA LEU I 1613 -45.75 81.68 82.89
C LEU I 1613 -46.17 83.13 82.71
N GLN I 1614 -47.46 83.35 82.48
CA GLN I 1614 -48.02 84.68 82.39
C GLN I 1614 -48.27 85.18 83.81
N VAL I 1615 -47.48 86.16 84.25
CA VAL I 1615 -47.55 86.66 85.61
C VAL I 1615 -48.21 88.03 85.59
N GLU I 1616 -49.15 88.24 86.50
CA GLU I 1616 -49.88 89.51 86.62
C GLU I 1616 -49.55 90.11 87.97
N THR I 1617 -48.61 91.04 88.00
CA THR I 1617 -48.23 91.73 89.24
C THR I 1617 -48.79 93.14 89.21
N ARG I 1618 -49.48 93.52 90.30
CA ARG I 1618 -50.05 94.84 90.39
C ARG I 1618 -50.29 95.16 91.85
N ARG I 1619 -49.84 96.34 92.28
CA ARG I 1619 -50.16 96.83 93.61
C ARG I 1619 -51.60 97.29 93.63
N ALA I 1620 -52.37 96.76 94.58
CA ALA I 1620 -53.78 97.12 94.74
C ALA I 1620 -53.93 97.67 96.15
N GLY I 1621 -54.27 98.94 96.26
CA GLY I 1621 -54.51 99.57 97.55
C GLY I 1621 -53.23 99.89 98.30
N GLU I 1622 -53.27 101.01 99.02
CA GLU I 1622 -52.14 101.43 99.85
C GLU I 1622 -52.05 100.67 101.17
N ARG I 1623 -52.99 99.77 101.44
CA ARG I 1623 -52.95 98.93 102.62
C ARG I 1623 -53.09 97.45 102.33
N LEU I 1624 -53.67 97.08 101.19
CA LEU I 1624 -53.64 95.67 100.81
C LEU I 1624 -52.27 95.30 100.27
N GLY I 1625 -51.71 96.12 99.41
CA GLY I 1625 -50.33 95.97 98.98
C GLY I 1625 -50.22 95.49 97.55
N TRP I 1626 -49.18 94.70 97.31
CA TRP I 1626 -48.82 94.26 95.97
C TRP I 1626 -49.36 92.86 95.71
N ALA I 1627 -50.17 92.72 94.68
CA ALA I 1627 -50.80 91.46 94.34
C ALA I 1627 -50.10 90.81 93.15
N VAL I 1628 -50.17 89.49 93.11
CA VAL I 1628 -49.53 88.73 92.05
C VAL I 1628 -50.32 87.43 91.87
N GLN I 1629 -50.55 87.04 90.62
CA GLN I 1629 -51.39 85.89 90.34
C GLN I 1629 -51.01 85.28 89.02
N CYS I 1630 -51.49 84.05 88.81
CA CYS I 1630 -51.38 83.32 87.55
C CYS I 1630 -52.42 82.23 87.56
N GLN I 1631 -53.01 81.93 86.39
CA GLN I 1631 -54.08 80.96 86.33
C GLN I 1631 -53.87 79.84 85.32
N ASP I 1632 -53.32 80.12 84.16
CA ASP I 1632 -53.15 79.11 83.13
C ASP I 1632 -51.99 78.18 83.45
N PRO I 1633 -52.17 76.86 83.37
CA PRO I 1633 -51.08 75.94 83.71
C PRO I 1633 -50.25 75.59 82.49
N LEU I 1634 -48.95 75.39 82.69
CA LEU I 1634 -48.05 75.01 81.61
C LEU I 1634 -47.07 73.96 82.11
N THR I 1635 -47.02 72.84 81.40
CA THR I 1635 -46.27 71.66 81.85
C THR I 1635 -45.27 71.27 80.78
N MET I 1636 -44.38 70.35 81.16
CA MET I 1636 -43.38 69.85 80.24
C MET I 1636 -43.03 68.42 80.61
N MET I 1637 -42.34 67.75 79.71
CA MET I 1637 -41.84 66.41 79.95
C MET I 1637 -40.40 66.52 80.43
N ALA I 1638 -39.94 65.55 81.20
CA ALA I 1638 -38.60 65.66 81.76
C ALA I 1638 -37.95 64.30 81.90
N LEU I 1639 -36.71 64.19 81.44
CA LEU I 1639 -35.90 63.03 81.74
C LEU I 1639 -35.27 63.18 83.10
N HIS I 1640 -34.56 62.15 83.56
CA HIS I 1640 -34.04 62.23 84.91
C HIS I 1640 -32.54 62.05 85.02
N ILE I 1641 -31.97 61.08 84.33
CA ILE I 1641 -30.59 60.60 84.53
C ILE I 1641 -30.38 60.29 86.00
N PRO I 1642 -30.88 59.15 86.50
CA PRO I 1642 -31.01 58.95 87.95
C PRO I 1642 -29.70 58.85 88.69
N GLU I 1643 -28.60 58.57 88.02
CA GLU I 1643 -27.31 58.52 88.67
C GLU I 1643 -26.82 59.89 89.13
N GLU I 1644 -27.39 60.97 88.59
CA GLU I 1644 -26.95 62.30 88.94
C GLU I 1644 -28.06 63.19 89.46
N ASN I 1645 -29.32 62.73 89.42
CA ASN I 1645 -30.49 63.44 89.96
C ASN I 1645 -30.68 64.81 89.33
N ARG I 1646 -30.23 64.93 88.08
CA ARG I 1646 -30.27 66.19 87.35
C ARG I 1646 -31.23 66.03 86.17
N CYS I 1647 -32.43 66.55 86.32
CA CYS I 1647 -33.46 66.44 85.30
C CYS I 1647 -33.19 67.43 84.19
N MET I 1648 -33.78 67.18 83.03
CA MET I 1648 -33.65 68.08 81.89
C MET I 1648 -34.88 67.97 81.01
N ASP I 1649 -35.10 69.00 80.22
CA ASP I 1649 -36.23 69.00 79.30
C ASP I 1649 -35.96 68.02 78.17
N ILE I 1650 -37.02 67.33 77.74
CA ILE I 1650 -36.83 66.24 76.79
C ILE I 1650 -36.60 66.76 75.39
N LEU I 1651 -37.00 68.01 75.12
CA LEU I 1651 -36.76 68.59 73.82
C LEU I 1651 -35.29 68.84 73.54
N GLU I 1652 -34.46 68.87 74.58
CA GLU I 1652 -33.02 69.00 74.44
C GLU I 1652 -32.37 67.80 73.77
N LEU I 1653 -33.08 66.68 73.68
CA LEU I 1653 -32.54 65.55 72.93
C LEU I 1653 -32.44 65.83 71.44
N SER I 1654 -33.13 66.85 70.93
CA SER I 1654 -33.05 67.18 69.52
C SER I 1654 -31.66 67.65 69.10
N GLU I 1655 -30.85 68.14 70.03
CA GLU I 1655 -29.47 68.46 69.71
C GLU I 1655 -28.48 67.66 70.54
N ARG I 1656 -28.94 66.85 71.49
CA ARG I 1656 -28.02 66.06 72.28
C ARG I 1656 -27.40 64.96 71.45
N LEU I 1657 -28.21 64.31 70.62
CA LEU I 1657 -27.80 63.38 69.56
C LEU I 1657 -27.07 62.14 70.06
N ASP I 1658 -26.95 61.95 71.36
CA ASP I 1658 -26.48 60.68 71.90
C ASP I 1658 -27.47 60.07 72.85
N LEU I 1659 -27.98 60.85 73.79
CA LEU I 1659 -29.05 60.34 74.62
C LEU I 1659 -30.40 60.37 73.92
N GLN I 1660 -30.49 60.98 72.75
CA GLN I 1660 -31.62 60.71 71.88
C GLN I 1660 -31.60 59.25 71.45
N ARG I 1661 -30.44 58.76 71.03
CA ARG I 1661 -30.31 57.41 70.50
C ARG I 1661 -30.52 56.37 71.58
N PHE I 1662 -29.94 56.56 72.76
CA PHE I 1662 -30.07 55.58 73.81
C PHE I 1662 -31.46 55.61 74.43
N HIS I 1663 -32.16 56.72 74.32
CA HIS I 1663 -33.55 56.71 74.72
C HIS I 1663 -34.45 56.31 73.57
N SER I 1664 -33.92 56.26 72.36
CA SER I 1664 -34.71 55.67 71.29
C SER I 1664 -34.67 54.15 71.38
N HIS I 1665 -33.49 53.59 71.61
CA HIS I 1665 -33.37 52.13 71.66
C HIS I 1665 -33.98 51.56 72.93
N THR I 1666 -34.16 52.38 73.96
CA THR I 1666 -34.94 51.93 75.10
C THR I 1666 -36.40 51.73 74.72
N LEU I 1667 -36.91 52.55 73.82
CA LEU I 1667 -38.28 52.38 73.37
C LEU I 1667 -38.44 51.14 72.50
N ARG I 1668 -37.37 50.65 71.89
CA ARG I 1668 -37.47 49.38 71.23
C ARG I 1668 -37.53 48.25 72.23
N LEU I 1669 -36.83 48.39 73.36
CA LEU I 1669 -36.93 47.38 74.40
C LEU I 1669 -38.29 47.41 75.07
N TYR I 1670 -38.93 48.57 75.13
CA TYR I 1670 -40.27 48.61 75.69
C TYR I 1670 -41.28 47.97 74.77
N ARG I 1671 -41.16 48.15 73.46
CA ARG I 1671 -42.11 47.50 72.57
C ARG I 1671 -41.85 46.02 72.45
N ALA I 1672 -40.59 45.60 72.60
CA ALA I 1672 -40.29 44.18 72.44
C ALA I 1672 -40.64 43.37 73.67
N VAL I 1673 -40.69 43.99 74.85
CA VAL I 1673 -41.04 43.23 76.04
C VAL I 1673 -42.52 42.93 76.07
N CYS I 1674 -43.36 43.94 75.86
CA CYS I 1674 -44.80 43.67 75.80
C CYS I 1674 -45.25 43.29 74.41
N ALA I 1675 -44.55 42.40 73.75
CA ALA I 1675 -44.84 42.05 72.38
C ALA I 1675 -45.64 40.76 72.34
N LEU I 1676 -46.55 40.70 71.37
CA LEU I 1676 -47.37 39.53 71.07
C LEU I 1676 -48.26 39.18 72.26
N GLY I 1677 -49.01 40.16 72.75
CA GLY I 1677 -50.05 39.88 73.71
C GLY I 1677 -49.61 39.53 75.11
N ASN I 1678 -48.37 39.83 75.47
CA ASN I 1678 -47.88 39.60 76.83
C ASN I 1678 -48.55 40.64 77.72
N ASN I 1679 -49.69 40.29 78.28
CA ASN I 1679 -50.50 41.30 78.93
C ASN I 1679 -50.28 41.38 80.43
N ARG I 1680 -49.60 40.41 81.03
CA ARG I 1680 -49.21 40.59 82.42
C ARG I 1680 -48.13 41.63 82.52
N VAL I 1681 -47.22 41.66 81.55
CA VAL I 1681 -46.18 42.68 81.57
C VAL I 1681 -46.71 43.98 80.99
N ALA I 1682 -47.84 43.95 80.28
CA ALA I 1682 -48.36 45.17 79.69
C ALA I 1682 -48.95 46.08 80.74
N HIS I 1683 -49.35 45.54 81.88
CA HIS I 1683 -49.69 46.41 82.99
C HIS I 1683 -48.42 46.97 83.63
N ALA I 1684 -47.34 46.20 83.60
CA ALA I 1684 -46.13 46.61 84.29
C ALA I 1684 -45.47 47.79 83.59
N LEU I 1685 -45.64 47.90 82.28
CA LEU I 1685 -45.13 49.10 81.61
C LEU I 1685 -46.03 50.29 81.83
N CYS I 1686 -47.30 50.09 82.14
CA CYS I 1686 -48.22 51.20 82.29
C CYS I 1686 -47.93 52.01 83.55
N SER I 1687 -47.11 51.48 84.45
CA SER I 1687 -46.58 52.31 85.52
C SER I 1687 -45.48 53.24 85.02
N HIS I 1688 -44.54 52.70 84.25
CA HIS I 1688 -43.31 53.45 83.92
C HIS I 1688 -43.58 54.57 82.93
N VAL I 1689 -44.54 54.38 82.05
CA VAL I 1689 -44.95 55.42 81.12
C VAL I 1689 -46.45 55.63 81.28
N ASP I 1690 -46.81 56.74 81.91
CA ASP I 1690 -48.17 56.94 82.39
C ASP I 1690 -49.14 57.18 81.24
N GLN I 1691 -50.40 57.34 81.59
CA GLN I 1691 -51.43 57.49 80.57
C GLN I 1691 -51.48 58.89 80.00
N ALA I 1692 -51.32 59.92 80.84
CA ALA I 1692 -51.46 61.28 80.33
C ALA I 1692 -50.22 61.68 79.53
N GLN I 1693 -49.04 61.33 80.04
CA GLN I 1693 -47.80 61.72 79.38
C GLN I 1693 -47.58 60.99 78.07
N LEU I 1694 -48.30 59.91 77.83
CA LEU I 1694 -48.28 59.29 76.53
C LEU I 1694 -49.21 60.02 75.59
N LEU I 1695 -50.41 60.36 76.08
CA LEU I 1695 -51.31 61.21 75.30
C LEU I 1695 -50.79 62.61 75.12
N HIS I 1696 -49.94 63.10 76.02
CA HIS I 1696 -49.36 64.41 75.79
C HIS I 1696 -48.33 64.37 74.68
N ALA I 1697 -47.59 63.28 74.57
CA ALA I 1697 -46.52 63.19 73.59
C ALA I 1697 -47.03 62.93 72.18
N LEU I 1698 -48.33 62.85 71.97
CA LEU I 1698 -48.81 62.57 70.63
C LEU I 1698 -48.85 63.82 69.77
N GLU I 1699 -48.80 64.99 70.39
CA GLU I 1699 -49.00 66.24 69.67
C GLU I 1699 -47.96 67.30 69.98
N ASP I 1700 -47.02 67.03 70.88
CA ASP I 1700 -45.93 67.96 71.13
C ASP I 1700 -45.02 67.93 69.90
N ALA I 1701 -45.21 68.89 69.02
CA ALA I 1701 -44.61 68.87 67.70
C ALA I 1701 -43.10 69.07 67.73
N HIS I 1702 -42.55 69.62 68.80
CA HIS I 1702 -41.14 69.90 68.87
C HIS I 1702 -40.31 68.69 69.28
N LEU I 1703 -40.93 67.52 69.37
CA LEU I 1703 -40.18 66.30 69.62
C LEU I 1703 -39.31 65.98 68.40
N PRO I 1704 -38.20 65.31 68.60
CA PRO I 1704 -37.35 64.98 67.45
C PRO I 1704 -37.90 63.87 66.58
N GLY I 1705 -37.08 63.41 65.66
CA GLY I 1705 -37.50 62.43 64.67
C GLY I 1705 -37.80 61.06 65.21
N PRO I 1706 -36.77 60.29 65.59
CA PRO I 1706 -37.01 58.89 65.97
C PRO I 1706 -37.63 58.74 67.32
N LEU I 1707 -37.86 59.82 68.04
CA LEU I 1707 -38.52 59.70 69.32
C LEU I 1707 -40.02 59.87 69.17
N ARG I 1708 -40.47 60.48 68.07
CA ARG I 1708 -41.90 60.58 67.83
C ARG I 1708 -42.45 59.25 67.36
N ALA I 1709 -41.69 58.55 66.51
CA ALA I 1709 -42.15 57.25 66.02
C ALA I 1709 -42.00 56.19 67.09
N GLY I 1710 -41.27 56.47 68.16
CA GLY I 1710 -41.30 55.58 69.29
C GLY I 1710 -42.54 55.71 70.14
N TYR I 1711 -42.87 56.94 70.57
CA TYR I 1711 -43.98 57.13 71.49
C TYR I 1711 -45.34 56.91 70.83
N TYR I 1712 -45.41 56.93 69.51
CA TYR I 1712 -46.64 56.48 68.91
C TYR I 1712 -46.69 54.97 68.88
N ASP I 1713 -45.58 54.33 68.48
CA ASP I 1713 -45.61 52.89 68.38
C ASP I 1713 -45.52 52.20 69.72
N LEU I 1714 -45.08 52.90 70.76
CA LEU I 1714 -45.21 52.35 72.10
C LEU I 1714 -46.67 52.26 72.51
N LEU I 1715 -47.47 53.25 72.11
CA LEU I 1715 -48.86 53.33 72.54
C LEU I 1715 -49.67 52.15 72.04
N ILE I 1716 -49.54 51.81 70.76
CA ILE I 1716 -50.32 50.70 70.24
C ILE I 1716 -49.78 49.37 70.76
N SER I 1717 -48.50 49.30 71.11
CA SER I 1717 -47.96 48.03 71.56
C SER I 1717 -48.25 47.75 73.02
N ILE I 1718 -48.86 48.70 73.74
CA ILE I 1718 -49.33 48.36 75.08
C ILE I 1718 -50.83 48.46 75.22
N HIS I 1719 -51.53 49.02 74.24
CA HIS I 1719 -52.96 49.14 74.38
C HIS I 1719 -53.75 48.60 73.21
N LEU I 1720 -53.28 48.78 71.99
CA LEU I 1720 -54.09 48.55 70.81
C LEU I 1720 -53.46 47.47 69.94
N GLU I 1721 -52.91 46.45 70.56
CA GLU I 1721 -52.37 45.34 69.79
C GLU I 1721 -53.01 44.02 70.14
N SER I 1722 -53.21 43.76 71.43
CA SER I 1722 -53.86 42.54 71.86
C SER I 1722 -55.29 42.46 71.37
N ALA I 1723 -55.96 43.58 71.26
CA ALA I 1723 -57.25 43.62 70.61
C ALA I 1723 -57.14 43.67 69.10
N CYS I 1724 -56.01 44.13 68.56
CA CYS I 1724 -55.90 44.30 67.13
C CYS I 1724 -55.82 42.98 66.39
N ARG I 1725 -54.98 42.06 66.87
CA ARG I 1725 -54.78 40.79 66.19
C ARG I 1725 -56.03 39.92 66.26
N SER I 1726 -56.77 39.97 67.35
CA SER I 1726 -57.91 39.10 67.50
C SER I 1726 -59.07 39.51 66.61
N ARG I 1727 -59.25 40.81 66.38
CA ARG I 1727 -60.33 41.20 65.48
C ARG I 1727 -59.93 41.04 64.02
N ARG I 1728 -58.67 41.33 63.69
CA ARG I 1728 -58.21 41.14 62.31
C ARG I 1728 -58.26 39.68 61.89
N SER I 1729 -58.08 38.77 62.84
CA SER I 1729 -58.29 37.35 62.58
C SER I 1729 -59.73 37.04 62.18
N MET I 1730 -60.73 37.62 62.86
CA MET I 1730 -62.11 37.32 62.54
C MET I 1730 -62.66 38.12 61.38
N LEU I 1731 -61.83 38.89 60.68
CA LEU I 1731 -62.33 39.65 59.55
C LEU I 1731 -62.52 38.81 58.31
N SER I 1732 -61.75 37.75 58.13
CA SER I 1732 -61.78 37.03 56.87
C SER I 1732 -63.03 36.15 56.77
N GLU I 1733 -63.67 35.88 57.89
CA GLU I 1733 -64.88 35.07 57.91
C GLU I 1733 -66.08 35.94 58.25
N TYR I 1734 -67.23 35.55 57.72
CA TYR I 1734 -68.44 36.37 57.79
C TYR I 1734 -69.56 35.51 58.34
N ILE I 1735 -70.00 35.84 59.55
CA ILE I 1735 -71.03 35.10 60.25
C ILE I 1735 -72.18 36.06 60.51
N VAL I 1736 -73.28 35.88 59.81
CA VAL I 1736 -74.41 36.80 59.83
C VAL I 1736 -75.59 36.11 60.50
N PRO I 1737 -76.28 36.77 61.43
CA PRO I 1737 -77.51 36.22 61.98
C PRO I 1737 -78.73 36.74 61.22
N LEU I 1738 -79.87 36.13 61.51
CA LEU I 1738 -81.15 36.55 60.92
C LEU I 1738 -81.92 37.45 61.86
N THR I 1739 -81.37 38.61 62.14
CA THR I 1739 -82.18 39.66 62.69
C THR I 1739 -82.90 40.40 61.57
N PRO I 1740 -84.04 41.05 61.85
CA PRO I 1740 -84.66 41.89 60.82
C PRO I 1740 -83.82 43.09 60.42
N GLU I 1741 -82.88 43.53 61.26
CA GLU I 1741 -81.92 44.54 60.84
C GLU I 1741 -81.05 44.04 59.70
N THR I 1742 -80.68 42.75 59.74
CA THR I 1742 -79.99 42.12 58.64
C THR I 1742 -80.87 42.07 57.39
N ARG I 1743 -82.15 41.74 57.57
CA ARG I 1743 -83.09 41.54 56.47
C ARG I 1743 -83.28 42.76 55.58
N ALA I 1744 -83.07 43.97 56.12
CA ALA I 1744 -83.12 45.19 55.31
C ALA I 1744 -81.68 45.63 55.06
N ILE I 1745 -81.03 44.98 54.10
CA ILE I 1745 -79.71 45.39 53.62
C ILE I 1745 -79.70 45.19 52.11
N THR I 1746 -79.47 46.27 51.37
CA THR I 1746 -79.42 46.21 49.93
C THR I 1746 -78.00 46.45 49.45
N LEU I 1747 -77.77 46.18 48.17
CA LEU I 1747 -76.51 46.57 47.57
C LEU I 1747 -76.41 48.08 47.43
N PHE I 1748 -77.32 48.67 46.68
CA PHE I 1748 -77.30 50.11 46.54
C PHE I 1748 -78.20 50.75 47.58
N PRO I 1749 -77.83 51.93 48.08
CA PRO I 1749 -78.71 52.64 49.00
C PRO I 1749 -79.94 53.16 48.26
N PRO I 1750 -81.12 53.12 48.89
CA PRO I 1750 -82.33 53.56 48.21
C PRO I 1750 -82.42 55.07 48.09
N GLY I 1751 -82.65 55.53 46.87
CA GLY I 1751 -82.75 56.95 46.60
C GLY I 1751 -82.76 57.26 45.11
N ARG I 1758 -79.39 54.00 41.54
CA ARG I 1758 -78.20 53.36 40.98
C ARG I 1758 -76.94 54.12 41.37
N ARG I 1759 -77.07 55.01 42.35
CA ARG I 1759 -75.94 55.78 42.87
C ARG I 1759 -75.19 54.92 43.88
N HIS I 1760 -73.88 54.78 43.66
CA HIS I 1760 -73.08 53.88 44.47
C HIS I 1760 -72.87 54.46 45.86
N GLY I 1761 -73.14 53.65 46.89
CA GLY I 1761 -73.04 54.09 48.25
C GLY I 1761 -71.62 54.27 48.72
N LEU I 1762 -71.49 54.89 49.90
CA LEU I 1762 -70.17 55.16 50.47
C LEU I 1762 -69.60 53.91 51.11
N PRO I 1763 -68.31 53.63 50.90
CA PRO I 1763 -67.70 52.45 51.50
C PRO I 1763 -67.48 52.64 52.99
N GLY I 1764 -67.76 51.59 53.75
CA GLY I 1764 -67.57 51.61 55.19
C GLY I 1764 -68.64 52.32 55.97
N VAL I 1765 -69.60 52.96 55.30
CA VAL I 1765 -70.64 53.73 55.96
C VAL I 1765 -71.91 52.91 55.89
N GLY I 1766 -72.58 52.78 57.02
CA GLY I 1766 -73.82 52.04 57.09
C GLY I 1766 -73.82 51.12 58.29
N VAL I 1767 -74.61 50.06 58.18
CA VAL I 1767 -74.76 49.09 59.26
C VAL I 1767 -74.28 47.72 58.77
N THR I 1768 -73.38 47.13 59.54
CA THR I 1768 -72.94 45.76 59.32
C THR I 1768 -73.44 44.91 60.48
N THR I 1769 -73.52 43.60 60.25
CA THR I 1769 -74.15 42.70 61.21
C THR I 1769 -73.30 41.47 61.50
N SER I 1770 -72.11 41.38 60.91
CA SER I 1770 -71.26 40.22 61.10
C SER I 1770 -70.74 40.19 62.52
N LEU I 1771 -70.67 39.00 63.10
CA LEU I 1771 -70.38 38.88 64.51
C LEU I 1771 -68.90 39.10 64.77
N ARG I 1772 -68.60 39.84 65.82
CA ARG I 1772 -67.26 40.04 66.30
C ARG I 1772 -67.29 40.11 67.83
N PRO I 1773 -66.28 39.57 68.50
CA PRO I 1773 -66.27 39.61 69.95
C PRO I 1773 -65.94 41.01 70.45
N PRO I 1774 -66.46 41.38 71.61
CA PRO I 1774 -65.99 42.61 72.27
C PRO I 1774 -64.57 42.45 72.78
N HIS I 1775 -64.01 43.56 73.22
CA HIS I 1775 -62.56 43.63 73.37
C HIS I 1775 -62.09 43.25 74.76
N HIS I 1776 -62.89 43.51 75.80
CA HIS I 1776 -62.60 43.16 77.20
C HIS I 1776 -61.29 43.80 77.68
N PHE I 1777 -61.30 45.12 77.73
CA PHE I 1777 -60.20 45.81 78.38
C PHE I 1777 -60.39 45.78 79.89
N SER I 1778 -59.29 45.96 80.61
CA SER I 1778 -59.36 46.05 82.05
C SER I 1778 -58.53 47.27 82.45
N PRO I 1779 -59.00 48.07 83.39
CA PRO I 1779 -58.27 49.28 83.77
C PRO I 1779 -57.07 48.91 84.64
N PRO I 1780 -55.97 49.63 84.49
CA PRO I 1780 -54.78 49.30 85.28
C PRO I 1780 -54.90 49.81 86.70
N CYS I 1781 -54.26 49.09 87.61
CA CYS I 1781 -54.15 49.50 88.99
C CYS I 1781 -52.87 48.92 89.53
N PHE I 1782 -52.42 49.40 90.68
CA PHE I 1782 -51.20 48.88 91.29
C PHE I 1782 -51.31 48.72 92.79
N VAL I 1783 -52.45 49.04 93.37
CA VAL I 1783 -52.66 48.83 94.78
C VAL I 1783 -53.52 47.62 95.06
N ALA I 1784 -54.02 46.95 94.03
CA ALA I 1784 -54.78 45.73 94.23
C ALA I 1784 -53.87 44.62 94.73
N ALA I 1785 -54.42 43.78 95.61
CA ALA I 1785 -53.62 42.75 96.27
C ALA I 1785 -53.29 41.62 95.30
N LEU I 1786 -52.18 40.95 95.55
CA LEU I 1786 -51.76 39.87 94.67
C LEU I 1786 -52.45 38.56 95.07
N PRO I 1787 -53.14 37.90 94.15
CA PRO I 1787 -53.57 36.52 94.43
C PRO I 1787 -52.52 35.53 93.98
N ALA I 1788 -52.51 34.37 94.64
CA ALA I 1788 -51.62 33.23 94.37
C ALA I 1788 -50.13 33.60 94.39
N GLU I 1793 -52.34 29.47 90.00
CA GLU I 1793 -52.16 30.05 88.67
C GLU I 1793 -53.27 31.03 88.33
N ALA I 1794 -52.88 32.23 87.91
CA ALA I 1794 -53.85 33.22 87.48
C ALA I 1794 -54.46 32.79 86.15
N PRO I 1795 -55.73 33.14 85.89
CA PRO I 1795 -56.34 32.79 84.60
C PRO I 1795 -55.68 33.47 83.42
N ALA I 1796 -55.67 34.80 83.43
CA ALA I 1796 -55.13 35.63 82.35
C ALA I 1796 -55.12 37.06 82.82
N ARG I 1797 -54.45 37.90 82.04
CA ARG I 1797 -54.55 39.35 82.21
C ARG I 1797 -55.05 39.92 80.90
N LEU I 1798 -56.01 40.84 80.97
CA LEU I 1798 -56.46 41.48 79.76
C LEU I 1798 -55.46 42.55 79.34
N SER I 1799 -55.72 43.14 78.18
CA SER I 1799 -54.94 44.29 77.79
C SER I 1799 -55.32 45.50 78.64
N PRO I 1800 -54.36 46.27 79.12
CA PRO I 1800 -54.69 47.43 79.96
C PRO I 1800 -55.38 48.51 79.15
N ALA I 1801 -56.27 49.25 79.81
CA ALA I 1801 -57.25 50.05 79.10
C ALA I 1801 -56.79 51.48 78.93
N ILE I 1802 -57.54 52.23 78.12
CA ILE I 1802 -57.28 53.63 77.79
C ILE I 1802 -58.58 54.17 77.19
N PRO I 1803 -59.04 55.36 77.56
CA PRO I 1803 -60.37 55.81 77.11
C PRO I 1803 -60.45 56.11 75.63
N LEU I 1804 -61.16 55.25 74.90
CA LEU I 1804 -61.17 55.27 73.45
C LEU I 1804 -61.97 56.41 72.84
N GLU I 1805 -63.12 56.76 73.45
CA GLU I 1805 -63.93 57.84 72.90
C GLU I 1805 -63.23 59.18 73.02
N ALA I 1806 -62.40 59.35 74.05
CA ALA I 1806 -61.49 60.47 74.09
C ALA I 1806 -60.40 60.38 73.04
N LEU I 1807 -59.98 59.16 72.69
CA LEU I 1807 -58.82 59.01 71.83
C LEU I 1807 -59.14 59.29 70.37
N ARG I 1808 -60.36 58.96 69.92
CA ARG I 1808 -60.69 59.15 68.53
C ARG I 1808 -60.81 60.61 68.15
N ASP I 1809 -61.21 61.48 69.08
CA ASP I 1809 -61.25 62.90 68.79
C ASP I 1809 -59.86 63.49 68.70
N LYS I 1810 -58.93 62.97 69.50
CA LYS I 1810 -57.56 63.48 69.44
C LYS I 1810 -56.86 63.00 68.19
N ALA I 1811 -57.09 61.74 67.79
CA ALA I 1811 -56.41 61.20 66.62
C ALA I 1811 -56.91 61.81 65.33
N LEU I 1812 -58.22 62.08 65.24
CA LEU I 1812 -58.77 62.75 64.09
C LEU I 1812 -58.26 64.16 63.93
N ARG I 1813 -58.03 64.85 65.06
CA ARG I 1813 -57.56 66.22 65.04
C ARG I 1813 -56.12 66.32 64.54
N MET I 1814 -55.26 65.40 64.98
CA MET I 1814 -53.87 65.44 64.57
C MET I 1814 -53.69 65.05 63.11
N LEU I 1815 -54.56 64.18 62.59
CA LEU I 1815 -54.60 63.97 61.15
C LEU I 1815 -55.15 65.20 60.44
N GLY I 1816 -56.20 65.79 60.99
CA GLY I 1816 -56.90 66.88 60.32
C GLY I 1816 -56.06 68.13 60.15
N GLU I 1817 -55.17 68.39 61.10
CA GLU I 1817 -54.23 69.49 60.90
C GLU I 1817 -53.15 69.14 59.90
N ALA I 1818 -52.76 67.85 59.85
CA ALA I 1818 -51.57 67.47 59.11
C ALA I 1818 -51.81 67.52 57.61
N VAL I 1819 -53.01 67.15 57.17
CA VAL I 1819 -53.34 67.30 55.77
C VAL I 1819 -53.52 68.77 55.41
N ARG I 1820 -53.87 69.60 56.39
CA ARG I 1820 -53.99 71.02 56.12
C ARG I 1820 -52.65 71.73 56.21
N ASP I 1821 -51.83 71.40 57.20
CA ASP I 1821 -50.51 72.00 57.31
C ASP I 1821 -49.56 71.54 56.23
N GLY I 1822 -49.77 70.34 55.68
CA GLY I 1822 -48.93 69.88 54.59
C GLY I 1822 -49.12 70.63 53.30
N GLY I 1823 -50.27 71.28 53.12
CA GLY I 1823 -50.49 72.08 51.94
C GLY I 1823 -49.75 73.39 52.00
N GLN I 1824 -49.40 73.82 53.21
CA GLN I 1824 -48.69 75.08 53.37
C GLN I 1824 -47.24 74.99 52.93
N HIS I 1825 -46.70 73.78 52.79
CA HIS I 1825 -45.33 73.49 52.32
C HIS I 1825 -44.31 74.19 53.21
N ALA I 1826 -44.49 74.03 54.51
CA ALA I 1826 -43.61 74.67 55.47
C ALA I 1826 -42.22 74.05 55.45
N ARG I 1827 -41.23 74.88 55.69
CA ARG I 1827 -39.84 74.45 55.69
C ARG I 1827 -39.47 73.65 56.92
N ASP I 1828 -40.19 73.83 58.03
CA ASP I 1828 -39.92 73.10 59.26
C ASP I 1828 -41.13 72.23 59.56
N PRO I 1829 -41.16 71.01 59.04
CA PRO I 1829 -42.28 70.11 59.31
C PRO I 1829 -42.16 69.56 60.74
N VAL I 1830 -43.26 69.00 61.21
CA VAL I 1830 -43.30 68.43 62.56
C VAL I 1830 -42.43 67.19 62.58
N GLY I 1831 -41.51 67.14 63.53
CA GLY I 1831 -40.70 65.97 63.73
C GLY I 1831 -39.55 65.81 62.77
N GLY I 1832 -39.29 66.80 61.93
CA GLY I 1832 -38.06 66.84 61.17
C GLY I 1832 -38.17 66.36 59.75
N SER I 1833 -39.34 65.89 59.32
CA SER I 1833 -39.54 65.49 57.94
C SER I 1833 -41.04 65.47 57.66
N VAL I 1834 -41.39 65.20 56.41
CA VAL I 1834 -42.77 64.87 56.12
C VAL I 1834 -43.00 63.38 56.35
N GLU I 1835 -41.92 62.61 56.43
CA GLU I 1835 -42.05 61.18 56.69
C GLU I 1835 -42.50 60.93 58.12
N PHE I 1836 -41.86 61.60 59.09
CA PHE I 1836 -42.26 61.42 60.47
C PHE I 1836 -43.51 62.20 60.83
N GLN I 1837 -44.05 63.00 59.92
CA GLN I 1837 -45.25 63.73 60.27
C GLN I 1837 -46.48 62.86 60.05
N PHE I 1838 -46.38 61.84 59.21
CA PHE I 1838 -47.56 61.09 58.82
C PHE I 1838 -47.51 59.61 59.13
N VAL I 1839 -46.33 59.00 59.09
CA VAL I 1839 -46.19 57.57 59.39
C VAL I 1839 -46.58 57.26 60.83
N PRO I 1840 -46.22 58.04 61.86
CA PRO I 1840 -46.80 57.74 63.17
C PRO I 1840 -48.15 58.37 63.41
N VAL I 1841 -48.88 58.81 62.38
CA VAL I 1841 -50.26 59.16 62.66
C VAL I 1841 -51.19 58.33 61.80
N LEU I 1842 -50.69 57.77 60.70
CA LEU I 1842 -51.54 56.89 59.92
C LEU I 1842 -51.63 55.51 60.56
N LYS I 1843 -50.48 54.97 61.01
CA LYS I 1843 -50.49 53.63 61.57
C LYS I 1843 -51.13 53.58 62.94
N LEU I 1844 -51.49 54.72 63.50
CA LEU I 1844 -52.45 54.70 64.60
C LEU I 1844 -53.87 54.79 64.08
N VAL I 1845 -54.11 55.62 63.06
CA VAL I 1845 -55.46 55.75 62.54
C VAL I 1845 -55.88 54.49 61.80
N SER I 1846 -54.93 53.85 61.13
CA SER I 1846 -55.20 52.58 60.49
C SER I 1846 -55.52 51.49 61.51
N THR I 1847 -54.92 51.53 62.68
CA THR I 1847 -55.22 50.48 63.65
C THR I 1847 -56.34 50.90 64.60
N LEU I 1848 -56.80 52.14 64.54
CA LEU I 1848 -58.11 52.42 65.10
C LEU I 1848 -59.22 52.28 64.10
N LEU I 1849 -58.90 52.14 62.82
CA LEU I 1849 -59.97 51.92 61.86
C LEU I 1849 -60.28 50.45 61.71
N VAL I 1850 -59.29 49.58 61.91
CA VAL I 1850 -59.55 48.15 61.82
C VAL I 1850 -60.22 47.63 63.09
N MET I 1851 -60.10 48.35 64.20
CA MET I 1851 -60.79 47.91 65.41
C MET I 1851 -62.24 48.37 65.43
N GLY I 1852 -62.66 49.13 64.43
CA GLY I 1852 -64.06 49.46 64.26
C GLY I 1852 -64.63 50.42 65.28
N ILE I 1853 -63.77 51.07 66.07
CA ILE I 1853 -64.25 51.93 67.13
C ILE I 1853 -64.59 53.34 66.63
N PHE I 1854 -64.48 53.60 65.35
CA PHE I 1854 -64.87 54.89 64.82
C PHE I 1854 -66.36 54.90 64.47
N GLY I 1855 -67.01 56.02 64.73
CA GLY I 1855 -68.35 56.23 64.24
C GLY I 1855 -68.35 56.42 62.74
N ASP I 1856 -69.53 56.28 62.16
CA ASP I 1856 -69.66 56.42 60.71
C ASP I 1856 -69.50 57.87 60.28
N GLU I 1857 -69.90 58.82 61.13
CA GLU I 1857 -69.68 60.22 60.83
C GLU I 1857 -68.21 60.58 60.96
N ASP I 1858 -67.45 59.80 61.74
CA ASP I 1858 -66.01 60.00 61.82
C ASP I 1858 -65.34 59.58 60.53
N VAL I 1859 -65.70 58.40 60.02
CA VAL I 1859 -65.12 57.94 58.77
C VAL I 1859 -65.70 58.69 57.58
N LYS I 1860 -66.84 59.36 57.76
CA LYS I 1860 -67.27 60.32 56.76
C LYS I 1860 -66.29 61.48 56.65
N GLN I 1861 -65.73 61.92 57.78
CA GLN I 1861 -64.70 62.94 57.76
C GLN I 1861 -63.39 62.41 57.22
N ILE I 1862 -63.08 61.15 57.49
CA ILE I 1862 -61.84 60.54 57.00
C ILE I 1862 -61.89 60.40 55.48
N LEU I 1863 -63.08 60.11 54.95
CA LEU I 1863 -63.23 60.07 53.49
C LEU I 1863 -63.05 61.44 52.87
N LYS I 1864 -63.44 62.49 53.56
CA LYS I 1864 -63.16 63.83 53.08
C LYS I 1864 -61.67 64.14 53.11
N MET I 1865 -60.97 63.64 54.12
CA MET I 1865 -59.56 63.97 54.28
C MET I 1865 -58.66 63.18 53.35
N ILE I 1866 -59.21 62.28 52.56
CA ILE I 1866 -58.39 61.55 51.60
C ILE I 1866 -58.50 62.20 50.23
N GLU I 1867 -59.72 62.30 49.71
CA GLU I 1867 -59.98 62.99 48.45
C GLU I 1867 -61.40 63.49 48.53
N PRO I 1868 -61.61 64.74 48.93
CA PRO I 1868 -62.98 65.24 49.14
C PRO I 1868 -63.77 65.47 47.87
N GLU I 1869 -63.11 65.50 46.72
CA GLU I 1869 -63.80 65.68 45.45
C GLU I 1869 -64.67 64.48 45.08
N VAL I 1870 -64.34 63.30 45.61
CA VAL I 1870 -65.09 62.11 45.24
C VAL I 1870 -66.13 61.77 46.31
N PHE I 1871 -65.71 61.70 47.56
CA PHE I 1871 -66.54 61.11 48.61
C PHE I 1871 -67.46 62.12 49.29
N THR I 1872 -67.64 63.29 48.70
CA THR I 1872 -68.56 64.26 49.27
C THR I 1872 -69.99 63.87 48.93
N GLU I 1873 -70.86 63.82 49.94
CA GLU I 1873 -72.24 63.43 49.76
C GLU I 1873 -73.03 64.50 49.00
N GLU I 1923 -60.04 72.24 50.51
CA GLU I 1923 -58.65 71.86 50.68
C GLU I 1923 -58.22 70.88 49.59
N GLU I 1924 -56.92 70.68 49.47
CA GLU I 1924 -56.39 69.71 48.52
C GLU I 1924 -56.49 68.31 49.09
N GLY I 1925 -56.80 67.35 48.22
CA GLY I 1925 -56.90 65.96 48.64
C GLY I 1925 -55.55 65.38 49.02
N LEU I 1926 -55.61 64.33 49.82
CA LEU I 1926 -54.39 63.73 50.35
C LEU I 1926 -53.64 62.95 49.30
N LEU I 1927 -54.35 62.33 48.36
CA LEU I 1927 -53.69 61.54 47.33
C LEU I 1927 -52.91 62.39 46.35
N GLN I 1928 -53.34 63.64 46.12
CA GLN I 1928 -52.62 64.51 45.21
C GLN I 1928 -51.32 65.01 45.80
N MET I 1929 -51.17 64.94 47.12
CA MET I 1929 -49.97 65.45 47.76
C MET I 1929 -48.78 64.56 47.45
N LYS I 1930 -47.64 65.20 47.17
CA LYS I 1930 -46.40 64.48 46.94
C LYS I 1930 -45.95 63.82 48.22
N LEU I 1931 -45.80 62.51 48.19
CA LEU I 1931 -45.52 61.74 49.38
C LEU I 1931 -44.26 60.92 49.16
N PRO I 1932 -43.42 60.79 50.17
CA PRO I 1932 -42.31 59.86 50.11
C PRO I 1932 -42.81 58.43 50.24
N GLU I 1933 -41.92 57.48 49.94
CA GLU I 1933 -42.31 56.11 49.65
C GLU I 1933 -42.97 55.39 50.82
N SER I 1934 -42.49 55.58 52.04
CA SER I 1934 -43.05 54.84 53.16
C SER I 1934 -44.42 55.36 53.54
N VAL I 1935 -44.73 56.61 53.21
CA VAL I 1935 -46.04 57.13 53.55
C VAL I 1935 -47.08 56.63 52.57
N LYS I 1936 -46.64 56.23 51.37
CA LYS I 1936 -47.55 55.54 50.46
C LYS I 1936 -47.95 54.18 51.01
N LEU I 1937 -47.09 53.57 51.81
CA LEU I 1937 -47.34 52.21 52.28
C LEU I 1937 -48.50 52.18 53.26
N GLN I 1938 -48.54 53.14 54.19
CA GLN I 1938 -49.67 53.20 55.11
C GLN I 1938 -50.94 53.65 54.42
N MET I 1939 -50.83 54.37 53.29
CA MET I 1939 -52.00 54.63 52.48
C MET I 1939 -52.60 53.36 51.91
N CYS I 1940 -51.76 52.39 51.53
CA CYS I 1940 -52.29 51.12 51.07
C CYS I 1940 -52.93 50.35 52.21
N ASN I 1941 -52.32 50.36 53.39
CA ASN I 1941 -52.95 49.68 54.52
C ASN I 1941 -54.15 50.43 55.04
N LEU I 1942 -54.29 51.71 54.71
CA LEU I 1942 -55.56 52.36 55.00
C LEU I 1942 -56.60 52.01 53.96
N LEU I 1943 -56.21 52.01 52.69
CA LEU I 1943 -57.15 51.72 51.62
C LEU I 1943 -57.57 50.26 51.58
N GLU I 1944 -56.74 49.35 52.08
CA GLU I 1944 -57.12 47.95 52.11
C GLU I 1944 -58.28 47.68 53.06
N TYR I 1945 -58.44 48.51 54.10
CA TYR I 1945 -59.60 48.36 54.96
C TYR I 1945 -60.87 48.70 54.23
N PHE I 1946 -60.80 49.67 53.31
CA PHE I 1946 -62.02 50.19 52.72
C PHE I 1946 -62.59 49.26 51.68
N CYS I 1947 -61.75 48.60 50.89
CA CYS I 1947 -62.27 47.66 49.91
C CYS I 1947 -62.86 46.44 50.57
N ASP I 1948 -62.40 46.08 51.77
CA ASP I 1948 -63.02 44.98 52.48
C ASP I 1948 -64.37 45.37 53.04
N GLN I 1949 -64.55 46.64 53.39
CA GLN I 1949 -65.86 47.07 53.85
C GLN I 1949 -66.85 47.13 52.69
N GLU I 1950 -66.36 47.27 51.46
CA GLU I 1950 -67.23 47.08 50.32
C GLU I 1950 -67.59 45.62 50.14
N LEU I 1951 -66.65 44.73 50.41
CA LEU I 1951 -66.90 43.32 50.18
C LEU I 1951 -67.75 42.71 51.28
N GLN I 1952 -67.49 43.09 52.53
CA GLN I 1952 -68.28 42.55 53.64
C GLN I 1952 -69.70 43.09 53.60
N HIS I 1953 -69.88 44.30 53.07
CA HIS I 1953 -71.22 44.80 52.84
C HIS I 1953 -71.90 44.06 51.70
N ARG I 1954 -71.14 43.67 50.68
CA ARG I 1954 -71.70 42.93 49.55
C ARG I 1954 -72.17 41.54 49.97
N VAL I 1955 -71.39 40.86 50.80
CA VAL I 1955 -71.80 39.55 51.30
C VAL I 1955 -73.01 39.68 52.20
N GLU I 1956 -73.00 40.68 53.08
CA GLU I 1956 -74.15 40.90 53.96
C GLU I 1956 -75.37 41.41 53.20
N SER I 1957 -75.16 41.94 52.00
CA SER I 1957 -76.29 42.19 51.13
C SER I 1957 -76.86 40.90 50.57
N LEU I 1958 -75.98 39.98 50.16
CA LEU I 1958 -76.45 38.76 49.52
C LEU I 1958 -77.07 37.82 50.55
N ALA I 1959 -76.61 37.84 51.79
CA ALA I 1959 -77.26 37.10 52.84
C ALA I 1959 -78.64 37.66 53.15
N ALA I 1960 -78.81 38.98 53.02
CA ALA I 1960 -80.13 39.56 53.20
C ALA I 1960 -81.06 39.21 52.06
N PHE I 1961 -80.50 38.99 50.87
CA PHE I 1961 -81.32 38.65 49.72
C PHE I 1961 -81.87 37.23 49.81
N ALA I 1962 -81.09 36.31 50.37
CA ALA I 1962 -81.45 34.90 50.32
C ALA I 1962 -82.59 34.57 51.26
N GLU I 1963 -82.57 35.14 52.48
CA GLU I 1963 -83.64 34.87 53.43
C GLU I 1963 -84.95 35.50 52.99
N ARG I 1964 -84.89 36.57 52.21
CA ARG I 1964 -86.07 37.04 51.52
C ARG I 1964 -86.47 36.12 50.38
N TYR I 1965 -85.53 35.41 49.79
CA TYR I 1965 -85.77 34.57 48.63
C TYR I 1965 -86.25 33.18 48.98
N VAL I 1966 -85.60 32.50 49.93
CA VAL I 1966 -86.00 31.14 50.24
C VAL I 1966 -87.25 31.06 51.09
N ASP I 1967 -87.59 32.13 51.82
CA ASP I 1967 -88.91 32.19 52.44
C ASP I 1967 -89.99 32.29 51.39
N LYS I 1968 -89.70 32.97 50.29
CA LYS I 1968 -90.58 33.00 49.13
C LYS I 1968 -90.55 31.71 48.34
N LEU I 1969 -89.52 30.89 48.52
CA LEU I 1969 -89.38 29.69 47.70
C LEU I 1969 -90.02 28.47 48.35
N GLN I 1970 -90.04 28.40 49.67
CA GLN I 1970 -90.63 27.26 50.35
C GLN I 1970 -92.14 27.20 50.19
N ALA I 1971 -92.82 28.34 50.30
CA ALA I 1971 -94.27 28.36 50.10
C ALA I 1971 -94.63 28.08 48.65
N ASN I 1972 -93.74 28.39 47.71
CA ASN I 1972 -93.98 28.07 46.31
C ASN I 1972 -93.89 26.56 46.09
N GLN I 1973 -92.95 25.90 46.74
CA GLN I 1973 -92.83 24.45 46.59
C GLN I 1973 -93.98 23.72 47.28
N ARG I 1974 -94.31 24.12 48.50
CA ARG I 1974 -95.32 23.41 49.27
C ARG I 1974 -96.73 23.62 48.69
N SER I 1975 -96.96 24.74 48.02
CA SER I 1975 -98.19 24.88 47.26
C SER I 1975 -98.16 24.04 46.00
N ARG I 1976 -97.02 23.98 45.32
CA ARG I 1976 -96.87 23.16 44.13
C ARG I 1976 -96.94 21.67 44.46
N TYR I 1977 -96.42 21.27 45.61
CA TYR I 1977 -96.51 19.88 46.02
C TYR I 1977 -97.92 19.48 46.39
N ALA I 1978 -98.67 20.39 47.01
CA ALA I 1978 -100.08 20.10 47.32
C ALA I 1978 -100.91 19.99 46.05
N LEU I 1979 -100.59 20.79 45.04
CA LEU I 1979 -101.21 20.61 43.73
C LEU I 1979 -100.74 19.33 43.07
N LEU I 1980 -99.51 18.91 43.33
CA LEU I 1980 -99.07 17.60 42.91
C LEU I 1980 -99.74 16.50 43.72
N MET I 1981 -100.06 16.79 44.99
CA MET I 1981 -100.71 15.81 45.84
C MET I 1981 -102.16 15.56 45.46
N ARG I 1982 -102.79 16.46 44.70
CA ARG I 1982 -104.17 16.30 44.28
C ARG I 1982 -104.30 16.01 42.80
N ALA I 1983 -103.19 15.88 42.08
CA ALA I 1983 -103.18 15.64 40.65
C ALA I 1983 -103.14 14.14 40.41
N PHE I 1984 -104.15 13.62 39.73
CA PHE I 1984 -104.24 12.20 39.40
C PHE I 1984 -104.35 11.99 37.89
N THR I 1985 -104.12 13.04 37.11
CA THR I 1985 -104.30 12.99 35.67
C THR I 1985 -103.18 12.26 34.94
N MET I 1986 -102.09 11.94 35.63
CA MET I 1986 -100.99 11.23 35.01
C MET I 1986 -100.32 10.34 36.05
N SER I 1987 -99.66 9.30 35.58
CA SER I 1987 -98.91 8.39 36.44
C SER I 1987 -97.47 8.20 36.00
N ALA I 1988 -97.22 8.03 34.71
CA ALA I 1988 -95.85 7.89 34.24
C ALA I 1988 -95.10 9.22 34.25
N ALA I 1989 -95.81 10.32 34.01
CA ALA I 1989 -95.22 11.64 34.12
C ALA I 1989 -95.33 12.20 35.53
N GLU I 1990 -96.12 11.58 36.40
CA GLU I 1990 -96.25 12.05 37.78
C GLU I 1990 -94.97 11.78 38.56
N THR I 1991 -94.34 10.63 38.33
CA THR I 1991 -93.10 10.33 39.03
C THR I 1991 -91.92 11.14 38.53
N ALA I 1992 -91.98 11.64 37.29
CA ALA I 1992 -90.99 12.61 36.83
C ALA I 1992 -91.16 13.95 37.54
N ARG I 1993 -92.36 14.24 38.03
CA ARG I 1993 -92.55 15.37 38.93
C ARG I 1993 -92.34 14.99 40.38
N ARG I 1994 -92.25 13.70 40.69
CA ARG I 1994 -92.06 13.24 42.05
C ARG I 1994 -90.62 12.84 42.34
N THR I 1995 -89.74 12.89 41.35
CA THR I 1995 -88.33 12.63 41.63
C THR I 1995 -87.70 13.76 42.44
N ARG I 1996 -88.27 14.96 42.34
CA ARG I 1996 -87.70 16.12 42.99
C ARG I 1996 -88.25 16.29 44.39
N GLU I 1997 -89.49 15.86 44.62
CA GLU I 1997 -90.22 16.28 45.82
C GLU I 1997 -89.70 15.56 47.07
N PHE I 1998 -89.67 14.25 47.04
CA PHE I 1998 -89.17 13.48 48.17
C PHE I 1998 -88.18 12.41 47.78
N ARG I 1999 -87.88 12.27 46.49
CA ARG I 1999 -86.93 11.25 46.06
C ARG I 1999 -85.52 11.79 45.97
N SER I 2000 -85.37 13.07 45.72
CA SER I 2000 -84.04 13.66 45.63
C SER I 2000 -83.62 14.23 46.99
N PRO I 2001 -82.32 14.32 47.27
CA PRO I 2001 -81.88 15.00 48.48
C PRO I 2001 -82.12 16.50 48.37
N PRO I 2002 -82.26 17.20 49.50
CA PRO I 2002 -82.54 18.65 49.43
C PRO I 2002 -81.41 19.47 48.85
N GLN I 2003 -80.18 18.96 48.90
CA GLN I 2003 -79.09 19.60 48.17
C GLN I 2003 -79.31 19.52 46.67
N GLU I 2004 -79.81 18.38 46.18
CA GLU I 2004 -80.08 18.24 44.76
C GLU I 2004 -81.31 19.01 44.33
N GLN I 2005 -82.20 19.36 45.27
CA GLN I 2005 -83.37 20.15 44.92
C GLN I 2005 -82.99 21.55 44.50
N ILE I 2006 -82.16 22.22 45.29
CA ILE I 2006 -81.79 23.61 45.02
C ILE I 2006 -80.92 23.70 43.78
N ASN I 2007 -80.10 22.69 43.53
CA ASN I 2007 -79.34 22.62 42.29
C ASN I 2007 -80.26 22.49 41.09
N MET I 2008 -81.32 21.70 41.21
CA MET I 2008 -82.29 21.58 40.15
C MET I 2008 -83.20 22.79 40.05
N LEU I 2009 -83.53 23.42 41.17
CA LEU I 2009 -84.42 24.56 41.16
C LEU I 2009 -83.80 25.80 40.52
N LEU I 2010 -82.48 25.93 40.56
CA LEU I 2010 -81.81 27.17 40.19
C LEU I 2010 -81.17 27.08 38.82
N HIS I 2011 -81.84 26.46 37.86
CA HIS I 2011 -81.22 26.16 36.58
C HIS I 2011 -81.62 27.14 35.48
N PHE I 2012 -82.41 28.16 35.80
CA PHE I 2012 -83.06 28.95 34.75
C PHE I 2012 -82.19 30.11 34.27
N LYS I 2013 -80.95 29.82 33.93
CA LYS I 2013 -80.13 30.76 33.18
C LYS I 2013 -79.88 30.16 31.81
N ASP I 2014 -80.26 30.92 30.77
CA ASP I 2014 -80.17 30.53 29.35
C ASP I 2014 -80.87 29.19 29.06
N ASP I 2020 -86.44 23.27 32.10
CA ASP I 2020 -86.84 22.15 32.93
C ASP I 2020 -86.93 22.57 34.40
N CYS I 2021 -87.46 23.76 34.63
CA CYS I 2021 -87.53 24.33 35.98
C CYS I 2021 -88.97 24.43 36.43
N PRO I 2022 -89.31 23.92 37.62
CA PRO I 2022 -90.70 24.00 38.11
C PRO I 2022 -91.08 25.35 38.68
N LEU I 2023 -90.31 26.39 38.45
CA LEU I 2023 -90.62 27.64 39.12
C LEU I 2023 -91.37 28.57 38.17
N PRO I 2024 -92.29 29.37 38.68
CA PRO I 2024 -93.01 30.34 37.84
C PRO I 2024 -92.09 31.46 37.37
N GLU I 2025 -92.53 32.17 36.35
CA GLU I 2025 -91.76 33.26 35.77
C GLU I 2025 -91.70 34.49 36.66
N ASP I 2026 -92.58 34.59 37.65
CA ASP I 2026 -92.59 35.74 38.55
C ASP I 2026 -91.39 35.76 39.49
N ILE I 2027 -91.10 34.63 40.14
CA ILE I 2027 -90.02 34.57 41.10
C ILE I 2027 -88.76 33.95 40.48
N ARG I 2028 -88.75 33.74 39.17
CA ARG I 2028 -87.52 33.40 38.49
C ARG I 2028 -86.87 34.59 37.80
N GLN I 2029 -87.58 35.70 37.68
CA GLN I 2029 -87.02 36.88 37.06
C GLN I 2029 -86.34 37.82 38.04
N ASP I 2030 -86.86 37.93 39.26
CA ASP I 2030 -86.31 38.87 40.23
C ASP I 2030 -84.92 38.45 40.69
N LEU I 2031 -84.62 37.15 40.62
CA LEU I 2031 -83.25 36.69 40.83
C LEU I 2031 -82.32 37.24 39.76
N GLN I 2032 -82.73 37.16 38.50
CA GLN I 2032 -81.97 37.77 37.42
C GLN I 2032 -81.97 39.28 37.52
N ASP I 2033 -83.06 39.88 38.03
CA ASP I 2033 -83.04 41.30 38.34
C ASP I 2033 -82.08 41.60 39.47
N PHE I 2034 -82.01 40.72 40.47
CA PHE I 2034 -81.00 40.85 41.51
C PHE I 2034 -79.61 40.63 40.98
N HIS I 2035 -79.46 39.69 40.04
CA HIS I 2035 -78.14 39.36 39.52
C HIS I 2035 -77.57 40.49 38.70
N GLN I 2036 -78.42 41.25 38.02
CA GLN I 2036 -77.95 42.45 37.36
C GLN I 2036 -77.67 43.57 38.34
N ASP I 2037 -78.24 43.52 39.54
CA ASP I 2037 -77.94 44.54 40.53
C ASP I 2037 -76.57 44.32 41.15
N LEU I 2038 -76.02 43.12 41.00
CA LEU I 2038 -74.78 42.81 41.70
C LEU I 2038 -73.57 43.00 40.80
N LEU I 2039 -73.68 42.67 39.51
CA LEU I 2039 -72.56 42.87 38.60
C LEU I 2039 -72.30 44.34 38.36
N ALA I 2040 -73.36 45.14 38.27
CA ALA I 2040 -73.21 46.58 38.21
C ALA I 2040 -72.67 47.14 39.51
N HIS I 2041 -72.99 46.51 40.64
CA HIS I 2041 -72.36 46.89 41.89
C HIS I 2041 -70.87 46.59 41.88
N CYS I 2042 -70.48 45.54 41.17
CA CYS I 2042 -69.07 45.27 40.95
C CYS I 2042 -68.59 46.07 39.75
N GLY I 2043 -67.35 45.83 39.34
CA GLY I 2043 -66.73 46.62 38.30
C GLY I 2043 -67.23 46.37 36.90
N ILE I 2044 -67.98 45.29 36.68
CA ILE I 2044 -68.52 45.01 35.35
C ILE I 2044 -69.63 45.99 35.05
N GLN I 2045 -69.49 46.72 33.93
CA GLN I 2045 -70.50 47.69 33.55
C GLN I 2045 -71.80 47.02 33.13
N LEU I 2046 -71.69 45.82 32.53
CA LEU I 2046 -72.80 44.91 32.25
C LEU I 2046 -73.86 45.54 31.33
N GLU I 2047 -73.42 45.94 30.14
CA GLU I 2047 -74.33 46.53 29.15
C GLU I 2047 -75.25 45.46 28.57
N PRO I 2091 -63.57 60.97 38.54
CA PRO I 2091 -63.81 59.59 38.97
C PRO I 2091 -64.83 59.50 40.09
N GLN I 2092 -66.04 59.05 39.77
CA GLN I 2092 -67.12 58.99 40.73
C GLN I 2092 -67.23 57.62 41.39
N SER I 2093 -66.22 56.77 41.26
CA SER I 2093 -66.27 55.42 41.81
C SER I 2093 -64.98 55.16 42.57
N LEU I 2094 -65.06 54.27 43.55
CA LEU I 2094 -63.90 53.94 44.36
C LEU I 2094 -62.87 53.16 43.53
N GLN I 2095 -63.32 52.16 42.78
CA GLN I 2095 -62.38 51.40 41.95
C GLN I 2095 -61.88 52.23 40.79
N GLU I 2096 -62.67 53.20 40.33
CA GLU I 2096 -62.17 54.18 39.39
C GLU I 2096 -61.09 55.05 40.02
N LEU I 2097 -61.20 55.35 41.31
CA LEU I 2097 -60.20 56.17 41.98
C LEU I 2097 -58.90 55.41 42.18
N VAL I 2098 -58.99 54.17 42.64
CA VAL I 2098 -57.80 53.41 42.99
C VAL I 2098 -57.01 53.06 41.75
N SER I 2099 -57.69 52.64 40.68
CA SER I 2099 -57.03 52.24 39.45
C SER I 2099 -56.34 53.42 38.78
N HIS I 2100 -56.89 54.62 38.94
CA HIS I 2100 -56.16 55.80 38.55
C HIS I 2100 -54.96 56.05 39.45
N MET I 2101 -55.16 55.94 40.76
CA MET I 2101 -54.15 56.40 41.71
C MET I 2101 -52.96 55.46 41.75
N VAL I 2102 -53.20 54.16 41.66
CA VAL I 2102 -52.10 53.21 41.82
C VAL I 2102 -51.21 53.22 40.60
N VAL I 2103 -51.81 53.30 39.41
CA VAL I 2103 -51.03 53.35 38.18
C VAL I 2103 -50.23 54.63 38.10
N ARG I 2104 -50.81 55.75 38.51
CA ARG I 2104 -50.11 57.03 38.52
C ARG I 2104 -48.94 57.04 39.47
N TRP I 2105 -49.02 56.25 40.55
CA TRP I 2105 -47.89 56.12 41.45
C TRP I 2105 -46.73 55.42 40.79
N ALA I 2106 -47.00 54.53 39.85
CA ALA I 2106 -45.90 53.91 39.11
C ALA I 2106 -45.28 54.88 38.13
N GLN I 2107 -46.06 55.81 37.60
CA GLN I 2107 -45.51 56.81 36.70
C GLN I 2107 -44.75 57.89 37.43
N GLU I 2108 -44.88 57.99 38.75
CA GLU I 2108 -44.17 59.01 39.50
C GLU I 2108 -42.67 58.73 39.51
N ASP I 2109 -42.28 57.54 39.95
CA ASP I 2109 -40.86 57.22 40.04
C ASP I 2109 -40.68 55.71 39.95
N TYR I 2110 -39.43 55.29 40.01
CA TYR I 2110 -39.11 53.87 40.04
C TYR I 2110 -39.01 53.41 41.48
N VAL I 2111 -40.05 52.75 41.97
CA VAL I 2111 -40.15 52.40 43.38
C VAL I 2111 -39.19 51.26 43.70
N GLN I 2112 -38.41 51.41 44.77
CA GLN I 2112 -37.40 50.43 45.13
C GLN I 2112 -37.80 49.56 46.30
N SER I 2113 -38.67 50.02 47.18
CA SER I 2113 -39.03 49.25 48.35
C SER I 2113 -39.94 48.11 47.94
N PRO I 2114 -39.50 46.86 48.08
CA PRO I 2114 -40.29 45.74 47.56
C PRO I 2114 -41.57 45.50 48.31
N GLU I 2115 -41.70 46.02 49.52
CA GLU I 2115 -42.95 45.88 50.25
C GLU I 2115 -44.06 46.69 49.61
N LEU I 2116 -43.77 47.92 49.19
CA LEU I 2116 -44.80 48.78 48.62
C LEU I 2116 -45.27 48.27 47.27
N VAL I 2117 -44.36 47.70 46.49
CA VAL I 2117 -44.74 47.24 45.16
C VAL I 2117 -45.60 45.99 45.26
N ARG I 2118 -45.53 45.27 46.38
CA ARG I 2118 -46.47 44.17 46.56
C ARG I 2118 -47.81 44.68 47.03
N ALA I 2119 -47.81 45.66 47.92
CA ALA I 2119 -49.08 46.17 48.42
C ALA I 2119 -49.80 47.02 47.40
N MET I 2120 -49.09 47.54 46.40
CA MET I 2120 -49.78 48.24 45.33
C MET I 2120 -50.55 47.27 44.44
N PHE I 2121 -49.83 46.31 43.86
CA PHE I 2121 -50.41 45.46 42.83
C PHE I 2121 -51.45 44.51 43.39
N SER I 2122 -51.32 44.12 44.66
CA SER I 2122 -52.37 43.32 45.29
C SER I 2122 -53.63 44.14 45.49
N LEU I 2123 -53.50 45.45 45.66
CA LEU I 2123 -54.68 46.27 45.73
C LEU I 2123 -55.31 46.44 44.36
N LEU I 2124 -54.48 46.55 43.32
CA LEU I 2124 -54.99 46.86 41.99
C LEU I 2124 -55.73 45.68 41.38
N HIS I 2125 -55.19 44.47 41.54
CA HIS I 2125 -55.85 43.27 41.06
C HIS I 2125 -57.15 43.02 41.80
N ARG I 2126 -57.27 43.51 43.03
CA ARG I 2126 -58.48 43.33 43.82
C ARG I 2126 -59.66 44.11 43.23
N GLN I 2127 -59.40 45.17 42.47
CA GLN I 2127 -60.51 45.95 41.96
C GLN I 2127 -60.98 45.45 40.61
N TYR I 2128 -60.05 44.98 39.78
CA TYR I 2128 -60.42 44.64 38.41
C TYR I 2128 -61.15 43.31 38.35
N ASP I 2129 -60.66 42.32 39.10
CA ASP I 2129 -61.38 41.05 39.23
C ASP I 2129 -62.21 41.11 40.49
N GLY I 2130 -63.11 42.09 40.53
CA GLY I 2130 -63.98 42.30 41.67
C GLY I 2130 -64.98 41.19 41.82
N LEU I 2131 -65.29 40.52 40.72
CA LEU I 2131 -66.10 39.31 40.78
C LEU I 2131 -65.38 38.19 41.50
N GLY I 2132 -64.14 37.92 41.10
CA GLY I 2132 -63.37 36.87 41.76
C GLY I 2132 -62.99 37.20 43.18
N GLU I 2133 -62.89 38.48 43.50
CA GLU I 2133 -62.68 38.88 44.88
C GLU I 2133 -63.90 38.54 45.74
N LEU I 2134 -65.09 38.64 45.17
CA LEU I 2134 -66.29 38.22 45.88
C LEU I 2134 -66.33 36.71 46.01
N LEU I 2135 -65.83 36.01 45.00
CA LEU I 2135 -65.94 34.55 44.97
C LEU I 2135 -65.08 33.90 46.03
N ARG I 2136 -63.82 34.31 46.15
CA ARG I 2136 -62.88 33.66 47.04
C ARG I 2136 -63.22 33.83 48.50
N ALA I 2137 -64.00 34.84 48.86
CA ALA I 2137 -64.45 35.00 50.23
C ALA I 2137 -65.64 34.11 50.56
N LEU I 2138 -66.48 33.83 49.57
CA LEU I 2138 -67.75 33.12 49.74
C LEU I 2138 -67.69 31.72 50.37
N PRO I 2139 -66.61 30.93 50.24
CA PRO I 2139 -66.51 29.75 51.10
C PRO I 2139 -66.43 30.05 52.58
N ARG I 2140 -65.97 31.23 52.97
CA ARG I 2140 -65.98 31.61 54.38
C ARG I 2140 -67.27 32.32 54.77
N ALA I 2141 -68.33 32.16 53.98
CA ALA I 2141 -69.62 32.76 54.30
C ALA I 2141 -70.50 31.67 54.90
N TYR I 2142 -71.07 31.96 56.06
CA TYR I 2142 -71.97 31.04 56.72
C TYR I 2142 -73.11 31.81 57.36
N THR I 2143 -74.22 31.12 57.58
CA THR I 2143 -75.45 31.78 58.00
C THR I 2143 -76.07 30.99 59.14
N ILE I 2144 -76.30 31.66 60.27
CA ILE I 2144 -76.78 30.99 61.47
C ILE I 2144 -78.14 31.56 61.86
N SER I 2145 -78.74 30.92 62.86
CA SER I 2145 -80.02 31.29 63.45
C SER I 2145 -79.83 32.36 64.53
N PRO I 2146 -80.76 33.32 64.63
CA PRO I 2146 -80.62 34.38 65.64
C PRO I 2146 -80.78 33.92 67.07
N SER I 2147 -81.29 32.73 67.30
CA SER I 2147 -81.35 32.18 68.65
C SER I 2147 -80.04 31.54 69.07
N SER I 2148 -79.08 31.42 68.17
CA SER I 2148 -77.81 30.76 68.47
C SER I 2148 -76.67 31.75 68.68
N VAL I 2149 -76.94 33.05 68.54
CA VAL I 2149 -75.90 34.07 68.62
C VAL I 2149 -75.37 34.21 70.03
N GLU I 2150 -76.23 34.02 71.04
CA GLU I 2150 -75.83 34.16 72.43
C GLU I 2150 -74.84 33.08 72.87
N ASP I 2151 -74.77 31.96 72.16
CA ASP I 2151 -73.72 30.99 72.40
C ASP I 2151 -72.60 31.04 71.38
N THR I 2152 -72.85 31.61 70.19
CA THR I 2152 -71.84 31.61 69.15
C THR I 2152 -70.70 32.58 69.45
N MET I 2153 -71.03 33.77 69.94
CA MET I 2153 -69.98 34.69 70.31
C MET I 2153 -69.27 34.25 71.58
N SER I 2154 -69.92 33.45 72.41
CA SER I 2154 -69.21 32.81 73.51
C SER I 2154 -68.26 31.73 73.00
N LEU I 2155 -68.55 31.16 71.85
CA LEU I 2155 -67.62 30.22 71.25
C LEU I 2155 -66.41 30.93 70.67
N LEU I 2156 -66.64 32.02 69.94
CA LEU I 2156 -65.58 32.70 69.20
C LEU I 2156 -64.51 33.31 70.10
N GLU I 2157 -64.89 33.80 71.27
CA GLU I 2157 -63.88 34.24 72.23
C GLU I 2157 -63.05 33.08 72.72
N CYS I 2158 -63.66 31.92 72.90
CA CYS I 2158 -62.89 30.74 73.26
C CYS I 2158 -62.13 30.17 72.07
N LEU I 2159 -62.45 30.62 70.87
CA LEU I 2159 -61.60 30.30 69.73
C LEU I 2159 -60.36 31.18 69.68
N GLY I 2160 -60.53 32.47 69.99
CA GLY I 2160 -59.46 33.44 69.83
C GLY I 2160 -58.26 33.21 70.72
N GLN I 2161 -58.45 32.58 71.88
CA GLN I 2161 -57.33 32.32 72.77
C GLN I 2161 -56.39 31.30 72.17
N ILE I 2162 -56.90 30.44 71.31
CA ILE I 2162 -56.04 29.46 70.68
C ILE I 2162 -55.14 30.11 69.64
N ARG I 2163 -55.70 31.01 68.84
CA ARG I 2163 -54.92 31.68 67.81
C ARG I 2163 -53.92 32.65 68.42
N SER I 2164 -54.23 33.20 69.59
CA SER I 2164 -53.22 33.93 70.33
C SER I 2164 -52.12 33.02 70.83
N LEU I 2165 -52.42 31.76 71.10
CA LEU I 2165 -51.39 30.81 71.48
C LEU I 2165 -50.74 30.14 70.29
N LEU I 2166 -51.11 30.52 69.07
CA LEU I 2166 -50.39 30.01 67.91
C LEU I 2166 -49.00 30.62 67.83
N ILE I 2167 -48.86 31.89 68.24
CA ILE I 2167 -47.64 32.65 67.96
C ILE I 2167 -46.69 32.74 69.12
N VAL I 2168 -47.02 32.17 70.27
CA VAL I 2168 -46.14 32.20 71.43
C VAL I 2168 -45.61 30.79 71.66
N GLN I 2169 -44.32 30.69 71.93
CA GLN I 2169 -43.71 29.41 72.26
C GLN I 2169 -44.28 28.90 73.57
N MET I 2170 -44.67 27.63 73.57
CA MET I 2170 -45.53 27.10 74.61
C MET I 2170 -44.78 26.86 75.91
N GLY I 2171 -45.30 27.39 77.00
CA GLY I 2171 -44.77 27.15 78.31
C GLY I 2171 -45.79 26.47 79.20
N PRO I 2172 -45.42 26.20 80.45
CA PRO I 2172 -46.29 25.38 81.31
C PRO I 2172 -47.54 26.07 81.79
N GLN I 2173 -47.69 27.38 81.60
CA GLN I 2173 -48.91 28.04 82.02
C GLN I 2173 -49.99 28.02 80.95
N GLU I 2174 -49.68 28.48 79.74
CA GLU I 2174 -50.63 28.59 78.66
C GLU I 2174 -51.11 27.24 78.17
N GLU I 2175 -50.37 26.17 78.47
CA GLU I 2175 -50.89 24.82 78.34
C GLU I 2175 -52.20 24.67 79.10
N ASN I 2176 -52.25 25.15 80.34
CA ASN I 2176 -53.48 25.10 81.11
C ASN I 2176 -54.50 26.10 80.58
N LEU I 2177 -54.05 27.10 79.83
CA LEU I 2177 -55.02 27.92 79.10
C LEU I 2177 -55.55 27.19 77.89
N MET I 2178 -54.73 26.38 77.24
CA MET I 2178 -55.19 25.70 76.04
C MET I 2178 -56.17 24.58 76.36
N ILE I 2179 -55.88 23.80 77.41
CA ILE I 2179 -56.74 22.68 77.79
C ILE I 2179 -58.08 23.21 78.28
N GLN I 2180 -58.06 24.26 79.10
CA GLN I 2180 -59.29 24.87 79.58
C GLN I 2180 -60.05 25.54 78.45
N SER I 2181 -59.35 26.01 77.41
CA SER I 2181 -60.03 26.49 76.22
C SER I 2181 -60.74 25.36 75.51
N ILE I 2182 -59.98 24.31 75.14
CA ILE I 2182 -60.50 23.18 74.37
C ILE I 2182 -61.60 22.47 75.11
N GLY I 2183 -61.43 22.27 76.42
CA GLY I 2183 -62.48 21.73 77.25
C GLY I 2183 -63.71 22.60 77.37
N ASN I 2184 -63.62 23.87 76.98
CA ASN I 2184 -64.79 24.71 76.89
C ASN I 2184 -65.36 24.81 75.49
N ILE I 2185 -64.63 24.31 74.48
CA ILE I 2185 -65.21 24.25 73.15
C ILE I 2185 -66.13 23.06 73.00
N MET I 2186 -65.71 21.89 73.46
CA MET I 2186 -66.39 20.64 73.14
C MET I 2186 -67.67 20.42 73.93
N ASN I 2187 -68.09 21.38 74.74
CA ASN I 2187 -69.39 21.34 75.37
C ASN I 2187 -70.08 22.68 75.19
N ASN I 2188 -70.06 23.18 73.96
CA ASN I 2188 -70.65 24.47 73.63
C ASN I 2188 -71.76 24.37 72.62
N LYS I 2189 -72.11 23.16 72.17
CA LYS I 2189 -73.34 22.76 71.51
C LYS I 2189 -73.51 23.26 70.08
N VAL I 2190 -72.69 24.21 69.62
CA VAL I 2190 -72.83 24.70 68.26
C VAL I 2190 -71.74 24.11 67.38
N PHE I 2191 -70.65 23.67 68.01
CA PHE I 2191 -69.60 22.90 67.36
C PHE I 2191 -70.13 21.64 66.68
N TYR I 2192 -71.19 21.05 67.21
CA TYR I 2192 -71.82 19.91 66.58
C TYR I 2192 -72.83 20.26 65.51
N GLN I 2193 -73.75 21.18 65.79
CA GLN I 2193 -74.89 21.33 64.88
C GLN I 2193 -74.57 22.16 63.64
N HIS I 2194 -73.33 22.62 63.47
CA HIS I 2194 -72.90 23.25 62.23
C HIS I 2194 -71.49 22.80 61.92
N PRO I 2195 -71.30 21.58 61.44
CA PRO I 2195 -69.94 21.09 61.18
C PRO I 2195 -69.31 21.70 59.96
N ASN I 2196 -70.10 22.29 59.07
CA ASN I 2196 -69.52 23.07 57.99
C ASN I 2196 -68.86 24.32 58.49
N LEU I 2197 -69.47 25.00 59.47
CA LEU I 2197 -68.94 26.25 60.01
C LEU I 2197 -67.65 26.06 60.77
N MET I 2198 -67.55 25.02 61.60
CA MET I 2198 -66.31 24.74 62.31
C MET I 2198 -65.20 24.39 61.34
N ARG I 2199 -65.53 23.73 60.25
CA ARG I 2199 -64.57 23.51 59.19
C ARG I 2199 -64.26 24.80 58.45
N ALA I 2200 -65.26 25.67 58.31
CA ALA I 2200 -65.08 26.93 57.60
C ALA I 2200 -64.18 27.90 58.35
N LEU I 2201 -64.18 27.87 59.67
CA LEU I 2201 -63.33 28.77 60.42
C LEU I 2201 -61.90 28.29 60.53
N GLY I 2202 -61.57 27.14 59.95
CA GLY I 2202 -60.23 26.62 60.06
C GLY I 2202 -59.88 26.17 61.46
N MET I 2203 -60.88 25.83 62.27
CA MET I 2203 -60.62 25.36 63.62
C MET I 2203 -59.87 24.03 63.60
N HIS I 2204 -60.22 23.16 62.66
CA HIS I 2204 -59.52 21.89 62.56
C HIS I 2204 -58.10 22.07 62.08
N GLU I 2205 -57.81 23.14 61.34
CA GLU I 2205 -56.44 23.41 60.99
C GLU I 2205 -55.66 23.92 62.18
N THR I 2206 -56.26 24.80 62.98
CA THR I 2206 -55.56 25.49 64.06
C THR I 2206 -55.08 24.54 65.14
N VAL I 2207 -55.87 23.53 65.48
CA VAL I 2207 -55.47 22.63 66.54
C VAL I 2207 -54.37 21.69 66.05
N MET I 2208 -54.21 21.55 64.74
CA MET I 2208 -53.11 20.73 64.25
C MET I 2208 -51.75 21.38 64.47
N GLU I 2209 -51.63 22.68 64.19
CA GLU I 2209 -50.32 23.32 64.28
C GLU I 2209 -49.82 23.46 65.70
N VAL I 2210 -50.70 23.55 66.69
CA VAL I 2210 -50.21 23.53 68.05
C VAL I 2210 -49.79 22.14 68.47
N MET I 2211 -50.23 21.10 67.75
CA MET I 2211 -49.61 19.80 67.94
C MET I 2211 -48.34 19.66 67.13
N VAL I 2212 -48.16 20.48 66.10
CA VAL I 2212 -46.91 20.42 65.34
C VAL I 2212 -45.77 20.98 66.16
N ASN I 2213 -45.99 22.12 66.81
CA ASN I 2213 -44.91 22.83 67.47
C ASN I 2213 -44.40 22.10 68.69
N VAL I 2214 -45.24 21.28 69.32
CA VAL I 2214 -44.82 20.59 70.53
C VAL I 2214 -44.03 19.34 70.21
N LEU I 2215 -44.43 18.59 69.18
CA LEU I 2215 -43.66 17.40 68.81
C LEU I 2215 -42.34 17.76 68.16
N GLY I 2216 -42.22 18.96 67.59
CA GLY I 2216 -41.00 19.36 66.94
C GLY I 2216 -40.79 18.67 65.61
N GLU I 2222 -37.92 13.92 72.70
CA GLU I 2222 -38.59 13.77 73.98
C GLU I 2222 -39.78 14.72 74.08
N ILE I 2223 -40.87 14.23 74.66
CA ILE I 2223 -42.10 15.00 74.78
C ILE I 2223 -41.98 15.99 75.91
N ARG I 2224 -42.17 17.27 75.60
CA ARG I 2224 -42.13 18.30 76.62
C ARG I 2224 -43.41 18.36 77.44
N PHE I 2225 -44.58 18.34 76.79
CA PHE I 2225 -45.86 18.58 77.48
C PHE I 2225 -46.87 17.52 77.03
N PRO I 2226 -46.84 16.35 77.64
CA PRO I 2226 -47.71 15.26 77.19
C PRO I 2226 -49.17 15.44 77.55
N LYS I 2227 -49.46 16.19 78.61
CA LYS I 2227 -50.84 16.37 79.01
C LYS I 2227 -51.57 17.28 78.05
N MET I 2228 -50.84 18.09 77.30
CA MET I 2228 -51.44 18.88 76.25
C MET I 2228 -51.79 18.01 75.05
N VAL I 2229 -50.83 17.21 74.59
CA VAL I 2229 -50.94 16.56 73.29
C VAL I 2229 -52.01 15.49 73.28
N THR I 2230 -52.40 14.96 74.45
CA THR I 2230 -53.52 14.05 74.50
C THR I 2230 -54.83 14.77 74.25
N SER I 2231 -55.04 15.90 74.92
CA SER I 2231 -56.33 16.57 74.81
C SER I 2231 -56.52 17.21 73.45
N CYS I 2232 -55.43 17.49 72.74
CA CYS I 2232 -55.60 17.94 71.36
C CYS I 2232 -56.00 16.80 70.46
N CYS I 2233 -55.30 15.67 70.53
CA CYS I 2233 -55.66 14.56 69.67
C CYS I 2233 -56.96 13.92 70.10
N ARG I 2234 -57.35 14.09 71.36
CA ARG I 2234 -58.69 13.67 71.78
C ARG I 2234 -59.74 14.55 71.13
N PHE I 2235 -59.44 15.83 70.92
CA PHE I 2235 -60.40 16.71 70.29
C PHE I 2235 -60.58 16.36 68.83
N LEU I 2236 -59.50 16.01 68.13
CA LEU I 2236 -59.63 15.64 66.73
C LEU I 2236 -60.36 14.33 66.52
N CYS I 2237 -60.16 13.36 67.41
CA CYS I 2237 -60.89 12.10 67.31
C CYS I 2237 -62.37 12.32 67.55
N TYR I 2238 -62.72 13.20 68.48
CA TYR I 2238 -64.12 13.55 68.64
C TYR I 2238 -64.60 14.48 67.54
N PHE I 2239 -63.69 15.07 66.78
CA PHE I 2239 -64.12 15.89 65.66
C PHE I 2239 -64.41 15.06 64.44
N CYS I 2240 -63.66 13.98 64.23
CA CYS I 2240 -63.72 13.22 62.98
C CYS I 2240 -65.03 12.49 62.78
N ARG I 2241 -65.83 12.30 63.83
CA ARG I 2241 -67.10 11.60 63.72
C ARG I 2241 -68.29 12.54 63.79
N ILE I 2242 -68.07 13.84 63.64
CA ILE I 2242 -69.22 14.73 63.64
C ILE I 2242 -69.90 14.72 62.29
N SER I 2243 -69.13 14.88 61.22
CA SER I 2243 -69.66 14.68 59.88
C SER I 2243 -68.60 13.93 59.09
N ARG I 2244 -69.05 13.32 57.98
CA ARG I 2244 -68.14 12.52 57.18
C ARG I 2244 -67.16 13.39 56.40
N GLN I 2245 -67.61 14.55 55.93
CA GLN I 2245 -66.72 15.43 55.19
C GLN I 2245 -65.68 16.10 56.08
N ASN I 2246 -65.94 16.18 57.38
CA ASN I 2246 -64.90 16.64 58.27
C ASN I 2246 -63.81 15.59 58.41
N GLN I 2247 -64.20 14.33 58.45
CA GLN I 2247 -63.24 13.23 58.37
C GLN I 2247 -62.50 13.25 57.04
N ARG I 2248 -63.16 13.66 55.96
CA ARG I 2248 -62.51 13.79 54.67
C ARG I 2248 -61.39 14.83 54.73
N SER I 2249 -61.63 15.95 55.41
CA SER I 2249 -60.61 16.97 55.53
C SER I 2249 -59.45 16.52 56.40
N MET I 2250 -59.73 15.91 57.55
CA MET I 2250 -58.69 15.46 58.46
C MET I 2250 -57.86 14.34 57.86
N PHE I 2251 -58.41 13.59 56.92
CA PHE I 2251 -57.69 12.57 56.19
C PHE I 2251 -56.50 13.12 55.42
N ASP I 2252 -56.56 14.36 54.98
CA ASP I 2252 -55.57 14.89 54.06
C ASP I 2252 -54.22 15.13 54.71
N HIS I 2253 -54.16 15.22 56.02
CA HIS I 2253 -52.90 15.39 56.72
C HIS I 2253 -52.31 14.08 57.20
N LEU I 2254 -52.57 12.99 56.47
CA LEU I 2254 -52.22 11.67 56.95
C LEU I 2254 -50.72 11.44 57.02
N SER I 2255 -49.97 11.80 55.97
CA SER I 2255 -48.56 11.50 55.92
C SER I 2255 -47.78 12.25 56.99
N TYR I 2256 -48.22 13.47 57.32
CA TYR I 2256 -47.63 14.14 58.48
C TYR I 2256 -47.99 13.45 59.78
N LEU I 2257 -49.27 13.12 59.97
CA LEU I 2257 -49.72 12.38 61.13
C LEU I 2257 -49.03 11.03 61.23
N LEU I 2258 -48.71 10.42 60.10
CA LEU I 2258 -48.00 9.16 60.08
C LEU I 2258 -46.53 9.31 60.46
N GLU I 2259 -45.93 10.47 60.21
CA GLU I 2259 -44.51 10.64 60.46
C GLU I 2259 -44.20 10.73 61.95
N ASN I 2260 -45.21 10.97 62.77
CA ASN I 2260 -45.04 11.10 64.21
C ASN I 2260 -45.84 10.07 64.98
N SER I 2261 -45.74 8.79 64.61
CA SER I 2261 -46.37 7.73 65.37
C SER I 2261 -45.74 7.56 66.74
N GLY I 2262 -44.46 7.87 66.88
CA GLY I 2262 -43.77 7.76 68.16
C GLY I 2262 -44.19 8.83 69.17
N MET I 2267 -46.63 5.29 74.57
CA MET I 2267 -46.99 6.04 75.77
C MET I 2267 -48.47 5.92 76.08
N GLN I 2268 -48.83 6.14 77.34
CA GLN I 2268 -50.20 5.95 77.80
C GLN I 2268 -51.09 7.09 77.32
N GLY I 2269 -52.40 6.93 77.54
CA GLY I 2269 -53.37 7.89 77.06
C GLY I 2269 -53.55 7.78 75.56
N SER I 2270 -54.11 8.81 74.92
CA SER I 2270 -54.29 8.78 73.48
C SER I 2270 -52.99 9.15 72.78
N THR I 2271 -53.09 9.40 71.47
CA THR I 2271 -51.92 9.45 70.61
C THR I 2271 -52.27 10.15 69.31
N PRO I 2272 -51.29 10.71 68.60
CA PRO I 2272 -51.55 11.18 67.24
C PRO I 2272 -51.97 10.11 66.28
N LEU I 2273 -51.64 8.85 66.55
CA LEU I 2273 -51.97 7.80 65.60
C LEU I 2273 -53.45 7.45 65.66
N ASP I 2274 -54.08 7.58 66.82
CA ASP I 2274 -55.52 7.29 66.90
C ASP I 2274 -56.33 8.37 66.22
N VAL I 2275 -55.75 9.54 66.00
CA VAL I 2275 -56.35 10.50 65.08
C VAL I 2275 -56.36 9.94 63.67
N ALA I 2276 -55.25 9.36 63.24
CA ALA I 2276 -55.15 8.79 61.90
C ALA I 2276 -56.06 7.59 61.73
N ALA I 2277 -56.27 6.83 62.81
CA ALA I 2277 -57.20 5.71 62.76
C ALA I 2277 -58.63 6.18 62.60
N ALA I 2278 -59.04 7.19 63.36
CA ALA I 2278 -60.40 7.70 63.24
C ALA I 2278 -60.59 8.58 62.03
N SER I 2279 -59.57 8.75 61.20
CA SER I 2279 -59.73 9.46 59.95
C SER I 2279 -60.07 8.54 58.78
N VAL I 2280 -60.02 7.24 58.96
CA VAL I 2280 -60.25 6.32 57.86
C VAL I 2280 -61.32 5.28 58.19
N ILE I 2281 -61.87 5.32 59.38
CA ILE I 2281 -62.81 4.32 59.83
C ILE I 2281 -64.14 4.58 59.14
N ASP I 2282 -64.90 3.50 58.89
CA ASP I 2282 -66.32 3.54 58.53
C ASP I 2282 -66.58 4.23 57.20
N ASN I 2283 -65.62 4.22 56.28
CA ASN I 2283 -65.77 4.98 55.06
C ASN I 2283 -65.06 4.28 53.91
N ASN I 2284 -65.83 3.84 52.92
CA ASN I 2284 -65.27 3.21 51.74
C ASN I 2284 -64.55 4.18 50.83
N GLU I 2285 -64.95 5.46 50.84
CA GLU I 2285 -64.31 6.44 49.96
C GLU I 2285 -62.85 6.63 50.30
N LEU I 2286 -62.56 6.92 51.56
CA LEU I 2286 -61.17 7.10 51.96
C LEU I 2286 -60.37 5.82 51.88
N ALA I 2287 -60.96 4.69 52.25
CA ALA I 2287 -60.22 3.44 52.25
C ALA I 2287 -59.86 3.01 50.84
N LEU I 2288 -60.71 3.32 49.88
CA LEU I 2288 -60.36 3.09 48.49
C LEU I 2288 -59.31 4.07 47.99
N ALA I 2289 -59.30 5.28 48.52
CA ALA I 2289 -58.38 6.31 48.06
C ALA I 2289 -57.10 6.37 48.87
N LEU I 2290 -56.92 5.45 49.81
CA LEU I 2290 -55.73 5.41 50.63
C LEU I 2290 -54.53 5.02 49.78
N GLN I 2291 -53.44 5.78 49.92
CA GLN I 2291 -52.26 5.57 49.09
C GLN I 2291 -51.55 4.29 49.45
N GLU I 2292 -50.61 3.91 48.58
CA GLU I 2292 -49.72 2.79 48.88
C GLU I 2292 -48.47 3.24 49.63
N GLN I 2293 -47.93 4.42 49.29
CA GLN I 2293 -46.81 4.97 50.04
C GLN I 2293 -47.21 5.32 51.47
N ASP I 2294 -48.48 5.64 51.69
CA ASP I 2294 -48.98 5.83 53.05
C ASP I 2294 -49.18 4.51 53.78
N LEU I 2295 -49.07 3.39 53.09
CA LEU I 2295 -49.16 2.10 53.75
C LEU I 2295 -47.81 1.56 54.18
N GLU I 2296 -46.78 1.72 53.35
CA GLU I 2296 -45.47 1.17 53.66
C GLU I 2296 -44.79 1.86 54.83
N LYS I 2297 -45.21 3.07 55.19
CA LYS I 2297 -44.69 3.69 56.39
C LYS I 2297 -45.24 3.01 57.64
N VAL I 2298 -46.44 2.44 57.55
CA VAL I 2298 -47.05 1.82 58.73
C VAL I 2298 -46.34 0.53 59.07
N VAL I 2299 -45.93 -0.23 58.05
CA VAL I 2299 -45.27 -1.50 58.34
C VAL I 2299 -43.81 -1.31 58.73
N SER I 2300 -43.20 -0.18 58.36
CA SER I 2300 -41.82 0.05 58.76
C SER I 2300 -41.72 0.37 60.24
N TYR I 2301 -42.76 0.97 60.82
CA TYR I 2301 -42.78 1.12 62.27
C TYR I 2301 -43.18 -0.19 62.92
N LEU I 2302 -43.94 -1.02 62.20
CA LEU I 2302 -44.13 -2.39 62.64
C LEU I 2302 -42.88 -3.22 62.42
N ALA I 2303 -41.99 -2.77 61.55
CA ALA I 2303 -40.72 -3.49 61.37
C ALA I 2303 -39.78 -3.32 62.55
N GLY I 2304 -39.98 -2.30 63.38
CA GLY I 2304 -39.08 -2.10 64.50
C GLY I 2304 -39.44 -2.86 65.75
N CYS I 2305 -40.74 -2.97 66.04
CA CYS I 2305 -41.21 -3.45 67.34
C CYS I 2305 -40.89 -4.91 67.60
N GLY I 2306 -40.77 -5.73 66.57
CA GLY I 2306 -40.46 -7.13 66.78
C GLY I 2306 -39.01 -7.40 67.14
N LEU I 2307 -38.15 -6.38 67.05
CA LEU I 2307 -36.72 -6.56 67.27
C LEU I 2307 -36.24 -5.96 68.58
N GLN I 2308 -36.89 -4.91 69.08
CA GLN I 2308 -36.49 -4.26 70.32
C GLN I 2308 -37.62 -4.28 71.33
N SER I 2309 -37.28 -3.91 72.55
CA SER I 2309 -38.23 -3.90 73.66
C SER I 2309 -38.79 -2.49 73.84
N CYS I 2310 -39.62 -2.32 74.86
CA CYS I 2310 -40.00 -0.98 75.30
C CYS I 2310 -38.96 -0.49 76.31
N PRO I 2311 -38.24 0.59 76.01
CA PRO I 2311 -37.24 1.09 76.97
C PRO I 2311 -37.86 1.63 78.24
N MET I 2312 -39.11 2.08 78.17
CA MET I 2312 -39.82 2.51 79.37
C MET I 2312 -40.17 1.34 80.28
N LEU I 2313 -40.32 0.14 79.72
CA LEU I 2313 -40.74 -1.01 80.51
C LEU I 2313 -39.57 -1.58 81.30
N LEU I 2314 -38.40 -1.64 80.68
CA LEU I 2314 -37.22 -2.06 81.42
C LEU I 2314 -36.71 -0.97 82.35
N ALA I 2315 -37.03 0.29 82.06
CA ALA I 2315 -36.87 1.34 83.05
C ALA I 2315 -37.82 1.16 84.22
N LYS I 2316 -38.97 0.52 84.01
CA LYS I 2316 -39.90 0.24 85.10
C LYS I 2316 -39.48 -0.98 85.91
N GLY I 2317 -38.44 -1.70 85.51
CA GLY I 2317 -37.96 -2.83 86.27
C GLY I 2317 -38.64 -4.13 85.90
N TYR I 2318 -39.18 -4.18 84.70
CA TYR I 2318 -39.88 -5.36 84.23
C TYR I 2318 -38.87 -6.40 83.77
N PRO I 2319 -39.28 -7.66 83.59
CA PRO I 2319 -38.42 -8.61 82.87
C PRO I 2319 -38.24 -8.20 81.42
N ASP I 2320 -37.14 -8.69 80.82
CA ASP I 2320 -36.78 -8.30 79.47
C ASP I 2320 -37.41 -9.23 78.47
N ILE I 2321 -38.05 -8.66 77.45
CA ILE I 2321 -38.60 -9.40 76.32
C ILE I 2321 -38.17 -8.68 75.05
N GLY I 2322 -37.50 -9.41 74.15
CA GLY I 2322 -36.79 -8.81 73.03
C GLY I 2322 -37.65 -8.13 71.99
N TRP I 2323 -38.97 -8.35 71.98
CA TRP I 2323 -39.87 -7.74 71.02
C TRP I 2323 -40.87 -6.87 71.78
N ASN I 2324 -41.90 -6.39 71.09
CA ASN I 2324 -42.79 -5.43 71.72
C ASN I 2324 -44.22 -5.95 71.77
N PRO I 2325 -44.65 -6.59 72.86
CA PRO I 2325 -46.06 -7.01 72.95
C PRO I 2325 -47.01 -5.87 73.27
N CYS I 2326 -46.50 -4.69 73.58
CA CYS I 2326 -47.41 -3.58 73.84
C CYS I 2326 -47.32 -2.49 72.77
N GLY I 2327 -46.12 -2.22 72.26
CA GLY I 2327 -45.96 -1.13 71.31
C GLY I 2327 -46.42 -1.51 69.92
N GLY I 2328 -46.09 -2.73 69.48
CA GLY I 2328 -46.51 -3.20 68.17
C GLY I 2328 -48.00 -3.36 67.99
N GLU I 2329 -48.74 -3.54 69.08
CA GLU I 2329 -50.19 -3.61 68.99
C GLU I 2329 -50.83 -2.25 68.76
N ARG I 2330 -50.04 -1.17 68.77
CA ARG I 2330 -50.59 0.14 68.44
C ARG I 2330 -50.56 0.41 66.95
N TYR I 2331 -50.19 -0.56 66.13
CA TYR I 2331 -50.32 -0.40 64.68
C TYR I 2331 -51.37 -1.31 64.08
N LEU I 2332 -51.55 -2.51 64.63
CA LEU I 2332 -52.45 -3.46 63.99
C LEU I 2332 -53.90 -3.11 64.23
N ASP I 2333 -54.20 -2.48 65.36
CA ASP I 2333 -55.52 -1.90 65.58
C ASP I 2333 -55.82 -0.77 64.62
N PHE I 2334 -54.80 -0.09 64.13
CA PHE I 2334 -55.01 0.85 63.03
C PHE I 2334 -55.28 0.12 61.72
N LEU I 2335 -54.40 -0.82 61.36
CA LEU I 2335 -54.49 -1.50 60.08
C LEU I 2335 -55.69 -2.42 59.97
N ARG I 2336 -56.28 -2.83 61.09
CA ARG I 2336 -57.53 -3.58 61.00
C ARG I 2336 -58.72 -2.66 60.76
N PHE I 2337 -58.49 -1.35 60.79
CA PHE I 2337 -59.46 -0.44 60.22
C PHE I 2337 -59.10 -0.07 58.80
N ALA I 2338 -57.94 -0.52 58.31
CA ALA I 2338 -57.51 -0.14 56.97
C ALA I 2338 -58.03 -1.07 55.89
N VAL I 2339 -58.43 -2.29 56.24
CA VAL I 2339 -58.89 -3.23 55.23
C VAL I 2339 -60.30 -3.77 55.49
N PHE I 2340 -60.87 -3.53 56.66
CA PHE I 2340 -62.17 -4.08 56.99
C PHE I 2340 -63.10 -2.92 57.35
N VAL I 2341 -64.16 -2.74 56.58
CA VAL I 2341 -65.10 -1.64 56.75
C VAL I 2341 -66.52 -2.15 56.53
N ASN I 2342 -67.45 -1.67 57.37
CA ASN I 2342 -68.88 -1.96 57.28
C ASN I 2342 -69.19 -3.46 57.37
N GLY I 2343 -68.36 -4.18 58.12
CA GLY I 2343 -68.48 -5.61 58.15
C GLY I 2343 -68.12 -6.30 56.85
N GLU I 2344 -67.18 -5.76 56.08
CA GLU I 2344 -66.80 -6.35 54.81
C GLU I 2344 -65.32 -6.05 54.58
N SER I 2345 -64.67 -6.90 53.81
CA SER I 2345 -63.27 -6.68 53.48
C SER I 2345 -63.14 -5.92 52.18
N VAL I 2346 -62.13 -5.06 52.09
CA VAL I 2346 -61.80 -4.47 50.81
C VAL I 2346 -60.93 -5.44 50.03
N GLU I 2347 -60.75 -5.13 48.76
CA GLU I 2347 -59.90 -5.94 47.91
C GLU I 2347 -58.55 -5.31 47.64
N GLU I 2348 -58.54 -4.06 47.18
CA GLU I 2348 -57.31 -3.45 46.67
C GLU I 2348 -56.31 -3.17 47.78
N ASN I 2349 -56.76 -2.96 49.01
CA ASN I 2349 -55.80 -2.80 50.09
C ASN I 2349 -55.35 -4.13 50.64
N ALA I 2350 -56.26 -5.10 50.70
CA ALA I 2350 -55.92 -6.42 51.22
C ALA I 2350 -54.93 -7.14 50.33
N ASN I 2351 -54.99 -6.88 49.03
CA ASN I 2351 -54.05 -7.53 48.13
C ASN I 2351 -52.69 -6.85 48.11
N VAL I 2352 -52.51 -5.77 48.89
CA VAL I 2352 -51.22 -5.10 48.89
C VAL I 2352 -50.63 -4.96 50.30
N VAL I 2353 -51.43 -5.12 51.34
CA VAL I 2353 -50.86 -5.19 52.66
C VAL I 2353 -50.13 -6.52 52.87
N VAL I 2354 -50.65 -7.62 52.34
CA VAL I 2354 -50.06 -8.91 52.62
C VAL I 2354 -48.89 -9.18 51.69
N ARG I 2355 -48.90 -8.55 50.51
CA ARG I 2355 -47.72 -8.62 49.65
C ARG I 2355 -46.55 -7.87 50.27
N LEU I 2356 -46.83 -6.90 51.11
CA LEU I 2356 -45.80 -6.09 51.74
C LEU I 2356 -45.45 -6.60 53.13
N LEU I 2357 -46.39 -7.25 53.80
CA LEU I 2357 -46.14 -7.81 55.13
C LEU I 2357 -45.19 -8.99 55.09
N ILE I 2358 -45.05 -9.62 53.93
CA ILE I 2358 -44.14 -10.76 53.81
C ILE I 2358 -42.79 -10.36 53.23
N ARG I 2359 -42.53 -9.08 53.04
CA ARG I 2359 -41.18 -8.67 52.67
C ARG I 2359 -40.27 -8.54 53.88
N LYS I 2360 -40.84 -8.29 55.04
CA LYS I 2360 -40.08 -8.23 56.28
C LYS I 2360 -40.70 -9.23 57.25
N PRO I 2361 -40.30 -10.50 57.22
CA PRO I 2361 -40.93 -11.50 58.09
C PRO I 2361 -40.65 -11.32 59.57
N GLU I 2362 -39.75 -10.41 59.94
CA GLU I 2362 -39.60 -10.01 61.33
C GLU I 2362 -40.84 -9.31 61.88
N CYS I 2363 -41.70 -8.78 61.00
CA CYS I 2363 -42.90 -8.09 61.45
C CYS I 2363 -43.90 -9.02 62.12
N PHE I 2364 -43.89 -10.30 61.77
CA PHE I 2364 -44.71 -11.25 62.52
C PHE I 2364 -44.06 -11.49 63.88
N GLY I 2365 -44.85 -12.02 64.81
CA GLY I 2365 -44.35 -12.38 66.11
C GLY I 2365 -43.37 -13.53 66.03
N PRO I 2366 -42.22 -13.39 66.70
CA PRO I 2366 -41.08 -14.29 66.43
C PRO I 2366 -41.28 -15.72 66.93
N ALA I 2367 -42.31 -15.99 67.73
CA ALA I 2367 -42.62 -17.36 68.11
C ALA I 2367 -43.14 -18.15 66.92
N LEU I 2368 -43.69 -17.46 65.93
CA LEU I 2368 -44.08 -18.11 64.68
C LEU I 2368 -43.28 -17.62 63.49
N ARG I 2369 -42.01 -17.27 63.69
CA ARG I 2369 -41.17 -16.80 62.59
C ARG I 2369 -40.01 -17.75 62.34
N GLY I 2373 -39.18 -21.34 65.07
CA GLY I 2373 -40.47 -20.92 65.58
C GLY I 2373 -41.12 -21.93 66.51
N SER I 2374 -41.79 -21.44 67.55
CA SER I 2374 -42.45 -22.30 68.51
C SER I 2374 -43.91 -22.50 68.13
N GLY I 2375 -44.63 -23.24 68.97
CA GLY I 2375 -46.03 -23.48 68.72
C GLY I 2375 -46.89 -22.29 69.09
N LEU I 2376 -47.95 -22.09 68.31
CA LEU I 2376 -48.86 -20.97 68.54
C LEU I 2376 -49.68 -21.16 69.80
N LEU I 2377 -50.20 -22.37 70.03
CA LEU I 2377 -50.76 -22.67 71.35
C LEU I 2377 -49.67 -22.68 72.40
N ALA I 2378 -48.46 -23.13 72.03
CA ALA I 2378 -47.33 -23.10 72.96
C ALA I 2378 -46.87 -21.69 73.27
N ALA I 2379 -47.02 -20.76 72.32
CA ALA I 2379 -46.69 -19.36 72.61
C ALA I 2379 -47.63 -18.79 73.66
N ILE I 2380 -48.92 -19.08 73.55
CA ILE I 2380 -49.86 -18.68 74.60
C ILE I 2380 -49.66 -19.53 75.85
N GLU I 2381 -49.25 -20.79 75.69
CA GLU I 2381 -48.85 -21.59 76.85
C GLU I 2381 -47.60 -21.03 77.52
N GLU I 2382 -46.64 -20.52 76.71
CA GLU I 2382 -45.52 -19.76 77.26
C GLU I 2382 -45.95 -18.46 77.92
N ALA I 2383 -47.14 -17.96 77.58
CA ALA I 2383 -47.61 -16.72 78.18
C ALA I 2383 -48.29 -16.97 79.52
N ILE I 2384 -48.96 -18.12 79.68
CA ILE I 2384 -49.73 -18.35 80.90
C ILE I 2384 -48.79 -18.51 82.10
N ARG I 2385 -47.63 -19.15 81.91
CA ARG I 2385 -46.69 -19.28 83.02
C ARG I 2385 -46.10 -17.94 83.41
N ILE I 2386 -45.70 -17.12 82.44
CA ILE I 2386 -45.09 -15.84 82.77
C ILE I 2386 -46.14 -14.81 83.18
N SER I 2387 -47.43 -15.08 82.93
CA SER I 2387 -48.46 -14.21 83.47
C SER I 2387 -48.92 -14.66 84.84
N GLU I 2388 -49.01 -15.97 85.09
CA GLU I 2388 -49.42 -16.43 86.40
C GLU I 2388 -48.31 -16.29 87.43
N ASP I 2389 -47.06 -16.49 87.02
CA ASP I 2389 -45.95 -16.28 87.95
C ASP I 2389 -45.61 -14.80 88.00
N PRO I 2390 -45.62 -14.18 89.18
CA PRO I 2390 -45.35 -12.73 89.25
C PRO I 2390 -43.89 -12.37 89.01
N ALA I 2391 -42.96 -13.31 89.25
CA ALA I 2391 -41.54 -13.02 89.01
C ALA I 2391 -41.25 -12.91 87.52
N ARG I 2392 -41.83 -13.78 86.71
CA ARG I 2392 -41.71 -13.65 85.27
C ARG I 2392 -42.66 -12.60 84.69
N ASP I 2393 -43.59 -12.08 85.51
CA ASP I 2393 -44.48 -11.02 85.07
C ASP I 2393 -43.84 -9.66 85.31
N GLY I 2394 -44.40 -8.64 84.68
CA GLY I 2394 -43.86 -7.30 84.77
C GLY I 2394 -44.19 -6.62 86.08
N PRO I 2395 -43.17 -6.42 86.92
CA PRO I 2395 -43.34 -5.71 88.20
C PRO I 2395 -42.42 -4.50 88.32
N ASN I 2414 -46.66 -0.74 86.70
CA ASN I 2414 -47.52 -1.70 87.39
C ASN I 2414 -48.74 -2.02 86.54
N ARG I 2415 -49.13 -1.08 85.68
CA ARG I 2415 -50.26 -1.29 84.80
C ARG I 2415 -49.92 -2.23 83.64
N VAL I 2416 -48.65 -2.43 83.35
CA VAL I 2416 -48.24 -3.26 82.23
C VAL I 2416 -47.73 -4.60 82.74
N HIS I 2417 -48.47 -5.66 82.46
CA HIS I 2417 -48.00 -7.02 82.63
C HIS I 2417 -47.62 -7.57 81.27
N LEU I 2418 -46.44 -8.18 81.18
CA LEU I 2418 -45.95 -8.67 79.90
C LEU I 2418 -46.80 -9.83 79.40
N GLY I 2419 -47.29 -10.67 80.32
CA GLY I 2419 -48.10 -11.81 79.95
C GLY I 2419 -49.46 -11.45 79.38
N HIS I 2420 -50.00 -10.30 79.75
CA HIS I 2420 -51.28 -9.87 79.19
C HIS I 2420 -51.13 -9.21 77.83
N ALA I 2421 -49.92 -8.78 77.48
CA ALA I 2421 -49.73 -8.08 76.22
C ALA I 2421 -49.29 -9.02 75.11
N ILE I 2422 -48.68 -10.14 75.45
CA ILE I 2422 -48.26 -11.09 74.41
C ILE I 2422 -49.47 -11.81 73.82
N MET I 2423 -50.42 -12.23 74.66
CA MET I 2423 -51.65 -12.82 74.14
C MET I 2423 -52.51 -11.77 73.45
N SER I 2424 -52.42 -10.52 73.89
CA SER I 2424 -53.16 -9.46 73.22
C SER I 2424 -52.53 -9.09 71.88
N PHE I 2425 -51.20 -9.19 71.78
CA PHE I 2425 -50.55 -8.92 70.50
C PHE I 2425 -50.89 -9.98 69.47
N TYR I 2426 -50.89 -11.24 69.89
CA TYR I 2426 -51.22 -12.31 68.95
C TYR I 2426 -52.73 -12.36 68.70
N ALA I 2427 -53.51 -11.75 69.59
CA ALA I 2427 -54.90 -11.50 69.27
C ALA I 2427 -55.04 -10.44 68.18
N ALA I 2428 -54.00 -9.63 67.97
CA ALA I 2428 -54.06 -8.63 66.90
C ALA I 2428 -53.49 -9.14 65.59
N LEU I 2429 -52.43 -9.95 65.63
CA LEU I 2429 -51.87 -10.49 64.40
C LEU I 2429 -52.80 -11.50 63.74
N ILE I 2430 -53.65 -12.14 64.52
CA ILE I 2430 -54.58 -13.12 63.97
C ILE I 2430 -55.74 -12.42 63.27
N ASP I 2431 -56.45 -11.54 63.97
CA ASP I 2431 -57.71 -11.06 63.43
C ASP I 2431 -57.50 -9.99 62.35
N LEU I 2432 -56.28 -9.48 62.22
CA LEU I 2432 -55.95 -8.68 61.05
C LEU I 2432 -56.02 -9.53 59.79
N LEU I 2433 -55.31 -10.66 59.76
CA LEU I 2433 -55.27 -11.49 58.58
C LEU I 2433 -56.60 -12.17 58.32
N GLY I 2434 -57.43 -12.36 59.35
CA GLY I 2434 -58.79 -12.80 59.15
C GLY I 2434 -59.58 -11.75 58.41
N ARG I 2435 -59.30 -10.48 58.72
CA ARG I 2435 -59.98 -9.40 58.02
C ARG I 2435 -59.28 -9.00 56.73
N CYS I 2436 -58.26 -9.72 56.30
CA CYS I 2436 -57.76 -9.55 54.94
C CYS I 2436 -58.04 -10.76 54.08
N ALA I 2437 -58.77 -11.75 54.61
CA ALA I 2437 -59.18 -12.92 53.87
C ALA I 2437 -60.16 -12.54 52.77
N PRO I 2438 -59.90 -12.97 51.53
CA PRO I 2438 -60.82 -12.66 50.43
C PRO I 2438 -62.19 -13.28 50.64
N GLU I 2439 -63.21 -12.55 50.23
CA GLU I 2439 -64.57 -12.92 50.55
C GLU I 2439 -65.00 -14.13 49.73
N MET I 2440 -66.06 -14.79 50.22
CA MET I 2440 -66.47 -16.11 49.74
C MET I 2440 -66.94 -16.08 48.30
N HIS I 2441 -67.66 -15.04 47.90
CA HIS I 2441 -68.17 -14.95 46.55
C HIS I 2441 -67.06 -14.80 45.51
N LEU I 2442 -65.90 -14.26 45.89
CA LEU I 2442 -64.77 -14.27 45.00
C LEU I 2442 -64.06 -15.61 44.98
N ILE I 2443 -64.34 -16.47 45.96
CA ILE I 2443 -63.76 -17.80 45.93
C ILE I 2443 -64.61 -18.71 45.06
N GLN I 2444 -65.91 -18.45 44.99
CA GLN I 2444 -66.78 -19.16 44.06
C GLN I 2444 -66.40 -18.88 42.61
N ALA I 2445 -65.95 -17.67 42.32
CA ALA I 2445 -65.34 -17.40 41.03
C ALA I 2445 -63.90 -17.87 41.06
N GLY I 2446 -63.32 -18.07 39.88
CA GLY I 2446 -61.97 -18.56 39.80
C GLY I 2446 -60.93 -17.46 39.73
N LYS I 2447 -61.04 -16.48 40.63
CA LYS I 2447 -60.04 -15.42 40.67
C LYS I 2447 -58.75 -15.97 41.24
N GLY I 2448 -57.79 -16.26 40.34
CA GLY I 2448 -56.53 -16.87 40.71
C GLY I 2448 -55.68 -16.04 41.65
N GLU I 2449 -55.72 -14.72 41.51
CA GLU I 2449 -55.07 -13.84 42.46
C GLU I 2449 -55.71 -13.95 43.84
N ALA I 2450 -57.04 -13.96 43.89
CA ALA I 2450 -57.75 -14.01 45.16
C ALA I 2450 -57.57 -15.34 45.86
N LEU I 2451 -57.40 -16.41 45.10
CA LEU I 2451 -57.16 -17.69 45.73
C LEU I 2451 -55.69 -17.91 46.02
N ARG I 2452 -54.81 -17.11 45.42
CA ARG I 2452 -53.39 -17.17 45.78
C ARG I 2452 -53.17 -16.68 47.19
N ILE I 2453 -53.89 -15.63 47.59
CA ILE I 2453 -53.80 -15.12 48.95
C ILE I 2453 -54.38 -16.11 49.93
N ARG I 2454 -55.51 -16.74 49.58
CA ARG I 2454 -56.15 -17.70 50.48
C ARG I 2454 -55.31 -18.96 50.65
N ALA I 2455 -54.41 -19.21 49.71
CA ALA I 2455 -53.39 -20.22 49.94
C ALA I 2455 -52.40 -19.78 51.00
N ILE I 2456 -51.96 -18.53 50.96
CA ILE I 2456 -50.83 -18.07 51.77
C ILE I 2456 -51.21 -18.02 53.25
N LEU I 2457 -52.37 -17.45 53.55
CA LEU I 2457 -52.84 -17.38 54.93
C LEU I 2457 -53.11 -18.75 55.53
N ARG I 2458 -53.63 -19.68 54.72
CA ARG I 2458 -53.82 -21.04 55.20
C ARG I 2458 -52.49 -21.76 55.32
N SER I 2459 -51.53 -21.43 54.47
CA SER I 2459 -50.20 -22.01 54.54
C SER I 2459 -49.43 -21.58 55.79
N LEU I 2460 -49.68 -20.39 56.29
CA LEU I 2460 -48.89 -19.87 57.40
C LEU I 2460 -49.24 -20.57 58.71
N VAL I 2461 -50.52 -20.78 58.96
CA VAL I 2461 -51.00 -21.14 60.29
C VAL I 2461 -51.49 -22.58 60.27
N PRO I 2462 -51.06 -23.42 61.21
CA PRO I 2462 -51.68 -24.74 61.36
C PRO I 2462 -53.03 -24.62 62.05
N LEU I 2463 -53.97 -25.44 61.57
CA LEU I 2463 -55.34 -25.38 62.05
C LEU I 2463 -55.45 -25.92 63.48
N ASP I 2464 -54.70 -26.97 63.80
CA ASP I 2464 -54.85 -27.60 65.11
C ASP I 2464 -54.21 -26.77 66.21
N ASP I 2465 -53.37 -25.81 65.86
CA ASP I 2465 -52.88 -24.84 66.84
C ASP I 2465 -54.03 -24.02 67.40
N LEU I 2466 -54.97 -23.65 66.53
CA LEU I 2466 -56.15 -22.90 66.95
C LEU I 2466 -57.05 -23.70 67.87
N VAL I 2467 -57.12 -25.02 67.67
CA VAL I 2467 -58.08 -25.84 68.39
C VAL I 2467 -57.71 -25.97 69.85
N GLY I 2468 -56.41 -26.05 70.16
CA GLY I 2468 -56.00 -26.00 71.55
C GLY I 2468 -56.20 -24.63 72.16
N ILE I 2469 -56.13 -23.59 71.32
CA ILE I 2469 -56.40 -22.24 71.79
C ILE I 2469 -57.90 -22.03 71.98
N ILE I 2470 -58.71 -22.59 71.09
CA ILE I 2470 -60.14 -22.39 71.14
C ILE I 2470 -60.79 -23.20 72.27
N SER I 2471 -60.04 -24.10 72.90
CA SER I 2471 -60.61 -25.03 73.87
C SER I 2471 -59.97 -24.93 75.25
N LEU I 2472 -59.09 -23.98 75.48
CA LEU I 2472 -58.41 -23.91 76.76
C LEU I 2472 -59.33 -23.27 77.80
N PRO I 2473 -59.53 -23.91 78.95
CA PRO I 2473 -60.50 -23.38 79.92
C PRO I 2473 -59.95 -22.22 80.73
N LEU I 2474 -60.86 -21.47 81.35
CA LEU I 2474 -60.52 -20.19 81.96
C LEU I 2474 -60.88 -20.15 83.43
N GLN I 2475 -60.26 -19.22 84.15
CA GLN I 2475 -60.53 -19.03 85.57
C GLN I 2475 -61.85 -18.29 85.74
N ILE I 2476 -62.94 -19.06 85.80
CA ILE I 2476 -64.29 -18.52 85.97
C ILE I 2476 -64.40 -17.90 87.36
N PRO I 2477 -65.04 -16.73 87.50
CA PRO I 2477 -65.18 -16.13 88.83
C PRO I 2477 -66.36 -16.70 89.60
N THR I 2478 -66.09 -17.11 90.84
CA THR I 2478 -67.11 -17.56 91.76
C THR I 2478 -66.60 -17.33 93.17
N LEU I 2479 -67.31 -17.89 94.15
CA LEU I 2479 -66.89 -17.75 95.55
C LEU I 2479 -65.96 -18.89 95.94
N VAL I 2486 -64.64 -14.83 94.65
CA VAL I 2486 -63.37 -14.26 94.22
C VAL I 2486 -63.48 -13.87 92.75
N GLN I 2487 -62.73 -12.85 92.35
CA GLN I 2487 -62.72 -12.38 90.97
C GLN I 2487 -61.28 -12.29 90.49
N PRO I 2488 -60.90 -12.97 89.42
CA PRO I 2488 -59.52 -12.91 88.92
C PRO I 2488 -59.26 -11.58 88.21
N LYS I 2489 -58.01 -11.39 87.81
CA LYS I 2489 -57.58 -10.12 87.23
C LYS I 2489 -57.70 -10.18 85.71
N MET I 2490 -58.34 -9.16 85.14
CA MET I 2490 -58.54 -9.11 83.71
C MET I 2490 -57.26 -8.81 82.96
N SER I 2491 -56.45 -7.87 83.43
CA SER I 2491 -55.27 -7.44 82.70
C SER I 2491 -54.03 -8.19 83.10
N ALA I 2492 -54.18 -9.42 83.59
CA ALA I 2492 -53.03 -10.30 83.79
C ALA I 2492 -53.32 -11.74 83.42
N SER I 2493 -54.52 -12.04 82.91
CA SER I 2493 -54.94 -13.42 82.68
C SER I 2493 -55.58 -13.51 81.30
N PHE I 2494 -56.15 -14.68 81.01
CA PHE I 2494 -56.77 -14.95 79.72
C PHE I 2494 -58.11 -14.22 79.63
N VAL I 2495 -58.37 -13.59 78.49
CA VAL I 2495 -59.64 -12.88 78.30
C VAL I 2495 -60.41 -13.60 77.20
N PRO I 2496 -61.74 -13.46 77.15
CA PRO I 2496 -62.50 -14.04 76.04
C PRO I 2496 -62.22 -13.34 74.72
N ASP I 2497 -61.68 -12.12 74.77
CA ASP I 2497 -61.29 -11.42 73.55
C ASP I 2497 -60.05 -12.03 72.91
N HIS I 2498 -59.27 -12.83 73.65
CA HIS I 2498 -58.21 -13.60 73.02
C HIS I 2498 -58.79 -14.71 72.15
N LYS I 2499 -59.86 -15.35 72.62
CA LYS I 2499 -60.52 -16.37 71.82
C LYS I 2499 -61.29 -15.76 70.65
N ALA I 2500 -61.76 -14.52 70.81
CA ALA I 2500 -62.58 -13.88 69.78
C ALA I 2500 -61.80 -13.58 68.51
N SER I 2501 -60.49 -13.42 68.61
CA SER I 2501 -59.70 -13.19 67.40
C SER I 2501 -59.53 -14.45 66.59
N MET I 2502 -59.38 -15.59 67.27
CA MET I 2502 -59.05 -16.83 66.59
C MET I 2502 -60.22 -17.40 65.81
N VAL I 2503 -61.42 -17.31 66.37
CA VAL I 2503 -62.62 -17.85 65.72
C VAL I 2503 -62.92 -17.11 64.41
N LEU I 2504 -62.57 -15.83 64.33
CA LEU I 2504 -62.73 -15.10 63.09
C LEU I 2504 -61.75 -15.56 62.02
N PHE I 2505 -60.60 -16.13 62.42
CA PHE I 2505 -59.64 -16.52 61.41
C PHE I 2505 -60.06 -17.81 60.72
N LEU I 2506 -60.46 -18.82 61.49
CA LEU I 2506 -60.84 -20.09 60.89
C LEU I 2506 -62.15 -19.97 60.12
N ASP I 2507 -63.07 -19.13 60.59
CA ASP I 2507 -64.36 -18.96 59.92
C ASP I 2507 -64.26 -18.08 58.69
N ARG I 2508 -63.08 -17.66 58.28
CA ARG I 2508 -62.95 -16.79 57.12
C ARG I 2508 -61.88 -17.25 56.13
N VAL I 2509 -60.95 -18.11 56.53
CA VAL I 2509 -59.95 -18.57 55.57
C VAL I 2509 -59.84 -20.09 55.52
N TYR I 2510 -60.27 -20.80 56.57
CA TYR I 2510 -60.18 -22.25 56.59
C TYR I 2510 -61.54 -22.90 56.34
N GLY I 2511 -62.54 -22.54 57.12
CA GLY I 2511 -63.90 -22.97 56.82
C GLY I 2511 -64.31 -24.24 57.51
N ILE I 2512 -65.61 -24.37 57.77
CA ILE I 2512 -66.19 -25.56 58.38
C ILE I 2512 -66.92 -26.32 57.28
N GLU I 2513 -66.39 -27.49 56.91
CA GLU I 2513 -66.93 -28.22 55.77
C GLU I 2513 -67.85 -29.36 56.17
N ASN I 2514 -67.34 -30.33 56.91
CA ASN I 2514 -68.01 -31.58 57.19
C ASN I 2514 -68.56 -31.62 58.62
N GLN I 2515 -69.43 -32.58 58.90
CA GLN I 2515 -70.11 -32.66 60.18
C GLN I 2515 -69.22 -33.11 61.32
N ASP I 2516 -68.23 -33.96 61.04
CA ASP I 2516 -67.38 -34.46 62.12
C ASP I 2516 -66.44 -33.38 62.67
N PHE I 2517 -65.81 -32.60 61.78
CA PHE I 2517 -64.89 -31.56 62.20
C PHE I 2517 -65.65 -30.39 62.83
N LEU I 2518 -66.91 -30.19 62.42
CA LEU I 2518 -67.81 -29.33 63.17
C LEU I 2518 -68.00 -29.83 64.58
N LEU I 2519 -68.34 -31.10 64.74
CA LEU I 2519 -68.52 -31.67 66.07
C LEU I 2519 -67.20 -31.99 66.75
N HIS I 2520 -66.07 -31.91 66.04
CA HIS I 2520 -64.78 -32.14 66.66
C HIS I 2520 -64.45 -31.05 67.67
N VAL I 2521 -64.45 -29.79 67.23
CA VAL I 2521 -64.11 -28.71 68.15
C VAL I 2521 -65.30 -28.31 69.00
N LEU I 2522 -66.48 -28.86 68.74
CA LEU I 2522 -67.70 -28.40 69.39
C LEU I 2522 -67.75 -28.78 70.87
N ASP I 2523 -67.47 -30.04 71.20
CA ASP I 2523 -67.57 -30.47 72.59
C ASP I 2523 -66.35 -30.05 73.39
N VAL I 2524 -65.22 -29.89 72.70
CA VAL I 2524 -63.98 -29.60 73.40
C VAL I 2524 -63.90 -28.15 73.84
N GLY I 2525 -64.33 -27.21 73.02
CA GLY I 2525 -64.15 -25.82 73.35
C GLY I 2525 -65.25 -25.17 74.15
N PHE I 2526 -66.47 -25.27 73.66
CA PHE I 2526 -67.49 -24.29 73.94
C PHE I 2526 -68.52 -24.72 74.97
N LEU I 2527 -68.93 -25.98 74.95
CA LEU I 2527 -69.70 -26.57 76.03
C LEU I 2527 -68.98 -26.58 77.39
N PRO I 2528 -67.63 -26.60 77.47
CA PRO I 2528 -67.01 -26.13 78.72
C PRO I 2528 -67.33 -24.70 79.07
N ASP I 2529 -67.33 -23.80 78.09
CA ASP I 2529 -67.51 -22.39 78.37
C ASP I 2529 -68.98 -22.01 78.51
N MET I 2530 -69.85 -22.66 77.74
CA MET I 2530 -71.29 -22.40 77.79
C MET I 2530 -71.88 -22.69 79.15
N ARG I 2531 -71.58 -23.84 79.74
CA ARG I 2531 -72.06 -24.13 81.08
C ARG I 2531 -71.28 -23.37 82.14
N ALA I 2532 -70.05 -22.95 81.82
CA ALA I 2532 -69.38 -21.97 82.67
C ALA I 2532 -70.11 -20.64 82.61
N ALA I 2533 -70.62 -20.28 81.44
CA ALA I 2533 -71.45 -19.09 81.32
C ALA I 2533 -72.85 -19.32 81.89
N ALA I 2534 -73.41 -20.52 81.70
CA ALA I 2534 -74.71 -20.84 82.27
C ALA I 2534 -74.66 -20.99 83.79
N SER I 2535 -73.47 -21.14 84.37
CA SER I 2535 -73.31 -21.23 85.80
C SER I 2535 -73.64 -19.93 86.51
N LEU I 2536 -73.24 -18.79 85.96
CA LEU I 2536 -73.30 -17.52 86.66
C LEU I 2536 -74.61 -16.77 86.43
N ASP I 2537 -75.64 -17.44 85.95
CA ASP I 2537 -76.93 -16.79 85.72
C ASP I 2537 -77.67 -16.55 87.05
N THR I 2544 -71.78 -9.85 87.46
CA THR I 2544 -70.53 -10.60 87.54
C THR I 2544 -69.61 -10.13 86.41
N GLU I 2545 -68.32 -9.99 86.72
CA GLU I 2545 -67.43 -9.21 85.86
C GLU I 2545 -67.04 -9.94 84.58
N MET I 2546 -66.36 -11.08 84.66
CA MET I 2546 -65.96 -11.75 83.42
C MET I 2546 -67.11 -12.53 82.80
N ALA I 2547 -68.23 -12.66 83.52
CA ALA I 2547 -69.45 -13.15 82.91
C ALA I 2547 -69.92 -12.23 81.79
N LEU I 2548 -69.75 -10.91 81.97
CA LEU I 2548 -70.09 -9.97 80.92
C LEU I 2548 -68.93 -9.74 79.95
N ALA I 2549 -67.73 -10.20 80.29
CA ALA I 2549 -66.66 -10.22 79.31
C ALA I 2549 -66.78 -11.41 78.38
N LEU I 2550 -67.60 -12.39 78.74
CA LEU I 2550 -67.74 -13.60 77.96
C LEU I 2550 -69.13 -13.75 77.37
N ASN I 2551 -70.14 -13.10 77.96
CA ASN I 2551 -71.49 -13.09 77.39
C ASN I 2551 -71.48 -12.46 76.00
N ARG I 2552 -70.88 -11.28 75.87
CA ARG I 2552 -70.77 -10.63 74.59
C ARG I 2552 -69.80 -11.35 73.67
N TYR I 2553 -68.85 -12.11 74.22
CA TYR I 2553 -67.95 -12.88 73.38
C TYR I 2553 -68.69 -14.01 72.68
N LEU I 2554 -69.57 -14.69 73.41
CA LEU I 2554 -70.32 -15.80 72.82
C LEU I 2554 -71.32 -15.29 71.80
N CYS I 2555 -72.03 -14.22 72.11
CA CYS I 2555 -73.07 -13.71 71.24
C CYS I 2555 -72.54 -12.98 70.01
N LEU I 2556 -71.23 -12.81 69.88
CA LEU I 2556 -70.66 -12.10 68.74
C LEU I 2556 -69.60 -12.89 67.99
N ALA I 2557 -69.20 -14.05 68.49
CA ALA I 2557 -68.15 -14.80 67.82
C ALA I 2557 -68.55 -16.20 67.43
N VAL I 2558 -69.13 -16.96 68.34
CA VAL I 2558 -69.36 -18.38 68.09
C VAL I 2558 -70.80 -18.69 67.68
N LEU I 2559 -71.82 -18.14 68.36
CA LEU I 2559 -73.22 -18.37 68.00
C LEU I 2559 -73.61 -17.92 66.59
N PRO I 2560 -72.93 -16.93 65.97
CA PRO I 2560 -72.99 -16.86 64.50
C PRO I 2560 -72.44 -18.08 63.79
N LEU I 2561 -71.28 -18.59 64.21
CA LEU I 2561 -70.62 -19.67 63.49
C LEU I 2561 -71.39 -20.98 63.63
N ILE I 2562 -72.10 -21.15 64.75
CA ILE I 2562 -73.03 -22.28 64.87
C ILE I 2562 -74.15 -22.15 63.85
N THR I 2563 -74.74 -20.96 63.74
CA THR I 2563 -75.81 -20.75 62.78
C THR I 2563 -75.31 -20.71 61.34
N LYS I 2564 -74.00 -20.63 61.13
CA LYS I 2564 -73.48 -20.86 59.79
C LYS I 2564 -73.54 -22.33 59.42
N CYS I 2565 -73.49 -23.21 60.41
CA CYS I 2565 -73.43 -24.65 60.17
C CYS I 2565 -74.61 -25.39 60.79
N ALA I 2566 -75.75 -24.72 60.92
CA ALA I 2566 -76.93 -25.35 61.51
C ALA I 2566 -77.60 -26.39 60.62
N PRO I 2567 -77.67 -26.24 59.27
CA PRO I 2567 -78.07 -27.41 58.48
C PRO I 2567 -76.99 -28.46 58.31
N LEU I 2568 -75.79 -28.24 58.83
CA LEU I 2568 -74.82 -29.33 58.84
C LEU I 2568 -75.09 -30.31 59.99
N PHE I 2569 -75.99 -29.97 60.91
CA PHE I 2569 -76.35 -30.86 62.01
C PHE I 2569 -77.43 -31.87 61.62
N ALA I 2570 -77.64 -32.13 60.35
CA ALA I 2570 -78.72 -33.03 59.93
C ALA I 2570 -78.33 -34.47 60.21
N GLY I 2571 -79.20 -35.19 60.92
CA GLY I 2571 -79.01 -36.60 61.14
C GLY I 2571 -77.90 -36.95 62.12
N THR I 2572 -78.07 -36.60 63.38
CA THR I 2572 -77.09 -36.96 64.40
C THR I 2572 -77.47 -38.25 65.13
N GLU I 2573 -77.45 -39.35 64.39
CA GLU I 2573 -77.40 -40.67 65.01
C GLU I 2573 -75.99 -41.05 65.40
N HIS I 2574 -74.99 -40.24 65.03
CA HIS I 2574 -73.63 -40.42 65.51
C HIS I 2574 -73.55 -40.24 67.02
N ARG I 2575 -74.30 -39.28 67.55
CA ARG I 2575 -74.20 -38.88 68.94
C ARG I 2575 -75.45 -38.11 69.31
N ALA I 2576 -75.99 -38.39 70.50
CA ALA I 2576 -77.21 -37.75 70.94
C ALA I 2576 -77.19 -37.32 72.40
N ILE I 2577 -76.04 -37.39 73.06
CA ILE I 2577 -75.91 -36.96 74.44
C ILE I 2577 -75.31 -35.56 74.55
N MET I 2578 -74.21 -35.31 73.85
CA MET I 2578 -73.62 -33.97 73.77
C MET I 2578 -74.60 -32.95 73.21
N VAL I 2579 -75.37 -33.34 72.19
CA VAL I 2579 -76.37 -32.43 71.66
C VAL I 2579 -77.56 -32.32 72.61
N ASP I 2580 -77.73 -33.29 73.50
CA ASP I 2580 -78.82 -33.19 74.48
C ASP I 2580 -78.45 -32.23 75.59
N SER I 2581 -77.19 -32.24 76.02
CA SER I 2581 -76.71 -31.28 77.00
C SER I 2581 -76.59 -29.88 76.41
N MET I 2582 -76.15 -29.79 75.14
CA MET I 2582 -76.01 -28.49 74.49
C MET I 2582 -77.37 -27.83 74.25
N LEU I 2583 -78.38 -28.63 73.91
CA LEU I 2583 -79.72 -28.08 73.71
C LEU I 2583 -80.35 -27.56 75.00
N HIS I 2584 -79.92 -28.07 76.16
CA HIS I 2584 -80.45 -27.56 77.41
C HIS I 2584 -79.78 -26.27 77.86
N THR I 2585 -78.45 -26.19 77.75
CA THR I 2585 -77.73 -25.02 78.23
C THR I 2585 -77.95 -23.80 77.35
N VAL I 2586 -78.40 -24.01 76.11
CA VAL I 2586 -78.87 -22.89 75.29
C VAL I 2586 -80.13 -22.28 75.90
N TYR I 2587 -81.12 -23.13 76.21
CA TYR I 2587 -82.34 -22.60 76.82
C TYR I 2587 -82.12 -22.23 78.28
N ARG I 2588 -81.06 -22.75 78.91
CA ARG I 2588 -80.65 -22.21 80.20
C ARG I 2588 -80.15 -20.78 80.05
N LEU I 2589 -79.45 -20.49 78.95
CA LEU I 2589 -79.01 -19.13 78.67
C LEU I 2589 -80.08 -18.29 78.01
N SER I 2590 -81.27 -18.85 77.76
CA SER I 2590 -82.34 -18.09 77.12
C SER I 2590 -82.89 -17.00 78.02
N ARG I 2591 -83.19 -17.32 79.27
CA ARG I 2591 -83.63 -16.33 80.25
C ARG I 2591 -82.51 -16.14 81.24
N GLY I 2592 -82.23 -14.89 81.59
CA GLY I 2592 -81.13 -14.58 82.48
C GLY I 2592 -81.20 -13.13 82.91
N ARG I 2593 -80.41 -12.78 83.93
CA ARG I 2593 -80.43 -11.43 84.44
C ARG I 2593 -79.35 -10.55 83.80
N SER I 2594 -78.26 -11.16 83.32
CA SER I 2594 -77.11 -10.42 82.84
C SER I 2594 -77.00 -10.38 81.32
N LEU I 2595 -78.12 -10.24 80.61
CA LEU I 2595 -78.11 -10.17 79.16
C LEU I 2595 -79.09 -9.11 78.67
N THR I 2596 -78.79 -8.55 77.50
CA THR I 2596 -79.60 -7.49 76.93
C THR I 2596 -80.55 -8.03 75.86
N LYS I 2597 -81.29 -7.11 75.23
CA LYS I 2597 -82.12 -7.44 74.08
C LYS I 2597 -81.29 -7.90 72.90
N ALA I 2598 -80.10 -7.33 72.73
CA ALA I 2598 -79.27 -7.67 71.58
C ALA I 2598 -78.65 -9.06 71.72
N GLN I 2599 -78.10 -9.38 72.88
CA GLN I 2599 -77.41 -10.65 73.06
C GLN I 2599 -78.39 -11.81 73.10
N ARG I 2600 -79.57 -11.60 73.68
CA ARG I 2600 -80.57 -12.65 73.74
C ARG I 2600 -81.21 -12.92 72.38
N ASP I 2601 -81.26 -11.92 71.50
CA ASP I 2601 -81.82 -12.15 70.18
C ASP I 2601 -80.89 -12.95 69.31
N VAL I 2602 -79.58 -12.95 69.62
CA VAL I 2602 -78.66 -13.84 68.93
C VAL I 2602 -78.94 -15.29 69.32
N ILE I 2603 -79.21 -15.52 70.61
CA ILE I 2603 -79.39 -16.89 71.10
C ILE I 2603 -80.75 -17.43 70.69
N GLU I 2604 -81.79 -16.60 70.77
CA GLU I 2604 -83.12 -17.03 70.38
C GLU I 2604 -83.21 -17.28 68.88
N ASP I 2605 -82.38 -16.61 68.09
CA ASP I 2605 -82.26 -16.97 66.69
C ASP I 2605 -81.35 -18.17 66.50
N CYS I 2606 -80.41 -18.38 67.42
CA CYS I 2606 -79.57 -19.57 67.34
C CYS I 2606 -80.34 -20.81 67.77
N LEU I 2607 -81.35 -20.63 68.61
CA LEU I 2607 -82.13 -21.77 69.10
C LEU I 2607 -83.03 -22.35 68.01
N MET I 2608 -83.84 -21.49 67.38
CA MET I 2608 -84.77 -21.97 66.36
C MET I 2608 -84.05 -22.39 65.09
N ALA I 2609 -82.81 -21.91 64.90
CA ALA I 2609 -81.97 -22.43 63.83
C ALA I 2609 -81.47 -23.83 64.15
N LEU I 2610 -81.48 -24.23 65.42
CA LEU I 2610 -81.14 -25.59 65.78
C LEU I 2610 -82.37 -26.45 66.03
N CYS I 2611 -83.54 -25.84 66.23
CA CYS I 2611 -84.78 -26.61 66.28
C CYS I 2611 -85.09 -27.29 64.96
N ARG I 2612 -84.64 -26.71 63.85
CA ARG I 2612 -84.69 -27.35 62.56
C ARG I 2612 -83.35 -28.03 62.29
N TYR I 2613 -83.31 -28.79 61.19
CA TYR I 2613 -82.12 -29.50 60.69
C TYR I 2613 -81.62 -30.55 61.67
N ILE I 2614 -82.55 -31.19 62.37
CA ILE I 2614 -82.28 -32.33 63.23
C ILE I 2614 -83.60 -33.08 63.40
N ARG I 2615 -83.52 -34.41 63.47
CA ARG I 2615 -84.72 -35.25 63.49
C ARG I 2615 -85.47 -35.10 64.82
N PRO I 2616 -86.81 -35.15 64.79
CA PRO I 2616 -87.58 -35.00 66.04
C PRO I 2616 -87.49 -36.16 67.02
N SER I 2617 -86.61 -37.14 66.78
CA SER I 2617 -86.23 -38.08 67.82
C SER I 2617 -85.59 -37.37 69.01
N MET I 2618 -84.57 -36.56 68.77
CA MET I 2618 -83.87 -35.90 69.86
C MET I 2618 -84.52 -34.60 70.32
N LEU I 2619 -85.56 -34.12 69.59
CA LEU I 2619 -86.28 -32.91 69.93
C LEU I 2619 -87.03 -32.99 71.26
N GLN I 2620 -87.52 -34.17 71.65
CA GLN I 2620 -88.37 -34.25 72.84
C GLN I 2620 -87.55 -34.20 74.13
N HIS I 2621 -86.22 -34.15 74.02
CA HIS I 2621 -85.36 -34.05 75.19
C HIS I 2621 -85.56 -32.73 75.93
N LEU I 2622 -85.90 -31.67 75.21
CA LEU I 2622 -86.21 -30.40 75.86
C LEU I 2622 -87.70 -30.12 75.93
N LEU I 2623 -88.48 -30.77 75.06
CA LEU I 2623 -89.94 -30.57 75.04
C LEU I 2623 -90.59 -31.09 76.31
N ARG I 2624 -89.97 -32.08 76.96
CA ARG I 2624 -90.39 -32.47 78.29
C ARG I 2624 -90.16 -31.35 79.31
N ARG I 2625 -89.16 -30.51 79.07
CA ARG I 2625 -88.80 -29.49 80.05
C ARG I 2625 -89.56 -28.19 79.80
N LEU I 2626 -89.93 -27.92 78.55
CA LEU I 2626 -90.63 -26.68 78.23
C LEU I 2626 -92.05 -26.67 78.74
N VAL I 2627 -92.82 -27.74 78.47
CA VAL I 2627 -94.22 -27.83 78.91
C VAL I 2627 -94.35 -27.93 80.42
N PHE I 2628 -93.26 -28.22 81.12
CA PHE I 2628 -93.19 -28.03 82.56
C PHE I 2628 -93.36 -26.55 82.94
N ASP I 2629 -92.74 -25.65 82.17
CA ASP I 2629 -92.60 -24.26 82.57
C ASP I 2629 -93.64 -23.32 81.97
N VAL I 2630 -93.71 -23.24 80.64
CA VAL I 2630 -94.46 -22.15 79.98
C VAL I 2630 -95.99 -22.22 80.05
N PRO I 2631 -96.69 -23.32 79.70
CA PRO I 2631 -98.07 -23.16 79.21
C PRO I 2631 -99.10 -22.81 80.28
N ILE I 2632 -98.72 -22.82 81.55
CA ILE I 2632 -99.62 -22.40 82.62
C ILE I 2632 -99.66 -20.90 82.80
N LEU I 2633 -98.72 -20.16 82.23
CA LEU I 2633 -98.60 -18.73 82.44
C LEU I 2633 -98.71 -17.99 81.11
N ASN I 2634 -99.35 -16.83 81.14
CA ASN I 2634 -99.52 -16.01 79.95
C ASN I 2634 -98.35 -15.06 79.78
N LYS I 2638 -88.62 -14.49 77.09
CA LYS I 2638 -89.02 -15.41 78.15
C LYS I 2638 -90.18 -16.28 77.69
N MET I 2639 -91.37 -15.69 77.68
CA MET I 2639 -92.59 -16.42 77.36
C MET I 2639 -92.66 -16.80 75.89
N PRO I 2640 -92.45 -15.82 75.01
CA PRO I 2640 -92.57 -16.03 73.57
C PRO I 2640 -91.40 -16.86 73.02
N LEU I 2641 -90.30 -16.92 73.77
CA LEU I 2641 -89.14 -17.72 73.38
C LEU I 2641 -89.47 -19.20 73.44
N LYS I 2642 -90.41 -19.55 74.31
CA LYS I 2642 -90.91 -20.91 74.39
C LYS I 2642 -91.90 -21.16 73.27
N LEU I 2643 -92.82 -20.21 73.08
CA LEU I 2643 -93.92 -20.36 72.14
C LEU I 2643 -93.43 -20.38 70.69
N LEU I 2644 -92.28 -19.77 70.44
CA LEU I 2644 -91.73 -19.73 69.10
C LEU I 2644 -91.12 -21.08 68.73
N THR I 2645 -90.32 -21.63 69.64
CA THR I 2645 -89.61 -22.88 69.39
C THR I 2645 -90.58 -24.06 69.39
N ASN I 2646 -91.69 -23.89 70.09
CA ASN I 2646 -92.71 -24.92 70.16
C ASN I 2646 -93.40 -25.13 68.82
N HIS I 2647 -93.78 -24.03 68.18
CA HIS I 2647 -94.55 -24.08 66.95
C HIS I 2647 -93.70 -24.50 65.76
N TYR I 2648 -92.37 -24.47 65.92
CA TYR I 2648 -91.47 -24.84 64.84
C TYR I 2648 -91.05 -26.31 64.95
N GLU I 2649 -91.71 -27.04 65.84
CA GLU I 2649 -91.38 -28.44 66.05
C GLU I 2649 -92.63 -29.30 65.96
N ARG I 2650 -93.77 -28.70 66.28
CA ARG I 2650 -95.04 -29.40 66.23
C ARG I 2650 -95.58 -29.41 64.82
N CYS I 2651 -95.06 -28.54 63.98
CA CYS I 2651 -95.41 -28.53 62.57
C CYS I 2651 -94.26 -29.10 61.76
N TRP I 2652 -93.50 -29.98 62.41
CA TRP I 2652 -92.30 -30.53 61.82
C TRP I 2652 -92.39 -32.04 61.65
N LYS I 2653 -93.54 -32.62 61.97
CA LYS I 2653 -93.73 -34.06 61.87
C LYS I 2653 -95.21 -34.43 61.74
N TYR I 2654 -96.06 -33.43 61.52
CA TYR I 2654 -97.51 -33.64 61.45
C TYR I 2654 -97.94 -34.28 60.14
N TYR I 2655 -97.01 -34.39 59.20
CA TYR I 2655 -97.23 -35.13 57.98
C TYR I 2655 -96.15 -36.19 57.85
N ALA I 2662 -95.76 -40.66 75.47
CA ALA I 2662 -94.61 -40.06 76.14
C ALA I 2662 -94.75 -38.54 76.19
N ASN I 2663 -94.21 -37.88 75.18
CA ASN I 2663 -94.26 -36.42 75.11
C ASN I 2663 -95.62 -35.93 74.62
N PHE I 2664 -96.37 -36.85 74.02
CA PHE I 2664 -97.70 -36.52 73.48
C PHE I 2664 -98.68 -36.20 74.59
N GLY I 2665 -98.53 -36.87 75.73
CA GLY I 2665 -99.37 -36.62 76.87
C GLY I 2665 -98.98 -35.29 77.51
N VAL I 2666 -97.69 -34.96 77.39
CA VAL I 2666 -97.17 -33.72 77.95
C VAL I 2666 -97.68 -32.53 77.14
N THR I 2667 -97.88 -32.76 75.85
CA THR I 2667 -98.39 -31.73 74.96
C THR I 2667 -99.86 -31.46 75.23
N SER I 2668 -100.61 -32.52 75.47
CA SER I 2668 -102.03 -32.41 75.78
C SER I 2668 -102.21 -31.80 77.17
N GLU I 2669 -101.23 -32.03 78.03
CA GLU I 2669 -101.18 -31.39 79.34
C GLU I 2669 -100.95 -29.91 79.16
N GLU I 2670 -100.09 -29.57 78.20
CA GLU I 2670 -99.82 -28.18 77.87
C GLU I 2670 -100.99 -27.56 77.11
N GLU I 2671 -101.70 -28.40 76.36
CA GLU I 2671 -102.83 -27.96 75.55
C GLU I 2671 -103.99 -27.49 76.41
N LEU I 2672 -104.18 -28.17 77.55
CA LEU I 2672 -105.21 -27.78 78.49
C LEU I 2672 -104.69 -26.64 79.37
N HIS I 2673 -103.37 -26.58 79.54
CA HIS I 2673 -102.75 -25.53 80.35
C HIS I 2673 -102.86 -24.20 79.64
N LEU I 2674 -102.72 -24.23 78.32
CA LEU I 2674 -102.85 -23.04 77.50
C LEU I 2674 -104.32 -22.63 77.44
N THR I 2675 -105.20 -23.61 77.53
CA THR I 2675 -106.63 -23.35 77.59
C THR I 2675 -106.96 -22.72 78.93
N ARG I 2676 -106.21 -23.10 79.96
CA ARG I 2676 -106.36 -22.51 81.28
C ARG I 2676 -105.81 -21.09 81.29
N LYS I 2677 -104.84 -20.85 80.41
CA LYS I 2677 -104.32 -19.50 80.22
C LYS I 2677 -105.32 -18.68 79.41
N LEU I 2678 -106.11 -19.36 78.60
CA LEU I 2678 -107.14 -18.72 77.79
C LEU I 2678 -108.50 -18.79 78.47
N LEU I 2686 -102.03 -9.11 71.12
CA LEU I 2686 -100.86 -8.91 71.97
C LEU I 2686 -100.23 -10.24 72.32
N ALA I 2687 -100.24 -10.57 73.62
CA ALA I 2687 -99.74 -11.85 74.08
C ALA I 2687 -100.79 -12.92 73.81
N HIS I 2688 -102.04 -12.47 73.70
CA HIS I 2688 -103.16 -13.34 73.40
C HIS I 2688 -103.10 -13.87 71.97
N LYS I 2689 -102.52 -13.08 71.08
CA LYS I 2689 -102.40 -13.47 69.68
C LYS I 2689 -101.10 -14.24 69.44
N LYS I 2690 -100.22 -14.22 70.43
CA LYS I 2690 -98.93 -14.89 70.33
C LYS I 2690 -99.03 -16.34 70.81
N TYR I 2691 -100.22 -16.72 71.25
CA TYR I 2691 -100.40 -18.04 71.86
C TYR I 2691 -101.13 -19.02 70.96
N ASP I 2692 -102.15 -18.53 70.24
CA ASP I 2692 -103.04 -19.39 69.45
C ASP I 2692 -102.34 -20.02 68.25
N GLN I 2693 -101.27 -19.40 67.78
CA GLN I 2693 -100.49 -19.93 66.68
C GLN I 2693 -99.72 -21.16 67.12
N GLU I 2694 -99.06 -21.05 68.27
CA GLU I 2694 -98.27 -22.15 68.80
C GLU I 2694 -99.16 -23.24 69.36
N LEU I 2695 -100.38 -22.87 69.74
CA LEU I 2695 -101.32 -23.82 70.32
C LEU I 2695 -101.94 -24.69 69.23
N TYR I 2696 -102.38 -24.06 68.15
CA TYR I 2696 -103.05 -24.77 67.06
C TYR I 2696 -102.06 -25.57 66.23
N ARG I 2697 -100.78 -25.21 66.33
CA ARG I 2697 -99.73 -25.95 65.63
C ARG I 2697 -99.47 -27.28 66.33
N MET I 2698 -99.76 -27.32 67.62
CA MET I 2698 -99.57 -28.53 68.40
C MET I 2698 -100.85 -29.35 68.44
N ALA I 2699 -101.85 -28.94 67.66
CA ALA I 2699 -103.15 -29.61 67.65
C ALA I 2699 -103.22 -30.79 66.68
N MET I 2700 -102.09 -31.44 66.44
CA MET I 2700 -102.02 -32.61 65.58
C MET I 2700 -100.82 -33.46 65.94
N GLU I 2741 -96.30 -37.73 103.94
CA GLU I 2741 -95.55 -38.02 105.16
C GLU I 2741 -95.20 -39.50 105.25
N THR I 2742 -93.92 -39.79 105.42
CA THR I 2742 -93.44 -41.16 105.57
C THR I 2742 -92.75 -41.42 106.89
N LEU I 2743 -92.18 -40.40 107.54
CA LEU I 2743 -91.58 -40.58 108.85
C LEU I 2743 -92.61 -40.43 109.97
N ASN I 2744 -93.69 -39.69 109.72
CA ASN I 2744 -94.76 -39.49 110.69
C ASN I 2744 -95.98 -40.34 110.38
N VAL I 2745 -95.87 -41.25 109.41
CA VAL I 2745 -96.94 -42.17 109.07
C VAL I 2745 -96.73 -43.44 109.89
N ILE I 2746 -97.79 -43.91 110.54
CA ILE I 2746 -97.70 -45.04 111.44
C ILE I 2746 -97.63 -46.33 110.64
N ILE I 2747 -96.81 -47.26 111.13
CA ILE I 2747 -96.70 -48.58 110.50
C ILE I 2747 -97.56 -49.56 111.29
N PRO I 2748 -98.40 -50.34 110.62
CA PRO I 2748 -99.24 -51.31 111.32
C PRO I 2748 -98.43 -52.55 111.72
N GLU I 2749 -99.16 -53.55 112.24
CA GLU I 2749 -98.52 -54.79 112.70
C GLU I 2749 -97.95 -55.59 111.53
N LYS I 2750 -98.73 -55.76 110.46
CA LYS I 2750 -98.22 -56.43 109.28
C LYS I 2750 -97.25 -55.58 108.48
N LEU I 2751 -97.27 -54.25 108.68
CA LEU I 2751 -96.33 -53.37 107.99
C LEU I 2751 -94.91 -53.52 108.53
N ASP I 2752 -94.78 -53.89 109.80
CA ASP I 2752 -93.46 -54.28 110.30
C ASP I 2752 -93.08 -55.67 109.82
N SER I 2753 -94.07 -56.52 109.54
CA SER I 2753 -93.83 -57.81 108.92
C SER I 2753 -93.63 -57.70 107.42
N PHE I 2754 -94.17 -56.66 106.78
CA PHE I 2754 -93.94 -56.43 105.37
C PHE I 2754 -92.64 -55.69 105.09
N ILE I 2755 -92.17 -54.88 106.04
CA ILE I 2755 -90.90 -54.18 105.86
C ILE I 2755 -89.74 -55.16 105.98
N ASN I 2756 -89.94 -56.28 106.68
CA ASN I 2756 -88.96 -57.34 106.69
C ASN I 2756 -89.13 -58.31 105.52
N LYS I 2757 -90.37 -58.54 105.08
CA LYS I 2757 -90.61 -59.45 103.96
C LYS I 2757 -90.26 -58.83 102.63
N PHE I 2758 -90.53 -57.52 102.44
CA PHE I 2758 -90.06 -56.84 101.24
C PHE I 2758 -88.58 -56.56 101.30
N ALA I 2759 -87.96 -56.70 102.47
CA ALA I 2759 -86.51 -56.76 102.56
C ALA I 2759 -85.98 -58.18 102.31
N GLU I 2760 -86.75 -59.19 102.71
CA GLU I 2760 -86.33 -60.57 102.46
C GLU I 2760 -86.55 -60.98 101.02
N TYR I 2761 -87.65 -60.53 100.41
CA TYR I 2761 -87.89 -60.83 99.01
C TYR I 2761 -86.97 -60.02 98.10
N THR I 2762 -86.48 -58.87 98.58
CA THR I 2762 -85.47 -58.12 97.84
C THR I 2762 -84.13 -58.85 97.85
N HIS I 2763 -83.76 -59.45 98.98
CA HIS I 2763 -82.56 -60.27 99.01
C HIS I 2763 -82.78 -61.61 98.32
N GLU I 2764 -84.04 -62.04 98.18
CA GLU I 2764 -84.36 -63.27 97.46
C GLU I 2764 -84.29 -63.08 95.96
N LYS I 2765 -84.54 -61.87 95.46
CA LYS I 2765 -84.47 -61.62 94.02
C LYS I 2765 -83.07 -61.17 93.59
N TRP I 2766 -82.32 -60.52 94.47
CA TRP I 2766 -81.01 -60.00 94.09
C TRP I 2766 -79.96 -61.09 93.99
N ALA I 2767 -80.01 -62.08 94.88
CA ALA I 2767 -79.08 -63.21 94.77
C ALA I 2767 -79.46 -64.12 93.60
N PHE I 2768 -80.72 -64.09 93.17
CA PHE I 2768 -81.11 -64.85 91.99
C PHE I 2768 -80.58 -64.23 90.71
N ASP I 2769 -80.32 -62.93 90.71
CA ASP I 2769 -79.90 -62.24 89.50
C ASP I 2769 -78.38 -62.21 89.34
N LYS I 2770 -77.65 -61.94 90.42
CA LYS I 2770 -76.20 -61.82 90.34
C LYS I 2770 -75.50 -63.15 90.09
N ILE I 2771 -75.96 -64.24 90.72
CA ILE I 2771 -75.28 -65.52 90.60
C ILE I 2771 -75.44 -66.13 89.21
N GLN I 2772 -76.44 -65.67 88.45
CA GLN I 2772 -76.58 -66.09 87.07
C GLN I 2772 -75.48 -65.55 86.17
N ASN I 2773 -74.91 -64.40 86.52
CA ASN I 2773 -73.80 -63.81 85.77
C ASN I 2773 -72.45 -64.13 86.37
N ASN I 2774 -72.34 -65.26 87.08
CA ASN I 2774 -71.10 -65.75 87.71
C ASN I 2774 -70.54 -64.73 88.72
N TRP I 2775 -71.33 -64.46 89.75
CA TRP I 2775 -70.92 -63.61 90.85
C TRP I 2775 -70.32 -64.48 91.95
N SER I 2776 -69.06 -64.23 92.28
CA SER I 2776 -68.37 -65.01 93.30
C SER I 2776 -68.78 -64.53 94.69
N TYR I 2777 -68.31 -65.25 95.70
CA TYR I 2777 -68.60 -64.94 97.10
C TYR I 2777 -67.33 -64.44 97.78
N GLY I 2778 -67.35 -63.18 98.22
CA GLY I 2778 -66.22 -62.61 98.91
C GLY I 2778 -66.67 -61.88 100.16
N GLU I 2779 -65.76 -61.88 101.15
CA GLU I 2779 -66.03 -61.14 102.39
C GLU I 2779 -66.02 -59.63 102.14
N ASN I 2780 -65.19 -59.17 101.21
CA ASN I 2780 -65.23 -57.81 100.72
C ASN I 2780 -65.80 -57.82 99.30
N VAL I 2781 -66.74 -56.91 99.07
CA VAL I 2781 -67.42 -56.85 97.77
C VAL I 2781 -66.47 -56.23 96.75
N ASP I 2782 -65.98 -57.06 95.83
CA ASP I 2782 -65.07 -56.63 94.78
C ASP I 2782 -65.79 -56.65 93.45
N GLU I 2783 -65.50 -55.65 92.61
CA GLU I 2783 -66.17 -55.55 91.32
C GLU I 2783 -65.55 -56.48 90.27
N GLU I 2784 -64.23 -56.64 90.28
CA GLU I 2784 -63.59 -57.56 89.35
C GLU I 2784 -63.85 -59.01 89.74
N LEU I 2785 -64.08 -59.26 91.03
CA LEU I 2785 -64.44 -60.58 91.50
C LEU I 2785 -65.94 -60.81 91.53
N LYS I 2786 -66.74 -59.76 91.32
CA LYS I 2786 -68.21 -59.78 91.38
C LYS I 2786 -68.71 -60.33 92.71
N THR I 2787 -68.08 -59.90 93.80
CA THR I 2787 -68.39 -60.44 95.11
C THR I 2787 -69.64 -59.78 95.68
N HIS I 2788 -70.50 -60.62 96.27
CA HIS I 2788 -71.72 -60.15 96.93
C HIS I 2788 -71.69 -60.69 98.35
N PRO I 2789 -71.18 -59.93 99.32
CA PRO I 2789 -71.17 -60.41 100.70
C PRO I 2789 -72.54 -60.42 101.37
N MET I 2790 -73.56 -59.83 100.76
CA MET I 2790 -74.93 -59.91 101.23
C MET I 2790 -75.68 -61.08 100.61
N LEU I 2791 -74.98 -62.15 100.24
CA LEU I 2791 -75.59 -63.34 99.64
C LEU I 2791 -76.16 -64.21 100.74
N ARG I 2792 -77.25 -63.72 101.34
CA ARG I 2792 -77.94 -64.41 102.42
C ARG I 2792 -79.33 -63.80 102.53
N PRO I 2793 -80.19 -64.39 103.36
CA PRO I 2793 -81.53 -63.82 103.56
C PRO I 2793 -81.51 -62.67 104.55
N TYR I 2794 -82.65 -61.98 104.64
CA TYR I 2794 -82.82 -60.95 105.65
C TYR I 2794 -83.00 -61.54 107.05
N LYS I 2795 -83.47 -62.78 107.14
CA LYS I 2795 -83.53 -63.49 108.42
C LYS I 2795 -82.19 -64.05 108.84
N THR I 2796 -81.23 -64.16 107.91
CA THR I 2796 -79.86 -64.49 108.23
C THR I 2796 -78.97 -63.26 108.33
N PHE I 2797 -79.57 -62.07 108.27
CA PHE I 2797 -78.85 -60.82 108.39
C PHE I 2797 -79.14 -60.16 109.74
N SER I 2798 -78.13 -59.52 110.29
CA SER I 2798 -78.23 -58.81 111.55
C SER I 2798 -78.66 -57.37 111.30
N GLU I 2799 -78.53 -56.53 112.33
CA GLU I 2799 -78.87 -55.12 112.17
C GLU I 2799 -77.83 -54.38 111.35
N LYS I 2800 -76.63 -54.94 111.21
CA LYS I 2800 -75.61 -54.37 110.35
C LYS I 2800 -75.72 -54.82 108.91
N ASP I 2801 -76.43 -55.92 108.64
CA ASP I 2801 -76.60 -56.43 107.28
C ASP I 2801 -78.02 -56.34 106.77
N LYS I 2802 -78.96 -55.84 107.58
CA LYS I 2802 -80.31 -55.53 107.12
C LYS I 2802 -80.62 -54.05 107.19
N GLU I 2803 -79.65 -53.22 107.61
CA GLU I 2803 -79.83 -51.77 107.62
C GLU I 2803 -79.85 -51.18 106.21
N ILE I 2804 -79.34 -51.91 105.22
CA ILE I 2804 -79.45 -51.47 103.83
C ILE I 2804 -80.86 -51.59 103.28
N TYR I 2805 -81.72 -52.39 103.93
CA TYR I 2805 -83.10 -52.56 103.50
C TYR I 2805 -84.09 -52.34 104.65
N ARG I 2806 -83.74 -51.48 105.60
CA ARG I 2806 -84.62 -51.21 106.74
C ARG I 2806 -85.51 -50.00 106.48
N TRP I 2807 -84.89 -48.85 106.19
CA TRP I 2807 -85.60 -47.59 105.96
C TRP I 2807 -86.36 -47.63 104.64
N PRO I 2808 -85.87 -48.37 103.63
CA PRO I 2808 -86.54 -48.35 102.32
C PRO I 2808 -87.84 -49.12 102.29
N ILE I 2809 -87.92 -50.28 102.93
CA ILE I 2809 -89.16 -51.05 102.94
C ILE I 2809 -90.12 -50.59 104.02
N LYS I 2810 -89.70 -49.69 104.91
CA LYS I 2810 -90.58 -49.13 105.93
C LYS I 2810 -91.17 -47.78 105.52
N GLU I 2811 -90.42 -46.98 104.77
CA GLU I 2811 -90.95 -45.69 104.30
C GLU I 2811 -91.90 -45.89 103.12
N SER I 2812 -91.66 -46.90 102.28
CA SER I 2812 -92.56 -47.18 101.17
C SER I 2812 -93.89 -47.74 101.66
N LEU I 2813 -93.86 -48.57 102.70
CA LEU I 2813 -95.09 -49.03 103.34
C LEU I 2813 -95.79 -47.89 104.07
N LYS I 2814 -95.02 -46.92 104.58
CA LYS I 2814 -95.62 -45.74 105.20
C LYS I 2814 -96.16 -44.79 104.14
N ALA I 2815 -95.49 -44.70 102.98
CA ALA I 2815 -96.02 -43.89 101.89
C ALA I 2815 -97.24 -44.54 101.26
N MET I 2816 -97.31 -45.87 101.26
CA MET I 2816 -98.51 -46.56 100.80
C MET I 2816 -99.64 -46.43 101.81
N ILE I 2817 -99.32 -46.28 103.09
CA ILE I 2817 -100.35 -46.12 104.11
C ILE I 2817 -100.82 -44.68 104.18
N ALA I 2818 -99.93 -43.71 103.97
CA ALA I 2818 -100.33 -42.30 103.98
C ALA I 2818 -101.13 -41.94 102.73
N TRP I 2819 -100.93 -42.67 101.62
CA TRP I 2819 -101.74 -42.45 100.43
C TRP I 2819 -103.11 -43.11 100.57
N GLU I 2820 -103.16 -44.35 101.01
CA GLU I 2820 -104.41 -45.06 101.26
C GLU I 2820 -104.25 -45.88 102.52
N TRP I 2821 -105.01 -45.56 103.56
CA TRP I 2821 -104.85 -46.18 104.88
C TRP I 2821 -105.41 -47.61 104.84
N THR I 2822 -104.65 -48.50 104.22
CA THR I 2822 -104.98 -49.93 104.14
C THR I 2822 -103.68 -50.70 104.35
N ILE I 2823 -103.37 -51.00 105.61
CA ILE I 2823 -102.22 -51.82 105.97
C ILE I 2823 -102.73 -52.90 106.91
N GLU I 2824 -103.16 -54.03 106.34
CA GLU I 2824 -103.68 -55.16 107.11
C GLU I 2824 -103.58 -56.40 106.24
N LYS I 2825 -103.59 -57.56 106.88
CA LYS I 2825 -103.51 -58.84 106.20
C LYS I 2825 -104.91 -59.32 105.86
N ALA I 2826 -105.16 -59.55 104.56
CA ALA I 2826 -106.45 -60.04 104.10
C ALA I 2826 -106.33 -61.28 103.21
N ARG I 2827 -105.12 -61.82 103.08
CA ARG I 2827 -104.88 -63.00 102.26
C ARG I 2827 -103.69 -63.76 102.83
N GLU I 2828 -103.51 -65.00 102.35
CA GLU I 2828 -102.43 -65.84 102.83
C GLU I 2828 -101.10 -65.41 102.21
N GLY I 2829 -100.02 -65.97 102.74
CA GLY I 2829 -98.70 -65.64 102.25
C GLY I 2829 -98.40 -66.26 100.90
N GLU I 2830 -97.36 -65.74 100.26
CA GLU I 2830 -96.96 -66.23 98.94
C GLU I 2830 -95.45 -66.08 98.74
N TYR I 2855 -75.01 -68.85 98.85
CA TYR I 2855 -76.46 -69.01 98.93
C TYR I 2855 -77.14 -68.56 97.64
N ASN I 2856 -78.09 -69.36 97.17
CA ASN I 2856 -78.83 -69.09 95.93
C ASN I 2856 -80.27 -68.78 96.29
N PRO I 2857 -80.55 -67.55 96.76
CA PRO I 2857 -81.93 -67.18 97.09
C PRO I 2857 -82.71 -66.89 95.81
N GLN I 2858 -83.95 -67.40 95.74
CA GLN I 2858 -84.79 -67.22 94.56
C GLN I 2858 -86.10 -66.57 94.96
N PRO I 2859 -86.55 -65.53 94.26
CA PRO I 2859 -87.84 -64.93 94.59
C PRO I 2859 -88.98 -65.74 94.01
N PRO I 2860 -90.16 -65.67 94.62
CA PRO I 2860 -91.28 -66.50 94.16
C PRO I 2860 -91.95 -65.91 92.93
N ASP I 2861 -92.96 -66.63 92.45
CA ASP I 2861 -93.73 -66.22 91.29
C ASP I 2861 -94.70 -65.12 91.70
N LEU I 2862 -94.19 -63.90 91.82
CA LEU I 2862 -95.00 -62.75 92.20
C LEU I 2862 -95.85 -62.23 91.06
N SER I 2863 -95.59 -62.64 89.82
CA SER I 2863 -96.34 -62.21 88.66
C SER I 2863 -97.44 -63.21 88.29
N GLY I 2864 -97.98 -63.92 89.28
CA GLY I 2864 -99.07 -64.84 89.05
C GLY I 2864 -100.37 -64.12 88.73
N VAL I 2865 -100.61 -63.02 89.44
CA VAL I 2865 -101.76 -62.15 89.19
C VAL I 2865 -101.24 -60.80 88.69
N THR I 2866 -101.82 -60.30 87.60
CA THR I 2866 -101.40 -59.04 87.04
C THR I 2866 -102.06 -57.87 87.76
N LEU I 2867 -101.94 -56.68 87.17
CA LEU I 2867 -102.52 -55.48 87.75
C LEU I 2867 -103.89 -55.22 87.17
N SER I 2868 -104.88 -55.03 88.05
CA SER I 2868 -106.25 -54.74 87.67
C SER I 2868 -106.42 -53.24 87.49
N ARG I 2869 -107.66 -52.75 87.41
CA ARG I 2869 -107.91 -51.33 87.29
C ARG I 2869 -107.56 -50.57 88.56
N GLU I 2870 -107.65 -51.22 89.73
CA GLU I 2870 -107.26 -50.60 90.99
C GLU I 2870 -105.83 -50.94 91.39
N LEU I 2871 -105.27 -52.02 90.83
CA LEU I 2871 -103.90 -52.38 91.16
C LEU I 2871 -102.88 -51.65 90.29
N GLN I 2872 -103.19 -51.41 89.01
CA GLN I 2872 -102.27 -50.67 88.16
C GLN I 2872 -102.24 -49.19 88.53
N ALA I 2873 -103.40 -48.64 88.96
CA ALA I 2873 -103.43 -47.28 89.47
C ALA I 2873 -102.70 -47.15 90.79
N MET I 2874 -102.75 -48.17 91.65
CA MET I 2874 -101.96 -48.16 92.87
C MET I 2874 -100.47 -48.38 92.57
N ALA I 2875 -100.16 -49.18 91.54
CA ALA I 2875 -98.77 -49.31 91.12
C ALA I 2875 -98.28 -48.04 90.46
N GLU I 2876 -99.18 -47.30 89.79
CA GLU I 2876 -98.86 -45.97 89.33
C GLU I 2876 -98.74 -44.99 90.48
N GLN I 2877 -99.45 -45.23 91.57
CA GLN I 2877 -99.32 -44.38 92.76
C GLN I 2877 -98.07 -44.72 93.55
N LEU I 2878 -97.53 -45.94 93.39
CA LEU I 2878 -96.34 -46.32 94.13
C LEU I 2878 -95.07 -45.85 93.43
N ALA I 2879 -95.11 -45.69 92.11
CA ALA I 2879 -93.94 -45.19 91.39
C ALA I 2879 -93.75 -43.70 91.60
N GLU I 2880 -94.86 -42.94 91.58
CA GLU I 2880 -94.78 -41.50 91.80
C GLU I 2880 -94.45 -41.16 93.25
N ASN I 2881 -94.94 -41.96 94.20
CA ASN I 2881 -94.60 -41.74 95.60
C ASN I 2881 -93.13 -42.08 95.87
N TYR I 2882 -92.61 -43.12 95.23
CA TYR I 2882 -91.18 -43.38 95.28
C TYR I 2882 -90.39 -42.32 94.54
N HIS I 2883 -91.00 -41.70 93.53
CA HIS I 2883 -90.37 -40.57 92.88
C HIS I 2883 -90.55 -39.27 93.66
N ASN I 2884 -91.61 -39.19 94.47
CA ASN I 2884 -91.82 -37.98 95.28
C ASN I 2884 -90.88 -37.92 96.47
N THR I 2885 -90.66 -39.05 97.15
CA THR I 2885 -89.77 -39.06 98.30
C THR I 2885 -88.31 -38.96 97.87
N TRP I 2886 -87.91 -39.66 96.81
CA TRP I 2886 -86.55 -39.53 96.31
C TRP I 2886 -86.35 -38.19 95.60
N GLY I 2887 -87.41 -37.64 95.01
CA GLY I 2887 -87.30 -36.33 94.37
C GLY I 2887 -87.21 -35.19 95.36
N ARG I 2888 -87.94 -35.29 96.47
CA ARG I 2888 -87.79 -34.32 97.54
C ARG I 2888 -86.45 -34.49 98.25
N LYS I 2889 -85.90 -35.70 98.24
CA LYS I 2889 -84.57 -35.91 98.77
C LYS I 2889 -83.51 -35.27 97.89
N LYS I 2890 -83.72 -35.27 96.57
CA LYS I 2890 -82.79 -34.62 95.68
C LYS I 2890 -82.90 -33.10 95.74
N LYS I 2891 -84.10 -32.58 95.98
CA LYS I 2891 -84.28 -31.14 96.08
C LYS I 2891 -83.75 -30.60 97.41
N GLN I 2892 -83.62 -31.47 98.41
CA GLN I 2892 -83.07 -31.03 99.69
C GLN I 2892 -81.55 -31.19 99.73
N GLU I 2893 -81.02 -32.25 99.11
CA GLU I 2893 -79.59 -32.51 99.20
C GLU I 2893 -78.76 -31.56 98.34
N LEU I 2894 -79.14 -31.36 97.08
CA LEU I 2894 -78.38 -30.49 96.19
C LEU I 2894 -78.51 -29.02 96.57
N GLU I 2895 -79.62 -28.64 97.20
CA GLU I 2895 -79.76 -27.28 97.69
C GLU I 2895 -78.90 -27.04 98.94
N ALA I 2896 -78.66 -28.08 99.72
CA ALA I 2896 -77.84 -27.95 100.93
C ALA I 2896 -76.39 -28.32 100.63
N LEU I 2905 -84.17 -34.04 88.40
CA LEU I 2905 -85.44 -33.43 88.76
C LEU I 2905 -86.52 -33.75 87.74
N VAL I 2906 -86.74 -35.04 87.51
CA VAL I 2906 -87.70 -35.49 86.51
C VAL I 2906 -88.94 -36.06 87.19
N PRO I 2907 -90.13 -35.62 86.82
CA PRO I 2907 -91.35 -36.19 87.41
C PRO I 2907 -91.71 -37.55 86.79
N TYR I 2908 -92.84 -38.07 87.23
CA TYR I 2908 -93.26 -39.40 86.81
C TYR I 2908 -94.09 -39.38 85.54
N ASP I 2909 -95.08 -38.49 85.44
CA ASP I 2909 -95.97 -38.49 84.29
C ASP I 2909 -95.31 -37.92 83.04
N THR I 2910 -94.43 -36.93 83.23
CA THR I 2910 -93.67 -36.36 82.13
C THR I 2910 -92.27 -36.96 82.03
N LEU I 2911 -92.10 -38.20 82.46
CA LEU I 2911 -90.81 -38.87 82.37
C LEU I 2911 -90.54 -39.32 80.93
N THR I 2912 -89.30 -39.73 80.70
CA THR I 2912 -88.89 -40.18 79.38
C THR I 2912 -89.44 -41.57 79.05
N ALA I 2913 -89.21 -41.99 77.81
CA ALA I 2913 -89.50 -43.37 77.45
C ALA I 2913 -88.45 -44.33 77.98
N LYS I 2914 -87.27 -43.82 78.33
CA LYS I 2914 -86.23 -44.66 78.92
C LYS I 2914 -86.13 -44.50 80.43
N GLU I 2915 -86.46 -43.30 80.94
CA GLU I 2915 -86.40 -43.08 82.38
C GLU I 2915 -87.55 -43.74 83.12
N LYS I 2916 -88.74 -43.79 82.51
CA LYS I 2916 -89.88 -44.44 83.15
C LYS I 2916 -89.81 -45.96 83.09
N ALA I 2917 -88.89 -46.51 82.29
CA ALA I 2917 -88.75 -47.97 82.23
C ALA I 2917 -87.97 -48.49 83.43
N ARG I 2918 -87.07 -47.68 83.98
CA ARG I 2918 -86.28 -48.10 85.14
C ARG I 2918 -86.94 -47.73 86.46
N ASP I 2919 -87.82 -46.73 86.47
CA ASP I 2919 -88.47 -46.32 87.71
C ASP I 2919 -89.71 -47.15 88.00
N ARG I 2920 -90.36 -47.69 86.99
CA ARG I 2920 -91.58 -48.47 87.18
C ARG I 2920 -91.32 -49.85 87.79
N GLU I 2921 -90.09 -50.36 87.71
CA GLU I 2921 -89.77 -51.64 88.32
C GLU I 2921 -89.65 -51.53 89.83
N LYS I 2922 -89.50 -50.30 90.35
CA LYS I 2922 -89.48 -50.10 91.80
C LYS I 2922 -90.88 -50.13 92.39
N ALA I 2923 -91.91 -50.02 91.56
CA ALA I 2923 -93.29 -50.08 92.06
C ALA I 2923 -94.00 -51.37 91.68
N GLN I 2924 -93.69 -51.93 90.50
CA GLN I 2924 -94.32 -53.18 90.09
C GLN I 2924 -93.78 -54.35 90.90
N GLU I 2925 -92.55 -54.25 91.40
CA GLU I 2925 -92.02 -55.27 92.30
C GLU I 2925 -92.42 -55.01 93.75
N LEU I 2926 -92.67 -53.75 94.11
CA LEU I 2926 -93.07 -53.45 95.48
C LEU I 2926 -94.54 -53.76 95.72
N LEU I 2927 -95.40 -53.50 94.72
CA LEU I 2927 -96.80 -53.89 94.85
C LEU I 2927 -96.98 -55.40 94.76
N LYS I 2928 -96.07 -56.08 94.06
CA LYS I 2928 -96.06 -57.54 94.09
C LYS I 2928 -95.51 -58.06 95.41
N PHE I 2929 -94.61 -57.30 96.04
CA PHE I 2929 -94.14 -57.66 97.37
C PHE I 2929 -95.15 -57.31 98.45
N LEU I 2930 -95.91 -56.23 98.25
CA LEU I 2930 -96.99 -55.90 99.16
C LEU I 2930 -98.17 -56.85 99.03
N GLN I 2931 -98.37 -57.45 97.85
CA GLN I 2931 -99.51 -58.35 97.65
C GLN I 2931 -99.35 -59.65 98.42
N MET I 2932 -98.12 -60.04 98.74
CA MET I 2932 -97.90 -61.17 99.62
C MET I 2932 -98.31 -60.81 101.04
N ASN I 2933 -98.73 -61.83 101.79
CA ASN I 2933 -99.24 -61.75 103.17
C ASN I 2933 -100.45 -60.83 103.32
N GLY I 2934 -101.18 -60.59 102.23
CA GLY I 2934 -102.45 -59.89 102.29
C GLY I 2934 -102.39 -58.39 102.43
N TYR I 2935 -101.20 -57.78 102.43
CA TYR I 2935 -101.08 -56.34 102.69
C TYR I 2935 -101.16 -55.51 101.40
N ALA I 2936 -102.19 -55.73 100.61
CA ALA I 2936 -102.36 -55.03 99.34
C ALA I 2936 -103.11 -53.73 99.60
N VAL I 2937 -102.41 -52.60 99.50
CA VAL I 2937 -103.00 -51.30 99.71
C VAL I 2937 -103.85 -50.95 98.49
N THR I 2938 -105.17 -51.17 98.59
CA THR I 2938 -106.09 -50.94 97.50
C THR I 2938 -107.09 -49.87 97.90
N ARG I 2939 -107.06 -48.74 97.22
CA ARG I 2939 -107.96 -47.64 97.52
C ARG I 2939 -109.37 -47.92 97.00
N ILE I 2951 -109.11 -39.62 73.89
CA ILE I 2951 -108.26 -38.49 74.24
C ILE I 2951 -108.86 -37.18 73.73
N GLU I 2952 -109.42 -37.22 72.53
CA GLU I 2952 -109.98 -36.04 71.89
C GLU I 2952 -111.37 -35.72 72.42
N LYS I 2953 -112.01 -36.70 73.05
CA LYS I 2953 -113.35 -36.52 73.59
C LYS I 2953 -113.32 -35.63 74.83
N ARG I 2954 -112.18 -35.62 75.51
CA ARG I 2954 -111.98 -34.77 76.67
C ARG I 2954 -111.93 -33.31 76.23
N PHE I 2955 -111.34 -33.09 75.07
CA PHE I 2955 -111.30 -31.77 74.47
C PHE I 2955 -112.69 -31.38 74.00
N ALA I 2956 -113.41 -32.35 73.47
CA ALA I 2956 -114.76 -32.13 72.96
C ALA I 2956 -115.75 -31.87 74.08
N PHE I 2957 -115.46 -32.44 75.24
CA PHE I 2957 -116.30 -32.24 76.42
C PHE I 2957 -116.18 -30.81 76.92
N GLY I 2958 -114.95 -30.31 76.94
CA GLY I 2958 -114.68 -28.93 77.34
C GLY I 2958 -115.18 -27.98 76.26
N PHE I 2959 -115.17 -28.45 75.01
CA PHE I 2959 -115.64 -27.67 73.87
C PHE I 2959 -117.14 -27.42 73.96
N LEU I 2960 -117.87 -28.46 74.34
CA LEU I 2960 -119.31 -28.33 74.53
C LEU I 2960 -119.58 -27.55 75.80
N GLN I 2961 -118.67 -27.66 76.76
CA GLN I 2961 -118.76 -26.91 78.02
C GLN I 2961 -118.55 -25.43 77.75
N GLN I 2962 -117.67 -25.13 76.80
CA GLN I 2962 -117.45 -23.76 76.39
C GLN I 2962 -118.60 -23.29 75.52
N LEU I 2963 -119.21 -24.22 74.79
CA LEU I 2963 -120.30 -23.91 73.87
C LEU I 2963 -121.56 -23.50 74.61
N LEU I 2964 -121.72 -24.00 75.84
CA LEU I 2964 -122.86 -23.67 76.67
C LEU I 2964 -122.73 -22.25 77.22
N ARG I 2965 -121.53 -21.93 77.70
CA ARG I 2965 -121.25 -20.63 78.28
C ARG I 2965 -121.16 -19.55 77.22
N TRP I 2966 -120.89 -19.96 75.99
CA TRP I 2966 -120.81 -19.03 74.86
C TRP I 2966 -122.18 -18.49 74.50
N MET I 2967 -123.13 -19.40 74.29
CA MET I 2967 -124.50 -19.04 73.93
C MET I 2967 -125.23 -18.39 75.10
N ASP I 2968 -124.77 -18.69 76.31
CA ASP I 2968 -125.29 -18.03 77.51
C ASP I 2968 -124.83 -16.58 77.54
N ILE I 2969 -123.57 -16.36 77.15
CA ILE I 2969 -123.02 -15.01 77.11
C ILE I 2969 -123.47 -14.28 75.85
N SER I 2970 -123.82 -15.03 74.81
CA SER I 2970 -124.26 -14.46 73.56
C SER I 2970 -125.63 -13.82 73.71
N GLN I 2971 -126.46 -14.42 74.56
CA GLN I 2971 -127.77 -13.88 74.86
C GLN I 2971 -127.64 -12.80 75.94
N GLU I 2972 -126.53 -12.84 76.68
CA GLU I 2972 -126.28 -11.85 77.72
C GLU I 2972 -125.92 -10.51 77.10
N PHE I 2973 -125.34 -10.55 75.90
CA PHE I 2973 -125.02 -9.34 75.16
C PHE I 2973 -126.17 -8.97 74.24
N ILE I 2974 -126.99 -9.96 73.90
CA ILE I 2974 -128.17 -9.73 73.06
C ILE I 2974 -129.26 -9.01 73.84
N ALA I 2975 -129.25 -9.21 75.16
CA ALA I 2975 -130.19 -8.54 76.03
C ALA I 2975 -129.88 -7.04 76.12
N HIS I 2976 -128.59 -6.72 76.15
CA HIS I 2976 -128.15 -5.33 76.23
C HIS I 2976 -128.33 -4.63 74.89
N LYS I 2996 -113.07 -10.62 77.82
CA LYS I 2996 -112.28 -11.69 78.40
C LYS I 2996 -112.60 -13.02 77.72
N PHE I 2997 -113.82 -13.51 77.93
CA PHE I 2997 -114.24 -14.78 77.37
C PHE I 2997 -114.51 -14.69 75.87
N PHE I 2998 -114.78 -13.47 75.40
CA PHE I 2998 -115.03 -13.24 73.97
C PHE I 2998 -113.75 -13.43 73.18
N ALA I 2999 -112.63 -13.04 73.77
CA ALA I 2999 -111.32 -13.26 73.17
C ALA I 2999 -110.99 -14.75 73.25
N LYS I 3000 -111.43 -15.38 74.33
CA LYS I 3000 -111.25 -16.82 74.52
C LYS I 3000 -112.13 -17.58 73.55
N ILE I 3001 -113.27 -17.00 73.22
CA ILE I 3001 -114.17 -17.57 72.23
C ILE I 3001 -113.53 -17.45 70.85
N LEU I 3002 -112.82 -16.36 70.63
CA LEU I 3002 -112.09 -16.15 69.38
C LEU I 3002 -110.88 -17.07 69.35
N LEU I 3003 -110.32 -17.33 70.52
CA LEU I 3003 -109.18 -18.22 70.64
C LEU I 3003 -109.60 -19.67 70.42
N PRO I 3004 -110.83 -19.98 70.79
CA PRO I 3004 -111.35 -21.34 70.66
C PRO I 3004 -111.79 -21.63 69.23
N LEU I 3005 -112.44 -20.65 68.60
CA LEU I 3005 -112.97 -20.81 67.25
C LEU I 3005 -111.87 -20.97 66.21
N ILE I 3006 -110.73 -20.34 66.48
CA ILE I 3006 -109.56 -20.47 65.63
C ILE I 3006 -108.99 -21.87 65.77
N ASN I 3007 -109.01 -22.39 66.99
CA ASN I 3007 -108.58 -23.75 67.25
C ASN I 3007 -109.61 -24.73 66.74
N GLN I 3008 -110.87 -24.29 66.72
CA GLN I 3008 -111.96 -25.09 66.19
C GLN I 3008 -111.83 -25.19 64.68
N TYR I 3009 -111.40 -24.10 64.07
CA TYR I 3009 -111.15 -24.09 62.62
C TYR I 3009 -109.85 -24.83 62.32
N PHE I 3010 -108.98 -24.90 63.32
CA PHE I 3010 -107.72 -25.62 63.18
C PHE I 3010 -107.95 -27.13 63.22
N THR I 3011 -108.68 -27.59 64.24
CA THR I 3011 -108.88 -29.02 64.46
C THR I 3011 -109.79 -29.64 63.41
N ASN I 3012 -110.70 -28.84 62.85
CA ASN I 3012 -111.61 -29.31 61.82
C ASN I 3012 -110.84 -29.57 60.53
N HIS I 3013 -109.85 -28.73 60.27
CA HIS I 3013 -108.99 -28.90 59.12
C HIS I 3013 -107.92 -29.94 59.40
N CYS I 3014 -107.60 -30.11 60.69
CA CYS I 3014 -106.63 -31.10 61.10
C CYS I 3014 -107.23 -32.49 60.98
N LEU I 3015 -108.54 -32.57 61.14
CA LEU I 3015 -109.26 -33.82 61.04
C LEU I 3015 -109.34 -34.28 59.58
N LEU I 3025 -120.15 -42.14 69.09
CA LEU I 3025 -119.87 -41.57 70.40
C LEU I 3025 -119.32 -40.15 70.26
N GLY I 3026 -118.12 -40.07 69.70
CA GLY I 3026 -117.47 -38.78 69.50
C GLY I 3026 -118.12 -38.02 68.36
N SER I 3027 -118.74 -38.76 67.45
CA SER I 3027 -119.41 -38.18 66.28
C SER I 3027 -120.67 -37.43 66.70
N GLY I 3028 -121.28 -37.89 67.78
CA GLY I 3028 -122.47 -37.24 68.31
C GLY I 3028 -122.10 -35.95 69.04
N GLY I 3029 -120.96 -35.99 69.73
CA GLY I 3029 -120.50 -34.87 70.54
C GLY I 3029 -120.16 -33.66 69.68
N HIS I 3030 -119.61 -33.92 68.50
CA HIS I 3030 -119.34 -32.87 67.54
C HIS I 3030 -120.65 -32.37 66.96
N ALA I 3031 -121.57 -33.31 66.75
CA ALA I 3031 -122.89 -32.99 66.22
C ALA I 3031 -123.72 -32.23 67.25
N SER I 3032 -123.43 -32.49 68.51
CA SER I 3032 -124.07 -31.78 69.61
C SER I 3032 -123.60 -30.33 69.62
N ASN I 3033 -122.31 -30.14 69.37
CA ASN I 3033 -121.75 -28.80 69.30
C ASN I 3033 -122.17 -28.13 68.00
N LYS I 3034 -122.45 -28.94 66.98
CA LYS I 3034 -122.84 -28.43 65.67
C LYS I 3034 -124.22 -27.79 65.72
N GLU I 3035 -125.09 -28.36 66.54
CA GLU I 3035 -126.44 -27.82 66.70
C GLU I 3035 -126.43 -26.74 67.79
N LYS I 3036 -125.39 -26.74 68.62
CA LYS I 3036 -125.27 -25.76 69.70
C LYS I 3036 -124.92 -24.39 69.15
N GLU I 3037 -124.07 -24.37 68.13
CA GLU I 3037 -123.58 -23.12 67.58
C GLU I 3037 -124.57 -22.51 66.60
N MET I 3038 -125.41 -23.35 66.00
CA MET I 3038 -126.33 -22.92 64.95
C MET I 3038 -127.43 -22.02 65.50
N ILE I 3039 -127.81 -22.24 66.75
CA ILE I 3039 -128.86 -21.44 67.38
C ILE I 3039 -128.29 -20.10 67.84
N THR I 3040 -126.98 -20.07 68.05
CA THR I 3040 -126.29 -18.84 68.45
C THR I 3040 -126.21 -17.88 67.27
N SER I 3041 -126.27 -18.44 66.07
CA SER I 3041 -126.30 -17.65 64.84
C SER I 3041 -127.72 -17.20 64.54
N LEU I 3042 -128.68 -17.93 65.08
CA LEU I 3042 -130.09 -17.62 64.86
C LEU I 3042 -130.50 -16.39 65.66
N LEU I 3049 -118.82 -14.51 60.78
CA LEU I 3049 -117.78 -14.69 59.76
C LEU I 3049 -116.70 -15.63 60.25
N VAL I 3050 -116.10 -15.29 61.40
CA VAL I 3050 -115.05 -16.10 62.00
C VAL I 3050 -115.61 -17.42 62.50
N ARG I 3051 -116.80 -17.35 63.07
CA ARG I 3051 -117.50 -18.55 63.50
C ARG I 3051 -118.10 -19.23 62.29
N HIS I 3052 -118.50 -18.44 61.29
CA HIS I 3052 -119.14 -18.96 60.09
C HIS I 3052 -118.16 -19.74 59.24
N ARG I 3053 -116.89 -19.35 59.31
CA ARG I 3053 -115.82 -20.09 58.65
C ARG I 3053 -115.62 -21.41 59.37
N VAL I 3054 -115.72 -21.36 60.70
CA VAL I 3054 -115.64 -22.57 61.51
C VAL I 3054 -116.90 -23.40 61.32
N SER I 3055 -118.01 -22.72 61.05
CA SER I 3055 -119.28 -23.39 60.77
C SER I 3055 -119.22 -24.06 59.42
N LEU I 3056 -118.55 -23.42 58.47
CA LEU I 3056 -118.36 -23.99 57.14
C LEU I 3056 -117.39 -25.14 57.23
N PHE I 3057 -116.46 -25.06 58.18
CA PHE I 3057 -115.51 -26.12 58.42
C PHE I 3057 -116.18 -27.32 59.06
N GLY I 3058 -117.05 -27.04 60.03
CA GLY I 3058 -117.76 -28.09 60.76
C GLY I 3058 -118.79 -28.75 59.86
N THR I 3059 -119.34 -28.00 58.92
CA THR I 3059 -120.26 -28.56 57.93
C THR I 3059 -119.48 -29.39 56.93
N ASP I 3060 -118.20 -29.04 56.74
CA ASP I 3060 -117.32 -29.81 55.89
C ASP I 3060 -116.78 -31.03 56.63
N ALA I 3061 -116.89 -31.01 57.95
CA ALA I 3061 -116.48 -32.15 58.76
C ALA I 3061 -117.50 -33.27 58.65
N PRO I 3062 -118.72 -32.91 58.28
CA PRO I 3062 -119.78 -33.89 58.05
C PRO I 3062 -119.55 -34.64 56.74
N THR I 3141 -132.55 -35.02 65.99
CA THR I 3141 -132.20 -33.92 66.87
C THR I 3141 -131.93 -32.65 66.09
N THR I 3142 -131.10 -32.77 65.06
CA THR I 3142 -130.73 -31.62 64.24
C THR I 3142 -131.78 -31.34 63.16
N LEU I 3143 -132.68 -32.29 62.96
CA LEU I 3143 -133.74 -32.18 61.95
C LEU I 3143 -134.74 -31.11 62.34
N PHE I 3144 -134.94 -30.95 63.65
CA PHE I 3144 -135.80 -29.89 64.16
C PHE I 3144 -135.13 -28.55 63.94
N GLN I 3145 -133.82 -28.53 64.12
CA GLN I 3145 -133.02 -27.33 63.90
C GLN I 3145 -132.98 -27.01 62.41
N HIS I 3146 -133.00 -28.04 61.59
CA HIS I 3146 -133.01 -27.89 60.15
C HIS I 3146 -134.35 -27.37 59.66
N ILE I 3147 -135.43 -27.90 60.24
CA ILE I 3147 -136.77 -27.51 59.84
C ILE I 3147 -137.10 -26.10 60.31
N ALA I 3148 -136.56 -25.73 61.47
CA ALA I 3148 -136.76 -24.39 62.01
C ALA I 3148 -136.00 -23.38 61.16
N GLN I 3149 -134.86 -23.81 60.65
CA GLN I 3149 -134.07 -22.98 59.75
C GLN I 3149 -134.78 -22.86 58.41
N HIS I 3150 -135.38 -23.97 57.97
CA HIS I 3150 -136.08 -24.02 56.70
C HIS I 3150 -137.36 -23.20 56.78
N GLN I 3151 -137.95 -23.15 57.98
CA GLN I 3151 -139.12 -22.31 58.22
C GLN I 3151 -138.69 -20.86 58.26
N PHE I 3152 -137.52 -20.60 58.82
CA PHE I 3152 -136.97 -19.25 58.90
C PHE I 3152 -136.54 -18.78 57.52
N GLY I 3153 -136.15 -19.73 56.69
CA GLY I 3153 -135.74 -19.44 55.32
C GLY I 3153 -136.93 -19.01 54.49
N ASP I 3154 -138.03 -19.75 54.59
CA ASP I 3154 -139.24 -19.46 53.84
C ASP I 3154 -139.89 -18.17 54.33
N ASP I 3155 -139.73 -17.90 55.63
CA ASP I 3155 -140.21 -16.66 56.22
C ASP I 3155 -139.37 -15.50 55.71
N VAL I 3156 -138.09 -15.76 55.54
CA VAL I 3156 -137.19 -14.78 54.95
C VAL I 3156 -137.51 -14.66 53.46
N ILE I 3157 -137.92 -15.78 52.86
CA ILE I 3157 -138.31 -15.79 51.46
C ILE I 3157 -139.62 -15.03 51.28
N LEU I 3158 -140.45 -15.05 52.31
CA LEU I 3158 -141.65 -14.23 52.34
C LEU I 3158 -141.25 -12.76 52.45
N ASP I 3159 -140.20 -12.51 53.21
CA ASP I 3159 -139.68 -11.15 53.36
C ASP I 3159 -138.92 -10.73 52.11
N ASP I 3160 -138.33 -11.71 51.43
CA ASP I 3160 -137.62 -11.43 50.19
C ASP I 3160 -138.59 -11.13 49.07
N VAL I 3161 -139.75 -11.77 49.12
CA VAL I 3161 -140.83 -11.50 48.17
C VAL I 3161 -141.50 -10.18 48.51
N GLN I 3162 -141.42 -9.80 49.79
CA GLN I 3162 -141.98 -8.54 50.25
C GLN I 3162 -141.08 -7.38 49.83
N LEU I 3169 -131.57 -10.23 59.95
CA LEU I 3169 -132.56 -10.08 58.89
C LEU I 3169 -132.06 -10.73 57.61
N CYS I 3170 -131.65 -9.91 56.64
CA CYS I 3170 -131.15 -10.41 55.37
C CYS I 3170 -129.74 -10.94 55.51
N SER I 3171 -128.99 -10.38 56.45
CA SER I 3171 -127.60 -10.77 56.66
C SER I 3171 -127.50 -12.12 57.36
N ILE I 3172 -128.40 -12.35 58.31
CA ILE I 3172 -128.40 -13.60 59.08
C ILE I 3172 -128.96 -14.75 58.25
N TYR I 3173 -129.69 -14.40 57.18
CA TYR I 3173 -130.29 -15.40 56.31
C TYR I 3173 -129.37 -15.75 55.14
N SER I 3174 -128.62 -14.77 54.65
CA SER I 3174 -127.73 -14.98 53.50
C SER I 3174 -126.56 -15.87 53.86
N LEU I 3175 -126.09 -15.76 55.10
CA LEU I 3175 -125.00 -16.61 55.58
C LEU I 3175 -125.53 -18.01 55.86
N GLY I 3176 -126.82 -18.08 56.18
CA GLY I 3176 -127.48 -19.36 56.39
C GLY I 3176 -127.82 -19.99 55.04
N THR I 3177 -127.94 -19.16 54.01
CA THR I 3177 -128.29 -19.63 52.67
C THR I 3177 -127.12 -20.33 51.98
N THR I 3178 -125.92 -20.13 52.50
CA THR I 3178 -124.74 -20.77 51.95
C THR I 3178 -124.29 -21.93 52.84
N LYS I 3179 -124.52 -21.78 54.14
CA LYS I 3179 -124.15 -22.82 55.10
C LYS I 3179 -125.04 -24.05 54.94
N ASN I 3180 -126.28 -23.80 54.53
CA ASN I 3180 -127.21 -24.89 54.24
C ASN I 3180 -126.82 -25.59 52.95
N THR I 3181 -126.46 -24.80 51.94
CA THR I 3181 -126.04 -25.32 50.65
C THR I 3181 -124.68 -26.03 50.78
N TYR I 3182 -123.90 -25.59 51.76
CA TYR I 3182 -122.67 -26.29 52.11
C TYR I 3182 -123.01 -27.64 52.70
N VAL I 3183 -124.03 -27.64 53.56
CA VAL I 3183 -124.49 -28.88 54.20
C VAL I 3183 -125.21 -29.77 53.20
N GLU I 3184 -125.89 -29.15 52.23
CA GLU I 3184 -126.65 -29.90 51.24
C GLU I 3184 -125.75 -30.57 50.21
N LYS I 3185 -124.49 -30.13 50.17
CA LYS I 3185 -123.49 -30.79 49.35
C LYS I 3185 -122.64 -31.71 50.22
N LEU I 3186 -122.68 -31.46 51.54
CA LEU I 3186 -121.91 -32.25 52.48
C LEU I 3186 -122.51 -33.63 52.68
N ARG I 3187 -123.83 -33.65 52.88
CA ARG I 3187 -124.54 -34.90 53.15
C ARG I 3187 -124.64 -35.78 51.91
N PRO I 3188 -124.48 -35.18 50.74
CA PRO I 3188 -124.49 -35.92 49.48
C PRO I 3188 -123.22 -36.73 49.33
N ALA I 3189 -122.16 -36.31 50.00
CA ALA I 3189 -120.90 -37.03 50.00
C ALA I 3189 -120.97 -38.25 50.90
N ALA I 3198 -137.96 -33.54 57.25
CA ALA I 3198 -138.26 -32.15 56.91
C ALA I 3198 -138.14 -31.94 55.40
N ALA I 3199 -138.58 -32.92 54.62
CA ALA I 3199 -138.50 -32.88 53.18
C ALA I 3199 -139.48 -31.85 52.60
N ALA I 3200 -140.59 -31.66 53.29
CA ALA I 3200 -141.60 -30.72 52.87
C ALA I 3200 -141.14 -29.28 53.08
N MET I 3201 -140.40 -29.07 54.17
CA MET I 3201 -139.88 -27.75 54.51
C MET I 3201 -138.83 -27.31 53.50
N PRO I 3202 -138.10 -28.29 52.99
CA PRO I 3202 -137.17 -28.05 51.90
C PRO I 3202 -137.95 -27.77 50.61
N VAL I 3203 -139.03 -28.51 50.43
CA VAL I 3203 -139.88 -28.37 49.26
C VAL I 3203 -140.64 -27.06 49.30
N ALA I 3204 -140.91 -26.58 50.51
CA ALA I 3204 -141.58 -25.30 50.70
C ALA I 3204 -140.68 -24.16 50.26
N PHE I 3205 -139.40 -24.28 50.56
CA PHE I 3205 -138.43 -23.26 50.18
C PHE I 3205 -138.16 -23.31 48.69
N LEU I 3206 -138.34 -24.49 48.09
CA LEU I 3206 -138.12 -24.69 46.67
C LEU I 3206 -139.17 -23.95 45.84
N GLU I 3207 -140.41 -23.95 46.34
CA GLU I 3207 -141.49 -23.23 45.71
C GLU I 3207 -141.30 -21.73 45.93
N PRO I 3208 -140.73 -21.39 47.08
CA PRO I 3208 -140.41 -20.01 47.41
C PRO I 3208 -139.26 -19.53 46.54
N GLN I 3209 -138.36 -20.46 46.20
CA GLN I 3209 -137.27 -20.17 45.29
C GLN I 3209 -137.81 -20.02 43.87
N LEU I 3210 -138.85 -20.79 43.58
CA LEU I 3210 -139.48 -20.74 42.27
C LEU I 3210 -140.41 -19.53 42.17
N ASN I 3211 -140.77 -18.97 43.32
CA ASN I 3211 -141.68 -17.84 43.37
C ASN I 3211 -141.02 -16.55 42.88
N GLU I 3212 -139.99 -16.11 43.60
CA GLU I 3212 -139.31 -14.86 43.27
C GLU I 3212 -138.48 -15.00 42.00
N THR I 3221 -129.29 -10.96 44.53
CA THR I 3221 -128.96 -12.28 45.07
C THR I 3221 -129.71 -13.37 44.33
N LYS I 3222 -129.88 -13.18 43.03
CA LYS I 3222 -130.61 -14.14 42.20
C LYS I 3222 -129.78 -15.41 41.97
N SER I 3223 -128.48 -15.23 41.76
CA SER I 3223 -127.58 -16.35 41.51
C SER I 3223 -127.36 -17.16 42.78
N PRO I 3224 -127.36 -16.49 43.92
CA PRO I 3224 -127.24 -17.16 45.21
C PRO I 3224 -128.51 -17.92 45.50
N ARG I 3225 -129.63 -17.38 45.02
CA ARG I 3225 -130.91 -18.07 45.09
C ARG I 3225 -130.92 -19.23 44.10
N GLU I 3226 -130.15 -19.09 43.02
CA GLU I 3226 -129.99 -20.16 42.05
C GLU I 3226 -128.94 -21.16 42.53
N ARG I 3227 -128.12 -20.74 43.49
CA ARG I 3227 -127.01 -21.55 43.97
C ARG I 3227 -127.48 -22.72 44.82
N ALA I 3228 -128.24 -22.43 45.86
CA ALA I 3228 -128.67 -23.46 46.80
C ALA I 3228 -129.81 -24.29 46.25
N ILE I 3229 -130.38 -23.88 45.12
CA ILE I 3229 -131.53 -24.53 44.50
C ILE I 3229 -131.21 -25.93 44.00
N LEU I 3230 -130.06 -26.09 43.35
CA LEU I 3230 -129.65 -27.38 42.82
C LEU I 3230 -129.10 -28.28 43.92
N GLY I 3231 -128.77 -27.68 45.06
CA GLY I 3231 -128.22 -28.41 46.20
C GLY I 3231 -129.29 -29.25 46.88
N VAL I 3269 -140.28 -34.28 38.95
CA VAL I 3269 -140.61 -35.39 38.07
C VAL I 3269 -141.28 -34.87 36.79
N ILE I 3270 -142.60 -35.05 36.70
CA ILE I 3270 -143.35 -34.59 35.55
C ILE I 3270 -143.47 -33.08 35.56
N GLU I 3271 -143.47 -32.50 36.76
CA GLU I 3271 -143.49 -31.05 36.93
C GLU I 3271 -142.17 -30.47 36.48
N ILE I 3272 -141.11 -31.26 36.63
CA ILE I 3272 -139.80 -30.89 36.12
C ILE I 3272 -139.74 -31.16 34.62
N THR I 3273 -140.44 -32.21 34.18
CA THR I 3273 -140.42 -32.62 32.78
C THR I 3273 -141.15 -31.61 31.90
N LEU I 3274 -142.20 -31.01 32.43
CA LEU I 3274 -142.94 -29.99 31.70
C LEU I 3274 -142.11 -28.73 31.62
N PRO I 3275 -141.37 -28.44 32.68
CA PRO I 3275 -140.50 -27.28 32.73
C PRO I 3275 -139.26 -27.51 31.88
N MET I 3276 -138.92 -28.78 31.67
CA MET I 3276 -137.77 -29.15 30.85
C MET I 3276 -138.01 -28.81 29.39
N LEU I 3277 -139.23 -29.08 28.93
CA LEU I 3277 -139.59 -28.77 27.55
C LEU I 3277 -139.91 -27.29 27.42
N CYS I 3278 -140.25 -26.66 28.54
CA CYS I 3278 -140.60 -25.24 28.57
C CYS I 3278 -139.37 -24.38 28.31
N SER I 3279 -138.28 -24.71 28.98
CA SER I 3279 -137.02 -24.01 28.78
C SER I 3279 -136.43 -24.38 27.43
N TYR I 3280 -136.76 -25.59 26.97
CA TYR I 3280 -136.35 -26.06 25.65
C TYR I 3280 -137.06 -25.24 24.58
N LEU I 3281 -138.29 -24.86 24.87
CA LEU I 3281 -139.03 -23.98 23.98
C LEU I 3281 -138.48 -22.56 24.10
N PRO I 3282 -138.02 -22.22 25.30
CA PRO I 3282 -137.43 -20.91 25.55
C PRO I 3282 -136.08 -20.81 24.86
N ARG I 3283 -135.39 -21.95 24.77
CA ARG I 3283 -134.13 -22.02 24.06
C ARG I 3283 -134.40 -22.10 22.57
N TRP I 3284 -135.60 -22.55 22.21
CA TRP I 3284 -136.02 -22.56 20.82
C TRP I 3284 -136.40 -21.15 20.40
N TRP I 3285 -136.73 -20.33 21.38
CA TRP I 3285 -137.03 -18.91 21.14
C TRP I 3285 -135.74 -18.12 20.99
N PRO I 3293 -133.72 -14.28 34.17
CA PRO I 3293 -133.14 -14.43 35.49
C PRO I 3293 -133.56 -15.76 36.10
N PRO I 3294 -134.85 -16.04 36.07
CA PRO I 3294 -135.39 -17.28 36.58
C PRO I 3294 -135.13 -18.42 35.61
N ALA I 3295 -134.85 -18.06 34.35
CA ALA I 3295 -134.49 -19.02 33.32
C ALA I 3295 -133.14 -19.66 33.62
N LEU I 3296 -132.26 -18.89 34.25
CA LEU I 3296 -130.95 -19.40 34.63
C LEU I 3296 -131.05 -20.23 35.93
N PRO I 3297 -131.98 -19.86 36.78
CA PRO I 3297 -132.14 -20.49 38.08
C PRO I 3297 -132.84 -21.85 37.96
N ALA I 3298 -133.78 -21.94 37.03
CA ALA I 3298 -134.58 -23.15 36.86
C ALA I 3298 -133.76 -24.29 36.27
N GLY I 3299 -132.76 -23.94 35.47
CA GLY I 3299 -131.94 -24.94 34.80
C GLY I 3299 -130.91 -25.57 35.74
N ALA I 3300 -130.69 -24.92 36.88
CA ALA I 3300 -129.70 -25.38 37.86
C ALA I 3300 -130.11 -26.69 38.52
N PRO I 3301 -131.30 -26.71 39.11
CA PRO I 3301 -131.80 -27.90 39.78
C PRO I 3301 -132.20 -28.97 38.78
N PRO I 3302 -132.52 -28.55 37.56
CA PRO I 3302 -132.87 -29.46 36.48
C PRO I 3302 -131.65 -30.27 36.07
N PRO I 3303 -130.48 -29.66 36.15
CA PRO I 3303 -129.24 -30.35 35.89
C PRO I 3303 -128.90 -31.25 37.07
N CYS I 3304 -129.38 -30.87 38.24
CA CYS I 3304 -129.15 -31.65 39.45
C CYS I 3304 -130.09 -32.83 39.54
N THR I 3305 -131.21 -32.75 38.82
CA THR I 3305 -132.24 -33.78 38.90
C THR I 3305 -131.98 -34.90 37.90
N ALA I 3306 -131.57 -34.54 36.68
CA ALA I 3306 -131.31 -35.51 35.63
C ALA I 3306 -130.04 -36.31 35.94
N VAL I 3307 -129.14 -35.69 36.69
CA VAL I 3307 -127.91 -36.33 37.10
C VAL I 3307 -128.16 -37.33 38.23
N THR I 3308 -129.26 -37.15 38.95
CA THR I 3308 -129.61 -38.02 40.06
C THR I 3308 -130.09 -39.38 39.55
N SER I 3309 -130.55 -39.42 38.31
CA SER I 3309 -131.01 -40.66 37.70
C SER I 3309 -129.84 -41.57 37.37
N LEU I 3316 -131.58 -40.39 29.84
CA LEU I 3316 -130.37 -40.49 29.04
C LEU I 3316 -130.40 -39.48 27.90
N GLY I 3317 -131.41 -39.61 27.04
CA GLY I 3317 -131.60 -38.67 25.95
C GLY I 3317 -132.21 -37.38 26.46
N ASN I 3318 -132.80 -37.44 27.65
CA ASN I 3318 -133.35 -36.28 28.32
C ASN I 3318 -132.25 -35.30 28.68
N ILE I 3319 -131.12 -35.85 29.12
CA ILE I 3319 -129.95 -35.03 29.44
C ILE I 3319 -129.30 -34.56 28.15
N LEU I 3320 -129.46 -35.35 27.08
CA LEU I 3320 -128.93 -35.00 25.77
C LEU I 3320 -129.73 -33.86 25.16
N ARG I 3321 -130.99 -33.76 25.54
CA ARG I 3321 -131.84 -32.68 25.09
C ARG I 3321 -131.55 -31.42 25.90
N ILE I 3322 -131.23 -31.60 27.18
CA ILE I 3322 -130.96 -30.50 28.08
C ILE I 3322 -129.67 -29.78 27.71
N ILE I 3323 -128.70 -30.55 27.23
CA ILE I 3323 -127.43 -30.00 26.81
C ILE I 3323 -127.59 -29.19 25.53
N VAL I 3324 -128.43 -29.71 24.62
CA VAL I 3324 -128.72 -29.03 23.37
C VAL I 3324 -129.57 -27.79 23.63
N ASN I 3325 -130.34 -27.84 24.70
CA ASN I 3325 -131.09 -26.68 25.16
C ASN I 3325 -130.13 -25.65 25.75
N ASN I 3326 -129.11 -26.15 26.43
CA ASN I 3326 -128.10 -25.30 27.01
C ASN I 3326 -127.15 -24.78 25.94
N LEU I 3327 -127.06 -25.51 24.84
CA LEU I 3327 -126.19 -25.15 23.73
C LEU I 3327 -126.70 -23.92 23.00
N GLY I 3328 -127.98 -23.94 22.66
CA GLY I 3328 -128.58 -22.86 21.87
C GLY I 3328 -128.73 -21.59 22.71
N ILE I 3329 -128.83 -21.75 24.03
CA ILE I 3329 -128.96 -20.62 24.94
C ILE I 3329 -127.68 -19.81 24.98
N ASP I 3330 -126.56 -20.52 24.86
CA ASP I 3330 -125.26 -19.87 24.81
C ASP I 3330 -124.92 -19.46 23.38
N GLU I 3331 -125.50 -20.19 22.43
CA GLU I 3331 -125.30 -19.87 21.01
C GLU I 3331 -126.00 -18.56 20.68
N ALA I 3332 -127.10 -18.32 21.37
CA ALA I 3332 -127.78 -17.03 21.29
C ALA I 3332 -126.97 -15.99 22.05
N THR I 3333 -126.49 -16.37 23.23
CA THR I 3333 -125.70 -15.47 24.06
C THR I 3333 -124.29 -15.29 23.49
N VAL I 3340 -121.41 -12.29 32.71
CA VAL I 3340 -122.81 -12.66 32.84
C VAL I 3340 -122.96 -13.81 33.83
N PHE I 3341 -124.06 -14.55 33.71
CA PHE I 3341 -124.29 -15.71 34.56
C PHE I 3341 -123.97 -16.98 33.79
N ALA I 3342 -123.07 -16.86 32.82
CA ALA I 3342 -122.66 -18.00 32.02
C ALA I 3342 -121.63 -18.84 32.78
N GLN I 3343 -121.03 -18.25 33.80
CA GLN I 3343 -120.00 -18.91 34.60
C GLN I 3343 -120.58 -20.05 35.43
N PRO I 3344 -121.65 -19.75 36.18
CA PRO I 3344 -122.32 -20.77 36.97
C PRO I 3344 -123.13 -21.69 36.08
N ILE I 3345 -123.47 -21.20 34.89
CA ILE I 3345 -124.12 -22.01 33.87
C ILE I 3345 -123.15 -23.07 33.38
N VAL I 3346 -121.89 -22.68 33.26
CA VAL I 3346 -120.84 -23.60 32.79
C VAL I 3346 -120.44 -24.55 33.91
N SER I 3347 -120.75 -24.20 35.15
CA SER I 3347 -120.40 -25.00 36.30
C SER I 3347 -121.19 -26.31 36.33
N ARG I 3348 -122.41 -26.26 35.82
CA ARG I 3348 -123.24 -27.45 35.75
C ARG I 3348 -123.05 -28.14 34.41
N ALA I 3349 -122.40 -27.45 33.47
CA ALA I 3349 -122.23 -27.96 32.11
C ALA I 3349 -121.26 -29.14 32.07
N ARG I 3350 -120.15 -28.99 32.79
CA ARG I 3350 -119.14 -30.04 32.83
C ARG I 3350 -119.52 -31.12 33.84
N PRO I 3351 -120.54 -30.84 34.64
CA PRO I 3351 -120.97 -31.76 35.67
C PRO I 3351 -121.62 -33.01 35.10
N GLU I 3352 -122.24 -32.88 33.93
CA GLU I 3352 -122.94 -34.01 33.33
C GLU I 3352 -122.86 -34.01 31.81
N LEU I 3353 -121.64 -34.07 31.29
CA LEU I 3353 -121.44 -34.21 29.85
C LEU I 3353 -121.04 -35.65 29.56
N LEU I 3354 -121.55 -36.57 30.37
CA LEU I 3354 -121.21 -37.98 30.29
C LEU I 3354 -121.80 -38.64 29.04
N HIS I 3355 -123.07 -39.04 29.13
CA HIS I 3355 -123.73 -39.72 28.03
C HIS I 3355 -124.05 -38.76 26.89
N ILE I 3359 -123.66 -40.22 18.52
CA ILE I 3359 -125.09 -40.02 18.28
C ILE I 3359 -125.54 -38.70 18.89
N PRO I 3360 -125.68 -38.70 20.21
CA PRO I 3360 -126.01 -37.49 20.95
C PRO I 3360 -124.84 -36.54 20.91
N THR I 3361 -123.64 -37.12 20.88
CA THR I 3361 -122.42 -36.35 20.69
C THR I 3361 -122.36 -35.81 19.27
N ILE I 3362 -122.86 -36.60 18.32
CA ILE I 3362 -122.84 -36.22 16.91
C ILE I 3362 -123.79 -35.05 16.65
N GLY I 3363 -124.90 -35.04 17.37
CA GLY I 3363 -125.84 -33.94 17.32
C GLY I 3363 -125.22 -32.72 17.98
N ARG I 3364 -124.43 -32.99 19.02
CA ARG I 3364 -123.69 -31.94 19.70
C ARG I 3364 -122.53 -31.52 18.82
N LEU I 3365 -122.01 -32.44 18.01
CA LEU I 3365 -120.91 -32.13 17.10
C LEU I 3365 -121.37 -31.18 16.00
N ARG I 3366 -122.56 -31.45 15.47
CA ARG I 3366 -123.13 -30.60 14.44
C ARG I 3366 -123.54 -29.25 15.02
N LYS I 3367 -123.88 -29.25 16.30
CA LYS I 3367 -124.25 -28.03 17.00
C LYS I 3367 -123.02 -27.17 17.31
N ARG I 3368 -121.99 -27.79 17.89
CA ARG I 3368 -120.83 -27.04 18.35
C ARG I 3368 -119.90 -26.62 17.23
N ALA I 3369 -120.02 -27.26 16.06
CA ALA I 3369 -119.22 -26.88 14.91
C ALA I 3369 -119.66 -25.52 14.40
N GLY I 3370 -120.95 -25.25 14.54
CA GLY I 3370 -121.49 -23.95 14.21
C GLY I 3370 -121.09 -22.95 15.28
N LYS I 3371 -120.97 -23.43 16.51
CA LYS I 3371 -120.62 -22.59 17.63
C LYS I 3371 -119.18 -22.12 17.52
N VAL I 3372 -118.32 -23.00 17.01
CA VAL I 3372 -116.91 -22.69 16.86
C VAL I 3372 -116.69 -21.73 15.69
N VAL I 3373 -117.41 -21.96 14.61
CA VAL I 3373 -117.26 -21.17 13.39
C VAL I 3373 -117.76 -19.74 13.60
N ALA I 3374 -118.78 -19.59 14.42
CA ALA I 3374 -119.30 -18.28 14.77
C ALA I 3374 -118.29 -17.55 15.64
N GLU I 3375 -117.61 -18.33 16.49
CA GLU I 3375 -116.55 -17.79 17.31
C GLU I 3375 -115.32 -17.51 16.45
N GLU I 3376 -115.16 -18.33 15.41
CA GLU I 3376 -114.04 -18.17 14.48
C GLU I 3376 -114.20 -16.90 13.67
N GLU I 3377 -115.44 -16.61 13.29
CA GLU I 3377 -115.76 -15.39 12.55
C GLU I 3377 -115.62 -14.18 13.46
N GLN I 3378 -115.96 -14.37 14.73
CA GLN I 3378 -115.84 -13.32 15.72
C GLN I 3378 -114.37 -13.08 16.05
N LEU I 3379 -113.57 -14.13 15.95
CA LEU I 3379 -112.14 -14.02 16.18
C LEU I 3379 -111.47 -13.32 15.00
N ARG I 3380 -111.91 -13.67 13.80
CA ARG I 3380 -111.36 -13.11 12.57
C ARG I 3380 -111.72 -11.64 12.43
N LEU I 3381 -112.89 -11.27 12.95
CA LEU I 3381 -113.35 -9.89 12.92
C LEU I 3381 -112.49 -9.04 13.86
N GLU I 3382 -112.17 -9.61 15.02
CA GLU I 3382 -111.29 -8.94 15.97
C GLU I 3382 -109.86 -8.93 15.46
N ALA I 3383 -109.52 -9.96 14.68
CA ALA I 3383 -108.21 -10.03 14.05
C ALA I 3383 -108.11 -8.97 12.96
N LYS I 3384 -109.22 -8.76 12.27
CA LYS I 3384 -109.31 -7.70 11.27
C LYS I 3384 -109.31 -6.35 11.96
N ALA I 3385 -109.87 -6.31 13.17
CA ALA I 3385 -109.85 -5.13 14.00
C ALA I 3385 -108.44 -4.90 14.53
N GLU I 3386 -107.72 -5.99 14.73
CA GLU I 3386 -106.34 -5.91 15.17
C GLU I 3386 -105.43 -5.49 14.02
N ALA I 3387 -105.88 -5.79 12.80
CA ALA I 3387 -105.14 -5.42 11.61
C ALA I 3387 -105.21 -3.92 11.37
N GLU I 3388 -106.30 -3.31 11.82
CA GLU I 3388 -106.48 -1.87 11.70
C GLU I 3388 -105.71 -1.13 12.80
N ARG I 3395 -110.27 5.49 21.76
CA ARG I 3395 -109.84 5.05 20.44
C ARG I 3395 -110.46 3.70 20.10
N ASP I 3396 -110.14 3.18 18.92
CA ASP I 3396 -110.65 1.89 18.48
C ASP I 3396 -109.76 0.76 19.00
N GLU I 3397 -108.60 1.12 19.54
CA GLU I 3397 -107.67 0.15 20.08
C GLU I 3397 -108.20 -0.46 21.38
N PHE I 3398 -108.75 0.40 22.23
CA PHE I 3398 -109.32 -0.03 23.50
C PHE I 3398 -110.63 -0.77 23.28
N SER I 3399 -111.36 -0.37 22.23
CA SER I 3399 -112.63 -1.00 21.89
C SER I 3399 -112.40 -2.40 21.33
N VAL I 3400 -111.33 -2.55 20.56
CA VAL I 3400 -110.96 -3.85 20.02
C VAL I 3400 -110.44 -4.74 21.15
N LEU I 3401 -109.79 -4.12 22.12
CA LEU I 3401 -109.31 -4.80 23.31
C LEU I 3401 -110.50 -5.26 24.16
N CYS I 3402 -111.55 -4.44 24.18
CA CYS I 3402 -112.76 -4.77 24.92
C CYS I 3402 -113.53 -5.87 24.21
N ARG I 3403 -113.55 -5.80 22.89
CA ARG I 3403 -114.29 -6.75 22.07
C ARG I 3403 -113.64 -8.12 22.10
N ASP I 3404 -112.31 -8.12 22.15
CA ASP I 3404 -111.56 -9.36 22.25
C ASP I 3404 -111.73 -9.95 23.64
N LEU I 3405 -111.88 -9.09 24.63
CA LEU I 3405 -112.08 -9.51 26.02
C LEU I 3405 -113.43 -10.18 26.18
N TYR I 3406 -114.44 -9.64 25.49
CA TYR I 3406 -115.76 -10.22 25.48
C TYR I 3406 -115.73 -11.52 24.69
N ALA I 3407 -114.92 -11.53 23.64
CA ALA I 3407 -114.74 -12.72 22.82
C ALA I 3407 -114.01 -13.79 23.59
N LEU I 3408 -113.08 -13.36 24.44
CA LEU I 3408 -112.35 -14.29 25.29
C LEU I 3408 -113.26 -14.80 26.40
N TYR I 3409 -114.19 -13.95 26.81
CA TYR I 3409 -115.15 -14.31 27.84
C TYR I 3409 -116.10 -15.38 27.33
N PRO I 3410 -116.49 -15.23 26.08
CA PRO I 3410 -117.38 -16.19 25.43
C PRO I 3410 -116.63 -17.48 25.15
N LEU I 3411 -115.35 -17.37 24.86
CA LEU I 3411 -114.52 -18.53 24.53
C LEU I 3411 -114.23 -19.37 25.76
N LEU I 3412 -114.35 -18.75 26.93
CA LEU I 3412 -114.09 -19.42 28.20
C LEU I 3412 -115.12 -20.51 28.46
N ILE I 3413 -116.40 -20.16 28.32
CA ILE I 3413 -117.46 -21.12 28.52
C ILE I 3413 -117.60 -22.03 27.32
N ARG I 3414 -117.05 -21.61 26.18
CA ARG I 3414 -117.13 -22.38 24.95
C ARG I 3414 -116.24 -23.62 25.02
N TYR I 3415 -114.98 -23.44 25.42
CA TYR I 3415 -114.03 -24.53 25.41
C TYR I 3415 -114.23 -25.49 26.59
N VAL I 3416 -114.96 -25.03 27.60
CA VAL I 3416 -115.13 -25.79 28.83
C VAL I 3416 -115.95 -27.05 28.64
N ASP I 3417 -116.90 -27.00 27.72
CA ASP I 3417 -117.70 -28.17 27.40
C ASP I 3417 -117.05 -28.93 26.26
N ASN I 3418 -116.15 -28.24 25.56
CA ASN I 3418 -115.47 -28.84 24.41
C ASN I 3418 -114.46 -29.89 24.85
N ASN I 3419 -113.98 -29.75 26.09
CA ASN I 3419 -112.97 -30.66 26.63
C ASN I 3419 -113.58 -32.02 26.97
N ARG I 3420 -114.65 -32.00 27.75
CA ARG I 3420 -115.27 -33.24 28.22
C ARG I 3420 -115.97 -33.98 27.10
N ALA I 3421 -116.40 -33.25 26.09
CA ALA I 3421 -117.01 -33.85 24.91
C ALA I 3421 -115.93 -34.55 24.09
N HIS I 3422 -114.72 -34.03 24.16
CA HIS I 3422 -113.58 -34.62 23.46
C HIS I 3422 -113.09 -35.86 24.18
N TRP I 3423 -113.51 -36.02 25.42
CA TRP I 3423 -113.15 -37.19 26.22
C TRP I 3423 -114.00 -38.41 25.85
N LEU I 3424 -114.97 -38.22 24.98
CA LEU I 3424 -115.76 -39.32 24.48
C LEU I 3424 -115.57 -39.48 22.96
N THR I 3425 -115.18 -38.39 22.31
CA THR I 3425 -114.99 -38.38 20.85
C THR I 3425 -113.77 -39.19 20.47
N GLU I 3426 -112.69 -39.01 21.21
CA GLU I 3426 -111.46 -39.78 20.98
C GLU I 3426 -111.66 -41.20 21.51
N PRO I 3427 -112.55 -41.33 22.48
CA PRO I 3427 -112.92 -42.64 23.00
C PRO I 3427 -113.67 -43.41 21.93
N ASN I 3428 -114.56 -42.70 21.23
CA ASN I 3428 -115.29 -43.31 20.13
C ASN I 3428 -114.40 -43.37 18.90
N ALA I 3429 -114.28 -42.24 18.21
CA ALA I 3429 -113.53 -42.16 16.98
C ALA I 3429 -112.03 -42.18 17.23
N ASN I 3430 -111.41 -43.33 16.98
CA ASN I 3430 -109.98 -43.48 17.10
C ASN I 3430 -109.51 -44.64 16.22
N PHE I 3435 -113.43 -37.27 11.05
CA PHE I 3435 -114.75 -37.10 10.46
C PHE I 3435 -115.30 -35.72 10.77
N ARG I 3436 -116.25 -35.66 11.70
CA ARG I 3436 -116.79 -34.38 12.15
C ARG I 3436 -115.76 -33.71 13.05
N MET I 3437 -114.95 -34.54 13.71
CA MET I 3437 -113.88 -34.05 14.57
C MET I 3437 -112.77 -33.44 13.73
N VAL I 3438 -112.64 -33.92 12.49
CA VAL I 3438 -111.67 -33.39 11.54
C VAL I 3438 -112.01 -31.95 11.18
N GLY I 3439 -113.31 -31.66 11.16
CA GLY I 3439 -113.76 -30.29 11.02
C GLY I 3439 -113.51 -29.55 12.31
N GLU I 3440 -113.77 -30.22 13.42
CA GLU I 3440 -113.64 -29.62 14.76
C GLU I 3440 -112.20 -29.32 15.09
N ILE I 3441 -111.31 -30.14 14.57
CA ILE I 3441 -109.88 -29.90 14.73
C ILE I 3441 -109.49 -28.70 13.87
N PHE I 3442 -110.01 -28.68 12.66
CA PHE I 3442 -109.69 -27.64 11.69
C PHE I 3442 -110.25 -26.30 12.14
N ILE I 3443 -111.40 -26.34 12.80
CA ILE I 3443 -112.03 -25.13 13.30
C ILE I 3443 -111.24 -24.58 14.49
N TYR I 3444 -110.83 -25.47 15.38
CA TYR I 3444 -110.11 -25.05 16.58
C TYR I 3444 -108.66 -24.75 16.28
N TRP I 3445 -108.21 -25.12 15.08
CA TRP I 3445 -106.84 -24.87 14.64
C TRP I 3445 -106.57 -23.38 14.51
N SER I 3446 -107.48 -22.69 13.85
CA SER I 3446 -107.35 -21.26 13.63
C SER I 3446 -107.52 -20.49 14.94
N LYS I 3447 -108.29 -21.07 15.86
CA LYS I 3447 -108.53 -20.49 17.17
C LYS I 3447 -107.23 -20.43 17.96
N SER I 3448 -106.47 -21.52 17.89
CA SER I 3448 -105.18 -21.57 18.55
C SER I 3448 -104.19 -20.69 17.80
N HIS I 3449 -104.39 -20.59 16.49
CA HIS I 3449 -103.54 -19.75 15.65
C HIS I 3449 -103.81 -18.29 15.98
N ASN I 3450 -105.08 -17.97 16.25
CA ASN I 3450 -105.46 -16.62 16.63
C ASN I 3450 -105.02 -16.36 18.06
N PHE I 3451 -104.92 -17.43 18.85
CA PHE I 3451 -104.41 -17.33 20.22
C PHE I 3451 -102.92 -17.06 20.20
N LYS I 3452 -102.27 -17.45 19.10
CA LYS I 3452 -100.86 -17.18 18.91
C LYS I 3452 -100.65 -15.77 18.35
N GLN I 3456 -101.27 -9.83 22.18
CA GLN I 3456 -102.32 -8.96 22.69
C GLN I 3456 -103.62 -9.73 22.89
N ASN I 3457 -103.78 -10.80 22.12
CA ASN I 3457 -104.95 -11.67 22.23
C ASN I 3457 -104.89 -12.42 23.56
N PHE I 3458 -103.68 -12.79 23.95
CA PHE I 3458 -103.46 -13.46 25.21
C PHE I 3458 -103.53 -12.46 26.36
N VAL I 3459 -103.20 -11.21 26.05
CA VAL I 3459 -103.20 -10.14 27.04
C VAL I 3459 -104.61 -9.87 27.54
N VAL I 3460 -105.56 -9.92 26.60
CA VAL I 3460 -106.97 -9.78 26.95
C VAL I 3460 -107.45 -11.06 27.61
N GLN I 3461 -106.84 -12.17 27.23
CA GLN I 3461 -107.24 -13.48 27.75
C GLN I 3461 -106.82 -13.65 29.20
N ASN I 3462 -105.63 -13.16 29.53
CA ASN I 3462 -105.07 -13.32 30.87
C ASN I 3462 -105.84 -12.52 31.91
N GLU I 3463 -106.32 -11.36 31.48
CA GLU I 3463 -107.13 -10.50 32.34
C GLU I 3463 -108.49 -11.15 32.56
N ILE I 3464 -108.96 -11.85 31.55
CA ILE I 3464 -110.24 -12.56 31.62
C ILE I 3464 -110.11 -13.77 32.53
N ASN I 3465 -108.90 -14.31 32.60
CA ASN I 3465 -108.61 -15.45 33.45
C ASN I 3465 -108.65 -15.04 34.92
N ASN I 3466 -108.09 -13.87 35.21
CA ASN I 3466 -108.07 -13.37 36.57
C ASN I 3466 -109.44 -12.86 36.99
N THR I 3513 -103.93 -23.14 29.88
CA THR I 3513 -105.36 -22.89 30.02
C THR I 3513 -106.17 -23.68 29.00
N LEU I 3514 -107.41 -23.27 28.79
CA LEU I 3514 -108.32 -23.98 27.90
C LEU I 3514 -107.93 -23.79 26.44
N LYS I 3515 -107.18 -22.73 26.16
CA LYS I 3515 -106.66 -22.49 24.82
C LYS I 3515 -105.57 -23.50 24.50
N LYS I 3516 -104.90 -23.98 25.54
CA LYS I 3516 -103.83 -24.94 25.36
C LYS I 3516 -104.35 -26.36 25.22
N MET I 3517 -105.26 -26.75 26.12
CA MET I 3517 -105.73 -28.13 26.18
C MET I 3517 -106.61 -28.50 25.00
N LEU I 3518 -107.19 -27.49 24.37
CA LEU I 3518 -107.97 -27.70 23.15
C LEU I 3518 -107.06 -28.14 22.03
N PRO I 3519 -105.86 -27.58 22.01
CA PRO I 3519 -104.88 -27.93 21.00
C PRO I 3519 -104.29 -29.31 21.27
N ILE I 3520 -104.38 -29.74 22.52
CA ILE I 3520 -103.83 -31.02 22.94
C ILE I 3520 -104.66 -32.18 22.41
N GLY I 3521 -105.96 -32.14 22.67
CA GLY I 3521 -106.86 -33.22 22.27
C GLY I 3521 -107.07 -33.25 20.76
N LEU I 3522 -106.93 -32.10 20.13
CA LEU I 3522 -107.11 -32.00 18.68
C LEU I 3522 -105.88 -32.49 17.95
N ASN I 3523 -104.74 -32.51 18.65
CA ASN I 3523 -103.46 -32.91 18.05
C ASN I 3523 -103.46 -34.38 17.69
N MET I 3524 -104.11 -35.18 18.51
CA MET I 3524 -104.20 -36.62 18.28
C MET I 3524 -105.11 -36.92 17.10
N CYS I 3525 -106.18 -36.13 16.99
CA CYS I 3525 -107.16 -36.34 15.93
C CYS I 3525 -106.62 -35.87 14.59
N ALA I 3526 -105.87 -34.78 14.60
CA ALA I 3526 -105.33 -34.21 13.36
C ALA I 3526 -104.17 -35.05 12.84
N PRO I 3527 -103.50 -35.74 13.75
CA PRO I 3527 -102.40 -36.61 13.36
C PRO I 3527 -102.93 -37.97 12.92
N THR I 3528 -104.21 -38.21 13.13
CA THR I 3528 -104.83 -39.46 12.72
C THR I 3528 -105.07 -39.48 11.21
N ASP I 3529 -104.97 -38.32 10.58
CA ASP I 3529 -105.11 -38.22 9.14
C ASP I 3529 -103.76 -37.91 8.50
N MET I 3534 -95.11 -39.99 5.38
CA MET I 3534 -95.30 -38.76 4.62
C MET I 3534 -95.18 -37.54 5.53
N LEU I 3535 -94.55 -37.74 6.68
CA LEU I 3535 -94.42 -36.69 7.68
C LEU I 3535 -93.23 -35.78 7.38
N ALA I 3536 -92.42 -36.17 6.41
CA ALA I 3536 -91.27 -35.37 6.00
C ALA I 3536 -91.75 -34.13 5.25
N LYS I 3537 -92.82 -34.29 4.50
CA LYS I 3537 -93.47 -33.18 3.82
C LYS I 3537 -94.14 -32.29 4.86
N THR I 3538 -94.64 -32.91 5.92
CA THR I 3538 -95.22 -32.18 7.04
C THR I 3538 -94.11 -31.45 7.80
N ARG I 3539 -92.94 -32.05 7.81
CA ARG I 3539 -91.78 -31.43 8.43
C ARG I 3539 -91.30 -30.29 7.54
N TYR I 3540 -91.42 -30.49 6.24
CA TYR I 3540 -90.99 -29.48 5.27
C TYR I 3540 -91.94 -28.30 5.27
N ALA I 3541 -93.24 -28.57 5.39
CA ALA I 3541 -94.24 -27.52 5.34
C ALA I 3541 -94.31 -26.77 6.68
N LEU I 3542 -93.78 -27.39 7.73
CA LEU I 3542 -93.67 -26.71 9.00
C LEU I 3542 -92.55 -25.69 8.93
N LYS I 3543 -91.54 -25.99 8.12
CA LYS I 3543 -90.39 -25.11 7.95
C LYS I 3543 -90.78 -23.83 7.21
N ASP I 3544 -91.67 -23.97 6.23
CA ASP I 3544 -92.14 -22.82 5.46
C ASP I 3544 -93.12 -21.98 6.28
N THR I 3545 -93.74 -22.62 7.26
CA THR I 3545 -94.62 -21.92 8.19
C THR I 3545 -93.81 -21.30 9.32
N ASP I 3546 -92.53 -21.64 9.36
CA ASP I 3546 -91.60 -21.02 10.30
C ASP I 3546 -90.56 -20.21 9.52
N GLU I 3547 -90.85 -19.99 8.24
CA GLU I 3547 -89.97 -19.18 7.40
C GLU I 3547 -90.54 -17.78 7.22
N LEU I 3553 -99.91 -19.18 1.70
CA LEU I 3553 -98.51 -18.83 1.46
C LEU I 3553 -97.70 -20.08 1.18
N GLN I 3554 -97.68 -20.98 2.16
CA GLN I 3554 -96.95 -22.23 2.03
C GLN I 3554 -97.81 -23.30 1.39
N ASN I 3555 -99.06 -22.93 1.08
CA ASN I 3555 -100.00 -23.84 0.43
C ASN I 3555 -99.56 -24.14 -0.99
N ASN I 3556 -98.91 -23.16 -1.61
CA ASN I 3556 -98.31 -23.34 -2.92
C ASN I 3556 -96.99 -24.08 -2.78
N LEU I 3557 -96.31 -23.84 -1.65
CA LEU I 3557 -95.07 -24.53 -1.34
C LEU I 3557 -95.35 -25.99 -1.00
N HIS I 3558 -96.55 -26.25 -0.49
CA HIS I 3558 -97.03 -27.61 -0.25
C HIS I 3558 -97.35 -28.28 -1.58
N LEU I 3559 -97.76 -27.49 -2.55
CA LEU I 3559 -98.02 -27.99 -3.89
C LEU I 3559 -96.70 -28.15 -4.64
N GLN I 3560 -95.68 -27.42 -4.17
CA GLN I 3560 -94.36 -27.50 -4.76
C GLN I 3560 -93.38 -28.22 -3.83
N LEU I 3569 -89.58 -48.93 9.82
CA LEU I 3569 -90.71 -48.76 10.72
C LEU I 3569 -91.89 -48.21 9.94
N ARG I 3570 -91.58 -47.64 8.77
CA ARG I 3570 -92.58 -47.08 7.89
C ARG I 3570 -93.44 -48.19 7.30
N TRP I 3571 -92.84 -49.36 7.15
CA TRP I 3571 -93.55 -50.55 6.70
C TRP I 3571 -94.59 -50.97 7.72
N GLN I 3572 -94.25 -50.78 9.00
CA GLN I 3572 -95.21 -51.02 10.06
C GLN I 3572 -96.24 -49.92 10.08
N MET I 3573 -95.79 -48.71 9.79
CA MET I 3573 -96.64 -47.53 9.80
C MET I 3573 -97.64 -47.55 8.65
N ALA I 3574 -97.17 -47.96 7.47
CA ALA I 3574 -98.04 -48.04 6.31
C ALA I 3574 -98.99 -49.21 6.44
N LEU I 3575 -98.60 -50.19 7.24
CA LEU I 3575 -99.48 -51.30 7.57
C LEU I 3575 -100.62 -50.81 8.46
N TYR I 3576 -100.34 -49.77 9.23
CA TYR I 3576 -101.33 -49.22 10.14
C TYR I 3576 -102.18 -48.14 9.46
N ARG I 3577 -101.54 -47.24 8.72
CA ARG I 3577 -102.22 -46.09 8.14
C ARG I 3577 -103.17 -46.49 7.01
N GLY I 3578 -102.86 -47.59 6.34
CA GLY I 3578 -103.73 -48.09 5.29
C GLY I 3578 -104.87 -48.90 5.91
N LEU I 3579 -104.62 -49.42 7.11
CA LEU I 3579 -105.64 -50.18 7.82
C LEU I 3579 -106.69 -49.26 8.41
N GLU I 3590 -106.97 -33.81 -2.01
CA GLU I 3590 -107.28 -32.93 -0.90
C GLU I 3590 -106.16 -32.96 0.13
N LYS I 3591 -105.11 -33.70 -0.20
CA LYS I 3591 -103.99 -33.88 0.72
C LYS I 3591 -103.11 -32.65 0.78
N ILE I 3592 -103.07 -31.89 -0.33
CA ILE I 3592 -102.15 -30.76 -0.47
C ILE I 3592 -102.50 -29.61 0.46
N VAL I 3593 -103.78 -29.51 0.82
CA VAL I 3593 -104.23 -28.45 1.71
C VAL I 3593 -104.27 -28.95 3.16
N ARG I 3594 -104.65 -30.22 3.34
CA ARG I 3594 -104.80 -30.80 4.66
C ARG I 3594 -103.46 -30.97 5.35
N ARG I 3595 -102.43 -31.31 4.58
CA ARG I 3595 -101.09 -31.42 5.10
C ARG I 3595 -100.55 -30.03 5.43
N VAL I 3596 -100.97 -29.06 4.62
CA VAL I 3596 -100.60 -27.67 4.84
C VAL I 3596 -101.34 -27.12 6.06
N GLN I 3597 -102.50 -27.70 6.34
CA GLN I 3597 -103.31 -27.28 7.47
C GLN I 3597 -102.67 -27.70 8.80
N GLU I 3598 -102.25 -28.96 8.86
CA GLU I 3598 -101.73 -29.52 10.10
C GLU I 3598 -100.33 -29.03 10.41
N VAL I 3599 -99.60 -28.65 9.37
CA VAL I 3599 -98.19 -28.31 9.50
C VAL I 3599 -97.95 -27.03 10.29
N SER I 3600 -98.71 -26.00 9.96
CA SER I 3600 -98.57 -24.72 10.64
C SER I 3600 -99.09 -24.79 12.06
N ALA I 3601 -100.02 -25.72 12.30
CA ALA I 3601 -100.57 -25.96 13.63
C ALA I 3601 -99.48 -26.51 14.54
N VAL I 3602 -98.60 -27.31 13.95
CA VAL I 3602 -97.49 -27.89 14.68
C VAL I 3602 -96.49 -26.81 15.04
N LEU I 3603 -96.17 -25.96 14.06
CA LEU I 3603 -95.17 -24.91 14.24
C LEU I 3603 -95.67 -23.86 15.21
N TYR I 3604 -96.98 -23.66 15.23
CA TYR I 3604 -97.60 -22.76 16.19
C TYR I 3604 -97.51 -23.38 17.57
N HIS I 3605 -97.70 -24.69 17.64
CA HIS I 3605 -97.61 -25.42 18.89
C HIS I 3605 -96.16 -25.53 19.31
N LEU I 3606 -95.27 -25.53 18.32
CA LEU I 3606 -93.84 -25.57 18.57
C LEU I 3606 -93.40 -24.26 19.20
N GLU I 3607 -93.97 -23.17 18.69
CA GLU I 3607 -93.69 -21.85 19.23
C GLU I 3607 -94.36 -21.71 20.59
N GLN I 3608 -95.48 -22.41 20.77
CA GLN I 3608 -96.25 -22.35 22.01
C GLN I 3608 -95.50 -23.00 23.16
N THR I 3609 -94.84 -24.11 22.86
CA THR I 3609 -94.09 -24.84 23.86
C THR I 3609 -92.75 -24.16 24.14
N GLU I 3610 -92.35 -23.28 23.23
CA GLU I 3610 -91.08 -22.57 23.36
C GLU I 3610 -91.14 -21.55 24.49
N LEU I 3623 -73.44 -6.48 39.72
CA LEU I 3623 -74.62 -6.29 40.57
C LEU I 3623 -74.53 -4.97 41.32
N LEU I 3624 -75.24 -4.89 42.45
CA LEU I 3624 -75.21 -3.69 43.27
C LEU I 3624 -74.26 -3.87 44.45
N SER I 3625 -73.45 -2.85 44.68
CA SER I 3625 -72.57 -2.87 45.84
C SER I 3625 -73.37 -2.63 47.11
N LYS I 3626 -72.71 -2.88 48.25
CA LYS I 3626 -73.38 -2.87 49.54
C LYS I 3626 -73.88 -1.49 49.93
N GLN I 3627 -73.04 -0.46 49.79
CA GLN I 3627 -73.49 0.90 50.09
C GLN I 3627 -74.53 1.40 49.10
N ARG I 3628 -74.56 0.86 47.89
CA ARG I 3628 -75.59 1.22 46.95
C ARG I 3628 -76.96 0.74 47.43
N ARG I 3629 -76.99 -0.42 48.10
CA ARG I 3629 -78.24 -0.93 48.64
C ARG I 3629 -78.78 -0.05 49.76
N ARG I 3630 -77.93 0.41 50.67
CA ARG I 3630 -78.44 1.31 51.69
C ARG I 3630 -78.68 2.71 51.15
N ALA I 3631 -78.04 3.06 50.03
CA ALA I 3631 -78.32 4.35 49.40
C ALA I 3631 -79.72 4.40 48.84
N VAL I 3632 -80.11 3.36 48.11
CA VAL I 3632 -81.41 3.36 47.47
C VAL I 3632 -82.53 3.17 48.50
N VAL I 3633 -82.19 2.61 49.67
CA VAL I 3633 -83.17 2.52 50.74
C VAL I 3633 -83.47 3.89 51.31
N ALA I 3634 -82.44 4.64 51.69
CA ALA I 3634 -82.62 5.95 52.30
C ALA I 3634 -82.98 7.02 51.28
N CYS I 3635 -83.01 6.67 49.99
CA CYS I 3635 -83.32 7.66 48.96
C CYS I 3635 -84.77 8.10 49.01
N PHE I 3636 -85.63 7.34 49.69
CA PHE I 3636 -87.06 7.62 49.70
C PHE I 3636 -87.49 8.50 50.86
N ARG I 3637 -86.72 8.51 51.94
CA ARG I 3637 -87.09 9.26 53.13
C ARG I 3637 -86.50 10.67 53.15
N MET I 3638 -86.23 11.25 51.99
CA MET I 3638 -85.62 12.57 51.93
C MET I 3638 -86.62 13.64 52.29
N THR I 3639 -86.25 14.48 53.25
CA THR I 3639 -87.15 15.53 53.70
C THR I 3639 -87.24 16.66 52.67
N PRO I 3640 -88.39 17.33 52.57
CA PRO I 3640 -88.52 18.46 51.65
C PRO I 3640 -87.89 19.72 52.21
N LEU I 3641 -87.81 20.74 51.34
CA LEU I 3641 -87.12 21.97 51.68
C LEU I 3641 -87.90 22.81 52.69
N TYR I 3642 -89.23 22.81 52.62
CA TYR I 3642 -90.02 23.63 53.51
C TYR I 3642 -90.04 23.07 54.93
N ASN I 3643 -89.69 21.81 55.10
CA ASN I 3643 -89.50 21.24 56.42
C ASN I 3643 -88.19 21.66 57.07
N LEU I 3644 -87.23 22.14 56.28
CA LEU I 3644 -85.93 22.48 56.80
C LEU I 3644 -85.96 23.82 57.53
N PRO I 3645 -85.08 24.02 58.49
CA PRO I 3645 -84.87 25.37 59.04
C PRO I 3645 -84.25 26.27 57.99
N THR I 3646 -84.65 27.54 58.02
CA THR I 3646 -84.36 28.46 56.94
C THR I 3646 -82.88 28.82 56.82
N HIS I 3647 -82.13 28.73 57.92
CA HIS I 3647 -80.73 29.12 57.84
C HIS I 3647 -79.91 28.09 57.09
N ARG I 3648 -80.21 26.80 57.27
CA ARG I 3648 -79.55 25.78 56.47
C ARG I 3648 -79.99 25.84 55.02
N ALA I 3649 -81.24 26.23 54.77
CA ALA I 3649 -81.72 26.43 53.41
C ALA I 3649 -80.97 27.54 52.71
N CYS I 3650 -80.60 28.59 53.44
CA CYS I 3650 -79.80 29.64 52.83
C CYS I 3650 -78.38 29.15 52.56
N ASN I 3651 -77.87 28.24 53.40
CA ASN I 3651 -76.50 27.77 53.25
C ASN I 3651 -76.29 26.97 51.98
N MET I 3652 -77.18 26.03 51.68
CA MET I 3652 -77.08 25.27 50.44
C MET I 3652 -77.35 26.12 49.22
N PHE I 3653 -78.11 27.20 49.38
CA PHE I 3653 -78.34 28.13 48.30
C PHE I 3653 -77.06 28.82 47.84
N LEU I 3654 -76.24 29.28 48.78
CA LEU I 3654 -74.98 29.92 48.43
C LEU I 3654 -74.03 28.94 47.75
N GLU I 3655 -74.02 27.69 48.21
CA GLU I 3655 -73.26 26.66 47.53
C GLU I 3655 -73.85 26.34 46.16
N SER I 3656 -75.13 26.65 45.96
CA SER I 3656 -75.72 26.46 44.65
C SER I 3656 -75.58 27.71 43.79
N TYR I 3657 -75.90 28.88 44.36
CA TYR I 3657 -75.98 30.10 43.57
C TYR I 3657 -74.62 30.54 43.04
N LYS I 3658 -73.58 30.33 43.84
CA LYS I 3658 -72.23 30.56 43.34
C LYS I 3658 -71.87 29.54 42.27
N ALA I 3659 -72.36 28.32 42.41
CA ALA I 3659 -71.98 27.26 41.50
C ALA I 3659 -72.63 27.38 40.12
N ALA I 3660 -73.84 27.92 40.06
CA ALA I 3660 -74.56 27.96 38.80
C ALA I 3660 -74.65 29.34 38.17
N TRP I 3661 -74.33 30.39 38.91
CA TRP I 3661 -74.43 31.73 38.36
C TRP I 3661 -73.11 32.49 38.38
N ILE I 3662 -72.47 32.58 39.54
CA ILE I 3662 -71.30 33.42 39.68
C ILE I 3662 -70.10 32.77 39.04
N LEU I 3663 -69.94 31.46 39.22
CA LEU I 3663 -68.83 30.75 38.59
C LEU I 3663 -68.98 30.73 37.07
N THR I 3664 -70.22 30.67 36.60
CA THR I 3664 -70.47 30.62 35.16
C THR I 3664 -70.23 31.95 34.46
N GLU I 3665 -70.10 33.04 35.20
CA GLU I 3665 -70.04 34.36 34.61
C GLU I 3665 -68.70 34.62 33.95
N ASP I 3666 -68.74 35.23 32.77
CA ASP I 3666 -67.54 35.55 32.01
C ASP I 3666 -67.39 37.05 31.89
N HIS I 3667 -66.14 37.50 31.78
CA HIS I 3667 -65.81 38.91 31.60
C HIS I 3667 -64.39 38.99 31.06
N SER I 3668 -64.07 40.14 30.46
CA SER I 3668 -62.84 40.25 29.71
C SER I 3668 -61.93 41.34 30.27
N PHE I 3669 -61.75 41.35 31.58
CA PHE I 3669 -60.89 42.36 32.20
C PHE I 3669 -59.41 42.13 31.97
N GLU I 3670 -59.03 41.00 31.39
CA GLU I 3670 -57.62 40.65 31.28
C GLU I 3670 -56.90 41.47 30.22
N ASP I 3671 -57.62 42.08 29.29
CA ASP I 3671 -56.93 42.89 28.31
C ASP I 3671 -56.98 44.37 28.67
N ARG I 3672 -58.08 44.83 29.26
CA ARG I 3672 -58.18 46.23 29.62
C ARG I 3672 -57.41 46.57 30.89
N MET I 3673 -56.70 45.61 31.49
CA MET I 3673 -55.72 45.93 32.50
C MET I 3673 -54.35 46.19 31.89
N ILE I 3674 -53.92 45.29 31.01
CA ILE I 3674 -52.51 45.24 30.61
C ILE I 3674 -52.13 46.43 29.74
N ASP I 3675 -53.10 47.03 29.04
CA ASP I 3675 -52.86 48.22 28.26
C ASP I 3675 -52.43 49.40 29.12
N ASP I 3676 -53.15 49.69 30.20
CA ASP I 3676 -52.81 50.86 30.99
C ASP I 3676 -51.59 50.62 31.85
N LEU I 3677 -51.27 49.37 32.16
CA LEU I 3677 -49.97 49.10 32.76
C LEU I 3677 -48.84 49.24 31.76
N SER I 3678 -49.15 49.22 30.46
CA SER I 3678 -48.12 49.43 29.46
C SER I 3678 -48.09 50.87 28.95
N LYS I 3679 -49.26 51.50 28.80
CA LYS I 3679 -49.29 52.83 28.21
C LYS I 3679 -48.88 53.93 29.17
N ALA I 3680 -48.84 53.66 30.47
CA ALA I 3680 -48.62 54.72 31.43
C ALA I 3680 -47.17 55.11 31.55
N GLY I 3681 -46.26 54.44 30.85
CA GLY I 3681 -44.89 54.92 30.76
C GLY I 3681 -44.81 56.24 30.03
N GLU I 3682 -45.75 56.49 29.12
CA GLU I 3682 -45.93 57.79 28.50
C GLU I 3682 -46.53 58.73 29.54
N GLN I 3683 -45.88 59.87 29.75
CA GLN I 3683 -46.34 60.88 30.68
C GLN I 3683 -45.72 62.22 30.28
N GLU I 3684 -46.00 63.23 31.08
CA GLU I 3684 -45.43 64.55 30.85
C GLU I 3684 -44.03 64.63 31.46
N LYS I 3693 -36.01 56.91 30.46
CA LYS I 3693 -35.41 55.61 30.72
C LYS I 3693 -36.02 54.96 31.95
N LYS I 3694 -37.06 55.59 32.49
CA LYS I 3694 -37.71 55.00 33.65
C LYS I 3694 -38.60 53.83 33.20
N PRO I 3695 -38.69 52.79 34.01
CA PRO I 3695 -39.46 51.62 33.60
C PRO I 3695 -40.95 51.87 33.62
N ASP I 3696 -41.68 51.02 32.92
CA ASP I 3696 -43.11 51.11 32.80
C ASP I 3696 -43.78 50.53 34.05
N PRO I 3697 -45.06 50.82 34.28
CA PRO I 3697 -45.77 50.15 35.38
C PRO I 3697 -45.80 48.65 35.26
N LEU I 3698 -46.06 48.12 34.06
CA LEU I 3698 -45.92 46.70 33.85
C LEU I 3698 -44.48 46.25 33.98
N HIS I 3699 -43.54 47.06 33.49
CA HIS I 3699 -42.13 46.69 33.53
C HIS I 3699 -41.59 46.67 34.94
N GLN I 3700 -42.17 47.48 35.82
CA GLN I 3700 -41.81 47.37 37.23
C GLN I 3700 -42.25 46.06 37.82
N LEU I 3701 -43.41 45.55 37.37
CA LEU I 3701 -44.02 44.39 38.00
C LEU I 3701 -43.23 43.12 37.74
N VAL I 3702 -42.85 42.88 36.49
CA VAL I 3702 -42.14 41.64 36.22
C VAL I 3702 -40.69 41.74 36.67
N LEU I 3703 -40.20 42.94 36.92
CA LEU I 3703 -38.93 43.05 37.62
C LEU I 3703 -39.05 42.57 39.04
N HIS I 3704 -40.17 42.87 39.70
CA HIS I 3704 -40.34 42.48 41.09
C HIS I 3704 -40.53 40.99 41.22
N PHE I 3705 -41.27 40.38 40.28
CA PHE I 3705 -41.42 38.94 40.28
C PHE I 3705 -40.11 38.25 39.92
N SER I 3706 -39.24 38.90 39.16
CA SER I 3706 -37.94 38.34 38.93
C SER I 3706 -37.09 38.37 40.18
N ARG I 3707 -37.23 39.43 40.99
CA ARG I 3707 -36.40 39.56 42.19
C ARG I 3707 -36.76 38.52 43.24
N THR I 3708 -38.04 38.19 43.37
CA THR I 3708 -38.42 37.17 44.34
C THR I 3708 -38.11 35.76 43.86
N ALA I 3709 -37.70 35.60 42.60
CA ALA I 3709 -37.33 34.28 42.12
C ALA I 3709 -35.84 34.02 42.23
N LEU I 3710 -35.06 35.01 42.65
CA LEU I 3710 -33.62 34.88 42.69
C LEU I 3710 -33.06 34.76 44.08
N THR I 3711 -33.87 35.01 45.12
CA THR I 3711 -33.40 34.88 46.48
C THR I 3711 -33.20 33.41 46.82
N GLU I 3712 -32.11 33.13 47.53
CA GLU I 3712 -31.73 31.75 47.81
C GLU I 3712 -32.67 31.15 48.84
N LYS I 3713 -33.56 30.27 48.38
CA LYS I 3713 -34.39 29.49 49.27
C LYS I 3713 -34.41 28.07 48.74
N SER I 3714 -34.62 27.12 49.64
CA SER I 3714 -34.65 25.72 49.23
C SER I 3714 -35.87 25.41 48.40
N LYS I 3715 -37.05 25.73 48.91
CA LYS I 3715 -38.29 25.47 48.19
C LYS I 3715 -38.78 26.76 47.57
N LEU I 3716 -39.80 26.62 46.73
CA LEU I 3716 -40.43 27.75 46.08
C LEU I 3716 -41.82 27.93 46.68
N ASP I 3717 -41.96 28.93 47.54
CA ASP I 3717 -43.20 29.18 48.26
C ASP I 3717 -44.34 29.56 47.32
N GLU I 3718 -45.50 28.96 47.57
CA GLU I 3718 -46.64 29.12 46.69
C GLU I 3718 -47.31 30.46 46.95
N ASP I 3719 -46.97 31.46 46.15
CA ASP I 3719 -47.63 32.76 46.21
C ASP I 3719 -48.90 32.71 45.40
N TYR I 3720 -50.01 33.10 46.02
CA TYR I 3720 -51.26 33.20 45.27
C TYR I 3720 -51.27 34.45 44.40
N LEU I 3721 -50.53 35.48 44.79
CA LEU I 3721 -50.56 36.72 44.02
C LEU I 3721 -49.87 36.57 42.69
N TYR I 3722 -48.73 35.88 42.65
CA TYR I 3722 -48.04 35.64 41.39
C TYR I 3722 -48.87 34.76 40.47
N MET I 3723 -49.58 33.78 41.02
CA MET I 3723 -50.48 32.98 40.21
C MET I 3723 -51.68 33.79 39.77
N ALA I 3724 -52.04 34.81 40.55
CA ALA I 3724 -53.11 35.68 40.09
C ALA I 3724 -52.68 36.59 38.96
N TYR I 3725 -51.37 36.81 38.80
CA TYR I 3725 -50.89 37.60 37.68
C TYR I 3725 -50.29 36.75 36.59
N ALA I 3726 -50.06 35.46 36.83
CA ALA I 3726 -49.51 34.63 35.79
C ALA I 3726 -50.53 34.38 34.69
N ASP I 3727 -51.78 34.16 35.05
CA ASP I 3727 -52.80 33.90 34.05
C ASP I 3727 -53.26 35.15 33.33
N ILE I 3728 -53.24 36.31 34.01
CA ILE I 3728 -53.70 37.54 33.41
C ILE I 3728 -52.76 37.97 32.29
N MET I 3729 -51.47 37.86 32.51
CA MET I 3729 -50.53 38.07 31.42
C MET I 3729 -50.57 36.94 30.41
N ALA I 3730 -51.02 35.75 30.80
CA ALA I 3730 -51.12 34.66 29.83
C ALA I 3730 -52.30 34.88 28.90
N LYS I 3731 -53.41 35.42 29.41
CA LYS I 3731 -54.58 35.66 28.59
C LYS I 3731 -54.46 36.89 27.71
N SER I 3732 -53.33 37.58 27.73
CA SER I 3732 -53.17 38.72 26.83
C SER I 3732 -52.81 38.28 25.41
N CYS I 3733 -52.48 37.01 25.23
CA CYS I 3733 -52.16 36.50 23.92
C CYS I 3733 -53.16 35.46 23.41
N HIS I 3734 -54.00 34.93 24.29
CA HIS I 3734 -54.97 33.91 23.90
C HIS I 3734 -56.17 34.49 23.17
N LEU I 3735 -56.33 35.81 23.16
CA LEU I 3735 -57.36 36.42 22.34
C LEU I 3735 -57.03 36.24 20.86
N GLU I 3736 -55.74 36.24 20.52
CA GLU I 3736 -55.30 35.97 19.16
C GLU I 3736 -54.81 34.53 18.98
N GLU I 3737 -54.67 33.77 20.06
CA GLU I 3737 -54.25 32.38 19.95
C GLU I 3737 -55.45 31.44 19.85
N GLU I 3750 -63.45 29.16 6.13
CA GLU I 3750 -62.62 29.64 5.03
C GLU I 3750 -62.09 31.03 5.33
N VAL I 3751 -60.77 31.17 5.37
CA VAL I 3751 -60.12 32.43 5.67
C VAL I 3751 -59.33 32.91 4.46
N SER I 3752 -59.12 34.21 4.42
CA SER I 3752 -58.33 34.84 3.38
C SER I 3752 -56.84 34.71 3.71
N PHE I 3753 -56.00 35.34 2.90
CA PHE I 3753 -54.57 35.33 3.18
C PHE I 3753 -54.17 36.49 4.06
N GLU I 3754 -54.66 37.69 3.76
CA GLU I 3754 -54.27 38.87 4.53
C GLU I 3754 -54.86 38.86 5.93
N GLU I 3755 -56.12 38.45 6.07
CA GLU I 3755 -56.83 38.63 7.34
C GLU I 3755 -56.30 37.70 8.42
N LYS I 3756 -55.62 36.62 8.05
CA LYS I 3756 -54.98 35.81 9.08
C LYS I 3756 -53.62 36.35 9.46
N GLU I 3757 -53.00 37.15 8.59
CA GLU I 3757 -51.72 37.76 8.94
C GLU I 3757 -51.88 38.83 10.00
N MET I 3758 -52.93 39.65 9.92
CA MET I 3758 -53.22 40.58 10.99
C MET I 3758 -53.68 39.85 12.24
N GLU I 3759 -54.33 38.69 12.09
CA GLU I 3759 -54.57 37.84 13.25
C GLU I 3759 -53.27 37.22 13.74
N LYS I 3760 -52.29 37.06 12.86
CA LYS I 3760 -50.97 36.63 13.32
C LYS I 3760 -50.19 37.79 13.93
N GLN I 3761 -50.12 38.93 13.24
CA GLN I 3761 -49.24 39.99 13.70
C GLN I 3761 -49.76 40.71 14.93
N ARG I 3762 -51.06 40.68 15.19
CA ARG I 3762 -51.54 41.25 16.44
C ARG I 3762 -51.14 40.36 17.61
N LEU I 3763 -50.86 39.08 17.35
CA LEU I 3763 -50.30 38.24 18.38
C LEU I 3763 -48.83 38.55 18.59
N LEU I 3764 -48.12 38.92 17.53
CA LEU I 3764 -46.76 39.39 17.75
C LEU I 3764 -46.70 40.77 18.37
N TYR I 3765 -47.80 41.53 18.33
CA TYR I 3765 -47.83 42.78 19.07
C TYR I 3765 -47.93 42.52 20.56
N GLN I 3766 -48.87 41.66 20.96
CA GLN I 3766 -49.04 41.37 22.37
C GLN I 3766 -47.89 40.53 22.90
N GLN I 3767 -47.23 39.75 22.04
CA GLN I 3767 -46.02 39.08 22.48
C GLN I 3767 -44.87 40.05 22.66
N SER I 3768 -44.86 41.12 21.88
CA SER I 3768 -43.84 42.14 22.08
C SER I 3768 -44.13 42.97 23.32
N ARG I 3769 -45.41 43.10 23.69
CA ARG I 3769 -45.78 43.91 24.83
C ARG I 3769 -45.33 43.30 26.14
N LEU I 3770 -45.04 42.00 26.16
CA LEU I 3770 -44.47 41.38 27.34
C LEU I 3770 -42.96 41.27 27.26
N HIS I 3771 -42.44 40.65 26.19
CA HIS I 3771 -41.05 40.20 26.24
C HIS I 3771 -40.03 41.28 25.93
N THR I 3772 -40.46 42.50 25.57
CA THR I 3772 -39.49 43.58 25.61
C THR I 3772 -39.41 44.19 27.00
N ARG I 3773 -40.36 43.88 27.86
CA ARG I 3773 -40.28 44.29 29.26
C ARG I 3773 -39.61 43.24 30.13
N GLY I 3774 -38.90 42.29 29.53
CA GLY I 3774 -38.21 41.29 30.31
C GLY I 3774 -39.08 40.15 30.80
N ALA I 3775 -40.17 39.84 30.10
CA ALA I 3775 -41.00 38.73 30.52
C ALA I 3775 -40.40 37.38 30.17
N ALA I 3776 -39.39 37.35 29.30
CA ALA I 3776 -38.86 36.07 28.84
C ALA I 3776 -37.98 35.42 29.89
N GLU I 3777 -37.23 36.20 30.65
CA GLU I 3777 -36.32 35.62 31.61
C GLU I 3777 -36.94 35.41 32.97
N MET I 3778 -38.06 36.08 33.26
CA MET I 3778 -38.80 35.77 34.46
C MET I 3778 -39.33 34.35 34.41
N VAL I 3779 -39.86 33.95 33.26
CA VAL I 3779 -40.42 32.60 33.16
C VAL I 3779 -39.31 31.57 33.01
N LEU I 3780 -38.09 32.03 32.73
CA LEU I 3780 -36.98 31.09 32.70
C LEU I 3780 -36.31 30.96 34.06
N GLN I 3781 -36.43 31.96 34.92
CA GLN I 3781 -35.80 31.87 36.22
C GLN I 3781 -36.58 30.99 37.18
N MET I 3782 -37.91 31.09 37.17
CA MET I 3782 -38.72 30.37 38.14
C MET I 3782 -38.78 28.88 37.90
N ILE I 3783 -38.48 28.42 36.69
CA ILE I 3783 -38.31 27.00 36.50
C ILE I 3783 -37.03 26.53 37.18
N SER I 3784 -36.00 27.37 37.17
CA SER I 3784 -34.81 27.04 37.94
C SER I 3784 -35.05 27.21 39.44
N ALA I 3785 -36.00 28.06 39.80
CA ALA I 3785 -36.35 28.23 41.20
C ALA I 3785 -37.35 27.20 41.69
N CYS I 3786 -37.93 26.42 40.78
CA CYS I 3786 -38.74 25.29 41.21
C CYS I 3786 -37.88 24.17 41.80
N LYS I 3787 -36.87 23.76 41.05
CA LYS I 3787 -36.04 22.59 41.36
C LYS I 3787 -36.89 21.33 41.55
N GLY I 3788 -37.90 21.17 40.70
CA GLY I 3788 -38.57 19.90 40.62
C GLY I 3788 -39.86 19.77 41.39
N GLU I 3789 -40.22 20.75 42.19
CA GLU I 3789 -41.40 20.67 43.03
C GLU I 3789 -42.62 20.91 42.15
N THR I 3790 -43.23 19.83 41.68
CA THR I 3790 -44.35 19.90 40.74
C THR I 3790 -45.65 20.38 41.41
N GLY I 3791 -45.63 21.64 41.82
CA GLY I 3791 -46.75 22.21 42.54
C GLY I 3791 -47.70 22.95 41.61
N ALA I 3792 -48.46 23.86 42.21
CA ALA I 3792 -49.44 24.63 41.45
C ALA I 3792 -48.85 25.82 40.73
N MET I 3793 -47.72 26.33 41.19
CA MET I 3793 -47.11 27.48 40.53
C MET I 3793 -46.50 27.10 39.19
N VAL I 3794 -45.84 25.96 39.10
CA VAL I 3794 -45.26 25.55 37.82
C VAL I 3794 -46.33 25.14 36.83
N SER I 3795 -47.56 24.89 37.27
CA SER I 3795 -48.66 24.89 36.32
C SER I 3795 -48.89 26.29 35.79
N SER I 3796 -49.03 27.27 36.67
CA SER I 3796 -49.38 28.61 36.23
C SER I 3796 -48.22 29.34 35.60
N THR I 3797 -46.99 28.88 35.78
CA THR I 3797 -45.91 29.56 35.09
C THR I 3797 -45.71 29.03 33.69
N LEU I 3798 -46.26 27.87 33.35
CA LEU I 3798 -46.00 27.34 32.03
C LEU I 3798 -47.02 27.84 31.03
N LYS I 3799 -48.23 28.14 31.49
CA LYS I 3799 -49.23 28.73 30.61
C LYS I 3799 -48.82 30.13 30.16
N LEU I 3800 -48.04 30.83 30.97
CA LEU I 3800 -47.43 32.06 30.51
C LEU I 3800 -46.29 31.78 29.55
N GLY I 3801 -45.55 30.69 29.79
CA GLY I 3801 -44.43 30.37 28.92
C GLY I 3801 -44.86 29.93 27.55
N ILE I 3802 -46.06 29.38 27.42
CA ILE I 3802 -46.57 29.04 26.11
C ILE I 3802 -47.06 30.27 25.38
N SER I 3803 -47.82 31.14 26.06
CA SER I 3803 -48.44 32.28 25.39
C SER I 3803 -47.43 33.35 25.00
N ILE I 3804 -46.17 33.23 25.41
CA ILE I 3804 -45.12 34.06 24.85
C ILE I 3804 -44.49 33.37 23.64
N LEU I 3805 -44.26 32.06 23.74
CA LEU I 3805 -43.64 31.33 22.64
C LEU I 3805 -44.65 30.63 21.74
N ASN I 3806 -45.91 31.04 21.79
CA ASN I 3806 -46.90 30.46 20.89
C ASN I 3806 -46.66 30.94 19.48
N GLY I 3807 -46.99 30.08 18.51
CA GLY I 3807 -46.78 30.42 17.12
C GLY I 3807 -45.35 30.36 16.65
N GLY I 3808 -44.41 30.00 17.51
CA GLY I 3808 -43.03 29.92 17.11
C GLY I 3808 -42.39 31.27 16.91
N ASN I 3809 -42.39 32.10 17.95
CA ASN I 3809 -41.68 33.37 17.88
C ASN I 3809 -40.18 33.11 17.88
N ALA I 3810 -39.44 33.99 17.23
CA ALA I 3810 -38.02 33.78 17.05
C ALA I 3810 -37.16 34.44 18.10
N GLU I 3811 -37.34 35.75 18.34
CA GLU I 3811 -36.40 36.48 19.18
C GLU I 3811 -36.55 36.19 20.65
N VAL I 3812 -37.67 35.60 21.07
CA VAL I 3812 -37.75 35.17 22.46
C VAL I 3812 -36.84 33.98 22.70
N GLN I 3813 -36.60 33.17 21.66
CA GLN I 3813 -35.60 32.13 21.77
C GLN I 3813 -34.20 32.72 21.78
N GLN I 3814 -33.99 33.79 21.01
CA GLN I 3814 -32.71 34.46 21.05
C GLN I 3814 -32.56 35.27 22.33
N LYS I 3815 -33.66 35.63 22.97
CA LYS I 3815 -33.58 36.18 24.31
C LYS I 3815 -33.44 35.10 25.36
N MET I 3816 -33.52 33.83 24.97
CA MET I 3816 -33.41 32.77 25.96
C MET I 3816 -32.10 32.01 25.87
N LEU I 3817 -31.51 31.90 24.68
CA LEU I 3817 -30.28 31.13 24.56
C LEU I 3817 -29.11 31.83 25.23
N ASP I 3818 -29.00 33.14 25.01
CA ASP I 3818 -27.97 33.95 25.64
C ASP I 3818 -28.08 33.95 27.16
N TYR I 3819 -29.30 33.90 27.68
CA TYR I 3819 -29.48 33.84 29.13
C TYR I 3819 -28.98 32.53 29.70
N LEU I 3820 -29.10 31.44 28.95
CA LEU I 3820 -28.53 30.17 29.39
C LEU I 3820 -27.09 30.00 28.98
N LYS I 3821 -26.48 31.01 28.36
CA LYS I 3821 -25.09 30.92 27.98
C LYS I 3821 -24.19 31.90 28.71
N ASP I 3822 -24.71 33.04 29.14
CA ASP I 3822 -23.89 33.88 30.01
C ASP I 3822 -23.95 33.44 31.47
N LYS I 3823 -25.00 32.73 31.87
CA LYS I 3823 -25.15 32.38 33.28
C LYS I 3823 -24.54 31.02 33.59
N LYS I 3824 -24.48 30.14 32.59
CA LYS I 3824 -24.11 28.72 32.76
C LYS I 3824 -24.97 28.05 33.82
N GLU I 3825 -26.26 28.36 33.82
CA GLU I 3825 -27.14 28.01 34.93
C GLU I 3825 -27.53 26.53 34.85
N VAL I 3826 -26.66 25.66 35.34
CA VAL I 3826 -27.08 24.31 35.66
C VAL I 3826 -28.03 24.39 36.83
N GLY I 3827 -29.19 23.76 36.68
CA GLY I 3827 -30.23 23.88 37.67
C GLY I 3827 -31.54 24.12 36.98
N PHE I 3828 -31.49 24.84 35.86
CA PHE I 3828 -32.62 24.84 34.95
C PHE I 3828 -32.86 23.46 34.38
N PHE I 3829 -31.86 22.94 33.69
CA PHE I 3829 -31.95 21.68 32.99
C PHE I 3829 -32.16 20.51 33.94
N GLN I 3830 -31.60 20.59 35.15
CA GLN I 3830 -31.90 19.57 36.14
C GLN I 3830 -33.34 19.65 36.62
N SER I 3831 -33.87 20.85 36.80
CA SER I 3831 -35.27 20.98 37.14
C SER I 3831 -36.17 20.58 35.98
N ILE I 3832 -35.69 20.77 34.76
CA ILE I 3832 -36.38 20.20 33.60
C ILE I 3832 -36.40 18.69 33.69
N GLN I 3833 -35.26 18.09 34.02
CA GLN I 3833 -35.19 16.64 34.12
C GLN I 3833 -35.98 16.11 35.30
N ALA I 3834 -36.10 16.92 36.35
CA ALA I 3834 -36.87 16.48 37.51
C ALA I 3834 -38.36 16.42 37.22
N LEU I 3835 -38.91 17.45 36.55
CA LEU I 3835 -40.32 17.41 36.19
C LEU I 3835 -40.64 16.32 35.19
N MET I 3836 -39.66 15.90 34.38
CA MET I 3836 -39.91 14.87 33.38
C MET I 3836 -40.22 13.52 34.01
N GLN I 3837 -39.47 13.13 35.04
CA GLN I 3837 -39.66 11.82 35.62
C GLN I 3837 -40.91 11.73 36.48
N THR I 3838 -41.38 12.85 37.02
CA THR I 3838 -42.61 12.85 37.81
C THR I 3838 -43.82 13.15 36.95
N CYS I 3839 -43.93 12.41 35.86
CA CYS I 3839 -45.08 12.47 34.98
C CYS I 3839 -45.80 11.15 35.05
N SER I 3840 -47.05 11.18 35.52
CA SER I 3840 -47.84 9.98 35.70
C SER I 3840 -48.18 9.37 34.35
N VAL I 3841 -48.37 8.05 34.36
CA VAL I 3841 -48.75 7.31 33.17
C VAL I 3841 -49.97 6.47 33.50
N LEU I 3842 -50.42 5.65 32.56
CA LEU I 3842 -51.56 4.76 32.78
C LEU I 3842 -51.15 3.71 33.82
N ASP I 3843 -51.95 3.57 34.87
CA ASP I 3843 -51.69 2.49 35.81
C ASP I 3843 -52.73 1.39 35.63
N LEU I 3844 -52.54 0.30 36.37
CA LEU I 3844 -53.53 -0.76 36.42
C LEU I 3844 -53.95 -1.08 37.84
N ASN I 3845 -53.79 -0.14 38.76
CA ASN I 3845 -54.19 -0.36 40.15
C ASN I 3845 -55.19 0.65 40.65
N ALA I 3846 -54.92 1.94 40.50
CA ALA I 3846 -55.87 2.97 40.89
C ALA I 3846 -57.02 3.06 39.91
N PHE I 3847 -56.86 2.48 38.72
CA PHE I 3847 -57.90 2.47 37.72
C PHE I 3847 -59.14 1.72 38.22
N GLU I 3848 -58.96 0.53 38.77
CA GLU I 3848 -60.08 -0.17 39.36
C GLU I 3848 -60.45 0.38 40.72
N ARG I 3849 -59.53 1.07 41.39
CA ARG I 3849 -59.90 1.80 42.59
C ARG I 3849 -60.92 2.88 42.28
N GLN I 3850 -60.69 3.61 41.20
CA GLN I 3850 -61.68 4.54 40.68
C GLN I 3850 -62.96 3.82 40.28
N ASN I 3851 -62.82 2.63 39.70
CA ASN I 3851 -63.98 1.90 39.21
C ASN I 3851 -64.81 1.37 40.38
N LYS I 3852 -64.14 0.87 41.42
CA LYS I 3852 -64.87 0.48 42.62
C LYS I 3852 -65.44 1.69 43.33
N ALA I 3853 -64.74 2.82 43.27
CA ALA I 3853 -65.32 4.07 43.74
C ALA I 3853 -66.48 4.51 42.87
N GLU I 3854 -66.45 4.18 41.57
CA GLU I 3854 -67.53 4.57 40.68
C GLU I 3854 -68.80 3.77 40.92
N GLY I 3855 -68.76 2.72 41.75
CA GLY I 3855 -69.96 1.98 42.10
C GLY I 3855 -70.85 2.66 43.11
N LEU I 3856 -70.48 3.86 43.56
CA LEU I 3856 -71.25 4.62 44.52
C LEU I 3856 -71.66 5.93 43.84
N GLY I 3857 -72.95 6.26 43.91
CA GLY I 3857 -73.44 7.43 43.20
C GLY I 3857 -73.92 8.55 44.10
N MET I 3858 -74.47 8.20 45.26
CA MET I 3858 -74.95 9.20 46.20
C MET I 3858 -74.78 8.66 47.60
N VAL I 3859 -74.20 9.48 48.47
CA VAL I 3859 -73.83 9.05 49.82
C VAL I 3859 -74.98 9.40 50.77
N ASN I 3860 -75.11 8.61 51.84
CA ASN I 3860 -76.19 8.71 52.80
C ASN I 3860 -76.18 10.06 53.53
N GLU I 3861 -77.33 10.35 54.16
CA GLU I 3861 -77.53 11.47 55.07
C GLU I 3861 -77.33 12.83 54.39
N ASP I 3862 -78.11 13.04 53.32
CA ASP I 3862 -78.31 14.33 52.65
C ASP I 3862 -77.01 14.88 52.05
N GLY I 3863 -76.09 13.97 51.76
CA GLY I 3863 -74.85 14.37 51.16
C GLY I 3863 -74.79 13.91 49.72
N THR I 3864 -73.97 14.56 48.91
CA THR I 3864 -73.78 14.15 47.53
C THR I 3864 -72.34 13.74 47.32
N VAL I 3865 -72.13 12.65 46.58
CA VAL I 3865 -70.78 12.26 46.19
C VAL I 3865 -70.27 13.26 45.17
N ILE I 3866 -69.35 14.12 45.58
CA ILE I 3866 -68.78 15.10 44.69
C ILE I 3866 -67.81 14.38 43.77
N ASN I 3867 -68.26 14.12 42.53
CA ASN I 3867 -67.45 13.38 41.57
C ASN I 3867 -66.23 14.17 41.11
N ARG I 3868 -66.23 15.48 41.28
CA ARG I 3868 -65.04 16.27 41.01
C ARG I 3868 -64.06 16.27 42.18
N GLN I 3869 -64.52 15.91 43.38
CA GLN I 3869 -63.61 15.82 44.52
C GLN I 3869 -62.67 14.64 44.36
N ASN I 3870 -63.21 13.46 44.06
CA ASN I 3870 -62.36 12.36 43.64
C ASN I 3870 -61.74 12.65 42.28
N GLY I 3871 -62.55 13.10 41.32
CA GLY I 3871 -62.06 13.46 40.01
C GLY I 3871 -61.54 12.23 39.27
N GLU I 3872 -60.41 12.41 38.62
CA GLU I 3872 -59.68 11.29 38.02
C GLU I 3872 -58.45 11.03 38.87
N LYS I 3873 -58.51 9.97 39.68
CA LYS I 3873 -57.33 9.58 40.44
C LYS I 3873 -56.25 9.03 39.53
N VAL I 3874 -56.64 8.48 38.39
CA VAL I 3874 -55.70 8.01 37.38
C VAL I 3874 -55.38 9.14 36.41
N MET I 3875 -54.09 9.47 36.32
CA MET I 3875 -53.54 10.48 35.42
C MET I 3875 -54.21 11.84 35.59
N ALA I 3876 -54.21 12.35 36.82
CA ALA I 3876 -54.58 13.74 37.04
C ALA I 3876 -53.44 14.68 36.70
N ASP I 3877 -52.27 14.11 36.39
CA ASP I 3877 -51.08 14.83 35.97
C ASP I 3877 -51.11 15.18 34.48
N ASP I 3878 -52.22 14.87 33.81
CA ASP I 3878 -52.32 14.83 32.35
C ASP I 3878 -52.08 16.18 31.69
N GLU I 3879 -52.89 17.18 32.02
CA GLU I 3879 -52.83 18.45 31.32
C GLU I 3879 -51.56 19.21 31.65
N PHE I 3880 -50.99 18.94 32.83
CA PHE I 3880 -49.70 19.55 33.15
C PHE I 3880 -48.59 18.92 32.33
N THR I 3881 -48.50 17.60 32.31
CA THR I 3881 -47.39 16.95 31.60
C THR I 3881 -47.52 17.08 30.10
N GLN I 3882 -48.72 17.32 29.59
CA GLN I 3882 -48.88 17.69 28.20
C GLN I 3882 -48.38 19.10 27.96
N ASP I 3883 -48.55 19.97 28.95
CA ASP I 3883 -48.23 21.37 28.79
C ASP I 3883 -46.72 21.59 28.79
N LEU I 3884 -45.98 20.72 29.45
CA LEU I 3884 -44.52 20.89 29.49
C LEU I 3884 -43.89 20.54 28.16
N PHE I 3885 -44.33 19.43 27.56
CA PHE I 3885 -43.85 19.08 26.23
C PHE I 3885 -44.32 20.07 25.18
N ARG I 3886 -45.52 20.63 25.35
CA ARG I 3886 -45.98 21.69 24.46
C ARG I 3886 -45.12 22.93 24.62
N PHE I 3887 -44.68 23.22 25.85
CA PHE I 3887 -43.65 24.22 26.01
C PHE I 3887 -42.35 23.76 25.37
N LEU I 3888 -41.98 22.50 25.60
CA LEU I 3888 -40.73 21.99 25.07
C LEU I 3888 -40.71 21.90 23.55
N GLN I 3889 -41.87 21.68 22.93
CA GLN I 3889 -41.94 21.72 21.48
C GLN I 3889 -41.65 23.12 20.96
N LEU I 3890 -42.12 24.14 21.68
CA LEU I 3890 -42.04 25.51 21.21
C LEU I 3890 -40.70 26.15 21.42
N LEU I 3891 -39.69 25.42 21.87
CA LEU I 3891 -38.36 26.01 21.98
C LEU I 3891 -37.56 25.82 20.71
N CYS I 3892 -37.94 24.89 19.85
CA CYS I 3892 -37.30 24.69 18.56
C CYS I 3892 -38.32 24.67 17.44
N GLU I 3893 -39.30 25.56 17.49
CA GLU I 3893 -40.34 25.58 16.47
C GLU I 3893 -39.84 26.13 15.15
N GLY I 3894 -39.04 27.20 15.20
CA GLY I 3894 -38.49 27.75 13.98
C GLY I 3894 -37.22 27.06 13.52
N HIS I 3895 -37.00 25.83 14.00
CA HIS I 3895 -35.86 24.97 13.64
C HIS I 3895 -34.55 25.64 13.98
N ASN I 3896 -34.54 26.33 15.12
CA ASN I 3896 -33.36 27.07 15.57
C ASN I 3896 -32.27 26.11 15.96
N ASN I 3897 -31.29 25.94 15.06
CA ASN I 3897 -30.37 24.83 15.11
C ASN I 3897 -29.45 24.85 16.32
N ASP I 3898 -29.24 26.01 16.92
CA ASP I 3898 -28.47 26.10 18.14
C ASP I 3898 -29.13 25.37 19.31
N PHE I 3899 -30.47 25.46 19.45
CA PHE I 3899 -31.16 24.71 20.49
C PHE I 3899 -31.13 23.21 20.22
N GLN I 3900 -31.10 22.82 18.95
CA GLN I 3900 -30.82 21.44 18.60
C GLN I 3900 -29.44 20.99 19.06
N ASN I 3901 -28.49 21.91 19.17
CA ASN I 3901 -27.21 21.53 19.76
C ASN I 3901 -27.09 22.02 21.20
N TYR I 3902 -28.11 22.67 21.73
CA TYR I 3902 -28.08 23.03 23.14
C TYR I 3902 -28.82 22.02 23.99
N LEU I 3903 -29.96 21.53 23.50
CA LEU I 3903 -30.79 20.65 24.29
C LEU I 3903 -30.22 19.25 24.43
N ARG I 3904 -29.17 18.92 23.70
CA ARG I 3904 -28.48 17.67 23.99
C ARG I 3904 -27.13 17.92 24.62
N THR I 3905 -26.62 19.14 24.53
CA THR I 3905 -25.32 19.47 25.10
C THR I 3905 -25.31 20.92 25.53
N GLN I 3906 -25.16 21.13 26.84
CA GLN I 3906 -24.97 22.47 27.38
C GLN I 3906 -23.46 22.65 27.48
N THR I 3907 -22.84 22.89 26.32
CA THR I 3907 -21.38 22.84 26.21
C THR I 3907 -20.67 23.95 27.00
N GLY I 3908 -21.33 25.08 27.25
CA GLY I 3908 -20.73 26.10 28.07
C GLY I 3908 -20.76 25.73 29.53
N ASN I 3909 -21.77 24.93 29.90
CA ASN I 3909 -21.98 24.53 31.27
C ASN I 3909 -20.98 23.47 31.69
N THR I 3910 -21.01 23.11 32.97
CA THR I 3910 -20.15 22.06 33.47
C THR I 3910 -20.72 20.68 33.20
N THR I 3911 -22.04 20.54 33.23
CA THR I 3911 -22.69 19.25 33.26
C THR I 3911 -23.84 19.23 32.27
N THR I 3912 -23.74 18.38 31.25
CA THR I 3912 -24.80 18.20 30.29
C THR I 3912 -25.92 17.37 30.89
N ILE I 3913 -27.12 17.50 30.33
CA ILE I 3913 -28.27 16.73 30.75
C ILE I 3913 -28.82 15.88 29.63
N ASN I 3914 -28.86 16.43 28.41
CA ASN I 3914 -29.36 15.79 27.20
C ASN I 3914 -30.84 15.38 27.37
N ILE I 3915 -31.67 16.42 27.44
CA ILE I 3915 -33.13 16.29 27.55
C ILE I 3915 -33.72 15.47 26.43
N ILE I 3916 -33.08 15.51 25.25
CA ILE I 3916 -33.46 14.68 24.12
C ILE I 3916 -33.45 13.21 24.51
N ILE I 3917 -32.42 12.76 25.22
CA ILE I 3917 -32.43 11.40 25.75
C ILE I 3917 -33.49 11.27 26.84
N CYS I 3918 -33.65 12.30 27.66
CA CYS I 3918 -34.65 12.28 28.71
C CYS I 3918 -36.07 12.31 28.15
N THR I 3919 -36.24 12.83 26.93
CA THR I 3919 -37.56 12.77 26.30
C THR I 3919 -37.86 11.36 25.81
N VAL I 3920 -36.82 10.62 25.42
CA VAL I 3920 -37.00 9.24 25.00
C VAL I 3920 -37.42 8.38 26.18
N ASP I 3921 -36.87 8.64 27.36
CA ASP I 3921 -37.07 7.73 28.47
C ASP I 3921 -38.47 7.87 29.06
N TYR I 3922 -39.07 9.05 28.95
CA TYR I 3922 -40.46 9.15 29.34
C TYR I 3922 -41.34 8.40 28.35
N LEU I 3923 -40.97 8.45 27.08
CA LEU I 3923 -41.76 7.80 26.04
C LEU I 3923 -41.77 6.29 26.21
N LEU I 3924 -40.65 5.71 26.61
CA LEU I 3924 -40.61 4.27 26.89
C LEU I 3924 -41.46 3.92 28.10
N ARG I 3925 -41.40 4.74 29.15
CA ARG I 3925 -42.26 4.54 30.30
C ARG I 3925 -43.72 4.73 29.93
N LEU I 3926 -44.00 5.59 28.96
CA LEU I 3926 -45.35 5.66 28.43
C LEU I 3926 -45.67 4.42 27.61
N GLN I 3927 -44.66 3.84 26.97
CA GLN I 3927 -44.90 2.79 25.99
C GLN I 3927 -45.37 1.50 26.64
N GLU I 3928 -44.71 1.09 27.71
CA GLU I 3928 -45.20 -0.08 28.42
C GLU I 3928 -46.51 0.20 29.13
N SER I 3929 -46.71 1.43 29.57
CA SER I 3929 -47.89 1.79 30.33
C SER I 3929 -49.14 1.79 29.45
N ILE I 3930 -48.99 2.10 28.17
CA ILE I 3930 -50.13 1.99 27.29
C ILE I 3930 -50.31 0.56 26.83
N SER I 3931 -49.21 -0.21 26.75
CA SER I 3931 -49.31 -1.57 26.24
C SER I 3931 -49.96 -2.50 27.25
N ASP I 3932 -49.69 -2.28 28.54
CA ASP I 3932 -50.34 -3.10 29.55
C ASP I 3932 -51.80 -2.72 29.73
N PHE I 3933 -52.17 -1.51 29.31
CA PHE I 3933 -53.58 -1.19 29.27
C PHE I 3933 -54.29 -1.94 28.17
N TYR I 3934 -53.56 -2.35 27.14
CA TYR I 3934 -54.15 -3.19 26.11
C TYR I 3934 -54.40 -4.60 26.62
N TRP I 3935 -53.46 -5.14 27.41
CA TRP I 3935 -53.58 -6.51 27.85
C TRP I 3935 -54.69 -6.70 28.86
N TYR I 3936 -55.05 -5.65 29.60
CA TYR I 3936 -56.22 -5.75 30.46
C TYR I 3936 -57.49 -5.85 29.64
N TYR I 3937 -57.54 -5.12 28.53
CA TYR I 3937 -58.73 -5.08 27.71
C TYR I 3937 -58.68 -6.06 26.55
N SER I 3938 -57.59 -6.81 26.43
CA SER I 3938 -57.49 -7.78 25.35
C SER I 3938 -58.41 -8.98 25.55
N GLY I 3939 -58.89 -9.19 26.76
CA GLY I 3939 -59.85 -10.25 27.01
C GLY I 3939 -61.28 -9.77 26.92
N LYS I 3940 -61.51 -8.51 27.29
CA LYS I 3940 -62.84 -7.95 27.25
C LYS I 3940 -63.28 -7.74 25.80
N ASP I 3941 -64.60 -7.71 25.60
CA ASP I 3941 -65.12 -7.54 24.26
C ASP I 3941 -65.44 -6.08 23.97
N VAL I 3942 -66.33 -5.50 24.76
CA VAL I 3942 -66.73 -4.11 24.58
C VAL I 3942 -65.97 -3.25 25.55
N ILE I 3943 -65.97 -1.94 25.30
CA ILE I 3943 -65.31 -0.96 26.15
C ILE I 3943 -66.37 -0.01 26.69
N GLU I 3944 -66.35 0.22 28.00
CA GLU I 3944 -67.30 1.11 28.62
C GLU I 3944 -66.84 2.56 28.47
N GLU I 3945 -67.58 3.49 29.11
CA GLU I 3945 -67.32 4.91 28.96
C GLU I 3945 -66.03 5.35 29.60
N GLN I 3946 -65.74 4.88 30.81
CA GLN I 3946 -64.56 5.37 31.52
C GLN I 3946 -63.28 4.75 30.98
N GLY I 3947 -63.39 3.63 30.28
CA GLY I 3947 -62.23 2.98 29.69
C GLY I 3947 -61.64 3.78 28.56
N LYS I 3948 -62.51 4.44 27.79
CA LYS I 3948 -62.03 5.23 26.67
C LYS I 3948 -61.50 6.59 27.11
N ARG I 3949 -62.09 7.19 28.15
CA ARG I 3949 -61.66 8.50 28.63
C ARG I 3949 -60.24 8.45 29.14
N ASN I 3950 -59.88 7.35 29.79
CA ASN I 3950 -58.49 7.08 30.12
C ASN I 3950 -57.64 6.93 28.87
N PHE I 3951 -58.15 6.23 27.87
CA PHE I 3951 -57.31 5.95 26.73
C PHE I 3951 -57.29 7.13 25.77
N SER I 3952 -58.31 7.98 25.83
CA SER I 3952 -58.26 9.25 25.14
C SER I 3952 -57.20 10.16 25.73
N LYS I 3953 -56.97 10.05 27.04
CA LYS I 3953 -55.98 10.90 27.69
C LYS I 3953 -54.57 10.55 27.26
N ALA I 3954 -54.22 9.27 27.28
CA ALA I 3954 -52.84 8.85 27.09
C ALA I 3954 -52.34 9.05 25.67
N MET I 3955 -53.24 9.02 24.68
CA MET I 3955 -52.78 9.28 23.33
C MET I 3955 -52.70 10.77 23.04
N SER I 3956 -53.54 11.58 23.68
CA SER I 3956 -53.47 13.02 23.52
C SER I 3956 -52.14 13.55 24.07
N VAL I 3957 -51.58 12.90 25.08
CA VAL I 3957 -50.26 13.32 25.53
C VAL I 3957 -49.20 12.63 24.68
N ALA I 3958 -49.56 11.55 24.00
CA ALA I 3958 -48.60 10.90 23.14
C ALA I 3958 -48.40 11.66 21.84
N LYS I 3959 -49.48 12.24 21.31
CA LYS I 3959 -49.36 13.07 20.11
C LYS I 3959 -48.58 14.33 20.40
N GLN I 3960 -48.69 14.83 21.64
CA GLN I 3960 -47.89 15.98 22.05
C GLN I 3960 -46.41 15.64 22.08
N VAL I 3961 -46.06 14.43 22.51
CA VAL I 3961 -44.65 14.17 22.71
C VAL I 3961 -43.98 13.71 21.41
N PHE I 3962 -44.72 13.08 20.49
CA PHE I 3962 -44.13 12.81 19.18
C PHE I 3962 -43.93 14.10 18.40
N ASN I 3963 -44.89 15.02 18.48
CA ASN I 3963 -44.70 16.33 17.92
C ASN I 3963 -43.54 17.07 18.58
N SER I 3964 -43.39 16.89 19.89
CA SER I 3964 -42.25 17.51 20.55
C SER I 3964 -40.96 16.77 20.24
N LEU I 3965 -41.06 15.49 19.89
CA LEU I 3965 -39.88 14.78 19.42
C LEU I 3965 -39.41 15.29 18.08
N THR I 3966 -40.33 15.46 17.12
CA THR I 3966 -39.90 15.70 15.77
C THR I 3966 -39.35 17.12 15.58
N GLU I 3967 -39.71 18.05 16.45
CA GLU I 3967 -39.12 19.38 16.37
C GLU I 3967 -37.69 19.40 16.87
N TYR I 3968 -37.22 18.32 17.50
CA TYR I 3968 -35.79 18.17 17.72
C TYR I 3968 -35.08 17.73 16.46
N ILE I 3969 -35.81 17.20 15.48
CA ILE I 3969 -35.20 16.64 14.28
C ILE I 3969 -35.84 17.13 13.00
N GLN I 3970 -36.79 18.08 13.05
CA GLN I 3970 -37.33 18.63 11.80
C GLN I 3970 -36.26 19.34 11.00
N GLY I 3971 -35.43 20.13 11.66
CA GLY I 3971 -34.22 20.60 11.04
C GLY I 3971 -33.31 19.43 10.77
N PRO I 3972 -32.53 19.49 9.69
CA PRO I 3972 -31.64 18.38 9.37
C PRO I 3972 -30.36 18.39 10.20
N CYS I 3973 -30.49 18.40 11.52
CA CYS I 3973 -29.35 18.40 12.43
C CYS I 3973 -29.00 16.96 12.74
N THR I 3974 -27.76 16.58 12.45
CA THR I 3974 -27.34 15.20 12.66
C THR I 3974 -27.21 14.85 14.12
N GLY I 3975 -26.87 15.82 14.97
CA GLY I 3975 -26.53 15.52 16.35
C GLY I 3975 -27.70 15.01 17.15
N ASN I 3976 -28.91 15.40 16.77
CA ASN I 3976 -30.09 14.74 17.31
C ASN I 3976 -30.36 13.43 16.63
N GLN I 3977 -30.12 13.36 15.31
CA GLN I 3977 -30.46 12.15 14.58
C GLN I 3977 -29.44 11.05 14.81
N GLN I 3978 -28.29 11.38 15.37
CA GLN I 3978 -27.41 10.34 15.88
C GLN I 3978 -27.86 9.82 17.23
N SER I 3979 -28.28 10.71 18.13
CA SER I 3979 -28.67 10.29 19.48
C SER I 3979 -29.98 9.51 19.45
N LEU I 3980 -30.88 9.86 18.54
CA LEU I 3980 -32.08 9.06 18.38
C LEU I 3980 -31.78 7.71 17.74
N ALA I 3981 -30.65 7.61 17.05
CA ALA I 3981 -30.30 6.35 16.40
C ALA I 3981 -29.58 5.39 17.35
N HIS I 3982 -29.38 5.79 18.60
CA HIS I 3982 -28.61 4.97 19.53
C HIS I 3982 -29.34 4.72 20.84
N SER I 3983 -30.53 5.24 21.02
CA SER I 3983 -31.31 4.93 22.20
C SER I 3983 -32.13 3.67 21.93
N ARG I 3984 -33.12 3.42 22.78
CA ARG I 3984 -34.08 2.35 22.56
C ARG I 3984 -35.32 2.86 21.84
N LEU I 3985 -35.14 3.89 21.02
CA LEU I 3985 -36.25 4.54 20.33
C LEU I 3985 -36.93 3.59 19.37
N TRP I 3986 -36.15 2.76 18.66
CA TRP I 3986 -36.74 1.70 17.86
C TRP I 3986 -37.51 0.72 18.73
N ASP I 3987 -36.95 0.36 19.87
CA ASP I 3987 -37.66 -0.52 20.80
C ASP I 3987 -38.86 0.17 21.43
N ALA I 3988 -38.86 1.50 21.47
CA ALA I 3988 -40.09 2.21 21.79
C ALA I 3988 -41.08 2.11 20.64
N VAL I 3989 -40.59 2.28 19.41
CA VAL I 3989 -41.44 2.26 18.22
C VAL I 3989 -42.03 0.87 18.01
N VAL I 3990 -41.22 -0.18 18.25
CA VAL I 3990 -41.68 -1.57 18.10
C VAL I 3990 -42.85 -1.84 19.02
N GLY I 3991 -42.78 -1.36 20.26
CA GLY I 3991 -43.91 -1.47 21.15
C GLY I 3991 -45.11 -0.67 20.70
N PHE I 3992 -44.87 0.50 20.10
CA PHE I 3992 -45.98 1.23 19.50
C PHE I 3992 -46.50 0.54 18.26
N LEU I 3993 -45.63 -0.16 17.53
CA LEU I 3993 -46.09 -0.93 16.39
C LEU I 3993 -46.96 -2.09 16.83
N HIS I 3994 -46.66 -2.70 17.96
CA HIS I 3994 -47.44 -3.86 18.39
C HIS I 3994 -48.78 -3.45 18.98
N VAL I 3995 -48.85 -2.28 19.61
CA VAL I 3995 -50.13 -1.87 20.15
C VAL I 3995 -51.05 -1.36 19.04
N PHE I 3996 -50.48 -0.86 17.93
CA PHE I 3996 -51.32 -0.30 16.89
C PHE I 3996 -52.00 -1.39 16.08
N ALA I 3997 -51.28 -2.46 15.77
CA ALA I 3997 -51.85 -3.54 14.97
C ALA I 3997 -52.93 -4.31 15.72
N HIS I 3998 -52.94 -4.23 17.04
CA HIS I 3998 -53.92 -5.00 17.78
C HIS I 3998 -55.06 -4.15 18.32
N MET I 3999 -54.84 -2.85 18.48
CA MET I 3999 -55.92 -2.01 18.97
C MET I 3999 -57.00 -1.83 17.92
N MET I 4000 -56.61 -1.58 16.66
CA MET I 4000 -57.57 -1.37 15.59
C MET I 4000 -58.41 -2.61 15.34
N MET I 4001 -57.77 -3.75 15.14
CA MET I 4001 -58.44 -5.00 14.82
C MET I 4001 -59.30 -5.52 15.96
N LYS I 4002 -59.13 -4.99 17.17
CA LYS I 4002 -60.17 -5.11 18.18
C LYS I 4002 -61.19 -3.99 18.11
N LEU I 4003 -60.74 -2.76 17.85
CA LEU I 4003 -61.68 -1.63 17.86
C LEU I 4003 -62.51 -1.54 16.59
N ALA I 4004 -62.27 -2.37 15.60
CA ALA I 4004 -63.04 -2.31 14.37
C ALA I 4004 -64.37 -3.05 14.45
N GLN I 4005 -64.83 -3.41 15.64
CA GLN I 4005 -65.99 -4.28 15.75
C GLN I 4005 -67.18 -3.61 16.40
N ASP I 4006 -67.27 -2.28 16.34
CA ASP I 4006 -68.46 -1.60 16.82
C ASP I 4006 -68.57 -0.24 16.14
N SER I 4007 -69.79 0.26 16.08
CA SER I 4007 -70.06 1.64 15.73
C SER I 4007 -69.74 2.60 16.86
N SER I 4008 -69.92 2.18 18.11
CA SER I 4008 -69.66 3.04 19.26
C SER I 4008 -68.21 3.04 19.69
N GLN I 4009 -67.30 2.50 18.87
CA GLN I 4009 -65.87 2.55 19.13
C GLN I 4009 -65.14 3.43 18.14
N ILE I 4010 -65.86 4.14 17.28
CA ILE I 4010 -65.21 4.81 16.17
C ILE I 4010 -64.63 6.15 16.61
N GLU I 4011 -65.12 6.73 17.71
CA GLU I 4011 -64.59 7.99 18.20
C GLU I 4011 -63.15 7.84 18.65
N LEU I 4012 -62.82 6.70 19.23
CA LEU I 4012 -61.46 6.44 19.70
C LEU I 4012 -60.52 6.15 18.54
N LEU I 4013 -61.00 5.49 17.49
CA LEU I 4013 -60.08 4.97 16.48
C LEU I 4013 -59.57 6.07 15.56
N LYS I 4014 -60.36 7.12 15.34
CA LYS I 4014 -59.88 8.27 14.57
C LYS I 4014 -58.70 8.93 15.25
N GLU I 4015 -58.68 8.91 16.58
CA GLU I 4015 -57.56 9.47 17.31
C GLU I 4015 -56.31 8.62 17.13
N LEU I 4016 -56.48 7.31 17.02
CA LEU I 4016 -55.33 6.42 16.90
C LEU I 4016 -54.64 6.57 15.56
N LEU I 4017 -55.42 6.76 14.49
CA LEU I 4017 -54.84 6.95 13.17
C LEU I 4017 -54.06 8.26 13.08
N ASP I 4018 -54.59 9.31 13.70
CA ASP I 4018 -53.89 10.58 13.74
C ASP I 4018 -52.64 10.52 14.59
N LEU I 4019 -52.57 9.57 15.53
CA LEU I 4019 -51.36 9.41 16.31
C LEU I 4019 -50.23 8.81 15.48
N GLN I 4020 -50.50 7.69 14.81
CA GLN I 4020 -49.46 7.04 14.04
C GLN I 4020 -49.14 7.77 12.75
N LYS I 4021 -50.03 8.65 12.29
CA LYS I 4021 -49.64 9.61 11.27
C LYS I 4021 -48.51 10.49 11.79
N ASP I 4022 -48.63 10.96 13.02
CA ASP I 4022 -47.59 11.79 13.59
C ASP I 4022 -46.35 10.98 13.97
N MET I 4023 -46.49 9.67 14.13
CA MET I 4023 -45.30 8.87 14.41
C MET I 4023 -44.47 8.67 13.17
N VAL I 4024 -45.12 8.38 12.03
CA VAL I 4024 -44.33 8.08 10.85
C VAL I 4024 -43.76 9.35 10.23
N VAL I 4025 -44.34 10.50 10.53
CA VAL I 4025 -43.74 11.73 10.05
C VAL I 4025 -42.51 12.05 10.89
N MET I 4026 -42.44 11.53 12.11
CA MET I 4026 -41.19 11.60 12.86
C MET I 4026 -40.14 10.71 12.24
N LEU I 4027 -40.54 9.55 11.74
CA LEU I 4027 -39.63 8.67 11.02
C LEU I 4027 -39.15 9.31 9.73
N LEU I 4028 -40.04 10.02 9.03
CA LEU I 4028 -39.64 10.73 7.82
C LEU I 4028 -38.69 11.85 8.13
N SER I 4029 -38.99 12.67 9.14
CA SER I 4029 -38.08 13.73 9.53
C SER I 4029 -36.82 13.19 10.19
N LEU I 4030 -36.84 11.96 10.70
CA LEU I 4030 -35.59 11.32 11.05
C LEU I 4030 -34.82 10.91 9.81
N LEU I 4031 -35.52 10.50 8.77
CA LEU I 4031 -34.88 10.05 7.53
C LEU I 4031 -34.68 11.18 6.53
N GLU I 4032 -34.60 12.42 6.99
CA GLU I 4032 -34.21 13.49 6.09
C GLU I 4032 -32.74 13.79 6.29
N GLY I 4033 -32.11 14.34 5.25
CA GLY I 4033 -30.67 14.40 5.24
C GLY I 4033 -30.07 13.02 5.08
N ASN I 4034 -30.80 12.11 4.46
CA ASN I 4034 -30.43 10.70 4.40
C ASN I 4034 -29.60 10.44 3.17
N VAL I 4035 -28.58 9.62 3.34
CA VAL I 4035 -27.81 9.14 2.20
C VAL I 4035 -28.53 7.92 1.64
N VAL I 4036 -28.20 7.54 0.40
CA VAL I 4036 -28.72 6.35 -0.27
C VAL I 4036 -28.52 5.07 0.53
N ASN I 4037 -27.32 4.79 1.02
CA ASN I 4037 -27.05 3.60 1.82
C ASN I 4037 -26.45 4.07 3.13
N GLY I 4038 -27.31 4.43 4.07
CA GLY I 4038 -26.88 4.87 5.38
C GLY I 4038 -27.49 4.01 6.46
N MET I 4039 -26.84 3.96 7.61
CA MET I 4039 -27.24 3.08 8.69
C MET I 4039 -28.60 3.45 9.28
N ILE I 4040 -29.00 4.72 9.20
CA ILE I 4040 -30.33 5.13 9.63
C ILE I 4040 -31.38 4.46 8.75
N ALA I 4041 -31.11 4.35 7.46
CA ALA I 4041 -32.00 3.61 6.58
C ALA I 4041 -31.97 2.12 6.89
N ARG I 4042 -30.81 1.60 7.26
CA ARG I 4042 -30.71 0.18 7.55
C ARG I 4042 -31.24 -0.16 8.94
N GLN I 4043 -31.13 0.76 9.89
CA GLN I 4043 -31.81 0.53 11.16
C GLN I 4043 -33.31 0.72 11.05
N MET I 4044 -33.78 1.40 10.00
CA MET I 4044 -35.21 1.54 9.82
C MET I 4044 -35.85 0.26 9.30
N VAL I 4045 -35.12 -0.48 8.47
CA VAL I 4045 -35.77 -1.60 7.77
C VAL I 4045 -35.80 -2.85 8.64
N ASP I 4046 -34.73 -3.14 9.38
CA ASP I 4046 -34.74 -4.32 10.22
C ASP I 4046 -35.64 -4.16 11.43
N MET I 4047 -35.80 -2.93 11.91
CA MET I 4047 -36.81 -2.65 12.93
C MET I 4047 -38.21 -2.93 12.38
N LEU I 4048 -38.42 -2.68 11.10
CA LEU I 4048 -39.68 -3.09 10.49
C LEU I 4048 -39.78 -4.60 10.34
N VAL I 4049 -38.65 -5.31 10.20
CA VAL I 4049 -38.73 -6.76 10.11
C VAL I 4049 -38.51 -7.44 11.45
N GLU I 4050 -37.96 -6.74 12.43
CA GLU I 4050 -38.08 -7.23 13.80
C GLU I 4050 -39.52 -7.08 14.31
N SER I 4051 -40.30 -6.22 13.66
CA SER I 4051 -41.72 -6.05 13.94
C SER I 4051 -42.51 -6.45 12.71
N SER I 4052 -42.24 -7.65 12.22
CA SER I 4052 -42.91 -8.12 11.01
C SER I 4052 -44.39 -8.39 11.23
N SER I 4053 -44.70 -9.37 12.08
CA SER I 4053 -46.00 -10.05 12.06
C SER I 4053 -47.14 -9.11 12.41
N ASN I 4054 -46.85 -8.08 13.19
CA ASN I 4054 -47.81 -7.00 13.37
C ASN I 4054 -47.83 -6.01 12.20
N VAL I 4055 -46.71 -5.72 11.55
CA VAL I 4055 -46.75 -4.66 10.54
C VAL I 4055 -47.40 -5.13 9.25
N GLU I 4056 -47.54 -6.45 9.04
CA GLU I 4056 -48.39 -6.86 7.93
C GLU I 4056 -49.84 -6.83 8.32
N MET I 4057 -50.13 -7.08 9.60
CA MET I 4057 -51.50 -6.99 10.08
C MET I 4057 -52.05 -5.58 9.98
N ILE I 4058 -51.20 -4.56 10.13
CA ILE I 4058 -51.68 -3.22 9.83
C ILE I 4058 -51.68 -2.99 8.33
N LEU I 4059 -50.76 -3.62 7.59
CA LEU I 4059 -50.76 -3.52 6.14
C LEU I 4059 -51.94 -4.23 5.51
N LYS I 4060 -52.30 -5.41 6.01
CA LYS I 4060 -53.46 -6.10 5.49
C LYS I 4060 -54.76 -5.39 5.88
N PHE I 4061 -54.75 -4.64 6.99
CA PHE I 4061 -55.92 -3.87 7.34
C PHE I 4061 -56.14 -2.72 6.37
N PHE I 4062 -55.06 -2.05 5.98
CA PHE I 4062 -55.12 -1.11 4.87
C PHE I 4062 -55.45 -1.77 3.56
N ASP I 4063 -55.01 -3.01 3.34
CA ASP I 4063 -55.21 -3.67 2.07
C ASP I 4063 -56.64 -4.17 1.92
N MET I 4064 -57.23 -4.68 3.00
CA MET I 4064 -58.60 -5.16 2.93
C MET I 4064 -59.62 -4.03 2.90
N PHE I 4065 -59.37 -2.94 3.62
CA PHE I 4065 -60.35 -1.87 3.68
C PHE I 4065 -60.22 -0.88 2.54
N LEU I 4066 -59.40 -1.18 1.54
CA LEU I 4066 -59.29 -0.37 0.34
C LEU I 4066 -59.90 -1.06 -0.87
N LYS I 4067 -59.73 -2.38 -0.99
CA LYS I 4067 -60.39 -3.13 -2.05
C LYS I 4067 -61.88 -3.30 -1.77
N LEU I 4068 -62.32 -3.06 -0.53
CA LEU I 4068 -63.74 -3.13 -0.20
C LEU I 4068 -64.55 -2.08 -0.95
N LYS I 4069 -63.96 -0.90 -1.17
CA LYS I 4069 -64.65 0.13 -1.93
C LYS I 4069 -64.64 -0.19 -3.42
N ASP I 4070 -63.55 -0.75 -3.92
CA ASP I 4070 -63.47 -1.06 -5.35
C ASP I 4070 -64.33 -2.26 -5.72
N ILE I 4071 -64.52 -3.21 -4.81
CA ILE I 4071 -65.36 -4.38 -5.09
C ILE I 4071 -66.83 -3.98 -5.12
N VAL I 4072 -67.26 -3.16 -4.15
CA VAL I 4072 -68.67 -2.80 -4.04
C VAL I 4072 -69.11 -1.85 -5.15
N GLY I 4073 -68.17 -1.25 -5.87
CA GLY I 4073 -68.48 -0.49 -7.06
C GLY I 4073 -68.86 -1.31 -8.27
N SER I 4074 -68.66 -2.62 -8.22
CA SER I 4074 -69.03 -3.49 -9.34
C SER I 4074 -70.53 -3.79 -9.31
N GLU I 4075 -71.08 -3.99 -10.50
CA GLU I 4075 -72.51 -4.24 -10.63
C GLU I 4075 -72.90 -5.67 -10.32
N ALA I 4076 -71.93 -6.56 -10.13
CA ALA I 4076 -72.20 -7.97 -9.86
C ALA I 4076 -72.86 -8.17 -8.51
N PHE I 4077 -72.70 -7.22 -7.61
CA PHE I 4077 -73.22 -7.34 -6.25
C PHE I 4077 -74.41 -6.43 -6.02
N GLN I 4078 -74.52 -5.33 -6.78
CA GLN I 4078 -75.76 -4.60 -6.87
C GLN I 4078 -76.85 -5.43 -7.54
N ASP I 4079 -76.46 -6.37 -8.41
CA ASP I 4079 -77.36 -7.41 -8.87
C ASP I 4079 -77.58 -8.50 -7.83
N TYR I 4080 -76.64 -8.67 -6.90
CA TYR I 4080 -76.83 -9.67 -5.86
C TYR I 4080 -77.79 -9.21 -4.78
N VAL I 4081 -78.03 -7.92 -4.67
CA VAL I 4081 -79.06 -7.39 -3.78
C VAL I 4081 -80.33 -7.15 -4.60
N THR I 4082 -81.46 -7.56 -4.03
CA THR I 4082 -82.74 -7.32 -4.66
C THR I 4082 -83.61 -6.40 -3.82
N ASP I 4083 -83.12 -5.92 -2.70
CA ASP I 4083 -83.89 -5.02 -1.87
C ASP I 4083 -83.93 -3.63 -2.51
N PRO I 4084 -85.11 -3.05 -2.70
CA PRO I 4084 -85.17 -1.66 -3.22
C PRO I 4084 -84.69 -0.65 -2.21
N ARG I 4085 -84.73 -0.98 -0.92
CA ARG I 4085 -84.20 -0.10 0.11
C ARG I 4085 -82.68 -0.03 0.09
N GLY I 4086 -82.02 -1.03 -0.50
CA GLY I 4086 -80.57 -1.11 -0.51
C GLY I 4086 -79.99 -1.97 0.57
N LEU I 4087 -80.83 -2.50 1.47
CA LEU I 4087 -80.40 -3.25 2.63
C LEU I 4087 -80.01 -4.65 2.17
N ILE I 4088 -78.74 -4.82 1.79
CA ILE I 4088 -78.27 -6.10 1.25
C ILE I 4088 -78.18 -7.13 2.35
N SER I 4089 -78.60 -8.35 2.04
CA SER I 4089 -78.54 -9.42 3.02
C SER I 4089 -77.11 -9.84 3.27
N LYS I 4090 -76.84 -10.24 4.51
CA LYS I 4090 -75.50 -10.55 4.98
C LYS I 4090 -74.92 -11.79 4.32
N LYS I 4091 -75.67 -12.90 4.34
CA LYS I 4091 -75.21 -14.11 3.67
C LYS I 4091 -75.22 -13.94 2.16
N ASP I 4092 -76.10 -13.08 1.64
CA ASP I 4092 -76.07 -12.75 0.22
C ASP I 4092 -74.81 -12.00 -0.13
N PHE I 4093 -74.45 -11.00 0.65
CA PHE I 4093 -73.20 -10.30 0.43
C PHE I 4093 -72.00 -11.09 0.90
N GLN I 4094 -72.20 -12.14 1.70
CA GLN I 4094 -71.09 -13.02 2.07
C GLN I 4094 -70.65 -13.85 0.88
N LYS I 4095 -71.59 -14.43 0.16
CA LYS I 4095 -71.26 -15.16 -1.06
C LYS I 4095 -70.83 -14.22 -2.18
N ALA I 4096 -71.18 -12.94 -2.08
CA ALA I 4096 -70.70 -11.95 -3.04
C ALA I 4096 -69.19 -11.79 -2.94
N MET I 4097 -68.67 -11.60 -1.72
CA MET I 4097 -67.23 -11.55 -1.52
C MET I 4097 -66.58 -12.90 -1.76
N ASP I 4098 -67.33 -13.99 -1.54
CA ASP I 4098 -66.84 -15.32 -1.88
C ASP I 4098 -66.81 -15.54 -3.37
N SER I 4099 -67.59 -14.79 -4.14
CA SER I 4099 -67.57 -14.94 -5.59
C SER I 4099 -66.28 -14.39 -6.20
N GLN I 4100 -65.86 -13.19 -5.76
CA GLN I 4100 -64.57 -12.67 -6.17
C GLN I 4100 -63.46 -13.44 -5.46
N LYS I 4101 -62.36 -13.64 -6.17
CA LYS I 4101 -61.26 -14.44 -5.63
C LYS I 4101 -60.07 -13.59 -5.20
N GLN I 4102 -60.29 -12.43 -4.60
CA GLN I 4102 -59.18 -11.62 -4.12
C GLN I 4102 -59.07 -11.63 -2.60
N PHE I 4103 -60.20 -11.63 -1.90
CA PHE I 4103 -60.23 -11.67 -0.44
C PHE I 4103 -60.03 -13.10 0.04
N THR I 4104 -60.06 -13.29 1.35
CA THR I 4104 -59.83 -14.60 1.94
C THR I 4104 -61.07 -15.08 2.68
N GLY I 4105 -61.02 -16.35 3.07
CA GLY I 4105 -62.02 -16.99 3.89
C GLY I 4105 -62.30 -16.32 5.23
N PRO I 4106 -61.27 -16.17 6.09
CA PRO I 4106 -61.48 -15.45 7.35
C PRO I 4106 -61.81 -13.97 7.19
N GLU I 4107 -61.59 -13.40 6.01
CA GLU I 4107 -61.81 -11.96 5.83
C GLU I 4107 -63.29 -11.61 5.89
N ILE I 4108 -64.15 -12.46 5.32
CA ILE I 4108 -65.56 -12.07 5.18
C ILE I 4108 -66.28 -12.12 6.54
N GLN I 4109 -65.95 -13.09 7.39
CA GLN I 4109 -66.50 -13.09 8.73
C GLN I 4109 -65.88 -11.99 9.58
N PHE I 4110 -64.63 -11.62 9.30
CA PHE I 4110 -64.07 -10.41 9.89
C PHE I 4110 -64.83 -9.18 9.40
N LEU I 4111 -65.26 -9.20 8.14
CA LEU I 4111 -66.06 -8.12 7.58
C LEU I 4111 -67.53 -8.20 7.99
N LEU I 4112 -68.07 -9.40 8.11
CA LEU I 4112 -69.42 -9.55 8.67
C LEU I 4112 -69.50 -9.12 10.11
N SER I 4113 -68.47 -9.40 10.90
CA SER I 4113 -68.42 -8.87 12.26
C SER I 4113 -68.21 -7.37 12.26
N CYS I 4114 -67.49 -6.84 11.26
CA CYS I 4114 -67.40 -5.40 11.09
C CYS I 4114 -68.71 -4.78 10.65
N SER I 4115 -69.56 -5.55 9.98
CA SER I 4115 -70.85 -5.06 9.54
C SER I 4115 -71.84 -5.02 10.70
N GLU I 4116 -72.91 -4.27 10.51
CA GLU I 4116 -74.04 -4.35 11.43
C GLU I 4116 -74.95 -5.47 10.99
N ALA I 4117 -75.53 -6.19 11.97
CA ALA I 4117 -76.38 -7.33 11.63
C ALA I 4117 -77.72 -6.87 11.08
N ASP I 4118 -78.50 -6.18 11.92
CA ASP I 4118 -79.80 -5.58 11.58
C ASP I 4118 -80.77 -6.61 10.98
N GLU I 4119 -81.12 -7.58 11.84
CA GLU I 4119 -81.97 -8.74 11.49
C GLU I 4119 -81.36 -9.59 10.39
N ASN I 4120 -80.03 -9.57 10.27
CA ASN I 4120 -79.22 -10.44 9.40
C ASN I 4120 -79.55 -10.30 7.92
N GLU I 4121 -80.21 -9.22 7.52
CA GLU I 4121 -80.53 -8.97 6.13
C GLU I 4121 -80.10 -7.59 5.67
N MET I 4122 -79.27 -6.89 6.45
CA MET I 4122 -78.98 -5.49 6.21
C MET I 4122 -77.55 -5.22 6.64
N ILE I 4123 -76.66 -4.96 5.67
CA ILE I 4123 -75.31 -4.55 6.03
C ILE I 4123 -75.07 -3.12 5.54
N ASN I 4124 -75.89 -2.66 4.58
CA ASN I 4124 -75.85 -1.30 4.02
C ASN I 4124 -74.46 -0.97 3.46
N PHE I 4125 -74.15 -1.65 2.35
CA PHE I 4125 -72.81 -1.62 1.74
C PHE I 4125 -72.34 -0.24 1.34
N GLU I 4126 -73.25 0.72 1.15
CA GLU I 4126 -72.85 2.07 0.76
C GLU I 4126 -72.15 2.79 1.89
N GLU I 4127 -72.76 2.85 3.08
CA GLU I 4127 -72.11 3.51 4.20
C GLU I 4127 -70.95 2.70 4.75
N PHE I 4128 -70.98 1.38 4.55
CA PHE I 4128 -69.88 0.52 5.00
C PHE I 4128 -68.63 0.73 4.18
N ALA I 4129 -68.74 1.26 2.97
CA ALA I 4129 -67.55 1.47 2.16
C ALA I 4129 -66.74 2.66 2.66
N ASN I 4130 -67.40 3.81 2.83
CA ASN I 4130 -66.72 5.06 3.14
C ASN I 4130 -66.62 5.37 4.62
N ARG I 4131 -67.04 4.44 5.49
CA ARG I 4131 -66.98 4.70 6.93
C ARG I 4131 -65.54 4.72 7.42
N PHE I 4132 -64.75 3.75 6.99
CA PHE I 4132 -63.38 3.60 7.44
C PHE I 4132 -62.39 3.98 6.35
N GLN I 4133 -62.76 4.94 5.51
CA GLN I 4133 -61.93 5.44 4.43
C GLN I 4133 -61.44 6.87 4.67
N GLU I 4134 -62.36 7.78 4.93
CA GLU I 4134 -61.99 9.17 5.22
C GLU I 4134 -61.12 9.34 6.47
N PRO I 4135 -61.39 8.69 7.63
CA PRO I 4135 -60.41 8.80 8.72
C PRO I 4135 -59.09 8.09 8.43
N ALA I 4136 -59.10 7.06 7.59
CA ALA I 4136 -57.88 6.33 7.28
C ALA I 4136 -57.17 6.89 6.06
N ARG I 4137 -57.54 8.09 5.63
CA ARG I 4137 -57.12 8.59 4.32
C ARG I 4137 -55.65 8.99 4.32
N ASP I 4138 -55.29 9.95 5.16
CA ASP I 4138 -53.95 10.52 5.14
C ASP I 4138 -52.90 9.54 5.62
N ILE I 4139 -53.27 8.71 6.60
CA ILE I 4139 -52.31 7.77 7.16
C ILE I 4139 -51.96 6.67 6.17
N GLY I 4140 -52.95 6.20 5.40
CA GLY I 4140 -52.67 5.21 4.37
C GLY I 4140 -51.82 5.77 3.25
N PHE I 4141 -51.93 7.06 2.98
CA PHE I 4141 -50.98 7.69 2.08
C PHE I 4141 -49.61 7.78 2.73
N ASN I 4142 -49.56 8.19 3.99
CA ASN I 4142 -48.30 8.43 4.70
C ASN I 4142 -47.48 7.17 4.88
N VAL I 4143 -48.11 6.02 5.10
CA VAL I 4143 -47.34 4.80 5.24
C VAL I 4143 -46.78 4.37 3.90
N ALA I 4144 -47.45 4.73 2.80
CA ALA I 4144 -46.93 4.39 1.48
C ALA I 4144 -45.75 5.27 1.13
N VAL I 4145 -45.67 6.46 1.70
CA VAL I 4145 -44.53 7.34 1.49
C VAL I 4145 -43.28 6.72 2.08
N LEU I 4146 -43.36 6.28 3.34
CA LEU I 4146 -42.20 5.72 4.03
C LEU I 4146 -41.73 4.43 3.39
N LEU I 4147 -42.67 3.59 2.95
CA LEU I 4147 -42.31 2.38 2.24
C LEU I 4147 -41.65 2.70 0.90
N THR I 4148 -42.18 3.66 0.16
CA THR I 4148 -41.56 3.97 -1.12
C THR I 4148 -40.35 4.86 -0.97
N ASN I 4149 -40.16 5.50 0.18
CA ASN I 4149 -38.94 6.27 0.38
C ASN I 4149 -37.76 5.36 0.62
N LEU I 4150 -37.92 4.41 1.52
CA LEU I 4150 -36.83 3.52 1.90
C LEU I 4150 -36.48 2.55 0.78
N SER I 4151 -37.49 2.07 0.06
CA SER I 4151 -37.24 1.20 -1.10
C SER I 4151 -36.52 1.97 -2.19
N GLU I 4152 -36.86 3.25 -2.37
CA GLU I 4152 -36.07 4.09 -3.26
C GLU I 4152 -34.73 4.48 -2.65
N HIS I 4153 -34.59 4.44 -1.33
CA HIS I 4153 -33.31 4.82 -0.77
C HIS I 4153 -32.30 3.68 -0.80
N VAL I 4154 -32.57 2.59 -0.11
CA VAL I 4154 -31.67 1.45 -0.15
C VAL I 4154 -32.19 0.49 -1.23
N PRO I 4155 -31.33 -0.03 -2.07
CA PRO I 4155 -31.73 -1.11 -2.98
C PRO I 4155 -31.41 -2.48 -2.41
N HIS I 4156 -31.93 -3.52 -3.06
CA HIS I 4156 -31.61 -4.93 -2.77
C HIS I 4156 -31.98 -5.31 -1.33
N ASP I 4157 -33.25 -5.11 -0.98
CA ASP I 4157 -33.80 -5.60 0.28
C ASP I 4157 -35.03 -6.43 -0.05
N PRO I 4158 -34.94 -7.77 -0.02
CA PRO I 4158 -36.08 -8.58 -0.43
C PRO I 4158 -37.23 -8.53 0.56
N ARG I 4159 -36.96 -8.19 1.81
CA ARG I 4159 -38.02 -7.93 2.78
C ARG I 4159 -38.86 -6.73 2.37
N LEU I 4160 -38.19 -5.66 1.91
CA LEU I 4160 -38.91 -4.56 1.29
C LEU I 4160 -39.63 -5.01 0.04
N ARG I 4161 -38.98 -5.87 -0.77
CA ARG I 4161 -39.65 -6.47 -1.91
C ARG I 4161 -40.82 -7.34 -1.49
N ASN I 4162 -40.71 -7.99 -0.32
CA ASN I 4162 -41.88 -8.64 0.25
C ASN I 4162 -42.90 -7.60 0.71
N PHE I 4163 -42.44 -6.48 1.25
CA PHE I 4163 -43.35 -5.48 1.76
C PHE I 4163 -44.12 -4.76 0.66
N LEU I 4164 -43.45 -4.37 -0.41
CA LEU I 4164 -44.07 -3.58 -1.47
C LEU I 4164 -45.17 -4.34 -2.19
N GLU I 4165 -44.98 -5.63 -2.44
CA GLU I 4165 -46.07 -6.40 -3.04
C GLU I 4165 -47.20 -6.63 -2.06
N LEU I 4166 -46.90 -6.65 -0.76
CA LEU I 4166 -47.95 -6.83 0.23
C LEU I 4166 -48.81 -5.59 0.39
N ALA I 4167 -48.30 -4.43 0.00
CA ALA I 4167 -49.01 -3.16 0.11
C ALA I 4167 -49.17 -2.53 -1.26
N GLU I 4168 -49.57 -3.35 -2.23
CA GLU I 4168 -49.68 -2.85 -3.60
C GLU I 4168 -50.90 -1.96 -3.78
N SER I 4169 -52.01 -2.26 -3.11
CA SER I 4169 -53.23 -1.51 -3.36
C SER I 4169 -53.18 -0.14 -2.74
N ILE I 4170 -52.49 0.00 -1.60
CA ILE I 4170 -52.30 1.33 -1.03
C ILE I 4170 -51.28 2.14 -1.79
N LEU I 4171 -50.47 1.49 -2.63
CA LEU I 4171 -49.58 2.26 -3.50
C LEU I 4171 -50.35 2.89 -4.65
N GLU I 4172 -51.19 2.09 -5.32
CA GLU I 4172 -51.83 2.60 -6.52
C GLU I 4172 -53.03 3.47 -6.21
N TYR I 4173 -53.63 3.35 -5.03
CA TYR I 4173 -54.62 4.33 -4.65
C TYR I 4173 -53.97 5.64 -4.23
N PHE I 4174 -52.69 5.58 -3.86
CA PHE I 4174 -51.97 6.77 -3.41
C PHE I 4174 -50.74 7.07 -4.24
N ARG I 4175 -50.66 6.54 -5.46
CA ARG I 4175 -49.71 7.05 -6.46
C ARG I 4175 -50.17 8.31 -7.21
N PRO I 4176 -51.42 8.45 -7.67
CA PRO I 4176 -51.81 9.72 -8.31
C PRO I 4176 -51.82 10.91 -7.36
N TYR I 4177 -52.27 10.74 -6.12
CA TYR I 4177 -52.28 11.84 -5.18
C TYR I 4177 -50.90 12.18 -4.66
N LEU I 4178 -49.96 11.26 -4.74
CA LEU I 4178 -48.57 11.53 -4.41
C LEU I 4178 -47.96 12.37 -5.51
N GLY I 4179 -46.92 13.11 -5.16
CA GLY I 4179 -46.03 13.67 -6.15
C GLY I 4179 -44.60 13.61 -5.68
N ARG I 4180 -43.68 13.27 -6.57
CA ARG I 4180 -42.26 13.28 -6.26
C ARG I 4180 -41.65 14.55 -6.82
N ILE I 4181 -40.51 14.94 -6.25
CA ILE I 4181 -39.72 16.07 -6.73
C ILE I 4181 -38.32 15.91 -6.19
N GLU I 4182 -37.37 16.58 -6.84
CA GLU I 4182 -35.96 16.47 -6.47
C GLU I 4182 -35.33 17.85 -6.49
N ILE I 4183 -34.94 18.34 -5.33
CA ILE I 4183 -34.26 19.63 -5.21
C ILE I 4183 -32.89 19.37 -4.63
N MET I 4184 -31.98 20.31 -4.88
CA MET I 4184 -30.62 20.20 -4.38
C MET I 4184 -30.37 21.38 -3.45
N GLY I 4185 -30.36 21.12 -2.16
CA GLY I 4185 -29.91 22.07 -1.17
C GLY I 4185 -29.09 21.34 -0.14
N ALA I 4186 -28.76 22.08 0.93
CA ALA I 4186 -28.07 21.57 2.12
C ALA I 4186 -26.73 20.94 1.76
N SER I 4187 -25.84 21.82 1.26
CA SER I 4187 -24.44 21.49 0.94
C SER I 4187 -24.33 20.44 -0.14
N ARG I 4188 -24.85 20.77 -1.33
CA ARG I 4188 -24.58 20.09 -2.59
C ARG I 4188 -25.01 18.62 -2.60
N ARG I 4189 -26.28 18.34 -2.34
CA ARG I 4189 -26.82 17.00 -2.46
C ARG I 4189 -28.27 17.11 -2.88
N ILE I 4190 -28.66 16.29 -3.85
CA ILE I 4190 -30.05 16.25 -4.26
C ILE I 4190 -30.74 15.09 -3.55
N GLU I 4191 -32.00 15.29 -3.17
CA GLU I 4191 -32.74 14.28 -2.44
C GLU I 4191 -34.20 14.35 -2.83
N ARG I 4192 -34.85 13.19 -2.81
CA ARG I 4192 -36.24 13.06 -3.20
C ARG I 4192 -37.12 13.66 -2.12
N ILE I 4193 -37.97 14.59 -2.50
CA ILE I 4193 -38.91 15.21 -1.58
C ILE I 4193 -40.30 14.76 -2.00
N TYR I 4194 -41.18 14.55 -1.03
CA TYR I 4194 -42.46 13.93 -1.29
C TYR I 4194 -43.54 14.79 -0.66
N PHE I 4195 -44.77 14.68 -1.14
CA PHE I 4195 -45.82 15.58 -0.72
C PHE I 4195 -47.17 15.00 -1.11
N GLU I 4196 -48.21 15.67 -0.64
CA GLU I 4196 -49.58 15.33 -0.97
C GLU I 4196 -50.09 16.31 -2.01
N ILE I 4197 -50.88 15.82 -2.96
CA ILE I 4197 -51.58 16.65 -3.93
C ILE I 4197 -53.05 16.35 -3.79
N SER I 4198 -53.86 17.39 -3.61
CA SER I 4198 -55.29 17.22 -3.42
C SER I 4198 -55.95 16.79 -4.72
N GLU I 4199 -57.20 16.36 -4.60
CA GLU I 4199 -58.05 16.19 -5.77
C GLU I 4199 -58.37 17.53 -6.41
N THR I 4200 -58.46 18.59 -5.61
CA THR I 4200 -58.84 19.89 -6.11
C THR I 4200 -57.72 20.55 -6.91
N ASN I 4201 -56.47 20.32 -6.52
CA ASN I 4201 -55.36 20.94 -7.24
C ASN I 4201 -55.12 20.28 -8.58
N ARG I 4202 -55.42 18.98 -8.69
CA ARG I 4202 -55.28 18.32 -9.99
C ARG I 4202 -56.51 18.51 -10.86
N ALA I 4203 -57.65 18.83 -10.26
CA ALA I 4203 -58.87 19.06 -11.04
C ALA I 4203 -58.78 20.36 -11.84
N GLN I 4204 -58.31 21.43 -11.22
CA GLN I 4204 -58.20 22.71 -11.91
C GLN I 4204 -56.81 22.92 -12.51
N TRP I 4205 -56.00 21.88 -12.59
CA TRP I 4205 -54.77 21.96 -13.37
C TRP I 4205 -54.98 21.46 -14.79
N GLU I 4206 -55.79 20.42 -14.95
CA GLU I 4206 -56.04 19.83 -16.27
C GLU I 4206 -57.29 20.47 -16.90
N MET I 4207 -57.22 21.78 -17.01
CA MET I 4207 -58.20 22.56 -17.75
C MET I 4207 -57.51 23.19 -18.95
N PRO I 4208 -58.20 23.23 -20.10
CA PRO I 4208 -57.56 23.75 -21.31
C PRO I 4208 -57.28 25.23 -21.25
N GLN I 4209 -58.10 26.00 -20.53
CA GLN I 4209 -57.83 27.41 -20.30
C GLN I 4209 -56.55 27.62 -19.51
N VAL I 4210 -56.19 26.67 -18.65
CA VAL I 4210 -54.89 26.69 -18.01
C VAL I 4210 -53.84 26.14 -18.96
N LYS I 4211 -54.20 25.09 -19.71
CA LYS I 4211 -53.28 24.43 -20.61
C LYS I 4211 -52.83 25.30 -21.77
N GLU I 4212 -53.69 26.18 -22.26
CA GLU I 4212 -53.31 27.06 -23.37
C GLU I 4212 -52.22 28.05 -22.95
N SER I 4213 -52.24 28.47 -21.68
CA SER I 4213 -51.15 29.29 -21.18
C SER I 4213 -49.87 28.48 -21.08
N LYS I 4214 -49.98 27.20 -20.81
CA LYS I 4214 -48.75 26.45 -20.69
C LYS I 4214 -48.10 26.27 -22.01
N ARG I 4215 -48.89 25.90 -23.02
CA ARG I 4215 -48.30 25.65 -24.33
C ARG I 4215 -47.59 26.89 -24.85
N GLN I 4216 -48.15 28.08 -24.60
CA GLN I 4216 -47.43 29.31 -24.89
C GLN I 4216 -46.20 29.46 -24.01
N PHE I 4217 -46.31 29.11 -22.72
CA PHE I 4217 -45.19 29.27 -21.81
C PHE I 4217 -44.04 28.34 -22.16
N ILE I 4218 -44.37 27.15 -22.67
CA ILE I 4218 -43.35 26.28 -23.25
C ILE I 4218 -42.63 26.97 -24.39
N PHE I 4219 -43.38 27.69 -25.22
CA PHE I 4219 -42.81 28.24 -26.45
C PHE I 4219 -41.84 29.37 -26.17
N ASP I 4220 -42.31 30.46 -25.57
CA ASP I 4220 -41.54 31.70 -25.48
C ASP I 4220 -40.39 31.63 -24.47
N VAL I 4221 -40.24 30.53 -23.75
CA VAL I 4221 -39.17 30.37 -22.79
C VAL I 4221 -38.00 29.62 -23.41
N VAL I 4222 -38.26 28.49 -24.06
CA VAL I 4222 -37.18 27.73 -24.67
C VAL I 4222 -36.76 28.33 -26.01
N ASN I 4223 -37.49 29.31 -26.53
CA ASN I 4223 -37.14 29.90 -27.81
C ASN I 4223 -36.28 31.15 -27.63
N GLU I 4224 -36.82 32.16 -26.96
CA GLU I 4224 -36.12 33.43 -26.81
C GLU I 4224 -35.62 33.70 -25.40
N GLY I 4225 -36.12 32.96 -24.40
CA GLY I 4225 -35.64 33.14 -23.05
C GLY I 4225 -34.35 32.38 -22.78
N GLY I 4226 -33.42 33.05 -22.12
CA GLY I 4226 -32.17 32.43 -21.74
C GLY I 4226 -32.34 31.49 -20.57
N GLU I 4227 -31.23 30.87 -20.19
CA GLU I 4227 -31.23 29.90 -19.10
C GLU I 4227 -31.37 30.55 -17.73
N ALA I 4228 -31.10 31.85 -17.65
CA ALA I 4228 -31.20 32.54 -16.38
C ALA I 4228 -32.65 32.75 -15.96
N GLU I 4229 -33.42 33.48 -16.74
CA GLU I 4229 -34.79 33.80 -16.41
C GLU I 4229 -35.74 32.61 -16.58
N LYS I 4230 -35.22 31.52 -17.13
CA LYS I 4230 -36.02 30.34 -17.34
C LYS I 4230 -36.73 30.05 -16.04
N MET I 4231 -35.97 29.96 -14.96
CA MET I 4231 -36.56 29.64 -13.68
C MET I 4231 -37.38 30.81 -13.14
N GLU I 4232 -36.93 32.04 -13.39
CA GLU I 4232 -37.65 33.21 -12.91
C GLU I 4232 -38.97 33.38 -13.63
N LEU I 4233 -39.02 33.08 -14.93
CA LEU I 4233 -40.28 33.06 -15.63
C LEU I 4233 -41.14 31.89 -15.19
N PHE I 4234 -40.50 30.77 -14.86
CA PHE I 4234 -41.21 29.58 -14.41
C PHE I 4234 -42.00 29.83 -13.14
N VAL I 4235 -41.35 30.41 -12.13
CA VAL I 4235 -42.07 30.71 -10.91
C VAL I 4235 -43.05 31.86 -11.13
N SER I 4236 -42.76 32.75 -12.08
CA SER I 4236 -43.73 33.74 -12.48
C SER I 4236 -44.91 33.09 -13.19
N PHE I 4237 -44.63 32.13 -14.06
CA PHE I 4237 -45.70 31.32 -14.64
C PHE I 4237 -46.42 30.52 -13.56
N CYS I 4238 -45.67 29.99 -12.59
CA CYS I 4238 -46.29 29.31 -11.47
C CYS I 4238 -47.12 30.29 -10.65
N GLU I 4239 -46.71 31.54 -10.59
CA GLU I 4239 -47.56 32.51 -9.92
C GLU I 4239 -48.82 32.74 -10.74
N ASP I 4240 -48.65 33.03 -12.02
CA ASP I 4240 -49.81 33.35 -12.88
C ASP I 4240 -50.85 32.23 -13.03
N THR I 4241 -50.38 31.00 -13.15
CA THR I 4241 -51.31 29.90 -13.28
C THR I 4241 -52.04 29.71 -11.97
N ILE I 4242 -51.31 29.81 -10.88
CA ILE I 4242 -51.96 29.70 -9.58
C ILE I 4242 -53.06 30.74 -9.54
N PHE I 4243 -52.77 31.92 -10.06
CA PHE I 4243 -53.78 32.96 -10.11
C PHE I 4243 -55.00 32.50 -10.88
N GLU I 4244 -54.82 32.26 -12.17
CA GLU I 4244 -55.98 31.91 -12.99
C GLU I 4244 -56.80 30.84 -12.29
N MET I 4245 -56.14 29.97 -11.52
CA MET I 4245 -56.87 28.90 -10.88
C MET I 4245 -57.73 29.40 -9.74
N GLN I 4246 -57.28 30.44 -9.03
CA GLN I 4246 -58.10 31.08 -8.02
C GLN I 4246 -59.32 31.73 -8.65
N ILE I 4247 -59.13 32.42 -9.77
CA ILE I 4247 -60.23 33.13 -10.38
C ILE I 4247 -61.16 32.15 -11.12
N ALA I 4248 -60.66 30.96 -11.48
CA ALA I 4248 -61.55 29.94 -12.02
C ALA I 4248 -62.31 29.25 -10.91
N ALA I 4249 -61.71 29.14 -9.73
CA ALA I 4249 -62.44 28.70 -8.56
C ALA I 4249 -63.44 29.73 -8.08
N GLN I 4250 -63.22 31.01 -8.40
CA GLN I 4250 -64.16 32.05 -8.06
C GLN I 4250 -65.43 31.95 -8.89
N ILE I 4251 -65.32 31.47 -10.12
CA ILE I 4251 -66.45 31.41 -11.04
C ILE I 4251 -67.01 30.00 -11.18
N SER I 4252 -66.53 29.05 -10.37
CA SER I 4252 -66.99 27.67 -10.47
C SER I 4252 -68.41 27.54 -9.93
N GLU I 4253 -69.19 26.69 -10.60
CA GLU I 4253 -70.60 26.50 -10.25
C GLU I 4253 -70.74 25.66 -8.98
N GLY I 4542 -82.10 44.48 -4.75
CA GLY I 4542 -82.50 43.17 -4.25
C GLY I 4542 -82.18 42.08 -5.26
N GLU I 4543 -81.12 41.33 -4.96
CA GLU I 4543 -80.72 40.19 -5.80
C GLU I 4543 -80.16 40.66 -7.14
N LEU I 4544 -80.16 41.96 -7.37
CA LEU I 4544 -79.60 42.51 -8.61
C LEU I 4544 -78.16 42.06 -8.75
N GLU I 4545 -77.40 42.10 -7.65
CA GLU I 4545 -76.05 41.56 -7.65
C GLU I 4545 -76.06 40.07 -7.93
N VAL I 4546 -76.99 39.34 -7.31
CA VAL I 4546 -77.04 37.89 -7.48
C VAL I 4546 -77.38 37.54 -8.93
N GLN I 4547 -78.39 38.20 -9.50
CA GLN I 4547 -78.77 37.95 -10.88
C GLN I 4547 -77.62 38.27 -11.83
N ARG I 4548 -76.95 39.41 -11.59
CA ARG I 4548 -75.84 39.79 -12.44
C ARG I 4548 -74.68 38.80 -12.34
N VAL I 4549 -74.46 38.26 -11.13
CA VAL I 4549 -73.38 37.28 -10.96
C VAL I 4549 -73.74 35.98 -11.66
N LYS I 4550 -75.00 35.58 -11.59
CA LYS I 4550 -75.43 34.40 -12.35
C LYS I 4550 -75.23 34.63 -13.84
N PHE I 4551 -75.57 35.83 -14.32
CA PHE I 4551 -75.37 36.21 -15.71
C PHE I 4551 -73.89 36.07 -16.10
N LEU I 4552 -73.02 36.66 -15.30
CA LEU I 4552 -71.59 36.61 -15.57
C LEU I 4552 -71.06 35.19 -15.56
N ASN I 4553 -71.49 34.38 -14.58
CA ASN I 4553 -71.06 33.00 -14.52
C ASN I 4553 -71.49 32.22 -15.76
N TYR I 4554 -72.75 32.42 -16.16
CA TYR I 4554 -73.24 31.80 -17.39
C TYR I 4554 -72.38 32.20 -18.58
N LEU I 4555 -72.08 33.49 -18.69
CA LEU I 4555 -71.25 34.00 -19.78
C LEU I 4555 -69.89 33.33 -19.79
N SER I 4556 -69.13 33.49 -18.72
CA SER I 4556 -67.75 33.00 -18.68
C SER I 4556 -67.69 31.49 -18.88
N ARG I 4557 -68.65 30.76 -18.32
CA ARG I 4557 -68.67 29.32 -18.44
C ARG I 4557 -68.83 28.90 -19.90
N ASN I 4558 -69.71 29.58 -20.63
CA ASN I 4558 -69.89 29.30 -22.06
C ASN I 4558 -68.84 30.02 -22.90
N PHE I 4559 -68.25 31.08 -22.36
CA PHE I 4559 -67.30 31.88 -23.14
C PHE I 4559 -66.55 31.12 -24.21
N TYR I 4560 -65.80 30.03 -24.00
CA TYR I 4560 -65.18 29.30 -25.14
C TYR I 4560 -66.08 28.97 -26.39
N THR I 4561 -67.35 28.59 -26.22
CA THR I 4561 -68.34 28.32 -27.29
C THR I 4561 -69.11 29.53 -27.82
N LEU I 4562 -69.25 30.61 -27.06
CA LEU I 4562 -69.98 31.74 -27.63
C LEU I 4562 -69.23 32.35 -28.83
N LYS I 4563 -67.93 32.08 -28.97
CA LYS I 4563 -67.16 32.43 -30.17
C LYS I 4563 -67.51 31.59 -31.40
N TYR I 4564 -67.91 30.33 -31.25
CA TYR I 4564 -68.33 29.52 -32.40
C TYR I 4564 -69.67 29.99 -32.96
N LEU I 4565 -70.68 30.29 -32.13
CA LEU I 4565 -71.91 30.84 -32.68
C LEU I 4565 -71.61 32.18 -33.31
N ALA I 4566 -70.60 32.96 -32.89
CA ALA I 4566 -70.27 34.20 -33.58
C ALA I 4566 -69.62 33.95 -34.95
N LEU I 4567 -68.83 32.89 -35.09
CA LEU I 4567 -68.20 32.50 -36.34
C LEU I 4567 -69.21 31.98 -37.35
N PHE I 4568 -70.16 31.13 -36.94
CA PHE I 4568 -71.20 30.61 -37.80
C PHE I 4568 -71.96 31.79 -38.39
N LEU I 4569 -72.80 32.43 -37.58
CA LEU I 4569 -73.54 33.56 -38.07
C LEU I 4569 -72.75 34.28 -39.13
N ALA I 4570 -71.54 34.73 -38.82
CA ALA I 4570 -70.77 35.51 -39.77
C ALA I 4570 -70.49 34.78 -41.06
N PHE I 4571 -70.43 33.46 -41.04
CA PHE I 4571 -70.28 32.74 -42.31
C PHE I 4571 -71.64 32.61 -42.96
N ALA I 4572 -72.71 32.91 -42.24
CA ALA I 4572 -74.03 32.88 -42.87
C ALA I 4572 -74.46 34.24 -43.44
N ILE I 4573 -74.35 35.32 -42.68
CA ILE I 4573 -74.70 36.61 -43.22
C ILE I 4573 -73.95 36.85 -44.53
N ASN I 4574 -72.92 36.07 -44.81
CA ASN I 4574 -72.23 36.22 -46.10
C ASN I 4574 -72.95 35.45 -47.21
N PHE I 4575 -73.01 34.14 -47.13
CA PHE I 4575 -73.77 33.41 -48.13
C PHE I 4575 -75.06 34.13 -48.47
N ILE I 4576 -75.66 34.86 -47.54
CA ILE I 4576 -76.82 35.61 -47.94
C ILE I 4576 -76.36 36.78 -48.79
N LEU I 4577 -75.47 37.61 -48.25
CA LEU I 4577 -75.06 38.82 -48.98
C LEU I 4577 -74.52 38.51 -50.35
N LEU I 4578 -73.86 37.36 -50.52
CA LEU I 4578 -73.25 37.01 -51.81
C LEU I 4578 -74.32 36.98 -52.85
N PHE I 4579 -75.51 37.40 -52.46
CA PHE I 4579 -76.59 37.47 -53.44
C PHE I 4579 -77.14 38.88 -53.64
N TYR I 4580 -76.29 39.86 -53.95
CA TYR I 4580 -76.78 41.18 -54.31
C TYR I 4580 -76.67 41.44 -55.81
N LYS I 4581 -77.61 42.23 -56.32
CA LYS I 4581 -77.59 42.75 -57.67
C LYS I 4581 -77.87 44.25 -57.61
N VAL I 4582 -77.69 44.92 -58.75
CA VAL I 4582 -77.93 46.36 -58.84
C VAL I 4582 -78.78 46.65 -60.06
N SER I 4583 -79.50 47.77 -60.03
CA SER I 4583 -80.34 48.20 -61.13
C SER I 4583 -80.83 49.61 -60.82
N ASP I 4584 -81.39 50.26 -61.84
CA ASP I 4584 -81.89 51.63 -61.67
C ASP I 4584 -83.27 51.63 -61.04
N SER I 4585 -84.24 51.02 -61.71
CA SER I 4585 -85.59 50.92 -61.19
C SER I 4585 -85.61 50.00 -59.98
N PRO I 4586 -85.79 50.53 -58.78
CA PRO I 4586 -85.71 49.69 -57.58
C PRO I 4586 -86.94 48.84 -57.41
N PRO I 4587 -86.84 47.52 -57.60
CA PRO I 4587 -87.97 46.61 -57.37
C PRO I 4587 -88.31 46.51 -55.89
N ASN I 4626 -80.48 57.04 -56.79
CA ASN I 4626 -80.44 56.49 -58.14
C ASN I 4626 -80.37 54.97 -58.10
N MET I 4627 -79.17 54.42 -58.33
CA MET I 4627 -78.98 52.98 -58.29
C MET I 4627 -79.44 52.41 -56.95
N VAL I 4628 -80.30 51.40 -56.99
CA VAL I 4628 -80.93 50.89 -55.77
C VAL I 4628 -80.39 49.48 -55.54
N TYR I 4629 -79.45 49.37 -54.61
CA TYR I 4629 -78.98 48.06 -54.17
C TYR I 4629 -80.17 47.25 -53.64
N TYR I 4630 -80.30 46.01 -54.06
CA TYR I 4630 -81.36 45.14 -53.59
C TYR I 4630 -80.89 43.69 -53.66
N PHE I 4631 -81.75 42.77 -53.28
CA PHE I 4631 -81.39 41.38 -53.09
C PHE I 4631 -82.05 40.51 -54.16
N LEU I 4632 -81.32 39.50 -54.63
CA LEU I 4632 -81.77 38.69 -55.76
C LEU I 4632 -83.08 37.97 -55.45
N GLU I 4633 -83.33 37.68 -54.18
CA GLU I 4633 -84.53 36.96 -53.79
C GLU I 4633 -84.58 35.59 -54.45
N GLU I 4634 -83.64 34.71 -54.09
CA GLU I 4634 -83.53 33.39 -54.70
C GLU I 4634 -84.77 32.53 -54.46
N SER I 4635 -85.74 33.05 -53.72
CA SER I 4635 -87.03 32.41 -53.47
C SER I 4635 -86.98 31.36 -52.36
N THR I 4636 -85.89 31.30 -51.60
CA THR I 4636 -85.85 30.49 -50.40
C THR I 4636 -86.57 31.26 -49.28
N GLY I 4637 -86.51 30.77 -48.06
CA GLY I 4637 -86.99 31.55 -46.93
C GLY I 4637 -86.48 32.97 -47.03
N TYR I 4638 -87.36 33.95 -46.86
CA TYR I 4638 -86.99 35.34 -47.16
C TYR I 4638 -85.63 35.68 -46.56
N MET I 4639 -84.65 35.93 -47.41
CA MET I 4639 -83.27 36.06 -46.95
C MET I 4639 -83.03 37.37 -46.23
N GLU I 4640 -83.61 38.45 -46.78
CA GLU I 4640 -83.49 39.75 -46.15
C GLU I 4640 -83.83 39.62 -44.67
N PRO I 4641 -85.04 39.14 -44.39
CA PRO I 4641 -85.43 38.95 -42.99
C PRO I 4641 -84.40 38.19 -42.18
N ALA I 4642 -83.96 37.04 -42.69
CA ALA I 4642 -82.93 36.27 -41.99
C ALA I 4642 -81.63 37.05 -41.91
N LEU I 4643 -81.33 37.84 -42.94
CA LEU I 4643 -80.13 38.66 -42.90
C LEU I 4643 -80.18 39.64 -41.73
N TRP I 4644 -81.33 40.30 -41.57
CA TRP I 4644 -81.51 41.23 -40.46
C TRP I 4644 -81.40 40.51 -39.11
N CYS I 4645 -82.06 39.35 -39.00
CA CYS I 4645 -82.00 38.59 -37.77
C CYS I 4645 -80.57 38.22 -37.41
N LEU I 4646 -79.81 37.71 -38.38
CA LEU I 4646 -78.43 37.31 -38.11
C LEU I 4646 -77.55 38.52 -37.81
N SER I 4647 -77.81 39.65 -38.46
CA SER I 4647 -77.06 40.86 -38.14
C SER I 4647 -77.24 41.22 -36.67
N LEU I 4648 -78.50 41.24 -36.25
CA LEU I 4648 -78.79 41.52 -34.86
C LEU I 4648 -77.96 40.60 -34.03
N LEU I 4649 -78.27 39.32 -34.10
CA LEU I 4649 -77.47 38.37 -33.37
C LEU I 4649 -75.97 38.72 -33.47
N HIS I 4650 -75.36 38.73 -34.65
CA HIS I 4650 -73.90 38.96 -34.70
C HIS I 4650 -73.48 40.25 -33.98
N THR I 4651 -74.38 41.15 -33.65
CA THR I 4651 -74.05 42.32 -32.86
C THR I 4651 -74.30 42.09 -31.38
N LEU I 4652 -75.15 41.13 -31.05
CA LEU I 4652 -75.36 40.75 -29.65
C LEU I 4652 -74.30 39.77 -29.23
N VAL I 4653 -74.25 38.62 -29.89
CA VAL I 4653 -73.23 37.64 -29.58
C VAL I 4653 -71.82 38.17 -29.83
N ALA I 4654 -71.62 39.48 -29.85
CA ALA I 4654 -70.28 40.04 -29.95
C ALA I 4654 -70.16 40.64 -28.59
N PHE I 4655 -70.98 41.60 -28.29
CA PHE I 4655 -71.10 42.19 -26.95
C PHE I 4655 -70.86 41.14 -25.86
N LEU I 4656 -71.56 40.02 -25.97
CA LEU I 4656 -71.42 38.97 -24.98
C LEU I 4656 -70.18 38.18 -25.27
N ILE I 4657 -69.25 38.53 -26.08
CA ILE I 4657 -67.90 38.03 -26.30
C ILE I 4657 -66.98 39.08 -25.70
N ILE I 4658 -67.50 40.27 -25.40
CA ILE I 4658 -66.60 41.32 -24.94
C ILE I 4658 -66.68 41.18 -23.45
N ILE I 4659 -67.89 41.09 -22.95
CA ILE I 4659 -68.12 40.95 -21.52
C ILE I 4659 -67.38 39.74 -20.97
N GLY I 4660 -67.39 38.62 -21.69
CA GLY I 4660 -66.64 37.47 -21.24
C GLY I 4660 -65.16 37.76 -21.11
N TYR I 4661 -64.58 38.40 -22.12
CA TYR I 4661 -63.16 38.73 -22.05
C TYR I 4661 -62.88 39.64 -20.87
N ASN I 4662 -63.72 40.66 -20.67
CA ASN I 4662 -63.52 41.59 -19.56
C ASN I 4662 -63.57 40.89 -18.22
N CYS I 4663 -64.46 39.91 -18.06
CA CYS I 4663 -64.61 39.25 -16.78
C CYS I 4663 -63.70 38.05 -16.59
N LEU I 4664 -62.93 37.65 -17.61
CA LEU I 4664 -62.01 36.53 -17.47
C LEU I 4664 -60.55 36.94 -17.61
N LYS I 4665 -60.16 37.59 -18.71
CA LYS I 4665 -58.74 37.75 -19.00
C LYS I 4665 -58.19 39.06 -18.47
N VAL I 4666 -59.04 39.90 -17.89
CA VAL I 4666 -58.56 41.17 -17.33
C VAL I 4666 -57.72 40.95 -16.07
N PRO I 4667 -58.24 40.34 -15.00
CA PRO I 4667 -57.44 40.16 -13.79
C PRO I 4667 -56.03 39.65 -14.06
N LEU I 4668 -55.89 38.62 -14.90
CA LEU I 4668 -54.58 38.03 -15.12
C LEU I 4668 -53.62 38.99 -15.81
N VAL I 4669 -54.13 40.09 -16.38
CA VAL I 4669 -53.25 41.12 -16.93
C VAL I 4669 -53.00 42.23 -15.92
N ILE I 4670 -54.03 42.63 -15.18
CA ILE I 4670 -53.84 43.64 -14.15
C ILE I 4670 -53.28 42.93 -12.93
N PHE I 4671 -52.99 41.64 -13.08
CA PHE I 4671 -52.18 40.89 -12.13
C PHE I 4671 -50.73 40.86 -12.56
N LYS I 4672 -50.50 40.63 -13.85
CA LYS I 4672 -49.14 40.62 -14.38
C LYS I 4672 -48.47 41.98 -14.24
N ARG I 4673 -49.22 43.06 -14.42
CA ARG I 4673 -48.66 44.40 -14.25
C ARG I 4673 -48.40 44.71 -12.78
N GLU I 4674 -49.39 44.47 -11.92
CA GLU I 4674 -49.21 44.79 -10.50
C GLU I 4674 -48.05 44.01 -9.91
N LYS I 4675 -47.96 42.71 -10.19
CA LYS I 4675 -46.88 41.88 -9.68
C LYS I 4675 -45.53 42.40 -10.13
N GLU I 4676 -45.35 42.51 -11.45
CA GLU I 4676 -44.07 42.96 -11.99
C GLU I 4676 -43.68 44.31 -11.40
N LEU I 4677 -44.62 45.24 -11.33
CA LEU I 4677 -44.33 46.57 -10.79
C LEU I 4677 -43.87 46.47 -9.34
N ALA I 4678 -44.72 45.94 -8.46
CA ALA I 4678 -44.39 45.86 -7.05
C ALA I 4678 -43.04 45.19 -6.85
N ARG I 4679 -42.77 44.14 -7.64
CA ARG I 4679 -41.54 43.38 -7.46
C ARG I 4679 -40.32 44.16 -7.94
N LYS I 4680 -40.46 44.90 -9.03
CA LYS I 4680 -39.37 45.76 -9.49
C LYS I 4680 -39.31 47.02 -8.67
N LEU I 4681 -40.18 47.12 -7.65
CA LEU I 4681 -40.17 48.27 -6.75
C LEU I 4681 -39.45 47.95 -5.44
N GLU I 4682 -39.80 46.83 -4.82
CA GLU I 4682 -39.25 46.49 -3.51
C GLU I 4682 -37.92 45.75 -3.62
N PHE I 4683 -37.47 45.45 -4.84
CA PHE I 4683 -36.20 44.76 -5.02
C PHE I 4683 -35.18 45.65 -5.71
N ASP I 4684 -35.54 46.19 -6.88
CA ASP I 4684 -34.63 47.04 -7.63
C ASP I 4684 -34.76 48.51 -7.24
N GLY I 4685 -35.76 48.87 -6.45
CA GLY I 4685 -35.98 50.27 -6.13
C GLY I 4685 -36.04 51.14 -7.37
N LEU I 4686 -37.05 50.89 -8.21
CA LEU I 4686 -37.10 51.54 -9.52
C LEU I 4686 -37.25 53.05 -9.43
N TYR I 4687 -38.15 53.54 -8.59
CA TYR I 4687 -38.52 54.95 -8.60
C TYR I 4687 -37.80 55.78 -7.54
N ILE I 4688 -37.80 55.32 -6.29
CA ILE I 4688 -37.26 56.14 -5.22
C ILE I 4688 -35.76 56.34 -5.39
N THR I 4689 -35.05 55.32 -5.87
CA THR I 4689 -33.61 55.41 -6.08
C THR I 4689 -33.25 55.72 -7.52
N GLU I 4690 -33.72 54.92 -8.47
CA GLU I 4690 -33.47 55.12 -9.88
C GLU I 4690 -34.65 55.85 -10.51
N GLN I 4691 -34.58 56.06 -11.82
CA GLN I 4691 -35.64 56.76 -12.54
C GLN I 4691 -35.80 56.17 -13.93
N PRO I 4692 -37.04 55.97 -14.40
CA PRO I 4692 -37.30 55.37 -15.71
C PRO I 4692 -36.92 56.30 -16.87
N ASP I 4696 -39.12 54.53 -21.25
CA ASP I 4696 -40.16 53.51 -21.12
C ASP I 4696 -41.51 54.14 -20.79
N VAL I 4697 -42.37 54.23 -21.79
CA VAL I 4697 -43.71 54.79 -21.63
C VAL I 4697 -44.45 53.99 -20.56
N LYS I 4698 -44.21 52.69 -20.53
CA LYS I 4698 -44.87 51.83 -19.56
C LYS I 4698 -44.60 52.32 -18.14
N GLY I 4699 -43.34 52.56 -17.81
CA GLY I 4699 -42.98 53.03 -16.49
C GLY I 4699 -43.59 54.36 -16.14
N GLN I 4700 -43.54 55.30 -17.09
CA GLN I 4700 -44.10 56.62 -16.85
C GLN I 4700 -45.59 56.53 -16.56
N TRP I 4701 -46.31 55.71 -17.33
CA TRP I 4701 -47.73 55.53 -17.06
C TRP I 4701 -47.96 54.88 -15.71
N ASP I 4702 -47.18 53.83 -15.39
CA ASP I 4702 -47.31 53.19 -14.09
C ASP I 4702 -47.04 54.16 -12.94
N ARG I 4703 -46.28 55.22 -13.19
CA ARG I 4703 -46.01 56.15 -12.12
C ARG I 4703 -47.23 57.02 -11.89
N LEU I 4704 -48.38 56.37 -11.69
CA LEU I 4704 -49.64 57.04 -11.42
C LEU I 4704 -50.46 56.39 -10.31
N VAL I 4705 -50.30 55.09 -10.07
CA VAL I 4705 -51.13 54.40 -9.10
C VAL I 4705 -50.47 54.31 -7.72
N LEU I 4706 -49.17 54.59 -7.63
CA LEU I 4706 -48.45 54.44 -6.37
C LEU I 4706 -49.17 55.18 -5.25
N ASN I 4707 -49.72 56.35 -5.57
CA ASN I 4707 -50.55 57.08 -4.62
C ASN I 4707 -51.89 56.41 -4.35
N THR I 4708 -52.31 55.46 -5.18
CA THR I 4708 -53.64 54.89 -5.03
C THR I 4708 -53.75 54.15 -3.70
N PRO I 4709 -54.94 54.10 -3.09
CA PRO I 4709 -55.09 53.41 -1.82
C PRO I 4709 -55.16 51.89 -1.97
N SER I 4710 -55.12 51.40 -3.21
CA SER I 4710 -55.28 49.97 -3.45
C SER I 4710 -54.30 49.43 -4.49
N PHE I 4711 -53.09 49.98 -4.54
CA PHE I 4711 -52.09 49.56 -5.52
C PHE I 4711 -52.04 48.04 -5.72
N PRO I 4712 -51.85 47.22 -4.69
CA PRO I 4712 -51.87 45.77 -4.88
C PRO I 4712 -53.28 45.20 -4.83
N SER I 4713 -54.00 45.29 -5.94
CA SER I 4713 -55.41 44.91 -6.00
C SER I 4713 -55.61 43.45 -6.42
N ASN I 4714 -54.63 42.86 -7.09
CA ASN I 4714 -54.73 41.46 -7.48
C ASN I 4714 -53.49 40.71 -7.04
N TYR I 4715 -52.36 41.40 -6.98
CA TYR I 4715 -51.11 40.82 -6.47
C TYR I 4715 -51.29 40.51 -4.99
N TRP I 4716 -51.35 39.22 -4.65
CA TRP I 4716 -51.82 38.79 -3.34
C TRP I 4716 -51.20 39.60 -2.22
N ASP I 4717 -49.89 39.85 -2.32
CA ASP I 4717 -49.21 40.58 -1.25
C ASP I 4717 -49.77 41.99 -1.17
N LYS I 4718 -50.49 42.27 -0.08
CA LYS I 4718 -51.08 43.58 0.14
C LYS I 4718 -50.29 44.40 1.14
N PHE I 4719 -49.09 43.95 1.51
CA PHE I 4719 -48.21 44.68 2.42
C PHE I 4719 -46.96 45.19 1.72
N VAL I 4720 -46.94 45.16 0.38
CA VAL I 4720 -45.81 45.67 -0.37
C VAL I 4720 -45.61 47.17 -0.18
N LYS I 4721 -46.55 47.84 0.49
CA LYS I 4721 -46.38 49.24 0.83
C LYS I 4721 -45.31 49.37 1.91
N ARG I 4722 -45.52 48.72 3.06
CA ARG I 4722 -44.58 48.83 4.16
C ARG I 4722 -43.18 48.42 3.74
N LYS I 4723 -43.05 47.21 3.17
CA LYS I 4723 -41.76 46.63 2.81
C LYS I 4723 -40.80 47.65 2.19
N VAL I 4724 -41.24 48.32 1.13
CA VAL I 4724 -40.35 49.23 0.41
C VAL I 4724 -39.97 50.42 1.30
N LEU I 4725 -40.96 51.04 1.93
CA LEU I 4725 -40.69 52.13 2.87
C LEU I 4725 -39.61 51.72 3.84
N ASP I 4726 -39.86 50.64 4.59
CA ASP I 4726 -38.93 50.17 5.61
C ASP I 4726 -37.55 49.91 5.06
N LYS I 4727 -37.47 49.28 3.88
CA LYS I 4727 -36.16 48.86 3.39
C LYS I 4727 -35.38 50.07 2.89
N HIS I 4728 -36.06 51.10 2.39
CA HIS I 4728 -35.40 52.37 2.12
C HIS I 4728 -35.85 53.46 3.09
N GLY I 4729 -36.25 53.07 4.29
CA GLY I 4729 -36.72 54.04 5.27
C GLY I 4729 -36.02 55.37 5.23
N ASP I 4730 -34.76 55.40 5.65
CA ASP I 4730 -34.06 56.67 5.75
C ASP I 4730 -33.25 57.02 4.51
N ILE I 4731 -32.56 56.05 3.93
CA ILE I 4731 -31.70 56.32 2.78
C ILE I 4731 -32.28 57.40 1.85
N PHE I 4732 -33.59 57.39 1.64
CA PHE I 4732 -34.21 58.34 0.73
C PHE I 4732 -35.33 59.14 1.39
N GLY I 4733 -35.25 59.30 2.70
CA GLY I 4733 -36.25 60.10 3.40
C GLY I 4733 -37.59 59.42 3.59
N ARG I 4734 -37.88 59.02 4.82
CA ARG I 4734 -39.15 58.36 5.09
C ARG I 4734 -40.31 59.24 4.67
N GLU I 4735 -40.47 60.38 5.32
CA GLU I 4735 -41.61 61.23 4.99
C GLU I 4735 -41.76 61.40 3.49
N ARG I 4736 -40.64 61.57 2.78
CA ARG I 4736 -40.69 61.67 1.33
C ARG I 4736 -41.26 60.40 0.69
N ILE I 4737 -40.82 59.24 1.17
CA ILE I 4737 -41.35 57.98 0.64
C ILE I 4737 -42.82 57.81 0.99
N ALA I 4738 -43.23 58.17 2.21
CA ALA I 4738 -44.64 58.06 2.57
C ALA I 4738 -45.49 58.97 1.71
N GLU I 4739 -44.95 60.15 1.35
CA GLU I 4739 -45.66 61.03 0.43
C GLU I 4739 -45.75 60.42 -0.96
N LEU I 4740 -44.66 59.83 -1.45
CA LEU I 4740 -44.68 59.21 -2.78
C LEU I 4740 -45.66 58.05 -2.84
N LEU I 4741 -45.72 57.23 -1.79
CA LEU I 4741 -46.58 56.05 -1.79
C LEU I 4741 -47.95 56.30 -1.18
N GLY I 4742 -48.25 57.52 -0.75
CA GLY I 4742 -49.54 57.80 -0.18
C GLY I 4742 -49.88 57.01 1.07
N MET I 4743 -48.86 56.53 1.79
CA MET I 4743 -49.08 55.74 2.99
C MET I 4743 -49.66 56.55 4.14
N ASP I 4744 -49.33 57.84 4.25
CA ASP I 4744 -49.66 58.63 5.44
C ASP I 4744 -48.83 58.19 6.64
N LEU I 4745 -47.55 57.87 6.37
CA LEU I 4745 -46.54 57.48 7.34
C LEU I 4745 -47.06 57.33 8.77
N ALA I 4746 -46.91 58.39 9.57
CA ALA I 4746 -47.21 58.34 11.00
C ALA I 4746 -48.59 57.75 11.27
N SER I 4747 -49.63 58.37 10.74
CA SER I 4747 -50.98 57.84 10.93
C SER I 4747 -51.07 56.43 10.39
N LEU I 4748 -50.35 56.16 9.29
CA LEU I 4748 -50.35 54.84 8.69
C LEU I 4748 -49.90 53.80 9.70
N GLU I 4749 -48.67 53.92 10.20
CA GLU I 4749 -48.20 53.02 11.24
C GLU I 4749 -49.02 53.17 12.51
N ILE I 4750 -49.73 54.28 12.67
CA ILE I 4750 -50.59 54.51 13.84
C ILE I 4750 -51.90 53.76 13.64
N THR I 4751 -52.02 53.02 12.55
CA THR I 4751 -53.23 52.28 12.24
C THR I 4751 -53.66 51.41 13.42
N ALA I 4752 -54.95 51.47 13.76
CA ALA I 4752 -55.47 50.73 14.90
C ALA I 4752 -55.29 49.24 14.73
N HIS I 4753 -55.28 48.76 13.48
CA HIS I 4753 -55.15 47.33 13.20
C HIS I 4753 -54.00 46.70 13.97
N ASN I 4754 -52.78 47.21 13.75
CA ASN I 4754 -51.61 46.68 14.46
C ASN I 4754 -51.81 46.77 15.97
N GLU I 4755 -52.23 47.93 16.45
CA GLU I 4755 -52.45 48.13 17.88
C GLU I 4755 -53.66 47.34 18.35
N ARG I 4756 -54.83 47.64 17.78
CA ARG I 4756 -56.07 46.98 18.18
C ARG I 4756 -56.95 46.67 16.98
N THR I 4766 -72.10 48.08 -2.81
CA THR I 4766 -72.02 49.48 -3.17
C THR I 4766 -70.69 49.81 -3.82
N TRP I 4767 -70.26 48.97 -4.76
CA TRP I 4767 -69.00 49.19 -5.47
C TRP I 4767 -68.97 50.56 -6.12
N LEU I 4768 -70.07 50.94 -6.78
CA LEU I 4768 -70.14 52.25 -7.41
C LEU I 4768 -70.05 53.37 -6.38
N MET I 4769 -70.50 53.09 -5.15
CA MET I 4769 -70.51 54.09 -4.10
C MET I 4769 -69.13 54.69 -3.84
N SER I 4770 -68.14 53.82 -3.65
CA SER I 4770 -66.78 54.23 -3.33
C SER I 4770 -65.77 53.71 -4.36
N ILE I 4771 -66.11 53.84 -5.64
CA ILE I 4771 -65.24 53.37 -6.72
C ILE I 4771 -64.14 54.40 -6.96
N ASP I 4772 -62.92 54.06 -6.54
CA ASP I 4772 -61.78 54.96 -6.74
C ASP I 4772 -61.61 55.27 -8.23
N VAL I 4773 -61.48 56.55 -8.57
CA VAL I 4773 -61.39 56.95 -9.97
C VAL I 4773 -60.00 56.67 -10.53
N LYS I 4774 -58.96 57.18 -9.86
CA LYS I 4774 -57.63 57.16 -10.43
C LYS I 4774 -57.16 55.74 -10.72
N TYR I 4775 -57.41 54.81 -9.80
CA TYR I 4775 -57.02 53.43 -10.04
C TYR I 4775 -57.77 52.85 -11.24
N GLN I 4776 -59.05 53.21 -11.40
CA GLN I 4776 -59.78 52.79 -12.59
C GLN I 4776 -59.13 53.35 -13.85
N ILE I 4777 -58.71 54.60 -13.81
CA ILE I 4777 -58.04 55.19 -14.97
C ILE I 4777 -56.79 54.40 -15.31
N TRP I 4778 -55.99 54.06 -14.31
CA TRP I 4778 -54.77 53.30 -14.56
C TRP I 4778 -55.10 51.93 -15.16
N LYS I 4779 -56.10 51.26 -14.60
CA LYS I 4779 -56.46 49.93 -15.08
C LYS I 4779 -56.93 49.98 -16.52
N PHE I 4780 -57.78 50.95 -16.85
CA PHE I 4780 -58.26 51.06 -18.22
C PHE I 4780 -57.13 51.42 -19.18
N GLY I 4781 -56.22 52.28 -18.75
CA GLY I 4781 -55.07 52.59 -19.59
C GLY I 4781 -54.27 51.35 -19.90
N VAL I 4782 -54.01 50.54 -18.87
CA VAL I 4782 -53.18 49.35 -19.08
C VAL I 4782 -53.91 48.33 -19.95
N ILE I 4783 -55.23 48.19 -19.79
CA ILE I 4783 -55.96 47.22 -20.59
C ILE I 4783 -56.03 47.67 -22.04
N PHE I 4784 -56.30 48.95 -22.28
CA PHE I 4784 -56.33 49.48 -23.64
C PHE I 4784 -54.95 49.37 -24.27
N THR I 4785 -53.91 49.40 -23.44
CA THR I 4785 -52.56 49.11 -23.92
C THR I 4785 -52.39 47.66 -24.34
N ASP I 4786 -53.35 46.79 -23.99
CA ASP I 4786 -53.27 45.37 -24.32
C ASP I 4786 -53.58 45.15 -25.79
N ASN I 4787 -53.11 44.03 -26.34
CA ASN I 4787 -53.34 43.73 -27.75
C ASN I 4787 -54.66 42.98 -27.97
N SER I 4788 -54.87 41.90 -27.21
CA SER I 4788 -56.06 41.06 -27.46
C SER I 4788 -57.34 41.82 -27.16
N PHE I 4789 -57.35 42.74 -26.18
CA PHE I 4789 -58.53 43.56 -25.98
C PHE I 4789 -58.77 44.49 -27.16
N LEU I 4790 -57.69 45.03 -27.75
CA LEU I 4790 -57.86 45.84 -28.95
C LEU I 4790 -58.45 45.03 -30.09
N TYR I 4791 -58.06 43.77 -30.30
CA TYR I 4791 -58.67 42.98 -31.39
C TYR I 4791 -60.14 42.71 -31.13
N SER I 4792 -60.52 42.36 -29.90
CA SER I 4792 -61.93 42.17 -29.59
C SER I 4792 -62.72 43.49 -29.66
N GLY I 4793 -62.10 44.64 -29.36
CA GLY I 4793 -62.74 45.92 -29.59
C GLY I 4793 -62.97 46.18 -31.06
N TRP I 4794 -61.98 45.84 -31.89
CA TRP I 4794 -62.15 45.96 -33.34
C TRP I 4794 -63.26 45.05 -33.82
N TYR I 4795 -63.35 43.80 -33.35
CA TYR I 4795 -64.42 42.91 -33.80
C TYR I 4795 -65.77 43.46 -33.36
N MET I 4796 -65.90 44.00 -32.14
CA MET I 4796 -67.16 44.64 -31.76
C MET I 4796 -67.48 45.86 -32.62
N VAL I 4797 -66.49 46.72 -32.87
CA VAL I 4797 -66.78 47.95 -33.60
C VAL I 4797 -67.20 47.63 -35.02
N MET I 4798 -66.52 46.69 -35.68
CA MET I 4798 -66.94 46.29 -37.02
C MET I 4798 -68.34 45.68 -37.00
N SER I 4799 -68.61 44.79 -36.04
CA SER I 4799 -69.94 44.20 -35.96
C SER I 4799 -71.01 45.28 -35.83
N LEU I 4800 -70.81 46.21 -34.91
CA LEU I 4800 -71.75 47.31 -34.69
C LEU I 4800 -71.92 48.13 -35.95
N LEU I 4801 -70.81 48.50 -36.59
CA LEU I 4801 -70.85 49.33 -37.79
C LEU I 4801 -71.55 48.60 -38.92
N GLY I 4802 -71.61 47.28 -38.84
CA GLY I 4802 -72.28 46.50 -39.85
C GLY I 4802 -73.72 46.88 -40.07
N HIS I 4803 -74.43 47.22 -38.99
CA HIS I 4803 -75.81 47.68 -39.13
C HIS I 4803 -75.89 48.94 -39.97
N TYR I 4804 -74.81 49.71 -40.04
CA TYR I 4804 -74.76 50.85 -40.96
C TYR I 4804 -74.83 50.40 -42.41
N ASN I 4805 -74.03 49.40 -42.77
CA ASN I 4805 -73.99 48.88 -44.14
C ASN I 4805 -73.52 47.45 -44.09
N ASN I 4806 -74.35 46.45 -44.39
CA ASN I 4806 -73.93 45.01 -44.21
C ASN I 4806 -72.56 44.56 -44.82
N PHE I 4807 -71.95 45.39 -45.59
CA PHE I 4807 -70.65 44.92 -46.03
C PHE I 4807 -69.66 44.74 -44.82
N PHE I 4808 -70.04 45.34 -43.71
CA PHE I 4808 -69.16 45.29 -42.55
C PHE I 4808 -69.33 43.95 -41.90
N PHE I 4809 -70.34 43.21 -42.33
CA PHE I 4809 -70.50 41.87 -41.83
C PHE I 4809 -69.65 41.02 -42.74
N ALA I 4810 -68.67 41.65 -43.38
CA ALA I 4810 -67.75 40.92 -44.22
C ALA I 4810 -66.38 41.19 -43.67
N ALA I 4811 -66.33 41.86 -42.54
CA ALA I 4811 -65.07 42.12 -41.87
C ALA I 4811 -65.00 41.19 -40.68
N HIS I 4812 -66.11 40.64 -40.21
CA HIS I 4812 -66.06 39.59 -39.22
C HIS I 4812 -65.81 38.34 -40.01
N LEU I 4813 -66.49 38.19 -41.14
CA LEU I 4813 -66.21 37.09 -42.07
C LEU I 4813 -64.77 36.86 -41.98
N LEU I 4814 -63.92 37.88 -41.82
CA LEU I 4814 -62.43 37.67 -41.84
C LEU I 4814 -61.67 37.13 -40.60
N ASP I 4815 -62.33 36.98 -39.46
CA ASP I 4815 -61.76 36.37 -38.26
C ASP I 4815 -61.43 34.88 -38.42
N ILE I 4816 -62.00 34.17 -39.41
CA ILE I 4816 -61.57 32.79 -39.75
C ILE I 4816 -60.06 32.77 -39.83
N ALA I 4817 -59.51 33.76 -40.51
CA ALA I 4817 -58.07 33.90 -40.73
C ALA I 4817 -57.30 34.04 -39.44
N MET I 4818 -57.33 35.17 -38.75
CA MET I 4818 -56.48 35.46 -37.60
C MET I 4818 -56.42 34.34 -36.53
N GLY I 4819 -57.40 33.45 -36.43
CA GLY I 4819 -57.37 32.28 -35.54
C GLY I 4819 -56.82 30.96 -36.12
N VAL I 4820 -56.85 30.72 -37.44
CA VAL I 4820 -56.62 29.37 -38.03
C VAL I 4820 -55.14 28.99 -38.20
N LYS I 4821 -54.34 29.07 -37.14
CA LYS I 4821 -52.98 28.52 -37.03
C LYS I 4821 -52.06 28.78 -38.24
N THR I 4822 -52.11 27.88 -39.24
CA THR I 4822 -51.42 27.92 -40.53
C THR I 4822 -51.58 29.28 -41.21
N LEU I 4823 -52.67 29.97 -40.94
CA LEU I 4823 -52.86 31.31 -41.50
C LEU I 4823 -52.18 32.32 -40.60
N ARG I 4824 -52.44 32.30 -39.29
CA ARG I 4824 -51.85 33.23 -38.31
C ARG I 4824 -50.34 33.34 -38.48
N THR I 4825 -49.66 32.25 -38.81
CA THR I 4825 -48.24 32.32 -39.20
C THR I 4825 -48.04 33.23 -40.39
N ILE I 4826 -48.78 32.99 -41.47
CA ILE I 4826 -48.60 33.79 -42.69
C ILE I 4826 -48.86 35.27 -42.43
N LEU I 4827 -49.62 35.56 -41.38
CA LEU I 4827 -49.96 36.95 -41.05
C LEU I 4827 -48.87 37.60 -40.22
N SER I 4828 -48.15 36.83 -39.38
CA SER I 4828 -47.06 37.38 -38.61
C SER I 4828 -45.79 37.48 -39.43
N SER I 4829 -45.74 36.81 -40.58
CA SER I 4829 -44.55 36.87 -41.43
C SER I 4829 -44.25 38.31 -41.84
N VAL I 4830 -45.28 39.05 -42.24
CA VAL I 4830 -45.07 40.42 -42.72
C VAL I 4830 -44.50 41.29 -41.60
N THR I 4831 -45.06 41.17 -40.39
CA THR I 4831 -44.66 42.04 -39.29
C THR I 4831 -43.44 41.53 -38.54
N HIS I 4832 -42.97 40.31 -38.83
CA HIS I 4832 -41.79 39.74 -38.19
C HIS I 4832 -40.53 40.51 -38.53
N ASN I 4833 -40.34 40.89 -39.80
CA ASN I 4833 -39.17 41.69 -40.16
C ASN I 4833 -39.52 42.87 -41.05
N GLY I 4834 -40.67 43.53 -40.82
CA GLY I 4834 -41.02 44.68 -41.64
C GLY I 4834 -39.95 45.75 -41.66
N LYS I 4835 -39.19 45.88 -40.56
CA LYS I 4835 -38.10 46.84 -40.53
C LYS I 4835 -37.04 46.57 -41.58
N GLN I 4836 -37.02 45.36 -42.14
CA GLN I 4836 -36.12 45.03 -43.24
C GLN I 4836 -36.85 44.62 -44.50
N LEU I 4837 -38.16 44.85 -44.58
CA LEU I 4837 -38.92 44.71 -45.83
C LEU I 4837 -39.42 46.05 -46.32
N VAL I 4838 -39.81 46.94 -45.40
CA VAL I 4838 -40.12 48.31 -45.77
C VAL I 4838 -38.93 48.96 -46.44
N MET I 4839 -37.71 48.64 -45.98
CA MET I 4839 -36.53 49.19 -46.63
C MET I 4839 -36.43 48.70 -48.07
N THR I 4840 -36.74 47.43 -48.32
CA THR I 4840 -36.70 46.92 -49.68
C THR I 4840 -37.73 47.61 -50.55
N VAL I 4841 -38.94 47.81 -50.04
CA VAL I 4841 -39.92 48.52 -50.82
C VAL I 4841 -39.35 49.87 -51.15
N GLY I 4842 -38.88 50.58 -50.15
CA GLY I 4842 -38.34 51.90 -50.37
C GLY I 4842 -37.26 51.90 -51.44
N LEU I 4843 -36.48 50.82 -51.48
CA LEU I 4843 -35.43 50.70 -52.48
C LEU I 4843 -36.05 50.56 -53.86
N LEU I 4844 -37.14 49.80 -53.95
CA LEU I 4844 -37.91 49.79 -55.20
C LEU I 4844 -38.38 51.18 -55.58
N ALA I 4845 -38.96 51.91 -54.63
CA ALA I 4845 -39.42 53.27 -54.92
C ALA I 4845 -38.29 54.11 -55.49
N VAL I 4846 -37.12 54.08 -54.86
CA VAL I 4846 -36.00 54.91 -55.31
C VAL I 4846 -35.44 54.46 -56.65
N VAL I 4847 -35.37 53.16 -56.92
CA VAL I 4847 -34.86 52.71 -58.21
C VAL I 4847 -35.81 53.11 -59.33
N VAL I 4848 -37.12 52.91 -59.12
CA VAL I 4848 -38.08 53.33 -60.12
C VAL I 4848 -38.03 54.85 -60.29
N TYR I 4849 -37.76 55.58 -59.21
CA TYR I 4849 -37.52 57.01 -59.35
C TYR I 4849 -36.37 57.29 -60.30
N LEU I 4850 -35.19 56.77 -59.99
CA LEU I 4850 -34.04 57.01 -60.85
C LEU I 4850 -34.29 56.63 -62.31
N TYR I 4851 -35.06 55.57 -62.56
CA TYR I 4851 -35.42 55.27 -63.95
C TYR I 4851 -36.55 56.13 -64.50
N THR I 4852 -37.16 56.95 -63.67
CA THR I 4852 -38.18 57.87 -64.15
C THR I 4852 -37.50 59.16 -64.55
N VAL I 4853 -36.48 59.56 -63.79
CA VAL I 4853 -35.81 60.82 -64.05
C VAL I 4853 -35.15 60.80 -65.43
N VAL I 4854 -34.45 59.73 -65.77
CA VAL I 4854 -33.80 59.64 -67.08
C VAL I 4854 -34.84 59.69 -68.19
N ALA I 4855 -35.95 58.97 -68.02
CA ALA I 4855 -37.04 59.05 -68.99
C ALA I 4855 -37.58 60.46 -69.11
N PHE I 4856 -37.57 61.23 -68.02
CA PHE I 4856 -38.02 62.61 -68.10
C PHE I 4856 -36.96 63.55 -68.65
N ASN I 4857 -35.75 63.07 -68.89
CA ASN I 4857 -34.71 63.93 -69.45
C ASN I 4857 -34.37 63.60 -70.89
N PHE I 4858 -34.60 62.37 -71.34
CA PHE I 4858 -34.23 61.98 -72.69
C PHE I 4858 -35.30 61.23 -73.45
N PHE I 4859 -36.27 60.58 -72.78
CA PHE I 4859 -37.15 59.63 -73.45
C PHE I 4859 -38.61 60.06 -73.40
N ARG I 4860 -38.89 61.33 -73.12
CA ARG I 4860 -40.27 61.80 -73.07
C ARG I 4860 -40.97 61.50 -74.40
N LYS I 4861 -40.20 61.53 -75.49
CA LYS I 4861 -40.72 61.33 -76.83
C LYS I 4861 -41.48 60.02 -76.96
N PHE I 4862 -40.95 58.94 -76.39
CA PHE I 4862 -41.55 57.62 -76.56
C PHE I 4862 -42.85 57.46 -75.79
N TYR I 4863 -43.02 58.18 -74.69
CA TYR I 4863 -44.09 57.90 -73.73
C TYR I 4863 -45.39 58.50 -74.24
N ASN I 4864 -45.98 57.90 -75.27
CA ASN I 4864 -47.26 58.36 -75.80
C ASN I 4864 -48.19 57.16 -75.83
N LYS I 4865 -48.92 56.93 -74.73
CA LYS I 4865 -49.78 55.78 -74.59
C LYS I 4865 -51.19 56.03 -75.12
N SER I 4866 -51.36 57.01 -76.00
CA SER I 4866 -52.66 57.35 -76.56
C SER I 4866 -52.65 57.08 -78.05
N GLU I 4867 -53.54 56.19 -78.51
CA GLU I 4867 -53.58 55.82 -79.91
C GLU I 4867 -54.18 56.92 -80.77
N ASP I 4868 -55.22 57.60 -80.26
CA ASP I 4868 -55.88 58.66 -81.00
C ASP I 4868 -54.88 59.62 -81.63
N GLU I 4869 -54.99 59.84 -82.93
CA GLU I 4869 -54.04 60.67 -83.65
C GLU I 4869 -53.94 62.06 -83.03
N ASP I 4870 -55.08 62.70 -82.79
CA ASP I 4870 -55.09 64.07 -82.28
C ASP I 4870 -54.75 64.10 -80.80
N GLU I 4871 -55.58 63.46 -79.97
CA GLU I 4871 -55.41 63.52 -78.53
C GLU I 4871 -54.06 62.94 -78.12
N PRO I 4872 -53.09 63.77 -77.76
CA PRO I 4872 -51.83 63.25 -77.23
C PRO I 4872 -51.86 63.12 -75.71
N ASP I 4873 -51.53 61.94 -75.19
CA ASP I 4873 -51.46 61.78 -73.74
C ASP I 4873 -50.14 62.30 -73.19
N MET I 4874 -49.02 61.75 -73.67
CA MET I 4874 -47.72 62.18 -73.17
C MET I 4874 -47.65 62.03 -71.65
N LYS I 4875 -47.75 60.79 -71.17
CA LYS I 4875 -47.74 60.57 -69.73
C LYS I 4875 -46.48 61.10 -69.08
N CYS I 4876 -45.38 61.17 -69.84
CA CYS I 4876 -44.13 61.67 -69.28
C CYS I 4876 -43.91 63.15 -69.60
N ASP I 4877 -44.78 64.02 -69.08
CA ASP I 4877 -44.51 65.45 -69.06
C ASP I 4877 -44.45 66.02 -67.66
N ASP I 4878 -45.47 65.80 -66.84
CA ASP I 4878 -45.41 66.13 -65.42
C ASP I 4878 -44.70 65.00 -64.70
N MET I 4879 -43.47 65.25 -64.25
CA MET I 4879 -42.68 64.16 -63.69
C MET I 4879 -43.44 63.42 -62.60
N MET I 4880 -44.27 64.13 -61.82
CA MET I 4880 -45.12 63.44 -60.86
C MET I 4880 -46.09 62.50 -61.56
N THR I 4881 -46.31 62.69 -62.86
CA THR I 4881 -47.16 61.78 -63.61
C THR I 4881 -46.36 60.62 -64.19
N CYS I 4882 -45.19 60.92 -64.75
CA CYS I 4882 -44.36 59.85 -65.31
C CYS I 4882 -43.93 58.87 -64.23
N TYR I 4883 -43.58 59.37 -63.05
CA TYR I 4883 -43.15 58.48 -61.98
C TYR I 4883 -44.27 57.54 -61.57
N LEU I 4884 -45.49 58.06 -61.45
CA LEU I 4884 -46.63 57.20 -61.15
C LEU I 4884 -46.90 56.22 -62.28
N PHE I 4885 -46.76 56.66 -63.53
CA PHE I 4885 -46.95 55.73 -64.64
C PHE I 4885 -45.97 54.57 -64.56
N HIS I 4886 -44.70 54.86 -64.28
CA HIS I 4886 -43.73 53.79 -64.10
C HIS I 4886 -44.11 52.88 -62.93
N MET I 4887 -44.28 53.45 -61.74
CA MET I 4887 -44.53 52.63 -60.56
C MET I 4887 -45.87 51.92 -60.61
N TYR I 4888 -46.75 52.29 -61.55
CA TYR I 4888 -48.05 51.63 -61.69
C TYR I 4888 -48.01 50.52 -62.74
N VAL I 4889 -47.56 50.84 -63.96
CA VAL I 4889 -47.47 49.82 -65.00
C VAL I 4889 -46.04 49.38 -65.27
N GLY I 4890 -45.07 49.86 -64.50
CA GLY I 4890 -43.71 49.42 -64.67
C GLY I 4890 -43.44 48.09 -64.01
N VAL I 4891 -43.61 48.02 -62.69
CA VAL I 4891 -43.25 46.81 -61.96
C VAL I 4891 -44.24 45.68 -62.20
N ARG I 4892 -45.33 45.92 -62.91
CA ARG I 4892 -46.33 44.90 -63.16
C ARG I 4892 -46.29 44.37 -64.59
N ALA I 4893 -45.40 44.88 -65.42
CA ALA I 4893 -45.38 44.51 -66.84
C ALA I 4893 -44.89 43.07 -67.02
N GLY I 4894 -44.08 42.57 -66.09
CA GLY I 4894 -43.47 41.27 -66.23
C GLY I 4894 -42.39 41.19 -67.29
N GLY I 4895 -42.31 42.19 -68.17
CA GLY I 4895 -41.23 42.28 -69.13
C GLY I 4895 -40.50 43.60 -68.99
N GLY I 4896 -40.79 44.32 -67.91
CA GLY I 4896 -40.22 45.62 -67.70
C GLY I 4896 -40.97 46.70 -68.45
N ILE I 4897 -40.58 47.95 -68.18
CA ILE I 4897 -41.24 49.09 -68.80
C ILE I 4897 -41.20 49.04 -70.32
N GLY I 4898 -40.08 48.65 -70.91
CA GLY I 4898 -39.96 48.61 -72.35
C GLY I 4898 -41.03 47.79 -73.05
N ASP I 4899 -41.81 47.01 -72.31
CA ASP I 4899 -42.89 46.24 -72.90
C ASP I 4899 -44.11 47.10 -73.20
N GLU I 4900 -44.16 48.34 -72.69
CA GLU I 4900 -45.34 49.17 -72.81
C GLU I 4900 -45.09 50.49 -73.52
N ILE I 4901 -44.08 50.58 -74.37
CA ILE I 4901 -43.82 51.80 -75.13
C ILE I 4901 -43.41 51.42 -76.55
N GLU I 4902 -43.32 52.43 -77.40
CA GLU I 4902 -43.02 52.21 -78.81
C GLU I 4902 -41.61 51.60 -78.96
N ASP I 4903 -41.46 50.82 -80.01
CA ASP I 4903 -40.20 50.16 -80.28
C ASP I 4903 -39.10 51.19 -80.53
N PRO I 4904 -37.86 50.88 -80.15
CA PRO I 4904 -36.73 51.76 -80.44
C PRO I 4904 -36.16 51.60 -81.85
N ALA I 4905 -36.89 50.97 -82.76
CA ALA I 4905 -36.43 50.78 -84.13
C ALA I 4905 -35.77 52.03 -84.69
N GLY I 4906 -36.34 53.20 -84.39
CA GLY I 4906 -35.71 54.45 -84.77
C GLY I 4906 -34.29 54.53 -84.26
N ASP I 4907 -33.34 54.81 -85.16
CA ASP I 4907 -31.93 54.77 -84.78
C ASP I 4907 -31.61 55.77 -83.69
N GLU I 4908 -32.39 56.84 -83.57
CA GLU I 4908 -32.13 57.84 -82.55
C GLU I 4908 -32.19 57.22 -81.16
N TYR I 4909 -31.03 57.17 -80.49
CA TYR I 4909 -30.94 56.62 -79.13
C TYR I 4909 -31.52 55.20 -79.07
N GLU I 4910 -31.45 54.49 -80.19
CA GLU I 4910 -31.94 53.12 -80.20
C GLU I 4910 -31.16 52.24 -79.24
N LEU I 4911 -29.83 52.27 -79.31
CA LEU I 4911 -29.01 51.46 -78.43
C LEU I 4911 -29.19 51.81 -76.97
N TYR I 4912 -29.25 53.10 -76.62
CA TYR I 4912 -29.45 53.49 -75.24
C TYR I 4912 -30.78 53.00 -74.68
N ARG I 4913 -31.85 53.08 -75.46
CA ARG I 4913 -33.11 52.53 -74.99
C ARG I 4913 -33.06 51.00 -74.90
N VAL I 4914 -32.33 50.35 -75.80
CA VAL I 4914 -32.17 48.91 -75.71
C VAL I 4914 -31.45 48.51 -74.44
N VAL I 4915 -30.73 49.44 -73.81
CA VAL I 4915 -30.12 49.16 -72.52
C VAL I 4915 -31.02 49.59 -71.38
N PHE I 4916 -31.75 50.70 -71.56
CA PHE I 4916 -32.71 51.14 -70.56
C PHE I 4916 -33.74 50.07 -70.27
N ASP I 4917 -34.34 49.52 -71.33
CA ASP I 4917 -35.34 48.46 -71.18
C ASP I 4917 -34.77 47.28 -70.39
N ILE I 4918 -33.64 46.76 -70.85
CA ILE I 4918 -33.09 45.54 -70.27
C ILE I 4918 -32.67 45.77 -68.83
N THR I 4919 -32.05 46.92 -68.54
CA THR I 4919 -31.64 47.20 -67.18
C THR I 4919 -32.83 47.41 -66.25
N PHE I 4920 -33.86 48.14 -66.69
CA PHE I 4920 -35.05 48.27 -65.86
C PHE I 4920 -35.67 46.91 -65.57
N PHE I 4921 -35.71 46.03 -66.58
CA PHE I 4921 -36.27 44.72 -66.33
C PHE I 4921 -35.41 43.94 -65.34
N PHE I 4922 -34.10 43.87 -65.57
N PHE I 4922 -34.10 43.83 -65.59
CA PHE I 4922 -33.25 43.02 -64.75
CA PHE I 4922 -33.23 43.04 -64.75
C PHE I 4922 -33.15 43.51 -63.31
C PHE I 4922 -33.22 43.54 -63.31
N PHE I 4923 -32.83 44.80 -63.10
CA PHE I 4923 -32.65 45.29 -61.74
C PHE I 4923 -33.93 45.21 -60.94
N VAL I 4924 -35.07 45.56 -61.54
CA VAL I 4924 -36.30 45.61 -60.77
C VAL I 4924 -37.00 44.25 -60.77
N ILE I 4925 -37.52 43.83 -61.92
CA ILE I 4925 -38.50 42.74 -61.93
C ILE I 4925 -37.85 41.38 -61.78
N VAL I 4926 -36.51 41.32 -61.84
CA VAL I 4926 -35.86 40.04 -61.64
C VAL I 4926 -35.16 39.98 -60.29
N ILE I 4927 -34.70 41.12 -59.78
CA ILE I 4927 -33.96 41.17 -58.53
C ILE I 4927 -34.85 41.56 -57.35
N LEU I 4928 -35.36 42.79 -57.36
CA LEU I 4928 -36.12 43.26 -56.20
C LEU I 4928 -37.50 42.64 -56.06
N LEU I 4929 -38.27 42.56 -57.13
CA LEU I 4929 -39.56 41.90 -57.04
C LEU I 4929 -39.32 40.43 -56.77
N ALA I 4930 -38.05 40.06 -56.57
CA ALA I 4930 -37.72 38.68 -56.22
C ALA I 4930 -37.37 38.67 -54.77
N ILE I 4931 -36.39 39.48 -54.40
CA ILE I 4931 -36.02 39.59 -53.00
C ILE I 4931 -37.28 39.68 -52.15
N ILE I 4932 -38.17 40.63 -52.44
CA ILE I 4932 -39.36 40.79 -51.62
C ILE I 4932 -40.00 39.44 -51.42
N GLN I 4933 -40.46 38.87 -52.52
CA GLN I 4933 -41.08 37.56 -52.46
C GLN I 4933 -40.18 36.73 -51.61
N GLY I 4934 -38.88 36.84 -51.85
CA GLY I 4934 -37.93 36.10 -51.04
C GLY I 4934 -38.20 36.34 -49.58
N LEU I 4935 -38.01 37.58 -49.13
CA LEU I 4935 -38.21 37.89 -47.73
C LEU I 4935 -39.49 37.24 -47.24
N ILE I 4936 -40.60 37.49 -47.93
CA ILE I 4936 -41.89 36.95 -47.49
C ILE I 4936 -41.86 35.44 -47.28
N ILE I 4937 -41.60 34.70 -48.34
CA ILE I 4937 -41.56 33.24 -48.25
C ILE I 4937 -40.66 32.79 -47.10
N ASP I 4938 -39.50 33.40 -46.97
CA ASP I 4938 -38.57 33.03 -45.91
C ASP I 4938 -39.20 33.20 -44.53
N ALA I 4939 -39.62 34.42 -44.23
CA ALA I 4939 -40.23 34.67 -42.94
C ALA I 4939 -41.31 33.64 -42.67
N PHE I 4940 -41.82 33.03 -43.72
CA PHE I 4940 -42.81 31.99 -43.50
C PHE I 4940 -42.12 30.68 -43.13
N GLY I 4941 -40.89 30.48 -43.61
CA GLY I 4941 -40.19 29.24 -43.35
C GLY I 4941 -39.58 29.19 -41.96
N GLU I 4942 -38.97 30.29 -41.53
CA GLU I 4942 -38.36 30.33 -40.20
C GLU I 4942 -39.40 30.19 -39.11
N LEU I 4943 -40.51 30.93 -39.21
CA LEU I 4943 -41.57 30.78 -38.22
C LEU I 4943 -42.17 29.38 -38.21
N ARG I 4944 -41.84 28.55 -39.19
CA ARG I 4944 -42.19 27.13 -39.18
C ARG I 4944 -41.08 26.26 -38.62
N ASP I 4945 -39.98 26.88 -38.15
CA ASP I 4945 -38.92 26.11 -37.52
C ASP I 4945 -38.83 26.39 -36.03
N GLN I 4946 -39.09 27.64 -35.62
CA GLN I 4946 -39.14 27.95 -34.20
C GLN I 4946 -40.14 27.06 -33.49
N GLN I 4947 -41.20 26.67 -34.20
CA GLN I 4947 -42.17 25.74 -33.62
C GLN I 4947 -41.66 24.31 -33.73
N GLU I 4948 -40.59 24.10 -34.50
CA GLU I 4948 -40.01 22.78 -34.64
C GLU I 4948 -39.00 22.50 -33.52
N GLN I 4949 -38.06 23.42 -33.33
CA GLN I 4949 -36.99 23.19 -32.37
C GLN I 4949 -37.53 22.87 -30.98
N VAL I 4950 -38.63 23.52 -30.59
CA VAL I 4950 -39.26 23.26 -29.30
C VAL I 4950 -39.62 21.79 -29.18
N LYS I 4951 -40.43 21.30 -30.12
CA LYS I 4951 -40.87 19.92 -30.09
C LYS I 4951 -39.68 18.95 -30.13
N GLU I 4952 -38.61 19.36 -30.82
CA GLU I 4952 -37.40 18.55 -30.84
C GLU I 4952 -36.80 18.44 -29.45
N ASP I 4953 -36.42 19.57 -28.85
CA ASP I 4953 -35.61 19.54 -27.64
C ASP I 4953 -36.40 19.09 -26.43
N MET I 4954 -37.70 19.40 -26.37
CA MET I 4954 -38.52 18.90 -25.27
C MET I 4954 -38.47 17.39 -25.21
N GLU I 4955 -38.16 16.75 -26.34
CA GLU I 4955 -37.91 15.32 -26.35
C GLU I 4955 -36.43 14.99 -26.24
N THR I 4956 -35.59 16.00 -25.99
CA THR I 4956 -34.14 15.76 -25.93
C THR I 4956 -33.54 16.24 -24.61
N LYS I 4957 -34.04 17.33 -24.06
CA LYS I 4957 -33.52 17.83 -22.80
C LYS I 4957 -34.55 17.71 -21.69
N CYS I 4958 -34.10 17.84 -20.44
CA CYS I 4958 -34.99 17.63 -19.31
C CYS I 4958 -35.78 18.89 -18.96
N PHE I 4959 -35.29 20.06 -19.36
CA PHE I 4959 -35.89 21.36 -19.14
C PHE I 4959 -35.71 21.82 -17.69
N ILE I 4960 -35.24 20.96 -16.78
CA ILE I 4960 -34.93 21.38 -15.42
C ILE I 4960 -33.42 21.30 -15.24
N CYS I 4961 -32.86 20.13 -15.48
CA CYS I 4961 -31.42 19.99 -15.64
C CYS I 4961 -31.08 19.91 -17.12
N GLY I 4962 -29.88 20.38 -17.47
CA GLY I 4962 -29.49 20.45 -18.86
C GLY I 4962 -28.86 19.19 -19.38
N ILE I 4963 -29.29 18.04 -18.84
CA ILE I 4963 -28.76 16.74 -19.24
C ILE I 4963 -29.59 16.22 -20.40
N GLY I 4964 -28.92 15.84 -21.49
CA GLY I 4964 -29.60 15.35 -22.66
C GLY I 4964 -30.30 14.03 -22.41
N SER I 4965 -30.74 13.41 -23.51
CA SER I 4965 -31.40 12.11 -23.43
C SER I 4965 -30.42 10.95 -23.52
N ASP I 4966 -29.18 11.19 -23.96
CA ASP I 4966 -28.21 10.11 -24.02
C ASP I 4966 -27.92 9.54 -22.64
N TYR I 4967 -27.67 10.40 -21.65
CA TYR I 4967 -27.34 9.94 -20.31
C TYR I 4967 -28.48 9.14 -19.71
N PHE I 4968 -29.70 9.30 -20.22
CA PHE I 4968 -30.86 8.59 -19.71
C PHE I 4968 -31.30 7.55 -20.73
N ASP I 4969 -30.44 7.26 -21.71
CA ASP I 4969 -30.72 6.24 -22.70
C ASP I 4969 -30.00 4.93 -22.42
N THR I 4970 -29.29 4.84 -21.30
CA THR I 4970 -28.55 3.63 -20.96
C THR I 4970 -29.46 2.63 -20.25
N THR I 4971 -30.76 2.78 -20.45
CA THR I 4971 -31.74 1.87 -19.88
C THR I 4971 -33.11 2.16 -20.50
N PRO I 4972 -33.95 1.14 -20.68
CA PRO I 4972 -35.25 1.37 -21.31
C PRO I 4972 -36.05 2.43 -20.57
N HIS I 4973 -36.64 3.35 -21.34
CA HIS I 4973 -37.46 4.41 -20.77
C HIS I 4973 -36.66 5.25 -19.78
N GLY I 4974 -35.33 5.16 -19.85
CA GLY I 4974 -34.50 5.94 -18.94
C GLY I 4974 -34.86 7.42 -18.95
N PHE I 4975 -34.74 8.06 -20.11
CA PHE I 4975 -35.13 9.46 -20.23
C PHE I 4975 -36.62 9.63 -19.94
N GLU I 4976 -37.44 8.72 -20.45
CA GLU I 4976 -38.88 8.80 -20.24
C GLU I 4976 -39.21 8.77 -18.75
N THR I 4977 -38.68 7.78 -18.02
CA THR I 4977 -38.95 7.69 -16.59
C THR I 4977 -38.40 8.89 -15.84
N HIS I 4978 -37.20 9.33 -16.21
CA HIS I 4978 -36.58 10.49 -15.59
C HIS I 4978 -37.49 11.69 -15.69
N THR I 4979 -37.95 11.99 -16.90
CA THR I 4979 -38.87 13.10 -17.10
C THR I 4979 -40.17 12.89 -16.33
N LEU I 4980 -40.72 11.67 -16.40
CA LEU I 4980 -42.05 11.40 -15.90
C LEU I 4980 -42.16 11.46 -14.38
N GLU I 4981 -41.08 11.14 -13.67
CA GLU I 4981 -41.19 11.21 -12.21
C GLU I 4981 -40.10 12.05 -11.55
N GLU I 4982 -38.87 12.00 -12.06
CA GLU I 4982 -37.80 12.78 -11.46
C GLU I 4982 -38.05 14.27 -11.57
N HIS I 4983 -38.55 14.74 -12.71
CA HIS I 4983 -38.62 16.18 -12.96
C HIS I 4983 -39.88 16.68 -13.64
N ASN I 4984 -41.01 15.99 -13.51
CA ASN I 4984 -42.21 16.60 -14.07
C ASN I 4984 -42.37 18.00 -13.48
N LEU I 4985 -42.24 19.02 -14.31
CA LEU I 4985 -42.38 20.39 -13.82
C LEU I 4985 -43.76 20.62 -13.21
N ALA I 4986 -44.76 19.86 -13.66
CA ALA I 4986 -46.04 19.87 -12.97
C ALA I 4986 -45.85 19.56 -11.49
N ASN I 4987 -44.94 18.64 -11.17
CA ASN I 4987 -44.63 18.34 -9.77
C ASN I 4987 -44.12 19.59 -9.05
N TYR I 4988 -43.21 20.33 -9.67
CA TYR I 4988 -42.71 21.56 -9.04
C TYR I 4988 -43.83 22.56 -8.81
N MET I 4989 -44.69 22.77 -9.80
CA MET I 4989 -45.76 23.74 -9.62
C MET I 4989 -46.74 23.29 -8.56
N PHE I 4990 -46.92 21.97 -8.40
CA PHE I 4990 -47.75 21.46 -7.33
C PHE I 4990 -47.10 21.70 -5.97
N PHE I 4991 -45.80 21.38 -5.88
CA PHE I 4991 -45.04 21.65 -4.67
C PHE I 4991 -45.20 23.09 -4.22
N LEU I 4992 -45.17 24.03 -5.17
CA LEU I 4992 -45.34 25.43 -4.78
C LEU I 4992 -46.71 25.66 -4.16
N MET I 4993 -47.76 25.09 -4.75
CA MET I 4993 -49.09 25.20 -4.18
C MET I 4993 -49.19 24.53 -2.82
N TYR I 4994 -48.62 23.34 -2.68
CA TYR I 4994 -48.65 22.66 -1.40
C TYR I 4994 -47.97 23.47 -0.31
N LEU I 4995 -46.82 24.08 -0.63
CA LEU I 4995 -46.17 24.98 0.31
C LEU I 4995 -47.06 26.16 0.66
N ILE I 4996 -47.64 26.82 -0.35
CA ILE I 4996 -48.46 27.99 -0.09
C ILE I 4996 -49.67 27.65 0.77
N ASN I 4997 -50.14 26.40 0.69
CA ASN I 4997 -51.38 26.05 1.37
C ASN I 4997 -51.18 25.74 2.86
N LYS I 4998 -50.18 24.95 3.21
CA LYS I 4998 -49.99 24.53 4.59
C LYS I 4998 -49.38 25.65 5.42
N ASP I 4999 -49.50 25.52 6.74
CA ASP I 4999 -49.01 26.52 7.66
C ASP I 4999 -47.49 26.63 7.57
N GLU I 5000 -46.94 27.59 8.32
CA GLU I 5000 -45.49 27.69 8.42
C GLU I 5000 -44.96 26.80 9.53
N THR I 5001 -45.70 26.66 10.63
CA THR I 5001 -45.25 25.86 11.76
C THR I 5001 -45.26 24.37 11.47
N GLU I 5002 -45.59 23.95 10.25
CA GLU I 5002 -45.61 22.55 9.88
C GLU I 5002 -44.62 22.22 8.77
N HIS I 5003 -44.03 23.21 8.12
CA HIS I 5003 -43.00 22.94 7.14
C HIS I 5003 -41.88 22.13 7.77
N THR I 5004 -41.52 21.03 7.12
CA THR I 5004 -40.41 20.21 7.58
C THR I 5004 -39.11 20.94 7.31
N GLY I 5005 -37.98 20.31 7.62
CA GLY I 5005 -36.70 20.96 7.41
C GLY I 5005 -36.50 21.39 5.97
N GLN I 5006 -36.52 20.42 5.05
CA GLN I 5006 -36.29 20.72 3.65
C GLN I 5006 -37.39 21.62 3.08
N GLU I 5007 -38.63 21.38 3.48
CA GLU I 5007 -39.72 22.26 3.04
C GLU I 5007 -39.46 23.70 3.44
N SER I 5008 -39.35 23.98 4.73
CA SER I 5008 -39.10 25.33 5.18
C SER I 5008 -37.85 25.92 4.54
N TYR I 5009 -36.82 25.09 4.32
CA TYR I 5009 -35.60 25.59 3.68
C TYR I 5009 -35.88 26.09 2.27
N VAL I 5010 -36.51 25.25 1.44
CA VAL I 5010 -36.82 25.67 0.07
C VAL I 5010 -37.78 26.85 0.09
N TRP I 5011 -38.76 26.83 0.99
CA TRP I 5011 -39.72 27.93 1.04
C TRP I 5011 -39.02 29.25 1.36
N LYS I 5012 -38.17 29.27 2.38
CA LYS I 5012 -37.48 30.51 2.74
C LYS I 5012 -36.44 30.91 1.71
N MET I 5013 -35.93 29.97 0.90
CA MET I 5013 -35.16 30.40 -0.25
C MET I 5013 -36.07 30.84 -1.39
N TYR I 5014 -37.37 30.68 -1.24
CA TYR I 5014 -38.24 31.21 -2.29
C TYR I 5014 -38.78 32.56 -1.87
N GLN I 5015 -38.97 32.77 -0.58
CA GLN I 5015 -39.59 34.02 -0.17
C GLN I 5015 -38.66 35.23 -0.33
N GLU I 5016 -37.47 35.03 -0.90
CA GLU I 5016 -36.57 36.13 -1.22
C GLU I 5016 -35.91 36.00 -2.59
N ARG I 5017 -36.42 35.10 -3.44
CA ARG I 5017 -36.06 35.06 -4.86
C ARG I 5017 -34.59 34.68 -5.08
N CYS I 5018 -34.20 33.53 -4.53
CA CYS I 5018 -32.94 32.88 -4.86
C CYS I 5018 -33.25 31.51 -5.48
N TRP I 5019 -32.61 31.22 -6.61
CA TRP I 5019 -33.03 30.07 -7.39
C TRP I 5019 -31.92 29.03 -7.44
N ASP I 5020 -31.25 28.80 -6.32
CA ASP I 5020 -30.19 27.81 -6.24
C ASP I 5020 -30.69 26.45 -5.80
N PHE I 5021 -32.00 26.26 -5.66
CA PHE I 5021 -32.51 24.96 -5.22
C PHE I 5021 -33.06 24.13 -6.36
N PHE I 5022 -32.80 24.51 -7.60
CA PHE I 5022 -33.15 23.65 -8.73
C PHE I 5022 -31.93 22.80 -9.11
N PRO I 5023 -32.13 21.55 -9.53
CA PRO I 5023 -30.99 20.66 -9.73
C PRO I 5023 -29.92 21.23 -10.64
N ALA I 5024 -30.30 21.55 -11.88
CA ALA I 5024 -29.44 22.22 -12.84
C ALA I 5024 -28.02 21.64 -12.84
N GLY I 5025 -27.92 20.38 -13.26
CA GLY I 5025 -26.61 19.79 -13.46
C GLY I 5025 -26.45 18.34 -13.07
N ASP I 5026 -27.34 17.82 -12.23
CA ASP I 5026 -27.25 16.42 -11.83
C ASP I 5026 -28.53 16.01 -11.12
N CYS I 5027 -29.02 14.81 -11.43
CA CYS I 5027 -30.29 14.33 -10.88
C CYS I 5027 -30.14 12.90 -10.35
N PHE I 5028 -29.68 12.77 -9.11
CA PHE I 5028 -29.86 11.55 -8.34
C PHE I 5028 -29.34 10.31 -9.05
N ARG I 5029 -28.66 10.49 -10.18
CA ARG I 5029 -28.04 9.40 -10.91
C ARG I 5029 -26.66 9.77 -11.40
N LYS I 5030 -26.14 10.91 -10.95
CA LYS I 5030 -24.75 11.29 -11.18
C LYS I 5030 -23.98 11.32 -9.87
N GLN I 5031 -24.68 11.52 -8.75
CA GLN I 5031 -24.04 11.41 -7.44
C GLN I 5031 -24.10 9.99 -6.89
N TYR I 5032 -25.25 9.32 -7.01
CA TYR I 5032 -25.44 7.99 -6.45
C TYR I 5032 -25.66 6.95 -7.54
N GLU I 5033 -25.13 7.21 -8.74
CA GLU I 5033 -25.30 6.25 -9.84
C GLU I 5033 -24.66 4.91 -9.51
N ASP I 5034 -23.44 4.94 -8.96
CA ASP I 5034 -22.76 3.69 -8.66
C ASP I 5034 -23.42 2.93 -7.52
N GLN I 5035 -23.76 3.62 -6.43
CA GLN I 5035 -24.24 2.97 -5.22
C GLN I 5035 -25.69 2.52 -5.31
N LEU I 5036 -26.32 2.64 -6.48
CA LEU I 5036 -27.67 2.13 -6.66
C LEU I 5036 -27.77 1.46 -8.02
N SER I 5037 -28.37 0.28 -8.05
CA SER I 5037 -28.53 -0.48 -9.29
C SER I 5037 -29.84 -0.11 -9.97
N GLN J 12 -24.49 -8.66 23.90
CA GLN J 12 -24.14 -8.13 25.22
C GLN J 12 -25.39 -8.01 26.08
N PHE J 13 -26.53 -8.33 25.50
CA PHE J 13 -27.79 -8.31 26.22
C PHE J 13 -28.54 -9.61 25.98
N LEU J 14 -29.35 -10.00 26.96
CA LEU J 14 -30.03 -11.28 26.89
C LEU J 14 -31.25 -11.19 26.00
N ARG J 15 -31.66 -12.35 25.50
CA ARG J 15 -32.78 -12.44 24.57
C ARG J 15 -33.55 -13.73 24.84
N THR J 16 -34.39 -14.09 23.87
CA THR J 16 -35.15 -15.33 23.93
C THR J 16 -34.39 -16.43 23.21
N ASP J 17 -34.65 -17.66 23.63
CA ASP J 17 -34.16 -18.89 22.99
C ASP J 17 -32.63 -18.95 22.98
N ASP J 18 -32.06 -18.89 24.18
CA ASP J 18 -30.63 -19.00 24.38
C ASP J 18 -30.39 -19.42 25.82
N GLU J 19 -29.66 -20.53 26.00
CA GLU J 19 -29.58 -21.20 27.28
C GLU J 19 -28.73 -20.39 28.27
N VAL J 20 -29.16 -20.38 29.53
CA VAL J 20 -28.45 -19.74 30.62
C VAL J 20 -28.27 -20.74 31.74
N VAL J 21 -27.49 -20.35 32.75
CA VAL J 21 -27.21 -21.18 33.91
C VAL J 21 -27.25 -20.31 35.16
N LEU J 22 -28.16 -20.64 36.08
CA LEU J 22 -28.29 -19.86 37.29
C LEU J 22 -27.16 -20.22 38.25
N GLN J 23 -26.40 -19.22 38.69
CA GLN J 23 -25.35 -19.43 39.66
C GLN J 23 -25.46 -18.41 40.77
N CYS J 24 -25.18 -18.86 41.98
CA CYS J 24 -25.26 -18.05 43.18
C CYS J 24 -23.86 -17.75 43.69
N SER J 25 -23.79 -17.15 44.87
CA SER J 25 -22.51 -16.82 45.49
C SER J 25 -22.65 -16.87 47.00
N ALA J 26 -21.86 -17.74 47.63
CA ALA J 26 -21.85 -17.86 49.08
C ALA J 26 -20.50 -18.34 49.58
N GLU J 31 -16.08 -19.22 52.97
CA GLU J 31 -15.61 -18.27 51.97
C GLU J 31 -16.63 -18.10 50.85
N GLN J 32 -16.30 -17.24 49.89
CA GLN J 32 -17.17 -17.03 48.73
C GLN J 32 -17.08 -18.23 47.80
N LEU J 33 -18.22 -18.67 47.30
CA LEU J 33 -18.32 -19.92 46.57
C LEU J 33 -19.49 -19.87 45.61
N LYS J 34 -19.24 -20.21 44.35
CA LYS J 34 -20.25 -20.13 43.30
C LYS J 34 -20.96 -21.47 43.14
N LEU J 35 -22.26 -21.47 43.40
CA LEU J 35 -23.09 -22.67 43.32
C LEU J 35 -23.98 -22.55 42.10
N CYS J 36 -23.80 -23.44 41.13
CA CYS J 36 -24.74 -23.51 40.02
C CYS J 36 -25.95 -24.32 40.42
N LEU J 37 -27.08 -24.07 39.77
CA LEU J 37 -28.35 -24.69 40.14
C LEU J 37 -28.78 -25.65 39.05
N ALA J 38 -28.82 -26.94 39.38
CA ALA J 38 -29.16 -27.98 38.44
C ALA J 38 -30.17 -28.93 39.07
N ALA J 39 -30.80 -29.76 38.24
CA ALA J 39 -31.81 -30.71 38.69
C ALA J 39 -31.86 -31.89 37.73
N GLU J 40 -32.13 -33.08 38.28
CA GLU J 40 -31.95 -34.30 37.50
C GLU J 40 -33.12 -34.55 36.56
N GLY J 41 -34.31 -34.79 37.11
CA GLY J 41 -35.44 -35.17 36.27
C GLY J 41 -35.43 -36.65 35.90
N PHE J 42 -36.60 -37.19 35.55
CA PHE J 42 -36.84 -38.62 35.38
C PHE J 42 -36.37 -39.41 36.59
N GLY J 43 -37.01 -39.15 37.71
CA GLY J 43 -36.47 -39.55 38.99
C GLY J 43 -35.76 -38.34 39.57
N ASN J 44 -35.97 -38.08 40.86
CA ASN J 44 -35.46 -36.90 41.55
C ASN J 44 -35.91 -35.61 40.87
N ARG J 45 -37.21 -35.36 40.96
CA ARG J 45 -37.78 -34.17 40.35
C ARG J 45 -37.42 -32.90 41.08
N LEU J 46 -36.91 -32.99 42.30
CA LEU J 46 -36.51 -31.80 43.04
C LEU J 46 -35.16 -31.30 42.52
N CYS J 47 -34.78 -30.10 42.95
CA CYS J 47 -33.51 -29.54 42.53
C CYS J 47 -32.54 -29.46 43.70
N PHE J 48 -31.26 -29.58 43.37
CA PHE J 48 -30.20 -29.41 44.35
C PHE J 48 -29.25 -28.34 43.85
N LEU J 49 -28.13 -28.21 44.53
CA LEU J 49 -27.09 -27.30 44.14
C LEU J 49 -25.87 -28.07 43.67
N GLU J 50 -24.98 -27.38 42.98
CA GLU J 50 -23.70 -27.94 42.58
C GLU J 50 -22.66 -26.84 42.50
N PRO J 51 -21.52 -27.01 43.15
CA PRO J 51 -20.50 -25.95 43.16
C PRO J 51 -19.72 -25.97 41.86
N THR J 52 -19.11 -24.83 41.54
CA THR J 52 -18.31 -24.69 40.34
C THR J 52 -17.03 -23.90 40.57
N SER J 53 -16.80 -23.39 41.77
CA SER J 53 -15.60 -22.62 42.06
C SER J 53 -14.34 -23.49 42.12
N ASN J 54 -14.50 -24.80 42.31
CA ASN J 54 -13.38 -25.74 42.35
C ASN J 54 -13.28 -26.53 41.05
N ALA J 55 -13.43 -25.85 39.92
CA ALA J 55 -13.32 -26.51 38.62
C ALA J 55 -11.90 -27.00 38.32
N GLN J 56 -10.89 -26.49 39.02
CA GLN J 56 -9.51 -26.87 38.74
C GLN J 56 -9.20 -28.29 39.18
N ASN J 57 -9.62 -28.70 40.37
CA ASN J 57 -9.38 -30.07 40.80
C ASN J 57 -10.51 -31.02 40.47
N VAL J 58 -11.73 -30.54 40.30
CA VAL J 58 -12.83 -31.42 39.91
C VAL J 58 -13.80 -30.69 38.99
N PRO J 59 -14.00 -31.17 37.78
CA PRO J 59 -14.99 -30.57 36.89
C PRO J 59 -16.40 -30.89 37.36
N PRO J 60 -17.22 -29.87 37.62
CA PRO J 60 -18.63 -30.14 37.95
C PRO J 60 -19.42 -30.54 36.72
N ASP J 61 -20.66 -30.97 36.91
CA ASP J 61 -21.48 -31.50 35.82
C ASP J 61 -22.45 -30.42 35.38
N LEU J 62 -22.32 -29.99 34.13
CA LEU J 62 -23.18 -28.98 33.54
C LEU J 62 -24.34 -29.58 32.74
N ALA J 63 -24.43 -30.91 32.66
CA ALA J 63 -25.46 -31.55 31.84
C ALA J 63 -26.87 -31.25 32.29
N ILE J 64 -27.09 -31.09 33.59
CA ILE J 64 -28.42 -30.87 34.12
C ILE J 64 -28.62 -29.43 34.56
N CYS J 65 -27.75 -28.53 34.13
CA CYS J 65 -27.80 -27.14 34.57
C CYS J 65 -28.26 -26.18 33.48
N CYS J 66 -28.35 -26.64 32.23
CA CYS J 66 -28.76 -25.80 31.11
C CYS J 66 -30.22 -25.43 31.25
N PHE J 67 -30.56 -24.21 30.88
CA PHE J 67 -31.92 -23.70 30.98
C PHE J 67 -32.17 -22.71 29.86
N THR J 68 -33.06 -23.06 28.95
CA THR J 68 -33.43 -22.19 27.86
C THR J 68 -34.63 -21.34 28.26
N LEU J 69 -34.62 -20.09 27.81
CA LEU J 69 -35.74 -19.18 28.02
C LEU J 69 -36.57 -19.22 26.76
N GLU J 70 -37.64 -20.01 26.75
CA GLU J 70 -38.34 -20.18 25.49
C GLU J 70 -39.45 -19.14 25.32
N GLN J 71 -39.89 -18.51 26.41
CA GLN J 71 -40.82 -17.40 26.31
C GLN J 71 -40.52 -16.37 27.39
N SER J 72 -41.00 -15.15 27.17
CA SER J 72 -40.86 -14.05 28.10
C SER J 72 -41.95 -13.04 27.82
N LEU J 73 -42.80 -12.77 28.80
CA LEU J 73 -43.93 -11.88 28.61
C LEU J 73 -43.88 -10.78 29.66
N SER J 74 -44.78 -9.82 29.52
CA SER J 74 -45.01 -8.81 30.55
C SER J 74 -45.96 -9.40 31.59
N VAL J 75 -46.17 -8.68 32.69
CA VAL J 75 -46.93 -9.23 33.81
C VAL J 75 -48.39 -9.36 33.46
N ARG J 76 -48.96 -8.33 32.85
CA ARG J 76 -50.34 -8.44 32.39
C ARG J 76 -50.45 -9.24 31.13
N ALA J 77 -49.33 -9.55 30.47
CA ALA J 77 -49.37 -10.21 29.18
C ALA J 77 -49.78 -11.67 29.31
N LEU J 78 -49.25 -12.38 30.30
CA LEU J 78 -49.66 -13.77 30.46
C LEU J 78 -51.04 -13.90 31.06
N GLN J 79 -51.55 -12.82 31.64
CA GLN J 79 -52.88 -12.85 32.26
C GLN J 79 -53.95 -13.15 31.23
N GLU J 80 -53.74 -12.75 29.99
CA GLU J 80 -54.64 -13.16 28.93
C GLU J 80 -54.12 -14.34 28.14
N MET J 81 -53.06 -14.99 28.61
CA MET J 81 -52.77 -16.32 28.11
C MET J 81 -53.51 -17.37 28.92
N LEU J 82 -53.60 -17.17 30.24
CA LEU J 82 -54.20 -18.17 31.10
C LEU J 82 -55.71 -18.24 30.95
N ALA J 83 -56.39 -17.11 30.78
CA ALA J 83 -57.81 -17.16 30.51
C ALA J 83 -58.09 -17.67 29.10
N ASN J 84 -57.13 -17.50 28.20
CA ASN J 84 -57.28 -17.99 26.84
C ASN J 84 -57.15 -19.50 26.81
N GLY J 97 -39.57 -13.52 16.70
CA GLY J 97 -39.26 -14.79 17.31
C GLY J 97 -38.23 -14.69 18.42
N HIS J 98 -37.46 -13.61 18.41
CA HIS J 98 -36.43 -13.37 19.42
C HIS J 98 -36.67 -12.00 20.05
N ARG J 99 -37.46 -11.98 21.11
CA ARG J 99 -37.78 -10.75 21.80
C ARG J 99 -36.84 -10.62 22.99
N THR J 100 -36.12 -9.51 23.05
CA THR J 100 -35.27 -9.25 24.22
C THR J 100 -36.14 -8.90 25.40
N LEU J 101 -35.57 -8.95 26.60
CA LEU J 101 -36.37 -8.93 27.81
C LEU J 101 -35.88 -7.90 28.81
N LEU J 102 -36.78 -7.50 29.69
CA LEU J 102 -36.59 -6.39 30.61
C LEU J 102 -36.81 -6.83 32.04
N TYR J 103 -36.40 -5.98 32.97
CA TYR J 103 -36.81 -6.16 34.36
C TYR J 103 -38.30 -5.91 34.47
N GLY J 104 -38.93 -6.59 35.42
CA GLY J 104 -40.36 -6.54 35.53
C GLY J 104 -41.09 -7.32 34.46
N HIS J 105 -40.41 -8.16 33.71
CA HIS J 105 -41.08 -9.09 32.83
C HIS J 105 -41.32 -10.42 33.53
N ALA J 106 -42.01 -11.30 32.84
CA ALA J 106 -42.18 -12.67 33.30
C ALA J 106 -41.33 -13.60 32.44
N ILE J 107 -41.08 -14.81 32.94
CA ILE J 107 -40.13 -15.69 32.30
C ILE J 107 -40.58 -17.14 32.47
N LEU J 108 -40.24 -17.96 31.50
CA LEU J 108 -40.61 -19.38 31.46
C LEU J 108 -39.38 -20.19 31.07
N LEU J 109 -38.78 -20.85 32.04
CA LEU J 109 -37.55 -21.59 31.79
C LEU J 109 -37.86 -23.02 31.37
N ARG J 110 -36.98 -23.60 30.57
CA ARG J 110 -37.11 -24.97 30.15
C ARG J 110 -35.82 -25.72 30.44
N HIS J 111 -35.96 -26.88 31.06
CA HIS J 111 -34.80 -27.72 31.31
C HIS J 111 -34.41 -28.46 30.03
N ALA J 112 -33.27 -28.03 29.46
CA ALA J 112 -32.87 -28.39 28.12
C ALA J 112 -32.60 -29.87 27.92
N HIS J 113 -32.19 -30.58 28.97
CA HIS J 113 -31.98 -32.01 28.83
C HIS J 113 -33.30 -32.75 28.93
N SER J 114 -34.09 -32.44 29.94
CA SER J 114 -35.28 -33.21 30.24
C SER J 114 -36.51 -32.72 29.50
N ARG J 115 -36.40 -31.63 28.75
CA ARG J 115 -37.47 -31.06 27.93
C ARG J 115 -38.72 -30.73 28.74
N MET J 116 -38.53 -30.27 29.98
CA MET J 116 -39.65 -29.84 30.79
C MET J 116 -39.30 -28.50 31.44
N TYR J 117 -40.23 -27.98 32.24
CA TYR J 117 -40.14 -26.61 32.72
C TYR J 117 -39.90 -26.57 34.22
N LEU J 118 -39.13 -25.58 34.65
CA LEU J 118 -38.89 -25.31 36.05
C LEU J 118 -40.17 -24.74 36.62
N SER J 119 -40.43 -25.00 37.90
CA SER J 119 -41.58 -24.46 38.59
C SER J 119 -41.31 -24.41 40.08
N CYS J 120 -42.29 -23.92 40.83
CA CYS J 120 -42.26 -23.92 42.29
C CYS J 120 -43.35 -24.87 42.75
N LEU J 121 -42.99 -25.79 43.65
CA LEU J 121 -43.85 -26.92 43.93
C LEU J 121 -44.76 -26.64 45.13
N THR J 122 -45.67 -27.58 45.35
CA THR J 122 -46.71 -27.46 46.36
C THR J 122 -46.24 -27.84 47.76
N THR J 123 -45.38 -28.83 47.89
CA THR J 123 -44.99 -29.38 49.18
C THR J 123 -43.95 -28.48 49.86
N SER J 124 -43.31 -29.04 50.88
CA SER J 124 -42.25 -28.33 51.61
C SER J 124 -41.20 -29.33 52.03
N ARG J 125 -39.98 -29.15 51.51
CA ARG J 125 -38.84 -29.97 51.91
C ARG J 125 -38.08 -29.37 53.08
N SER J 126 -38.72 -28.46 53.84
CA SER J 126 -38.05 -27.86 54.99
C SER J 126 -38.33 -28.62 56.28
N MET J 127 -39.61 -28.95 56.52
CA MET J 127 -40.08 -29.69 57.70
C MET J 127 -39.71 -28.99 59.01
N THR J 128 -39.73 -27.66 59.01
CA THR J 128 -39.43 -26.89 60.21
C THR J 128 -40.36 -25.69 60.37
N ASP J 129 -41.54 -25.72 59.71
CA ASP J 129 -42.55 -24.63 59.72
C ASP J 129 -41.96 -23.32 59.23
N LYS J 130 -40.96 -23.40 58.37
CA LYS J 130 -40.32 -22.21 57.81
C LYS J 130 -41.14 -21.57 56.70
N LEU J 131 -42.15 -22.28 56.19
CA LEU J 131 -42.96 -21.91 55.04
C LEU J 131 -42.07 -21.62 53.82
N ALA J 132 -41.04 -22.45 53.68
CA ALA J 132 -40.12 -22.37 52.57
C ALA J 132 -40.49 -23.45 51.56
N PHE J 133 -40.96 -23.03 50.40
CA PHE J 133 -41.40 -24.00 49.42
C PHE J 133 -40.20 -24.59 48.70
N ASP J 134 -40.44 -25.69 48.00
CA ASP J 134 -39.38 -26.43 47.37
C ASP J 134 -39.48 -26.32 45.86
N VAL J 135 -38.33 -26.17 45.22
CA VAL J 135 -38.23 -25.95 43.79
C VAL J 135 -38.00 -27.28 43.10
N GLY J 136 -38.82 -27.57 42.09
CA GLY J 136 -38.71 -28.79 41.33
C GLY J 136 -39.13 -28.54 39.90
N LEU J 137 -39.34 -29.61 39.16
CA LEU J 137 -39.65 -29.48 37.76
C LEU J 137 -41.08 -29.90 37.50
N GLN J 138 -41.57 -29.61 36.30
CA GLN J 138 -42.95 -29.93 35.96
C GLN J 138 -43.06 -30.29 34.49
N GLU J 139 -43.88 -31.30 34.21
CA GLU J 139 -44.09 -31.74 32.84
C GLU J 139 -45.17 -30.95 32.14
N ASP J 140 -46.18 -30.51 32.88
CA ASP J 140 -47.29 -29.80 32.27
C ASP J 140 -46.86 -28.39 31.88
N ALA J 141 -47.52 -27.86 30.86
CA ALA J 141 -47.27 -26.50 30.39
C ALA J 141 -48.31 -25.52 30.90
N THR J 142 -48.96 -25.84 32.01
CA THR J 142 -49.87 -24.89 32.64
C THR J 142 -49.08 -23.73 33.22
N GLY J 143 -49.73 -22.58 33.33
CA GLY J 143 -49.01 -21.37 33.64
C GLY J 143 -49.18 -20.91 35.07
N GLU J 144 -49.56 -21.82 35.96
CA GLU J 144 -49.80 -21.42 37.33
C GLU J 144 -48.50 -21.13 38.06
N ALA J 145 -47.66 -22.13 38.24
CA ALA J 145 -46.44 -21.98 39.00
C ALA J 145 -45.19 -22.09 38.15
N CYS J 146 -45.32 -22.18 36.84
CA CYS J 146 -44.15 -22.29 35.99
C CYS J 146 -43.42 -20.97 35.78
N TRP J 147 -44.05 -19.85 36.12
CA TRP J 147 -43.56 -18.55 35.71
C TRP J 147 -42.88 -17.83 36.87
N TRP J 148 -41.92 -16.98 36.52
CA TRP J 148 -41.18 -16.19 37.50
C TRP J 148 -41.06 -14.77 36.98
N THR J 149 -40.91 -13.82 37.89
CA THR J 149 -40.60 -12.44 37.52
C THR J 149 -39.24 -12.07 38.10
N MET J 150 -38.47 -11.32 37.34
CA MET J 150 -37.18 -10.84 37.81
C MET J 150 -37.32 -9.43 38.35
N HIS J 151 -36.33 -9.02 39.13
CA HIS J 151 -36.35 -7.71 39.73
C HIS J 151 -34.91 -7.21 39.83
N PRO J 152 -34.70 -5.91 39.65
CA PRO J 152 -33.36 -5.37 39.84
C PRO J 152 -32.99 -5.34 41.31
N ALA J 153 -31.71 -5.59 41.57
CA ALA J 153 -31.25 -5.77 42.94
C ALA J 153 -31.17 -4.44 43.68
N SER J 154 -30.36 -3.51 43.18
CA SER J 154 -30.20 -2.20 43.78
C SER J 154 -31.08 -1.19 43.06
N LYS J 155 -30.84 0.08 43.36
CA LYS J 155 -31.48 1.15 42.62
C LYS J 155 -30.64 1.62 41.45
N GLN J 156 -29.66 0.83 41.01
CA GLN J 156 -28.86 1.21 39.85
C GLN J 156 -29.68 1.14 38.56
N ARG J 157 -30.29 -0.02 38.29
CA ARG J 157 -31.28 -0.14 37.24
C ARG J 157 -32.66 -0.12 37.86
N SER J 158 -33.69 -0.11 37.02
CA SER J 158 -35.06 -0.18 37.48
C SER J 158 -35.92 -0.85 36.42
N GLU J 159 -37.24 -0.66 36.54
CA GLU J 159 -38.19 -1.26 35.63
C GLU J 159 -38.04 -0.68 34.24
N GLY J 160 -38.19 -1.53 33.23
CA GLY J 160 -38.10 -1.10 31.84
C GLY J 160 -36.73 -1.28 31.23
N GLU J 161 -35.67 -1.27 32.02
CA GLU J 161 -34.32 -1.45 31.51
C GLU J 161 -34.10 -2.90 31.11
N LYS J 162 -33.18 -3.10 30.18
CA LYS J 162 -32.81 -4.43 29.72
C LYS J 162 -31.94 -5.09 30.77
N VAL J 163 -31.92 -6.41 30.74
CA VAL J 163 -30.96 -7.14 31.55
C VAL J 163 -29.64 -7.25 30.79
N ARG J 164 -28.59 -6.71 31.40
CA ARG J 164 -27.26 -6.83 30.85
C ARG J 164 -26.70 -8.18 31.25
N VAL J 165 -25.60 -8.57 30.60
CA VAL J 165 -24.94 -9.82 30.94
C VAL J 165 -24.23 -9.66 32.28
N GLY J 166 -24.52 -10.56 33.21
CA GLY J 166 -23.90 -10.50 34.52
C GLY J 166 -24.43 -9.38 35.39
N ASP J 167 -25.71 -9.44 35.72
CA ASP J 167 -26.33 -8.49 36.64
C ASP J 167 -27.03 -9.24 37.76
N ASP J 168 -27.14 -8.62 38.92
CA ASP J 168 -27.70 -9.27 40.09
C ASP J 168 -29.22 -9.27 39.99
N LEU J 169 -29.82 -10.44 40.13
CA LEU J 169 -31.24 -10.62 39.90
C LEU J 169 -31.90 -11.20 41.14
N ILE J 170 -33.19 -10.91 41.27
CA ILE J 170 -34.04 -11.49 42.32
C ILE J 170 -35.24 -12.09 41.63
N LEU J 171 -35.47 -13.38 41.82
CA LEU J 171 -36.52 -14.09 41.10
C LEU J 171 -37.66 -14.41 42.06
N VAL J 172 -38.85 -13.96 41.69
CA VAL J 172 -40.02 -14.07 42.54
C VAL J 172 -41.02 -14.99 41.85
N SER J 173 -41.69 -15.84 42.63
CA SER J 173 -42.75 -16.67 42.09
C SER J 173 -43.92 -15.83 41.59
N VAL J 174 -44.72 -16.45 40.74
CA VAL J 174 -45.93 -15.83 40.27
C VAL J 174 -47.08 -16.36 41.11
N SER J 175 -47.12 -17.66 41.30
CA SER J 175 -48.23 -18.26 42.03
C SER J 175 -48.04 -18.12 43.54
N SER J 176 -46.79 -18.17 44.00
CA SER J 176 -46.55 -18.20 45.43
C SER J 176 -46.00 -16.91 45.99
N GLU J 177 -45.46 -16.03 45.13
CA GLU J 177 -44.92 -14.73 45.49
C GLU J 177 -43.77 -14.83 46.49
N ARG J 178 -43.03 -15.93 46.44
CA ARG J 178 -41.84 -16.11 47.24
C ARG J 178 -40.62 -16.01 46.34
N TYR J 179 -39.45 -15.91 46.98
CA TYR J 179 -38.19 -15.70 46.28
C TYR J 179 -37.39 -16.99 46.22
N LEU J 180 -36.85 -17.28 45.05
CA LEU J 180 -35.89 -18.36 44.89
C LEU J 180 -34.61 -17.98 45.63
N HIS J 181 -34.39 -18.57 46.79
CA HIS J 181 -33.25 -18.22 47.63
C HIS J 181 -32.52 -19.46 48.07
N LEU J 182 -31.25 -19.28 48.41
CA LEU J 182 -30.44 -20.33 48.99
C LEU J 182 -30.77 -20.39 50.46
N SER J 183 -30.75 -21.59 51.02
CA SER J 183 -31.01 -21.78 52.45
C SER J 183 -29.81 -22.47 53.10
N THR J 184 -29.41 -21.96 54.27
CA THR J 184 -28.23 -22.43 54.97
C THR J 184 -28.57 -23.09 56.31
N ALA J 185 -29.86 -23.17 56.64
CA ALA J 185 -30.26 -23.59 57.98
C ALA J 185 -30.05 -25.08 58.18
N SER J 186 -30.70 -25.90 57.36
CA SER J 186 -30.71 -27.34 57.53
C SER J 186 -29.38 -27.93 57.08
N GLY J 187 -28.37 -27.82 57.93
CA GLY J 187 -27.08 -28.43 57.66
C GLY J 187 -26.37 -27.76 56.49
N GLU J 188 -26.33 -28.47 55.37
CA GLU J 188 -25.69 -27.98 54.16
C GLU J 188 -26.62 -27.00 53.44
N LEU J 189 -26.26 -26.69 52.20
CA LEU J 189 -26.94 -25.64 51.46
C LEU J 189 -27.92 -26.25 50.45
N GLN J 190 -29.07 -25.60 50.29
CA GLN J 190 -30.05 -25.99 49.30
C GLN J 190 -30.83 -24.75 48.86
N VAL J 191 -31.62 -24.91 47.82
CA VAL J 191 -32.42 -23.83 47.25
C VAL J 191 -33.88 -24.03 47.60
N ASP J 192 -34.55 -22.93 47.89
CA ASP J 192 -35.94 -22.97 48.35
C ASP J 192 -36.63 -21.65 48.02
N ALA J 193 -37.95 -21.69 48.05
CA ALA J 193 -38.77 -20.51 47.84
C ALA J 193 -39.34 -20.06 49.18
N SER J 194 -38.80 -18.97 49.72
CA SER J 194 -39.37 -18.35 50.91
C SER J 194 -39.06 -16.87 50.87
N PHE J 195 -39.40 -16.19 51.96
CA PHE J 195 -39.38 -14.73 52.02
C PHE J 195 -38.02 -14.20 52.43
N MET J 196 -36.97 -14.63 51.72
CA MET J 196 -35.66 -14.03 51.77
C MET J 196 -35.19 -13.86 50.33
N GLN J 197 -34.68 -12.68 50.00
CA GLN J 197 -34.21 -12.43 48.64
C GLN J 197 -32.74 -12.78 48.55
N THR J 198 -32.31 -13.24 47.38
CA THR J 198 -30.96 -13.72 47.18
C THR J 198 -30.53 -13.33 45.78
N LEU J 199 -29.33 -12.75 45.68
CA LEU J 199 -28.80 -12.32 44.39
C LEU J 199 -28.51 -13.53 43.52
N TRP J 200 -28.69 -13.36 42.21
CA TRP J 200 -28.50 -14.43 41.26
C TRP J 200 -27.96 -13.88 39.96
N ASN J 201 -26.91 -14.54 39.46
CA ASN J 201 -26.37 -14.23 38.16
C ASN J 201 -27.03 -15.12 37.12
N MET J 202 -27.31 -14.55 35.96
CA MET J 202 -28.01 -15.31 34.93
C MET J 202 -27.04 -16.06 34.02
N ASN J 203 -25.89 -15.43 33.72
CA ASN J 203 -24.72 -16.03 33.09
C ASN J 203 -25.00 -16.77 31.78
N PRO J 204 -25.12 -16.04 30.67
CA PRO J 204 -25.48 -16.66 29.38
C PRO J 204 -24.50 -17.73 28.95
N ILE J 205 -25.02 -18.86 28.51
CA ILE J 205 -24.15 -20.01 28.28
C ILE J 205 -24.08 -20.41 26.81
N CYS J 206 -25.10 -20.11 26.02
CA CYS J 206 -25.12 -20.51 24.61
C CYS J 206 -26.17 -19.69 23.91
N SER J 207 -25.77 -18.85 22.96
CA SER J 207 -26.72 -18.10 22.17
C SER J 207 -27.04 -18.89 20.90
N CYS J 208 -27.67 -18.23 19.93
CA CYS J 208 -28.04 -18.87 18.67
C CYS J 208 -26.78 -19.16 17.86
N CYS J 209 -26.44 -20.43 17.73
CA CYS J 209 -25.25 -20.86 17.02
C CYS J 209 -25.55 -21.11 15.56
N GLU J 210 -24.52 -21.01 14.72
CA GLU J 210 -24.67 -21.28 13.29
C GLU J 210 -24.69 -22.77 13.04
N GLU J 211 -25.39 -23.16 11.97
CA GLU J 211 -25.48 -24.58 11.62
C GLU J 211 -24.15 -25.08 11.06
N GLY J 212 -23.85 -26.34 11.33
CA GLY J 212 -22.62 -26.96 10.85
C GLY J 212 -21.38 -26.66 11.65
N TYR J 213 -21.51 -26.05 12.83
CA TYR J 213 -20.37 -25.73 13.66
C TYR J 213 -20.59 -26.32 15.04
N VAL J 214 -19.52 -26.35 15.82
CA VAL J 214 -19.59 -27.00 17.12
C VAL J 214 -19.51 -25.95 18.22
N THR J 215 -20.22 -26.21 19.30
CA THR J 215 -20.13 -25.48 20.55
C THR J 215 -20.04 -26.48 21.69
N GLY J 216 -19.87 -25.95 22.90
CA GLY J 216 -19.86 -26.80 24.08
C GLY J 216 -21.23 -27.39 24.32
N GLY J 217 -21.26 -28.54 24.97
CA GLY J 217 -22.48 -29.26 25.20
C GLY J 217 -22.93 -30.14 24.05
N HIS J 218 -22.21 -30.14 22.94
CA HIS J 218 -22.56 -30.96 21.80
C HIS J 218 -22.17 -32.40 22.05
N VAL J 219 -23.14 -33.30 21.98
CA VAL J 219 -22.88 -34.73 21.98
C VAL J 219 -22.52 -35.10 20.55
N LEU J 220 -21.43 -35.84 20.39
CA LEU J 220 -20.88 -36.05 19.05
C LEU J 220 -20.05 -37.32 19.02
N ARG J 221 -19.76 -37.76 17.78
CA ARG J 221 -18.96 -38.93 17.51
C ARG J 221 -17.67 -38.51 16.80
N LEU J 222 -16.72 -39.44 16.71
CA LEU J 222 -15.30 -39.12 16.47
C LEU J 222 -14.71 -40.01 15.40
N PHE J 223 -15.35 -40.07 14.23
CA PHE J 223 -14.94 -41.03 13.21
C PHE J 223 -13.66 -40.59 12.48
N HIS J 224 -13.10 -41.50 11.70
CA HIS J 224 -11.93 -41.21 10.87
C HIS J 224 -11.90 -42.08 9.61
N GLU J 229 -15.21 -45.42 11.78
CA GLU J 229 -14.72 -46.08 12.99
C GLU J 229 -14.84 -45.18 14.20
N CYS J 230 -15.52 -45.67 15.23
CA CYS J 230 -15.88 -44.86 16.37
C CYS J 230 -14.83 -44.94 17.45
N LEU J 231 -15.07 -44.20 18.53
CA LEU J 231 -14.16 -44.20 19.68
C LEU J 231 -14.94 -44.76 20.87
N THR J 232 -14.92 -46.08 21.02
CA THR J 232 -15.74 -46.81 21.98
C THR J 232 -14.98 -47.05 23.26
N ILE J 233 -15.69 -47.59 24.25
CA ILE J 233 -15.09 -48.22 25.43
C ILE J 233 -15.64 -49.64 25.41
N SER J 234 -15.33 -50.44 26.42
CA SER J 234 -15.91 -51.77 26.54
C SER J 234 -17.23 -51.72 27.31
N ALA J 235 -18.12 -52.64 26.98
CA ALA J 235 -19.45 -52.70 27.58
C ALA J 235 -19.39 -53.30 28.99
N GLN J 241 -11.94 -53.32 34.19
CA GLN J 241 -13.13 -52.63 34.67
C GLN J 241 -13.49 -51.46 33.75
N ARG J 242 -13.38 -51.72 32.44
CA ARG J 242 -13.88 -50.83 31.37
C ARG J 242 -13.26 -49.44 31.42
N ARG J 243 -11.95 -49.38 31.20
CA ARG J 243 -11.27 -48.10 31.22
C ARG J 243 -10.41 -47.84 29.99
N LEU J 244 -10.08 -48.88 29.24
CA LEU J 244 -9.25 -48.71 28.06
C LEU J 244 -10.07 -48.15 26.91
N VAL J 245 -9.45 -47.27 26.13
CA VAL J 245 -10.05 -46.73 24.92
C VAL J 245 -9.76 -47.72 23.81
N TYR J 246 -10.65 -47.80 22.84
CA TYR J 246 -10.48 -48.70 21.70
C TYR J 246 -10.92 -48.00 20.43
N TYR J 247 -11.07 -48.79 19.37
CA TYR J 247 -11.79 -48.41 18.17
C TYR J 247 -12.74 -49.54 17.83
N GLU J 248 -13.65 -49.29 16.89
CA GLU J 248 -14.60 -50.30 16.49
C GLU J 248 -15.05 -50.03 15.07
N GLY J 249 -15.90 -50.91 14.56
CA GLY J 249 -16.48 -50.77 13.25
C GLY J 249 -17.69 -49.87 13.26
N GLY J 250 -18.80 -50.38 12.72
CA GLY J 250 -20.03 -49.62 12.66
C GLY J 250 -21.09 -50.02 13.68
N ALA J 251 -20.93 -51.19 14.31
CA ALA J 251 -21.96 -51.66 15.24
C ALA J 251 -21.97 -50.83 16.52
N VAL J 252 -20.80 -50.58 17.09
CA VAL J 252 -20.74 -49.77 18.30
C VAL J 252 -20.66 -48.29 17.93
N CYS J 253 -20.59 -48.00 16.63
CA CYS J 253 -20.63 -46.61 16.18
C CYS J 253 -21.95 -45.94 16.50
N THR J 254 -23.07 -46.64 16.28
CA THR J 254 -24.38 -46.07 16.53
C THR J 254 -24.80 -46.11 17.99
N HIS J 255 -24.29 -47.05 18.76
CA HIS J 255 -24.86 -47.34 20.07
C HIS J 255 -24.40 -46.32 21.11
N ALA J 256 -24.71 -46.63 22.36
CA ALA J 256 -24.61 -45.68 23.46
C ALA J 256 -23.19 -45.33 23.85
N ARG J 257 -22.22 -46.21 23.58
CA ARG J 257 -20.85 -45.97 24.01
C ARG J 257 -20.17 -44.86 23.25
N SER J 258 -20.40 -44.77 21.94
CA SER J 258 -19.66 -43.85 21.07
C SER J 258 -20.32 -42.47 21.02
N LEU J 259 -20.52 -41.90 22.20
CA LEU J 259 -21.14 -40.58 22.34
C LEU J 259 -20.30 -39.76 23.29
N TRP J 260 -19.78 -38.65 22.79
CA TRP J 260 -18.82 -37.85 23.53
C TRP J 260 -19.19 -36.38 23.46
N ARG J 261 -19.01 -35.69 24.58
CA ARG J 261 -19.39 -34.29 24.70
C ARG J 261 -18.18 -33.49 25.16
N LEU J 262 -18.09 -32.25 24.70
CA LEU J 262 -16.90 -31.42 24.86
C LEU J 262 -17.15 -30.39 25.95
N GLU J 263 -16.17 -30.21 26.83
CA GLU J 263 -16.33 -29.32 27.97
C GLU J 263 -15.12 -28.40 28.12
N PRO J 264 -15.18 -27.19 27.60
CA PRO J 264 -14.07 -26.25 27.77
C PRO J 264 -13.94 -25.77 29.20
N LEU J 265 -12.79 -25.18 29.49
CA LEU J 265 -12.41 -24.89 30.86
C LEU J 265 -13.19 -23.71 31.43
N ARG J 266 -13.50 -22.73 30.60
CA ARG J 266 -14.24 -21.57 31.04
C ARG J 266 -15.70 -21.94 31.29
N ILE J 267 -16.24 -21.46 32.41
CA ILE J 267 -17.61 -21.78 32.77
C ILE J 267 -18.58 -21.08 31.86
N SER J 268 -18.59 -19.75 31.88
CA SER J 268 -19.54 -18.96 31.13
C SER J 268 -19.24 -19.03 29.64
N TRP J 269 -20.31 -18.92 28.85
CA TRP J 269 -20.28 -18.95 27.37
C TRP J 269 -19.62 -20.23 26.87
N SER J 270 -19.89 -21.32 27.57
CA SER J 270 -19.33 -22.61 27.21
C SER J 270 -19.90 -23.10 25.88
N GLY J 271 -21.12 -22.72 25.57
CA GLY J 271 -21.70 -23.05 24.28
C GLY J 271 -21.40 -21.99 23.24
N SER J 272 -20.26 -21.32 23.34
CA SER J 272 -19.78 -20.53 22.23
C SER J 272 -19.08 -21.43 21.23
N HIS J 273 -18.83 -20.88 20.04
CA HIS J 273 -18.14 -21.63 19.00
C HIS J 273 -16.72 -21.95 19.43
N LEU J 274 -16.36 -23.22 19.34
CA LEU J 274 -15.01 -23.61 19.68
C LEU J 274 -14.05 -23.23 18.56
N ARG J 275 -12.87 -22.77 18.95
CA ARG J 275 -11.84 -22.34 18.02
C ARG J 275 -10.62 -23.24 18.21
N TRP J 276 -9.66 -23.08 17.32
CA TRP J 276 -8.45 -23.88 17.37
C TRP J 276 -7.58 -23.47 18.56
N GLY J 277 -6.83 -24.44 19.05
CA GLY J 277 -5.96 -24.17 20.19
C GLY J 277 -6.69 -23.95 21.48
N GLN J 278 -7.83 -24.61 21.66
CA GLN J 278 -8.67 -24.35 22.81
C GLN J 278 -8.62 -25.53 23.77
N PRO J 279 -8.42 -25.32 25.06
CA PRO J 279 -8.42 -26.43 26.01
C PRO J 279 -9.82 -26.84 26.40
N LEU J 280 -9.97 -28.13 26.67
CA LEU J 280 -11.28 -28.69 26.99
C LEU J 280 -11.09 -30.04 27.67
N ARG J 281 -12.17 -30.51 28.28
CA ARG J 281 -12.23 -31.82 28.88
C ARG J 281 -13.07 -32.73 27.99
N ILE J 282 -12.98 -34.04 28.22
CA ILE J 282 -13.74 -35.02 27.44
C ILE J 282 -14.53 -35.88 28.41
N ARG J 283 -15.84 -35.98 28.16
CA ARG J 283 -16.76 -36.71 29.01
C ARG J 283 -17.35 -37.88 28.24
N HIS J 284 -17.30 -39.07 28.84
CA HIS J 284 -18.17 -40.14 28.40
C HIS J 284 -19.52 -39.96 29.05
N VAL J 285 -20.58 -40.16 28.27
CA VAL J 285 -21.92 -39.82 28.74
C VAL J 285 -22.54 -40.91 29.61
N THR J 286 -22.36 -42.18 29.27
CA THR J 286 -23.03 -43.24 30.01
C THR J 286 -22.34 -43.55 31.31
N THR J 287 -21.03 -43.78 31.25
CA THR J 287 -20.25 -44.01 32.45
C THR J 287 -20.12 -42.77 33.31
N GLY J 288 -20.15 -41.59 32.69
CA GLY J 288 -19.90 -40.37 33.43
C GLY J 288 -18.45 -40.19 33.80
N ARG J 289 -17.56 -40.88 33.11
CA ARG J 289 -16.13 -40.79 33.37
C ARG J 289 -15.51 -39.73 32.48
N TYR J 290 -14.34 -39.26 32.88
CA TYR J 290 -13.56 -38.28 32.13
C TYR J 290 -12.37 -38.96 31.48
N LEU J 291 -12.17 -38.68 30.20
CA LEU J 291 -11.02 -39.21 29.47
C LEU J 291 -9.76 -38.50 29.91
N ALA J 292 -8.73 -39.26 30.24
CA ALA J 292 -7.46 -38.68 30.66
C ALA J 292 -6.31 -39.18 29.79
N LEU J 299 -3.82 -42.38 28.00
CA LEU J 299 -5.04 -42.47 27.21
C LEU J 299 -6.04 -43.44 27.83
N VAL J 300 -6.51 -43.11 29.03
CA VAL J 300 -7.52 -43.90 29.74
C VAL J 300 -8.66 -42.98 30.13
N VAL J 301 -9.79 -43.58 30.47
CA VAL J 301 -10.88 -42.80 31.03
C VAL J 301 -10.83 -42.94 32.55
N VAL J 302 -11.28 -41.89 33.25
CA VAL J 302 -11.07 -41.81 34.68
C VAL J 302 -12.25 -41.08 35.30
N ASP J 303 -12.40 -41.23 36.61
CA ASP J 303 -13.51 -40.62 37.31
C ASP J 303 -13.33 -39.11 37.40
N ALA J 304 -14.46 -38.41 37.57
CA ALA J 304 -14.47 -36.96 37.68
C ALA J 304 -13.82 -36.46 38.96
N CYS J 305 -13.88 -37.23 40.04
CA CYS J 305 -13.27 -36.83 41.30
C CYS J 305 -11.74 -36.83 41.20
N LYS J 306 -11.18 -37.74 40.40
CA LYS J 306 -9.77 -37.77 40.11
C LYS J 306 -9.45 -37.26 38.71
N ALA J 307 -10.30 -36.42 38.15
CA ALA J 307 -10.01 -35.74 36.90
C ALA J 307 -9.48 -34.35 37.20
N HIS J 308 -8.21 -34.11 36.91
CA HIS J 308 -7.57 -32.84 37.23
C HIS J 308 -7.28 -32.10 35.93
N THR J 309 -7.21 -30.77 36.02
CA THR J 309 -6.86 -29.96 34.86
C THR J 309 -5.42 -30.22 34.42
N LYS J 310 -4.56 -30.58 35.36
CA LYS J 310 -3.22 -31.03 35.01
C LYS J 310 -3.21 -32.41 34.38
N ALA J 311 -4.00 -33.34 34.93
CA ALA J 311 -4.02 -34.69 34.42
C ALA J 311 -4.74 -34.79 33.08
N THR J 312 -5.97 -34.28 33.01
CA THR J 312 -6.78 -34.35 31.80
C THR J 312 -7.17 -32.94 31.35
N SER J 313 -6.56 -32.51 30.26
CA SER J 313 -6.95 -31.28 29.55
C SER J 313 -6.47 -31.43 28.12
N PHE J 314 -7.40 -31.49 27.19
CA PHE J 314 -7.10 -31.88 25.82
C PHE J 314 -7.37 -30.68 24.92
N CYS J 315 -7.05 -30.83 23.63
CA CYS J 315 -7.23 -29.73 22.70
C CYS J 315 -7.32 -30.24 21.27
N PHE J 316 -7.88 -29.39 20.40
CA PHE J 316 -8.03 -29.67 18.99
C PHE J 316 -7.04 -28.81 18.21
N ARG J 317 -6.09 -29.46 17.56
CA ARG J 317 -5.17 -28.77 16.66
C ARG J 317 -5.31 -29.39 15.28
N VAL J 318 -4.97 -28.61 14.26
CA VAL J 318 -5.08 -29.11 12.89
C VAL J 318 -3.89 -29.99 12.54
N SER J 319 -2.69 -29.44 12.59
CA SER J 319 -1.46 -30.20 12.44
C SER J 319 -0.39 -29.48 13.23
N LYS J 320 0.56 -30.23 13.79
CA LYS J 320 1.52 -29.66 14.72
C LYS J 320 2.61 -28.93 13.96
N GLU J 321 2.36 -27.67 13.65
CA GLU J 321 3.42 -26.70 13.45
C GLU J 321 3.88 -26.25 14.83
N LYS J 322 5.12 -25.76 14.91
CA LYS J 322 5.72 -25.40 16.19
C LYS J 322 5.08 -24.10 16.68
N LEU J 323 3.89 -24.23 17.25
CA LEU J 323 3.12 -23.09 17.72
C LEU J 323 3.23 -22.94 19.23
N GLY J 333 -18.59 -13.15 24.05
CA GLY J 333 -19.88 -13.80 24.00
C GLY J 333 -19.82 -15.13 23.28
N MET J 334 -20.41 -15.17 22.09
CA MET J 334 -20.26 -16.34 21.24
C MET J 334 -18.92 -16.29 20.52
N GLY J 335 -18.67 -17.31 19.71
CA GLY J 335 -17.43 -17.40 18.98
C GLY J 335 -17.62 -17.27 17.48
N PRO J 336 -16.53 -16.97 16.78
CA PRO J 336 -16.54 -17.06 15.32
C PRO J 336 -16.65 -18.50 14.89
N PRO J 337 -17.34 -18.78 13.80
CA PRO J 337 -17.59 -20.19 13.38
C PRO J 337 -16.34 -20.85 12.80
N GLU J 338 -15.53 -21.40 13.70
CA GLU J 338 -14.24 -21.96 13.32
C GLU J 338 -14.31 -23.39 12.81
N ILE J 339 -14.99 -24.29 13.53
CA ILE J 339 -14.87 -25.72 13.31
C ILE J 339 -16.08 -26.24 12.55
N LYS J 340 -15.88 -26.60 11.29
CA LYS J 340 -16.94 -27.17 10.47
C LYS J 340 -17.21 -28.61 10.87
N TYR J 341 -18.28 -29.17 10.29
CA TYR J 341 -18.68 -30.55 10.57
C TYR J 341 -18.30 -31.44 9.39
N GLY J 342 -17.59 -32.52 9.67
CA GLY J 342 -17.16 -33.45 8.65
C GLY J 342 -16.00 -32.98 7.80
N GLU J 343 -15.46 -31.80 8.07
CA GLU J 343 -14.47 -31.18 7.19
C GLU J 343 -13.17 -30.85 7.88
N SER J 344 -13.18 -30.72 9.21
CA SER J 344 -11.99 -30.27 9.95
C SER J 344 -10.86 -31.29 9.96
N LEU J 345 -11.19 -32.57 10.22
CA LEU J 345 -10.25 -33.69 10.16
C LEU J 345 -9.06 -33.49 11.09
N CYS J 346 -9.35 -33.08 12.32
CA CYS J 346 -8.32 -32.68 13.26
C CYS J 346 -8.16 -33.71 14.37
N PHE J 347 -7.00 -33.69 15.01
CA PHE J 347 -6.63 -34.68 16.02
C PHE J 347 -6.79 -34.12 17.42
N VAL J 348 -6.34 -34.90 18.40
CA VAL J 348 -6.27 -34.49 19.79
C VAL J 348 -4.89 -34.79 20.33
N GLN J 349 -4.45 -34.00 21.31
CA GLN J 349 -3.26 -34.27 22.09
C GLN J 349 -3.42 -33.56 23.43
N HIS J 350 -2.62 -33.98 24.40
CA HIS J 350 -2.67 -33.34 25.71
C HIS J 350 -2.07 -31.94 25.61
N VAL J 351 -2.64 -31.01 26.38
CA VAL J 351 -2.14 -29.64 26.35
C VAL J 351 -0.88 -29.50 27.20
N ALA J 352 -0.66 -30.43 28.13
CA ALA J 352 0.53 -30.48 28.94
C ALA J 352 1.61 -31.39 28.38
N SER J 353 1.24 -32.27 27.45
CA SER J 353 2.16 -33.33 27.05
C SER J 353 2.34 -33.38 25.53
N GLY J 354 1.33 -32.96 24.78
CA GLY J 354 1.45 -32.91 23.33
C GLY J 354 1.43 -34.29 22.68
N LEU J 355 0.81 -35.26 23.34
CA LEU J 355 0.87 -36.66 22.97
C LEU J 355 -0.34 -37.06 22.14
N TRP J 356 -0.09 -37.45 20.90
CA TRP J 356 -1.15 -37.76 19.95
C TRP J 356 -1.74 -39.13 20.22
N LEU J 357 -3.04 -39.16 20.45
CA LEU J 357 -3.76 -40.42 20.67
C LEU J 357 -3.87 -41.13 19.31
N THR J 358 -3.30 -42.34 19.25
CA THR J 358 -3.44 -43.16 18.06
C THR J 358 -3.44 -44.63 18.42
N TYR J 359 -3.64 -45.49 17.42
CA TYR J 359 -3.85 -46.90 17.69
C TYR J 359 -2.53 -47.61 17.95
N ALA J 360 -2.56 -48.93 17.94
CA ALA J 360 -1.37 -49.73 18.16
C ALA J 360 -0.85 -50.31 16.85
N LEU J 372 -9.47 -56.41 16.05
CA LEU J 372 -10.25 -55.30 15.53
C LEU J 372 -10.19 -54.13 16.50
N LYS J 373 -9.89 -54.44 17.74
CA LYS J 373 -9.85 -53.45 18.81
C LYS J 373 -8.49 -52.78 18.77
N LYS J 374 -8.31 -51.86 17.83
CA LYS J 374 -7.08 -51.09 17.69
C LYS J 374 -6.95 -50.16 18.89
N LYS J 375 -6.12 -50.54 19.85
CA LYS J 375 -6.10 -49.85 21.14
C LYS J 375 -5.47 -48.47 21.00
N ALA J 376 -6.26 -47.46 21.33
CA ALA J 376 -5.85 -46.07 21.20
C ALA J 376 -4.88 -45.71 22.31
N ILE J 377 -3.76 -45.09 21.94
CA ILE J 377 -2.73 -44.71 22.88
C ILE J 377 -2.14 -43.38 22.45
N LEU J 378 -1.92 -42.50 23.44
CA LEU J 378 -1.19 -41.26 23.22
C LEU J 378 0.25 -41.64 22.87
N HIS J 379 0.67 -41.30 21.65
CA HIS J 379 1.98 -41.68 21.14
C HIS J 379 2.70 -40.47 20.58
N GLN J 380 3.95 -40.28 21.00
CA GLN J 380 4.69 -39.10 20.61
C GLN J 380 5.21 -39.18 19.18
N GLU J 381 5.20 -40.36 18.57
CA GLU J 381 5.54 -40.44 17.17
C GLU J 381 4.38 -39.99 16.29
N GLY J 382 3.16 -40.32 16.70
CA GLY J 382 2.00 -40.05 15.87
C GLY J 382 1.97 -40.95 14.65
N HIS J 383 1.10 -40.58 13.72
CA HIS J 383 0.92 -41.34 12.50
C HIS J 383 0.43 -40.41 11.40
N MET J 384 -0.02 -41.00 10.32
CA MET J 384 -0.75 -40.29 9.28
C MET J 384 -2.24 -40.57 9.32
N ASP J 385 -2.75 -41.11 10.43
CA ASP J 385 -4.14 -41.54 10.52
C ASP J 385 -4.87 -40.91 11.71
N ASP J 386 -4.32 -39.85 12.30
CA ASP J 386 -5.01 -39.14 13.37
C ASP J 386 -5.86 -38.00 12.87
N ALA J 387 -5.99 -37.83 11.54
CA ALA J 387 -6.88 -36.84 10.96
C ALA J 387 -8.30 -37.40 10.97
N LEU J 388 -9.05 -37.01 12.01
CA LEU J 388 -10.35 -37.62 12.25
C LEU J 388 -11.47 -36.59 12.21
N PHE J 389 -12.59 -36.96 11.59
CA PHE J 389 -13.69 -36.04 11.35
C PHE J 389 -14.85 -36.32 12.31
N LEU J 390 -15.49 -35.25 12.78
CA LEU J 390 -16.50 -35.36 13.80
C LEU J 390 -17.90 -35.36 13.19
N THR J 391 -18.84 -35.98 13.89
CA THR J 391 -20.25 -36.00 13.51
C THR J 391 -21.10 -35.70 14.73
N ARG J 392 -22.04 -34.78 14.58
CA ARG J 392 -22.94 -34.43 15.66
C ARG J 392 -24.00 -35.51 15.85
N CYS J 393 -24.39 -35.73 17.11
CA CYS J 393 -25.37 -36.75 17.45
C CYS J 393 -26.79 -36.23 17.20
N GLN J 394 -27.76 -36.99 17.70
CA GLN J 394 -29.17 -36.72 17.49
C GLN J 394 -29.84 -36.39 18.84
N GLN J 395 -30.86 -35.54 18.79
CA GLN J 395 -31.49 -34.97 20.00
C GLN J 395 -32.24 -35.98 20.85
N GLU J 396 -33.04 -36.85 20.23
CA GLU J 396 -33.74 -37.88 20.98
C GLU J 396 -32.79 -38.92 21.54
N GLU J 397 -31.75 -39.28 20.80
CA GLU J 397 -30.75 -40.23 21.27
C GLU J 397 -29.95 -39.71 22.43
N SER J 398 -29.48 -38.47 22.35
CA SER J 398 -28.65 -37.89 23.40
C SER J 398 -29.44 -37.67 24.68
N GLN J 399 -30.74 -37.41 24.56
CA GLN J 399 -31.57 -37.37 25.74
C GLN J 399 -31.70 -38.75 26.36
N ALA J 400 -31.78 -39.78 25.52
CA ALA J 400 -31.82 -41.14 26.03
C ALA J 400 -30.49 -41.56 26.63
N ALA J 401 -29.40 -40.89 26.26
CA ALA J 401 -28.11 -41.24 26.79
C ALA J 401 -27.97 -40.92 28.26
N ARG J 402 -28.19 -39.66 28.65
CA ARG J 402 -27.85 -39.22 30.00
C ARG J 402 -28.74 -39.86 31.05
N MET J 403 -29.93 -40.30 30.68
CA MET J 403 -30.78 -40.94 31.68
C MET J 403 -30.32 -42.34 32.02
N ILE J 404 -29.51 -42.98 31.16
CA ILE J 404 -28.89 -44.25 31.53
C ILE J 404 -27.97 -44.05 32.73
N HIS J 405 -27.12 -43.03 32.65
CA HIS J 405 -26.22 -42.68 33.74
C HIS J 405 -26.98 -42.27 35.00
N SER J 406 -28.13 -41.61 34.83
CA SER J 406 -28.90 -41.20 35.99
C SER J 406 -29.57 -42.39 36.65
N THR J 407 -29.93 -43.41 35.87
CA THR J 407 -30.59 -44.56 36.44
C THR J 407 -29.60 -45.56 37.02
N ALA J 408 -28.55 -45.91 36.27
CA ALA J 408 -27.61 -46.91 36.72
C ALA J 408 -26.85 -46.47 37.95
N GLY J 409 -26.59 -45.17 38.07
CA GLY J 409 -26.03 -44.64 39.30
C GLY J 409 -26.95 -44.77 40.49
N LEU J 410 -28.26 -44.75 40.26
CA LEU J 410 -29.20 -45.02 41.33
C LEU J 410 -29.33 -46.51 41.60
N TYR J 411 -29.37 -47.30 40.54
CA TYR J 411 -29.67 -48.71 40.65
C TYR J 411 -28.58 -49.52 41.31
N ASN J 412 -27.33 -49.33 40.88
CA ASN J 412 -26.23 -50.04 41.54
C ASN J 412 -26.04 -49.55 42.96
N GLN J 413 -26.34 -48.29 43.21
CA GLN J 413 -26.44 -47.81 44.58
C GLN J 413 -27.56 -48.50 45.33
N PHE J 414 -28.65 -48.82 44.64
CA PHE J 414 -29.75 -49.52 45.29
C PHE J 414 -29.42 -50.98 45.52
N ILE J 415 -28.64 -51.59 44.62
CA ILE J 415 -28.32 -53.01 44.75
C ILE J 415 -27.42 -53.26 45.94
N LYS J 416 -26.30 -52.55 46.02
CA LYS J 416 -25.38 -52.75 47.13
C LYS J 416 -25.93 -52.17 48.43
N GLY J 417 -26.88 -51.24 48.36
CA GLY J 417 -27.60 -50.87 49.57
C GLY J 417 -28.43 -52.02 50.08
N LEU J 418 -28.99 -52.81 49.17
CA LEU J 418 -29.71 -54.00 49.58
C LEU J 418 -28.76 -55.11 50.01
N ASP J 419 -27.60 -55.21 49.37
CA ASP J 419 -26.61 -56.24 49.67
C ASP J 419 -25.96 -56.07 51.03
N SER J 420 -26.11 -54.92 51.68
CA SER J 420 -25.51 -54.70 52.98
C SER J 420 -26.12 -55.59 54.06
N PHE J 421 -27.45 -55.64 54.14
CA PHE J 421 -28.13 -56.50 55.09
C PHE J 421 -28.69 -57.74 54.41
N SER J 422 -28.04 -58.15 53.31
CA SER J 422 -28.50 -59.31 52.57
C SER J 422 -28.32 -60.60 53.36
N GLY J 423 -27.40 -60.61 54.32
CA GLY J 423 -27.26 -61.73 55.23
C GLY J 423 -27.51 -61.42 56.68
N LYS J 424 -27.50 -60.15 57.08
CA LYS J 424 -27.58 -59.77 58.49
C LYS J 424 -29.00 -59.33 58.82
N PRO J 425 -29.72 -60.05 59.67
CA PRO J 425 -31.03 -59.58 60.10
C PRO J 425 -30.91 -58.38 61.02
N ARG J 426 -31.99 -57.60 61.08
CA ARG J 426 -32.04 -56.40 61.90
C ARG J 426 -32.94 -56.63 63.10
N GLY J 427 -32.37 -56.51 64.29
CA GLY J 427 -33.14 -56.62 65.52
C GLY J 427 -33.70 -55.27 65.93
N PRO J 434 -26.65 -46.63 56.28
CA PRO J 434 -27.37 -45.72 55.38
C PRO J 434 -28.81 -46.14 55.17
N ALA J 435 -29.57 -45.32 54.46
CA ALA J 435 -30.94 -45.66 54.10
C ALA J 435 -31.04 -45.90 52.61
N LEU J 436 -31.68 -46.98 52.22
CA LEU J 436 -31.79 -47.33 50.81
C LEU J 436 -32.79 -46.41 50.11
N PRO J 437 -32.54 -46.02 48.86
CA PRO J 437 -33.39 -45.01 48.20
C PRO J 437 -34.74 -45.54 47.74
N ILE J 438 -35.70 -45.56 48.67
CA ILE J 438 -37.02 -46.10 48.36
C ILE J 438 -37.82 -45.11 47.50
N GLU J 439 -37.97 -43.88 47.98
CA GLU J 439 -38.78 -42.91 47.25
C GLU J 439 -38.09 -42.44 45.98
N ALA J 440 -36.76 -42.50 45.94
CA ALA J 440 -36.06 -42.11 44.74
C ALA J 440 -36.22 -43.12 43.61
N VAL J 441 -36.44 -44.39 43.93
CA VAL J 441 -36.49 -45.37 42.86
C VAL J 441 -37.90 -45.58 42.34
N ILE J 442 -38.92 -45.29 43.15
CA ILE J 442 -40.31 -45.50 42.75
C ILE J 442 -40.70 -44.55 41.64
N LEU J 443 -40.32 -43.28 41.79
CA LEU J 443 -40.64 -42.30 40.77
C LEU J 443 -39.75 -42.48 39.54
N SER J 444 -38.57 -43.06 39.72
CA SER J 444 -37.66 -43.21 38.59
C SER J 444 -38.09 -44.32 37.66
N LEU J 445 -38.73 -45.37 38.18
CA LEU J 445 -39.26 -46.38 37.27
C LEU J 445 -40.46 -45.86 36.50
N GLN J 446 -41.32 -45.09 37.15
CA GLN J 446 -42.59 -44.73 36.55
C GLN J 446 -42.40 -43.78 35.37
N ASP J 447 -41.36 -42.96 35.40
CA ASP J 447 -41.03 -42.17 34.23
C ASP J 447 -40.51 -43.05 33.10
N LEU J 448 -39.91 -44.19 33.45
CA LEU J 448 -39.37 -45.05 32.41
C LEU J 448 -40.46 -45.85 31.75
N ILE J 449 -41.54 -46.15 32.46
CA ILE J 449 -42.65 -46.85 31.84
C ILE J 449 -43.30 -45.99 30.79
N GLY J 450 -43.61 -44.74 31.15
CA GLY J 450 -44.13 -43.80 30.18
C GLY J 450 -43.13 -43.39 29.13
N TYR J 451 -41.84 -43.57 29.40
CA TYR J 451 -40.86 -43.36 28.34
C TYR J 451 -40.96 -44.43 27.27
N PHE J 452 -41.29 -45.65 27.65
CA PHE J 452 -41.31 -46.78 26.74
C PHE J 452 -42.71 -47.17 26.32
N GLU J 453 -43.67 -46.30 26.49
CA GLU J 453 -45.05 -46.68 26.29
C GLU J 453 -45.37 -46.79 24.80
N PRO J 454 -46.01 -47.87 24.36
CA PRO J 454 -46.24 -48.05 22.93
C PRO J 454 -47.31 -47.11 22.45
N PRO J 455 -47.21 -46.62 21.21
CA PRO J 455 -48.13 -45.58 20.75
C PRO J 455 -49.51 -46.14 20.48
N SER J 456 -50.48 -45.23 20.44
CA SER J 456 -51.89 -45.61 20.39
C SER J 456 -52.27 -46.19 19.03
N GLU J 457 -53.27 -47.05 19.05
CA GLU J 457 -53.79 -47.62 17.83
C GLU J 457 -54.72 -46.68 17.08
N GLU J 458 -55.28 -45.69 17.75
CA GLU J 458 -56.15 -44.72 17.10
C GLU J 458 -55.37 -43.64 16.38
N LEU J 459 -54.05 -43.68 16.44
CA LEU J 459 -53.21 -42.71 15.77
C LEU J 459 -53.25 -42.95 14.26
N GLN J 460 -52.85 -41.93 13.51
CA GLN J 460 -52.77 -42.05 12.06
C GLN J 460 -51.64 -43.01 11.68
N HIS J 461 -51.87 -43.82 10.64
CA HIS J 461 -50.98 -44.91 10.28
C HIS J 461 -49.58 -44.46 9.92
N GLU J 462 -49.44 -43.38 9.16
CA GLU J 462 -48.11 -42.93 8.76
C GLU J 462 -47.31 -42.41 9.95
N GLU J 463 -47.99 -41.90 10.97
CA GLU J 463 -47.29 -41.44 12.15
C GLU J 463 -47.03 -42.56 13.14
N LYS J 464 -47.96 -43.52 13.24
CA LYS J 464 -47.76 -44.70 14.09
C LYS J 464 -46.52 -45.47 13.69
N GLN J 465 -46.33 -45.68 12.39
CA GLN J 465 -45.15 -46.37 11.91
C GLN J 465 -43.88 -45.58 12.16
N SER J 466 -43.96 -44.25 12.09
CA SER J 466 -42.77 -43.44 12.32
C SER J 466 -42.37 -43.46 13.79
N LYS J 467 -43.35 -43.45 14.69
CA LYS J 467 -43.01 -43.47 16.12
C LYS J 467 -42.54 -44.83 16.56
N LEU J 468 -42.86 -45.89 15.81
CA LEU J 468 -42.42 -47.22 16.20
C LEU J 468 -40.92 -47.37 16.01
N ARG J 469 -40.39 -46.92 14.89
CA ARG J 469 -38.96 -47.09 14.62
C ARG J 469 -38.11 -46.23 15.54
N SER J 470 -38.69 -45.18 16.12
CA SER J 470 -38.01 -44.48 17.20
C SER J 470 -37.95 -45.35 18.44
N LEU J 471 -39.06 -46.05 18.73
CA LEU J 471 -39.09 -46.89 19.91
C LEU J 471 -38.21 -48.12 19.75
N ARG J 472 -38.10 -48.63 18.51
CA ARG J 472 -37.23 -49.78 18.27
C ARG J 472 -35.77 -49.44 18.50
N ASN J 473 -35.37 -48.20 18.25
CA ASN J 473 -34.02 -47.80 18.61
C ASN J 473 -33.85 -47.74 20.10
N ARG J 474 -34.69 -46.98 20.78
CA ARG J 474 -34.38 -46.66 22.17
C ARG J 474 -34.81 -47.74 23.15
N GLN J 475 -35.18 -48.93 22.69
CA GLN J 475 -35.06 -50.08 23.58
C GLN J 475 -33.88 -50.95 23.23
N SER J 476 -33.51 -51.01 21.95
CA SER J 476 -32.22 -51.60 21.56
C SER J 476 -31.07 -50.79 22.12
N LEU J 477 -31.26 -49.48 22.27
CA LEU J 477 -30.23 -48.63 22.83
C LEU J 477 -30.11 -48.80 24.34
N PHE J 478 -31.06 -49.45 24.98
CA PHE J 478 -30.91 -49.72 26.40
C PHE J 478 -30.36 -51.11 26.65
N GLN J 479 -30.96 -52.12 26.03
CA GLN J 479 -30.60 -53.51 26.32
C GLN J 479 -29.21 -53.86 25.84
N GLU J 480 -28.70 -53.17 24.82
CA GLU J 480 -27.29 -53.32 24.44
C GLU J 480 -26.38 -52.77 25.51
N GLU J 481 -26.49 -51.49 25.82
CA GLU J 481 -25.67 -50.89 26.88
C GLU J 481 -26.29 -51.22 28.24
N GLY J 482 -26.03 -52.44 28.65
CA GLY J 482 -26.49 -52.96 29.93
C GLY J 482 -27.99 -52.98 30.07
N MET J 483 -28.47 -52.58 31.24
CA MET J 483 -29.84 -52.12 31.50
C MET J 483 -30.91 -53.18 31.23
N LEU J 484 -30.53 -54.43 30.99
CA LEU J 484 -31.51 -55.47 30.96
C LEU J 484 -31.22 -56.40 32.11
N SER J 485 -29.98 -56.92 32.14
CA SER J 485 -29.54 -57.76 33.24
C SER J 485 -29.41 -56.98 34.52
N LEU J 486 -29.09 -55.69 34.42
CA LEU J 486 -29.10 -54.82 35.58
C LEU J 486 -30.49 -54.72 36.19
N VAL J 487 -31.52 -54.74 35.35
CA VAL J 487 -32.88 -54.87 35.86
C VAL J 487 -33.14 -56.28 36.34
N LEU J 488 -32.51 -57.28 35.71
CA LEU J 488 -32.72 -58.65 36.15
C LEU J 488 -32.12 -58.88 37.52
N ASN J 489 -31.02 -58.19 37.84
CA ASN J 489 -30.38 -58.31 39.14
C ASN J 489 -31.28 -57.86 40.29
N CYS J 490 -31.82 -56.64 40.19
CA CYS J 490 -32.60 -56.08 41.30
C CYS J 490 -33.91 -56.83 41.51
N ILE J 491 -34.34 -57.61 40.54
CA ILE J 491 -35.34 -58.63 40.82
C ILE J 491 -34.76 -59.71 41.72
N ASP J 492 -33.63 -60.31 41.32
CA ASP J 492 -33.19 -61.51 42.02
C ASP J 492 -32.55 -61.21 43.36
N ARG J 493 -32.25 -59.95 43.68
CA ARG J 493 -31.97 -59.63 45.07
C ARG J 493 -33.23 -59.42 45.87
N LEU J 494 -34.36 -59.19 45.21
CA LEU J 494 -35.58 -58.85 45.91
C LEU J 494 -36.55 -60.02 46.03
N ASN J 495 -36.50 -60.96 45.09
CA ASN J 495 -37.48 -62.03 45.03
C ASN J 495 -37.33 -63.04 46.16
N VAL J 496 -36.20 -63.01 46.88
CA VAL J 496 -35.91 -64.02 47.88
C VAL J 496 -36.73 -63.80 49.15
N TYR J 497 -37.40 -62.67 49.25
CA TYR J 497 -38.18 -62.34 50.42
C TYR J 497 -39.66 -62.57 50.11
N THR J 498 -40.09 -63.83 50.19
CA THR J 498 -41.45 -64.14 49.78
C THR J 498 -42.49 -63.69 50.78
N THR J 499 -42.20 -63.79 52.07
CA THR J 499 -43.01 -63.09 53.04
C THR J 499 -42.83 -61.59 52.86
N ALA J 500 -43.94 -60.92 52.56
CA ALA J 500 -43.90 -59.53 52.11
C ALA J 500 -43.46 -58.59 53.21
N ALA J 501 -43.61 -58.98 54.47
CA ALA J 501 -43.21 -58.17 55.59
C ALA J 501 -42.12 -58.80 56.43
N HIS J 502 -42.24 -60.09 56.77
CA HIS J 502 -41.32 -60.73 57.69
C HIS J 502 -39.93 -60.85 57.09
N PHE J 503 -39.83 -61.23 55.83
CA PHE J 503 -38.53 -61.24 55.19
C PHE J 503 -38.17 -59.88 54.61
N ALA J 504 -39.07 -58.91 54.69
CA ALA J 504 -38.70 -57.53 54.47
C ALA J 504 -38.31 -56.83 55.76
N GLU J 505 -38.36 -57.53 56.89
CA GLU J 505 -37.91 -56.96 58.15
C GLU J 505 -36.40 -56.99 58.30
N TYR J 506 -35.67 -57.52 57.31
CA TYR J 506 -34.22 -57.35 57.28
C TYR J 506 -33.83 -55.91 57.06
N ALA J 507 -34.66 -55.14 56.34
CA ALA J 507 -34.53 -53.70 56.26
C ALA J 507 -35.18 -53.02 57.45
N GLY J 508 -36.40 -53.41 57.78
CA GLY J 508 -37.15 -52.74 58.82
C GLY J 508 -38.60 -52.64 58.44
N GLU J 509 -39.24 -51.59 58.94
CA GLU J 509 -40.63 -51.34 58.59
C GLU J 509 -40.76 -50.24 57.54
N GLU J 510 -39.68 -49.50 57.30
CA GLU J 510 -39.74 -48.39 56.36
C GLU J 510 -39.84 -48.86 54.92
N ALA J 511 -38.89 -49.68 54.48
CA ALA J 511 -38.95 -50.21 53.13
C ALA J 511 -39.96 -51.33 52.98
N ALA J 512 -40.46 -51.87 54.09
CA ALA J 512 -41.36 -53.02 54.04
C ALA J 512 -42.72 -52.65 53.45
N GLU J 513 -43.17 -51.43 53.68
CA GLU J 513 -44.48 -51.02 53.17
C GLU J 513 -44.47 -50.83 51.67
N SER J 514 -43.30 -50.59 51.08
CA SER J 514 -43.19 -50.34 49.65
C SER J 514 -42.62 -51.53 48.90
N TRP J 515 -42.51 -52.69 49.54
CA TRP J 515 -41.97 -53.85 48.85
C TRP J 515 -42.95 -54.39 47.82
N LYS J 516 -44.25 -54.28 48.12
CA LYS J 516 -45.27 -54.79 47.21
C LYS J 516 -45.31 -53.99 45.93
N GLU J 517 -45.03 -52.69 46.00
CA GLU J 517 -45.06 -51.85 44.82
C GLU J 517 -43.87 -52.10 43.92
N ILE J 518 -42.68 -52.19 44.50
CA ILE J 518 -41.45 -52.06 43.72
C ILE J 518 -41.22 -53.30 42.85
N VAL J 519 -41.82 -54.42 43.24
CA VAL J 519 -41.79 -55.59 42.37
C VAL J 519 -42.67 -55.41 41.16
N ASN J 520 -43.90 -54.91 41.35
CA ASN J 520 -44.86 -54.82 40.26
C ASN J 520 -44.40 -53.83 39.21
N LEU J 521 -43.85 -52.70 39.64
CA LEU J 521 -43.33 -51.73 38.68
C LEU J 521 -42.11 -52.26 37.95
N LEU J 522 -41.38 -53.18 38.56
CA LEU J 522 -40.18 -53.71 37.91
C LEU J 522 -40.54 -54.60 36.74
N TYR J 523 -41.53 -55.48 36.93
CA TYR J 523 -41.92 -56.36 35.83
C TYR J 523 -42.62 -55.60 34.72
N GLU J 524 -43.23 -54.46 35.05
CA GLU J 524 -43.83 -53.65 34.01
C GLU J 524 -42.77 -53.03 33.12
N LEU J 525 -41.63 -52.66 33.70
CA LEU J 525 -40.53 -52.12 32.91
C LEU J 525 -39.99 -53.14 31.93
N LEU J 526 -39.67 -54.33 32.45
CA LEU J 526 -39.12 -55.41 31.65
C LEU J 526 -40.09 -55.83 30.55
N ALA J 527 -41.38 -55.92 30.87
CA ALA J 527 -42.38 -56.18 29.85
C ALA J 527 -42.48 -55.04 28.85
N SER J 528 -42.19 -53.81 29.28
CA SER J 528 -42.21 -52.72 28.32
C SER J 528 -40.97 -52.71 27.46
N LEU J 529 -39.89 -53.35 27.91
CA LEU J 529 -38.69 -53.40 27.10
C LEU J 529 -38.82 -54.32 25.91
N ILE J 530 -39.26 -55.56 26.12
CA ILE J 530 -39.18 -56.55 25.07
C ILE J 530 -40.51 -56.69 24.36
N ARG J 531 -41.35 -55.67 24.45
CA ARG J 531 -42.60 -55.67 23.69
C ARG J 531 -42.25 -55.40 22.25
N GLY J 532 -42.74 -56.26 21.35
CA GLY J 532 -42.53 -56.05 19.94
C GLY J 532 -41.19 -56.48 19.41
N ASN J 533 -40.11 -56.12 20.10
CA ASN J 533 -38.75 -56.34 19.63
C ASN J 533 -38.42 -57.82 19.57
N ARG J 534 -37.94 -58.27 18.41
CA ARG J 534 -37.52 -59.67 18.29
C ARG J 534 -36.12 -59.89 18.85
N ALA J 535 -35.24 -58.91 18.68
CA ALA J 535 -33.84 -59.09 19.06
C ALA J 535 -33.67 -59.18 20.56
N ASN J 536 -34.41 -58.39 21.33
CA ASN J 536 -34.30 -58.50 22.77
C ASN J 536 -35.07 -59.68 23.32
N CYS J 537 -36.01 -60.23 22.55
CA CYS J 537 -36.72 -61.41 23.01
C CYS J 537 -35.86 -62.65 23.02
N ALA J 538 -34.86 -62.72 22.14
CA ALA J 538 -33.93 -63.84 22.17
C ALA J 538 -32.99 -63.79 23.37
N LEU J 539 -32.94 -62.66 24.07
CA LEU J 539 -32.07 -62.55 25.25
C LEU J 539 -32.60 -63.34 26.44
N PHE J 540 -33.79 -63.93 26.34
CA PHE J 540 -34.33 -64.75 27.40
C PHE J 540 -34.27 -66.23 27.06
N SER J 541 -33.62 -66.59 25.96
CA SER J 541 -33.51 -67.99 25.56
C SER J 541 -32.58 -68.78 26.47
N THR J 542 -31.73 -68.09 27.24
CA THR J 542 -30.86 -68.77 28.18
C THR J 542 -31.50 -68.95 29.55
N ASN J 543 -32.20 -67.94 30.04
CA ASN J 543 -32.81 -68.02 31.36
C ASN J 543 -34.31 -68.07 31.28
N LEU J 544 -34.81 -68.86 30.32
CA LEU J 544 -36.24 -69.13 30.24
C LEU J 544 -36.77 -69.77 31.50
N ASP J 545 -36.02 -70.74 32.05
CA ASP J 545 -36.41 -71.41 33.27
C ASP J 545 -36.36 -70.49 34.49
N TRP J 546 -35.59 -69.40 34.41
CA TRP J 546 -35.63 -68.41 35.47
C TRP J 546 -36.99 -67.72 35.54
N VAL J 547 -37.63 -67.54 34.40
CA VAL J 547 -38.94 -66.89 34.36
C VAL J 547 -40.03 -67.78 34.91
N VAL J 548 -40.13 -69.01 34.39
CA VAL J 548 -41.25 -69.89 34.68
C VAL J 548 -41.19 -70.38 36.12
N SER J 549 -40.02 -70.34 36.74
CA SER J 549 -39.88 -70.77 38.13
C SER J 549 -40.52 -69.80 39.12
N LYS J 550 -40.91 -68.60 38.68
CA LYS J 550 -41.48 -67.61 39.58
C LYS J 550 -42.95 -67.32 39.30
N LEU J 551 -43.64 -68.24 38.64
CA LEU J 551 -45.01 -67.98 38.22
C LEU J 551 -45.98 -68.03 39.40
N ASP J 552 -45.74 -68.90 40.36
CA ASP J 552 -46.62 -69.01 41.53
C ASP J 552 -46.12 -68.17 42.69
N ARG J 553 -45.46 -67.05 42.40
CA ARG J 553 -44.80 -66.29 43.47
C ARG J 553 -45.76 -65.45 44.28
N LEU J 554 -47.04 -65.39 43.88
CA LEU J 554 -48.18 -64.82 44.61
C LEU J 554 -48.15 -63.29 44.69
N GLU J 555 -47.06 -62.66 44.29
CA GLU J 555 -46.96 -61.21 44.20
C GLU J 555 -46.66 -60.89 42.75
N ALA J 556 -47.46 -60.01 42.16
CA ALA J 556 -47.40 -59.61 40.75
C ALA J 556 -47.50 -60.83 39.83
N SER J 557 -48.43 -61.72 40.16
CA SER J 557 -48.68 -62.90 39.35
C SER J 557 -49.13 -62.54 37.93
N SER J 558 -49.89 -61.45 37.79
CA SER J 558 -50.16 -60.95 36.44
C SER J 558 -48.94 -60.34 35.81
N GLY J 559 -48.01 -59.83 36.62
CA GLY J 559 -46.84 -59.15 36.11
C GLY J 559 -45.90 -60.05 35.34
N ILE J 560 -45.51 -61.17 35.94
CA ILE J 560 -44.60 -62.09 35.26
C ILE J 560 -45.30 -62.75 34.08
N LEU J 561 -46.59 -63.09 34.26
CA LEU J 561 -47.37 -63.68 33.19
C LEU J 561 -47.51 -62.73 32.01
N GLU J 562 -47.50 -61.43 32.27
CA GLU J 562 -47.41 -60.45 31.20
C GLU J 562 -46.08 -60.54 30.47
N VAL J 563 -44.98 -60.73 31.20
CA VAL J 563 -43.66 -60.78 30.57
C VAL J 563 -43.52 -62.02 29.70
N LEU J 564 -44.10 -63.13 30.16
CA LEU J 564 -44.01 -64.36 29.39
C LEU J 564 -44.82 -64.28 28.10
N TYR J 565 -45.88 -63.49 28.08
CA TYR J 565 -46.72 -63.45 26.90
C TYR J 565 -46.07 -62.66 25.78
N CYS J 566 -45.40 -61.57 26.12
CA CYS J 566 -44.78 -60.76 25.08
C CYS J 566 -43.51 -61.40 24.52
N VAL J 567 -42.83 -62.26 25.29
CA VAL J 567 -41.64 -62.90 24.78
C VAL J 567 -41.96 -64.10 23.90
N LEU J 568 -43.13 -64.71 24.08
CA LEU J 568 -43.50 -65.90 23.33
C LEU J 568 -44.26 -65.61 22.06
N ILE J 569 -44.20 -64.38 21.57
CA ILE J 569 -44.86 -64.03 20.32
C ILE J 569 -43.93 -63.34 19.36
N GLU J 570 -42.73 -62.99 19.78
CA GLU J 570 -41.81 -62.26 18.91
C GLU J 570 -40.68 -63.11 18.36
N SER J 571 -40.11 -64.02 19.15
CA SER J 571 -38.96 -64.82 18.71
C SER J 571 -39.35 -66.28 18.79
N PRO J 572 -39.56 -66.95 17.65
CA PRO J 572 -40.10 -68.31 17.66
C PRO J 572 -39.13 -69.38 18.15
N GLU J 573 -37.85 -69.06 18.29
CA GLU J 573 -36.88 -70.03 18.78
C GLU J 573 -37.08 -70.36 20.25
N VAL J 574 -37.87 -69.57 20.97
CA VAL J 574 -38.07 -69.86 22.38
C VAL J 574 -39.22 -70.86 22.54
N LEU J 575 -39.94 -71.16 21.45
CA LEU J 575 -40.95 -72.21 21.53
C LEU J 575 -40.35 -73.60 21.71
N ASN J 576 -39.50 -74.04 20.78
CA ASN J 576 -39.05 -75.42 20.74
C ASN J 576 -37.92 -75.72 21.71
N ILE J 577 -37.62 -74.82 22.62
CA ILE J 577 -36.72 -75.09 23.73
C ILE J 577 -37.49 -75.28 25.02
N ILE J 578 -38.75 -75.68 24.94
CA ILE J 578 -39.62 -75.82 26.10
C ILE J 578 -39.95 -77.30 26.27
N GLN J 579 -39.70 -77.83 27.45
CA GLN J 579 -39.96 -79.23 27.73
C GLN J 579 -41.23 -79.36 28.55
N GLU J 580 -41.55 -80.60 28.92
CA GLU J 580 -42.80 -80.92 29.59
C GLU J 580 -42.82 -80.42 31.03
N ASN J 581 -41.66 -80.14 31.61
CA ASN J 581 -41.62 -79.59 32.97
C ASN J 581 -42.14 -78.16 33.02
N HIS J 582 -42.08 -77.44 31.90
CA HIS J 582 -42.56 -76.06 31.90
C HIS J 582 -44.06 -75.99 31.75
N ILE J 583 -44.63 -76.76 30.81
CA ILE J 583 -46.06 -76.74 30.55
C ILE J 583 -46.83 -77.22 31.77
N LYS J 584 -46.27 -78.15 32.53
CA LYS J 584 -46.95 -78.63 33.73
C LYS J 584 -46.99 -77.59 34.83
N SER J 585 -46.16 -76.55 34.74
CA SER J 585 -46.30 -75.46 35.70
C SER J 585 -47.40 -74.50 35.29
N ILE J 586 -47.55 -74.27 33.99
CA ILE J 586 -48.53 -73.30 33.48
C ILE J 586 -49.96 -73.77 33.74
N ILE J 587 -50.23 -75.04 33.48
CA ILE J 587 -51.52 -75.61 33.86
C ILE J 587 -51.70 -75.57 35.37
N SER J 588 -50.61 -75.77 36.12
CA SER J 588 -50.67 -75.61 37.56
C SER J 588 -50.82 -74.14 37.97
N LEU J 589 -50.50 -73.20 37.08
CA LEU J 589 -50.80 -71.81 37.38
C LEU J 589 -52.28 -71.54 37.21
N LEU J 590 -52.88 -72.09 36.16
CA LEU J 590 -54.29 -71.89 35.89
C LEU J 590 -55.16 -72.52 36.98
N ASP J 591 -54.74 -73.66 37.51
CA ASP J 591 -55.48 -74.35 38.56
C ASP J 591 -55.39 -73.65 39.90
N LYS J 592 -54.49 -72.69 40.07
CA LYS J 592 -54.37 -71.97 41.32
C LYS J 592 -54.62 -70.48 41.20
N HIS J 593 -55.05 -70.00 40.05
CA HIS J 593 -55.30 -68.58 39.87
C HIS J 593 -56.56 -68.32 39.07
N GLY J 594 -57.54 -69.19 39.22
CA GLY J 594 -58.85 -68.99 38.63
C GLY J 594 -58.83 -69.16 37.13
N ARG J 595 -59.98 -68.88 36.54
CA ARG J 595 -60.14 -69.01 35.09
C ARG J 595 -59.69 -67.71 34.45
N ASN J 596 -58.40 -67.44 34.52
CA ASN J 596 -57.83 -66.27 33.90
C ASN J 596 -57.75 -66.48 32.39
N HIS J 597 -58.30 -65.53 31.65
CA HIS J 597 -58.32 -65.65 30.20
C HIS J 597 -57.01 -65.27 29.56
N LYS J 598 -56.04 -64.76 30.31
CA LYS J 598 -54.74 -64.51 29.74
C LYS J 598 -53.91 -65.77 29.60
N VAL J 599 -54.11 -66.75 30.48
CA VAL J 599 -53.37 -67.99 30.41
C VAL J 599 -53.73 -68.78 29.16
N LEU J 600 -54.95 -68.62 28.65
CA LEU J 600 -55.27 -69.29 27.40
C LEU J 600 -54.63 -68.61 26.21
N ASP J 601 -54.20 -67.35 26.35
CA ASP J 601 -53.48 -66.72 25.26
C ASP J 601 -52.10 -67.33 25.06
N VAL J 602 -51.35 -67.50 26.15
CA VAL J 602 -49.97 -67.96 26.03
C VAL J 602 -49.94 -69.41 25.57
N LEU J 603 -50.98 -70.19 25.89
CA LEU J 603 -51.06 -71.53 25.33
C LEU J 603 -51.48 -71.50 23.87
N CYS J 604 -52.18 -70.45 23.44
CA CYS J 604 -52.52 -70.35 22.03
C CYS J 604 -51.33 -69.86 21.22
N SER J 605 -50.36 -69.22 21.85
CA SER J 605 -49.13 -68.89 21.15
C SER J 605 -48.14 -70.03 21.15
N LEU J 606 -48.36 -71.03 22.00
CA LEU J 606 -47.42 -72.13 22.14
C LEU J 606 -47.61 -73.19 21.08
N CYS J 607 -48.74 -73.19 20.37
CA CYS J 607 -48.97 -74.21 19.35
C CYS J 607 -48.19 -73.88 18.08
N VAL J 608 -48.42 -72.71 17.51
CA VAL J 608 -47.83 -72.38 16.23
C VAL J 608 -46.83 -71.26 16.41
N CYS J 609 -46.01 -71.07 15.37
CA CYS J 609 -45.17 -69.88 15.25
C CYS J 609 -44.92 -69.63 13.77
N ASN J 610 -45.27 -68.42 13.32
CA ASN J 610 -45.08 -67.96 11.94
C ASN J 610 -45.78 -68.86 10.94
N GLY J 611 -46.94 -69.38 11.32
CA GLY J 611 -47.64 -70.34 10.51
C GLY J 611 -47.04 -71.72 10.49
N VAL J 612 -46.15 -72.04 11.43
CA VAL J 612 -45.52 -73.35 11.51
C VAL J 612 -45.79 -73.94 12.87
N ALA J 613 -46.41 -75.10 12.90
CA ALA J 613 -46.82 -75.70 14.17
C ALA J 613 -45.69 -76.55 14.74
N VAL J 614 -45.83 -76.86 16.02
CA VAL J 614 -44.86 -77.67 16.74
C VAL J 614 -45.58 -78.90 17.23
N ARG J 615 -45.39 -80.03 16.55
CA ARG J 615 -46.03 -81.27 16.94
C ARG J 615 -45.57 -81.80 18.29
N SER J 616 -44.40 -81.38 18.76
CA SER J 616 -43.99 -81.78 20.09
C SER J 616 -44.78 -81.05 21.16
N ASN J 617 -45.14 -79.79 20.92
CA ASN J 617 -45.92 -79.05 21.88
C ASN J 617 -47.41 -79.28 21.75
N GLN J 618 -47.90 -79.67 20.58
CA GLN J 618 -49.32 -79.84 20.40
C GLN J 618 -49.85 -81.12 21.03
N ASP J 619 -48.99 -81.95 21.61
CA ASP J 619 -49.50 -83.07 22.37
C ASP J 619 -49.23 -82.96 23.85
N LEU J 620 -48.23 -82.17 24.24
CA LEU J 620 -47.95 -81.98 25.65
C LEU J 620 -49.08 -81.24 26.35
N ILE J 621 -49.74 -80.31 25.64
CA ILE J 621 -50.92 -79.67 26.18
C ILE J 621 -52.07 -80.65 26.27
N THR J 622 -52.30 -81.40 25.20
CA THR J 622 -53.55 -82.13 25.04
C THR J 622 -53.69 -83.28 26.03
N GLU J 623 -52.69 -84.15 26.15
CA GLU J 623 -52.78 -85.24 27.09
C GLU J 623 -52.57 -84.81 28.53
N ASN J 624 -52.32 -83.54 28.79
CA ASN J 624 -52.32 -83.02 30.14
C ASN J 624 -53.59 -82.28 30.49
N LEU J 625 -53.99 -81.30 29.68
CA LEU J 625 -55.12 -80.43 30.00
C LEU J 625 -56.46 -81.15 29.87
N LEU J 626 -56.81 -81.58 28.67
CA LEU J 626 -58.06 -82.26 28.37
C LEU J 626 -58.47 -83.47 29.20
N PRO J 627 -57.65 -84.51 29.39
CA PRO J 627 -58.20 -85.83 29.74
C PRO J 627 -58.77 -85.91 31.14
N GLY J 628 -58.32 -85.05 32.05
CA GLY J 628 -58.95 -84.98 33.35
C GLY J 628 -60.37 -84.46 33.28
N ARG J 629 -60.64 -83.59 32.29
CA ARG J 629 -61.94 -82.98 32.04
C ARG J 629 -62.45 -82.23 33.26
N GLU J 630 -61.54 -81.69 34.07
CA GLU J 630 -61.90 -81.14 35.36
C GLU J 630 -61.32 -79.76 35.60
N LEU J 631 -60.92 -79.04 34.57
CA LEU J 631 -60.46 -77.68 34.70
C LEU J 631 -61.15 -76.73 33.74
N LEU J 632 -61.65 -77.25 32.63
CA LEU J 632 -62.35 -76.46 31.62
C LEU J 632 -63.85 -76.68 31.73
N LEU J 633 -64.59 -76.08 30.81
CA LEU J 633 -66.02 -76.28 30.77
C LEU J 633 -66.37 -77.37 29.78
N GLN J 634 -67.43 -78.11 30.06
CA GLN J 634 -67.88 -79.17 29.18
C GLN J 634 -69.26 -78.85 28.65
N THR J 635 -69.51 -79.22 27.39
CA THR J 635 -70.80 -78.96 26.77
C THR J 635 -71.46 -80.28 26.44
N ASN J 636 -72.79 -80.28 26.45
CA ASN J 636 -73.53 -81.48 26.13
C ASN J 636 -74.97 -81.12 25.77
N LEU J 637 -75.58 -81.95 24.93
CA LEU J 637 -77.01 -81.88 24.70
C LEU J 637 -77.71 -82.77 25.70
N ILE J 638 -78.73 -82.25 26.37
CA ILE J 638 -79.53 -83.05 27.30
C ILE J 638 -81.00 -82.80 27.05
N ASN J 639 -81.83 -83.59 27.73
CA ASN J 639 -83.26 -83.52 27.54
C ASN J 639 -83.90 -82.63 28.60
N TYR J 640 -85.12 -82.21 28.33
CA TYR J 640 -85.95 -81.52 29.30
C TYR J 640 -86.69 -82.53 30.18
N VAL J 641 -86.97 -82.12 31.42
CA VAL J 641 -87.85 -82.86 32.30
C VAL J 641 -88.88 -81.89 32.87
N THR J 642 -90.03 -82.43 33.21
CA THR J 642 -91.03 -81.72 34.01
C THR J 642 -91.46 -82.62 35.15
N SER J 643 -92.39 -82.13 35.96
CA SER J 643 -92.94 -82.90 37.06
C SER J 643 -94.41 -82.56 37.18
N ILE J 644 -95.22 -83.55 37.49
CA ILE J 644 -96.65 -83.35 37.66
C ILE J 644 -97.11 -84.05 38.93
N ARG J 645 -98.25 -83.63 39.44
CA ARG J 645 -98.80 -84.13 40.69
C ARG J 645 -100.30 -83.96 40.70
N PRO J 646 -101.01 -84.74 41.51
CA PRO J 646 -102.37 -84.38 41.91
C PRO J 646 -102.32 -83.42 43.09
N ASN J 647 -103.50 -83.01 43.54
CA ASN J 647 -103.60 -82.06 44.65
C ASN J 647 -103.76 -82.79 45.99
N ILE J 648 -102.88 -83.75 46.22
CA ILE J 648 -103.02 -84.67 47.36
C ILE J 648 -101.83 -84.46 48.26
N PHE J 649 -101.96 -83.55 49.22
CA PHE J 649 -100.86 -83.16 50.07
C PHE J 649 -101.04 -83.75 51.46
N VAL J 650 -100.40 -84.89 51.71
CA VAL J 650 -100.53 -85.59 52.97
C VAL J 650 -99.33 -85.26 53.83
N GLY J 651 -99.57 -84.83 55.07
CA GLY J 651 -98.51 -84.65 56.02
C GLY J 651 -99.02 -84.89 57.43
N ARG J 652 -98.08 -85.15 58.34
CA ARG J 652 -98.42 -85.44 59.73
C ARG J 652 -97.80 -84.40 60.64
N ALA J 653 -98.33 -84.31 61.85
CA ALA J 653 -97.89 -83.34 62.85
C ALA J 653 -98.30 -83.85 64.22
N GLU J 654 -98.26 -82.96 65.22
CA GLU J 654 -98.84 -83.29 66.52
C GLU J 654 -100.35 -83.43 66.41
N GLY J 655 -101.05 -82.34 66.07
CA GLY J 655 -102.47 -82.43 65.86
C GLY J 655 -102.76 -82.90 64.46
N SER J 656 -102.94 -84.20 64.30
CA SER J 656 -102.99 -84.80 62.98
C SER J 656 -104.41 -85.26 62.69
N THR J 657 -105.08 -84.57 61.76
CA THR J 657 -106.36 -85.02 61.25
C THR J 657 -106.20 -85.91 60.02
N GLN J 658 -104.99 -86.40 59.74
CA GLN J 658 -104.70 -87.16 58.55
C GLN J 658 -104.28 -88.58 58.90
N TYR J 659 -104.21 -89.44 57.88
CA TYR J 659 -104.02 -90.87 58.11
C TYR J 659 -102.56 -91.21 58.41
N GLY J 660 -101.68 -91.02 57.43
CA GLY J 660 -100.27 -91.27 57.59
C GLY J 660 -99.77 -92.56 56.95
N LYS J 661 -100.60 -93.21 56.14
CA LYS J 661 -100.23 -94.44 55.45
C LYS J 661 -101.12 -94.65 54.25
N TRP J 662 -100.57 -94.41 53.06
CA TRP J 662 -101.33 -94.27 51.84
C TRP J 662 -100.75 -95.19 50.76
N TYR J 663 -101.34 -95.09 49.57
CA TYR J 663 -101.07 -96.03 48.49
C TYR J 663 -101.66 -95.48 47.21
N PHE J 664 -100.97 -95.70 46.10
CA PHE J 664 -101.48 -95.40 44.77
C PHE J 664 -100.70 -96.20 43.74
N GLU J 665 -101.25 -96.29 42.54
CA GLU J 665 -100.68 -97.09 41.47
C GLU J 665 -100.47 -96.25 40.22
N VAL J 666 -99.50 -96.66 39.42
CA VAL J 666 -99.18 -96.01 38.15
C VAL J 666 -98.98 -97.11 37.10
N MET J 667 -99.72 -97.03 36.00
CA MET J 667 -99.63 -97.99 34.92
C MET J 667 -98.99 -97.33 33.71
N VAL J 668 -97.87 -97.87 33.27
CA VAL J 668 -97.14 -97.36 32.12
C VAL J 668 -97.48 -98.18 30.90
N ASP J 669 -97.80 -97.52 29.80
CA ASP J 669 -98.26 -98.21 28.61
C ASP J 669 -97.58 -97.79 27.31
N GLU J 670 -96.83 -96.69 27.28
CA GLU J 670 -96.23 -96.25 26.03
C GLU J 670 -94.97 -95.47 26.35
N VAL J 671 -93.81 -96.10 26.17
CA VAL J 671 -92.52 -95.45 26.38
C VAL J 671 -91.61 -95.80 25.21
N VAL J 672 -91.18 -94.80 24.48
CA VAL J 672 -90.04 -94.95 23.57
C VAL J 672 -88.77 -94.92 24.43
N PRO J 673 -87.88 -95.88 24.30
CA PRO J 673 -86.66 -95.86 25.12
C PRO J 673 -85.69 -94.80 24.68
N PHE J 674 -85.60 -94.54 23.36
CA PHE J 674 -84.65 -93.58 22.83
C PHE J 674 -85.32 -92.77 21.72
N LEU J 675 -85.92 -91.65 22.12
CA LEU J 675 -86.30 -90.65 21.12
C LEU J 675 -85.15 -89.71 20.84
N THR J 676 -84.40 -89.34 21.87
CA THR J 676 -83.31 -88.38 21.76
C THR J 676 -81.98 -89.12 21.81
N ALA J 677 -80.91 -88.34 21.87
CA ALA J 677 -79.60 -88.93 22.08
C ALA J 677 -79.43 -89.43 23.50
N GLN J 678 -80.12 -88.82 24.46
CA GLN J 678 -80.01 -89.24 25.85
C GLN J 678 -81.13 -90.22 26.13
N ALA J 679 -81.00 -90.96 27.24
CA ALA J 679 -82.04 -91.92 27.60
C ALA J 679 -83.29 -91.20 28.08
N THR J 680 -84.44 -91.81 27.81
CA THR J 680 -85.72 -91.18 28.13
C THR J 680 -85.96 -91.28 29.63
N HIS J 681 -86.01 -90.13 30.28
CA HIS J 681 -86.05 -90.05 31.73
C HIS J 681 -87.48 -90.27 32.20
N LEU J 682 -87.68 -91.18 33.16
CA LEU J 682 -89.00 -91.46 33.70
C LEU J 682 -88.84 -92.10 35.08
N ARG J 683 -89.18 -91.36 36.13
CA ARG J 683 -89.12 -91.87 37.50
C ARG J 683 -90.43 -91.56 38.21
N VAL J 684 -90.70 -92.31 39.28
CA VAL J 684 -91.95 -92.22 40.04
C VAL J 684 -91.63 -92.28 41.53
N GLY J 685 -92.19 -91.36 42.30
CA GLY J 685 -92.01 -91.42 43.74
C GLY J 685 -92.81 -90.38 44.48
N TRP J 686 -92.27 -89.95 45.62
CA TRP J 686 -92.89 -89.00 46.53
C TRP J 686 -91.97 -87.80 46.73
N ALA J 687 -92.58 -86.68 47.11
CA ALA J 687 -91.82 -85.43 47.23
C ALA J 687 -92.46 -84.55 48.29
N LEU J 688 -91.64 -83.72 48.92
CA LEU J 688 -92.08 -82.67 49.81
C LEU J 688 -92.67 -81.51 49.00
N THR J 689 -93.18 -80.52 49.73
CA THR J 689 -93.78 -79.36 49.09
C THR J 689 -92.81 -78.19 49.04
N GLU J 690 -92.29 -77.79 50.19
CA GLU J 690 -91.51 -76.56 50.29
C GLU J 690 -90.11 -76.68 49.68
N GLY J 691 -89.63 -77.88 49.44
CA GLY J 691 -88.25 -78.04 49.03
C GLY J 691 -88.04 -78.42 47.57
N TYR J 692 -88.91 -79.27 47.04
CA TYR J 692 -88.72 -79.79 45.68
C TYR J 692 -89.21 -78.75 44.69
N SER J 693 -88.29 -78.18 43.92
CA SER J 693 -88.59 -77.15 42.93
C SER J 693 -87.84 -77.47 41.65
N PRO J 694 -88.42 -78.27 40.76
CA PRO J 694 -87.76 -78.60 39.50
C PRO J 694 -87.86 -77.44 38.52
N TYR J 695 -86.74 -77.06 37.95
CA TYR J 695 -86.83 -76.01 36.95
C TYR J 695 -86.46 -76.58 35.59
N PRO J 696 -87.07 -76.06 34.50
CA PRO J 696 -86.97 -76.76 33.22
C PRO J 696 -85.60 -76.77 32.57
N GLY J 697 -84.66 -75.99 33.08
CA GLY J 697 -83.29 -76.10 32.61
C GLY J 697 -82.30 -75.90 33.72
N GLY J 698 -81.09 -76.44 33.55
CA GLY J 698 -80.05 -76.27 34.54
C GLY J 698 -80.33 -77.05 35.80
N GLY J 699 -79.66 -76.64 36.87
CA GLY J 699 -79.93 -77.18 38.18
C GLY J 699 -78.75 -78.00 38.67
N GLU J 700 -79.02 -78.80 39.69
CA GLU J 700 -78.00 -79.64 40.29
C GLU J 700 -77.71 -80.85 39.41
N GLY J 701 -76.45 -81.22 39.35
CA GLY J 701 -76.05 -82.33 38.52
C GLY J 701 -75.79 -81.90 37.09
N TRP J 702 -75.78 -82.88 36.19
CA TRP J 702 -75.51 -82.57 34.80
C TRP J 702 -76.72 -81.91 34.13
N GLY J 703 -77.90 -82.14 34.65
CA GLY J 703 -79.08 -81.51 34.10
C GLY J 703 -80.21 -82.48 33.93
N GLY J 704 -81.39 -81.91 33.71
CA GLY J 704 -82.59 -82.72 33.60
C GLY J 704 -82.98 -83.31 34.93
N ASN J 705 -82.64 -82.60 36.00
CA ASN J 705 -82.91 -83.07 37.35
C ASN J 705 -84.41 -83.08 37.65
N GLY J 706 -84.87 -84.17 38.24
CA GLY J 706 -86.28 -84.35 38.57
C GLY J 706 -86.47 -85.04 39.91
N VAL J 707 -87.27 -86.11 39.93
CA VAL J 707 -87.58 -86.81 41.16
C VAL J 707 -86.36 -87.55 41.65
N GLY J 708 -86.02 -87.37 42.92
CA GLY J 708 -84.87 -88.02 43.51
C GLY J 708 -83.57 -87.33 43.27
N ASP J 709 -83.58 -86.17 42.62
CA ASP J 709 -82.36 -85.50 42.22
C ASP J 709 -81.81 -84.58 43.27
N ASP J 710 -82.41 -84.56 44.46
CA ASP J 710 -81.85 -83.88 45.62
C ASP J 710 -82.46 -84.49 46.87
N LEU J 711 -82.35 -83.75 47.97
CA LEU J 711 -82.79 -84.25 49.26
C LEU J 711 -84.26 -84.00 49.53
N TYR J 712 -85.07 -83.77 48.51
CA TYR J 712 -86.46 -83.43 48.74
C TYR J 712 -87.43 -84.41 48.10
N SER J 713 -86.95 -85.41 47.39
CA SER J 713 -87.82 -86.39 46.77
C SER J 713 -87.07 -87.70 46.63
N TYR J 714 -87.83 -88.78 46.41
CA TYR J 714 -87.31 -90.14 46.43
C TYR J 714 -87.87 -90.89 45.23
N GLY J 715 -86.99 -91.26 44.30
CA GLY J 715 -87.41 -91.76 43.02
C GLY J 715 -87.14 -93.24 42.79
N PHE J 716 -87.92 -93.81 41.89
CA PHE J 716 -87.73 -95.19 41.46
C PHE J 716 -88.00 -95.24 39.96
N ASP J 717 -87.14 -95.94 39.22
CA ASP J 717 -87.25 -96.00 37.77
C ASP J 717 -87.48 -97.40 37.25
N GLY J 718 -87.59 -98.38 38.13
CA GLY J 718 -87.63 -99.75 37.69
C GLY J 718 -86.45 -100.53 38.24
N LEU J 719 -85.27 -99.92 38.27
CA LEU J 719 -84.13 -100.64 38.82
C LEU J 719 -83.16 -99.75 39.60
N HIS J 720 -83.56 -98.55 39.99
CA HIS J 720 -82.71 -97.71 40.82
C HIS J 720 -83.56 -96.92 41.80
N LEU J 721 -83.03 -96.75 43.01
CA LEU J 721 -83.64 -95.89 44.01
C LEU J 721 -82.95 -94.53 43.91
N TRP J 722 -83.67 -93.56 43.38
CA TRP J 722 -83.13 -92.23 43.18
C TRP J 722 -83.45 -91.36 44.39
N THR J 723 -82.40 -90.89 45.07
CA THR J 723 -82.53 -89.95 46.16
C THR J 723 -81.19 -89.26 46.37
N GLY J 724 -81.23 -87.97 46.67
CA GLY J 724 -80.01 -87.21 46.90
C GLY J 724 -79.09 -87.10 45.71
N HIS J 725 -79.64 -87.19 44.50
CA HIS J 725 -78.90 -87.21 43.23
C HIS J 725 -77.84 -88.30 43.18
N VAL J 726 -78.25 -89.55 43.31
CA VAL J 726 -77.39 -90.71 43.08
C VAL J 726 -78.30 -91.90 42.80
N ALA J 727 -77.89 -92.74 41.84
CA ALA J 727 -78.59 -93.99 41.58
C ALA J 727 -78.23 -94.98 42.66
N ARG J 728 -79.18 -95.83 43.03
CA ARG J 728 -78.92 -96.92 43.98
C ARG J 728 -79.38 -98.23 43.35
N PRO J 729 -78.47 -99.14 43.06
CA PRO J 729 -78.87 -100.39 42.40
C PRO J 729 -79.66 -101.30 43.32
N VAL J 730 -80.79 -101.78 42.82
CA VAL J 730 -81.71 -102.56 43.60
C VAL J 730 -81.66 -104.01 43.14
N THR J 731 -82.29 -104.89 43.91
CA THR J 731 -82.42 -106.29 43.57
C THR J 731 -83.90 -106.58 43.44
N SER J 732 -84.41 -106.47 42.22
CA SER J 732 -85.81 -106.79 41.98
C SER J 732 -85.93 -108.04 41.13
N PRO J 733 -86.93 -108.87 41.37
CA PRO J 733 -87.15 -110.05 40.54
C PRO J 733 -87.69 -109.65 39.17
N GLY J 734 -86.93 -109.98 38.13
CA GLY J 734 -87.27 -109.57 36.77
C GLY J 734 -87.09 -108.08 36.59
N GLN J 735 -86.00 -107.55 37.13
CA GLN J 735 -85.79 -106.11 37.15
C GLN J 735 -85.49 -105.58 35.76
N HIS J 736 -86.13 -104.48 35.41
CA HIS J 736 -85.89 -103.77 34.17
C HIS J 736 -86.42 -102.36 34.35
N LEU J 737 -86.41 -101.58 33.27
CA LEU J 737 -86.93 -100.22 33.34
C LEU J 737 -88.45 -100.25 33.34
N LEU J 738 -89.04 -99.06 33.32
CA LEU J 738 -90.50 -98.95 33.25
C LEU J 738 -90.91 -99.25 31.82
N ALA J 739 -91.02 -100.52 31.51
CA ALA J 739 -91.51 -100.96 30.21
C ALA J 739 -93.01 -100.71 30.13
N PRO J 740 -93.58 -100.67 28.92
CA PRO J 740 -95.04 -100.62 28.79
C PRO J 740 -95.69 -101.88 29.33
N GLU J 741 -96.98 -101.75 29.63
CA GLU J 741 -97.80 -102.76 30.31
C GLU J 741 -97.18 -103.18 31.65
N ASP J 742 -96.72 -102.19 32.40
CA ASP J 742 -96.23 -102.40 33.75
C ASP J 742 -97.01 -101.53 34.72
N VAL J 743 -97.20 -102.04 35.93
CA VAL J 743 -97.93 -101.34 36.97
C VAL J 743 -97.03 -101.24 38.18
N VAL J 744 -96.69 -100.03 38.59
CA VAL J 744 -95.86 -99.80 39.75
C VAL J 744 -96.76 -99.31 40.87
N SER J 745 -96.33 -99.50 42.12
CA SER J 745 -97.06 -99.06 43.29
C SER J 745 -96.09 -98.46 44.29
N CYS J 746 -96.59 -97.58 45.13
CA CYS J 746 -95.76 -96.87 46.11
C CYS J 746 -96.40 -97.00 47.48
N CYS J 747 -95.77 -97.80 48.33
CA CYS J 747 -96.20 -97.91 49.72
C CYS J 747 -95.56 -96.80 50.54
N LEU J 748 -96.40 -96.06 51.26
CA LEU J 748 -95.95 -94.90 52.01
C LEU J 748 -96.36 -95.03 53.47
N ASP J 749 -95.45 -94.68 54.37
CA ASP J 749 -95.75 -94.66 55.79
C ASP J 749 -95.22 -93.37 56.38
N LEU J 750 -96.03 -92.72 57.22
CA LEU J 750 -95.62 -91.52 57.93
C LEU J 750 -95.37 -91.74 59.40
N SER J 751 -95.91 -92.82 59.98
CA SER J 751 -95.62 -93.14 61.37
C SER J 751 -94.15 -93.50 61.54
N VAL J 752 -93.73 -94.59 60.90
CA VAL J 752 -92.31 -94.84 60.69
C VAL J 752 -91.98 -94.15 59.36
N PRO J 753 -90.84 -93.48 59.25
CA PRO J 753 -90.45 -92.93 57.95
C PRO J 753 -90.08 -94.06 57.00
N SER J 754 -90.95 -94.31 56.02
CA SER J 754 -90.83 -95.51 55.21
C SER J 754 -91.51 -95.30 53.87
N ILE J 755 -90.79 -95.63 52.80
CA ILE J 755 -91.34 -95.67 51.45
C ILE J 755 -90.95 -97.00 50.84
N SER J 756 -91.93 -97.76 50.37
CA SER J 756 -91.68 -99.01 49.66
C SER J 756 -92.31 -98.98 48.28
N PHE J 757 -92.00 -100.00 47.49
CA PHE J 757 -92.48 -100.10 46.13
C PHE J 757 -92.76 -101.55 45.75
N ARG J 758 -93.78 -101.76 44.93
CA ARG J 758 -93.98 -103.01 44.22
C ARG J 758 -94.30 -102.69 42.76
N ILE J 759 -93.75 -103.49 41.86
CA ILE J 759 -94.01 -103.37 40.43
C ILE J 759 -94.64 -104.66 39.95
N ASN J 760 -95.81 -104.53 39.32
CA ASN J 760 -96.59 -105.65 38.78
C ASN J 760 -96.88 -106.70 39.84
N GLY J 761 -97.24 -106.23 41.03
CA GLY J 761 -97.47 -107.10 42.17
C GLY J 761 -96.22 -107.55 42.90
N CYS J 762 -95.04 -107.32 42.34
CA CYS J 762 -93.82 -107.85 42.90
C CYS J 762 -93.07 -106.79 43.69
N PRO J 763 -92.85 -106.99 44.98
CA PRO J 763 -92.22 -105.95 45.80
C PRO J 763 -90.73 -105.82 45.56
N VAL J 764 -90.20 -104.66 45.93
CA VAL J 764 -88.80 -104.36 45.72
C VAL J 764 -88.03 -104.58 47.04
N GLN J 765 -86.74 -104.85 46.90
CA GLN J 765 -85.90 -105.17 48.06
C GLN J 765 -85.08 -103.95 48.48
N GLY J 766 -85.80 -102.93 48.94
CA GLY J 766 -85.16 -101.72 49.44
C GLY J 766 -86.15 -100.62 49.78
N VAL J 767 -85.90 -99.92 50.89
CA VAL J 767 -86.81 -98.90 51.42
C VAL J 767 -86.02 -97.73 51.97
N PHE J 768 -86.71 -96.60 52.12
CA PHE J 768 -86.13 -95.36 52.61
C PHE J 768 -86.53 -95.15 54.05
N GLU J 769 -85.66 -94.48 54.82
CA GLU J 769 -85.90 -94.26 56.25
C GLU J 769 -85.43 -92.89 56.66
N ALA J 770 -85.92 -92.46 57.83
CA ALA J 770 -85.32 -91.42 58.67
C ALA J 770 -85.28 -90.04 58.01
N PHE J 771 -86.14 -89.82 57.03
CA PHE J 771 -86.21 -88.52 56.39
C PHE J 771 -86.98 -87.55 57.28
N ASN J 772 -86.86 -86.27 56.96
CA ASN J 772 -87.52 -85.24 57.74
C ASN J 772 -89.02 -85.27 57.53
N LEU J 773 -89.74 -84.56 58.39
CA LEU J 773 -91.20 -84.55 58.34
C LEU J 773 -91.75 -83.13 58.47
N ASP J 774 -91.03 -82.14 57.99
CA ASP J 774 -91.47 -80.74 58.08
C ASP J 774 -92.09 -80.34 56.76
N GLY J 775 -93.32 -80.77 56.54
CA GLY J 775 -94.04 -80.44 55.32
C GLY J 775 -94.93 -81.59 54.89
N LEU J 776 -95.61 -81.37 53.78
CA LEU J 776 -96.59 -82.31 53.26
C LEU J 776 -95.93 -83.17 52.19
N PHE J 777 -96.67 -84.16 51.69
CA PHE J 777 -96.14 -85.06 50.67
C PHE J 777 -97.19 -85.28 49.58
N PHE J 778 -96.72 -85.40 48.34
CA PHE J 778 -97.61 -85.63 47.22
C PHE J 778 -96.92 -86.52 46.21
N PRO J 779 -97.68 -87.30 45.44
CA PRO J 779 -97.04 -88.17 44.44
C PRO J 779 -96.49 -87.36 43.28
N VAL J 780 -95.33 -87.78 42.78
CA VAL J 780 -94.66 -87.14 41.68
C VAL J 780 -94.21 -88.18 40.66
N VAL J 781 -94.39 -87.86 39.39
CA VAL J 781 -93.75 -88.57 38.30
C VAL J 781 -93.05 -87.55 37.41
N SER J 782 -91.75 -87.74 37.24
CA SER J 782 -90.97 -86.88 36.37
C SER J 782 -90.72 -87.64 35.09
N PHE J 783 -90.96 -86.99 33.95
CA PHE J 783 -90.84 -87.65 32.67
C PHE J 783 -90.07 -86.77 31.71
N SER J 784 -89.40 -87.41 30.76
CA SER J 784 -88.86 -86.73 29.60
C SER J 784 -89.92 -86.74 28.50
N ALA J 785 -89.54 -86.40 27.28
CA ALA J 785 -90.49 -86.47 26.18
C ALA J 785 -90.72 -87.92 25.76
N GLY J 786 -91.77 -88.14 24.99
CA GLY J 786 -92.03 -89.45 24.43
C GLY J 786 -92.56 -90.46 25.43
N VAL J 787 -93.28 -90.00 26.45
CA VAL J 787 -93.79 -90.87 27.49
C VAL J 787 -95.29 -90.60 27.65
N LYS J 788 -96.10 -91.64 27.52
CA LYS J 788 -97.53 -91.60 27.79
C LYS J 788 -97.84 -92.51 28.95
N VAL J 789 -98.53 -91.99 29.97
CA VAL J 789 -98.76 -92.75 31.18
C VAL J 789 -100.08 -92.29 31.81
N ARG J 790 -100.66 -93.16 32.61
CA ARG J 790 -101.97 -92.94 33.22
C ARG J 790 -101.87 -93.03 34.74
N PHE J 791 -102.79 -92.37 35.41
CA PHE J 791 -102.87 -92.36 36.87
C PHE J 791 -103.93 -93.32 37.38
N LEU J 792 -103.61 -94.02 38.47
CA LEU J 792 -104.53 -94.89 39.20
C LEU J 792 -104.53 -94.38 40.65
N LEU J 793 -105.54 -93.60 40.99
CA LEU J 793 -105.60 -92.92 42.27
C LEU J 793 -106.51 -93.62 43.27
N GLY J 794 -107.68 -94.07 42.82
CA GLY J 794 -108.64 -94.72 43.67
C GLY J 794 -109.85 -95.07 42.82
N GLY J 795 -110.76 -95.86 43.43
CA GLY J 795 -111.82 -96.50 42.66
C GLY J 795 -112.81 -95.55 42.03
N ARG J 796 -112.95 -94.35 42.59
CA ARG J 796 -113.82 -93.35 41.96
C ARG J 796 -113.19 -92.77 40.71
N HIS J 797 -111.87 -92.79 40.61
CA HIS J 797 -111.19 -92.24 39.45
C HIS J 797 -110.40 -93.27 38.67
N GLY J 798 -109.51 -94.01 39.32
CA GLY J 798 -108.87 -95.13 38.66
C GLY J 798 -109.58 -96.41 39.03
N GLU J 799 -108.96 -97.54 38.74
CA GLU J 799 -109.42 -98.84 39.22
C GLU J 799 -108.16 -99.61 39.57
N PHE J 800 -107.99 -99.89 40.87
CA PHE J 800 -106.73 -100.44 41.38
C PHE J 800 -106.48 -101.82 40.82
N LYS J 801 -105.44 -101.96 40.01
CA LYS J 801 -105.10 -103.22 39.39
C LYS J 801 -104.50 -104.21 40.38
N PHE J 802 -104.18 -103.77 41.59
CA PHE J 802 -103.70 -104.65 42.64
C PHE J 802 -104.34 -104.22 43.95
N LEU J 803 -104.43 -105.17 44.86
CA LEU J 803 -104.98 -104.86 46.17
C LEU J 803 -103.92 -104.13 47.00
N PRO J 804 -104.29 -103.04 47.66
CA PRO J 804 -103.37 -102.39 48.58
C PRO J 804 -103.10 -103.29 49.77
N PRO J 805 -101.89 -103.24 50.32
CA PRO J 805 -101.62 -103.96 51.56
C PRO J 805 -102.41 -103.34 52.70
N PRO J 806 -102.79 -104.15 53.70
CA PRO J 806 -103.75 -103.70 54.73
C PRO J 806 -103.19 -102.57 55.58
N GLY J 807 -103.93 -101.47 55.64
CA GLY J 807 -103.46 -100.26 56.28
C GLY J 807 -103.20 -99.13 55.31
N TYR J 808 -103.46 -99.32 54.02
CA TYR J 808 -103.09 -98.33 53.02
C TYR J 808 -104.34 -97.88 52.29
N ALA J 809 -104.73 -96.63 52.52
CA ALA J 809 -105.91 -95.98 52.00
C ALA J 809 -105.74 -95.66 50.52
N PRO J 810 -106.82 -95.76 49.73
CA PRO J 810 -106.74 -95.34 48.34
C PRO J 810 -106.59 -93.83 48.25
N CYS J 811 -105.79 -93.40 47.30
CA CYS J 811 -105.24 -92.05 47.32
C CYS J 811 -106.24 -90.97 46.99
N HIS J 812 -107.42 -91.33 46.48
CA HIS J 812 -108.46 -90.35 46.20
C HIS J 812 -109.25 -89.94 47.43
N GLU J 813 -108.77 -90.25 48.63
CA GLU J 813 -109.47 -89.90 49.85
C GLU J 813 -108.96 -88.64 50.50
N ALA J 814 -107.71 -88.25 50.27
CA ALA J 814 -107.15 -87.09 50.92
C ALA J 814 -107.41 -85.79 50.17
N VAL J 815 -108.34 -85.79 49.22
CA VAL J 815 -108.73 -84.58 48.53
C VAL J 815 -109.44 -83.65 49.50
N LEU J 816 -109.11 -82.39 49.40
CA LEU J 816 -109.73 -81.43 50.30
C LEU J 816 -111.16 -81.13 49.84
N PRO J 817 -112.04 -80.73 50.76
CA PRO J 817 -113.42 -80.42 50.36
C PRO J 817 -113.54 -79.20 49.48
N ARG J 818 -112.59 -78.27 49.55
CA ARG J 818 -112.68 -77.02 48.81
C ARG J 818 -112.28 -77.18 47.34
N GLU J 819 -111.55 -78.24 47.01
CA GLU J 819 -111.02 -78.35 45.66
C GLU J 819 -111.19 -79.78 45.15
N ARG J 820 -111.64 -79.89 43.91
CA ARG J 820 -111.75 -81.19 43.26
C ARG J 820 -110.37 -81.70 42.89
N LEU J 821 -110.32 -82.98 42.49
CA LEU J 821 -109.07 -83.60 42.08
C LEU J 821 -108.66 -83.04 40.72
N ARG J 822 -107.38 -82.71 40.59
CA ARG J 822 -106.87 -82.03 39.42
C ARG J 822 -105.40 -82.40 39.22
N LEU J 823 -104.91 -82.29 37.99
CA LEU J 823 -103.52 -82.60 37.64
C LEU J 823 -102.82 -81.29 37.32
N GLU J 824 -101.61 -81.11 37.84
CA GLU J 824 -100.94 -79.83 37.69
C GLU J 824 -99.43 -80.01 37.68
N PRO J 825 -98.70 -79.07 37.09
CA PRO J 825 -97.26 -78.99 37.30
C PRO J 825 -96.96 -78.34 38.65
N ILE J 826 -95.68 -78.09 38.89
CA ILE J 826 -95.20 -77.63 40.20
C ILE J 826 -94.39 -76.36 40.00
N LYS J 827 -94.76 -75.30 40.75
CA LYS J 827 -93.93 -74.11 40.96
C LYS J 827 -93.69 -73.34 39.67
N GLU J 828 -94.61 -73.46 38.72
CA GLU J 828 -94.36 -73.01 37.36
C GLU J 828 -94.40 -71.50 37.26
N TYR J 829 -94.00 -70.99 36.09
CA TYR J 829 -94.18 -69.58 35.81
C TYR J 829 -94.86 -69.31 34.51
N ARG J 830 -94.73 -70.17 33.50
CA ARG J 830 -95.37 -69.95 32.22
C ARG J 830 -96.67 -70.74 32.20
N ARG J 831 -97.71 -70.13 31.66
CA ARG J 831 -98.98 -70.81 31.47
C ARG J 831 -99.59 -70.31 30.18
N GLU J 832 -99.69 -71.19 29.19
CA GLU J 832 -100.08 -70.77 27.84
C GLU J 832 -101.55 -70.37 27.81
N GLY J 833 -101.79 -69.11 27.49
CA GLY J 833 -103.12 -68.56 27.58
C GLY J 833 -103.78 -68.38 26.23
N PRO J 834 -104.99 -67.79 26.24
CA PRO J 834 -105.72 -67.56 25.01
C PRO J 834 -104.97 -66.52 24.26
N ARG J 835 -104.94 -65.32 24.81
CA ARG J 835 -104.26 -64.21 24.19
C ARG J 835 -102.83 -64.54 23.87
N GLY J 836 -102.13 -65.07 24.86
CA GLY J 836 -100.74 -65.44 24.71
C GLY J 836 -100.12 -65.57 26.07
N PRO J 837 -99.24 -66.53 26.21
CA PRO J 837 -98.44 -67.02 27.32
C PRO J 837 -98.56 -66.22 28.58
N HIS J 838 -99.29 -66.71 29.57
CA HIS J 838 -99.39 -65.95 30.81
C HIS J 838 -98.22 -66.24 31.74
N LEU J 839 -97.88 -65.25 32.55
CA LEU J 839 -96.86 -65.40 33.58
C LEU J 839 -97.55 -65.40 34.93
N VAL J 840 -97.19 -66.34 35.79
CA VAL J 840 -97.78 -66.44 37.10
C VAL J 840 -96.71 -66.14 38.15
N GLY J 841 -97.16 -65.79 39.34
CA GLY J 841 -96.28 -65.57 40.45
C GLY J 841 -96.07 -66.87 41.20
N PRO J 842 -95.46 -66.80 42.38
CA PRO J 842 -95.25 -68.03 43.16
C PRO J 842 -96.55 -68.54 43.73
N SER J 843 -96.69 -69.86 43.75
CA SER J 843 -97.88 -70.48 44.29
C SER J 843 -97.88 -70.38 45.80
N ARG J 844 -99.07 -70.18 46.37
CA ARG J 844 -99.21 -70.11 47.82
C ARG J 844 -99.48 -71.52 48.32
N CYS J 845 -98.48 -72.08 48.99
CA CYS J 845 -98.60 -73.46 49.44
C CYS J 845 -99.29 -73.51 50.80
N LEU J 846 -100.07 -74.56 51.00
CA LEU J 846 -100.59 -74.87 52.31
C LEU J 846 -99.45 -75.28 53.22
N SER J 847 -99.49 -74.80 54.45
CA SER J 847 -98.37 -75.05 55.35
C SER J 847 -98.45 -76.46 55.92
N HIS J 848 -97.45 -76.78 56.75
CA HIS J 848 -97.43 -78.06 57.43
C HIS J 848 -98.55 -78.16 58.46
N THR J 849 -98.68 -77.15 59.31
CA THR J 849 -99.65 -77.16 60.40
C THR J 849 -100.94 -76.45 60.04
N ASP J 850 -101.35 -76.50 58.77
CA ASP J 850 -102.65 -75.97 58.38
C ASP J 850 -103.76 -76.99 58.56
N PHE J 851 -103.47 -78.11 59.21
CA PHE J 851 -104.45 -79.17 59.39
C PHE J 851 -104.78 -79.42 60.85
N VAL J 852 -103.96 -78.89 61.76
CA VAL J 852 -104.24 -79.00 63.19
C VAL J 852 -105.32 -77.97 63.56
N PRO J 853 -106.35 -78.37 64.29
CA PRO J 853 -107.37 -77.39 64.73
C PRO J 853 -106.87 -76.51 65.85
N CYS J 854 -107.76 -75.66 66.34
CA CYS J 854 -107.39 -74.73 67.39
C CYS J 854 -108.54 -74.54 68.39
N PRO J 855 -108.23 -74.31 69.67
CA PRO J 855 -109.26 -74.01 70.67
C PRO J 855 -109.47 -72.52 70.84
N ILE J 861 -112.65 -70.97 81.74
CA ILE J 861 -112.42 -69.80 82.58
C ILE J 861 -113.62 -69.54 83.48
N VAL J 862 -113.57 -68.42 84.20
CA VAL J 862 -114.65 -68.08 85.13
C VAL J 862 -115.87 -67.57 84.36
N LEU J 863 -117.00 -67.49 85.06
CA LEU J 863 -118.26 -67.08 84.44
C LEU J 863 -119.01 -66.16 85.39
N PRO J 864 -119.41 -64.98 84.95
CA PRO J 864 -120.06 -64.01 85.86
C PRO J 864 -121.48 -64.45 86.20
N PRO J 865 -122.00 -64.05 87.37
CA PRO J 865 -123.32 -64.53 87.79
C PRO J 865 -124.48 -63.95 86.99
N HIS J 866 -124.33 -62.77 86.39
CA HIS J 866 -125.40 -62.21 85.58
C HIS J 866 -125.60 -62.99 84.29
N LEU J 867 -124.58 -63.70 83.82
CA LEU J 867 -124.70 -64.64 82.72
C LEU J 867 -124.99 -66.05 83.18
N GLU J 868 -124.93 -66.31 84.49
CA GLU J 868 -125.20 -67.65 85.00
C GLU J 868 -126.68 -68.00 84.90
N ARG J 869 -127.56 -67.05 85.24
CA ARG J 869 -129.00 -67.28 85.14
C ARG J 869 -129.49 -67.30 83.70
N ILE J 870 -128.90 -66.49 82.82
CA ILE J 870 -129.34 -66.43 81.42
C ILE J 870 -128.86 -67.62 80.61
N ARG J 871 -127.96 -68.45 81.16
CA ARG J 871 -127.43 -69.60 80.44
C ARG J 871 -128.51 -70.66 80.20
N GLU J 872 -129.36 -70.92 81.19
CA GLU J 872 -130.48 -71.82 80.97
C GLU J 872 -131.60 -71.14 80.20
N LYS J 873 -131.65 -69.81 80.23
CA LYS J 873 -132.65 -69.07 79.47
C LYS J 873 -132.42 -69.20 77.97
N LEU J 874 -131.18 -69.07 77.52
CA LEU J 874 -130.86 -69.34 76.13
C LEU J 874 -130.91 -70.82 75.82
N ALA J 875 -130.68 -71.67 76.82
CA ALA J 875 -130.78 -73.12 76.61
C ALA J 875 -132.21 -73.55 76.37
N GLU J 876 -133.16 -72.99 77.12
CA GLU J 876 -134.57 -73.22 76.83
C GLU J 876 -134.97 -72.54 75.54
N ASN J 877 -134.29 -71.45 75.18
CA ASN J 877 -134.54 -70.81 73.89
C ASN J 877 -134.01 -71.65 72.74
N ILE J 878 -132.89 -72.35 72.95
CA ILE J 878 -132.27 -73.12 71.87
C ILE J 878 -133.06 -74.38 71.57
N HIS J 879 -133.54 -75.06 72.62
CA HIS J 879 -134.33 -76.27 72.40
C HIS J 879 -135.70 -75.93 71.80
N GLU J 880 -136.29 -74.80 72.22
CA GLU J 880 -137.55 -74.35 71.62
C GLU J 880 -137.35 -73.92 70.19
N LEU J 881 -136.20 -73.33 69.87
CA LEU J 881 -135.89 -73.03 68.47
C LEU J 881 -135.56 -74.30 67.70
N TRP J 882 -135.02 -75.32 68.36
CA TRP J 882 -134.75 -76.58 67.68
C TRP J 882 -136.04 -77.34 67.38
N ALA J 883 -136.96 -77.38 68.34
CA ALA J 883 -138.23 -78.05 68.12
C ALA J 883 -139.09 -77.34 67.08
N LEU J 884 -138.97 -76.01 66.98
CA LEU J 884 -139.59 -75.30 65.88
C LEU J 884 -138.92 -75.65 64.55
N THR J 885 -137.61 -75.88 64.58
CA THR J 885 -136.91 -76.38 63.40
C THR J 885 -137.23 -77.85 63.15
N ARG J 886 -137.49 -78.61 64.22
CA ARG J 886 -137.87 -80.01 64.06
C ARG J 886 -139.29 -80.13 63.49
N ILE J 887 -140.22 -79.35 64.02
CA ILE J 887 -141.61 -79.42 63.56
C ILE J 887 -141.79 -78.84 62.17
N GLU J 888 -140.87 -77.97 61.73
CA GLU J 888 -141.00 -77.36 60.41
C GLU J 888 -140.73 -78.37 59.29
N GLN J 889 -139.88 -79.36 59.53
CA GLN J 889 -139.63 -80.39 58.54
C GLN J 889 -140.57 -81.59 58.67
N GLY J 890 -141.01 -81.91 59.88
CA GLY J 890 -141.92 -83.02 60.04
C GLY J 890 -141.66 -83.88 61.27
N TRP J 891 -140.71 -83.51 62.11
CA TRP J 891 -140.54 -84.20 63.37
C TRP J 891 -141.68 -83.88 64.32
N THR J 892 -142.22 -84.92 64.93
CA THR J 892 -143.26 -84.79 65.95
C THR J 892 -142.67 -85.21 67.29
N TYR J 893 -143.47 -85.05 68.33
CA TYR J 893 -143.06 -85.53 69.64
C TYR J 893 -143.31 -87.03 69.74
N GLY J 894 -142.23 -87.81 69.81
CA GLY J 894 -142.32 -89.23 69.95
C GLY J 894 -141.51 -89.71 71.13
N PRO J 895 -141.90 -90.86 71.70
CA PRO J 895 -141.15 -91.39 72.85
C PRO J 895 -139.79 -91.92 72.44
N VAL J 896 -139.68 -92.38 71.20
CA VAL J 896 -138.41 -92.83 70.65
C VAL J 896 -137.84 -91.75 69.75
N ARG J 897 -136.56 -91.88 69.43
CA ARG J 897 -135.87 -90.95 68.54
C ARG J 897 -135.63 -91.65 67.20
N ASP J 898 -136.54 -91.46 66.26
CA ASP J 898 -136.41 -92.06 64.94
C ASP J 898 -136.47 -90.95 63.89
N ASP J 899 -135.34 -90.73 63.22
CA ASP J 899 -135.27 -89.69 62.20
C ASP J 899 -135.96 -90.13 60.92
N ASN J 900 -135.90 -91.42 60.60
CA ASN J 900 -136.57 -91.95 59.42
C ASN J 900 -138.08 -91.90 59.57
N LYS J 901 -138.59 -92.14 60.78
CA LYS J 901 -139.99 -91.94 61.10
C LYS J 901 -140.31 -90.50 61.48
N ARG J 902 -139.30 -89.62 61.48
CA ARG J 902 -139.39 -88.21 61.87
C ARG J 902 -139.96 -88.06 63.29
N LEU J 903 -139.21 -88.58 64.26
CA LEU J 903 -139.59 -88.55 65.66
C LEU J 903 -138.57 -87.73 66.42
N HIS J 904 -139.06 -86.83 67.27
CA HIS J 904 -138.21 -85.97 68.09
C HIS J 904 -138.63 -86.07 69.54
N PRO J 905 -137.81 -86.64 70.44
CA PRO J 905 -138.19 -86.72 71.86
C PRO J 905 -137.95 -85.42 72.61
N CYS J 906 -137.40 -84.41 71.93
CA CYS J 906 -137.25 -83.07 72.48
C CYS J 906 -138.10 -82.06 71.73
N LEU J 907 -139.30 -82.46 71.30
CA LEU J 907 -140.15 -81.62 70.48
C LEU J 907 -141.23 -80.89 71.27
N VAL J 908 -141.40 -81.19 72.56
CA VAL J 908 -142.44 -80.55 73.35
C VAL J 908 -141.92 -79.27 73.99
N ASN J 909 -140.91 -79.40 74.86
CA ASN J 909 -140.32 -78.27 75.55
C ASN J 909 -138.91 -78.64 75.96
N PHE J 910 -138.19 -77.65 76.51
CA PHE J 910 -136.84 -77.92 77.01
C PHE J 910 -136.88 -78.70 78.31
N HIS J 911 -137.91 -78.49 79.13
CA HIS J 911 -138.10 -79.32 80.32
C HIS J 911 -138.54 -80.72 79.94
N SER J 912 -139.21 -80.87 78.80
CA SER J 912 -139.58 -82.18 78.29
C SER J 912 -138.42 -82.90 77.63
N LEU J 913 -137.30 -82.22 77.40
CA LEU J 913 -136.11 -82.89 76.94
C LEU J 913 -135.52 -83.73 78.07
N PRO J 914 -134.92 -84.89 77.75
CA PRO J 914 -134.37 -85.75 78.80
C PRO J 914 -133.15 -85.12 79.45
N GLU J 915 -132.83 -85.63 80.64
CA GLU J 915 -131.76 -85.11 81.50
C GLU J 915 -130.36 -85.17 80.88
N PRO J 916 -129.97 -86.19 80.08
CA PRO J 916 -128.75 -86.01 79.27
C PRO J 916 -128.85 -84.91 78.23
N GLU J 917 -130.02 -84.72 77.60
CA GLU J 917 -130.18 -83.61 76.69
C GLU J 917 -130.39 -82.30 77.43
N ARG J 918 -130.91 -82.36 78.66
CA ARG J 918 -131.05 -81.16 79.46
C ARG J 918 -129.71 -80.70 80.02
N ASN J 919 -128.83 -81.65 80.36
CA ASN J 919 -127.47 -81.29 80.73
C ASN J 919 -126.65 -80.86 79.53
N TYR J 920 -126.96 -81.39 78.34
CA TYR J 920 -126.24 -80.99 77.13
C TYR J 920 -126.59 -79.56 76.74
N ASN J 921 -127.83 -79.15 76.97
CA ASN J 921 -128.26 -77.79 76.61
C ASN J 921 -127.61 -76.75 77.52
N LEU J 922 -127.24 -77.15 78.73
CA LEU J 922 -126.57 -76.22 79.63
C LEU J 922 -125.05 -76.19 79.43
N GLN J 923 -124.44 -77.34 79.17
CA GLN J 923 -122.99 -77.35 78.98
C GLN J 923 -122.60 -76.80 77.62
N MET J 924 -123.51 -76.81 76.65
CA MET J 924 -123.27 -76.08 75.40
C MET J 924 -123.51 -74.59 75.59
N SER J 925 -124.30 -74.22 76.61
CA SER J 925 -124.49 -72.80 76.91
C SER J 925 -123.29 -72.20 77.61
N GLY J 926 -122.70 -72.92 78.57
CA GLY J 926 -121.55 -72.42 79.28
C GLY J 926 -120.28 -72.39 78.46
N GLU J 927 -120.21 -73.22 77.42
CA GLU J 927 -119.01 -73.25 76.58
C GLU J 927 -118.96 -72.04 75.65
N THR J 928 -120.09 -71.70 75.01
CA THR J 928 -120.09 -70.58 74.07
C THR J 928 -120.05 -69.23 74.76
N LEU J 929 -120.25 -69.19 76.07
CA LEU J 929 -120.17 -67.94 76.81
C LEU J 929 -118.80 -67.69 77.41
N LYS J 930 -118.12 -68.75 77.88
CA LYS J 930 -116.78 -68.59 78.42
C LYS J 930 -115.78 -68.25 77.33
N THR J 931 -116.05 -68.68 76.09
CA THR J 931 -115.24 -68.27 74.97
C THR J 931 -115.67 -66.94 74.37
N LEU J 932 -116.85 -66.43 74.75
CA LEU J 932 -117.29 -65.14 74.24
C LEU J 932 -116.53 -64.02 74.90
N LEU J 933 -116.24 -64.16 76.19
CA LEU J 933 -115.36 -63.25 76.90
C LEU J 933 -113.89 -63.50 76.58
N ALA J 934 -113.56 -64.71 76.11
CA ALA J 934 -112.16 -65.05 75.91
C ALA J 934 -111.57 -64.38 74.68
N LEU J 935 -112.40 -64.05 73.69
CA LEU J 935 -111.87 -63.41 72.49
C LEU J 935 -111.67 -61.91 72.68
N GLY J 936 -112.31 -61.34 73.70
CA GLY J 936 -112.16 -59.92 73.96
C GLY J 936 -113.46 -59.15 73.83
N CYS J 937 -114.56 -59.85 73.62
CA CYS J 937 -115.86 -59.21 73.54
C CYS J 937 -116.39 -58.95 74.95
N HIS J 938 -116.51 -57.68 75.30
CA HIS J 938 -117.05 -57.30 76.60
C HIS J 938 -118.56 -57.38 76.57
N VAL J 939 -119.15 -57.93 77.64
CA VAL J 939 -120.59 -58.09 77.73
C VAL J 939 -121.08 -57.37 78.98
N GLY J 940 -122.30 -56.82 78.89
CA GLY J 940 -122.92 -56.15 80.01
C GLY J 940 -124.41 -56.42 80.05
N MET J 941 -124.99 -56.21 81.22
CA MET J 941 -126.40 -56.47 81.47
C MET J 941 -127.15 -55.15 81.53
N ALA J 942 -128.15 -55.00 80.66
CA ALA J 942 -128.96 -53.79 80.64
C ALA J 942 -130.31 -54.10 79.98
N ASP J 943 -131.32 -53.31 80.37
CA ASP J 943 -132.65 -53.29 79.77
C ASP J 943 -133.35 -54.64 79.86
N GLU J 944 -133.46 -55.14 81.09
CA GLU J 944 -134.17 -56.39 81.34
C GLU J 944 -135.68 -56.22 81.21
N LYS J 945 -136.17 -54.98 81.33
CA LYS J 945 -137.60 -54.73 81.18
C LYS J 945 -138.04 -54.83 79.73
N ALA J 946 -137.29 -54.22 78.80
CA ALA J 946 -137.61 -54.33 77.39
C ALA J 946 -137.33 -55.74 76.86
N GLU J 947 -136.41 -56.46 77.51
CA GLU J 947 -136.19 -57.85 77.18
C GLU J 947 -137.38 -58.72 77.59
N ASP J 948 -137.90 -58.48 78.79
CA ASP J 948 -139.09 -59.21 79.23
C ASP J 948 -140.34 -58.75 78.51
N ASN J 949 -140.38 -57.49 78.08
CA ASN J 949 -141.51 -56.99 77.31
C ASN J 949 -141.57 -57.58 75.91
N LEU J 950 -140.45 -58.04 75.37
CA LEU J 950 -140.46 -58.77 74.11
C LEU J 950 -141.08 -60.15 74.32
N LYS J 951 -142.15 -60.42 73.57
CA LYS J 951 -142.87 -61.67 73.71
C LYS J 951 -142.21 -62.75 72.86
N LYS J 952 -142.89 -63.87 72.70
CA LYS J 952 -142.37 -64.97 71.90
C LYS J 952 -142.73 -64.77 70.44
N THR J 953 -142.10 -65.56 69.57
CA THR J 953 -142.47 -65.58 68.17
C THR J 953 -143.83 -66.24 67.99
N LYS J 954 -144.61 -65.70 67.07
CA LYS J 954 -145.98 -66.19 66.86
C LYS J 954 -145.96 -67.55 66.17
N LEU J 955 -146.69 -68.50 66.75
CA LEU J 955 -146.75 -69.86 66.23
C LEU J 955 -148.15 -70.11 65.69
N PRO J 956 -148.31 -70.25 64.38
CA PRO J 956 -149.65 -70.48 63.81
C PRO J 956 -150.08 -71.93 63.93
N LYS J 957 -151.23 -72.28 63.34
CA LYS J 957 -151.70 -73.66 63.37
C LYS J 957 -150.80 -74.59 62.54
N THR J 958 -150.12 -74.04 61.54
CA THR J 958 -149.10 -74.79 60.81
C THR J 958 -147.80 -74.94 61.58
N TYR J 959 -147.56 -74.08 62.57
CA TYR J 959 -146.34 -74.17 63.37
C TYR J 959 -146.44 -75.26 64.43
N MET J 960 -147.64 -75.55 64.92
CA MET J 960 -147.82 -76.62 65.90
C MET J 960 -147.71 -77.97 65.20
N MET J 961 -146.95 -78.87 65.81
CA MET J 961 -146.69 -80.19 65.24
C MET J 961 -147.87 -81.12 65.53
N SER J 962 -147.67 -82.42 65.30
CA SER J 962 -148.70 -83.42 65.52
C SER J 962 -149.04 -83.60 66.99
N ASN J 963 -148.11 -83.26 67.90
CA ASN J 963 -148.41 -83.33 69.33
C ASN J 963 -149.28 -82.16 69.77
N GLY J 964 -149.34 -81.09 68.99
CA GLY J 964 -150.13 -79.93 69.33
C GLY J 964 -149.43 -78.91 70.19
N TYR J 965 -148.24 -79.20 70.69
CA TYR J 965 -147.49 -78.30 71.55
C TYR J 965 -146.41 -77.61 70.72
N LYS J 966 -146.68 -76.37 70.33
CA LYS J 966 -145.69 -75.58 69.63
C LYS J 966 -144.83 -74.84 70.63
N PRO J 967 -143.51 -74.96 70.52
CA PRO J 967 -142.62 -74.21 71.42
C PRO J 967 -142.66 -72.72 71.10
N ALA J 968 -142.31 -71.91 72.10
CA ALA J 968 -142.39 -70.46 72.00
C ALA J 968 -141.02 -69.87 72.33
N PRO J 969 -140.10 -69.83 71.38
CA PRO J 969 -138.79 -69.21 71.64
C PRO J 969 -138.89 -67.69 71.65
N LEU J 970 -137.83 -67.08 72.18
CA LEU J 970 -137.80 -65.63 72.34
C LEU J 970 -137.67 -64.94 70.98
N ASP J 971 -138.38 -63.83 70.81
CA ASP J 971 -138.41 -63.13 69.54
C ASP J 971 -137.15 -62.28 69.37
N LEU J 972 -136.45 -62.49 68.25
CA LEU J 972 -135.26 -61.73 67.90
C LEU J 972 -135.45 -60.91 66.64
N SER J 973 -136.69 -60.61 66.27
CA SER J 973 -136.95 -59.76 65.11
C SER J 973 -136.64 -58.30 65.39
N HIS J 974 -136.56 -57.90 66.66
CA HIS J 974 -136.21 -56.53 67.01
C HIS J 974 -134.71 -56.28 66.96
N VAL J 975 -133.88 -57.31 67.17
CA VAL J 975 -132.44 -57.17 67.24
C VAL J 975 -131.84 -57.42 65.86
N ARG J 976 -131.05 -56.48 65.38
CA ARG J 976 -130.31 -56.61 64.14
C ARG J 976 -128.83 -56.74 64.44
N LEU J 977 -128.20 -57.78 63.89
CA LEU J 977 -126.80 -58.05 64.17
C LEU J 977 -125.90 -57.08 63.42
N THR J 978 -124.85 -56.62 64.08
CA THR J 978 -123.90 -55.68 63.52
C THR J 978 -122.89 -56.40 62.64
N PRO J 979 -122.21 -55.68 61.74
CA PRO J 979 -121.05 -56.28 61.06
C PRO J 979 -119.92 -56.63 62.00
N ALA J 980 -119.76 -55.92 63.12
CA ALA J 980 -118.86 -56.37 64.17
C ALA J 980 -119.35 -57.68 64.79
N GLN J 981 -120.66 -57.81 64.99
CA GLN J 981 -121.23 -59.08 65.41
C GLN J 981 -121.20 -60.12 64.31
N THR J 982 -121.34 -59.70 63.05
CA THR J 982 -121.19 -60.63 61.93
C THR J 982 -119.76 -61.11 61.79
N THR J 983 -118.80 -60.32 62.25
CA THR J 983 -117.43 -60.80 62.36
C THR J 983 -117.27 -61.76 63.52
N LEU J 984 -117.91 -61.45 64.66
CA LEU J 984 -117.75 -62.27 65.85
C LEU J 984 -118.53 -63.58 65.77
N VAL J 985 -119.58 -63.64 64.95
CA VAL J 985 -120.35 -64.87 64.83
C VAL J 985 -119.56 -65.91 64.03
N ASP J 986 -118.61 -65.49 63.20
CA ASP J 986 -117.79 -66.46 62.49
C ASP J 986 -116.66 -66.97 63.36
N ARG J 987 -116.08 -66.11 64.20
CA ARG J 987 -114.96 -66.50 65.05
C ARG J 987 -115.38 -67.48 66.13
N LEU J 988 -116.65 -67.42 66.55
CA LEU J 988 -117.13 -68.39 67.53
C LEU J 988 -117.39 -69.75 66.88
N ALA J 989 -118.06 -69.76 65.72
CA ALA J 989 -118.33 -71.02 65.03
C ALA J 989 -117.06 -71.65 64.48
N GLU J 990 -116.03 -70.85 64.20
CA GLU J 990 -114.73 -71.40 63.86
C GLU J 990 -114.12 -72.12 65.05
N ASN J 991 -114.15 -71.49 66.22
CA ASN J 991 -113.63 -72.11 67.43
C ASN J 991 -114.44 -73.32 67.84
N GLY J 992 -115.77 -73.23 67.81
CA GLY J 992 -116.61 -74.33 68.27
C GLY J 992 -116.51 -75.57 67.42
N HIS J 993 -116.42 -75.41 66.10
CA HIS J 993 -116.20 -76.54 65.23
C HIS J 993 -114.81 -77.13 65.38
N ASN J 994 -113.80 -76.28 65.56
CA ASN J 994 -112.44 -76.80 65.66
C ASN J 994 -112.16 -77.39 67.03
N VAL J 995 -112.79 -76.87 68.07
CA VAL J 995 -112.64 -77.50 69.37
C VAL J 995 -113.45 -78.80 69.43
N TRP J 996 -114.48 -78.94 68.60
CA TRP J 996 -115.20 -80.20 68.51
C TRP J 996 -114.38 -81.27 67.82
N ALA J 997 -113.79 -80.93 66.67
CA ALA J 997 -112.90 -81.86 65.99
C ALA J 997 -111.63 -82.12 66.78
N ARG J 998 -111.24 -81.18 67.65
CA ARG J 998 -110.16 -81.44 68.59
C ARG J 998 -110.51 -82.57 69.54
N ASP J 999 -111.76 -82.60 70.00
CA ASP J 999 -112.23 -83.77 70.75
C ASP J 999 -112.34 -84.99 69.85
N ARG J 1000 -112.71 -84.79 68.58
CA ARG J 1000 -112.78 -85.92 67.66
C ARG J 1000 -111.40 -86.42 67.27
N VAL J 1001 -110.42 -85.53 67.19
CA VAL J 1001 -109.04 -85.97 66.93
C VAL J 1001 -108.50 -86.70 68.14
N ALA J 1002 -108.87 -86.26 69.34
CA ALA J 1002 -108.55 -87.03 70.54
C ALA J 1002 -109.34 -88.32 70.60
N GLN J 1003 -110.48 -88.38 69.90
CA GLN J 1003 -111.26 -89.61 69.83
C GLN J 1003 -110.65 -90.62 68.85
N GLY J 1004 -109.57 -90.25 68.17
CA GLY J 1004 -108.89 -91.20 67.32
C GLY J 1004 -109.46 -91.21 65.92
N TRP J 1005 -109.71 -90.02 65.37
CA TRP J 1005 -110.33 -89.90 64.07
C TRP J 1005 -109.44 -89.11 63.11
N SER J 1006 -109.57 -89.41 61.83
CA SER J 1006 -108.79 -88.74 60.79
C SER J 1006 -109.71 -88.47 59.61
N TYR J 1007 -109.27 -87.60 58.71
CA TYR J 1007 -110.09 -87.15 57.60
C TYR J 1007 -110.03 -88.16 56.47
N SER J 1008 -111.16 -88.31 55.77
CA SER J 1008 -111.18 -88.83 54.42
C SER J 1008 -112.31 -88.12 53.69
N ALA J 1009 -112.29 -88.21 52.36
CA ALA J 1009 -113.41 -87.67 51.59
C ALA J 1009 -114.66 -88.53 51.76
N VAL J 1010 -114.49 -89.84 51.80
CA VAL J 1010 -115.61 -90.74 52.10
C VAL J 1010 -115.83 -90.73 53.60
N GLN J 1011 -117.02 -91.18 54.01
CA GLN J 1011 -117.41 -91.20 55.41
C GLN J 1011 -117.35 -92.64 55.91
N ASP J 1012 -116.30 -92.97 56.63
CA ASP J 1012 -116.10 -94.30 57.19
C ASP J 1012 -116.11 -94.17 58.71
N ILE J 1013 -117.27 -94.40 59.32
CA ILE J 1013 -117.43 -94.23 60.76
C ILE J 1013 -116.67 -95.28 61.58
N PRO J 1014 -116.76 -96.60 61.27
CA PRO J 1014 -115.90 -97.53 62.03
C PRO J 1014 -114.42 -97.42 61.68
N ALA J 1015 -114.09 -96.95 60.49
CA ALA J 1015 -112.71 -96.69 60.13
C ALA J 1015 -112.27 -95.27 60.47
N ARG J 1016 -113.04 -94.58 61.31
CA ARG J 1016 -112.70 -93.28 61.92
C ARG J 1016 -112.49 -92.20 60.87
N ARG J 1017 -113.44 -92.07 59.95
CA ARG J 1017 -113.41 -91.04 58.92
C ARG J 1017 -114.68 -90.22 58.99
N ASN J 1018 -114.52 -88.90 59.12
CA ASN J 1018 -115.63 -87.97 59.09
C ASN J 1018 -115.24 -86.89 58.11
N PRO J 1019 -116.08 -86.58 57.11
CA PRO J 1019 -115.68 -85.65 56.05
C PRO J 1019 -115.63 -84.18 56.45
N ARG J 1020 -115.78 -83.85 57.73
CA ARG J 1020 -115.62 -82.48 58.19
C ARG J 1020 -114.47 -82.35 59.19
N LEU J 1021 -113.57 -83.32 59.19
CA LEU J 1021 -112.45 -83.36 60.13
C LEU J 1021 -111.27 -82.50 59.67
N VAL J 1022 -111.54 -81.24 59.38
CA VAL J 1022 -110.52 -80.26 59.01
C VAL J 1022 -110.75 -79.03 59.87
N PRO J 1023 -109.75 -78.15 59.97
CA PRO J 1023 -110.02 -76.81 60.51
C PRO J 1023 -111.02 -76.04 59.66
N TYR J 1024 -111.56 -74.99 60.27
CA TYR J 1024 -112.81 -74.39 59.81
C TYR J 1024 -112.68 -73.68 58.48
N ARG J 1025 -111.52 -73.09 58.20
CA ARG J 1025 -111.34 -72.46 56.90
C ARG J 1025 -111.12 -73.46 55.79
N LEU J 1026 -110.77 -74.70 56.11
CA LEU J 1026 -110.67 -75.77 55.13
C LEU J 1026 -112.01 -76.43 54.86
N LEU J 1027 -112.96 -76.23 55.77
CA LEU J 1027 -114.33 -76.70 55.58
C LEU J 1027 -114.97 -75.94 54.43
N ASP J 1028 -115.78 -76.65 53.65
CA ASP J 1028 -116.52 -76.00 52.57
C ASP J 1028 -117.61 -75.11 53.15
N GLU J 1029 -118.14 -74.23 52.29
CA GLU J 1029 -119.04 -73.15 52.72
C GLU J 1029 -120.37 -73.65 53.25
N ALA J 1030 -120.82 -74.84 52.81
CA ALA J 1030 -122.14 -75.33 53.18
C ALA J 1030 -122.20 -75.68 54.67
N THR J 1031 -121.24 -76.48 55.14
CA THR J 1031 -121.16 -76.77 56.57
C THR J 1031 -120.68 -75.54 57.33
N LYS J 1032 -119.89 -74.67 56.67
CA LYS J 1032 -119.48 -73.41 57.28
C LYS J 1032 -120.68 -72.50 57.52
N ARG J 1033 -121.62 -72.47 56.59
CA ARG J 1033 -122.85 -71.72 56.81
C ARG J 1033 -123.74 -72.40 57.83
N SER J 1034 -123.68 -73.74 57.88
CA SER J 1034 -124.59 -74.52 58.72
C SER J 1034 -124.34 -74.29 60.20
N ASN J 1035 -123.09 -74.29 60.63
CA ASN J 1035 -122.79 -73.91 61.99
C ASN J 1035 -122.94 -72.41 62.21
N ARG J 1036 -122.83 -71.61 61.15
CA ARG J 1036 -123.00 -70.16 61.28
C ARG J 1036 -124.45 -69.78 61.53
N ASP J 1037 -125.40 -70.33 60.77
CA ASP J 1037 -126.80 -70.06 61.05
C ASP J 1037 -127.26 -70.70 62.35
N SER J 1038 -126.58 -71.77 62.78
CA SER J 1038 -126.80 -72.34 64.10
C SER J 1038 -126.47 -71.36 65.21
N LEU J 1039 -125.35 -70.64 65.08
CA LEU J 1039 -124.90 -69.77 66.15
C LEU J 1039 -125.46 -68.36 66.04
N CYS J 1040 -126.02 -67.99 64.87
CA CYS J 1040 -126.72 -66.72 64.75
C CYS J 1040 -128.03 -66.69 65.54
N GLN J 1041 -128.57 -67.85 65.91
CA GLN J 1041 -129.79 -67.87 66.70
C GLN J 1041 -129.56 -67.38 68.12
N ALA J 1042 -128.43 -67.78 68.72
CA ALA J 1042 -128.17 -67.43 70.11
C ALA J 1042 -127.70 -66.00 70.29
N VAL J 1043 -127.35 -65.29 69.21
CA VAL J 1043 -126.80 -63.96 69.35
C VAL J 1043 -127.89 -62.92 69.59
N ARG J 1044 -128.82 -62.80 68.65
CA ARG J 1044 -129.81 -61.74 68.71
C ARG J 1044 -130.88 -61.98 69.76
N THR J 1045 -131.08 -63.23 70.18
CA THR J 1045 -131.94 -63.49 71.33
C THR J 1045 -131.26 -63.07 72.62
N LEU J 1046 -129.94 -63.24 72.70
CA LEU J 1046 -129.21 -62.69 73.83
C LEU J 1046 -129.08 -61.18 73.72
N LEU J 1047 -129.05 -60.66 72.49
CA LEU J 1047 -129.28 -59.23 72.30
C LEU J 1047 -130.73 -58.86 72.57
N GLY J 1048 -131.67 -59.78 72.33
CA GLY J 1048 -133.04 -59.61 72.76
C GLY J 1048 -133.26 -59.86 74.23
N TYR J 1049 -132.27 -60.48 74.90
CA TYR J 1049 -132.24 -60.54 76.35
C TYR J 1049 -131.61 -59.30 76.97
N GLY J 1050 -131.23 -58.32 76.15
CA GLY J 1050 -130.73 -57.05 76.61
C GLY J 1050 -129.22 -56.94 76.70
N TYR J 1051 -128.49 -58.01 76.49
CA TYR J 1051 -127.05 -58.00 76.70
C TYR J 1051 -126.34 -57.50 75.45
N ASN J 1052 -125.45 -56.54 75.63
CA ASN J 1052 -124.69 -55.92 74.55
C ASN J 1052 -123.32 -56.57 74.40
N ILE J 1053 -122.73 -56.42 73.22
CA ILE J 1053 -121.47 -57.05 72.86
C ILE J 1053 -120.50 -55.99 72.38
N GLU J 1054 -119.36 -55.87 73.07
CA GLU J 1054 -118.34 -54.98 72.57
C GLU J 1054 -117.44 -55.72 71.59
N PRO J 1055 -116.72 -55.00 70.71
CA PRO J 1055 -115.88 -55.69 69.74
C PRO J 1055 -114.38 -55.54 70.03
N ASP J 1070 -93.89 -67.06 50.14
CA ASP J 1070 -92.50 -66.98 49.72
C ASP J 1070 -92.09 -65.53 49.49
N ARG J 1071 -91.45 -65.28 48.35
CA ARG J 1071 -91.03 -63.95 47.95
C ARG J 1071 -91.77 -63.56 46.68
N VAL J 1072 -91.35 -62.46 46.07
CA VAL J 1072 -91.98 -61.91 44.88
C VAL J 1072 -91.07 -62.15 43.69
N ARG J 1073 -91.64 -62.62 42.59
CA ARG J 1073 -90.86 -62.87 41.39
C ARG J 1073 -90.73 -61.60 40.56
N ILE J 1074 -89.56 -61.42 39.98
CA ILE J 1074 -89.26 -60.25 39.18
C ILE J 1074 -89.00 -60.71 37.76
N PHE J 1075 -89.61 -60.05 36.79
CA PHE J 1075 -89.56 -60.46 35.40
C PHE J 1075 -88.98 -59.29 34.60
N ARG J 1076 -88.09 -59.58 33.67
CA ARG J 1076 -87.57 -58.55 32.77
C ARG J 1076 -87.11 -59.16 31.46
N ALA J 1077 -86.64 -58.29 30.57
CA ALA J 1077 -86.06 -58.72 29.31
C ALA J 1077 -84.55 -58.77 29.43
N GLU J 1078 -83.91 -59.41 28.46
CA GLU J 1078 -82.47 -59.65 28.50
C GLU J 1078 -81.71 -58.34 28.35
N LYS J 1079 -80.50 -58.32 28.90
CA LYS J 1079 -79.74 -57.08 29.02
C LYS J 1079 -79.20 -56.57 27.69
N SER J 1080 -79.31 -57.36 26.62
CA SER J 1080 -79.01 -56.85 25.30
C SER J 1080 -80.02 -55.81 24.83
N TYR J 1081 -81.27 -55.94 25.26
CA TYR J 1081 -82.39 -55.20 24.67
C TYR J 1081 -82.58 -53.82 25.27
N THR J 1082 -81.55 -53.26 25.90
CA THR J 1082 -81.67 -51.94 26.52
C THR J 1082 -81.87 -50.85 25.48
N VAL J 1083 -82.49 -49.76 25.91
CA VAL J 1083 -82.73 -48.62 25.04
C VAL J 1083 -81.95 -47.42 25.55
N GLN J 1084 -81.57 -46.55 24.64
CA GLN J 1084 -80.84 -45.35 24.98
C GLN J 1084 -81.46 -44.09 24.42
N SER J 1085 -82.47 -44.20 23.56
CA SER J 1085 -83.03 -43.04 22.88
C SER J 1085 -84.42 -43.39 22.39
N GLY J 1086 -85.02 -42.43 21.70
CA GLY J 1086 -86.32 -42.62 21.11
C GLY J 1086 -87.42 -42.63 22.15
N ARG J 1087 -88.60 -43.03 21.70
CA ARG J 1087 -89.77 -43.15 22.55
C ARG J 1087 -90.37 -44.53 22.35
N TRP J 1088 -90.72 -45.19 23.43
CA TRP J 1088 -91.07 -46.60 23.36
C TRP J 1088 -92.33 -46.86 24.15
N TYR J 1089 -92.87 -48.08 24.01
CA TYR J 1089 -94.18 -48.42 24.53
C TYR J 1089 -94.35 -49.92 24.57
N PHE J 1090 -95.13 -50.41 25.53
CA PHE J 1090 -95.64 -51.77 25.51
C PHE J 1090 -96.98 -51.80 26.22
N GLU J 1091 -97.47 -53.01 26.48
CA GLU J 1091 -98.75 -53.20 27.14
C GLU J 1091 -98.64 -54.34 28.13
N PHE J 1092 -99.62 -54.43 29.03
CA PHE J 1092 -99.60 -55.43 30.08
C PHE J 1092 -101.01 -55.66 30.58
N GLU J 1093 -101.57 -56.82 30.27
CA GLU J 1093 -102.86 -57.19 30.83
C GLU J 1093 -102.66 -57.78 32.22
N ALA J 1094 -103.56 -57.45 33.12
CA ALA J 1094 -103.55 -57.94 34.51
C ALA J 1094 -104.83 -58.72 34.70
N VAL J 1095 -104.71 -60.03 34.90
CA VAL J 1095 -105.91 -60.86 34.91
C VAL J 1095 -106.57 -60.82 36.28
N THR J 1096 -105.87 -61.25 37.32
CA THR J 1096 -106.40 -61.21 38.67
C THR J 1096 -105.63 -60.19 39.47
N THR J 1097 -106.29 -59.13 39.91
CA THR J 1097 -105.60 -58.02 40.54
C THR J 1097 -105.11 -58.40 41.94
N GLY J 1098 -104.40 -57.46 42.54
CA GLY J 1098 -103.70 -57.72 43.78
C GLY J 1098 -102.34 -57.04 43.74
N GLU J 1099 -101.36 -57.71 44.33
CA GLU J 1099 -100.00 -57.18 44.39
C GLU J 1099 -99.28 -57.53 43.10
N MET J 1100 -99.18 -56.55 42.21
CA MET J 1100 -98.34 -56.63 41.02
C MET J 1100 -97.68 -55.27 40.84
N ARG J 1101 -96.65 -55.24 39.99
CA ARG J 1101 -95.86 -54.03 39.78
C ARG J 1101 -95.29 -54.07 38.38
N VAL J 1102 -95.49 -53.01 37.61
CA VAL J 1102 -94.89 -52.92 36.28
C VAL J 1102 -94.31 -51.52 36.08
N GLY J 1103 -93.28 -51.45 35.27
CA GLY J 1103 -92.63 -50.17 35.00
C GLY J 1103 -91.38 -50.33 34.16
N TRP J 1104 -90.37 -49.55 34.50
CA TRP J 1104 -89.11 -49.53 33.77
C TRP J 1104 -87.96 -49.58 34.77
N ALA J 1105 -86.87 -50.24 34.40
CA ALA J 1105 -85.76 -50.42 35.33
C ALA J 1105 -84.44 -50.21 34.64
N ARG J 1106 -83.45 -49.82 35.42
CA ARG J 1106 -82.05 -49.77 35.07
C ARG J 1106 -81.54 -51.18 34.79
N PRO J 1107 -80.53 -51.35 33.94
CA PRO J 1107 -80.10 -52.71 33.58
C PRO J 1107 -79.41 -53.45 34.71
N GLU J 1108 -78.66 -52.76 35.56
CA GLU J 1108 -77.95 -53.44 36.65
C GLU J 1108 -78.85 -53.66 37.86
N LEU J 1109 -79.97 -54.34 37.65
CA LEU J 1109 -80.98 -54.47 38.69
C LEU J 1109 -80.70 -55.69 39.55
N ARG J 1110 -80.58 -55.47 40.85
CA ARG J 1110 -80.42 -56.47 41.88
C ARG J 1110 -81.73 -57.21 42.10
N PRO J 1111 -81.71 -58.55 42.16
CA PRO J 1111 -82.95 -59.30 42.36
C PRO J 1111 -83.33 -59.49 43.81
N ASP J 1112 -82.58 -58.93 44.75
CA ASP J 1112 -82.89 -59.13 46.16
C ASP J 1112 -83.94 -58.13 46.62
N VAL J 1113 -83.89 -56.92 46.08
CA VAL J 1113 -84.66 -55.80 46.62
C VAL J 1113 -86.10 -55.87 46.12
N GLU J 1114 -87.00 -55.25 46.87
CA GLU J 1114 -88.34 -54.98 46.39
C GLU J 1114 -88.27 -54.04 45.19
N LEU J 1115 -89.08 -54.31 44.17
CA LEU J 1115 -89.01 -53.60 42.90
C LEU J 1115 -89.41 -52.15 43.08
N GLY J 1116 -88.43 -51.26 43.00
CA GLY J 1116 -88.66 -49.83 43.13
C GLY J 1116 -88.17 -49.23 44.42
N ALA J 1117 -87.76 -50.04 45.39
CA ALA J 1117 -87.29 -49.51 46.66
C ALA J 1117 -85.94 -48.82 46.54
N ASP J 1118 -85.09 -49.27 45.63
CA ASP J 1118 -83.80 -48.65 45.39
C ASP J 1118 -83.91 -47.72 44.20
N GLU J 1119 -82.78 -47.14 43.80
CA GLU J 1119 -82.74 -46.14 42.74
C GLU J 1119 -82.58 -46.77 41.36
N LEU J 1120 -82.97 -48.02 41.18
CA LEU J 1120 -82.76 -48.71 39.92
C LEU J 1120 -84.04 -48.97 39.15
N ALA J 1121 -85.18 -48.59 39.69
CA ALA J 1121 -86.43 -48.92 39.04
C ALA J 1121 -87.37 -47.72 39.08
N TYR J 1122 -88.27 -47.67 38.11
CA TYR J 1122 -89.40 -46.76 38.11
C TYR J 1122 -90.61 -47.60 37.77
N VAL J 1123 -91.55 -47.70 38.70
CA VAL J 1123 -92.56 -48.75 38.62
C VAL J 1123 -93.83 -48.32 39.35
N PHE J 1124 -94.95 -48.46 38.63
CA PHE J 1124 -96.27 -48.16 39.15
C PHE J 1124 -96.81 -49.39 39.86
N ASN J 1125 -97.60 -49.18 40.92
CA ASN J 1125 -98.28 -50.25 41.63
C ASN J 1125 -99.78 -50.17 41.44
N GLY J 1126 -100.35 -51.29 40.99
CA GLY J 1126 -101.78 -51.37 40.67
C GLY J 1126 -102.65 -51.89 41.80
N HIS J 1127 -102.09 -52.12 42.98
CA HIS J 1127 -102.94 -52.60 44.06
C HIS J 1127 -103.69 -51.45 44.71
N ARG J 1128 -102.99 -50.40 45.09
CA ARG J 1128 -103.59 -49.23 45.70
C ARG J 1128 -103.40 -47.97 44.89
N GLY J 1129 -102.83 -48.07 43.69
CA GLY J 1129 -102.69 -46.92 42.83
C GLY J 1129 -101.61 -45.96 43.28
N GLN J 1130 -100.35 -46.39 43.25
CA GLN J 1130 -99.26 -45.52 43.64
C GLN J 1130 -98.00 -45.87 42.86
N ARG J 1131 -97.13 -44.90 42.69
CA ARG J 1131 -95.87 -45.12 42.03
C ARG J 1131 -94.79 -45.47 43.04
N TRP J 1132 -93.84 -46.31 42.61
CA TRP J 1132 -92.74 -46.75 43.45
C TRP J 1132 -91.44 -46.29 42.83
N HIS J 1133 -90.73 -45.39 43.52
CA HIS J 1133 -89.32 -45.14 43.26
C HIS J 1133 -88.76 -44.46 44.49
N LEU J 1134 -87.84 -45.15 45.19
CA LEU J 1134 -87.24 -44.70 46.45
C LEU J 1134 -88.30 -44.37 47.49
N GLY J 1135 -89.39 -45.13 47.48
CA GLY J 1135 -90.53 -44.85 48.30
C GLY J 1135 -91.77 -44.84 47.46
N SER J 1136 -92.82 -44.19 47.95
CA SER J 1136 -94.12 -44.25 47.30
C SER J 1136 -94.79 -42.88 47.31
N GLU J 1137 -95.72 -42.70 46.38
CA GLU J 1137 -96.54 -41.53 46.26
C GLU J 1137 -97.79 -41.97 45.51
N PRO J 1138 -98.98 -41.57 45.96
CA PRO J 1138 -100.21 -42.11 45.36
C PRO J 1138 -100.44 -41.59 43.97
N PHE J 1139 -100.92 -42.48 43.10
CA PHE J 1139 -100.93 -42.20 41.67
C PHE J 1139 -102.04 -42.99 41.01
N GLY J 1140 -103.16 -42.32 40.72
CA GLY J 1140 -104.16 -42.92 39.86
C GLY J 1140 -105.00 -43.97 40.58
N ARG J 1141 -105.90 -44.58 39.81
CA ARG J 1141 -106.90 -45.51 40.31
C ARG J 1141 -106.32 -46.90 40.44
N PRO J 1142 -106.74 -47.66 41.43
CA PRO J 1142 -106.40 -49.09 41.48
C PRO J 1142 -107.14 -49.89 40.42
N TRP J 1143 -106.93 -51.19 40.47
CA TRP J 1143 -107.22 -52.07 39.35
C TRP J 1143 -108.62 -52.66 39.36
N GLN J 1144 -108.94 -53.31 38.25
CA GLN J 1144 -110.06 -54.22 38.11
C GLN J 1144 -109.47 -55.53 37.62
N SER J 1145 -110.29 -56.49 37.24
CA SER J 1145 -109.81 -57.77 36.75
C SER J 1145 -110.02 -57.84 35.25
N GLY J 1146 -108.99 -57.51 34.49
CA GLY J 1146 -109.07 -57.64 33.05
C GLY J 1146 -108.82 -56.34 32.31
N ASP J 1147 -108.12 -55.42 32.95
CA ASP J 1147 -107.82 -54.12 32.38
C ASP J 1147 -106.36 -54.06 31.94
N VAL J 1148 -106.12 -53.27 30.89
CA VAL J 1148 -104.82 -53.13 30.26
C VAL J 1148 -104.09 -51.95 30.86
N VAL J 1149 -102.88 -52.19 31.36
CA VAL J 1149 -102.02 -51.15 31.91
C VAL J 1149 -100.84 -50.98 30.98
N GLY J 1150 -100.89 -49.96 30.13
CA GLY J 1150 -99.78 -49.65 29.26
C GLY J 1150 -98.69 -48.95 30.03
N CYS J 1151 -97.50 -48.92 29.46
CA CYS J 1151 -96.39 -48.11 29.95
C CYS J 1151 -95.69 -47.54 28.74
N MET J 1152 -95.17 -46.33 28.87
CA MET J 1152 -94.43 -45.72 27.78
C MET J 1152 -93.35 -44.82 28.35
N ILE J 1153 -92.28 -44.66 27.58
CA ILE J 1153 -91.15 -43.85 27.97
C ILE J 1153 -90.75 -43.01 26.76
N ASP J 1154 -90.21 -41.82 27.03
CA ASP J 1154 -89.69 -40.96 25.98
C ASP J 1154 -88.35 -40.42 26.45
N LEU J 1155 -87.27 -41.04 25.99
CA LEU J 1155 -85.92 -40.67 26.38
C LEU J 1155 -85.51 -39.30 25.88
N THR J 1156 -86.19 -38.75 24.87
CA THR J 1156 -85.80 -37.45 24.36
C THR J 1156 -86.17 -36.32 25.31
N GLU J 1157 -87.01 -36.61 26.31
CA GLU J 1157 -87.47 -35.60 27.23
C GLU J 1157 -87.45 -36.06 28.67
N ASN J 1158 -86.92 -37.26 28.95
CA ASN J 1158 -86.73 -37.83 30.29
C ASN J 1158 -88.06 -37.95 31.03
N THR J 1159 -89.02 -38.57 30.37
CA THR J 1159 -90.38 -38.67 30.89
C THR J 1159 -90.79 -40.12 30.98
N ILE J 1160 -91.70 -40.41 31.92
CA ILE J 1160 -92.32 -41.71 32.05
C ILE J 1160 -93.81 -41.49 32.21
N ILE J 1161 -94.60 -42.15 31.37
CA ILE J 1161 -96.05 -41.96 31.32
C ILE J 1161 -96.71 -43.32 31.49
N PHE J 1162 -97.72 -43.38 32.35
CA PHE J 1162 -98.51 -44.59 32.52
C PHE J 1162 -99.92 -44.34 32.03
N THR J 1163 -100.41 -45.21 31.16
CA THR J 1163 -101.76 -45.13 30.62
C THR J 1163 -102.55 -46.33 31.13
N LEU J 1164 -103.79 -46.08 31.56
CA LEU J 1164 -104.68 -47.15 31.99
C LEU J 1164 -105.89 -47.19 31.07
N ASN J 1165 -106.07 -48.36 30.43
CA ASN J 1165 -107.22 -48.66 29.58
C ASN J 1165 -107.33 -47.69 28.40
N GLY J 1166 -106.19 -47.20 27.93
CA GLY J 1166 -106.16 -46.17 26.93
C GLY J 1166 -106.26 -44.76 27.46
N GLU J 1167 -106.66 -44.60 28.72
CA GLU J 1167 -106.74 -43.28 29.34
C GLU J 1167 -105.47 -43.01 30.12
N VAL J 1168 -104.99 -41.78 30.05
CA VAL J 1168 -103.72 -41.43 30.66
C VAL J 1168 -103.93 -41.11 32.14
N LEU J 1169 -103.17 -41.78 33.00
CA LEU J 1169 -103.25 -41.53 34.42
C LEU J 1169 -102.58 -40.20 34.76
N MET J 1170 -103.11 -39.54 35.78
CA MET J 1170 -102.56 -38.27 36.24
C MET J 1170 -102.19 -38.36 37.71
N SER J 1171 -101.40 -37.39 38.14
CA SER J 1171 -100.93 -37.34 39.51
C SER J 1171 -102.01 -36.71 40.40
N ASP J 1172 -101.66 -36.42 41.65
CA ASP J 1172 -102.54 -35.63 42.48
C ASP J 1172 -102.56 -34.17 42.02
N SER J 1173 -101.47 -33.71 41.40
CA SER J 1173 -101.39 -32.36 40.87
C SER J 1173 -101.98 -32.24 39.47
N GLY J 1174 -102.57 -33.30 38.94
CA GLY J 1174 -103.12 -33.29 37.60
C GLY J 1174 -102.12 -33.60 36.51
N SER J 1175 -100.84 -33.64 36.82
CA SER J 1175 -99.82 -33.88 35.80
C SER J 1175 -99.84 -35.34 35.38
N GLU J 1176 -99.72 -35.57 34.07
CA GLU J 1176 -99.70 -36.93 33.56
C GLU J 1176 -98.32 -37.57 33.68
N THR J 1177 -97.25 -36.79 33.52
CA THR J 1177 -95.90 -37.31 33.58
C THR J 1177 -95.56 -37.78 34.98
N ALA J 1178 -95.46 -39.09 35.13
CA ALA J 1178 -95.24 -39.69 36.44
C ALA J 1178 -93.87 -39.36 37.01
N PHE J 1179 -92.85 -39.33 36.17
CA PHE J 1179 -91.51 -38.97 36.58
C PHE J 1179 -90.85 -38.11 35.51
N ARG J 1180 -90.22 -37.02 35.93
CA ARG J 1180 -89.49 -36.16 35.03
C ARG J 1180 -88.04 -36.10 35.46
N GLU J 1181 -87.20 -35.58 34.55
CA GLU J 1181 -85.79 -35.27 34.81
C GLU J 1181 -84.99 -36.50 35.21
N ILE J 1182 -85.33 -37.65 34.64
CA ILE J 1182 -84.59 -38.87 34.90
C ILE J 1182 -83.33 -38.87 34.04
N GLU J 1183 -82.21 -39.22 34.64
CA GLU J 1183 -80.97 -39.36 33.89
C GLU J 1183 -81.05 -40.58 33.00
N ILE J 1184 -80.52 -40.44 31.78
CA ILE J 1184 -80.57 -41.52 30.81
C ILE J 1184 -79.64 -42.63 31.25
N GLY J 1185 -78.35 -42.31 31.37
CA GLY J 1185 -77.37 -43.25 31.86
C GLY J 1185 -77.15 -44.43 30.95
N ASP J 1186 -76.99 -45.60 31.53
CA ASP J 1186 -76.77 -46.82 30.75
C ASP J 1186 -78.01 -47.31 30.03
N GLY J 1187 -79.19 -46.90 30.45
CA GLY J 1187 -80.40 -47.19 29.71
C GLY J 1187 -81.50 -47.75 30.58
N PHE J 1188 -82.54 -48.24 29.90
CA PHE J 1188 -83.69 -48.83 30.55
C PHE J 1188 -84.16 -50.03 29.76
N LEU J 1189 -85.01 -50.83 30.39
CA LEU J 1189 -85.56 -52.04 29.78
C LEU J 1189 -86.78 -52.43 30.60
N PRO J 1190 -87.82 -53.00 29.98
CA PRO J 1190 -89.09 -53.16 30.68
C PRO J 1190 -89.02 -54.24 31.73
N VAL J 1191 -89.84 -54.09 32.76
CA VAL J 1191 -89.76 -54.95 33.94
C VAL J 1191 -91.17 -55.16 34.48
N CYS J 1192 -91.45 -56.37 34.96
CA CYS J 1192 -92.71 -56.66 35.60
C CYS J 1192 -92.42 -57.25 36.97
N SER J 1193 -93.48 -57.51 37.74
CA SER J 1193 -93.36 -58.11 39.05
C SER J 1193 -94.69 -58.74 39.46
N LEU J 1194 -94.64 -59.99 39.85
CA LEU J 1194 -95.85 -60.72 40.21
C LEU J 1194 -95.77 -61.18 41.65
N GLY J 1195 -96.79 -60.83 42.43
CA GLY J 1195 -96.93 -61.33 43.76
C GLY J 1195 -97.49 -62.74 43.76
N PRO J 1196 -97.77 -63.28 44.95
CA PRO J 1196 -98.26 -64.66 45.03
C PRO J 1196 -99.68 -64.75 44.52
N GLY J 1197 -99.95 -65.78 43.73
CA GLY J 1197 -101.26 -66.00 43.17
C GLY J 1197 -101.59 -65.20 41.92
N GLN J 1198 -100.96 -64.04 41.73
CA GLN J 1198 -101.30 -63.12 40.65
C GLN J 1198 -100.92 -63.69 39.30
N VAL J 1199 -101.80 -63.50 38.34
CA VAL J 1199 -101.63 -64.01 36.99
C VAL J 1199 -101.78 -62.83 36.03
N GLY J 1200 -100.84 -62.67 35.11
CA GLY J 1200 -100.96 -61.63 34.11
C GLY J 1200 -99.94 -61.77 33.02
N HIS J 1201 -100.35 -61.63 31.76
CA HIS J 1201 -99.40 -61.80 30.67
C HIS J 1201 -98.89 -60.45 30.21
N LEU J 1202 -97.74 -60.47 29.56
CA LEU J 1202 -96.99 -59.28 29.25
C LEU J 1202 -96.83 -59.21 27.73
N ASN J 1203 -97.72 -58.47 27.09
CA ASN J 1203 -97.61 -58.26 25.65
C ASN J 1203 -96.52 -57.24 25.40
N LEU J 1204 -95.33 -57.71 25.05
CA LEU J 1204 -94.21 -56.82 24.77
C LEU J 1204 -94.33 -56.15 23.41
N GLY J 1205 -95.27 -56.57 22.57
CA GLY J 1205 -95.54 -55.87 21.35
C GLY J 1205 -94.77 -56.38 20.15
N GLN J 1206 -94.88 -57.68 19.87
CA GLN J 1206 -94.34 -58.17 18.61
C GLN J 1206 -95.28 -57.85 17.46
N ASP J 1207 -96.52 -58.32 17.53
CA ASP J 1207 -97.53 -58.01 16.54
C ASP J 1207 -98.27 -56.76 16.96
N VAL J 1208 -98.31 -55.77 16.07
CA VAL J 1208 -98.91 -54.49 16.40
C VAL J 1208 -100.42 -54.64 16.53
N SER J 1209 -101.03 -55.46 15.69
CA SER J 1209 -102.46 -55.72 15.80
C SER J 1209 -102.81 -56.52 17.03
N SER J 1210 -101.87 -57.27 17.60
CA SER J 1210 -102.12 -57.98 18.84
C SER J 1210 -102.26 -57.04 20.03
N LEU J 1211 -101.74 -55.82 19.93
CA LEU J 1211 -101.98 -54.83 20.97
C LEU J 1211 -103.42 -54.35 20.89
N ARG J 1212 -103.90 -53.73 21.96
CA ARG J 1212 -105.30 -53.34 22.00
C ARG J 1212 -105.47 -51.83 22.06
N PHE J 1213 -104.83 -51.18 23.03
CA PHE J 1213 -105.10 -49.78 23.31
C PHE J 1213 -103.98 -48.88 22.82
N PHE J 1214 -103.08 -49.44 22.01
CA PHE J 1214 -101.97 -48.65 21.46
C PHE J 1214 -102.48 -47.65 20.44
N ALA J 1215 -103.48 -48.05 19.66
CA ALA J 1215 -104.08 -47.14 18.70
C ALA J 1215 -104.84 -46.00 19.37
N ILE J 1216 -105.37 -46.23 20.56
CA ILE J 1216 -106.08 -45.18 21.28
C ILE J 1216 -105.12 -44.11 21.75
N CYS J 1217 -104.03 -44.53 22.39
CA CYS J 1217 -103.02 -43.59 22.85
C CYS J 1217 -101.65 -44.22 22.68
N GLY J 1218 -100.69 -43.43 22.21
CA GLY J 1218 -99.36 -43.92 21.92
C GLY J 1218 -99.02 -44.01 20.45
N LEU J 1219 -99.99 -44.32 19.61
CA LEU J 1219 -99.77 -44.47 18.18
C LEU J 1219 -99.45 -43.15 17.51
N GLN J 1220 -100.37 -42.20 17.57
CA GLN J 1220 -100.17 -40.93 16.89
C GLN J 1220 -99.34 -39.97 17.70
N GLU J 1221 -99.06 -40.30 18.96
CA GLU J 1221 -98.10 -39.53 19.72
C GLU J 1221 -96.70 -39.65 19.17
N GLY J 1222 -96.31 -40.84 18.73
CA GLY J 1222 -94.98 -41.08 18.18
C GLY J 1222 -94.29 -42.29 18.76
N PHE J 1223 -94.90 -42.94 19.75
CA PHE J 1223 -94.24 -44.06 20.44
C PHE J 1223 -94.27 -45.30 19.56
N GLU J 1224 -93.11 -45.89 19.37
CA GLU J 1224 -93.08 -47.19 18.73
C GLU J 1224 -93.17 -48.28 19.78
N PRO J 1225 -93.73 -49.45 19.44
CA PRO J 1225 -93.69 -50.57 20.39
C PRO J 1225 -92.28 -51.14 20.51
N PHE J 1226 -92.15 -52.13 21.38
CA PHE J 1226 -90.82 -52.62 21.71
C PHE J 1226 -90.31 -53.57 20.64
N ALA J 1227 -91.04 -54.66 20.40
CA ALA J 1227 -90.63 -55.66 19.41
C ALA J 1227 -91.27 -55.35 18.06
N ILE J 1228 -90.94 -54.18 17.53
CA ILE J 1228 -91.60 -53.74 16.30
C ILE J 1228 -91.03 -54.47 15.08
N ASN J 1229 -89.71 -54.63 15.00
CA ASN J 1229 -89.11 -55.38 13.91
C ASN J 1229 -88.16 -56.39 14.53
N MET J 1230 -88.70 -57.53 14.95
CA MET J 1230 -87.93 -58.62 15.52
C MET J 1230 -88.62 -59.92 15.14
N GLN J 1231 -87.97 -60.72 14.32
CA GLN J 1231 -88.59 -61.95 13.87
C GLN J 1231 -88.56 -63.05 14.92
N ARG J 1232 -87.84 -62.83 16.02
CA ARG J 1232 -87.82 -63.75 17.14
C ARG J 1232 -88.31 -63.04 18.39
N PRO J 1233 -88.97 -63.75 19.31
CA PRO J 1233 -89.45 -63.10 20.52
C PRO J 1233 -88.31 -62.75 21.45
N VAL J 1234 -88.54 -61.74 22.28
CA VAL J 1234 -87.52 -61.27 23.20
C VAL J 1234 -87.39 -62.25 24.35
N THR J 1235 -86.18 -62.70 24.62
CA THR J 1235 -85.94 -63.65 25.70
C THR J 1235 -86.12 -62.96 27.05
N THR J 1236 -86.70 -63.68 27.99
CA THR J 1236 -87.07 -63.11 29.27
C THR J 1236 -86.25 -63.73 30.39
N TRP J 1237 -85.87 -62.93 31.37
CA TRP J 1237 -85.06 -63.37 32.49
C TRP J 1237 -85.87 -63.23 33.77
N PHE J 1238 -86.07 -64.34 34.46
CA PHE J 1238 -86.79 -64.28 35.72
C PHE J 1238 -85.83 -64.52 36.88
N SER J 1239 -86.22 -64.02 38.04
CA SER J 1239 -85.46 -64.23 39.26
C SER J 1239 -85.86 -65.54 39.90
N LYS J 1240 -84.86 -66.36 40.19
CA LYS J 1240 -85.07 -67.65 40.82
C LYS J 1240 -85.42 -67.50 42.29
N SER J 1241 -85.69 -68.63 42.92
CA SER J 1241 -85.83 -68.71 44.37
C SER J 1241 -84.77 -69.58 45.00
N LEU J 1242 -84.09 -70.40 44.20
CA LEU J 1242 -83.11 -71.33 44.72
C LEU J 1242 -81.85 -70.57 45.07
N PRO J 1243 -81.41 -70.58 46.31
CA PRO J 1243 -80.17 -69.87 46.67
C PRO J 1243 -78.97 -70.63 46.16
N GLN J 1244 -78.00 -69.90 45.64
CA GLN J 1244 -76.77 -70.49 45.17
C GLN J 1244 -75.60 -69.71 45.74
N PHE J 1245 -74.44 -70.34 45.76
CA PHE J 1245 -73.28 -69.70 46.35
C PHE J 1245 -72.68 -68.70 45.37
N GLU J 1246 -71.96 -67.73 45.93
CA GLU J 1246 -71.35 -66.64 45.16
C GLU J 1246 -70.25 -66.06 46.01
N PRO J 1247 -69.19 -65.55 45.41
CA PRO J 1247 -68.11 -64.94 46.20
C PRO J 1247 -68.59 -63.62 46.79
N VAL J 1248 -68.01 -63.29 47.92
CA VAL J 1248 -68.43 -62.07 48.64
C VAL J 1248 -67.84 -60.85 47.94
N PRO J 1249 -68.63 -59.83 47.63
CA PRO J 1249 -68.09 -58.65 46.98
C PRO J 1249 -67.22 -57.86 47.94
N PRO J 1250 -66.10 -57.31 47.47
CA PRO J 1250 -65.23 -56.58 48.39
C PRO J 1250 -65.81 -55.25 48.82
N GLU J 1251 -66.74 -54.69 48.05
CA GLU J 1251 -67.49 -53.51 48.48
C GLU J 1251 -68.81 -53.93 49.12
N HIS J 1252 -68.71 -54.83 50.09
CA HIS J 1252 -69.93 -55.18 50.80
C HIS J 1252 -70.07 -54.31 52.02
N PRO J 1253 -71.26 -53.77 52.31
CA PRO J 1253 -71.37 -52.78 53.39
C PRO J 1253 -71.25 -53.35 54.79
N HIS J 1254 -71.43 -54.65 54.98
CA HIS J 1254 -71.43 -55.22 56.32
C HIS J 1254 -70.31 -56.23 56.53
N TYR J 1255 -70.06 -57.07 55.54
CA TYR J 1255 -69.12 -58.17 55.67
C TYR J 1255 -67.85 -57.82 54.91
N GLU J 1256 -66.73 -58.29 55.43
CA GLU J 1256 -65.46 -58.14 54.73
C GLU J 1256 -64.52 -59.23 55.19
N VAL J 1257 -63.65 -59.66 54.29
CA VAL J 1257 -62.70 -60.72 54.56
C VAL J 1257 -61.30 -60.18 54.39
N ALA J 1258 -60.34 -60.96 54.85
CA ALA J 1258 -58.93 -60.57 54.75
C ALA J 1258 -58.09 -61.83 54.80
N ARG J 1259 -57.46 -62.16 53.68
CA ARG J 1259 -56.58 -63.32 53.61
C ARG J 1259 -55.23 -62.91 54.18
N MET J 1260 -54.94 -63.37 55.39
CA MET J 1260 -53.71 -62.98 56.07
C MET J 1260 -52.58 -63.95 55.74
N ASP J 1261 -51.35 -63.44 55.82
CA ASP J 1261 -50.16 -64.19 55.46
C ASP J 1261 -49.88 -65.30 56.47
N GLY J 1262 -49.19 -66.33 56.00
CA GLY J 1262 -48.80 -67.44 56.86
C GLY J 1262 -47.39 -67.25 57.37
N THR J 1263 -47.24 -67.28 58.68
CA THR J 1263 -45.96 -67.02 59.33
C THR J 1263 -45.33 -68.33 59.78
N VAL J 1264 -44.24 -68.22 60.55
CA VAL J 1264 -43.69 -69.39 61.22
C VAL J 1264 -44.55 -69.77 62.42
N ASP J 1265 -45.28 -68.82 62.99
CA ASP J 1265 -46.17 -69.06 64.11
C ASP J 1265 -47.61 -69.29 63.68
N THR J 1266 -47.96 -68.88 62.47
CA THR J 1266 -49.34 -68.94 62.04
C THR J 1266 -49.43 -69.54 60.65
N PRO J 1267 -50.39 -70.42 60.38
CA PRO J 1267 -50.60 -70.89 59.01
C PRO J 1267 -51.18 -69.80 58.14
N PRO J 1268 -51.18 -69.98 56.81
CA PRO J 1268 -51.96 -69.07 55.95
C PRO J 1268 -53.43 -69.13 56.32
N CYS J 1269 -54.04 -67.96 56.45
CA CYS J 1269 -55.35 -67.86 57.07
C CYS J 1269 -56.13 -66.70 56.50
N LEU J 1270 -57.45 -66.78 56.67
CA LEU J 1270 -58.36 -65.74 56.22
C LEU J 1270 -59.51 -65.62 57.22
N ARG J 1271 -59.93 -64.38 57.46
CA ARG J 1271 -60.86 -64.06 58.53
C ARG J 1271 -62.12 -63.45 57.97
N LEU J 1272 -63.10 -63.27 58.86
CA LEU J 1272 -64.33 -62.57 58.54
C LEU J 1272 -64.67 -61.64 59.69
N ALA J 1273 -64.57 -60.34 59.45
CA ALA J 1273 -64.82 -59.35 60.47
C ALA J 1273 -66.03 -58.51 60.06
N HIS J 1274 -66.92 -58.25 61.02
CA HIS J 1274 -68.08 -57.43 60.76
C HIS J 1274 -67.66 -55.97 60.66
N ARG J 1275 -68.14 -55.28 59.63
CA ARG J 1275 -67.84 -53.87 59.49
C ARG J 1275 -68.63 -53.04 60.48
N THR J 1276 -69.96 -53.11 60.37
CA THR J 1276 -70.85 -52.28 61.16
C THR J 1276 -71.41 -53.12 62.29
N TRP J 1277 -70.62 -53.29 63.34
CA TRP J 1277 -71.15 -53.96 64.52
C TRP J 1277 -71.62 -52.97 65.58
N GLY J 1278 -71.31 -51.69 65.40
CA GLY J 1278 -71.81 -50.67 66.30
C GLY J 1278 -73.24 -50.28 65.97
N SER J 1279 -73.50 -48.98 65.96
CA SER J 1279 -74.84 -48.49 65.62
C SER J 1279 -74.95 -48.23 64.13
N GLN J 1280 -76.00 -47.50 63.74
CA GLN J 1280 -76.27 -47.08 62.36
C GLN J 1280 -76.45 -48.27 61.42
N ASN J 1281 -77.56 -48.96 61.66
CA ASN J 1281 -78.10 -50.03 60.79
C ASN J 1281 -77.15 -51.24 60.75
N SER J 1282 -76.82 -51.71 61.95
CA SER J 1282 -76.02 -52.92 62.09
C SER J 1282 -76.88 -54.12 61.74
N LEU J 1283 -76.67 -54.67 60.56
CA LEU J 1283 -77.42 -55.83 60.09
C LEU J 1283 -76.74 -57.08 60.64
N VAL J 1284 -77.52 -58.03 61.11
CA VAL J 1284 -77.01 -59.29 61.63
C VAL J 1284 -78.04 -60.37 61.37
N GLU J 1285 -77.61 -61.43 60.71
CA GLU J 1285 -78.41 -62.63 60.48
C GLU J 1285 -77.45 -63.76 60.15
N MET J 1286 -77.96 -65.00 60.23
CA MET J 1286 -77.10 -66.16 60.14
C MET J 1286 -76.66 -66.38 58.71
N LEU J 1287 -75.39 -66.07 58.43
CA LEU J 1287 -74.82 -66.20 57.10
C LEU J 1287 -74.05 -67.51 57.02
N PHE J 1288 -73.90 -68.01 55.80
CA PHE J 1288 -73.35 -69.34 55.56
C PHE J 1288 -72.11 -69.22 54.70
N LEU J 1289 -70.97 -69.64 55.23
CA LEU J 1289 -69.71 -69.55 54.53
C LEU J 1289 -69.32 -70.91 53.97
N ARG J 1290 -69.14 -70.97 52.66
CA ARG J 1290 -68.60 -72.13 52.00
C ARG J 1290 -67.30 -71.74 51.35
N LEU J 1291 -66.34 -72.65 51.32
CA LEU J 1291 -65.15 -72.33 50.55
C LEU J 1291 -65.37 -72.67 49.08
N SER J 1292 -64.34 -72.43 48.29
CA SER J 1292 -64.50 -72.44 46.84
C SER J 1292 -63.99 -73.71 46.19
N LEU J 1293 -63.22 -74.50 46.88
CA LEU J 1293 -62.73 -75.68 46.19
C LEU J 1293 -63.16 -76.93 46.94
N PRO J 1294 -63.63 -77.94 46.24
CA PRO J 1294 -64.02 -79.18 46.91
C PRO J 1294 -62.82 -80.08 47.15
N VAL J 1295 -63.03 -81.06 48.03
CA VAL J 1295 -62.13 -82.20 48.15
C VAL J 1295 -62.87 -83.39 47.56
N GLN J 1296 -62.12 -84.37 47.10
CA GLN J 1296 -62.70 -85.47 46.35
C GLN J 1296 -62.35 -86.78 47.04
N PHE J 1297 -63.38 -87.55 47.37
CA PHE J 1297 -63.12 -88.88 47.90
C PHE J 1297 -62.79 -89.83 46.77
N HIS J 1298 -61.92 -90.80 47.08
CA HIS J 1298 -61.37 -91.68 46.05
C HIS J 1298 -62.43 -92.63 45.51
N GLN J 1299 -62.10 -93.23 44.37
CA GLN J 1299 -63.08 -94.00 43.61
C GLN J 1299 -63.46 -95.29 44.30
N HIS J 1300 -62.50 -96.01 44.86
CA HIS J 1300 -62.76 -97.20 45.65
C HIS J 1300 -62.10 -97.03 46.99
N PHE J 1301 -62.74 -97.53 48.04
CA PHE J 1301 -62.18 -97.36 49.36
C PHE J 1301 -61.08 -98.38 49.62
N ARG J 1302 -60.41 -98.21 50.77
CA ARG J 1302 -59.32 -99.11 51.14
C ARG J 1302 -59.84 -100.49 51.49
N CYS J 1303 -61.04 -100.56 52.08
CA CYS J 1303 -61.75 -101.78 52.45
C CYS J 1303 -60.96 -102.70 53.36
N ASP J 1422 -42.95 -84.67 61.56
CA ASP J 1422 -43.42 -85.94 61.03
C ASP J 1422 -42.30 -86.72 60.36
N ASP J 1423 -42.50 -88.03 60.25
CA ASP J 1423 -41.60 -88.83 59.46
C ASP J 1423 -41.88 -88.62 57.98
N PRO J 1424 -40.85 -88.58 57.15
CA PRO J 1424 -41.09 -88.48 55.70
C PRO J 1424 -41.70 -89.72 55.09
N GLU J 1425 -41.72 -90.86 55.80
CA GLU J 1425 -42.42 -92.02 55.29
C GLU J 1425 -43.93 -91.88 55.46
N ILE J 1426 -44.37 -91.50 56.66
CA ILE J 1426 -45.81 -91.43 56.91
C ILE J 1426 -46.47 -90.26 56.20
N ILE J 1427 -45.76 -89.15 56.02
CA ILE J 1427 -46.39 -87.96 55.45
C ILE J 1427 -46.47 -88.03 53.93
N LEU J 1428 -45.76 -88.97 53.30
CA LEU J 1428 -45.84 -89.10 51.87
C LEU J 1428 -46.72 -90.27 51.44
N ASN J 1429 -47.39 -90.92 52.39
CA ASN J 1429 -48.31 -92.00 52.08
C ASN J 1429 -49.69 -91.77 52.66
N THR J 1430 -49.83 -90.80 53.55
CA THR J 1430 -51.07 -90.56 54.27
C THR J 1430 -52.18 -90.05 53.37
N THR J 1431 -53.39 -90.53 53.62
CA THR J 1431 -54.60 -89.95 53.03
C THR J 1431 -55.54 -89.60 54.18
N THR J 1432 -55.26 -88.48 54.82
CA THR J 1432 -56.14 -87.83 55.78
C THR J 1432 -55.64 -86.41 56.00
N TYR J 1433 -56.59 -85.48 56.07
CA TYR J 1433 -56.29 -84.07 55.95
C TYR J 1433 -56.92 -83.30 57.11
N TYR J 1434 -56.39 -82.11 57.34
CA TYR J 1434 -56.80 -81.28 58.46
C TYR J 1434 -56.97 -79.85 58.01
N TYR J 1435 -58.07 -79.23 58.43
CA TYR J 1435 -58.20 -77.79 58.39
C TYR J 1435 -58.70 -77.34 59.75
N SER J 1436 -58.73 -76.03 59.97
CA SER J 1436 -58.98 -75.51 61.30
C SER J 1436 -59.69 -74.17 61.21
N VAL J 1437 -60.62 -73.97 62.15
CA VAL J 1437 -61.22 -72.67 62.38
C VAL J 1437 -61.02 -72.33 63.84
N ARG J 1438 -60.99 -71.03 64.13
CA ARG J 1438 -60.86 -70.56 65.49
C ARG J 1438 -61.92 -69.49 65.73
N VAL J 1439 -62.85 -69.79 66.61
CA VAL J 1439 -63.86 -68.82 67.01
C VAL J 1439 -63.23 -67.84 67.97
N PHE J 1440 -63.30 -66.57 67.63
CA PHE J 1440 -62.71 -65.52 68.45
C PHE J 1440 -63.53 -65.31 69.72
N ALA J 1441 -62.95 -64.53 70.64
CA ALA J 1441 -63.69 -64.10 71.81
C ALA J 1441 -64.78 -63.14 71.41
N GLY J 1442 -65.84 -63.09 72.22
CA GLY J 1442 -67.00 -62.30 71.91
C GLY J 1442 -67.95 -62.97 70.93
N GLN J 1443 -67.64 -64.16 70.46
CA GLN J 1443 -68.55 -64.93 69.63
C GLN J 1443 -68.93 -66.20 70.38
N GLU J 1444 -70.22 -66.45 70.48
CA GLU J 1444 -70.69 -67.62 71.20
C GLU J 1444 -70.60 -68.85 70.32
N PRO J 1445 -69.97 -69.93 70.79
CA PRO J 1445 -70.03 -71.21 70.07
C PRO J 1445 -71.42 -71.84 70.05
N SER J 1446 -72.35 -71.35 70.86
CA SER J 1446 -73.75 -71.76 70.75
C SER J 1446 -74.35 -71.42 69.41
N CYS J 1447 -73.90 -70.33 68.78
CA CYS J 1447 -74.37 -69.91 67.48
C CYS J 1447 -73.33 -70.08 66.39
N VAL J 1448 -72.56 -71.16 66.45
CA VAL J 1448 -71.52 -71.46 65.47
C VAL J 1448 -71.67 -72.91 65.07
N TRP J 1449 -71.70 -73.17 63.77
CA TRP J 1449 -71.75 -74.53 63.25
C TRP J 1449 -70.60 -74.71 62.28
N VAL J 1450 -69.81 -75.76 62.47
CA VAL J 1450 -68.60 -76.00 61.69
C VAL J 1450 -68.69 -77.40 61.10
N GLY J 1451 -68.37 -77.52 59.81
CA GLY J 1451 -68.23 -78.83 59.22
C GLY J 1451 -68.10 -78.86 57.71
N TRP J 1452 -68.89 -79.71 57.05
CA TRP J 1452 -68.72 -79.99 55.64
C TRP J 1452 -70.07 -79.99 54.94
N VAL J 1453 -70.07 -79.58 53.67
CA VAL J 1453 -71.28 -79.36 52.89
C VAL J 1453 -71.03 -79.81 51.45
N THR J 1454 -71.92 -80.66 50.92
CA THR J 1454 -71.94 -81.09 49.53
C THR J 1454 -72.70 -80.08 48.67
N PRO J 1455 -72.39 -80.00 47.37
CA PRO J 1455 -73.01 -78.96 46.52
C PRO J 1455 -74.53 -78.92 46.45
N ASP J 1456 -75.23 -80.04 46.59
CA ASP J 1456 -76.69 -80.01 46.52
C ASP J 1456 -77.29 -79.70 47.90
N TYR J 1457 -77.05 -78.47 48.35
CA TYR J 1457 -77.55 -77.99 49.63
C TYR J 1457 -77.92 -76.52 49.45
N HIS J 1458 -79.21 -76.22 49.59
CA HIS J 1458 -79.72 -74.87 49.37
C HIS J 1458 -80.73 -74.46 50.44
N GLN J 1459 -80.39 -74.65 51.71
CA GLN J 1459 -81.25 -74.23 52.82
C GLN J 1459 -80.80 -72.88 53.31
N HIS J 1460 -81.55 -71.84 52.97
CA HIS J 1460 -81.25 -70.47 53.39
C HIS J 1460 -82.35 -70.06 54.36
N ASP J 1461 -82.07 -70.20 55.67
CA ASP J 1461 -83.04 -69.84 56.69
C ASP J 1461 -82.29 -69.24 57.87
N MET J 1462 -82.97 -68.36 58.61
CA MET J 1462 -82.39 -67.78 59.80
C MET J 1462 -82.72 -68.55 61.07
N ASN J 1463 -83.49 -69.63 60.95
CA ASN J 1463 -83.89 -70.39 62.13
C ASN J 1463 -83.26 -71.76 62.10
N PHE J 1464 -82.07 -71.85 61.52
CA PHE J 1464 -81.43 -73.15 61.31
C PHE J 1464 -80.86 -73.69 62.61
N ASP J 1465 -81.27 -74.91 62.94
CA ASP J 1465 -80.60 -75.71 63.97
C ASP J 1465 -80.27 -77.05 63.33
N LEU J 1466 -79.49 -77.86 64.04
CA LEU J 1466 -79.03 -79.14 63.49
C LEU J 1466 -80.16 -80.14 63.27
N SER J 1467 -81.33 -79.92 63.87
CA SER J 1467 -82.51 -80.70 63.50
C SER J 1467 -82.99 -80.37 62.10
N LYS J 1468 -82.73 -79.17 61.62
CA LYS J 1468 -83.15 -78.77 60.28
C LYS J 1468 -82.10 -79.12 59.23
N VAL J 1469 -81.65 -80.37 59.23
CA VAL J 1469 -80.68 -80.87 58.27
C VAL J 1469 -81.32 -82.04 57.56
N ARG J 1470 -81.29 -82.02 56.23
CA ARG J 1470 -81.81 -83.13 55.47
C ARG J 1470 -80.92 -84.35 55.66
N ALA J 1471 -81.55 -85.50 55.89
CA ALA J 1471 -80.85 -86.76 56.07
C ALA J 1471 -81.81 -87.88 55.71
N VAL J 1472 -81.44 -88.68 54.73
CA VAL J 1472 -82.29 -89.76 54.22
C VAL J 1472 -81.51 -91.06 54.35
N THR J 1473 -82.12 -92.02 55.03
CA THR J 1473 -81.51 -93.32 55.28
C THR J 1473 -82.04 -94.32 54.26
N VAL J 1474 -81.14 -94.90 53.48
CA VAL J 1474 -81.49 -95.92 52.49
C VAL J 1474 -81.02 -97.27 53.01
N THR J 1475 -81.95 -98.21 53.07
CA THR J 1475 -81.64 -99.58 53.47
C THR J 1475 -82.10 -100.52 52.37
N MET J 1476 -81.35 -101.59 52.16
CA MET J 1476 -81.69 -102.62 51.20
C MET J 1476 -81.46 -103.99 51.83
N GLY J 1477 -82.26 -104.97 51.42
CA GLY J 1477 -82.10 -106.30 51.91
C GLY J 1477 -82.33 -107.36 50.86
N ASP J 1478 -82.47 -108.61 51.28
CA ASP J 1478 -82.75 -109.70 50.37
C ASP J 1478 -84.25 -109.89 50.23
N GLU J 1479 -84.65 -110.91 49.48
CA GLU J 1479 -86.04 -111.32 49.43
C GLU J 1479 -86.52 -111.94 50.74
N GLN J 1480 -85.59 -112.42 51.57
CA GLN J 1480 -85.94 -112.92 52.89
C GLN J 1480 -86.32 -111.79 53.84
N GLY J 1481 -85.94 -110.55 53.53
CA GLY J 1481 -86.23 -109.41 54.37
C GLY J 1481 -85.07 -108.99 55.26
N ASN J 1482 -84.07 -109.86 55.43
CA ASN J 1482 -82.89 -109.50 56.20
C ASN J 1482 -82.08 -108.45 55.44
N VAL J 1483 -81.67 -107.41 56.15
CA VAL J 1483 -81.05 -106.26 55.51
C VAL J 1483 -79.63 -106.59 55.07
N HIS J 1484 -79.14 -105.83 54.10
CA HIS J 1484 -77.80 -105.97 53.57
C HIS J 1484 -76.94 -104.75 53.78
N SER J 1485 -77.54 -103.57 53.76
CA SER J 1485 -76.82 -102.32 53.91
C SER J 1485 -77.79 -101.27 54.42
N SER J 1486 -77.23 -100.26 55.08
CA SER J 1486 -78.03 -99.15 55.60
C SER J 1486 -77.24 -97.87 55.37
N LEU J 1487 -77.52 -97.18 54.26
CA LEU J 1487 -76.78 -96.00 53.87
C LEU J 1487 -77.55 -94.76 54.27
N LYS J 1488 -76.84 -93.75 54.77
CA LYS J 1488 -77.44 -92.47 55.11
C LYS J 1488 -76.75 -91.36 54.31
N CYS J 1489 -77.51 -90.73 53.42
CA CYS J 1489 -77.04 -89.57 52.69
C CYS J 1489 -77.55 -88.32 53.41
N SER J 1490 -76.65 -87.39 53.68
CA SER J 1490 -77.02 -86.09 54.20
C SER J 1490 -76.41 -85.01 53.33
N ASN J 1491 -77.11 -83.88 53.23
CA ASN J 1491 -76.59 -82.77 52.46
C ASN J 1491 -75.68 -81.85 53.27
N CYS J 1492 -75.26 -82.28 54.45
CA CYS J 1492 -74.56 -81.45 55.41
C CYS J 1492 -73.87 -82.35 56.43
N TYR J 1493 -72.61 -82.07 56.72
CA TYR J 1493 -71.84 -82.84 57.70
C TYR J 1493 -71.13 -81.85 58.61
N MET J 1494 -71.79 -81.49 59.70
CA MET J 1494 -71.25 -80.52 60.64
C MET J 1494 -71.41 -81.00 62.07
N VAL J 1495 -70.83 -80.21 62.98
CA VAL J 1495 -70.97 -80.37 64.42
C VAL J 1495 -71.52 -79.07 64.98
N TRP J 1496 -71.83 -79.09 66.27
CA TRP J 1496 -72.21 -77.87 66.97
C TRP J 1496 -71.07 -77.42 67.87
N GLY J 1497 -70.65 -76.17 67.71
CA GLY J 1497 -69.67 -75.59 68.60
C GLY J 1497 -70.16 -75.40 70.02
N GLY J 1498 -71.47 -75.29 70.20
CA GLY J 1498 -72.07 -75.22 71.53
C GLY J 1498 -72.06 -76.55 72.26
N ASP J 1499 -71.74 -77.64 71.57
CA ASP J 1499 -71.65 -78.94 72.20
C ASP J 1499 -70.31 -79.19 72.87
N PHE J 1500 -69.43 -78.18 72.91
CA PHE J 1500 -68.15 -78.35 73.59
C PHE J 1500 -67.95 -77.31 74.67
N VAL J 1501 -68.40 -76.08 74.44
CA VAL J 1501 -68.31 -75.04 75.44
C VAL J 1501 -69.70 -74.70 75.92
N ILE J 1509 -69.88 -66.04 79.22
CA ILE J 1509 -68.81 -65.14 78.81
C ILE J 1509 -67.46 -65.85 78.91
N SER J 1510 -66.98 -66.39 77.80
CA SER J 1510 -65.69 -67.04 77.77
C SER J 1510 -64.64 -66.11 77.19
N HIS J 1511 -63.52 -65.97 77.90
CA HIS J 1511 -62.42 -65.14 77.42
C HIS J 1511 -61.39 -65.93 76.64
N THR J 1512 -61.74 -67.11 76.14
CA THR J 1512 -60.82 -67.96 75.40
C THR J 1512 -61.46 -68.40 74.08
N ASP J 1513 -60.62 -68.91 73.20
CA ASP J 1513 -61.00 -69.20 71.82
C ASP J 1513 -61.19 -70.70 71.61
N LEU J 1514 -62.43 -71.10 71.37
CA LEU J 1514 -62.74 -72.48 71.03
C LEU J 1514 -62.26 -72.76 69.61
N VAL J 1515 -61.27 -73.63 69.48
CA VAL J 1515 -60.68 -73.96 68.19
C VAL J 1515 -61.19 -75.34 67.79
N ILE J 1516 -61.88 -75.41 66.67
CA ILE J 1516 -62.44 -76.67 66.18
C ILE J 1516 -61.71 -77.06 64.91
N GLY J 1517 -61.17 -78.27 64.89
CA GLY J 1517 -60.49 -78.81 63.73
C GLY J 1517 -61.14 -80.11 63.31
N CYS J 1518 -61.14 -80.37 62.01
CA CYS J 1518 -61.81 -81.53 61.45
C CYS J 1518 -60.82 -82.42 60.72
N LEU J 1519 -61.18 -83.68 60.57
CA LEU J 1519 -60.29 -84.69 60.01
C LEU J 1519 -61.07 -85.53 59.01
N VAL J 1520 -60.58 -85.59 57.79
CA VAL J 1520 -61.24 -86.31 56.70
C VAL J 1520 -60.23 -87.26 56.07
N ASP J 1521 -60.57 -88.54 56.06
CA ASP J 1521 -59.71 -89.61 55.56
C ASP J 1521 -60.23 -90.04 54.20
N LEU J 1522 -59.49 -89.71 53.14
CA LEU J 1522 -60.00 -89.86 51.78
C LEU J 1522 -60.11 -91.30 51.31
N ALA J 1523 -59.18 -92.17 51.69
CA ALA J 1523 -59.23 -93.53 51.18
C ALA J 1523 -60.25 -94.39 51.90
N THR J 1524 -60.81 -93.88 53.00
CA THR J 1524 -61.88 -94.59 53.69
C THR J 1524 -63.20 -93.83 53.70
N GLY J 1525 -63.16 -92.53 53.44
CA GLY J 1525 -64.37 -91.74 53.57
C GLY J 1525 -64.81 -91.52 54.98
N LEU J 1526 -63.90 -91.68 55.95
CA LEU J 1526 -64.21 -91.53 57.36
C LEU J 1526 -63.90 -90.10 57.78
N MET J 1527 -64.86 -89.45 58.43
CA MET J 1527 -64.71 -88.06 58.86
C MET J 1527 -64.88 -87.98 60.36
N THR J 1528 -63.90 -87.37 61.03
CA THR J 1528 -63.93 -87.15 62.46
C THR J 1528 -63.61 -85.69 62.75
N PHE J 1529 -63.85 -85.28 63.98
CA PHE J 1529 -63.77 -83.88 64.38
C PHE J 1529 -63.11 -83.77 65.74
N THR J 1530 -62.14 -82.88 65.86
CA THR J 1530 -61.38 -82.69 67.08
C THR J 1530 -61.73 -81.35 67.70
N ALA J 1531 -61.91 -81.34 69.02
CA ALA J 1531 -62.23 -80.13 69.77
C ALA J 1531 -61.07 -79.82 70.68
N ASN J 1532 -60.26 -78.82 70.30
CA ASN J 1532 -59.06 -78.37 71.02
C ASN J 1532 -58.09 -79.52 71.28
N GLY J 1533 -57.94 -80.40 70.28
CA GLY J 1533 -57.11 -81.57 70.43
C GLY J 1533 -57.73 -82.71 71.19
N LYS J 1534 -58.95 -82.53 71.72
CA LYS J 1534 -59.69 -83.61 72.37
C LYS J 1534 -60.76 -84.09 71.41
N GLU J 1535 -60.71 -85.37 71.06
CA GLU J 1535 -61.60 -85.93 70.07
C GLU J 1535 -63.03 -85.97 70.57
N SER J 1536 -63.96 -85.59 69.70
CA SER J 1536 -65.37 -85.58 70.01
C SER J 1536 -65.92 -86.98 69.77
N ASN J 1537 -67.12 -87.23 70.32
CA ASN J 1537 -67.76 -88.52 70.20
C ASN J 1537 -68.28 -88.80 68.79
N THR J 1538 -68.56 -87.77 68.01
CA THR J 1538 -69.19 -87.98 66.72
C THR J 1538 -68.16 -88.36 65.67
N PHE J 1539 -68.68 -88.85 64.54
CA PHE J 1539 -67.89 -89.30 63.40
C PHE J 1539 -68.83 -89.45 62.22
N PHE J 1540 -68.25 -89.54 61.02
CA PHE J 1540 -69.06 -89.62 59.81
C PHE J 1540 -68.35 -90.44 58.75
N GLN J 1541 -69.14 -91.21 58.01
CA GLN J 1541 -68.63 -92.05 56.93
C GLN J 1541 -69.54 -91.92 55.72
N VAL J 1542 -68.94 -91.82 54.53
CA VAL J 1542 -69.69 -91.46 53.32
C VAL J 1542 -69.53 -92.51 52.23
N GLU J 1543 -70.17 -92.24 51.08
CA GLU J 1543 -70.08 -93.08 49.90
C GLU J 1543 -68.69 -92.95 49.27
N PRO J 1544 -68.32 -93.87 48.37
CA PRO J 1544 -67.00 -93.75 47.72
C PRO J 1544 -66.81 -92.52 46.84
N ASN J 1545 -67.64 -92.33 45.82
CA ASN J 1545 -67.42 -91.25 44.88
C ASN J 1545 -68.33 -90.08 45.26
N THR J 1546 -67.85 -89.25 46.18
CA THR J 1546 -68.55 -88.04 46.53
C THR J 1546 -67.53 -86.96 46.87
N LYS J 1547 -67.98 -85.72 46.78
CA LYS J 1547 -67.13 -84.58 47.08
C LYS J 1547 -67.70 -83.83 48.27
N LEU J 1548 -66.94 -82.87 48.76
CA LEU J 1548 -67.32 -82.13 49.95
C LEU J 1548 -66.67 -80.77 49.94
N PHE J 1549 -67.42 -79.77 50.35
CA PHE J 1549 -66.83 -78.47 50.56
C PHE J 1549 -66.66 -78.22 52.04
N PRO J 1550 -65.57 -77.61 52.46
CA PRO J 1550 -65.46 -77.18 53.86
C PRO J 1550 -66.45 -76.08 54.15
N ALA J 1551 -67.08 -76.10 55.32
CA ALA J 1551 -68.21 -75.22 55.59
C ALA J 1551 -68.18 -74.72 57.02
N VAL J 1552 -68.60 -73.47 57.19
CA VAL J 1552 -68.81 -72.85 58.50
C VAL J 1552 -70.09 -72.04 58.42
N PHE J 1553 -71.02 -72.29 59.34
CA PHE J 1553 -72.24 -71.51 59.43
C PHE J 1553 -72.19 -70.74 60.74
N VAL J 1554 -72.56 -69.47 60.72
CA VAL J 1554 -72.38 -68.63 61.89
C VAL J 1554 -73.42 -67.51 61.87
N LEU J 1555 -73.95 -67.19 63.05
CA LEU J 1555 -74.60 -65.93 63.30
C LEU J 1555 -73.64 -65.08 64.11
N PRO J 1556 -73.16 -63.95 63.59
CA PRO J 1556 -72.05 -63.23 64.24
C PRO J 1556 -72.55 -62.39 65.40
N THR J 1557 -71.73 -62.29 66.44
CA THR J 1557 -72.04 -61.44 67.59
C THR J 1557 -70.83 -60.66 68.09
N HIS J 1558 -69.94 -60.24 67.20
CA HIS J 1558 -68.74 -59.51 67.60
C HIS J 1558 -68.27 -58.66 66.44
N GLN J 1559 -67.28 -57.81 66.71
CA GLN J 1559 -66.61 -57.09 65.64
C GLN J 1559 -65.70 -58.02 64.84
N ASN J 1560 -65.09 -59.00 65.52
CA ASN J 1560 -64.28 -60.01 64.86
C ASN J 1560 -64.87 -61.37 65.19
N VAL J 1561 -65.16 -62.18 64.16
CA VAL J 1561 -65.98 -63.35 64.44
C VAL J 1561 -65.20 -64.65 64.37
N ILE J 1562 -64.75 -65.04 63.17
CA ILE J 1562 -64.10 -66.33 62.97
C ILE J 1562 -62.84 -66.12 62.14
N GLN J 1563 -62.06 -67.19 62.02
CA GLN J 1563 -60.87 -67.17 61.17
C GLN J 1563 -60.69 -68.57 60.60
N PHE J 1564 -60.67 -68.66 59.28
CA PHE J 1564 -60.31 -69.92 58.63
C PHE J 1564 -58.81 -70.09 58.69
N GLU J 1565 -58.33 -71.15 59.33
CA GLU J 1565 -56.90 -71.40 59.49
C GLU J 1565 -56.50 -72.64 58.71
N LEU J 1566 -55.68 -72.45 57.68
CA LEU J 1566 -55.33 -73.52 56.76
C LEU J 1566 -53.99 -74.13 57.19
N GLY J 1567 -54.06 -74.93 58.25
CA GLY J 1567 -52.86 -75.51 58.81
C GLY J 1567 -52.87 -77.02 58.84
N LYS J 1568 -51.71 -77.58 59.20
CA LYS J 1568 -51.53 -79.02 59.28
C LYS J 1568 -51.21 -79.41 60.73
N GLN J 1569 -51.50 -80.67 61.05
CA GLN J 1569 -51.17 -81.22 62.35
C GLN J 1569 -49.82 -81.95 62.27
N LYS J 1570 -49.53 -82.77 63.28
CA LYS J 1570 -48.17 -83.24 63.52
C LYS J 1570 -47.71 -84.23 62.45
N ASN J 1571 -48.64 -84.97 61.85
CA ASN J 1571 -48.21 -85.98 60.88
C ASN J 1571 -49.15 -86.10 59.68
N ILE J 1572 -49.90 -85.05 59.34
CA ILE J 1572 -50.87 -85.10 58.25
C ILE J 1572 -50.77 -83.82 57.44
N MET J 1573 -51.03 -83.93 56.14
CA MET J 1573 -50.79 -82.85 55.21
C MET J 1573 -51.98 -81.88 55.18
N PRO J 1574 -51.72 -80.58 54.98
CA PRO J 1574 -52.80 -79.59 55.07
C PRO J 1574 -53.68 -79.58 53.83
N LEU J 1575 -54.68 -78.71 53.84
CA LEU J 1575 -55.71 -78.70 52.81
C LEU J 1575 -55.20 -78.21 51.45
N SER J 1576 -54.03 -77.57 51.42
CA SER J 1576 -53.44 -77.18 50.15
C SER J 1576 -53.08 -78.38 49.28
N ALA J 1577 -52.59 -79.46 49.88
CA ALA J 1577 -52.23 -80.63 49.09
C ALA J 1577 -53.45 -81.40 48.61
N ALA J 1578 -54.61 -81.19 49.25
CA ALA J 1578 -55.79 -81.96 48.91
C ALA J 1578 -56.42 -81.51 47.61
N MET J 1579 -56.36 -80.23 47.30
CA MET J 1579 -57.21 -79.67 46.26
C MET J 1579 -56.45 -79.19 45.04
N PHE J 1580 -55.15 -79.38 45.01
CA PHE J 1580 -54.35 -79.00 43.86
C PHE J 1580 -53.45 -80.15 43.47
N LEU J 1581 -53.75 -80.76 42.32
CA LEU J 1581 -53.10 -81.98 41.88
C LEU J 1581 -51.61 -81.83 41.63
N SER J 1582 -51.15 -80.62 41.38
CA SER J 1582 -49.72 -80.40 41.22
C SER J 1582 -48.99 -80.37 42.55
N GLU J 1583 -49.70 -80.29 43.67
CA GLU J 1583 -49.06 -80.11 44.96
C GLU J 1583 -49.51 -81.14 45.99
N ARG J 1584 -49.83 -82.35 45.54
CA ARG J 1584 -50.29 -83.38 46.47
C ARG J 1584 -49.16 -83.88 47.35
N LYS J 1585 -47.92 -83.70 46.91
CA LYS J 1585 -46.77 -84.20 47.65
C LYS J 1585 -46.15 -83.14 48.55
N ASN J 1586 -46.59 -81.89 48.42
CA ASN J 1586 -46.06 -80.82 49.24
C ASN J 1586 -46.85 -80.74 50.53
N PRO J 1587 -46.21 -80.82 51.70
CA PRO J 1587 -46.93 -80.57 52.95
C PRO J 1587 -46.87 -79.14 53.44
N ALA J 1588 -46.30 -78.23 52.66
CA ALA J 1588 -46.30 -76.85 53.11
C ALA J 1588 -47.67 -76.23 52.82
N PRO J 1589 -48.31 -75.64 53.84
CA PRO J 1589 -49.64 -75.05 53.63
C PRO J 1589 -49.55 -73.78 52.80
N GLN J 1590 -50.40 -73.71 51.78
CA GLN J 1590 -50.44 -72.57 50.87
C GLN J 1590 -51.88 -72.07 50.76
N CYS J 1591 -52.03 -70.85 50.25
CA CYS J 1591 -53.34 -70.28 49.95
C CYS J 1591 -53.26 -69.47 48.67
N PRO J 1592 -53.41 -70.11 47.53
CA PRO J 1592 -53.39 -69.40 46.26
C PRO J 1592 -54.71 -68.66 46.06
N PRO J 1593 -54.76 -67.65 45.19
CA PRO J 1593 -55.96 -66.79 45.14
C PRO J 1593 -57.18 -67.45 44.51
N ARG J 1594 -57.06 -68.63 43.92
CA ARG J 1594 -58.25 -69.33 43.47
C ARG J 1594 -59.10 -69.79 44.64
N LEU J 1595 -58.47 -70.06 45.78
CA LEU J 1595 -59.20 -70.35 46.99
C LEU J 1595 -59.72 -69.04 47.55
N GLU J 1596 -61.01 -68.99 47.87
CA GLU J 1596 -61.59 -67.88 48.60
C GLU J 1596 -62.86 -68.32 49.31
N VAL J 1597 -63.44 -67.40 50.04
CA VAL J 1597 -64.63 -67.67 50.83
C VAL J 1597 -65.88 -67.21 50.08
N GLN J 1598 -66.75 -68.17 49.80
CA GLN J 1598 -68.03 -67.90 49.17
C GLN J 1598 -69.03 -67.56 50.26
N MET J 1599 -70.24 -67.21 49.85
CA MET J 1599 -71.36 -67.12 50.77
C MET J 1599 -72.64 -67.39 50.00
N LEU J 1600 -73.76 -67.40 50.71
CA LEU J 1600 -75.00 -67.88 50.14
C LEU J 1600 -75.98 -66.72 49.95
N MET J 1601 -76.03 -66.20 48.75
CA MET J 1601 -77.02 -65.20 48.42
C MET J 1601 -78.37 -65.86 48.17
N PRO J 1602 -79.47 -65.17 48.44
CA PRO J 1602 -80.77 -65.87 48.43
C PRO J 1602 -81.35 -66.11 47.06
N VAL J 1603 -81.21 -65.19 46.12
CA VAL J 1603 -81.78 -65.36 44.78
C VAL J 1603 -80.74 -65.00 43.74
N SER J 1604 -81.06 -65.30 42.49
CA SER J 1604 -80.17 -65.02 41.39
C SER J 1604 -80.98 -64.98 40.11
N TRP J 1605 -80.44 -64.27 39.11
CA TRP J 1605 -81.08 -64.10 37.83
C TRP J 1605 -80.79 -65.28 36.93
N SER J 1606 -81.84 -65.97 36.49
CA SER J 1606 -81.67 -67.02 35.51
C SER J 1606 -82.43 -66.64 34.26
N ARG J 1607 -82.46 -67.54 33.29
CA ARG J 1607 -82.98 -67.25 31.97
C ARG J 1607 -84.08 -68.23 31.62
N MET J 1608 -85.22 -67.71 31.16
CA MET J 1608 -86.29 -68.57 30.69
C MET J 1608 -85.88 -69.22 29.37
N PRO J 1609 -86.28 -70.45 29.14
CA PRO J 1609 -86.10 -71.04 27.82
C PRO J 1609 -87.12 -70.51 26.85
N ASN J 1610 -86.88 -70.75 25.57
CA ASN J 1610 -87.74 -70.25 24.52
C ASN J 1610 -88.88 -71.17 24.16
N HIS J 1611 -88.82 -72.44 24.55
CA HIS J 1611 -89.94 -73.37 24.34
C HIS J 1611 -90.05 -74.26 25.55
N PHE J 1612 -91.22 -74.84 25.74
CA PHE J 1612 -91.50 -75.71 26.87
C PHE J 1612 -92.14 -77.00 26.40
N LEU J 1613 -92.23 -77.96 27.32
CA LEU J 1613 -92.85 -79.23 27.02
C LEU J 1613 -94.36 -79.07 26.88
N GLN J 1614 -94.90 -79.55 25.77
CA GLN J 1614 -96.34 -79.56 25.56
C GLN J 1614 -96.90 -80.78 26.26
N VAL J 1615 -97.66 -80.54 27.33
CA VAL J 1615 -98.19 -81.61 28.16
C VAL J 1615 -99.68 -81.74 27.90
N GLU J 1616 -100.16 -82.96 27.70
CA GLU J 1616 -101.57 -83.23 27.46
C GLU J 1616 -102.09 -84.07 28.60
N THR J 1617 -102.75 -83.43 29.56
CA THR J 1617 -103.34 -84.12 30.71
C THR J 1617 -104.84 -84.17 30.54
N ARG J 1618 -105.41 -85.36 30.68
CA ARG J 1618 -106.85 -85.54 30.54
C ARG J 1618 -107.25 -86.82 31.26
N ARG J 1619 -108.27 -86.73 32.10
CA ARG J 1619 -108.87 -87.90 32.70
C ARG J 1619 -109.68 -88.64 31.65
N ALA J 1620 -109.40 -89.92 31.47
CA ALA J 1620 -110.13 -90.76 30.52
C ALA J 1620 -110.72 -91.92 31.31
N GLY J 1621 -112.05 -91.98 31.37
CA GLY J 1621 -112.74 -93.06 32.02
C GLY J 1621 -112.73 -92.93 33.54
N GLU J 1622 -113.83 -93.36 34.15
CA GLU J 1622 -113.96 -93.35 35.60
C GLU J 1622 -113.24 -94.51 36.27
N ARG J 1623 -112.61 -95.39 35.50
CA ARG J 1623 -111.83 -96.49 36.03
C ARG J 1623 -110.43 -96.57 35.44
N LEU J 1624 -110.19 -96.01 34.25
CA LEU J 1624 -108.82 -95.92 33.78
C LEU J 1624 -108.08 -94.79 34.48
N GLY J 1625 -108.72 -93.64 34.62
CA GLY J 1625 -108.20 -92.57 35.43
C GLY J 1625 -107.68 -91.40 34.61
N TRP J 1626 -106.63 -90.78 35.15
CA TRP J 1626 -106.09 -89.56 34.59
C TRP J 1626 -104.88 -89.88 33.72
N ALA J 1627 -104.94 -89.48 32.46
CA ALA J 1627 -103.88 -89.76 31.51
C ALA J 1627 -103.04 -88.52 31.26
N VAL J 1628 -101.77 -88.74 30.91
CA VAL J 1628 -100.85 -87.64 30.65
C VAL J 1628 -99.80 -88.15 29.66
N GLN J 1629 -99.46 -87.30 28.68
CA GLN J 1629 -98.57 -87.72 27.62
C GLN J 1629 -97.84 -86.52 27.05
N CYS J 1630 -96.78 -86.82 26.30
CA CYS J 1630 -96.02 -85.85 25.52
C CYS J 1630 -95.23 -86.60 24.47
N GLN J 1631 -95.08 -86.01 23.29
CA GLN J 1631 -94.43 -86.72 22.19
C GLN J 1631 -93.27 -85.95 21.56
N ASP J 1632 -93.37 -84.65 21.40
CA ASP J 1632 -92.33 -83.88 20.74
C ASP J 1632 -91.12 -83.68 21.66
N PRO J 1633 -89.90 -83.92 21.20
CA PRO J 1633 -88.73 -83.76 22.07
C PRO J 1633 -88.15 -82.37 21.96
N LEU J 1634 -87.62 -81.86 23.07
CA LEU J 1634 -86.99 -80.55 23.11
C LEU J 1634 -85.74 -80.60 23.95
N THR J 1635 -84.61 -80.18 23.36
CA THR J 1635 -83.31 -80.33 23.97
C THR J 1635 -82.64 -78.99 24.08
N MET J 1636 -81.53 -78.96 24.82
CA MET J 1636 -80.76 -77.74 25.00
C MET J 1636 -79.30 -78.10 25.20
N MET J 1637 -78.45 -77.10 25.09
CA MET J 1637 -77.03 -77.24 25.36
C MET J 1637 -76.77 -76.84 26.80
N ALA J 1638 -75.72 -77.39 27.41
CA ALA J 1638 -75.50 -77.10 28.82
C ALA J 1638 -74.02 -77.09 29.13
N LEU J 1639 -73.57 -76.06 29.84
CA LEU J 1639 -72.25 -76.05 30.42
C LEU J 1639 -72.26 -76.81 31.73
N HIS J 1640 -71.08 -76.97 32.33
CA HIS J 1640 -71.05 -77.79 33.54
C HIS J 1640 -70.50 -77.10 34.76
N ILE J 1641 -69.39 -76.37 34.62
CA ILE J 1641 -68.56 -75.88 35.73
C ILE J 1641 -68.24 -77.02 36.68
N PRO J 1642 -67.29 -77.90 36.33
CA PRO J 1642 -67.16 -79.20 37.01
C PRO J 1642 -66.74 -79.11 38.46
N GLU J 1643 -66.17 -78.00 38.89
CA GLU J 1643 -65.79 -77.85 40.29
C GLU J 1643 -66.99 -77.72 41.21
N GLU J 1644 -68.17 -77.41 40.67
CA GLU J 1644 -69.35 -77.23 41.49
C GLU J 1644 -70.51 -78.12 41.09
N ASN J 1645 -70.40 -78.85 39.98
CA ASN J 1645 -71.39 -79.81 39.49
C ASN J 1645 -72.76 -79.16 39.25
N ARG J 1646 -72.73 -77.88 38.92
CA ARG J 1646 -73.93 -77.09 38.74
C ARG J 1646 -74.01 -76.67 37.28
N CYS J 1647 -74.83 -77.36 36.51
CA CYS J 1647 -74.97 -77.09 35.09
C CYS J 1647 -75.84 -75.86 34.87
N MET J 1648 -75.72 -75.26 33.69
CA MET J 1648 -76.52 -74.11 33.34
C MET J 1648 -76.73 -74.09 31.83
N ASP J 1649 -77.77 -73.37 31.40
CA ASP J 1649 -78.04 -73.22 29.99
C ASP J 1649 -77.00 -72.31 29.36
N ILE J 1650 -76.60 -72.65 28.13
CA ILE J 1650 -75.48 -71.95 27.53
C ILE J 1650 -75.90 -70.59 27.01
N LEU J 1651 -77.19 -70.38 26.80
CA LEU J 1651 -77.65 -69.08 26.36
C LEU J 1651 -77.50 -68.01 27.43
N GLU J 1652 -77.34 -68.41 28.69
CA GLU J 1652 -77.08 -67.49 29.79
C GLU J 1652 -75.75 -66.79 29.67
N LEU J 1653 -74.84 -67.28 28.84
CA LEU J 1653 -73.60 -66.57 28.60
C LEU J 1653 -73.81 -65.23 27.90
N SER J 1654 -74.96 -65.02 27.26
CA SER J 1654 -75.23 -63.76 26.59
C SER J 1654 -75.30 -62.58 27.56
N GLU J 1655 -75.58 -62.83 28.83
CA GLU J 1655 -75.52 -61.76 29.82
C GLU J 1655 -74.51 -62.02 30.91
N ARG J 1656 -73.87 -63.20 30.92
CA ARG J 1656 -72.89 -63.49 31.95
C ARG J 1656 -71.64 -62.65 31.75
N LEU J 1657 -71.21 -62.51 30.49
CA LEU J 1657 -70.17 -61.58 30.02
C LEU J 1657 -68.80 -61.80 30.64
N ASP J 1658 -68.61 -62.84 31.44
CA ASP J 1658 -67.29 -63.23 31.86
C ASP J 1658 -66.97 -64.66 31.48
N LEU J 1659 -67.89 -65.58 31.76
CA LEU J 1659 -67.70 -66.94 31.29
C LEU J 1659 -68.05 -67.07 29.82
N GLN J 1660 -68.64 -66.06 29.21
CA GLN J 1660 -68.65 -66.01 27.75
C GLN J 1660 -67.24 -65.88 27.22
N ARG J 1661 -66.45 -64.99 27.83
CA ARG J 1661 -65.11 -64.72 27.35
C ARG J 1661 -64.18 -65.90 27.57
N PHE J 1662 -64.24 -66.50 28.74
CA PHE J 1662 -63.35 -67.61 29.03
C PHE J 1662 -63.75 -68.87 28.29
N HIS J 1663 -65.02 -68.97 27.90
CA HIS J 1663 -65.37 -70.07 27.02
C HIS J 1663 -65.20 -69.68 25.55
N SER J 1664 -64.99 -68.40 25.27
CA SER J 1664 -64.59 -68.05 23.92
C SER J 1664 -63.12 -68.35 23.70
N HIS J 1665 -62.28 -67.99 24.65
CA HIS J 1665 -60.85 -68.21 24.48
C HIS J 1665 -60.48 -69.68 24.60
N THR J 1666 -61.34 -70.49 25.20
CA THR J 1666 -61.13 -71.93 25.14
C THR J 1666 -61.31 -72.44 23.72
N LEU J 1667 -62.23 -71.84 22.98
CA LEU J 1667 -62.41 -72.25 21.59
C LEU J 1667 -61.25 -71.82 20.71
N ARG J 1668 -60.47 -70.83 21.12
CA ARG J 1668 -59.26 -70.54 20.41
C ARG J 1668 -58.20 -71.60 20.69
N LEU J 1669 -58.17 -72.12 21.92
CA LEU J 1669 -57.26 -73.19 22.22
C LEU J 1669 -57.65 -74.48 21.53
N TYR J 1670 -58.95 -74.68 21.29
CA TYR J 1670 -59.35 -75.86 20.54
C TYR J 1670 -58.98 -75.77 19.09
N ARG J 1671 -59.10 -74.59 18.48
CA ARG J 1671 -58.70 -74.49 17.09
C ARG J 1671 -57.19 -74.49 16.92
N ALA J 1672 -56.46 -74.00 17.91
CA ALA J 1672 -55.02 -73.95 17.79
C ALA J 1672 -54.35 -75.28 18.04
N VAL J 1673 -54.98 -76.18 18.79
CA VAL J 1673 -54.37 -77.47 19.04
C VAL J 1673 -54.48 -78.36 17.80
N CYS J 1674 -55.67 -78.47 17.23
CA CYS J 1674 -55.78 -79.25 15.99
C CYS J 1674 -55.51 -78.41 14.76
N ALA J 1675 -54.45 -77.64 14.77
CA ALA J 1675 -54.16 -76.72 13.69
C ALA J 1675 -53.12 -77.34 12.77
N LEU J 1676 -53.28 -77.04 11.48
CA LEU J 1676 -52.36 -77.44 10.41
C LEU J 1676 -52.28 -78.96 10.31
N GLY J 1677 -53.43 -79.60 10.19
CA GLY J 1677 -53.46 -81.01 9.85
C GLY J 1677 -53.04 -81.98 10.93
N ASN J 1678 -53.01 -81.56 12.18
CA ASN J 1678 -52.69 -82.46 13.29
C ASN J 1678 -53.89 -83.36 13.47
N ASN J 1679 -53.86 -84.52 12.81
CA ASN J 1679 -55.06 -85.31 12.74
C ASN J 1679 -55.11 -86.41 13.79
N ARG J 1680 -54.01 -86.70 14.47
CA ARG J 1680 -54.13 -87.60 15.61
C ARG J 1680 -54.84 -86.92 16.74
N VAL J 1681 -54.61 -85.62 16.92
CA VAL J 1681 -55.31 -84.91 17.96
C VAL J 1681 -56.70 -84.50 17.49
N ALA J 1682 -56.95 -84.53 16.18
CA ALA J 1682 -58.25 -84.13 15.67
C ALA J 1682 -59.32 -85.16 15.99
N HIS J 1683 -58.92 -86.41 16.19
CA HIS J 1683 -59.87 -87.36 16.75
C HIS J 1683 -60.09 -87.10 18.22
N ALA J 1684 -59.05 -86.63 18.91
CA ALA J 1684 -59.16 -86.45 20.36
C ALA J 1684 -60.10 -85.32 20.72
N LEU J 1685 -60.23 -84.32 19.88
CA LEU J 1685 -61.23 -83.30 20.14
C LEU J 1685 -62.63 -83.77 19.80
N CYS J 1686 -62.77 -84.74 18.91
CA CYS J 1686 -64.09 -85.18 18.49
C CYS J 1686 -64.82 -85.93 19.60
N SER J 1687 -64.13 -86.31 20.66
CA SER J 1687 -64.79 -86.76 21.87
C SER J 1687 -65.39 -85.60 22.65
N HIS J 1688 -64.61 -84.54 22.86
CA HIS J 1688 -65.00 -83.49 23.78
C HIS J 1688 -66.13 -82.63 23.25
N VAL J 1689 -66.18 -82.44 21.94
CA VAL J 1689 -67.27 -81.73 21.30
C VAL J 1689 -67.87 -82.65 20.24
N ASP J 1690 -69.05 -83.18 20.53
CA ASP J 1690 -69.61 -84.28 19.76
C ASP J 1690 -70.07 -83.82 18.38
N GLN J 1691 -70.57 -84.77 17.61
CA GLN J 1691 -70.96 -84.46 16.24
C GLN J 1691 -72.32 -83.79 16.16
N ALA J 1692 -73.28 -84.22 16.97
CA ALA J 1692 -74.62 -83.64 16.86
C ALA J 1692 -74.66 -82.25 17.47
N GLN J 1693 -74.02 -82.08 18.62
CA GLN J 1693 -74.07 -80.81 19.32
C GLN J 1693 -73.27 -79.73 18.61
N LEU J 1694 -72.41 -80.11 17.67
CA LEU J 1694 -71.78 -79.12 16.83
C LEU J 1694 -72.72 -78.73 15.70
N LEU J 1695 -73.36 -79.72 15.09
CA LEU J 1695 -74.40 -79.43 14.11
C LEU J 1695 -75.61 -78.77 14.70
N HIS J 1696 -75.88 -78.97 16.00
CA HIS J 1696 -76.99 -78.25 16.59
C HIS J 1696 -76.65 -76.78 16.77
N ALA J 1697 -75.40 -76.47 17.08
CA ALA J 1697 -75.02 -75.10 17.35
C ALA J 1697 -74.86 -74.25 16.10
N LEU J 1698 -75.11 -74.80 14.92
CA LEU J 1698 -74.95 -74.01 13.71
C LEU J 1698 -76.15 -73.11 13.45
N GLU J 1699 -77.28 -73.40 14.09
CA GLU J 1699 -78.52 -72.71 13.77
C GLU J 1699 -79.28 -72.22 15.00
N ASP J 1700 -78.78 -72.49 16.20
CA ASP J 1700 -79.40 -71.95 17.39
C ASP J 1700 -79.10 -70.47 17.43
N ALA J 1701 -80.06 -69.67 16.96
CA ALA J 1701 -79.86 -68.26 16.69
C ALA J 1701 -79.65 -67.44 17.95
N HIS J 1702 -80.06 -67.93 19.11
CA HIS J 1702 -79.96 -67.16 20.33
C HIS J 1702 -78.59 -67.26 20.98
N LEU J 1703 -77.62 -67.86 20.30
CA LEU J 1703 -76.25 -67.86 20.79
C LEU J 1703 -75.69 -66.45 20.73
N PRO J 1704 -74.76 -66.12 21.59
CA PRO J 1704 -74.19 -64.77 21.55
C PRO J 1704 -73.24 -64.54 20.38
N GLY J 1705 -72.56 -63.41 20.41
CA GLY J 1705 -71.72 -62.98 19.33
C GLY J 1705 -70.47 -63.83 19.11
N PRO J 1706 -69.47 -63.71 19.99
CA PRO J 1706 -68.20 -64.37 19.73
C PRO J 1706 -68.24 -65.86 19.97
N LEU J 1707 -69.37 -66.39 20.42
CA LEU J 1707 -69.45 -67.82 20.60
C LEU J 1707 -70.00 -68.49 19.34
N ARG J 1708 -70.68 -67.71 18.49
CA ARG J 1708 -71.15 -68.28 17.24
C ARG J 1708 -70.00 -68.41 16.25
N ALA J 1709 -69.11 -67.42 16.23
CA ALA J 1709 -67.97 -67.50 15.33
C ALA J 1709 -66.93 -68.47 15.83
N GLY J 1710 -67.02 -68.90 17.08
CA GLY J 1710 -66.20 -69.99 17.52
C GLY J 1710 -66.68 -71.35 17.04
N TYR J 1711 -67.95 -71.68 17.28
CA TYR J 1711 -68.46 -73.00 16.94
C TYR J 1711 -68.58 -73.23 15.45
N TYR J 1712 -68.60 -72.18 14.65
CA TYR J 1712 -68.47 -72.43 13.24
C TYR J 1712 -67.02 -72.68 12.87
N ASP J 1713 -66.11 -71.87 13.39
CA ASP J 1713 -64.72 -72.03 13.01
C ASP J 1713 -64.07 -73.21 13.70
N LEU J 1714 -64.65 -73.71 14.79
CA LEU J 1714 -64.18 -74.97 15.34
C LEU J 1714 -64.48 -76.12 14.39
N LEU J 1715 -65.65 -76.06 13.73
CA LEU J 1715 -66.09 -77.15 12.88
C LEU J 1715 -65.15 -77.38 11.71
N ILE J 1716 -64.77 -76.31 11.00
CA ILE J 1716 -63.89 -76.50 9.88
C ILE J 1716 -62.49 -76.85 10.32
N SER J 1717 -62.09 -76.45 11.53
CA SER J 1717 -60.73 -76.74 11.96
C SER J 1717 -60.58 -78.16 12.49
N ILE J 1718 -61.65 -78.92 12.60
CA ILE J 1718 -61.49 -80.33 12.94
C ILE J 1718 -61.98 -81.24 11.83
N HIS J 1719 -62.67 -80.72 10.84
CA HIS J 1719 -63.17 -81.60 9.80
C HIS J 1719 -62.83 -81.16 8.39
N LEU J 1720 -62.86 -79.86 8.12
CA LEU J 1720 -62.81 -79.38 6.75
C LEU J 1720 -61.60 -78.50 6.54
N GLU J 1721 -60.48 -78.87 7.12
CA GLU J 1721 -59.25 -78.13 6.89
C GLU J 1721 -58.16 -78.99 6.30
N SER J 1722 -57.98 -80.20 6.82
CA SER J 1722 -56.98 -81.12 6.30
C SER J 1722 -57.27 -81.50 4.86
N ALA J 1723 -58.54 -81.58 4.51
CA ALA J 1723 -58.89 -81.75 3.10
C ALA J 1723 -58.88 -80.44 2.35
N CYS J 1724 -59.01 -79.32 3.04
CA CYS J 1724 -59.12 -78.04 2.34
C CYS J 1724 -57.80 -77.62 1.71
N ARG J 1725 -56.71 -77.70 2.47
CA ARG J 1725 -55.42 -77.25 1.98
C ARG J 1725 -54.89 -78.12 0.86
N SER J 1726 -55.18 -79.42 0.90
CA SER J 1726 -54.63 -80.31 -0.10
C SER J 1726 -55.31 -80.13 -1.45
N ARG J 1727 -56.62 -79.83 -1.46
CA ARG J 1727 -57.25 -79.60 -2.75
C ARG J 1727 -56.96 -78.22 -3.29
N ARG J 1728 -56.89 -77.20 -2.43
CA ARG J 1728 -56.57 -75.86 -2.88
C ARG J 1728 -55.16 -75.78 -3.46
N SER J 1729 -54.26 -76.62 -2.95
CA SER J 1729 -52.94 -76.76 -3.56
C SER J 1729 -53.00 -77.27 -4.99
N MET J 1730 -53.83 -78.27 -5.29
CA MET J 1730 -53.91 -78.81 -6.64
C MET J 1730 -54.81 -78.01 -7.57
N LEU J 1731 -55.32 -76.86 -7.15
CA LEU J 1731 -56.16 -76.08 -8.04
C LEU J 1731 -55.37 -75.30 -9.06
N SER J 1732 -54.13 -74.90 -8.76
CA SER J 1732 -53.42 -74.02 -9.66
C SER J 1732 -52.89 -74.75 -10.88
N GLU J 1733 -52.83 -76.07 -10.81
CA GLU J 1733 -52.37 -76.88 -11.93
C GLU J 1733 -53.53 -77.67 -12.51
N TYR J 1734 -53.45 -77.92 -13.82
CA TYR J 1734 -54.56 -78.50 -14.57
C TYR J 1734 -54.03 -79.71 -15.33
N ILE J 1735 -54.50 -80.89 -14.93
CA ILE J 1735 -54.06 -82.14 -15.50
C ILE J 1735 -55.30 -82.81 -16.07
N VAL J 1736 -55.40 -82.87 -17.39
CA VAL J 1736 -56.59 -83.35 -18.07
C VAL J 1736 -56.25 -84.66 -18.78
N PRO J 1737 -57.08 -85.68 -18.68
CA PRO J 1737 -56.89 -86.90 -19.46
C PRO J 1737 -57.69 -86.85 -20.75
N LEU J 1738 -57.42 -87.80 -21.63
CA LEU J 1738 -58.15 -87.94 -22.89
C LEU J 1738 -59.25 -88.99 -22.79
N THR J 1739 -60.21 -88.72 -21.95
CA THR J 1739 -61.45 -89.46 -22.07
C THR J 1739 -62.33 -88.79 -23.14
N PRO J 1740 -63.25 -89.52 -23.75
CA PRO J 1740 -64.21 -88.88 -24.65
C PRO J 1740 -65.15 -87.89 -23.97
N GLU J 1741 -65.34 -88.00 -22.65
CA GLU J 1741 -66.06 -86.96 -21.93
C GLU J 1741 -65.31 -85.63 -21.97
N THR J 1742 -63.98 -85.69 -21.92
CA THR J 1742 -63.16 -84.51 -22.13
C THR J 1742 -63.32 -83.97 -23.54
N ARG J 1743 -63.35 -84.86 -24.54
CA ARG J 1743 -63.37 -84.51 -25.95
C ARG J 1743 -64.57 -83.67 -26.35
N ALA J 1744 -65.70 -83.80 -25.65
CA ALA J 1744 -66.86 -82.95 -25.88
C ALA J 1744 -66.91 -81.89 -24.79
N ILE J 1745 -66.09 -80.86 -24.94
CA ILE J 1745 -66.12 -79.68 -24.08
C ILE J 1745 -65.90 -78.47 -24.98
N THR J 1746 -66.86 -77.55 -24.99
CA THR J 1746 -66.76 -76.35 -25.79
C THR J 1746 -66.61 -75.15 -24.88
N LEU J 1747 -66.26 -74.01 -25.48
CA LEU J 1747 -66.29 -72.76 -24.73
C LEU J 1747 -67.72 -72.35 -24.43
N PHE J 1748 -68.50 -72.12 -25.46
CA PHE J 1748 -69.89 -71.76 -25.23
C PHE J 1748 -70.77 -72.99 -25.21
N PRO J 1749 -71.81 -73.01 -24.40
CA PRO J 1749 -72.76 -74.13 -24.44
C PRO J 1749 -73.56 -74.10 -25.73
N PRO J 1750 -73.85 -75.26 -26.31
CA PRO J 1750 -74.57 -75.29 -27.58
C PRO J 1750 -76.06 -74.99 -27.40
N GLY J 1751 -76.54 -74.03 -28.19
CA GLY J 1751 -77.92 -73.62 -28.15
C GLY J 1751 -78.18 -72.35 -28.92
N ARG J 1758 -74.08 -68.13 -28.93
CA ARG J 1758 -73.14 -67.13 -28.43
C ARG J 1758 -73.55 -66.64 -27.06
N ARG J 1759 -74.46 -67.37 -26.42
CA ARG J 1759 -74.92 -67.06 -25.07
C ARG J 1759 -73.91 -67.62 -24.08
N HIS J 1760 -73.43 -66.75 -23.18
CA HIS J 1760 -72.37 -67.13 -22.27
C HIS J 1760 -72.90 -68.07 -21.19
N GLY J 1761 -72.21 -69.19 -20.99
CA GLY J 1761 -72.65 -70.20 -20.04
C GLY J 1761 -72.46 -69.77 -18.60
N LEU J 1762 -73.04 -70.57 -17.71
CA LEU J 1762 -72.98 -70.27 -16.27
C LEU J 1762 -71.63 -70.69 -15.71
N PRO J 1763 -71.03 -69.87 -14.86
CA PRO J 1763 -69.73 -70.23 -14.28
C PRO J 1763 -69.89 -71.30 -13.21
N GLY J 1764 -68.96 -72.26 -13.22
CA GLY J 1764 -68.97 -73.33 -12.25
C GLY J 1764 -69.96 -74.44 -12.51
N VAL J 1765 -70.81 -74.30 -13.53
CA VAL J 1765 -71.84 -75.28 -13.82
C VAL J 1765 -71.39 -76.06 -15.04
N GLY J 1766 -71.45 -77.37 -14.96
CA GLY J 1766 -71.07 -78.22 -16.07
C GLY J 1766 -70.22 -79.37 -15.56
N VAL J 1767 -69.39 -79.88 -16.47
CA VAL J 1767 -68.52 -81.02 -16.19
C VAL J 1767 -67.07 -80.58 -16.35
N THR J 1768 -66.28 -80.82 -15.32
CA THR J 1768 -64.83 -80.63 -15.37
C THR J 1768 -64.17 -81.99 -15.29
N THR J 1769 -62.93 -82.07 -15.75
CA THR J 1769 -62.24 -83.35 -15.88
C THR J 1769 -60.84 -83.33 -15.30
N SER J 1770 -60.42 -82.22 -14.71
CA SER J 1770 -59.08 -82.11 -14.16
C SER J 1770 -58.95 -83.01 -12.93
N LEU J 1771 -57.81 -83.63 -12.79
CA LEU J 1771 -57.63 -84.66 -11.78
C LEU J 1771 -57.46 -84.03 -10.42
N ARG J 1772 -58.12 -84.61 -9.42
CA ARG J 1772 -57.98 -84.25 -8.04
C ARG J 1772 -58.08 -85.50 -7.19
N PRO J 1773 -57.31 -85.60 -6.12
CA PRO J 1773 -57.38 -86.78 -5.28
C PRO J 1773 -58.65 -86.77 -4.44
N PRO J 1774 -59.18 -87.95 -4.11
CA PRO J 1774 -60.25 -88.04 -3.12
C PRO J 1774 -59.73 -87.71 -1.73
N HIS J 1775 -60.67 -87.57 -0.81
CA HIS J 1775 -60.36 -86.91 0.44
C HIS J 1775 -59.89 -87.85 1.54
N HIS J 1776 -60.38 -89.10 1.55
CA HIS J 1776 -60.00 -90.15 2.50
C HIS J 1776 -60.29 -89.73 3.94
N PHE J 1777 -61.56 -89.55 4.23
CA PHE J 1777 -61.95 -89.37 5.61
C PHE J 1777 -62.02 -90.72 6.32
N SER J 1778 -61.90 -90.69 7.64
CA SER J 1778 -62.05 -91.90 8.43
C SER J 1778 -63.01 -91.58 9.56
N PRO J 1779 -63.93 -92.47 9.88
CA PRO J 1779 -64.90 -92.18 10.93
C PRO J 1779 -64.27 -92.31 12.30
N PRO J 1780 -64.66 -91.47 13.24
CA PRO J 1780 -64.04 -91.52 14.57
C PRO J 1780 -64.60 -92.67 15.39
N CYS J 1781 -63.76 -93.19 16.26
CA CYS J 1781 -64.17 -94.20 17.22
C CYS J 1781 -63.27 -94.05 18.43
N PHE J 1782 -63.65 -94.67 19.54
CA PHE J 1782 -62.84 -94.58 20.75
C PHE J 1782 -62.73 -95.91 21.49
N VAL J 1783 -63.36 -96.96 20.97
CA VAL J 1783 -63.25 -98.27 21.56
C VAL J 1783 -62.32 -99.17 20.79
N ALA J 1784 -61.78 -98.71 19.67
CA ALA J 1784 -60.81 -99.48 18.93
C ALA J 1784 -59.50 -99.59 19.71
N ALA J 1785 -58.86 -100.75 19.61
CA ALA J 1785 -57.67 -101.02 20.41
C ALA J 1785 -56.48 -100.25 19.89
N LEU J 1786 -55.55 -99.95 20.77
CA LEU J 1786 -54.37 -99.19 20.38
C LEU J 1786 -53.30 -100.11 19.80
N PRO J 1787 -52.82 -99.84 18.60
CA PRO J 1787 -51.61 -100.53 18.12
C PRO J 1787 -50.37 -99.76 18.51
N ALA J 1788 -49.26 -100.49 18.65
CA ALA J 1788 -47.93 -99.97 18.98
C ALA J 1788 -47.89 -99.12 20.25
N GLU J 1793 -44.40 -97.40 15.14
CA GLU J 1793 -44.87 -96.11 14.66
C GLU J 1793 -46.10 -96.27 13.78
N ALA J 1794 -47.14 -95.52 14.10
CA ALA J 1794 -48.35 -95.52 13.29
C ALA J 1794 -48.06 -94.83 11.96
N PRO J 1795 -48.73 -95.25 10.87
CA PRO J 1795 -48.51 -94.58 9.57
C PRO J 1795 -48.97 -93.13 9.56
N ALA J 1796 -50.26 -92.91 9.84
CA ALA J 1796 -50.88 -91.60 9.84
C ALA J 1796 -52.28 -91.73 10.40
N ARG J 1797 -52.90 -90.59 10.67
CA ARG J 1797 -54.32 -90.53 10.97
C ARG J 1797 -54.98 -89.63 9.95
N LEU J 1798 -56.11 -90.06 9.42
CA LEU J 1798 -56.82 -89.21 8.50
C LEU J 1798 -57.59 -88.13 9.28
N SER J 1799 -58.20 -87.23 8.54
CA SER J 1799 -59.10 -86.28 9.17
C SER J 1799 -60.38 -86.99 9.59
N PRO J 1800 -60.88 -86.74 10.79
CA PRO J 1800 -62.10 -87.41 11.24
C PRO J 1800 -63.31 -86.94 10.45
N ALA J 1801 -64.26 -87.84 10.27
CA ALA J 1801 -65.28 -87.66 9.25
C ALA J 1801 -66.54 -87.03 9.81
N ILE J 1802 -67.44 -86.65 8.91
CA ILE J 1802 -68.72 -86.00 9.21
C ILE J 1802 -69.56 -86.12 7.94
N PRO J 1803 -70.85 -86.48 8.03
CA PRO J 1803 -71.61 -86.75 6.81
C PRO J 1803 -71.89 -85.52 5.97
N LEU J 1804 -71.24 -85.45 4.81
CA LEU J 1804 -71.22 -84.26 3.98
C LEU J 1804 -72.52 -84.02 3.23
N GLU J 1805 -73.17 -85.07 2.73
CA GLU J 1805 -74.41 -84.89 1.99
C GLU J 1805 -75.53 -84.38 2.90
N ALA J 1806 -75.49 -84.75 4.17
CA ALA J 1806 -76.35 -84.10 5.15
C ALA J 1806 -75.93 -82.65 5.40
N LEU J 1807 -74.65 -82.34 5.29
CA LEU J 1807 -74.17 -81.03 5.69
C LEU J 1807 -74.50 -79.97 4.66
N ARG J 1808 -74.49 -80.30 3.38
CA ARG J 1808 -74.73 -79.31 2.36
C ARG J 1808 -76.16 -78.81 2.34
N ASP J 1809 -77.12 -79.65 2.74
CA ASP J 1809 -78.50 -79.20 2.82
C ASP J 1809 -78.70 -78.27 4.01
N LYS J 1810 -77.98 -78.51 5.10
CA LYS J 1810 -78.10 -77.64 6.25
C LYS J 1810 -77.43 -76.29 6.00
N ALA J 1811 -76.27 -76.31 5.35
CA ALA J 1811 -75.54 -75.07 5.12
C ALA J 1811 -76.23 -74.19 4.09
N LEU J 1812 -76.83 -74.77 3.06
CA LEU J 1812 -77.60 -74.01 2.11
C LEU J 1812 -78.82 -73.37 2.71
N ARG J 1813 -79.45 -74.06 3.67
CA ARG J 1813 -80.65 -73.56 4.32
C ARG J 1813 -80.35 -72.34 5.19
N MET J 1814 -79.26 -72.39 5.94
CA MET J 1814 -78.91 -71.29 6.83
C MET J 1814 -78.46 -70.06 6.06
N LEU J 1815 -77.84 -70.26 4.90
CA LEU J 1815 -77.61 -69.13 4.00
C LEU J 1815 -78.92 -68.63 3.42
N GLY J 1816 -79.79 -69.56 3.01
CA GLY J 1816 -81.00 -69.20 2.29
C GLY J 1816 -81.99 -68.40 3.12
N GLU J 1817 -82.03 -68.65 4.43
CA GLU J 1817 -82.84 -67.80 5.28
C GLU J 1817 -82.17 -66.44 5.51
N ALA J 1818 -80.84 -66.41 5.52
CA ALA J 1818 -80.14 -65.22 5.97
C ALA J 1818 -80.23 -64.09 4.94
N VAL J 1819 -80.17 -64.45 3.66
CA VAL J 1819 -80.37 -63.45 2.63
C VAL J 1819 -81.83 -63.01 2.59
N ARG J 1820 -82.74 -63.86 3.04
CA ARG J 1820 -84.14 -63.48 3.07
C ARG J 1820 -84.47 -62.70 4.33
N ASP J 1821 -83.96 -63.13 5.48
CA ASP J 1821 -84.20 -62.40 6.72
C ASP J 1821 -83.48 -61.07 6.77
N GLY J 1822 -82.36 -60.93 6.05
CA GLY J 1822 -81.68 -59.66 6.00
C GLY J 1822 -82.42 -58.57 5.26
N GLY J 1823 -83.34 -58.94 4.39
CA GLY J 1823 -84.14 -57.95 3.70
C GLY J 1823 -85.22 -57.38 4.60
N GLN J 1824 -85.57 -58.12 5.65
CA GLN J 1824 -86.59 -57.65 6.57
C GLN J 1824 -86.12 -56.51 7.45
N HIS J 1825 -84.80 -56.31 7.55
CA HIS J 1825 -84.16 -55.23 8.33
C HIS J 1825 -84.57 -55.28 9.79
N ALA J 1826 -84.50 -56.49 10.36
CA ALA J 1826 -84.91 -56.70 11.73
C ALA J 1826 -83.95 -56.02 12.69
N ARG J 1827 -84.50 -55.53 13.79
CA ARG J 1827 -83.71 -54.85 14.81
C ARG J 1827 -82.87 -55.81 15.64
N ASP J 1828 -83.25 -57.07 15.74
CA ASP J 1828 -82.51 -58.07 16.50
C ASP J 1828 -82.00 -59.11 15.53
N PRO J 1829 -80.82 -58.91 14.96
CA PRO J 1829 -80.25 -59.89 14.04
C PRO J 1829 -79.73 -61.09 14.83
N VAL J 1830 -79.47 -62.17 14.10
CA VAL J 1830 -78.97 -63.39 14.72
C VAL J 1830 -77.55 -63.15 15.18
N GLY J 1831 -77.27 -63.43 16.44
CA GLY J 1831 -75.93 -63.37 16.96
C GLY J 1831 -75.46 -61.96 17.29
N GLY J 1832 -76.34 -60.98 17.24
CA GLY J 1832 -76.03 -59.67 17.79
C GLY J 1832 -75.57 -58.65 16.80
N SER J 1833 -75.41 -59.00 15.53
CA SER J 1833 -75.04 -58.06 14.49
C SER J 1833 -75.41 -58.64 13.14
N VAL J 1834 -75.22 -57.84 12.09
CA VAL J 1834 -75.25 -58.41 10.76
C VAL J 1834 -73.89 -58.97 10.40
N GLU J 1835 -72.86 -58.57 11.15
CA GLU J 1835 -71.52 -59.10 10.92
C GLU J 1835 -71.43 -60.56 11.32
N PHE J 1836 -71.92 -60.90 12.50
CA PHE J 1836 -71.89 -62.29 12.93
C PHE J 1836 -72.98 -63.13 12.30
N GLN J 1837 -73.87 -62.53 11.52
CA GLN J 1837 -74.89 -63.36 10.91
C GLN J 1837 -74.39 -64.00 9.63
N PHE J 1838 -73.35 -63.42 9.02
CA PHE J 1838 -72.93 -63.86 7.70
C PHE J 1838 -71.50 -64.34 7.62
N VAL J 1839 -70.59 -63.76 8.41
CA VAL J 1839 -69.19 -64.17 8.41
C VAL J 1839 -69.02 -65.63 8.84
N PRO J 1840 -69.70 -66.14 9.87
CA PRO J 1840 -69.60 -67.59 10.09
C PRO J 1840 -70.56 -68.41 9.28
N VAL J 1841 -71.15 -67.89 8.21
CA VAL J 1841 -71.87 -68.81 7.34
C VAL J 1841 -71.29 -68.74 5.93
N LEU J 1842 -70.60 -67.66 5.60
CA LEU J 1842 -69.95 -67.63 4.29
C LEU J 1842 -68.66 -68.43 4.32
N LYS J 1843 -67.85 -68.28 5.36
CA LYS J 1843 -66.56 -68.96 5.40
C LYS J 1843 -66.71 -70.45 5.66
N LEU J 1844 -67.93 -70.92 5.93
CA LEU J 1844 -68.17 -72.34 5.78
C LEU J 1844 -68.64 -72.67 4.38
N VAL J 1845 -69.46 -71.82 3.77
CA VAL J 1845 -69.94 -72.11 2.43
C VAL J 1845 -68.82 -71.94 1.42
N SER J 1846 -67.94 -70.97 1.67
CA SER J 1846 -66.76 -70.81 0.83
C SER J 1846 -65.82 -71.99 0.92
N THR J 1847 -65.73 -72.64 2.09
CA THR J 1847 -64.83 -73.77 2.17
C THR J 1847 -65.54 -75.09 1.90
N LEU J 1848 -66.85 -75.08 1.76
CA LEU J 1848 -67.48 -76.22 1.09
C LEU J 1848 -67.62 -76.02 -0.39
N LEU J 1849 -67.36 -74.82 -0.89
CA LEU J 1849 -67.41 -74.64 -2.33
C LEU J 1849 -66.07 -74.94 -2.97
N VAL J 1850 -64.98 -74.70 -2.24
CA VAL J 1850 -63.67 -75.01 -2.80
C VAL J 1850 -63.37 -76.51 -2.72
N MET J 1851 -64.06 -77.24 -1.84
CA MET J 1851 -63.85 -78.68 -1.79
C MET J 1851 -64.68 -79.40 -2.83
N GLY J 1852 -65.50 -78.68 -3.59
CA GLY J 1852 -66.18 -79.24 -4.74
C GLY J 1852 -67.27 -80.24 -4.41
N ILE J 1853 -67.69 -80.31 -3.14
CA ILE J 1853 -68.67 -81.30 -2.75
C ILE J 1853 -70.11 -80.84 -3.01
N PHE J 1854 -70.30 -79.67 -3.61
CA PHE J 1854 -71.64 -79.23 -3.96
C PHE J 1854 -72.03 -79.76 -5.33
N GLY J 1855 -73.29 -80.15 -5.48
CA GLY J 1855 -73.83 -80.44 -6.78
C GLY J 1855 -73.99 -79.17 -7.59
N ASP J 1856 -74.15 -79.36 -8.90
CA ASP J 1856 -74.28 -78.21 -9.79
C ASP J 1856 -75.63 -77.52 -9.61
N GLU J 1857 -76.67 -78.28 -9.26
CA GLU J 1857 -77.95 -77.68 -8.97
C GLU J 1857 -77.92 -76.93 -7.64
N ASP J 1858 -76.98 -77.30 -6.76
CA ASP J 1858 -76.81 -76.54 -5.52
C ASP J 1858 -76.19 -75.19 -5.80
N VAL J 1859 -75.13 -75.16 -6.63
CA VAL J 1859 -74.51 -73.89 -6.96
C VAL J 1859 -75.35 -73.10 -7.94
N LYS J 1860 -76.31 -73.75 -8.62
CA LYS J 1860 -77.32 -73.00 -9.34
C LYS J 1860 -78.19 -72.20 -8.38
N GLN J 1861 -78.48 -72.76 -7.20
CA GLN J 1861 -79.20 -72.00 -6.19
C GLN J 1861 -78.33 -70.92 -5.56
N ILE J 1862 -77.04 -71.20 -5.41
CA ILE J 1862 -76.12 -70.22 -4.83
C ILE J 1862 -75.97 -69.03 -5.76
N LEU J 1863 -75.98 -69.27 -7.06
CA LEU J 1863 -75.94 -68.17 -8.03
C LEU J 1863 -77.20 -67.32 -7.95
N LYS J 1864 -78.35 -67.93 -7.65
CA LYS J 1864 -79.55 -67.16 -7.43
C LYS J 1864 -79.46 -66.33 -6.17
N MET J 1865 -78.81 -66.86 -5.14
CA MET J 1865 -78.76 -66.17 -3.85
C MET J 1865 -77.75 -65.04 -3.83
N ILE J 1866 -76.99 -64.85 -4.90
CA ILE J 1866 -76.06 -63.73 -4.94
C ILE J 1866 -76.68 -62.56 -5.68
N GLU J 1867 -77.09 -62.77 -6.92
CA GLU J 1867 -77.80 -61.76 -7.69
C GLU J 1867 -78.66 -62.52 -8.70
N PRO J 1868 -79.94 -62.75 -8.38
CA PRO J 1868 -80.76 -63.59 -9.24
C PRO J 1868 -81.17 -62.93 -10.54
N GLU J 1869 -81.00 -61.62 -10.67
CA GLU J 1869 -81.33 -60.92 -11.90
C GLU J 1869 -80.39 -61.29 -13.04
N VAL J 1870 -79.18 -61.74 -12.73
CA VAL J 1870 -78.23 -62.06 -13.78
C VAL J 1870 -78.20 -63.55 -14.07
N PHE J 1871 -78.04 -64.36 -13.04
CA PHE J 1871 -77.71 -65.77 -13.22
C PHE J 1871 -78.94 -66.66 -13.37
N THR J 1872 -80.11 -66.08 -13.61
CA THR J 1872 -81.30 -66.89 -13.82
C THR J 1872 -81.28 -67.46 -15.23
N GLU J 1873 -81.49 -68.76 -15.35
CA GLU J 1873 -81.48 -69.43 -16.64
C GLU J 1873 -82.70 -69.06 -17.48
N GLU J 1923 -86.80 -61.94 -4.70
CA GLU J 1923 -86.05 -61.40 -3.57
C GLU J 1923 -84.98 -60.43 -4.04
N GLU J 1924 -84.43 -59.65 -3.11
CA GLU J 1924 -83.34 -58.75 -3.42
C GLU J 1924 -82.02 -59.50 -3.48
N GLY J 1925 -81.16 -59.12 -4.41
CA GLY J 1925 -79.86 -59.75 -4.52
C GLY J 1925 -78.96 -59.43 -3.36
N LEU J 1926 -77.97 -60.30 -3.17
CA LEU J 1926 -77.09 -60.17 -2.01
C LEU J 1926 -76.11 -59.02 -2.17
N LEU J 1927 -75.67 -58.74 -3.39
CA LEU J 1927 -74.71 -57.66 -3.62
C LEU J 1927 -75.32 -56.29 -3.38
N GLN J 1928 -76.62 -56.14 -3.60
CA GLN J 1928 -77.26 -54.85 -3.36
C GLN J 1928 -77.41 -54.55 -1.88
N MET J 1929 -77.33 -55.56 -1.04
CA MET J 1929 -77.52 -55.35 0.39
C MET J 1929 -76.34 -54.58 0.98
N LYS J 1930 -76.66 -53.64 1.86
CA LYS J 1930 -75.63 -52.89 2.57
C LYS J 1930 -74.91 -53.81 3.52
N LEU J 1931 -73.60 -53.92 3.36
CA LEU J 1931 -72.80 -54.88 4.10
C LEU J 1931 -71.67 -54.16 4.81
N PRO J 1932 -71.36 -54.55 6.03
CA PRO J 1932 -70.16 -54.05 6.69
C PRO J 1932 -68.93 -54.68 6.07
N GLU J 1933 -67.77 -54.10 6.42
CA GLU J 1933 -66.53 -54.30 5.66
C GLU J 1933 -66.04 -55.74 5.65
N SER J 1934 -66.14 -56.45 6.77
CA SER J 1934 -65.59 -57.80 6.81
C SER J 1934 -66.46 -58.78 6.04
N VAL J 1935 -67.74 -58.46 5.86
CA VAL J 1935 -68.59 -59.37 5.13
C VAL J 1935 -68.36 -59.21 3.63
N LYS J 1936 -67.83 -58.06 3.21
CA LYS J 1936 -67.39 -57.91 1.84
C LYS J 1936 -66.19 -58.80 1.54
N LEU J 1937 -65.39 -59.09 2.56
CA LEU J 1937 -64.16 -59.86 2.36
C LEU J 1937 -64.47 -61.30 1.98
N GLN J 1938 -65.42 -61.91 2.66
CA GLN J 1938 -65.80 -63.28 2.30
C GLN J 1938 -66.56 -63.32 0.99
N MET J 1939 -67.17 -62.22 0.59
CA MET J 1939 -67.73 -62.14 -0.76
C MET J 1939 -66.64 -62.21 -1.82
N CYS J 1940 -65.48 -61.61 -1.56
CA CYS J 1940 -64.38 -61.73 -2.50
C CYS J 1940 -63.84 -63.15 -2.52
N ASN J 1941 -63.71 -63.79 -1.37
CA ASN J 1941 -63.25 -65.16 -1.35
C ASN J 1941 -64.30 -66.12 -1.88
N LEU J 1942 -65.56 -65.71 -1.91
CA LEU J 1942 -66.53 -66.53 -2.63
C LEU J 1942 -66.44 -66.30 -4.11
N LEU J 1943 -66.31 -65.04 -4.52
CA LEU J 1943 -66.25 -64.72 -5.94
C LEU J 1943 -64.96 -65.16 -6.60
N GLU J 1944 -63.86 -65.27 -5.84
CA GLU J 1944 -62.62 -65.74 -6.41
C GLU J 1944 -62.69 -67.19 -6.85
N TYR J 1945 -63.55 -67.99 -6.22
CA TYR J 1945 -63.73 -69.36 -6.69
C TYR J 1945 -64.38 -69.39 -8.05
N PHE J 1946 -65.27 -68.44 -8.31
CA PHE J 1946 -66.09 -68.53 -9.51
C PHE J 1946 -65.31 -68.13 -10.75
N CYS J 1947 -64.44 -67.14 -10.66
CA CYS J 1947 -63.64 -66.78 -11.83
C CYS J 1947 -62.64 -67.84 -12.18
N ASP J 1948 -62.20 -68.63 -11.19
CA ASP J 1948 -61.31 -69.74 -11.51
C ASP J 1948 -62.06 -70.87 -12.19
N GLN J 1949 -63.34 -71.05 -11.87
CA GLN J 1949 -64.11 -72.06 -12.57
C GLN J 1949 -64.40 -71.63 -14.00
N GLU J 1950 -64.37 -70.34 -14.28
CA GLU J 1950 -64.40 -69.92 -15.67
C GLU J 1950 -63.08 -70.21 -16.36
N LEU J 1951 -61.99 -70.06 -15.63
CA LEU J 1951 -60.68 -70.23 -16.25
C LEU J 1951 -60.35 -71.71 -16.43
N GLN J 1952 -60.67 -72.53 -15.44
CA GLN J 1952 -60.39 -73.96 -15.55
C GLN J 1952 -61.29 -74.61 -16.59
N HIS J 1953 -62.48 -74.07 -16.78
CA HIS J 1953 -63.31 -74.53 -17.88
C HIS J 1953 -62.74 -74.08 -19.22
N ARG J 1954 -62.15 -72.89 -19.28
CA ARG J 1954 -61.56 -72.40 -20.52
C ARG J 1954 -60.35 -73.22 -20.94
N VAL J 1955 -59.51 -73.60 -19.98
CA VAL J 1955 -58.36 -74.44 -20.29
C VAL J 1955 -58.82 -75.83 -20.72
N GLU J 1956 -59.80 -76.38 -20.01
CA GLU J 1956 -60.34 -77.69 -20.37
C GLU J 1956 -61.13 -77.64 -21.67
N SER J 1957 -61.57 -76.45 -22.08
CA SER J 1957 -62.08 -76.31 -23.43
C SER J 1957 -60.98 -76.37 -24.46
N LEU J 1958 -59.85 -75.72 -24.18
CA LEU J 1958 -58.78 -75.65 -25.17
C LEU J 1958 -58.05 -76.98 -25.27
N ALA J 1959 -58.00 -77.75 -24.19
CA ALA J 1959 -57.47 -79.10 -24.28
C ALA J 1959 -58.38 -80.01 -25.08
N ALA J 1960 -59.69 -79.77 -25.02
CA ALA J 1960 -60.62 -80.54 -25.85
C ALA J 1960 -60.48 -80.16 -27.31
N PHE J 1961 -60.09 -78.92 -27.59
CA PHE J 1961 -59.96 -78.48 -28.97
C PHE J 1961 -58.75 -79.09 -29.64
N ALA J 1962 -57.66 -79.28 -28.89
CA ALA J 1962 -56.40 -79.67 -29.48
C ALA J 1962 -56.40 -81.12 -29.93
N GLU J 1963 -56.97 -82.01 -29.11
CA GLU J 1963 -57.00 -83.42 -29.47
C GLU J 1963 -57.95 -83.68 -30.64
N ARG J 1964 -58.94 -82.82 -30.82
CA ARG J 1964 -59.70 -82.81 -32.06
C ARG J 1964 -58.89 -82.24 -33.22
N TYR J 1965 -57.94 -81.37 -32.94
CA TYR J 1965 -57.17 -80.68 -33.97
C TYR J 1965 -55.96 -81.46 -34.43
N VAL J 1966 -55.16 -82.01 -33.51
CA VAL J 1966 -53.96 -82.70 -33.93
C VAL J 1966 -54.23 -84.10 -34.46
N ASP J 1967 -55.37 -84.70 -34.10
CA ASP J 1967 -55.78 -85.92 -34.79
C ASP J 1967 -56.15 -85.64 -36.22
N LYS J 1968 -56.70 -84.45 -36.48
CA LYS J 1968 -56.94 -83.97 -37.83
C LYS J 1968 -55.67 -83.53 -38.52
N LEU J 1969 -54.60 -83.24 -37.76
CA LEU J 1969 -53.40 -82.69 -38.37
C LEU J 1969 -52.41 -83.77 -38.75
N GLN J 1970 -52.37 -84.89 -38.03
CA GLN J 1970 -51.43 -85.96 -38.36
C GLN J 1970 -51.77 -86.65 -39.67
N ALA J 1971 -53.05 -86.93 -39.92
CA ALA J 1971 -53.45 -87.54 -41.18
C ALA J 1971 -53.24 -86.60 -42.35
N ASN J 1972 -53.30 -85.28 -42.10
CA ASN J 1972 -53.01 -84.32 -43.15
C ASN J 1972 -51.53 -84.34 -43.52
N GLN J 1973 -50.66 -84.47 -42.53
CA GLN J 1973 -49.22 -84.53 -42.82
C GLN J 1973 -48.84 -85.84 -43.49
N ARG J 1974 -49.35 -86.96 -42.98
CA ARG J 1974 -48.94 -88.26 -43.50
C ARG J 1974 -49.49 -88.52 -44.89
N SER J 1975 -50.63 -87.90 -45.23
CA SER J 1975 -51.07 -87.93 -46.61
C SER J 1975 -50.23 -87.02 -47.49
N ARG J 1976 -49.85 -85.84 -46.97
CA ARG J 1976 -48.98 -84.93 -47.70
C ARG J 1976 -47.58 -85.48 -47.87
N TYR J 1977 -47.08 -86.21 -46.88
CA TYR J 1977 -45.77 -86.82 -47.01
C TYR J 1977 -45.77 -87.97 -48.01
N ALA J 1978 -46.85 -88.73 -48.07
CA ALA J 1978 -46.95 -89.79 -49.07
C ALA J 1978 -47.04 -89.23 -50.47
N LEU J 1979 -47.71 -88.08 -50.64
CA LEU J 1979 -47.66 -87.37 -51.91
C LEU J 1979 -46.28 -86.80 -52.16
N LEU J 1980 -45.57 -86.41 -51.12
CA LEU J 1980 -44.17 -86.04 -51.28
C LEU J 1980 -43.31 -87.26 -51.58
N MET J 1981 -43.70 -88.43 -51.06
CA MET J 1981 -42.96 -89.65 -51.29
C MET J 1981 -43.07 -90.17 -52.71
N ARG J 1982 -44.09 -89.73 -53.46
CA ARG J 1982 -44.30 -90.16 -54.83
C ARG J 1982 -44.01 -89.05 -55.84
N ALA J 1983 -43.59 -87.89 -55.38
CA ALA J 1983 -43.32 -86.75 -56.24
C ALA J 1983 -41.85 -86.78 -56.65
N PHE J 1984 -41.61 -86.86 -57.96
CA PHE J 1984 -40.25 -86.87 -58.50
C PHE J 1984 -40.04 -85.73 -59.49
N THR J 1985 -40.98 -84.78 -59.54
CA THR J 1985 -40.95 -83.70 -60.51
C THR J 1985 -39.92 -82.61 -60.18
N MET J 1986 -39.35 -82.64 -58.98
CA MET J 1986 -38.36 -81.65 -58.59
C MET J 1986 -37.36 -82.29 -57.65
N SER J 1987 -36.16 -81.72 -57.61
CA SER J 1987 -35.11 -82.18 -56.71
C SER J 1987 -34.53 -81.07 -55.85
N ALA J 1988 -34.29 -79.89 -56.42
CA ALA J 1988 -33.77 -78.78 -55.62
C ALA J 1988 -34.85 -78.17 -54.75
N ALA J 1989 -36.09 -78.16 -55.23
CA ALA J 1989 -37.22 -77.72 -54.43
C ALA J 1989 -37.83 -78.84 -53.59
N GLU J 1990 -37.45 -80.10 -53.86
CA GLU J 1990 -37.96 -81.21 -53.08
C GLU J 1990 -37.39 -81.21 -51.66
N THR J 1991 -36.11 -80.87 -51.53
CA THR J 1991 -35.50 -80.83 -50.21
C THR J 1991 -35.96 -79.63 -49.39
N ALA J 1992 -36.44 -78.57 -50.04
CA ALA J 1992 -37.10 -77.49 -49.30
C ALA J 1992 -38.45 -77.94 -48.77
N ARG J 1993 -39.06 -78.95 -49.40
CA ARG J 1993 -40.22 -79.59 -48.80
C ARG J 1993 -39.83 -80.74 -47.88
N ARG J 1994 -38.57 -81.16 -47.90
CA ARG J 1994 -38.10 -82.25 -47.07
C ARG J 1994 -37.36 -81.78 -45.84
N THR J 1995 -37.14 -80.48 -45.69
CA THR J 1995 -36.53 -79.98 -44.46
C THR J 1995 -37.47 -80.12 -43.27
N ARG J 1996 -38.77 -80.15 -43.53
CA ARG J 1996 -39.76 -80.19 -42.47
C ARG J 1996 -40.10 -81.60 -42.08
N GLU J 1997 -40.02 -82.54 -43.02
CA GLU J 1997 -40.64 -83.85 -42.83
C GLU J 1997 -39.85 -84.71 -41.86
N PHE J 1998 -38.57 -84.89 -42.12
CA PHE J 1998 -37.72 -85.69 -41.24
C PHE J 1998 -36.41 -85.00 -40.90
N ARG J 1999 -36.18 -83.79 -41.41
CA ARG J 1999 -34.94 -83.11 -41.11
C ARG J 1999 -35.08 -82.16 -39.93
N SER J 2000 -36.27 -81.67 -39.68
CA SER J 2000 -36.47 -80.78 -38.56
C SER J 2000 -36.95 -81.56 -37.33
N PRO J 2001 -36.70 -81.07 -36.12
CA PRO J 2001 -37.27 -81.72 -34.95
C PRO J 2001 -38.79 -81.50 -34.89
N PRO J 2002 -39.52 -82.39 -34.21
CA PRO J 2002 -40.99 -82.24 -34.18
C PRO J 2002 -41.47 -81.01 -33.45
N GLN J 2003 -40.66 -80.47 -32.54
CA GLN J 2003 -40.97 -79.18 -31.95
C GLN J 2003 -40.92 -78.08 -33.01
N GLU J 2004 -39.94 -78.13 -33.90
CA GLU J 2004 -39.84 -77.14 -34.96
C GLU J 2004 -40.89 -77.32 -36.04
N GLN J 2005 -41.49 -78.52 -36.13
CA GLN J 2005 -42.55 -78.74 -37.10
C GLN J 2005 -43.80 -77.95 -36.76
N ILE J 2006 -44.24 -78.03 -35.51
CA ILE J 2006 -45.47 -77.38 -35.09
C ILE J 2006 -45.31 -75.88 -35.07
N ASN J 2007 -44.10 -75.40 -34.76
CA ASN J 2007 -43.82 -73.97 -34.88
C ASN J 2007 -43.90 -73.51 -36.33
N MET J 2008 -43.43 -74.32 -37.25
CA MET J 2008 -43.53 -73.98 -38.66
C MET J 2008 -44.94 -74.18 -39.20
N LEU J 2009 -45.66 -75.19 -38.69
CA LEU J 2009 -47.00 -75.47 -39.17
C LEU J 2009 -48.01 -74.40 -38.79
N LEU J 2010 -47.79 -73.70 -37.69
CA LEU J 2010 -48.80 -72.83 -37.10
C LEU J 2010 -48.51 -71.36 -37.39
N HIS J 2011 -48.08 -71.04 -38.60
CA HIS J 2011 -47.60 -69.70 -38.90
C HIS J 2011 -48.63 -68.85 -39.63
N PHE J 2012 -49.82 -69.38 -39.89
CA PHE J 2012 -50.73 -68.72 -40.84
C PHE J 2012 -51.61 -67.67 -40.18
N LYS J 2013 -51.00 -66.76 -39.44
CA LYS J 2013 -51.66 -65.54 -39.03
C LYS J 2013 -50.99 -64.38 -39.73
N ASP J 2014 -51.80 -63.61 -40.47
CA ASP J 2014 -51.37 -62.46 -41.28
C ASP J 2014 -50.26 -62.81 -42.27
N ASP J 2020 -46.09 -69.33 -46.19
CA ASP J 2020 -45.13 -70.42 -46.27
C ASP J 2020 -45.58 -71.61 -45.43
N CYS J 2021 -46.88 -71.90 -45.47
CA CYS J 2021 -47.47 -72.94 -44.64
C CYS J 2021 -47.96 -74.08 -45.51
N PRO J 2022 -47.59 -75.33 -45.21
CA PRO J 2022 -48.04 -76.46 -46.03
C PRO J 2022 -49.46 -76.93 -45.74
N LEU J 2023 -50.25 -76.15 -45.04
CA LEU J 2023 -51.56 -76.65 -44.65
C LEU J 2023 -52.63 -76.12 -45.59
N PRO J 2024 -53.66 -76.91 -45.88
CA PRO J 2024 -54.75 -76.44 -46.73
C PRO J 2024 -55.58 -75.37 -46.03
N GLU J 2025 -56.37 -74.65 -46.82
CA GLU J 2025 -57.19 -73.58 -46.31
C GLU J 2025 -58.39 -74.07 -45.51
N ASP J 2026 -58.75 -75.35 -45.62
CA ASP J 2026 -59.88 -75.90 -44.88
C ASP J 2026 -59.59 -76.01 -43.39
N ILE J 2027 -58.44 -76.58 -43.02
CA ILE J 2027 -58.12 -76.80 -41.62
C ILE J 2027 -57.18 -75.72 -41.10
N ARG J 2028 -56.95 -74.66 -41.88
CA ARG J 2028 -56.28 -73.48 -41.36
C ARG J 2028 -57.24 -72.37 -40.98
N GLN J 2029 -58.50 -72.47 -41.39
CA GLN J 2029 -59.47 -71.44 -41.06
C GLN J 2029 -60.23 -71.73 -39.77
N ASP J 2030 -60.49 -73.01 -39.47
CA ASP J 2030 -61.27 -73.35 -38.29
C ASP J 2030 -60.52 -73.04 -37.01
N LEU J 2031 -59.19 -73.03 -37.06
CA LEU J 2031 -58.39 -72.54 -35.95
C LEU J 2031 -58.66 -71.06 -35.70
N GLN J 2032 -58.64 -70.26 -36.76
CA GLN J 2032 -59.02 -68.87 -36.65
C GLN J 2032 -60.47 -68.70 -36.28
N ASP J 2033 -61.34 -69.60 -36.74
CA ASP J 2033 -62.72 -69.61 -36.26
C ASP J 2033 -62.78 -69.97 -34.79
N PHE J 2034 -61.94 -70.89 -34.34
CA PHE J 2034 -61.83 -71.19 -32.92
C PHE J 2034 -61.23 -70.02 -32.16
N HIS J 2035 -60.26 -69.33 -32.76
CA HIS J 2035 -59.58 -68.25 -32.08
C HIS J 2035 -60.51 -67.06 -31.86
N GLN J 2036 -61.45 -66.85 -32.77
CA GLN J 2036 -62.46 -65.84 -32.52
C GLN J 2036 -63.50 -66.31 -31.51
N ASP J 2037 -63.63 -67.61 -31.30
CA ASP J 2037 -64.55 -68.10 -30.28
C ASP J 2037 -63.99 -67.90 -28.88
N LEU J 2038 -62.68 -67.68 -28.77
CA LEU J 2038 -62.07 -67.62 -27.45
C LEU J 2038 -61.93 -66.19 -26.97
N LEU J 2039 -61.59 -65.26 -27.86
CA LEU J 2039 -61.48 -63.87 -27.43
C LEU J 2039 -62.82 -63.29 -27.06
N ALA J 2040 -63.87 -63.65 -27.80
CA ALA J 2040 -65.22 -63.27 -27.42
C ALA J 2040 -65.66 -63.96 -26.13
N HIS J 2041 -65.15 -65.17 -25.88
CA HIS J 2041 -65.38 -65.79 -24.58
C HIS J 2041 -64.70 -65.03 -23.47
N CYS J 2042 -63.57 -64.40 -23.77
CA CYS J 2042 -62.93 -63.51 -22.82
C CYS J 2042 -63.54 -62.12 -22.96
N GLY J 2043 -62.98 -61.15 -22.25
CA GLY J 2043 -63.56 -59.82 -22.19
C GLY J 2043 -63.41 -58.98 -23.44
N ILE J 2044 -62.57 -59.38 -24.38
CA ILE J 2044 -62.41 -58.64 -25.62
C ILE J 2044 -63.65 -58.83 -26.47
N GLN J 2045 -64.28 -57.71 -26.85
CA GLN J 2045 -65.48 -57.79 -27.67
C GLN J 2045 -65.15 -58.26 -29.09
N LEU J 2046 -63.96 -57.90 -29.59
CA LEU J 2046 -63.37 -58.43 -30.83
C LEU J 2046 -64.24 -58.14 -32.05
N GLU J 2047 -64.48 -56.86 -32.31
CA GLU J 2047 -65.26 -56.44 -33.47
C GLU J 2047 -64.47 -56.64 -34.76
N PRO J 2091 -76.57 -55.90 -16.60
CA PRO J 2091 -75.30 -56.62 -16.83
C PRO J 2091 -75.52 -58.11 -17.03
N GLN J 2092 -75.40 -58.57 -18.27
CA GLN J 2092 -75.65 -59.97 -18.60
C GLN J 2092 -74.37 -60.80 -18.59
N SER J 2093 -73.27 -60.28 -18.04
CA SER J 2093 -72.01 -60.98 -18.03
C SER J 2093 -71.43 -60.95 -16.63
N LEU J 2094 -70.62 -61.95 -16.31
CA LEU J 2094 -70.00 -62.04 -15.00
C LEU J 2094 -68.96 -60.93 -14.80
N GLN J 2095 -68.10 -60.73 -15.79
CA GLN J 2095 -67.11 -59.67 -15.67
C GLN J 2095 -67.75 -58.29 -15.76
N GLU J 2096 -68.88 -58.19 -16.45
CA GLU J 2096 -69.67 -56.98 -16.39
C GLU J 2096 -70.24 -56.76 -14.99
N LEU J 2097 -70.59 -57.83 -14.28
CA LEU J 2097 -71.13 -57.69 -12.95
C LEU J 2097 -70.07 -57.28 -11.95
N VAL J 2098 -68.91 -57.92 -12.01
CA VAL J 2098 -67.87 -57.69 -11.02
C VAL J 2098 -67.29 -56.29 -11.17
N SER J 2099 -67.04 -55.86 -12.40
CA SER J 2099 -66.44 -54.56 -12.66
C SER J 2099 -67.40 -53.43 -12.25
N HIS J 2100 -68.69 -53.66 -12.35
CA HIS J 2100 -69.63 -52.75 -11.74
C HIS J 2100 -69.57 -52.80 -10.23
N MET J 2101 -69.56 -54.00 -9.66
CA MET J 2101 -69.75 -54.15 -8.23
C MET J 2101 -68.54 -53.70 -7.44
N VAL J 2102 -67.34 -53.97 -7.96
CA VAL J 2102 -66.15 -53.67 -7.18
C VAL J 2102 -65.89 -52.17 -7.17
N VAL J 2103 -66.10 -51.51 -8.30
CA VAL J 2103 -65.92 -50.06 -8.37
C VAL J 2103 -66.94 -49.34 -7.51
N ARG J 2104 -68.18 -49.82 -7.51
CA ARG J 2104 -69.23 -49.22 -6.70
C ARG J 2104 -68.95 -49.38 -5.21
N TRP J 2105 -68.24 -50.44 -4.83
CA TRP J 2105 -67.84 -50.59 -3.44
C TRP J 2105 -66.83 -49.53 -3.03
N ALA J 2106 -66.03 -49.04 -3.96
CA ALA J 2106 -65.13 -47.95 -3.64
C ALA J 2106 -65.87 -46.64 -3.50
N GLN J 2107 -66.97 -46.48 -4.23
CA GLN J 2107 -67.76 -45.27 -4.10
C GLN J 2107 -68.63 -45.27 -2.86
N GLU J 2108 -68.78 -46.41 -2.19
CA GLU J 2108 -69.60 -46.47 -0.99
C GLU J 2108 -68.94 -45.72 0.15
N ASP J 2109 -67.69 -46.05 0.46
CA ASP J 2109 -67.01 -45.43 1.58
C ASP J 2109 -65.51 -45.51 1.36
N TYR J 2110 -64.77 -44.94 2.30
CA TYR J 2110 -63.32 -45.02 2.29
C TYR J 2110 -62.88 -46.23 3.10
N VAL J 2111 -62.53 -47.32 2.41
CA VAL J 2111 -62.26 -48.59 3.07
C VAL J 2111 -60.91 -48.52 3.78
N GLN J 2112 -60.88 -48.96 5.04
CA GLN J 2112 -59.68 -48.86 5.85
C GLN J 2112 -58.95 -50.19 6.01
N SER J 2113 -59.65 -51.31 5.92
CA SER J 2113 -59.02 -52.60 6.14
C SER J 2113 -58.16 -52.94 4.95
N PRO J 2114 -56.84 -53.03 5.12
CA PRO J 2114 -55.96 -53.21 3.96
C PRO J 2114 -56.08 -54.57 3.32
N GLU J 2115 -56.65 -55.55 4.02
CA GLU J 2115 -56.86 -56.86 3.41
C GLU J 2115 -57.92 -56.79 2.32
N LEU J 2116 -59.01 -56.08 2.56
CA LEU J 2116 -60.10 -56.03 1.61
C LEU J 2116 -59.70 -55.27 0.36
N VAL J 2117 -58.89 -54.21 0.51
CA VAL J 2117 -58.52 -53.41 -0.64
C VAL J 2117 -57.55 -54.17 -1.53
N ARG J 2118 -56.86 -55.17 -0.98
CA ARG J 2118 -56.05 -56.01 -1.85
C ARG J 2118 -56.90 -57.05 -2.55
N ALA J 2119 -57.87 -57.61 -1.84
CA ALA J 2119 -58.70 -58.63 -2.46
C ALA J 2119 -59.70 -58.04 -3.44
N MET J 2120 -59.99 -56.74 -3.34
CA MET J 2120 -60.82 -56.11 -4.36
C MET J 2120 -60.05 -55.97 -5.66
N PHE J 2121 -58.93 -55.26 -5.63
CA PHE J 2121 -58.24 -54.88 -6.85
C PHE J 2121 -57.61 -56.06 -7.55
N SER J 2122 -57.23 -57.09 -6.81
CA SER J 2122 -56.75 -58.31 -7.44
C SER J 2122 -57.87 -59.03 -8.17
N LEU J 2123 -59.11 -58.88 -7.70
CA LEU J 2123 -60.22 -59.45 -8.43
C LEU J 2123 -60.51 -58.63 -9.68
N LEU J 2124 -60.37 -57.31 -9.59
CA LEU J 2124 -60.78 -56.44 -10.68
C LEU J 2124 -59.82 -56.53 -11.86
N HIS J 2125 -58.53 -56.57 -11.58
CA HIS J 2125 -57.53 -56.74 -12.64
C HIS J 2125 -57.64 -58.10 -13.30
N ARG J 2126 -58.17 -59.09 -12.59
CA ARG J 2126 -58.34 -60.43 -13.15
C ARG J 2126 -59.38 -60.46 -14.26
N GLN J 2127 -60.32 -59.51 -14.27
CA GLN J 2127 -61.36 -59.56 -15.29
C GLN J 2127 -60.97 -58.79 -16.53
N TYR J 2128 -60.26 -57.67 -16.37
CA TYR J 2128 -60.00 -56.81 -17.50
C TYR J 2128 -58.89 -57.38 -18.39
N ASP J 2129 -57.83 -57.89 -17.78
CA ASP J 2129 -56.80 -58.60 -18.53
C ASP J 2129 -57.10 -60.09 -18.46
N GLY J 2130 -58.29 -60.44 -18.97
CA GLY J 2130 -58.74 -61.82 -18.97
C GLY J 2130 -57.94 -62.68 -19.91
N LEU J 2131 -57.36 -62.05 -20.92
CA LEU J 2131 -56.40 -62.75 -21.77
C LEU J 2131 -55.15 -63.13 -21.02
N GLY J 2132 -54.55 -62.17 -20.31
CA GLY J 2132 -53.34 -62.47 -19.54
C GLY J 2132 -53.59 -63.38 -18.36
N GLU J 2133 -54.82 -63.37 -17.83
CA GLU J 2133 -55.18 -64.34 -16.81
C GLU J 2133 -55.18 -65.75 -17.37
N LEU J 2134 -55.58 -65.91 -18.62
CA LEU J 2134 -55.50 -67.22 -19.25
C LEU J 2134 -54.06 -67.61 -19.52
N LEU J 2135 -53.23 -66.62 -19.83
CA LEU J 2135 -51.86 -66.90 -20.24
C LEU J 2135 -51.03 -67.41 -19.08
N ARG J 2136 -51.10 -66.76 -17.93
CA ARG J 2136 -50.23 -67.09 -16.81
C ARG J 2136 -50.52 -68.45 -16.20
N ALA J 2137 -51.72 -69.00 -16.42
CA ALA J 2137 -52.01 -70.34 -15.98
C ALA J 2137 -51.48 -71.40 -16.91
N LEU J 2138 -51.41 -71.10 -18.20
CA LEU J 2138 -51.06 -72.05 -19.25
C LEU J 2138 -49.71 -72.76 -19.14
N PRO J 2139 -48.67 -72.20 -18.51
CA PRO J 2139 -47.51 -73.06 -18.19
C PRO J 2139 -47.82 -74.18 -17.22
N ARG J 2140 -48.84 -74.05 -16.39
CA ARG J 2140 -49.25 -75.14 -15.53
C ARG J 2140 -50.27 -76.05 -16.19
N ALA J 2141 -50.38 -76.01 -17.51
CA ALA J 2141 -51.31 -76.87 -18.24
C ALA J 2141 -50.50 -78.02 -18.81
N TYR J 2142 -50.95 -79.24 -18.56
CA TYR J 2142 -50.32 -80.43 -19.10
C TYR J 2142 -51.38 -81.45 -19.47
N THR J 2143 -51.01 -82.34 -20.39
CA THR J 2143 -51.98 -83.24 -20.98
C THR J 2143 -51.41 -84.65 -20.98
N ILE J 2144 -52.14 -85.60 -20.39
CA ILE J 2144 -51.64 -86.96 -20.24
C ILE J 2144 -52.56 -87.93 -20.98
N SER J 2145 -52.13 -89.19 -21.02
CA SER J 2145 -52.83 -90.30 -21.62
C SER J 2145 -53.84 -90.90 -20.64
N PRO J 2146 -55.01 -91.34 -21.13
CA PRO J 2146 -56.02 -91.90 -20.23
C PRO J 2146 -55.65 -93.25 -19.64
N SER J 2147 -54.63 -93.91 -20.16
CA SER J 2147 -54.15 -95.14 -19.55
C SER J 2147 -53.20 -94.90 -18.41
N SER J 2148 -52.81 -93.65 -18.17
CA SER J 2148 -51.86 -93.31 -17.12
C SER J 2148 -52.52 -92.70 -15.89
N VAL J 2149 -53.84 -92.50 -15.92
CA VAL J 2149 -54.54 -91.84 -14.84
C VAL J 2149 -54.56 -92.70 -13.58
N GLU J 2150 -54.63 -94.03 -13.75
CA GLU J 2150 -54.70 -94.92 -12.60
C GLU J 2150 -53.42 -94.93 -11.78
N ASP J 2151 -52.30 -94.49 -12.35
CA ASP J 2151 -51.08 -94.28 -11.58
C ASP J 2151 -50.82 -92.82 -11.27
N THR J 2152 -51.41 -91.90 -12.01
CA THR J 2152 -51.11 -90.48 -11.80
C THR J 2152 -51.76 -89.95 -10.53
N MET J 2153 -53.00 -90.34 -10.27
CA MET J 2153 -53.63 -89.91 -9.03
C MET J 2153 -53.05 -90.65 -7.83
N SER J 2154 -52.46 -91.82 -8.04
CA SER J 2154 -51.67 -92.45 -6.99
C SER J 2154 -50.39 -91.69 -6.74
N LEU J 2155 -49.87 -91.00 -7.75
CA LEU J 2155 -48.71 -90.14 -7.53
C LEU J 2155 -49.07 -88.90 -6.74
N LEU J 2156 -50.15 -88.23 -7.12
CA LEU J 2156 -50.52 -86.95 -6.56
C LEU J 2156 -50.85 -87.00 -5.08
N GLU J 2157 -51.44 -88.09 -4.60
CA GLU J 2157 -51.63 -88.26 -3.17
C GLU J 2157 -50.30 -88.40 -2.47
N CYS J 2158 -49.33 -89.07 -3.08
CA CYS J 2158 -48.00 -89.15 -2.50
C CYS J 2158 -47.24 -87.86 -2.70
N LEU J 2159 -47.73 -86.96 -3.55
CA LEU J 2159 -47.17 -85.61 -3.59
C LEU J 2159 -47.69 -84.77 -2.44
N GLY J 2160 -48.98 -84.89 -2.13
CA GLY J 2160 -49.64 -84.02 -1.17
C GLY J 2160 -49.12 -84.12 0.24
N GLN J 2161 -48.59 -85.30 0.62
CA GLN J 2161 -48.07 -85.47 1.96
C GLN J 2161 -46.82 -84.63 2.18
N ILE J 2162 -46.11 -84.33 1.09
CA ILE J 2162 -44.91 -83.51 1.22
C ILE J 2162 -45.28 -82.06 1.48
N ARG J 2163 -46.28 -81.56 0.76
CA ARG J 2163 -46.70 -80.18 0.94
C ARG J 2163 -47.39 -79.97 2.28
N SER J 2164 -48.03 -81.01 2.81
CA SER J 2164 -48.48 -80.95 4.18
C SER J 2164 -47.32 -80.92 5.16
N LEU J 2165 -46.19 -81.52 4.81
CA LEU J 2165 -45.02 -81.43 5.66
C LEU J 2165 -44.17 -80.20 5.36
N LEU J 2166 -44.61 -79.34 4.45
CA LEU J 2166 -43.90 -78.07 4.27
C LEU J 2166 -44.12 -77.15 5.46
N ILE J 2167 -45.31 -77.19 6.05
CA ILE J 2167 -45.74 -76.18 7.02
C ILE J 2167 -45.59 -76.61 8.47
N VAL J 2168 -45.15 -77.83 8.72
CA VAL J 2168 -44.97 -78.29 10.09
C VAL J 2168 -43.48 -78.45 10.36
N GLN J 2169 -43.05 -77.97 11.53
CA GLN J 2169 -41.66 -78.12 11.94
C GLN J 2169 -41.35 -79.60 12.12
N MET J 2170 -40.22 -80.03 11.56
CA MET J 2170 -39.96 -81.45 11.36
C MET J 2170 -39.56 -82.13 12.64
N GLY J 2171 -40.24 -83.23 12.95
CA GLY J 2171 -39.89 -84.06 14.08
C GLY J 2171 -39.52 -85.45 13.62
N PRO J 2172 -39.20 -86.33 14.57
CA PRO J 2172 -38.66 -87.65 14.20
C PRO J 2172 -39.67 -88.61 13.62
N GLN J 2173 -40.96 -88.31 13.67
CA GLN J 2173 -41.92 -89.21 13.05
C GLN J 2173 -42.17 -88.92 11.59
N GLU J 2174 -42.50 -87.68 11.25
CA GLU J 2174 -42.83 -87.28 9.89
C GLU J 2174 -41.65 -87.38 8.95
N GLU J 2175 -40.43 -87.40 9.49
CA GLU J 2175 -39.26 -87.80 8.73
C GLU J 2175 -39.48 -89.16 8.08
N ASN J 2176 -39.98 -90.13 8.86
CA ASN J 2176 -40.28 -91.44 8.29
C ASN J 2176 -41.49 -91.39 7.38
N LEU J 2177 -42.33 -90.36 7.52
CA LEU J 2177 -43.35 -90.15 6.51
C LEU J 2177 -42.76 -89.56 5.24
N MET J 2178 -41.75 -88.72 5.37
CA MET J 2178 -41.19 -88.10 4.17
C MET J 2178 -40.37 -89.09 3.35
N ILE J 2179 -39.56 -89.90 4.02
CA ILE J 2179 -38.73 -90.88 3.32
C ILE J 2179 -39.60 -91.93 2.64
N GLN J 2180 -40.62 -92.40 3.34
CA GLN J 2180 -41.54 -93.36 2.75
C GLN J 2180 -42.37 -92.74 1.64
N SER J 2181 -42.60 -91.43 1.70
CA SER J 2181 -43.22 -90.75 0.58
C SER J 2181 -42.30 -90.73 -0.62
N ILE J 2182 -41.09 -90.19 -0.43
CA ILE J 2182 -40.12 -90.03 -1.51
C ILE J 2182 -39.74 -91.36 -2.12
N GLY J 2183 -39.53 -92.37 -1.28
CA GLY J 2183 -39.31 -93.72 -1.76
C GLY J 2183 -40.48 -94.34 -2.49
N ASN J 2184 -41.66 -93.75 -2.38
CA ASN J 2184 -42.78 -94.18 -3.19
C ASN J 2184 -42.98 -93.32 -4.42
N ILE J 2185 -42.29 -92.17 -4.51
CA ILE J 2185 -42.36 -91.40 -5.75
C ILE J 2185 -41.46 -91.98 -6.81
N MET J 2186 -40.22 -92.33 -6.45
CA MET J 2186 -39.19 -92.64 -7.43
C MET J 2186 -39.32 -94.03 -8.04
N ASN J 2187 -40.38 -94.76 -7.73
CA ASN J 2187 -40.70 -95.99 -8.41
C ASN J 2187 -42.17 -96.00 -8.80
N ASN J 2188 -42.62 -94.89 -9.37
CA ASN J 2188 -44.01 -94.71 -9.76
C ASN J 2188 -44.19 -94.51 -11.25
N LYS J 2189 -43.11 -94.54 -12.03
CA LYS J 2189 -43.02 -94.71 -13.48
C LYS J 2189 -43.52 -93.55 -14.31
N VAL J 2190 -44.21 -92.58 -13.71
CA VAL J 2190 -44.69 -91.45 -14.50
C VAL J 2190 -43.81 -90.24 -14.27
N PHE J 2191 -43.12 -90.23 -13.12
CA PHE J 2191 -42.08 -89.25 -12.81
C PHE J 2191 -41.00 -89.20 -13.88
N TYR J 2192 -40.71 -90.30 -14.54
CA TYR J 2192 -39.76 -90.32 -15.64
C TYR J 2192 -40.35 -89.93 -16.97
N GLN J 2193 -41.48 -90.50 -17.38
CA GLN J 2193 -41.90 -90.35 -18.76
C GLN J 2193 -42.58 -89.02 -19.04
N HIS J 2194 -42.71 -88.14 -18.05
CA HIS J 2194 -43.18 -86.77 -18.29
C HIS J 2194 -42.37 -85.81 -17.43
N PRO J 2195 -41.12 -85.53 -17.80
CA PRO J 2195 -40.29 -84.66 -16.97
C PRO J 2195 -40.68 -83.21 -17.03
N ASN J 2196 -41.44 -82.81 -18.05
CA ASN J 2196 -42.01 -81.48 -18.04
C ASN J 2196 -43.07 -81.32 -16.97
N LEU J 2197 -43.90 -82.34 -16.76
CA LEU J 2197 -44.97 -82.29 -15.78
C LEU J 2197 -44.47 -82.24 -14.35
N MET J 2198 -43.46 -83.05 -14.02
CA MET J 2198 -42.88 -83.00 -12.68
C MET J 2198 -42.23 -81.66 -12.42
N ARG J 2199 -41.65 -81.05 -13.45
CA ARG J 2199 -41.16 -79.70 -13.32
C ARG J 2199 -42.31 -78.71 -13.24
N ALA J 2200 -43.42 -78.99 -13.94
CA ALA J 2200 -44.56 -78.09 -13.93
C ALA J 2200 -45.28 -78.05 -12.60
N LEU J 2201 -45.28 -79.15 -11.85
CA LEU J 2201 -45.94 -79.16 -10.56
C LEU J 2201 -45.10 -78.55 -9.46
N GLY J 2202 -43.90 -78.10 -9.76
CA GLY J 2202 -43.05 -77.54 -8.73
C GLY J 2202 -42.55 -78.57 -7.74
N MET J 2203 -42.50 -79.83 -8.16
CA MET J 2203 -42.01 -80.89 -7.28
C MET J 2203 -40.54 -80.69 -6.96
N HIS J 2204 -39.76 -80.24 -7.94
CA HIS J 2204 -38.35 -80.00 -7.71
C HIS J 2204 -38.13 -78.79 -6.81
N GLU J 2205 -39.08 -77.86 -6.79
CA GLU J 2205 -38.98 -76.78 -5.83
C GLU J 2205 -39.28 -77.24 -4.43
N THR J 2206 -40.31 -78.08 -4.28
CA THR J 2206 -40.81 -78.47 -2.97
C THR J 2206 -39.80 -79.26 -2.16
N VAL J 2207 -39.04 -80.14 -2.80
CA VAL J 2207 -38.08 -80.95 -2.06
C VAL J 2207 -36.88 -80.11 -1.67
N MET J 2208 -36.68 -78.96 -2.31
CA MET J 2208 -35.59 -78.10 -1.88
C MET J 2208 -35.86 -77.43 -0.54
N GLU J 2209 -37.08 -76.92 -0.33
CA GLU J 2209 -37.34 -76.17 0.90
C GLU J 2209 -37.38 -77.05 2.13
N VAL J 2210 -37.72 -78.32 2.00
CA VAL J 2210 -37.61 -79.18 3.16
C VAL J 2210 -36.16 -79.53 3.45
N MET J 2211 -35.26 -79.35 2.48
CA MET J 2211 -33.85 -79.38 2.82
C MET J 2211 -33.36 -78.05 3.34
N VAL J 2212 -34.08 -76.97 3.07
CA VAL J 2212 -33.69 -75.68 3.61
C VAL J 2212 -33.93 -75.64 5.11
N ASN J 2213 -35.11 -76.10 5.53
CA ASN J 2213 -35.52 -75.93 6.92
C ASN J 2213 -34.70 -76.80 7.86
N VAL J 2214 -34.16 -77.90 7.39
CA VAL J 2214 -33.41 -78.79 8.26
C VAL J 2214 -31.98 -78.30 8.47
N LEU J 2215 -31.34 -77.80 7.41
CA LEU J 2215 -30.00 -77.27 7.57
C LEU J 2215 -29.98 -75.95 8.33
N GLY J 2216 -31.08 -75.22 8.34
CA GLY J 2216 -31.14 -73.96 9.03
C GLY J 2216 -30.39 -72.86 8.30
N GLU J 2222 -25.21 -77.93 13.65
CA GLU J 2222 -25.27 -79.38 13.80
C GLU J 2222 -26.50 -79.95 13.11
N ILE J 2223 -26.33 -81.10 12.47
CA ILE J 2223 -27.40 -81.74 11.70
C ILE J 2223 -28.34 -82.43 12.65
N ARG J 2224 -29.62 -82.07 12.59
CA ARG J 2224 -30.63 -82.71 13.40
C ARG J 2224 -31.03 -84.08 12.87
N PHE J 2225 -31.31 -84.19 11.57
CA PHE J 2225 -31.89 -85.39 10.98
C PHE J 2225 -31.13 -85.76 9.71
N PRO J 2226 -30.01 -86.45 9.84
CA PRO J 2226 -29.18 -86.72 8.66
C PRO J 2226 -29.75 -87.78 7.74
N LYS J 2227 -30.55 -88.69 8.27
CA LYS J 2227 -31.12 -89.74 7.43
C LYS J 2227 -32.17 -89.19 6.48
N MET J 2228 -32.73 -88.04 6.81
CA MET J 2228 -33.63 -87.37 5.88
C MET J 2228 -32.85 -86.72 4.75
N VAL J 2229 -31.82 -85.95 5.10
CA VAL J 2229 -31.19 -85.05 4.13
C VAL J 2229 -30.44 -85.81 3.06
N THR J 2230 -30.07 -87.06 3.30
CA THR J 2230 -29.49 -87.86 2.26
C THR J 2230 -30.51 -88.25 1.22
N SER J 2231 -31.68 -88.73 1.66
CA SER J 2231 -32.65 -89.23 0.71
C SER J 2231 -33.29 -88.11 -0.09
N CYS J 2232 -33.27 -86.88 0.43
CA CYS J 2232 -33.71 -85.78 -0.39
C CYS J 2232 -32.69 -85.42 -1.46
N CYS J 2233 -31.41 -85.30 -1.09
CA CYS J 2233 -30.42 -84.97 -2.10
C CYS J 2233 -30.15 -86.14 -3.02
N ARG J 2234 -30.45 -87.36 -2.57
CA ARG J 2234 -30.42 -88.50 -3.49
C ARG J 2234 -31.53 -88.40 -4.53
N PHE J 2235 -32.67 -87.84 -4.13
CA PHE J 2235 -33.76 -87.69 -5.08
C PHE J 2235 -33.43 -86.65 -6.13
N LEU J 2236 -32.79 -85.56 -5.74
CA LEU J 2236 -32.45 -84.53 -6.70
C LEU J 2236 -31.37 -84.97 -7.68
N CYS J 2237 -30.39 -85.76 -7.20
CA CYS J 2237 -29.38 -86.29 -8.10
C CYS J 2237 -29.98 -87.25 -9.10
N TYR J 2238 -30.94 -88.06 -8.67
CA TYR J 2238 -31.66 -88.90 -9.62
C TYR J 2238 -32.66 -88.10 -10.44
N PHE J 2239 -32.96 -86.88 -10.04
CA PHE J 2239 -33.85 -86.06 -10.84
C PHE J 2239 -33.09 -85.34 -11.95
N CYS J 2240 -31.85 -84.93 -11.68
CA CYS J 2240 -31.11 -84.07 -12.59
C CYS J 2240 -30.74 -84.75 -13.90
N ARG J 2241 -30.79 -86.07 -13.98
CA ARG J 2241 -30.44 -86.78 -15.19
C ARG J 2241 -31.66 -87.34 -15.91
N ILE J 2242 -32.86 -86.88 -15.56
CA ILE J 2242 -34.02 -87.35 -16.30
C ILE J 2242 -34.16 -86.61 -17.61
N SER J 2243 -34.10 -85.28 -17.57
CA SER J 2243 -33.99 -84.50 -18.79
C SER J 2243 -32.98 -83.41 -18.56
N ARG J 2244 -32.49 -82.84 -19.65
CA ARG J 2244 -31.46 -81.82 -19.55
C ARG J 2244 -32.03 -80.51 -19.04
N GLN J 2245 -33.25 -80.17 -19.42
CA GLN J 2245 -33.85 -78.92 -18.96
C GLN J 2245 -34.24 -78.99 -17.50
N ASN J 2246 -34.42 -80.18 -16.93
CA ASN J 2246 -34.60 -80.27 -15.50
C ASN J 2246 -33.31 -79.97 -14.77
N GLN J 2247 -32.19 -80.42 -15.32
CA GLN J 2247 -30.88 -80.01 -14.82
C GLN J 2247 -30.67 -78.52 -14.99
N ARG J 2248 -31.22 -77.93 -16.04
CA ARG J 2248 -31.15 -76.49 -16.22
C ARG J 2248 -31.86 -75.75 -15.10
N SER J 2249 -33.01 -76.25 -14.67
CA SER J 2249 -33.73 -75.62 -13.58
C SER J 2249 -33.01 -75.79 -12.25
N MET J 2250 -32.53 -76.99 -11.94
CA MET J 2250 -31.84 -77.24 -10.70
C MET J 2250 -30.53 -76.49 -10.60
N PHE J 2251 -29.93 -76.14 -11.73
CA PHE J 2251 -28.73 -75.32 -11.77
C PHE J 2251 -28.93 -73.96 -11.15
N ASP J 2252 -30.15 -73.41 -11.20
CA ASP J 2252 -30.36 -72.03 -10.82
C ASP J 2252 -30.26 -71.79 -9.33
N HIS J 2253 -30.36 -72.82 -8.52
CA HIS J 2253 -30.21 -72.68 -7.08
C HIS J 2253 -28.80 -72.97 -6.60
N LEU J 2254 -27.81 -72.70 -7.45
CA LEU J 2254 -26.45 -73.12 -7.17
C LEU J 2254 -25.82 -72.40 -5.97
N SER J 2255 -25.96 -71.08 -5.91
CA SER J 2255 -25.30 -70.31 -4.86
C SER J 2255 -25.85 -70.64 -3.48
N TYR J 2256 -27.13 -70.95 -3.39
CA TYR J 2256 -27.65 -71.47 -2.14
C TYR J 2256 -27.12 -72.86 -1.82
N LEU J 2257 -27.14 -73.76 -2.81
CA LEU J 2257 -26.56 -75.08 -2.66
C LEU J 2257 -25.08 -75.02 -2.32
N LEU J 2258 -24.38 -74.02 -2.84
CA LEU J 2258 -22.99 -73.83 -2.53
C LEU J 2258 -22.75 -73.31 -1.12
N GLU J 2259 -23.72 -72.59 -0.54
CA GLU J 2259 -23.50 -72.00 0.76
C GLU J 2259 -23.54 -73.04 1.88
N ASN J 2260 -24.06 -74.23 1.58
CA ASN J 2260 -24.17 -75.29 2.57
C ASN J 2260 -23.39 -76.54 2.15
N SER J 2261 -22.13 -76.38 1.76
CA SER J 2261 -21.29 -77.53 1.48
C SER J 2261 -21.00 -78.35 2.72
N GLY J 2262 -20.97 -77.72 3.89
CA GLY J 2262 -20.72 -78.41 5.14
C GLY J 2262 -21.86 -79.29 5.60
N MET J 2267 -19.22 -85.66 5.99
CA MET J 2267 -20.06 -86.70 6.54
C MET J 2267 -20.35 -87.79 5.52
N GLN J 2268 -20.68 -88.99 5.99
CA GLN J 2268 -20.87 -90.13 5.12
C GLN J 2268 -22.19 -90.04 4.37
N GLY J 2269 -22.38 -90.95 3.42
CA GLY J 2269 -23.56 -90.92 2.57
C GLY J 2269 -23.46 -89.81 1.55
N SER J 2270 -24.57 -89.41 0.96
CA SER J 2270 -24.58 -88.33 -0.01
C SER J 2270 -24.56 -86.98 0.70
N THR J 2271 -24.80 -85.92 -0.07
CA THR J 2271 -24.53 -84.58 0.38
C THR J 2271 -25.27 -83.58 -0.50
N PRO J 2272 -25.54 -82.36 0.00
CA PRO J 2272 -26.04 -81.30 -0.88
C PRO J 2272 -25.08 -80.91 -1.99
N LEU J 2273 -23.79 -81.17 -1.83
CA LEU J 2273 -22.85 -80.75 -2.85
C LEU J 2273 -22.89 -81.66 -4.07
N ASP J 2274 -23.22 -82.94 -3.88
CA ASP J 2274 -23.32 -83.82 -5.04
C ASP J 2274 -24.56 -83.54 -5.86
N VAL J 2275 -25.52 -82.85 -5.27
CA VAL J 2275 -26.59 -82.26 -6.07
C VAL J 2275 -26.01 -81.20 -7.00
N ALA J 2276 -25.15 -80.33 -6.46
CA ALA J 2276 -24.56 -79.27 -7.28
C ALA J 2276 -23.62 -79.83 -8.34
N ALA J 2277 -22.98 -80.96 -8.06
CA ALA J 2277 -22.14 -81.60 -9.05
C ALA J 2277 -22.96 -82.18 -10.19
N ALA J 2278 -24.06 -82.86 -9.88
CA ALA J 2278 -24.91 -83.41 -10.93
C ALA J 2278 -25.79 -82.37 -11.59
N SER J 2279 -25.65 -81.11 -11.21
CA SER J 2279 -26.36 -80.04 -11.89
C SER J 2279 -25.54 -79.42 -13.02
N VAL J 2280 -24.27 -79.76 -13.14
CA VAL J 2280 -23.41 -79.13 -14.15
C VAL J 2280 -22.71 -80.15 -15.03
N ILE J 2281 -22.92 -81.42 -14.77
CA ILE J 2281 -22.20 -82.47 -15.48
C ILE J 2281 -22.78 -82.59 -16.88
N ASP J 2282 -21.94 -82.98 -17.84
CA ASP J 2282 -22.35 -83.45 -19.17
C ASP J 2282 -23.06 -82.38 -20.00
N ASN J 2283 -22.78 -81.10 -19.76
CA ASN J 2283 -23.52 -80.04 -20.41
C ASN J 2283 -22.63 -78.84 -20.64
N ASN J 2284 -22.39 -78.52 -21.91
CA ASN J 2284 -21.61 -77.34 -22.26
C ASN J 2284 -22.34 -76.04 -22.00
N GLU J 2285 -23.67 -76.05 -22.05
CA GLU J 2285 -24.43 -74.82 -21.86
C GLU J 2285 -24.24 -74.28 -20.44
N LEU J 2286 -24.46 -75.10 -19.44
CA LEU J 2286 -24.29 -74.66 -18.07
C LEU J 2286 -22.84 -74.36 -17.73
N ALA J 2287 -21.90 -75.18 -18.23
CA ALA J 2287 -20.51 -74.99 -17.89
C ALA J 2287 -19.97 -73.70 -18.50
N LEU J 2288 -20.48 -73.32 -19.66
CA LEU J 2288 -20.12 -72.02 -20.21
C LEU J 2288 -20.78 -70.88 -19.46
N ALA J 2289 -21.96 -71.10 -18.90
CA ALA J 2289 -22.70 -70.05 -18.22
C ALA J 2289 -22.43 -70.02 -16.73
N LEU J 2290 -21.53 -70.85 -16.23
CA LEU J 2290 -21.19 -70.88 -14.83
C LEU J 2290 -20.49 -69.59 -14.43
N GLN J 2291 -20.93 -68.99 -13.33
CA GLN J 2291 -20.40 -67.70 -12.91
C GLN J 2291 -18.98 -67.82 -12.39
N GLU J 2292 -18.34 -66.67 -12.22
CA GLU J 2292 -17.04 -66.61 -11.56
C GLU J 2292 -17.16 -66.48 -10.07
N GLN J 2293 -18.15 -65.71 -9.59
CA GLN J 2293 -18.41 -65.62 -8.15
C GLN J 2293 -18.89 -66.95 -7.59
N ASP J 2294 -19.54 -67.77 -8.41
CA ASP J 2294 -19.88 -69.13 -8.00
C ASP J 2294 -18.67 -70.06 -8.00
N LEU J 2295 -17.54 -69.62 -8.54
CA LEU J 2295 -16.35 -70.44 -8.50
C LEU J 2295 -15.47 -70.15 -7.29
N GLU J 2296 -15.33 -68.88 -6.90
CA GLU J 2296 -14.46 -68.51 -5.79
C GLU J 2296 -14.97 -68.98 -4.44
N LYS J 2297 -16.27 -69.30 -4.34
CA LYS J 2297 -16.75 -69.91 -3.11
C LYS J 2297 -16.27 -71.35 -2.98
N VAL J 2298 -16.04 -72.02 -4.10
CA VAL J 2298 -15.63 -73.43 -4.04
C VAL J 2298 -14.19 -73.53 -3.55
N VAL J 2299 -13.34 -72.60 -3.95
CA VAL J 2299 -11.95 -72.69 -3.52
C VAL J 2299 -11.76 -72.19 -2.11
N SER J 2300 -12.66 -71.36 -1.59
CA SER J 2300 -12.54 -70.91 -0.22
C SER J 2300 -12.86 -72.02 0.77
N TYR J 2301 -13.73 -72.95 0.39
CA TYR J 2301 -13.90 -74.13 1.23
C TYR J 2301 -12.77 -75.11 1.01
N LEU J 2302 -12.15 -75.07 -0.17
CA LEU J 2302 -10.90 -75.76 -0.36
C LEU J 2302 -9.75 -75.04 0.34
N ALA J 2303 -9.92 -73.76 0.66
CA ALA J 2303 -8.91 -73.05 1.41
C ALA J 2303 -8.84 -73.47 2.87
N GLY J 2304 -9.89 -74.10 3.40
CA GLY J 2304 -9.88 -74.49 4.80
C GLY J 2304 -9.26 -75.86 5.05
N CYS J 2305 -9.51 -76.82 4.16
CA CYS J 2305 -9.20 -78.22 4.43
C CYS J 2305 -7.72 -78.51 4.53
N GLY J 2306 -6.87 -77.72 3.88
CA GLY J 2306 -5.44 -77.97 3.96
C GLY J 2306 -4.81 -77.52 5.26
N LEU J 2307 -5.55 -76.81 6.10
CA LEU J 2307 -5.02 -76.24 7.34
C LEU J 2307 -5.49 -76.95 8.59
N GLN J 2308 -6.68 -77.55 8.56
CA GLN J 2308 -7.23 -78.24 9.71
C GLN J 2308 -7.54 -79.69 9.38
N SER J 2309 -7.85 -80.45 10.42
CA SER J 2309 -8.12 -81.87 10.30
C SER J 2309 -9.63 -82.09 10.24
N CYS J 2310 -10.04 -83.35 10.19
CA CYS J 2310 -11.43 -83.69 10.42
C CYS J 2310 -11.66 -83.88 11.92
N PRO J 2311 -12.51 -83.06 12.55
CA PRO J 2311 -12.74 -83.22 13.99
C PRO J 2311 -13.47 -84.51 14.34
N MET J 2312 -14.23 -85.06 13.39
CA MET J 2312 -14.85 -86.36 13.59
C MET J 2312 -13.83 -87.49 13.58
N LEU J 2313 -12.70 -87.31 12.90
CA LEU J 2313 -11.73 -88.39 12.78
C LEU J 2313 -10.88 -88.49 14.04
N LEU J 2314 -10.51 -87.36 14.62
CA LEU J 2314 -9.80 -87.40 15.89
C LEU J 2314 -10.74 -87.70 17.04
N ALA J 2315 -12.04 -87.43 16.88
CA ALA J 2315 -13.03 -87.99 17.79
C ALA J 2315 -13.14 -89.50 17.66
N LYS J 2316 -12.81 -90.05 16.49
CA LYS J 2316 -12.80 -91.50 16.32
C LYS J 2316 -11.54 -92.14 16.85
N GLY J 2317 -10.57 -91.36 17.31
CA GLY J 2317 -9.37 -91.93 17.89
C GLY J 2317 -8.28 -92.20 16.88
N TYR J 2318 -8.36 -91.53 15.76
CA TYR J 2318 -7.39 -91.72 14.70
C TYR J 2318 -6.11 -90.95 15.02
N PRO J 2319 -5.00 -91.24 14.34
CA PRO J 2319 -3.84 -90.34 14.41
C PRO J 2319 -4.15 -88.98 13.82
N ASP J 2320 -3.38 -87.99 14.26
CA ASP J 2320 -3.62 -86.60 13.87
C ASP J 2320 -2.87 -86.27 12.59
N ILE J 2321 -3.56 -85.69 11.61
CA ILE J 2321 -2.97 -85.18 10.39
C ILE J 2321 -3.53 -83.79 10.16
N GLY J 2322 -2.63 -82.80 10.03
CA GLY J 2322 -2.99 -81.40 10.09
C GLY J 2322 -3.85 -80.88 8.94
N TRP J 2323 -3.99 -81.63 7.85
CA TRP J 2323 -4.79 -81.24 6.70
C TRP J 2323 -5.91 -82.26 6.52
N ASN J 2324 -6.63 -82.17 5.41
CA ASN J 2324 -7.80 -83.01 5.25
C ASN J 2324 -7.68 -83.91 4.03
N PRO J 2325 -7.20 -85.15 4.17
CA PRO J 2325 -7.17 -86.07 3.02
C PRO J 2325 -8.52 -86.66 2.67
N CYS J 2326 -9.54 -86.44 3.50
CA CYS J 2326 -10.85 -86.95 3.16
C CYS J 2326 -11.85 -85.85 2.83
N GLY J 2327 -11.79 -84.73 3.56
CA GLY J 2327 -12.77 -83.68 3.35
C GLY J 2327 -12.50 -82.84 2.12
N GLY J 2328 -11.23 -82.50 1.90
CA GLY J 2328 -10.86 -81.74 0.73
C GLY J 2328 -11.08 -82.42 -0.60
N GLU J 2329 -11.13 -83.76 -0.61
CA GLU J 2329 -11.45 -84.49 -1.83
C GLU J 2329 -12.92 -84.42 -2.19
N ARG J 2330 -13.75 -83.81 -1.33
CA ARG J 2330 -15.15 -83.62 -1.69
C ARG J 2330 -15.38 -82.33 -2.46
N TYR J 2331 -14.31 -81.62 -2.83
CA TYR J 2331 -14.47 -80.48 -3.73
C TYR J 2331 -13.86 -80.70 -5.09
N LEU J 2332 -12.77 -81.45 -5.18
CA LEU J 2332 -12.07 -81.57 -6.44
C LEU J 2332 -12.81 -82.49 -7.39
N ASP J 2333 -13.51 -83.49 -6.85
CA ASP J 2333 -14.41 -84.29 -7.67
C ASP J 2333 -15.57 -83.47 -8.23
N PHE J 2334 -15.95 -82.39 -7.55
CA PHE J 2334 -16.88 -81.45 -8.15
C PHE J 2334 -16.21 -80.64 -9.25
N LEU J 2335 -15.07 -80.02 -8.94
CA LEU J 2335 -14.41 -79.13 -9.89
C LEU J 2335 -13.84 -79.86 -11.10
N ARG J 2336 -13.62 -81.17 -11.01
CA ARG J 2336 -13.22 -81.89 -12.21
C ARG J 2336 -14.42 -82.19 -13.11
N PHE J 2337 -15.63 -81.87 -12.64
CA PHE J 2337 -16.75 -81.77 -13.55
C PHE J 2337 -16.97 -80.34 -14.00
N ALA J 2338 -16.22 -79.39 -13.46
CA ALA J 2338 -16.45 -78.00 -13.78
C ALA J 2338 -15.67 -77.54 -15.00
N VAL J 2339 -14.60 -78.25 -15.38
CA VAL J 2339 -13.79 -77.83 -16.51
C VAL J 2339 -13.65 -78.90 -17.58
N PHE J 2340 -14.06 -80.13 -17.32
CA PHE J 2340 -13.88 -81.20 -18.29
C PHE J 2340 -15.24 -81.81 -18.59
N VAL J 2341 -15.67 -81.72 -19.84
CA VAL J 2341 -16.99 -82.19 -20.27
C VAL J 2341 -16.87 -82.87 -21.63
N ASN J 2342 -17.60 -83.97 -21.80
CA ASN J 2342 -17.69 -84.73 -23.05
C ASN J 2342 -16.33 -85.22 -23.54
N GLY J 2343 -15.43 -85.50 -22.61
CA GLY J 2343 -14.08 -85.84 -22.97
C GLY J 2343 -13.30 -84.69 -23.57
N GLU J 2344 -13.55 -83.46 -23.15
CA GLU J 2344 -12.86 -82.30 -23.68
C GLU J 2344 -12.75 -81.26 -22.58
N SER J 2345 -11.74 -80.41 -22.67
CA SER J 2345 -11.58 -79.35 -21.69
C SER J 2345 -12.24 -78.08 -22.17
N VAL J 2346 -12.81 -77.32 -21.25
CA VAL J 2346 -13.26 -75.99 -21.59
C VAL J 2346 -12.08 -75.03 -21.54
N GLU J 2347 -12.30 -73.84 -22.05
CA GLU J 2347 -11.28 -72.80 -22.02
C GLU J 2347 -11.53 -71.74 -20.97
N GLU J 2348 -12.73 -71.15 -20.96
CA GLU J 2348 -12.97 -69.97 -20.16
C GLU J 2348 -13.01 -70.28 -18.66
N ASN J 2349 -13.35 -71.51 -18.29
CA ASN J 2349 -13.28 -71.84 -16.87
C ASN J 2349 -11.89 -72.27 -16.47
N ALA J 2350 -11.19 -72.98 -17.36
CA ALA J 2350 -9.85 -73.44 -17.06
C ALA J 2350 -8.88 -72.29 -16.92
N ASN J 2351 -9.11 -71.21 -17.66
CA ASN J 2351 -8.21 -70.08 -17.56
C ASN J 2351 -8.52 -69.21 -16.35
N VAL J 2352 -9.52 -69.57 -15.54
CA VAL J 2352 -9.83 -68.75 -14.37
C VAL J 2352 -9.84 -69.57 -13.08
N VAL J 2353 -9.92 -70.89 -13.16
CA VAL J 2353 -9.73 -71.68 -11.96
C VAL J 2353 -8.26 -71.68 -11.53
N VAL J 2354 -7.33 -71.71 -12.48
CA VAL J 2354 -5.92 -71.83 -12.11
C VAL J 2354 -5.34 -70.48 -11.76
N ARG J 2355 -5.92 -69.40 -12.30
CA ARG J 2355 -5.54 -68.07 -11.86
C ARG J 2355 -5.95 -67.81 -10.43
N LEU J 2356 -7.00 -68.50 -9.97
CA LEU J 2356 -7.51 -68.32 -8.64
C LEU J 2356 -6.95 -69.36 -7.67
N LEU J 2357 -6.60 -70.54 -8.17
CA LEU J 2357 -6.02 -71.59 -7.33
C LEU J 2357 -4.63 -71.23 -6.84
N ILE J 2358 -3.95 -70.30 -7.51
CA ILE J 2358 -2.62 -69.90 -7.08
C ILE J 2358 -2.63 -68.63 -6.25
N ARG J 2359 -3.79 -68.11 -5.89
CA ARG J 2359 -3.83 -67.01 -4.95
C ARG J 2359 -3.74 -67.48 -3.52
N LYS J 2360 -4.16 -68.71 -3.25
CA LYS J 2360 -4.04 -69.32 -1.94
C LYS J 2360 -3.27 -70.61 -2.08
N PRO J 2361 -1.93 -70.57 -2.04
CA PRO J 2361 -1.15 -71.80 -2.25
C PRO J 2361 -1.28 -72.84 -1.14
N GLU J 2362 -1.94 -72.51 -0.04
CA GLU J 2362 -2.31 -73.50 0.95
C GLU J 2362 -3.33 -74.50 0.42
N CYS J 2363 -4.06 -74.16 -0.65
CA CYS J 2363 -5.05 -75.07 -1.22
C CYS J 2363 -4.42 -76.32 -1.82
N PHE J 2364 -3.18 -76.24 -2.28
CA PHE J 2364 -2.49 -77.46 -2.69
C PHE J 2364 -2.12 -78.27 -1.46
N GLY J 2365 -1.83 -79.55 -1.67
CA GLY J 2365 -1.39 -80.41 -0.59
C GLY J 2365 -0.03 -79.99 -0.10
N PRO J 2366 0.13 -79.90 1.22
CA PRO J 2366 1.31 -79.22 1.79
C PRO J 2366 2.62 -79.97 1.63
N ALA J 2367 2.59 -81.23 1.21
CA ALA J 2367 3.83 -81.95 0.90
C ALA J 2367 4.48 -81.38 -0.36
N LEU J 2368 3.70 -80.74 -1.22
CA LEU J 2368 4.24 -80.04 -2.37
C LEU J 2368 4.00 -78.55 -2.31
N ARG J 2369 4.00 -77.96 -1.12
CA ARG J 2369 3.79 -76.53 -0.97
C ARG J 2369 5.01 -75.84 -0.38
N GLY J 2373 8.64 -78.24 1.09
CA GLY J 2373 7.88 -79.30 0.45
C GLY J 2373 8.67 -80.58 0.25
N SER J 2374 8.00 -81.71 0.41
CA SER J 2374 8.63 -83.01 0.25
C SER J 2374 8.44 -83.52 -1.17
N GLY J 2375 8.95 -84.73 -1.42
CA GLY J 2375 8.81 -85.33 -2.73
C GLY J 2375 7.43 -85.90 -2.96
N LEU J 2376 6.98 -85.80 -4.21
CA LEU J 2376 5.65 -86.29 -4.57
C LEU J 2376 5.60 -87.81 -4.54
N LEU J 2377 6.62 -88.48 -5.07
CA LEU J 2377 6.74 -89.91 -4.83
C LEU J 2377 7.02 -90.19 -3.37
N ALA J 2378 7.77 -89.31 -2.71
CA ALA J 2378 8.02 -89.45 -1.28
C ALA J 2378 6.77 -89.22 -0.45
N ALA J 2379 5.85 -88.36 -0.90
CA ALA J 2379 4.59 -88.19 -0.20
C ALA J 2379 3.76 -89.47 -0.24
N ILE J 2380 3.71 -90.14 -1.39
CA ILE J 2380 3.06 -91.44 -1.46
C ILE J 2380 3.89 -92.50 -0.74
N GLU J 2381 5.23 -92.35 -0.78
CA GLU J 2381 6.07 -93.23 0.03
C GLU J 2381 5.85 -93.00 1.52
N GLU J 2382 5.63 -91.74 1.93
CA GLU J 2382 5.18 -91.45 3.30
C GLU J 2382 3.79 -92.01 3.58
N ALA J 2383 3.00 -92.29 2.55
CA ALA J 2383 1.67 -92.83 2.76
C ALA J 2383 1.71 -94.34 2.94
N ILE J 2384 2.63 -95.03 2.27
CA ILE J 2384 2.63 -96.49 2.30
C ILE J 2384 3.00 -97.00 3.69
N ARG J 2385 3.92 -96.33 4.38
CA ARG J 2385 4.28 -96.73 5.73
C ARG J 2385 3.12 -96.52 6.70
N ILE J 2386 2.47 -95.37 6.64
CA ILE J 2386 1.38 -95.09 7.57
C ILE J 2386 0.10 -95.82 7.18
N SER J 2387 0.03 -96.37 5.96
CA SER J 2387 -1.09 -97.23 5.61
C SER J 2387 -0.81 -98.69 5.94
N GLU J 2388 0.43 -99.15 5.73
CA GLU J 2388 0.73 -100.54 6.06
C GLU J 2388 0.88 -100.75 7.56
N ASP J 2389 1.41 -99.77 8.28
CA ASP J 2389 1.47 -99.89 9.74
C ASP J 2389 0.13 -99.50 10.34
N PRO J 2390 -0.50 -100.37 11.12
CA PRO J 2390 -1.82 -100.04 11.69
C PRO J 2390 -1.78 -98.99 12.78
N ALA J 2391 -0.64 -98.84 13.46
CA ALA J 2391 -0.54 -97.83 14.51
C ALA J 2391 -0.55 -96.42 13.93
N ARG J 2392 0.16 -96.23 12.83
CA ARG J 2392 0.10 -94.95 12.13
C ARG J 2392 -1.14 -94.82 11.26
N ASP J 2393 -1.90 -95.90 11.09
CA ASP J 2393 -3.16 -95.85 10.34
C ASP J 2393 -4.30 -95.46 11.27
N GLY J 2394 -5.42 -95.08 10.67
CA GLY J 2394 -6.57 -94.64 11.42
C GLY J 2394 -7.35 -95.78 12.05
N PRO J 2395 -7.30 -95.88 13.38
CA PRO J 2395 -8.04 -96.91 14.12
C PRO J 2395 -8.97 -96.31 15.17
N ASN J 2414 -13.68 -96.65 11.63
CA ASN J 2414 -13.00 -97.84 11.14
C ASN J 2414 -12.99 -97.86 9.62
N ARG J 2415 -13.98 -97.20 9.02
CA ARG J 2415 -14.06 -97.13 7.57
C ARG J 2415 -13.04 -96.17 6.99
N VAL J 2416 -12.49 -95.26 7.80
CA VAL J 2416 -11.56 -94.25 7.32
C VAL J 2416 -10.16 -94.62 7.74
N HIS J 2417 -9.32 -94.97 6.77
CA HIS J 2417 -7.89 -95.09 6.97
C HIS J 2417 -7.23 -93.85 6.39
N LEU J 2418 -6.32 -93.25 7.16
CA LEU J 2418 -5.69 -92.01 6.72
C LEU J 2418 -4.78 -92.25 5.52
N GLY J 2419 -4.14 -93.41 5.48
CA GLY J 2419 -3.23 -93.74 4.38
C GLY J 2419 -3.92 -93.94 3.05
N HIS J 2420 -5.19 -94.34 3.08
CA HIS J 2420 -5.91 -94.51 1.83
C HIS J 2420 -6.49 -93.21 1.31
N ALA J 2421 -6.57 -92.19 2.15
CA ALA J 2421 -7.17 -90.93 1.73
C ALA J 2421 -6.13 -89.93 1.26
N ILE J 2422 -4.88 -90.06 1.71
CA ILE J 2422 -3.85 -89.15 1.26
C ILE J 2422 -3.45 -89.43 -0.18
N MET J 2423 -3.31 -90.71 -0.55
CA MET J 2423 -3.07 -91.06 -1.95
C MET J 2423 -4.28 -90.78 -2.81
N SER J 2424 -5.47 -90.88 -2.24
CA SER J 2424 -6.68 -90.55 -2.99
C SER J 2424 -6.84 -89.05 -3.17
N PHE J 2425 -6.39 -88.26 -2.19
CA PHE J 2425 -6.44 -86.80 -2.34
C PHE J 2425 -5.50 -86.33 -3.42
N TYR J 2426 -4.29 -86.87 -3.44
CA TYR J 2426 -3.32 -86.47 -4.45
C TYR J 2426 -3.66 -87.09 -5.80
N ALA J 2427 -4.48 -88.14 -5.79
CA ALA J 2427 -5.09 -88.59 -7.04
C ALA J 2427 -6.11 -87.59 -7.55
N ALA J 2428 -6.62 -86.72 -6.68
CA ALA J 2428 -7.57 -85.70 -7.12
C ALA J 2428 -6.90 -84.40 -7.51
N LEU J 2429 -5.83 -84.00 -6.82
CA LEU J 2429 -5.15 -82.76 -7.18
C LEU J 2429 -4.40 -82.90 -8.50
N ILE J 2430 -4.03 -84.12 -8.87
CA ILE J 2430 -3.32 -84.33 -10.12
C ILE J 2430 -4.27 -84.26 -11.30
N ASP J 2431 -5.33 -85.09 -11.30
CA ASP J 2431 -6.12 -85.23 -12.51
C ASP J 2431 -7.06 -84.06 -12.73
N LEU J 2432 -7.24 -83.20 -11.73
CA LEU J 2432 -7.89 -81.93 -11.97
C LEU J 2432 -7.07 -81.07 -12.92
N LEU J 2433 -5.79 -80.86 -12.60
CA LEU J 2433 -4.95 -80.00 -13.41
C LEU J 2433 -4.63 -80.62 -14.76
N GLY J 2434 -4.70 -81.95 -14.86
CA GLY J 2434 -4.62 -82.60 -16.15
C GLY J 2434 -5.83 -82.25 -16.99
N ARG J 2435 -6.98 -82.13 -16.33
CA ARG J 2435 -8.18 -81.74 -17.05
C ARG J 2435 -8.37 -80.25 -17.14
N CYS J 2436 -7.39 -79.45 -16.73
CA CYS J 2436 -7.39 -78.03 -17.05
C CYS J 2436 -6.28 -77.68 -18.03
N ALA J 2437 -5.53 -78.67 -18.50
CA ALA J 2437 -4.49 -78.48 -19.49
C ALA J 2437 -5.09 -78.04 -20.82
N PRO J 2438 -4.58 -76.96 -21.40
CA PRO J 2438 -5.10 -76.50 -22.69
C PRO J 2438 -4.87 -77.52 -23.79
N GLU J 2439 -5.84 -77.61 -24.69
CA GLU J 2439 -5.83 -78.68 -25.67
C GLU J 2439 -4.76 -78.45 -26.73
N MET J 2440 -4.42 -79.54 -27.42
CA MET J 2440 -3.24 -79.58 -28.29
C MET J 2440 -3.36 -78.65 -29.48
N HIS J 2441 -4.54 -78.54 -30.07
CA HIS J 2441 -4.73 -77.68 -31.23
C HIS J 2441 -4.57 -76.20 -30.90
N LEU J 2442 -4.79 -75.81 -29.66
CA LEU J 2442 -4.46 -74.44 -29.26
C LEU J 2442 -2.98 -74.28 -28.97
N ILE J 2443 -2.25 -75.38 -28.82
CA ILE J 2443 -0.81 -75.26 -28.65
C ILE J 2443 -0.14 -75.15 -30.00
N GLN J 2444 -0.73 -75.76 -31.03
CA GLN J 2444 -0.25 -75.59 -32.40
C GLN J 2444 -0.39 -74.15 -32.86
N ALA J 2445 -1.43 -73.45 -32.42
CA ALA J 2445 -1.50 -72.02 -32.61
C ALA J 2445 -0.67 -71.34 -31.53
N GLY J 2446 -0.30 -70.09 -31.79
CA GLY J 2446 0.53 -69.37 -30.86
C GLY J 2446 -0.25 -68.56 -29.84
N LYS J 2447 -1.25 -69.19 -29.22
CA LYS J 2447 -2.01 -68.52 -28.19
C LYS J 2447 -1.15 -68.36 -26.95
N GLY J 2448 -0.61 -67.16 -26.75
CA GLY J 2448 0.30 -66.89 -25.66
C GLY J 2448 -0.29 -67.05 -24.28
N GLU J 2449 -1.56 -66.74 -24.12
CA GLU J 2449 -2.26 -67.02 -22.87
C GLU J 2449 -2.35 -68.53 -22.63
N ALA J 2450 -2.69 -69.29 -23.66
CA ALA J 2450 -2.88 -70.73 -23.51
C ALA J 2450 -1.56 -71.43 -23.25
N LEU J 2451 -0.46 -70.89 -23.77
CA LEU J 2451 0.83 -71.50 -23.47
C LEU J 2451 1.42 -70.96 -22.18
N ARG J 2452 0.89 -69.86 -21.66
CA ARG J 2452 1.31 -69.39 -20.34
C ARG J 2452 0.87 -70.37 -19.26
N ILE J 2453 -0.35 -70.90 -19.40
CA ILE J 2453 -0.85 -71.87 -18.44
C ILE J 2453 -0.06 -73.18 -18.55
N ARG J 2454 0.25 -73.61 -19.78
CA ARG J 2454 0.99 -74.85 -19.97
C ARG J 2454 2.41 -74.74 -19.47
N ALA J 2455 2.93 -73.52 -19.33
CA ALA J 2455 4.16 -73.32 -18.60
C ALA J 2455 3.98 -73.60 -17.11
N ILE J 2456 2.89 -73.10 -16.54
CA ILE J 2456 2.73 -73.08 -15.08
C ILE J 2456 2.55 -74.48 -14.52
N LEU J 2457 1.68 -75.28 -15.17
CA LEU J 2457 1.46 -76.66 -14.73
C LEU J 2457 2.69 -77.53 -14.90
N ARG J 2458 3.47 -77.30 -15.96
CA ARG J 2458 4.72 -78.03 -16.12
C ARG J 2458 5.76 -77.53 -15.14
N SER J 2459 5.72 -76.25 -14.79
CA SER J 2459 6.62 -75.68 -13.80
C SER J 2459 6.38 -76.22 -12.40
N LEU J 2460 5.15 -76.57 -12.07
CA LEU J 2460 4.84 -76.96 -10.71
C LEU J 2460 5.39 -78.34 -10.37
N VAL J 2461 5.26 -79.28 -11.30
CA VAL J 2461 5.43 -80.70 -11.00
C VAL J 2461 6.71 -81.18 -11.69
N PRO J 2462 7.61 -81.87 -10.99
CA PRO J 2462 8.72 -82.54 -11.67
C PRO J 2462 8.23 -83.83 -12.33
N LEU J 2463 8.78 -84.08 -13.52
CA LEU J 2463 8.36 -85.21 -14.32
C LEU J 2463 8.81 -86.54 -13.71
N ASP J 2464 10.02 -86.56 -13.15
CA ASP J 2464 10.56 -87.83 -12.66
C ASP J 2464 9.90 -88.25 -11.35
N ASP J 2465 9.20 -87.34 -10.67
CA ASP J 2465 8.39 -87.73 -9.53
C ASP J 2465 7.28 -88.67 -9.96
N LEU J 2466 6.68 -88.41 -11.13
CA LEU J 2466 5.64 -89.27 -11.68
C LEU J 2466 6.15 -90.64 -12.04
N VAL J 2467 7.41 -90.74 -12.47
CA VAL J 2467 7.94 -91.99 -13.01
C VAL J 2467 8.13 -93.02 -11.89
N GLY J 2468 8.54 -92.58 -10.71
CA GLY J 2468 8.57 -93.49 -9.58
C GLY J 2468 7.17 -93.87 -9.12
N ILE J 2469 6.21 -92.97 -9.33
CA ILE J 2469 4.83 -93.28 -8.99
C ILE J 2469 4.23 -94.22 -10.03
N ILE J 2470 4.58 -94.01 -11.30
CA ILE J 2470 4.01 -94.81 -12.38
C ILE J 2470 4.59 -96.21 -12.41
N SER J 2471 5.64 -96.48 -11.65
CA SER J 2471 6.36 -97.75 -11.74
C SER J 2471 6.41 -98.52 -10.43
N LEU J 2472 5.71 -98.07 -9.40
CA LEU J 2472 5.80 -98.73 -8.11
C LEU J 2472 4.91 -99.98 -8.12
N PRO J 2473 5.45 -101.15 -7.77
CA PRO J 2473 4.67 -102.39 -7.88
C PRO J 2473 3.68 -102.56 -6.74
N LEU J 2474 2.69 -103.44 -6.95
CA LEU J 2474 1.53 -103.54 -6.08
C LEU J 2474 1.37 -104.94 -5.53
N GLN J 2475 0.63 -105.04 -4.44
CA GLN J 2475 0.33 -106.32 -3.81
C GLN J 2475 -0.73 -107.05 -4.61
N ILE J 2476 -0.28 -107.83 -5.60
CA ILE J 2476 -1.16 -108.60 -6.46
C ILE J 2476 -1.82 -109.70 -5.64
N PRO J 2477 -3.10 -109.98 -5.83
CA PRO J 2477 -3.76 -111.04 -5.06
C PRO J 2477 -3.54 -112.41 -5.68
N THR J 2478 -3.09 -113.35 -4.85
CA THR J 2478 -2.95 -114.74 -5.23
C THR J 2478 -3.08 -115.59 -3.97
N LEU J 2479 -2.74 -116.87 -4.09
CA LEU J 2479 -2.79 -117.77 -2.95
C LEU J 2479 -1.46 -117.78 -2.21
N VAL J 2486 -5.00 -115.32 -1.06
CA VAL J 2486 -5.19 -114.18 -0.17
C VAL J 2486 -5.57 -112.96 -1.03
N GLN J 2487 -6.35 -112.05 -0.45
CA GLN J 2487 -6.77 -110.83 -1.12
C GLN J 2487 -6.47 -109.64 -0.22
N PRO J 2488 -5.69 -108.68 -0.67
CA PRO J 2488 -5.38 -107.50 0.16
C PRO J 2488 -6.57 -106.56 0.23
N LYS J 2489 -6.42 -105.52 1.04
CA LYS J 2489 -7.51 -104.60 1.31
C LYS J 2489 -7.46 -103.41 0.35
N MET J 2490 -8.59 -103.13 -0.28
CA MET J 2490 -8.67 -102.04 -1.25
C MET J 2490 -8.60 -100.68 -0.59
N SER J 2491 -9.31 -100.47 0.51
CA SER J 2491 -9.40 -99.16 1.13
C SER J 2491 -8.34 -98.95 2.20
N ALA J 2492 -7.21 -99.62 2.11
CA ALA J 2492 -6.07 -99.32 2.95
C ALA J 2492 -4.74 -99.42 2.20
N SER J 2493 -4.77 -99.69 0.91
CA SER J 2493 -3.54 -99.96 0.16
C SER J 2493 -3.58 -99.19 -1.16
N PHE J 2494 -2.61 -99.47 -2.01
CA PHE J 2494 -2.48 -98.79 -3.29
C PHE J 2494 -3.53 -99.31 -4.25
N VAL J 2495 -4.18 -98.41 -4.99
CA VAL J 2495 -5.20 -98.83 -5.96
C VAL J 2495 -4.69 -98.46 -7.36
N PRO J 2496 -5.16 -99.12 -8.42
CA PRO J 2496 -4.78 -98.71 -9.77
C PRO J 2496 -5.36 -97.36 -10.16
N ASP J 2497 -6.39 -96.91 -9.45
CA ASP J 2497 -6.93 -95.57 -9.68
C ASP J 2497 -5.99 -94.47 -9.18
N HIS J 2498 -5.04 -94.79 -8.30
CA HIS J 2498 -4.01 -93.83 -7.98
C HIS J 2498 -3.08 -93.61 -9.15
N LYS J 2499 -2.75 -94.68 -9.87
CA LYS J 2499 -1.91 -94.56 -11.06
C LYS J 2499 -2.68 -93.92 -12.21
N ALA J 2500 -4.00 -94.09 -12.25
CA ALA J 2500 -4.81 -93.59 -13.35
C ALA J 2500 -4.87 -92.07 -13.40
N SER J 2501 -4.69 -91.40 -12.26
CA SER J 2501 -4.67 -89.94 -12.27
C SER J 2501 -3.39 -89.41 -12.85
N MET J 2502 -2.26 -90.06 -12.58
CA MET J 2502 -0.96 -89.54 -12.95
C MET J 2502 -0.71 -89.62 -14.45
N VAL J 2503 -1.12 -90.72 -15.07
CA VAL J 2503 -0.90 -90.93 -16.50
C VAL J 2503 -1.66 -89.90 -17.33
N LEU J 2504 -2.81 -89.43 -16.84
CA LEU J 2504 -3.53 -88.37 -17.52
C LEU J 2504 -2.80 -87.03 -17.44
N PHE J 2505 -1.96 -86.83 -16.42
CA PHE J 2505 -1.30 -85.55 -16.30
C PHE J 2505 -0.16 -85.41 -17.29
N LEU J 2506 0.69 -86.44 -17.39
CA LEU J 2506 1.83 -86.36 -18.29
C LEU J 2506 1.39 -86.42 -19.75
N ASP J 2507 0.32 -87.18 -20.04
CA ASP J 2507 -0.17 -87.29 -21.40
C ASP J 2507 -0.96 -86.07 -21.86
N ARG J 2508 -1.05 -85.03 -21.06
CA ARG J 2508 -1.82 -83.85 -21.43
C ARG J 2508 -1.07 -82.55 -21.24
N VAL J 2509 -0.01 -82.50 -20.44
CA VAL J 2509 0.72 -81.25 -20.28
C VAL J 2509 2.21 -81.40 -20.54
N TYR J 2510 2.77 -82.62 -20.43
CA TYR J 2510 4.19 -82.82 -20.65
C TYR J 2510 4.46 -83.47 -22.00
N GLY J 2511 3.82 -84.60 -22.28
CA GLY J 2511 3.89 -85.16 -23.62
C GLY J 2511 5.00 -86.16 -23.83
N ILE J 2512 4.78 -87.10 -24.74
CA ILE J 2512 5.76 -88.12 -25.10
C ILE J 2512 6.33 -87.74 -26.46
N GLU J 2513 7.59 -87.35 -26.49
CA GLU J 2513 8.18 -86.82 -27.70
C GLU J 2513 9.03 -87.85 -28.45
N ASN J 2514 10.09 -88.33 -27.82
CA ASN J 2514 11.11 -89.14 -28.45
C ASN J 2514 10.97 -90.62 -28.09
N GLN J 2515 11.66 -91.48 -28.81
CA GLN J 2515 11.53 -92.92 -28.65
C GLN J 2515 12.17 -93.44 -27.38
N ASP J 2516 13.26 -92.83 -26.92
CA ASP J 2516 13.93 -93.33 -25.73
C ASP J 2516 13.13 -93.09 -24.46
N PHE J 2517 12.57 -91.89 -24.30
CA PHE J 2517 11.79 -91.57 -23.11
C PHE J 2517 10.45 -92.29 -23.12
N LEU J 2518 9.94 -92.61 -24.32
CA LEU J 2518 8.86 -93.57 -24.44
C LEU J 2518 9.26 -94.92 -23.88
N LEU J 2519 10.39 -95.45 -24.34
CA LEU J 2519 10.86 -96.73 -23.83
C LEU J 2519 11.50 -96.62 -22.46
N HIS J 2520 11.74 -95.42 -21.95
CA HIS J 2520 12.29 -95.27 -20.60
C HIS J 2520 11.30 -95.73 -19.55
N VAL J 2521 10.09 -95.16 -19.55
CA VAL J 2521 9.12 -95.54 -18.54
C VAL J 2521 8.40 -96.83 -18.90
N LEU J 2522 8.63 -97.35 -20.12
CA LEU J 2522 7.85 -98.48 -20.62
C LEU J 2522 8.17 -99.77 -19.90
N ASP J 2523 9.45 -100.10 -19.74
CA ASP J 2523 9.81 -101.38 -19.13
C ASP J 2523 9.71 -101.30 -17.62
N VAL J 2524 9.87 -100.10 -17.07
CA VAL J 2524 9.90 -99.95 -15.61
C VAL J 2524 8.51 -100.03 -15.01
N GLY J 2525 7.51 -99.43 -15.64
CA GLY J 2525 6.20 -99.36 -15.02
C GLY J 2525 5.28 -100.53 -15.30
N PHE J 2526 5.06 -100.79 -16.58
CA PHE J 2526 3.83 -101.41 -17.03
C PHE J 2526 3.96 -102.89 -17.35
N LEU J 2527 5.06 -103.31 -17.94
CA LEU J 2527 5.40 -104.71 -18.07
C LEU J 2527 5.58 -105.45 -16.73
N PRO J 2528 5.94 -104.78 -15.61
CA PRO J 2528 5.64 -105.40 -14.31
C PRO J 2528 4.17 -105.62 -14.08
N ASP J 2529 3.32 -104.66 -14.45
CA ASP J 2529 1.90 -104.75 -14.15
C ASP J 2529 1.15 -105.60 -15.15
N MET J 2530 1.56 -105.55 -16.42
CA MET J 2530 0.94 -106.33 -17.48
C MET J 2530 1.02 -107.83 -17.25
N ARG J 2531 2.21 -108.33 -16.90
CA ARG J 2531 2.33 -109.74 -16.59
C ARG J 2531 1.77 -110.06 -15.21
N ALA J 2532 1.70 -109.07 -14.32
CA ALA J 2532 0.92 -109.24 -13.11
C ALA J 2532 -0.56 -109.36 -13.44
N ALA J 2533 -1.02 -108.62 -14.45
CA ALA J 2533 -2.38 -108.78 -14.94
C ALA J 2533 -2.54 -110.04 -15.78
N ALA J 2534 -1.52 -110.39 -16.56
CA ALA J 2534 -1.57 -111.62 -17.35
C ALA J 2534 -1.44 -112.86 -16.48
N SER J 2535 -1.00 -112.71 -15.23
CA SER J 2535 -0.91 -113.82 -14.30
C SER J 2535 -2.27 -114.37 -13.90
N LEU J 2536 -3.25 -113.50 -13.66
CA LEU J 2536 -4.51 -113.91 -13.06
C LEU J 2536 -5.57 -114.29 -14.07
N ASP J 2537 -5.17 -114.59 -15.31
CA ASP J 2537 -6.14 -114.99 -16.33
C ASP J 2537 -6.59 -116.43 -16.12
N THR J 2544 -11.52 -112.45 -9.82
CA THR J 2544 -10.47 -111.97 -8.93
C THR J 2544 -10.65 -110.46 -8.74
N GLU J 2545 -10.46 -109.98 -7.51
CA GLU J 2545 -10.95 -108.67 -7.13
C GLU J 2545 -10.13 -107.52 -7.70
N MET J 2546 -8.84 -107.41 -7.33
CA MET J 2546 -8.06 -106.29 -7.86
C MET J 2546 -7.61 -106.53 -9.29
N ALA J 2547 -7.79 -107.75 -9.80
CA ALA J 2547 -7.62 -107.99 -11.23
C ALA J 2547 -8.61 -107.17 -12.04
N LEU J 2548 -9.84 -107.02 -11.55
CA LEU J 2548 -10.80 -106.16 -12.22
C LEU J 2548 -10.71 -104.71 -11.79
N ALA J 2549 -9.95 -104.41 -10.74
CA ALA J 2549 -9.63 -103.02 -10.44
C ALA J 2549 -8.49 -102.52 -11.31
N LEU J 2550 -7.78 -103.43 -11.96
CA LEU J 2550 -6.63 -103.07 -12.77
C LEU J 2550 -6.83 -103.37 -14.24
N ASN J 2551 -7.74 -104.29 -14.57
CA ASN J 2551 -8.10 -104.54 -15.97
C ASN J 2551 -8.67 -103.30 -16.63
N ARG J 2552 -9.64 -102.68 -15.98
CA ARG J 2552 -10.21 -101.44 -16.49
C ARG J 2552 -9.25 -100.28 -16.37
N TYR J 2553 -8.27 -100.34 -15.47
CA TYR J 2553 -7.28 -99.29 -15.39
C TYR J 2553 -6.36 -99.32 -16.60
N LEU J 2554 -5.95 -100.51 -17.03
CA LEU J 2554 -5.08 -100.61 -18.19
C LEU J 2554 -5.80 -100.22 -19.47
N CYS J 2555 -7.03 -100.70 -19.63
CA CYS J 2555 -7.77 -100.46 -20.86
C CYS J 2555 -8.31 -99.04 -20.98
N LEU J 2556 -8.13 -98.18 -19.97
CA LEU J 2556 -8.64 -96.82 -20.02
C LEU J 2556 -7.58 -95.76 -19.77
N ALA J 2557 -6.36 -96.15 -19.40
CA ALA J 2557 -5.35 -95.15 -19.09
C ALA J 2557 -4.09 -95.28 -19.93
N VAL J 2558 -3.53 -96.48 -20.02
CA VAL J 2558 -2.22 -96.63 -20.65
C VAL J 2558 -2.30 -97.13 -22.09
N LEU J 2559 -3.10 -98.16 -22.40
CA LEU J 2559 -3.25 -98.65 -23.76
C LEU J 2559 -3.74 -97.62 -24.78
N PRO J 2560 -4.51 -96.58 -24.40
CA PRO J 2560 -4.56 -95.40 -25.26
C PRO J 2560 -3.22 -94.72 -25.47
N LEU J 2561 -2.44 -94.52 -24.41
CA LEU J 2561 -1.20 -93.75 -24.52
C LEU J 2561 -0.15 -94.50 -25.32
N ILE J 2562 -0.20 -95.83 -25.30
CA ILE J 2562 0.64 -96.63 -26.19
C ILE J 2562 0.25 -96.37 -27.63
N THR J 2563 -1.05 -96.41 -27.92
CA THR J 2563 -1.51 -96.17 -29.28
C THR J 2563 -1.39 -94.71 -29.69
N LYS J 2564 -1.12 -93.80 -28.75
CA LYS J 2564 -0.73 -92.45 -29.15
C LYS J 2564 0.68 -92.43 -29.71
N CYS J 2565 1.53 -93.37 -29.28
CA CYS J 2565 2.93 -93.38 -29.66
C CYS J 2565 3.32 -94.65 -30.41
N ALA J 2566 2.38 -95.27 -31.10
CA ALA J 2566 2.65 -96.50 -31.82
C ALA J 2566 3.51 -96.30 -33.09
N PRO J 2567 3.37 -95.21 -33.88
CA PRO J 2567 4.41 -94.97 -34.89
C PRO J 2567 5.71 -94.42 -34.34
N LEU J 2568 5.81 -94.15 -33.04
CA LEU J 2568 7.11 -93.82 -32.48
C LEU J 2568 7.96 -95.07 -32.24
N PHE J 2569 7.37 -96.27 -32.37
CA PHE J 2569 8.12 -97.52 -32.23
C PHE J 2569 8.80 -97.96 -33.50
N ALA J 2570 9.04 -97.06 -34.45
CA ALA J 2570 9.62 -97.45 -35.73
C ALA J 2570 11.12 -97.71 -35.56
N GLY J 2571 11.56 -98.89 -35.99
CA GLY J 2571 12.97 -99.21 -36.00
C GLY J 2571 13.57 -99.46 -34.64
N THR J 2572 13.16 -100.54 -33.98
CA THR J 2572 13.75 -100.90 -32.70
C THR J 2572 14.87 -101.92 -32.84
N GLU J 2573 15.96 -101.49 -33.47
CA GLU J 2573 17.23 -102.19 -33.35
C GLU J 2573 17.96 -101.82 -32.08
N HIS J 2574 17.45 -100.84 -31.34
CA HIS J 2574 17.97 -100.51 -30.01
C HIS J 2574 17.78 -101.68 -29.06
N ARG J 2575 16.65 -102.36 -29.16
CA ARG J 2575 16.25 -103.38 -28.20
C ARG J 2575 15.18 -104.25 -28.84
N ALA J 2576 15.28 -105.56 -28.64
CA ALA J 2576 14.33 -106.49 -29.24
C ALA J 2576 13.89 -107.60 -28.30
N ILE J 2577 14.25 -107.53 -27.02
CA ILE J 2577 13.84 -108.52 -26.05
C ILE J 2577 12.64 -108.06 -25.22
N MET J 2578 12.70 -106.83 -24.69
CA MET J 2578 11.57 -106.22 -23.99
C MET J 2578 10.35 -106.12 -24.88
N VAL J 2579 10.54 -105.76 -26.16
CA VAL J 2579 9.39 -105.73 -27.07
C VAL J 2579 8.97 -107.13 -27.45
N ASP J 2580 9.83 -108.13 -27.28
CA ASP J 2580 9.43 -109.50 -27.57
C ASP J 2580 8.58 -110.06 -26.45
N SER J 2581 8.91 -109.73 -25.21
CA SER J 2581 8.09 -110.11 -24.07
C SER J 2581 6.79 -109.32 -24.03
N MET J 2582 6.84 -108.03 -24.37
CA MET J 2582 5.64 -107.20 -24.37
C MET J 2582 4.66 -107.63 -25.45
N LEU J 2583 5.15 -108.04 -26.62
CA LEU J 2583 4.28 -108.52 -27.69
C LEU J 2583 3.59 -109.83 -27.34
N HIS J 2584 4.16 -110.62 -26.45
CA HIS J 2584 3.51 -111.86 -26.06
C HIS J 2584 2.43 -111.64 -25.01
N THR J 2585 2.71 -110.82 -23.99
CA THR J 2585 1.75 -110.64 -22.91
C THR J 2585 0.54 -109.83 -23.34
N VAL J 2586 0.65 -109.09 -24.44
CA VAL J 2586 -0.54 -108.48 -25.04
C VAL J 2586 -1.46 -109.56 -25.59
N TYR J 2587 -0.92 -110.50 -26.36
CA TYR J 2587 -1.75 -111.57 -26.88
C TYR J 2587 -2.09 -112.59 -25.81
N ARG J 2588 -1.33 -112.62 -24.71
CA ARG J 2588 -1.77 -113.36 -23.54
C ARG J 2588 -3.01 -112.74 -22.93
N LEU J 2589 -3.09 -111.40 -22.95
CA LEU J 2589 -4.27 -110.71 -22.48
C LEU J 2589 -5.36 -110.60 -23.53
N SER J 2590 -5.11 -111.13 -24.73
CA SER J 2590 -6.11 -111.06 -25.79
C SER J 2590 -7.33 -111.93 -25.50
N ARG J 2591 -7.13 -113.17 -25.09
CA ARG J 2591 -8.23 -114.05 -24.69
C ARG J 2591 -8.14 -114.21 -23.19
N GLY J 2592 -9.27 -114.14 -22.52
CA GLY J 2592 -9.31 -114.23 -21.07
C GLY J 2592 -10.74 -114.37 -20.58
N ARG J 2593 -10.88 -114.72 -19.31
CA ARG J 2593 -12.20 -114.92 -18.75
C ARG J 2593 -12.75 -113.67 -18.08
N SER J 2594 -11.87 -112.78 -17.61
CA SER J 2594 -12.27 -111.64 -16.80
C SER J 2594 -12.25 -110.32 -17.59
N LEU J 2595 -12.66 -110.33 -18.85
CA LEU J 2595 -12.70 -109.11 -19.65
C LEU J 2595 -13.96 -109.06 -20.50
N THR J 2596 -14.39 -107.85 -20.80
CA THR J 2596 -15.62 -107.65 -21.57
C THR J 2596 -15.32 -107.36 -23.03
N LYS J 2597 -16.38 -107.10 -23.79
CA LYS J 2597 -16.26 -106.66 -25.18
C LYS J 2597 -15.57 -105.31 -25.28
N ALA J 2598 -15.80 -104.43 -24.31
CA ALA J 2598 -15.23 -103.10 -24.36
C ALA J 2598 -13.74 -103.11 -24.08
N GLN J 2599 -13.31 -103.82 -23.03
CA GLN J 2599 -11.91 -103.81 -22.66
C GLN J 2599 -11.05 -104.56 -23.65
N ARG J 2600 -11.57 -105.64 -24.22
CA ARG J 2600 -10.81 -106.41 -25.21
C ARG J 2600 -10.70 -105.69 -26.53
N ASP J 2601 -11.65 -104.83 -26.86
CA ASP J 2601 -11.57 -104.08 -28.11
C ASP J 2601 -10.52 -102.98 -28.02
N VAL J 2602 -10.18 -102.54 -26.82
CA VAL J 2602 -9.07 -101.63 -26.64
C VAL J 2602 -7.75 -102.34 -26.94
N ILE J 2603 -7.62 -103.58 -26.47
CA ILE J 2603 -6.37 -104.30 -26.62
C ILE J 2603 -6.19 -104.79 -28.05
N GLU J 2604 -7.26 -105.29 -28.66
CA GLU J 2604 -7.19 -105.77 -30.03
C GLU J 2604 -6.94 -104.62 -31.01
N ASP J 2605 -7.36 -103.41 -30.65
CA ASP J 2605 -6.96 -102.25 -31.43
C ASP J 2605 -5.55 -101.80 -31.06
N CYS J 2606 -5.11 -102.09 -29.83
CA CYS J 2606 -3.74 -101.76 -29.45
C CYS J 2606 -2.76 -102.73 -30.07
N LEU J 2607 -3.21 -103.96 -30.36
CA LEU J 2607 -2.33 -104.96 -30.94
C LEU J 2607 -1.99 -104.66 -32.39
N MET J 2608 -3.01 -104.43 -33.22
CA MET J 2608 -2.77 -104.18 -34.64
C MET J 2608 -2.15 -102.81 -34.87
N ALA J 2609 -2.29 -101.91 -33.90
CA ALA J 2609 -1.53 -100.66 -33.93
C ALA J 2609 -0.06 -100.88 -33.65
N LEU J 2610 0.28 -102.00 -33.00
CA LEU J 2610 1.68 -102.34 -32.82
C LEU J 2610 2.19 -103.35 -33.82
N CYS J 2611 1.29 -104.05 -34.52
CA CYS J 2611 1.70 -104.90 -35.63
C CYS J 2611 2.30 -104.09 -36.78
N ARG J 2612 1.89 -102.84 -36.93
CA ARG J 2612 2.52 -101.91 -37.84
C ARG J 2612 3.54 -101.07 -37.05
N TYR J 2613 4.31 -100.28 -37.80
CA TYR J 2613 5.31 -99.34 -37.28
C TYR J 2613 6.44 -100.05 -36.55
N ILE J 2614 6.78 -101.24 -37.02
CA ILE J 2614 7.94 -101.98 -36.56
C ILE J 2614 8.31 -102.97 -37.66
N ARG J 2615 9.62 -103.22 -37.82
CA ARG J 2615 10.11 -104.01 -38.94
C ARG J 2615 9.74 -105.48 -38.76
N PRO J 2616 9.44 -106.20 -39.84
CA PRO J 2616 9.05 -107.63 -39.73
C PRO J 2616 10.18 -108.58 -39.33
N SER J 2617 11.35 -108.06 -38.97
CA SER J 2617 12.35 -108.87 -38.27
C SER J 2617 11.81 -109.39 -36.94
N MET J 2618 11.30 -108.50 -36.09
CA MET J 2618 10.82 -108.90 -34.78
C MET J 2618 9.38 -109.41 -34.78
N LEU J 2619 8.67 -109.30 -35.92
CA LEU J 2619 7.30 -109.78 -36.04
C LEU J 2619 7.15 -111.28 -35.91
N GLN J 2620 8.15 -112.07 -36.32
CA GLN J 2620 7.98 -113.52 -36.33
C GLN J 2620 8.13 -114.13 -34.94
N HIS J 2621 8.42 -113.31 -33.93
CA HIS J 2621 8.52 -113.79 -32.56
C HIS J 2621 7.18 -114.28 -32.03
N LEU J 2622 6.08 -113.71 -32.50
CA LEU J 2622 4.76 -114.19 -32.11
C LEU J 2622 4.11 -115.02 -33.20
N LEU J 2623 4.54 -114.83 -34.46
CA LEU J 2623 3.97 -115.57 -35.57
C LEU J 2623 4.28 -117.06 -35.49
N ARG J 2624 5.36 -117.42 -34.82
CA ARG J 2624 5.61 -118.81 -34.47
C ARG J 2624 4.57 -119.33 -33.49
N ARG J 2625 4.03 -118.45 -32.66
CA ARG J 2625 3.11 -118.89 -31.61
C ARG J 2625 1.66 -118.88 -32.09
N LEU J 2626 1.34 -118.00 -33.05
CA LEU J 2626 -0.04 -117.91 -33.52
C LEU J 2626 -0.43 -119.11 -34.37
N VAL J 2627 0.41 -119.48 -35.36
CA VAL J 2627 0.11 -120.62 -36.24
C VAL J 2627 0.13 -121.95 -35.50
N PHE J 2628 0.70 -121.99 -34.29
CA PHE J 2628 0.49 -123.10 -33.39
C PHE J 2628 -0.98 -123.24 -33.00
N ASP J 2629 -1.67 -122.14 -32.77
CA ASP J 2629 -2.99 -122.16 -32.15
C ASP J 2629 -4.15 -122.06 -33.12
N VAL J 2630 -4.22 -121.00 -33.92
CA VAL J 2630 -5.44 -120.68 -34.66
C VAL J 2630 -5.78 -121.58 -35.85
N PRO J 2631 -4.92 -121.85 -36.84
CA PRO J 2631 -5.42 -122.17 -38.18
C PRO J 2631 -6.04 -123.55 -38.33
N ILE J 2632 -5.97 -124.40 -37.30
CA ILE J 2632 -6.63 -125.70 -37.32
C ILE J 2632 -8.09 -125.62 -36.96
N LEU J 2633 -8.55 -124.50 -36.37
CA LEU J 2633 -9.90 -124.39 -35.86
C LEU J 2633 -10.60 -123.23 -36.57
N ASN J 2634 -11.90 -123.40 -36.81
CA ASN J 2634 -12.70 -122.37 -37.46
C ASN J 2634 -13.31 -121.44 -36.42
N LYS J 2638 -11.23 -113.85 -30.08
CA LYS J 2638 -10.48 -115.09 -29.99
C LYS J 2638 -9.94 -115.49 -31.35
N MET J 2639 -10.82 -116.04 -32.18
CA MET J 2639 -10.43 -116.55 -33.50
C MET J 2639 -10.05 -115.44 -34.47
N PRO J 2640 -10.92 -114.44 -34.58
CA PRO J 2640 -10.71 -113.36 -35.54
C PRO J 2640 -9.60 -112.41 -35.10
N LEU J 2641 -9.26 -112.44 -33.81
CA LEU J 2641 -8.19 -111.62 -33.27
C LEU J 2641 -6.84 -112.10 -33.80
N LYS J 2642 -6.77 -113.38 -34.12
CA LYS J 2642 -5.60 -113.95 -34.75
C LYS J 2642 -5.58 -113.61 -36.24
N LEU J 2643 -6.74 -113.79 -36.88
CA LEU J 2643 -6.86 -113.63 -38.32
C LEU J 2643 -6.68 -112.18 -38.76
N LEU J 2644 -6.97 -111.25 -37.86
CA LEU J 2644 -6.82 -109.84 -38.17
C LEU J 2644 -5.36 -109.44 -38.17
N THR J 2645 -4.63 -109.84 -37.13
CA THR J 2645 -3.23 -109.46 -36.97
C THR J 2645 -2.35 -110.17 -37.97
N ASN J 2646 -2.82 -111.32 -38.44
CA ASN J 2646 -2.10 -112.11 -39.42
C ASN J 2646 -2.05 -111.42 -40.77
N HIS J 2647 -3.20 -110.93 -41.20
CA HIS J 2647 -3.32 -110.33 -42.52
C HIS J 2647 -2.67 -108.95 -42.61
N TYR J 2648 -2.36 -108.37 -41.46
CA TYR J 2648 -1.73 -107.05 -41.43
C TYR J 2648 -0.21 -107.17 -41.33
N GLU J 2649 0.31 -108.37 -41.51
CA GLU J 2649 1.74 -108.59 -41.41
C GLU J 2649 2.24 -109.35 -42.63
N ARG J 2650 1.35 -110.13 -43.23
CA ARG J 2650 1.69 -110.90 -44.41
C ARG J 2650 1.59 -110.04 -45.66
N CYS J 2651 0.91 -108.91 -45.53
CA CYS J 2651 0.83 -107.94 -46.62
C CYS J 2651 1.71 -106.75 -46.26
N TRP J 2652 2.74 -107.02 -45.48
CA TRP J 2652 3.60 -105.97 -44.97
C TRP J 2652 5.04 -106.13 -45.45
N LYS J 2653 5.28 -107.12 -46.30
CA LYS J 2653 6.62 -107.38 -46.80
C LYS J 2653 6.60 -108.14 -48.13
N TYR J 2654 5.42 -108.25 -48.73
CA TYR J 2654 5.24 -109.02 -49.96
C TYR J 2654 5.77 -108.28 -51.19
N TYR J 2655 6.15 -107.02 -51.00
CA TYR J 2655 6.83 -106.26 -52.02
C TYR J 2655 8.14 -105.75 -51.46
N ALA J 2662 12.16 -120.78 -42.04
CA ALA J 2662 11.86 -120.60 -40.62
C ALA J 2662 10.37 -120.46 -40.40
N ASN J 2663 9.89 -119.23 -40.40
CA ASN J 2663 8.47 -118.95 -40.19
C ASN J 2663 7.66 -119.20 -41.45
N PHE J 2664 8.34 -119.28 -42.58
CA PHE J 2664 7.70 -119.50 -43.86
C PHE J 2664 7.11 -120.89 -43.96
N GLY J 2665 7.77 -121.85 -43.34
CA GLY J 2665 7.27 -123.22 -43.29
C GLY J 2665 6.09 -123.30 -42.35
N VAL J 2666 6.11 -122.46 -41.33
CA VAL J 2666 5.04 -122.41 -40.34
C VAL J 2666 3.78 -121.82 -40.96
N THR J 2667 3.97 -120.93 -41.90
CA THR J 2667 2.86 -120.29 -42.60
C THR J 2667 2.20 -121.26 -43.56
N SER J 2668 3.02 -122.05 -44.24
CA SER J 2668 2.54 -123.06 -45.18
C SER J 2668 1.88 -124.19 -44.42
N GLU J 2669 2.33 -124.41 -43.19
CA GLU J 2669 1.70 -125.35 -42.28
C GLU J 2669 0.33 -124.83 -41.89
N GLU J 2670 0.25 -123.52 -41.68
CA GLU J 2670 -1.00 -122.86 -41.36
C GLU J 2670 -1.88 -122.78 -42.60
N GLU J 2671 -1.25 -122.69 -43.77
CA GLU J 2671 -1.96 -122.56 -45.04
C GLU J 2671 -2.73 -123.83 -45.38
N LEU J 2672 -2.15 -124.96 -45.03
CA LEU J 2672 -2.82 -126.24 -45.22
C LEU J 2672 -3.80 -126.48 -44.08
N HIS J 2673 -3.51 -125.91 -42.93
CA HIS J 2673 -4.38 -126.05 -41.75
C HIS J 2673 -5.68 -125.30 -41.97
N LEU J 2674 -5.58 -124.15 -42.62
CA LEU J 2674 -6.75 -123.36 -42.94
C LEU J 2674 -7.53 -124.03 -44.06
N THR J 2675 -6.81 -124.74 -44.92
CA THR J 2675 -7.45 -125.53 -45.97
C THR J 2675 -8.17 -126.70 -45.35
N ARG J 2676 -7.63 -127.21 -44.24
CA ARG J 2676 -8.26 -128.28 -43.48
C ARG J 2676 -9.50 -127.74 -42.76
N LYS J 2677 -9.45 -126.46 -42.42
CA LYS J 2677 -10.61 -125.79 -41.85
C LYS J 2677 -11.65 -125.53 -42.93
N LEU J 2678 -11.17 -125.41 -44.17
CA LEU J 2678 -12.06 -125.19 -45.31
C LEU J 2678 -12.36 -126.50 -46.02
N LEU J 2686 -19.83 -115.32 -43.07
CA LEU J 2686 -19.73 -115.35 -41.61
C LEU J 2686 -18.29 -115.53 -41.18
N ALA J 2687 -18.00 -116.65 -40.52
CA ALA J 2687 -16.64 -116.97 -40.12
C ALA J 2687 -15.88 -117.50 -41.33
N HIS J 2688 -16.64 -118.01 -42.29
CA HIS J 2688 -16.09 -118.53 -43.54
C HIS J 2688 -15.53 -117.40 -44.41
N LYS J 2689 -16.12 -116.22 -44.29
CA LYS J 2689 -15.68 -115.07 -45.07
C LYS J 2689 -14.59 -114.30 -44.33
N LYS J 2690 -14.41 -114.63 -43.05
CA LYS J 2690 -13.41 -113.95 -42.24
C LYS J 2690 -12.06 -114.65 -42.32
N TYR J 2691 -12.00 -115.72 -43.10
CA TYR J 2691 -10.80 -116.54 -43.17
C TYR J 2691 -10.03 -116.35 -44.47
N ASP J 2692 -10.75 -116.24 -45.59
CA ASP J 2692 -10.14 -116.21 -46.92
C ASP J 2692 -9.32 -114.96 -47.18
N GLN J 2693 -9.63 -113.89 -46.46
CA GLN J 2693 -8.88 -112.65 -46.58
C GLN J 2693 -7.51 -112.80 -45.96
N GLU J 2694 -7.46 -113.36 -44.76
CA GLU J 2694 -6.21 -113.56 -44.05
C GLU J 2694 -5.40 -114.68 -44.67
N LEU J 2695 -6.09 -115.60 -45.35
CA LEU J 2695 -5.43 -116.74 -45.97
C LEU J 2695 -4.73 -116.33 -47.26
N TYR J 2696 -5.44 -115.57 -48.09
CA TYR J 2696 -4.89 -115.16 -49.39
C TYR J 2696 -3.84 -114.07 -49.23
N ARG J 2697 -3.86 -113.40 -48.08
CA ARG J 2697 -2.86 -112.38 -47.79
C ARG J 2697 -1.53 -113.03 -47.46
N MET J 2698 -1.59 -114.26 -46.97
CA MET J 2698 -0.38 -115.00 -46.62
C MET J 2698 0.07 -115.86 -47.79
N ALA J 2699 -0.57 -115.70 -48.94
CA ALA J 2699 -0.27 -116.51 -50.12
C ALA J 2699 0.87 -115.95 -50.97
N MET J 2700 1.81 -115.25 -50.34
CA MET J 2700 2.97 -114.70 -51.01
C MET J 2700 4.10 -114.48 -50.01
N GLU J 2741 8.55 -144.00 -25.70
CA GLU J 2741 9.01 -144.65 -24.47
C GLU J 2741 10.52 -144.77 -24.44
N THR J 2742 11.13 -144.27 -23.38
CA THR J 2742 12.58 -144.36 -23.19
C THR J 2742 12.99 -145.12 -21.94
N LEU J 2743 12.13 -145.17 -20.93
CA LEU J 2743 12.44 -145.95 -19.73
C LEU J 2743 11.99 -147.40 -19.88
N ASN J 2744 11.00 -147.66 -20.73
CA ASN J 2744 10.51 -149.01 -20.99
C ASN J 2744 11.02 -149.56 -22.32
N VAL J 2745 11.93 -148.85 -22.97
CA VAL J 2745 12.56 -149.31 -24.21
C VAL J 2745 13.82 -150.08 -23.84
N ILE J 2746 13.96 -151.27 -24.40
CA ILE J 2746 15.07 -152.16 -24.04
C ILE J 2746 16.35 -151.67 -24.70
N ILE J 2747 17.45 -151.78 -23.97
CA ILE J 2747 18.77 -151.42 -24.50
C ILE J 2747 19.47 -152.71 -24.95
N PRO J 2748 20.02 -152.74 -26.15
CA PRO J 2748 20.72 -153.94 -26.62
C PRO J 2748 22.11 -154.04 -26.01
N GLU J 2749 22.88 -155.03 -26.49
CA GLU J 2749 24.23 -155.26 -25.97
C GLU J 2749 25.17 -154.13 -26.35
N LYS J 2750 25.16 -153.69 -27.61
CA LYS J 2750 25.97 -152.57 -28.02
C LYS J 2750 25.42 -151.23 -27.51
N LEU J 2751 24.13 -151.19 -27.16
CA LEU J 2751 23.54 -149.97 -26.62
C LEU J 2751 24.04 -149.67 -25.22
N ASP J 2752 24.41 -150.69 -24.45
CA ASP J 2752 25.12 -150.45 -23.20
C ASP J 2752 26.58 -150.08 -23.45
N SER J 2753 27.13 -150.54 -24.57
CA SER J 2753 28.46 -150.11 -24.99
C SER J 2753 28.44 -148.75 -25.67
N PHE J 2754 27.31 -148.34 -26.25
CA PHE J 2754 27.19 -147.01 -26.83
C PHE J 2754 26.81 -145.97 -25.80
N ILE J 2755 26.13 -146.36 -24.71
CA ILE J 2755 25.80 -145.39 -23.66
C ILE J 2755 27.05 -145.03 -22.86
N ASN J 2756 28.05 -145.89 -22.87
CA ASN J 2756 29.34 -145.55 -22.28
C ASN J 2756 30.25 -144.84 -23.29
N LYS J 2757 30.15 -145.19 -24.58
CA LYS J 2757 31.00 -144.56 -25.59
C LYS J 2757 30.52 -143.17 -25.94
N PHE J 2758 29.20 -142.94 -25.98
CA PHE J 2758 28.69 -141.58 -26.17
C PHE J 2758 28.80 -140.77 -24.89
N ALA J 2759 29.08 -141.44 -23.75
CA ALA J 2759 29.52 -140.73 -22.56
C ALA J 2759 31.02 -140.47 -22.57
N GLU J 2760 31.79 -141.39 -23.17
CA GLU J 2760 33.24 -141.19 -23.26
C GLU J 2760 33.61 -140.19 -24.34
N TYR J 2761 32.90 -140.21 -25.47
CA TYR J 2761 33.16 -139.23 -26.51
C TYR J 2761 32.64 -137.85 -26.13
N THR J 2762 31.65 -137.79 -25.23
CA THR J 2762 31.22 -136.50 -24.70
C THR J 2762 32.26 -135.91 -23.77
N HIS J 2763 32.92 -136.74 -22.96
CA HIS J 2763 34.02 -136.23 -22.15
C HIS J 2763 35.28 -136.02 -22.99
N GLU J 2764 35.35 -136.67 -24.16
CA GLU J 2764 36.47 -136.45 -25.07
C GLU J 2764 36.34 -135.14 -25.84
N LYS J 2765 35.12 -134.67 -26.06
CA LYS J 2765 34.93 -133.40 -26.77
C LYS J 2765 34.88 -132.22 -25.82
N TRP J 2766 34.43 -132.42 -24.58
CA TRP J 2766 34.27 -131.32 -23.65
C TRP J 2766 35.61 -130.84 -23.10
N ALA J 2767 36.54 -131.76 -22.83
CA ALA J 2767 37.86 -131.37 -22.39
C ALA J 2767 38.67 -130.75 -23.53
N PHE J 2768 38.33 -131.07 -24.78
CA PHE J 2768 38.98 -130.46 -25.92
C PHE J 2768 38.55 -129.00 -26.10
N ASP J 2769 37.36 -128.65 -25.63
CA ASP J 2769 36.83 -127.31 -25.83
C ASP J 2769 37.20 -126.35 -24.72
N LYS J 2770 37.11 -126.79 -23.46
CA LYS J 2770 37.38 -125.92 -22.32
C LYS J 2770 38.85 -125.55 -22.17
N ILE J 2771 39.77 -126.49 -22.41
CA ILE J 2771 41.19 -126.26 -22.20
C ILE J 2771 41.75 -125.30 -23.24
N GLN J 2772 41.08 -125.14 -24.38
CA GLN J 2772 41.47 -124.15 -25.37
C GLN J 2772 41.27 -122.72 -24.88
N ASN J 2773 40.30 -122.50 -23.99
CA ASN J 2773 40.03 -121.19 -23.42
C ASN J 2773 40.68 -120.99 -22.06
N ASN J 2774 41.79 -121.71 -21.79
CA ASN J 2774 42.56 -121.64 -20.55
C ASN J 2774 41.72 -122.00 -19.33
N TRP J 2775 41.22 -123.24 -19.32
CA TRP J 2775 40.48 -123.78 -18.20
C TRP J 2775 41.46 -124.49 -17.26
N SER J 2776 41.54 -124.03 -16.02
CA SER J 2776 42.45 -124.63 -15.05
C SER J 2776 41.85 -125.92 -14.49
N TYR J 2777 42.65 -126.61 -13.68
CA TYR J 2777 42.23 -127.86 -13.06
C TYR J 2777 42.07 -127.65 -11.56
N GLY J 2778 40.84 -127.81 -11.07
CA GLY J 2778 40.57 -127.67 -9.66
C GLY J 2778 39.73 -128.83 -9.15
N GLU J 2779 39.93 -129.15 -7.88
CA GLU J 2779 39.12 -130.19 -7.23
C GLU J 2779 37.68 -129.73 -7.06
N ASN J 2780 37.47 -128.43 -6.82
CA ASN J 2780 36.16 -127.82 -6.86
C ASN J 2780 36.06 -126.97 -8.12
N VAL J 2781 34.95 -127.13 -8.82
CA VAL J 2781 34.73 -126.42 -10.08
C VAL J 2781 34.41 -124.97 -9.78
N ASP J 2782 35.36 -124.08 -10.09
CA ASP J 2782 35.21 -122.66 -9.87
C ASP J 2782 35.06 -121.95 -11.21
N GLU J 2783 34.20 -120.94 -11.25
CA GLU J 2783 33.95 -120.22 -12.50
C GLU J 2783 35.03 -119.18 -12.78
N GLU J 2784 35.53 -118.50 -11.76
CA GLU J 2784 36.61 -117.54 -11.96
C GLU J 2784 37.93 -118.24 -12.24
N LEU J 2785 38.08 -119.47 -11.75
CA LEU J 2785 39.26 -120.28 -12.04
C LEU J 2785 39.08 -121.15 -13.27
N LYS J 2786 37.86 -121.24 -13.81
CA LYS J 2786 37.50 -122.08 -14.95
C LYS J 2786 37.85 -123.55 -14.70
N THR J 2787 37.59 -124.03 -13.48
CA THR J 2787 37.99 -125.37 -13.09
C THR J 2787 37.03 -126.41 -13.64
N HIS J 2788 37.59 -127.50 -14.17
CA HIS J 2788 36.80 -128.62 -14.66
C HIS J 2788 37.30 -129.86 -13.96
N PRO J 2789 36.68 -130.26 -12.83
CA PRO J 2789 37.11 -131.48 -12.13
C PRO J 2789 36.75 -132.77 -12.85
N MET J 2790 35.93 -132.72 -13.89
CA MET J 2790 35.63 -133.87 -14.73
C MET J 2790 36.58 -133.97 -15.93
N LEU J 2791 37.80 -133.45 -15.79
CA LEU J 2791 38.79 -133.49 -16.86
C LEU J 2791 39.46 -134.86 -16.87
N ARG J 2792 38.68 -135.86 -17.29
CA ARG J 2792 39.15 -137.24 -17.38
C ARG J 2792 38.19 -137.98 -18.30
N PRO J 2793 38.51 -139.22 -18.64
CA PRO J 2793 37.61 -140.02 -19.48
C PRO J 2793 36.49 -140.63 -18.66
N TYR J 2794 35.53 -141.22 -19.37
CA TYR J 2794 34.46 -141.96 -18.72
C TYR J 2794 34.95 -143.31 -18.20
N LYS J 2795 36.02 -143.85 -18.77
CA LYS J 2795 36.66 -145.05 -18.24
C LYS J 2795 37.55 -144.76 -17.04
N THR J 2796 37.92 -143.50 -16.83
CA THR J 2796 38.60 -143.07 -15.62
C THR J 2796 37.64 -142.47 -14.61
N PHE J 2797 36.34 -142.54 -14.89
CA PHE J 2797 35.31 -142.03 -13.98
C PHE J 2797 34.57 -143.19 -13.31
N SER J 2798 34.21 -142.99 -12.05
CA SER J 2798 33.48 -143.97 -11.27
C SER J 2798 31.97 -143.75 -11.47
N GLU J 2799 31.17 -144.39 -10.61
CA GLU J 2799 29.73 -144.21 -10.69
C GLU J 2799 29.30 -142.85 -10.16
N LYS J 2800 30.17 -142.17 -9.41
CA LYS J 2800 29.90 -140.81 -8.96
C LYS J 2800 30.34 -139.76 -9.96
N ASP J 2801 31.22 -140.10 -10.91
CA ASP J 2801 31.70 -139.17 -11.90
C ASP J 2801 31.25 -139.51 -13.32
N LYS J 2802 30.51 -140.60 -13.51
CA LYS J 2802 29.86 -140.90 -14.78
C LYS J 2802 28.34 -140.88 -14.68
N GLU J 2803 27.79 -140.56 -13.50
CA GLU J 2803 26.34 -140.42 -13.34
C GLU J 2803 25.81 -139.19 -14.05
N ILE J 2804 26.66 -138.21 -14.35
CA ILE J 2804 26.24 -137.05 -15.13
C ILE J 2804 26.00 -137.39 -16.60
N TYR J 2805 26.53 -138.52 -17.08
CA TYR J 2805 26.34 -138.94 -18.46
C TYR J 2805 25.84 -140.38 -18.54
N ARG J 2806 25.08 -140.84 -17.56
CA ARG J 2806 24.57 -142.20 -17.55
C ARG J 2806 23.17 -142.27 -18.15
N TRP J 2807 22.23 -141.50 -17.59
CA TRP J 2807 20.84 -141.50 -18.04
C TRP J 2807 20.71 -140.82 -19.40
N PRO J 2808 21.57 -139.86 -19.73
CA PRO J 2808 21.39 -139.14 -21.00
C PRO J 2808 21.80 -139.94 -22.22
N ILE J 2809 22.88 -140.72 -22.15
CA ILE J 2809 23.30 -141.51 -23.29
C ILE J 2809 22.58 -142.86 -23.35
N LYS J 2810 21.80 -143.21 -22.33
CA LYS J 2810 21.01 -144.42 -22.33
C LYS J 2810 19.56 -144.19 -22.76
N GLU J 2811 18.99 -143.03 -22.42
CA GLU J 2811 17.64 -142.71 -22.86
C GLU J 2811 17.60 -142.30 -24.32
N SER J 2812 18.66 -141.64 -24.82
CA SER J 2812 18.71 -141.28 -26.22
C SER J 2812 18.89 -142.48 -27.12
N LEU J 2813 19.68 -143.46 -26.67
CA LEU J 2813 19.77 -144.74 -27.38
C LEU J 2813 18.48 -145.53 -27.29
N LYS J 2814 17.74 -145.38 -26.19
CA LYS J 2814 16.43 -146.01 -26.08
C LYS J 2814 15.38 -145.26 -26.91
N ALA J 2815 15.51 -143.94 -27.03
CA ALA J 2815 14.61 -143.19 -27.90
C ALA J 2815 14.94 -143.44 -29.37
N MET J 2816 16.20 -143.70 -29.69
CA MET J 2816 16.55 -144.09 -31.05
C MET J 2816 16.11 -145.52 -31.35
N ILE J 2817 16.03 -146.37 -30.33
CA ILE J 2817 15.58 -147.74 -30.55
C ILE J 2817 14.06 -147.83 -30.59
N ALA J 2818 13.36 -147.00 -29.80
CA ALA J 2818 11.90 -146.99 -29.83
C ALA J 2818 11.37 -146.34 -31.10
N TRP J 2819 12.15 -145.44 -31.71
CA TRP J 2819 11.75 -144.86 -32.99
C TRP J 2819 12.02 -145.84 -34.14
N GLU J 2820 13.20 -146.43 -34.18
CA GLU J 2820 13.54 -147.43 -35.18
C GLU J 2820 14.36 -148.51 -34.51
N TRP J 2821 13.82 -149.74 -34.47
CA TRP J 2821 14.44 -150.84 -33.71
C TRP J 2821 15.67 -151.35 -34.46
N THR J 2822 16.74 -150.57 -34.40
CA THR J 2822 18.03 -150.93 -35.00
C THR J 2822 19.11 -150.51 -34.00
N ILE J 2823 19.45 -151.43 -33.10
CA ILE J 2823 20.54 -151.24 -32.14
C ILE J 2823 21.44 -152.47 -32.24
N GLU J 2824 22.42 -152.43 -33.13
CA GLU J 2824 23.35 -153.52 -33.33
C GLU J 2824 24.59 -152.97 -34.01
N LYS J 2825 25.69 -153.70 -33.89
CA LYS J 2825 26.97 -153.30 -34.47
C LYS J 2825 27.07 -153.86 -35.88
N ALA J 2826 27.26 -152.98 -36.87
CA ALA J 2826 27.40 -153.37 -38.25
C ALA J 2826 28.64 -152.79 -38.90
N ARG J 2827 29.49 -152.11 -38.14
CA ARG J 2827 30.71 -151.50 -38.66
C ARG J 2827 31.74 -151.45 -37.54
N GLU J 2828 32.99 -151.17 -37.92
CA GLU J 2828 34.08 -151.12 -36.96
C GLU J 2828 34.03 -149.82 -36.16
N GLY J 2829 34.85 -149.76 -35.11
CA GLY J 2829 34.87 -148.58 -34.26
C GLY J 2829 35.58 -147.41 -34.93
N GLU J 2830 35.37 -146.24 -34.36
CA GLU J 2830 35.98 -145.01 -34.88
C GLU J 2830 36.23 -144.00 -33.77
N TYR J 2855 44.28 -133.45 -17.97
CA TYR J 2855 44.05 -134.32 -19.12
C TYR J 2855 43.47 -133.56 -20.29
N ASN J 2856 44.00 -133.81 -21.49
CA ASN J 2856 43.57 -133.17 -22.72
C ASN J 2856 42.88 -134.19 -23.61
N PRO J 2857 41.63 -134.53 -23.31
CA PRO J 2857 40.88 -135.48 -24.16
C PRO J 2857 40.44 -134.81 -25.44
N GLN J 2858 40.60 -135.50 -26.57
CA GLN J 2858 40.24 -134.96 -27.87
C GLN J 2858 39.26 -135.89 -28.57
N PRO J 2859 38.15 -135.38 -29.10
CA PRO J 2859 37.22 -136.26 -29.82
C PRO J 2859 37.72 -136.53 -31.23
N PRO J 2860 37.33 -137.67 -31.81
CA PRO J 2860 37.85 -138.04 -33.13
C PRO J 2860 37.13 -137.29 -34.24
N ASP J 2861 37.57 -137.57 -35.47
CA ASP J 2861 37.00 -136.96 -36.66
C ASP J 2861 35.67 -137.65 -36.97
N LEU J 2862 34.61 -137.26 -36.25
CA LEU J 2862 33.30 -137.83 -36.45
C LEU J 2862 32.58 -137.26 -37.67
N SER J 2863 33.08 -136.16 -38.23
CA SER J 2863 32.49 -135.55 -39.42
C SER J 2863 33.17 -136.01 -40.70
N GLY J 2864 33.70 -137.23 -40.72
CA GLY J 2864 34.30 -137.79 -41.92
C GLY J 2864 33.28 -138.12 -42.97
N VAL J 2865 32.13 -138.65 -42.54
CA VAL J 2865 31.01 -138.91 -43.42
C VAL J 2865 29.86 -138.00 -43.02
N THR J 2866 29.24 -137.34 -43.99
CA THR J 2866 28.14 -136.42 -43.72
C THR J 2866 26.82 -137.19 -43.60
N LEU J 2867 25.73 -136.43 -43.59
CA LEU J 2867 24.40 -137.02 -43.48
C LEU J 2867 23.80 -137.25 -44.86
N SER J 2868 23.35 -138.48 -45.10
CA SER J 2868 22.71 -138.86 -46.35
C SER J 2868 21.22 -138.56 -46.28
N ARG J 2869 20.43 -139.08 -47.22
CA ARG J 2869 18.98 -138.88 -47.18
C ARG J 2869 18.31 -139.62 -46.03
N GLU J 2870 18.90 -140.73 -45.57
CA GLU J 2870 18.38 -141.45 -44.42
C GLU J 2870 19.07 -141.07 -43.13
N LEU J 2871 20.27 -140.48 -43.21
CA LEU J 2871 20.97 -140.06 -42.01
C LEU J 2871 20.56 -138.67 -41.54
N GLN J 2872 20.28 -137.75 -42.46
CA GLN J 2872 19.80 -136.43 -42.07
C GLN J 2872 18.39 -136.48 -41.54
N ALA J 2873 17.55 -137.35 -42.09
CA ALA J 2873 16.21 -137.57 -41.56
C ALA J 2873 16.25 -138.23 -40.19
N MET J 2874 17.20 -139.14 -39.95
CA MET J 2874 17.38 -139.71 -38.63
C MET J 2874 17.99 -138.70 -37.66
N ALA J 2875 18.85 -137.81 -38.15
CA ALA J 2875 19.36 -136.72 -37.32
C ALA J 2875 18.27 -135.70 -37.04
N GLU J 2876 17.35 -135.53 -37.99
CA GLU J 2876 16.15 -134.75 -37.72
C GLU J 2876 15.21 -135.46 -36.76
N GLN J 2877 15.23 -136.80 -36.77
CA GLN J 2877 14.43 -137.56 -35.82
C GLN J 2877 15.06 -137.59 -34.44
N LEU J 2878 16.38 -137.37 -34.36
CA LEU J 2878 17.05 -137.38 -33.07
C LEU J 2878 16.95 -136.04 -32.34
N ALA J 2879 16.81 -134.95 -33.09
CA ALA J 2879 16.66 -133.64 -32.47
C ALA J 2879 15.25 -133.47 -31.90
N GLU J 2880 14.24 -133.91 -32.63
CA GLU J 2880 12.87 -133.81 -32.16
C GLU J 2880 12.59 -134.77 -31.01
N ASN J 2881 13.21 -135.95 -31.01
CA ASN J 2881 13.05 -136.88 -29.90
C ASN J 2881 13.76 -136.38 -28.65
N TYR J 2882 14.92 -135.73 -28.81
CA TYR J 2882 15.55 -135.04 -27.69
C TYR J 2882 14.74 -133.82 -27.26
N HIS J 2883 14.01 -133.22 -28.19
CA HIS J 2883 13.10 -132.14 -27.83
C HIS J 2883 11.79 -132.68 -27.28
N ASN J 2884 11.41 -133.91 -27.64
CA ASN J 2884 10.17 -134.48 -27.11
C ASN J 2884 10.34 -134.93 -25.66
N THR J 2885 11.45 -135.57 -25.33
CA THR J 2885 11.69 -136.03 -23.96
C THR J 2885 11.97 -134.87 -23.02
N TRP J 2886 12.78 -133.90 -23.45
CA TRP J 2886 13.02 -132.72 -22.63
C TRP J 2886 11.80 -131.80 -22.60
N GLY J 2887 11.00 -131.79 -23.67
CA GLY J 2887 9.80 -131.00 -23.67
C GLY J 2887 8.69 -131.57 -22.81
N ARG J 2888 8.57 -132.90 -22.79
CA ARG J 2888 7.64 -133.53 -21.85
C ARG J 2888 8.14 -133.42 -20.42
N LYS J 2889 9.46 -133.33 -20.23
CA LYS J 2889 10.01 -133.07 -18.91
C LYS J 2889 9.69 -131.66 -18.44
N LYS J 2890 9.65 -130.70 -19.35
CA LYS J 2890 9.30 -129.33 -18.99
C LYS J 2890 7.80 -129.20 -18.73
N LYS J 2891 6.98 -129.96 -19.45
CA LYS J 2891 5.53 -129.90 -19.24
C LYS J 2891 5.12 -130.61 -17.96
N GLN J 2892 5.98 -131.51 -17.45
CA GLN J 2892 5.68 -132.19 -16.20
C GLN J 2892 6.22 -131.43 -15.00
N GLU J 2893 7.39 -130.81 -15.14
CA GLU J 2893 8.02 -130.14 -14.00
C GLU J 2893 7.34 -128.83 -13.63
N LEU J 2894 7.07 -127.96 -14.62
CA LEU J 2894 6.46 -126.68 -14.34
C LEU J 2894 5.00 -126.81 -13.93
N GLU J 2895 4.32 -127.86 -14.38
CA GLU J 2895 2.96 -128.12 -13.92
C GLU J 2895 2.93 -128.64 -12.50
N ALA J 2896 3.98 -129.33 -12.06
CA ALA J 2896 4.05 -129.85 -10.70
C ALA J 2896 4.79 -128.88 -9.79
N LEU J 2905 8.53 -124.00 -24.10
CA LEU J 2905 7.60 -124.89 -24.78
C LEU J 2905 7.66 -124.69 -26.29
N VAL J 2906 8.84 -124.84 -26.86
CA VAL J 2906 9.05 -124.61 -28.30
C VAL J 2906 9.26 -125.94 -29.01
N PRO J 2907 8.53 -126.21 -30.08
CA PRO J 2907 8.74 -127.45 -30.83
C PRO J 2907 9.96 -127.36 -31.74
N TYR J 2908 10.17 -128.44 -32.50
CA TYR J 2908 11.35 -128.53 -33.35
C TYR J 2908 11.14 -127.93 -34.73
N ASP J 2909 10.02 -128.25 -35.39
CA ASP J 2909 9.80 -127.79 -36.76
C ASP J 2909 9.46 -126.30 -36.82
N THR J 2910 8.73 -125.81 -35.82
CA THR J 2910 8.41 -124.40 -35.71
C THR J 2910 9.35 -123.65 -34.78
N LEU J 2911 10.59 -124.12 -34.65
CA LEU J 2911 11.58 -123.46 -33.82
C LEU J 2911 12.11 -122.21 -34.50
N THR J 2912 12.85 -121.41 -33.74
CA THR J 2912 13.41 -120.17 -34.24
C THR J 2912 14.61 -120.44 -35.15
N ALA J 2913 15.11 -119.36 -35.76
CA ALA J 2913 16.37 -119.45 -36.48
C ALA J 2913 17.56 -119.48 -35.54
N LYS J 2914 17.37 -119.05 -34.29
CA LYS J 2914 18.45 -119.09 -33.31
C LYS J 2914 18.28 -120.26 -32.34
N GLU J 2915 17.03 -120.66 -32.07
CA GLU J 2915 16.80 -121.77 -31.14
C GLU J 2915 17.11 -123.12 -31.77
N LYS J 2916 16.87 -123.28 -33.08
CA LYS J 2916 17.17 -124.52 -33.76
C LYS J 2916 18.66 -124.69 -34.06
N ALA J 2917 19.46 -123.63 -33.89
CA ALA J 2917 20.89 -123.75 -34.10
C ALA J 2917 21.59 -124.40 -32.91
N ARG J 2918 21.03 -124.23 -31.71
CA ARG J 2918 21.61 -124.82 -30.51
C ARG J 2918 21.06 -126.20 -30.21
N ASP J 2919 19.86 -126.52 -30.70
CA ASP J 2919 19.26 -127.82 -30.44
C ASP J 2919 19.73 -128.88 -31.42
N ARG J 2920 20.10 -128.49 -32.64
CA ARG J 2920 20.54 -129.44 -33.65
C ARG J 2920 21.91 -130.03 -33.38
N GLU J 2921 22.73 -129.38 -32.55
CA GLU J 2921 24.04 -129.93 -32.21
C GLU J 2921 23.93 -131.08 -31.23
N LYS J 2922 22.78 -131.23 -30.57
CA LYS J 2922 22.54 -132.37 -29.69
C LYS J 2922 22.19 -133.63 -30.46
N ALA J 2923 21.84 -133.49 -31.75
CA ALA J 2923 21.52 -134.65 -32.57
C ALA J 2923 22.59 -134.94 -33.61
N GLN J 2924 23.23 -133.91 -34.15
CA GLN J 2924 24.28 -134.11 -35.14
C GLN J 2924 25.54 -134.67 -34.50
N GLU J 2925 25.75 -134.41 -33.21
CA GLU J 2925 26.85 -135.03 -32.49
C GLU J 2925 26.47 -136.39 -31.93
N LEU J 2926 25.18 -136.61 -31.66
CA LEU J 2926 24.75 -137.91 -31.14
C LEU J 2926 24.67 -138.96 -32.24
N LEU J 2927 24.21 -138.57 -33.44
CA LEU J 2927 24.20 -139.50 -34.57
C LEU J 2927 25.62 -139.77 -35.07
N LYS J 2928 26.54 -138.81 -34.88
CA LYS J 2928 27.94 -139.08 -35.15
C LYS J 2928 28.56 -139.95 -34.07
N PHE J 2929 28.06 -139.86 -32.84
CA PHE J 2929 28.50 -140.76 -31.77
C PHE J 2929 27.86 -142.13 -31.90
N LEU J 2930 26.63 -142.20 -32.41
CA LEU J 2930 26.00 -143.48 -32.68
C LEU J 2930 26.61 -144.17 -33.89
N GLN J 2931 27.16 -143.41 -34.84
CA GLN J 2931 27.73 -144.02 -36.04
C GLN J 2931 29.02 -144.79 -35.74
N MET J 2932 29.71 -144.44 -34.67
CA MET J 2932 30.84 -145.24 -34.22
C MET J 2932 30.35 -146.57 -33.65
N ASN J 2933 31.21 -147.59 -33.79
CA ASN J 2933 30.97 -148.98 -33.39
C ASN J 2933 29.75 -149.60 -34.07
N GLY J 2934 29.36 -149.07 -35.23
CA GLY J 2934 28.35 -149.69 -36.07
C GLY J 2934 26.90 -149.52 -35.63
N TYR J 2935 26.63 -148.78 -34.56
CA TYR J 2935 25.27 -148.68 -34.02
C TYR J 2935 24.48 -147.53 -34.64
N ALA J 2936 24.44 -147.47 -35.97
CA ALA J 2936 23.75 -146.40 -36.68
C ALA J 2936 22.29 -146.80 -36.86
N VAL J 2937 21.39 -146.14 -36.13
CA VAL J 2937 19.97 -146.43 -36.22
C VAL J 2937 19.45 -145.84 -37.51
N THR J 2938 19.29 -146.66 -38.54
CA THR J 2938 18.87 -146.23 -39.87
C THR J 2938 17.56 -146.93 -40.21
N ARG J 2939 16.49 -146.16 -40.33
CA ARG J 2939 15.18 -146.71 -40.66
C ARG J 2939 15.09 -147.09 -42.13
N ILE J 2951 7.68 -126.56 -53.37
CA ILE J 2951 6.80 -126.19 -52.26
C ILE J 2951 5.39 -125.88 -52.76
N GLU J 2952 5.32 -125.21 -53.90
CA GLU J 2952 4.04 -124.79 -54.47
C GLU J 2952 3.35 -125.92 -55.22
N LYS J 2953 4.12 -126.95 -55.56
CA LYS J 2953 3.58 -128.09 -56.29
C LYS J 2953 2.70 -128.95 -55.37
N ARG J 2954 2.98 -128.89 -54.08
CA ARG J 2954 2.18 -129.59 -53.09
C ARG J 2954 0.80 -128.96 -52.99
N PHE J 2955 0.77 -127.64 -53.15
CA PHE J 2955 -0.49 -126.91 -53.18
C PHE J 2955 -1.21 -127.21 -54.48
N ALA J 2956 -0.45 -127.34 -55.56
CA ALA J 2956 -1.01 -127.60 -56.88
C ALA J 2956 -1.55 -129.02 -56.98
N PHE J 2957 -0.95 -129.92 -56.21
CA PHE J 2957 -1.39 -131.31 -56.16
C PHE J 2957 -2.75 -131.41 -55.48
N GLY J 2958 -2.90 -130.68 -54.38
CA GLY J 2958 -4.18 -130.63 -53.68
C GLY J 2958 -5.20 -129.85 -54.48
N PHE J 2959 -4.71 -128.90 -55.29
CA PHE J 2959 -5.56 -128.09 -56.15
C PHE J 2959 -6.20 -128.94 -57.24
N LEU J 2960 -5.40 -129.82 -57.82
CA LEU J 2960 -5.91 -130.74 -58.83
C LEU J 2960 -6.77 -131.80 -58.16
N GLN J 2961 -6.44 -132.11 -56.91
CA GLN J 2961 -7.21 -133.06 -56.12
C GLN J 2961 -8.58 -132.49 -55.80
N GLN J 2962 -8.61 -131.19 -55.58
CA GLN J 2962 -9.87 -130.49 -55.36
C GLN J 2962 -10.60 -130.31 -56.68
N LEU J 2963 -9.85 -130.20 -57.77
CA LEU J 2963 -10.42 -129.99 -59.09
C LEU J 2963 -11.17 -131.22 -59.59
N LEU J 2964 -10.75 -132.39 -59.13
CA LEU J 2964 -11.39 -133.65 -59.50
C LEU J 2964 -12.73 -133.80 -58.79
N ARG J 2965 -12.73 -133.48 -57.49
CA ARG J 2965 -13.93 -133.59 -56.67
C ARG J 2965 -14.92 -132.48 -56.98
N TRP J 2966 -14.43 -131.39 -57.56
CA TRP J 2966 -15.28 -130.27 -57.95
C TRP J 2966 -16.16 -130.63 -59.13
N MET J 2967 -15.51 -131.12 -60.19
CA MET J 2967 -16.22 -131.52 -61.41
C MET J 2967 -17.07 -132.75 -61.19
N ASP J 2968 -16.69 -133.57 -60.20
CA ASP J 2968 -17.48 -134.71 -59.79
C ASP J 2968 -18.76 -134.24 -59.12
N ILE J 2969 -18.64 -133.21 -58.29
CA ILE J 2969 -19.79 -132.65 -57.61
C ILE J 2969 -20.59 -131.73 -58.52
N SER J 2970 -19.93 -131.19 -59.55
CA SER J 2970 -20.57 -130.30 -60.51
C SER J 2970 -21.54 -131.07 -61.38
N GLN J 2971 -21.20 -132.32 -61.67
CA GLN J 2971 -22.08 -133.19 -62.43
C GLN J 2971 -23.11 -133.82 -61.50
N GLU J 2972 -22.80 -133.83 -60.21
CA GLU J 2972 -23.72 -134.38 -59.21
C GLU J 2972 -24.90 -133.46 -59.01
N PHE J 2973 -24.67 -132.17 -59.22
CA PHE J 2973 -25.75 -131.17 -59.14
C PHE J 2973 -26.38 -130.99 -60.51
N ILE J 2974 -25.63 -131.33 -61.56
CA ILE J 2974 -26.14 -131.23 -62.92
C ILE J 2974 -27.14 -132.34 -63.21
N ALA J 2975 -26.98 -133.45 -62.48
CA ALA J 2975 -27.90 -134.58 -62.61
C ALA J 2975 -29.26 -134.23 -62.01
N HIS J 2976 -29.23 -133.49 -60.90
CA HIS J 2976 -30.45 -133.10 -60.22
C HIS J 2976 -31.15 -131.97 -60.98
N LYS J 2996 -21.43 -127.09 -48.38
CA LYS J 2996 -20.19 -127.32 -47.64
C LYS J 2996 -18.98 -127.15 -48.54
N PHE J 2997 -18.84 -128.07 -49.50
CA PHE J 2997 -17.71 -128.06 -50.41
C PHE J 2997 -17.83 -126.94 -51.45
N PHE J 2998 -19.07 -126.50 -51.70
CA PHE J 2998 -19.32 -125.43 -52.65
C PHE J 2998 -18.78 -124.11 -52.13
N ALA J 2999 -18.88 -123.92 -50.81
CA ALA J 2999 -18.31 -122.76 -50.16
C ALA J 2999 -16.79 -122.88 -50.15
N LYS J 3000 -16.33 -124.12 -50.02
CA LYS J 3000 -14.90 -124.42 -50.06
C LYS J 3000 -14.36 -124.23 -51.46
N ILE J 3001 -15.22 -124.48 -52.45
CA ILE J 3001 -14.89 -124.24 -53.84
C ILE J 3001 -14.80 -122.75 -54.10
N LEU J 3002 -15.66 -122.00 -53.42
CA LEU J 3002 -15.65 -120.55 -53.52
C LEU J 3002 -14.44 -120.01 -52.76
N LEU J 3003 -14.06 -120.71 -51.69
CA LEU J 3003 -12.90 -120.34 -50.90
C LEU J 3003 -11.61 -120.63 -51.66
N PRO J 3004 -11.65 -121.66 -52.49
CA PRO J 3004 -10.48 -122.06 -53.26
C PRO J 3004 -10.28 -121.17 -54.48
N LEU J 3005 -11.37 -120.84 -55.15
CA LEU J 3005 -11.33 -120.04 -56.38
C LEU J 3005 -10.87 -118.62 -56.12
N ILE J 3006 -11.18 -118.12 -54.93
CA ILE J 3006 -10.73 -116.80 -54.51
C ILE J 3006 -9.23 -116.84 -54.26
N ASN J 3007 -8.77 -117.95 -53.69
CA ASN J 3007 -7.34 -118.15 -53.47
C ASN J 3007 -6.66 -118.45 -54.80
N GLN J 3008 -7.41 -119.06 -55.72
CA GLN J 3008 -6.92 -119.34 -57.06
C GLN J 3008 -6.75 -118.04 -57.83
N TYR J 3009 -7.67 -117.11 -57.61
CA TYR J 3009 -7.59 -115.80 -58.23
C TYR J 3009 -6.51 -114.97 -57.51
N PHE J 3010 -6.24 -115.32 -56.27
CA PHE J 3010 -5.22 -114.66 -55.49
C PHE J 3010 -3.83 -115.06 -55.95
N THR J 3011 -3.60 -116.36 -56.05
CA THR J 3011 -2.28 -116.90 -56.38
C THR J 3011 -1.89 -116.63 -57.82
N ASN J 3012 -2.88 -116.54 -58.70
CA ASN J 3012 -2.64 -116.26 -60.12
C ASN J 3012 -2.16 -114.82 -60.29
N HIS J 3013 -2.72 -113.93 -59.47
CA HIS J 3013 -2.30 -112.54 -59.48
C HIS J 3013 -1.02 -112.37 -58.67
N CYS J 3014 -0.80 -113.29 -57.72
CA CYS J 3014 0.41 -113.26 -56.91
C CYS J 3014 1.59 -113.72 -57.75
N LEU J 3015 1.30 -114.58 -58.72
CA LEU J 3015 2.34 -115.09 -59.60
C LEU J 3015 2.79 -114.03 -60.59
N LEU J 3025 7.31 -129.02 -65.42
CA LEU J 3025 6.81 -129.86 -64.32
C LEU J 3025 5.59 -129.20 -63.68
N GLY J 3026 5.83 -128.08 -63.02
CA GLY J 3026 4.77 -127.35 -62.35
C GLY J 3026 3.89 -126.64 -63.37
N SER J 3027 4.46 -126.34 -64.54
CA SER J 3027 3.75 -125.66 -65.60
C SER J 3027 2.68 -126.56 -66.22
N GLY J 3028 2.94 -127.86 -66.18
CA GLY J 3028 2.00 -128.83 -66.71
C GLY J 3028 0.84 -129.01 -65.74
N GLY J 3029 1.15 -128.96 -64.44
CA GLY J 3029 0.17 -129.20 -63.38
C GLY J 3029 -0.89 -128.10 -63.35
N HIS J 3030 -0.46 -126.88 -63.64
CA HIS J 3030 -1.38 -125.76 -63.76
C HIS J 3030 -2.19 -125.91 -65.02
N ALA J 3031 -1.53 -126.40 -66.07
CA ALA J 3031 -2.18 -126.62 -67.36
C ALA J 3031 -3.15 -127.79 -67.28
N SER J 3032 -2.84 -128.72 -66.38
CA SER J 3032 -3.72 -129.85 -66.13
C SER J 3032 -5.00 -129.37 -65.45
N ASN J 3033 -4.84 -128.43 -64.53
CA ASN J 3033 -5.99 -127.84 -63.84
C ASN J 3033 -6.71 -126.87 -64.78
N LYS J 3034 -5.98 -126.32 -65.74
CA LYS J 3034 -6.54 -125.39 -66.70
C LYS J 3034 -7.52 -126.07 -67.64
N GLU J 3035 -7.22 -127.31 -67.99
CA GLU J 3035 -8.10 -128.08 -68.86
C GLU J 3035 -9.17 -128.79 -68.01
N LYS J 3036 -8.91 -128.91 -66.72
CA LYS J 3036 -9.84 -129.57 -65.81
C LYS J 3036 -11.07 -128.70 -65.55
N GLU J 3037 -10.84 -127.39 -65.45
CA GLU J 3037 -11.90 -126.46 -65.12
C GLU J 3037 -12.72 -126.10 -66.34
N MET J 3038 -12.12 -126.20 -67.52
CA MET J 3038 -12.76 -125.76 -68.76
C MET J 3038 -13.93 -126.66 -69.14
N ILE J 3039 -13.84 -127.94 -68.79
CA ILE J 3039 -14.90 -128.89 -69.10
C ILE J 3039 -16.05 -128.74 -68.11
N THR J 3040 -15.74 -128.19 -66.93
CA THR J 3040 -16.76 -127.94 -65.92
C THR J 3040 -17.64 -126.77 -66.32
N SER J 3041 -17.09 -125.90 -67.17
CA SER J 3041 -17.84 -124.78 -67.72
C SER J 3041 -18.63 -125.22 -68.94
N LEU J 3042 -18.20 -126.32 -69.55
CA LEU J 3042 -18.86 -126.85 -70.73
C LEU J 3042 -20.17 -127.53 -70.36
N LEU J 3049 -18.80 -116.84 -63.43
CA LEU J 3049 -18.34 -115.48 -63.21
C LEU J 3049 -17.14 -115.45 -62.26
N VAL J 3050 -17.34 -116.00 -61.07
CA VAL J 3050 -16.30 -116.07 -60.05
C VAL J 3050 -15.19 -117.00 -60.49
N ARG J 3051 -15.58 -118.11 -61.10
CA ARG J 3051 -14.63 -119.04 -61.66
C ARG J 3051 -14.10 -118.49 -62.97
N HIS J 3052 -14.94 -117.76 -63.68
CA HIS J 3052 -14.58 -117.20 -64.99
C HIS J 3052 -13.54 -116.10 -64.84
N ARG J 3053 -13.59 -115.39 -63.72
CA ARG J 3053 -12.58 -114.40 -63.40
C ARG J 3053 -11.27 -115.10 -63.09
N VAL J 3054 -11.37 -116.25 -62.41
CA VAL J 3054 -10.21 -117.07 -62.13
C VAL J 3054 -9.74 -117.73 -63.41
N SER J 3055 -10.68 -118.01 -64.31
CA SER J 3055 -10.36 -118.58 -65.61
C SER J 3055 -9.66 -117.54 -66.47
N LEU J 3056 -10.09 -116.30 -66.35
CA LEU J 3056 -9.46 -115.20 -67.07
C LEU J 3056 -8.09 -114.93 -66.48
N PHE J 3057 -7.95 -115.18 -65.18
CA PHE J 3057 -6.68 -115.05 -64.50
C PHE J 3057 -5.71 -116.14 -64.92
N GLY J 3058 -6.24 -117.36 -65.00
CA GLY J 3058 -5.43 -118.52 -65.36
C GLY J 3058 -5.04 -118.46 -66.83
N THR J 3059 -5.89 -117.84 -67.65
CA THR J 3059 -5.57 -117.64 -69.06
C THR J 3059 -4.54 -116.53 -69.18
N ASP J 3060 -4.53 -115.62 -68.20
CA ASP J 3060 -3.54 -114.56 -68.14
C ASP J 3060 -2.24 -115.08 -67.53
N ALA J 3061 -2.32 -116.24 -66.87
CA ALA J 3061 -1.13 -116.87 -66.31
C ALA J 3061 -0.31 -117.51 -67.42
N PRO J 3062 -0.97 -117.81 -68.53
CA PRO J 3062 -0.31 -118.36 -69.70
C PRO J 3062 0.51 -117.29 -70.42
N THR J 3141 -2.75 -132.02 -75.60
CA THR J 3141 -3.73 -132.38 -74.60
C THR J 3141 -4.87 -131.37 -74.57
N THR J 3142 -4.52 -130.10 -74.52
CA THR J 3142 -5.52 -129.02 -74.46
C THR J 3142 -6.03 -128.67 -75.84
N LEU J 3143 -5.35 -129.15 -76.87
CA LEU J 3143 -5.72 -128.87 -78.26
C LEU J 3143 -7.02 -129.57 -78.63
N PHE J 3144 -7.26 -130.72 -78.01
CA PHE J 3144 -8.51 -131.43 -78.19
C PHE J 3144 -9.62 -130.66 -77.50
N GLN J 3145 -9.30 -130.09 -76.34
CA GLN J 3145 -10.24 -129.27 -75.60
C GLN J 3145 -10.52 -127.98 -76.34
N HIS J 3146 -9.50 -127.49 -77.04
CA HIS J 3146 -9.61 -126.27 -77.83
C HIS J 3146 -10.47 -126.52 -79.07
N ILE J 3147 -10.24 -127.66 -79.71
CA ILE J 3147 -10.96 -128.00 -80.93
C ILE J 3147 -12.42 -128.33 -80.63
N ALA J 3148 -12.67 -128.93 -79.47
CA ALA J 3148 -14.02 -129.26 -79.04
C ALA J 3148 -14.78 -127.98 -78.71
N GLN J 3149 -14.05 -127.01 -78.19
CA GLN J 3149 -14.62 -125.70 -77.90
C GLN J 3149 -14.90 -124.96 -79.21
N HIS J 3150 -13.97 -125.11 -80.15
CA HIS J 3150 -14.09 -124.46 -81.45
C HIS J 3150 -15.21 -125.09 -82.26
N GLN J 3151 -15.44 -126.38 -82.04
CA GLN J 3151 -16.55 -127.07 -82.66
C GLN J 3151 -17.86 -126.64 -82.00
N PHE J 3152 -17.80 -126.41 -80.69
CA PHE J 3152 -18.96 -125.96 -79.93
C PHE J 3152 -19.27 -124.51 -80.27
N GLY J 3153 -18.23 -123.77 -80.64
CA GLY J 3153 -18.37 -122.37 -81.03
C GLY J 3153 -19.09 -122.26 -82.37
N ASP J 3154 -18.67 -123.07 -83.33
CA ASP J 3154 -19.24 -123.06 -84.66
C ASP J 3154 -20.67 -123.60 -84.63
N ASP J 3155 -20.92 -124.53 -83.72
CA ASP J 3155 -22.25 -125.08 -83.51
C ASP J 3155 -23.14 -124.02 -82.90
N VAL J 3156 -22.54 -123.21 -82.02
CA VAL J 3156 -23.23 -122.07 -81.44
C VAL J 3156 -23.40 -121.01 -82.51
N ILE J 3157 -22.43 -120.92 -83.42
CA ILE J 3157 -22.48 -119.98 -84.53
C ILE J 3157 -23.55 -120.41 -85.52
N LEU J 3158 -23.78 -121.72 -85.58
CA LEU J 3158 -24.89 -122.26 -86.38
C LEU J 3158 -26.20 -121.89 -85.69
N ASP J 3159 -26.19 -121.90 -84.36
CA ASP J 3159 -27.36 -121.52 -83.58
C ASP J 3159 -27.54 -120.01 -83.61
N ASP J 3160 -26.44 -119.29 -83.73
CA ASP J 3160 -26.47 -117.83 -83.81
C ASP J 3160 -27.01 -117.39 -85.16
N VAL J 3161 -26.69 -118.17 -86.19
CA VAL J 3161 -27.21 -117.93 -87.52
C VAL J 3161 -28.67 -118.36 -87.59
N GLN J 3162 -29.04 -119.31 -86.73
CA GLN J 3162 -30.42 -119.77 -86.65
C GLN J 3162 -31.29 -118.75 -85.94
N LEU J 3169 -26.26 -122.39 -73.19
CA LEU J 3169 -26.66 -122.01 -74.55
C LEU J 3169 -25.86 -120.79 -75.01
N CYS J 3170 -26.52 -119.64 -75.06
CA CYS J 3170 -25.89 -118.41 -75.50
C CYS J 3170 -25.00 -117.84 -74.40
N SER J 3171 -25.36 -118.12 -73.15
CA SER J 3171 -24.62 -117.60 -72.00
C SER J 3171 -23.32 -118.35 -71.80
N ILE J 3172 -23.35 -119.67 -72.02
CA ILE J 3172 -22.16 -120.50 -71.85
C ILE J 3172 -21.18 -120.31 -73.00
N TYR J 3173 -21.69 -119.78 -74.11
CA TYR J 3173 -20.87 -119.55 -75.30
C TYR J 3173 -20.25 -118.15 -75.30
N SER J 3174 -20.98 -117.17 -74.78
CA SER J 3174 -20.53 -115.78 -74.77
C SER J 3174 -19.37 -115.58 -73.80
N LEU J 3175 -19.37 -116.34 -72.70
CA LEU J 3175 -18.29 -116.29 -71.73
C LEU J 3175 -17.08 -117.03 -72.29
N GLY J 3176 -17.35 -118.01 -73.15
CA GLY J 3176 -16.30 -118.75 -73.83
C GLY J 3176 -15.75 -117.93 -74.99
N THR J 3177 -16.57 -117.01 -75.50
CA THR J 3177 -16.18 -116.18 -76.64
C THR J 3177 -15.18 -115.10 -76.24
N THR J 3178 -15.06 -114.84 -74.95
CA THR J 3178 -14.13 -113.84 -74.44
C THR J 3178 -12.91 -114.53 -73.82
N LYS J 3179 -13.13 -115.70 -73.24
CA LYS J 3179 -12.06 -116.46 -72.61
C LYS J 3179 -11.11 -117.02 -73.66
N ASN J 3180 -11.66 -117.31 -74.83
CA ASN J 3180 -10.85 -117.76 -75.96
C ASN J 3180 -10.05 -116.61 -76.52
N THR J 3181 -10.69 -115.45 -76.64
CA THR J 3181 -10.04 -114.25 -77.14
C THR J 3181 -9.02 -113.73 -76.14
N TYR J 3182 -9.24 -114.03 -74.86
CA TYR J 3182 -8.26 -113.78 -73.83
C TYR J 3182 -7.06 -114.68 -74.05
N VAL J 3183 -7.34 -115.94 -74.37
CA VAL J 3183 -6.29 -116.91 -74.62
C VAL J 3183 -5.59 -116.64 -75.94
N GLU J 3184 -6.35 -116.11 -76.91
CA GLU J 3184 -5.81 -115.84 -78.24
C GLU J 3184 -4.91 -114.60 -78.23
N LYS J 3185 -4.98 -113.82 -77.17
CA LYS J 3185 -4.07 -112.70 -76.97
C LYS J 3185 -2.99 -113.12 -75.98
N LEU J 3186 -3.26 -114.18 -75.22
CA LEU J 3186 -2.32 -114.66 -74.23
C LEU J 3186 -1.15 -115.39 -74.88
N ARG J 3187 -1.48 -116.27 -75.82
CA ARG J 3187 -0.48 -117.08 -76.49
C ARG J 3187 0.38 -116.28 -77.45
N PRO J 3188 -0.13 -115.12 -77.87
CA PRO J 3188 0.61 -114.22 -78.74
C PRO J 3188 1.74 -113.53 -77.98
N ALA J 3189 1.59 -113.45 -76.67
CA ALA J 3189 2.61 -112.87 -75.82
C ALA J 3189 3.75 -113.86 -75.61
N ALA J 3198 -5.40 -127.52 -84.58
CA ALA J 3198 -6.81 -127.17 -84.73
C ALA J 3198 -6.95 -125.83 -85.44
N ALA J 3199 -6.10 -125.61 -86.44
CA ALA J 3199 -6.10 -124.36 -87.20
C ALA J 3199 -7.33 -124.25 -88.09
N ALA J 3200 -7.82 -125.39 -88.54
CA ALA J 3200 -8.99 -125.43 -89.40
C ALA J 3200 -10.26 -125.12 -88.61
N MET J 3201 -10.29 -125.57 -87.36
CA MET J 3201 -11.44 -125.35 -86.49
C MET J 3201 -11.56 -123.88 -86.13
N PRO J 3202 -10.41 -123.22 -86.05
CA PRO J 3202 -10.38 -121.78 -85.87
C PRO J 3202 -10.81 -121.09 -87.15
N VAL J 3203 -10.39 -121.65 -88.28
CA VAL J 3203 -10.72 -121.12 -89.60
C VAL J 3203 -12.18 -121.36 -89.92
N ALA J 3204 -12.74 -122.41 -89.33
CA ALA J 3204 -14.16 -122.73 -89.50
C ALA J 3204 -15.02 -121.69 -88.80
N PHE J 3205 -14.56 -121.26 -87.64
CA PHE J 3205 -15.28 -120.25 -86.87
C PHE J 3205 -15.13 -118.88 -87.52
N LEU J 3206 -14.03 -118.69 -88.23
CA LEU J 3206 -13.74 -117.43 -88.92
C LEU J 3206 -14.71 -117.20 -90.06
N GLU J 3207 -15.04 -118.28 -90.77
CA GLU J 3207 -16.02 -118.22 -91.85
C GLU J 3207 -17.41 -118.05 -91.26
N PRO J 3208 -17.61 -118.63 -90.09
CA PRO J 3208 -18.87 -118.50 -89.36
C PRO J 3208 -19.02 -117.08 -88.84
N GLN J 3209 -17.88 -116.47 -88.51
CA GLN J 3209 -17.85 -115.07 -88.10
C GLN J 3209 -18.10 -114.18 -89.30
N LEU J 3210 -17.63 -114.63 -90.46
CA LEU J 3210 -17.81 -113.89 -91.69
C LEU J 3210 -19.22 -114.11 -92.23
N ASN J 3211 -19.88 -115.16 -91.76
CA ASN J 3211 -21.22 -115.51 -92.22
C ASN J 3211 -22.27 -114.53 -91.71
N GLU J 3212 -22.44 -114.48 -90.39
CA GLU J 3212 -23.46 -113.63 -89.79
C GLU J 3212 -23.09 -112.16 -89.87
N THR J 3221 -24.62 -108.58 -80.28
CA THR J 3221 -23.27 -109.06 -79.98
C THR J 3221 -22.40 -109.05 -81.23
N LYS J 3222 -22.59 -108.03 -82.07
CA LYS J 3222 -21.84 -107.91 -83.31
C LYS J 3222 -20.41 -107.48 -83.05
N SER J 3223 -20.23 -106.57 -82.09
CA SER J 3223 -18.90 -106.06 -81.73
C SER J 3223 -18.09 -107.13 -81.01
N PRO J 3224 -18.76 -107.96 -80.22
CA PRO J 3224 -18.12 -109.06 -79.52
C PRO J 3224 -17.71 -110.12 -80.54
N ARG J 3225 -18.52 -110.24 -81.59
CA ARG J 3225 -18.20 -111.10 -82.72
C ARG J 3225 -17.05 -110.49 -83.51
N GLU J 3226 -16.96 -109.16 -83.48
CA GLU J 3226 -15.87 -108.45 -84.12
C GLU J 3226 -14.64 -108.46 -83.24
N ARG J 3227 -14.85 -108.72 -81.95
CA ARG J 3227 -13.79 -108.65 -80.95
C ARG J 3227 -12.79 -109.79 -81.07
N ALA J 3228 -13.31 -111.02 -81.04
CA ALA J 3228 -12.45 -112.20 -81.05
C ALA J 3228 -11.92 -112.51 -82.45
N ILE J 3229 -12.46 -111.81 -83.45
CA ILE J 3229 -12.11 -112.04 -84.85
C ILE J 3229 -10.66 -111.69 -85.17
N LEU J 3230 -10.20 -110.55 -84.66
CA LEU J 3230 -8.83 -110.11 -84.90
C LEU J 3230 -7.85 -110.87 -84.01
N GLY J 3231 -8.37 -111.52 -82.98
CA GLY J 3231 -7.54 -112.28 -82.05
C GLY J 3231 -7.03 -113.57 -82.69
N VAL J 3269 -4.89 -113.86 -96.98
CA VAL J 3269 -3.88 -113.50 -97.97
C VAL J 3269 -4.53 -112.72 -99.12
N ILE J 3270 -4.70 -113.40 -100.25
CA ILE J 3270 -5.32 -112.79 -101.42
C ILE J 3270 -6.81 -112.60 -101.21
N GLU J 3271 -7.40 -113.50 -100.41
CA GLU J 3271 -8.80 -113.40 -100.03
C GLU J 3271 -9.00 -112.20 -99.11
N ILE J 3272 -7.97 -111.90 -98.33
CA ILE J 3272 -7.96 -110.70 -97.52
C ILE J 3272 -7.66 -109.48 -98.37
N THR J 3273 -6.82 -109.67 -99.39
CA THR J 3273 -6.40 -108.58 -100.26
C THR J 3273 -7.53 -108.07 -101.13
N LEU J 3274 -8.40 -108.99 -101.54
CA LEU J 3274 -9.57 -108.62 -102.34
C LEU J 3274 -10.56 -107.89 -101.47
N PRO J 3275 -10.66 -108.32 -100.22
CA PRO J 3275 -11.56 -107.69 -99.26
C PRO J 3275 -10.99 -106.35 -98.80
N MET J 3276 -9.68 -106.21 -98.90
CA MET J 3276 -8.99 -104.97 -98.52
C MET J 3276 -9.36 -103.85 -99.48
N LEU J 3277 -9.40 -104.17 -100.77
CA LEU J 3277 -9.76 -103.19 -101.78
C LEU J 3277 -11.27 -103.00 -101.80
N CYS J 3278 -12.00 -104.00 -101.32
CA CYS J 3278 -13.46 -103.97 -101.28
C CYS J 3278 -13.97 -102.95 -100.28
N SER J 3279 -13.38 -102.97 -99.09
CA SER J 3279 -13.72 -102.00 -98.05
C SER J 3279 -13.17 -100.64 -98.44
N TYR J 3280 -12.08 -100.63 -99.19
CA TYR J 3280 -11.49 -99.40 -99.72
C TYR J 3280 -12.43 -98.76 -100.73
N LEU J 3281 -13.14 -99.61 -101.47
CA LEU J 3281 -14.17 -99.15 -102.39
C LEU J 3281 -15.39 -98.70 -101.59
N PRO J 3282 -15.63 -99.38 -100.47
CA PRO J 3282 -16.74 -99.04 -99.59
C PRO J 3282 -16.46 -97.73 -98.89
N ARG J 3283 -15.19 -97.47 -98.62
CA ARG J 3283 -14.76 -96.21 -98.03
C ARG J 3283 -14.72 -95.15 -99.11
N TRP J 3284 -14.59 -95.58 -100.36
CA TRP J 3284 -14.67 -94.67 -101.49
C TRP J 3284 -16.12 -94.28 -101.74
N TRP J 3285 -17.03 -95.15 -101.28
CA TRP J 3285 -18.45 -94.88 -101.36
C TRP J 3285 -18.88 -93.91 -100.26
N PRO J 3293 -22.36 -103.02 -90.38
CA PRO J 3293 -22.07 -103.81 -89.19
C PRO J 3293 -20.91 -104.77 -89.45
N PRO J 3294 -21.00 -105.48 -90.57
CA PRO J 3294 -19.94 -106.41 -90.96
C PRO J 3294 -18.76 -105.65 -91.53
N ALA J 3295 -19.01 -104.41 -91.94
CA ALA J 3295 -17.97 -103.53 -92.44
C ALA J 3295 -17.00 -103.15 -91.33
N LEU J 3296 -17.51 -103.06 -90.11
CA LEU J 3296 -16.68 -102.75 -88.95
C LEU J 3296 -15.95 -104.00 -88.46
N PRO J 3297 -16.57 -105.16 -88.65
CA PRO J 3297 -16.03 -106.42 -88.17
C PRO J 3297 -14.90 -106.92 -89.07
N ALA J 3298 -15.04 -106.68 -90.36
CA ALA J 3298 -14.08 -107.18 -91.34
C ALA J 3298 -12.75 -106.43 -91.26
N GLY J 3299 -12.80 -105.18 -90.85
CA GLY J 3299 -11.61 -104.35 -90.77
C GLY J 3299 -10.75 -104.67 -89.55
N ALA J 3300 -11.34 -105.38 -88.60
CA ALA J 3300 -10.67 -105.72 -87.35
C ALA J 3300 -9.53 -106.70 -87.57
N PRO J 3301 -9.83 -107.83 -88.19
CA PRO J 3301 -8.83 -108.87 -88.44
C PRO J 3301 -7.88 -108.44 -89.54
N PRO J 3302 -8.35 -107.53 -90.40
CA PRO J 3302 -7.53 -106.99 -91.49
C PRO J 3302 -6.41 -106.14 -90.92
N PRO J 3303 -6.71 -105.47 -89.81
CA PRO J 3303 -5.71 -104.68 -89.10
C PRO J 3303 -4.78 -105.62 -88.34
N CYS J 3304 -5.29 -106.79 -87.99
CA CYS J 3304 -4.51 -107.78 -87.28
C CYS J 3304 -3.61 -108.57 -88.22
N THR J 3305 -3.97 -108.57 -89.51
CA THR J 3305 -3.25 -109.35 -90.50
C THR J 3305 -2.08 -108.58 -91.09
N ALA J 3306 -2.30 -107.30 -91.38
CA ALA J 3306 -1.26 -106.46 -91.96
C ALA J 3306 -0.17 -106.16 -90.94
N VAL J 3307 -0.56 -106.18 -89.67
CA VAL J 3307 0.39 -105.96 -88.58
C VAL J 3307 1.26 -107.19 -88.34
N THR J 3308 0.77 -108.35 -88.78
CA THR J 3308 1.50 -109.60 -88.61
C THR J 3308 2.70 -109.67 -89.55
N SER J 3309 2.64 -108.90 -90.64
CA SER J 3309 3.72 -108.85 -91.61
C SER J 3309 4.92 -108.10 -91.04
N LEU J 3316 3.49 -102.67 -96.47
CA LEU J 3316 3.93 -101.36 -95.98
C LEU J 3316 2.97 -100.27 -96.44
N GLY J 3317 2.85 -100.13 -97.76
CA GLY J 3317 1.92 -99.17 -98.34
C GLY J 3317 0.49 -99.71 -98.27
N ASN J 3318 0.39 -101.02 -98.08
CA ASN J 3318 -0.90 -101.69 -97.90
C ASN J 3318 -1.56 -101.22 -96.62
N ILE J 3319 -0.75 -101.05 -95.58
CA ILE J 3319 -1.24 -100.54 -94.30
C ILE J 3319 -1.49 -99.04 -94.42
N LEU J 3320 -0.75 -98.40 -95.32
CA LEU J 3320 -0.92 -96.97 -95.56
C LEU J 3320 -2.21 -96.70 -96.32
N ARG J 3321 -2.64 -97.69 -97.09
CA ARG J 3321 -3.91 -97.61 -97.80
C ARG J 3321 -5.06 -97.90 -96.85
N ILE J 3322 -4.82 -98.80 -95.91
CA ILE J 3322 -5.84 -99.22 -94.95
C ILE J 3322 -6.19 -98.09 -93.98
N ILE J 3323 -5.18 -97.30 -93.65
CA ILE J 3323 -5.36 -96.16 -92.75
C ILE J 3323 -6.16 -95.07 -93.45
N VAL J 3324 -5.86 -94.87 -94.73
CA VAL J 3324 -6.57 -93.88 -95.54
C VAL J 3324 -7.99 -94.34 -95.81
N ASN J 3325 -8.17 -95.66 -95.83
CA ASN J 3325 -9.50 -96.25 -95.93
C ASN J 3325 -10.25 -96.04 -94.63
N ASN J 3326 -9.50 -96.14 -93.53
CA ASN J 3326 -10.08 -95.92 -92.21
C ASN J 3326 -10.31 -94.43 -91.96
N LEU J 3327 -9.55 -93.61 -92.67
CA LEU J 3327 -9.65 -92.15 -92.52
C LEU J 3327 -10.95 -91.63 -93.10
N GLY J 3328 -11.26 -92.03 -94.32
CA GLY J 3328 -12.45 -91.55 -95.01
C GLY J 3328 -13.72 -92.10 -94.40
N ILE J 3329 -13.62 -93.26 -93.77
CA ILE J 3329 -14.77 -93.90 -93.13
C ILE J 3329 -15.22 -93.10 -91.92
N ASP J 3330 -14.24 -92.50 -91.24
CA ASP J 3330 -14.53 -91.66 -90.09
C ASP J 3330 -14.79 -90.23 -90.55
N GLU J 3331 -14.23 -89.87 -91.70
CA GLU J 3331 -14.45 -88.55 -92.28
C GLU J 3331 -15.89 -88.44 -92.75
N ALA J 3332 -16.43 -89.57 -93.20
CA ALA J 3332 -17.84 -89.65 -93.52
C ALA J 3332 -18.65 -89.66 -92.23
N THR J 3333 -18.18 -90.43 -91.25
CA THR J 3333 -18.86 -90.54 -89.97
C THR J 3333 -18.65 -89.28 -89.14
N VAL J 3340 -21.00 -94.79 -80.99
CA VAL J 3340 -21.00 -95.73 -82.10
C VAL J 3340 -19.96 -96.82 -81.89
N PHE J 3341 -19.54 -97.43 -82.99
CA PHE J 3341 -18.50 -98.46 -82.93
C PHE J 3341 -17.17 -97.85 -83.38
N ALA J 3342 -17.03 -96.55 -83.19
CA ALA J 3342 -15.80 -95.85 -83.54
C ALA J 3342 -14.74 -96.07 -82.47
N GLN J 3343 -15.18 -96.48 -81.28
CA GLN J 3343 -14.28 -96.69 -80.14
C GLN J 3343 -13.36 -97.87 -80.37
N PRO J 3344 -13.94 -99.02 -80.73
CA PRO J 3344 -13.16 -100.21 -81.02
C PRO J 3344 -12.46 -100.07 -82.37
N ILE J 3345 -12.99 -99.19 -83.21
CA ILE J 3345 -12.36 -98.85 -84.47
C ILE J 3345 -11.07 -98.09 -84.20
N VAL J 3346 -11.11 -97.23 -83.17
CA VAL J 3346 -9.95 -96.44 -82.80
C VAL J 3346 -8.94 -97.30 -82.04
N SER J 3347 -9.40 -98.44 -81.51
CA SER J 3347 -8.55 -99.33 -80.74
C SER J 3347 -7.50 -100.00 -81.62
N ARG J 3348 -7.85 -100.23 -82.87
CA ARG J 3348 -6.92 -100.82 -83.82
C ARG J 3348 -6.17 -99.73 -84.57
N ALA J 3349 -6.65 -98.50 -84.44
CA ALA J 3349 -6.08 -97.36 -85.19
C ALA J 3349 -4.69 -97.00 -84.67
N ARG J 3350 -4.55 -96.96 -83.35
CA ARG J 3350 -3.28 -96.62 -82.74
C ARG J 3350 -2.36 -97.83 -82.68
N PRO J 3351 -2.92 -99.01 -82.98
CA PRO J 3351 -2.16 -100.25 -82.93
C PRO J 3351 -1.11 -100.33 -84.03
N GLU J 3352 -1.38 -99.69 -85.16
CA GLU J 3352 -0.47 -99.77 -86.30
C GLU J 3352 -0.41 -98.47 -87.10
N LEU J 3353 -0.02 -97.39 -86.43
CA LEU J 3353 0.21 -96.12 -87.11
C LEU J 3353 1.71 -95.90 -87.26
N LEU J 3354 2.43 -97.01 -87.39
CA LEU J 3354 3.89 -96.99 -87.45
C LEU J 3354 4.40 -96.39 -88.77
N HIS J 3355 4.44 -97.22 -89.80
CA HIS J 3355 4.96 -96.79 -91.10
C HIS J 3355 3.97 -95.87 -91.81
N ILE J 3359 5.66 -89.01 -96.55
CA ILE J 3359 5.11 -89.55 -97.78
C ILE J 3359 3.70 -90.09 -97.52
N PRO J 3360 3.64 -91.25 -96.88
CA PRO J 3360 2.37 -91.84 -96.49
C PRO J 3360 1.76 -91.00 -95.38
N THR J 3361 2.62 -90.43 -94.56
CA THR J 3361 2.21 -89.48 -93.54
C THR J 3361 1.74 -88.19 -94.19
N ILE J 3362 2.38 -87.81 -95.28
CA ILE J 3362 2.05 -86.57 -95.99
C ILE J 3362 0.69 -86.68 -96.65
N GLY J 3363 0.37 -87.88 -97.13
CA GLY J 3363 -0.94 -88.15 -97.69
C GLY J 3363 -1.95 -88.15 -96.56
N ARG J 3364 -1.52 -88.64 -95.41
CA ARG J 3364 -2.35 -88.61 -94.21
C ARG J 3364 -2.44 -87.18 -93.69
N LEU J 3365 -1.40 -86.40 -93.94
CA LEU J 3365 -1.38 -85.00 -93.52
C LEU J 3365 -2.39 -84.19 -94.31
N ARG J 3366 -2.44 -84.44 -95.61
CA ARG J 3366 -3.39 -83.76 -96.49
C ARG J 3366 -4.80 -84.23 -96.20
N LYS J 3367 -4.92 -85.47 -95.74
CA LYS J 3367 -6.22 -86.04 -95.39
C LYS J 3367 -6.73 -85.49 -94.07
N ARG J 3368 -5.87 -85.50 -93.05
CA ARG J 3368 -6.28 -85.13 -91.70
C ARG J 3368 -6.42 -83.63 -91.52
N ALA J 3369 -5.82 -82.84 -92.41
CA ALA J 3369 -5.95 -81.39 -92.34
C ALA J 3369 -7.36 -80.98 -92.69
N GLY J 3370 -7.97 -81.76 -93.59
CA GLY J 3370 -9.36 -81.56 -93.95
C GLY J 3370 -10.25 -82.06 -92.81
N LYS J 3371 -9.77 -83.09 -92.12
CA LYS J 3371 -10.52 -83.68 -91.03
C LYS J 3371 -10.58 -82.73 -89.85
N VAL J 3372 -9.50 -81.99 -89.63
CA VAL J 3372 -9.43 -81.05 -88.53
C VAL J 3372 -10.27 -79.81 -88.82
N VAL J 3373 -10.22 -79.35 -90.07
CA VAL J 3373 -10.91 -78.13 -90.47
C VAL J 3373 -12.42 -78.33 -90.46
N ALA J 3374 -12.86 -79.54 -90.78
CA ALA J 3374 -14.27 -79.89 -90.72
C ALA J 3374 -14.71 -79.94 -89.28
N GLU J 3375 -13.81 -80.39 -88.41
CA GLU J 3375 -14.07 -80.41 -86.98
C GLU J 3375 -13.99 -78.98 -86.45
N GLU J 3376 -13.14 -78.17 -87.07
CA GLU J 3376 -12.98 -76.77 -86.68
C GLU J 3376 -14.23 -75.98 -87.01
N GLU J 3377 -14.83 -76.29 -88.16
CA GLU J 3377 -16.07 -75.65 -88.57
C GLU J 3377 -17.22 -76.13 -87.70
N GLN J 3378 -17.15 -77.38 -87.29
CA GLN J 3378 -18.15 -77.96 -86.40
C GLN J 3378 -18.02 -77.39 -85.00
N LEU J 3379 -16.78 -77.05 -84.64
CA LEU J 3379 -16.52 -76.44 -83.34
C LEU J 3379 -16.99 -75.00 -83.34
N ARG J 3380 -16.75 -74.31 -84.45
CA ARG J 3380 -17.11 -72.90 -84.58
C ARG J 3380 -18.62 -72.73 -84.65
N LEU J 3381 -19.29 -73.73 -85.22
CA LEU J 3381 -20.75 -73.73 -85.31
C LEU J 3381 -21.36 -73.90 -83.93
N GLU J 3382 -20.76 -74.76 -83.12
CA GLU J 3382 -21.20 -74.97 -81.75
C GLU J 3382 -20.81 -73.76 -80.90
N ALA J 3383 -19.72 -73.10 -81.28
CA ALA J 3383 -19.28 -71.89 -80.61
C ALA J 3383 -20.26 -70.77 -80.92
N LYS J 3384 -20.75 -70.76 -82.17
CA LYS J 3384 -21.76 -69.80 -82.59
C LYS J 3384 -23.09 -70.15 -81.91
N ALA J 3385 -23.28 -71.44 -81.67
CA ALA J 3385 -24.45 -71.92 -80.94
C ALA J 3385 -24.31 -71.55 -79.47
N GLU J 3386 -23.07 -71.51 -79.01
CA GLU J 3386 -22.79 -71.11 -77.64
C GLU J 3386 -22.94 -69.59 -77.49
N ALA J 3387 -22.72 -68.88 -78.59
CA ALA J 3387 -22.86 -67.44 -78.61
C ALA J 3387 -24.33 -67.03 -78.49
N GLU J 3388 -25.22 -67.89 -78.98
CA GLU J 3388 -26.65 -67.65 -78.89
C GLU J 3388 -27.18 -68.02 -77.51
N ARG J 3395 -34.98 -76.75 -74.70
CA ARG J 3395 -34.40 -75.51 -75.20
C ARG J 3395 -33.25 -75.79 -76.16
N ASP J 3396 -32.64 -74.74 -76.68
CA ASP J 3396 -31.52 -74.87 -77.60
C ASP J 3396 -30.21 -75.00 -76.83
N GLU J 3397 -30.26 -74.75 -75.52
CA GLU J 3397 -29.09 -74.85 -74.66
C GLU J 3397 -28.68 -76.32 -74.48
N PHE J 3398 -29.67 -77.16 -74.25
CA PHE J 3398 -29.44 -78.60 -74.08
C PHE J 3398 -29.07 -79.25 -75.40
N SER J 3399 -29.61 -78.71 -76.49
CA SER J 3399 -29.34 -79.23 -77.83
C SER J 3399 -27.91 -78.88 -78.25
N VAL J 3400 -27.47 -77.69 -77.86
CA VAL J 3400 -26.10 -77.26 -78.14
C VAL J 3400 -25.14 -78.06 -77.27
N LEU J 3401 -25.59 -78.40 -76.07
CA LEU J 3401 -24.82 -79.23 -75.16
C LEU J 3401 -24.72 -80.65 -75.70
N CYS J 3402 -25.78 -81.10 -76.37
CA CYS J 3402 -25.80 -82.43 -76.98
C CYS J 3402 -24.93 -82.44 -78.22
N ARG J 3403 -24.97 -81.35 -78.98
CA ARG J 3403 -24.23 -81.25 -80.23
C ARG J 3403 -22.74 -81.15 -79.97
N ASP J 3404 -22.38 -80.46 -78.88
CA ASP J 3404 -21.00 -80.34 -78.47
C ASP J 3404 -20.50 -81.68 -77.95
N LEU J 3405 -21.40 -82.43 -77.32
CA LEU J 3405 -21.08 -83.74 -76.78
C LEU J 3405 -20.78 -84.72 -77.92
N TYR J 3406 -21.56 -84.62 -78.99
CA TYR J 3406 -21.34 -85.43 -80.18
C TYR J 3406 -20.07 -84.97 -80.86
N ALA J 3407 -19.82 -83.67 -80.81
CA ALA J 3407 -18.61 -83.10 -81.39
C ALA J 3407 -17.40 -83.52 -80.57
N LEU J 3408 -17.58 -83.64 -79.27
CA LEU J 3408 -16.51 -84.10 -78.39
C LEU J 3408 -16.29 -85.59 -78.58
N TYR J 3409 -17.37 -86.30 -78.92
CA TYR J 3409 -17.30 -87.73 -79.17
C TYR J 3409 -16.50 -88.00 -80.43
N PRO J 3410 -16.72 -87.15 -81.44
CA PRO J 3410 -16.01 -87.27 -82.70
C PRO J 3410 -14.56 -86.85 -82.54
N LEU J 3411 -14.33 -85.89 -81.65
CA LEU J 3411 -12.99 -85.36 -81.42
C LEU J 3411 -12.12 -86.36 -80.66
N LEU J 3412 -12.78 -87.29 -79.96
CA LEU J 3412 -12.09 -88.29 -79.18
C LEU J 3412 -11.32 -89.26 -80.07
N ILE J 3413 -11.99 -89.77 -81.10
CA ILE J 3413 -11.34 -90.68 -82.02
C ILE J 3413 -10.47 -89.91 -83.00
N ARG J 3414 -10.72 -88.61 -83.12
CA ARG J 3414 -9.96 -87.77 -84.04
C ARG J 3414 -8.54 -87.54 -83.55
N TYR J 3415 -8.39 -87.16 -82.29
CA TYR J 3415 -7.08 -86.82 -81.75
C TYR J 3415 -6.25 -88.05 -81.43
N VAL J 3416 -6.89 -89.22 -81.35
CA VAL J 3416 -6.23 -90.45 -80.95
C VAL J 3416 -5.22 -90.94 -81.97
N ASP J 3417 -5.52 -90.70 -83.24
CA ASP J 3417 -4.59 -91.07 -84.30
C ASP J 3417 -3.66 -89.89 -84.58
N ASN J 3418 -4.07 -88.71 -84.12
CA ASN J 3418 -3.29 -87.50 -84.34
C ASN J 3418 -2.02 -87.49 -83.51
N ASN J 3419 -2.06 -88.22 -82.39
CA ASN J 3419 -0.92 -88.28 -81.47
C ASN J 3419 0.22 -89.12 -82.04
N ARG J 3420 -0.10 -90.34 -82.44
CA ARG J 3420 0.92 -91.27 -82.92
C ARG J 3420 1.49 -90.84 -84.27
N ALA J 3421 0.68 -90.12 -85.04
CA ALA J 3421 1.13 -89.59 -86.32
C ALA J 3421 2.10 -88.45 -86.08
N HIS J 3422 1.92 -87.76 -84.96
CA HIS J 3422 2.80 -86.65 -84.57
C HIS J 3422 4.12 -87.20 -84.01
N TRP J 3423 4.13 -88.48 -83.68
CA TRP J 3423 5.33 -89.13 -83.17
C TRP J 3423 6.31 -89.49 -84.31
N LEU J 3424 5.88 -89.27 -85.54
CA LEU J 3424 6.75 -89.47 -86.69
C LEU J 3424 6.98 -88.15 -87.42
N THR J 3425 6.04 -87.21 -87.27
CA THR J 3425 6.12 -85.92 -87.93
C THR J 3425 7.24 -85.07 -87.35
N GLU J 3426 7.33 -85.06 -86.03
CA GLU J 3426 8.39 -84.34 -85.34
C GLU J 3426 9.70 -85.11 -85.48
N PRO J 3427 9.57 -86.42 -85.67
CA PRO J 3427 10.72 -87.27 -85.93
C PRO J 3427 11.29 -86.91 -87.30
N ASN J 3428 10.40 -86.71 -88.26
CA ASN J 3428 10.81 -86.30 -89.60
C ASN J 3428 11.13 -84.81 -89.60
N ALA J 3429 10.09 -84.00 -89.66
CA ALA J 3429 10.24 -82.56 -89.74
C ALA J 3429 10.65 -81.96 -88.41
N ASN J 3430 11.93 -81.61 -88.30
CA ASN J 3430 12.45 -80.95 -87.11
C ASN J 3430 13.70 -80.18 -87.48
N PHE J 3435 5.68 -76.82 -92.03
CA PHE J 3435 5.19 -77.03 -93.38
C PHE J 3435 3.70 -77.34 -93.37
N ARG J 3436 3.37 -78.61 -93.58
CA ARG J 3436 1.99 -79.06 -93.50
C ARG J 3436 1.59 -79.13 -92.03
N MET J 3437 2.59 -79.37 -91.18
CA MET J 3437 2.39 -79.41 -89.74
C MET J 3437 2.10 -78.02 -89.21
N VAL J 3438 2.62 -77.01 -89.91
CA VAL J 3438 2.39 -75.61 -89.55
C VAL J 3438 0.92 -75.27 -89.74
N GLY J 3439 0.30 -75.91 -90.73
CA GLY J 3439 -1.14 -75.80 -90.90
C GLY J 3439 -1.83 -76.60 -89.81
N GLU J 3440 -1.26 -77.77 -89.52
CA GLU J 3440 -1.84 -78.70 -88.54
C GLU J 3440 -1.76 -78.14 -87.13
N ILE J 3441 -0.72 -77.36 -86.88
CA ILE J 3441 -0.57 -76.69 -85.61
C ILE J 3441 -1.61 -75.56 -85.54
N PHE J 3442 -1.74 -74.84 -86.65
CA PHE J 3442 -2.64 -73.70 -86.71
C PHE J 3442 -4.09 -74.15 -86.64
N ILE J 3443 -4.37 -75.32 -87.20
CA ILE J 3443 -5.71 -75.88 -87.16
C ILE J 3443 -6.06 -76.34 -85.75
N TYR J 3444 -5.11 -76.99 -85.09
CA TYR J 3444 -5.35 -77.51 -83.76
C TYR J 3444 -5.25 -76.43 -82.69
N TRP J 3445 -4.76 -75.26 -83.10
CA TRP J 3445 -4.63 -74.11 -82.21
C TRP J 3445 -5.99 -73.61 -81.77
N SER J 3446 -6.89 -73.44 -82.73
CA SER J 3446 -8.23 -72.96 -82.45
C SER J 3446 -9.04 -74.00 -81.69
N LYS J 3447 -8.69 -75.27 -81.90
CA LYS J 3447 -9.35 -76.38 -81.22
C LYS J 3447 -9.09 -76.32 -79.73
N SER J 3448 -7.84 -76.02 -79.38
CA SER J 3448 -7.46 -75.87 -77.99
C SER J 3448 -8.03 -74.57 -77.45
N HIS J 3449 -8.15 -73.58 -78.33
CA HIS J 3449 -8.73 -72.30 -77.97
C HIS J 3449 -10.21 -72.47 -77.69
N ASN J 3450 -10.84 -73.32 -78.49
CA ASN J 3450 -12.25 -73.63 -78.29
C ASN J 3450 -12.42 -74.52 -77.08
N PHE J 3451 -11.39 -75.29 -76.76
CA PHE J 3451 -11.39 -76.12 -75.57
C PHE J 3451 -11.25 -75.24 -74.33
N LYS J 3452 -10.67 -74.06 -74.52
CA LYS J 3452 -10.56 -73.09 -73.45
C LYS J 3452 -11.85 -72.29 -73.31
N GLN J 3456 -17.84 -74.77 -70.41
CA GLN J 3456 -18.96 -75.62 -70.79
C GLN J 3456 -18.56 -76.62 -71.87
N ASN J 3457 -17.55 -76.26 -72.65
CA ASN J 3457 -17.03 -77.12 -73.69
C ASN J 3457 -16.32 -78.30 -73.05
N PHE J 3458 -15.66 -78.03 -71.93
CA PHE J 3458 -14.98 -79.07 -71.18
C PHE J 3458 -15.99 -79.87 -70.38
N VAL J 3459 -17.09 -79.24 -70.03
CA VAL J 3459 -18.15 -79.87 -69.25
C VAL J 3459 -18.80 -80.99 -70.04
N VAL J 3460 -18.97 -80.76 -71.34
CA VAL J 3460 -19.49 -81.78 -72.23
C VAL J 3460 -18.40 -82.81 -72.51
N GLN J 3461 -17.15 -82.35 -72.46
CA GLN J 3461 -16.01 -83.21 -72.75
C GLN J 3461 -15.77 -84.21 -71.63
N ASN J 3462 -15.94 -83.75 -70.39
CA ASN J 3462 -15.67 -84.58 -69.22
C ASN J 3462 -16.66 -85.70 -69.09
N GLU J 3463 -17.91 -85.43 -69.47
CA GLU J 3463 -18.95 -86.43 -69.45
C GLU J 3463 -18.70 -87.46 -70.54
N ILE J 3464 -18.12 -87.00 -71.64
CA ILE J 3464 -17.78 -87.87 -72.76
C ILE J 3464 -16.59 -88.75 -72.38
N ASN J 3465 -15.75 -88.24 -71.49
CA ASN J 3465 -14.60 -88.97 -71.01
C ASN J 3465 -15.04 -90.13 -70.13
N ASN J 3466 -16.02 -89.88 -69.28
CA ASN J 3466 -16.52 -90.90 -68.38
C ASN J 3466 -17.40 -91.89 -69.13
N THR J 3513 -5.87 -84.78 -70.88
CA THR J 3513 -6.49 -85.64 -71.89
C THR J 3513 -5.92 -85.36 -73.28
N LEU J 3514 -6.64 -85.81 -74.30
CA LEU J 3514 -6.17 -85.67 -75.68
C LEU J 3514 -6.22 -84.23 -76.16
N LYS J 3515 -7.04 -83.42 -75.50
CA LYS J 3515 -7.11 -82.00 -75.80
C LYS J 3515 -5.83 -81.30 -75.32
N LYS J 3516 -5.22 -81.88 -74.29
CA LYS J 3516 -4.01 -81.31 -73.72
C LYS J 3516 -2.77 -81.71 -74.52
N MET J 3517 -2.65 -83.01 -74.82
CA MET J 3517 -1.45 -83.55 -75.44
C MET J 3517 -1.30 -83.11 -76.88
N LEU J 3518 -2.41 -82.74 -77.50
CA LEU J 3518 -2.39 -82.22 -78.85
C LEU J 3518 -1.71 -80.86 -78.86
N PRO J 3519 -1.92 -80.10 -77.79
CA PRO J 3519 -1.29 -78.79 -77.67
C PRO J 3519 0.18 -78.93 -77.31
N ILE J 3520 0.54 -80.08 -76.76
CA ILE J 3520 1.91 -80.34 -76.35
C ILE J 3520 2.82 -80.55 -77.55
N GLY J 3521 2.43 -81.46 -78.43
CA GLY J 3521 3.25 -81.80 -79.59
C GLY J 3521 3.26 -80.68 -80.62
N LEU J 3522 2.19 -79.88 -80.65
CA LEU J 3522 2.09 -78.78 -81.59
C LEU J 3522 2.91 -77.59 -81.12
N ASN J 3523 3.21 -77.55 -79.82
CA ASN J 3523 3.93 -76.43 -79.23
C ASN J 3523 5.36 -76.37 -79.73
N MET J 3524 5.96 -77.55 -79.94
CA MET J 3524 7.32 -77.63 -80.44
C MET J 3524 7.39 -77.22 -81.90
N CYS J 3525 6.36 -77.57 -82.65
CA CYS J 3525 6.32 -77.28 -84.07
C CYS J 3525 6.04 -75.80 -84.31
N ALA J 3526 5.19 -75.21 -83.49
CA ALA J 3526 4.82 -73.81 -83.64
C ALA J 3526 5.94 -72.89 -83.19
N PRO J 3527 6.76 -73.38 -82.28
CA PRO J 3527 7.90 -72.61 -81.79
C PRO J 3527 9.08 -72.77 -82.74
N THR J 3528 8.96 -73.68 -83.69
CA THR J 3528 10.02 -73.88 -84.68
C THR J 3528 10.01 -72.78 -85.73
N ASP J 3529 8.92 -72.01 -85.78
CA ASP J 3529 8.83 -70.88 -86.69
C ASP J 3529 8.90 -69.57 -85.90
N MET J 3534 13.25 -62.65 -81.21
CA MET J 3534 12.03 -61.93 -81.55
C MET J 3534 10.87 -62.39 -80.68
N LEU J 3535 11.20 -63.05 -79.57
CA LEU J 3535 10.19 -63.61 -78.68
C LEU J 3535 9.63 -62.56 -77.72
N ALA J 3536 10.25 -61.39 -77.70
CA ALA J 3536 9.79 -60.30 -76.85
C ALA J 3536 8.48 -59.75 -77.40
N LYS J 3537 8.38 -59.73 -78.73
CA LYS J 3537 7.14 -59.34 -79.40
C LYS J 3537 6.09 -60.40 -79.17
N THR J 3538 6.53 -61.65 -79.08
CA THR J 3538 5.65 -62.77 -78.76
C THR J 3538 5.23 -62.67 -77.30
N ARG J 3539 6.12 -62.15 -76.47
CA ARG J 3539 5.80 -61.92 -75.07
C ARG J 3539 4.85 -60.73 -74.96
N TYR J 3540 5.04 -59.76 -75.84
CA TYR J 3540 4.20 -58.56 -75.84
C TYR J 3540 2.81 -58.88 -76.35
N ALA J 3541 2.73 -59.73 -77.37
CA ALA J 3541 1.45 -60.07 -77.99
C ALA J 3541 0.68 -61.07 -77.13
N LEU J 3542 1.40 -61.75 -76.24
CA LEU J 3542 0.75 -62.64 -75.28
C LEU J 3542 0.06 -61.79 -74.23
N LYS J 3543 0.62 -60.62 -73.94
CA LYS J 3543 0.08 -59.72 -72.94
C LYS J 3543 -1.23 -59.10 -73.42
N ASP J 3544 -1.32 -58.80 -74.71
CA ASP J 3544 -2.53 -58.24 -75.28
C ASP J 3544 -3.61 -59.30 -75.43
N THR J 3545 -3.19 -60.55 -75.50
CA THR J 3545 -4.10 -61.68 -75.53
C THR J 3545 -4.52 -62.06 -74.11
N ASP J 3546 -3.86 -61.45 -73.14
CA ASP J 3546 -4.23 -61.61 -71.75
C ASP J 3546 -4.72 -60.27 -71.20
N GLU J 3547 -4.99 -59.33 -72.10
CA GLU J 3547 -5.52 -58.04 -71.71
C GLU J 3547 -7.01 -57.96 -71.99
N LEU J 3553 -8.00 -58.75 -82.87
CA LEU J 3553 -7.97 -57.74 -81.83
C LEU J 3553 -6.54 -57.28 -81.60
N GLN J 3554 -5.69 -58.21 -81.20
CA GLN J 3554 -4.29 -57.92 -80.95
C GLN J 3554 -3.47 -58.04 -82.22
N ASN J 3555 -4.14 -58.41 -83.32
CA ASN J 3555 -3.50 -58.54 -84.62
C ASN J 3555 -3.06 -57.18 -85.13
N ASN J 3556 -3.83 -56.15 -84.77
CA ASN J 3556 -3.46 -54.78 -85.07
C ASN J 3556 -2.41 -54.30 -84.09
N LEU J 3557 -2.48 -54.82 -82.86
CA LEU J 3557 -1.49 -54.52 -81.85
C LEU J 3557 -0.17 -55.19 -82.17
N HIS J 3558 -0.25 -56.31 -82.88
CA HIS J 3558 0.93 -56.99 -83.40
C HIS J 3558 1.53 -56.19 -84.55
N LEU J 3559 0.67 -55.48 -85.28
CA LEU J 3559 1.12 -54.60 -86.34
C LEU J 3559 1.63 -53.29 -85.75
N GLN J 3560 1.20 -53.01 -84.52
CA GLN J 3560 1.63 -51.81 -83.81
C GLN J 3560 2.56 -52.17 -82.65
N LEU J 3569 23.24 -64.79 -76.10
CA LEU J 3569 22.74 -66.11 -76.46
C LEU J 3569 21.92 -66.03 -77.73
N ARG J 3570 21.48 -64.81 -78.03
CA ARG J 3570 20.70 -64.53 -79.21
C ARG J 3570 21.55 -64.69 -80.45
N TRP J 3571 22.85 -64.44 -80.30
CA TRP J 3571 23.82 -64.65 -81.38
C TRP J 3571 23.93 -66.13 -81.70
N GLN J 3572 23.81 -66.97 -80.67
CA GLN J 3572 23.76 -68.41 -80.88
C GLN J 3572 22.42 -68.80 -81.47
N MET J 3573 21.38 -68.09 -81.02
CA MET J 3573 20.02 -68.38 -81.45
C MET J 3573 19.81 -67.99 -82.91
N ALA J 3574 20.34 -66.83 -83.29
CA ALA J 3574 20.23 -66.35 -84.66
C ALA J 3574 21.10 -67.17 -85.59
N LEU J 3575 22.13 -67.79 -85.02
CA LEU J 3575 22.96 -68.72 -85.76
C LEU J 3575 22.17 -69.99 -86.06
N TYR J 3576 21.22 -70.30 -85.18
CA TYR J 3576 20.41 -71.48 -85.35
C TYR J 3576 19.16 -71.21 -86.19
N ARG J 3577 18.48 -70.10 -85.92
CA ARG J 3577 17.20 -69.79 -86.56
C ARG J 3577 17.36 -69.47 -88.03
N GLY J 3578 18.51 -68.91 -88.39
CA GLY J 3578 18.81 -68.62 -89.79
C GLY J 3578 19.27 -69.88 -90.50
N LEU J 3579 19.80 -70.82 -89.73
CA LEU J 3579 20.26 -72.08 -90.29
C LEU J 3579 19.08 -72.99 -90.62
N GLU J 3590 4.35 -61.98 -93.59
CA GLU J 3590 3.38 -62.92 -93.04
C GLU J 3590 3.67 -63.15 -91.56
N LYS J 3591 4.68 -62.44 -91.06
CA LYS J 3591 5.13 -62.61 -89.69
C LYS J 3591 4.16 -61.99 -88.70
N ILE J 3592 3.48 -60.92 -89.14
CA ILE J 3592 2.63 -60.13 -88.26
C ILE J 3592 1.41 -60.89 -87.77
N VAL J 3593 0.96 -61.86 -88.57
CA VAL J 3593 -0.19 -62.66 -88.20
C VAL J 3593 0.25 -63.96 -87.52
N ARG J 3594 1.36 -64.51 -87.97
CA ARG J 3594 1.86 -65.78 -87.47
C ARG J 3594 2.35 -65.66 -86.04
N ARG J 3595 2.97 -64.52 -85.73
CA ARG J 3595 3.42 -64.24 -84.37
C ARG J 3595 2.21 -63.99 -83.49
N VAL J 3596 1.19 -63.39 -84.08
CA VAL J 3596 -0.06 -63.13 -83.38
C VAL J 3596 -0.81 -64.44 -83.15
N GLN J 3597 -0.57 -65.40 -84.04
CA GLN J 3597 -1.21 -66.71 -83.96
C GLN J 3597 -0.66 -67.52 -82.78
N GLU J 3598 0.66 -67.56 -82.67
CA GLU J 3598 1.31 -68.39 -81.67
C GLU J 3598 1.20 -67.80 -80.28
N VAL J 3599 1.04 -66.47 -80.20
CA VAL J 3599 1.08 -65.75 -78.94
C VAL J 3599 -0.10 -66.07 -78.03
N SER J 3600 -1.29 -66.05 -78.62
CA SER J 3600 -2.51 -66.29 -77.87
C SER J 3600 -2.61 -67.77 -77.49
N ALA J 3601 -1.96 -68.62 -78.28
CA ALA J 3601 -1.90 -70.05 -78.01
C ALA J 3601 -1.11 -70.30 -76.73
N VAL J 3602 -0.09 -69.48 -76.53
CA VAL J 3602 0.75 -69.57 -75.35
C VAL J 3602 -0.03 -69.14 -74.13
N LEU J 3603 -0.75 -68.03 -74.27
CA LEU J 3603 -1.50 -67.46 -73.15
C LEU J 3603 -2.67 -68.35 -72.78
N TYR J 3604 -3.21 -69.05 -73.77
CA TYR J 3604 -4.26 -70.01 -73.54
C TYR J 3604 -3.67 -71.21 -72.81
N HIS J 3605 -2.46 -71.59 -73.20
CA HIS J 3605 -1.77 -72.68 -72.56
C HIS J 3605 -1.29 -72.26 -71.18
N LEU J 3606 -1.02 -70.96 -71.03
CA LEU J 3606 -0.62 -70.40 -69.76
C LEU J 3606 -1.78 -70.45 -68.78
N GLU J 3607 -2.96 -70.17 -69.31
CA GLU J 3607 -4.17 -70.25 -68.50
C GLU J 3607 -4.52 -71.70 -68.24
N GLN J 3608 -4.14 -72.57 -69.17
CA GLN J 3608 -4.44 -74.00 -69.07
C GLN J 3608 -3.64 -74.64 -67.95
N THR J 3609 -2.39 -74.23 -67.82
CA THR J 3609 -1.51 -74.77 -66.79
C THR J 3609 -1.81 -74.15 -65.44
N GLU J 3610 -2.54 -73.05 -65.45
CA GLU J 3610 -2.89 -72.34 -64.22
C GLU J 3610 -3.91 -73.13 -63.41
N LEU J 3623 -14.14 -73.52 -37.58
CA LEU J 3623 -14.65 -74.82 -38.00
C LEU J 3623 -15.92 -75.17 -37.24
N LEU J 3624 -16.20 -76.48 -37.14
CA LEU J 3624 -17.37 -76.94 -36.41
C LEU J 3624 -16.98 -77.42 -35.01
N SER J 3625 -17.75 -77.00 -34.02
CA SER J 3625 -17.52 -77.47 -32.67
C SER J 3625 -18.00 -78.91 -32.53
N LYS J 3626 -17.60 -79.53 -31.41
CA LYS J 3626 -17.82 -80.96 -31.21
C LYS J 3626 -19.29 -81.32 -31.10
N GLN J 3627 -20.07 -80.57 -30.31
CA GLN J 3627 -21.50 -80.83 -30.22
C GLN J 3627 -22.24 -80.51 -31.51
N ARG J 3628 -21.69 -79.62 -32.33
CA ARG J 3628 -22.30 -79.35 -33.62
C ARG J 3628 -22.20 -80.56 -34.53
N ARG J 3629 -21.11 -81.32 -34.42
CA ARG J 3629 -20.95 -82.53 -35.20
C ARG J 3629 -21.96 -83.60 -34.81
N ARG J 3630 -22.21 -83.82 -33.53
CA ARG J 3630 -23.24 -84.78 -33.17
C ARG J 3630 -24.64 -84.23 -33.39
N ALA J 3631 -24.78 -82.91 -33.44
CA ALA J 3631 -26.08 -82.32 -33.75
C ALA J 3631 -26.49 -82.61 -35.18
N VAL J 3632 -25.57 -82.40 -36.12
CA VAL J 3632 -25.90 -82.58 -37.52
C VAL J 3632 -26.03 -84.06 -37.87
N VAL J 3633 -25.43 -84.94 -37.05
CA VAL J 3633 -25.62 -86.37 -37.24
C VAL J 3633 -27.05 -86.77 -36.87
N ALA J 3634 -27.49 -86.39 -35.67
CA ALA J 3634 -28.82 -86.77 -35.21
C ALA J 3634 -29.92 -85.95 -35.86
N CYS J 3635 -29.57 -84.96 -36.69
CA CYS J 3635 -30.59 -84.12 -37.32
C CYS J 3635 -31.39 -84.88 -38.36
N PHE J 3636 -30.90 -86.03 -38.82
CA PHE J 3636 -31.54 -86.77 -39.89
C PHE J 3636 -32.53 -87.80 -39.39
N ARG J 3637 -32.37 -88.29 -38.16
CA ARG J 3637 -33.21 -89.34 -37.63
C ARG J 3637 -34.42 -88.80 -36.86
N MET J 3638 -34.87 -87.59 -37.19
CA MET J 3638 -35.99 -86.99 -36.46
C MET J 3638 -37.30 -87.65 -36.84
N THR J 3639 -38.03 -88.11 -35.83
CA THR J 3639 -39.29 -88.79 -36.07
C THR J 3639 -40.37 -87.80 -36.50
N PRO J 3640 -41.31 -88.22 -37.32
CA PRO J 3640 -42.42 -87.35 -37.74
C PRO J 3640 -43.49 -87.26 -36.65
N LEU J 3641 -44.42 -86.33 -36.87
CA LEU J 3641 -45.45 -86.04 -35.87
C LEU J 3641 -46.48 -87.15 -35.75
N TYR J 3642 -46.83 -87.80 -36.86
CA TYR J 3642 -47.86 -88.83 -36.80
C TYR J 3642 -47.35 -90.11 -36.15
N ASN J 3643 -46.04 -90.27 -36.01
CA ASN J 3643 -45.48 -91.35 -35.24
C ASN J 3643 -45.55 -91.09 -33.73
N LEU J 3644 -45.74 -89.86 -33.33
CA LEU J 3644 -45.73 -89.51 -31.91
C LEU J 3644 -47.06 -89.90 -31.26
N PRO J 3645 -47.03 -90.19 -29.96
CA PRO J 3645 -48.30 -90.29 -29.22
C PRO J 3645 -48.98 -88.93 -29.13
N THR J 3646 -50.31 -88.97 -29.16
CA THR J 3646 -51.10 -87.76 -29.37
C THR J 3646 -51.05 -86.82 -28.18
N HIS J 3647 -50.79 -87.31 -26.98
CA HIS J 3647 -50.79 -86.43 -25.83
C HIS J 3647 -49.56 -85.55 -25.81
N ARG J 3648 -48.41 -86.07 -26.21
CA ARG J 3648 -47.24 -85.22 -26.34
C ARG J 3648 -47.38 -84.25 -27.51
N ALA J 3649 -48.08 -84.67 -28.56
CA ALA J 3649 -48.35 -83.77 -29.68
C ALA J 3649 -49.23 -82.60 -29.26
N CYS J 3650 -50.16 -82.83 -28.34
CA CYS J 3650 -50.94 -81.71 -27.81
C CYS J 3650 -50.09 -80.81 -26.95
N ASN J 3651 -49.10 -81.37 -26.24
CA ASN J 3651 -48.28 -80.59 -25.33
C ASN J 3651 -47.43 -79.56 -26.06
N MET J 3652 -46.74 -79.96 -27.13
CA MET J 3652 -45.96 -79.00 -27.90
C MET J 3652 -46.82 -78.01 -28.64
N PHE J 3653 -48.07 -78.36 -28.93
CA PHE J 3653 -49.00 -77.45 -29.54
C PHE J 3653 -49.31 -76.26 -28.65
N LEU J 3654 -49.57 -76.51 -27.36
CA LEU J 3654 -49.84 -75.42 -26.42
C LEU J 3654 -48.64 -74.53 -26.25
N GLU J 3655 -47.44 -75.11 -26.24
CA GLU J 3655 -46.23 -74.29 -26.23
C GLU J 3655 -46.05 -73.56 -27.55
N SER J 3656 -46.67 -74.03 -28.62
CA SER J 3656 -46.62 -73.30 -29.87
C SER J 3656 -47.77 -72.31 -29.99
N TYR J 3657 -49.00 -72.75 -29.68
CA TYR J 3657 -50.18 -71.94 -29.95
C TYR J 3657 -50.23 -70.70 -29.07
N LYS J 3658 -49.77 -70.82 -27.83
CA LYS J 3658 -49.63 -69.63 -27.00
C LYS J 3658 -48.52 -68.74 -27.52
N ALA J 3659 -47.48 -69.32 -28.09
CA ALA J 3659 -46.33 -68.54 -28.51
C ALA J 3659 -46.60 -67.74 -29.78
N ALA J 3660 -47.43 -68.26 -30.68
CA ALA J 3660 -47.63 -67.61 -31.97
C ALA J 3660 -48.97 -66.91 -32.11
N TRP J 3661 -49.91 -67.17 -31.22
CA TRP J 3661 -51.22 -66.54 -31.34
C TRP J 3661 -51.60 -65.72 -30.13
N ILE J 3662 -51.55 -66.32 -28.94
CA ILE J 3662 -52.06 -65.64 -27.75
C ILE J 3662 -51.11 -64.57 -27.28
N LEU J 3663 -49.80 -64.86 -27.32
CA LEU J 3663 -48.82 -63.85 -26.95
C LEU J 3663 -48.80 -62.69 -27.93
N THR J 3664 -49.06 -62.98 -29.20
CA THR J 3664 -49.04 -61.94 -30.22
C THR J 3664 -50.24 -61.02 -30.15
N GLU J 3665 -51.27 -61.37 -29.40
CA GLU J 3665 -52.52 -60.64 -29.44
C GLU J 3665 -52.40 -59.32 -28.68
N ASP J 3666 -52.97 -58.28 -29.25
CA ASP J 3666 -52.95 -56.93 -28.67
C ASP J 3666 -54.36 -56.51 -28.31
N HIS J 3667 -54.46 -55.66 -27.29
CA HIS J 3667 -55.73 -55.10 -26.83
C HIS J 3667 -55.43 -53.87 -26.00
N SER J 3668 -56.44 -53.01 -25.84
CA SER J 3668 -56.20 -51.70 -25.27
C SER J 3668 -57.02 -51.49 -24.00
N PHE J 3669 -57.02 -52.46 -23.12
CA PHE J 3669 -57.77 -52.34 -21.87
C PHE J 3669 -57.16 -51.39 -20.88
N GLU J 3670 -55.96 -50.89 -21.13
CA GLU J 3670 -55.24 -50.09 -20.14
C GLU J 3670 -55.82 -48.70 -20.00
N ASP J 3671 -56.58 -48.22 -20.98
CA ASP J 3671 -57.16 -46.90 -20.83
C ASP J 3671 -58.60 -46.98 -20.35
N ARG J 3672 -59.35 -47.98 -20.81
CA ARG J 3672 -60.74 -48.10 -20.38
C ARG J 3672 -60.89 -48.66 -18.98
N MET J 3673 -59.79 -48.94 -18.28
CA MET J 3673 -59.87 -49.18 -16.85
C MET J 3673 -59.74 -47.89 -16.05
N ILE J 3674 -58.74 -47.08 -16.39
CA ILE J 3674 -58.31 -46.00 -15.51
C ILE J 3674 -59.35 -44.88 -15.46
N ASP J 3675 -60.15 -44.74 -16.51
CA ASP J 3675 -61.23 -43.76 -16.52
C ASP J 3675 -62.27 -44.02 -15.44
N ASP J 3676 -62.76 -45.26 -15.34
CA ASP J 3676 -63.82 -45.54 -14.39
C ASP J 3676 -63.29 -45.63 -12.97
N LEU J 3677 -62.00 -45.90 -12.80
CA LEU J 3677 -61.41 -45.75 -11.47
C LEU J 3677 -61.22 -44.29 -11.11
N SER J 3678 -61.27 -43.39 -12.09
CA SER J 3678 -61.18 -41.96 -11.80
C SER J 3678 -62.54 -41.30 -11.78
N LYS J 3679 -63.45 -41.70 -12.65
CA LYS J 3679 -64.73 -41.01 -12.76
C LYS J 3679 -65.70 -41.39 -11.66
N ALA J 3680 -65.47 -42.48 -10.95
CA ALA J 3680 -66.45 -42.98 -10.00
C ALA J 3680 -66.45 -42.22 -8.69
N GLY J 3681 -65.55 -41.26 -8.51
CA GLY J 3681 -65.65 -40.36 -7.37
C GLY J 3681 -66.88 -39.49 -7.45
N GLU J 3682 -67.35 -39.21 -8.66
CA GLU J 3682 -68.65 -38.59 -8.89
C GLU J 3682 -69.73 -39.61 -8.60
N GLN J 3683 -70.66 -39.24 -7.71
CA GLN J 3683 -71.78 -40.10 -7.35
C GLN J 3683 -72.89 -39.20 -6.81
N GLU J 3684 -73.96 -39.84 -6.38
CA GLU J 3684 -75.09 -39.12 -5.79
C GLU J 3684 -74.81 -38.84 -4.31
N LYS J 3693 -65.22 -34.95 -0.05
CA LYS J 3693 -63.81 -35.05 0.31
C LYS J 3693 -63.38 -36.51 0.39
N LYS J 3694 -64.28 -37.42 0.00
CA LYS J 3694 -63.90 -38.82 0.01
C LYS J 3694 -63.00 -39.13 -1.18
N PRO J 3695 -62.03 -40.02 -1.02
CA PRO J 3695 -61.09 -40.30 -2.10
C PRO J 3695 -61.74 -41.08 -3.22
N ASP J 3696 -61.08 -41.04 -4.38
CA ASP J 3696 -61.55 -41.72 -5.57
C ASP J 3696 -61.19 -43.20 -5.51
N PRO J 3697 -61.82 -44.03 -6.34
CA PRO J 3697 -61.39 -45.43 -6.42
C PRO J 3697 -59.94 -45.60 -6.82
N LEU J 3698 -59.48 -44.85 -7.81
CA LEU J 3698 -58.05 -44.84 -8.11
C LEU J 3698 -57.25 -44.23 -6.98
N HIS J 3699 -57.78 -43.19 -6.34
CA HIS J 3699 -57.05 -42.51 -5.29
C HIS J 3699 -56.92 -43.38 -4.04
N GLN J 3700 -57.86 -44.29 -3.85
CA GLN J 3700 -57.70 -45.27 -2.78
C GLN J 3700 -56.57 -46.22 -3.07
N LEU J 3701 -56.37 -46.56 -4.35
CA LEU J 3701 -55.43 -47.61 -4.71
C LEU J 3701 -53.99 -47.18 -4.49
N VAL J 3702 -53.62 -45.98 -4.95
CA VAL J 3702 -52.24 -45.58 -4.78
C VAL J 3702 -51.96 -45.15 -3.36
N LEU J 3703 -53.00 -44.89 -2.57
CA LEU J 3703 -52.79 -44.75 -1.15
C LEU J 3703 -52.39 -46.07 -0.53
N HIS J 3704 -53.00 -47.16 -0.99
CA HIS J 3704 -52.70 -48.47 -0.42
C HIS J 3704 -51.30 -48.93 -0.80
N PHE J 3705 -50.89 -48.66 -2.05
CA PHE J 3705 -49.53 -48.97 -2.45
C PHE J 3705 -48.51 -48.09 -1.77
N SER J 3706 -48.90 -46.89 -1.37
CA SER J 3706 -48.00 -46.07 -0.57
C SER J 3706 -47.85 -46.64 0.83
N ARG J 3707 -48.92 -47.20 1.38
CA ARG J 3707 -48.85 -47.72 2.74
C ARG J 3707 -47.98 -48.95 2.85
N THR J 3708 -47.99 -49.81 1.84
CA THR J 3708 -47.13 -50.98 1.88
C THR J 3708 -45.68 -50.65 1.56
N ALA J 3709 -45.38 -49.43 1.15
CA ALA J 3709 -44.00 -49.06 0.90
C ALA J 3709 -43.36 -48.38 2.10
N LEU J 3710 -44.13 -48.13 3.15
CA LEU J 3710 -43.62 -47.40 4.30
C LEU J 3710 -43.39 -48.27 5.52
N THR J 3711 -43.87 -49.51 5.50
CA THR J 3711 -43.65 -50.40 6.63
C THR J 3711 -42.19 -50.83 6.68
N GLU J 3712 -41.64 -50.86 7.89
CA GLU J 3712 -40.22 -51.11 8.08
C GLU J 3712 -39.92 -52.57 7.79
N LYS J 3713 -39.29 -52.82 6.65
CA LYS J 3713 -38.78 -54.14 6.32
C LYS J 3713 -37.40 -53.95 5.71
N SER J 3714 -36.55 -54.97 5.86
CA SER J 3714 -35.21 -54.88 5.32
C SER J 3714 -35.21 -54.90 3.81
N LYS J 3715 -35.84 -55.91 3.23
CA LYS J 3715 -35.89 -56.05 1.78
C LYS J 3715 -37.25 -55.58 1.30
N LEU J 3716 -37.37 -55.47 -0.01
CA LEU J 3716 -38.61 -55.09 -0.66
C LEU J 3716 -39.16 -56.31 -1.38
N ASP J 3717 -40.19 -56.92 -0.81
CA ASP J 3717 -40.77 -58.14 -1.33
C ASP J 3717 -41.41 -57.93 -2.70
N GLU J 3718 -41.14 -58.86 -3.60
CA GLU J 3718 -41.58 -58.74 -4.99
C GLU J 3718 -43.06 -59.10 -5.09
N ASP J 3719 -43.91 -58.08 -5.08
CA ASP J 3719 -45.34 -58.27 -5.29
C ASP J 3719 -45.61 -58.30 -6.78
N TYR J 3720 -46.28 -59.34 -7.24
CA TYR J 3720 -46.70 -59.39 -8.64
C TYR J 3720 -47.88 -58.48 -8.89
N LEU J 3721 -48.70 -58.22 -7.86
CA LEU J 3721 -49.88 -57.40 -8.07
C LEU J 3721 -49.52 -55.94 -8.31
N TYR J 3722 -48.56 -55.42 -7.56
CA TYR J 3722 -48.12 -54.05 -7.78
C TYR J 3722 -47.47 -53.89 -9.15
N MET J 3723 -46.72 -54.89 -9.60
CA MET J 3723 -46.17 -54.84 -10.94
C MET J 3723 -47.26 -55.00 -11.99
N ALA J 3724 -48.36 -55.66 -11.62
CA ALA J 3724 -49.47 -55.73 -12.55
C ALA J 3724 -50.19 -54.40 -12.66
N TYR J 3725 -50.06 -53.53 -11.67
CA TYR J 3725 -50.67 -52.22 -11.76
C TYR J 3725 -49.68 -51.13 -12.07
N ALA J 3726 -48.38 -51.42 -12.01
CA ALA J 3726 -47.40 -50.40 -12.34
C ALA J 3726 -47.40 -50.09 -13.83
N ASP J 3727 -47.54 -51.11 -14.67
CA ASP J 3727 -47.52 -50.89 -16.10
C ASP J 3727 -48.85 -50.33 -16.61
N ILE J 3728 -49.95 -50.69 -15.97
CA ILE J 3728 -51.26 -50.24 -16.44
C ILE J 3728 -51.40 -48.74 -16.25
N MET J 3729 -50.96 -48.23 -15.10
CA MET J 3729 -50.89 -46.79 -14.93
C MET J 3729 -49.80 -46.16 -15.78
N ALA J 3730 -48.76 -46.93 -16.14
CA ALA J 3730 -47.73 -46.37 -17.01
C ALA J 3730 -48.23 -46.20 -18.43
N LYS J 3731 -49.05 -47.14 -18.90
CA LYS J 3731 -49.57 -47.06 -20.27
C LYS J 3731 -50.71 -46.06 -20.42
N SER J 3732 -51.08 -45.34 -19.37
CA SER J 3732 -52.11 -44.33 -19.52
C SER J 3732 -51.57 -43.05 -20.12
N CYS J 3733 -50.24 -42.94 -20.22
CA CYS J 3733 -49.63 -41.77 -20.82
C CYS J 3733 -48.89 -42.06 -22.11
N HIS J 3734 -48.61 -43.33 -22.39
CA HIS J 3734 -47.89 -43.71 -23.60
C HIS J 3734 -48.75 -43.67 -24.85
N LEU J 3735 -50.06 -43.52 -24.71
CA LEU J 3735 -50.90 -43.29 -25.87
C LEU J 3735 -50.61 -41.94 -26.49
N GLU J 3736 -50.26 -40.96 -25.65
CA GLU J 3736 -49.85 -39.65 -26.13
C GLU J 3736 -48.33 -39.48 -26.14
N GLU J 3737 -47.59 -40.41 -25.56
CA GLU J 3737 -46.12 -40.32 -25.57
C GLU J 3737 -45.54 -41.05 -26.78
N GLU J 3750 -45.14 -34.50 -41.42
CA GLU J 3750 -45.36 -33.06 -41.29
C GLU J 3750 -46.56 -32.79 -40.41
N VAL J 3751 -46.35 -32.08 -39.30
CA VAL J 3751 -47.40 -31.77 -38.35
C VAL J 3751 -47.63 -30.27 -38.32
N SER J 3752 -48.83 -29.88 -37.90
CA SER J 3752 -49.20 -28.49 -37.74
C SER J 3752 -48.70 -27.98 -36.40
N PHE J 3753 -49.07 -26.76 -36.06
CA PHE J 3753 -48.69 -26.21 -34.77
C PHE J 3753 -49.71 -26.53 -33.70
N GLU J 3754 -50.99 -26.34 -34.02
CA GLU J 3754 -52.04 -26.56 -33.03
C GLU J 3754 -52.22 -28.03 -32.70
N GLU J 3755 -52.16 -28.91 -33.72
CA GLU J 3755 -52.55 -30.31 -33.52
C GLU J 3755 -51.54 -31.07 -32.67
N LYS J 3756 -50.31 -30.58 -32.56
CA LYS J 3756 -49.39 -31.21 -31.64
C LYS J 3756 -49.56 -30.69 -30.22
N GLU J 3757 -50.15 -29.51 -30.06
CA GLU J 3757 -50.41 -29.00 -28.72
C GLU J 3757 -51.51 -29.77 -28.02
N MET J 3758 -52.57 -30.13 -28.74
CA MET J 3758 -53.56 -31.03 -28.18
C MET J 3758 -53.01 -32.43 -27.99
N GLU J 3759 -52.06 -32.85 -28.81
CA GLU J 3759 -51.33 -34.06 -28.53
C GLU J 3759 -50.40 -33.88 -27.33
N LYS J 3760 -49.97 -32.65 -27.08
CA LYS J 3760 -49.21 -32.37 -25.86
C LYS J 3760 -50.14 -32.27 -24.65
N GLN J 3761 -51.21 -31.46 -24.76
CA GLN J 3761 -52.01 -31.19 -23.58
C GLN J 3761 -52.87 -32.36 -23.14
N ARG J 3762 -53.19 -33.29 -24.05
CA ARG J 3762 -53.89 -34.48 -23.60
C ARG J 3762 -52.96 -35.38 -22.79
N LEU J 3763 -51.65 -35.22 -22.99
CA LEU J 3763 -50.72 -35.91 -22.12
C LEU J 3763 -50.62 -35.23 -20.77
N LEU J 3764 -50.78 -33.91 -20.72
CA LEU J 3764 -50.87 -33.27 -19.42
C LEU J 3764 -52.20 -33.52 -18.74
N TYR J 3765 -53.21 -33.95 -19.48
CA TYR J 3765 -54.44 -34.37 -18.83
C TYR J 3765 -54.26 -35.70 -18.13
N GLN J 3766 -53.69 -36.68 -18.81
CA GLN J 3766 -53.48 -37.98 -18.21
C GLN J 3766 -52.38 -37.93 -17.16
N GLN J 3767 -51.44 -37.00 -17.28
CA GLN J 3767 -50.48 -36.82 -16.21
C GLN J 3767 -51.12 -36.18 -15.00
N SER J 3768 -52.14 -35.35 -15.21
CA SER J 3768 -52.85 -34.79 -14.07
C SER J 3768 -53.75 -35.83 -13.43
N ARG J 3769 -54.23 -36.80 -14.21
CA ARG J 3769 -55.13 -37.81 -13.69
C ARG J 3769 -54.45 -38.75 -12.72
N LEU J 3770 -53.13 -38.82 -12.75
CA LEU J 3770 -52.40 -39.58 -11.74
C LEU J 3770 -51.89 -38.71 -10.61
N HIS J 3771 -51.14 -37.66 -10.92
CA HIS J 3771 -50.34 -37.01 -9.89
C HIS J 3771 -51.11 -36.03 -9.03
N THR J 3772 -52.38 -35.76 -9.31
CA THR J 3772 -53.17 -35.09 -8.31
C THR J 3772 -53.76 -36.08 -7.33
N ARG J 3773 -53.74 -37.37 -7.66
CA ARG J 3773 -54.14 -38.40 -6.73
C ARG J 3773 -52.98 -38.92 -5.91
N GLY J 3774 -51.86 -38.20 -5.88
CA GLY J 3774 -50.73 -38.64 -5.09
C GLY J 3774 -49.88 -39.71 -5.72
N ALA J 3775 -49.85 -39.78 -7.06
CA ALA J 3775 -49.00 -40.76 -7.72
C ALA J 3775 -47.54 -40.36 -7.72
N ALA J 3776 -47.22 -39.11 -7.40
CA ALA J 3776 -45.84 -38.66 -7.50
C ALA J 3776 -44.99 -39.15 -6.33
N GLU J 3777 -45.58 -39.24 -5.15
CA GLU J 3777 -44.80 -39.63 -4.00
C GLU J 3777 -44.79 -41.13 -3.76
N MET J 3778 -45.74 -41.85 -4.35
CA MET J 3778 -45.66 -43.31 -4.33
C MET J 3778 -44.43 -43.79 -5.07
N VAL J 3779 -44.14 -43.20 -6.23
CA VAL J 3779 -43.00 -43.63 -7.01
C VAL J 3779 -41.71 -43.09 -6.41
N LEU J 3780 -41.81 -42.12 -5.51
CA LEU J 3780 -40.62 -41.65 -4.83
C LEU J 3780 -40.35 -42.42 -3.55
N GLN J 3781 -41.37 -43.03 -2.96
CA GLN J 3781 -41.15 -43.77 -1.72
C GLN J 3781 -40.53 -45.13 -1.98
N MET J 3782 -40.97 -45.82 -3.03
CA MET J 3782 -40.52 -47.18 -3.28
C MET J 3782 -39.08 -47.28 -3.77
N ILE J 3783 -38.53 -46.19 -4.30
CA ILE J 3783 -37.11 -46.18 -4.57
C ILE J 3783 -36.34 -46.12 -3.26
N SER J 3784 -36.88 -45.42 -2.27
CA SER J 3784 -36.26 -45.46 -0.94
C SER J 3784 -36.53 -46.78 -0.26
N ALA J 3785 -37.60 -47.46 -0.64
CA ALA J 3785 -37.90 -48.78 -0.08
C ALA J 3785 -37.18 -49.89 -0.81
N CYS J 3786 -36.55 -49.59 -1.95
CA CYS J 3786 -35.69 -50.58 -2.58
C CYS J 3786 -34.40 -50.78 -1.79
N LYS J 3787 -33.71 -49.68 -1.49
CA LYS J 3787 -32.37 -49.68 -0.91
C LYS J 3787 -31.39 -50.51 -1.73
N GLY J 3788 -31.49 -50.38 -3.04
CA GLY J 3788 -30.43 -50.89 -3.89
C GLY J 3788 -30.65 -52.25 -4.49
N GLU J 3789 -31.73 -52.94 -4.13
CA GLU J 3789 -31.97 -54.28 -4.61
C GLU J 3789 -32.50 -54.18 -6.04
N THR J 3790 -31.60 -54.31 -7.01
CA THR J 3790 -31.96 -54.14 -8.42
C THR J 3790 -32.76 -55.31 -8.97
N GLY J 3791 -33.98 -55.44 -8.47
CA GLY J 3791 -34.86 -56.52 -8.84
C GLY J 3791 -35.80 -56.17 -9.97
N ALA J 3792 -36.89 -56.91 -10.06
CA ALA J 3792 -37.86 -56.70 -11.11
C ALA J 3792 -38.84 -55.59 -10.80
N MET J 3793 -39.05 -55.26 -9.53
CA MET J 3793 -39.98 -54.19 -9.20
C MET J 3793 -39.44 -52.82 -9.55
N VAL J 3794 -38.15 -52.59 -9.30
CA VAL J 3794 -37.58 -51.28 -9.65
C VAL J 3794 -37.43 -51.12 -11.15
N SER J 3795 -37.52 -52.19 -11.92
CA SER J 3795 -37.81 -52.01 -13.35
C SER J 3795 -39.20 -51.46 -13.55
N SER J 3796 -40.20 -52.09 -12.96
CA SER J 3796 -41.57 -51.70 -13.22
C SER J 3796 -41.96 -50.43 -12.51
N THR J 3797 -41.20 -49.99 -11.51
CA THR J 3797 -41.56 -48.73 -10.90
C THR J 3797 -40.95 -47.54 -11.65
N LEU J 3798 -39.97 -47.77 -12.52
CA LEU J 3798 -39.37 -46.62 -13.17
C LEU J 3798 -40.09 -46.27 -14.45
N LYS J 3799 -40.72 -47.26 -15.09
CA LYS J 3799 -41.53 -46.97 -16.26
C LYS J 3799 -42.76 -46.15 -15.90
N LEU J 3800 -43.24 -46.28 -14.67
CA LEU J 3800 -44.27 -45.35 -14.21
C LEU J 3800 -43.67 -44.00 -13.90
N GLY J 3801 -42.44 -43.97 -13.40
CA GLY J 3801 -41.81 -42.70 -13.06
C GLY J 3801 -41.46 -41.88 -14.28
N ILE J 3802 -41.25 -42.52 -15.41
CA ILE J 3802 -41.02 -41.77 -16.63
C ILE J 3802 -42.33 -41.24 -17.20
N SER J 3803 -43.38 -42.06 -17.23
CA SER J 3803 -44.63 -41.65 -17.86
C SER J 3803 -45.38 -40.60 -17.08
N ILE J 3804 -44.95 -40.29 -15.87
CA ILE J 3804 -45.45 -39.11 -15.17
C ILE J 3804 -44.59 -37.90 -15.50
N LEU J 3805 -43.28 -38.06 -15.52
CA LEU J 3805 -42.38 -36.94 -15.80
C LEU J 3805 -41.96 -36.87 -17.26
N ASN J 3806 -42.68 -37.53 -18.16
CA ASN J 3806 -42.37 -37.43 -19.57
C ASN J 3806 -42.73 -36.06 -20.09
N GLY J 3807 -41.97 -35.58 -21.07
CA GLY J 3807 -42.21 -34.27 -21.63
C GLY J 3807 -41.77 -33.11 -20.76
N GLY J 3808 -41.19 -33.37 -19.60
CA GLY J 3808 -40.73 -32.30 -18.74
C GLY J 3808 -41.87 -31.56 -18.08
N ASN J 3809 -42.69 -32.28 -17.33
CA ASN J 3809 -43.72 -31.63 -16.54
C ASN J 3809 -43.08 -30.86 -15.39
N ALA J 3810 -43.73 -29.77 -14.99
CA ALA J 3810 -43.14 -28.87 -14.00
C ALA J 3810 -43.58 -29.17 -12.57
N GLU J 3811 -44.89 -29.25 -12.32
CA GLU J 3811 -45.36 -29.30 -10.95
C GLU J 3811 -45.15 -30.65 -10.29
N VAL J 3812 -44.90 -31.71 -11.07
CA VAL J 3812 -44.53 -32.96 -10.43
C VAL J 3812 -43.16 -32.85 -9.81
N GLN J 3813 -42.28 -32.00 -10.37
CA GLN J 3813 -41.02 -31.72 -9.72
C GLN J 3813 -41.23 -30.87 -8.48
N GLN J 3814 -42.18 -29.96 -8.54
CA GLN J 3814 -42.50 -29.18 -7.36
C GLN J 3814 -43.27 -30.01 -6.34
N LYS J 3815 -43.92 -31.08 -6.79
CA LYS J 3815 -44.46 -32.05 -5.84
C LYS J 3815 -43.40 -33.01 -5.35
N MET J 3816 -42.19 -32.95 -5.89
CA MET J 3816 -41.15 -33.88 -5.47
C MET J 3816 -40.07 -33.22 -4.64
N LEU J 3817 -39.79 -31.94 -4.86
CA LEU J 3817 -38.71 -31.30 -4.10
C LEU J 3817 -39.11 -31.10 -2.65
N ASP J 3818 -40.33 -30.64 -2.42
CA ASP J 3818 -40.86 -30.46 -1.07
C ASP J 3818 -40.92 -31.77 -0.29
N TYR J 3819 -41.21 -32.87 -0.98
CA TYR J 3819 -41.23 -34.18 -0.31
C TYR J 3819 -39.84 -34.59 0.13
N LEU J 3820 -38.81 -34.21 -0.61
CA LEU J 3820 -37.45 -34.49 -0.16
C LEU J 3820 -36.89 -33.39 0.73
N LYS J 3821 -37.69 -32.39 1.06
CA LYS J 3821 -37.23 -31.33 1.94
C LYS J 3821 -37.95 -31.27 3.26
N ASP J 3822 -39.20 -31.73 3.34
CA ASP J 3822 -39.82 -31.86 4.65
C ASP J 3822 -39.44 -33.16 5.34
N LYS J 3823 -39.05 -34.18 4.58
CA LYS J 3823 -38.77 -35.48 5.20
C LYS J 3823 -37.31 -35.64 5.57
N LYS J 3824 -36.42 -34.92 4.88
CA LYS J 3824 -34.96 -35.10 4.97
C LYS J 3824 -34.56 -36.55 4.76
N GLU J 3825 -35.20 -37.20 3.80
CA GLU J 3825 -35.11 -38.65 3.66
C GLU J 3825 -33.80 -39.04 3.00
N VAL J 3826 -32.74 -39.11 3.79
CA VAL J 3826 -31.54 -39.83 3.36
C VAL J 3826 -31.90 -41.30 3.28
N GLY J 3827 -31.59 -41.91 2.15
CA GLY J 3827 -32.01 -43.27 1.90
C GLY J 3827 -32.57 -43.38 0.52
N PHE J 3828 -33.22 -42.31 0.06
CA PHE J 3828 -33.50 -42.17 -1.36
C PHE J 3828 -32.22 -42.05 -2.16
N PHE J 3829 -31.44 -41.04 -1.84
CA PHE J 3829 -30.22 -40.73 -2.57
C PHE J 3829 -29.17 -41.82 -2.43
N GLN J 3830 -29.15 -42.50 -1.30
CA GLN J 3830 -28.26 -43.65 -1.17
C GLN J 3830 -28.72 -44.80 -2.04
N SER J 3831 -30.02 -45.03 -2.11
CA SER J 3831 -30.53 -46.07 -3.02
C SER J 3831 -30.35 -45.67 -4.47
N ILE J 3832 -30.37 -44.36 -4.74
CA ILE J 3832 -29.99 -43.89 -6.06
C ILE J 3832 -28.54 -44.21 -6.34
N GLN J 3833 -27.66 -43.97 -5.36
CA GLN J 3833 -26.25 -44.25 -5.54
C GLN J 3833 -25.98 -45.74 -5.62
N ALA J 3834 -26.81 -46.54 -4.95
CA ALA J 3834 -26.61 -47.99 -4.99
C ALA J 3834 -26.95 -48.57 -6.36
N LEU J 3835 -28.05 -48.14 -6.97
CA LEU J 3835 -28.39 -48.61 -8.30
C LEU J 3835 -27.40 -48.15 -9.35
N MET J 3836 -26.72 -47.03 -9.11
CA MET J 3836 -25.76 -46.51 -10.09
C MET J 3836 -24.56 -47.42 -10.25
N GLN J 3837 -24.01 -47.93 -9.15
CA GLN J 3837 -22.80 -48.73 -9.24
C GLN J 3837 -23.08 -50.13 -9.76
N THR J 3838 -24.29 -50.64 -9.62
CA THR J 3838 -24.63 -51.97 -10.13
C THR J 3838 -25.22 -51.86 -11.54
N CYS J 3839 -24.51 -51.15 -12.39
CA CYS J 3839 -24.85 -51.04 -13.80
C CYS J 3839 -23.76 -51.71 -14.61
N SER J 3840 -24.14 -52.76 -15.31
CA SER J 3840 -23.19 -53.54 -16.10
C SER J 3840 -22.66 -52.73 -17.26
N VAL J 3841 -21.44 -53.06 -17.67
CA VAL J 3841 -20.80 -52.40 -18.80
C VAL J 3841 -20.31 -53.49 -19.76
N LEU J 3842 -19.62 -53.09 -20.82
CA LEU J 3842 -19.06 -54.04 -21.77
C LEU J 3842 -17.97 -54.85 -21.08
N ASP J 3843 -18.07 -56.17 -21.15
CA ASP J 3843 -16.98 -56.98 -20.64
C ASP J 3843 -16.19 -57.58 -21.78
N LEU J 3844 -15.10 -58.27 -21.44
CA LEU J 3844 -14.35 -59.03 -22.42
C LEU J 3844 -14.18 -60.48 -22.00
N ASN J 3845 -15.07 -61.00 -21.16
CA ASN J 3845 -14.98 -62.39 -20.74
C ASN J 3845 -16.24 -63.18 -21.04
N ALA J 3846 -17.40 -62.69 -20.65
CA ALA J 3846 -18.65 -63.35 -20.98
C ALA J 3846 -19.03 -63.15 -22.43
N PHE J 3847 -18.40 -62.19 -23.09
CA PHE J 3847 -18.63 -61.94 -24.51
C PHE J 3847 -18.25 -63.14 -25.36
N GLU J 3848 -17.06 -63.69 -25.14
CA GLU J 3848 -16.70 -64.90 -25.85
C GLU J 3848 -17.36 -66.13 -25.26
N ARG J 3849 -17.81 -66.07 -23.99
CA ARG J 3849 -18.63 -67.14 -23.45
C ARG J 3849 -19.93 -67.25 -24.23
N GLN J 3850 -20.56 -66.11 -24.52
CA GLN J 3850 -21.70 -66.08 -25.41
C GLN J 3850 -21.32 -66.55 -26.80
N ASN J 3851 -20.12 -66.20 -27.26
CA ASN J 3851 -19.72 -66.56 -28.61
C ASN J 3851 -19.45 -68.05 -28.72
N LYS J 3852 -18.82 -68.63 -27.70
CA LYS J 3852 -18.66 -70.08 -27.68
C LYS J 3852 -20.00 -70.77 -27.48
N ALA J 3853 -20.90 -70.15 -26.72
CA ALA J 3853 -22.27 -70.64 -26.67
C ALA J 3853 -22.97 -70.49 -28.00
N GLU J 3854 -22.63 -69.46 -28.77
CA GLU J 3854 -23.26 -69.25 -30.07
C GLU J 3854 -22.83 -70.28 -31.10
N GLY J 3855 -21.82 -71.11 -30.81
CA GLY J 3855 -21.44 -72.17 -31.73
C GLY J 3855 -22.36 -73.36 -31.73
N LEU J 3856 -23.42 -73.34 -30.92
CA LEU J 3856 -24.38 -74.42 -30.84
C LEU J 3856 -25.73 -73.86 -31.28
N GLY J 3857 -26.38 -74.57 -32.21
CA GLY J 3857 -27.63 -74.05 -32.76
C GLY J 3857 -28.85 -74.87 -32.39
N MET J 3858 -28.69 -76.18 -32.25
CA MET J 3858 -29.80 -77.05 -31.90
C MET J 3858 -29.27 -78.20 -31.07
N VAL J 3859 -29.92 -78.45 -29.96
CA VAL J 3859 -29.45 -79.44 -28.98
C VAL J 3859 -30.11 -80.78 -29.28
N ASN J 3860 -29.40 -81.87 -28.95
CA ASN J 3860 -29.81 -83.24 -29.23
C ASN J 3860 -31.13 -83.60 -28.54
N GLU J 3861 -31.72 -84.69 -29.04
CA GLU J 3861 -32.87 -85.36 -28.45
C GLU J 3861 -34.12 -84.47 -28.41
N ASP J 3862 -34.50 -83.97 -29.59
CA ASP J 3862 -35.77 -83.32 -29.87
C ASP J 3862 -35.95 -82.03 -29.06
N GLY J 3863 -34.83 -81.45 -28.67
CA GLY J 3863 -34.86 -80.21 -27.94
C GLY J 3863 -34.39 -79.07 -28.81
N THR J 3864 -34.78 -77.85 -28.48
CA THR J 3864 -34.30 -76.68 -29.20
C THR J 3864 -33.52 -75.79 -28.25
N VAL J 3865 -32.40 -75.26 -28.73
CA VAL J 3865 -31.67 -74.26 -27.95
C VAL J 3865 -32.47 -72.97 -27.93
N ILE J 3866 -33.06 -72.68 -26.78
CA ILE J 3866 -33.84 -71.46 -26.63
C ILE J 3866 -32.86 -70.30 -26.54
N ASN J 3867 -32.71 -69.57 -27.65
CA ASN J 3867 -31.76 -68.47 -27.69
C ASN J 3867 -32.18 -67.29 -26.82
N ARG J 3868 -33.46 -67.21 -26.46
CA ARG J 3868 -33.91 -66.21 -25.50
C ARG J 3868 -33.66 -66.64 -24.06
N GLN J 3869 -33.47 -67.93 -23.82
CA GLN J 3869 -33.17 -68.40 -22.46
C GLN J 3869 -31.78 -67.94 -22.04
N ASN J 3870 -30.78 -68.20 -22.88
CA ASN J 3870 -29.48 -67.57 -22.68
C ASN J 3870 -29.56 -66.07 -22.89
N GLY J 3871 -30.19 -65.65 -23.99
CA GLY J 3871 -30.38 -64.24 -24.27
C GLY J 3871 -29.05 -63.56 -24.53
N GLU J 3872 -28.90 -62.37 -23.96
CA GLU J 3872 -27.62 -61.68 -23.95
C GLU J 3872 -27.07 -61.75 -22.53
N LYS J 3873 -26.08 -62.62 -22.33
CA LYS J 3873 -25.40 -62.67 -21.04
C LYS J 3873 -24.57 -61.42 -20.80
N VAL J 3874 -24.11 -60.79 -21.89
CA VAL J 3874 -23.39 -59.53 -21.80
C VAL J 3874 -24.38 -58.37 -21.87
N MET J 3875 -24.35 -57.54 -20.83
CA MET J 3875 -25.16 -56.33 -20.69
C MET J 3875 -26.66 -56.61 -20.86
N ALA J 3876 -27.18 -57.54 -20.06
CA ALA J 3876 -28.62 -57.69 -19.94
C ALA J 3876 -29.22 -56.62 -19.03
N ASP J 3877 -28.36 -55.83 -18.38
CA ASP J 3877 -28.73 -54.71 -17.53
C ASP J 3877 -29.04 -53.46 -18.33
N ASP J 3878 -29.01 -53.56 -19.66
CA ASP J 3878 -28.97 -52.42 -20.57
C ASP J 3878 -30.19 -51.52 -20.48
N GLU J 3879 -31.38 -52.06 -20.74
CA GLU J 3879 -32.57 -51.23 -20.83
C GLU J 3879 -32.98 -50.70 -19.48
N PHE J 3880 -32.60 -51.39 -18.40
CA PHE J 3880 -32.86 -50.85 -17.08
C PHE J 3880 -31.94 -49.69 -16.78
N THR J 3881 -30.63 -49.84 -16.99
CA THR J 3881 -29.71 -48.76 -16.65
C THR J 3881 -29.83 -47.58 -17.58
N GLN J 3882 -30.36 -47.76 -18.77
CA GLN J 3882 -30.73 -46.65 -19.61
C GLN J 3882 -31.96 -45.95 -19.06
N ASP J 3883 -32.85 -46.72 -18.46
CA ASP J 3883 -34.11 -46.16 -18.00
C ASP J 3883 -33.94 -45.31 -16.76
N LEU J 3884 -32.91 -45.59 -15.96
CA LEU J 3884 -32.70 -44.81 -14.75
C LEU J 3884 -32.16 -43.42 -15.08
N PHE J 3885 -31.20 -43.36 -15.99
CA PHE J 3885 -30.71 -42.07 -16.43
C PHE J 3885 -31.76 -41.30 -17.21
N ARG J 3886 -32.61 -41.99 -17.96
CA ARG J 3886 -33.74 -41.33 -18.60
C ARG J 3886 -34.72 -40.79 -17.58
N PHE J 3887 -34.92 -41.51 -16.48
CA PHE J 3887 -35.61 -40.92 -15.34
C PHE J 3887 -34.81 -39.76 -14.77
N LEU J 3888 -33.50 -39.96 -14.61
CA LEU J 3888 -32.67 -38.92 -14.01
C LEU J 3888 -32.53 -37.69 -14.88
N GLN J 3889 -32.62 -37.85 -16.20
CA GLN J 3889 -32.64 -36.67 -17.07
C GLN J 3889 -33.91 -35.87 -16.85
N LEU J 3890 -35.03 -36.55 -16.60
CA LEU J 3890 -36.31 -35.88 -16.53
C LEU J 3890 -36.59 -35.20 -15.21
N LEU J 3891 -35.62 -35.16 -14.30
CA LEU J 3891 -35.85 -34.42 -13.06
C LEU J 3891 -35.43 -32.98 -13.18
N CYS J 3892 -34.60 -32.64 -14.17
CA CYS J 3892 -34.22 -31.25 -14.42
C CYS J 3892 -34.44 -30.89 -15.88
N GLU J 3893 -35.56 -31.32 -16.45
CA GLU J 3893 -35.83 -31.05 -17.86
C GLU J 3893 -36.21 -29.60 -18.09
N GLY J 3894 -37.03 -29.01 -17.22
CA GLY J 3894 -37.39 -27.62 -17.34
C GLY J 3894 -36.37 -26.67 -16.75
N HIS J 3895 -35.14 -27.16 -16.54
CA HIS J 3895 -34.01 -26.38 -16.02
C HIS J 3895 -34.31 -25.84 -14.63
N ASN J 3896 -34.99 -26.65 -13.84
CA ASN J 3896 -35.42 -26.26 -12.50
C ASN J 3896 -34.20 -26.14 -11.61
N ASN J 3897 -33.77 -24.90 -11.37
CA ASN J 3897 -32.45 -24.62 -10.83
C ASN J 3897 -32.25 -25.12 -9.40
N ASP J 3898 -33.33 -25.31 -8.66
CA ASP J 3898 -33.24 -25.89 -7.34
C ASP J 3898 -32.75 -27.33 -7.35
N PHE J 3899 -33.19 -28.15 -8.32
CA PHE J 3899 -32.66 -29.50 -8.43
C PHE J 3899 -31.22 -29.52 -8.87
N GLN J 3900 -30.80 -28.52 -9.65
CA GLN J 3900 -29.38 -28.32 -9.90
C GLN J 3900 -28.60 -28.02 -8.63
N ASN J 3901 -29.23 -27.44 -7.62
CA ASN J 3901 -28.55 -27.29 -6.35
C ASN J 3901 -29.02 -28.33 -5.33
N TYR J 3902 -29.93 -29.21 -5.71
CA TYR J 3902 -30.30 -30.30 -4.81
C TYR J 3902 -29.54 -31.56 -5.12
N LEU J 3903 -29.34 -31.86 -6.41
CA LEU J 3903 -28.74 -33.12 -6.80
C LEU J 3903 -27.25 -33.15 -6.55
N ARG J 3904 -26.63 -32.04 -6.20
CA ARG J 3904 -25.25 -32.11 -5.75
C ARG J 3904 -25.15 -31.85 -4.26
N THR J 3905 -26.19 -31.29 -3.65
CA THR J 3905 -26.18 -30.99 -2.23
C THR J 3905 -27.58 -31.11 -1.67
N GLN J 3906 -27.78 -32.06 -0.78
CA GLN J 3906 -29.03 -32.18 -0.04
C GLN J 3906 -28.82 -31.41 1.26
N THR J 3907 -28.85 -30.08 1.15
CA THR J 3907 -28.43 -29.21 2.24
C THR J 3907 -29.32 -29.28 3.47
N GLY J 3908 -30.58 -29.66 3.32
CA GLY J 3908 -31.44 -29.84 4.48
C GLY J 3908 -31.11 -31.13 5.20
N ASN J 3909 -30.62 -32.11 4.45
CA ASN J 3909 -30.32 -33.43 4.98
C ASN J 3909 -29.04 -33.39 5.80
N THR J 3910 -28.74 -34.52 6.42
CA THR J 3910 -27.50 -34.64 7.18
C THR J 3910 -26.32 -34.96 6.29
N THR J 3911 -26.53 -35.73 5.23
CA THR J 3911 -25.45 -36.32 4.46
C THR J 3911 -25.72 -36.13 2.97
N THR J 3912 -24.85 -35.38 2.30
CA THR J 3912 -24.94 -35.20 0.87
C THR J 3912 -24.44 -36.44 0.16
N ILE J 3913 -24.87 -36.60 -1.08
CA ILE J 3913 -24.45 -37.72 -1.92
C ILE J 3913 -23.75 -37.23 -3.18
N ASN J 3914 -24.26 -36.16 -3.79
CA ASN J 3914 -23.74 -35.54 -5.02
C ASN J 3914 -23.74 -36.55 -6.17
N ILE J 3915 -24.96 -36.88 -6.58
CA ILE J 3915 -25.23 -37.79 -7.70
C ILE J 3915 -24.56 -37.32 -8.98
N ILE J 3916 -24.41 -36.00 -9.14
CA ILE J 3916 -23.68 -35.41 -10.25
C ILE J 3916 -22.27 -35.98 -10.33
N ILE J 3917 -21.58 -36.08 -9.19
CA ILE J 3917 -20.29 -36.75 -9.18
C ILE J 3917 -20.46 -38.24 -9.42
N CYS J 3918 -21.52 -38.84 -8.87
CA CYS J 3918 -21.78 -40.25 -9.08
C CYS J 3918 -22.17 -40.55 -10.53
N THR J 3919 -22.69 -39.56 -11.25
CA THR J 3919 -22.97 -39.75 -12.66
C THR J 3919 -21.68 -39.76 -13.47
N VAL J 3920 -20.69 -38.99 -13.02
CA VAL J 3920 -19.38 -38.97 -13.67
C VAL J 3920 -18.70 -40.32 -13.52
N ASP J 3921 -18.82 -40.95 -12.36
CA ASP J 3921 -18.02 -42.13 -12.08
C ASP J 3921 -18.54 -43.34 -12.82
N TYR J 3922 -19.84 -43.38 -13.12
CA TYR J 3922 -20.31 -44.45 -14.00
C TYR J 3922 -19.80 -44.24 -15.41
N LEU J 3923 -19.71 -42.98 -15.83
CA LEU J 3923 -19.28 -42.66 -17.18
C LEU J 3923 -17.82 -43.06 -17.41
N LEU J 3924 -16.97 -42.87 -16.39
CA LEU J 3924 -15.58 -43.32 -16.50
C LEU J 3924 -15.49 -44.84 -16.56
N ARG J 3925 -16.30 -45.53 -15.75
CA ARG J 3925 -16.35 -46.98 -15.83
C ARG J 3925 -16.91 -47.43 -17.16
N LEU J 3926 -17.80 -46.65 -17.76
CA LEU J 3926 -18.20 -46.93 -19.12
C LEU J 3926 -17.07 -46.64 -20.09
N GLN J 3927 -16.24 -45.67 -19.77
CA GLN J 3927 -15.27 -45.16 -20.74
C GLN J 3927 -14.16 -46.16 -21.00
N GLU J 3928 -13.61 -46.76 -19.95
CA GLU J 3928 -12.63 -47.80 -20.18
C GLU J 3928 -13.26 -49.06 -20.76
N SER J 3929 -14.51 -49.32 -20.41
CA SER J 3929 -15.18 -50.52 -20.87
C SER J 3929 -15.49 -50.49 -22.35
N ILE J 3930 -15.71 -49.29 -22.90
CA ILE J 3930 -15.90 -49.22 -24.33
C ILE J 3930 -14.54 -49.16 -25.02
N SER J 3931 -13.52 -48.64 -24.36
CA SER J 3931 -12.22 -48.50 -25.00
C SER J 3931 -11.53 -49.83 -25.13
N ASP J 3932 -11.70 -50.71 -24.14
CA ASP J 3932 -11.09 -52.03 -24.25
C ASP J 3932 -11.85 -52.90 -25.23
N PHE J 3933 -13.11 -52.56 -25.52
CA PHE J 3933 -13.78 -53.26 -26.61
C PHE J 3933 -13.21 -52.85 -27.95
N TYR J 3934 -12.61 -51.68 -28.03
CA TYR J 3934 -11.94 -51.29 -29.26
C TYR J 3934 -10.66 -52.08 -29.45
N TRP J 3935 -9.91 -52.31 -28.38
CA TRP J 3935 -8.62 -52.97 -28.49
C TRP J 3935 -8.75 -54.44 -28.84
N TYR J 3936 -9.87 -55.06 -28.50
CA TYR J 3936 -10.10 -56.42 -28.96
C TYR J 3936 -10.33 -56.45 -30.46
N TYR J 3937 -11.01 -55.44 -30.98
CA TYR J 3937 -11.35 -55.41 -32.39
C TYR J 3937 -10.36 -54.60 -33.21
N SER J 3938 -9.35 -54.03 -32.56
CA SER J 3938 -8.36 -53.25 -33.29
C SER J 3938 -7.45 -54.11 -34.15
N GLY J 3939 -7.41 -55.41 -33.90
CA GLY J 3939 -6.64 -56.30 -34.73
C GLY J 3939 -7.47 -56.94 -35.82
N LYS J 3940 -8.76 -57.15 -35.54
CA LYS J 3940 -9.65 -57.75 -36.52
C LYS J 3940 -9.94 -56.76 -37.65
N ASP J 3941 -10.31 -57.30 -38.81
CA ASP J 3941 -10.58 -56.45 -39.96
C ASP J 3941 -12.06 -56.15 -40.07
N VAL J 3942 -12.89 -57.18 -40.20
CA VAL J 3942 -14.32 -57.03 -40.35
C VAL J 3942 -14.98 -57.26 -39.00
N ILE J 3943 -16.23 -56.83 -38.89
CA ILE J 3943 -17.02 -57.02 -37.69
C ILE J 3943 -18.22 -57.87 -38.03
N GLU J 3944 -18.47 -58.90 -37.22
CA GLU J 3944 -19.59 -59.78 -37.44
C GLU J 3944 -20.88 -59.17 -36.86
N GLU J 3945 -21.97 -59.94 -36.90
CA GLU J 3945 -23.27 -59.44 -36.49
C GLU J 3945 -23.38 -59.19 -35.00
N GLN J 3946 -22.87 -60.11 -34.17
CA GLN J 3946 -23.04 -59.97 -32.73
C GLN J 3946 -22.11 -58.93 -32.15
N GLY J 3947 -21.03 -58.59 -32.87
CA GLY J 3947 -20.09 -57.60 -32.41
C GLY J 3947 -20.69 -56.21 -32.42
N LYS J 3948 -21.53 -55.93 -33.41
CA LYS J 3948 -22.14 -54.63 -33.50
C LYS J 3948 -23.32 -54.48 -32.55
N ARG J 3949 -24.08 -55.55 -32.31
CA ARG J 3949 -25.24 -55.48 -31.43
C ARG J 3949 -24.83 -55.14 -30.01
N ASN J 3950 -23.68 -55.67 -29.59
CA ASN J 3950 -23.06 -55.22 -28.35
C ASN J 3950 -22.68 -53.77 -28.41
N PHE J 3951 -22.11 -53.33 -29.52
CA PHE J 3951 -21.59 -51.98 -29.57
C PHE J 3951 -22.71 -50.99 -29.85
N SER J 3952 -23.79 -51.46 -30.45
CA SER J 3952 -24.99 -50.64 -30.55
C SER J 3952 -25.61 -50.40 -29.18
N LYS J 3953 -25.46 -51.36 -28.28
CA LYS J 3953 -26.04 -51.23 -26.95
C LYS J 3953 -25.33 -50.16 -26.14
N ALA J 3954 -23.99 -50.21 -26.12
CA ALA J 3954 -23.22 -49.37 -25.20
C ALA J 3954 -23.25 -47.90 -25.58
N MET J 3955 -23.44 -47.58 -26.85
CA MET J 3955 -23.54 -46.17 -27.20
C MET J 3955 -24.94 -45.63 -27.01
N SER J 3956 -25.96 -46.50 -27.13
CA SER J 3956 -27.33 -46.08 -26.87
C SER J 3956 -27.51 -45.72 -25.40
N VAL J 3957 -26.75 -46.36 -24.52
CA VAL J 3957 -26.81 -45.94 -23.13
C VAL J 3957 -25.86 -44.78 -22.90
N ALA J 3958 -24.89 -44.59 -23.79
CA ALA J 3958 -23.99 -43.47 -23.66
C ALA J 3958 -24.66 -42.17 -24.07
N LYS J 3959 -25.48 -42.21 -25.11
CA LYS J 3959 -26.21 -41.03 -25.52
C LYS J 3959 -27.23 -40.64 -24.48
N GLN J 3960 -27.78 -41.63 -23.77
CA GLN J 3960 -28.68 -41.34 -22.67
C GLN J 3960 -27.97 -40.62 -21.54
N VAL J 3961 -26.72 -40.98 -21.26
CA VAL J 3961 -26.11 -40.42 -20.07
C VAL J 3961 -25.45 -39.06 -20.38
N PHE J 3962 -25.02 -38.82 -21.61
CA PHE J 3962 -24.57 -37.47 -21.94
C PHE J 3962 -25.75 -36.50 -21.96
N ASN J 3963 -26.89 -36.94 -22.50
CA ASN J 3963 -28.10 -36.15 -22.39
C ASN J 3963 -28.51 -35.95 -20.95
N SER J 3964 -28.33 -36.96 -20.11
CA SER J 3964 -28.65 -36.79 -18.70
C SER J 3964 -27.58 -35.96 -18.00
N LEU J 3965 -26.37 -35.94 -18.54
CA LEU J 3965 -25.36 -35.03 -18.02
C LEU J 3965 -25.71 -33.58 -18.30
N THR J 3966 -26.08 -33.27 -19.54
CA THR J 3966 -26.18 -31.87 -19.92
C THR J 3966 -27.38 -31.18 -19.31
N GLU J 3967 -28.40 -31.95 -18.90
CA GLU J 3967 -29.53 -31.33 -18.20
C GLU J 3967 -29.18 -30.97 -16.77
N TYR J 3968 -28.03 -31.41 -16.27
CA TYR J 3968 -27.52 -30.84 -15.03
C TYR J 3968 -26.88 -29.48 -15.27
N ILE J 3969 -26.53 -29.17 -16.52
CA ILE J 3969 -25.80 -27.94 -16.82
C ILE J 3969 -26.42 -27.16 -17.97
N GLN J 3970 -27.59 -27.55 -18.50
CA GLN J 3970 -28.23 -26.72 -19.52
C GLN J 3970 -28.62 -25.37 -18.98
N GLY J 3971 -29.17 -25.32 -17.79
CA GLY J 3971 -29.29 -24.08 -17.08
C GLY J 3971 -27.92 -23.56 -16.75
N PRO J 3972 -27.75 -22.25 -16.72
CA PRO J 3972 -26.44 -21.68 -16.42
C PRO J 3972 -26.13 -21.66 -14.93
N CYS J 3973 -26.21 -22.81 -14.27
CA CYS J 3973 -25.92 -22.95 -12.86
C CYS J 3973 -24.45 -23.24 -12.69
N THR J 3974 -23.75 -22.40 -11.95
CA THR J 3974 -22.31 -22.57 -11.78
C THR J 3974 -21.97 -23.78 -10.91
N GLY J 3975 -22.84 -24.12 -9.96
CA GLY J 3975 -22.50 -25.12 -8.97
C GLY J 3975 -22.34 -26.51 -9.56
N ASN J 3976 -23.02 -26.79 -10.66
CA ASN J 3976 -22.70 -27.97 -11.42
C ASN J 3976 -21.49 -27.78 -12.29
N GLN J 3977 -21.34 -26.58 -12.86
CA GLN J 3977 -20.24 -26.36 -13.79
C GLN J 3977 -18.92 -26.18 -13.07
N GLN J 3978 -18.94 -25.97 -11.77
CA GLN J 3978 -17.71 -26.08 -11.00
C GLN J 3978 -17.37 -27.53 -10.70
N SER J 3979 -18.36 -28.34 -10.33
CA SER J 3979 -18.08 -29.72 -9.97
C SER J 3979 -17.67 -30.56 -11.18
N LEU J 3980 -18.22 -30.23 -12.35
CA LEU J 3980 -17.77 -30.89 -13.55
C LEU J 3980 -16.37 -30.42 -13.96
N ALA J 3981 -15.96 -29.26 -13.48
CA ALA J 3981 -14.64 -28.74 -13.81
C ALA J 3981 -13.56 -29.30 -12.90
N HIS J 3982 -13.91 -30.15 -11.94
CA HIS J 3982 -12.94 -30.63 -10.97
C HIS J 3982 -12.91 -32.15 -10.86
N SER J 3983 -13.74 -32.85 -11.61
CA SER J 3983 -13.67 -34.30 -11.62
C SER J 3983 -12.66 -34.74 -12.68
N ARG J 3984 -12.70 -36.02 -13.03
CA ARG J 3984 -11.92 -36.54 -14.14
C ARG J 3984 -12.72 -36.54 -15.44
N LEU J 3985 -13.65 -35.59 -15.55
CA LEU J 3985 -14.54 -35.51 -16.69
C LEU J 3985 -13.80 -35.25 -17.99
N TRP J 3986 -12.77 -34.40 -17.93
CA TRP J 3986 -11.88 -34.22 -19.07
C TRP J 3986 -11.16 -35.52 -19.40
N ASP J 3987 -10.69 -36.22 -18.36
CA ASP J 3987 -10.06 -37.52 -18.59
C ASP J 3987 -11.05 -38.55 -19.05
N ALA J 3988 -12.34 -38.38 -18.75
CA ALA J 3988 -13.34 -39.19 -19.41
C ALA J 3988 -13.48 -38.80 -20.87
N VAL J 3989 -13.50 -37.49 -21.14
CA VAL J 3989 -13.67 -36.99 -22.50
C VAL J 3989 -12.47 -37.36 -23.37
N VAL J 3990 -11.26 -37.30 -22.81
CA VAL J 3990 -10.04 -37.65 -23.54
C VAL J 3990 -10.09 -39.09 -24.01
N GLY J 3991 -10.57 -39.99 -23.15
CA GLY J 3991 -10.78 -41.36 -23.57
C GLY J 3991 -11.87 -41.50 -24.62
N PHE J 3992 -12.91 -40.68 -24.53
CA PHE J 3992 -13.89 -40.68 -25.60
C PHE J 3992 -13.33 -40.06 -26.87
N LEU J 3993 -12.43 -39.09 -26.72
CA LEU J 3993 -11.78 -38.54 -27.90
C LEU J 3993 -10.88 -39.56 -28.58
N HIS J 3994 -10.24 -40.43 -27.82
CA HIS J 3994 -9.36 -41.40 -28.44
C HIS J 3994 -10.11 -42.55 -29.08
N VAL J 3995 -11.27 -42.91 -28.54
CA VAL J 3995 -12.03 -43.98 -29.18
C VAL J 3995 -12.72 -43.47 -30.43
N PHE J 3996 -13.03 -42.19 -30.50
CA PHE J 3996 -13.77 -41.69 -31.65
C PHE J 3996 -12.88 -41.56 -32.88
N ALA J 3997 -11.65 -41.11 -32.70
CA ALA J 3997 -10.74 -40.94 -33.83
C ALA J 3997 -10.30 -42.27 -34.41
N HIS J 3998 -10.40 -43.35 -33.66
CA HIS J 3998 -9.94 -44.62 -34.18
C HIS J 3998 -11.07 -45.52 -34.61
N MET J 3999 -12.27 -45.33 -34.08
CA MET J 3999 -13.38 -46.19 -34.49
C MET J 3999 -13.81 -45.87 -35.91
N MET J 4000 -13.92 -44.59 -36.26
CA MET J 4000 -14.35 -44.19 -37.60
C MET J 4000 -13.38 -44.65 -38.67
N MET J 4001 -12.10 -44.33 -38.49
CA MET J 4001 -11.07 -44.64 -39.47
C MET J 4001 -10.81 -46.13 -39.61
N LYS J 4002 -11.31 -46.94 -38.67
CA LYS J 4002 -11.48 -48.36 -38.95
C LYS J 4002 -12.84 -48.66 -39.58
N LEU J 4003 -13.90 -48.01 -39.12
CA LEU J 4003 -15.22 -48.33 -39.63
C LEU J 4003 -15.51 -47.73 -40.99
N ALA J 4004 -14.62 -46.91 -41.54
CA ALA J 4004 -14.86 -46.31 -42.83
C ALA J 4004 -14.50 -47.23 -43.99
N GLN J 4005 -14.28 -48.52 -43.77
CA GLN J 4005 -13.75 -49.39 -44.80
C GLN J 4005 -14.74 -50.47 -45.25
N ASP J 4006 -16.04 -50.23 -45.09
CA ASP J 4006 -17.02 -51.16 -45.62
C ASP J 4006 -18.35 -50.43 -45.81
N SER J 4007 -19.15 -50.96 -46.72
CA SER J 4007 -20.54 -50.58 -46.85
C SER J 4007 -21.42 -51.18 -45.76
N SER J 4008 -21.08 -52.39 -45.28
CA SER J 4008 -21.87 -53.04 -44.25
C SER J 4008 -21.50 -52.60 -42.85
N GLN J 4009 -20.73 -51.53 -42.69
CA GLN J 4009 -20.40 -50.96 -41.40
C GLN J 4009 -21.03 -49.59 -41.19
N ILE J 4010 -21.88 -49.17 -42.12
CA ILE J 4010 -22.34 -47.79 -42.09
C ILE J 4010 -23.48 -47.60 -41.10
N GLU J 4011 -24.19 -48.68 -40.75
CA GLU J 4011 -25.28 -48.59 -39.79
C GLU J 4011 -24.77 -48.20 -38.41
N LEU J 4012 -23.59 -48.69 -38.06
CA LEU J 4012 -23.00 -48.37 -36.78
C LEU J 4012 -22.45 -46.96 -36.73
N LEU J 4013 -21.91 -46.48 -37.84
CA LEU J 4013 -21.15 -45.23 -37.79
C LEU J 4013 -22.05 -44.01 -37.69
N LYS J 4014 -23.27 -44.08 -38.22
CA LYS J 4014 -24.23 -42.99 -38.04
C LYS J 4014 -24.57 -42.80 -36.58
N GLU J 4015 -24.58 -43.88 -35.82
CA GLU J 4015 -24.84 -43.78 -34.39
C GLU J 4015 -23.69 -43.11 -33.67
N LEU J 4016 -22.46 -43.32 -34.15
CA LEU J 4016 -21.30 -42.75 -33.48
C LEU J 4016 -21.24 -41.24 -33.66
N LEU J 4017 -21.60 -40.75 -34.84
CA LEU J 4017 -21.60 -39.32 -35.08
C LEU J 4017 -22.66 -38.61 -34.26
N ASP J 4018 -23.83 -39.24 -34.11
CA ASP J 4018 -24.87 -38.66 -33.27
C ASP J 4018 -24.50 -38.69 -31.80
N LEU J 4019 -23.59 -39.59 -31.41
CA LEU J 4019 -23.14 -39.61 -30.03
C LEU J 4019 -22.24 -38.41 -29.73
N GLN J 4020 -21.22 -38.19 -30.55
CA GLN J 4020 -20.29 -37.10 -30.30
C GLN J 4020 -20.88 -35.74 -30.63
N LYS J 4021 -21.95 -35.70 -31.41
CA LYS J 4021 -22.76 -34.50 -31.48
C LYS J 4021 -23.32 -34.15 -30.12
N ASP J 4022 -23.83 -35.16 -29.40
CA ASP J 4022 -24.37 -34.92 -28.08
C ASP J 4022 -23.28 -34.69 -27.05
N MET J 4023 -22.05 -35.12 -27.33
CA MET J 4023 -20.98 -34.85 -26.39
C MET J 4023 -20.53 -33.39 -26.48
N VAL J 4024 -20.40 -32.86 -27.69
CA VAL J 4024 -19.88 -31.51 -27.81
C VAL J 4024 -20.93 -30.49 -27.43
N VAL J 4025 -22.21 -30.86 -27.50
CA VAL J 4025 -23.23 -29.92 -27.04
C VAL J 4025 -23.23 -29.89 -25.52
N MET J 4026 -22.74 -30.94 -24.87
CA MET J 4026 -22.50 -30.88 -23.44
C MET J 4026 -21.34 -29.93 -23.13
N LEU J 4027 -20.32 -29.95 -23.98
CA LEU J 4027 -19.22 -29.00 -23.84
C LEU J 4027 -19.67 -27.57 -24.05
N LEU J 4028 -20.57 -27.36 -25.01
CA LEU J 4028 -21.12 -26.04 -25.24
C LEU J 4028 -21.98 -25.58 -24.08
N SER J 4029 -22.86 -26.44 -23.58
CA SER J 4029 -23.65 -26.09 -22.41
C SER J 4029 -22.81 -26.04 -21.14
N LEU J 4030 -21.65 -26.67 -21.13
CA LEU J 4030 -20.71 -26.40 -20.05
C LEU J 4030 -20.08 -25.02 -20.23
N LEU J 4031 -19.85 -24.61 -21.47
CA LEU J 4031 -19.23 -23.33 -21.75
C LEU J 4031 -20.23 -22.20 -21.92
N GLU J 4032 -21.42 -22.32 -21.36
CA GLU J 4032 -22.33 -21.19 -21.34
C GLU J 4032 -22.23 -20.51 -19.99
N GLY J 4033 -22.58 -19.22 -19.96
CA GLY J 4033 -22.25 -18.42 -18.80
C GLY J 4033 -20.76 -18.18 -18.70
N ASN J 4034 -20.06 -18.24 -19.82
CA ASN J 4034 -18.61 -18.22 -19.85
C ASN J 4034 -18.10 -16.80 -19.94
N VAL J 4035 -17.05 -16.51 -19.21
CA VAL J 4035 -16.37 -15.24 -19.33
C VAL J 4035 -15.36 -15.38 -20.47
N VAL J 4036 -14.89 -14.24 -20.99
CA VAL J 4036 -13.86 -14.17 -22.03
C VAL J 4036 -12.59 -14.95 -21.69
N ASN J 4037 -12.01 -14.74 -20.50
CA ASN J 4037 -10.81 -15.45 -20.08
C ASN J 4037 -11.13 -16.11 -18.74
N GLY J 4038 -11.73 -17.30 -18.83
CA GLY J 4038 -12.07 -18.08 -17.66
C GLY J 4038 -11.42 -19.44 -17.71
N MET J 4039 -11.24 -20.03 -16.54
CA MET J 4039 -10.51 -21.29 -16.43
C MET J 4039 -11.24 -22.46 -17.10
N ILE J 4040 -12.57 -22.38 -17.20
CA ILE J 4040 -13.33 -23.39 -17.94
C ILE J 4040 -12.94 -23.36 -19.41
N ALA J 4041 -12.72 -22.16 -19.95
CA ALA J 4041 -12.22 -22.05 -21.32
C ALA J 4041 -10.79 -22.53 -21.41
N ARG J 4042 -9.99 -22.30 -20.39
CA ARG J 4042 -8.60 -22.72 -20.43
C ARG J 4042 -8.44 -24.21 -20.13
N GLN J 4043 -9.33 -24.78 -19.32
CA GLN J 4043 -9.31 -26.23 -19.19
C GLN J 4043 -9.89 -26.92 -20.41
N MET J 4044 -10.64 -26.21 -21.24
CA MET J 4044 -11.15 -26.81 -22.45
C MET J 4044 -10.07 -26.94 -23.51
N VAL J 4045 -9.14 -25.98 -23.56
CA VAL J 4045 -8.23 -25.94 -24.70
C VAL J 4045 -7.05 -26.88 -24.49
N ASP J 4046 -6.50 -26.96 -23.28
CA ASP J 4046 -5.37 -27.86 -23.05
C ASP J 4046 -5.79 -29.32 -23.05
N MET J 4047 -7.04 -29.60 -22.64
CA MET J 4047 -7.60 -30.93 -22.83
C MET J 4047 -7.68 -31.29 -24.30
N LEU J 4048 -7.95 -30.31 -25.15
CA LEU J 4048 -7.87 -30.56 -26.58
C LEU J 4048 -6.43 -30.74 -27.05
N VAL J 4049 -5.45 -30.13 -26.38
CA VAL J 4049 -4.07 -30.34 -26.80
C VAL J 4049 -3.39 -31.43 -26.00
N GLU J 4050 -3.94 -31.84 -24.85
CA GLU J 4050 -3.53 -33.12 -24.27
C GLU J 4050 -4.06 -34.28 -25.10
N SER J 4051 -5.08 -34.03 -25.92
CA SER J 4051 -5.64 -35.00 -26.85
C SER J 4051 -5.43 -34.49 -28.27
N SER J 4052 -4.19 -34.14 -28.57
CA SER J 4052 -3.88 -33.58 -29.89
C SER J 4052 -4.02 -34.62 -30.99
N SER J 4053 -3.17 -35.65 -30.97
CA SER J 4053 -2.86 -36.45 -32.15
C SER J 4053 -4.07 -37.20 -32.67
N ASN J 4054 -5.00 -37.51 -31.78
CA ASN J 4054 -6.31 -38.00 -32.22
C ASN J 4054 -7.24 -36.89 -32.71
N VAL J 4055 -7.21 -35.69 -32.11
CA VAL J 4055 -8.22 -34.71 -32.51
C VAL J 4055 -7.90 -34.07 -33.85
N GLU J 4056 -6.67 -34.19 -34.36
CA GLU J 4056 -6.47 -33.81 -35.75
C GLU J 4056 -6.88 -34.93 -36.68
N MET J 4057 -6.75 -36.18 -36.24
CA MET J 4057 -7.22 -37.30 -37.03
C MET J 4057 -8.72 -37.29 -37.24
N ILE J 4058 -9.48 -36.78 -36.26
CA ILE J 4058 -10.89 -36.55 -36.54
C ILE J 4058 -11.08 -35.29 -37.35
N LEU J 4059 -10.21 -34.29 -37.17
CA LEU J 4059 -10.28 -33.08 -37.97
C LEU J 4059 -9.88 -33.32 -39.42
N LYS J 4060 -8.86 -34.13 -39.65
CA LYS J 4060 -8.48 -34.44 -41.02
C LYS J 4060 -9.51 -35.35 -41.69
N PHE J 4061 -10.26 -36.13 -40.90
CA PHE J 4061 -11.32 -36.93 -41.48
C PHE J 4061 -12.47 -36.05 -41.97
N PHE J 4062 -12.81 -35.03 -41.19
CA PHE J 4062 -13.72 -34.00 -41.67
C PHE J 4062 -13.14 -33.20 -42.82
N ASP J 4063 -11.83 -33.00 -42.84
CA ASP J 4063 -11.21 -32.17 -43.87
C ASP J 4063 -11.10 -32.90 -45.19
N MET J 4064 -10.79 -34.20 -45.14
CA MET J 4064 -10.69 -34.97 -46.38
C MET J 4064 -12.04 -35.31 -46.98
N PHE J 4065 -13.04 -35.58 -46.15
CA PHE J 4065 -14.34 -35.99 -46.68
C PHE J 4065 -15.23 -34.81 -47.02
N LEU J 4066 -14.69 -33.60 -47.00
CA LEU J 4066 -15.43 -32.41 -47.43
C LEU J 4066 -14.90 -31.86 -48.74
N LYS J 4067 -13.57 -31.90 -48.93
CA LYS J 4067 -12.99 -31.51 -50.22
C LYS J 4067 -13.23 -32.57 -51.29
N LEU J 4068 -13.61 -33.79 -50.89
CA LEU J 4068 -13.92 -34.85 -51.84
C LEU J 4068 -15.13 -34.50 -52.70
N LYS J 4069 -16.12 -33.80 -52.11
CA LYS J 4069 -17.27 -33.38 -52.89
C LYS J 4069 -16.93 -32.19 -53.79
N ASP J 4070 -16.08 -31.29 -53.33
CA ASP J 4070 -15.73 -30.12 -54.13
C ASP J 4070 -14.79 -30.47 -55.28
N ILE J 4071 -13.95 -31.49 -55.10
CA ILE J 4071 -13.05 -31.91 -56.17
C ILE J 4071 -13.82 -32.62 -57.27
N VAL J 4072 -14.73 -33.52 -56.90
CA VAL J 4072 -15.46 -34.31 -57.88
C VAL J 4072 -16.46 -33.48 -58.67
N GLY J 4073 -16.78 -32.27 -58.21
CA GLY J 4073 -17.56 -31.34 -58.98
C GLY J 4073 -16.85 -30.69 -60.14
N SER J 4074 -15.52 -30.83 -60.23
CA SER J 4074 -14.77 -30.26 -61.32
C SER J 4074 -14.87 -31.15 -62.56
N GLU J 4075 -14.79 -30.50 -63.74
CA GLU J 4075 -14.93 -31.22 -64.99
C GLU J 4075 -13.65 -31.93 -65.42
N ALA J 4076 -12.54 -31.70 -64.71
CA ALA J 4076 -11.26 -32.30 -65.08
C ALA J 4076 -11.27 -33.82 -64.87
N PHE J 4077 -12.17 -34.31 -64.03
CA PHE J 4077 -12.22 -35.72 -63.70
C PHE J 4077 -13.42 -36.41 -64.33
N GLN J 4078 -14.48 -35.66 -64.62
CA GLN J 4078 -15.52 -36.14 -65.53
C GLN J 4078 -14.99 -36.31 -66.94
N ASP J 4079 -13.96 -35.55 -67.31
CA ASP J 4079 -13.19 -35.83 -68.50
C ASP J 4079 -12.22 -36.99 -68.30
N TYR J 4080 -11.83 -37.27 -67.07
CA TYR J 4080 -10.93 -38.40 -66.83
C TYR J 4080 -11.65 -39.73 -66.88
N VAL J 4081 -12.97 -39.74 -66.74
CA VAL J 4081 -13.77 -40.94 -66.96
C VAL J 4081 -14.31 -40.91 -68.38
N THR J 4082 -14.22 -42.06 -69.05
CA THR J 4082 -14.79 -42.21 -70.38
C THR J 4082 -15.92 -43.22 -70.41
N ASP J 4083 -16.28 -43.79 -69.27
CA ASP J 4083 -17.37 -44.73 -69.24
C ASP J 4083 -18.70 -43.99 -69.35
N PRO J 4084 -19.58 -44.39 -70.28
CA PRO J 4084 -20.90 -43.77 -70.34
C PRO J 4084 -21.79 -44.16 -69.17
N ARG J 4085 -21.50 -45.30 -68.54
CA ARG J 4085 -22.24 -45.71 -67.36
C ARG J 4085 -21.90 -44.86 -66.14
N GLY J 4086 -20.76 -44.19 -66.15
CA GLY J 4086 -20.30 -43.40 -65.03
C GLY J 4086 -19.33 -44.13 -64.12
N LEU J 4087 -19.08 -45.40 -64.39
CA LEU J 4087 -18.25 -46.25 -63.53
C LEU J 4087 -16.79 -45.89 -63.78
N ILE J 4088 -16.28 -44.92 -63.02
CA ILE J 4088 -14.92 -44.43 -63.21
C ILE J 4088 -13.92 -45.47 -62.72
N SER J 4089 -12.85 -45.64 -63.48
CA SER J 4089 -11.83 -46.59 -63.10
C SER J 4089 -11.04 -46.09 -61.89
N LYS J 4090 -10.62 -47.04 -61.06
CA LYS J 4090 -9.97 -46.73 -59.79
C LYS J 4090 -8.61 -46.09 -59.95
N LYS J 4091 -7.73 -46.70 -60.77
CA LYS J 4091 -6.44 -46.10 -61.03
C LYS J 4091 -6.56 -44.83 -61.86
N ASP J 4092 -7.62 -44.74 -62.69
CA ASP J 4092 -7.89 -43.50 -63.40
C ASP J 4092 -8.28 -42.39 -62.44
N PHE J 4093 -9.17 -42.68 -61.50
CA PHE J 4093 -9.51 -41.70 -60.49
C PHE J 4093 -8.44 -41.57 -59.42
N GLN J 4094 -7.50 -42.51 -59.35
CA GLN J 4094 -6.37 -42.37 -58.43
C GLN J 4094 -5.42 -41.29 -58.92
N LYS J 4095 -5.09 -41.30 -60.21
CA LYS J 4095 -4.28 -40.24 -60.78
C LYS J 4095 -5.04 -38.93 -60.89
N ALA J 4096 -6.38 -38.99 -60.84
CA ALA J 4096 -7.18 -37.77 -60.80
C ALA J 4096 -6.95 -37.00 -59.51
N MET J 4097 -7.02 -37.69 -58.36
CA MET J 4097 -6.69 -37.07 -57.09
C MET J 4097 -5.21 -36.75 -56.98
N ASP J 4098 -4.36 -37.52 -57.68
CA ASP J 4098 -2.95 -37.20 -57.75
C ASP J 4098 -2.68 -35.98 -58.62
N SER J 4099 -3.59 -35.65 -59.53
CA SER J 4099 -3.43 -34.47 -60.37
C SER J 4099 -3.60 -33.18 -59.57
N GLN J 4100 -4.65 -33.11 -58.75
CA GLN J 4100 -4.80 -31.98 -57.85
C GLN J 4100 -3.79 -32.09 -56.72
N LYS J 4101 -3.29 -30.95 -56.27
CA LYS J 4101 -2.24 -30.92 -55.26
C LYS J 4101 -2.75 -30.49 -53.89
N GLN J 4102 -3.95 -30.91 -53.49
CA GLN J 4102 -4.45 -30.56 -52.17
C GLN J 4102 -4.44 -31.76 -51.22
N PHE J 4103 -4.76 -32.95 -51.72
CA PHE J 4103 -4.76 -34.17 -50.92
C PHE J 4103 -3.34 -34.69 -50.78
N THR J 4104 -3.20 -35.83 -50.10
CA THR J 4104 -1.89 -36.40 -49.84
C THR J 4104 -1.76 -37.77 -50.52
N GLY J 4105 -0.53 -38.27 -50.51
CA GLY J 4105 -0.20 -39.60 -50.98
C GLY J 4105 -0.94 -40.74 -50.30
N PRO J 4106 -0.83 -40.86 -48.97
CA PRO J 4106 -1.62 -41.90 -48.26
C PRO J 4106 -3.12 -41.69 -48.33
N GLU J 4107 -3.59 -40.50 -48.69
CA GLU J 4107 -5.03 -40.24 -48.68
C GLU J 4107 -5.76 -41.03 -49.76
N ILE J 4108 -5.16 -41.18 -50.94
CA ILE J 4108 -5.90 -41.76 -52.06
C ILE J 4108 -6.08 -43.27 -51.87
N GLN J 4109 -5.07 -43.96 -51.33
CA GLN J 4109 -5.25 -45.36 -50.99
C GLN J 4109 -6.16 -45.54 -49.79
N PHE J 4110 -6.18 -44.58 -48.89
CA PHE J 4110 -7.21 -44.55 -47.86
C PHE J 4110 -8.58 -44.35 -48.50
N LEU J 4111 -8.66 -43.55 -49.56
CA LEU J 4111 -9.90 -43.34 -50.29
C LEU J 4111 -10.22 -44.50 -51.24
N LEU J 4112 -9.19 -45.09 -51.86
CA LEU J 4112 -9.42 -46.30 -52.65
C LEU J 4112 -9.90 -47.46 -51.80
N SER J 4113 -9.38 -47.60 -50.58
CA SER J 4113 -9.90 -48.59 -49.66
C SER J 4113 -11.30 -48.23 -49.19
N CYS J 4114 -11.59 -46.93 -49.08
CA CYS J 4114 -12.95 -46.50 -48.80
C CYS J 4114 -13.89 -46.75 -49.98
N SER J 4115 -13.35 -46.79 -51.20
CA SER J 4115 -14.16 -47.05 -52.37
C SER J 4115 -14.47 -48.53 -52.49
N GLU J 4116 -15.48 -48.84 -53.30
CA GLU J 4116 -15.71 -50.21 -53.69
C GLU J 4116 -14.86 -50.54 -54.90
N ALA J 4117 -14.35 -51.77 -54.95
CA ALA J 4117 -13.47 -52.15 -56.05
C ALA J 4117 -14.24 -52.35 -57.34
N ASP J 4118 -15.13 -53.36 -57.35
CA ASP J 4118 -16.05 -53.67 -58.46
C ASP J 4118 -15.30 -53.89 -59.78
N GLU J 4119 -14.48 -54.95 -59.77
CA GLU J 4119 -13.57 -55.32 -60.87
C GLU J 4119 -12.56 -54.21 -61.20
N ASN J 4120 -12.24 -53.38 -60.20
CA ASN J 4120 -11.16 -52.39 -60.22
C ASN J 4120 -11.34 -51.31 -61.30
N GLU J 4121 -12.56 -51.17 -61.82
CA GLU J 4121 -12.84 -50.16 -62.82
C GLU J 4121 -14.05 -49.32 -62.47
N MET J 4122 -14.53 -49.39 -61.22
CA MET J 4122 -15.81 -48.79 -60.84
C MET J 4122 -15.69 -48.33 -59.39
N ILE J 4123 -15.69 -47.02 -59.19
CA ILE J 4123 -15.74 -46.49 -57.82
C ILE J 4123 -17.04 -45.74 -57.61
N ASN J 4124 -17.68 -45.30 -58.72
CA ASN J 4124 -18.97 -44.59 -58.73
C ASN J 4124 -18.91 -43.33 -57.87
N PHE J 4125 -18.14 -42.36 -58.38
CA PHE J 4125 -17.80 -41.12 -57.67
C PHE J 4125 -19.01 -40.31 -57.23
N GLU J 4126 -20.16 -40.48 -57.88
CA GLU J 4126 -21.36 -39.72 -57.50
C GLU J 4126 -21.89 -40.15 -56.14
N GLU J 4127 -22.14 -41.44 -55.96
CA GLU J 4127 -22.63 -41.91 -54.66
C GLU J 4127 -21.54 -41.86 -53.59
N PHE J 4128 -20.28 -41.93 -54.00
CA PHE J 4128 -19.18 -41.86 -53.04
C PHE J 4128 -19.03 -40.46 -52.46
N ALA J 4129 -19.54 -39.43 -53.12
CA ALA J 4129 -19.42 -38.08 -52.60
C ALA J 4129 -20.37 -37.86 -51.43
N ASN J 4130 -21.65 -38.18 -51.62
CA ASN J 4130 -22.68 -37.84 -50.65
C ASN J 4130 -22.98 -38.96 -49.67
N ARG J 4131 -22.23 -40.06 -49.70
CA ARG J 4131 -22.49 -41.16 -48.78
C ARG J 4131 -22.15 -40.77 -47.35
N PHE J 4132 -20.99 -40.16 -47.16
CA PHE J 4132 -20.50 -39.81 -45.83
C PHE J 4132 -20.58 -38.31 -45.59
N GLN J 4133 -21.58 -37.66 -46.16
CA GLN J 4133 -21.82 -36.23 -46.01
C GLN J 4133 -23.07 -35.93 -45.20
N GLU J 4134 -24.20 -36.49 -45.60
CA GLU J 4134 -25.45 -36.30 -44.86
C GLU J 4134 -25.41 -36.83 -43.42
N PRO J 4135 -24.89 -38.02 -43.10
CA PRO J 4135 -24.75 -38.37 -41.68
C PRO J 4135 -23.71 -37.54 -40.95
N ALA J 4136 -22.70 -37.03 -41.64
CA ALA J 4136 -21.68 -36.23 -40.99
C ALA J 4136 -22.00 -34.75 -41.00
N ARG J 4137 -23.25 -34.39 -41.30
CA ARG J 4137 -23.58 -33.01 -41.60
C ARG J 4137 -23.58 -32.14 -40.36
N ASP J 4138 -24.44 -32.48 -39.39
CA ASP J 4138 -24.64 -31.63 -38.22
C ASP J 4138 -23.42 -31.63 -37.31
N ILE J 4139 -22.73 -32.76 -37.22
CA ILE J 4139 -21.60 -32.86 -36.32
C ILE J 4139 -20.42 -32.05 -36.83
N GLY J 4140 -20.21 -32.03 -38.15
CA GLY J 4140 -19.16 -31.20 -38.72
C GLY J 4140 -19.44 -29.72 -38.56
N PHE J 4141 -20.72 -29.34 -38.53
CA PHE J 4141 -21.05 -27.99 -38.17
C PHE J 4141 -20.79 -27.75 -36.68
N ASN J 4142 -21.21 -28.69 -35.84
CA ASN J 4142 -21.12 -28.55 -34.40
C ASN J 4142 -19.69 -28.47 -33.88
N VAL J 4143 -18.76 -29.19 -34.50
CA VAL J 4143 -17.38 -29.09 -34.06
C VAL J 4143 -16.78 -27.75 -34.46
N ALA J 4144 -17.28 -27.15 -35.54
CA ALA J 4144 -16.80 -25.84 -35.95
C ALA J 4144 -17.31 -24.75 -35.03
N VAL J 4145 -18.47 -24.99 -34.40
CA VAL J 4145 -19.00 -24.04 -33.43
C VAL J 4145 -18.10 -23.96 -32.22
N LEU J 4146 -17.71 -25.10 -31.66
CA LEU J 4146 -16.90 -25.14 -30.46
C LEU J 4146 -15.50 -24.57 -30.71
N LEU J 4147 -14.94 -24.86 -31.88
CA LEU J 4147 -13.66 -24.28 -32.25
C LEU J 4147 -13.76 -22.77 -32.42
N THR J 4148 -14.82 -22.30 -33.07
CA THR J 4148 -14.92 -20.86 -33.24
C THR J 4148 -15.45 -20.17 -32.00
N ASN J 4149 -16.06 -20.91 -31.07
CA ASN J 4149 -16.49 -20.28 -29.83
C ASN J 4149 -15.30 -19.97 -28.93
N LEU J 4150 -14.44 -20.97 -28.73
CA LEU J 4150 -13.30 -20.84 -27.84
C LEU J 4150 -12.26 -19.88 -28.39
N SER J 4151 -12.03 -19.92 -29.71
CA SER J 4151 -11.11 -18.98 -30.34
C SER J 4151 -11.63 -17.56 -30.24
N GLU J 4152 -12.95 -17.38 -30.34
CA GLU J 4152 -13.54 -16.09 -30.05
C GLU J 4152 -13.58 -15.80 -28.56
N HIS J 4153 -13.53 -16.81 -27.71
CA HIS J 4153 -13.58 -16.51 -26.28
C HIS J 4153 -12.21 -16.13 -25.74
N VAL J 4154 -11.24 -17.03 -25.78
CA VAL J 4154 -9.91 -16.70 -25.31
C VAL J 4154 -9.09 -16.26 -26.53
N PRO J 4155 -8.34 -15.17 -26.43
CA PRO J 4155 -7.39 -14.83 -27.49
C PRO J 4155 -6.00 -15.35 -27.19
N HIS J 4156 -5.12 -15.28 -28.19
CA HIS J 4156 -3.69 -15.59 -28.06
C HIS J 4156 -3.44 -17.02 -27.61
N ASP J 4157 -3.97 -17.97 -28.39
CA ASP J 4157 -3.68 -19.39 -28.20
C ASP J 4157 -3.19 -19.92 -29.54
N PRO J 4158 -1.89 -20.12 -29.72
CA PRO J 4158 -1.38 -20.54 -31.04
C PRO J 4158 -1.76 -21.97 -31.39
N ARG J 4159 -2.05 -22.80 -30.38
CA ARG J 4159 -2.60 -24.13 -30.63
C ARG J 4159 -3.96 -24.04 -31.28
N LEU J 4160 -4.81 -23.14 -30.80
CA LEU J 4160 -6.04 -22.82 -31.50
C LEU J 4160 -5.77 -22.26 -32.87
N ARG J 4161 -4.77 -21.38 -32.98
CA ARG J 4161 -4.34 -20.91 -34.30
C ARG J 4161 -3.80 -22.03 -35.16
N ASN J 4162 -3.17 -23.04 -34.55
CA ASN J 4162 -2.87 -24.26 -35.29
C ASN J 4162 -4.15 -25.02 -35.63
N PHE J 4163 -5.13 -25.02 -34.73
CA PHE J 4163 -6.34 -25.78 -34.96
C PHE J 4163 -7.21 -25.17 -36.05
N LEU J 4164 -7.38 -23.85 -36.04
CA LEU J 4164 -8.29 -23.18 -36.97
C LEU J 4164 -7.84 -23.31 -38.41
N GLU J 4165 -6.53 -23.23 -38.67
CA GLU J 4165 -6.05 -23.46 -40.04
C GLU J 4165 -6.15 -24.92 -40.42
N LEU J 4166 -6.08 -25.84 -39.45
CA LEU J 4166 -6.21 -27.25 -39.76
C LEU J 4166 -7.64 -27.63 -40.12
N ALA J 4167 -8.61 -26.84 -39.69
CA ALA J 4167 -10.02 -27.10 -39.93
C ALA J 4167 -10.64 -25.96 -40.71
N GLU J 4168 -9.94 -25.51 -41.76
CA GLU J 4168 -10.42 -24.37 -42.51
C GLU J 4168 -11.60 -24.73 -43.41
N SER J 4169 -11.60 -25.93 -43.97
CA SER J 4169 -12.64 -26.27 -44.93
C SER J 4169 -13.98 -26.52 -44.25
N ILE J 4170 -13.95 -27.06 -43.03
CA ILE J 4170 -15.19 -27.21 -42.28
C ILE J 4170 -15.68 -25.88 -41.73
N LEU J 4171 -14.84 -24.85 -41.70
CA LEU J 4171 -15.33 -23.54 -41.33
C LEU J 4171 -16.10 -22.90 -42.47
N GLU J 4172 -15.54 -22.94 -43.68
CA GLU J 4172 -16.18 -22.22 -44.78
C GLU J 4172 -17.35 -22.97 -45.37
N TYR J 4173 -17.40 -24.30 -45.21
CA TYR J 4173 -18.62 -24.99 -45.58
C TYR J 4173 -19.72 -24.76 -44.55
N PHE J 4174 -19.34 -24.37 -43.33
CA PHE J 4174 -20.30 -24.16 -42.27
C PHE J 4174 -20.25 -22.74 -41.69
N ARG J 4175 -19.69 -21.79 -42.43
CA ARG J 4175 -19.92 -20.38 -42.13
C ARG J 4175 -21.22 -19.80 -42.67
N PRO J 4176 -21.68 -20.07 -43.91
CA PRO J 4176 -23.00 -19.55 -44.31
C PRO J 4176 -24.17 -20.13 -43.55
N TYR J 4177 -24.15 -21.42 -43.24
CA TYR J 4177 -25.24 -22.01 -42.48
C TYR J 4177 -25.22 -21.63 -41.02
N LEU J 4178 -24.07 -21.22 -40.50
CA LEU J 4178 -23.98 -20.69 -39.15
C LEU J 4178 -24.60 -19.31 -39.11
N GLY J 4179 -25.05 -18.91 -37.93
CA GLY J 4179 -25.34 -17.51 -37.68
C GLY J 4179 -24.92 -17.14 -36.28
N ARG J 4180 -24.33 -15.96 -36.12
CA ARG J 4180 -23.96 -15.44 -34.81
C ARG J 4180 -25.02 -14.44 -34.37
N ILE J 4181 -25.10 -14.22 -33.06
CA ILE J 4181 -25.98 -13.22 -32.49
C ILE J 4181 -25.47 -12.92 -31.09
N GLU J 4182 -25.84 -11.76 -30.57
CA GLU J 4182 -25.39 -11.32 -29.26
C GLU J 4182 -26.54 -10.72 -28.49
N ILE J 4183 -26.94 -11.40 -27.42
CA ILE J 4183 -28.00 -10.92 -26.54
C ILE J 4183 -27.41 -10.67 -25.17
N MET J 4184 -28.07 -9.82 -24.40
CA MET J 4184 -27.62 -9.51 -23.05
C MET J 4184 -28.71 -9.94 -22.08
N GLY J 4185 -28.49 -11.04 -21.39
CA GLY J 4185 -29.31 -11.44 -20.28
C GLY J 4185 -28.42 -11.97 -19.19
N ALA J 4186 -29.06 -12.56 -18.16
CA ALA J 4186 -28.42 -13.25 -17.04
C ALA J 4186 -27.44 -12.32 -16.31
N SER J 4187 -28.04 -11.28 -15.71
CA SER J 4187 -27.36 -10.32 -14.84
C SER J 4187 -26.28 -9.53 -15.58
N ARG J 4188 -26.72 -8.79 -16.60
CA ARG J 4188 -25.97 -7.72 -17.25
C ARG J 4188 -24.66 -8.19 -17.88
N ARG J 4189 -24.73 -9.15 -18.81
CA ARG J 4189 -23.58 -9.56 -19.58
C ARG J 4189 -24.05 -9.99 -20.97
N ILE J 4190 -23.35 -9.54 -21.99
CA ILE J 4190 -23.67 -9.95 -23.34
C ILE J 4190 -22.74 -11.11 -23.71
N GLU J 4191 -23.27 -12.07 -24.46
CA GLU J 4191 -22.52 -13.24 -24.84
C GLU J 4191 -22.95 -13.72 -26.22
N ARG J 4192 -22.01 -14.27 -26.96
CA ARG J 4192 -22.24 -14.72 -28.32
C ARG J 4192 -23.07 -16.00 -28.27
N ILE J 4193 -24.19 -15.99 -28.99
CA ILE J 4193 -25.05 -17.15 -29.08
C ILE J 4193 -24.98 -17.63 -30.52
N TYR J 4194 -25.02 -18.94 -30.72
CA TYR J 4194 -24.75 -19.53 -32.02
C TYR J 4194 -25.88 -20.50 -32.33
N PHE J 4195 -26.09 -20.78 -33.62
CA PHE J 4195 -27.24 -21.55 -34.03
C PHE J 4195 -27.04 -22.06 -35.45
N GLU J 4196 -27.97 -22.90 -35.88
CA GLU J 4196 -27.99 -23.42 -37.23
C GLU J 4196 -29.05 -22.69 -38.01
N ILE J 4197 -28.76 -22.41 -39.28
CA ILE J 4197 -29.71 -21.86 -40.23
C ILE J 4197 -29.83 -22.82 -41.39
N SER J 4198 -31.05 -23.25 -41.71
CA SER J 4198 -31.25 -24.20 -42.78
C SER J 4198 -30.99 -23.56 -44.14
N GLU J 4199 -30.90 -24.42 -45.15
CA GLU J 4199 -30.93 -23.94 -46.53
C GLU J 4199 -32.29 -23.37 -46.87
N THR J 4200 -33.36 -23.90 -46.26
CA THR J 4200 -34.71 -23.47 -46.59
C THR J 4200 -35.03 -22.10 -46.02
N ASN J 4201 -34.49 -21.77 -44.85
CA ASN J 4201 -34.77 -20.47 -44.24
C ASN J 4201 -34.03 -19.35 -44.95
N ARG J 4202 -32.87 -19.64 -45.52
CA ARG J 4202 -32.17 -18.61 -46.28
C ARG J 4202 -32.66 -18.53 -47.71
N ALA J 4203 -33.28 -19.60 -48.22
CA ALA J 4203 -33.81 -19.57 -49.58
C ALA J 4203 -35.01 -18.65 -49.71
N GLN J 4204 -35.94 -18.73 -48.76
CA GLN J 4204 -37.12 -17.88 -48.80
C GLN J 4204 -36.95 -16.60 -47.99
N TRP J 4205 -35.72 -16.26 -47.60
CA TRP J 4205 -35.46 -14.93 -47.05
C TRP J 4205 -35.01 -13.97 -48.13
N GLU J 4206 -34.21 -14.45 -49.08
CA GLU J 4206 -33.68 -13.61 -50.15
C GLU J 4206 -34.60 -13.66 -51.37
N MET J 4207 -35.86 -13.31 -51.11
CA MET J 4207 -36.85 -13.10 -52.14
C MET J 4207 -37.25 -11.64 -52.16
N PRO J 4208 -37.44 -11.05 -53.35
CA PRO J 4208 -37.76 -9.63 -53.42
C PRO J 4208 -39.11 -9.28 -52.85
N GLN J 4209 -40.08 -10.19 -52.95
CA GLN J 4209 -41.38 -9.99 -52.31
C GLN J 4209 -41.27 -9.91 -50.80
N VAL J 4210 -40.28 -10.59 -50.22
CA VAL J 4210 -39.96 -10.39 -48.81
C VAL J 4210 -39.13 -9.13 -48.63
N LYS J 4211 -38.20 -8.89 -49.55
CA LYS J 4211 -37.29 -7.76 -49.47
C LYS J 4211 -37.99 -6.42 -49.58
N GLU J 4212 -39.06 -6.33 -50.39
CA GLU J 4212 -39.78 -5.07 -50.53
C GLU J 4212 -40.45 -4.66 -49.23
N SER J 4213 -40.89 -5.63 -48.43
CA SER J 4213 -41.41 -5.31 -47.11
C SER J 4213 -40.30 -4.85 -46.19
N LYS J 4214 -39.09 -5.34 -46.39
CA LYS J 4214 -38.06 -4.90 -45.50
C LYS J 4214 -37.69 -3.48 -45.76
N ARG J 4215 -37.51 -3.16 -47.03
CA ARG J 4215 -37.09 -1.80 -47.36
C ARG J 4215 -38.08 -0.77 -46.84
N GLN J 4216 -39.37 -1.09 -46.89
CA GLN J 4216 -40.37 -0.25 -46.25
C GLN J 4216 -40.22 -0.27 -44.73
N PHE J 4217 -39.94 -1.45 -44.16
CA PHE J 4217 -39.82 -1.57 -42.71
C PHE J 4217 -38.61 -0.82 -42.19
N ILE J 4218 -37.53 -0.76 -42.98
CA ILE J 4218 -36.41 0.11 -42.67
C ILE J 4218 -36.86 1.56 -42.61
N PHE J 4219 -37.74 1.96 -43.53
CA PHE J 4219 -38.09 3.36 -43.66
C PHE J 4219 -38.94 3.86 -42.49
N ASP J 4220 -40.13 3.29 -42.31
CA ASP J 4220 -41.11 3.84 -41.39
C ASP J 4220 -40.77 3.62 -39.93
N VAL J 4221 -39.68 2.92 -39.62
CA VAL J 4221 -39.26 2.70 -38.25
C VAL J 4221 -38.22 3.71 -37.81
N VAL J 4222 -37.18 3.91 -38.62
CA VAL J 4222 -36.16 4.88 -38.27
C VAL J 4222 -36.60 6.31 -38.57
N ASN J 4223 -37.72 6.50 -39.26
CA ASN J 4223 -38.17 7.85 -39.57
C ASN J 4223 -39.15 8.38 -38.53
N GLU J 4224 -40.29 7.70 -38.38
CA GLU J 4224 -41.33 8.17 -37.48
C GLU J 4224 -41.48 7.32 -36.22
N GLY J 4225 -40.91 6.11 -36.20
CA GLY J 4225 -41.00 5.28 -35.02
C GLY J 4225 -39.94 5.63 -33.99
N GLY J 4226 -40.36 5.70 -32.74
CA GLY J 4226 -39.44 5.98 -31.65
C GLY J 4226 -38.60 4.76 -31.31
N GLU J 4227 -37.72 4.94 -30.33
CA GLU J 4227 -36.80 3.89 -29.91
C GLU J 4227 -37.51 2.80 -29.12
N ALA J 4228 -38.68 3.10 -28.59
CA ALA J 4228 -39.41 2.11 -27.80
C ALA J 4228 -40.00 1.02 -28.68
N GLU J 4229 -40.88 1.37 -29.59
CA GLU J 4229 -41.57 0.39 -30.43
C GLU J 4229 -40.67 -0.18 -31.52
N LYS J 4230 -39.47 0.38 -31.64
CA LYS J 4230 -38.53 -0.09 -32.64
C LYS J 4230 -38.47 -1.60 -32.53
N MET J 4231 -38.20 -2.08 -31.33
CA MET J 4231 -38.08 -3.51 -31.15
C MET J 4231 -39.43 -4.20 -31.24
N GLU J 4232 -40.49 -3.54 -30.77
CA GLU J 4232 -41.83 -4.13 -30.83
C GLU J 4232 -42.33 -4.23 -32.27
N LEU J 4233 -42.02 -3.24 -33.10
CA LEU J 4233 -42.31 -3.35 -34.52
C LEU J 4233 -41.43 -4.37 -35.19
N PHE J 4234 -40.18 -4.49 -34.71
CA PHE J 4234 -39.22 -5.44 -35.27
C PHE J 4234 -39.71 -6.87 -35.14
N VAL J 4235 -40.12 -7.25 -33.93
CA VAL J 4235 -40.63 -8.60 -33.74
C VAL J 4235 -41.98 -8.76 -34.42
N SER J 4236 -42.74 -7.67 -34.53
CA SER J 4236 -43.95 -7.69 -35.34
C SER J 4236 -43.61 -7.88 -36.81
N PHE J 4237 -42.60 -7.17 -37.29
CA PHE J 4237 -42.08 -7.41 -38.63
C PHE J 4237 -41.52 -8.81 -38.75
N CYS J 4238 -40.84 -9.29 -37.70
CA CYS J 4238 -40.38 -10.67 -37.71
C CYS J 4238 -41.56 -11.63 -37.70
N GLU J 4239 -42.66 -11.25 -37.09
CA GLU J 4239 -43.82 -12.10 -37.18
C GLU J 4239 -44.36 -12.07 -38.61
N ASP J 4240 -44.57 -10.87 -39.15
CA ASP J 4240 -45.16 -10.74 -40.49
C ASP J 4240 -44.35 -11.36 -41.63
N THR J 4241 -43.04 -11.23 -41.58
CA THR J 4241 -42.22 -11.80 -42.63
C THR J 4241 -42.27 -13.31 -42.50
N ILE J 4242 -42.19 -13.81 -41.27
CA ILE J 4242 -42.28 -15.24 -41.07
C ILE J 4242 -43.57 -15.69 -41.72
N PHE J 4243 -44.63 -14.91 -41.54
CA PHE J 4243 -45.89 -15.25 -42.17
C PHE J 4243 -45.75 -15.35 -43.67
N GLU J 4244 -45.44 -14.23 -44.31
CA GLU J 4244 -45.38 -14.25 -45.76
C GLU J 4244 -44.59 -15.45 -46.24
N MET J 4245 -43.60 -15.86 -45.45
CA MET J 4245 -42.77 -16.97 -45.89
C MET J 4245 -43.51 -18.30 -45.82
N GLN J 4246 -44.41 -18.45 -44.84
CA GLN J 4246 -45.26 -19.63 -44.81
C GLN J 4246 -46.19 -19.66 -46.00
N ILE J 4247 -46.78 -18.52 -46.35
CA ILE J 4247 -47.74 -18.50 -47.44
C ILE J 4247 -47.03 -18.56 -48.79
N ALA J 4248 -45.75 -18.19 -48.84
CA ALA J 4248 -44.98 -18.40 -50.06
C ALA J 4248 -44.53 -19.84 -50.17
N ALA J 4249 -44.30 -20.50 -49.04
CA ALA J 4249 -44.09 -21.94 -49.06
C ALA J 4249 -45.37 -22.70 -49.37
N GLN J 4250 -46.53 -22.10 -49.11
CA GLN J 4250 -47.80 -22.73 -49.45
C GLN J 4250 -48.01 -22.76 -50.97
N ILE J 4251 -47.48 -21.76 -51.67
CA ILE J 4251 -47.71 -21.62 -53.11
C ILE J 4251 -46.49 -22.05 -53.92
N SER J 4252 -45.47 -22.62 -53.27
CA SER J 4252 -44.26 -23.01 -53.98
C SER J 4252 -44.51 -24.25 -54.83
N GLU J 4253 -43.89 -24.27 -56.01
CA GLU J 4253 -44.08 -25.35 -56.96
C GLU J 4253 -43.34 -26.61 -56.53
N GLY J 4542 -64.57 -33.12 -59.33
CA GLY J 4542 -63.43 -33.96 -59.64
C GLY J 4542 -62.27 -33.14 -60.18
N GLU J 4543 -61.27 -32.93 -59.32
CA GLU J 4543 -60.05 -32.22 -59.71
C GLU J 4543 -60.32 -30.74 -59.94
N LEU J 4544 -61.58 -30.32 -59.80
CA LEU J 4544 -61.93 -28.92 -59.94
C LEU J 4544 -61.11 -28.09 -58.96
N GLU J 4545 -60.98 -28.58 -57.73
CA GLU J 4545 -60.11 -27.93 -56.77
C GLU J 4545 -58.66 -27.95 -57.23
N VAL J 4546 -58.21 -29.09 -57.77
CA VAL J 4546 -56.83 -29.22 -58.21
C VAL J 4546 -56.54 -28.28 -59.38
N GLN J 4547 -57.44 -28.25 -60.35
CA GLN J 4547 -57.27 -27.36 -61.50
C GLN J 4547 -57.26 -25.90 -61.06
N ARG J 4548 -58.17 -25.54 -60.16
CA ARG J 4548 -58.23 -24.17 -59.68
C ARG J 4548 -56.98 -23.80 -58.90
N VAL J 4549 -56.42 -24.75 -58.15
CA VAL J 4549 -55.20 -24.49 -57.39
C VAL J 4549 -54.02 -24.31 -58.34
N LYS J 4550 -53.96 -25.13 -59.39
CA LYS J 4550 -52.93 -24.93 -60.40
C LYS J 4550 -53.05 -23.56 -61.04
N PHE J 4551 -54.29 -23.14 -61.34
CA PHE J 4551 -54.58 -21.82 -61.89
C PHE J 4551 -54.05 -20.73 -60.97
N LEU J 4552 -54.40 -20.81 -59.69
CA LEU J 4552 -53.98 -19.81 -58.72
C LEU J 4552 -52.46 -19.78 -58.57
N ASN J 4553 -51.82 -20.95 -58.54
CA ASN J 4553 -50.37 -21.00 -58.43
C ASN J 4553 -49.72 -20.35 -59.64
N TYR J 4554 -50.23 -20.66 -60.83
CA TYR J 4554 -49.73 -20.03 -62.05
C TYR J 4554 -49.86 -18.52 -61.96
N LEU J 4555 -51.03 -18.04 -61.51
CA LEU J 4555 -51.28 -16.62 -61.37
C LEU J 4555 -50.27 -15.97 -60.43
N SER J 4556 -50.24 -16.41 -59.18
CA SER J 4556 -49.41 -15.78 -58.15
C SER J 4556 -47.94 -15.83 -58.54
N ARG J 4557 -47.50 -16.94 -59.13
CA ARG J 4557 -46.11 -17.10 -59.51
C ARG J 4557 -45.72 -16.05 -60.55
N ASN J 4558 -46.59 -15.81 -61.53
CA ASN J 4558 -46.32 -14.79 -62.54
C ASN J 4558 -46.72 -13.40 -62.04
N PHE J 4559 -47.60 -13.34 -61.04
CA PHE J 4559 -48.11 -12.05 -60.56
C PHE J 4559 -47.16 -10.89 -60.73
N TYR J 4560 -45.92 -10.84 -60.23
CA TYR J 4560 -45.02 -9.68 -60.53
C TYR J 4560 -44.91 -9.20 -62.03
N THR J 4561 -44.88 -10.10 -63.02
CA THR J 4561 -44.87 -9.80 -64.47
C THR J 4561 -46.22 -9.58 -65.14
N LEU J 4562 -47.32 -10.10 -64.61
CA LEU J 4562 -48.59 -9.85 -65.28
C LEU J 4562 -48.95 -8.35 -65.25
N LYS J 4563 -48.36 -7.56 -64.34
CA LYS J 4563 -48.45 -6.10 -64.33
C LYS J 4563 -47.71 -5.42 -65.48
N TYR J 4564 -46.60 -5.97 -65.98
CA TYR J 4564 -45.91 -5.38 -67.13
C TYR J 4564 -46.69 -5.58 -68.42
N LEU J 4565 -47.27 -6.77 -68.70
CA LEU J 4565 -48.11 -6.88 -69.87
C LEU J 4565 -49.31 -5.97 -69.71
N ALA J 4566 -49.80 -5.65 -68.51
CA ALA J 4566 -50.91 -4.69 -68.39
C ALA J 4566 -50.46 -3.25 -68.70
N LEU J 4567 -49.22 -2.89 -68.36
CA LEU J 4567 -48.65 -1.57 -68.65
C LEU J 4567 -48.39 -1.38 -70.14
N PHE J 4568 -47.84 -2.38 -70.84
CA PHE J 4568 -47.59 -2.33 -72.27
C PHE J 4568 -48.91 -2.06 -72.96
N LEU J 4569 -49.77 -3.07 -73.03
CA LEU J 4569 -51.04 -2.88 -73.68
C LEU J 4569 -51.51 -1.46 -73.51
N ALA J 4570 -51.62 -0.99 -72.27
CA ALA J 4570 -52.16 0.34 -72.03
C ALA J 4570 -51.35 1.44 -72.69
N PHE J 4571 -50.05 1.23 -72.91
CA PHE J 4571 -49.30 2.24 -73.66
C PHE J 4571 -49.52 2.01 -75.13
N ALA J 4572 -50.10 0.89 -75.52
CA ALA J 4572 -50.41 0.68 -76.92
C ALA J 4572 -51.81 1.15 -77.33
N ILE J 4573 -52.84 0.76 -76.59
CA ILE J 4573 -54.17 1.24 -76.90
C ILE J 4573 -54.18 2.75 -77.00
N ASN J 4574 -53.14 3.42 -76.50
CA ASN J 4574 -53.09 4.87 -76.65
C ASN J 4574 -52.51 5.27 -78.01
N PHE J 4575 -51.26 4.95 -78.28
CA PHE J 4575 -50.73 5.24 -79.60
C PHE J 4575 -51.76 4.95 -80.67
N ILE J 4576 -52.63 3.98 -80.49
CA ILE J 4576 -53.67 3.80 -81.48
C ILE J 4576 -54.66 4.94 -81.36
N LEU J 4577 -55.23 5.12 -80.18
CA LEU J 4577 -56.27 6.15 -80.01
C LEU J 4577 -55.80 7.52 -80.43
N LEU J 4578 -54.52 7.83 -80.23
CA LEU J 4578 -53.99 9.15 -80.56
C LEU J 4578 -54.22 9.42 -82.00
N PHE J 4579 -54.95 8.52 -82.63
CA PHE J 4579 -55.28 8.76 -84.04
C PHE J 4579 -56.77 8.86 -84.31
N TYR J 4580 -57.48 9.74 -83.62
CA TYR J 4580 -58.88 9.99 -83.93
C TYR J 4580 -59.07 11.32 -84.64
N LYS J 4581 -60.07 11.37 -85.51
CA LYS J 4581 -60.55 12.58 -86.16
C LYS J 4581 -62.06 12.63 -86.05
N VAL J 4582 -62.64 13.77 -86.42
CA VAL J 4582 -64.08 13.96 -86.35
C VAL J 4582 -64.55 14.56 -87.67
N SER J 4583 -65.83 14.31 -88.00
CA SER J 4583 -66.44 14.84 -89.21
C SER J 4583 -67.93 14.55 -89.14
N ASP J 4584 -68.69 15.20 -90.02
CA ASP J 4584 -70.14 15.03 -90.05
C ASP J 4584 -70.52 13.75 -90.80
N SER J 4585 -70.17 13.67 -92.08
CA SER J 4585 -70.44 12.49 -92.88
C SER J 4585 -69.58 11.34 -92.40
N PRO J 4586 -70.17 10.34 -91.75
CA PRO J 4586 -69.36 9.26 -91.16
C PRO J 4586 -68.87 8.29 -92.23
N PRO J 4587 -67.57 8.30 -92.52
CA PRO J 4587 -66.99 7.34 -93.47
C PRO J 4587 -67.03 5.91 -92.93
N ASN J 4626 -75.10 12.67 -85.04
CA ASN J 4626 -74.52 13.71 -85.89
C ASN J 4626 -73.03 13.47 -86.13
N MET J 4627 -72.19 14.22 -85.41
CA MET J 4627 -70.74 14.05 -85.53
C MET J 4627 -70.36 12.60 -85.25
N VAL J 4628 -69.60 11.99 -86.16
CA VAL J 4628 -69.31 10.56 -86.09
C VAL J 4628 -67.81 10.43 -85.82
N TYR J 4629 -67.47 10.15 -84.55
CA TYR J 4629 -66.10 9.83 -84.20
C TYR J 4629 -65.65 8.62 -85.01
N TYR J 4630 -64.47 8.69 -85.60
CA TYR J 4630 -63.92 7.56 -86.36
C TYR J 4630 -62.40 7.64 -86.31
N PHE J 4631 -61.74 6.70 -86.99
CA PHE J 4631 -60.31 6.51 -86.86
C PHE J 4631 -59.63 6.89 -88.17
N LEU J 4632 -58.45 7.51 -88.07
CA LEU J 4632 -57.77 8.06 -89.24
C LEU J 4632 -57.43 6.97 -90.25
N GLU J 4633 -57.24 5.74 -89.79
CA GLU J 4633 -56.86 4.64 -90.68
C GLU J 4633 -55.53 4.93 -91.37
N GLU J 4634 -54.46 4.99 -90.59
CA GLU J 4634 -53.13 5.34 -91.12
C GLU J 4634 -52.63 4.33 -92.14
N SER J 4635 -53.42 3.27 -92.40
CA SER J 4635 -53.14 2.27 -93.42
C SER J 4635 -52.14 1.21 -92.95
N THR J 4636 -51.81 1.16 -91.67
CA THR J 4636 -51.04 0.05 -91.11
C THR J 4636 -52.01 -1.12 -90.91
N GLY J 4637 -51.53 -2.18 -90.26
CA GLY J 4637 -52.44 -3.23 -89.85
C GLY J 4637 -53.67 -2.64 -89.21
N TYR J 4638 -54.86 -3.09 -89.60
CA TYR J 4638 -56.09 -2.41 -89.20
C TYR J 4638 -56.08 -2.12 -87.71
N MET J 4639 -56.05 -0.83 -87.36
CA MET J 4639 -55.82 -0.45 -85.97
C MET J 4639 -57.04 -0.68 -85.10
N GLU J 4640 -58.21 -0.37 -85.66
CA GLU J 4640 -59.45 -0.61 -84.93
C GLU J 4640 -59.44 -2.03 -84.40
N PRO J 4641 -59.31 -3.00 -85.30
CA PRO J 4641 -59.27 -4.40 -84.85
C PRO J 4641 -58.28 -4.62 -83.73
N ALA J 4642 -57.04 -4.16 -83.90
CA ALA J 4642 -56.03 -4.31 -82.84
C ALA J 4642 -56.45 -3.54 -81.60
N LEU J 4643 -57.10 -2.39 -81.78
CA LEU J 4643 -57.58 -1.63 -80.63
C LEU J 4643 -58.57 -2.46 -79.81
N TRP J 4644 -59.51 -3.11 -80.50
CA TRP J 4644 -60.48 -3.97 -79.82
C TRP J 4644 -59.79 -5.14 -79.12
N CYS J 4645 -58.86 -5.77 -79.82
CA CYS J 4645 -58.12 -6.89 -79.23
C CYS J 4645 -57.40 -6.46 -77.96
N LEU J 4646 -56.68 -5.34 -78.00
CA LEU J 4646 -55.95 -4.88 -76.83
C LEU J 4646 -56.89 -4.45 -75.71
N SER J 4647 -58.04 -3.86 -76.06
CA SER J 4647 -59.01 -3.52 -75.04
C SER J 4647 -59.44 -4.76 -74.26
N LEU J 4648 -59.79 -5.79 -75.03
CA LEU J 4648 -60.18 -7.05 -74.42
C LEU J 4648 -59.09 -7.43 -73.47
N LEU J 4649 -57.93 -7.76 -74.01
CA LEU J 4649 -56.83 -8.07 -73.15
C LEU J 4649 -56.77 -7.13 -71.94
N HIS J 4650 -56.59 -5.82 -72.12
CA HIS J 4650 -56.43 -4.95 -70.95
C HIS J 4650 -57.56 -5.10 -69.94
N THR J 4651 -58.68 -5.71 -70.30
CA THR J 4651 -59.75 -5.98 -69.34
C THR J 4651 -59.63 -7.37 -68.74
N LEU J 4652 -58.92 -8.27 -69.44
CA LEU J 4652 -58.66 -9.60 -68.88
C LEU J 4652 -57.42 -9.53 -67.99
N VAL J 4653 -56.29 -9.15 -68.56
CA VAL J 4653 -55.08 -9.01 -67.77
C VAL J 4653 -55.21 -7.96 -66.68
N ALA J 4654 -56.43 -7.61 -66.27
CA ALA J 4654 -56.63 -6.71 -65.14
C ALA J 4654 -57.19 -7.66 -64.15
N PHE J 4655 -58.35 -8.20 -64.43
CA PHE J 4655 -58.98 -9.26 -63.64
C PHE J 4655 -57.93 -10.20 -63.06
N LEU J 4656 -57.02 -10.67 -63.90
CA LEU J 4656 -55.99 -11.60 -63.44
C LEU J 4656 -54.90 -10.81 -62.79
N ILE J 4657 -54.98 -9.58 -62.44
CA ILE J 4657 -54.13 -8.75 -61.58
C ILE J 4657 -54.91 -8.56 -60.29
N ILE J 4658 -56.21 -8.90 -60.28
CA ILE J 4658 -57.00 -8.62 -59.09
C ILE J 4658 -56.92 -9.90 -58.35
N ILE J 4659 -57.15 -10.99 -59.04
CA ILE J 4659 -57.12 -12.32 -58.45
C ILE J 4659 -55.77 -12.57 -57.78
N GLY J 4660 -54.68 -12.16 -58.43
CA GLY J 4660 -53.37 -12.33 -57.82
C GLY J 4660 -53.26 -11.58 -56.50
N TYR J 4661 -53.71 -10.32 -56.49
CA TYR J 4661 -53.65 -9.56 -55.25
C TYR J 4661 -54.49 -10.22 -54.16
N ASN J 4662 -55.69 -10.66 -54.51
CA ASN J 4662 -56.57 -11.32 -53.54
C ASN J 4662 -55.93 -12.57 -52.96
N CYS J 4663 -55.22 -13.35 -53.78
CA CYS J 4663 -54.67 -14.59 -53.29
C CYS J 4663 -53.26 -14.45 -52.71
N LEU J 4664 -52.66 -13.26 -52.77
CA LEU J 4664 -51.34 -13.07 -52.18
C LEU J 4664 -51.34 -12.09 -51.01
N LYS J 4665 -51.85 -10.86 -51.19
CA LYS J 4665 -51.61 -9.83 -50.19
C LYS J 4665 -52.75 -9.74 -49.18
N VAL J 4666 -53.79 -10.55 -49.35
CA VAL J 4666 -54.90 -10.52 -48.40
C VAL J 4666 -54.51 -11.14 -47.06
N PRO J 4667 -54.07 -12.41 -46.99
CA PRO J 4667 -53.71 -13.00 -45.70
C PRO J 4667 -52.85 -12.09 -44.83
N LEU J 4668 -51.79 -11.51 -45.41
CA LEU J 4668 -50.88 -10.71 -44.61
C LEU J 4668 -51.54 -9.46 -44.04
N VAL J 4669 -52.71 -9.08 -44.55
CA VAL J 4669 -53.47 -7.98 -43.95
C VAL J 4669 -54.49 -8.49 -42.95
N ILE J 4670 -55.17 -9.59 -43.27
CA ILE J 4670 -56.11 -10.16 -42.33
C ILE J 4670 -55.32 -10.99 -41.33
N PHE J 4671 -54.00 -10.92 -41.45
CA PHE J 4671 -53.07 -11.38 -40.42
C PHE J 4671 -52.65 -10.24 -39.50
N LYS J 4672 -52.35 -9.10 -40.11
CA LYS J 4672 -51.96 -7.94 -39.33
C LYS J 4672 -53.10 -7.46 -38.43
N ARG J 4673 -54.33 -7.53 -38.91
CA ARG J 4673 -55.48 -7.14 -38.10
C ARG J 4673 -55.75 -8.16 -37.00
N GLU J 4674 -55.79 -9.44 -37.35
CA GLU J 4674 -56.09 -10.46 -36.33
C GLU J 4674 -55.04 -10.45 -35.22
N LYS J 4675 -53.76 -10.39 -35.58
CA LYS J 4675 -52.69 -10.36 -34.60
C LYS J 4675 -52.83 -9.17 -33.67
N GLU J 4676 -52.85 -7.96 -34.25
CA GLU J 4676 -52.94 -6.76 -33.45
C GLU J 4676 -54.15 -6.79 -32.53
N LEU J 4677 -55.30 -7.21 -33.05
CA LEU J 4677 -56.51 -7.28 -32.24
C LEU J 4677 -56.34 -8.23 -31.06
N ALA J 4678 -56.06 -9.50 -31.36
CA ALA J 4678 -55.93 -10.50 -30.31
C ALA J 4678 -54.93 -10.05 -29.25
N ARG J 4679 -53.83 -9.43 -29.69
CA ARG J 4679 -52.78 -9.03 -28.77
C ARG J 4679 -53.20 -7.85 -27.91
N LYS J 4680 -53.93 -6.90 -28.48
CA LYS J 4680 -54.46 -5.77 -27.71
C LYS J 4680 -55.69 -6.21 -26.94
N LEU J 4681 -56.02 -7.50 -27.03
CA LEU J 4681 -57.15 -8.04 -26.28
C LEU J 4681 -56.68 -8.79 -25.03
N GLU J 4682 -55.70 -9.68 -25.17
CA GLU J 4682 -55.27 -10.51 -24.06
C GLU J 4682 -54.20 -9.83 -23.22
N PHE J 4683 -53.78 -8.63 -23.61
CA PHE J 4683 -52.76 -7.90 -22.85
C PHE J 4683 -53.34 -6.63 -22.24
N ASP J 4684 -53.92 -5.78 -23.09
CA ASP J 4684 -54.50 -4.52 -22.61
C ASP J 4684 -55.95 -4.65 -22.20
N GLY J 4685 -56.59 -5.80 -22.46
CA GLY J 4685 -57.99 -5.96 -22.18
C GLY J 4685 -58.81 -4.83 -22.75
N LEU J 4686 -58.83 -4.72 -24.08
CA LEU J 4686 -59.43 -3.55 -24.73
C LEU J 4686 -60.93 -3.46 -24.49
N TYR J 4687 -61.67 -4.56 -24.63
CA TYR J 4687 -63.13 -4.52 -24.65
C TYR J 4687 -63.75 -4.86 -23.31
N ILE J 4688 -63.34 -5.96 -22.69
CA ILE J 4688 -64.02 -6.41 -21.47
C ILE J 4688 -63.81 -5.42 -20.34
N THR J 4689 -62.63 -4.81 -20.25
CA THR J 4689 -62.32 -3.84 -19.21
C THR J 4689 -62.50 -2.41 -19.67
N GLU J 4690 -61.83 -2.02 -20.75
CA GLU J 4690 -61.93 -0.68 -21.31
C GLU J 4690 -62.93 -0.68 -22.46
N GLN J 4691 -63.08 0.46 -23.11
CA GLN J 4691 -64.02 0.59 -24.22
C GLN J 4691 -63.45 1.55 -25.26
N PRO J 4692 -63.59 1.23 -26.56
CA PRO J 4692 -63.05 2.07 -27.63
C PRO J 4692 -63.80 3.38 -27.80
N ASP J 4696 -62.59 5.49 -32.39
CA ASP J 4696 -61.88 4.65 -33.35
C ASP J 4696 -62.85 3.75 -34.12
N VAL J 4697 -63.15 4.13 -35.36
CA VAL J 4697 -64.04 3.36 -36.22
C VAL J 4697 -63.49 1.94 -36.36
N LYS J 4698 -62.17 1.83 -36.43
CA LYS J 4698 -61.53 0.52 -36.57
C LYS J 4698 -61.98 -0.41 -35.46
N GLY J 4699 -61.87 0.04 -34.21
CA GLY J 4699 -62.26 -0.77 -33.08
C GLY J 4699 -63.72 -1.16 -33.09
N GLN J 4700 -64.59 -0.20 -33.40
CA GLN J 4700 -66.02 -0.48 -33.44
C GLN J 4700 -66.33 -1.55 -34.48
N TRP J 4701 -65.71 -1.44 -35.66
CA TRP J 4701 -65.92 -2.46 -36.68
C TRP J 4701 -65.37 -3.81 -36.22
N ASP J 4702 -64.17 -3.82 -35.64
CA ASP J 4702 -63.61 -5.07 -35.14
C ASP J 4702 -64.50 -5.70 -34.07
N ARG J 4703 -65.32 -4.90 -33.39
CA ARG J 4703 -66.17 -5.49 -32.37
C ARG J 4703 -67.34 -6.20 -33.05
N LEU J 4704 -67.02 -7.10 -33.97
CA LEU J 4704 -67.99 -7.89 -34.69
C LEU J 4704 -67.61 -9.35 -34.85
N VAL J 4705 -66.32 -9.69 -34.84
CA VAL J 4705 -65.89 -11.05 -35.09
C VAL J 4705 -65.66 -11.84 -33.81
N LEU J 4706 -65.59 -11.17 -32.66
CA LEU J 4706 -65.28 -11.84 -31.40
C LEU J 4706 -66.22 -13.02 -31.19
N ASN J 4707 -67.48 -12.86 -31.56
CA ASN J 4707 -68.43 -13.97 -31.55
C ASN J 4707 -68.14 -15.03 -32.59
N THR J 4708 -67.32 -14.74 -33.59
CA THR J 4708 -67.11 -15.68 -34.69
C THR J 4708 -66.46 -16.96 -34.17
N PRO J 4709 -66.75 -18.10 -34.78
CA PRO J 4709 -66.14 -19.36 -34.32
C PRO J 4709 -64.70 -19.52 -34.77
N SER J 4710 -64.19 -18.56 -35.55
CA SER J 4710 -62.84 -18.70 -36.10
C SER J 4710 -62.04 -17.40 -36.02
N PHE J 4711 -62.25 -16.60 -34.97
CA PHE J 4711 -61.55 -15.32 -34.81
C PHE J 4711 -60.07 -15.39 -35.19
N PRO J 4712 -59.27 -16.27 -34.63
CA PRO J 4712 -57.86 -16.37 -35.05
C PRO J 4712 -57.69 -17.27 -36.26
N SER J 4713 -57.94 -16.73 -37.46
CA SER J 4713 -57.93 -17.52 -38.68
C SER J 4713 -56.58 -17.52 -39.38
N ASN J 4714 -55.73 -16.54 -39.10
CA ASN J 4714 -54.40 -16.50 -39.69
C ASN J 4714 -53.35 -16.31 -38.60
N TYR J 4715 -53.72 -15.63 -37.53
CA TYR J 4715 -52.86 -15.47 -36.37
C TYR J 4715 -52.63 -16.83 -35.74
N TRP J 4716 -51.41 -17.37 -35.85
CA TRP J 4716 -51.15 -18.77 -35.58
C TRP J 4716 -51.79 -19.22 -34.27
N ASP J 4717 -51.68 -18.39 -33.23
CA ASP J 4717 -52.23 -18.77 -31.93
C ASP J 4717 -53.75 -18.91 -32.04
N LYS J 4718 -54.23 -20.15 -31.95
CA LYS J 4718 -55.65 -20.43 -32.02
C LYS J 4718 -56.26 -20.68 -30.65
N PHE J 4719 -55.52 -20.41 -29.58
CA PHE J 4719 -56.01 -20.56 -28.21
C PHE J 4719 -56.16 -19.22 -27.51
N VAL J 4720 -56.10 -18.12 -28.27
CA VAL J 4720 -56.27 -16.79 -27.68
C VAL J 4720 -57.67 -16.60 -27.11
N LYS J 4721 -58.57 -17.55 -27.34
CA LYS J 4721 -59.88 -17.50 -26.72
C LYS J 4721 -59.77 -17.78 -25.22
N ARG J 4722 -59.21 -18.95 -24.87
CA ARG J 4722 -59.09 -19.33 -23.47
C ARG J 4722 -58.32 -18.28 -22.68
N LYS J 4723 -57.11 -17.96 -23.16
CA LYS J 4723 -56.20 -17.05 -22.45
C LYS J 4723 -56.92 -15.86 -21.83
N VAL J 4724 -57.66 -15.11 -22.64
CA VAL J 4724 -58.29 -13.88 -22.15
C VAL J 4724 -59.34 -14.20 -21.10
N LEU J 4725 -60.22 -15.16 -21.40
CA LEU J 4725 -61.22 -15.60 -20.44
C LEU J 4725 -60.57 -15.89 -19.10
N ASP J 4726 -59.60 -16.81 -19.10
CA ASP J 4726 -58.95 -17.24 -17.88
C ASP J 4726 -58.31 -16.07 -17.15
N LYS J 4727 -57.66 -15.16 -17.87
CA LYS J 4727 -56.90 -14.12 -17.20
C LYS J 4727 -57.85 -13.08 -16.61
N HIS J 4728 -59.01 -12.88 -17.23
CA HIS J 4728 -60.05 -12.08 -16.60
C HIS J 4728 -61.24 -12.93 -16.19
N GLY J 4729 -61.00 -14.20 -15.90
CA GLY J 4729 -62.07 -15.10 -15.52
C GLY J 4729 -63.17 -14.47 -14.70
N ASP J 4730 -62.88 -14.12 -13.46
CA ASP J 4730 -63.93 -13.60 -12.58
C ASP J 4730 -64.03 -12.08 -12.56
N ILE J 4731 -62.89 -11.40 -12.56
CA ILE J 4731 -62.91 -9.95 -12.45
C ILE J 4731 -64.07 -9.31 -13.24
N PHE J 4732 -64.40 -9.85 -14.40
CA PHE J 4732 -65.47 -9.28 -15.22
C PHE J 4732 -66.54 -10.29 -15.57
N GLY J 4733 -66.71 -11.31 -14.73
CA GLY J 4733 -67.76 -12.29 -14.96
C GLY J 4733 -67.47 -13.28 -16.07
N ARG J 4734 -67.18 -14.52 -15.68
CA ARG J 4734 -66.88 -15.55 -16.66
C ARG J 4734 -68.03 -15.68 -17.66
N GLU J 4735 -69.18 -16.12 -17.19
CA GLU J 4735 -70.30 -16.33 -18.10
C GLU J 4735 -70.46 -15.14 -19.05
N ARG J 4736 -70.31 -13.93 -18.52
CA ARG J 4736 -70.40 -12.73 -19.37
C ARG J 4736 -69.32 -12.74 -20.44
N ILE J 4737 -68.09 -13.08 -20.06
CA ILE J 4737 -67.00 -13.15 -21.04
C ILE J 4737 -67.23 -14.27 -22.05
N ALA J 4738 -67.69 -15.43 -21.61
CA ALA J 4738 -67.98 -16.51 -22.54
C ALA J 4738 -69.07 -16.11 -23.52
N GLU J 4739 -70.05 -15.33 -23.06
CA GLU J 4739 -71.06 -14.81 -23.97
C GLU J 4739 -70.47 -13.81 -24.96
N LEU J 4740 -69.61 -12.91 -24.49
CA LEU J 4740 -68.98 -11.94 -25.37
C LEU J 4740 -68.12 -12.62 -26.43
N LEU J 4741 -67.36 -13.65 -26.06
CA LEU J 4741 -66.45 -14.32 -26.97
C LEU J 4741 -67.07 -15.52 -27.67
N GLY J 4742 -68.33 -15.83 -27.41
CA GLY J 4742 -68.96 -16.96 -28.07
C GLY J 4742 -68.32 -18.29 -27.78
N MET J 4743 -67.60 -18.42 -26.67
CA MET J 4743 -66.93 -19.66 -26.32
C MET J 4743 -67.88 -20.79 -25.95
N ASP J 4744 -69.04 -20.48 -25.38
CA ASP J 4744 -69.91 -21.49 -24.80
C ASP J 4744 -69.29 -22.10 -23.54
N LEU J 4745 -68.65 -21.25 -22.75
CA LEU J 4745 -68.02 -21.57 -21.47
C LEU J 4745 -68.05 -23.05 -21.09
N ALA J 4746 -69.05 -23.45 -20.31
CA ALA J 4746 -69.11 -24.79 -19.74
C ALA J 4746 -68.91 -25.86 -20.81
N SER J 4747 -69.78 -25.90 -21.82
CA SER J 4747 -69.62 -26.87 -22.89
C SER J 4747 -68.27 -26.70 -23.56
N LEU J 4748 -67.80 -25.45 -23.66
CA LEU J 4748 -66.51 -25.18 -24.27
C LEU J 4748 -65.41 -25.95 -23.56
N GLU J 4749 -65.22 -25.65 -22.27
CA GLU J 4749 -64.25 -26.42 -21.48
C GLU J 4749 -64.63 -27.89 -21.39
N ILE J 4750 -65.90 -28.22 -21.64
CA ILE J 4750 -66.37 -29.61 -21.62
C ILE J 4750 -66.00 -30.29 -22.92
N THR J 4751 -65.28 -29.57 -23.79
CA THR J 4751 -64.88 -30.10 -25.08
C THR J 4751 -64.19 -31.45 -24.94
N ALA J 4752 -64.59 -32.42 -25.76
CA ALA J 4752 -64.04 -33.76 -25.67
C ALA J 4752 -62.54 -33.77 -25.92
N HIS J 4753 -62.05 -32.82 -26.73
CA HIS J 4753 -60.64 -32.76 -27.07
C HIS J 4753 -59.74 -32.87 -25.84
N ASN J 4754 -59.90 -31.94 -24.90
CA ASN J 4754 -59.11 -31.98 -23.67
C ASN J 4754 -59.27 -33.31 -22.96
N GLU J 4755 -60.52 -33.75 -22.77
CA GLU J 4755 -60.79 -35.01 -22.10
C GLU J 4755 -60.37 -36.19 -22.96
N ARG J 4756 -60.94 -36.30 -24.16
CA ARG J 4756 -60.65 -37.41 -25.05
C ARG J 4756 -60.56 -36.95 -26.50
N THR J 4766 -65.46 -28.68 -49.52
CA THR J 4766 -66.79 -28.11 -49.38
C THR J 4766 -66.73 -26.79 -48.62
N TRP J 4767 -65.79 -25.92 -48.99
CA TRP J 4767 -65.65 -24.63 -48.34
C TRP J 4767 -66.95 -23.84 -48.41
N LEU J 4768 -67.60 -23.83 -49.58
CA LEU J 4768 -68.86 -23.12 -49.73
C LEU J 4768 -69.94 -23.75 -48.84
N MET J 4769 -69.82 -25.05 -48.56
CA MET J 4769 -70.82 -25.75 -47.77
C MET J 4769 -71.02 -25.12 -46.41
N SER J 4770 -69.93 -24.87 -45.68
CA SER J 4770 -69.98 -24.33 -44.33
C SER J 4770 -69.19 -23.03 -44.22
N ILE J 4771 -69.36 -22.13 -45.19
CA ILE J 4771 -68.67 -20.86 -45.20
C ILE J 4771 -69.36 -19.88 -44.25
N ASP J 4772 -68.74 -19.61 -43.11
CA ASP J 4772 -69.30 -18.68 -42.14
C ASP J 4772 -69.51 -17.31 -42.77
N VAL J 4773 -70.71 -16.75 -42.61
CA VAL J 4773 -71.03 -15.49 -43.25
C VAL J 4773 -70.38 -14.32 -42.51
N LYS J 4774 -70.62 -14.22 -41.20
CA LYS J 4774 -70.24 -13.02 -40.46
C LYS J 4774 -68.73 -12.76 -40.54
N TYR J 4775 -67.93 -13.82 -40.42
CA TYR J 4775 -66.49 -13.63 -40.53
C TYR J 4775 -66.11 -13.15 -41.92
N GLN J 4776 -66.77 -13.66 -42.96
CA GLN J 4776 -66.53 -13.15 -44.30
C GLN J 4776 -66.88 -11.67 -44.39
N ILE J 4777 -67.98 -11.25 -43.77
CA ILE J 4777 -68.34 -9.85 -43.78
C ILE J 4777 -67.24 -9.01 -43.14
N TRP J 4778 -66.73 -9.46 -41.99
CA TRP J 4778 -65.67 -8.72 -41.32
C TRP J 4778 -64.42 -8.63 -42.20
N LYS J 4779 -64.05 -9.75 -42.83
CA LYS J 4779 -62.85 -9.77 -43.65
C LYS J 4779 -62.99 -8.84 -44.84
N PHE J 4780 -64.15 -8.86 -45.50
CA PHE J 4780 -64.35 -7.98 -46.64
C PHE J 4780 -64.37 -6.52 -46.21
N GLY J 4781 -64.98 -6.22 -45.06
CA GLY J 4781 -64.96 -4.87 -44.57
C GLY J 4781 -63.54 -4.38 -44.36
N VAL J 4782 -62.71 -5.22 -43.73
CA VAL J 4782 -61.34 -4.80 -43.43
C VAL J 4782 -60.53 -4.65 -44.71
N ILE J 4783 -60.74 -5.53 -45.70
CA ILE J 4783 -59.99 -5.43 -46.94
C ILE J 4783 -60.41 -4.20 -47.74
N PHE J 4784 -61.71 -3.92 -47.82
CA PHE J 4784 -62.20 -2.73 -48.51
C PHE J 4784 -61.72 -1.49 -47.78
N THR J 4785 -61.48 -1.59 -46.48
CA THR J 4785 -60.84 -0.52 -45.73
C THR J 4785 -59.38 -0.32 -46.14
N ASP J 4786 -58.80 -1.28 -46.88
CA ASP J 4786 -57.40 -1.21 -47.29
C ASP J 4786 -57.25 -0.19 -48.43
N ASN J 4787 -56.02 0.33 -48.59
CA ASN J 4787 -55.77 1.31 -49.63
C ASN J 4787 -55.39 0.64 -50.95
N SER J 4788 -54.41 -0.27 -50.93
CA SER J 4788 -53.91 -0.85 -52.17
C SER J 4788 -54.99 -1.67 -52.88
N PHE J 4789 -55.90 -2.33 -52.14
CA PHE J 4789 -57.00 -3.00 -52.80
C PHE J 4789 -57.94 -2.00 -53.46
N LEU J 4790 -58.17 -0.85 -52.84
CA LEU J 4790 -58.97 0.19 -53.49
C LEU J 4790 -58.32 0.66 -54.77
N TYR J 4791 -57.00 0.85 -54.84
CA TYR J 4791 -56.37 1.28 -56.09
C TYR J 4791 -56.50 0.22 -57.18
N SER J 4792 -56.29 -1.05 -56.86
CA SER J 4792 -56.49 -2.12 -57.85
C SER J 4792 -57.97 -2.25 -58.24
N GLY J 4793 -58.92 -1.98 -57.35
CA GLY J 4793 -60.32 -1.92 -57.72
C GLY J 4793 -60.59 -0.80 -58.69
N TRP J 4794 -59.98 0.37 -58.45
CA TRP J 4794 -60.10 1.49 -59.38
C TRP J 4794 -59.51 1.13 -60.73
N TYR J 4795 -58.35 0.50 -60.78
CA TYR J 4795 -57.76 0.12 -62.07
C TYR J 4795 -58.65 -0.88 -62.79
N MET J 4796 -59.24 -1.86 -62.08
CA MET J 4796 -60.19 -2.75 -62.74
C MET J 4796 -61.43 -2.01 -63.24
N VAL J 4797 -62.00 -1.13 -62.42
CA VAL J 4797 -63.24 -0.47 -62.81
C VAL J 4797 -63.02 0.41 -64.02
N MET J 4798 -61.91 1.16 -64.04
CA MET J 4798 -61.61 1.96 -65.22
C MET J 4798 -61.39 1.09 -66.45
N SER J 4799 -60.63 0.01 -66.30
CA SER J 4799 -60.41 -0.88 -67.44
C SER J 4799 -61.73 -1.38 -68.00
N LEU J 4800 -62.60 -1.88 -67.11
CA LEU J 4800 -63.91 -2.38 -67.52
C LEU J 4800 -64.72 -1.30 -68.21
N LEU J 4801 -64.76 -0.11 -67.61
CA LEU J 4801 -65.55 0.99 -68.14
C LEU J 4801 -65.01 1.42 -69.50
N GLY J 4802 -63.75 1.09 -69.77
CA GLY J 4802 -63.15 1.43 -71.04
C GLY J 4802 -63.90 0.89 -72.24
N HIS J 4803 -64.44 -0.33 -72.11
CA HIS J 4803 -65.24 -0.88 -73.20
C HIS J 4803 -66.46 -0.02 -73.49
N TYR J 4804 -66.91 0.76 -72.51
CA TYR J 4804 -67.98 1.72 -72.76
C TYR J 4804 -67.53 2.80 -73.73
N ASN J 4805 -66.35 3.37 -73.50
CA ASN J 4805 -65.82 4.43 -74.36
C ASN J 4805 -64.30 4.40 -74.24
N ASN J 4806 -63.54 4.04 -75.27
CA ASN J 4806 -62.05 3.87 -75.13
C ASN J 4806 -61.24 5.03 -74.48
N PHE J 4807 -61.87 6.14 -74.26
CA PHE J 4807 -61.06 7.14 -73.58
C PHE J 4807 -60.66 6.65 -72.14
N PHE J 4808 -61.36 5.63 -71.69
CA PHE J 4808 -61.11 5.14 -70.34
C PHE J 4808 -59.87 4.30 -70.37
N PHE J 4809 -59.42 3.97 -71.57
CA PHE J 4809 -58.17 3.25 -71.68
C PHE J 4809 -57.10 4.32 -71.70
N ALA J 4810 -57.44 5.49 -71.17
CA ALA J 4810 -56.48 6.56 -71.07
C ALA J 4810 -56.39 6.89 -69.60
N ALA J 4811 -57.06 6.10 -68.77
CA ALA J 4811 -56.99 6.28 -67.33
C ALA J 4811 -56.10 5.19 -66.79
N HIS J 4812 -55.86 4.11 -67.53
CA HIS J 4812 -54.86 3.13 -67.14
C HIS J 4812 -53.57 3.71 -67.65
N LEU J 4813 -53.58 4.26 -68.86
CA LEU J 4813 -52.43 4.98 -69.38
C LEU J 4813 -51.84 5.65 -68.23
N LEU J 4814 -52.60 6.15 -67.26
CA LEU J 4814 -52.01 6.95 -66.12
C LEU J 4814 -51.31 6.25 -64.92
N ASP J 4815 -51.35 4.93 -64.83
CA ASP J 4815 -50.65 4.14 -63.82
C ASP J 4815 -49.12 4.21 -63.96
N ILE J 4816 -48.57 4.59 -65.12
CA ILE J 4816 -47.12 4.88 -65.25
C ILE J 4816 -46.69 5.77 -64.09
N ALA J 4817 -47.49 6.79 -63.84
CA ALA J 4817 -47.24 7.77 -62.78
C ALA J 4817 -47.20 7.15 -61.41
N MET J 4818 -48.32 6.75 -60.81
CA MET J 4818 -48.40 6.32 -59.43
C MET J 4818 -47.34 5.29 -58.99
N GLY J 4819 -46.72 4.52 -59.90
CA GLY J 4819 -45.61 3.60 -59.62
C GLY J 4819 -44.18 4.17 -59.77
N VAL J 4820 -43.93 5.19 -60.59
CA VAL J 4820 -42.55 5.58 -61.02
C VAL J 4820 -41.80 6.47 -60.02
N LYS J 4821 -41.68 6.04 -58.77
CA LYS J 4821 -40.80 6.59 -57.72
C LYS J 4821 -40.77 8.12 -57.63
N THR J 4822 -39.91 8.79 -58.41
CA THR J 4822 -39.74 10.22 -58.59
C THR J 4822 -41.06 10.92 -58.82
N LEU J 4823 -42.03 10.22 -59.40
CA LEU J 4823 -43.36 10.80 -59.60
C LEU J 4823 -44.16 10.60 -58.34
N ARG J 4824 -44.24 9.37 -57.81
CA ARG J 4824 -45.01 9.05 -56.60
C ARG J 4824 -44.72 10.03 -55.46
N THR J 4825 -43.48 10.48 -55.32
CA THR J 4825 -43.17 11.58 -54.40
C THR J 4825 -43.96 12.83 -54.73
N ILE J 4826 -43.91 13.28 -55.99
CA ILE J 4826 -44.60 14.51 -56.37
C ILE J 4826 -46.10 14.40 -56.12
N LEU J 4827 -46.61 13.18 -56.08
CA LEU J 4827 -48.03 12.96 -55.88
C LEU J 4827 -48.40 12.97 -54.40
N SER J 4828 -47.48 12.54 -53.53
CA SER J 4828 -47.75 12.59 -52.10
C SER J 4828 -47.50 13.98 -51.53
N SER J 4829 -46.81 14.84 -52.27
CA SER J 4829 -46.54 16.19 -51.80
C SER J 4829 -47.84 16.93 -51.49
N VAL J 4830 -48.82 16.83 -52.39
CA VAL J 4830 -50.07 17.56 -52.22
C VAL J 4830 -50.78 17.09 -50.95
N THR J 4831 -50.84 15.78 -50.74
CA THR J 4831 -51.60 15.23 -49.61
C THR J 4831 -50.79 15.19 -48.31
N HIS J 4832 -49.50 15.49 -48.36
CA HIS J 4832 -48.65 15.50 -47.18
C HIS J 4832 -49.05 16.60 -46.20
N ASN J 4833 -49.34 17.80 -46.70
CA ASN J 4833 -49.79 18.87 -45.81
C ASN J 4833 -51.01 19.61 -46.36
N GLY J 4834 -51.95 18.91 -47.00
CA GLY J 4834 -53.13 19.59 -47.51
C GLY J 4834 -53.88 20.36 -46.44
N LYS J 4835 -53.82 19.90 -45.20
CA LYS J 4835 -54.48 20.61 -44.11
C LYS J 4835 -53.91 22.01 -43.93
N GLN J 4836 -52.72 22.29 -44.46
CA GLN J 4836 -52.15 23.62 -44.44
C GLN J 4836 -51.91 24.20 -45.82
N LEU J 4837 -52.47 23.59 -46.88
CA LEU J 4837 -52.51 24.18 -48.21
C LEU J 4837 -53.93 24.54 -48.62
N VAL J 4838 -54.91 23.72 -48.22
CA VAL J 4838 -56.30 24.08 -48.40
C VAL J 4838 -56.60 25.39 -47.69
N MET J 4839 -55.99 25.62 -46.54
CA MET J 4839 -56.19 26.88 -45.85
C MET J 4839 -55.67 28.05 -46.68
N THR J 4840 -54.51 27.87 -47.32
CA THR J 4840 -53.97 28.92 -48.18
C THR J 4840 -54.89 29.19 -49.36
N VAL J 4841 -55.41 28.15 -49.99
CA VAL J 4841 -56.34 28.38 -51.07
C VAL J 4841 -57.48 29.20 -50.52
N GLY J 4842 -58.07 28.73 -49.43
CA GLY J 4842 -59.20 29.43 -48.86
C GLY J 4842 -58.89 30.90 -48.60
N LEU J 4843 -57.65 31.18 -48.22
CA LEU J 4843 -57.22 32.55 -47.98
C LEU J 4843 -57.22 33.33 -49.29
N LEU J 4844 -56.78 32.68 -50.37
CA LEU J 4844 -56.94 33.29 -51.69
C LEU J 4844 -58.39 33.57 -52.01
N ALA J 4845 -59.29 32.60 -51.77
CA ALA J 4845 -60.70 32.82 -52.03
C ALA J 4845 -61.20 34.04 -51.28
N VAL J 4846 -60.88 34.16 -49.99
CA VAL J 4846 -61.37 35.27 -49.19
C VAL J 4846 -60.77 36.61 -49.59
N VAL J 4847 -59.48 36.64 -49.95
CA VAL J 4847 -58.88 37.90 -50.37
C VAL J 4847 -59.49 38.37 -51.69
N VAL J 4848 -59.64 37.46 -52.65
CA VAL J 4848 -60.29 37.83 -53.90
C VAL J 4848 -61.73 38.25 -53.65
N TYR J 4849 -62.39 37.63 -52.67
CA TYR J 4849 -63.70 38.11 -52.27
C TYR J 4849 -63.66 39.57 -51.82
N LEU J 4850 -62.85 39.88 -50.81
CA LEU J 4850 -62.76 41.25 -50.34
C LEU J 4850 -62.42 42.24 -51.44
N TYR J 4851 -61.60 41.86 -52.42
CA TYR J 4851 -61.37 42.76 -53.56
C TYR J 4851 -62.48 42.73 -54.59
N THR J 4852 -63.47 41.86 -54.44
CA THR J 4852 -64.60 41.86 -55.34
C THR J 4852 -65.65 42.77 -54.76
N VAL J 4853 -65.79 42.76 -53.45
CA VAL J 4853 -66.83 43.56 -52.80
C VAL J 4853 -66.61 45.05 -53.05
N VAL J 4854 -65.37 45.53 -52.90
CA VAL J 4854 -65.09 46.93 -53.15
C VAL J 4854 -65.38 47.29 -54.61
N ALA J 4855 -64.99 46.43 -55.54
CA ALA J 4855 -65.33 46.65 -56.94
C ALA J 4855 -66.84 46.69 -57.15
N PHE J 4856 -67.59 45.93 -56.36
CA PHE J 4856 -69.04 45.97 -56.49
C PHE J 4856 -69.66 47.17 -55.76
N ASN J 4857 -68.88 47.95 -55.03
CA ASN J 4857 -69.41 49.11 -54.35
C ASN J 4857 -68.97 50.43 -54.96
N PHE J 4858 -67.83 50.47 -55.65
CA PHE J 4858 -67.33 51.72 -56.21
C PHE J 4858 -66.88 51.64 -57.66
N PHE J 4859 -66.52 50.45 -58.16
CA PHE J 4859 -65.82 50.36 -59.44
C PHE J 4859 -66.62 49.59 -60.50
N ARG J 4860 -67.93 49.42 -60.30
CA ARG J 4860 -68.74 48.72 -61.28
C ARG J 4860 -68.61 49.38 -62.64
N LYS J 4861 -68.42 50.69 -62.64
CA LYS J 4861 -68.33 51.49 -63.86
C LYS J 4861 -67.26 50.95 -64.82
N PHE J 4862 -66.09 50.59 -64.28
CA PHE J 4862 -64.98 50.20 -65.14
C PHE J 4862 -65.18 48.82 -65.76
N TYR J 4863 -65.94 47.94 -65.12
CA TYR J 4863 -65.97 46.53 -65.49
C TYR J 4863 -66.89 46.34 -66.69
N ASN J 4864 -66.43 46.76 -67.86
CA ASN J 4864 -67.20 46.59 -69.09
C ASN J 4864 -66.29 45.90 -70.11
N LYS J 4865 -66.29 44.57 -70.11
CA LYS J 4865 -65.41 43.79 -70.95
C LYS J 4865 -66.00 43.50 -72.32
N SER J 4866 -66.98 44.30 -72.75
CA SER J 4866 -67.64 44.10 -74.05
C SER J 4866 -67.33 45.30 -74.93
N GLU J 4867 -66.71 45.04 -76.08
CA GLU J 4867 -66.32 46.10 -77.00
C GLU J 4867 -67.54 46.68 -77.73
N ASP J 4868 -68.46 45.80 -78.13
CA ASP J 4868 -69.65 46.22 -78.87
C ASP J 4868 -70.29 47.45 -78.22
N GLU J 4869 -70.51 48.50 -79.01
CA GLU J 4869 -71.05 49.75 -78.49
C GLU J 4869 -72.37 49.53 -77.77
N ASP J 4870 -73.29 48.80 -78.41
CA ASP J 4870 -74.63 48.62 -77.85
C ASP J 4870 -74.60 47.58 -76.74
N GLU J 4871 -74.21 46.35 -77.06
CA GLU J 4871 -74.26 45.26 -76.09
C GLU J 4871 -73.36 45.56 -74.90
N PRO J 4872 -73.92 45.93 -73.75
CA PRO J 4872 -73.09 46.10 -72.55
C PRO J 4872 -73.01 44.81 -71.74
N ASP J 4873 -71.79 44.36 -71.42
CA ASP J 4873 -71.65 43.18 -70.57
C ASP J 4873 -71.82 43.53 -69.11
N MET J 4874 -70.99 44.44 -68.60
CA MET J 4874 -71.07 44.81 -67.19
C MET J 4874 -70.94 43.58 -66.30
N LYS J 4875 -69.78 42.92 -66.36
CA LYS J 4875 -69.59 41.70 -65.59
C LYS J 4875 -69.80 41.95 -64.09
N CYS J 4876 -69.56 43.18 -63.64
CA CYS J 4876 -69.72 43.47 -62.22
C CYS J 4876 -71.08 44.10 -61.93
N ASP J 4877 -72.15 43.35 -62.15
CA ASP J 4877 -73.47 43.72 -61.63
C ASP J 4877 -74.04 42.70 -60.66
N ASP J 4878 -74.11 41.43 -61.06
CA ASP J 4878 -74.45 40.36 -60.14
C ASP J 4878 -73.18 39.96 -59.40
N MET J 4879 -73.11 40.29 -58.11
CA MET J 4879 -71.86 40.08 -57.38
C MET J 4879 -71.38 38.65 -57.51
N MET J 4880 -72.29 37.68 -57.59
CA MET J 4880 -71.87 36.31 -57.87
C MET J 4880 -71.21 36.20 -59.23
N THR J 4881 -71.42 37.18 -60.10
CA THR J 4881 -70.76 37.17 -61.39
C THR J 4881 -69.42 37.90 -61.33
N CYS J 4882 -69.37 39.05 -60.65
CA CYS J 4882 -68.12 39.78 -60.52
C CYS J 4882 -67.08 38.96 -59.77
N TYR J 4883 -67.50 38.28 -58.71
CA TYR J 4883 -66.55 37.47 -57.94
C TYR J 4883 -65.95 36.36 -58.79
N LEU J 4884 -66.78 35.70 -59.60
CA LEU J 4884 -66.25 34.69 -60.51
C LEU J 4884 -65.35 35.31 -61.57
N PHE J 4885 -65.70 36.48 -62.08
CA PHE J 4885 -64.84 37.14 -63.04
C PHE J 4885 -63.46 37.40 -62.46
N HIS J 4886 -63.41 37.92 -61.23
CA HIS J 4886 -62.13 38.11 -60.56
C HIS J 4886 -61.38 36.79 -60.39
N MET J 4887 -62.00 35.82 -59.74
CA MET J 4887 -61.30 34.57 -59.43
C MET J 4887 -60.97 33.77 -60.68
N TYR J 4888 -61.52 34.12 -61.84
CA TYR J 4888 -61.24 33.42 -63.09
C TYR J 4888 -60.13 34.12 -63.87
N VAL J 4889 -60.29 35.41 -64.15
CA VAL J 4889 -59.26 36.15 -64.87
C VAL J 4889 -58.46 37.08 -63.97
N GLY J 4890 -58.69 37.06 -62.67
CA GLY J 4890 -57.90 37.86 -61.77
C GLY J 4890 -56.55 37.25 -61.45
N VAL J 4891 -56.56 36.06 -60.84
CA VAL J 4891 -55.32 35.44 -60.39
C VAL J 4891 -54.48 34.92 -61.55
N ARG J 4892 -55.00 34.95 -62.78
CA ARG J 4892 -54.26 34.44 -63.93
C ARG J 4892 -53.70 35.55 -64.81
N ALA J 4893 -53.95 36.81 -64.46
CA ALA J 4893 -53.55 37.91 -65.34
C ALA J 4893 -52.03 38.09 -65.34
N GLY J 4894 -51.36 37.68 -64.27
CA GLY J 4894 -49.94 37.92 -64.13
C GLY J 4894 -49.56 39.36 -63.90
N GLY J 4895 -50.48 40.30 -64.12
CA GLY J 4895 -50.26 41.69 -63.79
C GLY J 4895 -51.35 42.18 -62.86
N GLY J 4896 -52.13 41.26 -62.33
CA GLY J 4896 -53.25 41.61 -61.48
C GLY J 4896 -54.47 42.01 -62.29
N ILE J 4897 -55.58 42.21 -61.57
CA ILE J 4897 -56.84 42.55 -62.22
C ILE J 4897 -56.74 43.81 -63.05
N GLY J 4898 -56.06 44.84 -62.57
CA GLY J 4898 -55.96 46.08 -63.31
C GLY J 4898 -55.44 45.94 -64.73
N ASP J 4899 -54.90 44.78 -65.08
CA ASP J 4899 -54.43 44.56 -66.44
C ASP J 4899 -55.58 44.28 -67.41
N GLU J 4900 -56.78 44.04 -66.91
CA GLU J 4900 -57.90 43.63 -67.75
C GLU J 4900 -59.10 44.56 -67.68
N ILE J 4901 -58.90 45.83 -67.34
CA ILE J 4901 -59.98 46.80 -67.31
C ILE J 4901 -59.48 48.12 -67.87
N GLU J 4902 -60.41 49.06 -68.07
CA GLU J 4902 -60.08 50.34 -68.67
C GLU J 4902 -59.14 51.12 -67.77
N ASP J 4903 -58.31 51.94 -68.41
CA ASP J 4903 -57.34 52.73 -67.69
C ASP J 4903 -58.03 53.72 -66.75
N PRO J 4904 -57.42 54.01 -65.61
CA PRO J 4904 -57.97 55.02 -64.69
C PRO J 4904 -57.64 56.46 -65.07
N ALA J 4905 -57.20 56.71 -66.30
CA ALA J 4905 -56.86 58.05 -66.74
C ALA J 4905 -57.88 59.08 -66.27
N GLY J 4906 -59.17 58.73 -66.32
CA GLY J 4906 -60.20 59.58 -65.79
C GLY J 4906 -59.92 59.95 -64.34
N ASP J 4907 -59.91 61.26 -64.05
CA ASP J 4907 -59.50 61.70 -62.72
C ASP J 4907 -60.41 61.14 -61.63
N GLU J 4908 -61.65 60.80 -61.97
CA GLU J 4908 -62.58 60.27 -60.98
C GLU J 4908 -62.02 59.00 -60.35
N TYR J 4909 -61.68 59.06 -59.07
CA TYR J 4909 -61.15 57.91 -58.34
C TYR J 4909 -59.94 57.30 -59.04
N GLU J 4910 -59.21 58.14 -59.77
CA GLU J 4910 -58.02 57.66 -60.46
C GLU J 4910 -56.99 57.14 -59.47
N LEU J 4911 -56.68 57.93 -58.44
CA LEU J 4911 -55.69 57.52 -57.45
C LEU J 4911 -56.11 56.27 -56.68
N TYR J 4912 -57.37 56.17 -56.28
CA TYR J 4912 -57.83 54.99 -55.57
C TYR J 4912 -57.73 53.72 -56.41
N ARG J 4913 -58.06 53.80 -57.70
CA ARG J 4913 -57.87 52.63 -58.55
C ARG J 4913 -56.39 52.33 -58.77
N VAL J 4914 -55.55 53.36 -58.83
CA VAL J 4914 -54.12 53.14 -58.95
C VAL J 4914 -53.57 52.41 -57.73
N VAL J 4915 -54.30 52.43 -56.61
CA VAL J 4915 -53.89 51.66 -55.45
C VAL J 4915 -54.58 50.30 -55.44
N PHE J 4916 -55.83 50.24 -55.90
CA PHE J 4916 -56.54 48.97 -56.00
C PHE J 4916 -55.77 48.00 -56.88
N ASP J 4917 -55.37 48.45 -58.07
CA ASP J 4917 -54.62 47.60 -58.98
C ASP J 4917 -53.36 47.07 -58.33
N ILE J 4918 -52.54 47.98 -57.80
CA ILE J 4918 -51.23 47.59 -57.28
C ILE J 4918 -51.37 46.67 -56.07
N THR J 4919 -52.33 46.97 -55.18
CA THR J 4919 -52.53 46.11 -54.02
C THR J 4919 -53.06 44.74 -54.41
N PHE J 4920 -54.03 44.66 -55.34
CA PHE J 4920 -54.48 43.35 -55.78
C PHE J 4920 -53.35 42.56 -56.39
N PHE J 4921 -52.48 43.21 -57.17
CA PHE J 4921 -51.36 42.49 -57.74
C PHE J 4921 -50.41 42.00 -56.66
N PHE J 4922 -49.99 42.90 -55.75
N PHE J 4922 -49.97 42.91 -55.78
CA PHE J 4922 -48.97 42.55 -54.78
CA PHE J 4922 -48.98 42.56 -54.76
C PHE J 4922 -49.45 41.50 -53.78
C PHE J 4922 -49.49 41.46 -53.84
N PHE J 4923 -50.61 41.71 -53.16
CA PHE J 4923 -51.07 40.77 -52.13
C PHE J 4923 -51.35 39.40 -52.72
N VAL J 4924 -51.98 39.34 -53.89
CA VAL J 4924 -52.36 38.04 -54.42
C VAL J 4924 -51.24 37.43 -55.25
N ILE J 4925 -50.93 38.02 -56.41
CA ILE J 4925 -50.16 37.33 -57.43
C ILE J 4925 -48.67 37.33 -57.09
N VAL J 4926 -48.25 38.10 -56.08
CA VAL J 4926 -46.85 38.07 -55.71
C VAL J 4926 -46.64 37.33 -54.40
N ILE J 4927 -47.63 37.35 -53.51
CA ILE J 4927 -47.51 36.73 -52.19
C ILE J 4927 -48.15 35.35 -52.16
N LEU J 4928 -49.47 35.27 -52.32
CA LEU J 4928 -50.15 33.99 -52.17
C LEU J 4928 -49.92 33.01 -53.31
N LEU J 4929 -50.02 33.47 -54.55
CA LEU J 4929 -49.72 32.58 -55.67
C LEU J 4929 -48.25 32.25 -55.62
N ALA J 4930 -47.56 32.71 -54.57
CA ALA J 4930 -46.15 32.37 -54.39
C ALA J 4930 -46.09 31.37 -53.28
N ILE J 4931 -46.62 31.73 -52.13
CA ILE J 4931 -46.65 30.80 -51.02
C ILE J 4931 -47.09 29.43 -51.52
N ILE J 4932 -48.24 29.35 -52.20
CA ILE J 4932 -48.73 28.06 -52.65
C ILE J 4932 -47.59 27.31 -53.32
N GLN J 4933 -47.14 27.87 -54.44
CA GLN J 4933 -46.04 27.26 -55.16
C GLN J 4933 -45.02 26.92 -54.13
N GLY J 4934 -44.78 27.83 -53.20
CA GLY J 4934 -43.83 27.57 -52.14
C GLY J 4934 -44.17 26.26 -51.47
N LEU J 4935 -45.32 26.20 -50.81
CA LEU J 4935 -45.72 24.98 -50.12
C LEU J 4935 -45.43 23.78 -50.99
N ILE J 4936 -45.94 23.77 -52.21
CA ILE J 4936 -45.77 22.63 -53.10
C ILE J 4936 -44.31 22.23 -53.27
N ILE J 4937 -43.50 23.12 -53.82
CA ILE J 4937 -42.10 22.82 -54.03
C ILE J 4937 -41.44 22.29 -52.76
N ASP J 4938 -41.74 22.91 -51.63
CA ASP J 4938 -41.15 22.48 -50.37
C ASP J 4938 -41.52 21.04 -50.04
N ALA J 4939 -42.81 20.77 -49.96
CA ALA J 4939 -43.24 19.41 -49.66
C ALA J 4939 -42.54 18.43 -50.57
N PHE J 4940 -42.06 18.91 -51.71
CA PHE J 4940 -41.32 18.02 -52.59
C PHE J 4940 -39.88 17.88 -52.09
N GLY J 4941 -39.36 18.91 -51.43
CA GLY J 4941 -37.98 18.86 -50.97
C GLY J 4941 -37.81 18.04 -49.71
N GLU J 4942 -38.72 18.21 -48.75
CA GLU J 4942 -38.62 17.45 -47.50
C GLU J 4942 -38.79 15.95 -47.74
N LEU J 4943 -39.79 15.56 -48.53
CA LEU J 4943 -39.95 14.15 -48.85
C LEU J 4943 -38.75 13.58 -49.60
N ARG J 4944 -37.85 14.42 -50.07
CA ARG J 4944 -36.57 13.99 -50.63
C ARG J 4944 -35.45 13.98 -49.59
N ASP J 4945 -35.77 14.31 -48.34
CA ASP J 4945 -34.76 14.24 -47.29
C ASP J 4945 -35.05 13.10 -46.31
N GLN J 4946 -36.32 12.84 -46.03
CA GLN J 4946 -36.68 11.70 -45.19
C GLN J 4946 -36.09 10.42 -45.78
N GLN J 4947 -35.98 10.35 -47.11
CA GLN J 4947 -35.35 9.19 -47.74
C GLN J 4947 -33.82 9.32 -47.68
N GLU J 4948 -33.33 10.51 -47.32
CA GLU J 4948 -31.89 10.71 -47.19
C GLU J 4948 -31.40 10.29 -45.82
N GLN J 4949 -32.03 10.81 -44.76
CA GLN J 4949 -31.56 10.55 -43.41
C GLN J 4949 -31.42 9.07 -43.13
N VAL J 4950 -32.34 8.26 -43.65
CA VAL J 4950 -32.28 6.81 -43.47
C VAL J 4950 -30.96 6.28 -43.99
N LYS J 4951 -30.69 6.52 -45.27
CA LYS J 4951 -29.46 6.03 -45.88
C LYS J 4951 -28.24 6.54 -45.16
N GLU J 4952 -28.32 7.76 -44.62
CA GLU J 4952 -27.22 8.30 -43.82
C GLU J 4952 -26.98 7.47 -42.58
N ASP J 4953 -27.99 7.36 -41.71
CA ASP J 4953 -27.78 6.81 -40.38
C ASP J 4953 -27.57 5.29 -40.41
N MET J 4954 -28.22 4.60 -41.36
CA MET J 4954 -27.98 3.17 -41.48
C MET J 4954 -26.51 2.89 -41.72
N GLU J 4955 -25.78 3.89 -42.24
CA GLU J 4955 -24.34 3.79 -42.34
C GLU J 4955 -23.64 4.45 -41.17
N THR J 4956 -24.38 4.87 -40.15
CA THR J 4956 -23.79 5.57 -39.01
C THR J 4956 -24.11 4.89 -37.67
N LYS J 4957 -25.31 4.34 -37.54
CA LYS J 4957 -25.69 3.67 -36.31
C LYS J 4957 -25.87 2.18 -36.53
N CYS J 4958 -25.91 1.42 -35.43
CA CYS J 4958 -25.96 -0.03 -35.54
C CYS J 4958 -27.38 -0.54 -35.72
N PHE J 4959 -28.37 0.27 -35.31
CA PHE J 4959 -29.80 -0.04 -35.39
C PHE J 4959 -30.22 -1.06 -34.34
N ILE J 4960 -29.30 -1.69 -33.62
CA ILE J 4960 -29.65 -2.58 -32.51
C ILE J 4960 -29.19 -1.91 -31.23
N CYS J 4961 -27.90 -1.59 -31.15
CA CYS J 4961 -27.38 -0.72 -30.13
C CYS J 4961 -27.19 0.67 -30.71
N GLY J 4962 -27.31 1.69 -29.86
CA GLY J 4962 -27.24 3.06 -30.34
C GLY J 4962 -25.84 3.61 -30.37
N ILE J 4963 -24.86 2.76 -30.64
CA ILE J 4963 -23.47 3.15 -30.71
C ILE J 4963 -23.15 3.57 -32.14
N GLY J 4964 -22.58 4.75 -32.30
CA GLY J 4964 -22.26 5.28 -33.61
C GLY J 4964 -21.18 4.47 -34.30
N SER J 4965 -20.68 5.02 -35.40
CA SER J 4965 -19.60 4.39 -36.15
C SER J 4965 -18.22 4.80 -35.64
N ASP J 4966 -18.11 5.87 -34.87
CA ASP J 4966 -16.81 6.27 -34.34
C ASP J 4966 -16.22 5.20 -33.45
N TYR J 4967 -17.02 4.67 -32.52
CA TYR J 4967 -16.50 3.66 -31.58
C TYR J 4967 -16.04 2.41 -32.31
N PHE J 4968 -16.52 2.21 -33.55
CA PHE J 4968 -16.14 1.04 -34.32
C PHE J 4968 -15.23 1.45 -35.47
N ASP J 4969 -14.71 2.67 -35.40
CA ASP J 4969 -13.77 3.18 -36.40
C ASP J 4969 -12.32 3.12 -35.92
N THR J 4970 -12.07 2.56 -34.74
CA THR J 4970 -10.73 2.49 -34.21
C THR J 4970 -10.01 1.25 -34.72
N THR J 4971 -10.49 0.72 -35.85
CA THR J 4971 -9.89 -0.44 -36.49
C THR J 4971 -10.51 -0.61 -37.88
N PRO J 4972 -9.75 -1.10 -38.85
CA PRO J 4972 -10.30 -1.24 -40.20
C PRO J 4972 -11.55 -2.12 -40.20
N HIS J 4973 -12.57 -1.64 -40.92
CA HIS J 4973 -13.82 -2.38 -41.03
C HIS J 4973 -14.44 -2.63 -39.66
N GLY J 4974 -14.01 -1.86 -38.66
CA GLY J 4974 -14.56 -2.04 -37.32
C GLY J 4974 -16.08 -1.96 -37.31
N PHE J 4975 -16.63 -0.83 -37.75
CA PHE J 4975 -18.09 -0.72 -37.84
C PHE J 4975 -18.65 -1.73 -38.83
N GLU J 4976 -17.98 -1.92 -39.96
CA GLU J 4976 -18.44 -2.86 -40.97
C GLU J 4976 -18.53 -4.27 -40.40
N THR J 4977 -17.46 -4.74 -39.77
CA THR J 4977 -17.46 -6.08 -39.18
C THR J 4977 -18.50 -6.20 -38.08
N HIS J 4978 -18.59 -5.16 -37.24
CA HIS J 4978 -19.56 -5.14 -36.15
C HIS J 4978 -20.96 -5.36 -36.70
N THR J 4979 -21.34 -4.57 -37.69
CA THR J 4979 -22.66 -4.71 -38.31
C THR J 4979 -22.81 -6.09 -38.95
N LEU J 4980 -21.78 -6.53 -39.67
CA LEU J 4980 -21.88 -7.72 -40.51
C LEU J 4980 -22.00 -9.01 -39.72
N GLU J 4981 -21.43 -9.06 -38.51
CA GLU J 4981 -21.55 -10.31 -37.76
C GLU J 4981 -22.10 -10.13 -36.35
N GLU J 4982 -21.71 -9.05 -35.66
CA GLU J 4982 -22.19 -8.82 -34.31
C GLU J 4982 -23.70 -8.62 -34.27
N HIS J 4983 -24.26 -7.87 -35.22
CA HIS J 4983 -25.65 -7.47 -35.12
C HIS J 4983 -26.45 -7.52 -36.41
N ASN J 4984 -26.08 -8.35 -37.39
CA ASN J 4984 -26.98 -8.44 -38.53
C ASN J 4984 -28.38 -8.77 -38.04
N LEU J 4985 -29.32 -7.85 -38.20
CA LEU J 4985 -30.68 -8.11 -37.74
C LEU J 4985 -31.29 -9.31 -38.46
N ALA J 4986 -30.80 -9.62 -39.66
CA ALA J 4986 -31.16 -10.88 -40.29
C ALA J 4986 -30.85 -12.05 -39.36
N ASN J 4987 -29.73 -11.97 -38.65
CA ASN J 4987 -29.41 -13.00 -37.66
C ASN J 4987 -30.48 -13.10 -36.59
N TYR J 4988 -30.94 -11.97 -36.07
CA TYR J 4988 -32.01 -12.01 -35.07
C TYR J 4988 -33.27 -12.65 -35.61
N MET J 4989 -33.68 -12.26 -36.82
CA MET J 4989 -34.91 -12.83 -37.37
C MET J 4989 -34.75 -14.32 -37.65
N PHE J 4990 -33.53 -14.76 -37.97
CA PHE J 4990 -33.28 -16.19 -38.13
C PHE J 4990 -33.36 -16.90 -36.78
N PHE J 4991 -32.72 -16.33 -35.76
CA PHE J 4991 -32.81 -16.87 -34.41
C PHE J 4991 -34.25 -17.07 -34.00
N LEU J 4992 -35.12 -16.12 -34.31
CA LEU J 4992 -36.52 -16.30 -33.94
C LEU J 4992 -37.12 -17.52 -34.63
N MET J 4993 -36.83 -17.69 -35.93
CA MET J 4993 -37.31 -18.87 -36.63
C MET J 4993 -36.72 -20.16 -36.08
N TYR J 4994 -35.42 -20.16 -35.78
CA TYR J 4994 -34.79 -21.36 -35.23
C TYR J 4994 -35.44 -21.74 -33.90
N LEU J 4995 -35.70 -20.74 -33.05
CA LEU J 4995 -36.43 -21.01 -31.81
C LEU J 4995 -37.81 -21.59 -32.08
N ILE J 4996 -38.57 -20.96 -32.98
CA ILE J 4996 -39.93 -21.43 -33.24
C ILE J 4996 -39.92 -22.85 -33.78
N ASN J 4997 -38.86 -23.25 -34.46
CA ASN J 4997 -38.85 -24.55 -35.14
C ASN J 4997 -38.54 -25.70 -34.20
N LYS J 4998 -37.51 -25.58 -33.36
CA LYS J 4998 -37.09 -26.69 -32.51
C LYS J 4998 -38.03 -26.85 -31.32
N ASP J 4999 -37.95 -28.02 -30.70
CA ASP J 4999 -38.82 -28.34 -29.58
C ASP J 4999 -38.53 -27.43 -28.39
N GLU J 5000 -39.33 -27.58 -27.33
CA GLU J 5000 -39.05 -26.87 -26.10
C GLU J 5000 -38.07 -27.64 -25.22
N THR J 5001 -38.15 -28.97 -25.23
CA THR J 5001 -37.29 -29.78 -24.39
C THR J 5001 -35.84 -29.80 -24.87
N GLU J 5002 -35.51 -29.05 -25.90
CA GLU J 5002 -34.14 -28.98 -26.41
C GLU J 5002 -33.54 -27.60 -26.32
N HIS J 5003 -34.33 -26.57 -26.02
CA HIS J 5003 -33.77 -25.25 -25.81
C HIS J 5003 -32.71 -25.31 -24.73
N THR J 5004 -31.54 -24.75 -25.03
CA THR J 5004 -30.48 -24.67 -24.06
C THR J 5004 -30.83 -23.61 -23.02
N GLY J 5005 -29.92 -23.36 -22.07
CA GLY J 5005 -30.22 -22.39 -21.05
C GLY J 5005 -30.55 -21.02 -21.62
N GLN J 5006 -29.59 -20.44 -22.35
CA GLN J 5006 -29.80 -19.10 -22.90
C GLN J 5006 -30.93 -19.08 -23.91
N GLU J 5007 -31.04 -20.12 -24.73
CA GLU J 5007 -32.16 -20.21 -25.67
C GLU J 5007 -33.49 -20.16 -24.94
N SER J 5008 -33.76 -21.12 -24.06
CA SER J 5008 -35.02 -21.12 -23.32
C SER J 5008 -35.24 -19.82 -22.57
N TYR J 5009 -34.17 -19.21 -22.06
CA TYR J 5009 -34.31 -17.95 -21.35
C TYR J 5009 -34.83 -16.85 -22.27
N VAL J 5010 -34.18 -16.65 -23.41
CA VAL J 5010 -34.63 -15.63 -24.34
C VAL J 5010 -36.02 -15.96 -24.85
N TRP J 5011 -36.28 -17.24 -25.13
CA TRP J 5011 -37.59 -17.62 -25.64
C TRP J 5011 -38.68 -17.27 -24.64
N LYS J 5012 -38.51 -17.66 -23.37
CA LYS J 5012 -39.52 -17.37 -22.36
C LYS J 5012 -39.62 -15.89 -22.05
N MET J 5013 -38.57 -15.10 -22.29
CA MET J 5013 -38.75 -13.66 -22.24
C MET J 5013 -39.39 -13.15 -23.53
N TYR J 5014 -39.58 -14.00 -24.51
CA TYR J 5014 -40.29 -13.53 -25.69
C TYR J 5014 -41.74 -13.94 -25.60
N GLN J 5015 -42.02 -15.07 -24.98
CA GLN J 5015 -43.40 -15.53 -24.99
C GLN J 5015 -44.32 -14.70 -24.09
N GLU J 5016 -43.81 -13.60 -23.51
CA GLU J 5016 -44.64 -12.68 -22.75
C GLU J 5016 -44.28 -11.21 -23.03
N ARG J 5017 -43.54 -10.93 -24.10
CA ARG J 5017 -43.37 -9.58 -24.62
C ARG J 5017 -42.62 -8.67 -23.65
N CYS J 5018 -41.42 -9.09 -23.26
CA CYS J 5018 -40.44 -8.26 -22.59
C CYS J 5018 -39.20 -8.14 -23.46
N TRP J 5019 -38.73 -6.91 -23.65
CA TRP J 5019 -37.70 -6.69 -24.66
C TRP J 5019 -36.41 -6.22 -24.02
N ASP J 5020 -36.05 -6.82 -22.90
CA ASP J 5020 -34.81 -6.47 -22.20
C ASP J 5020 -33.63 -7.33 -22.64
N PHE J 5021 -33.79 -8.20 -23.63
CA PHE J 5021 -32.69 -9.05 -24.07
C PHE J 5021 -32.01 -8.55 -25.32
N PHE J 5022 -32.27 -7.32 -25.74
CA PHE J 5022 -31.51 -6.73 -26.82
C PHE J 5022 -30.37 -5.90 -26.25
N PRO J 5023 -29.21 -5.87 -26.90
CA PRO J 5023 -28.03 -5.23 -26.29
C PRO J 5023 -28.29 -3.80 -25.84
N ALA J 5024 -28.67 -2.94 -26.78
CA ALA J 5024 -29.07 -1.57 -26.49
C ALA J 5024 -28.14 -0.90 -25.49
N GLY J 5025 -26.89 -0.71 -25.90
CA GLY J 5025 -25.97 0.07 -25.10
C GLY J 5025 -24.53 -0.40 -25.05
N ASP J 5026 -24.28 -1.66 -25.39
CA ASP J 5026 -22.92 -2.18 -25.36
C ASP J 5026 -22.88 -3.53 -26.07
N CYS J 5027 -21.85 -3.75 -26.88
CA CYS J 5027 -21.72 -4.96 -27.68
C CYS J 5027 -20.32 -5.55 -27.55
N PHE J 5028 -20.10 -6.34 -26.51
CA PHE J 5028 -18.98 -7.29 -26.45
C PHE J 5028 -17.64 -6.62 -26.70
N ARG J 5029 -17.62 -5.29 -26.76
CA ARG J 5029 -16.37 -4.55 -26.91
C ARG J 5029 -16.37 -3.32 -26.00
N LYS J 5030 -17.34 -3.22 -25.11
CA LYS J 5030 -17.32 -2.22 -24.05
C LYS J 5030 -17.20 -2.87 -22.68
N GLN J 5031 -17.60 -4.14 -22.56
CA GLN J 5031 -17.34 -4.89 -21.34
C GLN J 5031 -16.00 -5.61 -21.37
N TYR J 5032 -15.66 -6.25 -22.48
CA TYR J 5032 -14.43 -7.04 -22.59
C TYR J 5032 -13.47 -6.42 -23.59
N GLU J 5033 -13.55 -5.11 -23.80
CA GLU J 5033 -12.65 -4.47 -24.75
C GLU J 5033 -11.20 -4.61 -24.33
N ASP J 5034 -10.91 -4.39 -23.04
CA ASP J 5034 -9.52 -4.48 -22.58
C ASP J 5034 -9.00 -5.90 -22.62
N GLN J 5035 -9.77 -6.87 -22.14
CA GLN J 5035 -9.31 -8.24 -21.96
C GLN J 5035 -9.24 -9.03 -23.26
N LEU J 5036 -9.50 -8.40 -24.40
CA LEU J 5036 -9.36 -9.05 -25.69
C LEU J 5036 -8.71 -8.10 -26.67
N SER J 5037 -7.73 -8.59 -27.41
CA SER J 5037 -7.02 -7.79 -28.40
C SER J 5037 -7.71 -7.88 -29.76
N GLN K 12 1.31 -34.43 -7.71
CA GLN K 12 0.86 -35.25 -6.59
C GLN K 12 0.40 -36.61 -7.07
N PHE K 13 0.42 -36.80 -8.38
CA PHE K 13 0.04 -38.08 -8.97
C PHE K 13 1.11 -38.50 -9.97
N LEU K 14 1.24 -39.82 -10.14
CA LEU K 14 2.30 -40.34 -10.96
C LEU K 14 1.93 -40.25 -12.44
N ARG K 15 2.94 -40.27 -13.30
CA ARG K 15 2.76 -40.12 -14.72
C ARG K 15 3.78 -40.97 -15.45
N THR K 16 3.93 -40.70 -16.74
CA THR K 16 4.92 -41.38 -17.57
C THR K 16 6.20 -40.55 -17.59
N ASP K 17 7.33 -41.25 -17.81
CA ASP K 17 8.65 -40.66 -18.04
C ASP K 17 9.11 -39.83 -16.84
N ASP K 18 9.18 -40.50 -15.69
CA ASP K 18 9.66 -39.90 -14.45
C ASP K 18 10.10 -41.03 -13.53
N GLU K 19 11.35 -40.97 -13.09
CA GLU K 19 11.97 -42.10 -12.42
C GLU K 19 11.40 -42.31 -11.03
N VAL K 20 11.25 -43.57 -10.65
CA VAL K 20 10.79 -43.97 -9.33
C VAL K 20 11.79 -44.98 -8.75
N VAL K 21 11.58 -45.31 -7.48
CA VAL K 21 12.43 -46.26 -6.77
C VAL K 21 11.55 -47.17 -5.92
N LEU K 22 11.60 -48.46 -6.18
CA LEU K 22 10.78 -49.41 -5.44
C LEU K 22 11.41 -49.65 -4.07
N GLN K 23 10.64 -49.41 -3.01
CA GLN K 23 11.10 -49.68 -1.66
C GLN K 23 10.05 -50.49 -0.91
N CYS K 24 10.53 -51.40 -0.09
CA CYS K 24 9.70 -52.31 0.69
C CYS K 24 9.78 -51.91 2.15
N SER K 25 9.18 -52.74 3.01
CA SER K 25 9.20 -52.50 4.44
C SER K 25 9.17 -53.82 5.19
N ALA K 26 10.20 -54.07 5.99
CA ALA K 26 10.27 -55.28 6.80
C ALA K 26 11.08 -55.04 8.06
N GLU K 31 13.02 -55.58 13.32
CA GLU K 31 12.25 -54.33 13.33
C GLU K 31 11.85 -53.94 11.92
N GLN K 32 11.13 -52.82 11.80
CA GLN K 32 10.72 -52.30 10.51
C GLN K 32 11.92 -51.69 9.81
N LEU K 33 12.05 -51.98 8.52
CA LEU K 33 13.26 -51.63 7.77
C LEU K 33 12.92 -51.48 6.30
N LYS K 34 13.35 -50.35 5.72
CA LYS K 34 13.02 -50.03 4.34
C LYS K 34 14.13 -50.50 3.40
N LEU K 35 13.79 -51.43 2.52
CA LEU K 35 14.73 -52.01 1.56
C LEU K 35 14.40 -51.48 0.18
N CYS K 36 15.33 -50.73 -0.40
CA CYS K 36 15.18 -50.33 -1.79
C CYS K 36 15.64 -51.46 -2.70
N LEU K 37 15.12 -51.49 -3.93
CA LEU K 37 15.36 -52.60 -4.85
C LEU K 37 16.21 -52.09 -6.01
N ALA K 38 17.43 -52.60 -6.11
CA ALA K 38 18.38 -52.20 -7.14
C ALA K 38 19.00 -53.42 -7.78
N ALA K 39 19.65 -53.21 -8.92
CA ALA K 39 20.29 -54.28 -9.67
C ALA K 39 21.44 -53.74 -10.49
N GLU K 40 22.51 -54.53 -10.64
CA GLU K 40 23.75 -54.00 -11.19
C GLU K 40 23.70 -53.90 -12.70
N GLY K 41 23.60 -55.03 -13.39
CA GLY K 41 23.70 -55.04 -14.84
C GLY K 41 25.13 -54.97 -15.34
N PHE K 42 25.34 -55.41 -16.59
CA PHE K 42 26.68 -55.63 -17.16
C PHE K 42 27.53 -56.51 -16.26
N GLY K 43 27.08 -57.75 -16.08
CA GLY K 43 27.58 -58.56 -15.01
C GLY K 43 26.59 -58.44 -13.87
N ASN K 44 26.25 -59.57 -13.25
CA ASN K 44 25.23 -59.67 -12.21
C ASN K 44 23.88 -59.13 -12.70
N ARG K 45 23.30 -59.88 -13.63
CA ARG K 45 22.02 -59.48 -14.19
C ARG K 45 20.87 -59.67 -13.21
N LEU K 46 21.06 -60.42 -12.14
CA LEU K 46 20.00 -60.60 -11.17
C LEU K 46 19.88 -59.37 -10.28
N CYS K 47 18.82 -59.30 -9.49
CA CYS K 47 18.62 -58.18 -8.60
C CYS K 47 18.78 -58.59 -7.15
N PHE K 48 19.25 -57.66 -6.33
CA PHE K 48 19.33 -57.86 -4.90
C PHE K 48 18.57 -56.75 -4.21
N LEU K 49 18.72 -56.69 -2.89
CA LEU K 49 18.11 -55.63 -2.11
C LEU K 49 19.20 -54.72 -1.56
N GLU K 50 18.77 -53.56 -1.10
CA GLU K 50 19.66 -52.64 -0.43
C GLU K 50 18.87 -51.82 0.58
N PRO K 51 19.32 -51.75 1.84
CA PRO K 51 18.58 -51.03 2.86
C PRO K 51 18.82 -49.53 2.75
N THR K 52 17.89 -48.75 3.28
CA THR K 52 18.01 -47.31 3.27
C THR K 52 17.57 -46.67 4.58
N SER K 53 17.12 -47.46 5.56
CA SER K 53 16.69 -46.90 6.83
C SER K 53 17.86 -46.41 7.68
N ASN K 54 19.06 -46.88 7.40
CA ASN K 54 20.27 -46.47 8.12
C ASN K 54 21.08 -45.47 7.31
N ALA K 55 20.42 -44.50 6.69
CA ALA K 55 21.12 -43.50 5.91
C ALA K 55 21.97 -42.56 6.76
N GLN K 56 21.73 -42.50 8.07
CA GLN K 56 22.46 -41.59 8.94
C GLN K 56 23.91 -42.02 9.14
N ASN K 57 24.16 -43.30 9.39
CA ASN K 57 25.53 -43.75 9.56
C ASN K 57 26.17 -44.25 8.27
N VAL K 58 25.38 -44.70 7.30
CA VAL K 58 25.95 -45.12 6.02
C VAL K 58 25.02 -44.77 4.87
N PRO K 59 25.46 -43.95 3.93
CA PRO K 59 24.64 -43.66 2.76
C PRO K 59 24.56 -44.86 1.84
N PRO K 60 23.35 -45.35 1.53
CA PRO K 60 23.23 -46.43 0.55
C PRO K 60 23.44 -45.92 -0.87
N ASP K 61 23.53 -46.83 -1.83
CA ASP K 61 23.84 -46.45 -3.21
C ASP K 61 22.56 -46.44 -4.03
N LEU K 62 22.21 -45.27 -4.55
CA LEU K 62 21.03 -45.08 -5.36
C LEU K 62 21.32 -45.15 -6.85
N ALA K 63 22.57 -45.36 -7.24
CA ALA K 63 22.95 -45.35 -8.65
C ALA K 63 22.27 -46.45 -9.46
N ILE K 64 22.02 -47.60 -8.87
CA ILE K 64 21.46 -48.71 -9.59
C ILE K 64 20.00 -48.95 -9.20
N CYS K 65 19.36 -47.97 -8.56
CA CYS K 65 18.00 -48.12 -8.07
C CYS K 65 16.99 -47.31 -8.87
N CYS K 66 17.44 -46.41 -9.73
CA CYS K 66 16.54 -45.57 -10.52
C CYS K 66 15.80 -46.42 -11.54
N PHE K 67 14.53 -46.10 -11.77
CA PHE K 67 13.69 -46.83 -12.70
C PHE K 67 12.70 -45.88 -13.33
N THR K 68 12.82 -45.68 -14.63
CA THR K 68 11.91 -44.83 -15.37
C THR K 68 10.76 -45.67 -15.91
N LEU K 69 9.57 -45.09 -15.91
CA LEU K 69 8.39 -45.71 -16.50
C LEU K 69 8.24 -45.11 -17.89
N GLU K 70 8.72 -45.83 -18.91
CA GLU K 70 8.72 -45.21 -20.22
C GLU K 70 7.43 -45.48 -20.98
N GLN K 71 6.69 -46.52 -20.60
CA GLN K 71 5.37 -46.76 -21.16
C GLN K 71 4.44 -47.31 -20.10
N SER K 72 3.14 -47.18 -20.36
CA SER K 72 2.09 -47.69 -19.49
C SER K 72 0.84 -47.87 -20.32
N LEU K 73 0.33 -49.09 -20.38
CA LEU K 73 -0.82 -49.40 -21.21
C LEU K 73 -1.89 -50.06 -20.35
N SER K 74 -3.05 -50.27 -20.95
CA SER K 74 -4.11 -51.07 -20.35
C SER K 74 -3.81 -52.54 -20.64
N VAL K 75 -4.59 -53.43 -20.03
CA VAL K 75 -4.29 -54.86 -20.10
C VAL K 75 -4.54 -55.39 -21.51
N ARG K 76 -5.67 -55.03 -22.09
CA ARG K 76 -5.91 -55.42 -23.47
C ARG K 76 -5.14 -54.57 -24.45
N ALA K 77 -4.54 -53.48 -23.98
CA ALA K 77 -3.88 -52.54 -24.89
C ALA K 77 -2.59 -53.13 -25.44
N LEU K 78 -1.78 -53.77 -24.60
CA LEU K 78 -0.55 -54.35 -25.12
C LEU K 78 -0.80 -55.62 -25.90
N GLN K 79 -1.99 -56.20 -25.76
CA GLN K 79 -2.34 -57.42 -26.46
C GLN K 79 -2.30 -57.21 -27.98
N GLU K 80 -2.59 -56.00 -28.42
CA GLU K 80 -2.42 -55.71 -29.83
C GLU K 80 -1.12 -54.96 -30.11
N MET K 81 -0.23 -54.89 -29.12
CA MET K 81 1.14 -54.54 -29.45
C MET K 81 1.94 -55.79 -29.80
N LEU K 82 1.69 -56.88 -29.07
CA LEU K 82 2.49 -58.09 -29.26
C LEU K 82 2.16 -58.80 -30.57
N ALA K 83 0.89 -58.83 -30.97
CA ALA K 83 0.57 -59.39 -32.28
C ALA K 83 1.01 -58.47 -33.40
N ASN K 84 1.13 -57.18 -33.12
CA ASN K 84 1.59 -56.23 -34.11
C ASN K 84 3.09 -56.38 -34.33
N GLY K 97 2.19 -37.51 -24.83
CA GLY K 97 3.48 -38.07 -24.50
C GLY K 97 3.63 -38.40 -23.03
N HIS K 98 2.79 -37.79 -22.19
CA HIS K 98 2.81 -38.02 -20.75
C HIS K 98 1.42 -38.44 -20.31
N ARG K 99 1.16 -39.73 -20.33
CA ARG K 99 -0.13 -40.28 -19.94
C ARG K 99 -0.04 -40.72 -18.49
N THR K 100 -0.92 -40.20 -17.64
CA THR K 100 -0.96 -40.64 -16.26
C THR K 100 -1.58 -42.04 -16.21
N LEU K 101 -1.40 -42.72 -15.09
CA LEU K 101 -1.65 -44.15 -15.04
C LEU K 101 -2.54 -44.53 -13.87
N LEU K 102 -3.19 -45.68 -14.00
CA LEU K 102 -4.24 -46.14 -13.10
C LEU K 102 -3.90 -47.51 -12.55
N TYR K 103 -4.64 -47.92 -11.53
CA TYR K 103 -4.60 -49.31 -11.11
C TYR K 103 -5.23 -50.17 -12.18
N GLY K 104 -4.76 -51.40 -12.28
CA GLY K 104 -5.19 -52.27 -13.35
C GLY K 104 -4.61 -51.91 -14.70
N HIS K 105 -3.60 -51.07 -14.75
CA HIS K 105 -2.86 -50.86 -15.98
C HIS K 105 -1.66 -51.79 -16.04
N ALA K 106 -0.96 -51.75 -17.15
CA ALA K 106 0.29 -52.44 -17.31
C ALA K 106 1.44 -51.44 -17.31
N ILE K 107 2.65 -51.92 -17.08
CA ILE K 107 3.77 -51.02 -16.86
C ILE K 107 5.03 -51.65 -17.42
N LEU K 108 5.95 -50.80 -17.87
CA LEU K 108 7.22 -51.20 -18.48
C LEU K 108 8.34 -50.36 -17.89
N LEU K 109 9.11 -50.94 -16.98
CA LEU K 109 10.16 -50.19 -16.30
C LEU K 109 11.45 -50.26 -17.08
N ARG K 110 12.27 -49.21 -16.95
CA ARG K 110 13.57 -49.17 -17.57
C ARG K 110 14.61 -48.84 -16.52
N HIS K 111 15.69 -49.62 -16.52
CA HIS K 111 16.80 -49.34 -15.63
C HIS K 111 17.63 -48.20 -16.19
N ALA K 112 17.55 -47.05 -15.52
CA ALA K 112 18.02 -45.78 -16.04
C ALA K 112 19.53 -45.72 -16.23
N HIS K 113 20.29 -46.48 -15.45
CA HIS K 113 21.73 -46.49 -15.66
C HIS K 113 22.10 -47.42 -16.80
N SER K 114 21.56 -48.62 -16.80
CA SER K 114 21.98 -49.65 -17.74
C SER K 114 21.21 -49.63 -19.05
N ARG K 115 20.20 -48.75 -19.16
CA ARG K 115 19.38 -48.58 -20.36
C ARG K 115 18.73 -49.87 -20.82
N MET K 116 18.30 -50.70 -19.88
CA MET K 116 17.57 -51.90 -20.22
C MET K 116 16.36 -52.03 -19.31
N TYR K 117 15.60 -53.09 -19.48
CA TYR K 117 14.29 -53.21 -18.86
C TYR K 117 14.28 -54.31 -17.81
N LEU K 118 13.51 -54.07 -16.75
CA LEU K 118 13.29 -55.06 -15.71
C LEU K 118 12.39 -56.13 -16.29
N SER K 119 12.54 -57.36 -15.81
CA SER K 119 11.70 -58.46 -16.23
C SER K 119 11.69 -59.54 -15.16
N CYS K 120 10.94 -60.60 -15.42
CA CYS K 120 10.91 -61.79 -14.57
C CYS K 120 11.53 -62.92 -15.37
N LEU K 121 12.48 -63.61 -14.76
CA LEU K 121 13.33 -64.50 -15.52
C LEU K 121 12.80 -65.92 -15.51
N THR K 122 13.46 -66.77 -16.29
CA THR K 122 13.04 -68.14 -16.52
C THR K 122 13.50 -69.10 -15.43
N THR K 123 14.69 -68.90 -14.88
CA THR K 123 15.28 -69.84 -13.94
C THR K 123 14.68 -69.69 -12.55
N SER K 124 15.36 -70.28 -11.57
CA SER K 124 14.94 -70.19 -10.18
C SER K 124 16.18 -70.13 -9.29
N ARG K 125 16.34 -69.02 -8.58
CA ARG K 125 17.41 -68.86 -7.61
C ARG K 125 17.01 -69.32 -6.22
N SER K 126 15.96 -70.13 -6.11
CA SER K 126 15.51 -70.61 -4.80
C SER K 126 16.14 -71.95 -4.45
N MET K 127 16.13 -72.91 -5.40
CA MET K 127 16.68 -74.26 -5.26
C MET K 127 16.07 -75.00 -4.07
N THR K 128 14.78 -74.80 -3.83
CA THR K 128 14.09 -75.49 -2.75
C THR K 128 12.69 -75.94 -3.16
N ASP K 129 12.42 -76.03 -4.47
CA ASP K 129 11.11 -76.40 -5.04
C ASP K 129 9.99 -75.45 -4.59
N LYS K 130 10.37 -74.21 -4.30
CA LYS K 130 9.40 -73.21 -3.86
C LYS K 130 8.60 -72.65 -5.01
N LEU K 131 9.03 -72.90 -6.25
CA LEU K 131 8.47 -72.31 -7.48
C LEU K 131 8.46 -70.78 -7.41
N ALA K 132 9.54 -70.25 -6.83
CA ALA K 132 9.73 -68.81 -6.71
C ALA K 132 10.69 -68.38 -7.80
N PHE K 133 10.20 -67.60 -8.74
CA PHE K 133 11.04 -67.19 -9.85
C PHE K 133 11.93 -66.05 -9.42
N ASP K 134 12.96 -65.80 -10.23
CA ASP K 134 13.97 -64.82 -9.90
C ASP K 134 13.87 -63.61 -10.82
N VAL K 135 14.03 -62.44 -10.23
CA VAL K 135 13.89 -61.17 -10.92
C VAL K 135 15.25 -60.71 -11.40
N GLY K 136 15.34 -60.37 -12.68
CA GLY K 136 16.57 -59.88 -13.27
C GLY K 136 16.23 -58.90 -14.38
N LEU K 137 17.25 -58.58 -15.17
CA LEU K 137 17.07 -57.57 -16.20
C LEU K 137 17.09 -58.21 -17.57
N GLN K 138 16.72 -57.44 -18.59
CA GLN K 138 16.66 -57.96 -19.94
C GLN K 138 17.03 -56.87 -20.93
N GLU K 139 17.78 -57.25 -21.95
CA GLU K 139 18.18 -56.32 -22.98
C GLU K 139 17.16 -56.20 -24.09
N ASP K 140 16.45 -57.27 -24.39
CA ASP K 140 15.49 -57.25 -25.47
C ASP K 140 14.25 -56.46 -25.06
N ALA K 141 13.58 -55.90 -26.06
CA ALA K 141 12.36 -55.15 -25.85
C ALA K 141 11.12 -55.97 -26.19
N THR K 142 11.23 -57.29 -26.15
CA THR K 142 10.07 -58.13 -26.32
C THR K 142 9.14 -57.99 -25.12
N GLY K 143 7.85 -58.23 -25.34
CA GLY K 143 6.87 -57.90 -24.34
C GLY K 143 6.35 -59.08 -23.57
N GLU K 144 7.11 -60.18 -23.56
CA GLU K 144 6.63 -61.38 -22.89
C GLU K 144 6.66 -61.21 -21.38
N ALA K 145 7.86 -61.08 -20.81
CA ALA K 145 8.01 -61.02 -19.36
C ALA K 145 8.47 -59.65 -18.87
N CYS K 146 8.54 -58.66 -19.74
CA CYS K 146 8.98 -57.34 -19.32
C CYS K 146 7.92 -56.57 -18.59
N TRP K 147 6.66 -56.98 -18.67
CA TRP K 147 5.54 -56.17 -18.24
C TRP K 147 4.99 -56.63 -16.89
N TRP K 148 4.43 -55.68 -16.15
CA TRP K 148 3.85 -55.95 -14.85
C TRP K 148 2.52 -55.22 -14.76
N THR K 149 1.62 -55.73 -13.93
CA THR K 149 0.39 -55.02 -13.61
C THR K 149 0.37 -54.71 -12.13
N MET K 150 -0.14 -53.53 -11.79
CA MET K 150 -0.27 -53.14 -10.40
C MET K 150 -1.67 -53.42 -9.91
N HIS K 151 -1.82 -53.45 -8.59
CA HIS K 151 -3.10 -53.73 -8.00
C HIS K 151 -3.21 -52.96 -6.70
N PRO K 152 -4.40 -52.47 -6.37
CA PRO K 152 -4.58 -51.81 -5.08
C PRO K 152 -4.55 -52.81 -3.93
N ALA K 153 -3.97 -52.38 -2.83
CA ALA K 153 -3.72 -53.27 -1.71
C ALA K 153 -5.00 -53.63 -0.96
N SER K 154 -5.66 -52.62 -0.42
CA SER K 154 -6.90 -52.81 0.33
C SER K 154 -8.09 -52.52 -0.58
N LYS K 155 -9.26 -52.43 0.04
CA LYS K 155 -10.44 -51.98 -0.67
C LYS K 155 -10.65 -50.48 -0.56
N GLN K 156 -9.61 -49.71 -0.20
CA GLN K 156 -9.74 -48.27 -0.15
C GLN K 156 -9.85 -47.67 -1.55
N ARG K 157 -8.90 -47.97 -2.42
CA ARG K 157 -9.01 -47.66 -3.83
C ARG K 157 -9.41 -48.92 -4.58
N SER K 158 -9.67 -48.79 -5.87
CA SER K 158 -9.98 -49.92 -6.71
C SER K 158 -9.54 -49.62 -8.14
N GLU K 159 -10.07 -50.42 -9.07
CA GLU K 159 -9.71 -50.28 -10.48
C GLU K 159 -10.20 -48.95 -11.03
N GLY K 160 -9.39 -48.34 -11.90
CA GLY K 160 -9.75 -47.08 -12.53
C GLY K 160 -9.21 -45.87 -11.82
N GLU K 161 -8.96 -45.94 -10.52
CA GLU K 161 -8.41 -44.82 -9.78
C GLU K 161 -6.95 -44.61 -10.13
N LYS K 162 -6.49 -43.38 -9.96
CA LYS K 162 -5.11 -43.03 -10.19
C LYS K 162 -4.25 -43.54 -9.03
N VAL K 163 -2.98 -43.72 -9.31
CA VAL K 163 -2.04 -43.98 -8.23
C VAL K 163 -1.57 -42.66 -7.62
N ARG K 164 -1.83 -42.51 -6.34
CA ARG K 164 -1.35 -41.35 -5.61
C ARG K 164 0.10 -41.59 -5.22
N VAL K 165 0.76 -40.53 -4.79
CA VAL K 165 2.14 -40.66 -4.33
C VAL K 165 2.14 -41.36 -2.96
N GLY K 166 2.91 -42.43 -2.85
CA GLY K 166 2.99 -43.16 -1.60
C GLY K 166 1.75 -43.97 -1.30
N ASP K 167 1.46 -44.96 -2.14
CA ASP K 167 0.36 -45.89 -1.92
C ASP K 167 0.88 -47.32 -2.01
N ASP K 168 0.21 -48.22 -1.30
CA ASP K 168 0.67 -49.60 -1.22
C ASP K 168 0.26 -50.35 -2.48
N LEU K 169 1.23 -50.99 -3.12
CA LEU K 169 1.04 -51.60 -4.43
C LEU K 169 1.39 -53.08 -4.36
N ILE K 170 0.78 -53.84 -5.27
CA ILE K 170 1.09 -55.25 -5.45
C ILE K 170 1.36 -55.44 -6.93
N LEU K 171 2.54 -55.94 -7.26
CA LEU K 171 2.96 -56.03 -8.65
C LEU K 171 2.95 -57.49 -9.09
N VAL K 172 2.21 -57.76 -10.16
CA VAL K 172 1.99 -59.12 -10.64
C VAL K 172 2.64 -59.24 -12.00
N SER K 173 3.26 -60.38 -12.27
CA SER K 173 3.79 -60.66 -13.60
C SER K 173 2.68 -60.75 -14.63
N VAL K 174 3.09 -60.58 -15.88
CA VAL K 174 2.17 -60.75 -16.99
C VAL K 174 2.37 -62.15 -17.55
N SER K 175 3.61 -62.55 -17.73
CA SER K 175 3.88 -63.86 -18.31
C SER K 175 3.76 -64.96 -17.29
N SER K 176 4.12 -64.68 -16.04
CA SER K 176 4.19 -65.74 -15.03
C SER K 176 3.06 -65.69 -14.02
N GLU K 177 2.39 -64.53 -13.91
CA GLU K 177 1.26 -64.31 -13.00
C GLU K 177 1.65 -64.52 -11.53
N ARG K 178 2.90 -64.26 -11.20
CA ARG K 178 3.36 -64.31 -9.83
C ARG K 178 3.61 -62.89 -9.33
N TYR K 179 3.80 -62.76 -8.02
CA TYR K 179 3.95 -61.48 -7.37
C TYR K 179 5.40 -61.21 -7.03
N LEU K 180 5.87 -59.99 -7.33
CA LEU K 180 7.17 -59.53 -6.87
C LEU K 180 7.11 -59.38 -5.37
N HIS K 181 7.73 -60.31 -4.64
CA HIS K 181 7.65 -60.32 -3.18
C HIS K 181 9.04 -60.50 -2.61
N LEU K 182 9.18 -60.06 -1.36
CA LEU K 182 10.40 -60.27 -0.61
C LEU K 182 10.34 -61.68 -0.05
N SER K 183 11.49 -62.34 0.06
CA SER K 183 11.57 -63.68 0.61
C SER K 183 12.52 -63.68 1.79
N THR K 184 12.12 -64.33 2.88
CA THR K 184 12.87 -64.35 4.12
C THR K 184 13.38 -65.74 4.48
N ALA K 185 13.11 -66.73 3.63
CA ALA K 185 13.38 -68.12 3.98
C ALA K 185 14.88 -68.43 3.96
N SER K 186 15.51 -68.25 2.80
CA SER K 186 16.90 -68.64 2.60
C SER K 186 17.82 -67.63 3.28
N GLY K 187 17.95 -67.77 4.60
CA GLY K 187 18.89 -66.95 5.35
C GLY K 187 18.46 -65.50 5.38
N GLU K 188 19.19 -64.67 4.63
CA GLU K 188 18.90 -63.25 4.55
C GLU K 188 17.74 -62.99 3.60
N LEU K 189 17.55 -61.72 3.25
CA LEU K 189 16.38 -61.30 2.50
C LEU K 189 16.73 -61.12 1.03
N GLN K 190 15.81 -61.49 0.16
CA GLN K 190 15.95 -61.27 -1.27
C GLN K 190 14.57 -61.12 -1.88
N VAL K 191 14.54 -60.73 -3.15
CA VAL K 191 13.30 -60.51 -3.88
C VAL K 191 13.09 -61.62 -4.90
N ASP K 192 11.85 -62.04 -5.05
CA ASP K 192 11.51 -63.18 -5.89
C ASP K 192 10.07 -63.06 -6.35
N ALA K 193 9.75 -63.81 -7.41
CA ALA K 193 8.39 -63.87 -7.94
C ALA K 193 7.79 -65.22 -7.54
N SER K 194 6.87 -65.19 -6.58
CA SER K 194 6.10 -66.36 -6.24
C SER K 194 4.74 -65.92 -5.71
N PHE K 195 3.97 -66.88 -5.22
CA PHE K 195 2.58 -66.67 -4.87
C PHE K 195 2.41 -66.18 -3.44
N MET K 196 3.12 -65.11 -3.11
CA MET K 196 2.88 -64.33 -1.90
C MET K 196 2.88 -62.87 -2.31
N GLN K 197 1.89 -62.12 -1.84
CA GLN K 197 1.80 -60.71 -2.20
C GLN K 197 2.53 -59.89 -1.15
N THR K 198 3.11 -58.78 -1.57
CA THR K 198 3.93 -57.95 -0.70
C THR K 198 3.70 -56.50 -1.06
N LEU K 199 3.47 -55.66 -0.05
CA LEU K 199 3.22 -54.25 -0.27
C LEU K 199 4.48 -53.58 -0.79
N TRP K 200 4.30 -52.58 -1.64
CA TRP K 200 5.41 -51.87 -2.24
C TRP K 200 5.05 -50.41 -2.44
N ASN K 201 5.97 -49.55 -2.02
CA ASN K 201 5.85 -48.12 -2.26
C ASN K 201 6.56 -47.79 -3.56
N MET K 202 5.97 -46.88 -4.33
CA MET K 202 6.54 -46.55 -5.63
C MET K 202 7.53 -45.40 -5.52
N ASN K 203 7.24 -44.42 -4.65
CA ASN K 203 8.14 -43.37 -4.20
C ASN K 203 8.80 -42.57 -5.31
N PRO K 204 8.10 -41.59 -5.89
CA PRO K 204 8.63 -40.84 -7.04
C PRO K 204 9.93 -40.12 -6.71
N ILE K 205 10.90 -40.23 -7.62
CA ILE K 205 12.24 -39.77 -7.28
C ILE K 205 12.68 -38.59 -8.13
N CYS K 206 12.14 -38.43 -9.34
CA CYS K 206 12.55 -37.35 -10.24
C CYS K 206 11.50 -37.21 -11.32
N SER K 207 10.82 -36.07 -11.36
CA SER K 207 9.87 -35.81 -12.42
C SER K 207 10.57 -35.07 -13.55
N CYS K 208 9.79 -34.51 -14.47
CA CYS K 208 10.34 -33.77 -15.61
C CYS K 208 10.97 -32.48 -15.12
N CYS K 209 12.29 -32.40 -15.20
CA CYS K 209 13.03 -31.24 -14.72
C CYS K 209 13.22 -30.24 -15.85
N GLU K 210 13.44 -28.98 -15.48
CA GLU K 210 13.67 -27.94 -16.46
C GLU K 210 15.12 -27.99 -16.94
N GLU K 211 15.34 -27.54 -18.17
CA GLU K 211 16.68 -27.55 -18.73
C GLU K 211 17.54 -26.45 -18.10
N GLY K 212 18.82 -26.72 -17.95
CA GLY K 212 19.75 -25.77 -17.38
C GLY K 212 19.77 -25.70 -15.87
N TYR K 213 19.13 -26.64 -15.19
CA TYR K 213 19.09 -26.65 -13.74
C TYR K 213 19.57 -28.01 -13.25
N VAL K 214 19.87 -28.08 -11.96
CA VAL K 214 20.45 -29.28 -11.40
C VAL K 214 19.44 -29.97 -10.50
N THR K 215 19.47 -31.30 -10.51
CA THR K 215 18.75 -32.15 -9.59
C THR K 215 19.72 -33.20 -9.06
N GLY K 216 19.22 -34.01 -8.14
CA GLY K 216 20.01 -35.12 -7.63
C GLY K 216 20.21 -36.17 -8.71
N GLY K 217 21.31 -36.91 -8.59
CA GLY K 217 21.66 -37.89 -9.59
C GLY K 217 22.43 -37.33 -10.77
N HIS K 218 22.64 -36.03 -10.83
CA HIS K 218 23.37 -35.42 -11.93
C HIS K 218 24.86 -35.65 -11.77
N VAL K 219 25.46 -36.28 -12.77
CA VAL K 219 26.91 -36.37 -12.84
C VAL K 219 27.41 -35.07 -13.45
N LEU K 220 28.41 -34.47 -12.83
CA LEU K 220 28.78 -33.10 -13.17
C LEU K 220 30.23 -32.83 -12.80
N ARG K 221 30.75 -31.74 -13.36
CA ARG K 221 32.11 -31.27 -13.11
C ARG K 221 32.05 -29.92 -12.40
N LEU K 222 33.21 -29.49 -11.88
CA LEU K 222 33.28 -28.48 -10.83
C LEU K 222 34.33 -27.42 -11.16
N PHE K 223 34.24 -26.81 -12.33
CA PHE K 223 35.29 -25.90 -12.78
C PHE K 223 35.22 -24.55 -12.09
N HIS K 224 36.27 -23.75 -12.27
CA HIS K 224 36.32 -22.38 -11.75
C HIS K 224 37.19 -21.48 -12.62
N GLU K 229 39.49 -25.61 -14.70
CA GLU K 229 40.23 -26.45 -13.77
C GLU K 229 39.29 -27.37 -12.99
N CYS K 230 39.57 -28.67 -13.05
CA CYS K 230 38.66 -29.67 -12.52
C CYS K 230 38.99 -30.00 -11.08
N LEU K 231 38.19 -30.89 -10.51
CA LEU K 231 38.41 -31.35 -9.14
C LEU K 231 38.71 -32.85 -9.19
N THR K 232 39.98 -33.18 -9.36
CA THR K 232 40.45 -34.53 -9.62
C THR K 232 40.85 -35.22 -8.32
N ILE K 233 41.17 -36.50 -8.44
CA ILE K 233 41.90 -37.26 -7.44
C ILE K 233 43.14 -37.78 -8.17
N SER K 234 43.96 -38.58 -7.51
CA SER K 234 45.08 -39.21 -8.18
C SER K 234 44.66 -40.56 -8.78
N ALA K 235 45.33 -40.92 -9.88
CA ALA K 235 45.01 -42.15 -10.60
C ALA K 235 45.57 -43.37 -9.88
N GLN K 241 47.43 -43.62 -0.98
CA GLN K 241 46.44 -44.54 -1.52
C GLN K 241 45.26 -43.78 -2.09
N ARG K 242 45.56 -42.68 -2.80
CA ARG K 242 44.60 -41.94 -3.63
C ARG K 242 43.42 -41.40 -2.82
N ARG K 243 43.71 -40.50 -1.88
CA ARG K 243 42.65 -39.92 -1.07
C ARG K 243 42.66 -38.40 -1.03
N LEU K 244 43.76 -37.78 -1.40
CA LEU K 244 43.85 -36.33 -1.38
C LEU K 244 43.12 -35.74 -2.56
N VAL K 245 42.45 -34.62 -2.33
CA VAL K 245 41.80 -33.85 -3.38
C VAL K 245 42.86 -32.95 -3.99
N TYR K 246 42.73 -32.65 -5.28
CA TYR K 246 43.66 -31.77 -5.96
C TYR K 246 42.91 -30.84 -6.90
N TYR K 247 43.64 -30.19 -7.78
CA TYR K 247 43.12 -29.52 -8.95
C TYR K 247 43.97 -29.96 -10.14
N GLU K 248 43.51 -29.64 -11.34
CA GLU K 248 44.24 -30.00 -12.54
C GLU K 248 43.89 -29.03 -13.66
N GLY K 249 44.54 -29.21 -14.79
CA GLY K 249 44.28 -28.41 -15.97
C GLY K 249 43.09 -28.94 -16.75
N GLY K 250 43.31 -29.17 -18.05
CA GLY K 250 42.24 -29.67 -18.91
C GLY K 250 42.33 -31.15 -19.25
N ALA K 251 43.48 -31.77 -19.01
CA ALA K 251 43.64 -33.17 -19.40
C ALA K 251 42.82 -34.10 -18.52
N VAL K 252 42.86 -33.89 -17.20
CA VAL K 252 42.06 -34.73 -16.30
C VAL K 252 40.68 -34.12 -16.14
N CYS K 253 40.44 -32.97 -16.77
CA CYS K 253 39.10 -32.38 -16.77
C CYS K 253 38.11 -33.26 -17.51
N THR K 254 38.48 -33.79 -18.67
CA THR K 254 37.59 -34.61 -19.46
C THR K 254 37.48 -36.05 -18.97
N HIS K 255 38.51 -36.57 -18.31
CA HIS K 255 38.61 -38.00 -18.08
C HIS K 255 37.72 -38.44 -16.93
N ALA K 256 37.90 -39.69 -16.51
CA ALA K 256 36.98 -40.37 -15.62
C ALA K 256 37.02 -39.86 -14.19
N ARG K 257 38.12 -39.27 -13.75
CA ARG K 257 38.25 -38.84 -12.37
C ARG K 257 37.37 -37.65 -12.04
N SER K 258 37.26 -36.68 -12.95
CA SER K 258 36.58 -35.42 -12.66
C SER K 258 35.08 -35.51 -12.94
N LEU K 259 34.44 -36.49 -12.31
CA LEU K 259 33.01 -36.71 -12.46
C LEU K 259 32.42 -36.89 -11.08
N TRP K 260 31.49 -36.02 -10.71
CA TRP K 260 30.96 -35.97 -9.36
C TRP K 260 29.45 -35.87 -9.40
N ARG K 261 28.80 -36.59 -8.49
CA ARG K 261 27.35 -36.65 -8.44
C ARG K 261 26.89 -36.24 -7.05
N LEU K 262 25.73 -35.60 -6.97
CA LEU K 262 25.24 -34.95 -5.78
C LEU K 262 24.15 -35.80 -5.14
N GLU K 263 24.21 -35.95 -3.82
CA GLU K 263 23.28 -36.84 -3.12
C GLU K 263 22.72 -36.15 -1.89
N PRO K 264 21.54 -35.55 -1.98
CA PRO K 264 20.92 -34.92 -0.80
C PRO K 264 20.46 -35.96 0.20
N LEU K 265 20.19 -35.47 1.41
CA LEU K 265 19.98 -36.35 2.55
C LEU K 265 18.62 -37.05 2.49
N ARG K 266 17.62 -36.35 1.98
CA ARG K 266 16.29 -36.93 1.87
C ARG K 266 16.26 -37.98 0.78
N ILE K 267 15.62 -39.11 1.08
CA ILE K 267 15.56 -40.21 0.12
C ILE K 267 14.65 -39.86 -1.03
N SER K 268 13.36 -39.67 -0.75
CA SER K 268 12.37 -39.43 -1.77
C SER K 268 12.55 -38.06 -2.39
N TRP K 269 12.18 -37.96 -3.67
CA TRP K 269 12.26 -36.75 -4.49
C TRP K 269 13.68 -36.18 -4.52
N SER K 270 14.64 -37.10 -4.56
CA SER K 270 16.05 -36.71 -4.59
C SER K 270 16.40 -36.01 -5.89
N GLY K 271 15.72 -36.35 -6.97
CA GLY K 271 15.90 -35.65 -8.21
C GLY K 271 14.99 -34.46 -8.36
N SER K 272 14.65 -33.81 -7.24
CA SER K 272 14.03 -32.51 -7.33
C SER K 272 15.11 -31.46 -7.54
N HIS K 273 14.67 -30.25 -7.89
CA HIS K 273 15.60 -29.15 -8.09
C HIS K 273 16.28 -28.78 -6.78
N LEU K 274 17.60 -28.72 -6.80
CA LEU K 274 18.33 -28.34 -5.62
C LEU K 274 18.23 -26.83 -5.40
N ARG K 275 18.09 -26.43 -4.15
CA ARG K 275 17.97 -25.05 -3.76
C ARG K 275 19.15 -24.69 -2.87
N TRP K 276 19.28 -23.40 -2.57
CA TRP K 276 20.36 -22.92 -1.74
C TRP K 276 20.17 -23.36 -0.30
N GLY K 277 21.29 -23.52 0.40
CA GLY K 277 21.24 -23.93 1.79
C GLY K 277 20.80 -25.37 1.98
N GLN K 278 21.14 -26.24 1.03
CA GLN K 278 20.63 -27.60 1.07
C GLN K 278 21.77 -28.56 1.41
N PRO K 279 21.58 -29.48 2.35
CA PRO K 279 22.63 -30.43 2.67
C PRO K 279 22.65 -31.59 1.68
N LEU K 280 23.85 -32.11 1.45
CA LEU K 280 24.03 -33.19 0.48
C LEU K 280 25.37 -33.86 0.74
N ARG K 281 25.52 -35.03 0.13
CA ARG K 281 26.76 -35.78 0.15
C ARG K 281 27.44 -35.65 -1.21
N ILE K 282 28.72 -36.02 -1.27
CA ILE K 282 29.48 -35.96 -2.50
C ILE K 282 30.07 -37.34 -2.78
N ARG K 283 29.83 -37.85 -3.99
CA ARG K 283 30.28 -39.16 -4.38
C ARG K 283 31.27 -39.05 -5.53
N HIS K 284 32.40 -39.73 -5.39
CA HIS K 284 33.22 -40.01 -6.54
C HIS K 284 32.68 -41.26 -7.23
N VAL K 285 32.61 -41.22 -8.55
CA VAL K 285 31.92 -42.28 -9.27
C VAL K 285 32.79 -43.51 -9.51
N THR K 286 34.06 -43.35 -9.81
CA THR K 286 34.90 -44.50 -10.16
C THR K 286 35.35 -45.25 -8.91
N THR K 287 35.91 -44.52 -7.96
CA THR K 287 36.31 -45.13 -6.69
C THR K 287 35.12 -45.56 -5.86
N GLY K 288 34.00 -44.86 -5.99
CA GLY K 288 32.86 -45.13 -5.12
C GLY K 288 33.07 -44.61 -3.72
N ARG K 289 34.00 -43.68 -3.54
CA ARG K 289 34.28 -43.11 -2.24
C ARG K 289 33.44 -41.85 -2.03
N TYR K 290 33.29 -41.47 -0.76
CA TYR K 290 32.56 -40.27 -0.38
C TYR K 290 33.54 -39.20 0.06
N LEU K 291 33.35 -38.00 -0.45
CA LEU K 291 34.18 -36.87 -0.06
C LEU K 291 33.82 -36.42 1.36
N ALA K 292 34.82 -36.26 2.20
CA ALA K 292 34.58 -35.81 3.58
C ALA K 292 35.40 -34.56 3.89
N LEU K 299 39.18 -32.27 4.21
CA LEU K 299 38.97 -32.31 2.76
C LEU K 299 39.61 -33.52 2.12
N VAL K 300 39.16 -34.71 2.49
CA VAL K 300 39.63 -35.97 1.94
C VAL K 300 38.43 -36.76 1.43
N VAL K 301 38.70 -37.75 0.61
CA VAL K 301 37.65 -38.68 0.22
C VAL K 301 37.76 -39.92 1.09
N VAL K 302 36.62 -40.56 1.34
CA VAL K 302 36.56 -41.60 2.34
C VAL K 302 35.54 -42.63 1.89
N ASP K 303 35.61 -43.82 2.50
CA ASP K 303 34.70 -44.90 2.13
C ASP K 303 33.29 -44.62 2.63
N ALA K 304 32.32 -45.26 1.97
CA ALA K 304 30.91 -45.10 2.32
C ALA K 304 30.57 -45.72 3.67
N CYS K 305 31.27 -46.78 4.07
CA CYS K 305 31.01 -47.40 5.36
C CYS K 305 31.42 -46.50 6.52
N LYS K 306 32.47 -45.70 6.32
CA LYS K 306 32.88 -44.68 7.28
C LYS K 306 32.51 -43.28 6.84
N ALA K 307 31.49 -43.13 6.01
CA ALA K 307 30.94 -41.83 5.67
C ALA K 307 29.72 -41.56 6.56
N HIS K 308 29.83 -40.60 7.45
CA HIS K 308 28.77 -40.30 8.40
C HIS K 308 28.16 -38.94 8.05
N THR K 309 26.89 -38.76 8.43
CA THR K 309 26.24 -37.47 8.21
C THR K 309 26.87 -36.38 9.05
N LYS K 310 27.43 -36.74 10.22
CA LYS K 310 28.22 -35.80 10.99
C LYS K 310 29.57 -35.52 10.35
N ALA K 311 30.24 -36.55 9.85
CA ALA K 311 31.57 -36.37 9.26
C ALA K 311 31.50 -35.68 7.90
N THR K 312 30.68 -36.19 7.00
CA THR K 312 30.56 -35.65 5.65
C THR K 312 29.11 -35.25 5.37
N SER K 313 28.88 -33.95 5.32
CA SER K 313 27.61 -33.38 4.86
C SER K 313 27.92 -31.97 4.40
N PHE K 314 27.75 -31.71 3.11
CA PHE K 314 28.23 -30.49 2.49
C PHE K 314 27.04 -29.69 2.02
N CYS K 315 27.29 -28.48 1.51
CA CYS K 315 26.21 -27.62 1.06
C CYS K 315 26.71 -26.59 0.07
N PHE K 316 25.76 -26.04 -0.69
CA PHE K 316 26.02 -25.00 -1.67
C PHE K 316 25.48 -23.69 -1.16
N ARG K 317 26.36 -22.73 -0.89
CA ARG K 317 25.96 -21.39 -0.54
C ARG K 317 26.56 -20.42 -1.55
N VAL K 318 25.93 -19.27 -1.71
CA VAL K 318 26.40 -18.28 -2.67
C VAL K 318 27.58 -17.51 -2.11
N SER K 319 27.36 -16.80 -1.00
CA SER K 319 28.42 -16.14 -0.26
C SER K 319 27.98 -16.09 1.19
N LYS K 320 28.95 -16.16 2.11
CA LYS K 320 28.63 -16.31 3.52
C LYS K 320 28.23 -14.96 4.11
N GLU K 321 26.96 -14.64 3.98
CA GLU K 321 26.30 -13.74 4.91
C GLU K 321 25.96 -14.54 6.16
N LYS K 322 25.81 -13.86 7.29
CA LYS K 322 25.59 -14.51 8.57
C LYS K 322 24.16 -15.04 8.61
N LEU K 323 23.96 -16.18 7.96
CA LEU K 323 22.64 -16.79 7.85
C LEU K 323 22.48 -17.96 8.81
N GLY K 333 7.18 -32.11 -3.85
CA GLY K 333 7.48 -32.88 -5.03
C GLY K 333 8.79 -32.48 -5.67
N MET K 334 8.71 -31.84 -6.83
CA MET K 334 9.89 -31.25 -7.42
C MET K 334 10.21 -29.92 -6.76
N GLY K 335 11.28 -29.29 -7.22
CA GLY K 335 11.71 -28.03 -6.67
C GLY K 335 11.57 -26.87 -7.64
N PRO K 336 11.59 -25.66 -7.12
CA PRO K 336 11.70 -24.48 -7.97
C PRO K 336 13.08 -24.43 -8.60
N PRO K 337 13.20 -23.95 -9.83
CA PRO K 337 14.49 -23.97 -10.54
C PRO K 337 15.47 -22.94 -10.02
N GLU K 338 16.21 -23.33 -8.97
CA GLU K 338 17.08 -22.41 -8.26
C GLU K 338 18.46 -22.27 -8.91
N ILE K 339 19.12 -23.38 -9.23
CA ILE K 339 20.55 -23.38 -9.55
C ILE K 339 20.75 -23.50 -11.05
N LYS K 340 21.17 -22.41 -11.68
CA LYS K 340 21.46 -22.40 -13.10
C LYS K 340 22.78 -23.12 -13.39
N TYR K 341 23.05 -23.32 -14.68
CA TYR K 341 24.27 -24.00 -15.13
C TYR K 341 25.24 -22.98 -15.67
N GLY K 342 26.47 -23.00 -15.17
CA GLY K 342 27.50 -22.09 -15.60
C GLY K 342 27.38 -20.68 -15.06
N GLU K 343 26.37 -20.41 -14.23
CA GLU K 343 26.06 -19.05 -13.83
C GLU K 343 26.07 -18.86 -12.32
N SER K 344 25.91 -19.92 -11.53
CA SER K 344 25.77 -19.81 -10.09
C SER K 344 27.05 -19.38 -9.39
N LEU K 345 28.19 -19.99 -9.76
CA LEU K 345 29.53 -19.63 -9.28
C LEU K 345 29.63 -19.70 -7.76
N CYS K 346 29.13 -20.80 -7.21
CA CYS K 346 28.98 -20.96 -5.77
C CYS K 346 30.00 -21.95 -5.23
N PHE K 347 30.26 -21.85 -3.93
CA PHE K 347 31.29 -22.64 -3.26
C PHE K 347 30.67 -23.80 -2.49
N VAL K 348 31.53 -24.47 -1.73
CA VAL K 348 31.11 -25.51 -0.79
C VAL K 348 31.76 -25.27 0.56
N GLN K 349 31.09 -25.71 1.61
CA GLN K 349 31.65 -25.75 2.96
C GLN K 349 30.88 -26.80 3.74
N HIS K 350 31.47 -27.25 4.84
CA HIS K 350 30.81 -28.24 5.67
C HIS K 350 29.62 -27.60 6.37
N VAL K 351 28.56 -28.39 6.55
CA VAL K 351 27.37 -27.86 7.21
C VAL K 351 27.55 -27.85 8.73
N ALA K 352 28.48 -28.66 9.23
CA ALA K 352 28.82 -28.68 10.64
C ALA K 352 30.00 -27.79 10.99
N SER K 353 30.77 -27.36 9.99
CA SER K 353 32.04 -26.72 10.29
C SER K 353 32.18 -25.38 9.56
N GLY K 354 31.52 -25.24 8.41
CA GLY K 354 31.55 -23.97 7.69
C GLY K 354 32.88 -23.69 7.03
N LEU K 355 33.63 -24.73 6.71
CA LEU K 355 35.02 -24.62 6.26
C LEU K 355 35.10 -24.67 4.74
N TRP K 356 35.57 -23.58 4.16
CA TRP K 356 35.61 -23.42 2.72
C TRP K 356 36.77 -24.20 2.11
N LEU K 357 36.45 -25.11 1.20
CA LEU K 357 37.47 -25.88 0.49
C LEU K 357 38.17 -24.94 -0.51
N THR K 358 39.48 -24.78 -0.33
CA THR K 358 40.26 -24.02 -1.30
C THR K 358 41.67 -24.57 -1.38
N TYR K 359 42.47 -24.00 -2.29
CA TYR K 359 43.78 -24.56 -2.60
C TYR K 359 44.80 -24.18 -1.54
N ALA K 360 46.06 -24.43 -1.84
CA ALA K 360 47.15 -24.09 -0.92
C ALA K 360 47.87 -22.82 -1.37
N LEU K 372 51.50 -27.87 -9.94
CA LEU K 372 50.24 -27.68 -10.64
C LEU K 372 49.10 -28.24 -9.80
N LYS K 373 49.45 -29.17 -8.91
CA LYS K 373 48.48 -29.86 -8.08
C LYS K 373 48.19 -28.97 -6.88
N LYS K 374 47.37 -27.95 -7.09
CA LYS K 374 46.97 -27.03 -6.03
C LYS K 374 46.07 -27.78 -5.05
N LYS K 375 46.63 -28.19 -3.92
CA LYS K 375 45.94 -29.12 -3.03
C LYS K 375 44.79 -28.44 -2.33
N ALA K 376 43.59 -28.97 -2.56
CA ALA K 376 42.37 -28.39 -2.03
C ALA K 376 42.25 -28.72 -0.55
N ILE K 377 41.95 -27.71 0.26
CA ILE K 377 41.82 -27.87 1.70
C ILE K 377 40.71 -26.96 2.19
N LEU K 378 39.90 -27.51 3.11
CA LEU K 378 38.90 -26.72 3.83
C LEU K 378 39.65 -25.72 4.69
N HIS K 379 39.47 -24.44 4.40
CA HIS K 379 40.19 -23.37 5.08
C HIS K 379 39.22 -22.31 5.58
N GLN K 380 39.36 -21.94 6.86
CA GLN K 380 38.42 -21.02 7.47
C GLN K 380 38.67 -19.58 7.06
N GLU K 381 39.83 -19.28 6.46
CA GLU K 381 40.04 -17.95 5.91
C GLU K 381 39.31 -17.78 4.59
N GLY K 382 39.29 -18.83 3.78
CA GLY K 382 38.75 -18.75 2.44
C GLY K 382 39.64 -17.90 1.54
N HIS K 383 39.08 -17.55 0.39
CA HIS K 383 39.79 -16.77 -0.60
C HIS K 383 38.79 -15.98 -1.42
N MET K 384 39.27 -15.43 -2.53
CA MET K 384 38.41 -14.85 -3.55
C MET K 384 38.29 -15.73 -4.77
N ASP K 385 38.65 -17.02 -4.65
CA ASP K 385 38.69 -17.92 -5.80
C ASP K 385 37.87 -19.20 -5.58
N ASP K 386 36.98 -19.21 -4.59
CA ASP K 386 36.08 -20.34 -4.39
C ASP K 386 34.77 -20.20 -5.12
N ALA K 387 34.61 -19.15 -5.94
CA ALA K 387 33.42 -18.97 -6.78
C ALA K 387 33.60 -19.85 -8.01
N LEU K 388 33.00 -21.04 -7.95
CA LEU K 388 33.24 -22.07 -8.96
C LEU K 388 31.95 -22.46 -9.67
N PHE K 389 32.02 -22.62 -10.99
CA PHE K 389 30.86 -22.86 -11.83
C PHE K 389 30.80 -24.32 -12.27
N LEU K 390 29.59 -24.87 -12.29
CA LEU K 390 29.40 -26.30 -12.54
C LEU K 390 29.04 -26.54 -13.99
N THR K 391 29.38 -27.74 -14.48
CA THR K 391 29.04 -28.19 -15.82
C THR K 391 28.50 -29.60 -15.74
N ARG K 392 27.37 -29.83 -16.40
CA ARG K 392 26.76 -31.16 -16.42
C ARG K 392 27.51 -32.07 -17.39
N CYS K 393 27.60 -33.35 -17.03
CA CYS K 393 28.32 -34.34 -17.83
C CYS K 393 27.45 -34.81 -19.00
N GLN K 394 27.91 -35.89 -19.64
CA GLN K 394 27.28 -36.44 -20.82
C GLN K 394 26.77 -37.85 -20.52
N GLN K 395 25.66 -38.23 -21.19
CA GLN K 395 24.93 -39.45 -20.89
C GLN K 395 25.69 -40.73 -21.22
N GLU K 396 26.32 -40.81 -22.38
CA GLU K 396 27.12 -41.98 -22.72
C GLU K 396 28.36 -42.10 -21.86
N GLU K 397 29.00 -40.98 -21.52
CA GLU K 397 30.17 -40.99 -20.66
C GLU K 397 29.84 -41.43 -19.24
N SER K 398 28.77 -40.89 -18.66
CA SER K 398 28.41 -41.20 -17.29
C SER K 398 27.96 -42.64 -17.15
N GLN K 399 27.37 -43.21 -18.19
CA GLN K 399 27.09 -44.64 -18.18
C GLN K 399 28.37 -45.44 -18.21
N ALA K 400 29.36 -44.97 -18.96
CA ALA K 400 30.65 -45.63 -18.99
C ALA K 400 31.39 -45.48 -17.68
N ALA K 401 31.04 -44.47 -16.88
CA ALA K 401 31.71 -44.26 -15.62
C ALA K 401 31.40 -45.35 -14.61
N ARG K 402 30.13 -45.57 -14.30
CA ARG K 402 29.75 -46.43 -13.19
C ARG K 402 30.10 -47.89 -13.41
N MET K 403 30.22 -48.31 -14.66
CA MET K 403 30.59 -49.68 -14.91
C MET K 403 32.07 -49.96 -14.63
N ILE K 404 32.92 -48.92 -14.60
CA ILE K 404 34.28 -49.10 -14.16
C ILE K 404 34.31 -49.55 -12.70
N HIS K 405 33.55 -48.86 -11.85
CA HIS K 405 33.42 -49.21 -10.46
C HIS K 405 32.81 -50.58 -10.27
N SER K 406 31.87 -50.96 -11.13
CA SER K 406 31.25 -52.25 -11.02
C SER K 406 32.20 -53.36 -11.42
N THR K 407 33.09 -53.09 -12.36
CA THR K 407 34.03 -54.11 -12.80
C THR K 407 35.24 -54.22 -11.88
N ALA K 408 35.86 -53.09 -11.54
CA ALA K 408 37.08 -53.12 -10.74
C ALA K 408 36.81 -53.65 -9.34
N GLY K 409 35.63 -53.39 -8.80
CA GLY K 409 35.23 -54.00 -7.55
C GLY K 409 35.10 -55.50 -7.64
N LEU K 410 34.74 -56.02 -8.80
CA LEU K 410 34.71 -57.46 -9.00
C LEU K 410 36.11 -58.00 -9.26
N TYR K 411 36.89 -57.28 -10.05
CA TYR K 411 38.17 -57.79 -10.52
C TYR K 411 39.23 -57.86 -9.44
N ASN K 412 39.39 -56.80 -8.64
CA ASN K 412 40.34 -56.86 -7.54
C ASN K 412 39.89 -57.85 -6.49
N GLN K 413 38.58 -58.01 -6.32
CA GLN K 413 38.05 -59.10 -5.52
C GLN K 413 38.41 -60.44 -6.14
N PHE K 414 38.44 -60.53 -7.46
CA PHE K 414 38.81 -61.77 -8.10
C PHE K 414 40.31 -62.02 -8.02
N ILE K 415 41.13 -60.97 -8.02
CA ILE K 415 42.57 -61.14 -8.00
C ILE K 415 43.02 -61.68 -6.65
N LYS K 416 42.63 -61.01 -5.57
CA LYS K 416 43.04 -61.46 -4.24
C LYS K 416 42.32 -62.73 -3.82
N GLY K 417 41.17 -63.04 -4.43
CA GLY K 417 40.59 -64.35 -4.24
C GLY K 417 41.46 -65.42 -4.85
N LEU K 418 42.10 -65.12 -5.97
CA LEU K 418 43.05 -66.04 -6.55
C LEU K 418 44.36 -66.06 -5.78
N ASP K 419 44.78 -64.92 -5.24
CA ASP K 419 46.02 -64.80 -4.49
C ASP K 419 46.00 -65.55 -3.16
N SER K 420 44.83 -65.97 -2.68
CA SER K 420 44.75 -66.68 -1.41
C SER K 420 45.43 -68.04 -1.48
N PHE K 421 45.12 -68.83 -2.50
CA PHE K 421 45.74 -70.14 -2.67
C PHE K 421 46.82 -70.09 -3.76
N SER K 422 47.40 -68.90 -3.95
CA SER K 422 48.42 -68.73 -4.99
C SER K 422 49.69 -69.50 -4.66
N GLY K 423 49.92 -69.80 -3.37
CA GLY K 423 51.02 -70.66 -2.97
C GLY K 423 50.60 -71.94 -2.29
N LYS K 424 49.38 -72.05 -1.79
CA LYS K 424 48.97 -73.19 -0.98
C LYS K 424 48.16 -74.15 -1.83
N PRO K 425 48.65 -75.36 -2.08
CA PRO K 425 47.84 -76.35 -2.78
C PRO K 425 46.68 -76.84 -1.92
N ARG K 426 45.65 -77.34 -2.58
CA ARG K 426 44.46 -77.84 -1.91
C ARG K 426 44.41 -79.36 -1.99
N GLY K 427 44.42 -80.01 -0.84
CA GLY K 427 44.29 -81.45 -0.78
C GLY K 427 42.84 -81.87 -0.72
N PRO K 434 36.59 -68.64 1.18
CA PRO K 434 35.54 -68.14 0.30
C PRO K 434 35.57 -68.83 -1.06
N ALA K 435 34.59 -68.51 -1.90
CA ALA K 435 34.58 -69.02 -3.28
C ALA K 435 34.81 -67.88 -4.25
N LEU K 436 35.70 -68.10 -5.20
CA LEU K 436 36.05 -67.07 -6.16
C LEU K 436 34.91 -66.87 -7.16
N PRO K 437 34.63 -65.64 -7.60
CA PRO K 437 33.44 -65.38 -8.44
C PRO K 437 33.61 -65.82 -9.90
N ILE K 438 33.36 -67.12 -10.13
CA ILE K 438 33.53 -67.66 -11.47
C ILE K 438 32.40 -67.23 -12.39
N GLU K 439 31.15 -67.50 -11.98
CA GLU K 439 30.02 -67.18 -12.85
C GLU K 439 29.77 -65.68 -12.93
N ALA K 440 30.20 -64.93 -11.90
CA ALA K 440 30.02 -63.49 -11.94
C ALA K 440 30.97 -62.82 -12.92
N VAL K 441 32.13 -63.42 -13.17
CA VAL K 441 33.11 -62.73 -14.02
C VAL K 441 32.94 -63.12 -15.48
N ILE K 442 32.37 -64.28 -15.77
CA ILE K 442 32.22 -64.73 -17.16
C ILE K 442 31.22 -63.88 -17.91
N LEU K 443 30.10 -63.58 -17.26
CA LEU K 443 29.10 -62.74 -17.89
C LEU K 443 29.54 -61.28 -17.92
N SER K 444 30.41 -60.89 -16.98
CA SER K 444 30.80 -59.49 -16.93
C SER K 444 31.79 -59.14 -18.04
N LEU K 445 32.62 -60.09 -18.47
CA LEU K 445 33.47 -59.80 -19.61
C LEU K 445 32.68 -59.74 -20.89
N GLN K 446 31.69 -60.61 -21.05
CA GLN K 446 31.02 -60.74 -22.34
C GLN K 446 30.18 -59.52 -22.66
N ASP K 447 29.66 -58.84 -21.65
CA ASP K 447 29.02 -57.55 -21.89
C ASP K 447 30.04 -56.50 -22.29
N LEU K 448 31.27 -56.64 -21.84
CA LEU K 448 32.28 -55.64 -22.18
C LEU K 448 32.78 -55.82 -23.59
N ILE K 449 32.76 -57.05 -24.12
CA ILE K 449 33.17 -57.27 -25.49
C ILE K 449 32.18 -56.61 -26.44
N GLY K 450 30.89 -56.85 -26.22
CA GLY K 450 29.87 -56.18 -27.00
C GLY K 450 29.76 -54.70 -26.71
N TYR K 451 30.27 -54.26 -25.57
CA TYR K 451 30.35 -52.83 -25.33
C TYR K 451 31.37 -52.18 -26.25
N PHE K 452 32.46 -52.88 -26.54
CA PHE K 452 33.56 -52.32 -27.30
C PHE K 452 33.59 -52.80 -28.73
N GLU K 453 32.49 -53.31 -29.23
CA GLU K 453 32.49 -53.97 -30.52
C GLU K 453 32.55 -52.94 -31.63
N PRO K 454 33.44 -53.10 -32.62
CA PRO K 454 33.59 -52.08 -33.65
C PRO K 454 32.41 -52.11 -34.59
N PRO K 455 31.99 -50.96 -35.10
CA PRO K 455 30.76 -50.89 -35.89
C PRO K 455 30.94 -51.52 -37.26
N SER K 456 29.81 -51.86 -37.88
CA SER K 456 29.80 -52.64 -39.10
C SER K 456 30.29 -51.83 -40.29
N GLU K 457 30.86 -52.54 -41.26
CA GLU K 457 31.30 -51.91 -42.49
C GLU K 457 30.17 -51.63 -43.46
N GLU K 458 29.05 -52.33 -43.33
CA GLU K 458 27.91 -52.10 -44.19
C GLU K 458 27.08 -50.90 -43.76
N LEU K 459 27.47 -50.23 -42.67
CA LEU K 459 26.76 -49.07 -42.19
C LEU K 459 27.01 -47.90 -43.13
N GLN K 460 26.16 -46.89 -43.04
CA GLN K 460 26.34 -45.67 -43.81
C GLN K 460 27.56 -44.90 -43.31
N HIS K 461 28.31 -44.31 -44.26
CA HIS K 461 29.61 -43.72 -43.99
C HIS K 461 29.56 -42.58 -42.98
N GLU K 462 28.56 -41.69 -43.08
CA GLU K 462 28.49 -40.58 -42.15
C GLU K 462 28.17 -41.02 -40.73
N GLU K 463 27.48 -42.15 -40.59
CA GLU K 463 27.19 -42.66 -39.26
C GLU K 463 28.32 -43.53 -38.72
N LYS K 464 28.99 -44.28 -39.60
CA LYS K 464 30.15 -45.06 -39.20
C LYS K 464 31.24 -44.19 -38.60
N GLN K 465 31.53 -43.05 -39.23
CA GLN K 465 32.52 -42.13 -38.70
C GLN K 465 32.07 -41.53 -37.39
N SER K 466 30.78 -41.27 -37.22
CA SER K 466 30.30 -40.70 -35.98
C SER K 466 30.39 -41.68 -34.83
N LYS K 467 30.11 -42.95 -35.09
CA LYS K 467 30.18 -43.94 -34.02
C LYS K 467 31.62 -44.29 -33.66
N LEU K 468 32.56 -44.03 -34.56
CA LEU K 468 33.95 -44.33 -34.26
C LEU K 468 34.50 -43.39 -33.20
N ARG K 469 34.23 -42.09 -33.33
CA ARG K 469 34.78 -41.13 -32.38
C ARG K 469 34.14 -41.27 -31.00
N SER K 470 32.97 -41.89 -30.92
CA SER K 470 32.45 -42.29 -29.62
C SER K 470 33.28 -43.43 -29.04
N LEU K 471 33.65 -44.39 -29.90
CA LEU K 471 34.43 -45.52 -29.44
C LEU K 471 35.84 -45.11 -29.08
N ARG K 472 36.40 -44.12 -29.79
CA ARG K 472 37.74 -43.65 -29.47
C ARG K 472 37.79 -43.00 -28.10
N ASN K 473 36.71 -42.35 -27.67
CA ASN K 473 36.66 -41.84 -26.32
C ASN K 473 36.62 -42.98 -25.31
N ARG K 474 35.65 -43.86 -25.44
CA ARG K 474 35.39 -44.78 -24.35
C ARG K 474 36.29 -46.01 -24.36
N GLN K 475 37.35 -46.03 -25.14
CA GLN K 475 38.47 -46.89 -24.79
C GLN K 475 39.64 -46.10 -24.23
N SER K 476 39.81 -44.86 -24.66
CA SER K 476 40.73 -43.96 -23.97
C SER K 476 40.24 -43.65 -22.57
N LEU K 477 38.92 -43.65 -22.38
CA LEU K 477 38.36 -43.40 -21.06
C LEU K 477 38.52 -44.61 -20.14
N PHE K 478 38.88 -45.77 -20.68
CA PHE K 478 39.15 -46.90 -19.79
C PHE K 478 40.63 -47.03 -19.51
N GLN K 479 41.47 -47.03 -20.54
CA GLN K 479 42.89 -47.29 -20.38
C GLN K 479 43.60 -46.21 -19.60
N GLU K 480 43.10 -44.97 -19.64
CA GLU K 480 43.63 -43.93 -18.77
C GLU K 480 43.31 -44.23 -17.31
N GLU K 481 42.03 -44.32 -16.96
CA GLU K 481 41.64 -44.64 -15.59
C GLU K 481 41.77 -46.14 -15.38
N GLY K 482 43.02 -46.56 -15.18
CA GLY K 482 43.36 -47.95 -14.94
C GLY K 482 42.98 -48.87 -16.06
N MET K 483 42.43 -50.04 -15.70
CA MET K 483 41.63 -50.92 -16.55
C MET K 483 42.37 -51.45 -17.76
N LEU K 484 43.68 -51.26 -17.85
CA LEU K 484 44.44 -51.95 -18.87
C LEU K 484 45.39 -52.89 -18.16
N SER K 485 46.20 -52.33 -17.27
CA SER K 485 47.11 -53.13 -16.47
C SER K 485 46.36 -53.99 -15.47
N LEU K 486 45.20 -53.51 -15.01
CA LEU K 486 44.32 -54.33 -14.19
C LEU K 486 43.86 -55.57 -14.93
N VAL K 487 43.63 -55.44 -16.23
CA VAL K 487 43.37 -56.61 -17.05
C VAL K 487 44.65 -57.39 -17.27
N LEU K 488 45.80 -56.69 -17.34
CA LEU K 488 47.06 -57.40 -17.53
C LEU K 488 47.41 -58.25 -16.32
N ASN K 489 47.02 -57.80 -15.13
CA ASN K 489 47.27 -58.54 -13.90
C ASN K 489 46.57 -59.89 -13.88
N CYS K 490 45.25 -59.90 -14.10
CA CYS K 490 44.49 -61.14 -13.99
C CYS K 490 44.85 -62.15 -15.07
N ILE K 491 45.53 -61.72 -16.13
CA ILE K 491 46.25 -62.67 -16.96
C ILE K 491 47.41 -63.28 -16.22
N ASP K 492 48.29 -62.44 -15.65
CA ASP K 492 49.54 -62.98 -15.16
C ASP K 492 49.40 -63.68 -13.81
N ARG K 493 48.27 -63.56 -13.15
CA ARG K 493 47.99 -64.50 -12.06
C ARG K 493 47.43 -65.81 -12.57
N LEU K 494 46.93 -65.83 -13.81
CA LEU K 494 46.27 -67.03 -14.31
C LEU K 494 47.14 -67.84 -15.25
N ASN K 495 48.07 -67.21 -15.94
CA ASN K 495 48.86 -67.87 -16.97
C ASN K 495 49.85 -68.88 -16.42
N VAL K 496 50.09 -68.85 -15.11
CA VAL K 496 51.12 -69.70 -14.51
C VAL K 496 50.65 -71.14 -14.40
N TYR K 497 49.38 -71.40 -14.64
CA TYR K 497 48.84 -72.74 -14.53
C TYR K 497 48.68 -73.32 -15.93
N THR K 498 49.78 -73.83 -16.49
CA THR K 498 49.73 -74.28 -17.88
C THR K 498 49.00 -75.60 -18.04
N THR K 499 49.13 -76.51 -17.11
CA THR K 499 48.23 -77.64 -17.06
C THR K 499 46.84 -77.14 -16.71
N ALA K 500 45.90 -77.38 -17.63
CA ALA K 500 44.59 -76.74 -17.56
C ALA K 500 43.76 -77.26 -16.39
N ALA K 501 44.08 -78.45 -15.88
CA ALA K 501 43.38 -79.01 -14.76
C ALA K 501 44.25 -79.22 -13.54
N HIS K 502 45.44 -79.78 -13.71
CA HIS K 502 46.30 -80.14 -12.58
C HIS K 502 46.78 -78.92 -11.83
N PHE K 503 47.20 -77.89 -12.56
CA PHE K 503 47.57 -76.66 -11.89
C PHE K 503 46.37 -75.76 -11.66
N ALA K 504 45.20 -76.15 -12.12
CA ALA K 504 43.96 -75.53 -11.67
C ALA K 504 43.35 -76.27 -10.48
N GLU K 505 44.00 -77.34 -10.02
CA GLU K 505 43.55 -78.03 -8.83
C GLU K 505 43.96 -77.35 -7.54
N TYR K 506 44.69 -76.23 -7.63
CA TYR K 506 44.92 -75.39 -6.47
C TYR K 506 43.62 -74.75 -5.99
N ALA K 507 42.69 -74.48 -6.90
CA ALA K 507 41.33 -74.10 -6.55
C ALA K 507 40.47 -75.32 -6.25
N GLY K 508 40.52 -76.32 -7.12
CA GLY K 508 39.65 -77.47 -6.97
C GLY K 508 39.19 -77.93 -8.34
N GLU K 509 37.98 -78.51 -8.35
CA GLU K 509 37.40 -78.93 -9.61
C GLU K 509 36.32 -77.96 -10.08
N GLU K 510 35.90 -77.04 -9.21
CA GLU K 510 34.82 -76.12 -9.56
C GLU K 510 35.30 -75.07 -10.56
N ALA K 511 36.35 -74.33 -10.21
CA ALA K 511 36.87 -73.33 -11.14
C ALA K 511 37.70 -73.95 -12.25
N ALA K 512 38.05 -75.22 -12.14
CA ALA K 512 38.92 -75.86 -13.12
C ALA K 512 38.23 -76.06 -14.45
N GLU K 513 36.91 -76.28 -14.44
CA GLU K 513 36.20 -76.51 -15.68
C GLU K 513 36.05 -75.23 -16.49
N SER K 514 36.15 -74.07 -15.84
CA SER K 514 35.97 -72.80 -16.51
C SER K 514 37.28 -72.07 -16.74
N TRP K 515 38.41 -72.73 -16.51
CA TRP K 515 39.69 -72.06 -16.72
C TRP K 515 39.97 -71.85 -18.19
N LYS K 516 39.52 -72.77 -19.04
CA LYS K 516 39.76 -72.67 -20.46
C LYS K 516 39.01 -71.49 -21.07
N GLU K 517 37.84 -71.20 -20.54
CA GLU K 517 37.04 -70.09 -21.06
C GLU K 517 37.62 -68.74 -20.68
N ILE K 518 38.00 -68.59 -19.42
CA ILE K 518 38.23 -67.27 -18.85
C ILE K 518 39.49 -66.64 -19.42
N VAL K 519 40.42 -67.47 -19.91
CA VAL K 519 41.57 -66.93 -20.60
C VAL K 519 41.19 -66.39 -21.97
N ASN K 520 40.39 -67.13 -22.73
CA ASN K 520 40.07 -66.73 -24.10
C ASN K 520 39.25 -65.45 -24.13
N LEU K 521 38.30 -65.31 -23.22
CA LEU K 521 37.53 -64.08 -23.14
C LEU K 521 38.38 -62.90 -22.69
N LEU K 522 39.45 -63.17 -21.95
CA LEU K 522 40.28 -62.07 -21.47
C LEU K 522 41.09 -61.45 -22.61
N TYR K 523 41.66 -62.29 -23.47
CA TYR K 523 42.43 -61.75 -24.57
C TYR K 523 41.54 -61.09 -25.61
N GLU K 524 40.28 -61.50 -25.69
CA GLU K 524 39.35 -60.83 -26.59
C GLU K 524 39.05 -59.41 -26.12
N LEU K 525 38.99 -59.21 -24.81
CA LEU K 525 38.78 -57.87 -24.27
C LEU K 525 39.94 -56.95 -24.60
N LEU K 526 41.14 -57.40 -24.30
CA LEU K 526 42.35 -56.62 -24.54
C LEU K 526 42.53 -56.31 -26.02
N ALA K 527 42.27 -57.30 -26.88
CA ALA K 527 42.27 -57.04 -28.31
C ALA K 527 41.18 -56.09 -28.71
N SER K 528 40.07 -56.07 -27.99
CA SER K 528 39.03 -55.12 -28.33
C SER K 528 39.37 -53.73 -27.83
N LEU K 529 40.25 -53.63 -26.85
CA LEU K 529 40.64 -52.32 -26.36
C LEU K 529 41.52 -51.56 -27.33
N ILE K 530 42.58 -52.18 -27.81
CA ILE K 530 43.59 -51.44 -28.55
C ILE K 530 43.38 -51.60 -30.04
N ARG K 531 42.18 -51.95 -30.45
CA ARG K 531 41.88 -52.03 -31.88
C ARG K 531 41.74 -50.59 -32.37
N GLY K 532 42.46 -50.27 -33.43
CA GLY K 532 42.35 -48.95 -34.03
C GLY K 532 43.13 -47.85 -33.35
N ASN K 533 43.05 -47.78 -32.02
CA ASN K 533 43.63 -46.69 -31.26
C ASN K 533 45.16 -46.72 -31.32
N ARG K 534 45.74 -45.58 -31.69
CA ARG K 534 47.19 -45.48 -31.71
C ARG K 534 47.75 -45.23 -30.32
N ALA K 535 47.05 -44.44 -29.51
CA ALA K 535 47.59 -44.02 -28.22
C ALA K 535 47.69 -45.18 -27.24
N ASN K 536 46.71 -46.08 -27.24
CA ASN K 536 46.81 -47.23 -26.36
C ASN K 536 47.74 -48.29 -26.91
N CYS K 537 48.04 -48.26 -28.20
CA CYS K 537 48.97 -49.23 -28.75
C CYS K 537 50.40 -48.98 -28.30
N ALA K 538 50.75 -47.73 -28.02
CA ALA K 538 52.08 -47.43 -27.50
C ALA K 538 52.24 -47.89 -26.06
N LEU K 539 51.16 -48.26 -25.38
CA LEU K 539 51.25 -48.74 -24.01
C LEU K 539 51.85 -50.14 -23.91
N PHE K 540 52.10 -50.80 -25.03
CA PHE K 540 52.73 -52.11 -25.02
C PHE K 540 54.17 -52.05 -25.48
N SER K 541 54.71 -50.85 -25.65
CA SER K 541 56.10 -50.70 -26.07
C SER K 541 57.08 -51.07 -24.98
N THR K 542 56.63 -51.12 -23.73
CA THR K 542 57.50 -51.54 -22.64
C THR K 542 57.47 -53.04 -22.41
N ASN K 543 56.31 -53.66 -22.48
CA ASN K 543 56.18 -55.10 -22.22
C ASN K 543 55.83 -55.84 -23.49
N LEU K 544 56.49 -55.47 -24.59
CA LEU K 544 56.37 -56.21 -25.84
C LEU K 544 56.83 -57.65 -25.66
N ASP K 545 57.93 -57.86 -24.96
CA ASP K 545 58.45 -59.19 -24.71
C ASP K 545 57.54 -60.00 -23.79
N TRP K 546 56.70 -59.34 -23.01
CA TRP K 546 55.71 -60.07 -22.22
C TRP K 546 54.69 -60.75 -23.12
N VAL K 547 54.38 -60.13 -24.25
CA VAL K 547 53.41 -60.70 -25.19
C VAL K 547 53.97 -61.89 -25.93
N VAL K 548 55.14 -61.72 -26.55
CA VAL K 548 55.69 -62.72 -27.46
C VAL K 548 56.14 -63.97 -26.71
N SER K 549 56.40 -63.82 -25.40
CA SER K 549 56.81 -64.96 -24.60
C SER K 549 55.69 -65.96 -24.34
N LYS K 550 54.44 -65.61 -24.66
CA LYS K 550 53.31 -66.49 -24.39
C LYS K 550 52.65 -67.00 -25.68
N LEU K 551 53.38 -67.00 -26.78
CA LEU K 551 52.76 -67.35 -28.06
C LEU K 551 52.53 -68.85 -28.18
N ASP K 552 53.41 -69.67 -27.61
CA ASP K 552 53.26 -71.12 -27.67
C ASP K 552 52.55 -71.66 -26.44
N ARG K 553 51.65 -70.88 -25.85
CA ARG K 553 51.07 -71.27 -24.58
C ARG K 553 49.98 -72.31 -24.71
N LEU K 554 49.60 -72.68 -25.94
CA LEU K 554 48.73 -73.80 -26.32
C LEU K 554 47.26 -73.59 -25.93
N GLU K 555 46.96 -72.56 -25.16
CA GLU K 555 45.59 -72.19 -24.84
C GLU K 555 45.39 -70.78 -25.35
N ALA K 556 44.35 -70.59 -26.15
CA ALA K 556 44.01 -69.32 -26.82
C ALA K 556 45.18 -68.82 -27.67
N SER K 557 45.79 -69.75 -28.41
CA SER K 557 46.87 -69.42 -29.32
C SER K 557 46.44 -68.43 -30.39
N SER K 558 45.20 -68.54 -30.87
CA SER K 558 44.67 -67.50 -31.74
C SER K 558 44.43 -66.21 -31.00
N GLY K 559 44.15 -66.28 -29.70
CA GLY K 559 43.82 -65.12 -28.92
C GLY K 559 44.95 -64.12 -28.79
N ILE K 560 46.13 -64.60 -28.36
CA ILE K 560 47.27 -63.70 -28.22
C ILE K 560 47.75 -63.23 -29.58
N LEU K 561 47.72 -64.12 -30.57
CA LEU K 561 48.12 -63.77 -31.92
C LEU K 561 47.19 -62.71 -32.51
N GLU K 562 45.94 -62.70 -32.09
CA GLU K 562 45.04 -61.61 -32.42
C GLU K 562 45.50 -60.30 -31.80
N VAL K 563 45.96 -60.33 -30.54
CA VAL K 563 46.35 -59.11 -29.85
C VAL K 563 47.61 -58.53 -30.49
N LEU K 564 48.51 -59.40 -30.92
CA LEU K 564 49.75 -58.94 -31.54
C LEU K 564 49.49 -58.30 -32.89
N TYR K 565 48.44 -58.73 -33.59
CA TYR K 565 48.22 -58.20 -34.93
C TYR K 565 47.66 -56.79 -34.88
N CYS K 566 46.77 -56.52 -33.93
CA CYS K 566 46.18 -55.20 -33.86
C CYS K 566 47.14 -54.16 -33.29
N VAL K 567 48.13 -54.57 -32.50
CA VAL K 567 49.08 -53.61 -31.96
C VAL K 567 50.17 -53.27 -32.97
N LEU K 568 50.45 -54.15 -33.92
CA LEU K 568 51.52 -53.93 -34.88
C LEU K 568 51.06 -53.25 -36.14
N ILE K 569 49.89 -52.60 -36.14
CA ILE K 569 49.42 -51.87 -37.30
C ILE K 569 49.02 -50.46 -36.97
N GLU K 570 48.99 -50.10 -35.69
CA GLU K 570 48.55 -48.76 -35.30
C GLU K 570 49.68 -47.84 -34.88
N SER K 571 50.69 -48.33 -34.17
CA SER K 571 51.77 -47.48 -33.67
C SER K 571 53.08 -48.01 -34.23
N PRO K 572 53.70 -47.30 -35.18
CA PRO K 572 54.88 -47.83 -35.88
C PRO K 572 56.15 -47.88 -35.06
N GLU K 573 56.16 -47.25 -33.88
CA GLU K 573 57.34 -47.28 -33.03
C GLU K 573 57.58 -48.66 -32.42
N VAL K 574 56.59 -49.55 -32.49
CA VAL K 574 56.79 -50.86 -31.90
C VAL K 574 57.44 -51.79 -32.93
N LEU K 575 57.57 -51.34 -34.18
CA LEU K 575 58.32 -52.12 -35.16
C LEU K 575 59.80 -52.18 -34.86
N ASN K 576 60.47 -51.03 -34.81
CA ASN K 576 61.93 -50.99 -34.75
C ASN K 576 62.49 -51.22 -33.37
N ILE K 577 61.68 -51.65 -32.41
CA ILE K 577 62.16 -52.13 -31.13
C ILE K 577 62.11 -53.64 -31.04
N ILE K 578 62.15 -54.32 -32.17
CA ILE K 578 62.04 -55.77 -32.24
C ILE K 578 63.37 -56.33 -32.72
N GLN K 579 63.92 -57.27 -31.96
CA GLN K 579 65.19 -57.87 -32.29
C GLN K 579 64.97 -59.26 -32.86
N GLU K 580 66.07 -59.94 -33.17
CA GLU K 580 66.03 -61.24 -33.83
C GLU K 580 65.52 -62.34 -32.93
N ASN K 581 65.53 -62.15 -31.61
CA ASN K 581 64.99 -63.15 -30.71
C ASN K 581 63.47 -63.22 -30.79
N HIS K 582 62.81 -62.15 -31.25
CA HIS K 582 61.36 -62.17 -31.34
C HIS K 582 60.89 -62.86 -32.62
N ILE K 583 61.51 -62.52 -33.75
CA ILE K 583 61.12 -63.09 -35.04
C ILE K 583 61.34 -64.59 -35.06
N LYS K 584 62.37 -65.07 -34.37
CA LYS K 584 62.63 -66.50 -34.34
C LYS K 584 61.59 -67.26 -33.51
N SER K 585 60.80 -66.56 -32.69
CA SER K 585 59.71 -67.24 -32.04
C SER K 585 58.50 -67.34 -32.95
N ILE K 586 58.25 -66.31 -33.77
CA ILE K 586 57.08 -66.26 -34.64
C ILE K 586 57.15 -67.32 -35.73
N ILE K 587 58.32 -67.48 -36.36
CA ILE K 587 58.51 -68.58 -37.29
C ILE K 587 58.39 -69.91 -36.55
N SER K 588 58.85 -69.97 -35.31
CA SER K 588 58.64 -71.17 -34.50
C SER K 588 57.18 -71.33 -34.10
N LEU K 589 56.38 -70.27 -34.16
CA LEU K 589 54.95 -70.44 -33.94
C LEU K 589 54.30 -71.06 -35.16
N LEU K 590 54.70 -70.62 -36.35
CA LEU K 590 54.15 -71.13 -37.58
C LEU K 590 54.50 -72.60 -37.79
N ASP K 591 55.70 -73.00 -37.39
CA ASP K 591 56.14 -74.39 -37.51
C ASP K 591 55.47 -75.32 -36.54
N LYS K 592 54.77 -74.81 -35.53
CA LYS K 592 54.08 -75.65 -34.58
C LYS K 592 52.58 -75.44 -34.54
N HIS K 593 52.02 -74.64 -35.45
CA HIS K 593 50.59 -74.39 -35.45
C HIS K 593 50.03 -74.37 -36.86
N GLY K 594 50.61 -75.18 -37.73
CA GLY K 594 50.08 -75.37 -39.06
C GLY K 594 50.29 -74.17 -39.95
N ARG K 595 49.73 -74.24 -41.13
CA ARG K 595 49.84 -73.16 -42.10
C ARG K 595 48.73 -72.17 -41.85
N ASN K 596 48.81 -71.48 -40.73
CA ASN K 596 47.84 -70.46 -40.39
C ASN K 596 48.10 -69.23 -41.23
N HIS K 597 47.06 -68.75 -41.89
CA HIS K 597 47.20 -67.59 -42.75
C HIS K 597 47.18 -66.28 -42.00
N LYS K 598 46.95 -66.29 -40.69
CA LYS K 598 47.06 -65.06 -39.92
C LYS K 598 48.50 -64.71 -39.60
N VAL K 599 49.37 -65.71 -39.46
CA VAL K 599 50.76 -65.46 -39.17
C VAL K 599 51.46 -64.76 -40.33
N LEU K 600 50.99 -64.98 -41.55
CA LEU K 600 51.59 -64.24 -42.65
C LEU K 600 51.12 -62.79 -42.69
N ASP K 601 50.03 -62.46 -42.00
CA ASP K 601 49.63 -61.08 -41.92
C ASP K 601 50.58 -60.27 -41.05
N VAL K 602 50.91 -60.78 -39.87
CA VAL K 602 51.73 -60.00 -38.94
C VAL K 602 53.15 -59.86 -39.47
N LEU K 603 53.62 -60.82 -40.27
CA LEU K 603 54.90 -60.62 -40.93
C LEU K 603 54.79 -59.65 -42.08
N CYS K 604 53.60 -59.50 -42.66
CA CYS K 604 53.45 -58.51 -43.72
C CYS K 604 53.33 -57.10 -43.14
N SER K 605 52.94 -56.99 -41.87
CA SER K 605 52.96 -55.70 -41.21
C SER K 605 54.32 -55.35 -40.66
N LEU K 606 55.21 -56.32 -40.56
CA LEU K 606 56.51 -56.11 -39.96
C LEU K 606 57.51 -55.53 -40.93
N CYS K 607 57.23 -55.57 -42.22
CA CYS K 607 58.17 -55.02 -43.19
C CYS K 607 58.10 -53.50 -43.23
N VAL K 608 56.93 -52.96 -43.50
CA VAL K 608 56.78 -51.52 -43.70
C VAL K 608 55.96 -50.94 -42.57
N CYS K 609 56.01 -49.61 -42.46
CA CYS K 609 55.10 -48.85 -41.62
C CYS K 609 54.96 -47.46 -42.21
N ASN K 610 53.71 -47.08 -42.49
CA ASN K 610 53.36 -45.76 -43.03
C ASN K 610 54.06 -45.47 -44.34
N GLY K 611 54.24 -46.50 -45.16
CA GLY K 611 55.01 -46.37 -46.38
C GLY K 611 56.50 -46.27 -46.19
N VAL K 612 57.02 -46.60 -45.01
CA VAL K 612 58.45 -46.55 -44.73
C VAL K 612 58.90 -47.92 -44.28
N ALA K 613 59.86 -48.48 -45.00
CA ALA K 613 60.30 -49.84 -44.74
C ALA K 613 61.40 -49.85 -43.69
N VAL K 614 61.64 -51.02 -43.12
CA VAL K 614 62.66 -51.22 -42.11
C VAL K 614 63.65 -52.24 -42.66
N ARG K 615 64.79 -51.76 -43.11
CA ARG K 615 65.82 -52.64 -43.67
C ARG K 615 66.42 -53.58 -42.65
N SER K 616 66.32 -53.27 -41.36
CA SER K 616 66.77 -54.21 -40.36
C SER K 616 65.84 -55.39 -40.23
N ASN K 617 64.54 -55.18 -40.40
CA ASN K 617 63.59 -56.27 -40.32
C ASN K 617 63.41 -57.00 -41.62
N GLN K 618 63.70 -56.36 -42.76
CA GLN K 618 63.49 -57.03 -44.04
C GLN K 618 64.57 -58.05 -44.36
N ASP K 619 65.57 -58.20 -43.52
CA ASP K 619 66.51 -59.28 -43.73
C ASP K 619 66.44 -60.34 -42.64
N LEU K 620 65.94 -59.98 -41.46
CA LEU K 620 65.79 -60.97 -40.40
C LEU K 620 64.76 -62.02 -40.75
N ILE K 621 63.72 -61.64 -41.49
CA ILE K 621 62.76 -62.62 -41.98
C ILE K 621 63.41 -63.49 -43.06
N THR K 622 64.10 -62.85 -44.00
CA THR K 622 64.48 -63.52 -45.24
C THR K 622 65.52 -64.61 -45.03
N GLU K 623 66.61 -64.30 -44.34
CA GLU K 623 67.63 -65.31 -44.10
C GLU K 623 67.24 -66.32 -43.03
N ASN K 624 66.08 -66.18 -42.42
CA ASN K 624 65.54 -67.20 -41.55
C ASN K 624 64.48 -68.06 -42.21
N LEU K 625 63.45 -67.44 -42.79
CA LEU K 625 62.31 -68.17 -43.33
C LEU K 625 62.64 -68.92 -44.61
N LEU K 626 63.00 -68.19 -45.67
CA LEU K 626 63.33 -68.73 -46.98
C LEU K 626 64.38 -69.84 -47.08
N PRO K 627 65.59 -69.72 -46.52
CA PRO K 627 66.70 -70.54 -47.03
C PRO K 627 66.60 -72.01 -46.71
N GLY K 628 65.87 -72.37 -45.66
CA GLY K 628 65.61 -73.77 -45.40
C GLY K 628 64.74 -74.39 -46.47
N ARG K 629 63.85 -73.58 -47.08
CA ARG K 629 62.92 -73.98 -48.13
C ARG K 629 62.03 -75.14 -47.69
N GLU K 630 61.74 -75.22 -46.40
CA GLU K 630 61.08 -76.38 -45.84
C GLU K 630 59.89 -76.04 -44.96
N LEU K 631 59.33 -74.84 -45.08
CA LEU K 631 58.13 -74.47 -44.36
C LEU K 631 57.05 -73.89 -45.27
N LEU K 632 57.45 -73.34 -46.40
CA LEU K 632 56.54 -72.76 -47.36
C LEU K 632 56.35 -73.70 -48.55
N LEU K 633 55.60 -73.24 -49.54
CA LEU K 633 55.41 -74.02 -50.74
C LEU K 633 56.40 -73.58 -51.80
N GLN K 634 56.82 -74.52 -52.64
CA GLN K 634 57.74 -74.21 -53.71
C GLN K 634 57.08 -74.47 -55.06
N THR K 635 57.41 -73.63 -56.04
CA THR K 635 56.83 -73.76 -57.36
C THR K 635 57.93 -74.08 -58.35
N ASN K 636 57.59 -74.81 -59.40
CA ASN K 636 58.55 -75.16 -60.44
C ASN K 636 57.84 -75.58 -61.70
N LEU K 637 58.50 -75.36 -62.83
CA LEU K 637 58.06 -75.93 -64.09
C LEU K 637 58.72 -77.29 -64.27
N ILE K 638 57.93 -78.31 -64.59
CA ILE K 638 58.46 -79.64 -64.86
C ILE K 638 57.85 -80.19 -66.13
N ASN K 639 58.37 -81.33 -66.56
CA ASN K 639 57.92 -81.94 -67.80
C ASN K 639 56.88 -83.01 -67.52
N TYR K 640 56.16 -83.38 -68.57
CA TYR K 640 55.25 -84.51 -68.54
C TYR K 640 56.00 -85.80 -68.84
N VAL K 641 55.51 -86.91 -68.27
CA VAL K 641 55.97 -88.23 -68.63
C VAL K 641 54.75 -89.10 -68.92
N THR K 642 54.95 -90.09 -69.76
CA THR K 642 53.99 -91.17 -69.96
C THR K 642 54.72 -92.50 -69.84
N SER K 643 53.98 -93.59 -70.01
CA SER K 643 54.56 -94.92 -69.99
C SER K 643 53.83 -95.76 -71.02
N ILE K 644 54.56 -96.62 -71.70
CA ILE K 644 54.00 -97.50 -72.71
C ILE K 644 54.52 -98.91 -72.49
N ARG K 645 53.81 -99.88 -73.02
CA ARG K 645 54.11 -101.30 -72.85
C ARG K 645 53.55 -102.09 -74.01
N PRO K 646 54.09 -103.27 -74.27
CA PRO K 646 53.37 -104.28 -75.06
C PRO K 646 52.44 -105.06 -74.14
N ASN K 647 51.73 -106.01 -74.76
CA ASN K 647 50.76 -106.81 -74.01
C ASN K 647 51.38 -108.12 -73.53
N ILE K 648 52.54 -108.00 -72.88
CA ILE K 648 53.36 -109.15 -72.54
C ILE K 648 53.44 -109.22 -71.03
N PHE K 649 52.52 -109.94 -70.41
CA PHE K 649 52.40 -109.97 -68.96
C PHE K 649 52.89 -111.32 -68.44
N VAL K 650 54.15 -111.36 -68.02
CA VAL K 650 54.78 -112.59 -67.55
C VAL K 650 54.75 -112.58 -66.03
N GLY K 651 54.25 -113.67 -65.45
CA GLY K 651 54.32 -113.85 -64.01
C GLY K 651 54.39 -115.32 -63.68
N ARG K 652 54.87 -115.60 -62.47
CA ARG K 652 55.02 -116.98 -62.01
C ARG K 652 54.16 -117.22 -60.79
N ALA K 653 53.92 -118.49 -60.49
CA ALA K 653 53.06 -118.90 -59.39
C ALA K 653 53.41 -120.34 -59.04
N GLU K 654 52.55 -120.99 -58.26
CA GLU K 654 52.68 -122.43 -58.05
C GLU K 654 52.42 -123.18 -59.35
N GLY K 655 51.20 -123.10 -59.87
CA GLY K 655 50.91 -123.72 -61.13
C GLY K 655 51.32 -122.80 -62.26
N SER K 656 52.53 -122.98 -62.76
CA SER K 656 53.13 -122.03 -63.67
C SER K 656 53.20 -122.64 -65.07
N THR K 657 52.38 -122.12 -65.98
CA THR K 657 52.49 -122.45 -67.38
C THR K 657 53.42 -121.52 -68.14
N GLN K 658 54.21 -120.72 -67.43
CA GLN K 658 55.05 -119.69 -68.04
C GLN K 658 56.53 -120.01 -67.80
N TYR K 659 57.40 -119.27 -68.48
CA TYR K 659 58.82 -119.60 -68.49
C TYR K 659 59.53 -119.12 -67.23
N GLY K 660 59.59 -117.80 -67.04
CA GLY K 660 60.21 -117.21 -65.88
C GLY K 660 61.59 -116.63 -66.11
N LYS K 661 62.03 -116.51 -67.37
CA LYS K 661 63.33 -115.96 -67.70
C LYS K 661 63.33 -115.48 -69.15
N TRP K 662 63.27 -114.17 -69.32
CA TRP K 662 62.97 -113.55 -70.61
C TRP K 662 64.01 -112.51 -70.95
N TYR K 663 63.81 -111.83 -72.07
CA TYR K 663 64.80 -110.95 -72.65
C TYR K 663 64.14 -110.12 -73.74
N PHE K 664 64.57 -108.86 -73.87
CA PHE K 664 64.17 -108.01 -74.97
C PHE K 664 65.17 -106.87 -75.09
N GLU K 665 65.14 -106.20 -76.24
CA GLU K 665 66.10 -105.15 -76.55
C GLU K 665 65.38 -103.86 -76.92
N VAL K 666 66.04 -102.73 -76.68
CA VAL K 666 65.53 -101.41 -77.03
C VAL K 666 66.66 -100.63 -77.67
N MET K 667 66.42 -100.11 -78.88
CA MET K 667 67.40 -99.34 -79.61
C MET K 667 66.95 -97.89 -79.66
N VAL K 668 67.78 -97.00 -79.12
CA VAL K 668 67.50 -95.58 -79.09
C VAL K 668 68.25 -94.89 -80.22
N ASP K 669 67.54 -94.04 -80.96
CA ASP K 669 68.11 -93.43 -82.15
C ASP K 669 67.92 -91.93 -82.26
N GLU K 670 67.06 -91.31 -81.46
CA GLU K 670 66.82 -89.88 -81.60
C GLU K 670 66.40 -89.32 -80.25
N VAL K 671 67.31 -88.65 -79.56
CA VAL K 671 67.02 -88.02 -78.29
C VAL K 671 67.63 -86.62 -78.29
N VAL K 672 66.79 -85.62 -78.16
CA VAL K 672 67.26 -84.28 -77.78
C VAL K 672 67.54 -84.29 -76.29
N PRO K 673 68.71 -83.87 -75.84
CA PRO K 673 68.99 -83.88 -74.41
C PRO K 673 68.23 -82.79 -73.66
N PHE K 674 68.04 -81.63 -74.29
CA PHE K 674 67.37 -80.51 -73.63
C PHE K 674 66.44 -79.83 -74.63
N LEU K 675 65.19 -80.29 -74.66
CA LEU K 675 64.16 -79.51 -75.32
C LEU K 675 63.56 -78.49 -74.37
N THR K 676 63.37 -78.87 -73.11
CA THR K 676 62.74 -78.03 -72.11
C THR K 676 63.80 -77.47 -71.18
N ALA K 677 63.33 -76.81 -70.13
CA ALA K 677 64.23 -76.37 -69.08
C ALA K 677 64.74 -77.53 -68.24
N GLN K 678 63.94 -78.59 -68.12
CA GLN K 678 64.34 -79.74 -67.33
C GLN K 678 64.99 -80.75 -68.27
N ALA K 679 65.70 -81.72 -67.69
CA ALA K 679 66.35 -82.74 -68.50
C ALA K 679 65.32 -83.70 -69.08
N THR K 680 65.60 -84.20 -70.28
CA THR K 680 64.66 -85.06 -70.99
C THR K 680 64.65 -86.44 -70.35
N HIS K 681 63.51 -86.80 -69.79
CA HIS K 681 63.39 -88.01 -68.98
C HIS K 681 63.21 -89.21 -69.90
N LEU K 682 64.02 -90.24 -69.70
CA LEU K 682 63.92 -91.46 -70.50
C LEU K 682 64.55 -92.62 -69.72
N ARG K 683 63.72 -93.54 -69.22
CA ARG K 683 64.20 -94.72 -68.52
C ARG K 683 63.54 -95.96 -69.11
N VAL K 684 64.16 -97.12 -68.86
CA VAL K 684 63.73 -98.40 -69.41
C VAL K 684 63.83 -99.47 -68.32
N GLY K 685 62.78 -100.25 -68.14
CA GLY K 685 62.86 -101.35 -67.19
C GLY K 685 61.62 -102.21 -67.19
N TRP K 686 61.33 -102.78 -66.03
CA TRP K 686 60.23 -103.71 -65.82
C TRP K 686 59.31 -103.18 -64.72
N ALA K 687 58.05 -103.63 -64.76
CA ALA K 687 57.04 -103.11 -63.84
C ALA K 687 56.00 -104.19 -63.57
N LEU K 688 55.40 -104.11 -62.39
CA LEU K 688 54.25 -104.91 -62.02
C LEU K 688 53.00 -104.38 -62.70
N THR K 689 51.89 -105.08 -62.50
CA THR K 689 50.64 -104.67 -63.11
C THR K 689 49.76 -103.92 -62.13
N GLU K 690 49.49 -104.51 -60.97
CA GLU K 690 48.51 -103.96 -60.05
C GLU K 690 49.00 -102.73 -59.30
N GLY K 691 50.30 -102.46 -59.30
CA GLY K 691 50.81 -101.40 -58.46
C GLY K 691 51.27 -100.16 -59.20
N TYR K 692 51.87 -100.33 -60.36
CA TYR K 692 52.46 -99.21 -61.09
C TYR K 692 51.35 -98.48 -61.84
N SER K 693 51.06 -97.25 -61.41
CA SER K 693 50.02 -96.42 -62.01
C SER K 693 50.55 -95.02 -62.21
N PRO K 694 51.19 -94.74 -63.34
CA PRO K 694 51.71 -93.39 -63.60
C PRO K 694 50.59 -92.45 -63.99
N TYR K 695 50.54 -91.30 -63.35
CA TYR K 695 49.52 -90.35 -63.77
C TYR K 695 50.19 -89.13 -64.37
N PRO K 696 49.56 -88.48 -65.36
CA PRO K 696 50.30 -87.48 -66.17
C PRO K 696 50.68 -86.21 -65.43
N GLY K 697 50.17 -85.99 -64.24
CA GLY K 697 50.64 -84.87 -63.43
C GLY K 697 50.69 -85.22 -61.97
N GLY K 698 51.53 -84.51 -61.21
CA GLY K 698 51.62 -84.73 -59.79
C GLY K 698 52.26 -86.06 -59.45
N GLY K 699 52.02 -86.50 -58.23
CA GLY K 699 52.44 -87.82 -57.80
C GLY K 699 53.53 -87.72 -56.76
N GLU K 700 54.21 -88.84 -56.56
CA GLU K 700 55.27 -88.91 -55.57
C GLU K 700 56.53 -88.25 -56.09
N GLY K 701 57.23 -87.57 -55.19
CA GLY K 701 58.43 -86.86 -55.58
C GLY K 701 58.10 -85.48 -56.09
N TRP K 702 59.07 -84.89 -56.79
CA TRP K 702 58.88 -83.55 -57.31
C TRP K 702 57.95 -83.54 -58.51
N GLY K 703 57.84 -84.65 -59.21
CA GLY K 703 56.93 -84.73 -60.33
C GLY K 703 57.58 -85.37 -61.53
N GLY K 704 56.72 -85.73 -62.48
CA GLY K 704 57.20 -86.43 -63.66
C GLY K 704 57.62 -87.84 -63.34
N ASN K 705 57.00 -88.41 -62.31
CA ASN K 705 57.35 -89.74 -61.86
C ASN K 705 56.95 -90.81 -62.88
N GLY K 706 57.88 -91.74 -63.13
CA GLY K 706 57.68 -92.80 -64.10
C GLY K 706 58.25 -94.12 -63.65
N VAL K 707 59.07 -94.74 -64.49
CA VAL K 707 59.64 -96.04 -64.18
C VAL K 707 60.67 -95.91 -63.08
N GLY K 708 60.55 -96.74 -62.05
CA GLY K 708 61.46 -96.72 -60.94
C GLY K 708 61.14 -95.69 -59.89
N ASP K 709 60.04 -94.97 -60.04
CA ASP K 709 59.74 -93.86 -59.16
C ASP K 709 58.96 -94.28 -57.93
N ASP K 710 58.75 -95.58 -57.72
CA ASP K 710 58.22 -96.11 -56.49
C ASP K 710 58.61 -97.58 -56.38
N LEU K 711 57.90 -98.30 -55.52
CA LEU K 711 58.24 -99.68 -55.24
C LEU K 711 57.61 -100.66 -56.20
N TYR K 712 57.19 -100.22 -57.38
CA TYR K 712 56.49 -101.11 -58.30
C TYR K 712 57.19 -101.27 -59.63
N SER K 713 58.30 -100.59 -59.86
CA SER K 713 59.04 -100.72 -61.10
C SER K 713 60.50 -100.42 -60.85
N TYR K 714 61.34 -100.83 -61.81
CA TYR K 714 62.80 -100.80 -61.66
C TYR K 714 63.40 -100.23 -62.93
N GLY K 715 64.01 -99.06 -62.84
CA GLY K 715 64.42 -98.32 -64.01
C GLY K 715 65.92 -98.24 -64.21
N PHE K 716 66.28 -98.01 -65.47
CA PHE K 716 67.67 -97.79 -65.84
C PHE K 716 67.69 -96.71 -66.92
N ASP K 717 68.60 -95.75 -66.80
CA ASP K 717 68.67 -94.63 -67.72
C ASP K 717 69.97 -94.57 -68.48
N GLY K 718 70.87 -95.52 -68.27
CA GLY K 718 72.19 -95.39 -68.83
C GLY K 718 73.24 -95.34 -67.74
N LEU K 719 72.96 -94.63 -66.65
CA LEU K 719 73.94 -94.57 -65.57
C LEU K 719 73.32 -94.55 -64.18
N HIS K 720 72.04 -94.88 -64.04
CA HIS K 720 71.44 -94.96 -62.72
C HIS K 720 70.44 -96.10 -62.68
N LEU K 721 70.38 -96.77 -61.53
CA LEU K 721 69.36 -97.78 -61.27
C LEU K 721 68.24 -97.10 -60.51
N TRP K 722 67.12 -96.89 -61.18
CA TRP K 722 65.99 -96.21 -60.59
C TRP K 722 65.04 -97.22 -59.98
N THR K 723 64.85 -97.14 -58.67
CA THR K 723 63.87 -97.95 -57.96
C THR K 723 63.56 -97.27 -56.63
N GLY K 724 62.30 -97.33 -56.23
CA GLY K 724 61.89 -96.73 -54.97
C GLY K 724 62.04 -95.23 -54.88
N HIS K 725 62.02 -94.54 -56.03
CA HIS K 725 62.26 -93.10 -56.17
C HIS K 725 63.59 -92.67 -55.57
N VAL K 726 64.69 -93.21 -56.08
CA VAL K 726 66.03 -92.76 -55.76
C VAL K 726 66.95 -93.21 -56.88
N ALA K 727 67.89 -92.35 -57.28
CA ALA K 727 68.92 -92.72 -58.24
C ALA K 727 69.94 -93.59 -57.54
N ARG K 728 70.51 -94.55 -58.26
CA ARG K 728 71.60 -95.36 -57.74
C ARG K 728 72.76 -95.33 -58.72
N PRO K 729 73.89 -94.75 -58.35
CA PRO K 729 75.00 -94.62 -59.30
C PRO K 729 75.65 -95.97 -59.59
N VAL K 730 75.82 -96.25 -60.88
CA VAL K 730 76.31 -97.53 -61.33
C VAL K 730 77.74 -97.36 -61.85
N THR K 731 78.40 -98.48 -62.09
CA THR K 731 79.74 -98.50 -62.67
C THR K 731 79.62 -99.26 -64.00
N SER K 732 79.41 -98.52 -65.07
CA SER K 732 79.35 -99.13 -66.37
C SER K 732 80.54 -98.70 -67.21
N PRO K 733 81.08 -99.59 -68.04
CA PRO K 733 82.18 -99.21 -68.94
C PRO K 733 81.68 -98.31 -70.06
N GLY K 734 82.22 -97.09 -70.11
CA GLY K 734 81.77 -96.11 -71.07
C GLY K 734 80.39 -95.60 -70.73
N GLN K 735 80.15 -95.37 -69.44
CA GLN K 735 78.82 -95.02 -68.97
C GLN K 735 78.42 -93.62 -69.41
N HIS K 736 77.19 -93.51 -69.89
CA HIS K 736 76.60 -92.24 -70.27
C HIS K 736 75.10 -92.43 -70.29
N LEU K 737 74.38 -91.40 -70.74
CA LEU K 737 72.93 -91.51 -70.84
C LEU K 737 72.55 -92.35 -72.06
N LEU K 738 71.25 -92.45 -72.30
CA LEU K 738 70.76 -93.17 -73.48
C LEU K 738 70.97 -92.27 -74.68
N ALA K 739 72.18 -92.28 -75.21
CA ALA K 739 72.50 -91.56 -76.42
C ALA K 739 71.86 -92.26 -77.62
N PRO K 740 71.71 -91.56 -78.74
CA PRO K 740 71.29 -92.24 -79.96
C PRO K 740 72.32 -93.25 -80.43
N GLU K 741 71.84 -94.18 -81.27
CA GLU K 741 72.58 -95.36 -81.75
C GLU K 741 73.11 -96.19 -80.58
N ASP K 742 72.27 -96.39 -79.58
CA ASP K 742 72.56 -97.27 -78.46
C ASP K 742 71.50 -98.34 -78.36
N VAL K 743 71.91 -99.53 -77.94
CA VAL K 743 71.01 -100.67 -77.78
C VAL K 743 71.13 -101.16 -76.36
N VAL K 744 70.05 -101.11 -75.60
CA VAL K 744 70.02 -101.58 -74.23
C VAL K 744 69.27 -102.90 -74.22
N SER K 745 69.56 -103.72 -73.21
CA SER K 745 68.90 -105.01 -73.03
C SER K 745 68.56 -105.19 -71.56
N CYS K 746 67.55 -106.02 -71.31
CA CYS K 746 67.07 -106.25 -69.95
C CYS K 746 67.00 -107.74 -69.69
N CYS K 747 67.92 -108.25 -68.88
CA CYS K 747 67.87 -109.64 -68.47
C CYS K 747 66.95 -109.78 -67.27
N LEU K 748 65.99 -110.70 -67.37
CA LEU K 748 64.98 -110.87 -66.34
C LEU K 748 64.96 -112.32 -65.87
N ASP K 749 64.84 -112.51 -64.57
CA ASP K 749 64.71 -113.84 -63.99
C ASP K 749 63.59 -113.82 -62.97
N LEU K 750 62.74 -114.85 -63.01
CA LEU K 750 61.67 -115.00 -62.04
C LEU K 750 61.92 -116.11 -61.05
N SER K 751 62.80 -117.07 -61.36
CA SER K 751 63.15 -118.11 -60.40
C SER K 751 63.88 -117.50 -59.22
N VAL K 752 65.05 -116.93 -59.46
CA VAL K 752 65.67 -116.03 -58.51
C VAL K 752 65.12 -114.65 -58.85
N PRO K 753 64.78 -113.83 -57.87
CA PRO K 753 64.40 -112.44 -58.18
C PRO K 753 65.60 -111.66 -58.67
N SER K 754 65.63 -111.37 -59.96
CA SER K 754 66.84 -110.83 -60.57
C SER K 754 66.49 -110.06 -61.83
N ILE K 755 67.02 -108.85 -61.94
CA ILE K 755 66.95 -108.05 -63.15
C ILE K 755 68.36 -107.56 -63.46
N SER K 756 68.84 -107.83 -64.66
CA SER K 756 70.12 -107.33 -65.12
C SER K 756 69.96 -106.52 -66.40
N PHE K 757 71.04 -105.88 -66.80
CA PHE K 757 71.05 -105.02 -67.99
C PHE K 757 72.38 -105.11 -68.72
N ARG K 758 72.33 -105.03 -70.04
CA ARG K 758 73.50 -104.77 -70.86
C ARG K 758 73.15 -103.68 -71.86
N ILE K 759 74.08 -102.78 -72.11
CA ILE K 759 73.93 -101.72 -73.10
C ILE K 759 75.02 -101.88 -74.14
N ASN K 760 74.61 -101.98 -75.42
CA ASN K 760 75.50 -102.15 -76.57
C ASN K 760 76.40 -103.36 -76.40
N GLY K 761 75.83 -104.46 -75.91
CA GLY K 761 76.58 -105.65 -75.63
C GLY K 761 77.33 -105.65 -74.32
N CYS K 762 77.42 -104.52 -73.64
CA CYS K 762 78.25 -104.41 -72.47
C CYS K 762 77.40 -104.47 -71.20
N PRO K 763 77.63 -105.44 -70.32
CA PRO K 763 76.76 -105.61 -69.16
C PRO K 763 77.03 -104.58 -68.08
N VAL K 764 76.05 -104.41 -67.19
CA VAL K 764 76.14 -103.41 -66.13
C VAL K 764 76.52 -104.11 -64.83
N GLN K 765 77.11 -103.34 -63.93
CA GLN K 765 77.62 -103.90 -62.67
C GLN K 765 76.65 -103.61 -61.53
N GLY K 766 75.47 -104.19 -61.64
CA GLY K 766 74.46 -104.05 -60.59
C GLY K 766 73.13 -104.68 -60.95
N VAL K 767 72.49 -105.35 -59.99
CA VAL K 767 71.27 -106.11 -60.22
C VAL K 767 70.33 -105.93 -59.03
N PHE K 768 69.06 -106.24 -59.26
CA PHE K 768 67.99 -106.11 -58.27
C PHE K 768 67.66 -107.49 -57.72
N GLU K 769 67.22 -107.54 -56.46
CA GLU K 769 66.91 -108.81 -55.80
C GLU K 769 65.70 -108.66 -54.90
N ALA K 770 65.13 -109.81 -54.55
CA ALA K 770 64.26 -110.01 -53.38
C ALA K 770 62.96 -109.21 -53.44
N PHE K 771 62.54 -108.83 -54.64
CA PHE K 771 61.29 -108.13 -54.79
C PHE K 771 60.13 -109.11 -54.70
N ASN K 772 58.93 -108.55 -54.52
CA ASN K 772 57.75 -109.39 -54.40
C ASN K 772 57.39 -110.03 -55.73
N LEU K 773 56.50 -111.02 -55.67
CA LEU K 773 56.09 -111.77 -56.85
C LEU K 773 54.58 -111.93 -56.93
N ASP K 774 53.82 -110.98 -56.42
CA ASP K 774 52.37 -111.06 -56.43
C ASP K 774 51.85 -110.24 -57.61
N GLY K 775 51.95 -110.79 -58.80
CA GLY K 775 51.47 -110.13 -59.99
C GLY K 775 52.34 -110.45 -61.18
N LEU K 776 51.97 -109.87 -62.31
CA LEU K 776 52.65 -110.13 -63.58
C LEU K 776 53.67 -109.04 -63.84
N PHE K 777 54.44 -109.19 -64.90
CA PHE K 777 55.47 -108.22 -65.26
C PHE K 777 55.42 -107.93 -66.75
N PHE K 778 55.69 -106.68 -67.10
CA PHE K 778 55.71 -106.28 -68.50
C PHE K 778 56.78 -105.22 -68.71
N PRO K 779 57.35 -105.13 -69.91
CA PRO K 779 58.38 -104.11 -70.15
C PRO K 779 57.77 -102.72 -70.20
N VAL K 780 58.50 -101.76 -69.64
CA VAL K 780 58.07 -100.36 -69.59
C VAL K 780 59.22 -99.46 -70.03
N VAL K 781 58.89 -98.47 -70.83
CA VAL K 781 59.77 -97.34 -71.08
C VAL K 781 59.00 -96.06 -70.81
N SER K 782 59.53 -95.24 -69.92
CA SER K 782 58.93 -93.95 -69.60
C SER K 782 59.75 -92.89 -70.30
N PHE K 783 59.09 -91.98 -71.00
CA PHE K 783 59.78 -90.97 -71.78
C PHE K 783 59.17 -89.61 -71.53
N SER K 784 59.99 -88.59 -71.65
CA SER K 784 59.50 -87.21 -71.75
C SER K 784 59.26 -86.89 -73.22
N ALA K 785 59.06 -85.63 -73.54
CA ALA K 785 58.89 -85.25 -74.94
C ALA K 785 60.24 -85.26 -75.65
N GLY K 786 60.20 -85.24 -76.98
CA GLY K 786 61.41 -85.14 -77.76
C GLY K 786 62.22 -86.42 -77.83
N VAL K 787 61.56 -87.57 -77.73
CA VAL K 787 62.24 -88.86 -77.73
C VAL K 787 61.59 -89.75 -78.78
N LYS K 788 62.38 -90.26 -79.70
CA LYS K 788 61.94 -91.24 -80.68
C LYS K 788 62.72 -92.53 -80.46
N VAL K 789 62.01 -93.65 -80.32
CA VAL K 789 62.65 -94.90 -79.97
C VAL K 789 61.86 -96.06 -80.58
N ARG K 790 62.53 -97.19 -80.76
CA ARG K 790 61.94 -98.36 -81.41
C ARG K 790 62.03 -99.57 -80.49
N PHE K 791 61.12 -100.51 -80.71
CA PHE K 791 61.06 -101.74 -79.95
C PHE K 791 61.69 -102.91 -80.70
N LEU K 792 62.43 -103.75 -79.96
CA LEU K 792 63.00 -104.99 -80.46
C LEU K 792 62.50 -106.10 -79.53
N LEU K 793 61.46 -106.80 -79.99
CA LEU K 793 60.75 -107.77 -79.17
C LEU K 793 61.17 -109.20 -79.47
N GLY K 794 61.31 -109.54 -80.75
CA GLY K 794 61.65 -110.87 -81.17
C GLY K 794 61.71 -110.89 -82.68
N GLY K 795 62.20 -112.01 -83.22
CA GLY K 795 62.56 -112.07 -84.63
C GLY K 795 61.39 -111.93 -85.59
N ARG K 796 60.18 -112.26 -85.14
CA ARG K 796 59.01 -112.05 -85.99
C ARG K 796 58.64 -110.58 -86.08
N HIS K 797 59.02 -109.78 -85.07
CA HIS K 797 58.69 -108.37 -85.09
C HIS K 797 59.92 -107.47 -85.12
N GLY K 798 60.84 -107.64 -84.18
CA GLY K 798 62.10 -106.94 -84.27
C GLY K 798 63.15 -107.85 -84.90
N GLU K 799 64.41 -107.46 -84.81
CA GLU K 799 65.53 -108.32 -85.15
C GLU K 799 66.60 -108.07 -84.11
N PHE K 800 66.88 -109.09 -83.28
CA PHE K 800 67.73 -108.92 -82.11
C PHE K 800 69.15 -108.55 -82.52
N LYS K 801 69.56 -107.34 -82.17
CA LYS K 801 70.90 -106.87 -82.52
C LYS K 801 71.98 -107.52 -81.67
N PHE K 802 71.60 -108.26 -80.64
CA PHE K 802 72.55 -109.01 -79.84
C PHE K 802 71.95 -110.37 -79.52
N LEU K 803 72.82 -111.33 -79.27
CA LEU K 803 72.34 -112.65 -78.89
C LEU K 803 71.91 -112.64 -77.43
N PRO K 804 70.73 -113.20 -77.14
CA PRO K 804 70.32 -113.35 -75.74
C PRO K 804 71.23 -114.33 -75.03
N PRO K 805 71.51 -114.12 -73.75
CA PRO K 805 72.24 -115.11 -72.98
C PRO K 805 71.41 -116.38 -72.83
N PRO K 806 72.05 -117.55 -72.73
CA PRO K 806 71.33 -118.83 -72.83
C PRO K 806 70.38 -119.04 -71.66
N GLY K 807 69.12 -119.30 -71.98
CA GLY K 807 68.07 -119.36 -71.01
C GLY K 807 67.06 -118.24 -71.12
N TYR K 808 67.21 -117.35 -72.10
CA TYR K 808 66.39 -116.17 -72.17
C TYR K 808 65.63 -116.15 -73.49
N ALA K 809 64.32 -116.36 -73.40
CA ALA K 809 63.40 -116.46 -74.51
C ALA K 809 63.16 -115.10 -75.15
N PRO K 810 63.01 -115.04 -76.48
CA PRO K 810 62.64 -113.79 -77.13
C PRO K 810 61.23 -113.38 -76.75
N CYS K 811 61.05 -112.08 -76.55
CA CYS K 811 59.90 -111.59 -75.83
C CYS K 811 58.60 -111.67 -76.61
N HIS K 812 58.64 -111.95 -77.90
CA HIS K 812 57.43 -112.12 -78.70
C HIS K 812 56.79 -113.49 -78.54
N GLU K 813 57.19 -114.27 -77.54
CA GLU K 813 56.65 -115.60 -77.34
C GLU K 813 55.55 -115.65 -76.30
N ALA K 814 55.52 -114.71 -75.35
CA ALA K 814 54.52 -114.74 -74.29
C ALA K 814 53.22 -114.05 -74.68
N VAL K 815 53.00 -113.78 -75.96
CA VAL K 815 51.73 -113.20 -76.40
C VAL K 815 50.63 -114.23 -76.24
N LEU K 816 49.50 -113.77 -75.77
CA LEU K 816 48.40 -114.68 -75.56
C LEU K 816 47.74 -115.03 -76.89
N PRO K 817 47.11 -116.20 -77.00
CA PRO K 817 46.45 -116.56 -78.27
C PRO K 817 45.26 -115.70 -78.60
N ARG K 818 44.60 -115.08 -77.62
CA ARG K 818 43.40 -114.31 -77.87
C ARG K 818 43.70 -112.91 -78.41
N GLU K 819 44.91 -112.42 -78.23
CA GLU K 819 45.19 -111.04 -78.60
C GLU K 819 46.54 -110.96 -79.31
N ARG K 820 46.57 -110.20 -80.40
CA ARG K 820 47.80 -109.94 -81.12
C ARG K 820 48.67 -108.97 -80.34
N LEU K 821 49.91 -108.83 -80.78
CA LEU K 821 50.85 -107.92 -80.14
C LEU K 821 50.47 -106.49 -80.47
N ARG K 822 50.48 -105.63 -79.46
CA ARG K 822 49.99 -104.26 -79.58
C ARG K 822 50.74 -103.38 -78.58
N LEU K 823 50.79 -102.08 -78.88
CA LEU K 823 51.46 -101.09 -78.03
C LEU K 823 50.39 -100.23 -77.40
N GLU K 824 50.52 -99.97 -76.10
CA GLU K 824 49.47 -99.26 -75.38
C GLU K 824 50.03 -98.47 -74.22
N PRO K 825 49.33 -97.44 -73.79
CA PRO K 825 49.63 -96.81 -72.50
C PRO K 825 49.06 -97.65 -71.36
N ILE K 826 49.15 -97.11 -70.14
CA ILE K 826 48.80 -97.84 -68.94
C ILE K 826 47.80 -97.02 -68.14
N LYS K 827 46.67 -97.66 -67.80
CA LYS K 827 45.71 -97.19 -66.77
C LYS K 827 45.08 -95.86 -67.15
N GLU K 828 44.97 -95.60 -68.45
CA GLU K 828 44.63 -94.28 -68.93
C GLU K 828 43.16 -93.96 -68.71
N TYR K 829 42.82 -92.69 -68.96
CA TYR K 829 41.41 -92.33 -68.97
C TYR K 829 41.00 -91.57 -70.20
N ARG K 830 41.89 -90.83 -70.84
CA ARG K 830 41.54 -90.07 -72.03
C ARG K 830 41.95 -90.89 -73.24
N ARG K 831 41.11 -90.91 -74.26
CA ARG K 831 41.43 -91.56 -75.51
C ARG K 831 40.81 -90.74 -76.63
N GLU K 832 41.67 -90.13 -77.45
CA GLU K 832 41.19 -89.17 -78.44
C GLU K 832 40.42 -89.88 -79.55
N GLY K 833 39.15 -89.53 -79.68
CA GLY K 833 38.26 -90.24 -80.57
C GLY K 833 37.94 -89.45 -81.83
N PRO K 834 37.07 -90.01 -82.66
CA PRO K 834 36.68 -89.37 -83.89
C PRO K 834 35.90 -88.16 -83.51
N ARG K 835 34.73 -88.39 -82.93
CA ARG K 835 33.84 -87.33 -82.51
C ARG K 835 34.55 -86.35 -81.62
N GLY K 836 35.22 -86.86 -80.61
CA GLY K 836 35.96 -86.06 -79.67
C GLY K 836 36.21 -86.85 -78.42
N PRO K 837 37.36 -86.66 -77.84
CA PRO K 837 38.02 -87.22 -76.66
C PRO K 837 37.20 -88.18 -75.88
N HIS K 838 37.43 -89.48 -76.00
CA HIS K 838 36.66 -90.43 -75.23
C HIS K 838 37.22 -90.60 -73.82
N LEU K 839 36.34 -90.92 -72.89
CA LEU K 839 36.73 -91.24 -71.52
C LEU K 839 36.51 -92.73 -71.31
N VAL K 840 37.50 -93.39 -70.72
CA VAL K 840 37.39 -94.81 -70.46
C VAL K 840 37.37 -95.04 -68.95
N GLY K 841 36.88 -96.21 -68.57
CA GLY K 841 36.88 -96.60 -67.19
C GLY K 841 38.17 -97.32 -66.86
N PRO K 842 38.24 -97.97 -65.70
CA PRO K 842 39.45 -98.69 -65.33
C PRO K 842 39.59 -99.96 -66.15
N SER K 843 40.82 -100.26 -66.52
CA SER K 843 41.11 -101.45 -67.30
C SER K 843 40.97 -102.69 -66.41
N ARG K 844 40.45 -103.76 -66.99
CA ARG K 844 40.31 -105.02 -66.26
C ARG K 844 41.59 -105.82 -66.48
N CYS K 845 42.39 -105.93 -65.42
CA CYS K 845 43.66 -106.60 -65.55
C CYS K 845 43.50 -108.09 -65.33
N LEU K 846 44.31 -108.85 -66.07
CA LEU K 846 44.43 -110.27 -65.79
C LEU K 846 45.11 -110.47 -64.45
N SER K 847 44.61 -111.43 -63.69
CA SER K 847 45.12 -111.59 -62.33
C SER K 847 46.44 -112.35 -62.36
N HIS K 848 46.99 -112.54 -61.16
CA HIS K 848 48.23 -113.31 -61.02
C HIS K 848 47.99 -114.78 -61.35
N THR K 849 46.97 -115.37 -60.76
CA THR K 849 46.70 -116.80 -60.92
C THR K 849 45.68 -117.08 -62.01
N ASP K 850 45.66 -116.27 -63.06
CA ASP K 850 44.81 -116.57 -64.21
C ASP K 850 45.50 -117.48 -65.20
N PHE K 851 46.64 -118.06 -64.83
CA PHE K 851 47.40 -118.91 -65.73
C PHE K 851 47.51 -120.34 -65.20
N VAL K 852 47.19 -120.55 -63.94
CA VAL K 852 47.19 -121.90 -63.37
C VAL K 852 45.92 -122.61 -63.81
N PRO K 853 46.00 -123.84 -64.30
CA PRO K 853 44.79 -124.58 -64.66
C PRO K 853 44.04 -125.09 -63.44
N CYS K 854 42.96 -125.84 -63.71
CA CYS K 854 42.14 -126.35 -62.62
C CYS K 854 41.64 -127.76 -62.94
N PRO K 855 41.47 -128.61 -61.92
CA PRO K 855 40.89 -129.94 -62.10
C PRO K 855 39.38 -129.94 -61.87
N ILE K 861 36.80 -140.38 -57.90
CA ILE K 861 35.71 -140.74 -57.01
C ILE K 861 35.12 -142.09 -57.39
N VAL K 862 34.03 -142.47 -56.72
CA VAL K 862 33.41 -143.76 -56.98
C VAL K 862 32.61 -143.70 -58.29
N LEU K 863 32.22 -144.88 -58.78
CA LEU K 863 31.51 -144.98 -60.04
C LEU K 863 30.40 -146.02 -59.92
N PRO K 864 29.16 -145.68 -60.25
CA PRO K 864 28.03 -146.62 -60.07
C PRO K 864 28.07 -147.73 -61.08
N PRO K 865 27.53 -148.91 -60.75
CA PRO K 865 27.63 -150.05 -61.67
C PRO K 865 26.78 -149.93 -62.92
N HIS K 866 25.69 -149.15 -62.90
CA HIS K 866 24.90 -148.97 -64.10
C HIS K 866 25.63 -148.15 -65.16
N LEU K 867 26.60 -147.34 -64.75
CA LEU K 867 27.49 -146.65 -65.67
C LEU K 867 28.77 -147.43 -65.92
N GLU K 868 29.01 -148.51 -65.18
CA GLU K 868 30.21 -149.31 -65.39
C GLU K 868 30.16 -150.10 -66.70
N ARG K 869 29.00 -150.68 -67.01
CA ARG K 869 28.86 -151.42 -68.26
C ARG K 869 28.78 -150.50 -69.47
N ILE K 870 28.18 -149.33 -69.33
CA ILE K 870 28.04 -148.42 -70.47
C ILE K 870 29.33 -147.67 -70.78
N ARG K 871 30.35 -147.79 -69.92
CA ARG K 871 31.62 -147.10 -70.15
C ARG K 871 32.36 -147.65 -71.37
N GLU K 872 32.36 -148.98 -71.53
CA GLU K 872 32.94 -149.56 -72.74
C GLU K 872 32.00 -149.41 -73.93
N LYS K 873 30.70 -149.25 -73.67
CA LYS K 873 29.75 -149.04 -74.75
C LYS K 873 29.95 -147.70 -75.45
N LEU K 874 30.18 -146.64 -74.68
CA LEU K 874 30.55 -145.36 -75.28
C LEU K 874 31.99 -145.38 -75.79
N ALA K 875 32.84 -146.24 -75.22
CA ALA K 875 34.22 -146.36 -75.71
C ALA K 875 34.26 -147.00 -77.08
N GLU K 876 33.45 -148.04 -77.29
CA GLU K 876 33.31 -148.61 -78.62
C GLU K 876 32.57 -147.65 -79.55
N ASN K 877 31.71 -146.80 -78.99
CA ASN K 877 31.06 -145.76 -79.79
C ASN K 877 32.04 -144.67 -80.19
N ILE K 878 33.00 -144.35 -79.32
CA ILE K 878 33.93 -143.26 -79.59
C ILE K 878 34.95 -143.67 -80.64
N HIS K 879 35.45 -144.89 -80.58
CA HIS K 879 36.41 -145.35 -81.59
C HIS K 879 35.74 -145.54 -82.94
N GLU K 880 34.49 -146.01 -82.94
CA GLU K 880 33.74 -146.13 -84.19
C GLU K 880 33.40 -144.76 -84.77
N LEU K 881 33.14 -143.78 -83.91
CA LEU K 881 32.98 -142.42 -84.38
C LEU K 881 34.31 -141.81 -84.83
N TRP K 882 35.42 -142.24 -84.22
CA TRP K 882 36.72 -141.75 -84.67
C TRP K 882 37.12 -142.32 -86.01
N ALA K 883 36.89 -143.62 -86.21
CA ALA K 883 37.20 -144.25 -87.48
C ALA K 883 36.32 -143.74 -88.62
N LEU K 884 35.07 -143.36 -88.30
CA LEU K 884 34.24 -142.67 -89.28
C LEU K 884 34.79 -141.28 -89.56
N THR K 885 35.36 -140.62 -88.55
CA THR K 885 36.05 -139.36 -88.76
C THR K 885 37.38 -139.59 -89.46
N ARG K 886 38.03 -140.73 -89.23
CA ARG K 886 39.28 -141.03 -89.90
C ARG K 886 39.05 -141.36 -91.38
N ILE K 887 38.03 -142.17 -91.67
CA ILE K 887 37.74 -142.56 -93.04
C ILE K 887 37.17 -141.41 -93.86
N GLU K 888 36.58 -140.41 -93.20
CA GLU K 888 35.99 -139.28 -93.93
C GLU K 888 37.06 -138.38 -94.55
N GLN K 889 38.24 -138.30 -93.95
CA GLN K 889 39.33 -137.51 -94.52
C GLN K 889 40.23 -138.33 -95.43
N GLY K 890 40.39 -139.62 -95.17
CA GLY K 890 41.21 -140.44 -96.02
C GLY K 890 42.09 -141.44 -95.30
N TRP K 891 41.96 -141.56 -93.99
CA TRP K 891 42.64 -142.62 -93.27
C TRP K 891 42.01 -143.97 -93.58
N THR K 892 42.86 -144.95 -93.88
CA THR K 892 42.42 -146.32 -94.10
C THR K 892 42.96 -147.18 -92.95
N TYR K 893 42.57 -148.44 -92.97
CA TYR K 893 43.12 -149.37 -91.99
C TYR K 893 44.49 -149.84 -92.44
N GLY K 894 45.52 -149.44 -91.70
CA GLY K 894 46.87 -149.85 -91.98
C GLY K 894 47.52 -150.46 -90.77
N PRO K 895 48.50 -151.34 -90.98
CA PRO K 895 49.19 -151.97 -89.85
C PRO K 895 50.08 -150.98 -89.10
N VAL K 896 50.57 -149.97 -89.82
CA VAL K 896 51.35 -148.91 -89.20
C VAL K 896 50.48 -147.68 -89.04
N ARG K 897 50.95 -146.74 -88.24
CA ARG K 897 50.26 -145.48 -88.00
C ARG K 897 51.03 -144.37 -88.69
N ASP K 898 50.62 -144.05 -89.93
CA ASP K 898 51.27 -143.00 -90.70
C ASP K 898 50.22 -141.98 -91.10
N ASP K 899 50.30 -140.78 -90.53
CA ASP K 899 49.35 -139.73 -90.86
C ASP K 899 49.62 -139.12 -92.23
N ASN K 900 50.90 -139.04 -92.62
CA ASN K 900 51.25 -138.53 -93.93
C ASN K 900 50.81 -139.46 -95.04
N LYS K 901 50.87 -140.78 -94.81
CA LYS K 901 50.30 -141.77 -95.70
C LYS K 901 48.83 -142.00 -95.45
N ARG K 902 48.25 -141.31 -94.46
CA ARG K 902 46.85 -141.44 -94.02
C ARG K 902 46.52 -142.89 -93.64
N LEU K 903 47.20 -143.37 -92.60
CA LEU K 903 47.04 -144.72 -92.10
C LEU K 903 46.48 -144.66 -90.68
N HIS K 904 45.47 -145.47 -90.42
CA HIS K 904 44.85 -145.54 -89.09
C HIS K 904 44.80 -146.99 -88.63
N PRO K 905 45.55 -147.37 -87.58
CA PRO K 905 45.49 -148.76 -87.09
C PRO K 905 44.29 -149.03 -86.20
N CYS K 906 43.48 -148.00 -85.95
CA CYS K 906 42.20 -148.14 -85.24
C CYS K 906 41.02 -147.81 -86.14
N LEU K 907 41.11 -148.18 -87.42
CA LEU K 907 40.09 -147.83 -88.41
C LEU K 907 39.09 -148.94 -88.66
N VAL K 908 39.30 -150.14 -88.13
CA VAL K 908 38.38 -151.24 -88.39
C VAL K 908 37.27 -151.28 -87.33
N ASN K 909 37.64 -151.47 -86.07
CA ASN K 909 36.68 -151.53 -84.98
C ASN K 909 37.41 -151.17 -83.69
N PHE K 910 36.64 -151.06 -82.60
CA PHE K 910 37.24 -150.78 -81.30
C PHE K 910 37.96 -152.01 -80.75
N HIS K 911 37.45 -153.21 -81.06
CA HIS K 911 38.18 -154.42 -80.70
C HIS K 911 39.42 -154.58 -81.56
N SER K 912 39.41 -154.04 -82.78
CA SER K 912 40.60 -154.04 -83.63
C SER K 912 41.61 -152.99 -83.22
N LEU K 913 41.25 -152.08 -82.32
CA LEU K 913 42.23 -151.16 -81.77
C LEU K 913 43.17 -151.92 -80.83
N PRO K 914 44.44 -151.52 -80.77
CA PRO K 914 45.40 -152.23 -79.91
C PRO K 914 45.09 -152.00 -78.43
N GLU K 915 45.64 -152.90 -77.61
CA GLU K 915 45.41 -152.93 -76.17
C GLU K 915 45.84 -151.67 -75.42
N PRO K 916 46.94 -150.97 -75.77
CA PRO K 916 47.12 -149.61 -75.22
C PRO K 916 46.06 -148.63 -75.66
N GLU K 917 45.58 -148.71 -76.91
CA GLU K 917 44.49 -147.86 -77.33
C GLU K 917 43.15 -148.36 -76.81
N ARG K 918 43.05 -149.67 -76.54
CA ARG K 918 41.83 -150.20 -75.94
C ARG K 918 41.72 -149.85 -74.47
N ASN K 919 42.87 -149.82 -73.77
CA ASN K 919 42.87 -149.33 -72.40
C ASN K 919 42.70 -147.82 -72.34
N TYR K 920 43.15 -147.10 -73.37
CA TYR K 920 42.99 -145.65 -73.41
C TYR K 920 41.53 -145.26 -73.62
N ASN K 921 40.79 -146.06 -74.39
CA ASN K 921 39.39 -145.77 -74.65
C ASN K 921 38.53 -145.99 -73.42
N LEU K 922 38.98 -146.86 -72.50
CA LEU K 922 38.25 -147.08 -71.27
C LEU K 922 38.61 -146.08 -70.18
N GLN K 923 39.90 -145.73 -70.07
CA GLN K 923 40.30 -144.79 -69.02
C GLN K 923 39.90 -143.36 -69.37
N MET K 924 39.68 -143.07 -70.65
CA MET K 924 39.07 -141.79 -71.01
C MET K 924 37.57 -141.82 -70.80
N SER K 925 36.98 -143.02 -70.77
CA SER K 925 35.56 -143.14 -70.47
C SER K 925 35.28 -142.95 -68.99
N GLY K 926 36.10 -143.55 -68.13
CA GLY K 926 35.91 -143.42 -66.70
C GLY K 926 36.24 -142.05 -66.14
N GLU K 927 37.08 -141.30 -66.85
CA GLU K 927 37.44 -139.96 -66.38
C GLU K 927 36.32 -138.97 -66.61
N THR K 928 35.70 -139.00 -67.80
CA THR K 928 34.64 -138.04 -68.12
C THR K 928 33.33 -138.36 -67.42
N LEU K 929 33.21 -139.53 -66.82
CA LEU K 929 32.00 -139.89 -66.08
C LEU K 929 32.12 -139.59 -64.59
N LYS K 930 33.30 -139.79 -64.01
CA LYS K 930 33.49 -139.48 -62.60
C LYS K 930 33.45 -137.98 -62.35
N THR K 931 33.83 -137.19 -63.35
CA THR K 931 33.68 -135.75 -63.27
C THR K 931 32.29 -135.27 -63.67
N LEU K 932 31.49 -136.14 -64.30
CA LEU K 932 30.13 -135.73 -64.68
C LEU K 932 29.22 -135.68 -63.46
N LEU K 933 29.41 -136.60 -62.53
CA LEU K 933 28.75 -136.56 -61.24
C LEU K 933 29.38 -135.54 -60.30
N ALA K 934 30.65 -135.18 -60.54
CA ALA K 934 31.36 -134.31 -59.62
C ALA K 934 30.89 -132.86 -59.71
N LEU K 935 30.39 -132.45 -60.86
CA LEU K 935 29.93 -131.06 -60.99
C LEU K 935 28.54 -130.87 -60.42
N GLY K 936 27.79 -131.94 -60.23
CA GLY K 936 26.45 -131.84 -59.68
C GLY K 936 25.37 -132.31 -60.62
N CYS K 937 25.77 -132.86 -61.77
CA CYS K 937 24.80 -133.40 -62.72
C CYS K 937 24.38 -134.79 -62.29
N HIS K 938 23.11 -134.94 -61.93
CA HIS K 938 22.58 -136.23 -61.53
C HIS K 938 22.25 -137.05 -62.78
N VAL K 939 22.60 -138.33 -62.75
CA VAL K 939 22.37 -139.21 -63.88
C VAL K 939 21.52 -140.40 -63.42
N GLY K 940 20.67 -140.89 -64.33
CA GLY K 940 19.85 -142.03 -64.05
C GLY K 940 19.70 -142.91 -65.27
N MET K 941 19.32 -144.15 -65.03
CA MET K 941 19.21 -145.17 -66.06
C MET K 941 17.72 -145.40 -66.36
N ALA K 942 17.34 -145.22 -67.62
CA ALA K 942 15.95 -145.42 -68.03
C ALA K 942 15.92 -145.67 -69.54
N ASP K 943 14.88 -146.40 -69.97
CA ASP K 943 14.52 -146.63 -71.38
C ASP K 943 15.64 -147.31 -72.15
N GLU K 944 16.07 -148.46 -71.64
CA GLU K 944 17.08 -149.26 -72.32
C GLU K 944 16.52 -149.95 -73.56
N LYS K 945 15.19 -150.11 -73.63
CA LYS K 945 14.57 -150.72 -74.80
C LYS K 945 14.59 -149.78 -76.00
N ALA K 946 14.23 -148.51 -75.80
CA ALA K 946 14.28 -147.55 -76.89
C ALA K 946 15.73 -147.19 -77.24
N GLU K 947 16.64 -147.34 -76.29
CA GLU K 947 18.06 -147.18 -76.59
C GLU K 947 18.57 -148.32 -77.47
N ASP K 948 18.16 -149.55 -77.18
CA ASP K 948 18.55 -150.69 -78.01
C ASP K 948 17.80 -150.69 -79.33
N ASN K 949 16.58 -150.13 -79.35
CA ASN K 949 15.81 -150.04 -80.58
C ASN K 949 16.40 -149.02 -81.56
N LEU K 950 17.16 -148.05 -81.05
CA LEU K 950 17.89 -147.13 -81.92
C LEU K 950 19.04 -147.88 -82.59
N LYS K 951 19.05 -147.90 -83.91
CA LYS K 951 20.06 -148.59 -84.68
C LYS K 951 21.29 -147.72 -84.84
N LYS K 952 22.20 -148.16 -85.70
CA LYS K 952 23.41 -147.39 -85.97
C LYS K 952 23.16 -146.35 -87.05
N THR K 953 24.11 -145.43 -87.19
CA THR K 953 24.06 -144.48 -88.29
C THR K 953 24.35 -145.19 -89.61
N LYS K 954 23.64 -144.77 -90.65
CA LYS K 954 23.76 -145.41 -91.95
C LYS K 954 25.08 -145.07 -92.62
N LEU K 955 25.80 -146.10 -93.06
CA LEU K 955 27.11 -145.93 -93.68
C LEU K 955 26.99 -146.29 -95.15
N PRO K 956 27.11 -145.31 -96.06
CA PRO K 956 27.00 -145.62 -97.49
C PRO K 956 28.29 -146.20 -98.06
N LYS K 957 28.33 -146.39 -99.39
CA LYS K 957 29.53 -146.90 -100.03
C LYS K 957 30.68 -145.89 -99.97
N THR K 958 30.36 -144.60 -99.87
CA THR K 958 31.38 -143.58 -99.64
C THR K 958 31.84 -143.53 -98.19
N TYR K 959 31.05 -144.08 -97.26
CA TYR K 959 31.44 -144.08 -95.86
C TYR K 959 32.44 -145.20 -95.55
N MET K 960 32.39 -146.30 -96.29
CA MET K 960 33.35 -147.37 -96.11
C MET K 960 34.71 -146.98 -96.68
N MET K 961 35.76 -147.22 -95.91
CA MET K 961 37.11 -146.83 -96.30
C MET K 961 37.68 -147.86 -97.27
N SER K 962 39.00 -147.78 -97.50
CA SER K 962 39.69 -148.69 -98.40
C SER K 962 39.74 -150.12 -97.87
N ASN K 963 39.64 -150.30 -96.55
CA ASN K 963 39.58 -151.65 -96.00
C ASN K 963 38.22 -152.29 -96.20
N GLY K 964 37.19 -151.50 -96.46
CA GLY K 964 35.85 -152.01 -96.68
C GLY K 964 35.03 -152.18 -95.42
N TYR K 965 35.62 -151.99 -94.24
CA TYR K 965 34.92 -152.14 -92.98
C TYR K 965 34.57 -150.75 -92.44
N LYS K 966 33.31 -150.36 -92.63
CA LYS K 966 32.82 -149.11 -92.08
C LYS K 966 32.31 -149.34 -90.67
N PRO K 967 32.78 -148.56 -89.69
CA PRO K 967 32.26 -148.69 -88.33
C PRO K 967 30.83 -148.19 -88.24
N ALA K 968 30.12 -148.69 -87.23
CA ALA K 968 28.70 -148.41 -87.04
C ALA K 968 28.48 -147.85 -85.64
N PRO K 969 28.71 -146.56 -85.44
CA PRO K 969 28.45 -145.96 -84.13
C PRO K 969 26.96 -145.76 -83.88
N LEU K 970 26.64 -145.51 -82.62
CA LEU K 970 25.24 -145.38 -82.21
C LEU K 970 24.64 -144.08 -82.74
N ASP K 971 23.39 -144.14 -83.17
CA ASP K 971 22.73 -142.99 -83.76
C ASP K 971 22.26 -142.02 -82.69
N LEU K 972 22.67 -140.76 -82.82
CA LEU K 972 22.26 -139.71 -81.90
C LEU K 972 21.45 -138.63 -82.61
N SER K 973 20.84 -138.95 -83.75
CA SER K 973 19.98 -138.00 -84.44
C SER K 973 18.64 -137.81 -83.74
N HIS K 974 18.25 -138.73 -82.86
CA HIS K 974 17.01 -138.60 -82.11
C HIS K 974 17.17 -137.72 -80.88
N VAL K 975 18.37 -137.60 -80.33
CA VAL K 975 18.62 -136.86 -79.10
C VAL K 975 19.05 -135.45 -79.47
N ARG K 976 18.36 -134.45 -78.91
CA ARG K 976 18.71 -133.05 -79.06
C ARG K 976 19.22 -132.51 -77.73
N LEU K 977 20.39 -131.91 -77.75
CA LEU K 977 21.01 -131.42 -76.52
C LEU K 977 20.34 -130.14 -76.04
N THR K 978 20.16 -130.05 -74.72
CA THR K 978 19.51 -128.92 -74.10
C THR K 978 20.49 -127.77 -73.93
N PRO K 979 20.00 -126.53 -73.76
CA PRO K 979 20.91 -125.45 -73.35
C PRO K 979 21.53 -125.66 -71.98
N ALA K 980 20.85 -126.37 -71.08
CA ALA K 980 21.51 -126.83 -69.85
C ALA K 980 22.62 -127.82 -70.16
N GLN K 981 22.38 -128.73 -71.12
CA GLN K 981 23.46 -129.59 -71.59
C GLN K 981 24.50 -128.84 -72.40
N THR K 982 24.08 -127.81 -73.14
CA THR K 982 25.04 -126.97 -73.86
C THR K 982 25.88 -126.16 -72.89
N THR K 983 25.37 -125.87 -71.71
CA THR K 983 26.19 -125.31 -70.65
C THR K 983 27.13 -126.35 -70.06
N LEU K 984 26.65 -127.57 -69.85
CA LEU K 984 27.44 -128.60 -69.22
C LEU K 984 28.50 -129.18 -70.15
N VAL K 985 28.30 -129.08 -71.46
CA VAL K 985 29.28 -129.60 -72.40
C VAL K 985 30.52 -128.71 -72.44
N ASP K 986 30.38 -127.43 -72.07
CA ASP K 986 31.54 -126.56 -72.02
C ASP K 986 32.32 -126.75 -70.72
N ARG K 987 31.62 -126.98 -69.61
CA ARG K 987 32.27 -127.14 -68.32
C ARG K 987 33.08 -128.42 -68.24
N LEU K 988 32.69 -129.45 -68.99
CA LEU K 988 33.47 -130.67 -69.02
C LEU K 988 34.72 -130.51 -69.87
N ALA K 989 34.59 -129.92 -71.06
CA ALA K 989 35.74 -129.72 -71.92
C ALA K 989 36.70 -128.68 -71.37
N GLU K 990 36.20 -127.76 -70.53
CA GLU K 990 37.09 -126.86 -69.80
C GLU K 990 37.92 -127.63 -68.78
N ASN K 991 37.27 -128.51 -68.02
CA ASN K 991 37.97 -129.32 -67.05
C ASN K 991 38.92 -130.30 -67.70
N GLY K 992 38.48 -130.99 -68.77
CA GLY K 992 39.31 -132.00 -69.39
C GLY K 992 40.57 -131.46 -70.05
N HIS K 993 40.45 -130.30 -70.70
CA HIS K 993 41.63 -129.65 -71.26
C HIS K 993 42.55 -129.12 -70.18
N ASN K 994 42.00 -128.58 -69.09
CA ASN K 994 42.86 -128.01 -68.06
C ASN K 994 43.47 -129.08 -67.18
N VAL K 995 42.77 -130.20 -66.98
CA VAL K 995 43.40 -131.29 -66.25
C VAL K 995 44.43 -132.00 -67.12
N TRP K 996 44.31 -131.89 -68.46
CA TRP K 996 45.34 -132.42 -69.34
C TRP K 996 46.60 -131.60 -69.28
N ALA K 997 46.46 -130.27 -69.39
CA ALA K 997 47.61 -129.38 -69.28
C ALA K 997 48.18 -129.39 -67.87
N ARG K 998 47.35 -129.73 -66.87
CA ARG K 998 47.85 -129.97 -65.52
C ARG K 998 48.84 -131.13 -65.49
N ASP K 999 48.53 -132.19 -66.24
CA ASP K 999 49.51 -133.25 -66.42
C ASP K 999 50.67 -132.79 -67.27
N ARG K 1000 50.42 -131.91 -68.24
CA ARG K 1000 51.52 -131.38 -69.05
C ARG K 1000 52.37 -130.40 -68.27
N VAL K 1001 51.77 -129.64 -67.35
CA VAL K 1001 52.55 -128.76 -66.49
C VAL K 1001 53.38 -129.58 -65.52
N ALA K 1002 52.83 -130.70 -65.05
CA ALA K 1002 53.63 -131.63 -64.26
C ALA K 1002 54.66 -132.33 -65.13
N GLN K 1003 54.44 -132.39 -66.44
CA GLN K 1003 55.42 -132.95 -67.37
C GLN K 1003 56.57 -132.00 -67.64
N GLY K 1004 56.52 -130.79 -67.08
CA GLY K 1004 57.63 -129.86 -67.21
C GLY K 1004 57.53 -129.03 -68.47
N TRP K 1005 56.34 -128.51 -68.73
CA TRP K 1005 56.08 -127.76 -69.95
C TRP K 1005 55.57 -126.36 -69.62
N SER K 1006 55.86 -125.43 -70.52
CA SER K 1006 55.45 -124.03 -70.35
C SER K 1006 54.97 -123.52 -71.70
N TYR K 1007 54.26 -122.40 -71.68
CA TYR K 1007 53.64 -121.85 -72.87
C TYR K 1007 54.66 -121.05 -73.68
N SER K 1008 54.54 -121.12 -75.00
CA SER K 1008 55.04 -120.10 -75.88
C SER K 1008 54.09 -119.99 -77.06
N ALA K 1009 54.22 -118.91 -77.82
CA ALA K 1009 53.42 -118.79 -79.04
C ALA K 1009 53.91 -119.75 -80.11
N VAL K 1010 55.22 -119.91 -80.23
CA VAL K 1010 55.78 -120.92 -81.12
C VAL K 1010 55.68 -122.28 -80.45
N GLN K 1011 55.79 -123.33 -81.25
CA GLN K 1011 55.68 -124.70 -80.77
C GLN K 1011 57.06 -125.32 -80.74
N ASP K 1012 57.65 -125.40 -79.55
CA ASP K 1012 58.97 -125.98 -79.36
C ASP K 1012 58.81 -127.21 -78.47
N ILE K 1013 58.69 -128.38 -79.10
CA ILE K 1013 58.45 -129.63 -78.37
C ILE K 1013 59.66 -130.06 -77.52
N PRO K 1014 60.91 -130.09 -78.02
CA PRO K 1014 62.02 -130.39 -77.11
C PRO K 1014 62.31 -129.29 -76.10
N ALA K 1015 61.97 -128.04 -76.41
CA ALA K 1015 62.10 -126.95 -75.46
C ALA K 1015 60.84 -126.76 -74.64
N ARG K 1016 59.95 -127.76 -74.63
CA ARG K 1016 58.78 -127.85 -73.75
C ARG K 1016 57.80 -126.69 -73.95
N ARG K 1017 57.46 -126.42 -75.21
CA ARG K 1017 56.50 -125.39 -75.56
C ARG K 1017 55.35 -126.00 -76.37
N ASN K 1018 54.13 -125.80 -75.90
CA ASN K 1018 52.95 -126.22 -76.61
C ASN K 1018 52.02 -125.01 -76.64
N PRO K 1019 51.54 -124.60 -77.81
CA PRO K 1019 50.76 -123.35 -77.90
C PRO K 1019 49.35 -123.41 -77.34
N ARG K 1020 48.95 -124.49 -76.66
CA ARG K 1020 47.66 -124.55 -75.99
C ARG K 1020 47.83 -124.72 -74.48
N LEU K 1021 49.00 -124.40 -73.96
CA LEU K 1021 49.31 -124.57 -72.54
C LEU K 1021 48.80 -123.41 -71.70
N VAL K 1022 47.52 -123.10 -71.81
CA VAL K 1022 46.86 -122.08 -71.00
C VAL K 1022 45.60 -122.71 -70.45
N PRO K 1023 45.00 -122.09 -69.42
CA PRO K 1023 43.63 -122.47 -69.05
C PRO K 1023 42.64 -122.17 -70.18
N TYR K 1024 41.47 -122.79 -70.05
CA TYR K 1024 40.57 -122.99 -71.18
C TYR K 1024 39.96 -121.70 -71.69
N ARG K 1025 39.70 -120.75 -70.81
CA ARG K 1025 39.16 -119.47 -71.26
C ARG K 1025 40.22 -118.61 -71.93
N LEU K 1026 41.50 -118.89 -71.72
CA LEU K 1026 42.58 -118.21 -72.42
C LEU K 1026 42.86 -118.84 -73.76
N LEU K 1027 42.40 -120.06 -73.97
CA LEU K 1027 42.49 -120.72 -75.26
C LEU K 1027 41.62 -120.00 -76.28
N ASP K 1028 42.11 -119.91 -77.51
CA ASP K 1028 41.33 -119.32 -78.58
C ASP K 1028 40.16 -120.24 -78.94
N GLU K 1029 39.18 -119.67 -79.67
CA GLU K 1029 37.91 -120.32 -79.92
C GLU K 1029 38.02 -121.57 -80.79
N ALA K 1030 39.06 -121.66 -81.64
CA ALA K 1030 39.18 -122.76 -82.57
C ALA K 1030 39.47 -124.07 -81.85
N THR K 1031 40.48 -124.08 -80.99
CA THR K 1031 40.74 -125.25 -80.17
C THR K 1031 39.66 -125.42 -79.09
N LYS K 1032 39.06 -124.30 -78.67
CA LYS K 1032 37.94 -124.36 -77.74
C LYS K 1032 36.74 -125.06 -78.36
N ARG K 1033 36.47 -124.79 -79.64
CA ARG K 1033 35.42 -125.52 -80.34
C ARG K 1033 35.83 -126.96 -80.61
N SER K 1034 37.13 -127.19 -80.81
CA SER K 1034 37.62 -128.51 -81.23
C SER K 1034 37.43 -129.56 -80.15
N ASN K 1035 37.74 -129.22 -78.90
CA ASN K 1035 37.42 -130.13 -77.81
C ASN K 1035 35.93 -130.13 -77.50
N ARG K 1036 35.22 -129.06 -77.85
CA ARG K 1036 33.78 -129.02 -77.62
C ARG K 1036 33.02 -129.94 -78.54
N ASP K 1037 33.32 -129.93 -79.85
CA ASP K 1037 32.68 -130.88 -80.76
C ASP K 1037 33.15 -132.31 -80.50
N SER K 1038 34.35 -132.48 -79.95
CA SER K 1038 34.81 -133.77 -79.48
C SER K 1038 33.92 -134.33 -78.39
N LEU K 1039 33.53 -133.51 -77.43
CA LEU K 1039 32.78 -133.99 -76.27
C LEU K 1039 31.27 -133.96 -76.50
N CYS K 1040 30.80 -133.25 -77.53
CA CYS K 1040 29.38 -133.32 -77.90
C CYS K 1040 28.99 -134.67 -78.49
N GLN K 1041 29.96 -135.47 -78.95
CA GLN K 1041 29.64 -136.78 -79.49
C GLN K 1041 29.20 -137.74 -78.38
N ALA K 1042 29.87 -137.69 -77.23
CA ALA K 1042 29.57 -138.63 -76.16
C ALA K 1042 28.31 -138.28 -75.39
N VAL K 1043 27.74 -137.09 -75.59
CA VAL K 1043 26.59 -136.67 -74.79
C VAL K 1043 25.31 -137.29 -75.31
N ARG K 1044 24.96 -137.01 -76.57
CA ARG K 1044 23.67 -137.41 -77.10
C ARG K 1044 23.61 -138.89 -77.42
N THR K 1045 24.75 -139.56 -77.59
CA THR K 1045 24.75 -141.02 -77.68
C THR K 1045 24.50 -141.65 -76.31
N LEU K 1046 24.99 -141.02 -75.24
CA LEU K 1046 24.64 -141.46 -73.91
C LEU K 1046 23.21 -141.04 -73.57
N LEU K 1047 22.75 -139.92 -74.13
CA LEU K 1047 21.32 -139.65 -74.13
C LEU K 1047 20.57 -140.60 -75.06
N GLY K 1048 21.23 -141.06 -76.13
CA GLY K 1048 20.68 -142.14 -76.93
C GLY K 1048 20.83 -143.51 -76.33
N TYR K 1049 21.66 -143.63 -75.30
CA TYR K 1049 21.71 -144.81 -74.45
C TYR K 1049 20.67 -144.77 -73.35
N GLY K 1050 19.84 -143.72 -73.31
CA GLY K 1050 18.72 -143.62 -72.39
C GLY K 1050 19.01 -142.85 -71.12
N TYR K 1051 20.26 -142.47 -70.87
CA TYR K 1051 20.62 -141.86 -69.60
C TYR K 1051 20.34 -140.36 -69.65
N ASN K 1052 19.65 -139.86 -68.63
CA ASN K 1052 19.29 -138.46 -68.52
C ASN K 1052 20.27 -137.70 -67.65
N ILE K 1053 20.32 -136.38 -67.82
CA ILE K 1053 21.27 -135.52 -67.14
C ILE K 1053 20.51 -134.41 -66.41
N GLU K 1054 20.67 -134.35 -65.09
CA GLU K 1054 20.09 -133.21 -64.39
C GLU K 1054 21.07 -132.04 -64.38
N PRO K 1055 20.58 -130.82 -64.15
CA PRO K 1055 21.50 -129.67 -64.17
C PRO K 1055 21.74 -129.08 -62.79
N ASP K 1070 38.72 -103.53 -60.08
CA ASP K 1070 39.01 -102.42 -59.20
C ASP K 1070 37.73 -101.76 -58.71
N ARG K 1071 37.69 -100.44 -58.80
CA ARG K 1071 36.52 -99.66 -58.41
C ARG K 1071 35.98 -98.95 -59.65
N VAL K 1072 35.05 -98.04 -59.42
CA VAL K 1072 34.38 -97.31 -60.51
C VAL K 1072 34.88 -95.86 -60.50
N ARG K 1073 35.20 -95.35 -61.67
CA ARG K 1073 35.68 -93.99 -61.79
C ARG K 1073 34.52 -93.02 -61.90
N ILE K 1074 34.66 -91.86 -61.25
CA ILE K 1074 33.63 -90.85 -61.22
C ILE K 1074 34.17 -89.61 -61.92
N PHE K 1075 33.40 -89.04 -62.82
CA PHE K 1075 33.84 -87.94 -63.66
C PHE K 1075 32.88 -86.78 -63.41
N ARG K 1076 33.42 -85.57 -63.29
CA ARG K 1076 32.59 -84.38 -63.18
C ARG K 1076 33.33 -83.15 -63.68
N ALA K 1077 32.64 -82.02 -63.63
CA ALA K 1077 33.23 -80.75 -63.97
C ALA K 1077 33.68 -80.03 -62.71
N GLU K 1078 34.49 -79.00 -62.87
CA GLU K 1078 35.08 -78.27 -61.76
C GLU K 1078 34.04 -77.52 -60.97
N LYS K 1079 34.32 -77.32 -59.68
CA LYS K 1079 33.32 -76.80 -58.76
C LYS K 1079 33.01 -75.33 -58.98
N SER K 1080 33.76 -74.63 -59.83
CA SER K 1080 33.38 -73.30 -60.24
C SER K 1080 32.12 -73.29 -61.11
N TYR K 1081 31.90 -74.34 -61.88
CA TYR K 1081 30.92 -74.33 -62.96
C TYR K 1081 29.52 -74.69 -62.48
N THR K 1082 29.23 -74.56 -61.19
CA THR K 1082 27.93 -74.92 -60.67
C THR K 1082 26.84 -73.99 -61.19
N VAL K 1083 25.61 -74.50 -61.22
CA VAL K 1083 24.47 -73.72 -61.68
C VAL K 1083 23.51 -73.52 -60.52
N GLN K 1084 22.79 -72.40 -60.55
CA GLN K 1084 21.81 -72.08 -59.54
C GLN K 1084 20.45 -71.75 -60.10
N SER K 1085 20.32 -71.60 -61.41
CA SER K 1085 19.06 -71.15 -62.00
C SER K 1085 19.04 -71.57 -63.46
N GLY K 1086 17.98 -71.15 -64.14
CA GLY K 1086 17.84 -71.43 -65.55
C GLY K 1086 17.52 -72.88 -65.83
N ARG K 1087 17.61 -73.21 -67.11
CA ARG K 1087 17.40 -74.57 -67.59
C ARG K 1087 18.58 -74.95 -68.47
N TRP K 1088 19.10 -76.15 -68.27
CA TRP K 1088 20.37 -76.51 -68.87
C TRP K 1088 20.26 -77.90 -69.48
N TYR K 1089 21.30 -78.28 -70.23
CA TYR K 1089 21.26 -79.48 -71.05
C TYR K 1089 22.67 -79.85 -71.47
N PHE K 1090 22.91 -81.15 -71.66
CA PHE K 1090 24.09 -81.63 -72.34
C PHE K 1090 23.75 -82.95 -73.01
N GLU K 1091 24.78 -83.64 -73.51
CA GLU K 1091 24.62 -84.90 -74.19
C GLU K 1091 25.73 -85.85 -73.78
N PHE K 1092 25.52 -87.13 -74.06
CA PHE K 1092 26.47 -88.16 -73.66
C PHE K 1092 26.31 -89.38 -74.55
N GLU K 1093 27.29 -89.63 -75.41
CA GLU K 1093 27.30 -90.86 -76.20
C GLU K 1093 27.88 -91.98 -75.36
N ALA K 1094 27.30 -93.16 -75.51
CA ALA K 1094 27.75 -94.37 -74.81
C ALA K 1094 28.17 -95.37 -75.88
N VAL K 1095 29.45 -95.67 -75.94
CA VAL K 1095 29.94 -96.48 -77.05
C VAL K 1095 29.69 -97.96 -76.80
N THR K 1096 30.26 -98.51 -75.74
CA THR K 1096 30.05 -99.90 -75.38
C THR K 1096 29.25 -99.96 -74.10
N THR K 1097 28.04 -100.50 -74.17
CA THR K 1097 27.14 -100.46 -73.03
C THR K 1097 27.60 -101.41 -71.92
N GLY K 1098 26.87 -101.36 -70.83
CA GLY K 1098 27.28 -102.05 -69.61
C GLY K 1098 26.98 -101.16 -68.42
N GLU K 1099 27.87 -101.23 -67.43
CA GLU K 1099 27.72 -100.46 -66.20
C GLU K 1099 28.27 -99.06 -66.43
N MET K 1100 27.38 -98.10 -66.66
CA MET K 1100 27.70 -96.68 -66.68
C MET K 1100 26.57 -95.94 -65.99
N ARG K 1101 26.82 -94.69 -65.64
CA ARG K 1101 25.88 -93.88 -64.88
C ARG K 1101 26.10 -92.42 -65.23
N VAL K 1102 25.05 -91.72 -65.62
CA VAL K 1102 25.13 -90.29 -65.88
C VAL K 1102 23.95 -89.59 -65.24
N GLY K 1103 24.17 -88.33 -64.86
CA GLY K 1103 23.12 -87.55 -64.23
C GLY K 1103 23.63 -86.20 -63.74
N TRP K 1104 23.13 -85.80 -62.58
CA TRP K 1104 23.46 -84.52 -61.99
C TRP K 1104 23.78 -84.72 -60.52
N ALA K 1105 24.73 -83.94 -59.99
CA ALA K 1105 25.16 -84.13 -58.62
C ALA K 1105 25.33 -82.80 -57.91
N ARG K 1106 25.19 -82.85 -56.60
CA ARG K 1106 25.53 -81.79 -55.68
C ARG K 1106 27.02 -81.53 -55.72
N PRO K 1107 27.47 -80.30 -55.42
CA PRO K 1107 28.90 -80.00 -55.56
C PRO K 1107 29.77 -80.68 -54.52
N GLU K 1108 29.29 -80.86 -53.30
CA GLU K 1108 30.11 -81.48 -52.26
C GLU K 1108 30.05 -83.00 -52.33
N LEU K 1109 30.41 -83.55 -53.49
CA LEU K 1109 30.25 -84.98 -53.72
C LEU K 1109 31.48 -85.74 -53.26
N ARG K 1110 31.26 -86.70 -52.39
CA ARG K 1110 32.24 -87.64 -51.87
C ARG K 1110 32.63 -88.65 -52.95
N PRO K 1111 33.91 -88.92 -53.16
CA PRO K 1111 34.30 -89.89 -54.19
C PRO K 1111 34.35 -91.32 -53.72
N ASP K 1112 33.99 -91.59 -52.46
CA ASP K 1112 34.06 -92.95 -51.95
C ASP K 1112 32.81 -93.73 -52.32
N VAL K 1113 31.67 -93.06 -52.35
CA VAL K 1113 30.38 -93.73 -52.43
C VAL K 1113 30.07 -94.11 -53.88
N GLU K 1114 29.22 -95.10 -54.03
CA GLU K 1114 28.62 -95.39 -55.33
C GLU K 1114 27.76 -94.21 -55.75
N LEU K 1115 27.84 -93.86 -57.04
CA LEU K 1115 27.19 -92.65 -57.56
C LEU K 1115 25.68 -92.78 -57.47
N GLY K 1116 25.08 -92.03 -56.56
CA GLY K 1116 23.65 -92.02 -56.38
C GLY K 1116 23.17 -92.72 -55.14
N ALA K 1117 24.03 -93.44 -54.42
CA ALA K 1117 23.61 -94.13 -53.22
C ALA K 1117 23.31 -93.18 -52.07
N ASP K 1118 23.98 -92.05 -52.00
CA ASP K 1118 23.73 -91.05 -50.98
C ASP K 1118 22.83 -89.96 -51.55
N GLU K 1119 22.59 -88.93 -50.76
CA GLU K 1119 21.67 -87.86 -51.13
C GLU K 1119 22.34 -86.75 -51.91
N LEU K 1120 23.44 -87.03 -52.59
CA LEU K 1120 24.20 -85.99 -53.26
C LEU K 1120 24.14 -86.09 -54.78
N ALA K 1121 23.45 -87.10 -55.31
CA ALA K 1121 23.44 -87.29 -56.75
C ALA K 1121 22.04 -87.63 -57.22
N TYR K 1122 21.78 -87.31 -58.48
CA TYR K 1122 20.60 -87.78 -59.20
C TYR K 1122 21.12 -88.30 -60.53
N VAL K 1123 20.95 -89.58 -60.77
CA VAL K 1123 21.68 -90.25 -61.83
C VAL K 1123 20.92 -91.46 -62.35
N PHE K 1124 20.77 -91.50 -63.68
CA PHE K 1124 20.12 -92.60 -64.37
C PHE K 1124 21.16 -93.68 -64.65
N ASN K 1125 20.72 -94.94 -64.64
CA ASN K 1125 21.55 -96.08 -64.99
C ASN K 1125 21.09 -96.72 -66.28
N GLY K 1126 22.01 -96.85 -67.21
CA GLY K 1126 21.73 -97.38 -68.55
C GLY K 1126 21.98 -98.86 -68.72
N HIS K 1127 22.32 -99.58 -67.65
CA HIS K 1127 22.53 -101.01 -67.81
C HIS K 1127 21.21 -101.76 -67.81
N ARG K 1128 20.37 -101.50 -66.81
CA ARG K 1128 19.07 -102.15 -66.71
C ARG K 1128 17.93 -101.15 -66.76
N GLY K 1129 18.21 -99.89 -67.01
CA GLY K 1129 17.15 -98.90 -67.15
C GLY K 1129 16.50 -98.52 -65.83
N GLN K 1130 17.25 -97.89 -64.94
CA GLN K 1130 16.69 -97.47 -63.67
C GLN K 1130 17.38 -96.21 -63.18
N ARG K 1131 16.66 -95.43 -62.38
CA ARG K 1131 17.24 -94.23 -61.80
C ARG K 1131 17.83 -94.54 -60.43
N TRP K 1132 18.89 -93.82 -60.09
CA TRP K 1132 19.59 -93.98 -58.82
C TRP K 1132 19.50 -92.68 -58.04
N HIS K 1133 18.81 -92.72 -56.91
CA HIS K 1133 18.94 -91.70 -55.87
C HIS K 1133 18.41 -92.29 -54.58
N LEU K 1134 19.30 -92.47 -53.61
CA LEU K 1134 18.99 -93.12 -52.31
C LEU K 1134 18.37 -94.50 -52.50
N GLY K 1135 18.82 -95.20 -53.53
CA GLY K 1135 18.23 -96.45 -53.92
C GLY K 1135 17.91 -96.44 -55.39
N SER K 1136 17.00 -97.30 -55.81
CA SER K 1136 16.72 -97.47 -57.23
C SER K 1136 15.23 -97.61 -57.47
N GLU K 1137 14.83 -97.33 -58.72
CA GLU K 1137 13.49 -97.48 -59.20
C GLU K 1137 13.60 -97.61 -60.70
N PRO K 1138 12.90 -98.56 -61.32
CA PRO K 1138 13.10 -98.83 -62.75
C PRO K 1138 12.58 -97.71 -63.62
N PHE K 1139 13.32 -97.42 -64.68
CA PHE K 1139 13.08 -96.20 -65.44
C PHE K 1139 13.57 -96.39 -66.86
N GLY K 1140 12.64 -96.63 -67.78
CA GLY K 1140 12.97 -96.59 -69.19
C GLY K 1140 13.75 -97.80 -69.66
N ARG K 1141 14.12 -97.77 -70.94
CA ARG K 1141 14.73 -98.86 -71.64
C ARG K 1141 16.24 -98.89 -71.39
N PRO K 1142 16.83 -100.08 -71.33
CA PRO K 1142 18.30 -100.17 -71.32
C PRO K 1142 18.90 -99.84 -72.68
N TRP K 1143 20.21 -99.98 -72.74
CA TRP K 1143 21.01 -99.36 -73.79
C TRP K 1143 21.20 -100.24 -75.02
N GLN K 1144 21.76 -99.60 -76.04
CA GLN K 1144 22.36 -100.25 -77.20
C GLN K 1144 23.79 -99.74 -77.27
N SER K 1145 24.50 -100.04 -78.34
CA SER K 1145 25.88 -99.60 -78.50
C SER K 1145 25.93 -98.49 -79.53
N GLY K 1146 25.89 -97.24 -79.06
CA GLY K 1146 26.03 -96.12 -79.97
C GLY K 1146 24.86 -95.16 -79.94
N ASP K 1147 24.16 -95.15 -78.82
CA ASP K 1147 23.00 -94.29 -78.64
C ASP K 1147 23.32 -93.13 -77.71
N VAL K 1148 22.65 -92.01 -77.96
CA VAL K 1148 22.88 -90.76 -77.25
C VAL K 1148 21.91 -90.65 -76.08
N VAL K 1149 22.46 -90.46 -74.88
CA VAL K 1149 21.66 -90.27 -73.68
C VAL K 1149 21.83 -88.83 -73.23
N GLY K 1150 20.86 -87.98 -73.55
CA GLY K 1150 20.88 -86.61 -73.09
C GLY K 1150 20.46 -86.54 -71.63
N CYS K 1151 20.76 -85.42 -71.00
CA CYS K 1151 20.26 -85.08 -69.67
C CYS K 1151 19.92 -83.61 -69.69
N MET K 1152 18.89 -83.23 -68.95
CA MET K 1152 18.52 -81.83 -68.85
C MET K 1152 17.92 -81.55 -67.49
N ILE K 1153 18.08 -80.32 -67.04
CA ILE K 1153 17.58 -79.88 -65.75
C ILE K 1153 16.91 -78.53 -65.95
N ASP K 1154 15.90 -78.27 -65.13
CA ASP K 1154 15.23 -76.98 -65.13
C ASP K 1154 15.04 -76.54 -63.70
N LEU K 1155 15.94 -75.68 -63.22
CA LEU K 1155 15.93 -75.21 -61.85
C LEU K 1155 14.73 -74.34 -61.51
N THR K 1156 14.04 -73.80 -62.51
CA THR K 1156 12.90 -72.94 -62.24
C THR K 1156 11.69 -73.74 -61.76
N GLU K 1157 11.72 -75.05 -61.92
CA GLU K 1157 10.61 -75.90 -61.56
C GLU K 1157 11.02 -77.16 -60.82
N ASN K 1158 12.32 -77.29 -60.48
CA ASN K 1158 12.88 -78.38 -59.69
C ASN K 1158 12.63 -79.74 -60.35
N THR K 1159 13.00 -79.82 -61.63
CA THR K 1159 12.71 -81.01 -62.42
C THR K 1159 14.01 -81.55 -63.00
N ILE K 1160 14.02 -82.85 -63.24
CA ILE K 1160 15.12 -83.52 -63.94
C ILE K 1160 14.51 -84.43 -65.00
N ILE K 1161 14.96 -84.28 -66.24
CA ILE K 1161 14.39 -84.98 -67.37
C ILE K 1161 15.52 -85.72 -68.08
N PHE K 1162 15.30 -86.98 -68.40
CA PHE K 1162 16.24 -87.75 -69.19
C PHE K 1162 15.64 -88.08 -70.55
N THR K 1163 16.39 -87.77 -71.61
CA THR K 1163 15.95 -88.04 -72.97
C THR K 1163 16.89 -89.10 -73.56
N LEU K 1164 16.31 -90.08 -74.25
CA LEU K 1164 17.10 -91.11 -74.93
C LEU K 1164 16.85 -91.00 -76.43
N ASN K 1165 17.93 -90.78 -77.18
CA ASN K 1165 17.95 -90.75 -78.64
C ASN K 1165 17.01 -89.68 -79.20
N GLY K 1166 16.85 -88.58 -78.46
CA GLY K 1166 15.89 -87.57 -78.79
C GLY K 1166 14.49 -87.83 -78.29
N GLU K 1167 14.20 -89.05 -77.84
CA GLU K 1167 12.89 -89.39 -77.30
C GLU K 1167 12.95 -89.29 -75.79
N VAL K 1168 11.88 -88.76 -75.19
CA VAL K 1168 11.86 -88.52 -73.75
C VAL K 1168 11.47 -89.80 -73.01
N LEU K 1169 12.30 -90.20 -72.06
CA LEU K 1169 12.00 -91.38 -71.26
C LEU K 1169 10.90 -91.07 -70.28
N MET K 1170 10.08 -92.07 -69.97
CA MET K 1170 9.00 -91.94 -69.02
C MET K 1170 9.15 -92.97 -67.91
N SER K 1171 8.41 -92.74 -66.84
CA SER K 1171 8.44 -93.61 -65.67
C SER K 1171 7.55 -94.81 -65.90
N ASP K 1172 7.33 -95.60 -64.86
CA ASP K 1172 6.30 -96.63 -64.92
C ASP K 1172 4.91 -96.01 -64.91
N SER K 1173 4.76 -94.84 -64.29
CA SER K 1173 3.49 -94.13 -64.25
C SER K 1173 3.26 -93.28 -65.49
N GLY K 1174 4.14 -93.34 -66.48
CA GLY K 1174 4.01 -92.54 -67.68
C GLY K 1174 4.61 -91.15 -67.57
N SER K 1175 4.98 -90.70 -66.37
CA SER K 1175 5.50 -89.37 -66.18
C SER K 1175 6.90 -89.27 -66.73
N GLU K 1176 7.19 -88.16 -67.43
CA GLU K 1176 8.53 -87.95 -67.98
C GLU K 1176 9.50 -87.42 -66.95
N THR K 1177 9.03 -86.58 -66.04
CA THR K 1177 9.89 -85.98 -65.02
C THR K 1177 10.39 -87.04 -64.06
N ALA K 1178 11.68 -87.33 -64.15
CA ALA K 1178 12.29 -88.38 -63.36
C ALA K 1178 12.32 -88.05 -61.88
N PHE K 1179 12.59 -86.79 -61.53
CA PHE K 1179 12.57 -86.35 -60.15
C PHE K 1179 11.96 -84.96 -60.06
N ARG K 1180 11.04 -84.79 -59.11
CA ARG K 1180 10.43 -83.51 -58.86
C ARG K 1180 10.75 -83.06 -57.45
N GLU K 1181 10.50 -81.77 -57.18
CA GLU K 1181 10.56 -81.16 -55.86
C GLU K 1181 11.95 -81.27 -55.23
N ILE K 1182 12.97 -81.18 -56.07
CA ILE K 1182 14.34 -81.19 -55.57
C ILE K 1182 14.70 -79.80 -55.06
N GLU K 1183 15.32 -79.75 -53.89
CA GLU K 1183 15.79 -78.48 -53.36
C GLU K 1183 16.97 -78.00 -54.18
N ILE K 1184 17.01 -76.69 -54.42
CA ILE K 1184 18.05 -76.08 -55.24
C ILE K 1184 19.36 -76.13 -54.46
N GLY K 1185 19.38 -75.48 -53.31
CA GLY K 1185 20.54 -75.51 -52.43
C GLY K 1185 21.76 -74.84 -53.01
N ASP K 1186 22.93 -75.44 -52.81
CA ASP K 1186 24.17 -74.88 -53.31
C ASP K 1186 24.33 -75.03 -54.81
N GLY K 1187 23.61 -75.95 -55.43
CA GLY K 1187 23.59 -76.04 -56.87
C GLY K 1187 23.82 -77.46 -57.37
N PHE K 1188 24.04 -77.54 -58.68
CA PHE K 1188 24.28 -78.81 -59.36
C PHE K 1188 25.34 -78.62 -60.43
N LEU K 1189 25.87 -79.72 -60.91
CA LEU K 1189 26.91 -79.73 -61.93
C LEU K 1189 26.94 -81.13 -62.52
N PRO K 1190 27.23 -81.27 -63.82
CA PRO K 1190 27.03 -82.58 -64.47
C PRO K 1190 28.07 -83.59 -64.05
N VAL K 1191 27.70 -84.85 -64.08
CA VAL K 1191 28.52 -85.92 -63.52
C VAL K 1191 28.33 -87.16 -64.37
N CYS K 1192 29.41 -87.91 -64.57
CA CYS K 1192 29.34 -89.19 -65.28
C CYS K 1192 29.95 -90.25 -64.39
N SER K 1193 29.90 -91.50 -64.85
CA SER K 1193 30.50 -92.62 -64.13
C SER K 1193 30.74 -93.78 -65.08
N LEU K 1194 31.95 -94.29 -65.09
CA LEU K 1194 32.32 -95.35 -66.00
C LEU K 1194 32.75 -96.58 -65.21
N GLY K 1195 32.13 -97.71 -65.50
CA GLY K 1195 32.54 -98.97 -64.96
C GLY K 1195 33.76 -99.51 -65.70
N PRO K 1196 34.17 -100.73 -65.36
CA PRO K 1196 35.37 -101.29 -65.98
C PRO K 1196 35.09 -101.67 -67.43
N GLY K 1197 36.04 -101.33 -68.30
CA GLY K 1197 35.91 -101.61 -69.71
C GLY K 1197 35.08 -100.63 -70.51
N GLN K 1198 34.14 -99.95 -69.89
CA GLN K 1198 33.19 -99.08 -70.58
C GLN K 1198 33.87 -97.86 -71.16
N VAL K 1199 33.48 -97.52 -72.38
CA VAL K 1199 34.05 -96.39 -73.10
C VAL K 1199 32.89 -95.49 -73.53
N GLY K 1200 33.00 -94.19 -73.27
CA GLY K 1200 32.00 -93.27 -73.72
C GLY K 1200 32.43 -91.83 -73.55
N HIS K 1201 32.22 -91.01 -74.57
CA HIS K 1201 32.65 -89.62 -74.46
C HIS K 1201 31.49 -88.74 -74.04
N LEU K 1202 31.83 -87.59 -73.50
CA LEU K 1202 30.90 -86.70 -72.83
C LEU K 1202 30.90 -85.37 -73.56
N ASN K 1203 29.97 -85.19 -74.48
CA ASN K 1203 29.83 -83.92 -75.17
C ASN K 1203 29.13 -82.94 -74.23
N LEU K 1204 29.92 -82.09 -73.58
CA LEU K 1204 29.37 -81.10 -72.66
C LEU K 1204 28.71 -79.93 -73.39
N GLY K 1205 28.89 -79.83 -74.69
CA GLY K 1205 28.17 -78.84 -75.46
C GLY K 1205 28.90 -77.54 -75.65
N GLN K 1206 30.13 -77.58 -76.15
CA GLN K 1206 30.77 -76.33 -76.53
C GLN K 1206 30.24 -75.84 -77.87
N ASP K 1207 30.37 -76.65 -78.91
CA ASP K 1207 29.83 -76.34 -80.22
C ASP K 1207 28.42 -76.88 -80.32
N VAL K 1208 27.47 -76.00 -80.66
CA VAL K 1208 26.06 -76.38 -80.69
C VAL K 1208 25.81 -77.34 -81.84
N SER K 1209 26.47 -77.11 -82.98
CA SER K 1209 26.33 -78.01 -84.11
C SER K 1209 26.99 -79.36 -83.86
N SER K 1210 27.95 -79.44 -82.93
CA SER K 1210 28.53 -80.71 -82.57
C SER K 1210 27.57 -81.62 -81.82
N LEU K 1211 26.53 -81.04 -81.21
CA LEU K 1211 25.48 -81.86 -80.61
C LEU K 1211 24.63 -82.49 -81.70
N ARG K 1212 23.90 -83.54 -81.36
CA ARG K 1212 23.15 -84.26 -82.37
C ARG K 1212 21.65 -84.14 -82.16
N PHE K 1213 21.17 -84.49 -80.97
CA PHE K 1213 19.74 -84.63 -80.74
C PHE K 1213 19.17 -83.46 -79.93
N PHE K 1214 19.96 -82.41 -79.79
CA PHE K 1214 19.51 -81.23 -79.06
C PHE K 1214 18.44 -80.49 -79.84
N ALA K 1215 18.57 -80.45 -81.16
CA ALA K 1215 17.56 -79.83 -82.00
C ALA K 1215 16.26 -80.61 -82.00
N ILE K 1216 16.31 -81.92 -81.80
CA ILE K 1216 15.10 -82.72 -81.74
C ILE K 1216 14.31 -82.39 -80.48
N CYS K 1217 14.98 -82.40 -79.34
CA CYS K 1217 14.32 -82.08 -78.07
C CYS K 1217 15.31 -81.30 -77.21
N GLY K 1218 14.80 -80.26 -76.55
CA GLY K 1218 15.63 -79.38 -75.74
C GLY K 1218 15.83 -78.01 -76.33
N LEU K 1219 15.90 -77.88 -77.65
CA LEU K 1219 16.14 -76.62 -78.32
C LEU K 1219 14.97 -75.67 -78.16
N GLN K 1220 13.80 -76.07 -78.68
CA GLN K 1220 12.66 -75.17 -78.64
C GLN K 1220 11.91 -75.24 -77.33
N GLU K 1221 12.29 -76.17 -76.45
CA GLU K 1221 11.77 -76.15 -75.10
C GLU K 1221 12.27 -74.95 -74.32
N GLY K 1222 13.53 -74.58 -74.50
CA GLY K 1222 14.14 -73.45 -73.81
C GLY K 1222 15.47 -73.77 -73.17
N PHE K 1223 15.91 -75.01 -73.22
CA PHE K 1223 17.15 -75.40 -72.55
C PHE K 1223 18.37 -74.91 -73.31
N GLU K 1224 19.24 -74.22 -72.62
CA GLU K 1224 20.51 -73.89 -73.21
C GLU K 1224 21.51 -75.00 -72.92
N PRO K 1225 22.50 -75.22 -73.79
CA PRO K 1225 23.58 -76.16 -73.46
C PRO K 1225 24.48 -75.60 -72.39
N PHE K 1226 25.45 -76.41 -71.98
CA PHE K 1226 26.27 -76.03 -70.83
C PHE K 1226 27.36 -75.04 -71.23
N ALA K 1227 28.21 -75.42 -72.16
CA ALA K 1227 29.30 -74.56 -72.61
C ALA K 1227 28.88 -73.74 -73.83
N ILE K 1228 27.85 -72.93 -73.62
CA ILE K 1228 27.28 -72.20 -74.75
C ILE K 1228 28.16 -71.02 -75.14
N ASN K 1229 28.66 -70.26 -74.17
CA ASN K 1229 29.57 -69.15 -74.46
C ASN K 1229 30.78 -69.32 -73.55
N MET K 1230 31.72 -70.15 -73.98
CA MET K 1230 32.97 -70.39 -73.27
C MET K 1230 34.04 -70.67 -74.30
N GLN K 1231 35.01 -69.77 -74.41
CA GLN K 1231 36.06 -69.94 -75.42
C GLN K 1231 37.09 -70.99 -75.01
N ARG K 1232 37.04 -71.46 -73.77
CA ARG K 1232 37.91 -72.53 -73.31
C ARG K 1232 37.07 -73.70 -72.84
N PRO K 1233 37.55 -74.93 -72.99
CA PRO K 1233 36.77 -76.09 -72.56
C PRO K 1233 36.71 -76.17 -71.04
N VAL K 1234 35.65 -76.81 -70.55
CA VAL K 1234 35.45 -76.93 -69.12
C VAL K 1234 36.40 -77.98 -68.57
N THR K 1235 37.15 -77.61 -67.53
CA THR K 1235 38.10 -78.53 -66.93
C THR K 1235 37.35 -79.62 -66.17
N THR K 1236 37.87 -80.83 -66.25
CA THR K 1236 37.20 -81.99 -65.69
C THR K 1236 37.99 -82.57 -64.53
N TRP K 1237 37.29 -83.04 -63.51
CA TRP K 1237 37.89 -83.59 -62.31
C TRP K 1237 37.53 -85.06 -62.20
N PHE K 1238 38.53 -85.93 -62.20
CA PHE K 1238 38.25 -87.34 -62.04
C PHE K 1238 38.71 -87.81 -60.67
N SER K 1239 38.09 -88.90 -60.22
CA SER K 1239 38.46 -89.52 -58.97
C SER K 1239 39.61 -90.49 -59.19
N LYS K 1240 40.66 -90.33 -58.39
CA LYS K 1240 41.84 -91.18 -58.47
C LYS K 1240 41.56 -92.55 -57.89
N SER K 1241 42.57 -93.40 -57.96
CA SER K 1241 42.56 -94.68 -57.27
C SER K 1241 43.67 -94.78 -56.25
N LEU K 1242 44.66 -93.89 -56.33
CA LEU K 1242 45.81 -93.94 -55.44
C LEU K 1242 45.39 -93.42 -54.08
N PRO K 1243 45.50 -94.21 -53.02
CA PRO K 1243 45.13 -93.70 -51.69
C PRO K 1243 46.19 -92.77 -51.17
N GLN K 1244 45.75 -91.68 -50.55
CA GLN K 1244 46.65 -90.72 -49.95
C GLN K 1244 46.19 -90.43 -48.54
N PHE K 1245 47.11 -89.92 -47.73
CA PHE K 1245 46.79 -89.67 -46.34
C PHE K 1245 46.00 -88.38 -46.21
N GLU K 1246 45.24 -88.27 -45.12
CA GLU K 1246 44.37 -87.14 -44.85
C GLU K 1246 44.08 -87.13 -43.38
N PRO K 1247 43.88 -85.97 -42.77
CA PRO K 1247 43.55 -85.93 -41.34
C PRO K 1247 42.15 -86.46 -41.11
N VAL K 1248 41.96 -87.03 -39.93
CA VAL K 1248 40.65 -87.64 -39.62
C VAL K 1248 39.65 -86.54 -39.29
N PRO K 1249 38.46 -86.55 -39.89
CA PRO K 1249 37.48 -85.51 -39.59
C PRO K 1249 36.92 -85.69 -38.19
N PRO K 1250 36.71 -84.62 -37.46
CA PRO K 1250 36.20 -84.77 -36.09
C PRO K 1250 34.76 -85.21 -36.03
N GLU K 1251 33.99 -84.99 -37.10
CA GLU K 1251 32.65 -85.55 -37.21
C GLU K 1251 32.69 -86.87 -37.98
N HIS K 1252 33.56 -87.77 -37.54
CA HIS K 1252 33.56 -89.06 -38.19
C HIS K 1252 32.65 -90.00 -37.42
N PRO K 1253 31.82 -90.79 -38.09
CA PRO K 1253 30.81 -91.58 -37.37
C PRO K 1253 31.35 -92.76 -36.59
N HIS K 1254 32.56 -93.24 -36.90
CA HIS K 1254 33.08 -94.43 -36.25
C HIS K 1254 34.33 -94.16 -35.44
N TYR K 1255 35.23 -93.35 -35.99
CA TYR K 1255 36.54 -93.15 -35.38
C TYR K 1255 36.56 -91.77 -34.73
N GLU K 1256 37.30 -91.66 -33.63
CA GLU K 1256 37.50 -90.37 -33.00
C GLU K 1256 38.79 -90.43 -32.20
N VAL K 1257 39.45 -89.28 -32.10
CA VAL K 1257 40.72 -89.18 -31.41
C VAL K 1257 40.57 -88.18 -30.28
N ALA K 1258 41.57 -88.17 -29.41
CA ALA K 1258 41.57 -87.26 -28.26
C ALA K 1258 43.00 -87.05 -27.82
N ARG K 1259 43.52 -85.84 -28.02
CA ARG K 1259 44.86 -85.51 -27.59
C ARG K 1259 44.81 -85.18 -26.11
N MET K 1260 45.30 -86.09 -25.29
CA MET K 1260 45.24 -85.91 -23.84
C MET K 1260 46.47 -85.19 -23.32
N ASP K 1261 46.30 -84.51 -22.20
CA ASP K 1261 47.34 -83.70 -21.60
C ASP K 1261 48.47 -84.56 -21.03
N GLY K 1262 49.66 -83.98 -20.96
CA GLY K 1262 50.81 -84.65 -20.39
C GLY K 1262 50.98 -84.26 -18.93
N THR K 1263 51.03 -85.28 -18.08
CA THR K 1263 51.09 -85.07 -16.64
C THR K 1263 52.51 -85.33 -16.14
N VAL K 1264 52.67 -85.34 -14.81
CA VAL K 1264 53.94 -85.80 -14.23
C VAL K 1264 54.04 -87.32 -14.31
N ASP K 1265 52.92 -88.02 -14.38
CA ASP K 1265 52.90 -89.47 -14.50
C ASP K 1265 52.74 -89.94 -15.94
N THR K 1266 52.29 -89.06 -16.83
CA THR K 1266 51.99 -89.46 -18.19
C THR K 1266 52.58 -88.46 -19.16
N PRO K 1267 53.18 -88.91 -20.26
CA PRO K 1267 53.61 -87.98 -21.31
C PRO K 1267 52.42 -87.39 -22.04
N PRO K 1268 52.63 -86.33 -22.83
CA PRO K 1268 51.57 -85.90 -23.76
C PRO K 1268 51.23 -87.01 -24.73
N CYS K 1269 49.94 -87.25 -24.91
CA CYS K 1269 49.49 -88.45 -25.58
C CYS K 1269 48.17 -88.22 -26.29
N LEU K 1270 47.90 -89.08 -27.26
CA LEU K 1270 46.66 -89.04 -28.04
C LEU K 1270 46.23 -90.46 -28.35
N ARG K 1271 44.91 -90.68 -28.30
CA ARG K 1271 44.33 -92.00 -28.36
C ARG K 1271 43.43 -92.13 -29.57
N LEU K 1272 42.97 -93.35 -29.82
CA LEU K 1272 41.97 -93.64 -30.83
C LEU K 1272 40.95 -94.62 -30.26
N ALA K 1273 39.74 -94.14 -30.05
CA ALA K 1273 38.69 -94.96 -29.46
C ALA K 1273 37.58 -95.13 -30.49
N HIS K 1274 37.07 -96.36 -30.60
CA HIS K 1274 35.98 -96.64 -31.51
C HIS K 1274 34.69 -96.08 -30.93
N ARG K 1275 33.92 -95.38 -31.76
CA ARG K 1275 32.64 -94.86 -31.31
C ARG K 1275 31.61 -95.98 -31.22
N THR K 1276 31.33 -96.62 -32.34
CA THR K 1276 30.27 -97.61 -32.44
C THR K 1276 30.91 -98.99 -32.42
N TRP K 1277 31.26 -99.44 -31.22
CA TRP K 1277 31.74 -100.81 -31.11
C TRP K 1277 30.63 -101.77 -30.69
N GLY K 1278 29.49 -101.24 -30.28
CA GLY K 1278 28.35 -102.09 -29.96
C GLY K 1278 27.60 -102.52 -31.20
N SER K 1279 26.27 -102.44 -31.16
CA SER K 1279 25.47 -102.80 -32.32
C SER K 1279 25.22 -101.58 -33.19
N GLN K 1280 24.25 -101.71 -34.11
CA GLN K 1280 23.80 -100.65 -35.02
C GLN K 1280 24.92 -100.18 -35.93
N ASN K 1281 25.29 -101.10 -36.84
CA ASN K 1281 26.20 -100.86 -37.97
C ASN K 1281 27.62 -100.52 -37.49
N SER K 1282 28.14 -101.39 -36.63
CA SER K 1282 29.51 -101.28 -36.17
C SER K 1282 30.44 -101.68 -37.30
N LEU K 1283 31.06 -100.68 -37.92
CA LEU K 1283 31.99 -100.89 -39.01
C LEU K 1283 33.37 -101.18 -38.41
N VAL K 1284 34.07 -102.15 -38.96
CA VAL K 1284 35.40 -102.51 -38.51
C VAL K 1284 36.18 -103.04 -39.71
N GLU K 1285 37.34 -102.44 -39.96
CA GLU K 1285 38.29 -102.89 -40.96
C GLU K 1285 39.63 -102.30 -40.62
N MET K 1286 40.68 -102.84 -41.23
CA MET K 1286 42.04 -102.49 -40.84
C MET K 1286 42.40 -101.11 -41.34
N LEU K 1287 42.45 -100.15 -40.43
CA LEU K 1287 42.75 -98.76 -40.75
C LEU K 1287 44.22 -98.50 -40.45
N PHE K 1288 44.77 -97.50 -41.12
CA PHE K 1288 46.20 -97.23 -41.10
C PHE K 1288 46.43 -95.83 -40.57
N LEU K 1289 47.12 -95.72 -39.44
CA LEU K 1289 47.38 -94.44 -38.82
C LEU K 1289 48.81 -93.99 -39.10
N ARG K 1290 48.95 -92.83 -39.71
CA ARG K 1290 50.22 -92.19 -39.90
C ARG K 1290 50.21 -90.88 -39.15
N LEU K 1291 51.34 -90.49 -38.58
CA LEU K 1291 51.37 -89.16 -38.01
C LEU K 1291 51.67 -88.13 -39.08
N SER K 1292 51.73 -86.88 -38.67
CA SER K 1292 51.73 -85.77 -39.62
C SER K 1292 53.11 -85.18 -39.85
N LEU K 1293 54.05 -85.46 -39.00
CA LEU K 1293 55.33 -84.82 -39.25
C LEU K 1293 56.41 -85.88 -39.40
N PRO K 1294 57.28 -85.74 -40.38
CA PRO K 1294 58.36 -86.71 -40.57
C PRO K 1294 59.54 -86.41 -39.66
N VAL K 1295 60.40 -87.39 -39.52
CA VAL K 1295 61.73 -87.21 -38.98
C VAL K 1295 62.70 -87.33 -40.15
N GLN K 1296 63.85 -86.71 -40.00
CA GLN K 1296 64.78 -86.58 -41.11
C GLN K 1296 66.11 -87.19 -40.72
N PHE K 1297 66.59 -88.14 -41.51
CA PHE K 1297 67.92 -88.67 -41.28
C PHE K 1297 68.96 -87.72 -41.84
N HIS K 1298 70.11 -87.65 -41.17
CA HIS K 1298 71.12 -86.67 -41.50
C HIS K 1298 71.78 -86.94 -42.84
N GLN K 1299 72.47 -85.94 -43.35
CA GLN K 1299 72.97 -85.97 -44.71
C GLN K 1299 74.10 -86.97 -44.90
N HIS K 1300 75.02 -87.03 -43.96
CA HIS K 1300 76.09 -88.02 -43.97
C HIS K 1300 76.07 -88.75 -42.63
N PHE K 1301 76.36 -90.03 -42.66
CA PHE K 1301 76.31 -90.78 -41.42
C PHE K 1301 77.58 -90.57 -40.61
N ARG K 1302 77.57 -91.13 -39.39
CA ARG K 1302 78.71 -91.00 -38.49
C ARG K 1302 79.89 -91.80 -38.99
N CYS K 1303 79.63 -92.94 -39.62
CA CYS K 1303 80.61 -93.84 -40.24
C CYS K 1303 81.70 -94.31 -39.26
N ASP K 1422 68.85 -88.25 -16.57
CA ASP K 1422 69.97 -88.28 -17.50
C ASP K 1422 71.03 -87.26 -17.16
N ASP K 1423 72.24 -87.50 -17.64
CA ASP K 1423 73.28 -86.49 -17.54
C ASP K 1423 73.03 -85.39 -18.56
N PRO K 1424 73.28 -84.13 -18.20
CA PRO K 1424 73.16 -83.05 -19.19
C PRO K 1424 74.21 -83.10 -20.28
N GLU K 1425 75.28 -83.88 -20.11
CA GLU K 1425 76.24 -84.04 -21.21
C GLU K 1425 75.70 -84.97 -22.28
N ILE K 1426 75.17 -86.13 -21.88
CA ILE K 1426 74.73 -87.12 -22.86
C ILE K 1426 73.45 -86.69 -23.56
N ILE K 1427 72.57 -85.97 -22.87
CA ILE K 1427 71.27 -85.65 -23.46
C ILE K 1427 71.35 -84.45 -24.40
N LEU K 1428 72.45 -83.71 -24.38
CA LEU K 1428 72.60 -82.59 -25.29
C LEU K 1428 73.50 -82.91 -26.46
N ASN K 1429 73.93 -84.16 -26.59
CA ASN K 1429 74.74 -84.60 -27.72
C ASN K 1429 74.14 -85.79 -28.45
N THR K 1430 73.14 -86.43 -27.86
CA THR K 1430 72.57 -87.65 -28.38
C THR K 1430 71.80 -87.42 -29.67
N THR K 1431 71.95 -88.37 -30.61
CA THR K 1431 71.08 -88.45 -31.78
C THR K 1431 70.47 -89.84 -31.81
N THR K 1432 69.43 -90.03 -30.99
CA THR K 1432 68.56 -91.19 -31.02
C THR K 1432 67.32 -90.86 -30.20
N TYR K 1433 66.17 -91.27 -30.73
CA TYR K 1433 64.89 -90.78 -30.27
C TYR K 1433 63.96 -91.94 -29.96
N TYR K 1434 62.95 -91.64 -29.16
CA TYR K 1434 62.01 -92.64 -28.68
C TYR K 1434 60.59 -92.13 -28.78
N TYR K 1435 59.70 -92.96 -29.30
CA TYR K 1435 58.27 -92.76 -29.13
C TYR K 1435 57.68 -94.07 -28.66
N SER K 1436 56.41 -94.05 -28.30
CA SER K 1436 55.80 -95.19 -27.63
C SER K 1436 54.32 -95.28 -27.98
N VAL K 1437 53.87 -96.52 -28.14
CA VAL K 1437 52.45 -96.82 -28.23
C VAL K 1437 52.14 -97.85 -27.17
N ARG K 1438 50.89 -97.86 -26.72
CA ARG K 1438 50.43 -98.83 -25.74
C ARG K 1438 49.12 -99.42 -26.23
N VAL K 1439 49.14 -100.70 -26.54
CA VAL K 1439 47.93 -101.41 -26.92
C VAL K 1439 47.13 -101.69 -25.67
N PHE K 1440 45.89 -101.24 -25.66
CA PHE K 1440 45.02 -101.42 -24.50
C PHE K 1440 44.56 -102.86 -24.41
N ALA K 1441 43.94 -103.17 -23.27
CA ALA K 1441 43.31 -104.47 -23.09
C ALA K 1441 42.11 -104.58 -24.00
N GLY K 1442 41.76 -105.81 -24.36
CA GLY K 1442 40.71 -106.04 -25.32
C GLY K 1442 41.11 -105.87 -26.76
N GLN K 1443 42.36 -105.52 -27.02
CA GLN K 1443 42.88 -105.46 -28.38
C GLN K 1443 43.99 -106.49 -28.52
N GLU K 1444 43.89 -107.32 -29.53
CA GLU K 1444 44.87 -108.36 -29.74
C GLU K 1444 46.11 -107.79 -30.41
N PRO K 1445 47.30 -108.02 -29.87
CA PRO K 1445 48.54 -107.69 -30.59
C PRO K 1445 48.79 -108.52 -31.84
N SER K 1446 48.04 -109.62 -32.02
CA SER K 1446 48.07 -110.36 -33.28
C SER K 1446 47.61 -109.51 -34.46
N CYS K 1447 46.69 -108.57 -34.23
CA CYS K 1447 46.20 -107.68 -35.26
C CYS K 1447 46.66 -106.25 -35.07
N VAL K 1448 47.92 -106.06 -34.66
CA VAL K 1448 48.49 -104.75 -34.44
C VAL K 1448 49.87 -104.74 -35.09
N TRP K 1449 50.13 -103.74 -35.90
CA TRP K 1449 51.44 -103.56 -36.51
C TRP K 1449 51.94 -102.17 -36.18
N VAL K 1450 53.16 -102.08 -35.66
CA VAL K 1450 53.72 -100.81 -35.20
C VAL K 1450 55.07 -100.61 -35.87
N GLY K 1451 55.30 -99.40 -36.38
CA GLY K 1451 56.62 -99.05 -36.86
C GLY K 1451 56.72 -97.75 -37.63
N TRP K 1452 57.34 -97.78 -38.80
CA TRP K 1452 57.68 -96.58 -39.53
C TRP K 1452 57.34 -96.73 -41.01
N VAL K 1453 56.99 -95.62 -41.64
CA VAL K 1453 56.48 -95.60 -43.01
C VAL K 1453 57.01 -94.35 -43.71
N THR K 1454 57.60 -94.54 -44.90
CA THR K 1454 58.05 -93.49 -45.78
C THR K 1454 56.89 -93.02 -46.68
N PRO K 1455 56.93 -91.76 -47.15
CA PRO K 1455 55.77 -91.22 -47.92
C PRO K 1455 55.35 -91.99 -49.16
N ASP K 1456 56.24 -92.67 -49.86
CA ASP K 1456 55.83 -93.40 -51.07
C ASP K 1456 55.34 -94.81 -50.70
N TYR K 1457 54.20 -94.84 -50.00
CA TYR K 1457 53.58 -96.08 -49.58
C TYR K 1457 52.08 -95.89 -49.68
N HIS K 1458 51.43 -96.65 -50.56
CA HIS K 1458 50.00 -96.53 -50.82
C HIS K 1458 49.32 -97.88 -50.93
N GLN K 1459 49.57 -98.78 -49.98
CA GLN K 1459 48.91 -100.08 -49.96
C GLN K 1459 47.71 -100.02 -49.02
N HIS K 1460 46.51 -99.96 -49.61
CA HIS K 1460 45.26 -99.92 -48.85
C HIS K 1460 44.55 -101.26 -49.10
N ASP K 1461 44.74 -102.19 -48.17
CA ASP K 1461 44.10 -103.50 -48.28
C ASP K 1461 43.69 -103.96 -46.89
N MET K 1462 42.65 -104.79 -46.83
CA MET K 1462 42.21 -105.36 -45.57
C MET K 1462 42.84 -106.71 -45.28
N ASN K 1463 43.68 -107.22 -46.17
CA ASN K 1463 44.28 -108.53 -45.99
C ASN K 1463 45.77 -108.39 -45.77
N PHE K 1464 46.19 -107.28 -45.18
CA PHE K 1464 47.60 -106.99 -45.05
C PHE K 1464 48.25 -107.84 -43.97
N ASP K 1465 49.32 -108.54 -44.34
CA ASP K 1465 50.24 -109.15 -43.41
C ASP K 1465 51.63 -108.67 -43.78
N LEU K 1466 52.60 -108.97 -42.91
CA LEU K 1466 53.97 -108.49 -43.12
C LEU K 1466 54.64 -109.09 -44.35
N SER K 1467 54.11 -110.18 -44.90
CA SER K 1467 54.55 -110.65 -46.20
C SER K 1467 54.15 -109.70 -47.33
N LYS K 1468 53.07 -108.96 -47.14
CA LYS K 1468 52.60 -108.02 -48.15
C LYS K 1468 53.24 -106.65 -47.99
N VAL K 1469 54.56 -106.61 -47.88
CA VAL K 1469 55.32 -105.38 -47.75
C VAL K 1469 56.30 -105.34 -48.91
N ARG K 1470 56.32 -104.22 -49.63
CA ARG K 1470 57.28 -104.06 -50.71
C ARG K 1470 58.68 -103.95 -50.13
N ALA K 1471 59.62 -104.67 -50.74
CA ALA K 1471 61.01 -104.65 -50.34
C ALA K 1471 61.84 -105.07 -51.53
N VAL K 1472 62.74 -104.20 -51.96
CA VAL K 1472 63.56 -104.41 -53.14
C VAL K 1472 65.02 -104.33 -52.72
N THR K 1473 65.78 -105.37 -53.03
CA THR K 1473 67.19 -105.45 -52.65
C THR K 1473 68.03 -105.08 -53.86
N VAL K 1474 68.85 -104.05 -53.70
CA VAL K 1474 69.76 -103.59 -54.74
C VAL K 1474 71.17 -104.00 -54.36
N THR K 1475 71.85 -104.71 -55.26
CA THR K 1475 73.23 -105.11 -55.07
C THR K 1475 74.04 -104.60 -56.24
N MET K 1476 75.28 -104.20 -55.97
CA MET K 1476 76.20 -103.78 -57.01
C MET K 1476 77.56 -104.39 -56.75
N GLY K 1477 78.31 -104.66 -57.82
CA GLY K 1477 79.64 -105.20 -57.68
C GLY K 1477 80.61 -104.64 -58.69
N ASP K 1478 81.76 -105.27 -58.80
CA ASP K 1478 82.78 -104.86 -59.77
C ASP K 1478 82.56 -105.60 -61.08
N GLU K 1479 83.45 -105.36 -62.04
CA GLU K 1479 83.48 -106.15 -63.27
C GLU K 1479 83.92 -107.59 -63.02
N GLN K 1480 84.61 -107.84 -61.91
CA GLN K 1480 84.97 -109.21 -61.54
C GLN K 1480 83.77 -110.00 -61.07
N GLY K 1481 82.69 -109.33 -60.69
CA GLY K 1481 81.48 -109.99 -60.22
C GLY K 1481 81.36 -110.02 -58.70
N ASN K 1482 82.45 -109.77 -57.98
CA ASN K 1482 82.40 -109.69 -56.53
C ASN K 1482 81.63 -108.45 -56.11
N VAL K 1483 80.71 -108.64 -55.16
CA VAL K 1483 79.77 -107.58 -54.79
C VAL K 1483 80.49 -106.50 -53.98
N HIS K 1484 79.89 -105.31 -53.98
CA HIS K 1484 80.40 -104.18 -53.25
C HIS K 1484 79.45 -103.67 -52.18
N SER K 1485 78.15 -103.79 -52.44
CA SER K 1485 77.13 -103.31 -51.53
C SER K 1485 75.85 -104.08 -51.79
N SER K 1486 75.00 -104.15 -50.77
CA SER K 1486 73.71 -104.82 -50.88
C SER K 1486 72.69 -103.99 -50.12
N LEU K 1487 71.98 -103.12 -50.84
CA LEU K 1487 71.05 -102.19 -50.22
C LEU K 1487 69.64 -102.73 -50.37
N LYS K 1488 68.84 -102.59 -49.31
CA LYS K 1488 67.44 -102.97 -49.32
C LYS K 1488 66.57 -101.76 -49.01
N CYS K 1489 65.78 -101.33 -49.99
CA CYS K 1489 64.80 -100.28 -49.80
C CYS K 1489 63.46 -100.93 -49.54
N SER K 1490 62.79 -100.51 -48.48
CA SER K 1490 61.42 -100.93 -48.21
C SER K 1490 60.56 -99.70 -47.99
N ASN K 1491 59.29 -99.81 -48.37
CA ASN K 1491 58.37 -98.70 -48.18
C ASN K 1491 57.72 -98.72 -46.81
N CYS K 1492 58.20 -99.53 -45.89
CA CYS K 1492 57.56 -99.80 -44.61
C CYS K 1492 58.59 -100.42 -43.67
N TYR K 1493 58.64 -99.93 -42.45
CA TYR K 1493 59.57 -100.44 -41.44
C TYR K 1493 58.78 -100.64 -40.15
N MET K 1494 58.23 -101.84 -39.98
CA MET K 1494 57.42 -102.15 -38.82
C MET K 1494 57.81 -103.50 -38.22
N VAL K 1495 57.17 -103.79 -37.09
CA VAL K 1495 57.26 -105.09 -36.42
C VAL K 1495 55.84 -105.63 -36.27
N TRP K 1496 55.75 -106.85 -35.78
CA TRP K 1496 54.46 -107.43 -35.44
C TRP K 1496 54.31 -107.48 -33.94
N GLY K 1497 53.20 -106.91 -33.44
CA GLY K 1497 52.89 -107.02 -32.03
C GLY K 1497 52.54 -108.42 -31.58
N GLY K 1498 52.08 -109.25 -32.51
CA GLY K 1498 51.83 -110.65 -32.20
C GLY K 1498 53.10 -111.48 -32.05
N ASP K 1499 54.25 -110.93 -32.42
CA ASP K 1499 55.51 -111.62 -32.25
C ASP K 1499 56.09 -111.47 -30.85
N PHE K 1500 55.35 -110.86 -29.92
CA PHE K 1500 55.83 -110.76 -28.54
C PHE K 1500 54.86 -111.36 -27.56
N VAL K 1501 53.56 -111.21 -27.80
CA VAL K 1501 52.55 -111.81 -26.95
C VAL K 1501 51.84 -112.91 -27.72
N ILE K 1509 43.37 -114.26 -24.22
CA ILE K 1509 42.80 -113.18 -23.42
C ILE K 1509 43.83 -112.66 -22.43
N SER K 1510 44.51 -111.57 -22.78
CA SER K 1510 45.48 -110.95 -21.90
C SER K 1510 44.87 -109.75 -21.20
N HIS K 1511 45.01 -109.71 -19.88
CA HIS K 1511 44.52 -108.58 -19.10
C HIS K 1511 45.57 -107.50 -18.89
N THR K 1512 46.63 -107.49 -19.69
CA THR K 1512 47.70 -106.52 -19.56
C THR K 1512 47.99 -105.86 -20.90
N ASP K 1513 48.72 -104.76 -20.84
CA ASP K 1513 48.94 -103.89 -21.99
C ASP K 1513 50.34 -104.06 -22.56
N LEU K 1514 50.40 -104.61 -23.77
CA LEU K 1514 51.66 -104.74 -24.49
C LEU K 1514 52.09 -103.35 -24.97
N VAL K 1515 53.19 -102.85 -24.43
CA VAL K 1515 53.69 -101.52 -24.76
C VAL K 1515 54.90 -101.69 -25.67
N ILE K 1516 54.82 -101.17 -26.87
CA ILE K 1516 55.89 -101.29 -27.86
C ILE K 1516 56.49 -99.91 -28.07
N GLY K 1517 57.80 -99.80 -27.90
CA GLY K 1517 58.52 -98.57 -28.14
C GLY K 1517 59.62 -98.79 -29.16
N CYS K 1518 59.91 -97.76 -29.94
CA CYS K 1518 60.85 -97.87 -31.03
C CYS K 1518 61.99 -96.88 -30.84
N LEU K 1519 63.12 -97.16 -31.47
CA LEU K 1519 64.35 -96.39 -31.28
C LEU K 1519 64.97 -96.13 -32.64
N VAL K 1520 65.18 -94.86 -32.95
CA VAL K 1520 65.73 -94.45 -34.24
C VAL K 1520 66.92 -93.55 -33.99
N ASP K 1521 68.07 -93.94 -34.53
CA ASP K 1521 69.34 -93.23 -34.34
C ASP K 1521 69.65 -92.48 -35.63
N LEU K 1522 69.56 -91.15 -35.57
CA LEU K 1522 69.59 -90.32 -36.78
C LEU K 1522 70.97 -90.25 -37.43
N ALA K 1523 72.04 -90.21 -36.65
CA ALA K 1523 73.35 -90.03 -37.25
C ALA K 1523 73.89 -91.33 -37.83
N THR K 1524 73.23 -92.45 -37.56
CA THR K 1524 73.62 -93.72 -38.16
C THR K 1524 72.54 -94.30 -39.05
N GLY K 1525 71.30 -93.87 -38.90
CA GLY K 1525 70.21 -94.48 -39.63
C GLY K 1525 69.85 -95.86 -39.14
N LEU K 1526 70.23 -96.19 -37.90
CA LEU K 1526 69.96 -97.49 -37.31
C LEU K 1526 68.66 -97.43 -36.54
N MET K 1527 67.76 -98.37 -36.80
CA MET K 1527 66.45 -98.41 -36.16
C MET K 1527 66.29 -99.72 -35.41
N THR K 1528 65.95 -99.63 -34.13
CA THR K 1528 65.69 -100.78 -33.29
C THR K 1528 64.37 -100.61 -32.57
N PHE K 1529 63.87 -101.69 -31.99
CA PHE K 1529 62.54 -101.73 -31.41
C PHE K 1529 62.58 -102.48 -30.09
N THR K 1530 61.97 -101.90 -29.07
CA THR K 1530 61.96 -102.46 -27.73
C THR K 1530 60.55 -102.94 -27.38
N ALA K 1531 60.48 -104.12 -26.78
CA ALA K 1531 59.20 -104.69 -26.35
C ALA K 1531 59.19 -104.77 -24.85
N ASN K 1532 58.44 -103.84 -24.22
CA ASN K 1532 58.31 -103.72 -22.76
C ASN K 1532 59.67 -103.59 -22.07
N GLY K 1533 60.58 -102.85 -22.70
CA GLY K 1533 61.92 -102.71 -22.19
C GLY K 1533 62.84 -103.87 -22.49
N LYS K 1534 62.34 -104.93 -23.12
CA LYS K 1534 63.16 -106.04 -23.57
C LYS K 1534 63.37 -105.93 -25.06
N GLU K 1535 64.62 -105.83 -25.48
CA GLU K 1535 64.95 -105.58 -26.87
C GLU K 1535 64.60 -106.79 -27.74
N SER K 1536 64.01 -106.50 -28.89
CA SER K 1536 63.63 -107.53 -29.84
C SER K 1536 64.83 -107.87 -30.70
N ASN K 1537 64.75 -108.99 -31.39
CA ASN K 1537 65.83 -109.46 -32.23
C ASN K 1537 66.00 -108.63 -33.51
N THR K 1538 64.94 -107.98 -33.97
CA THR K 1538 65.01 -107.29 -35.24
C THR K 1538 65.67 -105.93 -35.10
N PHE K 1539 66.03 -105.37 -36.25
CA PHE K 1539 66.70 -104.09 -36.36
C PHE K 1539 66.63 -103.64 -37.81
N PHE K 1540 66.90 -102.36 -38.05
CA PHE K 1540 66.79 -101.81 -39.39
C PHE K 1540 67.80 -100.69 -39.60
N GLN K 1541 68.35 -100.63 -40.81
CA GLN K 1541 69.31 -99.61 -41.18
C GLN K 1541 68.97 -99.10 -42.57
N VAL K 1542 69.06 -97.78 -42.75
CA VAL K 1542 68.55 -97.13 -43.96
C VAL K 1542 69.63 -96.32 -44.67
N GLU K 1543 69.23 -95.68 -45.77
CA GLU K 1543 70.09 -94.80 -46.54
C GLU K 1543 70.36 -93.50 -45.77
N PRO K 1544 71.36 -92.71 -46.17
CA PRO K 1544 71.60 -91.44 -45.46
C PRO K 1544 70.48 -90.42 -45.56
N ASN K 1545 70.11 -90.00 -46.75
CA ASN K 1545 69.14 -88.92 -46.89
C ASN K 1545 67.77 -89.51 -47.16
N THR K 1546 67.08 -89.87 -46.09
CA THR K 1546 65.71 -90.34 -46.21
C THR K 1546 64.93 -89.89 -44.98
N LYS K 1547 63.62 -89.85 -45.14
CA LYS K 1547 62.73 -89.44 -44.06
C LYS K 1547 61.84 -90.61 -43.69
N LEU K 1548 61.10 -90.43 -42.60
CA LEU K 1548 60.26 -91.50 -42.07
C LEU K 1548 59.11 -90.91 -41.29
N PHE K 1549 57.95 -91.49 -41.45
CA PHE K 1549 56.84 -91.10 -40.59
C PHE K 1549 56.61 -92.19 -39.57
N PRO K 1550 56.30 -91.85 -38.34
CA PRO K 1550 55.88 -92.87 -37.37
C PRO K 1550 54.55 -93.46 -37.76
N ALA K 1551 54.38 -94.77 -37.61
CA ALA K 1551 53.23 -95.45 -38.18
C ALA K 1551 52.71 -96.53 -37.24
N VAL K 1552 51.40 -96.69 -37.22
CA VAL K 1552 50.71 -97.78 -36.52
C VAL K 1552 49.60 -98.27 -37.42
N PHE K 1553 49.58 -99.57 -37.70
CA PHE K 1553 48.49 -100.18 -38.45
C PHE K 1553 47.74 -101.09 -37.51
N VAL K 1554 46.41 -101.07 -37.56
CA VAL K 1554 45.63 -101.79 -36.59
C VAL K 1554 44.27 -102.15 -37.20
N LEU K 1555 43.80 -103.35 -36.88
CA LEU K 1555 42.40 -103.70 -36.99
C LEU K 1555 41.82 -103.70 -35.60
N PRO K 1556 40.87 -102.82 -35.29
CA PRO K 1556 40.45 -102.64 -33.89
C PRO K 1556 39.48 -103.72 -33.45
N THR K 1557 39.57 -104.12 -32.18
CA THR K 1557 38.64 -105.09 -31.60
C THR K 1557 38.19 -104.70 -30.20
N HIS K 1558 38.06 -103.42 -29.91
CA HIS K 1558 37.66 -102.98 -28.58
C HIS K 1558 36.99 -101.62 -28.68
N GLN K 1559 36.42 -101.17 -27.57
CA GLN K 1559 35.92 -99.79 -27.50
C GLN K 1559 37.08 -98.82 -27.43
N ASN K 1560 38.16 -99.19 -26.75
CA ASN K 1560 39.37 -98.39 -26.67
C ASN K 1560 40.52 -99.22 -27.25
N VAL K 1561 41.25 -98.66 -28.22
CA VAL K 1561 42.15 -99.52 -28.96
C VAL K 1561 43.62 -99.26 -28.63
N ILE K 1562 44.14 -98.10 -29.04
CA ILE K 1562 45.56 -97.80 -28.89
C ILE K 1562 45.71 -96.40 -28.31
N GLN K 1563 46.95 -96.05 -27.98
CA GLN K 1563 47.26 -94.71 -27.51
C GLN K 1563 48.67 -94.38 -27.97
N PHE K 1564 48.80 -93.29 -28.73
CA PHE K 1564 50.12 -92.78 -29.07
C PHE K 1564 50.68 -92.04 -27.87
N GLU K 1565 51.82 -92.48 -27.34
CA GLU K 1565 52.43 -91.88 -26.16
C GLU K 1565 53.75 -91.24 -26.54
N LEU K 1566 53.80 -89.90 -26.44
CA LEU K 1566 54.96 -89.14 -26.89
C LEU K 1566 55.89 -88.86 -25.70
N GLY K 1567 56.61 -89.90 -25.32
CA GLY K 1567 57.47 -89.83 -24.16
C GLY K 1567 58.93 -90.11 -24.46
N LYS K 1568 59.76 -89.87 -23.45
CA LYS K 1568 61.19 -90.07 -23.54
C LYS K 1568 61.63 -91.17 -22.56
N GLN K 1569 62.76 -91.79 -22.86
CA GLN K 1569 63.34 -92.77 -21.97
C GLN K 1569 64.40 -92.10 -21.10
N LYS K 1570 65.24 -92.92 -20.45
CA LYS K 1570 66.06 -92.45 -19.33
C LYS K 1570 67.16 -91.50 -19.77
N ASN K 1571 67.64 -91.62 -21.00
CA ASN K 1571 68.75 -90.77 -21.42
C ASN K 1571 68.64 -90.31 -22.87
N ILE K 1572 67.45 -90.26 -23.45
CA ILE K 1572 67.26 -89.90 -24.85
C ILE K 1572 66.07 -88.95 -24.98
N MET K 1573 66.14 -88.05 -25.95
CA MET K 1573 65.18 -86.97 -26.07
C MET K 1573 63.94 -87.43 -26.83
N PRO K 1574 62.75 -86.91 -26.46
CA PRO K 1574 61.51 -87.39 -27.08
C PRO K 1574 61.31 -86.85 -28.47
N LEU K 1575 60.20 -87.26 -29.09
CA LEU K 1575 59.94 -86.97 -30.50
C LEU K 1575 59.63 -85.49 -30.76
N SER K 1576 59.32 -84.72 -29.73
CA SER K 1576 59.14 -83.29 -29.89
C SER K 1576 60.41 -82.59 -30.34
N ALA K 1577 61.56 -83.00 -29.82
CA ALA K 1577 62.80 -82.35 -30.22
C ALA K 1577 63.24 -82.75 -31.63
N ALA K 1578 62.72 -83.85 -32.14
CA ALA K 1578 63.16 -84.35 -33.44
C ALA K 1578 62.59 -83.55 -34.59
N MET K 1579 61.37 -83.05 -34.46
CA MET K 1579 60.63 -82.56 -35.61
C MET K 1579 60.40 -81.06 -35.60
N PHE K 1580 60.93 -80.36 -34.62
CA PHE K 1580 60.80 -78.91 -34.56
C PHE K 1580 62.16 -78.29 -34.29
N LEU K 1581 62.69 -77.61 -35.30
CA LEU K 1581 64.05 -77.11 -35.29
C LEU K 1581 64.30 -76.08 -34.21
N SER K 1582 63.25 -75.40 -33.74
CA SER K 1582 63.43 -74.47 -32.65
C SER K 1582 63.57 -75.16 -31.30
N GLU K 1583 63.27 -76.46 -31.22
CA GLU K 1583 63.23 -77.14 -29.93
C GLU K 1583 64.08 -78.40 -29.93
N ARG K 1584 65.18 -78.41 -30.68
CA ARG K 1584 66.03 -79.59 -30.72
C ARG K 1584 66.79 -79.79 -29.42
N LYS K 1585 66.96 -78.73 -28.66
CA LYS K 1585 67.72 -78.80 -27.42
C LYS K 1585 66.84 -79.02 -26.21
N ASN K 1586 65.53 -78.94 -26.36
CA ASN K 1586 64.62 -79.15 -25.25
C ASN K 1586 64.30 -80.62 -25.14
N PRO K 1587 64.51 -81.26 -23.99
CA PRO K 1587 64.06 -82.64 -23.79
C PRO K 1587 62.68 -82.76 -23.18
N ALA K 1588 61.98 -81.66 -22.98
CA ALA K 1588 60.63 -81.80 -22.46
C ALA K 1588 59.68 -82.20 -23.57
N PRO K 1589 58.92 -83.28 -23.39
CA PRO K 1589 58.01 -83.73 -24.45
C PRO K 1589 56.82 -82.79 -24.59
N GLN K 1590 56.55 -82.40 -25.83
CA GLN K 1590 55.46 -81.48 -26.14
C GLN K 1590 54.61 -82.09 -27.26
N CYS K 1591 53.40 -81.54 -27.41
CA CYS K 1591 52.52 -81.92 -28.51
C CYS K 1591 51.78 -80.68 -29.01
N PRO K 1592 52.39 -79.93 -29.91
CA PRO K 1592 51.74 -78.76 -30.47
C PRO K 1592 50.69 -79.18 -31.48
N PRO K 1593 49.71 -78.32 -31.81
CA PRO K 1593 48.57 -78.79 -32.63
C PRO K 1593 48.90 -79.05 -34.09
N ARG K 1594 50.09 -78.69 -34.56
CA ARG K 1594 50.45 -79.08 -35.91
C ARG K 1594 50.64 -80.59 -36.01
N LEU K 1595 51.05 -81.23 -34.93
CA LEU K 1595 51.11 -82.67 -34.88
C LEU K 1595 49.69 -83.19 -34.71
N GLU K 1596 49.30 -84.15 -35.54
CA GLU K 1596 48.06 -84.87 -35.37
C GLU K 1596 48.13 -86.22 -36.07
N VAL K 1597 47.08 -86.99 -35.93
CA VAL K 1597 47.00 -88.33 -36.49
C VAL K 1597 46.26 -88.31 -37.81
N GLN K 1598 46.96 -88.71 -38.87
CA GLN K 1598 46.36 -88.84 -40.19
C GLN K 1598 45.75 -90.23 -40.29
N MET K 1599 45.10 -90.48 -41.42
CA MET K 1599 44.70 -91.84 -41.77
C MET K 1599 44.64 -91.93 -43.28
N LEU K 1600 44.33 -93.13 -43.78
CA LEU K 1600 44.49 -93.41 -45.19
C LEU K 1600 43.12 -93.59 -45.84
N MET K 1601 42.63 -92.55 -46.45
CA MET K 1601 41.41 -92.65 -47.23
C MET K 1601 41.70 -93.29 -48.58
N PRO K 1602 40.73 -94.00 -49.17
CA PRO K 1602 41.07 -94.81 -50.35
C PRO K 1602 41.18 -94.04 -51.65
N VAL K 1603 40.35 -93.02 -51.87
CA VAL K 1603 40.39 -92.27 -53.13
C VAL K 1603 40.34 -90.79 -52.82
N SER K 1604 40.58 -89.99 -53.84
CA SER K 1604 40.58 -88.54 -53.70
C SER K 1604 40.35 -87.92 -55.06
N TRP K 1605 39.83 -86.69 -55.05
CA TRP K 1605 39.52 -85.95 -56.26
C TRP K 1605 40.76 -85.26 -56.78
N SER K 1606 41.16 -85.58 -58.00
CA SER K 1606 42.24 -84.85 -58.64
C SER K 1606 41.70 -84.17 -59.88
N ARG K 1607 42.60 -83.54 -60.64
CA ARG K 1607 42.21 -82.70 -61.74
C ARG K 1607 42.88 -83.17 -63.02
N MET K 1608 42.08 -83.32 -64.08
CA MET K 1608 42.64 -83.66 -65.37
C MET K 1608 43.40 -82.47 -65.93
N PRO K 1609 44.50 -82.69 -66.63
CA PRO K 1609 45.15 -81.61 -67.36
C PRO K 1609 44.38 -81.27 -68.62
N ASN K 1610 44.70 -80.13 -69.20
CA ASN K 1610 44.01 -79.65 -70.38
C ASN K 1610 44.62 -80.13 -71.68
N HIS K 1611 45.85 -80.63 -71.67
CA HIS K 1611 46.45 -81.22 -72.87
C HIS K 1611 47.26 -82.43 -72.45
N PHE K 1612 47.50 -83.33 -73.40
CA PHE K 1612 48.23 -84.55 -73.16
C PHE K 1612 49.33 -84.73 -74.21
N LEU K 1613 50.20 -85.69 -73.94
CA LEU K 1613 51.27 -86.00 -74.87
C LEU K 1613 50.73 -86.67 -76.12
N GLN K 1614 51.07 -86.13 -77.28
CA GLN K 1614 50.71 -86.74 -78.55
C GLN K 1614 51.72 -87.83 -78.85
N VAL K 1615 51.27 -89.08 -78.79
CA VAL K 1615 52.14 -90.23 -78.97
C VAL K 1615 51.87 -90.85 -80.33
N GLU K 1616 52.93 -91.15 -81.07
CA GLU K 1616 52.83 -91.76 -82.40
C GLU K 1616 53.47 -93.13 -82.33
N THR K 1617 52.65 -94.16 -82.18
CA THR K 1617 53.14 -95.55 -82.13
C THR K 1617 52.79 -96.23 -83.44
N ARG K 1618 53.80 -96.86 -84.06
CA ARG K 1618 53.59 -97.55 -85.31
C ARG K 1618 54.70 -98.57 -85.50
N ARG K 1619 54.32 -99.80 -85.82
CA ARG K 1619 55.29 -100.82 -86.19
C ARG K 1619 55.81 -100.53 -87.59
N ALA K 1620 57.12 -100.44 -87.72
CA ALA K 1620 57.76 -100.20 -89.00
C ALA K 1620 58.71 -101.36 -89.27
N GLY K 1621 58.40 -102.14 -90.31
CA GLY K 1621 59.25 -103.24 -90.70
C GLY K 1621 59.09 -104.46 -89.81
N GLU K 1622 59.21 -105.63 -90.44
CA GLU K 1622 59.13 -106.88 -89.72
C GLU K 1622 60.42 -107.24 -89.00
N ARG K 1623 61.45 -106.42 -89.12
CA ARG K 1623 62.71 -106.61 -88.41
C ARG K 1623 63.17 -105.38 -87.64
N LEU K 1624 62.72 -104.19 -88.01
CA LEU K 1624 63.00 -103.03 -87.18
C LEU K 1624 62.10 -103.02 -85.96
N GLY K 1625 60.82 -103.28 -86.16
CA GLY K 1625 59.90 -103.49 -85.05
C GLY K 1625 58.93 -102.34 -84.87
N TRP K 1626 58.60 -102.11 -83.61
CA TRP K 1626 57.57 -101.15 -83.24
C TRP K 1626 58.22 -99.83 -82.83
N ALA K 1627 57.84 -98.76 -83.51
CA ALA K 1627 58.42 -97.44 -83.26
C ALA K 1627 57.44 -96.58 -82.48
N VAL K 1628 58.00 -95.64 -81.71
CA VAL K 1628 57.20 -94.73 -80.90
C VAL K 1628 57.98 -93.44 -80.73
N GLN K 1629 57.27 -92.31 -80.84
CA GLN K 1629 57.94 -91.03 -80.81
C GLN K 1629 57.00 -89.95 -80.32
N CYS K 1630 57.58 -88.81 -79.97
CA CYS K 1630 56.86 -87.60 -79.60
C CYS K 1630 57.82 -86.43 -79.73
N GLN K 1631 57.32 -85.28 -80.15
CA GLN K 1631 58.19 -84.14 -80.40
C GLN K 1631 57.78 -82.86 -79.68
N ASP K 1632 56.50 -82.56 -79.58
CA ASP K 1632 56.04 -81.33 -78.96
C ASP K 1632 56.14 -81.39 -77.44
N PRO K 1633 56.72 -80.39 -76.78
CA PRO K 1633 56.85 -80.44 -75.32
C PRO K 1633 55.66 -79.81 -74.63
N LEU K 1634 55.28 -80.35 -73.47
CA LEU K 1634 54.18 -79.82 -72.69
C LEU K 1634 54.54 -79.84 -71.22
N THR K 1635 54.45 -78.67 -70.57
CA THR K 1635 54.92 -78.49 -69.21
C THR K 1635 53.80 -77.98 -68.33
N MET K 1636 54.06 -77.99 -67.04
CA MET K 1636 53.07 -77.52 -66.07
C MET K 1636 53.80 -76.95 -64.86
N MET K 1637 53.06 -76.23 -64.04
CA MET K 1637 53.56 -75.71 -62.79
C MET K 1637 53.21 -76.68 -61.67
N ALA K 1638 54.01 -76.71 -60.62
CA ALA K 1638 53.75 -77.69 -59.58
C ALA K 1638 54.13 -77.14 -58.21
N LEU K 1639 53.23 -77.32 -57.24
CA LEU K 1639 53.56 -77.06 -55.86
C LEU K 1639 54.25 -78.28 -55.28
N HIS K 1640 54.71 -78.17 -54.03
CA HIS K 1640 55.48 -79.28 -53.49
C HIS K 1640 54.93 -79.88 -52.21
N ILE K 1641 54.52 -79.04 -51.25
CA ILE K 1641 54.24 -79.42 -49.86
C ILE K 1641 55.40 -80.21 -49.31
N PRO K 1642 56.50 -79.56 -48.92
CA PRO K 1642 57.77 -80.27 -48.70
C PRO K 1642 57.77 -81.22 -47.53
N GLU K 1643 56.84 -81.08 -46.59
CA GLU K 1643 56.76 -81.99 -45.47
C GLU K 1643 56.30 -83.38 -45.88
N GLU K 1644 55.70 -83.53 -47.06
CA GLU K 1644 55.20 -84.81 -47.50
C GLU K 1644 55.76 -85.26 -48.84
N ASN K 1645 56.52 -84.40 -49.52
CA ASN K 1645 57.19 -84.71 -50.79
C ASN K 1645 56.21 -85.14 -51.89
N ARG K 1646 54.99 -84.64 -51.79
CA ARG K 1646 53.91 -85.00 -52.70
C ARG K 1646 53.52 -83.78 -53.49
N CYS K 1647 53.99 -83.70 -54.73
CA CYS K 1647 53.73 -82.57 -55.59
C CYS K 1647 52.33 -82.66 -56.15
N MET K 1648 51.81 -81.52 -56.61
CA MET K 1648 50.49 -81.47 -57.21
C MET K 1648 50.45 -80.34 -58.23
N ASP K 1649 49.50 -80.43 -59.15
CA ASP K 1649 49.31 -79.38 -60.14
C ASP K 1649 48.73 -78.15 -59.48
N ILE K 1650 49.19 -76.98 -59.93
CA ILE K 1650 48.82 -75.76 -59.24
C ILE K 1650 47.41 -75.33 -59.59
N LEU K 1651 46.87 -75.83 -60.69
CA LEU K 1651 45.50 -75.49 -61.04
C LEU K 1651 44.49 -76.12 -60.11
N GLU K 1652 44.88 -77.13 -59.33
CA GLU K 1652 44.04 -77.73 -58.33
C GLU K 1652 43.72 -76.80 -57.18
N LEU K 1653 44.45 -75.70 -57.03
CA LEU K 1653 44.10 -74.71 -56.04
C LEU K 1653 42.78 -74.02 -56.33
N SER K 1654 42.28 -74.09 -57.56
CA SER K 1654 41.01 -73.48 -57.90
C SER K 1654 39.83 -74.10 -57.16
N GLU K 1655 39.96 -75.35 -56.73
CA GLU K 1655 38.93 -75.96 -55.90
C GLU K 1655 39.43 -76.34 -54.53
N ARG K 1656 40.72 -76.20 -54.24
CA ARG K 1656 41.24 -76.56 -52.94
C ARG K 1656 40.76 -75.58 -51.88
N LEU K 1657 40.77 -74.29 -52.22
CA LEU K 1657 40.16 -73.19 -51.48
C LEU K 1657 40.71 -72.98 -50.08
N ASP K 1658 41.75 -73.71 -49.69
CA ASP K 1658 42.46 -73.41 -48.47
C ASP K 1658 43.94 -73.16 -48.73
N LEU K 1659 44.58 -74.04 -49.48
CA LEU K 1659 45.95 -73.78 -49.88
C LEU K 1659 46.02 -72.80 -51.02
N GLN K 1660 44.90 -72.43 -51.64
CA GLN K 1660 44.88 -71.23 -52.46
C GLN K 1660 45.15 -70.01 -51.60
N ARG K 1661 44.48 -69.93 -50.45
CA ARG K 1661 44.58 -68.76 -49.60
C ARG K 1661 45.96 -68.64 -48.97
N PHE K 1662 46.50 -69.74 -48.48
CA PHE K 1662 47.80 -69.68 -47.83
C PHE K 1662 48.92 -69.50 -48.83
N HIS K 1663 48.70 -69.89 -50.08
CA HIS K 1663 49.68 -69.53 -51.09
C HIS K 1663 49.39 -68.17 -51.70
N SER K 1664 48.22 -67.61 -51.43
CA SER K 1664 48.01 -66.22 -51.81
C SER K 1664 48.69 -65.29 -50.83
N HIS K 1665 48.55 -65.55 -49.54
CA HIS K 1665 49.14 -64.68 -48.54
C HIS K 1665 50.66 -64.82 -48.48
N THR K 1666 51.20 -65.93 -48.99
CA THR K 1666 52.64 -66.00 -49.15
C THR K 1666 53.11 -65.02 -50.20
N LEU K 1667 52.31 -64.80 -51.24
CA LEU K 1667 52.69 -63.83 -52.25
C LEU K 1667 52.61 -62.40 -51.73
N ARG K 1668 51.84 -62.17 -50.68
CA ARG K 1668 51.91 -60.85 -50.06
C ARG K 1668 53.20 -60.70 -49.27
N LEU K 1669 53.67 -61.78 -48.66
CA LEU K 1669 54.95 -61.71 -47.97
C LEU K 1669 56.10 -61.57 -48.95
N TYR K 1670 55.96 -62.11 -50.15
CA TYR K 1670 57.01 -61.92 -51.14
C TYR K 1670 57.05 -60.49 -51.66
N ARG K 1671 55.90 -59.87 -51.85
CA ARG K 1671 55.94 -58.49 -52.30
C ARG K 1671 56.34 -57.53 -51.20
N ALA K 1672 56.04 -57.87 -49.95
CA ALA K 1672 56.37 -56.98 -48.86
C ALA K 1672 57.83 -57.04 -48.46
N VAL K 1673 58.50 -58.16 -48.72
CA VAL K 1673 59.91 -58.25 -48.35
C VAL K 1673 60.76 -57.44 -49.31
N CYS K 1674 60.57 -57.63 -50.61
CA CYS K 1674 61.32 -56.81 -51.57
C CYS K 1674 60.62 -55.50 -51.88
N ALA K 1675 60.15 -54.80 -50.87
CA ALA K 1675 59.37 -53.60 -51.07
C ALA K 1675 60.26 -52.38 -50.89
N LEU K 1676 59.96 -51.36 -51.69
CA LEU K 1676 60.62 -50.05 -51.64
C LEU K 1676 62.11 -50.18 -51.94
N GLY K 1677 62.42 -50.82 -53.06
CA GLY K 1677 63.78 -50.79 -53.56
C GLY K 1677 64.80 -51.60 -52.81
N ASN K 1678 64.37 -52.55 -51.99
CA ASN K 1678 65.28 -53.44 -51.29
C ASN K 1678 65.85 -54.40 -52.33
N ASN K 1679 66.98 -54.03 -52.91
CA ASN K 1679 67.43 -54.76 -54.07
C ASN K 1679 68.46 -55.83 -53.75
N ARG K 1680 69.01 -55.85 -52.54
CA ARG K 1680 69.83 -56.99 -52.17
C ARG K 1680 68.95 -58.21 -51.95
N VAL K 1681 67.76 -58.01 -51.41
CA VAL K 1681 66.85 -59.13 -51.23
C VAL K 1681 66.11 -59.41 -52.53
N ALA K 1682 66.11 -58.48 -53.47
CA ALA K 1682 65.38 -58.70 -54.71
C ALA K 1682 66.10 -59.72 -55.60
N HIS K 1683 67.40 -59.88 -55.42
CA HIS K 1683 68.05 -61.01 -56.05
C HIS K 1683 67.71 -62.30 -55.34
N ALA K 1684 67.51 -62.23 -54.03
CA ALA K 1684 67.27 -63.44 -53.25
C ALA K 1684 65.93 -64.07 -53.57
N LEU K 1685 64.94 -63.27 -53.95
CA LEU K 1685 63.69 -63.86 -54.39
C LEU K 1685 63.78 -64.42 -55.78
N CYS K 1686 64.71 -63.93 -56.60
CA CYS K 1686 64.79 -64.37 -57.99
C CYS K 1686 65.29 -65.80 -58.10
N SER K 1687 65.82 -66.36 -57.01
CA SER K 1687 66.05 -67.80 -56.95
C SER K 1687 64.76 -68.56 -56.75
N HIS K 1688 63.94 -68.14 -55.80
CA HIS K 1688 62.79 -68.93 -55.36
C HIS K 1688 61.68 -68.96 -56.39
N VAL K 1689 61.52 -67.88 -57.14
CA VAL K 1689 60.56 -67.83 -58.22
C VAL K 1689 61.32 -67.43 -59.49
N ASP K 1690 61.51 -68.40 -60.39
CA ASP K 1690 62.44 -68.26 -61.49
C ASP K 1690 61.90 -67.29 -62.53
N GLN K 1691 62.71 -67.09 -63.57
CA GLN K 1691 62.34 -66.12 -64.59
C GLN K 1691 61.34 -66.68 -65.58
N ALA K 1692 61.48 -67.94 -65.98
CA ALA K 1692 60.57 -68.48 -66.99
C ALA K 1692 59.21 -68.77 -66.40
N GLN K 1693 59.18 -69.35 -65.20
CA GLN K 1693 57.93 -69.73 -64.58
C GLN K 1693 57.12 -68.53 -64.13
N LEU K 1694 57.73 -67.36 -64.05
CA LEU K 1694 56.96 -66.15 -63.83
C LEU K 1694 56.37 -65.67 -65.14
N LEU K 1695 57.16 -65.68 -66.20
CA LEU K 1695 56.64 -65.39 -67.52
C LEU K 1695 55.66 -66.43 -68.02
N HIS K 1696 55.75 -67.67 -67.55
CA HIS K 1696 54.75 -68.64 -67.94
C HIS K 1696 53.42 -68.35 -67.27
N ALA K 1697 53.45 -67.88 -66.03
CA ALA K 1697 52.22 -67.66 -65.29
C ALA K 1697 51.48 -66.41 -65.71
N LEU K 1698 51.97 -65.67 -66.69
CA LEU K 1698 51.27 -64.45 -67.08
C LEU K 1698 50.09 -64.73 -68.00
N GLU K 1699 50.06 -65.92 -68.60
CA GLU K 1699 49.07 -66.21 -69.63
C GLU K 1699 48.38 -67.55 -69.44
N ASP K 1700 48.74 -68.32 -68.42
CA ASP K 1700 48.02 -69.55 -68.12
C ASP K 1700 46.67 -69.16 -67.57
N ALA K 1701 45.67 -69.16 -68.43
CA ALA K 1701 44.36 -68.60 -68.13
C ALA K 1701 43.59 -69.38 -67.09
N HIS K 1702 43.93 -70.64 -66.86
CA HIS K 1702 43.20 -71.46 -65.93
C HIS K 1702 43.63 -71.26 -64.48
N LEU K 1703 44.49 -70.29 -64.21
CA LEU K 1703 44.84 -69.94 -62.85
C LEU K 1703 43.61 -69.35 -62.15
N PRO K 1704 43.53 -69.50 -60.85
CA PRO K 1704 42.37 -68.93 -60.14
C PRO K 1704 42.43 -67.42 -60.00
N GLY K 1705 41.52 -66.88 -59.21
CA GLY K 1705 41.36 -65.45 -59.07
C GLY K 1705 42.50 -64.74 -58.37
N PRO K 1706 42.63 -64.92 -57.05
CA PRO K 1706 43.61 -64.11 -56.31
C PRO K 1706 45.03 -64.58 -56.51
N LEU K 1707 45.24 -65.65 -57.26
CA LEU K 1707 46.60 -66.09 -57.53
C LEU K 1707 47.12 -65.47 -58.81
N ARG K 1708 46.21 -65.00 -59.68
CA ARG K 1708 46.66 -64.32 -60.88
C ARG K 1708 47.12 -62.92 -60.55
N ALA K 1709 46.40 -62.24 -59.65
CA ALA K 1709 46.79 -60.89 -59.27
C ALA K 1709 47.99 -60.91 -58.35
N GLY K 1710 48.35 -62.06 -57.80
CA GLY K 1710 49.62 -62.16 -57.12
C GLY K 1710 50.81 -62.25 -58.05
N TYR K 1711 50.78 -63.18 -59.00
CA TYR K 1711 51.93 -63.41 -59.86
C TYR K 1711 52.16 -62.29 -60.86
N TYR K 1712 51.16 -61.47 -61.12
CA TYR K 1712 51.47 -60.27 -61.86
C TYR K 1712 52.10 -59.22 -60.97
N ASP K 1713 51.54 -59.03 -59.78
CA ASP K 1713 52.08 -57.99 -58.92
C ASP K 1713 53.37 -58.40 -58.25
N LEU K 1714 53.67 -59.70 -58.19
CA LEU K 1714 55.00 -60.11 -57.76
C LEU K 1714 56.04 -59.68 -58.78
N LEU K 1715 55.70 -59.76 -60.07
CA LEU K 1715 56.66 -59.49 -61.13
C LEU K 1715 57.15 -58.05 -61.10
N ILE K 1716 56.24 -57.09 -60.97
CA ILE K 1716 56.68 -55.71 -60.95
C ILE K 1716 57.38 -55.37 -59.65
N SER K 1717 57.07 -56.08 -58.56
CA SER K 1717 57.69 -55.75 -57.29
C SER K 1717 59.09 -56.34 -57.16
N ILE K 1718 59.54 -57.15 -58.11
CA ILE K 1718 60.93 -57.56 -58.07
C ILE K 1718 61.71 -57.08 -59.28
N HIS K 1719 61.05 -56.55 -60.29
CA HIS K 1719 61.79 -56.12 -61.46
C HIS K 1719 61.48 -54.69 -61.90
N LEU K 1720 60.23 -54.27 -61.81
CA LEU K 1720 59.80 -53.03 -62.45
C LEU K 1720 59.29 -52.06 -61.43
N GLU K 1721 59.93 -51.99 -60.28
CA GLU K 1721 59.55 -51.01 -59.28
C GLU K 1721 60.68 -50.08 -58.91
N SER K 1722 61.88 -50.62 -58.73
CA SER K 1722 63.04 -49.80 -58.41
C SER K 1722 63.36 -48.83 -59.54
N ALA K 1723 63.12 -49.23 -60.77
CA ALA K 1723 63.23 -48.31 -61.88
C ALA K 1723 61.98 -47.46 -62.03
N CYS K 1724 60.84 -47.91 -61.52
CA CYS K 1724 59.59 -47.18 -61.73
C CYS K 1724 59.55 -45.88 -60.95
N ARG K 1725 59.91 -45.93 -59.67
CA ARG K 1725 59.81 -44.74 -58.83
C ARG K 1725 60.83 -43.68 -59.23
N SER K 1726 62.01 -44.09 -59.70
CA SER K 1726 63.03 -43.11 -60.01
C SER K 1726 62.71 -42.34 -61.29
N ARG K 1727 62.08 -43.00 -62.26
CA ARG K 1727 61.72 -42.24 -63.45
C ARG K 1727 60.47 -41.41 -63.25
N ARG K 1728 59.49 -41.91 -62.50
CA ARG K 1728 58.29 -41.14 -62.22
C ARG K 1728 58.60 -39.88 -61.42
N SER K 1729 59.64 -39.94 -60.58
CA SER K 1729 60.14 -38.75 -59.90
C SER K 1729 60.64 -37.69 -60.87
N MET K 1730 61.39 -38.07 -61.91
CA MET K 1730 61.93 -37.10 -62.83
C MET K 1730 60.95 -36.69 -63.92
N LEU K 1731 59.69 -37.11 -63.85
CA LEU K 1731 58.74 -36.70 -64.87
C LEU K 1731 58.21 -35.29 -64.66
N SER K 1732 58.15 -34.81 -63.42
CA SER K 1732 57.51 -33.53 -63.18
C SER K 1732 58.38 -32.36 -63.61
N GLU K 1733 59.67 -32.61 -63.80
CA GLU K 1733 60.60 -31.58 -64.22
C GLU K 1733 61.06 -31.86 -65.63
N TYR K 1734 61.36 -30.79 -66.36
CA TYR K 1734 61.64 -30.86 -67.79
C TYR K 1734 62.97 -30.16 -68.05
N ILE K 1735 63.97 -30.94 -68.45
CA ILE K 1735 65.31 -30.44 -68.67
C ILE K 1735 65.65 -30.76 -70.12
N VAL K 1736 65.71 -29.74 -70.95
CA VAL K 1736 65.87 -29.90 -72.40
C VAL K 1736 67.24 -29.36 -72.80
N PRO K 1737 68.00 -30.07 -73.60
CA PRO K 1737 69.24 -29.52 -74.15
C PRO K 1737 69.01 -28.88 -75.51
N LEU K 1738 70.03 -28.18 -75.98
CA LEU K 1738 70.00 -27.55 -77.31
C LEU K 1738 70.72 -28.42 -78.34
N THR K 1739 70.19 -29.58 -78.58
CA THR K 1739 70.58 -30.28 -79.78
C THR K 1739 69.72 -29.77 -80.95
N PRO K 1740 70.20 -29.89 -82.19
CA PRO K 1740 69.34 -29.56 -83.34
C PRO K 1740 68.14 -30.46 -83.49
N GLU K 1741 68.16 -31.67 -82.92
CA GLU K 1741 66.95 -32.48 -82.87
C GLU K 1741 65.87 -31.81 -82.03
N THR K 1742 66.26 -31.14 -80.95
CA THR K 1742 65.35 -30.33 -80.17
C THR K 1742 64.83 -29.16 -80.99
N ARG K 1743 65.70 -28.51 -81.76
CA ARG K 1743 65.39 -27.30 -82.51
C ARG K 1743 64.28 -27.48 -83.52
N ALA K 1744 64.09 -28.69 -84.05
CA ALA K 1744 62.97 -28.99 -84.94
C ALA K 1744 61.91 -29.73 -84.14
N ILE K 1745 61.13 -28.99 -83.36
CA ILE K 1745 59.96 -29.51 -82.66
C ILE K 1745 58.87 -28.46 -82.75
N THR K 1746 57.74 -28.81 -83.33
CA THR K 1746 56.62 -27.89 -83.45
C THR K 1746 55.48 -28.36 -82.57
N LEU K 1747 54.50 -27.48 -82.40
CA LEU K 1747 53.26 -27.91 -81.74
C LEU K 1747 52.48 -28.86 -82.63
N PHE K 1748 52.08 -28.40 -83.79
CA PHE K 1748 51.35 -29.27 -84.70
C PHE K 1748 52.31 -29.98 -85.65
N PRO K 1749 52.04 -31.22 -86.02
CA PRO K 1749 52.87 -31.89 -87.02
C PRO K 1749 52.66 -31.26 -88.39
N PRO K 1750 53.71 -31.13 -89.18
CA PRO K 1750 53.58 -30.48 -90.49
C PRO K 1750 52.90 -31.39 -91.51
N GLY K 1751 51.87 -30.83 -92.14
CA GLY K 1751 51.10 -31.55 -93.14
C GLY K 1751 49.83 -30.84 -93.53
N ARG K 1758 46.84 -27.89 -89.40
CA ARG K 1758 46.11 -27.62 -88.17
C ARG K 1758 45.50 -28.90 -87.61
N ARG K 1759 45.94 -30.05 -88.13
CA ARG K 1759 45.49 -31.35 -87.66
C ARG K 1759 46.27 -31.71 -86.41
N HIS K 1760 45.55 -32.04 -85.33
CA HIS K 1760 46.18 -32.28 -84.05
C HIS K 1760 46.91 -33.61 -84.05
N GLY K 1761 48.17 -33.60 -83.61
CA GLY K 1761 49.00 -34.78 -83.63
C GLY K 1761 48.60 -35.80 -82.57
N LEU K 1762 49.20 -36.98 -82.70
CA LEU K 1762 48.89 -38.07 -81.78
C LEU K 1762 49.65 -37.88 -80.46
N PRO K 1763 48.99 -38.11 -79.33
CA PRO K 1763 49.67 -37.95 -78.03
C PRO K 1763 50.63 -39.09 -77.78
N GLY K 1764 51.80 -38.75 -77.24
CA GLY K 1764 52.81 -39.73 -76.91
C GLY K 1764 53.62 -40.23 -78.08
N VAL K 1765 53.29 -39.83 -79.30
CA VAL K 1765 53.97 -40.32 -80.49
C VAL K 1765 54.87 -39.20 -80.98
N GLY K 1766 56.12 -39.52 -81.26
CA GLY K 1766 57.06 -38.55 -81.75
C GLY K 1766 58.37 -38.69 -81.03
N VAL K 1767 59.11 -37.59 -80.98
CA VAL K 1767 60.43 -37.53 -80.36
C VAL K 1767 60.40 -36.54 -79.21
N THR K 1768 60.81 -37.00 -78.04
CA THR K 1768 61.01 -36.14 -76.88
C THR K 1768 62.50 -36.08 -76.58
N THR K 1769 62.91 -35.04 -75.87
CA THR K 1769 64.33 -34.77 -75.65
C THR K 1769 64.67 -34.49 -74.20
N SER K 1770 63.69 -34.56 -73.31
CA SER K 1770 63.93 -34.27 -71.91
C SER K 1770 64.78 -35.36 -71.29
N LEU K 1771 65.70 -34.95 -70.42
CA LEU K 1771 66.71 -35.86 -69.93
C LEU K 1771 66.12 -36.79 -68.88
N ARG K 1772 66.48 -38.06 -68.97
CA ARG K 1772 66.13 -39.06 -67.98
C ARG K 1772 67.30 -40.03 -67.84
N PRO K 1773 67.57 -40.51 -66.64
CA PRO K 1773 68.67 -41.44 -66.46
C PRO K 1773 68.31 -42.81 -67.00
N PRO K 1774 69.29 -43.57 -67.47
CA PRO K 1774 69.06 -44.99 -67.77
C PRO K 1774 68.86 -45.80 -66.51
N HIS K 1775 68.46 -47.03 -66.71
CA HIS K 1775 67.87 -47.79 -65.61
C HIS K 1775 68.88 -48.60 -64.81
N HIS K 1776 69.95 -49.08 -65.46
CA HIS K 1776 71.04 -49.83 -64.82
C HIS K 1776 70.53 -51.10 -64.14
N PHE K 1777 70.01 -52.00 -64.96
CA PHE K 1777 69.71 -53.32 -64.45
C PHE K 1777 70.98 -54.15 -64.37
N SER K 1778 70.95 -55.18 -63.53
CA SER K 1778 72.05 -56.11 -63.45
C SER K 1778 71.46 -57.52 -63.51
N PRO K 1779 72.07 -58.43 -64.23
CA PRO K 1779 71.51 -59.77 -64.36
C PRO K 1779 71.77 -60.57 -63.10
N PRO K 1780 70.84 -61.42 -62.70
CA PRO K 1780 71.01 -62.19 -61.47
C PRO K 1780 71.95 -63.36 -61.69
N CYS K 1781 72.66 -63.70 -60.62
CA CYS K 1781 73.50 -64.89 -60.61
C CYS K 1781 73.57 -65.37 -59.18
N PHE K 1782 74.03 -66.60 -58.97
CA PHE K 1782 74.14 -67.13 -57.62
C PHE K 1782 75.43 -67.91 -57.39
N VAL K 1783 76.29 -68.00 -58.40
CA VAL K 1783 77.57 -68.64 -58.25
C VAL K 1783 78.70 -67.65 -58.12
N ALA K 1784 78.42 -66.36 -58.23
CA ALA K 1784 79.44 -65.35 -58.03
C ALA K 1784 79.87 -65.31 -56.57
N ALA K 1785 81.16 -65.08 -56.36
CA ALA K 1785 81.72 -65.13 -55.01
C ALA K 1785 81.30 -63.93 -54.20
N LEU K 1786 81.24 -64.10 -52.90
CA LEU K 1786 80.82 -63.02 -52.02
C LEU K 1786 82.00 -62.11 -51.68
N PRO K 1787 81.90 -60.80 -51.92
CA PRO K 1787 82.89 -59.88 -51.38
C PRO K 1787 82.47 -59.39 -50.00
N ALA K 1788 83.46 -59.03 -49.19
CA ALA K 1788 83.31 -58.48 -47.84
C ALA K 1788 82.46 -59.36 -46.92
N GLU K 1793 81.85 -52.99 -46.67
CA GLU K 1793 80.49 -52.63 -47.07
C GLU K 1793 80.34 -52.59 -48.58
N ALA K 1794 79.33 -53.30 -49.07
CA ALA K 1794 79.03 -53.28 -50.49
C ALA K 1794 78.48 -51.92 -50.89
N PRO K 1795 78.74 -51.45 -52.12
CA PRO K 1795 78.18 -50.16 -52.56
C PRO K 1795 76.65 -50.16 -52.62
N ALA K 1796 76.10 -51.05 -53.45
CA ALA K 1796 74.67 -51.16 -53.68
C ALA K 1796 74.41 -52.41 -54.50
N ARG K 1797 73.14 -52.77 -54.61
CA ARG K 1797 72.71 -53.79 -55.56
C ARG K 1797 71.69 -53.15 -56.48
N LEU K 1798 71.82 -53.39 -57.76
CA LEU K 1798 70.82 -52.88 -58.69
C LEU K 1798 69.57 -53.75 -58.63
N SER K 1799 68.56 -53.33 -59.36
CA SER K 1799 67.40 -54.18 -59.53
C SER K 1799 67.73 -55.34 -60.45
N PRO K 1800 67.33 -56.56 -60.12
CA PRO K 1800 67.64 -57.70 -60.98
C PRO K 1800 66.88 -57.63 -62.29
N ALA K 1801 67.50 -58.14 -63.34
CA ALA K 1801 67.09 -57.82 -64.69
C ALA K 1801 66.14 -58.87 -65.25
N ILE K 1802 65.55 -58.55 -66.40
CA ILE K 1802 64.59 -59.38 -67.11
C ILE K 1802 64.51 -58.82 -68.53
N PRO K 1803 64.50 -59.65 -69.58
CA PRO K 1803 64.60 -59.11 -70.94
C PRO K 1803 63.36 -58.35 -71.40
N LEU K 1804 63.49 -57.04 -71.51
CA LEU K 1804 62.37 -56.15 -71.72
C LEU K 1804 61.81 -56.19 -73.14
N GLU K 1805 62.67 -56.31 -74.15
CA GLU K 1805 62.18 -56.35 -75.53
C GLU K 1805 61.38 -57.61 -75.80
N ALA K 1806 61.71 -58.70 -75.12
CA ALA K 1806 60.84 -59.86 -75.12
C ALA K 1806 59.55 -59.60 -74.35
N LEU K 1807 59.59 -58.76 -73.32
CA LEU K 1807 58.45 -58.61 -72.45
C LEU K 1807 57.35 -57.76 -73.08
N ARG K 1808 57.71 -56.76 -73.87
CA ARG K 1808 56.70 -55.87 -74.44
C ARG K 1808 55.85 -56.56 -75.48
N ASP K 1809 56.40 -57.55 -76.19
CA ASP K 1809 55.60 -58.29 -77.16
C ASP K 1809 54.62 -59.22 -76.45
N LYS K 1810 55.01 -59.77 -75.30
CA LYS K 1810 54.12 -60.63 -74.57
C LYS K 1810 53.00 -59.83 -73.90
N ALA K 1811 53.34 -58.67 -73.35
CA ALA K 1811 52.34 -57.88 -72.65
C ALA K 1811 51.33 -57.26 -73.60
N LEU K 1812 51.76 -56.83 -74.78
CA LEU K 1812 50.85 -56.33 -75.80
C LEU K 1812 49.90 -57.39 -76.28
N ARG K 1813 50.37 -58.64 -76.38
CA ARG K 1813 49.56 -59.74 -76.86
C ARG K 1813 48.44 -60.09 -75.89
N MET K 1814 48.76 -60.12 -74.59
CA MET K 1814 47.77 -60.48 -73.59
C MET K 1814 46.72 -59.39 -73.42
N LEU K 1815 47.10 -58.14 -73.63
CA LEU K 1815 46.09 -57.09 -73.72
C LEU K 1815 45.28 -57.23 -75.00
N GLY K 1816 45.96 -57.52 -76.11
CA GLY K 1816 45.31 -57.53 -77.41
C GLY K 1816 44.26 -58.61 -77.57
N GLU K 1817 44.46 -59.75 -76.90
CA GLU K 1817 43.40 -60.74 -76.90
C GLU K 1817 42.26 -60.35 -75.97
N ALA K 1818 42.58 -59.62 -74.88
CA ALA K 1818 41.61 -59.42 -73.82
C ALA K 1818 40.53 -58.43 -74.24
N VAL K 1819 40.91 -57.40 -75.00
CA VAL K 1819 39.93 -56.49 -75.55
C VAL K 1819 39.12 -57.17 -76.64
N ARG K 1820 39.69 -58.18 -77.29
CA ARG K 1820 38.95 -58.91 -78.30
C ARG K 1820 38.08 -59.99 -77.70
N ASP K 1821 38.60 -60.73 -76.72
CA ASP K 1821 37.80 -61.76 -76.07
C ASP K 1821 36.71 -61.18 -75.19
N GLY K 1822 36.88 -59.97 -74.68
CA GLY K 1822 35.85 -59.33 -73.90
C GLY K 1822 34.62 -58.96 -74.69
N GLY K 1823 34.74 -58.80 -76.00
CA GLY K 1823 33.61 -58.50 -76.83
C GLY K 1823 32.75 -59.72 -77.06
N GLN K 1824 33.34 -60.90 -76.89
CA GLN K 1824 32.60 -62.14 -77.09
C GLN K 1824 31.60 -62.41 -75.98
N HIS K 1825 31.75 -61.75 -74.83
CA HIS K 1825 30.87 -61.85 -73.66
C HIS K 1825 30.78 -63.29 -73.17
N ALA K 1826 31.94 -63.92 -73.03
CA ALA K 1826 31.99 -65.30 -72.63
C ALA K 1826 31.58 -65.46 -71.17
N ARG K 1827 30.93 -66.58 -70.88
CA ARG K 1827 30.46 -66.87 -69.53
C ARG K 1827 31.59 -67.26 -68.59
N ASP K 1828 32.70 -67.77 -69.10
CA ASP K 1828 33.84 -68.16 -68.27
C ASP K 1828 35.00 -67.26 -68.63
N PRO K 1829 35.14 -66.12 -67.98
CA PRO K 1829 36.25 -65.22 -68.25
C PRO K 1829 37.52 -65.78 -67.62
N VAL K 1830 38.66 -65.23 -68.05
CA VAL K 1830 39.94 -65.67 -67.55
C VAL K 1830 40.08 -65.24 -66.11
N GLY K 1831 40.40 -66.17 -65.22
CA GLY K 1831 40.67 -65.86 -63.86
C GLY K 1831 39.44 -65.65 -63.00
N GLY K 1832 38.26 -65.91 -63.53
CA GLY K 1832 37.06 -65.98 -62.70
C GLY K 1832 36.22 -64.73 -62.69
N SER K 1833 36.64 -63.66 -63.35
CA SER K 1833 35.84 -62.45 -63.45
C SER K 1833 36.34 -61.64 -64.64
N VAL K 1834 35.65 -60.53 -64.92
CA VAL K 1834 36.21 -59.55 -65.82
C VAL K 1834 37.12 -58.61 -65.05
N GLU K 1835 37.01 -58.60 -63.72
CA GLU K 1835 37.87 -57.77 -62.89
C GLU K 1835 39.29 -58.30 -62.89
N PHE K 1836 39.45 -59.61 -62.68
CA PHE K 1836 40.79 -60.16 -62.70
C PHE K 1836 41.33 -60.38 -64.09
N GLN K 1837 40.54 -60.13 -65.13
CA GLN K 1837 41.09 -60.31 -66.46
C GLN K 1837 41.87 -59.09 -66.91
N PHE K 1838 41.59 -57.93 -66.31
CA PHE K 1838 42.16 -56.70 -66.82
C PHE K 1838 43.00 -55.93 -65.81
N VAL K 1839 42.66 -55.99 -64.53
CA VAL K 1839 43.42 -55.30 -63.50
C VAL K 1839 44.87 -55.81 -63.41
N PRO K 1840 45.16 -57.11 -63.47
CA PRO K 1840 46.58 -57.48 -63.56
C PRO K 1840 47.14 -57.48 -64.96
N VAL K 1841 46.50 -56.83 -65.93
CA VAL K 1841 47.22 -56.65 -67.18
C VAL K 1841 47.34 -55.18 -67.51
N LEU K 1842 46.49 -54.34 -66.92
CA LEU K 1842 46.66 -52.91 -67.14
C LEU K 1842 47.78 -52.36 -66.26
N LYS K 1843 47.81 -52.76 -64.99
CA LYS K 1843 48.81 -52.22 -64.08
C LYS K 1843 50.20 -52.75 -64.35
N LEU K 1844 50.33 -53.71 -65.27
CA LEU K 1844 51.64 -53.97 -65.84
C LEU K 1844 51.87 -53.12 -67.07
N VAL K 1845 50.85 -52.93 -67.90
CA VAL K 1845 51.03 -52.13 -69.11
C VAL K 1845 51.19 -50.66 -68.75
N SER K 1846 50.47 -50.22 -67.71
CA SER K 1846 50.64 -48.86 -67.22
C SER K 1846 52.05 -48.63 -66.66
N THR K 1847 52.65 -49.64 -66.05
CA THR K 1847 53.98 -49.42 -65.51
C THR K 1847 55.08 -49.81 -66.50
N LEU K 1848 54.72 -50.40 -67.63
CA LEU K 1848 55.67 -50.39 -68.74
C LEU K 1848 55.48 -49.20 -69.65
N LEU K 1849 54.40 -48.45 -69.49
CA LEU K 1849 54.25 -47.27 -70.31
C LEU K 1849 54.90 -46.06 -69.66
N VAL K 1850 54.95 -46.03 -68.33
CA VAL K 1850 55.61 -44.91 -67.67
C VAL K 1850 57.12 -45.07 -67.69
N MET K 1851 57.62 -46.29 -67.89
CA MET K 1851 59.07 -46.46 -67.99
C MET K 1851 59.57 -46.17 -69.38
N GLY K 1852 58.68 -45.87 -70.32
CA GLY K 1852 59.07 -45.39 -71.63
C GLY K 1852 59.73 -46.42 -72.52
N ILE K 1853 59.65 -47.69 -72.15
CA ILE K 1853 60.35 -48.73 -72.91
C ILE K 1853 59.53 -49.21 -74.11
N PHE K 1854 58.37 -48.63 -74.36
CA PHE K 1854 57.60 -48.99 -75.54
C PHE K 1854 58.04 -48.16 -76.73
N GLY K 1855 58.08 -48.79 -77.90
CA GLY K 1855 58.25 -48.06 -79.14
C GLY K 1855 57.01 -47.27 -79.46
N ASP K 1856 57.18 -46.31 -80.37
CA ASP K 1856 56.06 -45.46 -80.75
C ASP K 1856 55.03 -46.23 -81.58
N GLU K 1857 55.48 -47.20 -82.37
CA GLU K 1857 54.55 -48.03 -83.10
C GLU K 1857 53.81 -48.98 -82.17
N ASP K 1858 54.39 -49.27 -81.00
CA ASP K 1858 53.68 -50.05 -80.00
C ASP K 1858 52.54 -49.26 -79.39
N VAL K 1859 52.81 -48.01 -79.01
CA VAL K 1859 51.76 -47.18 -78.44
C VAL K 1859 50.80 -46.69 -79.52
N LYS K 1860 51.20 -46.77 -80.79
CA LYS K 1860 50.22 -46.61 -81.86
C LYS K 1860 49.20 -47.73 -81.83
N GLN K 1861 49.63 -48.94 -81.52
CA GLN K 1861 48.69 -50.04 -81.36
C GLN K 1861 47.86 -49.90 -80.09
N ILE K 1862 48.46 -49.37 -79.03
CA ILE K 1862 47.75 -49.18 -77.77
C ILE K 1862 46.66 -48.14 -77.93
N LEU K 1863 46.92 -47.12 -78.73
CA LEU K 1863 45.90 -46.11 -79.02
C LEU K 1863 44.74 -46.72 -79.81
N LYS K 1864 45.02 -47.69 -80.68
CA LYS K 1864 43.95 -48.39 -81.35
C LYS K 1864 43.15 -49.24 -80.40
N MET K 1865 43.81 -49.83 -79.40
CA MET K 1865 43.12 -50.74 -78.50
C MET K 1865 42.30 -50.03 -77.45
N ILE K 1866 42.34 -48.70 -77.41
CA ILE K 1866 41.51 -47.97 -76.46
C ILE K 1866 40.23 -47.50 -77.14
N GLU K 1867 40.37 -46.74 -78.21
CA GLU K 1867 39.21 -46.32 -79.01
C GLU K 1867 39.74 -46.08 -80.41
N PRO K 1868 39.62 -47.08 -81.30
CA PRO K 1868 40.23 -46.97 -82.62
C PRO K 1868 39.53 -46.00 -83.56
N GLU K 1869 38.31 -45.59 -83.23
CA GLU K 1869 37.58 -44.62 -84.05
C GLU K 1869 38.21 -43.24 -84.02
N VAL K 1870 38.95 -42.92 -82.97
CA VAL K 1870 39.53 -41.59 -82.87
C VAL K 1870 40.99 -41.59 -83.31
N PHE K 1871 41.79 -42.49 -82.77
CA PHE K 1871 43.24 -42.40 -82.90
C PHE K 1871 43.77 -43.10 -84.14
N THR K 1872 42.91 -43.43 -85.09
CA THR K 1872 43.38 -44.05 -86.33
C THR K 1872 43.96 -42.96 -87.23
N GLU K 1873 45.18 -43.20 -87.72
CA GLU K 1873 45.85 -42.25 -88.59
C GLU K 1873 45.19 -42.15 -89.96
N GLU K 1923 36.95 -53.70 -84.52
CA GLU K 1923 36.59 -54.14 -83.17
C GLU K 1923 35.96 -52.99 -82.38
N GLU K 1924 35.32 -53.34 -81.26
CA GLU K 1924 34.74 -52.33 -80.39
C GLU K 1924 35.83 -51.70 -79.52
N GLY K 1925 35.70 -50.40 -79.28
CA GLY K 1925 36.66 -49.70 -78.45
C GLY K 1925 36.55 -50.12 -77.00
N LEU K 1926 37.65 -49.90 -76.28
CA LEU K 1926 37.73 -50.34 -74.89
C LEU K 1926 36.88 -49.48 -73.96
N LEU K 1927 36.76 -48.19 -74.26
CA LEU K 1927 35.98 -47.31 -73.40
C LEU K 1927 34.49 -47.60 -73.46
N GLN K 1928 34.01 -48.11 -74.60
CA GLN K 1928 32.59 -48.42 -74.70
C GLN K 1928 32.22 -49.67 -73.93
N MET K 1929 33.20 -50.50 -73.59
CA MET K 1929 32.92 -51.74 -72.89
C MET K 1929 32.47 -51.46 -71.46
N LYS K 1930 31.46 -52.19 -71.03
CA LYS K 1930 30.99 -52.09 -69.65
C LYS K 1930 32.05 -52.64 -68.71
N LEU K 1931 32.50 -51.80 -67.79
CA LEU K 1931 33.61 -52.15 -66.93
C LEU K 1931 33.20 -52.00 -65.47
N PRO K 1932 33.64 -52.90 -64.61
CA PRO K 1932 33.45 -52.71 -63.18
C PRO K 1932 34.39 -51.63 -62.67
N GLU K 1933 34.14 -51.20 -61.43
CA GLU K 1933 34.67 -49.93 -60.92
C GLU K 1933 36.19 -49.90 -60.83
N SER K 1934 36.83 -50.99 -60.41
CA SER K 1934 38.28 -50.96 -60.23
C SER K 1934 39.00 -50.96 -61.56
N VAL K 1935 38.36 -51.45 -62.62
CA VAL K 1935 39.03 -51.46 -63.90
C VAL K 1935 38.97 -50.08 -64.53
N LYS K 1936 38.01 -49.25 -64.11
CA LYS K 1936 38.02 -47.86 -64.51
C LYS K 1936 39.21 -47.12 -63.90
N LEU K 1937 39.67 -47.58 -62.75
CA LEU K 1937 40.73 -46.86 -62.04
C LEU K 1937 42.06 -46.96 -62.79
N GLN K 1938 42.38 -48.14 -63.28
CA GLN K 1938 43.60 -48.29 -64.08
C GLN K 1938 43.48 -47.62 -65.43
N MET K 1939 42.26 -47.44 -65.92
CA MET K 1939 42.07 -46.62 -67.11
C MET K 1939 42.45 -45.18 -66.87
N CYS K 1940 42.17 -44.65 -65.68
CA CYS K 1940 42.60 -43.31 -65.36
C CYS K 1940 44.11 -43.22 -65.23
N ASN K 1941 44.72 -44.22 -64.60
CA ASN K 1941 46.17 -44.21 -64.51
C ASN K 1941 46.83 -44.51 -65.84
N LEU K 1942 46.12 -45.10 -66.77
CA LEU K 1942 46.67 -45.18 -68.12
C LEU K 1942 46.50 -43.86 -68.84
N LEU K 1943 45.33 -43.24 -68.71
CA LEU K 1943 45.07 -41.99 -69.41
C LEU K 1943 45.86 -40.82 -68.84
N GLU K 1944 46.23 -40.88 -67.56
CA GLU K 1944 47.02 -39.80 -66.99
C GLU K 1944 48.42 -39.73 -67.59
N TYR K 1945 48.94 -40.84 -68.08
CA TYR K 1945 50.23 -40.79 -68.77
C TYR K 1945 50.12 -40.03 -70.07
N PHE K 1946 48.97 -40.14 -70.74
CA PHE K 1946 48.86 -39.61 -72.09
C PHE K 1946 48.72 -38.09 -72.09
N CYS K 1947 47.99 -37.53 -71.14
CA CYS K 1947 47.87 -36.09 -71.09
C CYS K 1947 49.18 -35.42 -70.70
N ASP K 1948 50.03 -36.13 -69.95
CA ASP K 1948 51.35 -35.57 -69.66
C ASP K 1948 52.26 -35.61 -70.87
N GLN K 1949 52.08 -36.59 -71.75
CA GLN K 1949 52.87 -36.61 -72.96
C GLN K 1949 52.42 -35.53 -73.92
N GLU K 1950 51.18 -35.05 -73.80
CA GLU K 1950 50.80 -33.85 -74.53
C GLU K 1950 51.44 -32.63 -73.92
N LEU K 1951 51.57 -32.60 -72.60
CA LEU K 1951 52.10 -31.42 -71.94
C LEU K 1951 53.61 -31.34 -72.08
N GLN K 1952 54.30 -32.47 -71.94
CA GLN K 1952 55.76 -32.46 -72.07
C GLN K 1952 56.17 -32.20 -73.51
N HIS K 1953 55.34 -32.60 -74.46
CA HIS K 1953 55.58 -32.22 -75.85
C HIS K 1953 55.34 -30.74 -76.06
N ARG K 1954 54.35 -30.17 -75.38
CA ARG K 1954 54.06 -28.74 -75.50
C ARG K 1954 55.18 -27.88 -74.95
N VAL K 1955 55.75 -28.27 -73.81
CA VAL K 1955 56.87 -27.54 -73.25
C VAL K 1955 58.09 -27.67 -74.14
N GLU K 1956 58.35 -28.88 -74.63
CA GLU K 1956 59.48 -29.09 -75.53
C GLU K 1956 59.25 -28.44 -76.89
N SER K 1957 58.00 -28.15 -77.23
CA SER K 1957 57.76 -27.29 -78.39
C SER K 1957 58.13 -25.85 -78.10
N LEU K 1958 57.79 -25.35 -76.91
CA LEU K 1958 58.04 -23.96 -76.59
C LEU K 1958 59.51 -23.70 -76.35
N ALA K 1959 60.24 -24.69 -75.84
CA ALA K 1959 61.69 -24.56 -75.75
C ALA K 1959 62.34 -24.55 -77.11
N ALA K 1960 61.77 -25.26 -78.08
CA ALA K 1960 62.28 -25.22 -79.44
C ALA K 1960 61.99 -23.87 -80.09
N PHE K 1961 60.90 -23.23 -79.69
CA PHE K 1961 60.53 -21.95 -80.28
C PHE K 1961 61.47 -20.84 -79.81
N ALA K 1962 61.92 -20.90 -78.55
CA ALA K 1962 62.64 -19.79 -77.97
C ALA K 1962 64.05 -19.67 -78.51
N GLU K 1963 64.74 -20.80 -78.68
CA GLU K 1963 66.10 -20.76 -79.21
C GLU K 1963 66.11 -20.35 -80.67
N ARG K 1964 65.03 -20.60 -81.40
CA ARG K 1964 64.86 -19.99 -82.70
C ARG K 1964 64.55 -18.51 -82.60
N TYR K 1965 63.95 -18.07 -81.50
CA TYR K 1965 63.52 -16.70 -81.34
C TYR K 1965 64.60 -15.78 -80.80
N VAL K 1966 65.31 -16.20 -79.75
CA VAL K 1966 66.32 -15.32 -79.16
C VAL K 1966 67.60 -15.27 -79.97
N ASP K 1967 67.88 -16.28 -80.80
CA ASP K 1967 68.96 -16.15 -81.76
C ASP K 1967 68.62 -15.10 -82.81
N LYS K 1968 67.34 -15.00 -83.16
CA LYS K 1968 66.85 -13.94 -84.01
C LYS K 1968 66.76 -12.60 -83.31
N LEU K 1969 66.75 -12.60 -81.97
CA LEU K 1969 66.55 -11.36 -81.24
C LEU K 1969 67.87 -10.68 -80.89
N GLN K 1970 68.94 -11.45 -80.67
CA GLN K 1970 70.23 -10.85 -80.33
C GLN K 1970 70.84 -10.08 -81.48
N ALA K 1971 70.77 -10.62 -82.70
CA ALA K 1971 71.28 -9.90 -83.86
C ALA K 1971 70.46 -8.66 -84.17
N ASN K 1972 69.17 -8.67 -83.80
CA ASN K 1972 68.35 -7.48 -83.97
C ASN K 1972 68.76 -6.39 -83.01
N GLN K 1973 69.10 -6.74 -81.77
CA GLN K 1973 69.53 -5.74 -80.80
C GLN K 1973 70.91 -5.21 -81.15
N ARG K 1974 71.86 -6.09 -81.49
CA ARG K 1974 73.23 -5.66 -81.73
C ARG K 1974 73.36 -4.86 -83.01
N SER K 1975 72.47 -5.09 -83.99
CA SER K 1975 72.41 -4.19 -85.13
C SER K 1975 71.77 -2.87 -84.76
N ARG K 1976 70.74 -2.89 -83.93
CA ARG K 1976 70.09 -1.66 -83.47
C ARG K 1976 71.00 -0.86 -82.57
N TYR K 1977 71.81 -1.53 -81.75
CA TYR K 1977 72.75 -0.81 -80.89
C TYR K 1977 73.89 -0.18 -81.70
N ALA K 1978 74.34 -0.84 -82.75
CA ALA K 1978 75.36 -0.26 -83.62
C ALA K 1978 74.82 0.95 -84.37
N LEU K 1979 73.55 0.91 -84.76
CA LEU K 1979 72.90 2.10 -85.30
C LEU K 1979 72.72 3.16 -84.24
N LEU K 1980 72.50 2.76 -82.98
CA LEU K 1980 72.53 3.71 -81.89
C LEU K 1980 73.93 4.21 -81.62
N MET K 1981 74.94 3.37 -81.88
CA MET K 1981 76.32 3.76 -81.66
C MET K 1981 76.82 4.79 -82.67
N ARG K 1982 76.15 4.92 -83.81
CA ARG K 1982 76.54 5.86 -84.86
C ARG K 1982 75.58 7.04 -84.97
N ALA K 1983 74.55 7.08 -84.12
CA ALA K 1983 73.54 8.13 -84.18
C ALA K 1983 73.97 9.26 -83.25
N PHE K 1984 74.15 10.46 -83.80
CA PHE K 1984 74.52 11.64 -83.03
C PHE K 1984 73.50 12.76 -83.19
N THR K 1985 72.34 12.45 -83.77
CA THR K 1985 71.33 13.44 -84.08
C THR K 1985 70.55 13.91 -82.86
N MET K 1986 70.71 13.23 -81.72
CA MET K 1986 70.00 13.62 -80.51
C MET K 1986 70.86 13.27 -79.31
N SER K 1987 70.62 13.99 -78.21
CA SER K 1987 71.32 13.75 -76.96
C SER K 1987 70.37 13.53 -75.78
N ALA K 1988 69.32 14.33 -75.67
CA ALA K 1988 68.37 14.14 -74.58
C ALA K 1988 67.47 12.94 -74.83
N ALA K 1989 67.15 12.67 -76.09
CA ALA K 1989 66.40 11.47 -76.44
C ALA K 1989 67.31 10.26 -76.67
N GLU K 1990 68.62 10.48 -76.78
CA GLU K 1990 69.54 9.37 -76.98
C GLU K 1990 69.67 8.53 -75.72
N THR K 1991 69.67 9.16 -74.55
CA THR K 1991 69.75 8.41 -73.31
C THR K 1991 68.45 7.68 -72.97
N ALA K 1992 67.32 8.14 -73.50
CA ALA K 1992 66.10 7.36 -73.39
C ALA K 1992 66.16 6.11 -74.25
N ARG K 1993 66.98 6.12 -75.29
CA ARG K 1993 67.29 4.90 -76.02
C ARG K 1993 68.47 4.16 -75.43
N ARG K 1994 69.21 4.79 -74.51
CA ARG K 1994 70.37 4.18 -73.90
C ARG K 1994 70.09 3.65 -72.50
N THR K 1995 68.87 3.86 -71.98
CA THR K 1995 68.53 3.27 -70.68
C THR K 1995 68.38 1.75 -70.79
N ARG K 1996 68.08 1.26 -71.99
CA ARG K 1996 67.82 -0.16 -72.18
C ARG K 1996 69.10 -0.91 -72.51
N GLU K 1997 70.05 -0.24 -73.18
CA GLU K 1997 71.13 -0.96 -73.83
C GLU K 1997 72.16 -1.47 -72.83
N PHE K 1998 72.67 -0.59 -71.99
CA PHE K 1998 73.64 -0.99 -70.98
C PHE K 1998 73.31 -0.45 -69.59
N ARG K 1999 72.23 0.30 -69.45
CA ARG K 1999 71.88 0.86 -68.15
C ARG K 1999 70.91 -0.05 -67.40
N SER K 2000 70.11 -0.81 -68.12
CA SER K 2000 69.17 -1.70 -67.46
C SER K 2000 69.78 -3.10 -67.31
N PRO K 2001 69.35 -3.88 -66.31
CA PRO K 2001 69.79 -5.26 -66.23
C PRO K 2001 69.18 -6.09 -67.36
N PRO K 2002 69.83 -7.20 -67.75
CA PRO K 2002 69.30 -8.00 -68.87
C PRO K 2002 67.97 -8.65 -68.59
N GLN K 2003 67.63 -8.87 -67.32
CA GLN K 2003 66.30 -9.30 -66.96
C GLN K 2003 65.27 -8.23 -67.30
N GLU K 2004 65.60 -6.95 -67.04
CA GLU K 2004 64.68 -5.88 -67.36
C GLU K 2004 64.62 -5.59 -68.84
N GLN K 2005 65.61 -6.04 -69.61
CA GLN K 2005 65.57 -5.85 -71.06
C GLN K 2005 64.48 -6.68 -71.70
N ILE K 2006 64.41 -7.96 -71.36
CA ILE K 2006 63.45 -8.87 -71.96
C ILE K 2006 62.03 -8.54 -71.52
N ASN K 2007 61.88 -8.05 -70.29
CA ASN K 2007 60.59 -7.57 -69.84
C ASN K 2007 60.15 -6.34 -70.62
N MET K 2008 61.08 -5.45 -70.95
CA MET K 2008 60.76 -4.30 -71.76
C MET K 2008 60.61 -4.65 -73.22
N LEU K 2009 61.37 -5.63 -73.72
CA LEU K 2009 61.30 -6.01 -75.12
C LEU K 2009 60.00 -6.69 -75.49
N LEU K 2010 59.35 -7.37 -74.55
CA LEU K 2010 58.21 -8.24 -74.84
C LEU K 2010 56.89 -7.60 -74.48
N HIS K 2011 56.72 -6.32 -74.75
CA HIS K 2011 55.56 -5.58 -74.26
C HIS K 2011 54.49 -5.39 -75.33
N PHE K 2012 54.69 -5.92 -76.52
CA PHE K 2012 53.85 -5.52 -77.66
C PHE K 2012 52.59 -6.37 -77.78
N LYS K 2013 51.85 -6.49 -76.69
CA LYS K 2013 50.50 -7.00 -76.73
C LYS K 2013 49.56 -5.85 -76.35
N ASP K 2014 48.62 -5.55 -77.25
CA ASP K 2014 47.65 -4.46 -77.14
C ASP K 2014 48.30 -3.09 -76.89
N ASP K 2020 55.78 1.30 -77.13
CA ASP K 2020 57.09 1.70 -76.63
C ASP K 2020 58.09 0.56 -76.75
N CYS K 2021 58.02 -0.16 -77.87
CA CYS K 2021 58.85 -1.34 -78.08
C CYS K 2021 59.86 -1.08 -79.20
N PRO K 2022 61.15 -1.33 -78.99
CA PRO K 2022 62.14 -1.11 -80.04
C PRO K 2022 62.21 -2.19 -81.10
N LEU K 2023 61.24 -3.06 -81.18
CA LEU K 2023 61.36 -4.18 -82.09
C LEU K 2023 60.58 -3.89 -83.38
N PRO K 2024 61.08 -4.35 -84.52
CA PRO K 2024 60.36 -4.16 -85.79
C PRO K 2024 59.11 -5.01 -85.83
N GLU K 2025 58.22 -4.66 -86.76
CA GLU K 2025 56.94 -5.35 -86.91
C GLU K 2025 57.09 -6.74 -87.51
N ASP K 2026 58.24 -7.06 -88.13
CA ASP K 2026 58.45 -8.37 -88.72
C ASP K 2026 58.60 -9.46 -87.67
N ILE K 2027 59.44 -9.23 -86.66
CA ILE K 2027 59.70 -10.25 -85.65
C ILE K 2027 58.89 -9.99 -84.38
N ARG K 2028 57.96 -9.05 -84.42
CA ARG K 2028 56.99 -8.91 -83.35
C ARG K 2028 55.65 -9.56 -83.68
N GLN K 2029 55.42 -9.92 -84.93
CA GLN K 2029 54.18 -10.54 -85.31
C GLN K 2029 54.22 -12.07 -85.24
N ASP K 2030 55.38 -12.67 -85.54
CA ASP K 2030 55.47 -14.12 -85.57
C ASP K 2030 55.34 -14.72 -84.18
N LEU K 2031 55.69 -13.95 -83.14
CA LEU K 2031 55.39 -14.35 -81.78
C LEU K 2031 53.90 -14.45 -81.54
N GLN K 2032 53.15 -13.42 -81.97
CA GLN K 2032 51.70 -13.50 -81.91
C GLN K 2032 51.14 -14.56 -82.84
N ASP K 2033 51.80 -14.81 -83.98
CA ASP K 2033 51.44 -15.95 -84.80
C ASP K 2033 51.73 -17.26 -84.09
N PHE K 2034 52.83 -17.32 -83.35
CA PHE K 2034 53.12 -18.48 -82.52
C PHE K 2034 52.13 -18.59 -81.37
N HIS K 2035 51.73 -17.45 -80.80
CA HIS K 2035 50.84 -17.45 -79.65
C HIS K 2035 49.45 -17.94 -80.02
N GLN K 2036 49.02 -17.67 -81.25
CA GLN K 2036 47.78 -18.26 -81.72
C GLN K 2036 47.92 -19.72 -82.06
N ASP K 2037 49.15 -20.19 -82.30
CA ASP K 2037 49.34 -21.61 -82.55
C ASP K 2037 49.28 -22.42 -81.28
N LEU K 2038 49.40 -21.76 -80.13
CA LEU K 2038 49.48 -22.51 -78.89
C LEU K 2038 48.13 -22.59 -78.20
N LEU K 2039 47.33 -21.52 -78.26
CA LEU K 2039 46.01 -21.57 -77.63
C LEU K 2039 45.10 -22.51 -78.37
N ALA K 2040 45.19 -22.53 -79.70
CA ALA K 2040 44.46 -23.51 -80.49
C ALA K 2040 44.97 -24.93 -80.24
N HIS K 2041 46.27 -25.06 -79.94
CA HIS K 2041 46.78 -26.36 -79.52
C HIS K 2041 46.19 -26.78 -78.19
N CYS K 2042 45.89 -25.81 -77.32
CA CYS K 2042 45.17 -26.08 -76.10
C CYS K 2042 43.67 -26.07 -76.38
N GLY K 2043 42.87 -26.20 -75.34
CA GLY K 2043 41.44 -26.34 -75.48
C GLY K 2043 40.70 -25.09 -75.91
N ILE K 2044 41.33 -23.92 -75.85
CA ILE K 2044 40.69 -22.69 -76.27
C ILE K 2044 40.56 -22.69 -77.79
N GLN K 2045 39.33 -22.53 -78.28
CA GLN K 2045 39.10 -22.53 -79.72
C GLN K 2045 39.67 -21.26 -80.35
N LEU K 2046 39.66 -20.14 -79.62
CA LEU K 2046 40.35 -18.89 -79.96
C LEU K 2046 39.88 -18.30 -81.28
N GLU K 2047 38.58 -18.01 -81.35
CA GLU K 2047 38.00 -17.41 -82.56
C GLU K 2047 38.44 -15.96 -82.70
N PRO K 2091 34.10 -37.33 -81.89
CA PRO K 2091 35.12 -36.58 -81.16
C PRO K 2091 36.51 -36.78 -81.75
N GLN K 2092 37.03 -35.78 -82.45
CA GLN K 2092 38.31 -35.87 -83.11
C GLN K 2092 39.45 -35.33 -82.26
N SER K 2093 39.22 -35.11 -80.98
CA SER K 2093 40.24 -34.54 -80.10
C SER K 2093 40.32 -35.37 -78.83
N LEU K 2094 41.50 -35.36 -78.21
CA LEU K 2094 41.71 -36.12 -76.99
C LEU K 2094 40.92 -35.54 -75.83
N GLN K 2095 40.96 -34.23 -75.66
CA GLN K 2095 40.19 -33.60 -74.58
C GLN K 2095 38.71 -33.63 -74.87
N GLU K 2096 38.32 -33.66 -76.14
CA GLU K 2096 36.95 -33.94 -76.49
C GLU K 2096 36.56 -35.37 -76.11
N LEU K 2097 37.48 -36.31 -76.20
CA LEU K 2097 37.18 -37.70 -75.85
C LEU K 2097 37.03 -37.87 -74.34
N VAL K 2098 37.96 -37.29 -73.59
CA VAL K 2098 37.99 -37.50 -72.14
C VAL K 2098 36.79 -36.84 -71.48
N SER K 2099 36.48 -35.61 -71.90
CA SER K 2099 35.37 -34.86 -71.31
C SER K 2099 34.03 -35.51 -71.60
N HIS K 2100 33.92 -36.19 -72.74
CA HIS K 2100 32.77 -37.04 -72.96
C HIS K 2100 32.79 -38.26 -72.07
N MET K 2101 33.95 -38.92 -71.97
CA MET K 2101 34.01 -40.23 -71.34
C MET K 2101 33.88 -40.14 -69.84
N VAL K 2102 34.47 -39.11 -69.23
CA VAL K 2102 34.47 -39.05 -67.78
C VAL K 2102 33.10 -38.68 -67.26
N VAL K 2103 32.42 -37.74 -67.93
CA VAL K 2103 31.08 -37.34 -67.53
C VAL K 2103 30.10 -38.48 -67.71
N ARG K 2104 30.23 -39.24 -68.81
CA ARG K 2104 29.36 -40.37 -69.05
C ARG K 2104 29.54 -41.47 -68.02
N TRP K 2105 30.75 -41.57 -67.45
CA TRP K 2105 30.96 -42.52 -66.37
C TRP K 2105 30.20 -42.14 -65.12
N ALA K 2106 29.96 -40.85 -64.91
CA ALA K 2106 29.15 -40.46 -63.78
C ALA K 2106 27.68 -40.74 -64.03
N GLN K 2107 27.25 -40.71 -65.29
CA GLN K 2107 25.87 -41.05 -65.60
C GLN K 2107 25.62 -42.54 -65.58
N GLU K 2108 26.66 -43.36 -65.56
CA GLU K 2108 26.48 -44.81 -65.54
C GLU K 2108 25.89 -45.26 -64.21
N ASP K 2109 26.54 -44.89 -63.11
CA ASP K 2109 26.09 -45.34 -61.80
C ASP K 2109 26.56 -44.37 -60.76
N TYR K 2110 26.19 -44.65 -59.51
CA TYR K 2110 26.66 -43.86 -58.38
C TYR K 2110 27.92 -44.49 -57.82
N VAL K 2111 29.07 -43.91 -58.14
CA VAL K 2111 30.35 -44.52 -57.81
C VAL K 2111 30.63 -44.36 -56.33
N GLN K 2112 31.01 -45.45 -55.67
CA GLN K 2112 31.24 -45.45 -54.23
C GLN K 2112 32.70 -45.41 -53.84
N SER K 2113 33.59 -45.91 -54.68
CA SER K 2113 35.00 -45.97 -54.32
C SER K 2113 35.59 -44.57 -54.37
N PRO K 2114 36.01 -44.01 -53.24
CA PRO K 2114 36.45 -42.61 -53.23
C PRO K 2114 37.75 -42.38 -53.97
N GLU K 2115 38.52 -43.42 -54.23
CA GLU K 2115 39.74 -43.25 -55.01
C GLU K 2115 39.43 -42.92 -56.46
N LEU K 2116 38.45 -43.60 -57.04
CA LEU K 2116 38.13 -43.39 -58.45
C LEU K 2116 37.53 -42.02 -58.68
N VAL K 2117 36.73 -41.55 -57.73
CA VAL K 2117 36.08 -40.25 -57.92
C VAL K 2117 37.08 -39.12 -57.81
N ARG K 2118 38.22 -39.37 -57.16
CA ARG K 2118 39.26 -38.36 -57.17
C ARG K 2118 40.06 -38.42 -58.46
N ALA K 2119 40.33 -39.62 -58.95
CA ALA K 2119 41.10 -39.74 -60.18
C ALA K 2119 40.29 -39.36 -61.40
N MET K 2120 38.97 -39.38 -61.31
CA MET K 2120 38.16 -38.90 -62.42
C MET K 2120 38.25 -37.39 -62.53
N PHE K 2121 37.88 -36.69 -61.47
CA PHE K 2121 37.72 -35.24 -61.53
C PHE K 2121 39.04 -34.52 -61.67
N SER K 2122 40.12 -35.10 -61.15
CA SER K 2122 41.43 -34.52 -61.38
C SER K 2122 41.85 -34.66 -62.83
N LEU K 2123 41.36 -35.68 -63.52
CA LEU K 2123 41.63 -35.78 -64.94
C LEU K 2123 40.81 -34.77 -65.71
N LEU K 2124 39.56 -34.56 -65.29
CA LEU K 2124 38.64 -33.73 -66.05
C LEU K 2124 39.01 -32.26 -65.97
N HIS K 2125 39.38 -31.78 -64.79
CA HIS K 2125 39.83 -30.40 -64.62
C HIS K 2125 41.13 -30.15 -65.38
N ARG K 2126 41.93 -31.18 -65.59
CA ARG K 2126 43.18 -31.04 -66.32
C ARG K 2126 42.97 -30.70 -67.78
N GLN K 2127 41.81 -31.04 -68.34
CA GLN K 2127 41.61 -30.78 -69.76
C GLN K 2127 41.00 -29.40 -70.00
N TYR K 2128 40.11 -28.98 -69.11
CA TYR K 2128 39.37 -27.75 -69.37
C TYR K 2128 40.23 -26.51 -69.11
N ASP K 2129 40.99 -26.53 -68.02
CA ASP K 2129 41.96 -25.47 -67.77
C ASP K 2129 43.31 -25.94 -68.28
N GLY K 2130 43.36 -26.24 -69.58
CA GLY K 2130 44.55 -26.71 -70.22
C GLY K 2130 45.63 -25.64 -70.29
N LEU K 2131 45.20 -24.39 -70.28
CA LEU K 2131 46.14 -23.28 -70.15
C LEU K 2131 46.83 -23.29 -68.79
N GLY K 2132 46.04 -23.39 -67.71
CA GLY K 2132 46.62 -23.41 -66.38
C GLY K 2132 47.41 -24.68 -66.09
N GLU K 2133 47.07 -25.78 -66.76
CA GLU K 2133 47.87 -26.98 -66.66
C GLU K 2133 49.25 -26.76 -67.28
N LEU K 2134 49.33 -25.96 -68.34
CA LEU K 2134 50.63 -25.63 -68.90
C LEU K 2134 51.39 -24.69 -67.99
N LEU K 2135 50.66 -23.81 -67.30
CA LEU K 2135 51.30 -22.79 -66.49
C LEU K 2135 51.99 -23.37 -65.28
N ARG K 2136 51.31 -24.25 -64.55
CA ARG K 2136 51.84 -24.76 -63.29
C ARG K 2136 53.06 -25.64 -63.46
N ALA K 2137 53.26 -26.20 -64.64
CA ALA K 2137 54.48 -26.95 -64.89
C ALA K 2137 55.67 -26.07 -65.22
N LEU K 2138 55.43 -24.92 -65.84
CA LEU K 2138 56.45 -24.03 -66.35
C LEU K 2138 57.50 -23.50 -65.35
N PRO K 2139 57.22 -23.36 -64.04
CA PRO K 2139 58.33 -23.14 -63.12
C PRO K 2139 59.32 -24.30 -63.05
N ARG K 2140 58.90 -25.51 -63.36
CA ARG K 2140 59.84 -26.63 -63.41
C ARG K 2140 60.46 -26.80 -64.79
N ALA K 2141 60.41 -25.77 -65.62
CA ALA K 2141 61.01 -25.81 -66.94
C ALA K 2141 62.36 -25.09 -66.87
N TYR K 2142 63.40 -25.75 -67.33
CA TYR K 2142 64.74 -25.17 -67.38
C TYR K 2142 65.44 -25.60 -68.65
N THR K 2143 66.43 -24.80 -69.05
CA THR K 2143 67.05 -24.99 -70.34
C THR K 2143 68.56 -24.92 -70.18
N ILE K 2144 69.27 -25.95 -70.62
CA ILE K 2144 70.71 -26.04 -70.41
C ILE K 2144 71.41 -26.09 -71.76
N SER K 2145 72.73 -26.04 -71.70
CA SER K 2145 73.64 -26.12 -72.83
C SER K 2145 73.94 -27.57 -73.19
N PRO K 2146 74.05 -27.88 -74.49
CA PRO K 2146 74.32 -29.26 -74.90
C PRO K 2146 75.69 -29.77 -74.55
N SER K 2147 76.62 -28.90 -74.17
CA SER K 2147 77.92 -29.35 -73.69
C SER K 2147 77.90 -29.74 -72.23
N SER K 2148 76.80 -29.51 -71.53
CA SER K 2148 76.71 -29.79 -70.10
C SER K 2148 75.91 -31.07 -69.82
N VAL K 2149 75.37 -31.73 -70.85
CA VAL K 2149 74.53 -32.88 -70.65
C VAL K 2149 75.31 -34.07 -70.13
N GLU K 2150 76.57 -34.21 -70.55
CA GLU K 2150 77.40 -35.34 -70.14
C GLU K 2150 77.73 -35.31 -68.65
N ASP K 2151 77.61 -34.16 -67.99
CA ASP K 2151 77.71 -34.09 -66.55
C ASP K 2151 76.37 -33.97 -65.86
N THR K 2152 75.33 -33.51 -66.56
CA THR K 2152 74.04 -33.30 -65.93
C THR K 2152 73.33 -34.59 -65.60
N MET K 2153 73.37 -35.55 -66.53
CA MET K 2153 72.77 -36.85 -66.24
C MET K 2153 73.59 -37.64 -65.24
N SER K 2154 74.90 -37.34 -65.13
CA SER K 2154 75.67 -37.89 -64.03
C SER K 2154 75.27 -37.27 -62.71
N LEU K 2155 74.77 -36.05 -62.73
CA LEU K 2155 74.25 -35.45 -61.51
C LEU K 2155 72.94 -36.07 -61.10
N LEU K 2156 72.02 -36.24 -62.04
CA LEU K 2156 70.66 -36.69 -61.74
C LEU K 2156 70.60 -38.10 -61.18
N GLU K 2157 71.48 -38.99 -61.62
CA GLU K 2157 71.56 -40.30 -60.98
C GLU K 2157 72.03 -40.19 -59.55
N CYS K 2158 72.94 -39.26 -59.27
CA CYS K 2158 73.35 -39.03 -57.90
C CYS K 2158 72.31 -38.25 -57.12
N LEU K 2159 71.33 -37.66 -57.81
CA LEU K 2159 70.19 -37.09 -57.11
C LEU K 2159 69.20 -38.17 -56.71
N GLY K 2160 68.98 -39.16 -57.59
CA GLY K 2160 67.94 -40.15 -57.38
C GLY K 2160 68.16 -41.05 -56.20
N GLN K 2161 69.41 -41.27 -55.81
CA GLN K 2161 69.69 -42.12 -54.65
C GLN K 2161 69.20 -41.48 -53.37
N ILE K 2162 69.12 -40.16 -53.35
CA ILE K 2162 68.64 -39.46 -52.16
C ILE K 2162 67.15 -39.64 -52.01
N ARG K 2163 66.41 -39.51 -53.11
CA ARG K 2163 64.96 -39.65 -53.07
C ARG K 2163 64.55 -41.08 -52.82
N SER K 2164 65.38 -42.04 -53.23
CA SER K 2164 65.17 -43.41 -52.79
C SER K 2164 65.41 -43.58 -51.31
N LEU K 2165 66.30 -42.78 -50.73
CA LEU K 2165 66.50 -42.83 -49.30
C LEU K 2165 65.55 -41.92 -48.54
N LEU K 2166 64.62 -41.26 -49.22
CA LEU K 2166 63.60 -40.51 -48.51
C LEU K 2166 62.62 -41.45 -47.83
N ILE K 2167 62.33 -42.60 -48.44
CA ILE K 2167 61.23 -43.46 -48.03
C ILE K 2167 61.64 -44.63 -47.17
N VAL K 2168 62.92 -44.82 -46.92
CA VAL K 2168 63.39 -45.93 -46.10
C VAL K 2168 63.92 -45.36 -44.79
N GLN K 2169 63.55 -46.01 -43.69
CA GLN K 2169 64.06 -45.62 -42.38
C GLN K 2169 65.56 -45.85 -42.34
N MET K 2170 66.28 -44.84 -41.84
CA MET K 2170 67.72 -44.77 -42.04
C MET K 2170 68.46 -45.73 -41.12
N GLY K 2171 69.33 -46.53 -41.72
CA GLY K 2171 70.19 -47.42 -40.97
C GLY K 2171 71.65 -47.08 -41.21
N PRO K 2172 72.56 -47.84 -40.60
CA PRO K 2172 73.98 -47.46 -40.65
C PRO K 2172 74.65 -47.69 -41.97
N GLN K 2173 74.02 -48.37 -42.93
CA GLN K 2173 74.65 -48.55 -44.22
C GLN K 2173 74.34 -47.42 -45.18
N GLU K 2174 73.07 -47.12 -45.39
CA GLU K 2174 72.63 -46.11 -46.35
C GLU K 2174 73.06 -44.71 -45.95
N GLU K 2175 73.38 -44.50 -44.68
CA GLU K 2175 74.10 -43.30 -44.26
C GLU K 2175 75.36 -43.12 -45.08
N ASN K 2176 76.14 -44.18 -45.23
CA ASN K 2176 77.34 -44.11 -46.06
C ASN K 2176 76.99 -44.01 -47.54
N LEU K 2177 75.78 -44.40 -47.92
CA LEU K 2177 75.34 -44.09 -49.27
C LEU K 2177 74.95 -42.62 -49.40
N MET K 2178 74.40 -42.03 -48.34
CA MET K 2178 73.98 -40.64 -48.44
C MET K 2178 75.17 -39.69 -48.47
N ILE K 2179 76.16 -39.94 -47.61
CA ILE K 2179 77.34 -39.08 -47.54
C ILE K 2179 78.13 -39.17 -48.83
N GLN K 2180 78.31 -40.39 -49.35
CA GLN K 2180 79.00 -40.56 -50.62
C GLN K 2180 78.21 -39.99 -51.78
N SER K 2181 76.88 -39.95 -51.66
CA SER K 2181 76.08 -39.25 -52.65
C SER K 2181 76.34 -37.75 -52.59
N ILE K 2182 76.14 -37.16 -51.41
CA ILE K 2182 76.26 -35.71 -51.22
C ILE K 2182 77.66 -35.24 -51.53
N GLY K 2183 78.66 -35.98 -51.09
CA GLY K 2183 80.05 -35.70 -51.46
C GLY K 2183 80.34 -35.83 -52.94
N ASN K 2184 79.46 -36.47 -53.70
CA ASN K 2184 79.60 -36.49 -55.14
C ASN K 2184 78.74 -35.43 -55.83
N ILE K 2185 77.82 -34.79 -55.10
CA ILE K 2185 77.09 -33.68 -55.69
C ILE K 2185 77.92 -32.41 -55.68
N MET K 2186 78.56 -32.09 -54.57
CA MET K 2186 79.16 -30.78 -54.37
C MET K 2186 80.47 -30.59 -55.11
N ASN K 2187 80.89 -31.54 -55.93
CA ASN K 2187 82.02 -31.36 -56.82
C ASN K 2187 81.64 -31.84 -58.21
N ASN K 2188 80.47 -31.43 -58.67
CA ASN K 2188 79.95 -31.83 -59.95
C ASN K 2188 79.74 -30.67 -60.90
N LYS K 2189 80.06 -29.45 -60.49
CA LYS K 2189 80.30 -28.24 -61.28
C LYS K 2189 79.06 -27.63 -61.91
N VAL K 2190 77.93 -28.32 -61.93
CA VAL K 2190 76.73 -27.74 -62.53
C VAL K 2190 75.79 -27.26 -61.44
N PHE K 2191 75.94 -27.82 -60.24
CA PHE K 2191 75.25 -27.36 -59.04
C PHE K 2191 75.52 -25.88 -58.76
N TYR K 2192 76.68 -25.36 -59.15
CA TYR K 2192 76.96 -23.95 -59.01
C TYR K 2192 76.47 -23.11 -60.16
N GLN K 2193 76.74 -23.48 -61.40
CA GLN K 2193 76.51 -22.55 -62.50
C GLN K 2193 75.05 -22.46 -62.93
N HIS K 2194 74.14 -23.19 -62.28
CA HIS K 2194 72.70 -23.02 -62.52
C HIS K 2194 71.98 -23.13 -61.19
N PRO K 2195 72.04 -22.10 -60.34
CA PRO K 2195 71.40 -22.20 -59.03
C PRO K 2195 69.90 -22.11 -59.09
N ASN K 2196 69.34 -21.61 -60.19
CA ASN K 2196 67.90 -21.70 -60.37
C ASN K 2196 67.45 -23.13 -60.57
N LEU K 2197 68.21 -23.93 -61.32
CA LEU K 2197 67.85 -25.31 -61.61
C LEU K 2197 67.91 -26.20 -60.39
N MET K 2198 68.95 -26.06 -59.56
CA MET K 2198 69.02 -26.85 -58.33
C MET K 2198 67.89 -26.48 -57.38
N ARG K 2199 67.49 -25.22 -57.39
CA ARG K 2199 66.30 -24.83 -56.64
C ARG K 2199 65.04 -25.35 -57.32
N ALA K 2200 65.03 -25.42 -58.64
CA ALA K 2200 63.87 -25.90 -59.38
C ALA K 2200 63.62 -27.38 -59.18
N LEU K 2201 64.66 -28.18 -58.98
CA LEU K 2201 64.45 -29.60 -58.78
C LEU K 2201 64.06 -29.95 -57.36
N GLY K 2202 63.95 -28.97 -56.48
CA GLY K 2202 63.61 -29.26 -55.11
C GLY K 2202 64.71 -29.98 -54.36
N MET K 2203 65.96 -29.83 -54.81
CA MET K 2203 67.08 -30.47 -54.13
C MET K 2203 67.27 -29.89 -52.74
N HIS K 2204 67.07 -28.58 -52.59
CA HIS K 2204 67.19 -27.97 -51.28
C HIS K 2204 66.08 -28.39 -50.35
N GLU K 2205 64.92 -28.75 -50.90
CA GLU K 2205 63.89 -29.31 -50.05
C GLU K 2205 64.22 -30.71 -49.60
N THR K 2206 64.75 -31.53 -50.50
CA THR K 2206 64.97 -32.95 -50.24
C THR K 2206 65.98 -33.19 -49.13
N VAL K 2207 67.04 -32.39 -49.07
CA VAL K 2207 68.05 -32.62 -48.06
C VAL K 2207 67.55 -32.16 -46.69
N MET K 2208 66.51 -31.33 -46.66
CA MET K 2208 65.96 -30.95 -45.38
C MET K 2208 65.21 -32.08 -44.70
N GLU K 2209 64.39 -32.83 -45.44
CA GLU K 2209 63.57 -33.86 -44.80
C GLU K 2209 64.38 -35.04 -44.31
N VAL K 2210 65.52 -35.33 -44.93
CA VAL K 2210 66.35 -36.38 -44.35
C VAL K 2210 67.06 -35.89 -43.10
N MET K 2211 67.16 -34.58 -42.90
CA MET K 2211 67.55 -34.09 -41.59
C MET K 2211 66.38 -34.03 -40.63
N VAL K 2212 65.15 -34.01 -41.14
CA VAL K 2212 63.99 -34.03 -40.24
C VAL K 2212 63.85 -35.38 -39.59
N ASN K 2213 63.98 -36.45 -40.38
CA ASN K 2213 63.68 -37.78 -39.89
C ASN K 2213 64.70 -38.27 -38.87
N VAL K 2214 65.92 -37.76 -38.94
CA VAL K 2214 66.95 -38.23 -38.02
C VAL K 2214 66.85 -37.54 -36.68
N LEU K 2215 66.57 -36.24 -36.66
CA LEU K 2215 66.41 -35.55 -35.38
C LEU K 2215 65.13 -35.93 -34.67
N GLY K 2216 64.14 -36.42 -35.39
CA GLY K 2216 62.87 -36.81 -34.80
C GLY K 2216 62.03 -35.61 -34.38
N GLU K 2222 68.16 -38.06 -28.25
CA GLU K 2222 69.54 -38.47 -28.51
C GLU K 2222 69.78 -38.66 -30.00
N ILE K 2223 70.95 -38.23 -30.46
CA ILE K 2223 71.30 -38.29 -31.88
C ILE K 2223 71.70 -39.70 -32.24
N ARG K 2224 71.02 -40.28 -33.22
CA ARG K 2224 71.35 -41.61 -33.69
C ARG K 2224 72.57 -41.61 -34.59
N PHE K 2225 72.63 -40.72 -35.58
CA PHE K 2225 73.66 -40.75 -36.61
C PHE K 2225 74.24 -39.35 -36.81
N PRO K 2226 75.19 -38.96 -35.98
CA PRO K 2226 75.72 -37.59 -36.04
C PRO K 2226 76.60 -37.32 -37.23
N LYS K 2227 77.26 -38.35 -37.76
CA LYS K 2227 78.14 -38.14 -38.89
C LYS K 2227 77.36 -37.83 -40.16
N MET K 2228 76.10 -38.22 -40.20
CA MET K 2228 75.23 -37.83 -41.30
C MET K 2228 74.84 -36.37 -41.19
N VAL K 2229 74.36 -35.96 -40.01
CA VAL K 2229 73.68 -34.68 -39.88
C VAL K 2229 74.63 -33.51 -40.05
N THR K 2230 75.93 -33.73 -39.86
CA THR K 2230 76.89 -32.68 -40.15
C THR K 2230 77.02 -32.45 -41.64
N SER K 2231 77.17 -33.52 -42.42
CA SER K 2231 77.42 -33.35 -43.84
C SER K 2231 76.17 -32.87 -44.57
N CYS K 2232 74.99 -33.07 -44.01
CA CYS K 2232 73.82 -32.45 -44.59
C CYS K 2232 73.78 -30.96 -44.33
N CYS K 2233 73.99 -30.55 -43.08
CA CYS K 2233 73.95 -29.13 -42.78
C CYS K 2233 75.17 -28.41 -43.33
N ARG K 2234 76.26 -29.14 -43.56
CA ARG K 2234 77.39 -28.57 -44.29
C ARG K 2234 77.02 -28.29 -45.73
N PHE K 2235 76.18 -29.15 -46.32
CA PHE K 2235 75.77 -28.94 -47.70
C PHE K 2235 74.88 -27.72 -47.82
N LEU K 2236 73.97 -27.51 -46.86
CA LEU K 2236 73.10 -26.35 -46.93
C LEU K 2236 73.84 -25.05 -46.71
N CYS K 2237 74.84 -25.04 -45.83
CA CYS K 2237 75.64 -23.83 -45.62
C CYS K 2237 76.43 -23.50 -46.87
N TYR K 2238 76.96 -24.51 -47.56
CA TYR K 2238 77.59 -24.26 -48.84
C TYR K 2238 76.58 -24.00 -49.94
N PHE K 2239 75.30 -24.29 -49.71
CA PHE K 2239 74.30 -23.97 -50.69
C PHE K 2239 73.83 -22.53 -50.57
N CYS K 2240 73.77 -22.00 -49.35
CA CYS K 2240 73.16 -20.70 -49.10
C CYS K 2240 73.93 -19.55 -49.69
N ARG K 2241 75.20 -19.73 -50.05
CA ARG K 2241 76.00 -18.66 -50.61
C ARG K 2241 76.23 -18.82 -52.10
N ILE K 2242 75.47 -19.68 -52.77
CA ILE K 2242 75.64 -19.79 -54.20
C ILE K 2242 74.91 -18.66 -54.91
N SER K 2243 73.65 -18.44 -54.56
CA SER K 2243 72.96 -17.24 -55.02
C SER K 2243 72.15 -16.70 -53.86
N ARG K 2244 71.77 -15.44 -53.97
CA ARG K 2244 71.06 -14.79 -52.88
C ARG K 2244 69.62 -15.30 -52.78
N GLN K 2245 68.98 -15.59 -53.90
CA GLN K 2245 67.62 -16.09 -53.86
C GLN K 2245 67.54 -17.52 -53.34
N ASN K 2246 68.63 -18.27 -53.43
CA ASN K 2246 68.63 -19.57 -52.76
C ASN K 2246 68.66 -19.42 -51.27
N GLN K 2247 69.41 -18.44 -50.77
CA GLN K 2247 69.35 -18.07 -49.37
C GLN K 2247 67.97 -17.57 -48.98
N ARG K 2248 67.27 -16.89 -49.90
CA ARG K 2248 65.90 -16.47 -49.66
C ARG K 2248 64.99 -17.66 -49.43
N SER K 2249 65.16 -18.71 -50.21
CA SER K 2249 64.34 -19.89 -50.04
C SER K 2249 64.65 -20.62 -48.75
N MET K 2250 65.93 -20.82 -48.44
CA MET K 2250 66.33 -21.51 -47.21
C MET K 2250 65.95 -20.76 -45.96
N PHE K 2251 65.80 -19.44 -46.07
CA PHE K 2251 65.32 -18.62 -44.96
C PHE K 2251 63.93 -19.01 -44.48
N ASP K 2252 63.10 -19.54 -45.37
CA ASP K 2252 61.69 -19.73 -45.06
C ASP K 2252 61.45 -20.86 -44.08
N HIS K 2253 62.41 -21.76 -43.90
CA HIS K 2253 62.27 -22.83 -42.94
C HIS K 2253 62.92 -22.51 -41.61
N LEU K 2254 62.94 -21.23 -41.23
CA LEU K 2254 63.68 -20.79 -40.07
C LEU K 2254 63.14 -21.31 -38.76
N SER K 2255 61.82 -21.22 -38.55
CA SER K 2255 61.22 -21.60 -37.28
C SER K 2255 61.38 -23.09 -37.00
N TYR K 2256 61.33 -23.90 -38.04
CA TYR K 2256 61.67 -25.31 -37.85
C TYR K 2256 63.13 -25.51 -37.53
N LEU K 2257 64.01 -24.87 -38.28
CA LEU K 2257 65.45 -24.90 -38.00
C LEU K 2257 65.76 -24.36 -36.62
N LEU K 2258 65.00 -23.39 -36.16
CA LEU K 2258 65.17 -22.85 -34.83
C LEU K 2258 64.71 -23.80 -33.74
N GLU K 2259 63.74 -24.67 -34.03
CA GLU K 2259 63.19 -25.54 -32.99
C GLU K 2259 64.16 -26.64 -32.61
N ASN K 2260 65.18 -26.89 -33.42
CA ASN K 2260 66.16 -27.94 -33.17
C ASN K 2260 67.56 -27.38 -33.05
N SER K 2261 67.75 -26.35 -32.23
CA SER K 2261 69.10 -25.85 -31.96
C SER K 2261 69.93 -26.86 -31.18
N GLY K 2262 69.30 -27.70 -30.37
CA GLY K 2262 70.02 -28.70 -29.59
C GLY K 2262 70.54 -29.85 -30.43
N MET K 2267 77.37 -29.81 -29.39
CA MET K 2267 78.14 -30.91 -29.96
C MET K 2267 79.14 -30.39 -31.00
N GLN K 2268 80.20 -31.17 -31.23
CA GLN K 2268 81.28 -30.75 -32.12
C GLN K 2268 80.86 -30.83 -33.58
N GLY K 2269 81.70 -30.29 -34.46
CA GLY K 2269 81.38 -30.24 -35.87
C GLY K 2269 80.36 -29.16 -36.15
N SER K 2270 79.71 -29.21 -37.30
CA SER K 2270 78.68 -28.22 -37.63
C SER K 2270 77.36 -28.58 -36.94
N THR K 2271 76.30 -27.90 -37.35
CA THR K 2271 75.06 -27.90 -36.59
C THR K 2271 73.93 -27.41 -37.48
N PRO K 2272 72.68 -27.76 -37.16
CA PRO K 2272 71.54 -27.13 -37.85
C PRO K 2272 71.45 -25.63 -37.63
N LEU K 2273 72.03 -25.10 -36.57
CA LEU K 2273 71.89 -23.68 -36.31
C LEU K 2273 72.79 -22.86 -37.22
N ASP K 2274 73.94 -23.40 -37.64
CA ASP K 2274 74.79 -22.65 -38.55
C ASP K 2274 74.20 -22.61 -39.95
N VAL K 2275 73.26 -23.49 -40.25
CA VAL K 2275 72.43 -23.31 -41.43
C VAL K 2275 71.59 -22.05 -41.29
N ALA K 2276 70.97 -21.88 -40.12
CA ALA K 2276 70.12 -20.72 -39.89
C ALA K 2276 70.93 -19.43 -39.86
N ALA K 2277 72.18 -19.50 -39.41
CA ALA K 2277 73.04 -18.34 -39.44
C ALA K 2277 73.41 -17.95 -40.86
N ALA K 2278 73.77 -18.91 -41.70
CA ALA K 2278 74.11 -18.60 -43.08
C ALA K 2278 72.89 -18.37 -43.94
N SER K 2279 71.69 -18.39 -43.36
CA SER K 2279 70.49 -18.02 -44.10
C SER K 2279 70.15 -16.55 -43.96
N VAL K 2280 70.81 -15.80 -43.09
CA VAL K 2280 70.45 -14.41 -42.85
C VAL K 2280 71.64 -13.48 -42.98
N ILE K 2281 72.81 -14.02 -43.28
CA ILE K 2281 74.03 -13.23 -43.31
C ILE K 2281 74.02 -12.41 -44.61
N ASP K 2282 74.64 -11.23 -44.55
CA ASP K 2282 75.02 -10.44 -45.72
C ASP K 2282 73.82 -9.96 -46.54
N ASN K 2283 72.66 -9.78 -45.92
CA ASN K 2283 71.45 -9.48 -46.68
C ASN K 2283 70.53 -8.61 -45.84
N ASN K 2284 70.32 -7.37 -46.30
CA ASN K 2284 69.40 -6.46 -45.65
C ASN K 2284 67.94 -6.85 -45.81
N GLU K 2285 67.60 -7.53 -46.91
CA GLU K 2285 66.20 -7.90 -47.14
C GLU K 2285 65.70 -8.86 -46.09
N LEU K 2286 66.42 -9.96 -45.87
CA LEU K 2286 66.00 -10.91 -44.85
C LEU K 2286 66.09 -10.35 -43.45
N ALA K 2287 67.13 -9.57 -43.15
CA ALA K 2287 67.30 -9.06 -41.81
C ALA K 2287 66.22 -8.05 -41.46
N LEU K 2288 65.74 -7.31 -42.45
CA LEU K 2288 64.61 -6.44 -42.21
C LEU K 2288 63.31 -7.22 -42.08
N ALA K 2289 63.20 -8.37 -42.74
CA ALA K 2289 61.98 -9.15 -42.74
C ALA K 2289 61.98 -10.22 -41.67
N LEU K 2290 63.02 -10.28 -40.84
CA LEU K 2290 63.10 -11.26 -39.77
C LEU K 2290 62.03 -10.98 -38.73
N GLN K 2291 61.31 -12.03 -38.34
CA GLN K 2291 60.20 -11.88 -37.41
C GLN K 2291 60.68 -11.55 -36.01
N GLU K 2292 59.72 -11.15 -35.17
CA GLU K 2292 60.00 -10.98 -33.75
C GLU K 2292 59.79 -12.25 -32.96
N GLN K 2293 58.78 -13.05 -33.32
CA GLN K 2293 58.60 -14.37 -32.69
C GLN K 2293 59.75 -15.30 -33.03
N ASP K 2294 60.39 -15.13 -34.18
CA ASP K 2294 61.59 -15.87 -34.49
C ASP K 2294 62.80 -15.37 -33.72
N LEU K 2295 62.70 -14.24 -33.04
CA LEU K 2295 63.80 -13.77 -32.22
C LEU K 2295 63.71 -14.23 -30.78
N GLU K 2296 62.52 -14.27 -30.20
CA GLU K 2296 62.36 -14.64 -28.80
C GLU K 2296 62.66 -16.11 -28.54
N LYS K 2297 62.62 -16.96 -29.57
CA LYS K 2297 63.05 -18.33 -29.39
C LYS K 2297 64.56 -18.41 -29.21
N VAL K 2298 65.31 -17.48 -29.82
CA VAL K 2298 66.76 -17.55 -29.74
C VAL K 2298 67.24 -17.19 -28.34
N VAL K 2299 66.57 -16.24 -27.69
CA VAL K 2299 67.01 -15.85 -26.36
C VAL K 2299 66.54 -16.83 -25.30
N SER K 2300 65.50 -17.60 -25.57
CA SER K 2300 65.06 -18.59 -24.59
C SER K 2300 66.02 -19.76 -24.51
N TYR K 2301 66.70 -20.08 -25.61
CA TYR K 2301 67.78 -21.06 -25.51
C TYR K 2301 69.02 -20.43 -24.91
N LEU K 2302 69.17 -19.13 -25.10
CA LEU K 2302 70.17 -18.39 -24.34
C LEU K 2302 69.76 -18.24 -22.89
N ALA K 2303 68.48 -18.37 -22.59
CA ALA K 2303 68.04 -18.32 -21.20
C ALA K 2303 68.43 -19.56 -20.40
N GLY K 2304 68.75 -20.67 -21.08
CA GLY K 2304 69.09 -21.87 -20.35
C GLY K 2304 70.56 -21.99 -19.99
N CYS K 2305 71.45 -21.55 -20.89
CA CYS K 2305 72.87 -21.84 -20.78
C CYS K 2305 73.54 -21.17 -19.60
N GLY K 2306 73.03 -20.02 -19.13
CA GLY K 2306 73.63 -19.37 -17.99
C GLY K 2306 73.34 -20.02 -16.66
N LEU K 2307 72.44 -20.99 -16.63
CA LEU K 2307 72.00 -21.62 -15.38
C LEU K 2307 72.54 -23.03 -15.21
N GLN K 2308 72.79 -23.75 -16.29
CA GLN K 2308 73.29 -25.12 -16.21
C GLN K 2308 74.61 -25.26 -16.94
N SER K 2309 75.24 -26.40 -16.75
CA SER K 2309 76.54 -26.70 -17.33
C SER K 2309 76.36 -27.51 -18.61
N CYS K 2310 77.47 -27.90 -19.22
CA CYS K 2310 77.43 -28.91 -20.27
C CYS K 2310 77.51 -30.29 -19.64
N PRO K 2311 76.48 -31.13 -19.79
CA PRO K 2311 76.54 -32.47 -19.20
C PRO K 2311 77.58 -33.36 -19.84
N MET K 2312 77.94 -33.09 -21.09
CA MET K 2312 79.03 -33.81 -21.75
C MET K 2312 80.38 -33.44 -21.17
N LEU K 2313 80.52 -32.24 -20.62
CA LEU K 2313 81.82 -31.79 -20.12
C LEU K 2313 82.11 -32.39 -18.76
N LEU K 2314 81.11 -32.48 -17.90
CA LEU K 2314 81.30 -33.14 -16.63
C LEU K 2314 81.31 -34.65 -16.78
N ALA K 2315 80.72 -35.17 -17.86
CA ALA K 2315 80.97 -36.55 -18.24
C ALA K 2315 82.40 -36.76 -18.70
N LYS K 2316 83.05 -35.71 -19.22
CA LYS K 2316 84.44 -35.81 -19.61
C LYS K 2316 85.41 -35.67 -18.43
N GLY K 2317 84.89 -35.39 -17.23
CA GLY K 2317 85.73 -35.32 -16.06
C GLY K 2317 86.30 -33.94 -15.83
N TYR K 2318 85.66 -32.94 -16.38
CA TYR K 2318 86.13 -31.57 -16.25
C TYR K 2318 85.72 -31.02 -14.88
N PRO K 2319 86.30 -29.90 -14.46
CA PRO K 2319 85.75 -29.19 -13.31
C PRO K 2319 84.36 -28.64 -13.61
N ASP K 2320 83.59 -28.42 -12.55
CA ASP K 2320 82.20 -27.99 -12.68
C ASP K 2320 82.12 -26.48 -12.73
N ILE K 2321 81.40 -25.95 -13.73
CA ILE K 2321 81.09 -24.53 -13.85
C ILE K 2321 79.60 -24.40 -14.13
N GLY K 2322 78.90 -23.65 -13.29
CA GLY K 2322 77.44 -23.66 -13.26
C GLY K 2322 76.76 -23.10 -14.49
N TRP K 2323 77.47 -22.40 -15.37
CA TRP K 2323 76.89 -21.83 -16.59
C TRP K 2323 77.60 -22.46 -17.79
N ASN K 2324 77.34 -21.91 -18.97
CA ASN K 2324 77.86 -22.55 -20.18
C ASN K 2324 78.78 -21.65 -20.95
N PRO K 2325 80.10 -21.71 -20.74
CA PRO K 2325 81.01 -20.90 -21.56
C PRO K 2325 81.23 -21.43 -22.96
N CYS K 2326 80.73 -22.64 -23.26
CA CYS K 2326 80.90 -23.16 -24.61
C CYS K 2326 79.57 -23.25 -25.36
N GLY K 2327 78.49 -23.62 -24.67
CA GLY K 2327 77.23 -23.82 -25.34
C GLY K 2327 76.53 -22.51 -25.66
N GLY K 2328 76.54 -21.58 -24.71
CA GLY K 2328 75.92 -20.27 -24.92
C GLY K 2328 76.55 -19.43 -26.00
N GLU K 2329 77.83 -19.67 -26.31
CA GLU K 2329 78.48 -18.97 -27.40
C GLU K 2329 78.03 -19.46 -28.76
N ARG K 2330 77.21 -20.51 -28.82
CA ARG K 2330 76.67 -20.94 -30.10
C ARG K 2330 75.38 -20.21 -30.46
N TYR K 2331 74.98 -19.21 -29.67
CA TYR K 2331 73.86 -18.37 -30.08
C TYR K 2331 74.26 -16.94 -30.40
N LEU K 2332 75.28 -16.42 -29.73
CA LEU K 2332 75.61 -15.02 -29.92
C LEU K 2332 76.34 -14.79 -31.24
N ASP K 2333 77.09 -15.78 -31.70
CA ASP K 2333 77.65 -15.73 -33.04
C ASP K 2333 76.57 -15.76 -34.11
N PHE K 2334 75.41 -16.35 -33.81
CA PHE K 2334 74.27 -16.21 -34.70
C PHE K 2334 73.70 -14.80 -34.63
N LEU K 2335 73.38 -14.32 -33.42
CA LEU K 2335 72.73 -13.03 -33.24
C LEU K 2335 73.60 -11.85 -33.62
N ARG K 2336 74.92 -12.02 -33.67
CA ARG K 2336 75.76 -10.94 -34.19
C ARG K 2336 75.75 -10.91 -35.70
N PHE K 2337 75.11 -11.90 -36.33
CA PHE K 2337 74.74 -11.73 -37.73
C PHE K 2337 73.31 -11.25 -37.87
N ALA K 2338 72.58 -11.13 -36.77
CA ALA K 2338 71.18 -10.75 -36.85
C ALA K 2338 70.97 -9.25 -36.82
N VAL K 2339 71.96 -8.48 -36.33
CA VAL K 2339 71.79 -7.03 -36.25
C VAL K 2339 72.88 -6.25 -36.96
N PHE K 2340 73.95 -6.90 -37.39
CA PHE K 2340 75.07 -6.19 -38.01
C PHE K 2340 75.30 -6.78 -39.39
N VAL K 2341 75.12 -5.97 -40.43
CA VAL K 2341 75.23 -6.41 -41.83
C VAL K 2341 75.96 -5.35 -42.63
N ASN K 2342 76.83 -5.78 -43.54
CA ASN K 2342 77.57 -4.93 -44.48
C ASN K 2342 78.41 -3.88 -43.78
N GLY K 2343 78.90 -4.20 -42.59
CA GLY K 2343 79.58 -3.22 -41.78
C GLY K 2343 78.71 -2.10 -41.25
N GLU K 2344 77.44 -2.39 -40.97
CA GLU K 2344 76.51 -1.38 -40.49
C GLU K 2344 75.51 -2.05 -39.56
N SER K 2345 74.96 -1.29 -38.64
CA SER K 2345 73.96 -1.83 -37.73
C SER K 2345 72.57 -1.58 -38.28
N VAL K 2346 71.66 -2.52 -38.05
CA VAL K 2346 70.27 -2.25 -38.33
C VAL K 2346 69.66 -1.49 -37.17
N GLU K 2347 68.46 -0.99 -37.39
CA GLU K 2347 67.73 -0.29 -36.34
C GLU K 2347 66.62 -1.11 -35.73
N GLU K 2348 65.73 -1.67 -36.56
CA GLU K 2348 64.51 -2.26 -36.06
C GLU K 2348 64.76 -3.56 -35.31
N ASN K 2349 65.84 -4.27 -35.61
CA ASN K 2349 66.15 -5.45 -34.82
C ASN K 2349 66.93 -5.10 -33.57
N ALA K 2350 67.82 -4.10 -33.67
CA ALA K 2350 68.62 -3.69 -32.52
C ALA K 2350 67.75 -3.09 -31.43
N ASN K 2351 66.66 -2.43 -31.81
CA ASN K 2351 65.80 -1.83 -30.81
C ASN K 2351 64.86 -2.86 -30.19
N VAL K 2352 64.93 -4.12 -30.60
CA VAL K 2352 64.03 -5.12 -30.03
C VAL K 2352 64.78 -6.32 -29.46
N VAL K 2353 66.03 -6.52 -29.84
CA VAL K 2353 66.82 -7.54 -29.17
C VAL K 2353 67.20 -7.10 -27.75
N VAL K 2354 67.49 -5.81 -27.54
CA VAL K 2354 67.98 -5.38 -26.25
C VAL K 2354 66.81 -5.12 -25.31
N ARG K 2355 65.63 -4.80 -25.86
CA ARG K 2355 64.44 -4.73 -25.03
C ARG K 2355 64.05 -6.09 -24.50
N LEU K 2356 64.42 -7.14 -25.21
CA LEU K 2356 64.09 -8.50 -24.83
C LEU K 2356 65.20 -9.17 -24.05
N LEU K 2357 66.46 -8.76 -24.28
CA LEU K 2357 67.59 -9.32 -23.57
C LEU K 2357 67.61 -8.91 -22.11
N ILE K 2358 66.90 -7.83 -21.76
CA ILE K 2358 66.86 -7.39 -20.37
C ILE K 2358 65.61 -7.86 -19.64
N ARG K 2359 64.80 -8.70 -20.27
CA ARG K 2359 63.70 -9.31 -19.53
C ARG K 2359 64.16 -10.53 -18.74
N LYS K 2360 65.22 -11.18 -19.18
CA LYS K 2360 65.80 -12.30 -18.46
C LYS K 2360 67.25 -11.98 -18.19
N PRO K 2361 67.58 -11.28 -17.09
CA PRO K 2361 68.98 -10.89 -16.84
C PRO K 2361 69.91 -12.05 -16.53
N GLU K 2362 69.38 -13.26 -16.36
CA GLU K 2362 70.22 -14.44 -16.30
C GLU K 2362 70.94 -14.72 -17.62
N CYS K 2363 70.44 -14.17 -18.73
CA CYS K 2363 71.07 -14.40 -20.03
C CYS K 2363 72.45 -13.78 -20.12
N PHE K 2364 72.73 -12.72 -19.38
CA PHE K 2364 74.08 -12.21 -19.31
C PHE K 2364 74.93 -13.17 -18.48
N GLY K 2365 76.25 -13.04 -18.63
CA GLY K 2365 77.17 -13.83 -17.84
C GLY K 2365 77.12 -13.43 -16.39
N PRO K 2366 77.03 -14.42 -15.50
CA PRO K 2366 76.67 -14.13 -14.10
C PRO K 2366 77.74 -13.41 -13.30
N ALA K 2367 78.97 -13.30 -13.82
CA ALA K 2367 79.99 -12.49 -13.15
C ALA K 2367 79.65 -11.01 -13.22
N LEU K 2368 78.84 -10.62 -14.21
CA LEU K 2368 78.34 -9.25 -14.29
C LEU K 2368 76.83 -9.18 -14.14
N ARG K 2369 76.24 -10.06 -13.34
CA ARG K 2369 74.80 -10.05 -13.14
C ARG K 2369 74.45 -9.77 -11.68
N GLY K 2373 77.68 -9.42 -8.44
CA GLY K 2373 78.51 -9.47 -9.63
C GLY K 2373 79.96 -9.10 -9.38
N SER K 2374 80.88 -9.79 -10.06
CA SER K 2374 82.30 -9.53 -9.91
C SER K 2374 82.77 -8.54 -10.97
N GLY K 2375 84.07 -8.27 -10.95
CA GLY K 2375 84.65 -7.37 -11.93
C GLY K 2375 84.84 -8.03 -13.28
N LEU K 2376 84.66 -7.22 -14.32
CA LEU K 2376 84.79 -7.73 -15.68
C LEU K 2376 86.24 -8.04 -16.03
N LEU K 2377 87.17 -7.16 -15.65
CA LEU K 2377 88.57 -7.54 -15.71
C LEU K 2377 88.88 -8.64 -14.71
N ALA K 2378 88.21 -8.62 -13.56
CA ALA K 2378 88.39 -9.69 -12.58
C ALA K 2378 87.81 -11.01 -13.05
N ALA K 2379 86.75 -10.98 -13.87
CA ALA K 2379 86.24 -12.22 -14.44
C ALA K 2379 87.26 -12.86 -15.38
N ILE K 2380 87.91 -12.05 -16.22
CA ILE K 2380 89.00 -12.57 -17.04
C ILE K 2380 90.22 -12.87 -16.18
N GLU K 2381 90.43 -12.10 -15.11
CA GLU K 2381 91.48 -12.46 -14.15
C GLU K 2381 91.17 -13.78 -13.44
N GLU K 2382 89.88 -14.01 -13.13
CA GLU K 2382 89.46 -15.33 -12.66
C GLU K 2382 89.63 -16.41 -13.70
N ALA K 2383 89.71 -16.03 -14.98
CA ALA K 2383 89.88 -17.03 -16.03
C ALA K 2383 91.34 -17.41 -16.22
N ILE K 2384 92.26 -16.47 -16.01
CA ILE K 2384 93.67 -16.74 -16.28
C ILE K 2384 94.23 -17.77 -15.29
N ARG K 2385 93.80 -17.72 -14.03
CA ARG K 2385 94.25 -18.72 -13.07
C ARG K 2385 93.73 -20.11 -13.39
N ILE K 2386 92.43 -20.21 -13.71
CA ILE K 2386 91.87 -21.51 -14.00
C ILE K 2386 92.25 -22.01 -15.39
N SER K 2387 92.78 -21.14 -16.25
CA SER K 2387 93.32 -21.61 -17.52
C SER K 2387 94.79 -21.96 -17.40
N GLU K 2388 95.57 -21.21 -16.62
CA GLU K 2388 96.98 -21.55 -16.48
C GLU K 2388 97.18 -22.74 -15.56
N ASP K 2389 96.36 -22.88 -14.53
CA ASP K 2389 96.46 -24.06 -13.68
C ASP K 2389 95.72 -25.23 -14.32
N PRO K 2390 96.38 -26.36 -14.55
CA PRO K 2390 95.70 -27.48 -15.23
C PRO K 2390 94.68 -28.17 -14.36
N ALA K 2391 94.80 -28.10 -13.04
CA ALA K 2391 93.83 -28.74 -12.15
C ALA K 2391 92.49 -28.02 -12.19
N ARG K 2392 92.51 -26.69 -12.22
CA ARG K 2392 91.28 -25.94 -12.40
C ARG K 2392 90.85 -25.89 -13.86
N ASP K 2393 91.70 -26.33 -14.79
CA ASP K 2393 91.33 -26.39 -16.19
C ASP K 2393 90.64 -27.71 -16.50
N GLY K 2394 89.99 -27.76 -17.66
CA GLY K 2394 89.24 -28.94 -18.06
C GLY K 2394 90.12 -30.06 -18.55
N PRO K 2395 90.20 -31.14 -17.77
CA PRO K 2395 90.97 -32.32 -18.17
C PRO K 2395 90.13 -33.59 -18.19
N ASN K 2414 89.31 -33.30 -24.01
CA ASN K 2414 90.65 -32.72 -24.00
C ASN K 2414 90.71 -31.47 -24.86
N ARG K 2415 89.83 -31.41 -25.86
CA ARG K 2415 89.76 -30.24 -26.73
C ARG K 2415 89.11 -29.05 -26.05
N VAL K 2416 88.37 -29.28 -24.97
CA VAL K 2416 87.65 -28.20 -24.30
C VAL K 2416 88.37 -27.84 -23.00
N HIS K 2417 88.94 -26.65 -22.96
CA HIS K 2417 89.43 -26.05 -21.73
C HIS K 2417 88.42 -25.01 -21.28
N LEU K 2418 88.06 -25.05 -20.00
CA LEU K 2418 87.04 -24.13 -19.49
C LEU K 2418 87.55 -22.70 -19.49
N GLY K 2419 88.84 -22.51 -19.24
CA GLY K 2419 89.42 -21.18 -19.21
C GLY K 2419 89.47 -20.49 -20.56
N HIS K 2420 89.52 -21.25 -21.64
CA HIS K 2420 89.51 -20.66 -22.96
C HIS K 2420 88.12 -20.31 -23.44
N ALA K 2421 87.09 -20.90 -22.82
CA ALA K 2421 85.74 -20.65 -23.29
C ALA K 2421 85.05 -19.53 -22.51
N ILE K 2422 85.50 -19.26 -21.29
CA ILE K 2422 84.90 -18.17 -20.53
C ILE K 2422 85.31 -16.81 -21.10
N MET K 2423 86.59 -16.65 -21.46
CA MET K 2423 87.02 -15.43 -22.13
C MET K 2423 86.46 -15.32 -23.53
N SER K 2424 86.22 -16.46 -24.17
CA SER K 2424 85.61 -16.44 -25.49
C SER K 2424 84.12 -16.12 -25.41
N PHE K 2425 83.45 -16.55 -24.34
CA PHE K 2425 82.04 -16.22 -24.18
C PHE K 2425 81.86 -14.73 -23.94
N TYR K 2426 82.71 -14.15 -23.08
CA TYR K 2426 82.59 -12.73 -22.81
C TYR K 2426 83.13 -11.91 -23.98
N ALA K 2427 83.93 -12.53 -24.84
CA ALA K 2427 84.24 -11.91 -26.12
C ALA K 2427 83.01 -11.89 -27.02
N ALA K 2428 82.01 -12.73 -26.76
CA ALA K 2428 80.80 -12.71 -27.57
C ALA K 2428 79.73 -11.80 -26.99
N LEU K 2429 79.61 -11.73 -25.66
CA LEU K 2429 78.61 -10.84 -25.07
C LEU K 2429 78.96 -9.38 -25.24
N ILE K 2430 80.25 -9.08 -25.40
CA ILE K 2430 80.66 -7.69 -25.59
C ILE K 2430 80.37 -7.23 -27.01
N ASP K 2431 80.89 -7.95 -28.01
CA ASP K 2431 80.85 -7.41 -29.37
C ASP K 2431 79.48 -7.54 -30.01
N LEU K 2432 78.58 -8.31 -29.41
CA LEU K 2432 77.18 -8.25 -29.80
C LEU K 2432 76.60 -6.88 -29.50
N LEU K 2433 76.73 -6.43 -28.26
CA LEU K 2433 76.14 -5.15 -27.88
C LEU K 2433 76.85 -3.98 -28.52
N GLY K 2434 78.11 -4.15 -28.90
CA GLY K 2434 78.80 -3.16 -29.70
C GLY K 2434 78.15 -3.06 -31.07
N ARG K 2435 77.72 -4.21 -31.60
CA ARG K 2435 77.05 -4.21 -32.88
C ARG K 2435 75.56 -3.97 -32.77
N CYS K 2436 75.05 -3.66 -31.59
CA CYS K 2436 73.69 -3.14 -31.49
C CYS K 2436 73.67 -1.68 -31.09
N ALA K 2437 74.83 -1.05 -30.96
CA ALA K 2437 74.94 0.36 -30.65
C ALA K 2437 74.40 1.20 -31.80
N PRO K 2438 73.50 2.13 -31.50
CA PRO K 2438 72.94 2.99 -32.55
C PRO K 2438 74.01 3.85 -33.20
N GLU K 2439 73.87 4.05 -34.50
CA GLU K 2439 74.92 4.68 -35.28
C GLU K 2439 75.01 6.17 -34.96
N MET K 2440 76.16 6.75 -35.31
CA MET K 2440 76.54 8.09 -34.88
C MET K 2440 75.63 9.16 -35.46
N HIS K 2441 75.23 9.03 -36.71
CA HIS K 2441 74.38 10.02 -37.35
C HIS K 2441 72.99 10.09 -36.73
N LEU K 2442 72.52 9.01 -36.12
CA LEU K 2442 71.29 9.09 -35.35
C LEU K 2442 71.50 9.69 -33.98
N ILE K 2443 72.75 9.78 -33.53
CA ILE K 2443 73.02 10.44 -32.26
C ILE K 2443 73.12 11.93 -32.48
N GLN K 2444 73.58 12.36 -33.66
CA GLN K 2444 73.57 13.77 -34.01
C GLN K 2444 72.15 14.31 -34.09
N ALA K 2445 71.20 13.51 -34.53
CA ALA K 2445 69.80 13.87 -34.40
C ALA K 2445 69.34 13.54 -32.99
N GLY K 2446 68.24 14.17 -32.58
CA GLY K 2446 67.74 13.97 -31.24
C GLY K 2446 66.73 12.85 -31.13
N LYS K 2447 67.06 11.69 -31.70
CA LYS K 2447 66.19 10.54 -31.58
C LYS K 2447 66.24 10.01 -30.16
N GLY K 2448 65.21 10.34 -29.37
CA GLY K 2448 65.17 9.98 -27.96
C GLY K 2448 65.13 8.50 -27.68
N GLU K 2449 64.49 7.73 -28.55
CA GLU K 2449 64.55 6.28 -28.46
C GLU K 2449 65.97 5.78 -28.70
N ALA K 2450 66.64 6.31 -29.72
CA ALA K 2450 67.98 5.85 -30.07
C ALA K 2450 68.99 6.24 -29.01
N LEU K 2451 68.78 7.35 -28.33
CA LEU K 2451 69.69 7.69 -27.25
C LEU K 2451 69.30 7.05 -25.94
N ARG K 2452 68.09 6.51 -25.84
CA ARG K 2452 67.72 5.74 -24.66
C ARG K 2452 68.52 4.44 -24.59
N ILE K 2453 68.71 3.81 -25.75
CA ILE K 2453 69.50 2.58 -25.80
C ILE K 2453 70.97 2.88 -25.51
N ARG K 2454 71.49 4.00 -26.04
CA ARG K 2454 72.89 4.33 -25.82
C ARG K 2454 73.15 4.71 -24.37
N ALA K 2455 72.10 5.09 -23.63
CA ALA K 2455 72.23 5.19 -22.19
C ALA K 2455 72.40 3.82 -21.55
N ILE K 2456 71.62 2.84 -22.00
CA ILE K 2456 71.53 1.55 -21.29
C ILE K 2456 72.83 0.76 -21.41
N LEU K 2457 73.37 0.69 -22.62
CA LEU K 2457 74.64 -0.02 -22.84
C LEU K 2457 75.80 0.64 -22.13
N ARG K 2458 75.81 1.97 -22.06
CA ARG K 2458 76.84 2.66 -21.30
C ARG K 2458 76.62 2.51 -19.81
N SER K 2459 75.36 2.40 -19.39
CA SER K 2459 75.03 2.18 -17.99
C SER K 2459 75.45 0.82 -17.49
N LEU K 2460 75.46 -0.19 -18.36
CA LEU K 2460 75.72 -1.56 -17.91
C LEU K 2460 77.19 -1.76 -17.56
N VAL K 2461 78.08 -1.23 -18.40
CA VAL K 2461 79.49 -1.61 -18.37
C VAL K 2461 80.31 -0.44 -17.85
N PRO K 2462 81.19 -0.64 -16.88
CA PRO K 2462 82.15 0.40 -16.51
C PRO K 2462 83.28 0.47 -17.54
N LEU K 2463 83.70 1.70 -17.81
CA LEU K 2463 84.70 1.94 -18.84
C LEU K 2463 86.08 1.47 -18.41
N ASP K 2464 86.41 1.66 -17.12
CA ASP K 2464 87.76 1.32 -16.68
C ASP K 2464 87.96 -0.18 -16.54
N ASP K 2465 86.88 -0.97 -16.54
CA ASP K 2465 87.01 -2.41 -16.62
C ASP K 2465 87.64 -2.82 -17.94
N LEU K 2466 87.26 -2.13 -19.02
CA LEU K 2466 87.82 -2.39 -20.35
C LEU K 2466 89.30 -2.05 -20.41
N VAL K 2467 89.73 -1.03 -19.68
CA VAL K 2467 91.09 -0.51 -19.82
C VAL K 2467 92.10 -1.49 -19.24
N GLY K 2468 91.76 -2.18 -18.16
CA GLY K 2468 92.62 -3.24 -17.67
C GLY K 2468 92.60 -4.44 -18.61
N ILE K 2469 91.49 -4.64 -19.31
CA ILE K 2469 91.42 -5.71 -20.28
C ILE K 2469 92.18 -5.34 -21.54
N ILE K 2470 92.11 -4.07 -21.94
CA ILE K 2470 92.76 -3.64 -23.17
C ILE K 2470 94.26 -3.52 -23.01
N SER K 2471 94.78 -3.63 -21.79
CA SER K 2471 96.19 -3.38 -21.53
C SER K 2471 96.92 -4.56 -20.91
N LEU K 2472 96.27 -5.71 -20.79
CA LEU K 2472 96.91 -6.84 -20.11
C LEU K 2472 97.88 -7.52 -21.08
N PRO K 2473 99.15 -7.71 -20.69
CA PRO K 2473 100.13 -8.26 -21.64
C PRO K 2473 100.00 -9.76 -21.82
N LEU K 2474 100.60 -10.26 -22.90
CA LEU K 2474 100.37 -11.63 -23.35
C LEU K 2474 101.67 -12.40 -23.45
N GLN K 2475 101.54 -13.73 -23.45
CA GLN K 2475 102.69 -14.63 -23.58
C GLN K 2475 103.13 -14.65 -25.03
N ILE K 2476 104.02 -13.73 -25.39
CA ILE K 2476 104.55 -13.62 -26.75
C ILE K 2476 105.42 -14.84 -27.02
N PRO K 2477 105.35 -15.44 -28.22
CA PRO K 2477 106.18 -16.60 -28.53
C PRO K 2477 107.58 -16.21 -28.97
N THR K 2478 108.59 -16.80 -28.34
CA THR K 2478 109.97 -16.65 -28.73
C THR K 2478 110.74 -17.89 -28.29
N LEU K 2479 112.06 -17.83 -28.35
CA LEU K 2479 112.88 -18.95 -27.92
C LEU K 2479 113.22 -18.84 -26.44
N VAL K 2486 109.89 -21.29 -28.11
CA VAL K 2486 108.73 -21.93 -27.54
C VAL K 2486 107.47 -21.23 -28.06
N GLN K 2487 106.37 -21.98 -28.17
CA GLN K 2487 105.09 -21.44 -28.64
C GLN K 2487 104.01 -21.82 -27.65
N PRO K 2488 103.29 -20.86 -27.09
CA PRO K 2488 102.24 -21.18 -26.13
C PRO K 2488 101.00 -21.73 -26.84
N LYS K 2489 100.02 -22.14 -26.05
CA LYS K 2489 98.83 -22.79 -26.58
C LYS K 2489 97.72 -21.78 -26.84
N MET K 2490 97.18 -21.83 -28.05
CA MET K 2490 96.13 -20.89 -28.43
C MET K 2490 94.82 -21.16 -27.72
N SER K 2491 94.41 -22.42 -27.64
CA SER K 2491 93.11 -22.75 -27.08
C SER K 2491 93.14 -23.02 -25.59
N ALA K 2492 94.11 -22.45 -24.88
CA ALA K 2492 94.09 -22.48 -23.42
C ALA K 2492 94.55 -21.16 -22.81
N SER K 2493 94.84 -20.14 -23.63
CA SER K 2493 95.45 -18.91 -23.12
C SER K 2493 94.73 -17.73 -23.75
N PHE K 2494 95.26 -16.54 -23.50
CA PHE K 2494 94.66 -15.31 -24.00
C PHE K 2494 94.92 -15.17 -25.50
N VAL K 2495 93.90 -14.77 -26.24
CA VAL K 2495 94.05 -14.58 -27.68
C VAL K 2495 93.87 -13.10 -27.99
N PRO K 2496 94.41 -12.60 -29.11
CA PRO K 2496 94.14 -11.21 -29.50
C PRO K 2496 92.69 -10.97 -29.89
N ASP K 2497 91.97 -12.05 -30.23
CA ASP K 2497 90.54 -11.91 -30.52
C ASP K 2497 89.72 -11.64 -29.27
N HIS K 2498 90.26 -11.90 -28.08
CA HIS K 2498 89.59 -11.45 -26.86
C HIS K 2498 89.66 -9.93 -26.74
N LYS K 2499 90.80 -9.34 -27.10
CA LYS K 2499 90.92 -7.89 -27.10
C LYS K 2499 90.13 -7.25 -28.23
N ALA K 2500 89.95 -7.97 -29.34
CA ALA K 2500 89.27 -7.41 -30.51
C ALA K 2500 87.80 -7.16 -30.27
N SER K 2501 87.18 -7.87 -29.33
CA SER K 2501 85.77 -7.61 -29.04
C SER K 2501 85.61 -6.34 -28.23
N MET K 2502 86.53 -6.08 -27.31
CA MET K 2502 86.37 -4.97 -26.39
C MET K 2502 86.56 -3.62 -27.05
N VAL K 2503 87.52 -3.52 -27.96
CA VAL K 2503 87.81 -2.25 -28.64
C VAL K 2503 86.64 -1.81 -29.51
N LEU K 2504 85.87 -2.75 -30.04
CA LEU K 2504 84.67 -2.41 -30.79
C LEU K 2504 83.58 -1.86 -29.89
N PHE K 2505 83.58 -2.20 -28.61
CA PHE K 2505 82.52 -1.73 -27.74
C PHE K 2505 82.71 -0.27 -27.36
N LEU K 2506 83.92 0.10 -26.95
CA LEU K 2506 84.17 1.47 -26.54
C LEU K 2506 84.15 2.42 -27.73
N ASP K 2507 84.61 1.95 -28.90
CA ASP K 2507 84.61 2.80 -30.09
C ASP K 2507 83.24 2.94 -30.74
N ARG K 2508 82.19 2.40 -30.13
CA ARG K 2508 80.86 2.51 -30.72
C ARG K 2508 79.80 2.97 -29.76
N VAL K 2509 80.03 2.89 -28.45
CA VAL K 2509 79.01 3.37 -27.52
C VAL K 2509 79.55 4.36 -26.51
N TYR K 2510 80.86 4.37 -26.25
CA TYR K 2510 81.44 5.29 -25.28
C TYR K 2510 82.16 6.44 -25.96
N GLY K 2511 83.09 6.15 -26.86
CA GLY K 2511 83.68 7.17 -27.68
C GLY K 2511 84.95 7.78 -27.11
N ILE K 2512 85.82 8.25 -28.00
CA ILE K 2512 87.06 8.92 -27.63
C ILE K 2512 86.88 10.40 -27.88
N GLU K 2513 86.84 11.18 -26.80
CA GLU K 2513 86.51 12.60 -26.91
C GLU K 2513 87.74 13.50 -26.87
N ASN K 2514 88.48 13.47 -25.76
CA ASN K 2514 89.54 14.40 -25.48
C ASN K 2514 90.92 13.77 -25.69
N GLN K 2515 91.95 14.61 -25.72
CA GLN K 2515 93.30 14.16 -26.02
C GLN K 2515 93.95 13.38 -24.90
N ASP K 2516 93.62 13.68 -23.65
CA ASP K 2516 94.26 12.99 -22.53
C ASP K 2516 93.79 11.55 -22.41
N PHE K 2517 92.48 11.31 -22.51
CA PHE K 2517 91.93 9.97 -22.40
C PHE K 2517 92.29 9.13 -23.61
N LEU K 2518 92.48 9.79 -24.77
CA LEU K 2518 93.12 9.13 -25.90
C LEU K 2518 94.52 8.67 -25.54
N LEU K 2519 95.34 9.56 -25.00
CA LEU K 2519 96.68 9.18 -24.60
C LEU K 2519 96.72 8.43 -23.28
N HIS K 2520 95.61 8.33 -22.57
CA HIS K 2520 95.58 7.56 -21.33
C HIS K 2520 95.73 6.07 -21.62
N VAL K 2521 94.87 5.51 -22.46
CA VAL K 2521 94.95 4.08 -22.74
C VAL K 2521 96.01 3.78 -23.79
N LEU K 2522 96.61 4.81 -24.40
CA LEU K 2522 97.50 4.63 -25.53
C LEU K 2522 98.81 3.98 -25.13
N ASP K 2523 99.47 4.49 -24.09
CA ASP K 2523 100.78 3.96 -23.72
C ASP K 2523 100.64 2.67 -22.93
N VAL K 2524 99.52 2.51 -22.23
CA VAL K 2524 99.34 1.36 -21.36
C VAL K 2524 99.04 0.10 -22.14
N GLY K 2525 98.21 0.17 -23.17
CA GLY K 2525 97.78 -1.03 -23.85
C GLY K 2525 98.67 -1.51 -24.99
N PHE K 2526 98.90 -0.61 -25.93
CA PHE K 2526 99.19 -1.01 -27.29
C PHE K 2526 100.65 -0.93 -27.68
N LEU K 2527 101.36 0.09 -27.22
CA LEU K 2527 102.81 0.14 -27.31
C LEU K 2527 103.53 -0.99 -26.56
N PRO K 2528 102.96 -1.60 -25.49
CA PRO K 2528 103.44 -2.94 -25.13
C PRO K 2528 103.26 -3.97 -26.22
N ASP K 2529 102.12 -3.96 -26.91
CA ASP K 2529 101.83 -4.99 -27.88
C ASP K 2529 102.47 -4.72 -29.23
N MET K 2530 102.57 -3.45 -29.61
CA MET K 2530 103.18 -3.04 -30.87
C MET K 2530 104.64 -3.44 -30.97
N ARG K 2531 105.43 -3.16 -29.94
CA ARG K 2531 106.81 -3.60 -29.95
C ARG K 2531 106.94 -5.08 -29.67
N ALA K 2532 105.94 -5.69 -29.01
CA ALA K 2532 105.88 -7.14 -29.00
C ALA K 2532 105.61 -7.69 -30.39
N ALA K 2533 104.80 -6.99 -31.17
CA ALA K 2533 104.60 -7.36 -32.56
C ALA K 2533 105.80 -6.95 -33.42
N ALA K 2534 106.42 -5.81 -33.13
CA ALA K 2534 107.61 -5.41 -33.88
C ALA K 2534 108.83 -6.26 -33.53
N SER K 2535 108.76 -7.02 -32.44
CA SER K 2535 109.84 -7.92 -32.06
C SER K 2535 110.00 -9.08 -33.03
N LEU K 2536 108.89 -9.66 -33.50
CA LEU K 2536 108.95 -10.91 -34.24
C LEU K 2536 109.07 -10.72 -35.74
N ASP K 2537 109.47 -9.54 -36.20
CA ASP K 2537 109.63 -9.29 -37.62
C ASP K 2537 110.90 -9.96 -38.16
N THR K 2544 105.62 -17.13 -37.71
CA THR K 2544 105.40 -17.22 -36.27
C THR K 2544 103.90 -17.22 -36.00
N GLU K 2545 103.47 -18.04 -35.04
CA GLU K 2545 102.06 -18.41 -34.95
C GLU K 2545 101.18 -17.30 -34.37
N MET K 2546 101.40 -16.87 -33.12
CA MET K 2546 100.53 -15.84 -32.58
C MET K 2546 100.92 -14.45 -33.07
N ALA K 2547 102.07 -14.34 -33.75
CA ALA K 2547 102.37 -13.12 -34.48
C ALA K 2547 101.35 -12.84 -35.56
N LEU K 2548 100.85 -13.89 -36.24
CA LEU K 2548 99.80 -13.72 -37.22
C LEU K 2548 98.41 -13.77 -36.60
N ALA K 2549 98.30 -14.18 -35.34
CA ALA K 2549 97.04 -14.01 -34.62
C ALA K 2549 96.87 -12.60 -34.11
N LEU K 2550 97.96 -11.83 -34.10
CA LEU K 2550 97.93 -10.48 -33.55
C LEU K 2550 98.20 -9.42 -34.62
N ASN K 2551 98.86 -9.79 -35.72
CA ASN K 2551 99.04 -8.88 -36.85
C ASN K 2551 97.70 -8.44 -37.42
N ARG K 2552 96.82 -9.41 -37.71
CA ARG K 2552 95.51 -9.09 -38.20
C ARG K 2552 94.63 -8.45 -37.12
N TYR K 2553 94.93 -8.69 -35.84
CA TYR K 2553 94.17 -8.03 -34.79
C TYR K 2553 94.47 -6.54 -34.75
N LEU K 2554 95.73 -6.17 -34.93
CA LEU K 2554 96.09 -4.76 -34.89
C LEU K 2554 95.56 -4.04 -36.12
N CYS K 2555 95.69 -4.64 -37.29
CA CYS K 2555 95.29 -3.99 -38.53
C CYS K 2555 93.78 -3.95 -38.74
N LEU K 2556 93.00 -4.54 -37.85
CA LEU K 2556 91.54 -4.55 -38.00
C LEU K 2556 90.80 -4.00 -36.80
N ALA K 2557 91.48 -3.71 -35.70
CA ALA K 2557 90.77 -3.24 -34.51
C ALA K 2557 91.26 -1.90 -34.01
N VAL K 2558 92.56 -1.72 -33.86
CA VAL K 2558 93.07 -0.52 -33.20
C VAL K 2558 93.57 0.55 -34.18
N LEU K 2559 94.34 0.19 -35.21
CA LEU K 2559 94.82 1.15 -36.21
C LEU K 2559 93.71 1.89 -36.97
N PRO K 2560 92.51 1.33 -37.14
CA PRO K 2560 91.37 2.22 -37.44
C PRO K 2560 91.07 3.23 -36.35
N LEU K 2561 91.06 2.82 -35.08
CA LEU K 2561 90.65 3.71 -34.01
C LEU K 2561 91.67 4.81 -33.76
N ILE K 2562 92.94 4.54 -34.06
CA ILE K 2562 93.95 5.59 -34.07
C ILE K 2562 93.63 6.62 -35.15
N THR K 2563 93.33 6.14 -36.36
CA THR K 2563 93.01 7.05 -37.45
C THR K 2563 91.64 7.70 -37.29
N LYS K 2564 90.82 7.24 -36.35
CA LYS K 2564 89.63 7.99 -35.99
C LYS K 2564 90.00 9.22 -35.17
N CYS K 2565 91.11 9.17 -34.46
CA CYS K 2565 91.50 10.25 -33.55
C CYS K 2565 92.84 10.85 -33.92
N ALA K 2566 93.21 10.80 -35.19
CA ALA K 2566 94.49 11.35 -35.63
C ALA K 2566 94.55 12.88 -35.63
N PRO K 2567 93.49 13.64 -35.97
CA PRO K 2567 93.54 15.08 -35.66
C PRO K 2567 93.35 15.43 -34.20
N LEU K 2568 93.09 14.45 -33.34
CA LEU K 2568 93.09 14.75 -31.91
C LEU K 2568 94.51 14.81 -31.35
N PHE K 2569 95.52 14.40 -32.13
CA PHE K 2569 96.92 14.48 -31.71
C PHE K 2569 97.56 15.83 -31.98
N ALA K 2570 96.78 16.89 -32.15
CA ALA K 2570 97.34 18.18 -32.49
C ALA K 2570 97.98 18.80 -31.26
N GLY K 2571 99.24 19.20 -31.39
CA GLY K 2571 99.92 19.93 -30.34
C GLY K 2571 100.29 19.09 -29.14
N THR K 2572 101.20 18.14 -29.31
CA THR K 2572 101.67 17.34 -28.18
C THR K 2572 102.96 17.91 -27.58
N GLU K 2573 102.85 19.09 -26.98
CA GLU K 2573 103.86 19.56 -26.04
C GLU K 2573 103.65 18.97 -24.66
N HIS K 2574 102.55 18.24 -24.45
CA HIS K 2574 102.35 17.49 -23.21
C HIS K 2574 103.41 16.41 -23.06
N ARG K 2575 103.76 15.76 -24.16
CA ARG K 2575 104.62 14.59 -24.14
C ARG K 2575 105.18 14.39 -25.53
N ALA K 2576 106.48 14.06 -25.61
CA ALA K 2576 107.14 13.88 -26.89
C ALA K 2576 108.07 12.68 -26.94
N ILE K 2577 108.06 11.84 -25.91
CA ILE K 2577 108.89 10.64 -25.89
C ILE K 2577 108.11 9.39 -26.28
N MET K 2578 106.93 9.18 -25.68
CA MET K 2578 106.03 8.10 -26.07
C MET K 2578 105.62 8.18 -27.53
N VAL K 2579 105.36 9.40 -28.02
CA VAL K 2579 105.06 9.54 -29.44
C VAL K 2579 106.30 9.39 -30.29
N ASP K 2580 107.49 9.55 -29.70
CA ASP K 2580 108.71 9.34 -30.47
C ASP K 2580 109.00 7.85 -30.63
N SER K 2581 108.73 7.07 -29.59
CA SER K 2581 108.86 5.62 -29.68
C SER K 2581 107.76 5.02 -30.53
N MET K 2582 106.54 5.54 -30.42
CA MET K 2582 105.42 5.03 -31.21
C MET K 2582 105.60 5.31 -32.70
N LEU K 2583 106.15 6.48 -33.05
CA LEU K 2583 106.41 6.81 -34.44
C LEU K 2583 107.48 5.92 -35.07
N HIS K 2584 108.38 5.36 -34.26
CA HIS K 2584 109.40 4.48 -34.82
C HIS K 2584 108.87 3.07 -35.03
N THR K 2585 108.13 2.51 -34.06
CA THR K 2585 107.67 1.14 -34.18
C THR K 2585 106.58 0.98 -35.22
N VAL K 2586 105.92 2.06 -35.62
CA VAL K 2586 105.04 2.02 -36.77
C VAL K 2586 105.86 1.78 -38.03
N TYR K 2587 106.92 2.56 -38.24
CA TYR K 2587 107.74 2.35 -39.42
C TYR K 2587 108.61 1.11 -39.28
N ARG K 2588 108.81 0.62 -38.06
CA ARG K 2588 109.38 -0.71 -37.90
C ARG K 2588 108.44 -1.78 -38.42
N LEU K 2589 107.14 -1.58 -38.21
CA LEU K 2589 106.14 -2.49 -38.74
C LEU K 2589 105.78 -2.20 -40.19
N SER K 2590 106.38 -1.16 -40.79
CA SER K 2590 106.08 -0.82 -42.18
C SER K 2590 106.58 -1.87 -43.16
N ARG K 2591 107.83 -2.31 -43.03
CA ARG K 2591 108.37 -3.38 -43.84
C ARG K 2591 108.53 -4.61 -42.95
N GLY K 2592 108.13 -5.76 -43.47
CA GLY K 2592 108.19 -6.99 -42.69
C GLY K 2592 107.93 -8.18 -43.57
N ARG K 2593 108.21 -9.36 -43.04
CA ARG K 2593 108.03 -10.58 -43.82
C ARG K 2593 106.67 -11.22 -43.61
N SER K 2594 106.03 -10.97 -42.47
CA SER K 2594 104.80 -11.65 -42.10
C SER K 2594 103.55 -10.79 -42.25
N LEU K 2595 103.48 -9.97 -43.30
CA LEU K 2595 102.33 -9.12 -43.54
C LEU K 2595 101.95 -9.11 -45.01
N THR K 2596 100.67 -8.88 -45.29
CA THR K 2596 100.18 -8.89 -46.66
C THR K 2596 100.03 -7.47 -47.20
N LYS K 2597 99.50 -7.38 -48.42
CA LYS K 2597 99.14 -6.10 -49.02
C LYS K 2597 98.03 -5.41 -48.25
N ALA K 2598 97.10 -6.19 -47.71
CA ALA K 2598 95.96 -5.61 -47.01
C ALA K 2598 96.36 -5.04 -45.66
N GLN K 2599 97.13 -5.78 -44.87
CA GLN K 2599 97.48 -5.33 -43.54
C GLN K 2599 98.47 -4.17 -43.56
N ARG K 2600 99.39 -4.17 -44.53
CA ARG K 2600 100.34 -3.08 -44.64
C ARG K 2600 99.71 -1.80 -45.15
N ASP K 2601 98.63 -1.90 -45.93
CA ASP K 2601 97.97 -0.70 -46.42
C ASP K 2601 97.18 -0.02 -45.31
N VAL K 2602 96.81 -0.76 -44.26
CA VAL K 2602 96.22 -0.13 -43.09
C VAL K 2602 97.25 0.70 -42.35
N ILE K 2603 98.47 0.17 -42.24
CA ILE K 2603 99.52 0.85 -41.46
C ILE K 2603 100.06 2.04 -42.24
N GLU K 2604 100.28 1.87 -43.54
CA GLU K 2604 100.79 2.97 -44.36
C GLU K 2604 99.78 4.10 -44.48
N ASP K 2605 98.48 3.79 -44.36
CA ASP K 2605 97.50 4.84 -44.24
C ASP K 2605 97.42 5.38 -42.82
N CYS K 2606 97.78 4.55 -41.84
CA CYS K 2606 97.82 5.03 -40.46
C CYS K 2606 99.03 5.91 -40.22
N LEU K 2607 100.10 5.71 -41.01
CA LEU K 2607 101.32 6.49 -40.83
C LEU K 2607 101.15 7.92 -41.33
N MET K 2608 100.68 8.09 -42.56
CA MET K 2608 100.53 9.42 -43.13
C MET K 2608 99.38 10.18 -42.48
N ALA K 2609 98.45 9.46 -41.86
CA ALA K 2609 97.45 10.11 -41.02
C ALA K 2609 98.04 10.63 -39.72
N LEU K 2610 99.19 10.11 -39.32
CA LEU K 2610 99.88 10.65 -38.17
C LEU K 2610 101.02 11.59 -38.54
N CYS K 2611 101.47 11.56 -39.79
CA CYS K 2611 102.43 12.56 -40.27
C CYS K 2611 101.83 13.95 -40.28
N ARG K 2612 100.52 14.06 -40.44
CA ARG K 2612 99.81 15.31 -40.26
C ARG K 2612 99.25 15.36 -38.84
N TYR K 2613 98.71 16.53 -38.48
CA TYR K 2613 98.05 16.80 -37.19
C TYR K 2613 99.02 16.69 -36.03
N ILE K 2614 100.28 17.07 -36.25
CA ILE K 2614 101.28 17.19 -35.21
C ILE K 2614 102.35 18.14 -35.76
N ARG K 2615 102.94 18.94 -34.86
CA ARG K 2615 103.86 19.98 -35.27
C ARG K 2615 105.19 19.38 -35.75
N PRO K 2616 105.82 19.99 -36.76
CA PRO K 2616 107.09 19.45 -37.29
C PRO K 2616 108.30 19.58 -36.36
N SER K 2617 108.11 20.00 -35.11
CA SER K 2617 109.12 19.83 -34.09
C SER K 2617 109.45 18.36 -33.87
N MET K 2618 108.44 17.53 -33.61
CA MET K 2618 108.67 16.11 -33.34
C MET K 2618 108.78 15.26 -34.58
N LEU K 2619 108.52 15.82 -35.77
CA LEU K 2619 108.62 15.10 -37.03
C LEU K 2619 110.03 14.66 -37.38
N GLN K 2620 111.05 15.41 -36.99
CA GLN K 2620 112.41 15.08 -37.42
C GLN K 2620 113.00 13.91 -36.64
N HIS K 2621 112.27 13.38 -35.66
CA HIS K 2621 112.73 12.23 -34.90
C HIS K 2621 112.83 10.98 -35.77
N LEU K 2622 112.00 10.86 -36.80
CA LEU K 2622 112.11 9.75 -37.72
C LEU K 2622 112.76 10.15 -39.04
N LEU K 2623 112.73 11.45 -39.37
CA LEU K 2623 113.31 11.94 -40.61
C LEU K 2623 114.83 11.79 -40.62
N ARG K 2624 115.45 11.77 -39.45
CA ARG K 2624 116.84 11.38 -39.34
C ARG K 2624 117.05 9.92 -39.71
N ARG K 2625 116.04 9.08 -39.49
CA ARG K 2625 116.19 7.65 -39.72
C ARG K 2625 115.81 7.26 -41.14
N LEU K 2626 114.91 8.01 -41.76
CA LEU K 2626 114.47 7.68 -43.12
C LEU K 2626 115.54 7.97 -44.16
N VAL K 2627 116.14 9.16 -44.12
CA VAL K 2627 117.18 9.53 -45.08
C VAL K 2627 118.45 8.72 -44.92
N PHE K 2628 118.61 8.03 -43.80
CA PHE K 2628 119.61 6.98 -43.68
C PHE K 2628 119.36 5.84 -44.66
N ASP K 2629 118.09 5.46 -44.85
CA ASP K 2629 117.76 4.23 -45.56
C ASP K 2629 117.39 4.42 -47.01
N VAL K 2630 116.35 5.21 -47.31
CA VAL K 2630 115.73 5.21 -48.64
C VAL K 2630 116.55 5.87 -49.77
N PRO K 2631 117.06 7.10 -49.69
CA PRO K 2631 117.28 7.88 -50.92
C PRO K 2631 118.44 7.43 -51.79
N ILE K 2632 119.25 6.48 -51.31
CA ILE K 2632 120.33 5.92 -52.12
C ILE K 2632 119.86 4.83 -53.07
N LEU K 2633 118.65 4.29 -52.86
CA LEU K 2633 118.17 3.16 -53.63
C LEU K 2633 116.89 3.55 -54.36
N ASN K 2634 116.73 3.02 -55.57
CA ASN K 2634 115.54 3.29 -56.36
C ASN K 2634 114.44 2.27 -56.07
N LYS K 2638 107.52 -0.55 -49.26
CA LYS K 2638 108.91 -0.42 -48.86
C LYS K 2638 109.48 0.93 -49.29
N MET K 2639 109.78 1.05 -50.57
CA MET K 2639 110.41 2.24 -51.11
C MET K 2639 109.46 3.44 -51.13
N PRO K 2640 108.28 3.24 -51.69
CA PRO K 2640 107.31 4.31 -51.84
C PRO K 2640 106.67 4.71 -50.52
N LEU K 2641 106.76 3.82 -49.52
CA LEU K 2641 106.25 4.11 -48.18
C LEU K 2641 107.07 5.20 -47.51
N LYS K 2642 108.34 5.28 -47.90
CA LYS K 2642 109.21 6.34 -47.44
C LYS K 2642 108.92 7.62 -48.20
N LEU K 2643 108.80 7.50 -49.52
CA LEU K 2643 108.66 8.64 -50.41
C LEU K 2643 107.32 9.34 -50.22
N LEU K 2644 106.32 8.61 -49.75
CA LEU K 2644 105.01 9.18 -49.52
C LEU K 2644 105.00 10.04 -48.26
N THR K 2645 105.55 9.50 -47.18
CA THR K 2645 105.55 10.20 -45.90
C THR K 2645 106.50 11.39 -45.90
N ASN K 2646 107.50 11.32 -46.79
CA ASN K 2646 108.49 12.39 -46.92
C ASN K 2646 107.85 13.63 -47.51
N HIS K 2647 107.08 13.46 -48.57
CA HIS K 2647 106.50 14.58 -49.30
C HIS K 2647 105.36 15.23 -48.55
N TYR K 2648 104.84 14.56 -47.52
CA TYR K 2648 103.74 15.09 -46.74
C TYR K 2648 104.24 15.82 -45.50
N GLU K 2649 105.54 16.03 -45.42
CA GLU K 2649 106.14 16.69 -44.27
C GLU K 2649 107.02 17.84 -44.73
N ARG K 2650 107.56 17.73 -45.93
CA ARG K 2650 108.42 18.76 -46.48
C ARG K 2650 107.59 19.87 -47.10
N CYS K 2651 106.32 19.59 -47.34
CA CYS K 2651 105.39 20.61 -47.82
C CYS K 2651 104.46 21.00 -46.68
N TRP K 2652 104.97 20.87 -45.47
CA TRP K 2652 104.18 21.08 -44.28
C TRP K 2652 104.73 22.23 -43.43
N LYS K 2653 105.77 22.89 -43.92
CA LYS K 2653 106.38 24.00 -43.19
C LYS K 2653 107.14 24.94 -44.12
N TYR K 2654 106.95 24.78 -45.43
CA TYR K 2654 107.67 25.57 -46.43
C TYR K 2654 107.13 26.99 -46.55
N TYR K 2655 106.01 27.24 -45.88
CA TYR K 2655 105.48 28.59 -45.77
C TYR K 2655 105.31 28.93 -44.29
N ALA K 2662 120.65 20.83 -38.81
CA ALA K 2662 120.36 19.53 -38.20
C ALA K 2662 119.83 18.55 -39.24
N ASN K 2663 118.51 18.50 -39.38
CA ASN K 2663 117.87 17.60 -40.32
C ASN K 2663 117.93 18.16 -41.73
N PHE K 2664 118.20 19.45 -41.85
CA PHE K 2664 118.28 20.12 -43.14
C PHE K 2664 119.47 19.64 -43.95
N GLY K 2665 120.56 19.33 -43.26
CA GLY K 2665 121.74 18.79 -43.91
C GLY K 2665 121.49 17.36 -44.33
N VAL K 2666 120.66 16.67 -43.57
CA VAL K 2666 120.31 15.29 -43.85
C VAL K 2666 119.43 15.21 -45.09
N THR K 2667 118.63 16.24 -45.29
CA THR K 2667 117.74 16.32 -46.45
C THR K 2667 118.52 16.59 -47.71
N SER K 2668 119.51 17.47 -47.61
CA SER K 2668 120.39 17.80 -48.72
C SER K 2668 121.29 16.62 -49.05
N GLU K 2669 121.59 15.82 -48.03
CA GLU K 2669 122.31 14.57 -48.21
C GLU K 2669 121.43 13.60 -48.98
N GLU K 2670 120.15 13.61 -48.65
CA GLU K 2670 119.18 12.77 -49.35
C GLU K 2670 118.88 13.32 -50.74
N GLU K 2671 118.99 14.65 -50.87
CA GLU K 2671 118.72 15.33 -52.13
C GLU K 2671 119.75 14.98 -53.19
N LEU K 2672 120.99 14.81 -52.77
CA LEU K 2672 122.04 14.39 -53.67
C LEU K 2672 122.00 12.88 -53.87
N HIS K 2673 121.48 12.18 -52.86
CA HIS K 2673 121.36 10.73 -52.91
C HIS K 2673 120.31 10.32 -53.92
N LEU K 2674 119.24 11.10 -53.97
CA LEU K 2674 118.17 10.87 -54.93
C LEU K 2674 118.63 11.25 -56.33
N THR K 2675 119.54 12.22 -56.39
CA THR K 2675 120.15 12.62 -57.64
C THR K 2675 121.09 11.51 -58.11
N ARG K 2676 121.68 10.81 -57.16
CA ARG K 2676 122.53 9.66 -57.45
C ARG K 2676 121.68 8.49 -57.90
N LYS K 2677 120.44 8.45 -57.42
CA LYS K 2677 119.48 7.46 -57.88
C LYS K 2677 118.99 7.84 -59.27
N LEU K 2678 119.01 9.13 -59.57
CA LEU K 2678 118.60 9.63 -60.87
C LEU K 2678 119.80 9.84 -61.80
N LEU K 2686 106.98 5.23 -63.80
CA LEU K 2686 107.00 4.08 -62.89
C LEU K 2686 107.55 4.48 -61.53
N ALA K 2687 108.68 3.89 -61.15
CA ALA K 2687 109.35 4.26 -59.91
C ALA K 2687 110.07 5.57 -60.10
N HIS K 2688 110.39 5.86 -61.36
CA HIS K 2688 111.08 7.11 -61.73
C HIS K 2688 110.15 8.31 -61.56
N LYS K 2689 108.85 8.10 -61.71
CA LYS K 2689 107.87 9.16 -61.57
C LYS K 2689 107.41 9.28 -60.12
N LYS K 2690 107.74 8.28 -59.32
CA LYS K 2690 107.33 8.25 -57.92
C LYS K 2690 108.36 8.95 -57.03
N TYR K 2691 109.42 9.43 -57.65
CA TYR K 2691 110.54 10.01 -56.90
C TYR K 2691 110.59 11.52 -56.97
N ASP K 2692 110.32 12.07 -58.16
CA ASP K 2692 110.49 13.50 -58.43
C ASP K 2692 109.50 14.37 -57.67
N GLN K 2693 108.37 13.79 -57.29
CA GLN K 2693 107.37 14.50 -56.51
C GLN K 2693 107.86 14.72 -55.10
N GLU K 2694 108.38 13.66 -54.49
CA GLU K 2694 108.89 13.73 -53.12
C GLU K 2694 110.21 14.48 -53.06
N LEU K 2695 110.92 14.51 -54.18
CA LEU K 2695 112.21 15.19 -54.25
C LEU K 2695 112.03 16.69 -54.33
N TYR K 2696 111.13 17.13 -55.22
CA TYR K 2696 110.91 18.55 -55.43
C TYR K 2696 110.12 19.18 -54.29
N ARG K 2697 109.45 18.34 -53.50
CA ARG K 2697 108.72 18.82 -52.33
C ARG K 2697 109.70 19.16 -51.21
N MET K 2698 110.86 18.51 -51.23
CA MET K 2698 111.88 18.76 -50.23
C MET K 2698 112.86 19.82 -50.71
N ALA K 2699 112.56 20.45 -51.84
CA ALA K 2699 113.45 21.44 -52.44
C ALA K 2699 113.23 22.85 -51.90
N MET K 2700 112.78 22.96 -50.65
CA MET K 2700 112.58 24.24 -49.99
C MET K 2700 112.64 24.07 -48.48
N GLU K 2741 141.70 1.50 -37.15
CA GLU K 2741 142.42 0.63 -36.22
C GLU K 2741 142.93 1.41 -35.02
N THR K 2742 142.59 0.96 -33.82
CA THR K 2742 143.05 1.57 -32.59
C THR K 2742 143.86 0.63 -31.70
N LEU K 2743 143.66 -0.68 -31.81
CA LEU K 2743 144.47 -1.63 -31.06
C LEU K 2743 145.76 -1.99 -31.79
N ASN K 2744 145.76 -1.87 -33.12
CA ASN K 2744 146.94 -2.15 -33.93
C ASN K 2744 147.64 -0.88 -34.39
N VAL K 2745 147.21 0.28 -33.89
CA VAL K 2745 147.85 1.56 -34.18
C VAL K 2745 148.92 1.81 -33.12
N ILE K 2746 150.11 2.14 -33.57
CA ILE K 2746 151.25 2.30 -32.68
C ILE K 2746 151.13 3.62 -31.93
N ILE K 2747 151.51 3.61 -30.66
CA ILE K 2747 151.53 4.81 -29.83
C ILE K 2747 152.96 5.35 -29.80
N PRO K 2748 153.16 6.63 -30.04
CA PRO K 2748 154.52 7.20 -29.99
C PRO K 2748 154.97 7.43 -28.56
N GLU K 2749 156.13 8.07 -28.42
CA GLU K 2749 156.70 8.34 -27.10
C GLU K 2749 155.86 9.35 -26.33
N LYS K 2750 155.48 10.46 -26.96
CA LYS K 2750 154.60 11.42 -26.32
C LYS K 2750 153.17 10.93 -26.20
N LEU K 2751 152.77 9.95 -27.02
CA LEU K 2751 151.43 9.40 -26.93
C LEU K 2751 151.24 8.56 -25.68
N ASP K 2752 152.31 7.96 -25.16
CA ASP K 2752 152.23 7.35 -23.83
C ASP K 2752 152.27 8.42 -22.74
N SER K 2753 152.88 9.57 -23.02
CA SER K 2753 152.83 10.70 -22.12
C SER K 2753 151.53 11.47 -22.23
N PHE K 2754 150.85 11.41 -23.39
CA PHE K 2754 149.55 12.04 -23.54
C PHE K 2754 148.41 11.17 -23.05
N ILE K 2755 148.58 9.84 -23.05
CA ILE K 2755 147.54 8.96 -22.51
C ILE K 2755 147.50 9.05 -21.00
N ASN K 2756 148.61 9.44 -20.37
CA ASN K 2756 148.59 9.72 -18.94
C ASN K 2756 148.18 11.16 -18.65
N LYS K 2757 148.52 12.10 -19.52
CA LYS K 2757 148.16 13.50 -19.29
C LYS K 2757 146.69 13.77 -19.59
N PHE K 2758 146.13 13.12 -20.63
CA PHE K 2758 144.69 13.23 -20.86
C PHE K 2758 143.92 12.37 -19.87
N ALA K 2759 144.59 11.49 -19.14
CA ALA K 2759 143.99 10.85 -17.98
C ALA K 2759 144.15 11.73 -16.73
N GLU K 2760 145.24 12.48 -16.64
CA GLU K 2760 145.44 13.37 -15.50
C GLU K 2760 144.60 14.62 -15.61
N TYR K 2761 144.47 15.17 -16.82
CA TYR K 2761 143.61 16.34 -17.01
C TYR K 2761 142.13 15.97 -16.93
N THR K 2762 141.79 14.70 -17.20
CA THR K 2762 140.43 14.24 -16.98
C THR K 2762 140.10 14.15 -15.50
N HIS K 2763 141.05 13.70 -14.67
CA HIS K 2763 140.85 13.72 -13.23
C HIS K 2763 140.99 15.13 -12.67
N GLU K 2764 141.65 16.02 -13.41
CA GLU K 2764 141.77 17.41 -12.98
C GLU K 2764 140.49 18.19 -13.25
N LYS K 2765 139.71 17.80 -14.26
CA LYS K 2765 138.46 18.49 -14.56
C LYS K 2765 137.28 17.88 -13.82
N TRP K 2766 137.34 16.58 -13.52
CA TRP K 2766 136.20 15.92 -12.88
C TRP K 2766 136.09 16.27 -11.40
N ALA K 2767 137.21 16.40 -10.71
CA ALA K 2767 137.16 16.82 -9.31
C ALA K 2767 136.82 18.30 -9.19
N PHE K 2768 137.07 19.09 -10.24
CA PHE K 2768 136.66 20.48 -10.24
C PHE K 2768 135.15 20.64 -10.39
N ASP K 2769 134.49 19.67 -11.00
CA ASP K 2769 133.06 19.78 -11.26
C ASP K 2769 132.22 19.22 -10.13
N LYS K 2770 132.58 18.06 -9.58
CA LYS K 2770 131.79 17.42 -8.55
C LYS K 2770 131.82 18.15 -7.22
N ILE K 2771 132.98 18.69 -6.81
CA ILE K 2771 133.11 19.33 -5.50
C ILE K 2771 132.36 20.65 -5.46
N GLN K 2772 132.05 21.25 -6.61
CA GLN K 2772 131.22 22.44 -6.65
C GLN K 2772 129.79 22.16 -6.25
N ASN K 2773 129.29 20.96 -6.48
CA ASN K 2773 127.94 20.56 -6.09
C ASN K 2773 127.90 19.82 -4.76
N ASN K 2774 128.87 20.09 -3.87
CA ASN K 2774 128.98 19.49 -2.53
C ASN K 2774 129.08 17.97 -2.59
N TRP K 2775 130.14 17.49 -3.23
CA TRP K 2775 130.43 16.07 -3.29
C TRP K 2775 131.37 15.70 -2.14
N SER K 2776 130.91 14.81 -1.27
CA SER K 2776 131.70 14.40 -0.11
C SER K 2776 132.78 13.40 -0.54
N TYR K 2777 133.64 13.05 0.41
CA TYR K 2777 134.72 12.10 0.18
C TYR K 2777 134.44 10.82 0.95
N GLY K 2778 134.26 9.71 0.21
CA GLY K 2778 134.02 8.44 0.83
C GLY K 2778 134.90 7.37 0.20
N GLU K 2779 135.24 6.37 1.03
CA GLU K 2779 136.00 5.22 0.54
C GLU K 2779 135.18 4.38 -0.42
N ASN K 2780 133.88 4.29 -0.18
CA ASN K 2780 132.93 3.71 -1.12
C ASN K 2780 132.11 4.84 -1.76
N VAL K 2781 132.00 4.79 -3.07
CA VAL K 2781 131.29 5.82 -3.82
C VAL K 2781 129.79 5.65 -3.61
N ASP K 2782 129.19 6.57 -2.84
CA ASP K 2782 127.77 6.54 -2.55
C ASP K 2782 127.10 7.69 -3.28
N GLU K 2783 125.88 7.43 -3.79
CA GLU K 2783 125.15 8.43 -4.53
C GLU K 2783 124.44 9.43 -3.64
N GLU K 2784 123.88 8.98 -2.51
CA GLU K 2784 123.25 9.89 -1.57
C GLU K 2784 124.29 10.72 -0.82
N LEU K 2785 125.50 10.18 -0.67
CA LEU K 2785 126.60 10.93 -0.06
C LEU K 2785 127.43 11.70 -1.08
N LYS K 2786 127.19 11.46 -2.38
CA LYS K 2786 127.94 12.06 -3.49
C LYS K 2786 129.45 11.80 -3.36
N THR K 2787 129.81 10.58 -2.98
CA THR K 2787 131.20 10.26 -2.71
C THR K 2787 131.95 10.00 -4.00
N HIS K 2788 133.16 10.55 -4.07
CA HIS K 2788 134.05 10.35 -5.21
C HIS K 2788 135.38 9.82 -4.66
N PRO K 2789 135.56 8.50 -4.61
CA PRO K 2789 136.84 7.96 -4.11
C PRO K 2789 138.00 8.13 -5.07
N MET K 2790 137.76 8.55 -6.31
CA MET K 2790 138.81 8.89 -7.26
C MET K 2790 139.18 10.37 -7.20
N LEU K 2791 139.01 11.00 -6.05
CA LEU K 2791 139.32 12.41 -5.86
C LEU K 2791 140.83 12.56 -5.61
N ARG K 2792 141.59 12.32 -6.67
CA ARG K 2792 143.04 12.40 -6.64
C ARG K 2792 143.54 12.52 -8.08
N PRO K 2793 144.83 12.76 -8.27
CA PRO K 2793 145.37 12.83 -9.62
C PRO K 2793 145.66 11.44 -10.18
N TYR K 2794 145.98 11.41 -11.48
CA TYR K 2794 146.41 10.16 -12.10
C TYR K 2794 147.82 9.78 -11.70
N LYS K 2795 148.64 10.74 -11.28
CA LYS K 2795 149.95 10.44 -10.72
C LYS K 2795 149.87 9.99 -9.26
N THR K 2796 148.75 10.23 -8.59
CA THR K 2796 148.48 9.68 -7.27
C THR K 2796 147.62 8.42 -7.33
N PHE K 2797 147.36 7.93 -8.54
CA PHE K 2797 146.59 6.71 -8.74
C PHE K 2797 147.49 5.57 -9.20
N SER K 2798 147.17 4.37 -8.73
CA SER K 2798 147.90 3.16 -9.07
C SER K 2798 147.30 2.55 -10.33
N GLU K 2799 147.68 1.30 -10.62
CA GLU K 2799 147.14 0.61 -11.78
C GLU K 2799 145.68 0.19 -11.54
N LYS K 2800 145.25 0.13 -10.28
CA LYS K 2800 143.86 -0.15 -9.97
C LYS K 2800 142.98 1.10 -9.97
N ASP K 2801 143.57 2.29 -9.87
CA ASP K 2801 142.82 3.53 -9.87
C ASP K 2801 143.06 4.40 -11.11
N LYS K 2802 143.92 3.96 -12.02
CA LYS K 2802 144.07 4.61 -13.33
C LYS K 2802 143.64 3.70 -14.47
N GLU K 2803 143.17 2.49 -14.18
CA GLU K 2803 142.65 1.61 -15.21
C GLU K 2803 141.33 2.09 -15.78
N ILE K 2804 140.63 2.97 -15.08
CA ILE K 2804 139.41 3.58 -15.62
C ILE K 2804 139.71 4.60 -16.71
N TYR K 2805 140.95 5.09 -16.79
CA TYR K 2805 141.34 6.05 -17.82
C TYR K 2805 142.60 5.61 -18.56
N ARG K 2806 142.82 4.31 -18.69
CA ARG K 2806 144.00 3.79 -19.38
C ARG K 2806 143.71 3.52 -20.85
N TRP K 2807 142.71 2.68 -21.13
CA TRP K 2807 142.34 2.29 -22.49
C TRP K 2807 141.70 3.46 -23.23
N PRO K 2808 141.00 4.36 -22.53
CA PRO K 2808 140.29 5.43 -23.24
C PRO K 2808 141.20 6.52 -23.78
N ILE K 2809 142.23 6.92 -23.04
CA ILE K 2809 143.14 7.95 -23.51
C ILE K 2809 144.25 7.38 -24.40
N LYS K 2810 144.35 6.06 -24.50
CA LYS K 2810 145.32 5.42 -25.38
C LYS K 2810 144.72 5.03 -26.73
N GLU K 2811 143.45 4.64 -26.76
CA GLU K 2811 142.79 4.31 -28.02
C GLU K 2811 142.42 5.57 -28.80
N SER K 2812 142.08 6.66 -28.10
CA SER K 2812 141.76 7.91 -28.78
C SER K 2812 143.00 8.54 -29.39
N LEU K 2813 144.14 8.43 -28.71
CA LEU K 2813 145.41 8.87 -29.30
C LEU K 2813 145.83 7.94 -30.44
N LYS K 2814 145.46 6.66 -30.38
CA LYS K 2814 145.72 5.75 -31.49
C LYS K 2814 144.75 5.99 -32.63
N ALA K 2815 143.51 6.39 -32.33
CA ALA K 2815 142.57 6.74 -33.40
C ALA K 2815 142.94 8.08 -34.02
N MET K 2816 143.53 8.99 -33.25
CA MET K 2816 144.03 10.23 -33.82
C MET K 2816 145.29 10.01 -34.64
N ILE K 2817 146.07 8.97 -34.30
CA ILE K 2817 147.28 8.68 -35.06
C ILE K 2817 146.95 7.87 -36.31
N ALA K 2818 145.96 6.99 -36.25
CA ALA K 2818 145.57 6.22 -37.43
C ALA K 2818 144.83 7.09 -38.45
N TRP K 2819 144.19 8.17 -37.98
CA TRP K 2819 143.55 9.11 -38.91
C TRP K 2819 144.59 10.02 -39.55
N GLU K 2820 145.48 10.60 -38.74
CA GLU K 2820 146.55 11.44 -39.25
C GLU K 2820 147.80 11.14 -38.44
N TRP K 2821 148.84 10.61 -39.09
CA TRP K 2821 150.03 10.14 -38.39
C TRP K 2821 150.87 11.34 -37.95
N THR K 2822 150.40 12.00 -36.89
CA THR K 2822 151.11 13.13 -36.28
C THR K 2822 150.97 12.97 -34.76
N ILE K 2823 151.92 12.25 -34.16
CA ILE K 2823 152.00 12.10 -32.71
C ILE K 2823 153.42 12.45 -32.32
N GLU K 2824 153.65 13.73 -32.02
CA GLU K 2824 154.97 14.22 -31.62
C GLU K 2824 154.78 15.54 -30.91
N LYS K 2825 155.77 15.91 -30.10
CA LYS K 2825 155.73 17.15 -29.34
C LYS K 2825 156.34 18.27 -30.18
N ALA K 2826 155.56 19.33 -30.40
CA ALA K 2826 156.01 20.49 -31.16
C ALA K 2826 155.79 21.80 -30.41
N ARG K 2827 155.34 21.74 -29.16
CA ARG K 2827 155.09 22.93 -28.37
C ARG K 2827 155.28 22.58 -26.89
N GLU K 2828 155.35 23.62 -26.06
CA GLU K 2828 155.56 23.43 -24.63
C GLU K 2828 154.28 22.96 -23.96
N GLY K 2829 154.41 22.55 -22.70
CA GLY K 2829 153.26 22.07 -21.95
C GLY K 2829 152.33 23.20 -21.53
N GLU K 2830 151.13 22.81 -21.13
CA GLU K 2830 150.13 23.78 -20.69
C GLU K 2830 149.19 23.17 -19.66
N TYR K 2855 140.76 16.32 -2.11
CA TYR K 2855 141.57 16.99 -3.13
C TYR K 2855 140.71 17.77 -4.10
N ASN K 2856 141.13 19.00 -4.41
CA ASN K 2856 140.41 19.88 -5.32
C ASN K 2856 141.25 20.07 -6.59
N PRO K 2857 141.23 19.09 -7.48
CA PRO K 2857 141.97 19.23 -8.75
C PRO K 2857 141.23 20.15 -9.69
N GLN K 2858 141.98 21.05 -10.35
CA GLN K 2858 141.39 22.01 -11.26
C GLN K 2858 142.05 21.89 -12.63
N PRO K 2859 141.28 21.82 -13.71
CA PRO K 2859 141.89 21.77 -15.05
C PRO K 2859 142.33 23.14 -15.50
N PRO K 2860 143.33 23.22 -16.37
CA PRO K 2860 143.85 24.53 -16.79
C PRO K 2860 142.97 25.18 -17.84
N ASP K 2861 143.39 26.37 -18.24
CA ASP K 2861 142.68 27.15 -19.25
C ASP K 2861 142.99 26.56 -20.63
N LEU K 2862 142.32 25.47 -20.96
CA LEU K 2862 142.52 24.82 -22.25
C LEU K 2862 141.82 25.53 -23.40
N SER K 2863 140.91 26.45 -23.10
CA SER K 2863 140.19 27.21 -24.12
C SER K 2863 140.84 28.56 -24.40
N GLY K 2864 142.16 28.65 -24.23
CA GLY K 2864 142.89 29.87 -24.54
C GLY K 2864 142.96 30.13 -26.04
N VAL K 2865 143.15 29.07 -26.80
CA VAL K 2865 143.13 29.13 -28.26
C VAL K 2865 141.93 28.33 -28.76
N THR K 2866 141.16 28.91 -29.67
CA THR K 2866 139.99 28.24 -30.21
C THR K 2866 140.37 27.30 -31.34
N LEU K 2867 139.36 26.82 -32.06
CA LEU K 2867 139.57 25.92 -33.17
C LEU K 2867 139.67 26.68 -34.49
N SER K 2868 140.74 26.43 -35.24
CA SER K 2868 140.97 27.05 -36.53
C SER K 2868 140.27 26.23 -37.62
N ARG K 2869 140.60 26.49 -38.89
CA ARG K 2869 140.03 25.71 -39.99
C ARG K 2869 140.54 24.28 -40.00
N GLU K 2870 141.75 24.02 -39.51
CA GLU K 2870 142.28 22.67 -39.42
C GLU K 2870 142.07 22.06 -38.05
N LEU K 2871 141.81 22.87 -37.03
CA LEU K 2871 141.57 22.33 -35.69
C LEU K 2871 140.11 21.95 -35.48
N GLN K 2872 139.17 22.72 -36.04
CA GLN K 2872 137.75 22.36 -35.92
C GLN K 2872 137.42 21.14 -36.76
N ALA K 2873 138.05 21.00 -37.93
CA ALA K 2873 137.90 19.80 -38.73
C ALA K 2873 138.51 18.58 -38.05
N MET K 2874 139.63 18.75 -37.35
CA MET K 2874 140.20 17.66 -36.57
C MET K 2874 139.36 17.36 -35.33
N ALA K 2875 138.75 18.39 -34.74
CA ALA K 2875 137.82 18.16 -33.64
C ALA K 2875 136.54 17.52 -34.14
N GLU K 2876 136.15 17.82 -35.38
CA GLU K 2876 135.07 17.09 -36.02
C GLU K 2876 135.49 15.67 -36.38
N GLN K 2877 136.78 15.45 -36.64
CA GLN K 2877 137.28 14.11 -36.90
C GLN K 2877 137.44 13.31 -35.61
N LEU K 2878 137.58 14.00 -34.47
CA LEU K 2878 137.74 13.29 -33.20
C LEU K 2878 136.40 12.87 -32.60
N ALA K 2879 135.33 13.60 -32.92
CA ALA K 2879 134.01 13.22 -32.41
C ALA K 2879 133.46 12.02 -33.17
N GLU K 2880 133.64 12.00 -34.49
CA GLU K 2880 133.17 10.88 -35.29
C GLU K 2880 134.00 9.62 -35.05
N ASN K 2881 135.30 9.76 -34.80
CA ASN K 2881 136.13 8.60 -34.48
C ASN K 2881 135.79 8.04 -33.11
N TYR K 2882 135.48 8.92 -32.14
CA TYR K 2882 134.96 8.46 -30.87
C TYR K 2882 133.56 7.87 -31.02
N HIS K 2883 132.80 8.34 -32.01
CA HIS K 2883 131.52 7.73 -32.31
C HIS K 2883 131.68 6.47 -33.14
N ASN K 2884 132.77 6.35 -33.91
CA ASN K 2884 132.99 5.15 -34.70
C ASN K 2884 133.43 3.97 -33.85
N THR K 2885 134.33 4.21 -32.89
CA THR K 2885 134.80 3.12 -32.04
C THR K 2885 133.74 2.70 -31.04
N TRP K 2886 133.02 3.65 -30.44
CA TRP K 2886 131.93 3.31 -29.54
C TRP K 2886 130.73 2.78 -30.30
N GLY K 2887 130.54 3.22 -31.54
CA GLY K 2887 129.44 2.71 -32.35
C GLY K 2887 129.69 1.30 -32.85
N ARG K 2888 130.94 0.99 -33.21
CA ARG K 2888 131.28 -0.39 -33.56
C ARG K 2888 131.27 -1.28 -32.32
N LYS K 2889 131.52 -0.70 -31.14
CA LYS K 2889 131.39 -1.45 -29.90
C LYS K 2889 129.93 -1.77 -29.59
N LYS K 2890 129.01 -0.87 -29.95
CA LYS K 2890 127.60 -1.15 -29.75
C LYS K 2890 127.06 -2.13 -30.77
N LYS K 2891 127.60 -2.13 -31.98
CA LYS K 2891 127.16 -3.07 -33.01
C LYS K 2891 127.71 -4.47 -32.75
N GLN K 2892 128.78 -4.57 -31.97
CA GLN K 2892 129.33 -5.88 -31.64
C GLN K 2892 128.71 -6.44 -30.37
N GLU K 2893 128.42 -5.59 -29.39
CA GLU K 2893 127.92 -6.07 -28.10
C GLU K 2893 126.47 -6.52 -28.17
N LEU K 2894 125.59 -5.71 -28.76
CA LEU K 2894 124.18 -6.06 -28.83
C LEU K 2894 123.92 -7.22 -29.79
N GLU K 2895 124.77 -7.39 -30.80
CA GLU K 2895 124.64 -8.54 -31.68
C GLU K 2895 125.10 -9.83 -31.00
N ALA K 2896 126.04 -9.73 -30.06
CA ALA K 2896 126.52 -10.89 -29.33
C ALA K 2896 125.76 -11.08 -28.03
N LEU K 2905 122.37 3.55 -32.17
CA LEU K 2905 123.00 3.45 -33.49
C LEU K 2905 122.86 4.77 -34.26
N VAL K 2906 123.33 5.85 -33.67
CA VAL K 2906 123.20 7.17 -34.27
C VAL K 2906 124.55 7.66 -34.78
N PRO K 2907 124.65 8.10 -36.02
CA PRO K 2907 125.92 8.62 -36.53
C PRO K 2907 126.18 10.04 -36.05
N TYR K 2908 127.28 10.61 -36.55
CA TYR K 2908 127.71 11.93 -36.10
C TYR K 2908 127.10 13.05 -36.93
N ASP K 2909 127.13 12.94 -38.26
CA ASP K 2909 126.66 14.02 -39.12
C ASP K 2909 125.15 14.13 -39.12
N THR K 2910 124.45 13.00 -39.03
CA THR K 2910 123.00 12.97 -38.95
C THR K 2910 122.51 12.84 -37.50
N LEU K 2911 123.28 13.33 -36.54
CA LEU K 2911 122.89 13.29 -35.15
C LEU K 2911 121.84 14.35 -34.85
N THR K 2912 121.24 14.26 -33.67
CA THR K 2912 120.21 15.19 -33.26
C THR K 2912 120.81 16.54 -32.86
N ALA K 2913 119.91 17.50 -32.60
CA ALA K 2913 120.35 18.76 -32.02
C ALA K 2913 120.67 18.62 -30.54
N LYS K 2914 120.17 17.57 -29.90
CA LYS K 2914 120.48 17.32 -28.49
C LYS K 2914 121.53 16.24 -28.31
N GLU K 2915 121.59 15.27 -29.23
CA GLU K 2915 122.57 14.21 -29.13
C GLU K 2915 123.97 14.67 -29.51
N LYS K 2916 124.09 15.58 -30.48
CA LYS K 2916 125.38 16.10 -30.88
C LYS K 2916 125.94 17.12 -29.89
N ALA K 2917 125.13 17.60 -28.95
CA ALA K 2917 125.63 18.53 -27.94
C ALA K 2917 126.40 17.81 -26.84
N ARG K 2918 126.07 16.54 -26.58
CA ARG K 2918 126.76 15.79 -25.55
C ARG K 2918 127.94 15.00 -26.10
N ASP K 2919 127.95 14.71 -27.40
CA ASP K 2919 129.04 13.94 -27.99
C ASP K 2919 130.21 14.83 -28.40
N ARG K 2920 129.96 16.09 -28.71
CA ARG K 2920 131.01 17.01 -29.13
C ARG K 2920 131.94 17.43 -28.00
N GLU K 2921 131.50 17.30 -26.75
CA GLU K 2921 132.37 17.64 -25.63
C GLU K 2921 133.43 16.57 -25.38
N LYS K 2922 133.25 15.38 -25.96
CA LYS K 2922 134.27 14.34 -25.87
C LYS K 2922 135.41 14.58 -26.86
N ALA K 2923 135.22 15.47 -27.84
CA ALA K 2923 136.27 15.77 -28.80
C ALA K 2923 136.86 17.16 -28.59
N GLN K 2924 136.03 18.13 -28.18
CA GLN K 2924 136.54 19.48 -27.93
C GLN K 2924 137.40 19.53 -26.69
N GLU K 2925 137.17 18.63 -25.73
CA GLU K 2925 138.03 18.53 -24.57
C GLU K 2925 139.24 17.64 -24.84
N LEU K 2926 139.11 16.68 -25.75
CA LEU K 2926 140.23 15.80 -26.07
C LEU K 2926 141.25 16.49 -26.98
N LEU K 2927 140.78 17.28 -27.94
CA LEU K 2927 141.69 18.06 -28.78
C LEU K 2927 142.34 19.19 -28.00
N LYS K 2928 141.66 19.70 -26.96
CA LYS K 2928 142.30 20.64 -26.05
C LYS K 2928 143.26 19.93 -25.11
N PHE K 2929 143.03 18.66 -24.80
CA PHE K 2929 143.98 17.88 -24.03
C PHE K 2929 145.13 17.41 -24.89
N LEU K 2930 144.89 17.14 -26.17
CA LEU K 2930 145.97 16.81 -27.08
C LEU K 2930 146.83 18.02 -27.43
N GLN K 2931 146.26 19.23 -27.37
CA GLN K 2931 147.02 20.43 -27.73
C GLN K 2931 148.10 20.75 -26.69
N MET K 2932 147.92 20.29 -25.45
CA MET K 2932 148.97 20.41 -24.46
C MET K 2932 150.11 19.45 -24.80
N ASN K 2933 151.32 19.85 -24.40
CA ASN K 2933 152.59 19.16 -24.64
C ASN K 2933 152.89 18.97 -26.14
N GLY K 2934 152.30 19.78 -27.00
CA GLY K 2934 152.66 19.82 -28.41
C GLY K 2934 152.10 18.71 -29.27
N TYR K 2935 151.28 17.80 -28.74
CA TYR K 2935 150.82 16.64 -29.49
C TYR K 2935 149.52 16.91 -30.24
N ALA K 2936 149.48 17.99 -31.01
CA ALA K 2936 148.28 18.38 -31.75
C ALA K 2936 148.30 17.67 -33.09
N VAL K 2937 147.41 16.69 -33.26
CA VAL K 2937 147.31 15.95 -34.51
C VAL K 2937 146.62 16.83 -35.54
N THR K 2938 147.41 17.46 -36.41
CA THR K 2938 146.91 18.38 -37.41
C THR K 2938 147.24 17.84 -38.80
N ARG K 2939 146.22 17.49 -39.57
CA ARG K 2939 146.42 16.96 -40.91
C ARG K 2939 146.80 18.07 -41.89
N ILE K 2951 125.31 26.74 -50.00
CA ILE K 2951 124.69 25.41 -49.99
C ILE K 2951 124.04 25.11 -51.33
N GLU K 2952 123.40 26.13 -51.90
CA GLU K 2952 122.67 25.96 -53.16
C GLU K 2952 123.60 26.01 -54.36
N LYS K 2953 124.80 26.54 -54.16
CA LYS K 2953 125.78 26.66 -55.23
C LYS K 2953 126.35 25.29 -55.59
N ARG K 2954 126.33 24.38 -54.62
CA ARG K 2954 126.78 23.01 -54.83
C ARG K 2954 125.80 22.29 -55.75
N PHE K 2955 124.53 22.62 -55.60
CA PHE K 2955 123.50 22.09 -56.47
C PHE K 2955 123.62 22.71 -57.85
N ALA K 2956 123.96 24.00 -57.88
CA ALA K 2956 124.11 24.74 -59.13
C ALA K 2956 125.34 24.29 -59.90
N PHE K 2957 126.35 23.81 -59.17
CA PHE K 2957 127.57 23.31 -59.77
C PHE K 2957 127.29 22.00 -60.50
N GLY K 2958 126.52 21.13 -59.85
CA GLY K 2958 126.12 19.87 -60.45
C GLY K 2958 125.12 20.11 -61.57
N PHE K 2959 124.35 21.19 -61.44
CA PHE K 2959 123.36 21.57 -62.44
C PHE K 2959 124.04 21.99 -63.75
N LEU K 2960 125.11 22.75 -63.62
CA LEU K 2960 125.90 23.15 -64.78
C LEU K 2960 126.68 21.96 -65.30
N GLN K 2961 127.04 21.05 -64.40
CA GLN K 2961 127.72 19.83 -64.76
C GLN K 2961 126.79 18.92 -65.55
N GLN K 2962 125.53 18.94 -65.18
CA GLN K 2962 124.53 18.19 -65.91
C GLN K 2962 124.19 18.91 -67.22
N LEU K 2963 124.31 20.23 -67.21
CA LEU K 2963 123.98 21.05 -68.38
C LEU K 2963 124.99 20.84 -69.51
N LEU K 2964 126.22 20.50 -69.15
CA LEU K 2964 127.26 20.23 -70.13
C LEU K 2964 127.04 18.90 -70.81
N ARG K 2965 126.70 17.89 -70.03
CA ARG K 2965 126.48 16.54 -70.53
C ARG K 2965 125.15 16.44 -71.29
N TRP K 2966 124.24 17.37 -70.99
CA TRP K 2966 122.94 17.42 -71.66
C TRP K 2966 123.09 17.86 -73.10
N MET K 2967 123.75 19.00 -73.30
CA MET K 2967 123.98 19.55 -74.63
C MET K 2967 124.95 18.70 -75.43
N ASP K 2968 125.81 17.96 -74.73
CA ASP K 2968 126.69 17.00 -75.37
C ASP K 2968 125.89 15.82 -75.91
N ILE K 2969 124.90 15.39 -75.14
CA ILE K 2969 124.04 14.29 -75.54
C ILE K 2969 122.98 14.77 -76.52
N SER K 2970 122.65 16.06 -76.46
CA SER K 2970 121.64 16.65 -77.33
C SER K 2970 122.15 16.70 -78.77
N GLN K 2971 123.45 16.93 -78.92
CA GLN K 2971 124.08 16.93 -80.23
C GLN K 2971 124.39 15.50 -80.64
N GLU K 2972 124.46 14.60 -79.67
CA GLU K 2972 124.72 13.19 -79.94
C GLU K 2972 123.51 12.54 -80.58
N PHE K 2973 122.33 13.05 -80.27
CA PHE K 2973 121.10 12.57 -80.87
C PHE K 2973 120.77 13.38 -82.11
N ILE K 2974 121.32 14.60 -82.19
CA ILE K 2974 121.12 15.47 -83.34
C ILE K 2974 121.95 14.96 -84.52
N ALA K 2975 123.04 14.28 -84.22
CA ALA K 2975 123.88 13.69 -85.25
C ALA K 2975 123.18 12.51 -85.92
N HIS K 2976 122.46 11.74 -85.12
CA HIS K 2976 121.72 10.58 -85.63
C HIS K 2976 120.47 11.02 -86.38
N LYS K 2996 118.03 6.74 -70.47
CA LYS K 2996 118.56 6.76 -69.11
C LYS K 2996 118.75 8.20 -68.64
N PHE K 2997 119.69 8.90 -69.25
CA PHE K 2997 120.00 10.28 -68.87
C PHE K 2997 118.92 11.25 -69.33
N PHE K 2998 118.17 10.86 -70.36
CA PHE K 2998 117.08 11.69 -70.89
C PHE K 2998 115.94 11.77 -69.90
N ALA K 2999 115.71 10.67 -69.18
CA ALA K 2999 114.71 10.64 -68.12
C ALA K 2999 115.24 11.43 -66.93
N LYS K 3000 116.55 11.37 -66.74
CA LYS K 3000 117.22 12.12 -65.68
C LYS K 3000 117.21 13.60 -66.02
N ILE K 3001 117.24 13.90 -67.31
CA ILE K 3001 117.14 15.27 -67.78
C ILE K 3001 115.73 15.78 -67.55
N LEU K 3002 114.76 14.89 -67.71
CA LEU K 3002 113.37 15.21 -67.45
C LEU K 3002 113.16 15.34 -65.94
N LEU K 3003 113.90 14.54 -65.19
CA LEU K 3003 113.83 14.58 -63.74
C LEU K 3003 114.46 15.86 -63.20
N PRO K 3004 115.47 16.36 -63.90
CA PRO K 3004 116.18 17.55 -63.49
C PRO K 3004 115.41 18.82 -63.84
N LEU K 3005 114.81 18.83 -65.04
CA LEU K 3005 114.08 20.00 -65.54
C LEU K 3005 112.82 20.28 -64.73
N ILE K 3006 112.24 19.21 -64.19
CA ILE K 3006 111.08 19.33 -63.32
C ILE K 3006 111.50 19.94 -62.00
N ASN K 3007 112.68 19.53 -61.53
CA ASN K 3007 113.25 20.09 -60.31
C ASN K 3007 113.75 21.49 -60.58
N GLN K 3008 114.15 21.74 -61.83
CA GLN K 3008 114.59 23.07 -62.25
C GLN K 3008 113.40 24.01 -62.29
N TYR K 3009 112.27 23.49 -62.72
CA TYR K 3009 111.02 24.27 -62.72
C TYR K 3009 110.49 24.39 -61.31
N PHE K 3010 110.88 23.45 -60.45
CA PHE K 3010 110.48 23.49 -59.06
C PHE K 3010 111.25 24.56 -58.29
N THR K 3011 112.57 24.54 -58.42
CA THR K 3011 113.44 25.44 -57.67
C THR K 3011 113.33 26.89 -58.14
N ASN K 3012 112.99 27.08 -59.41
CA ASN K 3012 112.81 28.42 -59.96
C ASN K 3012 111.56 29.06 -59.38
N HIS K 3013 110.54 28.25 -59.17
CA HIS K 3013 109.30 28.71 -58.57
C HIS K 3013 109.46 28.77 -57.05
N CYS K 3014 110.37 27.96 -56.52
CA CYS K 3014 110.65 27.95 -55.09
C CYS K 3014 111.42 29.20 -54.72
N LEU K 3015 112.21 29.70 -55.67
CA LEU K 3015 113.00 30.90 -55.46
C LEU K 3015 112.10 32.14 -55.44
N LEU K 3025 127.88 36.03 -57.63
CA LEU K 3025 128.52 34.73 -57.58
C LEU K 3025 127.56 33.64 -58.05
N GLY K 3026 126.51 33.42 -57.26
CA GLY K 3026 125.52 32.42 -57.57
C GLY K 3026 124.63 32.90 -58.71
N SER K 3027 124.52 34.22 -58.85
CA SER K 3027 123.69 34.83 -59.89
C SER K 3027 124.30 34.60 -61.27
N GLY K 3028 125.61 34.50 -61.32
CA GLY K 3028 126.31 34.25 -62.56
C GLY K 3028 126.16 32.79 -62.97
N GLY K 3029 126.17 31.90 -61.98
CA GLY K 3029 126.11 30.46 -62.21
C GLY K 3029 124.77 30.04 -62.80
N HIS K 3030 123.71 30.72 -62.38
CA HIS K 3030 122.40 30.50 -62.95
C HIS K 3030 122.36 31.08 -64.35
N ALA K 3031 123.02 32.22 -64.52
CA ALA K 3031 123.10 32.90 -65.81
C ALA K 3031 123.97 32.10 -66.77
N SER K 3032 124.93 31.37 -66.21
CA SER K 3032 125.78 30.49 -67.00
C SER K 3032 124.97 29.32 -67.54
N ASN K 3033 124.08 28.81 -66.70
CA ASN K 3033 123.19 27.73 -67.10
C ASN K 3033 122.09 28.25 -68.01
N LYS K 3034 121.79 29.55 -67.87
CA LYS K 3034 120.75 30.19 -68.66
C LYS K 3034 121.17 30.32 -70.12
N GLU K 3035 122.45 30.55 -70.33
CA GLU K 3035 122.99 30.65 -71.68
C GLU K 3035 123.37 29.26 -72.20
N LYS K 3036 123.52 28.32 -71.28
CA LYS K 3036 123.89 26.96 -71.64
C LYS K 3036 122.72 26.23 -72.29
N GLU K 3037 121.52 26.49 -71.78
CA GLU K 3037 120.34 25.80 -72.26
C GLU K 3037 119.80 26.41 -73.54
N MET K 3038 120.08 27.70 -73.74
CA MET K 3038 119.52 28.45 -74.86
C MET K 3038 120.09 27.97 -76.21
N ILE K 3039 121.33 27.52 -76.19
CA ILE K 3039 121.98 27.03 -77.41
C ILE K 3039 121.50 25.62 -77.73
N THR K 3040 121.03 24.91 -76.71
CA THR K 3040 120.50 23.57 -76.88
C THR K 3040 119.15 23.63 -77.59
N SER K 3041 118.47 24.76 -77.44
CA SER K 3041 117.21 25.00 -78.12
C SER K 3041 117.46 25.50 -79.54
N LEU K 3042 118.64 26.05 -79.76
CA LEU K 3042 119.00 26.57 -81.08
C LEU K 3042 119.31 25.43 -82.05
N LEU K 3049 109.19 22.29 -74.84
CA LEU K 3049 108.00 22.59 -74.07
C LEU K 3049 108.27 22.46 -72.58
N VAL K 3050 108.71 21.27 -72.17
CA VAL K 3050 109.03 20.99 -70.78
C VAL K 3050 110.24 21.80 -70.32
N ARG K 3051 111.21 21.90 -71.20
CA ARG K 3051 112.38 22.72 -70.95
C ARG K 3051 112.02 24.18 -71.16
N HIS K 3052 111.11 24.44 -72.10
CA HIS K 3052 110.69 25.79 -72.43
C HIS K 3052 109.90 26.42 -71.30
N ARG K 3053 109.19 25.59 -70.56
CA ARG K 3053 108.48 26.04 -69.36
C ARG K 3053 109.50 26.37 -68.29
N VAL K 3054 110.55 25.58 -68.21
CA VAL K 3054 111.65 25.83 -67.30
C VAL K 3054 112.45 27.03 -67.79
N SER K 3055 112.49 27.22 -69.10
CA SER K 3055 113.15 28.37 -69.70
C SER K 3055 112.35 29.63 -69.42
N LEU K 3056 111.03 29.51 -69.44
CA LEU K 3056 110.16 30.63 -69.12
C LEU K 3056 110.25 30.93 -67.64
N PHE K 3057 110.51 29.90 -66.85
CA PHE K 3057 110.69 30.04 -65.41
C PHE K 3057 112.01 30.73 -65.11
N GLY K 3058 113.05 30.31 -65.81
CA GLY K 3058 114.38 30.85 -65.62
C GLY K 3058 114.47 32.29 -66.13
N THR K 3059 113.68 32.59 -67.15
CA THR K 3059 113.58 33.97 -67.64
C THR K 3059 112.79 34.81 -66.67
N ASP K 3060 111.89 34.16 -65.92
CA ASP K 3060 111.14 34.83 -64.89
C ASP K 3060 111.97 34.94 -63.61
N ALA K 3061 113.04 34.17 -63.53
CA ALA K 3061 113.95 34.24 -62.39
C ALA K 3061 114.81 35.49 -62.50
N PRO K 3062 114.95 35.99 -63.72
CA PRO K 3062 115.69 37.23 -63.96
C PRO K 3062 114.88 38.44 -63.51
N THR K 3141 128.36 38.46 -72.06
CA THR K 3141 128.42 37.03 -72.33
C THR K 3141 127.14 36.57 -73.02
N THR K 3142 126.00 36.93 -72.45
CA THR K 3142 124.71 36.52 -72.99
C THR K 3142 124.26 37.44 -74.12
N LEU K 3143 124.93 38.58 -74.26
CA LEU K 3143 124.60 39.56 -75.28
C LEU K 3143 124.94 39.04 -76.66
N PHE K 3144 125.96 38.21 -76.74
CA PHE K 3144 126.33 37.56 -77.99
C PHE K 3144 125.28 36.52 -78.33
N GLN K 3145 124.78 35.84 -77.30
CA GLN K 3145 123.73 34.84 -77.46
C GLN K 3145 122.42 35.53 -77.84
N HIS K 3146 122.24 36.74 -77.32
CA HIS K 3146 121.05 37.52 -77.62
C HIS K 3146 121.10 38.05 -79.05
N ILE K 3147 122.27 38.50 -79.47
CA ILE K 3147 122.45 39.06 -80.80
C ILE K 3147 122.37 37.96 -81.86
N ALA K 3148 122.85 36.78 -81.52
CA ALA K 3148 122.80 35.64 -82.43
C ALA K 3148 121.36 35.17 -82.59
N GLN K 3149 120.60 35.29 -81.51
CA GLN K 3149 119.18 34.96 -81.54
C GLN K 3149 118.43 36.02 -82.34
N HIS K 3150 118.84 37.27 -82.17
CA HIS K 3150 118.21 38.38 -82.86
C HIS K 3150 118.55 38.33 -84.35
N GLN K 3151 119.73 37.81 -84.67
CA GLN K 3151 120.12 37.60 -86.06
C GLN K 3151 119.33 36.43 -86.63
N PHE K 3152 119.10 35.42 -85.79
CA PHE K 3152 118.34 34.24 -86.20
C PHE K 3152 116.87 34.60 -86.34
N GLY K 3153 116.44 35.58 -85.56
CA GLY K 3153 115.07 36.07 -85.63
C GLY K 3153 114.79 36.80 -86.93
N ASP K 3154 115.71 37.68 -87.30
CA ASP K 3154 115.58 38.47 -88.52
C ASP K 3154 115.73 37.58 -89.75
N ASP K 3155 116.54 36.54 -89.61
CA ASP K 3155 116.71 35.55 -90.68
C ASP K 3155 115.43 34.74 -90.82
N VAL K 3156 114.80 34.47 -89.69
CA VAL K 3156 113.50 33.81 -89.68
C VAL K 3156 112.45 34.79 -90.20
N ILE K 3157 112.65 36.07 -89.91
CA ILE K 3157 111.75 37.12 -90.40
C ILE K 3157 111.92 37.27 -91.90
N LEU K 3158 113.12 36.99 -92.39
CA LEU K 3158 113.37 36.94 -93.83
C LEU K 3158 112.65 35.73 -94.42
N ASP K 3159 112.63 34.64 -93.65
CA ASP K 3159 111.94 33.43 -94.06
C ASP K 3159 110.43 33.61 -93.92
N ASP K 3160 110.03 34.43 -92.95
CA ASP K 3160 108.61 34.72 -92.73
C ASP K 3160 108.08 35.61 -93.84
N VAL K 3161 108.94 36.50 -94.32
CA VAL K 3161 108.60 37.36 -95.44
C VAL K 3161 108.64 36.56 -96.73
N GLN K 3162 109.43 35.49 -96.74
CA GLN K 3162 109.51 34.59 -97.88
C GLN K 3162 108.27 33.70 -97.97
N LEU K 3169 112.81 25.33 -87.47
CA LEU K 3169 112.38 26.30 -88.47
C LEU K 3169 111.43 27.32 -87.86
N CYS K 3170 110.14 27.20 -88.18
CA CYS K 3170 109.13 28.11 -87.66
C CYS K 3170 108.80 27.78 -86.22
N SER K 3171 108.93 26.50 -85.86
CA SER K 3171 108.60 26.05 -84.52
C SER K 3171 109.66 26.47 -83.51
N ILE K 3172 110.92 26.42 -83.92
CA ILE K 3172 112.03 26.78 -83.05
C ILE K 3172 112.14 28.28 -82.89
N TYR K 3173 111.52 29.01 -83.80
CA TYR K 3173 111.54 30.47 -83.78
C TYR K 3173 110.36 31.04 -83.00
N SER K 3174 109.21 30.38 -83.09
CA SER K 3174 107.99 30.85 -82.44
C SER K 3174 108.08 30.72 -80.93
N LEU K 3175 108.77 29.69 -80.46
CA LEU K 3175 108.99 29.49 -79.03
C LEU K 3175 110.04 30.48 -78.55
N GLY K 3176 110.93 30.87 -79.45
CA GLY K 3176 111.93 31.87 -79.15
C GLY K 3176 111.32 33.26 -79.19
N THR K 3177 110.23 33.40 -79.94
CA THR K 3177 109.56 34.68 -80.11
C THR K 3177 108.77 35.09 -78.87
N THR K 3178 108.52 34.13 -77.99
CA THR K 3178 107.81 34.39 -76.75
C THR K 3178 108.77 34.42 -75.57
N LYS K 3179 109.82 33.62 -75.65
CA LYS K 3179 110.83 33.55 -74.60
C LYS K 3179 111.64 34.85 -74.55
N ASN K 3180 111.81 35.46 -75.71
CA ASN K 3180 112.49 36.75 -75.80
C ASN K 3180 111.59 37.84 -75.24
N THR K 3181 110.31 37.79 -75.58
CA THR K 3181 109.33 38.76 -75.11
C THR K 3181 109.08 38.58 -73.62
N TYR K 3182 109.28 37.36 -73.14
CA TYR K 3182 109.27 37.08 -71.71
C TYR K 3182 110.46 37.76 -71.07
N VAL K 3183 111.61 37.66 -71.73
CA VAL K 3183 112.83 38.26 -71.23
C VAL K 3183 112.78 39.78 -71.38
N GLU K 3184 112.09 40.26 -72.41
CA GLU K 3184 112.00 41.69 -72.68
C GLU K 3184 111.05 42.39 -71.71
N LYS K 3185 110.25 41.59 -71.01
CA LYS K 3185 109.41 42.13 -69.94
C LYS K 3185 110.07 41.83 -68.60
N LEU K 3186 111.00 40.87 -68.60
CA LEU K 3186 111.70 40.47 -67.38
C LEU K 3186 112.72 41.52 -66.97
N ARG K 3187 113.50 41.98 -67.95
CA ARG K 3187 114.57 42.94 -67.69
C ARG K 3187 114.04 44.33 -67.39
N PRO K 3188 112.79 44.58 -67.80
CA PRO K 3188 112.15 45.87 -67.52
C PRO K 3188 111.76 45.97 -66.05
N ALA K 3189 111.61 44.81 -65.41
CA ALA K 3189 111.31 44.77 -63.98
C ALA K 3189 112.55 45.05 -63.16
N ALA K 3198 123.53 45.16 -78.34
CA ALA K 3198 122.82 44.58 -79.48
C ALA K 3198 121.51 45.31 -79.73
N ALA K 3199 121.54 46.64 -79.57
CA ALA K 3199 120.36 47.47 -79.73
C ALA K 3199 119.95 47.55 -81.20
N ALA K 3200 120.93 47.46 -82.08
CA ALA K 3200 120.68 47.53 -83.51
C ALA K 3200 120.02 46.25 -84.02
N MET K 3201 120.43 45.13 -83.43
CA MET K 3201 119.89 43.82 -83.80
C MET K 3201 118.43 43.71 -83.39
N PRO K 3202 118.09 44.37 -82.30
CA PRO K 3202 116.71 44.49 -81.87
C PRO K 3202 115.97 45.43 -82.81
N VAL K 3203 116.65 46.49 -83.22
CA VAL K 3203 116.08 47.48 -84.12
C VAL K 3203 115.93 46.91 -85.52
N ALA K 3204 116.78 45.94 -85.86
CA ALA K 3204 116.72 45.27 -87.14
C ALA K 3204 115.47 44.40 -87.22
N PHE K 3205 115.14 43.76 -86.11
CA PHE K 3205 113.97 42.91 -86.04
C PHE K 3205 112.70 43.75 -86.00
N LEU K 3206 112.83 44.98 -85.50
CA LEU K 3206 111.70 45.90 -85.40
C LEU K 3206 111.25 46.35 -86.78
N GLU K 3207 112.22 46.57 -87.66
CA GLU K 3207 111.93 46.94 -89.03
C GLU K 3207 111.38 45.73 -89.78
N PRO K 3208 111.86 44.56 -89.40
CA PRO K 3208 111.40 43.30 -89.96
C PRO K 3208 109.98 43.03 -89.49
N GLN K 3209 109.68 43.48 -88.27
CA GLN K 3209 108.33 43.39 -87.73
C GLN K 3209 107.43 44.40 -88.43
N LEU K 3210 108.01 45.53 -88.80
CA LEU K 3210 107.28 46.57 -89.51
C LEU K 3210 107.14 46.22 -90.98
N ASN K 3211 107.96 45.29 -91.44
CA ASN K 3211 107.96 44.88 -92.84
C ASN K 3211 106.73 44.06 -93.19
N GLU K 3212 106.60 42.90 -92.57
CA GLU K 3212 105.51 41.98 -92.87
C GLU K 3212 104.18 42.51 -92.31
N THR K 3221 100.09 34.39 -87.35
CA THR K 3221 100.91 34.79 -86.22
C THR K 3221 101.15 36.29 -86.23
N LYS K 3222 100.14 37.04 -86.65
CA LYS K 3222 100.25 38.50 -86.72
C LYS K 3222 100.21 39.13 -85.34
N SER K 3223 99.36 38.59 -84.48
CA SER K 3223 99.21 39.11 -83.12
C SER K 3223 100.43 38.77 -82.28
N PRO K 3224 101.03 37.62 -82.53
CA PRO K 3224 102.26 37.21 -81.85
C PRO K 3224 103.41 38.08 -82.32
N ARG K 3225 103.33 38.50 -83.58
CA ARG K 3225 104.28 39.44 -84.13
C ARG K 3225 104.01 40.82 -83.55
N GLU K 3226 102.75 41.07 -83.20
CA GLU K 3226 102.38 42.32 -82.55
C GLU K 3226 102.68 42.24 -81.05
N ARG K 3227 102.84 41.03 -80.55
CA ARG K 3227 103.03 40.81 -79.12
C ARG K 3227 104.40 41.24 -78.63
N ALA K 3228 105.45 40.72 -79.27
CA ALA K 3228 106.81 41.01 -78.83
C ALA K 3228 107.28 42.40 -79.28
N ILE K 3229 106.49 43.04 -80.12
CA ILE K 3229 106.83 44.35 -80.69
C ILE K 3229 106.89 45.46 -79.64
N LEU K 3230 105.90 45.47 -78.75
CA LEU K 3230 105.85 46.50 -77.70
C LEU K 3230 106.82 46.17 -76.57
N GLY K 3231 107.29 44.93 -76.53
CA GLY K 3231 108.21 44.49 -75.50
C GLY K 3231 109.60 45.07 -75.71
N VAL K 3269 110.78 57.94 -82.19
CA VAL K 3269 110.72 59.36 -81.88
C VAL K 3269 109.83 60.09 -82.88
N ILE K 3270 110.46 60.82 -83.80
CA ILE K 3270 109.74 61.55 -84.83
C ILE K 3270 109.17 60.58 -85.86
N GLU K 3271 109.85 59.46 -86.06
CA GLU K 3271 109.38 58.40 -86.94
C GLU K 3271 108.15 57.74 -86.34
N ILE K 3272 108.11 57.72 -85.01
CA ILE K 3272 106.94 57.24 -84.30
C ILE K 3272 105.86 58.32 -84.29
N THR K 3273 106.29 59.58 -84.24
CA THR K 3273 105.37 60.72 -84.17
C THR K 3273 104.61 60.90 -85.47
N LEU K 3274 105.27 60.61 -86.58
CA LEU K 3274 104.63 60.69 -87.89
C LEU K 3274 103.63 59.56 -88.05
N PRO K 3275 103.99 58.41 -87.50
CA PRO K 3275 103.13 57.23 -87.55
C PRO K 3275 101.97 57.39 -86.56
N MET K 3276 102.19 58.21 -85.54
CA MET K 3276 101.17 58.48 -84.53
C MET K 3276 100.01 59.26 -85.13
N LEU K 3277 100.34 60.25 -85.96
CA LEU K 3277 99.32 61.04 -86.62
C LEU K 3277 98.73 60.27 -87.80
N CYS K 3278 99.51 59.31 -88.30
CA CYS K 3278 99.10 58.50 -89.45
C CYS K 3278 97.95 57.57 -89.07
N SER K 3279 98.09 56.91 -87.93
CA SER K 3279 97.05 56.04 -87.42
C SER K 3279 95.88 56.88 -86.92
N TYR K 3280 96.18 58.09 -86.48
CA TYR K 3280 95.16 59.05 -86.06
C TYR K 3280 94.34 59.47 -87.25
N LEU K 3281 94.97 59.56 -88.41
CA LEU K 3281 94.27 59.83 -89.66
C LEU K 3281 93.51 58.59 -90.08
N PRO K 3282 94.07 57.43 -89.78
CA PRO K 3282 93.44 56.16 -90.10
C PRO K 3282 92.22 55.95 -89.21
N ARG K 3283 92.32 56.46 -87.99
CA ARG K 3283 91.19 56.42 -87.05
C ARG K 3283 90.19 57.51 -87.42
N TRP K 3284 90.68 58.54 -88.11
CA TRP K 3284 89.81 59.58 -88.64
C TRP K 3284 89.06 59.06 -89.86
N TRP K 3285 89.64 58.05 -90.49
CA TRP K 3285 89.00 57.39 -91.62
C TRP K 3285 87.94 56.41 -91.13
N PRO K 3293 95.57 44.87 -90.16
CA PRO K 3293 96.38 43.90 -89.42
C PRO K 3293 97.61 44.58 -88.84
N PRO K 3294 98.31 45.34 -89.69
CA PRO K 3294 99.49 46.07 -89.26
C PRO K 3294 99.08 47.32 -88.48
N ALA K 3295 97.83 47.73 -88.65
CA ALA K 3295 97.26 48.86 -87.93
C ALA K 3295 97.13 48.53 -86.45
N LEU K 3296 96.88 47.26 -86.14
CA LEU K 3296 96.77 46.81 -84.76
C LEU K 3296 98.15 46.59 -84.16
N PRO K 3297 99.11 46.21 -85.01
CA PRO K 3297 100.46 45.91 -84.55
C PRO K 3297 101.27 47.16 -84.26
N ALA K 3298 101.04 48.20 -85.06
CA ALA K 3298 101.79 49.44 -84.95
C ALA K 3298 101.41 50.22 -83.70
N GLY K 3299 100.18 50.06 -83.24
CA GLY K 3299 99.69 50.80 -82.08
C GLY K 3299 100.21 50.20 -80.78
N ALA K 3300 100.72 48.97 -80.85
CA ALA K 3300 101.19 48.25 -79.67
C ALA K 3300 102.44 48.89 -79.07
N PRO K 3301 103.46 49.03 -79.90
CA PRO K 3301 104.73 49.61 -79.47
C PRO K 3301 104.60 51.11 -79.25
N PRO K 3302 103.61 51.72 -79.92
CA PRO K 3302 103.34 53.14 -79.78
C PRO K 3302 102.79 53.43 -78.39
N PRO K 3303 102.04 52.47 -77.86
CA PRO K 3303 101.53 52.56 -76.49
C PRO K 3303 102.66 52.29 -75.51
N CYS K 3304 103.65 51.52 -75.97
CA CYS K 3304 104.79 51.19 -75.14
C CYS K 3304 105.81 52.33 -75.12
N THR K 3305 105.75 53.18 -76.14
CA THR K 3305 106.72 54.26 -76.28
C THR K 3305 106.29 55.51 -75.53
N ALA K 3306 105.01 55.84 -75.60
CA ALA K 3306 104.48 57.03 -74.94
C ALA K 3306 104.45 56.83 -73.43
N VAL K 3307 104.35 55.58 -73.01
CA VAL K 3307 104.35 55.23 -71.60
C VAL K 3307 105.76 55.30 -71.02
N THR K 3308 106.77 55.19 -71.89
CA THR K 3308 108.16 55.24 -71.47
C THR K 3308 108.56 56.65 -71.07
N SER K 3309 107.84 57.64 -71.57
CA SER K 3309 108.10 59.03 -71.24
C SER K 3309 107.68 59.35 -69.81
N LEU K 3316 102.18 63.96 -72.93
CA LEU K 3316 101.03 64.01 -72.03
C LEU K 3316 99.73 64.05 -72.85
N GLY K 3317 99.60 65.09 -73.66
CA GLY K 3317 98.44 65.23 -74.53
C GLY K 3317 98.59 64.32 -75.74
N ASN K 3318 99.82 63.87 -75.99
CA ASN K 3318 100.11 62.92 -77.05
C ASN K 3318 99.46 61.58 -76.75
N ILE K 3319 99.50 61.19 -75.48
CA ILE K 3319 98.84 59.96 -75.03
C ILE K 3319 97.33 60.18 -75.00
N LEU K 3320 96.92 61.42 -74.79
CA LEU K 3320 95.51 61.78 -74.77
C LEU K 3320 94.93 61.73 -76.17
N ARG K 3321 95.79 61.97 -77.16
CA ARG K 3321 95.39 61.89 -78.55
C ARG K 3321 95.34 60.44 -78.99
N ILE K 3322 96.25 59.63 -78.46
CA ILE K 3322 96.37 58.22 -78.81
C ILE K 3322 95.16 57.43 -78.30
N ILE K 3323 94.66 57.83 -77.15
CA ILE K 3323 93.50 57.19 -76.56
C ILE K 3323 92.24 57.52 -77.36
N VAL K 3324 92.16 58.76 -77.81
CA VAL K 3324 91.04 59.21 -78.63
C VAL K 3324 91.12 58.58 -80.01
N ASN K 3325 92.34 58.28 -80.44
CA ASN K 3325 92.56 57.55 -81.68
C ASN K 3325 92.13 56.11 -81.48
N ASN K 3326 92.39 55.59 -80.30
CA ASN K 3326 92.00 54.23 -79.96
C ASN K 3326 90.50 54.15 -79.70
N LEU K 3327 89.92 55.27 -79.33
CA LEU K 3327 88.49 55.35 -79.02
C LEU K 3327 87.65 55.20 -80.29
N GLY K 3328 87.99 55.97 -81.31
CA GLY K 3328 87.23 55.99 -82.54
C GLY K 3328 87.41 54.69 -83.33
N ILE K 3329 88.54 54.03 -83.13
CA ILE K 3329 88.83 52.77 -83.81
C ILE K 3329 87.92 51.66 -83.31
N ASP K 3330 87.58 51.74 -82.02
CA ASP K 3330 86.67 50.78 -81.43
C ASP K 3330 85.23 51.26 -81.61
N GLU K 3331 85.06 52.58 -81.75
CA GLU K 3331 83.74 53.15 -81.98
C GLU K 3331 83.27 52.79 -83.37
N ALA K 3332 84.23 52.66 -84.29
CA ALA K 3332 83.95 52.15 -85.61
C ALA K 3332 83.70 50.64 -85.52
N THR K 3333 84.55 49.96 -84.76
CA THR K 3333 84.44 48.52 -84.59
C THR K 3333 83.27 48.16 -83.70
N VAL K 3340 87.77 39.25 -82.06
CA VAL K 3340 88.70 40.01 -82.90
C VAL K 3340 90.01 40.23 -82.16
N PHE K 3341 90.75 41.25 -82.57
CA PHE K 3341 92.00 41.59 -81.93
C PHE K 3341 91.79 42.77 -80.99
N ALA K 3342 90.56 42.92 -80.51
CA ALA K 3342 90.22 43.99 -79.59
C ALA K 3342 90.68 43.65 -78.17
N GLN K 3343 90.95 42.37 -77.94
CA GLN K 3343 91.35 41.89 -76.61
C GLN K 3343 92.74 42.37 -76.24
N PRO K 3344 93.70 42.16 -77.15
CA PRO K 3344 95.07 42.63 -76.93
C PRO K 3344 95.14 44.13 -77.12
N ILE K 3345 94.17 44.68 -77.84
CA ILE K 3345 94.04 46.12 -77.98
C ILE K 3345 93.64 46.72 -76.65
N VAL K 3346 92.79 46.00 -75.93
CA VAL K 3346 92.32 46.46 -74.62
C VAL K 3346 93.39 46.24 -73.56
N SER K 3347 94.35 45.37 -73.85
CA SER K 3347 95.42 45.05 -72.91
C SER K 3347 96.36 46.22 -72.72
N ARG K 3348 96.52 47.02 -73.76
CA ARG K 3348 97.36 48.20 -73.68
C ARG K 3348 96.52 49.41 -73.28
N ALA K 3349 95.21 49.27 -73.34
CA ALA K 3349 94.28 50.36 -73.07
C ALA K 3349 94.28 50.77 -71.60
N ARG K 3350 94.25 49.76 -70.72
CA ARG K 3350 94.25 50.01 -69.30
C ARG K 3350 95.66 50.25 -68.79
N PRO K 3351 96.65 50.01 -69.64
CA PRO K 3351 98.04 50.16 -69.26
C PRO K 3351 98.42 51.61 -69.07
N GLU K 3352 97.76 52.51 -69.79
CA GLU K 3352 98.10 53.92 -69.72
C GLU K 3352 96.89 54.83 -69.85
N LEU K 3353 95.93 54.68 -68.95
CA LEU K 3353 94.78 55.58 -68.90
C LEU K 3353 94.97 56.55 -67.74
N LEU K 3354 96.24 56.87 -67.46
CA LEU K 3354 96.60 57.71 -66.34
C LEU K 3354 96.19 59.17 -66.56
N HIS K 3355 97.03 59.91 -67.27
CA HIS K 3355 96.77 61.33 -67.51
C HIS K 3355 95.65 61.52 -68.52
N ILE K 3359 89.60 67.50 -68.45
CA ILE K 3359 89.99 68.12 -69.71
C ILE K 3359 90.13 67.06 -70.79
N PRO K 3360 91.22 66.30 -70.72
CA PRO K 3360 91.45 65.18 -71.63
C PRO K 3360 90.45 64.08 -71.32
N THR K 3361 90.11 63.98 -70.04
CA THR K 3361 89.06 63.07 -69.60
C THR K 3361 87.71 63.57 -70.08
N ILE K 3362 87.53 64.89 -70.10
CA ILE K 3362 86.28 65.50 -70.52
C ILE K 3362 86.03 65.28 -72.01
N GLY K 3363 87.12 65.31 -72.77
CA GLY K 3363 87.05 65.01 -74.19
C GLY K 3363 86.76 63.52 -74.36
N ARG K 3364 87.31 62.72 -73.46
CA ARG K 3364 87.04 61.29 -73.43
C ARG K 3364 85.62 61.07 -72.92
N LEU K 3365 85.15 61.96 -72.07
CA LEU K 3365 83.80 61.86 -71.53
C LEU K 3365 82.76 62.11 -72.62
N ARG K 3366 83.02 63.10 -73.45
CA ARG K 3366 82.14 63.42 -74.57
C ARG K 3366 82.22 62.34 -75.63
N LYS K 3367 83.37 61.69 -75.72
CA LYS K 3367 83.57 60.60 -76.67
C LYS K 3367 82.87 59.32 -76.21
N ARG K 3368 83.09 58.95 -74.95
CA ARG K 3368 82.59 57.68 -74.44
C ARG K 3368 81.10 57.71 -74.14
N ALA K 3369 80.52 58.89 -74.00
CA ALA K 3369 79.08 59.02 -73.77
C ALA K 3369 78.33 58.61 -75.03
N GLY K 3370 78.93 58.89 -76.17
CA GLY K 3370 78.39 58.46 -77.44
C GLY K 3370 78.60 56.97 -77.60
N LYS K 3371 79.71 56.48 -77.04
CA LYS K 3371 80.06 55.07 -77.14
C LYS K 3371 79.09 54.23 -76.33
N VAL K 3372 78.66 54.76 -75.20
CA VAL K 3372 77.74 54.06 -74.32
C VAL K 3372 76.34 54.04 -74.90
N VAL K 3373 75.93 55.18 -75.46
CA VAL K 3373 74.58 55.34 -76.00
C VAL K 3373 74.38 54.48 -77.24
N ALA K 3374 75.44 54.29 -78.01
CA ALA K 3374 75.41 53.43 -79.19
C ALA K 3374 75.30 51.99 -78.73
N GLU K 3375 75.95 51.69 -77.61
CA GLU K 3375 75.87 50.37 -77.00
C GLU K 3375 74.49 50.21 -76.35
N GLU K 3376 73.96 51.32 -75.86
CA GLU K 3376 72.64 51.32 -75.22
C GLU K 3376 71.55 51.05 -76.25
N GLU K 3377 71.73 51.61 -77.44
CA GLU K 3377 70.79 51.39 -78.53
C GLU K 3377 70.92 49.97 -79.05
N GLN K 3378 72.15 49.46 -79.02
CA GLN K 3378 72.42 48.09 -79.44
C GLN K 3378 71.87 47.11 -78.41
N LEU K 3379 71.87 47.52 -77.16
CA LEU K 3379 71.31 46.71 -76.08
C LEU K 3379 69.80 46.70 -76.17
N ARG K 3380 69.22 47.86 -76.46
CA ARG K 3380 67.78 48.00 -76.54
C ARG K 3380 67.21 47.28 -77.75
N LEU K 3381 68.01 47.21 -78.81
CA LEU K 3381 67.63 46.49 -80.02
C LEU K 3381 67.59 45.00 -79.76
N GLU K 3382 68.57 44.52 -79.00
CA GLU K 3382 68.61 43.12 -78.61
C GLU K 3382 67.54 42.83 -77.57
N ALA K 3383 67.21 43.84 -76.78
CA ALA K 3383 66.13 43.73 -75.81
C ALA K 3383 64.79 43.65 -76.54
N LYS K 3384 64.68 44.41 -77.63
CA LYS K 3384 63.51 44.36 -78.48
C LYS K 3384 63.49 43.03 -79.22
N ALA K 3385 64.67 42.52 -79.52
CA ALA K 3385 64.80 41.19 -80.13
C ALA K 3385 64.45 40.13 -79.10
N GLU K 3386 64.73 40.41 -77.83
CA GLU K 3386 64.38 39.51 -76.75
C GLU K 3386 62.88 39.57 -76.48
N ALA K 3387 62.27 40.71 -76.79
CA ALA K 3387 60.84 40.90 -76.62
C ALA K 3387 60.06 40.07 -77.64
N GLU K 3388 60.68 39.84 -78.80
CA GLU K 3388 60.06 39.04 -79.85
C GLU K 3388 60.23 37.55 -79.56
N ARG K 3395 66.54 29.53 -85.95
CA ARG K 3395 65.50 30.47 -85.53
C ARG K 3395 66.11 31.83 -85.23
N ASP K 3396 65.26 32.77 -84.80
CA ASP K 3396 65.71 34.11 -84.47
C ASP K 3396 66.15 34.17 -83.01
N GLU K 3397 65.87 33.11 -82.26
CA GLU K 3397 66.26 33.02 -80.87
C GLU K 3397 67.77 32.84 -80.73
N PHE K 3398 68.33 31.98 -81.57
CA PHE K 3398 69.76 31.72 -81.57
C PHE K 3398 70.53 32.89 -82.16
N SER K 3399 69.90 33.59 -83.10
CA SER K 3399 70.50 34.75 -83.74
C SER K 3399 70.54 35.93 -82.78
N VAL K 3400 69.50 36.06 -81.96
CA VAL K 3400 69.46 37.09 -80.94
C VAL K 3400 70.45 36.77 -79.83
N LEU K 3401 70.64 35.48 -79.59
CA LEU K 3401 71.62 35.00 -78.63
C LEU K 3401 73.04 35.26 -79.15
N CYS K 3402 73.20 35.16 -80.46
CA CYS K 3402 74.48 35.43 -81.09
C CYS K 3402 74.77 36.92 -81.11
N ARG K 3403 73.71 37.70 -81.36
CA ARG K 3403 73.84 39.15 -81.45
C ARG K 3403 74.13 39.76 -80.09
N ASP K 3404 73.54 39.19 -79.05
CA ASP K 3404 73.77 39.62 -77.69
C ASP K 3404 75.18 39.23 -77.27
N LEU K 3405 75.65 38.10 -77.78
CA LEU K 3405 77.00 37.61 -77.49
C LEU K 3405 78.04 38.53 -78.10
N TYR K 3406 77.76 39.02 -79.30
CA TYR K 3406 78.63 39.97 -79.96
C TYR K 3406 78.55 41.31 -79.25
N ALA K 3407 77.36 41.62 -78.76
CA ALA K 3407 77.13 42.84 -78.00
C ALA K 3407 77.83 42.77 -76.66
N LEU K 3408 77.88 41.57 -76.09
CA LEU K 3408 78.58 41.35 -74.83
C LEU K 3408 80.08 41.38 -75.07
N TYR K 3409 80.48 40.96 -76.26
CA TYR K 3409 81.89 40.96 -76.64
C TYR K 3409 82.39 42.38 -76.78
N PRO K 3410 81.54 43.23 -77.34
CA PRO K 3410 81.87 44.64 -77.52
C PRO K 3410 81.84 45.37 -76.19
N LEU K 3411 80.96 44.92 -75.31
CA LEU K 3411 80.80 45.55 -74.00
C LEU K 3411 81.96 45.22 -73.08
N LEU K 3412 82.67 44.14 -73.39
CA LEU K 3412 83.81 43.69 -72.61
C LEU K 3412 84.96 44.68 -72.69
N ILE K 3413 85.31 45.07 -73.91
CA ILE K 3413 86.37 46.04 -74.11
C ILE K 3413 85.88 47.45 -73.82
N ARG K 3414 84.57 47.63 -73.82
CA ARG K 3414 83.98 48.94 -73.57
C ARG K 3414 84.13 49.34 -72.11
N TYR K 3415 83.76 48.45 -71.19
CA TYR K 3415 83.77 48.77 -69.77
C TYR K 3415 85.17 48.77 -69.18
N VAL K 3416 86.12 48.15 -69.89
CA VAL K 3416 87.48 47.96 -69.38
C VAL K 3416 88.23 49.27 -69.25
N ASP K 3417 87.96 50.20 -70.15
CA ASP K 3417 88.58 51.50 -70.09
C ASP K 3417 87.70 52.44 -69.28
N ASN K 3418 86.44 52.04 -69.10
CA ASN K 3418 85.49 52.86 -68.36
C ASN K 3418 85.80 52.85 -66.86
N ASN K 3419 86.46 51.79 -66.42
CA ASN K 3419 86.80 51.65 -65.00
C ASN K 3419 87.91 52.59 -64.58
N ARG K 3420 89.02 52.55 -65.31
CA ARG K 3420 90.20 53.33 -64.96
C ARG K 3420 89.96 54.82 -65.19
N ALA K 3421 89.07 55.14 -66.12
CA ALA K 3421 88.71 56.52 -66.38
C ALA K 3421 87.86 57.04 -65.24
N HIS K 3422 87.13 56.14 -64.60
CA HIS K 3422 86.28 56.48 -63.46
C HIS K 3422 87.14 56.66 -62.20
N TRP K 3423 88.37 56.17 -62.27
CA TRP K 3423 89.31 56.29 -61.15
C TRP K 3423 89.93 57.70 -61.10
N LEU K 3424 89.64 58.53 -62.09
CA LEU K 3424 90.09 59.90 -62.08
C LEU K 3424 88.89 60.85 -62.05
N THR K 3425 87.74 60.37 -62.51
CA THR K 3425 86.53 61.18 -62.57
C THR K 3425 85.98 61.46 -61.17
N GLU K 3426 85.97 60.41 -60.35
CA GLU K 3426 85.54 60.54 -58.96
C GLU K 3426 86.63 61.24 -58.16
N PRO K 3427 87.86 61.11 -58.63
CA PRO K 3427 88.99 61.80 -58.04
C PRO K 3427 88.83 63.30 -58.29
N ASN K 3428 88.42 63.64 -59.50
CA ASN K 3428 88.16 65.03 -59.85
C ASN K 3428 86.82 65.46 -59.30
N ALA K 3429 85.77 65.08 -59.99
CA ALA K 3429 84.41 65.47 -59.63
C ALA K 3429 83.91 64.69 -58.42
N ASN K 3430 83.91 65.36 -57.27
CA ASN K 3430 83.39 64.78 -56.04
C ASN K 3430 82.98 65.89 -55.10
N PHE K 3435 77.74 65.85 -63.39
CA PHE K 3435 77.83 66.66 -64.59
C PHE K 3435 77.74 65.79 -65.83
N ARG K 3436 78.89 65.57 -66.48
CA ARG K 3436 78.95 64.67 -67.62
C ARG K 3436 78.88 63.24 -67.12
N MET K 3437 79.36 63.04 -65.89
CA MET K 3437 79.31 61.74 -65.24
C MET K 3437 77.88 61.38 -64.89
N VAL K 3438 77.05 62.41 -64.66
CA VAL K 3438 75.64 62.22 -64.36
C VAL K 3438 74.93 61.64 -65.57
N GLY K 3439 75.40 62.01 -66.76
CA GLY K 3439 74.92 61.39 -67.98
C GLY K 3439 75.49 59.98 -68.07
N GLU K 3440 76.76 59.85 -67.69
CA GLU K 3440 77.48 58.57 -67.79
C GLU K 3440 76.93 57.56 -66.81
N ILE K 3441 76.44 58.04 -65.69
CA ILE K 3441 75.80 57.19 -64.71
C ILE K 3441 74.44 56.76 -65.26
N PHE K 3442 73.74 57.72 -65.85
CA PHE K 3442 72.40 57.48 -66.37
C PHE K 3442 72.46 56.56 -67.58
N ILE K 3443 73.52 56.66 -68.35
CA ILE K 3443 73.70 55.82 -69.52
C ILE K 3443 74.02 54.39 -69.09
N TYR K 3444 74.88 54.25 -68.09
CA TYR K 3444 75.30 52.94 -67.63
C TYR K 3444 74.26 52.30 -66.73
N TRP K 3445 73.26 53.10 -66.34
CA TRP K 3445 72.17 52.63 -65.48
C TRP K 3445 71.31 51.61 -66.21
N SER K 3446 70.94 51.94 -67.44
CA SER K 3446 70.11 51.07 -68.25
C SER K 3446 70.89 49.84 -68.68
N LYS K 3447 72.21 49.97 -68.79
CA LYS K 3447 73.09 48.87 -69.15
C LYS K 3447 73.07 47.79 -68.08
N SER K 3448 73.11 48.23 -66.83
CA SER K 3448 73.02 47.32 -65.70
C SER K 3448 71.61 46.79 -65.59
N HIS K 3449 70.64 47.61 -65.98
CA HIS K 3449 69.25 47.21 -65.97
C HIS K 3449 69.01 46.16 -67.03
N ASN K 3450 69.68 46.33 -68.17
CA ASN K 3450 69.60 45.35 -69.24
C ASN K 3450 70.39 44.11 -68.87
N PHE K 3451 71.39 44.28 -68.02
CA PHE K 3451 72.17 43.16 -67.51
C PHE K 3451 71.33 42.36 -66.52
N LYS K 3452 70.35 43.03 -65.93
CA LYS K 3452 69.41 42.36 -65.03
C LYS K 3452 68.29 41.69 -65.82
N GLN K 3456 69.06 35.65 -69.46
CA GLN K 3456 69.58 35.19 -70.74
C GLN K 3456 70.67 36.13 -71.23
N ASN K 3457 70.60 37.38 -70.80
CA ASN K 3457 71.60 38.38 -71.15
C ASN K 3457 72.92 38.04 -70.46
N PHE K 3458 72.80 37.53 -69.25
CA PHE K 3458 73.96 37.10 -68.48
C PHE K 3458 74.46 35.76 -69.01
N VAL K 3459 73.54 34.98 -69.56
CA VAL K 3459 73.85 33.66 -70.08
C VAL K 3459 74.79 33.77 -71.29
N VAL K 3460 74.54 34.78 -72.11
CA VAL K 3460 75.42 35.06 -73.24
C VAL K 3460 76.69 35.71 -72.73
N GLN K 3461 76.58 36.43 -71.61
CA GLN K 3461 77.72 37.13 -71.05
C GLN K 3461 78.72 36.17 -70.42
N ASN K 3462 78.21 35.14 -69.76
CA ASN K 3462 79.04 34.19 -69.04
C ASN K 3462 79.87 33.34 -69.99
N GLU K 3463 79.29 33.03 -71.14
CA GLU K 3463 79.97 32.28 -72.18
C GLU K 3463 81.06 33.13 -72.80
N ILE K 3464 80.79 34.44 -72.87
CA ILE K 3464 81.75 35.39 -73.40
C ILE K 3464 82.91 35.58 -72.43
N ASN K 3465 82.61 35.39 -71.15
CA ASN K 3465 83.61 35.50 -70.11
C ASN K 3465 84.59 34.34 -70.20
N ASN K 3466 84.06 33.14 -70.45
CA ASN K 3466 84.89 31.96 -70.54
C ASN K 3466 85.65 31.93 -71.87
N THR K 3513 81.86 40.84 -62.22
CA THR K 3513 82.55 41.18 -63.47
C THR K 3513 82.47 42.68 -63.73
N LEU K 3514 82.73 43.06 -64.98
CA LEU K 3514 82.76 44.47 -65.36
C LEU K 3514 81.36 45.08 -65.38
N LYS K 3515 80.35 44.23 -65.50
CA LYS K 3515 78.97 44.68 -65.43
C LYS K 3515 78.63 45.09 -64.00
N LYS K 3516 79.32 44.48 -63.04
CA LYS K 3516 79.07 44.77 -61.64
C LYS K 3516 79.81 46.03 -61.19
N MET K 3517 81.09 46.12 -61.52
CA MET K 3517 81.95 47.19 -61.04
C MET K 3517 81.61 48.54 -61.63
N LEU K 3518 80.96 48.50 -62.80
CA LEU K 3518 80.50 49.71 -63.45
C LEU K 3518 79.37 50.33 -62.62
N PRO K 3519 78.55 49.45 -62.04
CA PRO K 3519 77.45 49.91 -61.20
C PRO K 3519 77.97 50.40 -59.85
N ILE K 3520 79.15 49.95 -59.48
CA ILE K 3520 79.76 50.31 -58.21
C ILE K 3520 80.23 51.76 -58.21
N GLY K 3521 81.03 52.11 -59.21
CA GLY K 3521 81.60 53.46 -59.27
C GLY K 3521 80.54 54.49 -59.64
N LEU K 3522 79.50 54.07 -60.34
CA LEU K 3522 78.43 54.97 -60.73
C LEU K 3522 77.48 55.23 -59.57
N ASN K 3523 77.50 54.34 -58.58
CA ASN K 3523 76.59 54.43 -57.43
C ASN K 3523 76.92 55.63 -56.57
N MET K 3524 78.21 55.93 -56.45
CA MET K 3524 78.67 57.06 -55.67
C MET K 3524 78.33 58.37 -56.36
N CYS K 3525 78.41 58.37 -57.68
CA CYS K 3525 78.15 59.57 -58.45
C CYS K 3525 76.66 59.86 -58.51
N ALA K 3526 75.85 58.82 -58.61
CA ALA K 3526 74.40 58.98 -58.71
C ALA K 3526 73.80 59.37 -57.36
N PRO K 3527 74.47 58.99 -56.29
CA PRO K 3527 74.01 59.34 -54.95
C PRO K 3527 74.50 60.73 -54.58
N THR K 3528 75.37 61.29 -55.39
CA THR K 3528 75.87 62.65 -55.15
C THR K 3528 74.83 63.69 -55.53
N ASP K 3529 73.80 63.27 -56.27
CA ASP K 3529 72.71 64.15 -56.64
C ASP K 3529 71.44 63.78 -55.88
N MET K 3534 65.80 63.43 -48.32
CA MET K 3534 64.80 63.18 -49.34
C MET K 3534 64.92 61.75 -49.87
N LEU K 3535 65.61 60.91 -49.10
CA LEU K 3535 65.86 59.54 -49.52
C LEU K 3535 64.69 58.62 -49.20
N ALA K 3536 63.72 59.13 -48.46
CA ALA K 3536 62.52 58.36 -48.13
C ALA K 3536 61.66 58.20 -49.37
N LYS K 3537 61.65 59.24 -50.20
CA LYS K 3537 60.96 59.19 -51.48
C LYS K 3537 61.70 58.25 -52.41
N THR K 3538 63.02 58.21 -52.27
CA THR K 3538 63.86 57.28 -53.01
C THR K 3538 63.62 55.87 -52.51
N ARG K 3539 63.33 55.75 -51.22
CA ARG K 3539 62.99 54.47 -50.63
C ARG K 3539 61.59 54.06 -51.08
N TYR K 3540 60.73 55.05 -51.23
CA TYR K 3540 59.35 54.80 -51.65
C TYR K 3540 59.31 54.41 -53.12
N ALA K 3541 60.13 55.07 -53.93
CA ALA K 3541 60.13 54.82 -55.37
C ALA K 3541 60.87 53.53 -55.70
N LEU K 3542 61.70 53.07 -54.76
CA LEU K 3542 62.36 51.78 -54.92
C LEU K 3542 61.34 50.68 -54.71
N LYS K 3543 60.35 50.95 -53.85
CA LYS K 3543 59.31 49.98 -53.54
C LYS K 3543 58.39 49.76 -54.73
N ASP K 3544 58.11 50.83 -55.46
CA ASP K 3544 57.25 50.74 -56.64
C ASP K 3544 57.99 50.10 -57.80
N THR K 3545 59.31 50.17 -57.76
CA THR K 3545 60.16 49.50 -58.74
C THR K 3545 60.39 48.05 -58.34
N ASP K 3546 59.94 47.71 -57.14
CA ASP K 3546 59.97 46.34 -56.67
C ASP K 3546 58.54 45.84 -56.49
N GLU K 3547 57.59 46.60 -57.01
CA GLU K 3547 56.19 46.21 -56.95
C GLU K 3547 55.73 45.64 -58.29
N LEU K 3553 56.49 53.94 -65.42
CA LEU K 3553 55.49 53.26 -64.59
C LEU K 3553 55.41 53.91 -63.23
N GLN K 3554 56.53 53.89 -62.51
CA GLN K 3554 56.62 54.50 -61.19
C GLN K 3554 56.99 55.97 -61.29
N ASN K 3555 57.18 56.45 -62.52
CA ASN K 3555 57.51 57.85 -62.78
C ASN K 3555 56.32 58.74 -62.45
N ASN K 3556 55.12 58.20 -62.63
CA ASN K 3556 53.89 58.88 -62.23
C ASN K 3556 53.69 58.72 -60.74
N LEU K 3557 54.14 57.58 -60.20
CA LEU K 3557 54.09 57.32 -58.78
C LEU K 3557 55.09 58.20 -58.04
N HIS K 3558 56.17 58.56 -58.74
CA HIS K 3558 57.14 59.51 -58.24
C HIS K 3558 56.56 60.92 -58.24
N LEU K 3559 55.67 61.17 -59.20
CA LEU K 3559 54.96 62.44 -59.27
C LEU K 3559 53.83 62.44 -58.26
N GLN K 3560 53.40 61.25 -57.85
CA GLN K 3560 52.35 61.10 -56.86
C GLN K 3560 52.92 60.59 -55.52
N LEU K 3569 70.39 64.29 -37.89
CA LEU K 3569 71.53 64.10 -38.76
C LEU K 3569 71.27 64.71 -40.12
N ARG K 3570 69.98 64.93 -40.39
CA ARG K 3570 69.53 65.53 -41.64
C ARG K 3570 69.95 66.98 -41.69
N TRP K 3571 70.03 67.60 -40.52
CA TRP K 3571 70.52 68.97 -40.39
C TRP K 3571 71.98 69.05 -40.79
N GLN K 3572 72.74 68.00 -40.48
CA GLN K 3572 74.12 67.90 -40.92
C GLN K 3572 74.16 67.59 -42.40
N MET K 3573 73.20 66.78 -42.84
CA MET K 3573 73.12 66.35 -44.23
C MET K 3573 72.73 67.50 -45.14
N ALA K 3574 71.75 68.29 -44.70
CA ALA K 3574 71.29 69.44 -45.48
C ALA K 3574 72.34 70.54 -45.46
N LEU K 3575 73.20 70.53 -44.45
CA LEU K 3575 74.33 71.43 -44.40
C LEU K 3575 75.34 71.03 -45.45
N TYR K 3576 75.38 69.75 -45.78
CA TYR K 3576 76.31 69.24 -46.77
C TYR K 3576 75.74 69.30 -48.18
N ARG K 3577 74.49 68.90 -48.34
CA ARG K 3577 73.86 68.78 -49.66
C ARG K 3577 73.63 70.14 -50.31
N GLY K 3578 73.41 71.16 -49.48
CA GLY K 3578 73.23 72.51 -49.98
C GLY K 3578 74.58 73.13 -50.27
N LEU K 3579 75.62 72.63 -49.60
CA LEU K 3579 76.97 73.13 -49.81
C LEU K 3579 77.53 72.60 -51.12
N GLU K 3590 63.10 68.90 -62.32
CA GLU K 3590 63.75 67.77 -62.96
C GLU K 3590 64.01 66.67 -61.93
N LYS K 3591 63.58 66.93 -60.71
CA LYS K 3591 63.83 66.02 -59.61
C LYS K 3591 62.93 64.78 -59.68
N ILE K 3592 61.75 64.95 -60.26
CA ILE K 3592 60.74 63.90 -60.27
C ILE K 3592 61.14 62.71 -61.14
N VAL K 3593 61.98 62.96 -62.14
CA VAL K 3593 62.44 61.89 -63.01
C VAL K 3593 63.79 61.34 -62.54
N ARG K 3594 64.63 62.24 -62.02
CA ARG K 3594 65.97 61.88 -61.60
C ARG K 3594 65.95 60.99 -60.37
N ARG K 3595 65.00 61.26 -59.47
CA ARG K 3595 64.82 60.44 -58.28
C ARG K 3595 64.24 59.10 -58.69
N VAL K 3596 63.40 59.13 -59.72
CA VAL K 3596 62.81 57.91 -60.27
C VAL K 3596 63.87 57.10 -61.01
N GLN K 3597 64.88 57.80 -61.51
CA GLN K 3597 65.97 57.17 -62.24
C GLN K 3597 66.87 56.36 -61.30
N GLU K 3598 67.26 56.98 -60.19
CA GLU K 3598 68.21 56.37 -59.28
C GLU K 3598 67.57 55.26 -58.45
N VAL K 3599 66.25 55.34 -58.26
CA VAL K 3599 65.54 54.44 -57.36
C VAL K 3599 65.51 53.00 -57.86
N SER K 3600 65.19 52.85 -59.14
CA SER K 3600 65.08 51.52 -59.74
C SER K 3600 66.48 50.91 -59.90
N ALA K 3601 67.48 51.76 -60.00
CA ALA K 3601 68.87 51.34 -60.09
C ALA K 3601 69.29 50.68 -58.79
N VAL K 3602 68.77 51.20 -57.70
CA VAL K 3602 69.05 50.67 -56.37
C VAL K 3602 68.39 49.31 -56.22
N LEU K 3603 67.14 49.22 -56.64
CA LEU K 3603 66.36 47.99 -56.49
C LEU K 3603 66.91 46.90 -57.39
N TYR K 3604 67.46 47.30 -58.53
CA TYR K 3604 68.11 46.38 -59.43
C TYR K 3604 69.41 45.90 -58.79
N HIS K 3605 70.09 46.81 -58.12
CA HIS K 3605 71.32 46.48 -57.43
C HIS K 3605 71.00 45.67 -56.18
N LEU K 3606 69.81 45.92 -55.62
CA LEU K 3606 69.35 45.18 -54.46
C LEU K 3606 69.08 43.74 -54.84
N GLU K 3607 68.50 43.57 -56.03
CA GLU K 3607 68.24 42.25 -56.55
C GLU K 3607 69.54 41.60 -56.98
N GLN K 3608 70.50 42.42 -57.38
CA GLN K 3608 71.80 41.94 -57.85
C GLN K 3608 72.61 41.34 -56.71
N THR K 3609 72.53 41.98 -55.55
CA THR K 3609 73.26 41.53 -54.38
C THR K 3609 72.55 40.36 -53.72
N GLU K 3610 71.30 40.15 -54.08
CA GLU K 3610 70.49 39.07 -53.52
C GLU K 3610 70.97 37.72 -54.04
N LEU K 3623 68.04 10.85 -47.61
CA LEU K 3623 69.17 10.69 -48.52
C LEU K 3623 69.17 9.31 -49.16
N LEU K 3624 70.33 8.86 -49.61
CA LEU K 3624 70.45 7.55 -50.22
C LEU K 3624 70.98 6.53 -49.21
N SER K 3625 70.36 5.37 -49.18
CA SER K 3625 70.84 4.29 -48.33
C SER K 3625 72.10 3.69 -48.92
N LYS K 3626 72.78 2.88 -48.09
CA LYS K 3626 74.10 2.36 -48.45
C LYS K 3626 74.05 1.40 -49.64
N GLN K 3627 73.10 0.46 -49.66
CA GLN K 3627 72.98 -0.44 -50.79
C GLN K 3627 72.50 0.27 -52.04
N ARG K 3628 71.81 1.40 -51.89
CA ARG K 3628 71.41 2.18 -53.06
C ARG K 3628 72.63 2.77 -53.75
N ARG K 3629 73.65 3.14 -52.96
CA ARG K 3629 74.87 3.67 -53.53
C ARG K 3629 75.64 2.62 -54.34
N ARG K 3630 75.74 1.39 -53.85
CA ARG K 3630 76.39 0.38 -54.66
C ARG K 3630 75.50 -0.11 -55.78
N ALA K 3631 74.18 0.08 -55.67
CA ALA K 3631 73.29 -0.28 -56.75
C ALA K 3631 73.48 0.64 -57.95
N VAL K 3632 73.55 1.94 -57.71
CA VAL K 3632 73.67 2.88 -58.80
C VAL K 3632 75.08 2.84 -59.40
N VAL K 3633 76.06 2.36 -58.65
CA VAL K 3633 77.40 2.16 -59.20
C VAL K 3633 77.40 1.02 -60.21
N ALA K 3634 76.89 -0.14 -59.81
CA ALA K 3634 76.89 -1.30 -60.68
C ALA K 3634 75.83 -1.24 -61.75
N CYS K 3635 74.99 -0.20 -61.74
CA CYS K 3635 73.92 -0.08 -62.73
C CYS K 3635 74.47 0.20 -64.13
N PHE K 3636 75.71 0.66 -64.22
CA PHE K 3636 76.28 1.06 -65.50
C PHE K 3636 77.01 -0.06 -66.22
N ARG K 3637 77.49 -1.06 -65.48
CA ARG K 3637 78.26 -2.14 -66.08
C ARG K 3637 77.42 -3.34 -66.48
N MET K 3638 76.14 -3.11 -66.79
CA MET K 3638 75.25 -4.21 -67.14
C MET K 3638 75.54 -4.71 -68.55
N THR K 3639 75.77 -6.02 -68.64
CA THR K 3639 76.10 -6.62 -69.93
C THR K 3639 74.86 -6.69 -70.83
N PRO K 3640 75.05 -6.59 -72.14
CA PRO K 3640 73.92 -6.71 -73.07
C PRO K 3640 73.52 -8.17 -73.29
N LEU K 3641 72.40 -8.34 -73.97
CA LEU K 3641 71.82 -9.67 -74.16
C LEU K 3641 72.62 -10.51 -75.14
N TYR K 3642 73.18 -9.90 -76.19
CA TYR K 3642 73.90 -10.68 -77.18
C TYR K 3642 75.25 -11.16 -76.66
N ASN K 3643 75.74 -10.58 -75.58
CA ASN K 3643 76.92 -11.10 -74.91
C ASN K 3643 76.62 -12.33 -74.06
N LEU K 3644 75.36 -12.57 -73.72
CA LEU K 3644 75.00 -13.66 -72.85
C LEU K 3644 75.01 -14.99 -73.61
N PRO K 3645 75.26 -16.09 -72.92
CA PRO K 3645 75.02 -17.40 -73.52
C PRO K 3645 73.53 -17.62 -73.74
N THR K 3646 73.21 -18.32 -74.82
CA THR K 3646 71.85 -18.37 -75.33
C THR K 3646 70.90 -19.16 -74.42
N HIS K 3647 71.43 -20.09 -73.63
CA HIS K 3647 70.55 -20.90 -72.80
C HIS K 3647 70.02 -20.10 -71.62
N ARG K 3648 70.84 -19.22 -71.04
CA ARG K 3648 70.34 -18.34 -70.01
C ARG K 3648 69.40 -17.29 -70.59
N ALA K 3649 69.64 -16.86 -71.83
CA ALA K 3649 68.72 -15.96 -72.51
C ALA K 3649 67.35 -16.58 -72.72
N CYS K 3650 67.30 -17.88 -72.98
CA CYS K 3650 66.01 -18.55 -73.08
C CYS K 3650 65.33 -18.65 -71.73
N ASN K 3651 66.13 -18.78 -70.66
CA ASN K 3651 65.57 -18.95 -69.32
C ASN K 3651 64.81 -17.73 -68.84
N MET K 3652 65.40 -16.54 -68.99
CA MET K 3652 64.72 -15.32 -68.60
C MET K 3652 63.54 -15.00 -69.51
N PHE K 3653 63.57 -15.51 -70.74
CA PHE K 3653 62.45 -15.35 -71.66
C PHE K 3653 61.20 -16.06 -71.15
N LEU K 3654 61.35 -17.30 -70.67
CA LEU K 3654 60.20 -18.03 -70.14
C LEU K 3654 59.64 -17.37 -68.90
N GLU K 3655 60.52 -16.83 -68.05
CA GLU K 3655 60.06 -16.04 -66.92
C GLU K 3655 59.42 -14.74 -67.36
N SER K 3656 59.74 -14.28 -68.56
CA SER K 3656 59.08 -13.09 -69.09
C SER K 3656 57.82 -13.45 -69.87
N TYR K 3657 57.93 -14.44 -70.77
CA TYR K 3657 56.83 -14.74 -71.69
C TYR K 3657 55.61 -15.27 -70.99
N LYS K 3658 55.81 -16.07 -69.94
CA LYS K 3658 54.69 -16.47 -69.11
C LYS K 3658 54.12 -15.29 -68.35
N ALA K 3659 54.98 -14.36 -67.95
CA ALA K 3659 54.53 -13.25 -67.12
C ALA K 3659 53.73 -12.22 -67.89
N ALA K 3660 54.03 -12.01 -69.17
CA ALA K 3660 53.38 -10.95 -69.93
C ALA K 3660 52.35 -11.45 -70.92
N TRP K 3661 52.34 -12.74 -71.23
CA TRP K 3661 51.39 -13.24 -72.21
C TRP K 3661 50.46 -14.32 -71.66
N ILE K 3662 51.02 -15.37 -71.07
CA ILE K 3662 50.22 -16.51 -70.67
C ILE K 3662 49.42 -16.19 -69.41
N LEU K 3663 50.04 -15.49 -68.46
CA LEU K 3663 49.33 -15.10 -67.25
C LEU K 3663 48.24 -14.08 -67.56
N THR K 3664 48.48 -13.23 -68.54
CA THR K 3664 47.50 -12.20 -68.90
C THR K 3664 46.30 -12.75 -69.64
N GLU K 3665 46.35 -13.99 -70.11
CA GLU K 3665 45.31 -14.52 -70.96
C GLU K 3665 44.05 -14.85 -70.17
N ASP K 3666 42.90 -14.52 -70.74
CA ASP K 3666 41.61 -14.76 -70.12
C ASP K 3666 40.81 -15.75 -70.96
N HIS K 3667 39.94 -16.50 -70.28
CA HIS K 3667 39.06 -17.47 -70.91
C HIS K 3667 37.92 -17.78 -69.95
N SER K 3668 36.84 -18.32 -70.49
CA SER K 3668 35.62 -18.44 -69.71
C SER K 3668 35.17 -19.88 -69.59
N PHE K 3669 36.09 -20.79 -69.30
CA PHE K 3669 35.74 -22.19 -69.17
C PHE K 3669 34.96 -22.52 -67.92
N GLU K 3670 34.81 -21.57 -67.00
CA GLU K 3670 34.21 -21.88 -65.71
C GLU K 3670 32.70 -22.06 -65.80
N ASP K 3671 32.07 -21.59 -66.86
CA ASP K 3671 30.63 -21.81 -66.98
C ASP K 3671 30.32 -23.00 -67.87
N ARG K 3672 31.10 -23.20 -68.93
CA ARG K 3672 30.84 -24.31 -69.82
C ARG K 3672 31.31 -25.65 -69.25
N MET K 3673 31.84 -25.67 -68.03
CA MET K 3673 32.02 -26.93 -67.35
C MET K 3673 30.80 -27.30 -66.53
N ILE K 3674 30.29 -26.35 -65.76
CA ILE K 3674 29.34 -26.66 -64.69
C ILE K 3674 27.98 -27.07 -65.25
N ASP K 3675 27.66 -26.62 -66.47
CA ASP K 3675 26.43 -27.03 -67.13
C ASP K 3675 26.39 -28.53 -67.40
N ASP K 3676 27.44 -29.09 -67.99
CA ASP K 3676 27.41 -30.49 -68.35
C ASP K 3676 27.59 -31.38 -67.14
N LEU K 3677 28.21 -30.87 -66.07
CA LEU K 3677 28.18 -31.62 -64.82
C LEU K 3677 26.81 -31.57 -64.17
N SER K 3678 25.95 -30.63 -64.57
CA SER K 3678 24.60 -30.58 -64.04
C SER K 3678 23.60 -31.23 -64.98
N LYS K 3679 23.76 -31.06 -66.29
CA LYS K 3679 22.76 -31.56 -67.23
C LYS K 3679 22.85 -33.06 -67.47
N ALA K 3680 23.95 -33.69 -67.09
CA ALA K 3680 24.14 -35.09 -67.44
C ALA K 3680 23.38 -36.05 -66.54
N GLY K 3681 22.70 -35.54 -65.51
CA GLY K 3681 21.78 -36.38 -64.77
C GLY K 3681 20.61 -36.83 -65.63
N GLU K 3682 20.25 -36.05 -66.62
CA GLU K 3682 19.31 -36.45 -67.67
C GLU K 3682 20.00 -37.47 -68.57
N GLN K 3683 19.37 -38.63 -68.74
CA GLN K 3683 19.90 -39.68 -69.60
C GLN K 3683 18.73 -40.58 -70.00
N GLU K 3684 19.06 -41.63 -70.74
CA GLU K 3684 18.05 -42.60 -71.14
C GLU K 3684 17.82 -43.62 -70.03
N LYS K 3693 16.49 -41.27 -59.17
CA LYS K 3693 16.96 -40.82 -57.86
C LYS K 3693 18.48 -40.89 -57.77
N LYS K 3694 19.12 -41.21 -58.89
CA LYS K 3694 20.57 -41.24 -58.87
C LYS K 3694 21.13 -39.83 -58.90
N PRO K 3695 22.25 -39.60 -58.20
CA PRO K 3695 22.79 -38.24 -58.14
C PRO K 3695 23.40 -37.79 -59.45
N ASP K 3696 23.57 -36.48 -59.57
CA ASP K 3696 24.12 -35.86 -60.76
C ASP K 3696 25.64 -35.98 -60.73
N PRO K 3697 26.30 -35.77 -61.88
CA PRO K 3697 27.77 -35.70 -61.86
C PRO K 3697 28.32 -34.62 -60.97
N LEU K 3698 27.74 -33.43 -61.01
CA LEU K 3698 28.11 -32.40 -60.05
C LEU K 3698 27.71 -32.80 -58.64
N HIS K 3699 26.55 -33.43 -58.49
CA HIS K 3699 26.06 -33.79 -57.16
C HIS K 3699 26.90 -34.89 -56.54
N GLN K 3700 27.53 -35.72 -57.37
CA GLN K 3700 28.49 -36.68 -56.83
C GLN K 3700 29.72 -35.98 -56.28
N LEU K 3701 30.12 -34.89 -56.92
CA LEU K 3701 31.40 -34.25 -56.59
C LEU K 3701 31.35 -33.59 -55.23
N VAL K 3702 30.31 -32.80 -54.95
CA VAL K 3702 30.28 -32.10 -53.67
C VAL K 3702 29.89 -33.06 -52.55
N LEU K 3703 29.36 -34.22 -52.89
CA LEU K 3703 29.24 -35.26 -51.87
C LEU K 3703 30.61 -35.78 -51.47
N HIS K 3704 31.52 -35.91 -52.44
CA HIS K 3704 32.84 -36.44 -52.14
C HIS K 3704 33.66 -35.44 -51.35
N PHE K 3705 33.55 -34.15 -51.67
CA PHE K 3705 34.21 -33.14 -50.88
C PHE K 3705 33.62 -33.01 -49.50
N SER K 3706 32.34 -33.33 -49.34
CA SER K 3706 31.77 -33.37 -48.01
C SER K 3706 32.33 -34.52 -47.20
N ARG K 3707 32.58 -35.67 -47.85
CA ARG K 3707 33.05 -36.84 -47.13
C ARG K 3707 34.48 -36.65 -46.63
N THR K 3708 35.32 -35.96 -47.39
CA THR K 3708 36.67 -35.73 -46.92
C THR K 3708 36.75 -34.64 -45.87
N ALA K 3709 35.65 -33.93 -45.63
CA ALA K 3709 35.67 -32.91 -44.59
C ALA K 3709 35.15 -33.43 -43.27
N LEU K 3710 34.68 -34.68 -43.21
CA LEU K 3710 34.09 -35.21 -42.01
C LEU K 3710 34.95 -36.25 -41.32
N THR K 3711 36.03 -36.70 -41.96
CA THR K 3711 36.92 -37.65 -41.33
C THR K 3711 37.71 -36.98 -40.21
N GLU K 3712 37.87 -37.69 -39.10
CA GLU K 3712 38.47 -37.11 -37.91
C GLU K 3712 39.97 -36.95 -38.13
N LYS K 3713 40.40 -35.71 -38.33
CA LYS K 3713 41.82 -35.39 -38.38
C LYS K 3713 42.01 -34.10 -37.58
N SER K 3714 43.21 -33.94 -37.03
CA SER K 3714 43.49 -32.76 -36.24
C SER K 3714 43.56 -31.52 -37.12
N LYS K 3715 44.38 -31.55 -38.15
CA LYS K 3715 44.52 -30.41 -39.04
C LYS K 3715 43.73 -30.68 -40.31
N LEU K 3716 43.62 -29.64 -41.13
CA LEU K 3716 42.94 -29.71 -42.41
C LEU K 3716 43.99 -29.62 -43.51
N ASP K 3717 44.29 -30.75 -44.12
CA ASP K 3717 45.33 -30.84 -45.13
C ASP K 3717 44.98 -30.03 -46.37
N GLU K 3718 45.98 -29.30 -46.87
CA GLU K 3718 45.78 -28.39 -47.97
C GLU K 3718 45.73 -29.15 -49.28
N ASP K 3719 44.53 -29.47 -49.75
CA ASP K 3719 44.34 -30.09 -51.05
C ASP K 3719 44.34 -29.01 -52.12
N TYR K 3720 45.18 -29.18 -53.13
CA TYR K 3720 45.14 -28.26 -54.25
C TYR K 3720 43.96 -28.54 -55.16
N LEU K 3721 43.47 -29.78 -55.18
CA LEU K 3721 42.37 -30.13 -56.06
C LEU K 3721 41.07 -29.49 -55.63
N TYR K 3722 40.80 -29.49 -54.32
CA TYR K 3722 39.60 -28.84 -53.81
C TYR K 3722 39.65 -27.33 -54.03
N MET K 3723 40.83 -26.73 -53.90
CA MET K 3723 40.96 -25.32 -54.21
C MET K 3723 40.85 -25.07 -55.70
N ALA K 3724 41.18 -26.08 -56.51
CA ALA K 3724 40.98 -25.93 -57.95
C ALA K 3724 39.51 -26.01 -58.31
N TYR K 3725 38.68 -26.60 -57.47
CA TYR K 3725 37.25 -26.64 -57.73
C TYR K 3725 36.47 -25.66 -56.90
N ALA K 3726 37.10 -25.05 -55.90
CA ALA K 3726 36.38 -24.09 -55.08
C ALA K 3726 36.12 -22.81 -55.87
N ASP K 3727 37.09 -22.36 -56.67
CA ASP K 3727 36.91 -21.14 -57.42
C ASP K 3727 36.04 -21.34 -58.65
N ILE K 3728 36.07 -22.53 -59.25
CA ILE K 3728 35.29 -22.78 -60.46
C ILE K 3728 33.81 -22.76 -60.16
N MET K 3729 33.42 -23.38 -59.05
CA MET K 3729 32.04 -23.24 -58.61
C MET K 3729 31.75 -21.84 -58.08
N ALA K 3730 32.76 -21.11 -57.63
CA ALA K 3730 32.52 -19.75 -57.18
C ALA K 3730 32.26 -18.81 -58.35
N LYS K 3731 32.96 -19.02 -59.47
CA LYS K 3731 32.78 -18.18 -60.64
C LYS K 3731 31.52 -18.49 -61.42
N SER K 3732 30.71 -19.45 -60.98
CA SER K 3732 29.46 -19.72 -61.68
C SER K 3732 28.38 -18.70 -61.33
N CYS K 3733 28.62 -17.88 -60.30
CA CYS K 3733 27.66 -16.87 -59.92
C CYS K 3733 28.18 -15.45 -60.12
N HIS K 3734 29.49 -15.28 -60.32
CA HIS K 3734 30.07 -13.96 -60.50
C HIS K 3734 29.83 -13.39 -61.88
N LEU K 3735 29.34 -14.19 -62.82
CA LEU K 3735 28.93 -13.65 -64.12
C LEU K 3735 27.70 -12.75 -63.95
N GLU K 3736 26.84 -13.08 -63.00
CA GLU K 3736 25.69 -12.26 -62.67
C GLU K 3736 25.92 -11.40 -61.44
N GLU K 3737 27.01 -11.61 -60.71
CA GLU K 3737 27.31 -10.81 -59.53
C GLU K 3737 28.20 -9.61 -59.89
N GLU K 3750 22.33 3.76 -66.55
CA GLU K 3750 20.88 3.76 -66.36
C GLU K 3750 20.28 2.43 -66.77
N VAL K 3751 19.63 1.76 -65.82
CA VAL K 3751 19.03 0.46 -66.06
C VAL K 3751 17.52 0.56 -65.92
N SER K 3752 16.82 -0.37 -66.56
CA SER K 3752 15.38 -0.47 -66.48
C SER K 3752 15.00 -1.21 -65.21
N PHE K 3753 13.70 -1.49 -65.06
CA PHE K 3753 13.24 -2.25 -63.90
C PHE K 3753 13.26 -3.74 -64.19
N GLU K 3754 12.75 -4.14 -65.35
CA GLU K 3754 12.65 -5.56 -65.67
C GLU K 3754 14.02 -6.18 -65.94
N GLU K 3755 14.91 -5.46 -66.64
CA GLU K 3755 16.15 -6.07 -67.12
C GLU K 3755 17.12 -6.35 -65.99
N LYS K 3756 16.97 -5.68 -64.84
CA LYS K 3756 17.80 -6.05 -63.72
C LYS K 3756 17.23 -7.21 -62.94
N GLU K 3757 15.92 -7.48 -63.08
CA GLU K 3757 15.33 -8.63 -62.41
C GLU K 3757 15.78 -9.94 -63.05
N MET K 3758 15.86 -9.98 -64.37
CA MET K 3758 16.45 -11.13 -65.03
C MET K 3758 17.94 -11.23 -64.78
N GLU K 3759 18.62 -10.10 -64.58
CA GLU K 3759 19.98 -10.15 -64.07
C GLU K 3759 20.01 -10.59 -62.63
N LYS K 3760 18.93 -10.35 -61.88
CA LYS K 3760 18.84 -10.90 -60.54
C LYS K 3760 18.46 -12.38 -60.57
N GLN K 3761 17.41 -12.74 -61.31
CA GLN K 3761 16.90 -14.10 -61.24
C GLN K 3761 17.80 -15.11 -61.90
N ARG K 3762 18.63 -14.71 -62.86
CA ARG K 3762 19.59 -15.66 -63.41
C ARG K 3762 20.68 -15.96 -62.39
N LEU K 3763 20.88 -15.07 -61.42
CA LEU K 3763 21.77 -15.39 -60.33
C LEU K 3763 21.10 -16.34 -59.35
N LEU K 3764 19.78 -16.23 -59.17
CA LEU K 3764 19.11 -17.25 -58.37
C LEU K 3764 18.99 -18.58 -59.11
N TYR K 3765 19.16 -18.59 -60.42
CA TYR K 3765 19.22 -19.86 -61.13
C TYR K 3765 20.53 -20.57 -60.84
N GLN K 3766 21.64 -19.85 -60.98
CA GLN K 3766 22.94 -20.45 -60.73
C GLN K 3766 23.16 -20.72 -59.25
N GLN K 3767 22.51 -19.94 -58.38
CA GLN K 3767 22.56 -20.28 -56.97
C GLN K 3767 21.74 -21.52 -56.66
N SER K 3768 20.69 -21.75 -57.42
CA SER K 3768 19.93 -22.98 -57.24
C SER K 3768 20.68 -24.18 -57.80
N ARG K 3769 21.51 -23.96 -58.83
CA ARG K 3769 22.23 -25.04 -59.46
C ARG K 3769 23.30 -25.64 -58.55
N LEU K 3770 23.72 -24.90 -57.52
CA LEU K 3770 24.61 -25.48 -56.53
C LEU K 3770 23.88 -25.97 -55.30
N HIS K 3771 23.08 -25.13 -54.66
CA HIS K 3771 22.63 -25.44 -53.31
C HIS K 3771 21.47 -26.40 -53.23
N THR K 3772 20.88 -26.80 -54.36
CA THR K 3772 20.00 -27.96 -54.28
C THR K 3772 20.77 -29.25 -54.40
N ARG K 3773 22.02 -29.17 -54.83
CA ARG K 3773 22.90 -30.34 -54.84
C ARG K 3773 23.69 -30.47 -53.55
N GLY K 3774 23.29 -29.77 -52.49
CA GLY K 3774 23.99 -29.88 -51.23
C GLY K 3774 25.26 -29.07 -51.13
N ALA K 3775 25.37 -27.97 -51.87
CA ALA K 3775 26.55 -27.13 -51.78
C ALA K 3775 26.56 -26.27 -50.52
N ALA K 3776 25.43 -26.15 -49.84
CA ALA K 3776 25.36 -25.24 -48.70
C ALA K 3776 26.02 -25.83 -47.47
N GLU K 3777 25.93 -27.12 -47.28
CA GLU K 3777 26.49 -27.72 -46.07
C GLU K 3777 27.91 -28.17 -46.24
N MET K 3778 28.39 -28.31 -47.48
CA MET K 3778 29.80 -28.54 -47.70
C MET K 3778 30.61 -27.34 -47.24
N VAL K 3779 30.14 -26.13 -47.55
CA VAL K 3779 30.89 -24.95 -47.17
C VAL K 3779 30.69 -24.64 -45.69
N LEU K 3780 29.71 -25.28 -45.07
CA LEU K 3780 29.55 -25.12 -43.64
C LEU K 3780 30.34 -26.15 -42.85
N GLN K 3781 30.63 -27.29 -43.45
CA GLN K 3781 31.38 -28.31 -42.72
C GLN K 3781 32.86 -27.98 -42.65
N MET K 3782 33.44 -27.48 -43.73
CA MET K 3782 34.88 -27.27 -43.79
C MET K 3782 35.35 -26.10 -42.95
N ILE K 3783 34.46 -25.17 -42.59
CA ILE K 3783 34.84 -24.19 -41.61
C ILE K 3783 34.96 -24.84 -40.24
N SER K 3784 34.11 -25.82 -39.96
CA SER K 3784 34.28 -26.59 -38.73
C SER K 3784 35.47 -27.51 -38.82
N ALA K 3785 35.86 -27.91 -40.03
CA ALA K 3785 37.03 -28.73 -40.22
C ALA K 3785 38.31 -27.93 -40.29
N CYS K 3786 38.22 -26.61 -40.38
CA CYS K 3786 39.41 -25.79 -40.24
C CYS K 3786 39.93 -25.77 -38.81
N LYS K 3787 39.04 -25.46 -37.87
CA LYS K 3787 39.37 -25.22 -36.46
C LYS K 3787 40.45 -24.15 -36.31
N GLY K 3788 40.35 -23.09 -37.11
CA GLY K 3788 41.13 -21.91 -36.86
C GLY K 3788 42.39 -21.77 -37.66
N GLU K 3789 42.77 -22.76 -38.44
CA GLU K 3789 44.01 -22.72 -39.19
C GLU K 3789 43.81 -21.81 -40.39
N THR K 3790 44.20 -20.55 -40.26
CA THR K 3790 43.96 -19.55 -41.31
C THR K 3790 44.90 -19.73 -42.51
N GLY K 3791 44.67 -20.83 -43.22
CA GLY K 3791 45.51 -21.19 -44.35
C GLY K 3791 44.94 -20.70 -45.67
N ALA K 3792 45.37 -21.36 -46.73
CA ALA K 3792 44.94 -20.98 -48.06
C ALA K 3792 43.61 -21.58 -48.45
N MET K 3793 43.20 -22.68 -47.83
CA MET K 3793 41.91 -23.29 -48.16
C MET K 3793 40.76 -22.47 -47.64
N VAL K 3794 40.85 -21.93 -46.43
CA VAL K 3794 39.76 -21.11 -45.91
C VAL K 3794 39.68 -19.78 -46.60
N SER K 3795 40.70 -19.37 -47.35
CA SER K 3795 40.49 -18.32 -48.33
C SER K 3795 39.59 -18.81 -49.45
N SER K 3796 39.93 -19.95 -50.04
CA SER K 3796 39.20 -20.41 -51.20
C SER K 3796 37.84 -21.00 -50.84
N THR K 3797 37.60 -21.33 -49.58
CA THR K 3797 36.26 -21.81 -49.26
C THR K 3797 35.30 -20.68 -48.97
N LEU K 3798 35.81 -19.47 -48.72
CA LEU K 3798 34.87 -18.40 -48.38
C LEU K 3798 34.38 -17.68 -49.62
N LYS K 3799 35.18 -17.66 -50.68
CA LYS K 3799 34.71 -17.09 -51.93
C LYS K 3799 33.59 -17.91 -52.54
N LEU K 3800 33.56 -19.22 -52.26
CA LEU K 3800 32.39 -20.00 -52.62
C LEU K 3800 31.23 -19.69 -51.69
N GLY K 3801 31.52 -19.43 -50.41
CA GLY K 3801 30.45 -19.16 -49.47
C GLY K 3801 29.78 -17.83 -49.71
N ILE K 3802 30.48 -16.89 -50.32
CA ILE K 3802 29.85 -15.63 -50.68
C ILE K 3802 28.99 -15.79 -51.93
N SER K 3803 29.51 -16.47 -52.96
CA SER K 3803 28.81 -16.55 -54.23
C SER K 3803 27.58 -17.45 -54.17
N ILE K 3804 27.35 -18.15 -53.06
CA ILE K 3804 26.07 -18.79 -52.84
C ILE K 3804 25.13 -17.86 -52.09
N LEU K 3805 25.64 -17.14 -51.09
CA LEU K 3805 24.80 -16.24 -50.31
C LEU K 3805 24.89 -14.80 -50.78
N ASN K 3806 25.36 -14.57 -52.00
CA ASN K 3806 25.38 -13.21 -52.53
C ASN K 3806 23.96 -12.75 -52.84
N GLY K 3807 23.72 -11.45 -52.70
CA GLY K 3807 22.41 -10.90 -52.94
C GLY K 3807 21.40 -11.17 -51.85
N GLY K 3808 21.76 -11.87 -50.78
CA GLY K 3808 20.84 -12.15 -49.72
C GLY K 3808 19.81 -13.19 -50.08
N ASN K 3809 20.26 -14.38 -50.47
CA ASN K 3809 19.35 -15.47 -50.71
C ASN K 3809 18.75 -15.94 -49.39
N ALA K 3810 17.52 -16.44 -49.45
CA ALA K 3810 16.79 -16.79 -48.24
C ALA K 3810 16.92 -18.24 -47.84
N GLU K 3811 16.64 -19.17 -48.76
CA GLU K 3811 16.53 -20.57 -48.37
C GLU K 3811 17.88 -21.23 -48.11
N VAL K 3812 18.98 -20.62 -48.56
CA VAL K 3812 20.27 -21.15 -48.16
C VAL K 3812 20.52 -20.90 -46.68
N GLN K 3813 19.94 -19.83 -46.14
CA GLN K 3813 20.00 -19.63 -44.70
C GLN K 3813 19.08 -20.62 -43.99
N GLN K 3814 17.95 -20.94 -44.60
CA GLN K 3814 17.09 -21.95 -44.01
C GLN K 3814 17.66 -23.34 -44.23
N LYS K 3815 18.54 -23.50 -45.21
CA LYS K 3815 19.30 -24.74 -45.31
C LYS K 3815 20.50 -24.73 -44.39
N MET K 3816 20.77 -23.61 -43.71
CA MET K 3816 21.93 -23.56 -42.84
C MET K 3816 21.56 -23.55 -41.36
N LEU K 3817 20.40 -22.99 -41.00
CA LEU K 3817 20.06 -22.93 -39.59
C LEU K 3817 19.72 -24.30 -39.03
N ASP K 3818 18.94 -25.08 -39.79
CA ASP K 3818 18.61 -26.44 -39.40
C ASP K 3818 19.84 -27.33 -39.28
N TYR K 3819 20.85 -27.11 -40.12
CA TYR K 3819 22.07 -27.89 -40.03
C TYR K 3819 22.83 -27.58 -38.75
N LEU K 3820 22.76 -26.35 -38.27
CA LEU K 3820 23.37 -26.02 -36.99
C LEU K 3820 22.44 -26.26 -35.82
N LYS K 3821 21.26 -26.80 -36.06
CA LYS K 3821 20.33 -27.09 -34.98
C LYS K 3821 20.06 -28.57 -34.79
N ASP K 3822 20.17 -29.38 -35.84
CA ASP K 3822 20.10 -30.82 -35.62
C ASP K 3822 21.43 -31.40 -35.18
N LYS K 3823 22.54 -30.74 -35.50
CA LYS K 3823 23.85 -31.31 -35.20
C LYS K 3823 24.37 -30.86 -33.86
N LYS K 3824 23.94 -29.68 -33.39
CA LYS K 3824 24.49 -28.99 -32.22
C LYS K 3824 26.00 -28.84 -32.31
N GLU K 3825 26.49 -28.51 -33.50
CA GLU K 3825 27.91 -28.60 -33.81
C GLU K 3825 28.64 -27.40 -33.21
N VAL K 3826 28.98 -27.49 -31.93
CA VAL K 3826 29.99 -26.61 -31.38
C VAL K 3826 31.32 -27.00 -32.00
N GLY K 3827 32.01 -26.00 -32.52
CA GLY K 3827 33.22 -26.24 -33.27
C GLY K 3827 33.21 -25.42 -34.53
N PHE K 3828 32.03 -25.23 -35.08
CA PHE K 3828 31.85 -24.20 -36.09
C PHE K 3828 32.10 -22.82 -35.50
N PHE K 3829 31.31 -22.47 -34.49
CA PHE K 3829 31.35 -21.17 -33.88
C PHE K 3829 32.67 -20.89 -33.17
N GLN K 3830 33.31 -21.93 -32.64
CA GLN K 3830 34.65 -21.74 -32.11
C GLN K 3830 35.66 -21.48 -33.19
N SER K 3831 35.55 -22.16 -34.33
CA SER K 3831 36.43 -21.87 -35.44
C SER K 3831 36.11 -20.51 -36.06
N ILE K 3832 34.87 -20.07 -35.96
CA ILE K 3832 34.53 -18.71 -36.31
C ILE K 3832 35.25 -17.75 -35.37
N GLN K 3833 35.22 -18.02 -34.07
CA GLN K 3833 35.86 -17.16 -33.10
C GLN K 3833 37.38 -17.20 -33.23
N ALA K 3834 37.91 -18.34 -33.68
CA ALA K 3834 39.35 -18.44 -33.85
C ALA K 3834 39.87 -17.60 -35.01
N LEU K 3835 39.17 -17.63 -36.15
CA LEU K 3835 39.58 -16.79 -37.27
C LEU K 3835 39.41 -15.30 -36.98
N MET K 3836 38.51 -14.94 -36.07
CA MET K 3836 38.28 -13.54 -35.77
C MET K 3836 39.47 -12.90 -35.08
N GLN K 3837 40.08 -13.60 -34.12
CA GLN K 3837 41.18 -13.00 -33.37
C GLN K 3837 42.47 -12.95 -34.18
N THR K 3838 42.63 -13.83 -35.16
CA THR K 3838 43.83 -13.81 -35.99
C THR K 3838 43.61 -12.95 -37.23
N CYS K 3839 43.13 -11.74 -37.02
CA CYS K 3839 42.97 -10.75 -38.06
C CYS K 3839 43.93 -9.62 -37.80
N SER K 3840 44.86 -9.41 -38.71
CA SER K 3840 45.88 -8.39 -38.55
C SER K 3840 45.27 -7.00 -38.62
N VAL K 3841 45.90 -6.05 -37.96
CA VAL K 3841 45.48 -4.67 -37.95
C VAL K 3841 46.67 -3.81 -38.33
N LEU K 3842 46.49 -2.49 -38.30
CA LEU K 3842 47.59 -1.55 -38.58
C LEU K 3842 48.63 -1.67 -37.50
N ASP K 3843 49.88 -1.89 -37.87
CA ASP K 3843 50.93 -1.85 -36.88
C ASP K 3843 51.75 -0.58 -37.02
N LEU K 3844 52.69 -0.40 -36.10
CA LEU K 3844 53.65 0.69 -36.20
C LEU K 3844 55.09 0.20 -36.13
N ASN K 3845 55.32 -1.06 -36.47
CA ASN K 3845 56.68 -1.59 -36.45
C ASN K 3845 57.13 -2.16 -37.78
N ALA K 3846 56.33 -3.04 -38.38
CA ALA K 3846 56.65 -3.55 -39.71
C ALA K 3846 56.40 -2.53 -40.79
N PHE K 3847 55.65 -1.48 -40.47
CA PHE K 3847 55.37 -0.40 -41.41
C PHE K 3847 56.65 0.30 -41.83
N GLU K 3848 57.49 0.67 -40.88
CA GLU K 3848 58.78 1.25 -41.24
C GLU K 3848 59.78 0.20 -41.68
N ARG K 3849 59.56 -1.07 -41.30
CA ARG K 3849 60.37 -2.13 -41.87
C ARG K 3849 60.15 -2.23 -43.36
N GLN K 3850 58.89 -2.14 -43.79
CA GLN K 3850 58.58 -2.02 -45.21
C GLN K 3850 59.18 -0.75 -45.80
N ASN K 3851 59.15 0.34 -45.03
CA ASN K 3851 59.64 1.61 -45.55
C ASN K 3851 61.15 1.59 -45.69
N LYS K 3852 61.86 1.00 -44.74
CA LYS K 3852 63.29 0.82 -44.90
C LYS K 3852 63.61 -0.19 -45.99
N ALA K 3853 62.75 -1.19 -46.15
CA ALA K 3853 62.86 -2.06 -47.31
C ALA K 3853 62.57 -1.33 -48.59
N GLU K 3854 61.69 -0.33 -48.55
CA GLU K 3854 61.34 0.43 -49.75
C GLU K 3854 62.47 1.35 -50.20
N GLY K 3855 63.52 1.51 -49.40
CA GLY K 3855 64.67 2.29 -49.83
C GLY K 3855 65.59 1.59 -50.80
N LEU K 3856 65.25 0.37 -51.19
CA LEU K 3856 66.05 -0.41 -52.13
C LEU K 3856 65.17 -0.70 -53.35
N GLY K 3857 65.69 -0.40 -54.53
CA GLY K 3857 64.88 -0.53 -55.74
C GLY K 3857 65.34 -1.64 -56.68
N MET K 3858 66.64 -1.89 -56.74
CA MET K 3858 67.18 -2.92 -57.60
C MET K 3858 68.41 -3.52 -56.93
N VAL K 3859 68.47 -4.83 -56.87
CA VAL K 3859 69.51 -5.53 -56.15
C VAL K 3859 70.64 -5.87 -57.12
N ASN K 3860 71.86 -5.95 -56.59
CA ASN K 3860 73.08 -6.17 -57.35
C ASN K 3860 73.07 -7.51 -58.07
N GLU K 3861 73.98 -7.61 -59.05
CA GLU K 3861 74.31 -8.84 -59.78
C GLU K 3861 73.12 -9.38 -60.56
N ASP K 3862 72.56 -8.53 -61.43
CA ASP K 3862 71.60 -8.89 -62.49
C ASP K 3862 70.30 -9.44 -61.91
N GLY K 3863 70.02 -9.06 -60.67
CA GLY K 3863 68.79 -9.46 -60.03
C GLY K 3863 67.85 -8.30 -59.92
N THR K 3864 66.56 -8.58 -59.78
CA THR K 3864 65.58 -7.52 -59.57
C THR K 3864 64.89 -7.73 -58.23
N VAL K 3865 64.68 -6.64 -57.50
CA VAL K 3865 63.90 -6.71 -56.28
C VAL K 3865 62.45 -6.96 -56.64
N ILE K 3866 61.99 -8.17 -56.40
CA ILE K 3866 60.60 -8.51 -56.69
C ILE K 3866 59.74 -7.86 -55.62
N ASN K 3867 59.10 -6.75 -55.96
CA ASN K 3867 58.29 -6.01 -55.01
C ASN K 3867 57.02 -6.75 -54.62
N ARG K 3868 56.60 -7.73 -55.41
CA ARG K 3868 55.49 -8.60 -55.02
C ARG K 3868 55.93 -9.72 -54.10
N GLN K 3869 57.23 -10.04 -54.07
CA GLN K 3869 57.73 -11.06 -53.16
C GLN K 3869 57.65 -10.58 -51.72
N ASN K 3870 58.17 -9.39 -51.45
CA ASN K 3870 57.91 -8.74 -50.16
C ASN K 3870 56.44 -8.36 -50.05
N GLY K 3871 55.89 -7.73 -51.09
CA GLY K 3871 54.49 -7.36 -51.11
C GLY K 3871 54.19 -6.31 -50.06
N GLU K 3872 53.07 -6.50 -49.38
CA GLU K 3872 52.74 -5.70 -48.21
C GLU K 3872 52.93 -6.57 -46.98
N LYS K 3873 54.02 -6.35 -46.25
CA LYS K 3873 54.22 -7.05 -44.99
C LYS K 3873 53.23 -6.58 -43.94
N VAL K 3874 52.77 -5.35 -44.06
CA VAL K 3874 51.74 -4.81 -43.18
C VAL K 3874 50.36 -5.08 -43.77
N MET K 3875 49.55 -5.80 -42.98
CA MET K 3875 48.16 -6.14 -43.31
C MET K 3875 48.03 -6.86 -44.65
N ALA K 3876 48.77 -7.95 -44.80
CA ALA K 3876 48.53 -8.86 -45.91
C ALA K 3876 47.33 -9.75 -45.65
N ASP K 3877 46.78 -9.69 -44.44
CA ASP K 3877 45.58 -10.40 -44.02
C ASP K 3877 44.30 -9.70 -44.47
N ASP K 3878 44.44 -8.61 -45.22
CA ASP K 3878 43.38 -7.64 -45.48
C ASP K 3878 42.18 -8.23 -46.21
N GLU K 3879 42.40 -8.76 -47.41
CA GLU K 3879 41.29 -9.19 -48.26
C GLU K 3879 40.63 -10.43 -47.69
N PHE K 3880 41.38 -11.22 -46.93
CA PHE K 3880 40.77 -12.36 -46.27
C PHE K 3880 39.86 -11.92 -45.13
N THR K 3881 40.37 -11.06 -44.24
CA THR K 3881 39.56 -10.67 -43.09
C THR K 3881 38.41 -9.76 -43.47
N GLN K 3882 38.49 -9.10 -44.61
CA GLN K 3882 37.33 -8.43 -45.16
C GLN K 3882 36.32 -9.42 -45.67
N ASP K 3883 36.80 -10.54 -46.21
CA ASP K 3883 35.93 -11.50 -46.85
C ASP K 3883 35.13 -12.29 -45.82
N LEU K 3884 35.64 -12.43 -44.61
CA LEU K 3884 34.92 -13.18 -43.60
C LEU K 3884 33.74 -12.39 -43.07
N PHE K 3885 33.94 -11.10 -42.80
CA PHE K 3885 32.85 -10.25 -42.40
C PHE K 3885 31.84 -10.05 -43.52
N ARG K 3886 32.30 -10.02 -44.77
CA ARG K 3886 31.38 -9.98 -45.90
C ARG K 3886 30.57 -11.27 -45.99
N PHE K 3887 31.19 -12.40 -45.66
CA PHE K 3887 30.41 -13.62 -45.45
C PHE K 3887 29.49 -13.46 -44.25
N LEU K 3888 30.02 -12.92 -43.15
CA LEU K 3888 29.23 -12.78 -41.94
C LEU K 3888 28.09 -11.78 -42.08
N GLN K 3889 28.25 -10.77 -42.93
CA GLN K 3889 27.15 -9.87 -43.21
C GLN K 3889 26.03 -10.60 -43.92
N LEU K 3890 26.37 -11.52 -44.81
CA LEU K 3890 25.40 -12.17 -45.67
C LEU K 3890 24.65 -13.30 -44.99
N LEU K 3891 24.84 -13.51 -43.70
CA LEU K 3891 24.04 -14.53 -43.02
C LEU K 3891 22.75 -13.96 -42.46
N CYS K 3892 22.67 -12.64 -42.30
CA CYS K 3892 21.44 -11.99 -41.85
C CYS K 3892 21.07 -10.84 -42.78
N GLU K 3893 21.20 -11.07 -44.09
CA GLU K 3893 20.89 -10.01 -45.05
C GLU K 3893 19.40 -9.77 -45.17
N GLY K 3894 18.61 -10.84 -45.22
CA GLY K 3894 17.17 -10.69 -45.29
C GLY K 3894 16.51 -10.48 -43.96
N HIS K 3895 17.30 -10.05 -42.95
CA HIS K 3895 16.84 -9.73 -41.60
C HIS K 3895 16.20 -10.95 -40.94
N ASN K 3896 16.78 -12.12 -41.20
CA ASN K 3896 16.26 -13.38 -40.70
C ASN K 3896 16.44 -13.44 -39.20
N ASN K 3897 15.36 -13.19 -38.47
CA ASN K 3897 15.43 -12.87 -37.05
C ASN K 3897 15.93 -14.01 -36.18
N ASP K 3898 15.79 -15.25 -36.66
CA ASP K 3898 16.35 -16.39 -35.96
C ASP K 3898 17.87 -16.35 -35.87
N PHE K 3899 18.57 -15.92 -36.92
CA PHE K 3899 20.02 -15.78 -36.85
C PHE K 3899 20.43 -14.63 -35.94
N GLN K 3900 19.59 -13.60 -35.84
CA GLN K 3900 19.78 -12.60 -34.83
C GLN K 3900 19.66 -13.16 -33.42
N ASN K 3901 18.91 -14.24 -33.23
CA ASN K 3901 18.92 -14.90 -31.94
C ASN K 3901 19.77 -16.15 -31.94
N TYR K 3902 20.40 -16.48 -33.07
CA TYR K 3902 21.31 -17.61 -33.07
C TYR K 3902 22.75 -17.15 -32.90
N LEU K 3903 23.12 -16.04 -33.54
CA LEU K 3903 24.50 -15.60 -33.53
C LEU K 3903 24.92 -15.00 -32.21
N ARG K 3904 24.00 -14.77 -31.28
CA ARG K 3904 24.42 -14.40 -29.95
C ARG K 3904 24.16 -15.53 -28.97
N THR K 3905 23.34 -16.50 -29.35
CA THR K 3905 23.02 -17.61 -28.46
C THR K 3905 22.75 -18.86 -29.29
N GLN K 3906 23.60 -19.86 -29.14
CA GLN K 3906 23.36 -21.17 -29.73
C GLN K 3906 22.64 -21.99 -28.68
N THR K 3907 21.36 -21.69 -28.49
CA THR K 3907 20.60 -22.21 -27.35
C THR K 3907 20.40 -23.73 -27.38
N GLY K 3908 20.44 -24.35 -28.56
CA GLY K 3908 20.36 -25.79 -28.61
C GLY K 3908 21.67 -26.43 -28.20
N ASN K 3909 22.76 -25.71 -28.44
CA ASN K 3909 24.10 -26.20 -28.17
C ASN K 3909 24.39 -26.18 -26.67
N THR K 3910 25.55 -26.71 -26.32
CA THR K 3910 25.96 -26.69 -24.92
C THR K 3910 26.60 -25.37 -24.54
N THR K 3911 27.31 -24.74 -25.48
CA THR K 3911 28.19 -23.63 -25.17
C THR K 3911 27.97 -22.51 -26.19
N THR K 3912 27.50 -21.37 -25.72
CA THR K 3912 27.33 -20.20 -26.57
C THR K 3912 28.68 -19.55 -26.83
N ILE K 3913 28.75 -18.80 -27.92
CA ILE K 3913 29.96 -18.06 -28.28
C ILE K 3913 29.69 -16.56 -28.33
N ASN K 3914 28.54 -16.16 -28.87
CA ASN K 3914 28.12 -14.77 -29.03
C ASN K 3914 29.11 -13.98 -29.88
N ILE K 3915 29.13 -14.37 -31.16
CA ILE K 3915 29.95 -13.73 -32.20
C ILE K 3915 29.70 -12.25 -32.30
N ILE K 3916 28.48 -11.81 -32.00
CA ILE K 3916 28.14 -10.40 -31.92
C ILE K 3916 29.05 -9.66 -30.96
N ILE K 3917 29.30 -10.24 -29.79
CA ILE K 3917 30.28 -9.67 -28.89
C ILE K 3917 31.69 -9.81 -29.47
N CYS K 3918 31.96 -10.94 -30.11
CA CYS K 3918 33.27 -11.14 -30.74
C CYS K 3918 33.48 -10.23 -31.93
N THR K 3919 32.41 -9.74 -32.55
CA THR K 3919 32.56 -8.76 -33.61
C THR K 3919 32.92 -7.40 -33.04
N VAL K 3920 32.43 -7.10 -31.83
CA VAL K 3920 32.78 -5.86 -31.18
C VAL K 3920 34.25 -5.83 -30.81
N ASP K 3921 34.80 -6.96 -30.38
CA ASP K 3921 36.14 -6.96 -29.82
C ASP K 3921 37.20 -6.84 -30.90
N TYR K 3922 36.89 -7.30 -32.12
CA TYR K 3922 37.81 -7.02 -33.21
C TYR K 3922 37.78 -5.54 -33.56
N LEU K 3923 36.61 -4.94 -33.48
CA LEU K 3923 36.44 -3.53 -33.82
C LEU K 3923 37.22 -2.63 -32.88
N LEU K 3924 37.24 -2.96 -31.59
CA LEU K 3924 38.03 -2.21 -30.63
C LEU K 3924 39.52 -2.35 -30.90
N ARG K 3925 39.96 -3.57 -31.22
CA ARG K 3925 41.34 -3.79 -31.61
C ARG K 3925 41.67 -3.07 -32.91
N LEU K 3926 40.69 -2.93 -33.79
CA LEU K 3926 40.89 -2.07 -34.95
C LEU K 3926 40.93 -0.62 -34.54
N GLN K 3927 40.20 -0.25 -33.49
CA GLN K 3927 39.99 1.15 -33.16
C GLN K 3927 41.26 1.80 -32.63
N GLU K 3928 41.95 1.13 -31.72
CA GLU K 3928 43.23 1.68 -31.28
C GLU K 3928 44.28 1.60 -32.37
N SER K 3929 44.20 0.60 -33.23
CA SER K 3929 45.19 0.39 -34.26
C SER K 3929 45.11 1.46 -35.34
N ILE K 3930 43.92 1.98 -35.59
CA ILE K 3930 43.82 3.08 -36.52
C ILE K 3930 44.15 4.39 -35.84
N SER K 3931 43.89 4.49 -34.53
CA SER K 3931 44.11 5.75 -33.83
C SER K 3931 45.60 6.01 -33.62
N ASP K 3932 46.37 4.95 -33.38
CA ASP K 3932 47.80 5.16 -33.22
C ASP K 3932 48.47 5.40 -34.57
N PHE K 3933 47.82 5.01 -35.66
CA PHE K 3933 48.33 5.42 -36.96
C PHE K 3933 48.12 6.90 -37.19
N TYR K 3934 47.15 7.50 -36.50
CA TYR K 3934 46.98 8.94 -36.60
C TYR K 3934 48.08 9.66 -35.84
N TRP K 3935 48.48 9.14 -34.68
CA TRP K 3935 49.46 9.82 -33.85
C TRP K 3935 50.85 9.79 -34.46
N TYR K 3936 51.15 8.80 -35.28
CA TYR K 3936 52.41 8.83 -36.01
C TYR K 3936 52.42 9.93 -37.04
N TYR K 3937 51.28 10.16 -37.68
CA TYR K 3937 51.18 11.14 -38.74
C TYR K 3937 50.68 12.48 -38.25
N SER K 3938 50.38 12.60 -36.96
CA SER K 3938 49.91 13.86 -36.43
C SER K 3938 51.00 14.92 -36.37
N GLY K 3939 52.26 14.52 -36.45
CA GLY K 3939 53.35 15.47 -36.50
C GLY K 3939 53.76 15.81 -37.91
N LYS K 3940 53.62 14.85 -38.82
CA LYS K 3940 53.98 15.07 -40.21
C LYS K 3940 52.98 16.00 -40.88
N ASP K 3941 53.44 16.66 -41.93
CA ASP K 3941 52.57 17.60 -42.63
C ASP K 3941 51.89 16.94 -43.83
N VAL K 3942 52.68 16.43 -44.76
CA VAL K 3942 52.15 15.81 -45.96
C VAL K 3942 52.18 14.30 -45.77
N ILE K 3943 51.42 13.60 -46.61
CA ILE K 3943 51.36 12.15 -46.60
C ILE K 3943 51.89 11.63 -47.93
N GLU K 3944 52.79 10.66 -47.87
CA GLU K 3944 53.35 10.07 -49.08
C GLU K 3944 52.40 9.01 -49.64
N GLU K 3945 52.87 8.32 -50.69
CA GLU K 3945 52.02 7.36 -51.41
C GLU K 3945 51.72 6.12 -50.59
N GLN K 3946 52.72 5.56 -49.90
CA GLN K 3946 52.50 4.30 -49.19
C GLN K 3946 51.73 4.51 -47.90
N GLY K 3947 51.73 5.74 -47.38
CA GLY K 3947 51.00 6.03 -46.17
C GLY K 3947 49.49 5.96 -46.37
N LYS K 3948 49.04 6.37 -47.55
CA LYS K 3948 47.61 6.33 -47.82
C LYS K 3948 47.13 4.93 -48.19
N ARG K 3949 47.96 4.14 -48.88
CA ARG K 3949 47.57 2.80 -49.29
C ARG K 3949 47.32 1.91 -48.09
N ASN K 3950 48.12 2.09 -47.04
CA ASN K 3950 47.82 1.49 -45.75
C ASN K 3950 46.52 1.99 -45.18
N PHE K 3951 46.27 3.29 -45.27
CA PHE K 3951 45.11 3.84 -44.61
C PHE K 3951 43.87 3.63 -45.45
N SER K 3952 44.05 3.46 -46.76
CA SER K 3952 42.95 3.01 -47.60
C SER K 3952 42.52 1.61 -47.27
N LYS K 3953 43.47 0.77 -46.84
CA LYS K 3953 43.15 -0.61 -46.52
C LYS K 3953 42.29 -0.70 -45.27
N ALA K 3954 42.68 -0.01 -44.20
CA ALA K 3954 42.06 -0.20 -42.90
C ALA K 3954 40.64 0.33 -42.84
N MET K 3955 40.31 1.33 -43.64
CA MET K 3955 38.94 1.80 -43.63
C MET K 3955 38.05 0.97 -44.54
N SER K 3956 38.61 0.39 -45.59
CA SER K 3956 37.84 -0.50 -46.45
C SER K 3956 37.42 -1.75 -45.69
N VAL K 3957 38.22 -2.18 -44.72
CA VAL K 3957 37.76 -3.29 -43.89
C VAL K 3957 36.88 -2.76 -42.76
N ALA K 3958 36.98 -1.47 -42.46
CA ALA K 3958 36.14 -0.91 -41.42
C ALA K 3958 34.72 -0.71 -41.93
N LYS K 3959 34.57 -0.29 -43.19
CA LYS K 3959 33.25 -0.16 -43.77
C LYS K 3959 32.56 -1.51 -43.91
N GLN K 3960 33.36 -2.55 -44.13
CA GLN K 3960 32.83 -3.90 -44.17
C GLN K 3960 32.29 -4.32 -42.82
N VAL K 3961 32.97 -3.92 -41.74
CA VAL K 3961 32.55 -4.48 -40.46
C VAL K 3961 31.42 -3.65 -39.84
N PHE K 3962 31.34 -2.35 -40.14
CA PHE K 3962 30.15 -1.62 -39.70
C PHE K 3962 28.91 -2.07 -40.45
N ASN K 3963 29.05 -2.32 -41.75
CA ASN K 3963 27.96 -2.93 -42.49
C ASN K 3963 27.62 -4.31 -41.96
N SER K 3964 28.63 -5.08 -41.55
CA SER K 3964 28.34 -6.37 -40.96
C SER K 3964 27.81 -6.23 -39.55
N LEU K 3965 28.13 -5.13 -38.89
CA LEU K 3965 27.50 -4.86 -37.59
C LEU K 3965 26.02 -4.57 -37.74
N THR K 3966 25.64 -3.70 -38.68
CA THR K 3966 24.28 -3.21 -38.69
C THR K 3966 23.29 -4.25 -39.16
N GLU K 3967 23.75 -5.27 -39.89
CA GLU K 3967 22.84 -6.34 -40.27
C GLU K 3967 22.55 -7.28 -39.11
N TYR K 3968 23.26 -7.14 -37.99
CA TYR K 3968 22.82 -7.78 -36.77
C TYR K 3968 21.68 -7.01 -36.12
N ILE K 3969 21.51 -5.74 -36.49
CA ILE K 3969 20.52 -4.89 -35.83
C ILE K 3969 19.62 -4.14 -36.80
N GLN K 3970 19.71 -4.42 -38.12
CA GLN K 3970 18.77 -3.78 -39.05
C GLN K 3970 17.35 -4.20 -38.78
N GLY K 3971 17.13 -5.48 -38.53
CA GLY K 3971 15.88 -5.93 -37.97
C GLY K 3971 15.74 -5.36 -36.58
N PRO K 3972 14.51 -5.07 -36.16
CA PRO K 3972 14.30 -4.52 -34.82
C PRO K 3972 14.33 -5.56 -33.73
N CYS K 3973 15.41 -6.34 -33.66
CA CYS K 3973 15.57 -7.38 -32.65
C CYS K 3973 16.25 -6.76 -31.45
N THR K 3974 15.60 -6.84 -30.29
CA THR K 3974 16.14 -6.24 -29.08
C THR K 3974 17.37 -6.96 -28.56
N GLY K 3975 17.45 -8.28 -28.79
CA GLY K 3975 18.49 -9.08 -28.16
C GLY K 3975 19.88 -8.74 -28.64
N ASN K 3976 19.99 -8.25 -29.87
CA ASN K 3976 21.24 -7.66 -30.30
C ASN K 3976 21.39 -6.24 -29.78
N GLN K 3977 20.29 -5.49 -29.74
CA GLN K 3977 20.40 -4.09 -29.35
C GLN K 3977 20.56 -3.93 -27.85
N GLN K 3978 20.30 -4.99 -27.08
CA GLN K 3978 20.72 -4.98 -25.69
C GLN K 3978 22.20 -5.28 -25.53
N SER K 3979 22.72 -6.25 -26.29
CA SER K 3979 24.12 -6.64 -26.15
C SER K 3979 25.05 -5.56 -26.67
N LEU K 3980 24.62 -4.84 -27.70
CA LEU K 3980 25.40 -3.71 -28.16
C LEU K 3980 25.33 -2.55 -27.19
N ALA K 3981 24.30 -2.53 -26.34
CA ALA K 3981 24.17 -1.44 -25.38
C ALA K 3981 24.96 -1.69 -24.11
N HIS K 3982 25.66 -2.81 -24.02
CA HIS K 3982 26.37 -3.18 -22.80
C HIS K 3982 27.83 -3.50 -23.02
N SER K 3983 28.32 -3.46 -24.25
CA SER K 3983 29.73 -3.65 -24.49
C SER K 3983 30.43 -2.31 -24.38
N ARG K 3984 31.67 -2.25 -24.87
CA ARG K 3984 32.41 -1.00 -24.99
C ARG K 3984 32.22 -0.38 -26.36
N LEU K 3985 31.06 -0.63 -26.97
CA LEU K 3985 30.79 -0.17 -28.32
C LEU K 3985 30.76 1.36 -28.40
N TRP K 3986 30.20 2.00 -27.38
CA TRP K 3986 30.30 3.46 -27.29
C TRP K 3986 31.74 3.89 -27.16
N ASP K 3987 32.53 3.19 -26.34
CA ASP K 3987 33.94 3.50 -26.22
C ASP K 3987 34.71 3.15 -27.49
N ALA K 3988 34.18 2.25 -28.31
CA ALA K 3988 34.72 2.11 -29.66
C ALA K 3988 34.34 3.30 -30.51
N VAL K 3989 33.08 3.74 -30.41
CA VAL K 3989 32.57 4.85 -31.21
C VAL K 3989 33.26 6.14 -30.83
N VAL K 3990 33.52 6.36 -29.53
CA VAL K 3990 34.20 7.56 -29.05
C VAL K 3990 35.58 7.67 -29.66
N GLY K 3991 36.30 6.55 -29.73
CA GLY K 3991 37.58 6.55 -30.42
C GLY K 3991 37.45 6.81 -31.90
N PHE K 3992 36.38 6.30 -32.52
CA PHE K 3992 36.14 6.65 -33.91
C PHE K 3992 35.72 8.10 -34.06
N LEU K 3993 35.03 8.64 -33.05
CA LEU K 3993 34.70 10.06 -33.09
C LEU K 3993 35.94 10.92 -32.98
N HIS K 3994 36.93 10.50 -32.22
CA HIS K 3994 38.11 11.33 -32.05
C HIS K 3994 39.03 11.25 -33.25
N VAL K 3995 39.06 10.11 -33.95
CA VAL K 3995 39.91 10.06 -35.13
C VAL K 3995 39.26 10.79 -36.29
N PHE K 3996 37.94 10.90 -36.31
CA PHE K 3996 37.29 11.53 -37.45
C PHE K 3996 37.44 13.05 -37.42
N ALA K 3997 37.32 13.64 -36.23
CA ALA K 3997 37.42 15.09 -36.12
C ALA K 3997 38.83 15.59 -36.37
N HIS K 3998 39.83 14.72 -36.25
CA HIS K 3998 41.19 15.19 -36.43
C HIS K 3998 41.78 14.79 -37.76
N MET K 3999 41.26 13.72 -38.38
CA MET K 3999 41.80 13.32 -39.67
C MET K 3999 41.42 14.31 -40.75
N MET K 4000 40.16 14.75 -40.78
CA MET K 4000 39.70 15.68 -41.80
C MET K 4000 40.42 17.02 -41.73
N MET K 4001 40.45 17.62 -40.54
CA MET K 4001 41.04 18.93 -40.34
C MET K 4001 42.55 18.93 -40.52
N LYS K 4002 43.18 17.76 -40.55
CA LYS K 4002 44.50 17.65 -41.13
C LYS K 4002 44.45 17.37 -42.63
N LEU K 4003 43.53 16.54 -43.09
CA LEU K 4003 43.51 16.19 -44.50
C LEU K 4003 42.89 17.25 -45.38
N ALA K 4004 42.34 18.32 -44.81
CA ALA K 4004 41.73 19.36 -45.61
C ALA K 4004 42.74 20.36 -46.17
N GLN K 4005 44.04 20.06 -46.14
CA GLN K 4005 45.03 21.05 -46.48
C GLN K 4005 45.83 20.71 -47.74
N ASP K 4006 45.25 19.91 -48.64
CA ASP K 4006 45.90 19.66 -49.92
C ASP K 4006 44.85 19.22 -50.92
N SER K 4007 45.18 19.45 -52.19
CA SER K 4007 44.45 18.86 -53.30
C SER K 4007 44.78 17.39 -53.50
N SER K 4008 46.01 16.97 -53.20
CA SER K 4008 46.41 15.59 -53.39
C SER K 4008 46.05 14.70 -52.20
N GLN K 4009 45.21 15.18 -51.28
CA GLN K 4009 44.73 14.39 -50.16
C GLN K 4009 43.24 14.10 -50.28
N ILE K 4010 42.63 14.48 -51.39
CA ILE K 4010 41.17 14.44 -51.46
C ILE K 4010 40.66 13.03 -51.77
N GLU K 4011 41.51 12.19 -52.37
CA GLU K 4011 41.10 10.82 -52.66
C GLU K 4011 40.84 10.02 -51.40
N LEU K 4012 41.61 10.29 -50.36
CA LEU K 4012 41.43 9.60 -49.09
C LEU K 4012 40.21 10.11 -48.34
N LEU K 4013 39.91 11.40 -48.44
CA LEU K 4013 38.92 11.98 -47.55
C LEU K 4013 37.51 11.61 -47.96
N LYS K 4014 37.26 11.37 -49.26
CA LYS K 4014 35.95 10.89 -49.69
C LYS K 4014 35.64 9.54 -49.09
N GLU K 4015 36.67 8.72 -48.90
CA GLU K 4015 36.47 7.43 -48.27
C GLU K 4015 36.10 7.56 -46.80
N LEU K 4016 36.64 8.58 -46.13
CA LEU K 4016 36.38 8.76 -44.71
C LEU K 4016 34.94 9.20 -44.46
N LEU K 4017 34.41 10.06 -45.33
CA LEU K 4017 33.03 10.50 -45.17
C LEU K 4017 32.05 9.36 -45.40
N ASP K 4018 32.34 8.50 -46.37
CA ASP K 4018 31.49 7.34 -46.61
C ASP K 4018 31.58 6.33 -45.48
N LEU K 4019 32.67 6.35 -44.72
CA LEU K 4019 32.78 5.46 -43.58
C LEU K 4019 31.86 5.90 -42.46
N GLN K 4020 31.94 7.17 -42.06
CA GLN K 4020 31.12 7.64 -40.95
C GLN K 4020 29.66 7.82 -41.33
N LYS K 4021 29.36 7.89 -42.63
CA LYS K 4021 27.98 7.71 -43.06
C LYS K 4021 27.47 6.35 -42.66
N ASP K 4022 28.29 5.32 -42.87
CA ASP K 4022 27.89 3.98 -42.50
C ASP K 4022 27.95 3.76 -41.00
N MET K 4023 28.68 4.59 -40.26
CA MET K 4023 28.67 4.44 -38.82
C MET K 4023 27.40 5.00 -38.22
N VAL K 4024 26.94 6.16 -38.69
CA VAL K 4024 25.78 6.76 -38.07
C VAL K 4024 24.50 6.06 -38.49
N VAL K 4025 24.53 5.35 -39.62
CA VAL K 4025 23.35 4.58 -39.98
C VAL K 4025 23.28 3.33 -39.11
N MET K 4026 24.42 2.89 -38.56
CA MET K 4026 24.38 1.85 -37.55
C MET K 4026 23.77 2.38 -36.26
N LEU K 4027 24.06 3.64 -35.92
CA LEU K 4027 23.44 4.28 -34.78
C LEU K 4027 21.95 4.44 -34.97
N LEU K 4028 21.53 4.78 -36.19
CA LEU K 4028 20.11 4.89 -36.49
C LEU K 4028 19.42 3.56 -36.41
N SER K 4029 20.01 2.52 -37.01
CA SER K 4029 19.43 1.19 -36.90
C SER K 4029 19.57 0.61 -35.51
N LEU K 4030 20.49 1.13 -34.70
CA LEU K 4030 20.45 0.80 -33.28
C LEU K 4030 19.30 1.52 -32.60
N LEU K 4031 18.98 2.73 -33.04
CA LEU K 4031 17.92 3.52 -32.43
C LEU K 4031 16.57 3.31 -33.11
N GLU K 4032 16.36 2.17 -33.76
CA GLU K 4032 15.03 1.84 -34.25
C GLU K 4032 14.36 0.91 -33.26
N GLY K 4033 13.04 0.91 -33.26
CA GLY K 4033 12.31 0.27 -32.18
C GLY K 4033 12.49 1.03 -30.89
N ASN K 4034 12.74 2.33 -30.96
CA ASN K 4034 13.11 3.14 -29.83
C ASN K 4034 11.87 3.73 -29.18
N VAL K 4035 11.86 3.75 -27.86
CA VAL K 4035 10.81 4.44 -27.13
C VAL K 4035 11.25 5.90 -27.00
N VAL K 4036 10.28 6.78 -26.69
CA VAL K 4036 10.51 8.19 -26.44
C VAL K 4036 11.59 8.47 -25.40
N ASN K 4037 11.51 7.84 -24.22
CA ASN K 4037 12.50 8.03 -23.17
C ASN K 4037 13.02 6.64 -22.81
N GLY K 4038 14.02 6.19 -23.57
CA GLY K 4038 14.64 4.92 -23.33
C GLY K 4038 16.13 5.08 -23.12
N MET K 4039 16.72 4.12 -22.43
CA MET K 4039 18.12 4.22 -22.06
C MET K 4039 19.07 4.17 -23.25
N ILE K 4040 18.66 3.54 -24.36
CA ILE K 4040 19.45 3.57 -25.58
C ILE K 4040 19.55 4.99 -26.10
N ALA K 4041 18.47 5.76 -26.00
CA ALA K 4041 18.52 7.17 -26.35
C ALA K 4041 19.37 7.94 -25.36
N ARG K 4042 19.33 7.57 -24.09
CA ARG K 4042 20.10 8.29 -23.09
C ARG K 4042 21.57 7.89 -23.09
N GLN K 4043 21.87 6.64 -23.46
CA GLN K 4043 23.26 6.30 -23.67
C GLN K 4043 23.81 6.86 -24.97
N MET K 4044 22.95 7.27 -25.88
CA MET K 4044 23.42 7.89 -27.11
C MET K 4044 23.86 9.32 -26.87
N VAL K 4045 23.18 10.04 -25.97
CA VAL K 4045 23.41 11.46 -25.87
C VAL K 4045 24.62 11.78 -25.00
N ASP K 4046 24.81 11.06 -23.89
CA ASP K 4046 25.97 11.33 -23.05
C ASP K 4046 27.26 10.87 -23.69
N MET K 4047 27.20 9.81 -24.50
CA MET K 4047 28.34 9.42 -25.33
C MET K 4047 28.70 10.53 -26.30
N LEU K 4048 27.71 11.25 -26.81
CA LEU K 4048 27.99 12.43 -27.61
C LEU K 4048 28.56 13.57 -26.77
N VAL K 4049 28.22 13.65 -25.47
CA VAL K 4049 28.79 14.71 -24.64
C VAL K 4049 30.02 14.24 -23.87
N GLU K 4050 30.23 12.92 -23.74
CA GLU K 4050 31.55 12.45 -23.35
C GLU K 4050 32.55 12.65 -24.48
N SER K 4051 32.07 12.81 -25.71
CA SER K 4051 32.88 13.12 -26.88
C SER K 4051 32.47 14.48 -27.41
N SER K 4052 32.47 15.47 -26.52
CA SER K 4052 32.04 16.81 -26.92
C SER K 4052 33.03 17.47 -27.86
N SER K 4053 34.25 17.74 -27.38
CA SER K 4053 35.14 18.74 -27.97
C SER K 4053 35.55 18.38 -29.38
N ASN K 4054 35.58 17.09 -29.69
CA ASN K 4054 35.72 16.67 -31.07
C ASN K 4054 34.42 16.76 -31.86
N VAL K 4055 33.25 16.48 -31.26
CA VAL K 4055 32.05 16.42 -32.09
C VAL K 4055 31.55 17.81 -32.46
N GLU K 4056 32.00 18.86 -31.80
CA GLU K 4056 31.72 20.19 -32.35
C GLU K 4056 32.71 20.54 -33.44
N MET K 4057 33.94 20.03 -33.34
CA MET K 4057 34.92 20.25 -34.39
C MET K 4057 34.51 19.60 -35.70
N ILE K 4058 33.80 18.48 -35.65
CA ILE K 4058 33.23 17.97 -36.89
C ILE K 4058 31.97 18.75 -37.24
N LEU K 4059 31.23 19.25 -36.24
CA LEU K 4059 30.07 20.08 -36.50
C LEU K 4059 30.43 21.43 -37.06
N LYS K 4060 31.49 22.06 -36.53
CA LYS K 4060 31.92 23.33 -37.08
C LYS K 4060 32.54 23.16 -38.47
N PHE K 4061 33.08 21.98 -38.77
CA PHE K 4061 33.59 21.75 -40.11
C PHE K 4061 32.45 21.68 -41.12
N PHE K 4062 31.35 21.01 -40.75
CA PHE K 4062 30.14 21.09 -41.54
C PHE K 4062 29.54 22.49 -41.57
N ASP K 4063 29.70 23.26 -40.49
CA ASP K 4063 29.08 24.57 -40.41
C ASP K 4063 29.86 25.60 -41.23
N MET K 4064 31.19 25.51 -41.21
CA MET K 4064 31.98 26.45 -41.98
C MET K 4064 31.96 26.15 -43.48
N PHE K 4065 31.94 24.88 -43.86
CA PHE K 4065 32.01 24.55 -45.27
C PHE K 4065 30.64 24.53 -45.94
N LEU K 4066 29.61 25.01 -45.25
CA LEU K 4066 28.28 25.18 -45.84
C LEU K 4066 27.93 26.64 -46.05
N LYS K 4067 28.32 27.51 -45.11
CA LYS K 4067 28.13 28.94 -45.30
C LYS K 4067 29.12 29.51 -46.32
N LEU K 4068 30.17 28.77 -46.64
CA LEU K 4068 31.14 29.22 -47.64
C LEU K 4068 30.50 29.31 -49.02
N LYS K 4069 29.55 28.42 -49.33
CA LYS K 4069 28.86 28.50 -50.61
C LYS K 4069 27.83 29.63 -50.60
N ASP K 4070 27.17 29.87 -49.48
CA ASP K 4070 26.16 30.91 -49.41
C ASP K 4070 26.77 32.30 -49.39
N ILE K 4071 27.98 32.45 -48.84
CA ILE K 4071 28.64 33.75 -48.80
C ILE K 4071 29.16 34.12 -50.19
N VAL K 4072 29.77 33.16 -50.89
CA VAL K 4072 30.36 33.44 -52.19
C VAL K 4072 29.31 33.68 -53.26
N GLY K 4073 28.05 33.33 -53.01
CA GLY K 4073 26.96 33.70 -53.89
C GLY K 4073 26.55 35.15 -53.84
N SER K 4074 27.04 35.91 -52.86
CA SER K 4074 26.71 37.32 -52.77
C SER K 4074 27.57 38.15 -53.72
N GLU K 4075 27.00 39.25 -54.20
CA GLU K 4075 27.68 40.10 -55.17
C GLU K 4075 28.71 41.02 -54.54
N ALA K 4076 28.77 41.08 -53.21
CA ALA K 4076 29.70 41.97 -52.52
C ALA K 4076 31.15 41.55 -52.71
N PHE K 4077 31.36 40.28 -53.05
CA PHE K 4077 32.72 39.75 -53.20
C PHE K 4077 33.07 39.50 -54.65
N GLN K 4078 32.08 39.28 -55.51
CA GLN K 4078 32.28 39.39 -56.95
C GLN K 4078 32.63 40.81 -57.36
N ASP K 4079 32.17 41.80 -56.60
CA ASP K 4079 32.68 43.15 -56.72
C ASP K 4079 34.05 43.32 -56.07
N TYR K 4080 34.39 42.47 -55.11
CA TYR K 4080 35.71 42.57 -54.49
C TYR K 4080 36.81 42.00 -55.37
N VAL K 4081 36.46 41.17 -56.34
CA VAL K 4081 37.41 40.71 -57.34
C VAL K 4081 37.27 41.58 -58.58
N THR K 4082 38.42 41.99 -59.13
CA THR K 4082 38.45 42.76 -60.36
C THR K 4082 39.12 42.00 -61.49
N ASP K 4083 39.56 40.77 -61.24
CA ASP K 4083 40.18 39.99 -62.29
C ASP K 4083 39.12 39.49 -63.27
N PRO K 4084 39.29 39.71 -64.57
CA PRO K 4084 38.34 39.14 -65.53
C PRO K 4084 38.46 37.64 -65.66
N ARG K 4085 39.62 37.07 -65.30
CA ARG K 4085 39.80 35.63 -65.31
C ARG K 4085 39.03 34.96 -64.17
N GLY K 4086 38.68 35.71 -63.12
CA GLY K 4086 38.01 35.16 -61.96
C GLY K 4086 38.95 34.81 -60.82
N LEU K 4087 40.25 34.97 -61.03
CA LEU K 4087 41.27 34.56 -60.06
C LEU K 4087 41.32 35.62 -58.96
N ILE K 4088 40.50 35.43 -57.93
CA ILE K 4088 40.39 36.41 -56.85
C ILE K 4088 41.64 36.37 -56.00
N SER K 4089 42.10 37.55 -55.60
CA SER K 4089 43.28 37.62 -54.76
C SER K 4089 42.97 37.15 -53.34
N LYS K 4090 43.99 36.53 -52.73
CA LYS K 4090 43.83 35.88 -51.43
C LYS K 4090 43.58 36.88 -50.31
N LYS K 4091 44.41 37.91 -50.20
CA LYS K 4091 44.18 38.93 -49.19
C LYS K 4091 42.95 39.76 -49.51
N ASP K 4092 42.60 39.89 -50.79
CA ASP K 4092 41.35 40.54 -51.16
C ASP K 4092 40.15 39.73 -50.70
N PHE K 4093 40.18 38.42 -50.94
CA PHE K 4093 39.11 37.56 -50.44
C PHE K 4093 39.25 37.29 -48.94
N GLN K 4094 40.41 37.58 -48.35
CA GLN K 4094 40.53 37.46 -46.90
C GLN K 4094 39.75 38.56 -46.20
N LYS K 4095 39.89 39.80 -46.67
CA LYS K 4095 39.09 40.89 -46.13
C LYS K 4095 37.62 40.78 -46.53
N ALA K 4096 37.33 40.01 -47.58
CA ALA K 4096 35.94 39.74 -47.95
C ALA K 4096 35.23 38.94 -46.87
N MET K 4097 35.85 37.85 -46.43
CA MET K 4097 35.30 37.08 -45.32
C MET K 4097 35.40 37.85 -44.01
N ASP K 4098 36.37 38.75 -43.88
CA ASP K 4098 36.44 39.64 -42.72
C ASP K 4098 35.36 40.70 -42.76
N SER K 4099 34.81 41.01 -43.94
CA SER K 4099 33.74 41.99 -44.03
C SER K 4099 32.44 41.45 -43.47
N GLN K 4100 32.06 40.22 -43.81
CA GLN K 4100 30.92 39.58 -43.20
C GLN K 4100 31.26 39.18 -41.78
N LYS K 4101 30.28 39.29 -40.88
CA LYS K 4101 30.50 39.02 -39.48
C LYS K 4101 29.93 37.70 -39.01
N GLN K 4102 30.01 36.64 -39.83
CA GLN K 4102 29.51 35.34 -39.40
C GLN K 4102 30.65 34.37 -39.10
N PHE K 4103 31.72 34.40 -39.88
CA PHE K 4103 32.88 33.54 -39.68
C PHE K 4103 33.75 34.11 -38.57
N THR K 4104 34.87 33.43 -38.30
CA THR K 4104 35.77 33.84 -37.23
C THR K 4104 37.13 34.23 -37.79
N GLY K 4105 37.94 34.81 -36.91
CA GLY K 4105 39.32 35.14 -37.18
C GLY K 4105 40.21 34.00 -37.61
N PRO K 4106 40.32 32.93 -36.80
CA PRO K 4106 41.10 31.76 -37.24
C PRO K 4106 40.50 31.02 -38.43
N GLU K 4107 39.23 31.27 -38.78
CA GLU K 4107 38.60 30.53 -39.86
C GLU K 4107 39.20 30.88 -41.21
N ILE K 4108 39.53 32.15 -41.44
CA ILE K 4108 39.92 32.58 -42.78
C ILE K 4108 41.33 32.08 -43.13
N GLN K 4109 42.25 32.06 -42.15
CA GLN K 4109 43.55 31.45 -42.39
C GLN K 4109 43.45 29.94 -42.47
N PHE K 4110 42.49 29.35 -41.77
CA PHE K 4110 42.17 27.94 -42.01
C PHE K 4110 41.63 27.75 -43.43
N LEU K 4111 40.87 28.73 -43.92
CA LEU K 4111 40.35 28.68 -45.29
C LEU K 4111 41.40 29.09 -46.32
N LEU K 4112 42.27 30.07 -45.97
CA LEU K 4112 43.39 30.39 -46.84
C LEU K 4112 44.36 29.24 -46.98
N SER K 4113 44.60 28.49 -45.90
CA SER K 4113 45.40 27.28 -46.01
C SER K 4113 44.67 26.20 -46.77
N CYS K 4114 43.35 26.17 -46.68
CA CYS K 4114 42.56 25.27 -47.51
C CYS K 4114 42.58 25.69 -48.98
N SER K 4115 42.79 26.98 -49.25
CA SER K 4115 42.85 27.47 -50.62
C SER K 4115 44.21 27.14 -51.24
N GLU K 4116 44.25 27.21 -52.56
CA GLU K 4116 45.53 27.17 -53.27
C GLU K 4116 46.10 28.58 -53.33
N ALA K 4117 47.42 28.69 -53.20
CA ALA K 4117 48.04 30.01 -53.19
C ALA K 4117 48.06 30.61 -54.59
N ASP K 4118 48.80 29.97 -55.51
CA ASP K 4118 48.89 30.33 -56.94
C ASP K 4118 49.33 31.78 -57.13
N GLU K 4119 50.56 32.05 -56.69
CA GLU K 4119 51.18 33.39 -56.66
C GLU K 4119 50.39 34.39 -55.82
N ASN K 4120 49.65 33.88 -54.83
CA ASN K 4120 48.98 34.65 -53.77
C ASN K 4120 47.92 35.61 -54.32
N GLU K 4121 47.47 35.42 -55.56
CA GLU K 4121 46.45 36.26 -56.14
C GLU K 4121 45.31 35.44 -56.73
N MET K 4122 45.23 34.15 -56.43
CA MET K 4122 44.30 33.24 -57.10
C MET K 4122 43.85 32.19 -56.09
N ILE K 4123 42.58 32.24 -55.71
CA ILE K 4123 42.03 31.18 -54.87
C ILE K 4123 40.95 30.43 -55.63
N ASN K 4124 40.39 31.06 -56.68
CA ASN K 4124 39.36 30.49 -57.57
C ASN K 4124 38.14 30.03 -56.77
N PHE K 4125 37.43 31.04 -56.25
CA PHE K 4125 36.30 30.84 -55.33
C PHE K 4125 35.19 29.96 -55.87
N GLU K 4126 35.07 29.84 -57.20
CA GLU K 4126 34.01 29.02 -57.78
C GLU K 4126 34.25 27.53 -57.52
N GLU K 4127 35.43 27.02 -57.88
CA GLU K 4127 35.73 25.62 -57.63
C GLU K 4127 35.93 25.33 -56.15
N PHE K 4128 36.34 26.34 -55.39
CA PHE K 4128 36.54 26.17 -53.95
C PHE K 4128 35.22 26.00 -53.21
N ALA K 4129 34.12 26.45 -53.79
CA ALA K 4129 32.83 26.30 -53.12
C ALA K 4129 32.34 24.86 -53.17
N ASN K 4130 32.30 24.27 -54.36
CA ASN K 4130 31.69 22.97 -54.56
C ASN K 4130 32.66 21.81 -54.48
N ARG K 4131 33.92 22.07 -54.11
CA ARG K 4131 34.89 20.97 -54.03
C ARG K 4131 34.59 20.05 -52.86
N PHE K 4132 34.29 20.63 -51.71
CA PHE K 4132 34.06 19.87 -50.49
C PHE K 4132 32.58 19.87 -50.11
N GLN K 4133 31.70 19.90 -51.11
CA GLN K 4133 30.25 19.90 -50.91
C GLN K 4133 29.62 18.60 -51.39
N GLU K 4134 29.86 18.22 -52.63
CA GLU K 4134 29.34 16.96 -53.17
C GLU K 4134 29.83 15.71 -52.43
N PRO K 4135 31.11 15.54 -52.08
CA PRO K 4135 31.44 14.38 -51.24
C PRO K 4135 30.90 14.47 -49.82
N ALA K 4136 30.69 15.68 -49.30
CA ALA K 4136 30.18 15.84 -47.94
C ALA K 4136 28.66 15.93 -47.91
N ARG K 4137 28.00 15.55 -49.01
CA ARG K 4137 26.58 15.86 -49.16
C ARG K 4137 25.71 14.97 -48.28
N ASP K 4138 25.79 13.66 -48.48
CA ASP K 4138 24.89 12.73 -47.81
C ASP K 4138 25.18 12.64 -46.31
N ILE K 4139 26.46 12.74 -45.94
CA ILE K 4139 26.84 12.61 -44.55
C ILE K 4139 26.36 13.80 -43.74
N GLY K 4140 26.43 15.01 -44.31
CA GLY K 4140 25.93 16.18 -43.63
C GLY K 4140 24.43 16.15 -43.46
N PHE K 4141 23.73 15.50 -44.38
CA PHE K 4141 22.32 15.24 -44.16
C PHE K 4141 22.12 14.20 -43.07
N ASN K 4142 22.90 13.13 -43.11
CA ASN K 4142 22.75 12.01 -42.20
C ASN K 4142 23.05 12.37 -40.75
N VAL K 4143 24.00 13.27 -40.50
CA VAL K 4143 24.25 13.68 -39.13
C VAL K 4143 23.12 14.55 -38.61
N ALA K 4144 22.44 15.27 -39.49
CA ALA K 4144 21.32 16.09 -39.08
C ALA K 4144 20.12 15.24 -38.75
N VAL K 4145 20.03 14.06 -39.36
CA VAL K 4145 18.95 13.13 -39.04
C VAL K 4145 19.07 12.64 -37.61
N LEU K 4146 20.27 12.19 -37.23
CA LEU K 4146 20.48 11.63 -35.89
C LEU K 4146 20.31 12.69 -34.81
N LEU K 4147 20.77 13.92 -35.08
CA LEU K 4147 20.55 15.02 -34.15
C LEU K 4147 19.07 15.35 -34.02
N THR K 4148 18.35 15.39 -35.14
CA THR K 4148 16.94 15.72 -35.02
C THR K 4148 16.10 14.52 -34.60
N ASN K 4149 16.64 13.31 -34.71
CA ASN K 4149 15.89 12.16 -34.22
C ASN K 4149 15.89 12.12 -32.70
N LEU K 4150 17.08 12.25 -32.11
CA LEU K 4150 17.22 12.16 -30.67
C LEU K 4150 16.60 13.34 -29.96
N SER K 4151 16.72 14.54 -30.52
CA SER K 4151 16.08 15.72 -29.96
C SER K 4151 14.56 15.59 -30.03
N GLU K 4152 14.05 14.99 -31.10
CA GLU K 4152 12.64 14.64 -31.13
C GLU K 4152 12.31 13.46 -30.26
N HIS K 4153 13.27 12.60 -29.95
CA HIS K 4153 12.94 11.45 -29.11
C HIS K 4153 12.91 11.81 -27.64
N VAL K 4154 14.04 12.22 -27.07
CA VAL K 4154 14.07 12.63 -25.67
C VAL K 4154 13.88 14.14 -25.63
N PRO K 4155 13.04 14.65 -24.76
CA PRO K 4155 12.97 16.09 -24.53
C PRO K 4155 13.85 16.50 -23.36
N HIS K 4156 14.03 17.83 -23.19
CA HIS K 4156 14.69 18.44 -22.05
C HIS K 4156 16.14 17.97 -21.89
N ASP K 4157 16.93 18.16 -22.95
CA ASP K 4157 18.37 17.92 -22.89
C ASP K 4157 19.04 19.20 -23.38
N PRO K 4158 19.58 20.03 -22.48
CA PRO K 4158 20.15 21.30 -22.91
C PRO K 4158 21.44 21.16 -23.70
N ARG K 4159 22.14 20.03 -23.53
CA ARG K 4159 23.28 19.71 -24.37
C ARG K 4159 22.86 19.52 -25.82
N LEU K 4160 21.75 18.82 -26.03
CA LEU K 4160 21.14 18.77 -27.35
C LEU K 4160 20.69 20.15 -27.81
N ARG K 4161 20.12 20.94 -26.89
CA ARG K 4161 19.81 22.32 -27.19
C ARG K 4161 21.06 23.14 -27.49
N ASN K 4162 22.17 22.81 -26.84
CA ASN K 4162 23.45 23.37 -27.27
C ASN K 4162 23.86 22.84 -28.64
N PHE K 4163 23.58 21.56 -28.90
CA PHE K 4163 23.99 20.95 -30.16
C PHE K 4163 23.20 21.49 -31.35
N LEU K 4164 21.87 21.61 -31.22
CA LEU K 4164 21.03 22.00 -32.33
C LEU K 4164 21.30 23.41 -32.82
N GLU K 4165 21.57 24.34 -31.90
CA GLU K 4165 21.95 25.68 -32.34
C GLU K 4165 23.35 25.70 -32.94
N LEU K 4166 24.21 24.79 -32.53
CA LEU K 4166 25.55 24.73 -33.09
C LEU K 4166 25.56 24.19 -34.50
N ALA K 4167 24.52 23.45 -34.87
CA ALA K 4167 24.41 22.83 -36.19
C ALA K 4167 23.17 23.34 -36.90
N GLU K 4168 22.95 24.64 -36.84
CA GLU K 4168 21.73 25.19 -37.41
C GLU K 4168 21.79 25.24 -38.94
N SER K 4169 22.97 25.49 -39.51
CA SER K 4169 23.04 25.66 -40.95
C SER K 4169 22.91 24.34 -41.68
N ILE K 4170 23.41 23.26 -41.07
CA ILE K 4170 23.21 21.93 -41.66
C ILE K 4170 21.79 21.45 -41.48
N LEU K 4171 21.02 22.05 -40.58
CA LEU K 4171 19.61 21.71 -40.48
C LEU K 4171 18.82 22.33 -41.62
N GLU K 4172 19.03 23.61 -41.87
CA GLU K 4172 18.20 24.31 -42.85
C GLU K 4172 18.64 24.03 -44.28
N TYR K 4173 19.89 23.63 -44.50
CA TYR K 4173 20.24 23.16 -45.82
C TYR K 4173 19.70 21.77 -46.07
N PHE K 4174 19.40 21.03 -44.99
CA PHE K 4174 18.92 19.67 -45.11
C PHE K 4174 17.56 19.46 -44.46
N ARG K 4175 16.80 20.53 -44.24
CA ARG K 4175 15.37 20.41 -43.95
C ARG K 4175 14.48 20.24 -45.19
N PRO K 4176 14.66 20.96 -46.32
CA PRO K 4176 13.81 20.66 -47.49
C PRO K 4176 14.06 19.30 -48.10
N TYR K 4177 15.29 18.84 -48.17
CA TYR K 4177 15.55 17.53 -48.74
C TYR K 4177 15.16 16.40 -47.81
N LEU K 4178 15.05 16.67 -46.51
CA LEU K 4178 14.54 15.69 -45.57
C LEU K 4178 13.04 15.56 -45.76
N GLY K 4179 12.50 14.41 -45.37
CA GLY K 4179 11.07 14.28 -45.17
C GLY K 4179 10.80 13.43 -43.96
N ARG K 4180 9.82 13.82 -43.16
CA ARG K 4180 9.38 13.02 -42.02
C ARG K 4180 8.12 12.26 -42.40
N ILE K 4181 7.85 11.16 -41.69
CA ILE K 4181 6.64 10.38 -41.86
C ILE K 4181 6.45 9.56 -40.60
N GLU K 4182 5.22 9.12 -40.36
CA GLU K 4182 4.90 8.37 -39.17
C GLU K 4182 4.00 7.21 -39.53
N ILE K 4183 4.51 6.00 -39.37
CA ILE K 4183 3.74 4.79 -39.63
C ILE K 4183 3.65 4.02 -38.32
N MET K 4184 2.62 3.17 -38.23
CA MET K 4184 2.42 2.35 -37.05
C MET K 4184 2.52 0.89 -37.47
N GLY K 4185 3.63 0.26 -37.12
CA GLY K 4185 3.76 -1.16 -37.22
C GLY K 4185 4.50 -1.68 -35.99
N ALA K 4186 4.86 -2.96 -36.05
CA ALA K 4186 5.67 -3.65 -35.04
C ALA K 4186 5.01 -3.57 -33.66
N SER K 4187 3.84 -4.22 -33.59
CA SER K 4187 3.06 -4.40 -32.35
C SER K 4187 2.61 -3.07 -31.75
N ARG K 4188 1.80 -2.34 -32.53
CA ARG K 4188 0.99 -1.21 -32.08
C ARG K 4188 1.80 -0.07 -31.49
N ARG K 4189 2.72 0.49 -32.26
CA ARG K 4189 3.44 1.68 -31.87
C ARG K 4189 3.76 2.50 -33.11
N ILE K 4190 3.54 3.79 -33.05
CA ILE K 4190 3.89 4.67 -34.15
C ILE K 4190 5.26 5.27 -33.87
N GLU K 4191 6.07 5.44 -34.91
CA GLU K 4191 7.40 5.97 -34.77
C GLU K 4191 7.77 6.79 -35.99
N ARG K 4192 8.58 7.81 -35.77
CA ARG K 4192 8.99 8.74 -36.82
C ARG K 4192 9.99 8.03 -37.71
N ILE K 4193 9.71 8.01 -39.00
CA ILE K 4193 10.61 7.42 -39.99
C ILE K 4193 11.12 8.57 -40.84
N TYR K 4194 12.38 8.49 -41.25
CA TYR K 4194 13.05 9.60 -41.90
C TYR K 4194 13.68 9.08 -43.17
N PHE K 4195 13.93 9.98 -44.13
CA PHE K 4195 14.39 9.57 -45.45
C PHE K 4195 14.96 10.75 -46.19
N GLU K 4196 15.55 10.47 -47.34
CA GLU K 4196 16.07 11.47 -48.24
C GLU K 4196 15.10 11.68 -49.37
N ILE K 4197 14.95 12.93 -49.81
CA ILE K 4197 14.17 13.27 -50.99
C ILE K 4197 15.11 14.01 -51.95
N SER K 4198 15.19 13.54 -53.18
CA SER K 4198 16.09 14.14 -54.14
C SER K 4198 15.57 15.51 -54.58
N GLU K 4199 16.45 16.25 -55.26
CA GLU K 4199 16.00 17.44 -55.97
C GLU K 4199 15.11 17.08 -57.13
N THR K 4200 15.32 15.92 -57.74
CA THR K 4200 14.56 15.52 -58.92
C THR K 4200 13.14 15.12 -58.57
N ASN K 4201 12.94 14.50 -57.41
CA ASN K 4201 11.61 14.06 -57.03
C ASN K 4201 10.73 15.24 -56.61
N ARG K 4202 11.33 16.29 -56.06
CA ARG K 4202 10.54 17.46 -55.72
C ARG K 4202 10.37 18.39 -56.92
N ALA K 4203 11.24 18.30 -57.91
CA ALA K 4203 11.11 19.13 -59.10
C ALA K 4203 9.90 18.73 -59.94
N GLN K 4204 9.71 17.44 -60.16
CA GLN K 4204 8.58 16.98 -60.96
C GLN K 4204 7.38 16.62 -60.09
N TRP K 4205 7.37 17.02 -58.83
CA TRP K 4205 6.15 16.94 -58.05
C TRP K 4205 5.37 18.23 -58.10
N GLU K 4206 6.06 19.36 -58.10
CA GLU K 4206 5.41 20.68 -58.11
C GLU K 4206 5.25 21.17 -59.55
N MET K 4207 4.56 20.33 -60.33
CA MET K 4207 4.13 20.68 -61.67
C MET K 4207 2.61 20.72 -61.70
N PRO K 4208 2.03 21.69 -62.40
CA PRO K 4208 0.57 21.83 -62.39
C PRO K 4208 -0.13 20.69 -63.08
N GLN K 4209 0.48 20.08 -64.10
CA GLN K 4209 -0.06 18.88 -64.74
C GLN K 4209 -0.14 17.71 -63.77
N VAL K 4210 0.77 17.67 -62.79
CA VAL K 4210 0.62 16.71 -61.70
C VAL K 4210 -0.37 17.22 -60.68
N LYS K 4211 -0.34 18.53 -60.41
CA LYS K 4211 -1.20 19.14 -59.40
C LYS K 4211 -2.67 19.09 -59.75
N GLU K 4212 -3.02 19.17 -61.05
CA GLU K 4212 -4.42 19.11 -61.45
C GLU K 4212 -5.03 17.75 -61.16
N SER K 4213 -4.22 16.68 -61.26
CA SER K 4213 -4.69 15.37 -60.85
C SER K 4213 -4.88 15.30 -59.35
N LYS K 4214 -4.08 16.03 -58.60
CA LYS K 4214 -4.25 15.94 -57.18
C LYS K 4214 -5.51 16.61 -56.74
N ARG K 4215 -5.76 17.79 -57.26
CA ARG K 4215 -6.95 18.52 -56.83
C ARG K 4215 -8.21 17.73 -57.12
N GLN K 4216 -8.24 17.02 -58.25
CA GLN K 4216 -9.33 16.09 -58.50
C GLN K 4216 -9.30 14.92 -57.52
N PHE K 4217 -8.11 14.40 -57.21
CA PHE K 4217 -7.99 13.25 -56.32
C PHE K 4217 -8.41 13.60 -54.90
N ILE K 4218 -8.17 14.85 -54.48
CA ILE K 4218 -8.72 15.35 -53.24
C ILE K 4218 -10.23 15.30 -53.27
N PHE K 4219 -10.83 15.65 -54.41
CA PHE K 4219 -12.27 15.80 -54.47
C PHE K 4219 -13.00 14.46 -54.39
N ASP K 4220 -12.77 13.57 -55.35
CA ASP K 4220 -13.59 12.38 -55.50
C ASP K 4220 -13.32 11.32 -54.44
N VAL K 4221 -12.36 11.53 -53.54
CA VAL K 4221 -12.07 10.60 -52.47
C VAL K 4221 -12.79 10.98 -51.19
N VAL K 4222 -12.68 12.24 -50.78
CA VAL K 4222 -13.36 12.66 -49.57
C VAL K 4222 -14.84 12.92 -49.79
N ASN K 4223 -15.31 12.91 -51.04
CA ASN K 4223 -16.72 13.15 -51.31
C ASN K 4223 -17.51 11.85 -51.39
N GLU K 4224 -17.16 10.99 -52.34
CA GLU K 4224 -17.90 9.76 -52.57
C GLU K 4224 -17.15 8.51 -52.16
N GLY K 4225 -15.85 8.60 -51.94
CA GLY K 4225 -15.09 7.43 -51.50
C GLY K 4225 -15.18 7.23 -50.00
N GLY K 4226 -15.39 5.97 -49.61
CA GLY K 4226 -15.43 5.63 -48.20
C GLY K 4226 -14.04 5.60 -47.59
N GLU K 4227 -14.02 5.30 -46.29
CA GLU K 4227 -12.77 5.27 -45.54
C GLU K 4227 -11.92 4.06 -45.87
N ALA K 4228 -12.53 3.03 -46.44
CA ALA K 4228 -11.79 1.82 -46.78
C ALA K 4228 -10.86 2.04 -47.97
N GLU K 4229 -11.42 2.36 -49.13
CA GLU K 4229 -10.64 2.53 -50.34
C GLU K 4229 -9.83 3.82 -50.36
N LYS K 4230 -10.05 4.66 -49.36
CA LYS K 4230 -9.32 5.91 -49.28
C LYS K 4230 -7.86 5.61 -49.47
N MET K 4231 -7.35 4.68 -48.68
CA MET K 4231 -5.94 4.35 -48.77
C MET K 4231 -5.63 3.58 -50.04
N GLU K 4232 -6.55 2.73 -50.48
CA GLU K 4232 -6.33 1.96 -51.71
C GLU K 4232 -6.33 2.85 -52.94
N LEU K 4233 -7.19 3.87 -52.96
CA LEU K 4233 -7.13 4.86 -54.03
C LEU K 4233 -5.89 5.72 -53.91
N PHE K 4234 -5.46 5.98 -52.67
CA PHE K 4234 -4.29 6.80 -52.41
C PHE K 4234 -3.04 6.18 -53.01
N VAL K 4235 -2.80 4.90 -52.74
CA VAL K 4235 -1.63 4.24 -53.31
C VAL K 4235 -1.82 4.04 -54.81
N SER K 4236 -3.07 3.91 -55.25
CA SER K 4236 -3.35 3.91 -56.68
C SER K 4236 -3.05 5.26 -57.29
N PHE K 4237 -3.46 6.33 -56.60
CA PHE K 4237 -3.05 7.67 -57.00
C PHE K 4237 -1.55 7.85 -56.92
N CYS K 4238 -0.93 7.28 -55.87
CA CYS K 4238 0.52 7.29 -55.77
C CYS K 4238 1.14 6.50 -56.91
N GLU K 4239 0.45 5.46 -57.37
CA GLU K 4239 0.97 4.75 -58.53
C GLU K 4239 0.83 5.64 -59.76
N ASP K 4240 -0.36 6.17 -59.98
CA ASP K 4240 -0.61 6.98 -61.19
C ASP K 4240 0.23 8.25 -61.32
N THR K 4241 0.45 8.94 -60.22
CA THR K 4241 1.24 10.15 -60.28
C THR K 4241 2.68 9.77 -60.55
N ILE K 4242 3.15 8.72 -59.90
CA ILE K 4242 4.50 8.26 -60.15
C ILE K 4242 4.61 8.02 -61.64
N PHE K 4243 3.57 7.43 -62.21
CA PHE K 4243 3.59 7.20 -63.65
C PHE K 4243 3.74 8.49 -64.41
N GLU K 4244 2.77 9.38 -64.30
CA GLU K 4244 2.84 10.60 -65.08
C GLU K 4244 4.22 11.22 -64.97
N MET K 4245 4.86 11.04 -63.82
CA MET K 4245 6.16 11.67 -63.63
C MET K 4245 7.23 10.98 -64.45
N GLN K 4246 7.13 9.68 -64.63
CA GLN K 4246 8.05 8.98 -65.53
C GLN K 4246 7.85 9.44 -66.97
N ILE K 4247 6.61 9.60 -67.40
CA ILE K 4247 6.36 9.98 -68.77
C ILE K 4247 6.63 11.47 -68.99
N ALA K 4248 6.62 12.27 -67.92
CA ALA K 4248 7.05 13.66 -68.04
C ALA K 4248 8.57 13.75 -68.05
N ALA K 4249 9.23 12.84 -67.36
CA ALA K 4249 10.67 12.72 -67.49
C ALA K 4249 11.07 12.16 -68.84
N GLN K 4250 10.18 11.42 -69.50
CA GLN K 4250 10.47 10.91 -70.83
C GLN K 4250 10.47 12.03 -71.87
N ILE K 4251 9.66 13.06 -71.64
CA ILE K 4251 9.51 14.15 -72.61
C ILE K 4251 10.26 15.40 -72.19
N SER K 4252 11.06 15.33 -71.12
CA SER K 4252 11.78 16.50 -70.64
C SER K 4252 12.92 16.86 -71.57
N GLU K 4253 13.13 18.15 -71.75
CA GLU K 4253 14.16 18.65 -72.67
C GLU K 4253 15.55 18.48 -72.09
N GLY K 4542 16.30 8.18 -91.94
CA GLY K 4542 17.41 8.91 -91.37
C GLY K 4542 16.95 10.13 -90.59
N GLU K 4543 16.99 10.00 -89.26
CA GLU K 4543 16.64 11.09 -88.37
C GLU K 4543 15.15 11.38 -88.40
N LEU K 4544 14.40 10.66 -89.24
CA LEU K 4544 12.96 10.82 -89.32
C LEU K 4544 12.36 10.60 -87.94
N GLU K 4545 12.83 9.57 -87.24
CA GLU K 4545 12.41 9.36 -85.85
C GLU K 4545 12.83 10.53 -84.98
N VAL K 4546 14.06 11.02 -85.16
CA VAL K 4546 14.56 12.12 -84.33
C VAL K 4546 13.75 13.38 -84.56
N GLN K 4547 13.51 13.72 -85.84
CA GLN K 4547 12.73 14.90 -86.16
C GLN K 4547 11.30 14.79 -85.61
N ARG K 4548 10.70 13.61 -85.76
CA ARG K 4548 9.34 13.41 -85.25
C ARG K 4548 9.30 13.51 -83.73
N VAL K 4549 10.35 13.04 -83.06
CA VAL K 4549 10.40 13.12 -81.60
C VAL K 4549 10.56 14.57 -81.16
N LYS K 4550 11.38 15.33 -81.88
CA LYS K 4550 11.50 16.75 -81.59
C LYS K 4550 10.16 17.45 -81.77
N PHE K 4551 9.44 17.09 -82.84
CA PHE K 4551 8.10 17.61 -83.11
C PHE K 4551 7.17 17.32 -81.95
N LEU K 4552 7.12 16.06 -81.52
CA LEU K 4552 6.25 15.66 -80.43
C LEU K 4552 6.60 16.38 -79.12
N ASN K 4553 7.91 16.49 -78.83
CA ASN K 4553 8.33 17.18 -77.62
C ASN K 4553 7.91 18.65 -77.66
N TYR K 4554 8.11 19.31 -78.81
CA TYR K 4554 7.65 20.67 -78.97
C TYR K 4554 6.15 20.78 -78.72
N LEU K 4555 5.38 19.86 -79.30
CA LEU K 4555 3.94 19.85 -79.12
C LEU K 4555 3.55 19.74 -77.66
N SER K 4556 3.95 18.64 -77.01
CA SER K 4556 3.55 18.36 -75.64
C SER K 4556 3.99 19.46 -74.68
N ARG K 4557 5.19 20.00 -74.90
CA ARG K 4557 5.72 21.05 -74.04
C ARG K 4557 4.84 22.28 -74.11
N ASN K 4558 4.39 22.66 -75.31
CA ASN K 4558 3.51 23.80 -75.47
C ASN K 4558 2.06 23.41 -75.22
N PHE K 4559 1.74 22.12 -75.34
CA PHE K 4559 0.35 21.67 -75.21
C PHE K 4559 -0.51 22.52 -74.31
N TYR K 4560 -0.25 22.79 -73.03
CA TYR K 4560 -1.12 23.72 -72.25
C TYR K 4560 -1.52 25.10 -72.91
N THR K 4561 -0.62 25.78 -73.63
CA THR K 4561 -0.87 27.03 -74.38
C THR K 4561 -1.42 26.88 -75.80
N LEU K 4562 -1.22 25.75 -76.47
CA LEU K 4562 -1.79 25.67 -77.82
C LEU K 4562 -3.33 25.69 -77.78
N LYS K 4563 -3.95 25.40 -76.64
CA LYS K 4563 -5.39 25.59 -76.40
C LYS K 4563 -5.82 27.06 -76.33
N TYR K 4564 -5.00 27.97 -75.84
CA TYR K 4564 -5.34 29.40 -75.82
C TYR K 4564 -5.33 30.00 -77.22
N LEU K 4565 -4.34 29.71 -78.07
CA LEU K 4565 -4.41 30.20 -79.44
C LEU K 4565 -5.61 29.57 -80.12
N ALA K 4566 -6.08 28.38 -79.76
CA ALA K 4566 -7.30 27.84 -80.38
C ALA K 4566 -8.56 28.58 -79.91
N LEU K 4567 -8.59 29.03 -78.65
CA LEU K 4567 -9.70 29.80 -78.10
C LEU K 4567 -9.79 31.20 -78.69
N PHE K 4568 -8.66 31.91 -78.85
CA PHE K 4568 -8.61 33.22 -79.46
C PHE K 4568 -9.20 33.11 -80.85
N LEU K 4569 -8.45 32.55 -81.78
CA LEU K 4569 -8.95 32.42 -83.13
C LEU K 4569 -10.46 32.27 -83.10
N ALA K 4570 -10.97 31.26 -82.40
CA ALA K 4570 -12.40 31.00 -82.43
C ALA K 4570 -13.22 32.17 -81.93
N PHE K 4571 -12.68 33.02 -81.06
CA PHE K 4571 -13.43 34.20 -80.68
C PHE K 4571 -13.24 35.27 -81.73
N ALA K 4572 -12.29 35.08 -82.65
CA ALA K 4572 -12.14 36.03 -83.74
C ALA K 4572 -12.96 35.68 -84.99
N ILE K 4573 -12.88 34.45 -85.46
CA ILE K 4573 -13.68 34.06 -86.62
C ILE K 4573 -15.14 34.40 -86.36
N ASN K 4574 -15.52 34.66 -85.11
CA ASN K 4574 -16.90 35.06 -84.86
C ASN K 4574 -17.10 36.56 -85.08
N PHE K 4575 -16.46 37.41 -84.31
CA PHE K 4575 -16.56 38.84 -84.58
C PHE K 4575 -16.53 39.11 -86.07
N ILE K 4576 -15.82 38.31 -86.86
CA ILE K 4576 -15.90 38.54 -88.28
C ILE K 4576 -17.27 38.10 -88.77
N LEU K 4577 -17.62 36.85 -88.52
CA LEU K 4577 -18.89 36.32 -89.04
C LEU K 4577 -20.08 37.15 -88.63
N LEU K 4578 -20.04 37.73 -87.43
CA LEU K 4578 -21.17 38.50 -86.92
C LEU K 4578 -21.46 39.61 -87.87
N PHE K 4579 -20.76 39.59 -88.99
CA PHE K 4579 -21.05 40.61 -90.01
C PHE K 4579 -21.53 40.04 -91.33
N TYR K 4580 -22.59 39.23 -91.33
CA TYR K 4580 -23.20 38.76 -92.56
C TYR K 4580 -24.51 39.48 -92.85
N LYS K 4581 -24.79 39.66 -94.13
CA LYS K 4581 -26.07 40.14 -94.63
C LYS K 4581 -26.52 39.23 -95.77
N VAL K 4582 -27.77 39.41 -96.21
CA VAL K 4582 -28.33 38.61 -97.29
C VAL K 4582 -29.00 39.54 -98.29
N SER K 4583 -29.09 39.08 -99.54
CA SER K 4583 -29.74 39.82 -100.60
C SER K 4583 -29.85 38.92 -101.82
N ASP K 4584 -30.66 39.34 -102.79
CA ASP K 4584 -30.87 38.54 -103.99
C ASP K 4584 -29.72 38.74 -104.99
N SER K 4585 -29.52 39.97 -105.45
CA SER K 4585 -28.44 40.28 -106.36
C SER K 4585 -27.11 40.15 -105.64
N PRO K 4586 -26.31 39.14 -105.94
CA PRO K 4586 -25.07 38.90 -105.19
C PRO K 4586 -23.99 39.88 -105.60
N PRO K 4587 -23.64 40.84 -104.72
CA PRO K 4587 -22.55 41.77 -105.00
C PRO K 4587 -21.19 41.07 -105.00
N ASN K 4626 -30.03 31.34 -105.59
CA ASN K 4626 -30.86 32.52 -105.40
C ASN K 4626 -30.22 33.48 -104.40
N MET K 4627 -30.73 33.48 -103.16
CA MET K 4627 -30.19 34.33 -102.12
C MET K 4627 -28.70 34.07 -101.94
N VAL K 4628 -27.89 35.12 -101.98
CA VAL K 4628 -26.44 34.98 -102.00
C VAL K 4628 -25.92 35.55 -100.67
N TYR K 4629 -25.60 34.65 -99.74
CA TYR K 4629 -24.93 35.05 -98.52
C TYR K 4629 -23.63 35.75 -98.86
N TYR K 4630 -23.36 36.90 -98.25
CA TYR K 4630 -22.12 37.63 -98.46
C TYR K 4630 -21.80 38.43 -97.21
N PHE K 4631 -20.70 39.18 -97.27
CA PHE K 4631 -20.14 39.82 -96.08
C PHE K 4631 -20.29 41.34 -96.21
N LEU K 4632 -20.59 41.99 -95.08
CA LEU K 4632 -20.91 43.42 -95.09
C LEU K 4632 -19.74 44.26 -95.61
N GLU K 4633 -18.53 43.77 -95.45
CA GLU K 4633 -17.35 44.51 -95.88
C GLU K 4633 -17.25 45.86 -95.16
N GLU K 4634 -17.05 45.81 -93.84
CA GLU K 4634 -17.02 47.02 -93.02
C GLU K 4634 -15.89 47.97 -93.41
N SER K 4635 -15.08 47.57 -94.39
CA SER K 4635 -14.00 48.39 -94.95
C SER K 4635 -12.73 48.38 -94.11
N THR K 4636 -12.63 47.49 -93.12
CA THR K 4636 -11.37 47.26 -92.42
C THR K 4636 -10.50 46.37 -93.31
N GLY K 4637 -9.36 45.90 -92.79
CA GLY K 4637 -8.60 44.91 -93.50
C GLY K 4637 -9.51 43.81 -93.99
N TYR K 4638 -9.38 43.41 -95.25
CA TYR K 4638 -10.37 42.53 -95.87
C TYR K 4638 -10.68 41.36 -94.95
N MET K 4639 -11.93 41.31 -94.47
CA MET K 4639 -12.26 40.35 -93.42
C MET K 4639 -12.39 38.94 -93.95
N GLU K 4640 -12.98 38.82 -95.13
CA GLU K 4640 -13.09 37.50 -95.76
C GLU K 4640 -11.74 36.82 -95.73
N PRO K 4641 -10.74 37.48 -96.34
CA PRO K 4641 -9.40 36.89 -96.34
C PRO K 4641 -8.95 36.46 -94.96
N ALA K 4642 -9.05 37.36 -93.97
CA ALA K 4642 -8.68 37.01 -92.60
C ALA K 4642 -9.56 35.89 -92.07
N LEU K 4643 -10.83 35.88 -92.46
CA LEU K 4643 -11.72 34.80 -92.03
C LEU K 4643 -11.20 33.45 -92.53
N TRP K 4644 -10.81 33.39 -93.79
CA TRP K 4644 -10.26 32.16 -94.36
C TRP K 4644 -8.96 31.77 -93.65
N CYS K 4645 -8.08 32.75 -93.43
CA CYS K 4645 -6.83 32.47 -92.74
C CYS K 4645 -7.08 31.89 -91.36
N LEU K 4646 -7.96 32.50 -90.58
CA LEU K 4646 -8.24 32.02 -89.23
C LEU K 4646 -8.93 30.66 -89.26
N SER K 4647 -9.80 30.42 -90.25
CA SER K 4647 -10.41 29.10 -90.38
C SER K 4647 -9.34 28.03 -90.54
N LEU K 4648 -8.43 28.29 -91.47
CA LEU K 4648 -7.33 27.37 -91.68
C LEU K 4648 -6.69 27.11 -90.35
N LEU K 4649 -6.05 28.13 -89.80
CA LEU K 4649 -5.48 27.97 -88.50
C LEU K 4649 -6.42 27.17 -87.57
N HIS K 4650 -7.62 27.64 -87.26
CA HIS K 4650 -8.44 26.90 -86.30
C HIS K 4650 -8.63 25.43 -86.64
N THR K 4651 -8.32 25.01 -87.88
CA THR K 4651 -8.36 23.60 -88.24
C THR K 4651 -7.00 22.94 -88.08
N LEU K 4652 -5.93 23.75 -88.09
CA LEU K 4652 -4.59 23.20 -87.84
C LEU K 4652 -4.35 23.16 -86.34
N VAL K 4653 -4.41 24.30 -85.68
CA VAL K 4653 -4.24 24.34 -84.24
C VAL K 4653 -5.32 23.54 -83.51
N ALA K 4654 -5.99 22.60 -84.18
CA ALA K 4654 -6.93 21.71 -83.50
C ALA K 4654 -6.19 20.43 -83.59
N PHE K 4655 -5.97 19.95 -84.79
CA PHE K 4655 -5.13 18.78 -85.06
C PHE K 4655 -3.96 18.71 -84.07
N LEU K 4656 -3.24 19.82 -83.93
CA LEU K 4656 -2.09 19.84 -83.04
C LEU K 4656 -2.58 20.02 -81.63
N ILE K 4657 -3.80 19.90 -81.25
CA ILE K 4657 -4.39 19.80 -79.92
C ILE K 4657 -4.81 18.34 -79.77
N ILE K 4658 -4.84 17.58 -80.87
CA ILE K 4658 -5.34 16.22 -80.76
C ILE K 4658 -4.09 15.43 -80.54
N ILE K 4659 -3.09 15.69 -81.35
CA ILE K 4659 -1.81 15.00 -81.24
C ILE K 4659 -1.24 15.14 -79.84
N GLY K 4660 -1.32 16.33 -79.26
CA GLY K 4660 -0.84 16.51 -77.90
C GLY K 4660 -1.55 15.62 -76.92
N TYR K 4661 -2.89 15.57 -77.00
CA TYR K 4661 -3.65 14.70 -76.11
C TYR K 4661 -3.24 13.25 -76.29
N ASN K 4662 -3.13 12.80 -77.55
CA ASN K 4662 -2.75 11.43 -77.81
C ASN K 4662 -1.39 11.09 -77.24
N CYS K 4663 -0.44 12.01 -77.29
CA CYS K 4663 0.90 11.70 -76.83
C CYS K 4663 1.12 12.01 -75.36
N LEU K 4664 0.14 12.59 -74.65
CA LEU K 4664 0.28 12.85 -73.22
C LEU K 4664 -0.69 12.05 -72.37
N LYS K 4665 -2.00 12.14 -72.63
CA LYS K 4665 -2.97 11.61 -71.66
C LYS K 4665 -3.37 10.18 -71.98
N VAL K 4666 -2.86 9.62 -73.07
CA VAL K 4666 -3.20 8.23 -73.41
C VAL K 4666 -2.53 7.24 -72.46
N PRO K 4667 -1.20 7.20 -72.33
CA PRO K 4667 -0.57 6.24 -71.43
C PRO K 4667 -1.23 6.15 -70.06
N LEU K 4668 -1.50 7.30 -69.43
CA LEU K 4668 -2.05 7.27 -68.09
C LEU K 4668 -3.45 6.65 -68.03
N VAL K 4669 -4.10 6.50 -69.18
CA VAL K 4669 -5.38 5.78 -69.22
C VAL K 4669 -5.18 4.32 -69.57
N ILE K 4670 -4.29 4.03 -70.52
CA ILE K 4670 -4.01 2.64 -70.86
C ILE K 4670 -3.03 2.11 -69.82
N PHE K 4671 -2.74 2.94 -68.82
CA PHE K 4671 -2.08 2.52 -67.59
C PHE K 4671 -3.08 2.19 -66.51
N LYS K 4672 -4.10 3.04 -66.37
CA LYS K 4672 -5.14 2.80 -65.38
C LYS K 4672 -5.93 1.53 -65.69
N ARG K 4673 -6.16 1.24 -66.96
CA ARG K 4673 -6.85 0.02 -67.33
C ARG K 4673 -5.97 -1.20 -67.13
N GLU K 4674 -4.73 -1.16 -67.62
CA GLU K 4674 -3.87 -2.33 -67.49
C GLU K 4674 -3.63 -2.67 -66.02
N LYS K 4675 -3.34 -1.67 -65.19
CA LYS K 4675 -3.10 -1.89 -63.78
C LYS K 4675 -4.31 -2.53 -63.12
N GLU K 4676 -5.46 -1.86 -63.22
CA GLU K 4676 -6.68 -2.37 -62.59
C GLU K 4676 -6.98 -3.78 -63.03
N LEU K 4677 -6.86 -4.05 -64.34
CA LEU K 4677 -7.14 -5.39 -64.85
C LEU K 4677 -6.20 -6.42 -64.24
N ALA K 4678 -4.89 -6.25 -64.44
CA ALA K 4678 -3.92 -7.21 -63.95
C ALA K 4678 -4.12 -7.45 -62.47
N ARG K 4679 -4.41 -6.39 -61.71
CA ARG K 4679 -4.54 -6.51 -60.26
C ARG K 4679 -5.82 -7.25 -59.87
N LYS K 4680 -6.91 -7.02 -60.59
CA LYS K 4680 -8.15 -7.75 -60.34
C LYS K 4680 -8.07 -9.13 -60.97
N LEU K 4681 -6.92 -9.45 -61.55
CA LEU K 4681 -6.71 -10.77 -62.14
C LEU K 4681 -5.90 -11.67 -61.20
N GLU K 4682 -4.78 -11.17 -60.69
CA GLU K 4682 -3.88 -11.98 -59.87
C GLU K 4682 -4.28 -11.99 -58.40
N PHE K 4683 -5.32 -11.22 -58.05
CA PHE K 4683 -5.76 -11.19 -56.66
C PHE K 4683 -7.16 -11.78 -56.52
N ASP K 4684 -8.12 -11.27 -57.28
CA ASP K 4684 -9.49 -11.75 -57.22
C ASP K 4684 -9.75 -12.91 -58.17
N GLY K 4685 -8.81 -13.23 -59.06
CA GLY K 4685 -9.04 -14.25 -60.06
C GLY K 4685 -10.33 -14.03 -60.81
N LEU K 4686 -10.41 -12.93 -61.55
CA LEU K 4686 -11.67 -12.53 -62.17
C LEU K 4686 -12.17 -13.52 -63.21
N TYR K 4687 -11.30 -13.99 -64.09
CA TYR K 4687 -11.73 -14.76 -65.26
C TYR K 4687 -11.59 -16.25 -65.07
N ILE K 4688 -10.43 -16.74 -64.60
CA ILE K 4688 -10.20 -18.18 -64.55
C ILE K 4688 -11.13 -18.83 -63.53
N THR K 4689 -11.41 -18.15 -62.43
CA THR K 4689 -12.28 -18.70 -61.39
C THR K 4689 -13.71 -18.16 -61.50
N GLU K 4690 -13.88 -16.84 -61.50
CA GLU K 4690 -15.18 -16.21 -61.62
C GLU K 4690 -15.42 -15.81 -63.08
N GLN K 4691 -16.54 -15.16 -63.33
CA GLN K 4691 -16.89 -14.74 -64.69
C GLN K 4691 -17.64 -13.42 -64.64
N PRO K 4692 -17.34 -12.47 -65.54
CA PRO K 4692 -17.98 -11.15 -65.54
C PRO K 4692 -19.44 -11.20 -65.98
N ASP K 4696 -21.05 -6.41 -67.19
CA ASP K 4696 -20.02 -5.37 -67.34
C ASP K 4696 -19.40 -5.42 -68.73
N VAL K 4697 -19.81 -4.50 -69.59
CA VAL K 4697 -19.28 -4.41 -70.94
C VAL K 4697 -17.77 -4.23 -70.88
N LYS K 4698 -17.31 -3.48 -69.89
CA LYS K 4698 -15.88 -3.23 -69.72
C LYS K 4698 -15.12 -4.55 -69.64
N GLY K 4699 -15.56 -5.44 -68.76
CA GLY K 4699 -14.90 -6.72 -68.59
C GLY K 4699 -14.91 -7.57 -69.84
N GLN K 4700 -16.06 -7.62 -70.52
CA GLN K 4700 -16.17 -8.42 -71.73
C GLN K 4700 -15.19 -7.91 -72.79
N TRP K 4701 -15.11 -6.58 -72.94
CA TRP K 4701 -14.15 -6.02 -73.90
C TRP K 4701 -12.72 -6.33 -73.48
N ASP K 4702 -12.41 -6.17 -72.19
CA ASP K 4702 -11.06 -6.48 -71.71
C ASP K 4702 -10.72 -7.95 -71.95
N ARG K 4703 -11.71 -8.82 -72.04
CA ARG K 4703 -11.40 -10.22 -72.27
C ARG K 4703 -11.01 -10.42 -73.72
N LEU K 4704 -10.04 -9.64 -74.18
CA LEU K 4704 -9.52 -9.71 -75.53
C LEU K 4704 -8.00 -9.61 -75.61
N VAL K 4705 -7.34 -8.97 -74.65
CA VAL K 4705 -5.90 -8.77 -74.73
C VAL K 4705 -5.11 -9.83 -73.98
N LEU K 4706 -5.77 -10.63 -73.13
CA LEU K 4706 -5.07 -11.60 -72.31
C LEU K 4706 -4.18 -12.49 -73.17
N ASN K 4707 -4.66 -12.84 -74.36
CA ASN K 4707 -3.84 -13.56 -75.33
C ASN K 4707 -2.71 -12.71 -75.91
N THR K 4708 -2.75 -11.40 -75.77
CA THR K 4708 -1.78 -10.54 -76.41
C THR K 4708 -0.38 -10.83 -75.87
N PRO K 4709 0.66 -10.68 -76.67
CA PRO K 4709 2.03 -10.94 -76.17
C PRO K 4709 2.57 -9.81 -75.32
N SER K 4710 1.81 -8.74 -75.15
CA SER K 4710 2.30 -7.57 -74.43
C SER K 4710 1.26 -6.98 -73.48
N PHE K 4711 0.41 -7.83 -72.89
CA PHE K 4711 -0.64 -7.36 -71.98
C PHE K 4711 -0.18 -6.26 -71.03
N PRO K 4712 0.87 -6.43 -70.24
CA PRO K 4712 1.34 -5.34 -69.38
C PRO K 4712 2.28 -4.39 -70.11
N SER K 4713 1.73 -3.46 -70.89
CA SER K 4713 2.52 -2.58 -71.74
C SER K 4713 2.89 -1.27 -71.06
N ASN K 4714 2.16 -0.88 -70.02
CA ASN K 4714 2.50 0.34 -69.27
C ASN K 4714 2.56 0.05 -67.79
N TYR K 4715 1.78 -0.93 -67.34
CA TYR K 4715 1.83 -1.39 -65.95
C TYR K 4715 3.19 -2.02 -65.70
N TRP K 4716 4.03 -1.35 -64.89
CA TRP K 4716 5.45 -1.67 -64.81
C TRP K 4716 5.67 -3.17 -64.68
N ASP K 4717 4.88 -3.83 -63.83
CA ASP K 4717 5.07 -5.25 -63.62
C ASP K 4717 4.81 -6.01 -64.91
N LYS K 4718 5.87 -6.55 -65.49
CA LYS K 4718 5.77 -7.32 -66.73
C LYS K 4718 5.82 -8.82 -66.49
N PHE K 4719 5.73 -9.25 -65.23
CA PHE K 4719 5.71 -10.67 -64.88
C PHE K 4719 4.36 -11.10 -64.33
N VAL K 4720 3.34 -10.26 -64.48
CA VAL K 4720 2.00 -10.61 -64.02
C VAL K 4720 1.44 -11.81 -64.76
N LYS K 4721 2.11 -12.27 -65.82
CA LYS K 4721 1.71 -13.49 -66.50
C LYS K 4721 1.97 -14.70 -65.61
N ARG K 4722 3.23 -14.88 -65.21
CA ARG K 4722 3.60 -16.03 -64.40
C ARG K 4722 2.77 -16.09 -63.12
N LYS K 4723 2.78 -14.99 -62.36
CA LYS K 4723 2.14 -14.92 -61.05
C LYS K 4723 0.78 -15.62 -61.02
N VAL K 4724 -0.12 -15.23 -61.92
CA VAL K 4724 -1.47 -15.77 -61.90
C VAL K 4724 -1.47 -17.25 -62.21
N LEU K 4725 -0.77 -17.65 -63.27
CA LEU K 4725 -0.63 -19.05 -63.62
C LEU K 4725 -0.22 -19.85 -62.38
N ASP K 4726 0.93 -19.49 -61.81
CA ASP K 4726 1.49 -20.21 -60.67
C ASP K 4726 0.50 -20.26 -59.51
N LYS K 4727 -0.18 -19.15 -59.22
CA LYS K 4727 -1.00 -19.13 -58.02
C LYS K 4727 -2.26 -19.95 -58.23
N HIS K 4728 -2.75 -20.03 -59.47
CA HIS K 4728 -3.81 -20.98 -59.78
C HIS K 4728 -3.31 -22.11 -60.67
N GLY K 4729 -2.03 -22.43 -60.58
CA GLY K 4729 -1.45 -23.48 -61.39
C GLY K 4729 -2.37 -24.64 -61.68
N ASP K 4730 -2.66 -25.44 -60.67
CA ASP K 4730 -3.46 -26.66 -60.90
C ASP K 4730 -4.94 -26.47 -60.65
N ILE K 4731 -5.30 -25.74 -59.61
CA ILE K 4731 -6.72 -25.58 -59.27
C ILE K 4731 -7.61 -25.47 -60.51
N PHE K 4732 -7.15 -24.78 -61.55
CA PHE K 4732 -7.97 -24.59 -62.74
C PHE K 4732 -7.27 -25.05 -64.01
N GLY K 4733 -6.35 -26.01 -63.88
CA GLY K 4733 -5.67 -26.55 -65.03
C GLY K 4733 -4.61 -25.66 -65.63
N ARG K 4734 -3.35 -26.02 -65.44
CA ARG K 4734 -2.26 -25.22 -65.97
C ARG K 4734 -2.41 -25.04 -67.47
N GLU K 4735 -2.31 -26.14 -68.22
CA GLU K 4735 -2.37 -26.03 -69.67
C GLU K 4735 -3.54 -25.14 -70.09
N ARG K 4736 -4.69 -25.28 -69.43
CA ARG K 4736 -5.84 -24.44 -69.73
C ARG K 4736 -5.52 -22.97 -69.48
N ILE K 4737 -4.88 -22.67 -68.35
CA ILE K 4737 -4.50 -21.29 -68.05
C ILE K 4737 -3.45 -20.77 -69.03
N ALA K 4738 -2.47 -21.58 -69.40
CA ALA K 4738 -1.49 -21.14 -70.38
C ALA K 4738 -2.13 -20.86 -71.72
N GLU K 4739 -3.16 -21.64 -72.09
CA GLU K 4739 -3.91 -21.35 -73.31
C GLU K 4739 -4.68 -20.05 -73.18
N LEU K 4740 -5.34 -19.82 -72.04
CA LEU K 4740 -6.09 -18.59 -71.85
C LEU K 4740 -5.18 -17.36 -71.91
N LEU K 4741 -4.00 -17.43 -71.30
CA LEU K 4741 -3.09 -16.30 -71.23
C LEU K 4741 -2.08 -16.26 -72.36
N GLY K 4742 -2.12 -17.21 -73.29
CA GLY K 4742 -1.18 -17.21 -74.39
C GLY K 4742 0.27 -17.32 -73.98
N MET K 4743 0.55 -17.87 -72.81
CA MET K 4743 1.92 -18.00 -72.33
C MET K 4743 2.75 -19.01 -73.11
N ASP K 4744 2.13 -20.06 -73.64
CA ASP K 4744 2.87 -21.18 -74.22
C ASP K 4744 3.59 -21.98 -73.14
N LEU K 4745 2.92 -22.14 -72.00
CA LEU K 4745 3.36 -22.91 -70.84
C LEU K 4745 4.76 -23.48 -70.95
N ALA K 4746 4.88 -24.74 -71.38
CA ALA K 4746 6.14 -25.46 -71.38
C ALA K 4746 7.25 -24.65 -72.04
N SER K 4747 7.08 -24.31 -73.31
CA SER K 4747 8.08 -23.50 -74.00
C SER K 4747 8.29 -22.19 -73.27
N LEU K 4748 7.21 -21.64 -72.70
CA LEU K 4748 7.30 -20.39 -71.96
C LEU K 4748 8.32 -20.51 -70.84
N GLU K 4749 8.05 -21.41 -69.89
CA GLU K 4749 9.03 -21.67 -68.83
C GLU K 4749 10.35 -22.19 -69.38
N ILE K 4750 10.34 -22.73 -70.60
CA ILE K 4750 11.54 -23.24 -71.25
C ILE K 4750 12.34 -22.08 -71.82
N THR K 4751 11.85 -20.86 -71.60
CA THR K 4751 12.50 -19.67 -72.13
C THR K 4751 13.99 -19.64 -71.76
N ALA K 4752 14.83 -19.34 -72.75
CA ALA K 4752 16.26 -19.34 -72.54
C ALA K 4752 16.68 -18.32 -71.48
N HIS K 4753 15.91 -17.24 -71.35
CA HIS K 4753 16.22 -16.17 -70.41
C HIS K 4753 16.54 -16.72 -69.03
N ASN K 4754 15.59 -17.43 -68.42
CA ASN K 4754 15.80 -18.01 -67.11
C ASN K 4754 17.02 -18.91 -67.10
N GLU K 4755 17.11 -19.81 -68.07
CA GLU K 4755 18.24 -20.73 -68.17
C GLU K 4755 19.51 -19.99 -68.57
N ARG K 4756 19.49 -19.33 -69.73
CA ARG K 4756 20.67 -18.63 -70.22
C ARG K 4756 20.28 -17.31 -70.88
N THR K 4766 11.56 0.38 -86.17
CA THR K 4766 10.65 -0.37 -87.03
C THR K 4766 9.38 -0.75 -86.29
N TRP K 4767 8.79 0.22 -85.57
CA TRP K 4767 7.56 -0.02 -84.82
C TRP K 4767 6.47 -0.54 -85.74
N LEU K 4768 6.32 0.07 -86.91
CA LEU K 4768 5.30 -0.37 -87.87
C LEU K 4768 5.60 -1.79 -88.35
N MET K 4769 6.88 -2.17 -88.35
CA MET K 4769 7.28 -3.48 -88.85
C MET K 4769 6.57 -4.61 -88.11
N SER K 4770 6.61 -4.58 -86.78
CA SER K 4770 6.05 -5.62 -85.94
C SER K 4770 4.99 -5.06 -84.99
N ILE K 4771 4.10 -4.21 -85.49
CA ILE K 4771 3.06 -3.61 -84.68
C ILE K 4771 1.92 -4.60 -84.50
N ASP K 4772 1.80 -5.15 -83.28
CA ASP K 4772 0.73 -6.10 -83.00
C ASP K 4772 -0.64 -5.46 -83.25
N VAL K 4773 -1.49 -6.16 -83.99
CA VAL K 4773 -2.79 -5.59 -84.36
C VAL K 4773 -3.76 -5.64 -83.19
N LYS K 4774 -3.95 -6.84 -82.61
CA LYS K 4774 -5.03 -7.04 -81.65
C LYS K 4774 -4.87 -6.11 -80.44
N TYR K 4775 -3.64 -5.96 -79.94
CA TYR K 4775 -3.44 -5.05 -78.81
C TYR K 4775 -3.77 -3.62 -79.20
N GLN K 4776 -3.43 -3.21 -80.42
CA GLN K 4776 -3.83 -1.89 -80.89
C GLN K 4776 -5.34 -1.76 -80.92
N ILE K 4777 -6.05 -2.80 -81.36
CA ILE K 4777 -7.50 -2.74 -81.36
C ILE K 4777 -8.03 -2.54 -79.95
N TRP K 4778 -7.49 -3.28 -78.98
CA TRP K 4778 -7.95 -3.13 -77.61
C TRP K 4778 -7.68 -1.71 -77.10
N LYS K 4779 -6.49 -1.19 -77.38
CA LYS K 4779 -6.13 0.14 -76.90
C LYS K 4779 -7.04 1.20 -77.50
N PHE K 4780 -7.31 1.11 -78.80
CA PHE K 4780 -8.19 2.09 -79.43
C PHE K 4780 -9.60 1.97 -78.90
N GLY K 4781 -10.08 0.75 -78.68
CA GLY K 4781 -11.39 0.58 -78.10
C GLY K 4781 -11.49 1.26 -76.75
N VAL K 4782 -10.48 1.05 -75.90
CA VAL K 4782 -10.53 1.62 -74.56
C VAL K 4782 -10.43 3.14 -74.61
N ILE K 4783 -9.62 3.69 -75.51
CA ILE K 4783 -9.49 5.13 -75.60
C ILE K 4783 -10.77 5.77 -76.13
N PHE K 4784 -11.37 5.17 -77.16
CA PHE K 4784 -12.63 5.68 -77.69
C PHE K 4784 -13.72 5.56 -76.65
N THR K 4785 -13.59 4.59 -75.74
CA THR K 4785 -14.47 4.51 -74.59
C THR K 4785 -14.27 5.66 -73.62
N ASP K 4786 -13.19 6.43 -73.77
CA ASP K 4786 -12.88 7.53 -72.88
C ASP K 4786 -13.79 8.72 -73.19
N ASN K 4787 -13.95 9.61 -72.20
CA ASN K 4787 -14.81 10.77 -72.39
C ASN K 4787 -14.04 11.96 -72.96
N SER K 4788 -12.90 12.30 -72.37
CA SER K 4788 -12.18 13.50 -72.79
C SER K 4788 -11.65 13.37 -74.22
N PHE K 4789 -11.28 12.15 -74.66
CA PHE K 4789 -10.91 11.98 -76.05
C PHE K 4789 -12.10 12.19 -76.97
N LEU K 4790 -13.29 11.75 -76.55
CA LEU K 4790 -14.48 12.02 -77.35
C LEU K 4790 -14.74 13.51 -77.46
N TYR K 4791 -14.56 14.31 -76.42
CA TYR K 4791 -14.78 15.76 -76.54
C TYR K 4791 -13.77 16.41 -77.47
N SER K 4792 -12.50 16.04 -77.39
CA SER K 4792 -11.51 16.57 -78.32
C SER K 4792 -11.75 16.07 -79.76
N GLY K 4793 -12.28 14.86 -79.95
CA GLY K 4793 -12.70 14.42 -81.27
C GLY K 4793 -13.83 15.26 -81.80
N TRP K 4794 -14.82 15.57 -80.94
CA TRP K 4794 -15.90 16.46 -81.34
C TRP K 4794 -15.37 17.84 -81.71
N TYR K 4795 -14.44 18.41 -80.95
CA TYR K 4795 -13.90 19.72 -81.27
C TYR K 4795 -13.14 19.67 -82.60
N MET K 4796 -12.38 18.60 -82.87
CA MET K 4796 -11.76 18.47 -84.18
C MET K 4796 -12.77 18.34 -85.30
N VAL K 4797 -13.80 17.51 -85.11
CA VAL K 4797 -14.75 17.26 -86.19
C VAL K 4797 -15.51 18.53 -86.52
N MET K 4798 -15.94 19.28 -85.50
CA MET K 4798 -16.62 20.54 -85.76
C MET K 4798 -15.68 21.53 -86.46
N SER K 4799 -14.44 21.64 -85.99
CA SER K 4799 -13.50 22.54 -86.64
C SER K 4799 -13.34 22.19 -88.11
N LEU K 4800 -13.12 20.91 -88.41
CA LEU K 4800 -12.97 20.45 -89.79
C LEU K 4800 -14.21 20.77 -90.60
N LEU K 4801 -15.38 20.45 -90.06
CA LEU K 4801 -16.65 20.65 -90.76
C LEU K 4801 -16.88 22.13 -91.02
N GLY K 4802 -16.23 22.97 -90.23
CA GLY K 4802 -16.37 24.41 -90.40
C GLY K 4802 -16.01 24.89 -91.79
N HIS K 4803 -14.98 24.29 -92.40
CA HIS K 4803 -14.63 24.66 -93.77
C HIS K 4803 -15.78 24.38 -94.72
N TYR K 4804 -16.67 23.46 -94.37
CA TYR K 4804 -17.87 23.25 -95.17
C TYR K 4804 -18.78 24.47 -95.14
N ASN K 4805 -19.02 25.02 -93.95
CA ASN K 4805 -19.88 26.19 -93.79
C ASN K 4805 -19.46 26.91 -92.53
N ASN K 4806 -18.88 28.12 -92.59
CA ASN K 4806 -18.33 28.77 -91.36
C ASN K 4806 -19.26 28.87 -90.10
N PHE K 4807 -20.50 28.55 -90.24
CA PHE K 4807 -21.26 28.59 -89.00
C PHE K 4807 -20.72 27.54 -87.97
N PHE K 4808 -19.92 26.62 -88.49
CA PHE K 4808 -19.43 25.56 -87.62
C PHE K 4808 -18.28 26.12 -86.82
N PHE K 4809 -17.82 27.29 -87.20
CA PHE K 4809 -16.79 27.94 -86.42
C PHE K 4809 -17.55 28.71 -85.37
N ALA K 4810 -18.77 28.28 -85.09
CA ALA K 4810 -19.56 28.90 -84.05
C ALA K 4810 -19.88 27.80 -83.08
N ALA K 4811 -19.32 26.63 -83.31
CA ALA K 4811 -19.50 25.51 -82.40
C ALA K 4811 -18.23 25.37 -81.60
N HIS K 4812 -17.11 25.92 -82.05
CA HIS K 4812 -15.92 25.98 -81.23
C HIS K 4812 -16.13 27.19 -80.37
N LEU K 4813 -16.62 28.28 -80.96
CA LEU K 4813 -17.01 29.46 -80.18
C LEU K 4813 -17.52 28.95 -78.93
N LEU K 4814 -18.23 27.81 -78.88
CA LEU K 4814 -18.87 27.34 -77.60
C LEU K 4814 -18.04 26.61 -76.51
N ASP K 4815 -16.78 26.28 -76.76
CA ASP K 4815 -15.85 25.70 -75.78
C ASP K 4815 -15.51 26.65 -74.63
N ILE K 4816 -15.72 27.98 -74.76
CA ILE K 4816 -15.61 28.92 -73.63
C ILE K 4816 -16.37 28.34 -72.45
N ALA K 4817 -17.58 27.87 -72.73
CA ALA K 4817 -18.48 27.31 -71.74
C ALA K 4817 -17.91 26.09 -71.05
N MET K 4818 -17.83 24.93 -71.68
CA MET K 4818 -17.47 23.67 -71.05
C MET K 4818 -16.20 23.72 -70.16
N GLY K 4819 -15.28 24.68 -70.35
CA GLY K 4819 -14.11 24.89 -69.48
C GLY K 4819 -14.27 25.89 -68.32
N VAL K 4820 -15.17 26.88 -68.38
CA VAL K 4820 -15.17 28.03 -67.44
C VAL K 4820 -15.85 27.78 -66.09
N LYS K 4821 -15.44 26.73 -65.38
CA LYS K 4821 -15.76 26.45 -63.97
C LYS K 4821 -17.24 26.64 -63.57
N THR K 4822 -17.63 27.87 -63.20
CA THR K 4822 -18.97 28.34 -62.86
C THR K 4822 -19.99 27.93 -63.92
N LEU K 4823 -19.55 27.77 -65.16
CA LEU K 4823 -20.45 27.31 -66.21
C LEU K 4823 -20.50 25.79 -66.18
N ARG K 4824 -19.36 25.11 -66.19
CA ARG K 4824 -19.27 23.65 -66.18
C ARG K 4824 -20.16 23.04 -65.11
N THR K 4825 -20.29 23.67 -63.94
CA THR K 4825 -21.28 23.27 -62.95
C THR K 4825 -22.69 23.33 -63.53
N ILE K 4826 -23.07 24.46 -64.09
CA ILE K 4826 -24.44 24.61 -64.61
C ILE K 4826 -24.73 23.57 -65.69
N LEU K 4827 -23.69 23.05 -66.32
CA LEU K 4827 -23.85 22.07 -67.39
C LEU K 4827 -24.00 20.65 -66.84
N SER K 4828 -23.36 20.36 -65.70
CA SER K 4828 -23.52 19.05 -65.09
C SER K 4828 -24.80 18.96 -64.28
N SER K 4829 -25.43 20.09 -63.98
CA SER K 4829 -26.68 20.07 -63.22
C SER K 4829 -27.74 19.24 -63.93
N VAL K 4830 -27.88 19.44 -65.24
CA VAL K 4830 -28.91 18.73 -65.99
C VAL K 4830 -28.68 17.22 -65.94
N THR K 4831 -27.44 16.80 -66.13
CA THR K 4831 -27.15 15.37 -66.20
C THR K 4831 -26.91 14.73 -64.84
N HIS K 4832 -26.86 15.51 -63.77
CA HIS K 4832 -26.69 15.01 -62.42
C HIS K 4832 -27.86 14.17 -61.96
N ASN K 4833 -29.09 14.63 -62.23
CA ASN K 4833 -30.27 13.83 -61.86
C ASN K 4833 -31.28 13.74 -63.00
N GLY K 4834 -30.85 13.64 -64.25
CA GLY K 4834 -31.79 13.53 -65.35
C GLY K 4834 -32.76 12.39 -65.18
N LYS K 4835 -32.33 11.31 -64.53
CA LYS K 4835 -33.22 10.18 -64.28
C LYS K 4835 -34.42 10.57 -63.44
N GLN K 4836 -34.36 11.71 -62.74
CA GLN K 4836 -35.49 12.22 -62.01
C GLN K 4836 -35.96 13.59 -62.48
N LEU K 4837 -35.50 14.04 -63.65
CA LEU K 4837 -36.03 15.23 -64.31
C LEU K 4837 -36.75 14.85 -65.61
N VAL K 4838 -36.23 13.85 -66.32
CA VAL K 4838 -36.94 13.30 -67.46
C VAL K 4838 -38.30 12.78 -67.04
N MET K 4839 -38.38 12.20 -65.85
CA MET K 4839 -39.68 11.73 -65.35
C MET K 4839 -40.64 12.91 -65.17
N THR K 4840 -40.14 14.03 -64.65
CA THR K 4840 -40.99 15.20 -64.49
C THR K 4840 -41.47 15.72 -65.85
N VAL K 4841 -40.59 15.78 -66.82
CA VAL K 4841 -41.03 16.20 -68.14
C VAL K 4841 -42.14 15.27 -68.57
N GLY K 4842 -41.87 13.97 -68.52
CA GLY K 4842 -42.85 13.01 -68.94
C GLY K 4842 -44.19 13.23 -68.26
N LEU K 4843 -44.14 13.62 -67.00
CA LEU K 4843 -45.36 13.89 -66.24
C LEU K 4843 -46.08 15.09 -66.83
N LEU K 4844 -45.31 16.12 -67.21
CA LEU K 4844 -45.91 17.21 -67.97
C LEU K 4844 -46.56 16.73 -69.24
N ALA K 4845 -45.86 15.90 -70.02
CA ALA K 4845 -46.44 15.38 -71.25
C ALA K 4845 -47.77 14.69 -70.98
N VAL K 4846 -47.82 13.83 -69.97
CA VAL K 4846 -49.05 13.09 -69.68
C VAL K 4846 -50.17 13.98 -69.15
N VAL K 4847 -49.86 14.97 -68.32
CA VAL K 4847 -50.91 15.86 -67.82
C VAL K 4847 -51.48 16.69 -68.96
N VAL K 4848 -50.62 17.24 -69.81
CA VAL K 4848 -51.12 17.98 -70.97
C VAL K 4848 -51.91 17.06 -71.89
N TYR K 4849 -51.52 15.79 -71.98
CA TYR K 4849 -52.33 14.83 -72.70
C TYR K 4849 -53.73 14.75 -72.11
N LEU K 4850 -53.84 14.39 -70.84
CA LEU K 4850 -55.15 14.29 -70.22
C LEU K 4850 -55.99 15.55 -70.37
N TYR K 4851 -55.38 16.74 -70.36
CA TYR K 4851 -56.16 17.94 -70.63
C TYR K 4851 -56.41 18.19 -72.10
N THR K 4852 -55.83 17.39 -72.98
CA THR K 4852 -56.11 17.50 -74.40
C THR K 4852 -57.28 16.61 -74.72
N VAL K 4853 -57.34 15.45 -74.09
CA VAL K 4853 -58.40 14.49 -74.38
C VAL K 4853 -59.77 15.08 -74.05
N VAL K 4854 -59.91 15.70 -72.88
CA VAL K 4854 -61.18 16.29 -72.52
C VAL K 4854 -61.58 17.39 -73.49
N ALA K 4855 -60.61 18.24 -73.89
CA ALA K 4855 -60.88 19.24 -74.91
C ALA K 4855 -61.31 18.60 -76.22
N PHE K 4856 -60.80 17.41 -76.53
CA PHE K 4856 -61.22 16.73 -77.76
C PHE K 4856 -62.55 16.00 -77.59
N ASN K 4857 -63.12 15.96 -76.39
CA ASN K 4857 -64.40 15.31 -76.20
C ASN K 4857 -65.54 16.27 -75.93
N PHE K 4858 -65.25 17.46 -75.40
CA PHE K 4858 -66.32 18.40 -75.06
C PHE K 4858 -66.08 19.83 -75.53
N PHE K 4859 -64.83 20.24 -75.78
CA PHE K 4859 -64.53 21.65 -75.97
C PHE K 4859 -63.98 21.96 -77.37
N ARG K 4860 -64.16 21.06 -78.33
CA ARG K 4860 -63.67 21.30 -79.67
C ARG K 4860 -64.24 22.60 -80.21
N LYS K 4861 -65.45 22.94 -79.78
CA LYS K 4861 -66.17 24.12 -80.25
C LYS K 4861 -65.35 25.40 -80.04
N PHE K 4862 -64.72 25.52 -78.88
CA PHE K 4862 -64.02 26.77 -78.55
C PHE K 4862 -62.73 26.94 -79.35
N TYR K 4863 -62.09 25.86 -79.78
CA TYR K 4863 -60.73 25.90 -80.30
C TYR K 4863 -60.76 26.36 -81.76
N ASN K 4864 -61.02 27.65 -81.96
CA ASN K 4864 -61.03 28.22 -83.32
C ASN K 4864 -60.11 29.42 -83.30
N LYS K 4865 -58.82 29.20 -83.58
CA LYS K 4865 -57.81 30.24 -83.51
C LYS K 4865 -57.66 30.99 -84.82
N SER K 4866 -58.68 30.96 -85.69
CA SER K 4866 -58.63 31.63 -86.99
C SER K 4866 -59.68 32.73 -87.00
N GLU K 4867 -59.23 33.97 -87.21
CA GLU K 4867 -60.14 35.11 -87.20
C GLU K 4867 -61.00 35.15 -88.47
N ASP K 4868 -60.39 34.83 -89.62
CA ASP K 4868 -61.09 34.87 -90.90
C ASP K 4868 -62.45 34.19 -90.79
N GLU K 4869 -63.51 34.91 -91.19
CA GLU K 4869 -64.87 34.39 -91.08
C GLU K 4869 -65.02 33.04 -91.76
N ASP K 4870 -64.55 32.95 -93.00
CA ASP K 4870 -64.73 31.73 -93.80
C ASP K 4870 -63.75 30.65 -93.36
N GLU K 4871 -62.46 30.92 -93.48
CA GLU K 4871 -61.45 29.91 -93.19
C GLU K 4871 -61.52 29.47 -91.74
N PRO K 4872 -62.05 28.29 -91.46
CA PRO K 4872 -62.02 27.78 -90.07
C PRO K 4872 -60.78 26.93 -89.81
N ASP K 4873 -60.04 27.26 -88.75
CA ASP K 4873 -58.88 26.44 -88.41
C ASP K 4873 -59.30 25.20 -87.63
N MET K 4874 -59.96 25.38 -86.49
CA MET K 4874 -60.38 24.24 -85.68
C MET K 4874 -59.17 23.38 -85.33
N LYS K 4875 -58.24 23.94 -84.57
CA LYS K 4875 -57.03 23.20 -84.23
C LYS K 4875 -57.35 21.90 -83.49
N CYS K 4876 -58.49 21.86 -82.79
CA CYS K 4876 -58.86 20.66 -82.06
C CYS K 4876 -59.82 19.79 -82.84
N ASP K 4877 -59.37 19.26 -83.98
CA ASP K 4877 -60.09 18.19 -84.66
C ASP K 4877 -59.28 16.91 -84.77
N ASP K 4878 -58.07 16.98 -85.31
CA ASP K 4878 -57.14 15.85 -85.29
C ASP K 4878 -56.45 15.87 -83.93
N MET K 4879 -56.77 14.91 -83.08
CA MET K 4879 -56.26 14.94 -81.71
C MET K 4879 -54.74 15.08 -81.69
N MET K 4880 -54.04 14.48 -82.67
CA MET K 4880 -52.61 14.70 -82.77
C MET K 4880 -52.30 16.17 -83.03
N THR K 4881 -53.28 16.93 -83.49
CA THR K 4881 -53.07 18.36 -83.70
C THR K 4881 -53.41 19.16 -82.45
N CYS K 4882 -54.53 18.81 -81.79
CA CYS K 4882 -54.90 19.51 -80.57
C CYS K 4882 -53.86 19.32 -79.47
N TYR K 4883 -53.34 18.11 -79.35
CA TYR K 4883 -52.33 17.85 -78.32
C TYR K 4883 -51.08 18.69 -78.56
N LEU K 4884 -50.64 18.79 -79.81
CA LEU K 4884 -49.51 19.66 -80.11
C LEU K 4884 -49.84 21.12 -79.87
N PHE K 4885 -51.05 21.55 -80.20
CA PHE K 4885 -51.44 22.93 -79.93
C PHE K 4885 -51.35 23.23 -78.44
N HIS K 4886 -51.85 22.33 -77.60
CA HIS K 4886 -51.72 22.52 -76.15
C HIS K 4886 -50.26 22.56 -75.73
N MET K 4887 -49.49 21.52 -76.05
CA MET K 4887 -48.11 21.45 -75.57
C MET K 4887 -47.22 22.51 -76.18
N TYR K 4888 -47.68 23.22 -77.21
CA TYR K 4888 -46.91 24.28 -77.84
C TYR K 4888 -47.26 25.65 -77.26
N VAL K 4889 -48.56 26.00 -77.28
CA VAL K 4889 -48.98 27.29 -76.72
C VAL K 4889 -49.67 27.15 -75.37
N GLY K 4890 -49.74 25.94 -74.83
CA GLY K 4890 -50.33 25.76 -73.52
C GLY K 4890 -49.40 26.14 -72.40
N VAL K 4891 -48.27 25.42 -72.30
CA VAL K 4891 -47.37 25.62 -71.18
C VAL K 4891 -46.59 26.94 -71.27
N ARG K 4892 -46.74 27.68 -72.37
CA ARG K 4892 -46.03 28.93 -72.54
C ARG K 4892 -46.92 30.15 -72.37
N ALA K 4893 -48.21 29.96 -72.11
CA ALA K 4893 -49.16 31.07 -72.06
C ALA K 4893 -48.93 31.93 -70.83
N GLY K 4894 -48.38 31.35 -69.76
CA GLY K 4894 -48.23 32.04 -68.50
C GLY K 4894 -49.53 32.29 -67.77
N GLY K 4895 -50.67 32.13 -68.44
CA GLY K 4895 -51.96 32.22 -67.79
C GLY K 4895 -52.76 30.94 -68.03
N GLY K 4896 -52.09 29.93 -68.55
CA GLY K 4896 -52.73 28.68 -68.89
C GLY K 4896 -53.42 28.75 -70.23
N ILE K 4897 -53.92 27.59 -70.67
CA ILE K 4897 -54.57 27.50 -71.98
C ILE K 4897 -55.73 28.45 -72.12
N GLY K 4898 -56.56 28.60 -71.08
CA GLY K 4898 -57.71 29.48 -71.17
C GLY K 4898 -57.42 30.89 -71.58
N ASP K 4899 -56.14 31.28 -71.60
CA ASP K 4899 -55.76 32.62 -72.04
C ASP K 4899 -55.78 32.74 -73.56
N GLU K 4900 -55.88 31.63 -74.29
CA GLU K 4900 -55.76 31.66 -75.74
C GLU K 4900 -56.98 31.10 -76.46
N ILE K 4901 -58.16 31.15 -75.86
CA ILE K 4901 -59.38 30.70 -76.51
C ILE K 4901 -60.50 31.66 -76.15
N GLU K 4902 -61.64 31.47 -76.82
CA GLU K 4902 -62.78 32.36 -76.63
C GLU K 4902 -63.31 32.26 -75.21
N ASP K 4903 -63.86 33.38 -74.74
CA ASP K 4903 -64.40 33.44 -73.40
C ASP K 4903 -65.54 32.46 -73.22
N PRO K 4904 -65.70 31.90 -72.01
CA PRO K 4904 -66.83 31.02 -71.74
C PRO K 4904 -68.13 31.75 -71.38
N ALA K 4905 -68.21 33.04 -71.69
CA ALA K 4905 -69.41 33.82 -71.40
C ALA K 4905 -70.69 33.06 -71.74
N GLY K 4906 -70.68 32.34 -72.85
CA GLY K 4906 -71.79 31.48 -73.20
C GLY K 4906 -72.10 30.51 -72.08
N ASP K 4907 -73.37 30.49 -71.64
CA ASP K 4907 -73.73 29.69 -70.48
C ASP K 4907 -73.46 28.21 -70.69
N GLU K 4908 -73.44 27.76 -71.94
CA GLU K 4908 -73.19 26.35 -72.23
C GLU K 4908 -71.84 25.92 -71.69
N TYR K 4909 -71.83 25.06 -70.67
CA TYR K 4909 -70.61 24.55 -70.07
C TYR K 4909 -69.69 25.69 -69.64
N GLU K 4910 -70.29 26.82 -69.30
CA GLU K 4910 -69.48 27.95 -68.84
C GLU K 4910 -68.74 27.61 -67.55
N LEU K 4911 -69.44 27.07 -66.56
CA LEU K 4911 -68.81 26.72 -65.30
C LEU K 4911 -67.73 25.66 -65.45
N TYR K 4912 -67.98 24.62 -66.25
CA TYR K 4912 -66.97 23.58 -66.45
C TYR K 4912 -65.72 24.12 -67.10
N ARG K 4913 -65.84 25.01 -68.09
CA ARG K 4913 -64.65 25.62 -68.66
C ARG K 4913 -63.96 26.55 -67.67
N VAL K 4914 -64.73 27.23 -66.82
CA VAL K 4914 -64.13 28.06 -65.79
C VAL K 4914 -63.32 27.24 -64.82
N VAL K 4915 -63.56 25.93 -64.76
CA VAL K 4915 -62.73 25.06 -63.92
C VAL K 4915 -61.60 24.45 -64.74
N PHE K 4916 -61.86 24.14 -66.01
CA PHE K 4916 -60.82 23.62 -66.89
C PHE K 4916 -59.66 24.60 -66.98
N ASP K 4917 -59.96 25.87 -67.25
CA ASP K 4917 -58.93 26.90 -67.34
C ASP K 4917 -58.10 26.94 -66.07
N ILE K 4918 -58.77 27.11 -64.92
CA ILE K 4918 -58.06 27.33 -63.67
C ILE K 4918 -57.25 26.10 -63.28
N THR K 4919 -57.81 24.91 -63.48
CA THR K 4919 -57.06 23.69 -63.16
C THR K 4919 -55.86 23.49 -64.08
N PHE K 4920 -56.03 23.71 -65.39
CA PHE K 4920 -54.87 23.61 -66.27
C PHE K 4920 -53.79 24.59 -65.88
N PHE K 4921 -54.17 25.82 -65.50
CA PHE K 4921 -53.16 26.77 -65.08
C PHE K 4921 -52.48 26.32 -63.80
N PHE K 4922 -53.24 25.95 -62.77
N PHE K 4922 -53.25 25.99 -62.76
CA PHE K 4922 -52.66 25.65 -61.48
CA PHE K 4922 -52.68 25.63 -61.48
C PHE K 4922 -51.80 24.38 -61.51
C PHE K 4922 -51.78 24.40 -61.58
N PHE K 4923 -52.33 23.28 -62.02
CA PHE K 4923 -51.57 22.03 -62.01
C PHE K 4923 -50.30 22.13 -62.84
N VAL K 4924 -50.38 22.74 -64.02
CA VAL K 4924 -49.22 22.76 -64.90
C VAL K 4924 -48.32 23.95 -64.60
N ILE K 4925 -48.78 25.16 -64.89
CA ILE K 4925 -47.88 26.31 -64.98
C ILE K 4925 -47.50 26.83 -63.61
N VAL K 4926 -48.15 26.35 -62.55
CA VAL K 4926 -47.77 26.80 -61.22
C VAL K 4926 -47.02 25.71 -60.47
N ILE K 4927 -47.33 24.45 -60.75
CA ILE K 4927 -46.73 23.32 -60.03
C ILE K 4927 -45.57 22.72 -60.81
N LEU K 4928 -45.85 22.13 -61.96
CA LEU K 4928 -44.78 21.42 -62.68
C LEU K 4928 -43.75 22.32 -63.34
N LEU K 4929 -44.19 23.35 -64.04
CA LEU K 4929 -43.24 24.29 -64.60
C LEU K 4929 -42.53 24.99 -63.47
N ALA K 4930 -42.81 24.58 -62.24
CA ALA K 4930 -42.12 25.14 -61.09
C ALA K 4930 -41.15 24.10 -60.61
N ILE K 4931 -41.67 22.92 -60.30
CA ILE K 4931 -40.81 21.83 -59.89
C ILE K 4931 -39.59 21.77 -60.80
N ILE K 4932 -39.81 21.70 -62.12
CA ILE K 4932 -38.68 21.59 -63.02
C ILE K 4932 -37.64 22.62 -62.65
N GLN K 4933 -38.03 23.88 -62.81
CA GLN K 4933 -37.16 24.97 -62.47
C GLN K 4933 -36.57 24.62 -61.14
N GLY K 4934 -37.40 24.14 -60.24
CA GLY K 4934 -36.93 23.73 -58.94
C GLY K 4934 -35.77 22.78 -59.09
N LEU K 4935 -36.03 21.60 -59.65
CA LEU K 4935 -34.98 20.62 -59.81
C LEU K 4935 -33.72 21.29 -60.33
N ILE K 4936 -33.83 22.01 -61.44
CA ILE K 4936 -32.66 22.64 -62.03
C ILE K 4936 -31.88 23.51 -61.05
N ILE K 4937 -32.51 24.55 -60.54
CA ILE K 4937 -31.84 25.44 -59.59
C ILE K 4937 -31.20 24.65 -58.45
N ASP K 4938 -31.90 23.67 -57.92
CA ASP K 4938 -31.37 22.87 -56.83
C ASP K 4938 -30.07 22.18 -57.24
N ALA K 4939 -30.15 21.36 -58.27
CA ALA K 4939 -28.96 20.65 -58.72
C ALA K 4939 -27.81 21.61 -58.87
N PHE K 4940 -28.12 22.89 -59.04
CA PHE K 4940 -27.06 23.87 -59.13
C PHE K 4940 -26.54 24.22 -57.73
N GLY K 4941 -27.41 24.13 -56.73
CA GLY K 4941 -27.02 24.48 -55.38
C GLY K 4941 -26.22 23.41 -54.70
N GLU K 4942 -26.64 22.14 -54.83
CA GLU K 4942 -25.91 21.05 -54.21
C GLU K 4942 -24.51 20.90 -54.78
N LEU K 4943 -24.36 20.94 -56.11
CA LEU K 4943 -23.04 20.88 -56.70
C LEU K 4943 -22.16 22.05 -56.30
N ARG K 4944 -22.73 23.07 -55.66
CA ARG K 4944 -21.96 24.14 -55.05
C ARG K 4944 -21.68 23.90 -53.58
N ASP K 4945 -22.10 22.76 -53.05
CA ASP K 4945 -21.80 22.42 -51.66
C ASP K 4945 -20.80 21.27 -51.57
N GLN K 4946 -20.89 20.31 -52.49
CA GLN K 4946 -19.90 19.23 -52.52
C GLN K 4946 -18.49 19.81 -52.65
N GLN K 4947 -18.37 20.95 -53.32
CA GLN K 4947 -17.08 21.63 -53.41
C GLN K 4947 -16.80 22.43 -52.15
N GLU K 4948 -17.82 22.60 -51.30
CA GLU K 4948 -17.65 23.31 -50.05
C GLU K 4948 -17.15 22.38 -48.95
N GLN K 4949 -17.83 21.25 -48.75
CA GLN K 4949 -17.49 20.35 -47.65
C GLN K 4949 -16.03 19.94 -47.69
N VAL K 4950 -15.48 19.73 -48.88
CA VAL K 4950 -14.08 19.37 -49.04
C VAL K 4950 -13.19 20.42 -48.39
N LYS K 4951 -13.33 21.67 -48.84
CA LYS K 4951 -12.51 22.76 -48.32
C LYS K 4951 -12.71 22.92 -46.82
N GLU K 4952 -13.92 22.62 -46.33
CA GLU K 4952 -14.17 22.66 -44.90
C GLU K 4952 -13.32 21.63 -44.17
N ASP K 4953 -13.52 20.35 -44.50
CA ASP K 4953 -12.95 19.28 -43.69
C ASP K 4953 -11.44 19.16 -43.85
N MET K 4954 -10.92 19.47 -45.05
CA MET K 4954 -9.47 19.46 -45.22
C MET K 4954 -8.81 20.41 -44.24
N GLU K 4955 -9.57 21.40 -43.75
CA GLU K 4955 -9.08 22.25 -42.67
C GLU K 4955 -9.57 21.78 -41.31
N THR K 4956 -10.20 20.60 -41.25
CA THR K 4956 -10.74 20.11 -39.98
C THR K 4956 -10.20 18.72 -39.63
N LYS K 4957 -9.98 17.86 -40.61
CA LYS K 4957 -9.48 16.53 -40.35
C LYS K 4957 -8.07 16.37 -40.93
N CYS K 4958 -7.38 15.31 -40.49
CA CYS K 4958 -5.99 15.13 -40.89
C CYS K 4958 -5.88 14.42 -42.22
N PHE K 4959 -6.92 13.68 -42.62
CA PHE K 4959 -7.00 12.93 -43.87
C PHE K 4959 -6.16 11.65 -43.81
N ILE K 4960 -5.33 11.46 -42.79
CA ILE K 4960 -4.58 10.21 -42.63
C ILE K 4960 -5.13 9.51 -41.40
N CYS K 4961 -5.10 10.21 -40.26
CA CYS K 4961 -5.84 9.79 -39.08
C CYS K 4961 -7.11 10.61 -38.97
N GLY K 4962 -8.15 10.01 -38.38
CA GLY K 4962 -9.43 10.67 -38.33
C GLY K 4962 -9.61 11.56 -37.11
N ILE K 4963 -8.51 12.17 -36.65
CA ILE K 4963 -8.52 13.05 -35.50
C ILE K 4963 -8.80 14.46 -35.99
N GLY K 4964 -9.79 15.10 -35.38
CA GLY K 4964 -10.18 16.45 -35.76
C GLY K 4964 -9.10 17.46 -35.45
N SER K 4965 -9.48 18.74 -35.57
CA SER K 4965 -8.58 19.83 -35.26
C SER K 4965 -8.60 20.23 -33.79
N ASP K 4966 -9.64 19.83 -33.04
CA ASP K 4966 -9.69 20.18 -31.63
C ASP K 4966 -8.52 19.58 -30.86
N TYR K 4967 -8.24 18.29 -31.07
CA TYR K 4967 -7.16 17.63 -30.35
C TYR K 4967 -5.81 18.27 -30.64
N PHE K 4968 -5.71 18.99 -31.77
CA PHE K 4968 -4.46 19.64 -32.15
C PHE K 4968 -4.61 21.15 -31.99
N ASP K 4969 -5.65 21.57 -31.28
CA ASP K 4969 -5.86 22.99 -31.00
C ASP K 4969 -5.43 23.38 -29.59
N THR K 4970 -4.84 22.44 -28.83
CA THR K 4970 -4.44 22.73 -27.46
C THR K 4970 -3.04 23.33 -27.45
N THR K 4971 -2.64 23.91 -28.57
CA THR K 4971 -1.35 24.57 -28.70
C THR K 4971 -1.31 25.35 -30.00
N PRO K 4972 -0.62 26.47 -30.06
CA PRO K 4972 -0.60 27.26 -31.30
C PRO K 4972 -0.08 26.45 -32.47
N HIS K 4973 -0.78 26.55 -33.59
CA HIS K 4973 -0.40 25.85 -34.80
C HIS K 4973 -0.37 24.34 -34.58
N GLY K 4974 -1.01 23.87 -33.50
CA GLY K 4974 -1.02 22.45 -33.22
C GLY K 4974 -1.48 21.62 -34.41
N PHE K 4975 -2.71 21.88 -34.87
CA PHE K 4975 -3.20 21.18 -36.05
C PHE K 4975 -2.35 21.52 -37.27
N GLU K 4976 -1.98 22.78 -37.42
CA GLU K 4976 -1.16 23.20 -38.54
C GLU K 4976 0.16 22.45 -38.58
N THR K 4977 0.89 22.42 -37.47
CA THR K 4977 2.17 21.72 -37.41
C THR K 4977 1.98 20.22 -37.63
N HIS K 4978 0.93 19.66 -37.02
CA HIS K 4978 0.64 18.24 -37.18
C HIS K 4978 0.49 17.90 -38.64
N THR K 4979 -0.36 18.64 -39.35
CA THR K 4979 -0.54 18.41 -40.78
C THR K 4979 0.75 18.63 -41.54
N LEU K 4980 1.47 19.70 -41.22
CA LEU K 4980 2.61 20.14 -42.02
C LEU K 4980 3.80 19.20 -41.93
N GLU K 4981 3.98 18.51 -40.80
CA GLU K 4981 5.13 17.61 -40.73
C GLU K 4981 4.78 16.19 -40.32
N GLU K 4982 3.83 16.02 -39.41
CA GLU K 4982 3.45 14.68 -38.98
C GLU K 4982 2.85 13.86 -40.11
N HIS K 4983 2.00 14.47 -40.95
CA HIS K 4983 1.25 13.70 -41.91
C HIS K 4983 1.11 14.32 -43.30
N ASN K 4984 2.03 15.18 -43.72
CA ASN K 4984 1.91 15.62 -45.11
C ASN K 4984 1.86 14.40 -46.02
N LEU K 4985 0.72 14.17 -46.67
CA LEU K 4985 0.61 13.02 -47.55
C LEU K 4985 1.61 13.08 -48.69
N ALA K 4986 2.08 14.28 -49.05
CA ALA K 4986 3.21 14.39 -49.95
C ALA K 4986 4.39 13.60 -49.40
N ASN K 4987 4.59 13.63 -48.09
CA ASN K 4987 5.65 12.83 -47.48
C ASN K 4987 5.45 11.34 -47.76
N TYR K 4988 4.22 10.85 -47.60
CA TYR K 4988 3.96 9.44 -47.89
C TYR K 4988 4.25 9.09 -49.34
N MET K 4989 3.80 9.94 -50.27
CA MET K 4989 4.03 9.62 -51.67
C MET K 4989 5.51 9.69 -52.01
N PHE K 4990 6.27 10.54 -51.30
CA PHE K 4990 7.71 10.56 -51.49
C PHE K 4990 8.35 9.30 -50.93
N PHE K 4991 7.95 8.90 -49.73
CA PHE K 4991 8.41 7.64 -49.14
C PHE K 4991 8.22 6.49 -50.10
N LEU K 4992 7.08 6.43 -50.77
CA LEU K 4992 6.88 5.35 -51.72
C LEU K 4992 7.91 5.39 -52.84
N MET K 4993 8.19 6.58 -53.39
CA MET K 4993 9.21 6.69 -54.41
C MET K 4993 10.59 6.34 -53.88
N TYR K 4994 10.93 6.81 -52.67
CA TYR K 4994 12.23 6.49 -52.11
C TYR K 4994 12.40 4.98 -51.94
N LEU K 4995 11.36 4.30 -51.47
CA LEU K 4995 11.40 2.85 -51.40
C LEU K 4995 11.59 2.22 -52.77
N ILE K 4996 10.81 2.65 -53.76
CA ILE K 4996 10.91 2.06 -55.09
C ILE K 4996 12.29 2.26 -55.68
N ASN K 4997 12.97 3.34 -55.29
CA ASN K 4997 14.24 3.67 -55.94
C ASN K 4997 15.42 2.87 -55.39
N LYS K 4998 15.55 2.76 -54.08
CA LYS K 4998 16.70 2.10 -53.48
C LYS K 4998 16.58 0.59 -53.59
N ASP K 4999 17.72 -0.08 -53.41
CA ASP K 4999 17.77 -1.53 -53.54
C ASP K 4999 16.94 -2.19 -52.44
N GLU K 5000 16.86 -3.52 -52.51
CA GLU K 5000 16.21 -4.26 -51.43
C GLU K 5000 17.20 -4.57 -50.31
N THR K 5001 18.45 -4.85 -50.66
CA THR K 5001 19.45 -5.21 -49.66
C THR K 5001 19.86 -4.03 -48.78
N GLU K 5002 19.24 -2.87 -48.95
CA GLU K 5002 19.56 -1.70 -48.14
C GLU K 5002 18.37 -1.21 -47.32
N HIS K 5003 17.17 -1.72 -47.58
CA HIS K 5003 16.04 -1.36 -46.74
C HIS K 5003 16.34 -1.69 -45.28
N THR K 5004 16.13 -0.71 -44.42
CA THR K 5004 16.31 -0.92 -42.99
C THR K 5004 15.16 -1.78 -42.47
N GLY K 5005 15.15 -2.04 -41.16
CA GLY K 5005 14.09 -2.88 -40.61
C GLY K 5005 12.70 -2.34 -40.92
N GLN K 5006 12.41 -1.14 -40.46
CA GLN K 5006 11.08 -0.57 -40.66
C GLN K 5006 10.80 -0.35 -42.14
N GLU K 5007 11.79 0.09 -42.91
CA GLU K 5007 11.59 0.24 -44.34
C GLU K 5007 11.18 -1.07 -44.98
N SER K 5008 12.01 -2.10 -44.89
CA SER K 5008 11.67 -3.39 -45.48
C SER K 5008 10.34 -3.91 -44.96
N TYR K 5009 10.02 -3.65 -43.69
CA TYR K 5009 8.75 -4.10 -43.14
C TYR K 5009 7.58 -3.44 -43.86
N VAL K 5010 7.58 -2.11 -43.93
CA VAL K 5010 6.49 -1.42 -44.62
C VAL K 5010 6.47 -1.81 -46.09
N TRP K 5011 7.63 -1.93 -46.71
CA TRP K 5011 7.67 -2.30 -48.13
C TRP K 5011 7.03 -3.65 -48.36
N LYS K 5012 7.41 -4.67 -47.59
CA LYS K 5012 6.84 -5.99 -47.76
C LYS K 5012 5.37 -6.07 -47.34
N MET K 5013 4.91 -5.16 -46.48
CA MET K 5013 3.47 -5.04 -46.31
C MET K 5013 2.83 -4.25 -47.45
N TYR K 5014 3.63 -3.69 -48.34
CA TYR K 5014 3.01 -3.03 -49.48
C TYR K 5014 3.02 -3.96 -50.67
N GLN K 5015 4.02 -4.81 -50.77
CA GLN K 5015 4.10 -5.63 -51.97
C GLN K 5015 3.04 -6.72 -52.02
N GLU K 5016 2.11 -6.75 -51.05
CA GLU K 5016 0.97 -7.66 -51.09
C GLU K 5016 -0.33 -7.00 -50.68
N ARG K 5017 -0.38 -5.67 -50.63
CA ARG K 5017 -1.63 -4.92 -50.52
C ARG K 5017 -2.33 -5.15 -49.18
N CYS K 5018 -1.62 -4.89 -48.10
CA CYS K 5018 -2.19 -4.78 -46.76
C CYS K 5018 -1.95 -3.37 -46.24
N TRP K 5019 -3.00 -2.75 -45.72
CA TRP K 5019 -2.92 -1.31 -45.43
C TRP K 5019 -3.05 -1.06 -43.95
N ASP K 5020 -2.41 -1.89 -43.13
CA ASP K 5020 -2.43 -1.73 -41.69
C ASP K 5020 -1.28 -0.88 -41.16
N PHE K 5021 -0.46 -0.29 -42.04
CA PHE K 5021 0.65 0.51 -41.58
C PHE K 5021 0.39 2.00 -41.65
N PHE K 5022 -0.87 2.41 -41.84
CA PHE K 5022 -1.20 3.81 -41.73
C PHE K 5022 -1.72 4.10 -40.32
N PRO K 5023 -1.42 5.27 -39.76
CA PRO K 5023 -1.75 5.52 -38.35
C PRO K 5023 -3.20 5.24 -38.00
N ALA K 5024 -4.11 5.96 -38.67
CA ALA K 5024 -5.54 5.74 -38.54
C ALA K 5024 -5.97 5.53 -37.09
N GLY K 5025 -5.82 6.58 -36.29
CA GLY K 5025 -6.35 6.55 -34.94
C GLY K 5025 -5.51 7.20 -33.86
N ASP K 5026 -4.22 7.41 -34.11
CA ASP K 5026 -3.36 8.04 -33.12
C ASP K 5026 -2.04 8.41 -33.77
N CYS K 5027 -1.53 9.61 -33.45
CA CYS K 5027 -0.30 10.13 -34.05
C CYS K 5027 0.63 10.69 -32.98
N PHE K 5028 1.43 9.81 -32.38
CA PHE K 5028 2.63 10.21 -31.64
C PHE K 5028 2.34 11.26 -30.57
N ARG K 5029 1.07 11.55 -30.33
CA ARG K 5029 0.68 12.47 -29.26
C ARG K 5029 -0.52 11.93 -28.49
N LYS K 5030 -0.90 10.69 -28.74
CA LYS K 5030 -1.88 9.99 -27.92
C LYS K 5030 -1.25 8.83 -27.18
N GLN K 5031 -0.14 8.30 -27.68
CA GLN K 5031 0.63 7.30 -26.94
C GLN K 5031 1.67 7.93 -26.03
N TYR K 5032 2.41 8.93 -26.53
CA TYR K 5032 3.49 9.55 -25.77
C TYR K 5032 3.18 11.01 -25.44
N GLU K 5033 1.89 11.35 -25.36
CA GLU K 5033 1.53 12.74 -25.05
C GLU K 5033 2.04 13.15 -23.68
N ASP K 5034 1.89 12.28 -22.68
CA ASP K 5034 2.31 12.64 -21.33
C ASP K 5034 3.84 12.72 -21.22
N GLN K 5035 4.54 11.74 -21.76
CA GLN K 5035 5.98 11.61 -21.56
C GLN K 5035 6.79 12.58 -22.41
N LEU K 5036 6.14 13.49 -23.13
CA LEU K 5036 6.84 14.51 -23.89
C LEU K 5036 6.11 15.84 -23.74
N SER K 5037 6.88 16.89 -23.48
CA SER K 5037 6.31 18.22 -23.31
C SER K 5037 6.25 18.96 -24.64
N GLN L 12 33.71 1.23 -10.37
CA GLN L 12 34.35 -0.08 -10.25
C GLN L 12 35.55 -0.16 -11.17
N PHE L 13 35.77 0.90 -11.94
CA PHE L 13 36.92 0.96 -12.83
C PHE L 13 37.63 2.28 -12.64
N LEU L 14 38.94 2.28 -12.89
CA LEU L 14 39.74 3.45 -12.62
C LEU L 14 39.59 4.47 -13.74
N ARG L 15 39.90 5.72 -13.41
CA ARG L 15 39.74 6.83 -14.34
C ARG L 15 40.85 7.83 -14.11
N THR L 16 40.66 9.03 -14.67
CA THR L 16 41.59 10.13 -14.49
C THR L 16 41.14 10.98 -13.31
N ASP L 17 42.10 11.65 -12.69
CA ASP L 17 41.89 12.66 -11.64
C ASP L 17 41.19 12.07 -10.42
N ASP L 18 41.82 11.04 -9.85
CA ASP L 18 41.34 10.39 -8.64
C ASP L 18 42.52 9.66 -8.00
N GLU L 19 42.78 10.00 -6.74
CA GLU L 19 44.02 9.59 -6.09
C GLU L 19 44.04 8.10 -5.80
N VAL L 20 45.21 7.50 -5.96
CA VAL L 20 45.44 6.09 -5.67
C VAL L 20 46.66 5.98 -4.75
N VAL L 21 46.91 4.77 -4.26
CA VAL L 21 48.02 4.49 -3.37
C VAL L 21 48.64 3.16 -3.77
N LEU L 22 49.91 3.19 -4.15
CA LEU L 22 50.59 1.97 -4.57
C LEU L 22 50.95 1.14 -3.34
N GLN L 23 50.51 -0.11 -3.31
CA GLN L 23 50.85 -1.00 -2.23
C GLN L 23 51.34 -2.33 -2.80
N CYS L 24 52.33 -2.91 -2.13
CA CYS L 24 52.96 -4.14 -2.55
C CYS L 24 52.56 -5.25 -1.58
N SER L 25 53.19 -6.41 -1.73
CA SER L 25 52.92 -7.54 -0.86
C SER L 25 54.17 -8.39 -0.72
N ALA L 26 54.66 -8.54 0.50
CA ALA L 26 55.83 -9.36 0.77
C ALA L 26 55.78 -9.92 2.19
N GLU L 31 56.69 -13.29 6.61
CA GLU L 31 55.28 -13.50 6.26
C GLU L 31 54.83 -12.49 5.22
N GLN L 32 53.57 -12.61 4.79
CA GLN L 32 52.99 -11.67 3.84
C GLN L 32 52.74 -10.34 4.53
N LEU L 33 53.07 -9.25 3.84
CA LEU L 33 53.08 -7.93 4.45
C LEU L 33 52.87 -6.87 3.38
N LYS L 34 51.91 -5.98 3.62
CA LYS L 34 51.55 -4.96 2.64
C LYS L 34 52.32 -3.67 2.90
N LEU L 35 53.15 -3.28 1.93
CA LEU L 35 53.98 -2.09 2.03
C LEU L 35 53.41 -1.03 1.09
N CYS L 36 52.95 0.08 1.65
CA CYS L 36 52.56 1.21 0.82
C CYS L 36 53.79 2.01 0.44
N LEU L 37 53.71 2.72 -0.69
CA LEU L 37 54.87 3.44 -1.23
C LEU L 37 54.63 4.94 -1.11
N ALA L 38 55.44 5.60 -0.30
CA ALA L 38 55.32 7.02 -0.05
C ALA L 38 56.69 7.69 -0.17
N ALA L 39 56.68 9.01 -0.25
CA ALA L 39 57.91 9.79 -0.38
C ALA L 39 57.70 11.19 0.18
N GLU L 40 58.74 11.75 0.78
CA GLU L 40 58.57 12.96 1.57
C GLU L 40 58.50 14.21 0.69
N GLY L 41 59.59 14.53 -0.01
CA GLY L 41 59.65 15.77 -0.75
C GLY L 41 59.97 16.97 0.11
N PHE L 42 60.48 18.04 -0.51
CA PHE L 42 61.07 19.20 0.18
C PHE L 42 62.10 18.77 1.18
N GLY L 43 63.18 18.17 0.68
CA GLY L 43 64.08 17.42 1.52
C GLY L 43 63.67 15.97 1.41
N ASN L 44 64.66 15.08 1.26
CA ASN L 44 64.45 13.65 1.01
C ASN L 44 63.60 13.42 -0.23
N ARG L 45 64.18 13.74 -1.38
CA ARG L 45 63.48 13.57 -2.64
C ARG L 45 63.34 12.12 -3.04
N LEU L 46 64.09 11.21 -2.43
CA LEU L 46 63.95 9.80 -2.76
C LEU L 46 62.71 9.22 -2.10
N CYS L 47 62.36 8.00 -2.48
CA CYS L 47 61.19 7.35 -1.91
C CYS L 47 61.60 6.17 -1.04
N PHE L 48 60.80 5.92 -0.01
CA PHE L 48 60.98 4.75 0.82
C PHE L 48 59.70 3.95 0.84
N LEU L 49 59.64 2.96 1.72
CA LEU L 49 58.45 2.16 1.90
C LEU L 49 57.84 2.46 3.26
N GLU L 50 56.60 2.04 3.42
CA GLU L 50 55.93 2.13 4.70
C GLU L 50 54.91 1.00 4.81
N PRO L 51 54.94 0.23 5.89
CA PRO L 51 54.01 -0.90 6.03
C PRO L 51 52.64 -0.42 6.47
N THR L 52 51.63 -1.23 6.19
CA THR L 52 50.26 -0.92 6.57
C THR L 52 49.51 -2.13 7.10
N SER L 53 50.12 -3.31 7.13
CA SER L 53 49.45 -4.50 7.63
C SER L 53 49.26 -4.48 9.14
N ASN L 54 50.04 -3.67 9.84
CA ASN L 54 49.94 -3.54 11.29
C ASN L 54 49.21 -2.27 11.69
N ALA L 55 48.12 -1.95 11.00
CA ALA L 55 47.35 -0.76 11.33
C ALA L 55 46.65 -0.84 12.67
N GLN L 56 46.50 -2.03 13.24
CA GLN L 56 45.79 -2.20 14.50
C GLN L 56 46.58 -1.66 15.68
N ASN L 57 47.88 -1.94 15.77
CA ASN L 57 48.67 -1.41 16.87
C ASN L 57 49.35 -0.09 16.54
N VAL L 58 49.60 0.21 15.27
CA VAL L 58 50.18 1.50 14.91
C VAL L 58 49.63 2.00 13.58
N PRO L 59 48.98 3.15 13.57
CA PRO L 59 48.51 3.71 12.30
C PRO L 59 49.67 4.23 11.48
N PRO L 60 49.83 3.74 10.24
CA PRO L 60 50.87 4.31 9.36
C PRO L 60 50.46 5.67 8.83
N ASP L 61 51.38 6.36 8.17
CA ASP L 61 51.14 7.73 7.71
C ASP L 61 50.81 7.71 6.23
N LEU L 62 49.60 8.14 5.90
CA LEU L 62 49.12 8.20 4.53
C LEU L 62 49.30 9.57 3.90
N ALA L 63 49.84 10.54 4.63
CA ALA L 63 49.96 11.90 4.14
C ALA L 63 50.86 12.02 2.91
N ILE L 64 51.89 11.20 2.81
CA ILE L 64 52.84 11.30 1.73
C ILE L 64 52.67 10.15 0.74
N CYS L 65 51.54 9.44 0.79
CA CYS L 65 51.32 8.27 -0.04
C CYS L 65 50.29 8.52 -1.14
N CYS L 66 49.56 9.63 -1.09
CA CYS L 66 48.53 9.93 -2.08
C CYS L 66 49.18 10.23 -3.42
N PHE L 67 48.54 9.78 -4.50
CA PHE L 67 49.05 9.96 -5.85
C PHE L 67 47.88 10.09 -6.80
N THR L 68 47.75 11.28 -7.40
CA THR L 68 46.70 11.52 -8.38
C THR L 68 47.23 11.21 -9.77
N LEU L 69 46.35 10.67 -10.60
CA LEU L 69 46.66 10.40 -12.00
C LEU L 69 46.08 11.56 -12.79
N GLU L 70 46.92 12.54 -13.13
CA GLU L 70 46.35 13.72 -13.75
C GLU L 70 46.29 13.60 -15.26
N GLN L 71 47.09 12.72 -15.85
CA GLN L 71 46.98 12.42 -17.26
C GLN L 71 47.24 10.95 -17.53
N SER L 72 46.79 10.48 -18.68
CA SER L 72 46.98 9.11 -19.12
C SER L 72 46.84 9.07 -20.64
N LEU L 73 47.88 8.65 -21.33
CA LEU L 73 47.90 8.65 -22.77
C LEU L 73 48.23 7.26 -23.28
N SER L 74 48.14 7.08 -24.59
CA SER L 74 48.62 5.88 -25.25
C SER L 74 50.13 6.03 -25.48
N VAL L 75 50.76 4.96 -25.93
CA VAL L 75 52.22 4.94 -26.02
C VAL L 75 52.70 5.86 -27.14
N ARG L 76 52.07 5.79 -28.30
CA ARG L 76 52.41 6.73 -29.35
C ARG L 76 51.82 8.10 -29.11
N ALA L 77 50.91 8.23 -28.15
CA ALA L 77 50.21 9.48 -27.94
C ALA L 77 51.13 10.54 -27.35
N LEU L 78 51.94 10.19 -26.36
CA LEU L 78 52.84 11.19 -25.79
C LEU L 78 54.01 11.48 -26.70
N GLN L 79 54.26 10.61 -27.68
CA GLN L 79 55.36 10.81 -28.60
C GLN L 79 55.20 12.10 -29.40
N GLU L 80 53.97 12.51 -29.64
CA GLU L 80 53.76 13.82 -30.23
C GLU L 80 53.39 14.87 -29.20
N MET L 81 53.53 14.56 -27.92
CA MET L 81 53.56 15.64 -26.94
C MET L 81 54.99 16.15 -26.75
N LEU L 82 55.96 15.23 -26.76
CA LEU L 82 57.34 15.61 -26.49
C LEU L 82 57.97 16.38 -27.63
N ALA L 83 57.67 16.03 -28.87
CA ALA L 83 58.16 16.83 -29.99
C ALA L 83 57.42 18.15 -30.09
N ASN L 84 56.19 18.20 -29.58
CA ASN L 84 55.43 19.42 -29.57
C ASN L 84 55.97 20.40 -28.53
N GLY L 97 37.32 15.27 -20.01
CA GLY L 97 38.18 15.61 -18.90
C GLY L 97 38.51 14.42 -18.02
N HIS L 98 37.68 13.38 -18.08
CA HIS L 98 37.87 12.17 -17.30
C HIS L 98 37.90 10.98 -18.24
N ARG L 99 39.07 10.63 -18.73
CA ARG L 99 39.25 9.52 -19.64
C ARG L 99 39.67 8.30 -18.84
N THR L 100 38.91 7.22 -18.95
CA THR L 100 39.29 5.98 -18.30
C THR L 100 40.48 5.37 -19.04
N LEU L 101 41.16 4.43 -18.39
CA LEU L 101 42.47 4.01 -18.87
C LEU L 101 42.57 2.49 -18.99
N LEU L 102 43.52 2.06 -19.82
CA LEU L 102 43.66 0.68 -20.23
C LEU L 102 45.06 0.18 -19.93
N TYR L 103 45.23 -1.13 -20.02
CA TYR L 103 46.57 -1.69 -20.03
C TYR L 103 47.26 -1.30 -21.32
N GLY L 104 48.57 -1.18 -21.26
CA GLY L 104 49.33 -0.66 -22.38
C GLY L 104 49.17 0.81 -22.61
N HIS L 105 48.63 1.55 -21.65
CA HIS L 105 48.65 3.00 -21.73
C HIS L 105 49.86 3.54 -21.00
N ALA L 106 50.03 4.85 -21.07
CA ALA L 106 51.03 5.54 -20.29
C ALA L 106 50.36 6.32 -19.18
N ILE L 107 51.14 6.71 -18.18
CA ILE L 107 50.57 7.29 -16.97
C ILE L 107 51.52 8.33 -16.42
N LEU L 108 50.95 9.35 -15.77
CA LEU L 108 51.69 10.46 -15.18
C LEU L 108 51.17 10.73 -13.78
N LEU L 109 51.90 10.30 -12.77
CA LEU L 109 51.44 10.43 -11.39
C LEU L 109 51.86 11.77 -10.82
N ARG L 110 51.07 12.28 -9.88
CA ARG L 110 51.38 13.51 -9.18
C ARG L 110 51.32 13.27 -7.69
N HIS L 111 52.36 13.72 -6.99
CA HIS L 111 52.36 13.63 -5.55
C HIS L 111 51.48 14.74 -4.96
N ALA L 112 50.34 14.33 -4.42
CA ALA L 112 49.26 15.24 -4.07
C ALA L 112 49.60 16.23 -2.98
N HIS L 113 50.51 15.87 -2.08
CA HIS L 113 50.91 16.82 -1.05
C HIS L 113 51.93 17.80 -1.59
N SER L 114 52.94 17.31 -2.26
CA SER L 114 54.07 18.13 -2.67
C SER L 114 53.88 18.78 -4.03
N ARG L 115 52.78 18.48 -4.72
CA ARG L 115 52.41 19.06 -6.01
C ARG L 115 53.50 18.86 -7.06
N MET L 116 54.16 17.72 -7.03
CA MET L 116 55.14 17.40 -8.06
C MET L 116 54.91 15.96 -8.53
N TYR L 117 55.74 15.52 -9.46
CA TYR L 117 55.51 14.28 -10.17
C TYR L 117 56.53 13.23 -9.81
N LEU L 118 56.08 11.98 -9.77
CA LEU L 118 56.95 10.83 -9.56
C LEU L 118 57.76 10.64 -10.82
N SER L 119 58.97 10.12 -10.68
CA SER L 119 59.82 9.82 -11.82
C SER L 119 60.83 8.76 -11.43
N CYS L 120 61.66 8.38 -12.40
CA CYS L 120 62.78 7.46 -12.19
C CYS L 120 64.05 8.26 -12.37
N LEU L 121 64.95 8.17 -11.40
CA LEU L 121 66.06 9.11 -11.34
C LEU L 121 67.29 8.57 -12.05
N THR L 122 68.30 9.43 -12.14
CA THR L 122 69.52 9.17 -12.89
C THR L 122 70.53 8.35 -12.10
N THR L 123 70.65 8.57 -10.79
CA THR L 123 71.69 7.97 -9.98
C THR L 123 71.34 6.52 -9.63
N SER L 124 72.07 5.99 -8.66
CA SER L 124 71.85 4.63 -8.18
C SER L 124 72.09 4.58 -6.69
N ARG L 125 71.04 4.27 -5.92
CA ARG L 125 71.14 4.08 -4.49
C ARG L 125 71.45 2.63 -4.12
N SER L 126 71.95 1.84 -5.05
CA SER L 126 72.27 0.44 -4.77
C SER L 126 73.72 0.27 -4.34
N MET L 127 74.66 0.87 -5.09
CA MET L 127 76.10 0.84 -4.84
C MET L 127 76.64 -0.60 -4.80
N THR L 128 76.09 -1.47 -5.65
CA THR L 128 76.55 -2.84 -5.73
C THR L 128 76.62 -3.34 -7.17
N ASP L 129 76.67 -2.43 -8.15
CA ASP L 129 76.70 -2.73 -9.59
C ASP L 129 75.49 -3.54 -10.03
N LYS L 130 74.37 -3.38 -9.32
CA LYS L 130 73.14 -4.09 -9.64
C LYS L 130 72.42 -3.48 -10.81
N LEU L 131 72.80 -2.26 -11.22
CA LEU L 131 72.12 -1.46 -12.24
C LEU L 131 70.64 -1.28 -11.90
N ALA L 132 70.40 -1.07 -10.61
CA ALA L 132 69.06 -0.83 -10.09
C ALA L 132 68.92 0.67 -9.86
N PHE L 133 68.06 1.31 -10.62
CA PHE L 133 67.91 2.75 -10.50
C PHE L 133 67.04 3.07 -9.31
N ASP L 134 67.09 4.33 -8.90
CA ASP L 134 66.40 4.78 -7.71
C ASP L 134 65.23 5.68 -8.06
N VAL L 135 64.13 5.48 -7.36
CA VAL L 135 62.89 6.19 -7.61
C VAL L 135 62.81 7.40 -6.69
N GLY L 136 62.53 8.55 -7.29
CA GLY L 136 62.40 9.79 -6.54
C GLY L 136 61.39 10.69 -7.23
N LEU L 137 61.37 11.94 -6.82
CA LEU L 137 60.37 12.86 -7.33
C LEU L 137 61.03 13.90 -8.23
N GLN L 138 60.22 14.65 -8.94
CA GLN L 138 60.73 15.66 -9.86
C GLN L 138 59.80 16.84 -9.91
N GLU L 139 60.40 18.03 -9.97
CA GLU L 139 59.62 19.26 -10.04
C GLU L 139 59.26 19.63 -11.46
N ASP L 140 60.13 19.31 -12.42
CA ASP L 140 59.87 19.69 -13.79
C ASP L 140 58.77 18.81 -14.38
N ALA L 141 58.07 19.37 -15.37
CA ALA L 141 57.03 18.66 -16.07
C ALA L 141 57.50 18.12 -17.42
N THR L 142 58.80 17.93 -17.58
CA THR L 142 59.32 17.29 -18.78
C THR L 142 58.90 15.83 -18.80
N GLY L 143 58.80 15.27 -20.01
CA GLY L 143 58.19 13.97 -20.16
C GLY L 143 59.18 12.86 -20.38
N GLU L 144 60.44 13.08 -19.99
CA GLU L 144 61.45 12.06 -20.23
C GLU L 144 61.27 10.86 -19.31
N ALA L 145 61.44 11.06 -18.01
CA ALA L 145 61.38 9.97 -17.05
C ALA L 145 60.18 10.04 -16.13
N CYS L 146 59.26 10.97 -16.36
CA CYS L 146 58.09 11.09 -15.50
C CYS L 146 57.05 10.02 -15.78
N TRP L 147 57.12 9.35 -16.92
CA TRP L 147 56.03 8.52 -17.40
C TRP L 147 56.30 7.04 -17.16
N TRP L 148 55.23 6.29 -17.00
CA TRP L 148 55.29 4.86 -16.78
C TRP L 148 54.24 4.18 -17.64
N THR L 149 54.47 2.92 -17.99
CA THR L 149 53.46 2.10 -18.65
C THR L 149 53.12 0.94 -17.75
N MET L 150 51.84 0.58 -17.73
CA MET L 150 51.39 -0.57 -16.96
C MET L 150 51.28 -1.78 -17.86
N HIS L 151 51.24 -2.96 -17.24
CA HIS L 151 51.16 -4.19 -17.98
C HIS L 151 50.36 -5.18 -17.17
N PRO L 152 49.56 -6.03 -17.83
CA PRO L 152 48.85 -7.07 -17.11
C PRO L 152 49.80 -8.16 -16.63
N ALA L 153 49.50 -8.69 -15.46
CA ALA L 153 50.41 -9.61 -14.80
C ALA L 153 50.39 -10.98 -15.47
N SER L 154 49.23 -11.62 -15.48
CA SER L 154 49.07 -12.95 -16.08
C SER L 154 48.51 -12.79 -17.48
N LYS L 155 48.09 -13.92 -18.05
CA LYS L 155 47.36 -13.90 -19.31
C LYS L 155 45.86 -13.85 -19.11
N GLN L 156 45.39 -13.45 -17.92
CA GLN L 156 43.96 -13.32 -17.70
C GLN L 156 43.38 -12.14 -18.46
N ARG L 157 43.95 -10.95 -18.26
CA ARG L 157 43.65 -9.79 -19.07
C ARG L 157 44.78 -9.62 -20.08
N SER L 158 44.62 -8.67 -20.99
CA SER L 158 45.64 -8.33 -21.95
C SER L 158 45.51 -6.87 -22.35
N GLU L 159 46.15 -6.52 -23.46
CA GLU L 159 46.14 -5.14 -23.96
C GLU L 159 44.75 -4.73 -24.39
N GLY L 160 44.40 -3.48 -24.12
CA GLY L 160 43.11 -2.96 -24.49
C GLY L 160 42.06 -3.03 -23.42
N GLU L 161 42.17 -3.97 -22.49
CA GLU L 161 41.21 -4.10 -21.41
C GLU L 161 41.40 -2.98 -20.39
N LYS L 162 40.33 -2.67 -19.68
CA LYS L 162 40.36 -1.67 -18.64
C LYS L 162 41.05 -2.24 -17.40
N VAL L 163 41.57 -1.35 -16.58
CA VAL L 163 42.04 -1.77 -15.27
C VAL L 163 40.88 -1.80 -14.29
N ARG L 164 40.63 -2.97 -13.73
CA ARG L 164 39.63 -3.11 -12.70
C ARG L 164 40.23 -2.70 -11.37
N VAL L 165 39.37 -2.50 -10.38
CA VAL L 165 39.85 -2.16 -9.05
C VAL L 165 40.49 -3.40 -8.41
N GLY L 166 41.72 -3.25 -7.95
CA GLY L 166 42.42 -4.36 -7.33
C GLY L 166 42.87 -5.42 -8.31
N ASP L 167 43.76 -5.05 -9.22
CA ASP L 167 44.37 -5.98 -10.17
C ASP L 167 45.89 -5.87 -10.10
N ASP L 168 46.56 -6.97 -10.41
CA ASP L 168 48.01 -7.02 -10.29
C ASP L 168 48.65 -6.33 -11.47
N LEU L 169 49.55 -5.38 -11.19
CA LEU L 169 50.11 -4.52 -12.21
C LEU L 169 51.63 -4.63 -12.20
N ILE L 170 52.22 -4.34 -13.35
CA ILE L 170 53.67 -4.26 -13.50
C ILE L 170 53.96 -2.93 -14.17
N LEU L 171 54.76 -2.10 -13.51
CA LEU L 171 55.00 -0.75 -13.98
C LEU L 171 56.40 -0.63 -14.54
N VAL L 172 56.50 -0.20 -15.79
CA VAL L 172 57.76 -0.16 -16.52
C VAL L 172 58.08 1.30 -16.79
N SER L 173 59.35 1.65 -16.70
CA SER L 173 59.79 2.98 -17.08
C SER L 173 59.61 3.23 -18.56
N VAL L 174 59.59 4.51 -18.91
CA VAL L 174 59.54 4.90 -20.31
C VAL L 174 60.95 5.21 -20.76
N SER L 175 61.66 5.99 -19.95
CA SER L 175 63.02 6.39 -20.33
C SER L 175 64.02 5.29 -20.08
N SER L 176 63.82 4.50 -19.02
CA SER L 176 64.83 3.53 -18.61
C SER L 176 64.46 2.10 -18.92
N GLU L 177 63.17 1.84 -19.16
CA GLU L 177 62.64 0.51 -19.50
C GLU L 177 62.91 -0.51 -18.40
N ARG L 178 62.98 -0.07 -17.16
CA ARG L 178 63.11 -0.95 -16.02
C ARG L 178 61.80 -0.99 -15.25
N TYR L 179 61.69 -1.94 -14.33
CA TYR L 179 60.47 -2.18 -13.58
C TYR L 179 60.59 -1.62 -12.17
N LEU L 180 59.56 -0.93 -11.73
CA LEU L 180 59.44 -0.52 -10.33
C LEU L 180 59.24 -1.76 -9.50
N HIS L 181 60.29 -2.18 -8.78
CA HIS L 181 60.24 -3.42 -8.02
C HIS L 181 60.76 -3.17 -6.62
N LEU L 182 60.35 -4.04 -5.71
CA LEU L 182 60.85 -4.04 -4.35
C LEU L 182 62.18 -4.77 -4.37
N SER L 183 63.12 -4.34 -3.53
CA SER L 183 64.41 -4.99 -3.42
C SER L 183 64.64 -5.43 -1.99
N THR L 184 65.14 -6.66 -1.83
CA THR L 184 65.33 -7.27 -0.53
C THR L 184 66.80 -7.52 -0.21
N ALA L 185 67.70 -7.15 -1.10
CA ALA L 185 69.10 -7.52 -0.97
C ALA L 185 69.79 -6.75 0.14
N SER L 186 69.81 -5.43 0.03
CA SER L 186 70.56 -4.56 0.94
C SER L 186 69.82 -4.45 2.26
N GLY L 187 69.96 -5.49 3.10
CA GLY L 187 69.39 -5.46 4.44
C GLY L 187 67.88 -5.48 4.41
N GLU L 188 67.29 -4.32 4.74
CA GLU L 188 65.84 -4.17 4.75
C GLU L 188 65.31 -3.99 3.34
N LEU L 189 64.04 -3.58 3.25
CA LEU L 189 63.35 -3.52 1.98
C LEU L 189 63.30 -2.10 1.46
N GLN L 190 63.44 -1.94 0.15
CA GLN L 190 63.29 -0.65 -0.51
C GLN L 190 62.80 -0.88 -1.92
N VAL L 191 62.45 0.22 -2.59
CA VAL L 191 61.92 0.19 -3.94
C VAL L 191 62.97 0.72 -4.91
N ASP L 192 63.05 0.09 -6.08
CA ASP L 192 64.07 0.42 -7.05
C ASP L 192 63.59 0.04 -8.44
N ALA L 193 64.26 0.61 -9.45
CA ALA L 193 63.97 0.30 -10.84
C ALA L 193 65.10 -0.58 -11.37
N SER L 194 64.81 -1.87 -11.56
CA SER L 194 65.73 -2.77 -12.23
C SER L 194 64.93 -3.87 -12.91
N PHE L 195 65.64 -4.84 -13.44
CA PHE L 195 65.06 -5.86 -14.32
C PHE L 195 64.51 -7.04 -13.54
N MET L 196 63.66 -6.75 -12.56
CA MET L 196 62.81 -7.74 -11.91
C MET L 196 61.41 -7.17 -11.85
N GLN L 197 60.42 -7.95 -12.21
CA GLN L 197 59.05 -7.47 -12.20
C GLN L 197 58.42 -7.80 -10.86
N THR L 198 57.51 -6.95 -10.40
CA THR L 198 56.92 -7.08 -9.09
C THR L 198 55.46 -6.66 -9.18
N LEU L 199 54.57 -7.49 -8.63
CA LEU L 199 53.15 -7.20 -8.65
C LEU L 199 52.84 -5.97 -7.80
N TRP L 200 51.85 -5.21 -8.23
CA TRP L 200 51.48 -3.99 -7.54
C TRP L 200 49.97 -3.78 -7.64
N ASN L 201 49.38 -3.47 -6.50
CA ASN L 201 47.97 -3.10 -6.44
C ASN L 201 47.87 -1.59 -6.54
N MET L 202 46.86 -1.13 -7.27
CA MET L 202 46.72 0.31 -7.48
C MET L 202 45.88 0.95 -6.39
N ASN L 203 44.82 0.25 -5.93
CA ASN L 203 44.04 0.54 -4.73
C ASN L 203 43.47 1.95 -4.68
N PRO L 204 42.36 2.21 -5.37
CA PRO L 204 41.80 3.56 -5.44
C PRO L 204 41.44 4.12 -4.07
N ILE L 205 41.83 5.37 -3.85
CA ILE L 205 41.73 5.91 -2.49
C ILE L 205 40.72 7.04 -2.38
N CYS L 206 40.47 7.77 -3.47
CA CYS L 206 39.54 8.91 -3.42
C CYS L 206 39.16 9.26 -4.85
N SER L 207 37.88 9.11 -5.17
CA SER L 207 37.41 9.52 -6.48
C SER L 207 36.90 10.95 -6.42
N CYS L 208 36.18 11.38 -7.44
CA CYS L 208 35.64 12.74 -7.50
C CYS L 208 34.55 12.90 -6.46
N CYS L 209 34.82 13.69 -5.43
CA CYS L 209 33.90 13.89 -4.33
C CYS L 209 33.00 15.09 -4.62
N GLU L 210 31.84 15.12 -3.98
CA GLU L 210 30.91 16.24 -4.14
C GLU L 210 31.35 17.39 -3.27
N GLU L 211 31.01 18.61 -3.70
CA GLU L 211 31.38 19.80 -2.95
C GLU L 211 30.54 19.92 -1.69
N GLY L 212 31.12 20.46 -0.63
CA GLY L 212 30.44 20.65 0.63
C GLY L 212 30.35 19.44 1.52
N TYR L 213 31.07 18.37 1.20
CA TYR L 213 31.04 17.15 1.99
C TYR L 213 32.45 16.78 2.37
N VAL L 214 32.57 15.87 3.33
CA VAL L 214 33.87 15.51 3.87
C VAL L 214 34.25 14.11 3.43
N THR L 215 35.54 13.92 3.18
CA THR L 215 36.15 12.62 2.95
C THR L 215 37.40 12.54 3.81
N GLY L 216 38.04 11.37 3.77
CA GLY L 216 39.30 11.19 4.46
C GLY L 216 40.39 12.02 3.79
N GLY L 217 41.39 12.38 4.59
CA GLY L 217 42.45 13.24 4.10
C GLY L 217 42.15 14.72 4.15
N HIS L 218 40.94 15.10 4.56
CA HIS L 218 40.58 16.50 4.64
C HIS L 218 41.20 17.14 5.86
N VAL L 219 41.97 18.19 5.65
CA VAL L 219 42.46 19.02 6.75
C VAL L 219 41.34 20.01 7.07
N LEU L 220 41.01 20.14 8.35
CA LEU L 220 39.81 20.86 8.72
C LEU L 220 39.91 21.38 10.14
N ARG L 221 39.01 22.31 10.46
CA ARG L 221 38.91 22.92 11.78
C ARG L 221 37.57 22.54 12.42
N LEU L 222 37.45 22.81 13.72
CA LEU L 222 36.47 22.15 14.58
C LEU L 222 35.73 23.17 15.45
N PHE L 223 35.15 24.18 14.84
CA PHE L 223 34.56 25.28 15.60
C PHE L 223 33.22 24.90 16.22
N HIS L 224 32.73 25.75 17.11
CA HIS L 224 31.42 25.58 17.73
C HIS L 224 30.80 26.92 18.11
N GLU L 229 35.43 29.18 17.92
CA GLU L 229 36.42 28.67 18.87
C GLU L 229 37.04 27.37 18.37
N CYS L 230 38.36 27.35 18.30
CA CYS L 230 39.08 26.26 17.66
C CYS L 230 39.45 25.20 18.68
N LEU L 231 40.08 24.14 18.19
CA LEU L 231 40.55 23.06 19.05
C LEU L 231 42.07 23.01 18.95
N THR L 232 42.74 23.79 19.80
CA THR L 232 44.16 24.02 19.75
C THR L 232 44.90 23.05 20.67
N ILE L 233 46.23 23.11 20.59
CA ILE L 233 47.12 22.56 21.59
C ILE L 233 47.97 23.74 22.06
N SER L 234 48.96 23.50 22.92
CA SER L 234 49.87 24.56 23.31
C SER L 234 51.07 24.61 22.36
N ALA L 235 51.62 25.81 22.20
CA ALA L 235 52.74 26.02 21.28
C ALA L 235 54.05 25.52 21.89
N GLN L 241 54.57 19.17 28.37
CA GLN L 241 55.20 18.93 27.09
C GLN L 241 54.17 18.87 25.97
N ARG L 242 53.22 19.81 26.03
CA ARG L 242 52.26 20.09 24.95
C ARG L 242 51.41 18.88 24.58
N ARG L 243 50.60 18.41 25.53
CA ARG L 243 49.74 17.27 25.26
C ARG L 243 48.29 17.50 25.60
N LEU L 244 47.98 18.51 26.39
CA LEU L 244 46.60 18.78 26.78
C LEU L 244 45.87 19.46 25.65
N VAL L 245 44.61 19.10 25.47
CA VAL L 245 43.72 19.74 24.51
C VAL L 245 43.15 20.96 25.20
N TYR L 246 42.85 22.00 24.42
CA TYR L 246 42.27 23.22 24.96
C TYR L 246 41.19 23.73 24.01
N TYR L 247 40.78 24.97 24.23
CA TYR L 247 40.03 25.77 23.28
C TYR L 247 40.70 27.13 23.20
N GLU L 248 40.30 27.92 22.21
CA GLU L 248 40.87 29.25 22.05
C GLU L 248 39.86 30.14 21.33
N GLY L 249 40.24 31.39 21.16
CA GLY L 249 39.43 32.36 20.45
C GLY L 249 39.64 32.26 18.95
N GLY L 250 39.95 33.41 18.34
CA GLY L 250 40.18 33.46 16.90
C GLY L 250 41.62 33.54 16.47
N ALA L 251 42.53 33.86 17.40
CA ALA L 251 43.93 34.03 17.03
C ALA L 251 44.59 32.70 16.68
N VAL L 252 44.37 31.67 17.50
CA VAL L 252 44.94 30.36 17.21
C VAL L 252 43.98 29.58 16.32
N CYS L 253 42.82 30.16 16.00
CA CYS L 253 41.91 29.54 15.06
C CYS L 253 42.51 29.46 13.66
N THR L 254 43.15 30.53 13.20
CA THR L 254 43.73 30.55 11.86
C THR L 254 45.07 29.85 11.77
N HIS L 255 45.83 29.77 12.86
CA HIS L 255 47.23 29.40 12.78
C HIS L 255 47.39 27.90 12.63
N ALA L 256 48.64 27.44 12.75
CA ALA L 256 49.03 26.09 12.39
C ALA L 256 48.51 25.02 13.33
N ARG L 257 48.22 25.36 14.58
CA ARG L 257 47.81 24.37 15.55
C ARG L 257 46.42 23.82 15.29
N SER L 258 45.48 24.66 14.87
CA SER L 258 44.07 24.28 14.76
C SER L 258 43.77 23.67 13.39
N LEU L 259 44.54 22.64 13.04
CA LEU L 259 44.37 21.96 11.77
C LEU L 259 44.37 20.47 12.03
N TRP L 260 43.26 19.81 11.68
CA TRP L 260 43.05 18.42 12.04
C TRP L 260 42.56 17.64 10.83
N ARG L 261 43.05 16.42 10.69
CA ARG L 261 42.73 15.58 9.54
C ARG L 261 42.18 14.25 10.05
N LEU L 262 41.26 13.67 9.30
CA LEU L 262 40.47 12.53 9.72
C LEU L 262 40.98 11.28 9.04
N GLU L 263 41.13 10.20 9.80
CA GLU L 263 41.71 8.97 9.28
C GLU L 263 40.87 7.77 9.68
N PRO L 264 39.99 7.30 8.80
CA PRO L 264 39.19 6.11 9.11
C PRO L 264 40.05 4.85 9.10
N LEU L 265 39.47 3.79 9.67
CA LEU L 265 40.23 2.59 9.97
C LEU L 265 40.55 1.79 8.71
N ARG L 266 39.64 1.78 7.76
CA ARG L 266 39.84 1.05 6.52
C ARG L 266 40.87 1.76 5.66
N ILE L 267 41.78 0.97 5.09
CA ILE L 267 42.86 1.54 4.29
C ILE L 267 42.30 2.06 2.97
N SER L 268 41.77 1.16 2.14
CA SER L 268 41.30 1.50 0.81
C SER L 268 40.04 2.34 0.88
N TRP L 269 39.88 3.21 -0.11
CA TRP L 269 38.75 4.13 -0.26
C TRP L 269 38.59 5.02 0.96
N SER L 270 39.72 5.42 1.52
CA SER L 270 39.71 6.27 2.70
C SER L 270 39.16 7.64 2.38
N GLY L 271 39.34 8.11 1.16
CA GLY L 271 38.74 9.36 0.75
C GLY L 271 37.36 9.18 0.18
N SER L 272 36.62 8.19 0.67
CA SER L 272 35.20 8.14 0.39
C SER L 272 34.47 9.08 1.35
N HIS L 273 33.20 9.33 1.05
CA HIS L 273 32.38 10.19 1.90
C HIS L 273 32.18 9.54 3.26
N LEU L 274 32.47 10.29 4.32
CA LEU L 274 32.27 9.77 5.65
C LEU L 274 30.79 9.80 6.00
N ARG L 275 30.34 8.75 6.68
CA ARG L 275 28.95 8.60 7.09
C ARG L 275 28.90 8.57 8.61
N TRP L 276 27.68 8.61 9.14
CA TRP L 276 27.49 8.60 10.58
C TRP L 276 27.83 7.23 11.15
N GLY L 277 28.26 7.24 12.41
CA GLY L 277 28.61 6.00 13.07
C GLY L 277 29.88 5.36 12.54
N GLN L 278 30.83 6.18 12.09
CA GLN L 278 32.01 5.63 11.44
C GLN L 278 33.22 5.82 12.34
N PRO L 279 34.03 4.78 12.53
CA PRO L 279 35.23 4.93 13.35
C PRO L 279 36.37 5.56 12.57
N LEU L 280 37.20 6.30 13.28
CA LEU L 280 38.30 7.04 12.67
C LEU L 280 39.30 7.43 13.74
N ARG L 281 40.49 7.82 13.28
CA ARG L 281 41.53 8.35 14.13
C ARG L 281 41.62 9.85 13.93
N ILE L 282 42.31 10.54 14.83
CA ILE L 282 42.48 11.97 14.75
C ILE L 282 43.97 12.29 14.79
N ARG L 283 44.43 13.07 13.81
CA ARG L 283 45.84 13.42 13.67
C ARG L 283 46.01 14.90 13.83
N HIS L 284 46.96 15.30 14.67
CA HIS L 284 47.47 16.65 14.62
C HIS L 284 48.55 16.71 13.54
N VAL L 285 48.53 17.77 12.74
CA VAL L 285 49.39 17.80 11.57
C VAL L 285 50.80 18.26 11.87
N THR L 286 50.99 19.23 12.75
CA THR L 286 52.33 19.76 12.98
C THR L 286 53.14 18.86 13.90
N THR L 287 52.57 18.51 15.04
CA THR L 287 53.23 17.58 15.95
C THR L 287 53.31 16.18 15.39
N GLY L 288 52.34 15.79 14.56
CA GLY L 288 52.28 14.42 14.09
C GLY L 288 51.80 13.46 15.16
N ARG L 289 51.14 13.98 16.20
CA ARG L 289 50.64 13.15 17.27
C ARG L 289 49.20 12.74 16.98
N TYR L 290 48.76 11.68 17.65
CA TYR L 290 47.41 11.17 17.53
C TYR L 290 46.63 11.52 18.78
N LEU L 291 45.42 12.04 18.59
CA LEU L 291 44.54 12.36 19.71
C LEU L 291 43.99 11.07 20.31
N ALA L 292 44.07 10.94 21.62
CA ALA L 292 43.54 9.77 22.31
C ALA L 292 42.54 10.16 23.39
N LEU L 299 41.32 12.34 27.05
CA LEU L 299 41.34 13.39 26.05
C LEU L 299 42.70 14.08 25.96
N VAL L 300 43.71 13.31 25.56
CA VAL L 300 45.06 13.82 25.37
C VAL L 300 45.52 13.46 23.97
N VAL L 301 46.57 14.11 23.51
CA VAL L 301 47.20 13.71 22.25
C VAL L 301 48.40 12.84 22.58
N VAL L 302 48.71 11.91 21.69
CA VAL L 302 49.68 10.88 21.99
C VAL L 302 50.42 10.52 20.71
N ASP L 303 51.57 9.86 20.87
CA ASP L 303 52.37 9.49 19.72
C ASP L 303 51.72 8.36 18.94
N ALA L 304 52.09 8.27 17.66
CA ALA L 304 51.57 7.24 16.77
C ALA L 304 52.05 5.84 17.13
N CYS L 305 53.24 5.71 17.71
CA CYS L 305 53.74 4.41 18.10
C CYS L 305 52.94 3.83 19.27
N LYS L 306 52.45 4.69 20.16
CA LYS L 306 51.56 4.30 21.24
C LYS L 306 50.12 4.70 20.98
N ALA L 307 49.74 4.85 19.72
CA ALA L 307 48.33 5.05 19.36
C ALA L 307 47.74 3.71 18.94
N HIS L 308 46.81 3.19 19.73
CA HIS L 308 46.22 1.89 19.49
C HIS L 308 44.76 2.07 19.09
N THR L 309 44.25 1.10 18.32
CA THR L 309 42.83 1.14 17.95
C THR L 309 41.93 0.98 19.15
N LYS L 310 42.39 0.26 20.18
CA LYS L 310 41.68 0.21 21.44
C LYS L 310 41.78 1.51 22.21
N ALA L 311 42.96 2.13 22.26
CA ALA L 311 43.15 3.35 23.00
C ALA L 311 42.50 4.55 22.33
N THR L 312 42.80 4.76 21.05
CA THR L 312 42.28 5.91 20.31
C THR L 312 41.53 5.42 19.07
N SER L 313 40.20 5.55 19.12
CA SER L 313 39.33 5.34 17.97
C SER L 313 38.06 6.12 18.24
N PHE L 314 37.80 7.13 17.43
CA PHE L 314 36.77 8.11 17.71
C PHE L 314 35.70 7.99 16.65
N CYS L 315 34.61 8.74 16.81
CA CYS L 315 33.50 8.67 15.87
C CYS L 315 32.66 9.94 15.92
N PHE L 316 31.90 10.13 14.84
CA PHE L 316 30.98 11.26 14.71
C PHE L 316 29.56 10.76 14.83
N ARG L 317 28.87 11.18 15.89
CA ARG L 317 27.46 10.90 16.04
C ARG L 317 26.72 12.23 16.14
N VAL L 318 25.43 12.20 15.78
CA VAL L 318 24.64 13.42 15.81
C VAL L 318 24.18 13.73 17.23
N SER L 319 23.42 12.81 17.83
CA SER L 319 23.04 12.89 19.23
C SER L 319 22.84 11.47 19.71
N LYS L 320 23.14 11.23 20.99
CA LYS L 320 23.17 9.87 21.51
C LYS L 320 21.75 9.39 21.80
N GLU L 321 21.10 8.86 20.78
CA GLU L 321 20.04 7.89 20.97
C GLU L 321 20.70 6.55 21.24
N LYS L 322 19.97 5.65 21.90
CA LYS L 322 20.52 4.36 22.32
C LYS L 322 20.65 3.47 21.09
N LEU L 323 21.71 3.70 20.33
CA LEU L 323 21.95 2.97 19.09
C LEU L 323 23.02 1.90 19.28
N GLY L 333 32.93 1.63 -3.01
CA GLY L 333 33.78 2.63 -3.59
C GLY L 333 33.75 3.94 -2.84
N MET L 334 33.13 4.95 -3.43
CA MET L 334 32.89 6.19 -2.70
C MET L 334 31.68 6.03 -1.79
N GLY L 335 31.37 7.11 -1.08
CA GLY L 335 30.25 7.09 -0.16
C GLY L 335 29.12 8.01 -0.59
N PRO L 336 27.94 7.80 -0.03
CA PRO L 336 26.86 8.76 -0.19
C PRO L 336 27.19 10.04 0.57
N PRO L 337 26.78 11.18 0.06
CA PRO L 337 27.16 12.47 0.68
C PRO L 337 26.42 12.74 1.98
N GLU L 338 26.96 12.21 3.07
CA GLU L 338 26.29 12.27 4.36
C GLU L 338 26.53 13.57 5.12
N ILE L 339 27.78 14.01 5.24
CA ILE L 339 28.16 15.05 6.20
C ILE L 339 28.37 16.36 5.48
N LYS L 340 27.44 17.30 5.69
CA LYS L 340 27.54 18.63 5.11
C LYS L 340 28.59 19.46 5.85
N TYR L 341 28.90 20.63 5.28
CA TYR L 341 29.88 21.55 5.87
C TYR L 341 29.16 22.70 6.55
N GLY L 342 29.49 22.95 7.81
CA GLY L 342 28.90 24.01 8.57
C GLY L 342 27.50 23.74 9.07
N GLU L 343 26.94 22.56 8.79
CA GLU L 343 25.54 22.29 9.05
C GLU L 343 25.32 21.08 9.95
N SER L 344 26.29 20.17 10.06
CA SER L 344 26.12 18.92 10.78
C SER L 344 26.02 19.11 12.29
N LEU L 345 26.92 19.94 12.86
CA LEU L 345 26.91 20.33 14.28
C LEU L 345 26.97 19.11 15.20
N CYS L 346 27.89 18.21 14.89
CA CYS L 346 27.96 16.92 15.56
C CYS L 346 29.17 16.86 16.48
N PHE L 347 29.12 15.95 17.44
CA PHE L 347 30.13 15.82 18.49
C PHE L 347 31.07 14.66 18.20
N VAL L 348 31.93 14.38 19.17
CA VAL L 348 32.81 13.21 19.16
C VAL L 348 32.70 12.49 20.50
N GLN L 349 32.93 11.18 20.47
CA GLN L 349 33.09 10.37 21.67
C GLN L 349 33.87 9.14 21.28
N HIS L 350 34.44 8.48 22.29
CA HIS L 350 35.19 7.27 22.03
C HIS L 350 34.25 6.15 21.61
N VAL L 351 34.73 5.30 20.71
CA VAL L 351 33.89 4.20 20.23
C VAL L 351 33.89 3.05 21.24
N ALA L 352 34.90 3.00 22.11
CA ALA L 352 34.99 2.02 23.19
C ALA L 352 34.43 2.53 24.50
N SER L 353 34.24 3.84 24.63
CA SER L 353 33.94 4.40 25.95
C SER L 353 32.71 5.29 25.91
N GLY L 354 32.42 5.91 24.77
CA GLY L 354 31.23 6.73 24.64
C GLY L 354 31.32 8.05 25.38
N LEU L 355 32.54 8.54 25.58
CA LEU L 355 32.80 9.68 26.46
C LEU L 355 32.91 10.96 25.65
N TRP L 356 31.99 11.89 25.92
CA TRP L 356 31.88 13.12 25.17
C TRP L 356 32.95 14.11 25.59
N LEU L 357 33.77 14.54 24.63
CA LEU L 357 34.80 15.54 24.88
C LEU L 357 34.11 16.90 25.07
N THR L 358 34.29 17.49 26.24
CA THR L 358 33.78 18.84 26.47
C THR L 358 34.69 19.59 27.44
N TYR L 359 34.38 20.86 27.68
CA TYR L 359 35.26 21.73 28.43
C TYR L 359 35.14 21.47 29.92
N ALA L 360 35.72 22.37 30.71
CA ALA L 360 35.65 22.26 32.17
C ALA L 360 34.64 23.24 32.74
N LEU L 372 40.66 31.41 29.74
CA LEU L 372 40.16 31.32 28.38
C LEU L 372 40.39 29.93 27.84
N LYS L 373 41.36 29.23 28.43
CA LYS L 373 41.74 27.90 27.98
C LYS L 373 40.78 26.90 28.62
N LYS L 374 39.58 26.80 28.05
CA LYS L 374 38.57 25.87 28.52
C LYS L 374 39.03 24.46 28.21
N LYS L 375 39.56 23.76 29.21
CA LYS L 375 40.24 22.49 28.98
C LYS L 375 39.26 21.40 28.59
N ALA L 376 39.46 20.85 27.40
CA ALA L 376 38.57 19.85 26.85
C ALA L 376 38.83 18.50 27.53
N ILE L 377 37.75 17.86 27.96
CA ILE L 377 37.84 16.58 28.64
C ILE L 377 36.67 15.72 28.21
N LEU L 378 36.95 14.43 27.98
CA LEU L 378 35.91 13.44 27.74
C LEU L 378 35.12 13.30 29.04
N HIS L 379 33.84 13.66 28.99
CA HIS L 379 32.99 13.67 30.18
C HIS L 379 31.70 12.91 29.90
N GLN L 380 31.36 12.00 30.80
CA GLN L 380 30.20 11.14 30.60
C GLN L 380 28.89 11.86 30.86
N GLU L 381 28.92 13.02 31.49
CA GLU L 381 27.70 13.81 31.63
C GLU L 381 27.39 14.53 30.32
N GLY L 382 28.41 15.02 29.64
CA GLY L 382 28.22 15.84 28.47
C GLY L 382 27.65 17.20 28.84
N HIS L 383 27.19 17.91 27.81
CA HIS L 383 26.65 19.24 27.98
C HIS L 383 25.65 19.51 26.87
N MET L 384 25.27 20.77 26.74
CA MET L 384 24.51 21.23 25.60
C MET L 384 25.36 22.03 24.61
N ASP L 385 26.68 21.91 24.71
CA ASP L 385 27.60 22.72 23.91
C ASP L 385 28.60 21.88 23.12
N ASP L 386 28.36 20.58 22.97
CA ASP L 386 29.21 19.74 22.14
C ASP L 386 28.74 19.65 20.70
N ALA L 387 27.71 20.42 20.32
CA ALA L 387 27.25 20.49 18.94
C ALA L 387 28.17 21.46 18.19
N LEU L 388 29.16 20.87 17.51
CA LEU L 388 30.23 21.67 16.92
C LEU L 388 30.29 21.48 15.41
N PHE L 389 30.49 22.59 14.69
CA PHE L 389 30.44 22.61 13.23
C PHE L 389 31.84 22.68 12.64
N LEU L 390 32.05 21.95 11.54
CA LEU L 390 33.38 21.81 10.96
C LEU L 390 33.56 22.77 9.80
N THR L 391 34.81 23.15 9.55
CA THR L 391 35.19 24.00 8.43
C THR L 391 36.41 23.41 7.75
N ARG L 392 36.36 23.29 6.42
CA ARG L 392 37.47 22.76 5.66
C ARG L 392 38.57 23.81 5.53
N CYS L 393 39.82 23.34 5.55
CA CYS L 393 40.98 24.22 5.46
C CYS L 393 41.23 24.64 4.01
N GLN L 394 42.41 25.23 3.79
CA GLN L 394 42.80 25.77 2.50
C GLN L 394 44.02 25.00 1.98
N GLN L 395 44.11 24.90 0.64
CA GLN L 395 45.08 24.04 -0.03
C GLN L 395 46.52 24.50 0.13
N GLU L 396 46.80 25.80 -0.04
CA GLU L 396 48.14 26.31 0.16
C GLU L 396 48.57 26.26 1.62
N GLU L 397 47.65 26.52 2.55
CA GLU L 397 47.95 26.44 3.96
C GLU L 397 48.25 25.02 4.42
N SER L 398 47.43 24.05 4.01
CA SER L 398 47.60 22.68 4.44
C SER L 398 48.88 22.07 3.86
N GLN L 399 49.29 22.52 2.68
CA GLN L 399 50.60 22.12 2.17
C GLN L 399 51.71 22.70 3.00
N ALA L 400 51.53 23.93 3.48
CA ALA L 400 52.52 24.55 4.35
C ALA L 400 52.53 23.89 5.72
N ALA L 401 51.45 23.22 6.09
CA ALA L 401 51.39 22.58 7.39
C ALA L 401 52.33 21.40 7.50
N ARG L 402 52.21 20.41 6.61
CA ARG L 402 52.91 19.15 6.77
C ARG L 402 54.41 19.28 6.62
N MET L 403 54.87 20.30 5.92
CA MET L 403 56.31 20.47 5.79
C MET L 403 56.95 21.00 7.08
N ILE L 404 56.17 21.60 7.98
CA ILE L 404 56.69 21.95 9.29
C ILE L 404 57.10 20.70 10.04
N HIS L 405 56.22 19.70 10.06
CA HIS L 405 56.49 18.42 10.67
C HIS L 405 57.65 17.71 10.01
N SER L 406 57.78 17.84 8.70
CA SER L 406 58.87 17.18 7.99
C SER L 406 60.19 17.85 8.30
N THR L 407 60.19 19.16 8.54
CA THR L 407 61.43 19.85 8.83
C THR L 407 61.84 19.74 10.29
N ALA L 408 60.90 19.98 11.21
CA ALA L 408 61.23 19.98 12.63
C ALA L 408 61.64 18.60 13.11
N GLY L 409 61.06 17.55 12.52
CA GLY L 409 61.52 16.21 12.79
C GLY L 409 62.93 15.94 12.33
N LEU L 410 63.37 16.63 11.27
CA LEU L 410 64.75 16.53 10.85
C LEU L 410 65.65 17.41 11.70
N TYR L 411 65.18 18.61 12.03
CA TYR L 411 66.01 19.61 12.67
C TYR L 411 66.34 19.28 14.12
N ASN L 412 65.34 18.89 14.92
CA ASN L 412 65.62 18.49 16.29
C ASN L 412 66.43 17.21 16.33
N GLN L 413 66.24 16.33 15.34
CA GLN L 413 67.13 15.21 15.15
C GLN L 413 68.54 15.68 14.81
N PHE L 414 68.65 16.77 14.07
CA PHE L 414 69.97 17.29 13.75
C PHE L 414 70.61 17.99 14.94
N ILE L 415 69.80 18.62 15.80
CA ILE L 415 70.35 19.35 16.93
C ILE L 415 70.96 18.40 17.95
N LYS L 416 70.19 17.41 18.39
CA LYS L 416 70.69 16.46 19.37
C LYS L 416 71.72 15.51 18.78
N GLY L 417 71.72 15.33 17.45
CA GLY L 417 72.83 14.64 16.83
C GLY L 417 74.11 15.44 16.96
N LEU L 418 74.01 16.76 16.90
CA LEU L 418 75.17 17.60 17.14
C LEU L 418 75.51 17.66 18.61
N ASP L 419 74.51 17.65 19.48
CA ASP L 419 74.71 17.72 20.93
C ASP L 419 75.39 16.49 21.52
N SER L 420 75.47 15.39 20.77
CA SER L 420 76.11 14.18 21.28
C SER L 420 77.60 14.38 21.50
N PHE L 421 78.31 14.92 20.52
CA PHE L 421 79.74 15.17 20.65
C PHE L 421 80.00 16.66 20.90
N SER L 422 79.02 17.33 21.50
CA SER L 422 79.15 18.77 21.76
C SER L 422 80.21 19.06 22.81
N GLY L 423 80.53 18.07 23.66
CA GLY L 423 81.63 18.20 24.58
C GLY L 423 82.75 17.20 24.37
N LYS L 424 82.52 16.10 23.67
CA LYS L 424 83.49 15.02 23.56
C LYS L 424 84.22 15.12 22.23
N PRO L 425 85.52 15.38 22.24
CA PRO L 425 86.29 15.35 20.98
C PRO L 425 86.43 13.94 20.46
N ARG L 426 86.65 13.83 19.16
CA ARG L 426 86.80 12.55 18.49
C ARG L 426 88.26 12.34 18.09
N GLY L 427 88.87 11.28 18.62
CA GLY L 427 90.22 10.93 18.26
C GLY L 427 90.24 10.01 17.04
N PRO L 434 75.80 7.29 15.84
CA PRO L 434 75.05 7.53 14.61
C PRO L 434 75.75 8.55 13.72
N ALA L 435 75.21 8.77 12.52
CA ALA L 435 75.73 9.80 11.63
C ALA L 435 74.71 10.92 11.50
N LEU L 436 75.18 12.15 11.61
CA LEU L 436 74.30 13.30 11.57
C LEU L 436 73.84 13.54 10.13
N PRO L 437 72.58 13.95 9.91
CA PRO L 437 72.05 14.05 8.53
C PRO L 437 72.55 15.26 7.75
N ILE L 438 73.73 15.10 7.15
CA ILE L 438 74.34 16.21 6.42
C ILE L 438 73.65 16.42 5.08
N GLU L 439 73.56 15.36 4.26
CA GLU L 439 72.98 15.52 2.94
C GLU L 439 71.47 15.70 3.00
N ALA L 440 70.84 15.21 4.07
CA ALA L 440 69.40 15.39 4.21
C ALA L 440 69.03 16.82 4.55
N VAL L 441 69.92 17.56 5.21
CA VAL L 441 69.53 18.89 5.64
C VAL L 441 69.89 19.96 4.60
N ILE L 442 70.88 19.69 3.74
CA ILE L 442 71.31 20.67 2.74
C ILE L 442 70.23 20.89 1.70
N LEU L 443 69.63 19.80 1.23
CA LEU L 443 68.58 19.90 0.24
C LEU L 443 67.28 20.42 0.88
N SER L 444 67.11 20.18 2.18
CA SER L 444 65.87 20.60 2.81
C SER L 444 65.81 22.09 3.04
N LEU L 445 66.96 22.73 3.26
CA LEU L 445 66.93 24.20 3.36
C LEU L 445 66.69 24.84 2.01
N GLN L 446 67.28 24.27 0.95
CA GLN L 446 67.26 24.95 -0.34
C GLN L 446 65.86 24.97 -0.94
N ASP L 447 65.05 23.96 -0.64
CA ASP L 447 63.64 24.04 -1.03
C ASP L 447 62.91 25.10 -0.23
N LEU L 448 63.36 25.37 0.98
CA LEU L 448 62.67 26.35 1.79
C LEU L 448 63.01 27.77 1.36
N ILE L 449 64.20 27.98 0.79
CA ILE L 449 64.55 29.30 0.30
C ILE L 449 63.68 29.65 -0.90
N GLY L 450 63.56 28.73 -1.85
CA GLY L 450 62.67 28.93 -2.97
C GLY L 450 61.21 28.89 -2.59
N TYR L 451 60.88 28.29 -1.45
CA TYR L 451 59.52 28.39 -0.96
C TYR L 451 59.19 29.80 -0.53
N PHE L 452 60.16 30.52 0.03
CA PHE L 452 59.92 31.84 0.59
C PHE L 452 60.43 32.95 -0.30
N GLU L 453 60.64 32.67 -1.57
CA GLU L 453 61.31 33.63 -2.43
C GLU L 453 60.36 34.75 -2.80
N PRO L 454 60.77 36.01 -2.69
CA PRO L 454 59.85 37.11 -2.95
C PRO L 454 59.59 37.24 -4.42
N PRO L 455 58.37 37.63 -4.83
CA PRO L 455 58.01 37.62 -6.23
C PRO L 455 58.70 38.75 -7.00
N SER L 456 58.74 38.57 -8.32
CA SER L 456 59.52 39.44 -9.17
C SER L 456 58.89 40.83 -9.29
N GLU L 457 59.75 41.81 -9.54
CA GLU L 457 59.29 43.18 -9.75
C GLU L 457 58.75 43.40 -11.15
N GLU L 458 59.12 42.57 -12.11
CA GLU L 458 58.62 42.69 -13.47
C GLU L 458 57.24 42.09 -13.63
N LEU L 459 56.68 41.52 -12.58
CA LEU L 459 55.35 40.94 -12.63
C LEU L 459 54.31 42.05 -12.72
N GLN L 460 53.11 41.68 -13.14
CA GLN L 460 52.00 42.63 -13.18
C GLN L 460 51.57 43.01 -11.78
N HIS L 461 51.22 44.29 -11.60
CA HIS L 461 50.98 44.87 -10.28
C HIS L 461 49.84 44.20 -9.51
N GLU L 462 48.73 43.90 -10.18
CA GLU L 462 47.61 43.28 -9.49
C GLU L 462 47.93 41.86 -9.04
N GLU L 463 48.82 41.18 -9.73
CA GLU L 463 49.22 39.84 -9.31
C GLU L 463 50.33 39.86 -8.29
N LYS L 464 51.25 40.83 -8.40
CA LYS L 464 52.31 41.00 -7.41
C LYS L 464 51.74 41.23 -6.02
N GLN L 465 50.74 42.10 -5.92
CA GLN L 465 50.10 42.37 -4.64
C GLN L 465 49.36 41.15 -4.12
N SER L 466 48.77 40.35 -5.00
CA SER L 466 48.06 39.17 -4.57
C SER L 466 49.01 38.10 -4.05
N LYS L 467 50.16 37.94 -4.68
CA LYS L 467 51.12 36.94 -4.21
C LYS L 467 51.82 37.37 -2.93
N LEU L 468 51.84 38.66 -2.65
CA LEU L 468 52.48 39.12 -1.42
C LEU L 468 51.70 38.70 -0.19
N ARG L 469 50.38 38.87 -0.22
CA ARG L 469 49.57 38.55 0.96
C ARG L 469 49.51 37.05 1.20
N SER L 470 49.81 36.24 0.19
CA SER L 470 50.02 34.83 0.43
C SER L 470 51.32 34.62 1.18
N LEU L 471 52.35 35.36 0.80
CA LEU L 471 53.65 35.20 1.45
C LEU L 471 53.61 35.75 2.87
N ARG L 472 52.82 36.80 3.11
CA ARG L 472 52.72 37.35 4.45
C ARG L 472 52.07 36.36 5.41
N ASN L 473 51.15 35.53 4.92
CA ASN L 473 50.61 34.48 5.76
C ASN L 473 51.68 33.43 6.06
N ARG L 474 52.28 32.87 5.03
CA ARG L 474 53.07 31.68 5.26
C ARG L 474 54.49 31.95 5.72
N GLN L 475 54.81 33.18 6.12
CA GLN L 475 55.93 33.35 7.04
C GLN L 475 55.46 33.64 8.45
N SER L 476 54.31 34.32 8.60
CA SER L 476 53.66 34.40 9.89
C SER L 476 53.22 33.03 10.37
N LEU L 477 52.86 32.15 9.43
CA LEU L 477 52.45 30.81 9.77
C LEU L 477 53.62 29.94 10.18
N PHE L 478 54.86 30.38 9.93
CA PHE L 478 55.98 29.61 10.41
C PHE L 478 56.50 30.15 11.73
N GLN L 479 56.75 31.46 11.81
CA GLN L 479 57.37 32.05 12.99
C GLN L 479 56.50 31.98 14.22
N GLU L 480 55.17 31.95 14.05
CA GLU L 480 54.29 31.69 15.17
C GLU L 480 54.45 30.27 15.69
N GLU L 481 54.19 29.27 14.85
CA GLU L 481 54.37 27.88 15.25
C GLU L 481 55.85 27.52 15.16
N GLY L 482 56.59 27.97 16.18
CA GLY L 482 58.00 27.72 16.32
C GLY L 482 58.82 28.28 15.19
N MET L 483 59.79 27.49 14.72
CA MET L 483 60.45 27.60 13.42
C MET L 483 61.18 28.91 13.21
N LEU L 484 61.34 29.72 14.24
CA LEU L 484 62.24 30.86 14.12
C LEU L 484 63.38 30.63 15.09
N SER L 485 63.02 30.43 16.36
CA SER L 485 64.03 30.14 17.38
C SER L 485 64.63 28.76 17.17
N LEU L 486 63.86 27.84 16.60
CA LEU L 486 64.39 26.54 16.21
C LEU L 486 65.48 26.70 15.16
N VAL L 487 65.32 27.65 14.25
CA VAL L 487 66.41 28.00 13.35
C VAL L 487 67.50 28.75 14.09
N LEU L 488 67.14 29.55 15.11
CA LEU L 488 68.15 30.26 15.86
C LEU L 488 69.04 29.32 16.66
N ASN L 489 68.47 28.20 17.12
CA ASN L 489 69.23 27.20 17.86
C ASN L 489 70.34 26.58 17.04
N CYS L 490 70.01 26.04 15.86
CA CYS L 490 70.99 25.33 15.06
C CYS L 490 72.09 26.24 14.53
N ILE L 491 71.89 27.55 14.55
CA ILE L 491 73.01 28.47 14.45
C ILE L 491 73.88 28.38 15.69
N ASP L 492 73.29 28.54 16.88
CA ASP L 492 74.13 28.72 18.06
C ASP L 492 74.74 27.42 18.56
N ARG L 493 74.32 26.27 18.05
CA ARG L 493 75.11 25.08 18.26
C ARG L 493 76.24 24.97 17.25
N LEU L 494 76.17 25.71 16.15
CA LEU L 494 77.15 25.57 15.10
C LEU L 494 78.18 26.66 15.09
N ASN L 495 77.84 27.85 15.57
CA ASN L 495 78.71 29.02 15.48
C ASN L 495 79.94 28.93 16.37
N VAL L 496 79.94 27.99 17.32
CA VAL L 496 81.02 27.91 18.31
C VAL L 496 82.28 27.32 17.70
N TYR L 497 82.20 26.79 16.49
CA TYR L 497 83.35 26.18 15.85
C TYR L 497 83.89 27.14 14.82
N THR L 498 84.69 28.12 15.27
CA THR L 498 85.14 29.15 14.35
C THR L 498 86.22 28.67 13.41
N THR L 499 87.12 27.81 13.86
CA THR L 499 87.97 27.09 12.93
C THR L 499 87.10 26.14 12.12
N ALA L 500 87.11 26.35 10.81
CA ALA L 500 86.16 25.69 9.93
C ALA L 500 86.41 24.19 9.82
N ALA L 501 87.63 23.75 10.12
CA ALA L 501 87.95 22.33 10.08
C ALA L 501 88.36 21.76 11.43
N HIS L 502 89.21 22.47 12.17
CA HIS L 502 89.77 21.95 13.42
C HIS L 502 88.69 21.79 14.48
N PHE L 503 87.83 22.79 14.62
CA PHE L 503 86.73 22.65 15.54
C PHE L 503 85.54 21.95 14.90
N ALA L 504 85.62 21.64 13.62
CA ALA L 504 84.69 20.71 13.01
C ALA L 504 85.20 19.28 13.06
N GLU L 505 86.39 19.07 13.62
CA GLU L 505 86.92 17.71 13.79
C GLU L 505 86.33 17.00 14.99
N TYR L 506 85.45 17.66 15.75
CA TYR L 506 84.67 16.97 16.76
C TYR L 506 83.70 15.97 16.13
N ALA L 507 83.22 16.26 14.93
CA ALA L 507 82.49 15.30 14.12
C ALA L 507 83.42 14.38 13.36
N GLY L 508 84.42 14.95 12.69
CA GLY L 508 85.30 14.17 11.86
C GLY L 508 85.65 14.97 10.62
N GLU L 509 85.89 14.23 9.53
CA GLU L 509 86.18 14.87 8.25
C GLU L 509 84.97 14.84 7.34
N GLU L 510 83.95 14.05 7.68
CA GLU L 510 82.79 13.91 6.80
C GLU L 510 81.92 15.17 6.83
N ALA L 511 81.48 15.58 8.01
CA ALA L 511 80.68 16.79 8.11
C ALA L 511 81.52 18.05 8.01
N ALA L 512 82.84 17.93 8.10
CA ALA L 512 83.70 19.11 8.11
C ALA L 512 83.74 19.80 6.76
N GLU L 513 83.61 19.03 5.67
CA GLU L 513 83.68 19.62 4.35
C GLU L 513 82.42 20.43 4.04
N SER L 514 81.31 20.14 4.72
CA SER L 514 80.06 20.81 4.45
C SER L 514 79.70 21.83 5.51
N TRP L 515 80.63 22.15 6.41
CA TRP L 515 80.33 23.13 7.45
C TRP L 515 80.23 24.52 6.88
N LYS L 516 81.02 24.82 5.86
CA LYS L 516 81.02 26.14 5.26
C LYS L 516 79.70 26.44 4.56
N GLU L 517 79.09 25.41 3.99
CA GLU L 517 77.83 25.59 3.28
C GLU L 517 76.67 25.81 4.23
N ILE L 518 76.60 25.01 5.29
CA ILE L 518 75.37 24.89 6.06
C ILE L 518 75.11 26.16 6.87
N VAL L 519 76.16 26.91 7.16
CA VAL L 519 75.97 28.20 7.80
C VAL L 519 75.38 29.21 6.83
N ASN L 520 75.90 29.28 5.61
CA ASN L 520 75.46 30.29 4.65
C ASN L 520 74.01 30.10 4.25
N LEU L 521 73.61 28.85 4.03
CA LEU L 521 72.22 28.58 3.71
C LEU L 521 71.30 28.88 4.88
N LEU L 522 71.81 28.80 6.11
CA LEU L 522 70.96 29.04 7.26
C LEU L 522 70.60 30.50 7.39
N TYR L 523 71.58 31.40 7.19
CA TYR L 523 71.29 32.81 7.29
C TYR L 523 70.46 33.30 6.12
N GLU L 524 70.51 32.60 4.99
CA GLU L 524 69.64 32.95 3.87
C GLU L 524 68.19 32.65 4.19
N LEU L 525 67.94 31.57 4.93
CA LEU L 525 66.58 31.23 5.34
C LEU L 525 66.00 32.29 6.26
N LEU L 526 66.75 32.62 7.30
CA LEU L 526 66.33 33.61 8.29
C LEU L 526 66.12 34.97 7.65
N ALA L 527 67.01 35.37 6.76
CA ALA L 527 66.80 36.60 6.00
C ALA L 527 65.61 36.50 5.09
N SER L 528 65.27 35.31 4.61
CA SER L 528 64.10 35.17 3.79
C SER L 528 62.83 35.19 4.63
N LEU L 529 62.94 34.87 5.91
CA LEU L 529 61.77 34.90 6.77
C LEU L 529 61.30 36.30 7.07
N ILE L 530 62.19 37.17 7.52
CA ILE L 530 61.75 38.45 8.06
C ILE L 530 61.88 39.54 7.01
N ARG L 531 61.93 39.16 5.74
CA ARG L 531 61.94 40.16 4.68
C ARG L 531 60.54 40.74 4.59
N GLY L 532 60.44 42.05 4.63
CA GLY L 532 59.16 42.71 4.47
C GLY L 532 58.28 42.76 5.70
N ASN L 533 58.16 41.63 6.41
CA ASN L 533 57.25 41.50 7.53
C ASN L 533 57.67 42.39 8.69
N ARG L 534 56.74 43.20 9.18
CA ARG L 534 57.03 44.01 10.35
C ARG L 534 56.90 43.22 11.64
N ALA L 535 55.94 42.30 11.71
CA ALA L 535 55.65 41.60 12.94
C ALA L 535 56.77 40.66 13.34
N ASN L 536 57.37 39.97 12.38
CA ASN L 536 58.49 39.10 12.73
C ASN L 536 59.77 39.88 12.94
N CYS L 537 59.86 41.12 12.45
CA CYS L 537 61.05 41.91 12.69
C CYS L 537 61.16 42.36 14.13
N ALA L 538 60.05 42.53 14.83
CA ALA L 538 60.09 42.87 16.24
C ALA L 538 60.55 41.70 17.10
N LEU L 539 60.61 40.48 16.54
CA LEU L 539 61.06 39.33 17.29
C LEU L 539 62.56 39.33 17.54
N PHE L 540 63.29 40.28 16.97
CA PHE L 540 64.71 40.40 17.21
C PHE L 540 65.06 41.57 18.11
N SER L 541 64.04 42.20 18.70
CA SER L 541 64.27 43.33 19.59
C SER L 541 64.86 42.90 20.92
N THR L 542 64.78 41.62 21.25
CA THR L 542 65.37 41.12 22.48
C THR L 542 66.81 40.66 22.29
N ASN L 543 67.11 39.98 21.18
CA ASN L 543 68.44 39.46 20.95
C ASN L 543 69.11 40.19 19.79
N LEU L 544 68.94 41.51 19.76
CA LEU L 544 69.66 42.36 18.81
C LEU L 544 71.17 42.21 18.98
N ASP L 545 71.63 42.20 20.23
CA ASP L 545 73.05 42.05 20.51
C ASP L 545 73.57 40.67 20.14
N TRP L 546 72.70 39.67 20.05
CA TRP L 546 73.12 38.37 19.56
C TRP L 546 73.52 38.45 18.09
N VAL L 547 72.87 39.31 17.32
CA VAL L 547 73.18 39.45 15.90
C VAL L 547 74.51 40.17 15.69
N VAL L 548 74.66 41.34 16.30
CA VAL L 548 75.79 42.22 16.02
C VAL L 548 77.09 41.63 16.56
N SER L 549 76.99 40.73 17.52
CA SER L 549 78.18 40.10 18.08
C SER L 549 78.84 39.10 17.13
N LYS L 550 78.20 38.75 16.02
CA LYS L 550 78.73 37.76 15.10
C LYS L 550 79.08 38.38 13.74
N LEU L 551 79.29 39.69 13.68
CA LEU L 551 79.51 40.34 12.40
C LEU L 551 80.89 40.07 11.84
N ASP L 552 81.90 39.94 12.70
CA ASP L 552 83.25 39.65 12.25
C ASP L 552 83.57 38.17 12.28
N ARG L 553 82.56 37.32 12.05
CA ARG L 553 82.75 35.90 12.23
C ARG L 553 83.47 35.24 11.07
N LEU L 554 83.75 35.98 10.00
CA LEU L 554 84.61 35.63 8.86
C LEU L 554 84.02 34.56 7.95
N GLU L 555 82.93 33.92 8.35
CA GLU L 555 82.20 32.98 7.52
C GLU L 555 80.80 33.53 7.36
N ALA L 556 80.36 33.66 6.11
CA ALA L 556 79.07 34.25 5.72
C ALA L 556 78.91 35.65 6.27
N SER L 557 79.98 36.44 6.15
CA SER L 557 79.97 37.84 6.57
C SER L 557 78.94 38.65 5.81
N SER L 558 78.71 38.35 4.53
CA SER L 558 77.61 38.96 3.83
C SER L 558 76.27 38.43 4.31
N GLY L 559 76.24 37.20 4.82
CA GLY L 559 75.01 36.57 5.24
C GLY L 559 74.35 37.25 6.41
N ILE L 560 75.10 37.46 7.50
CA ILE L 560 74.53 38.10 8.67
C ILE L 560 74.24 39.57 8.38
N LEU L 561 75.11 40.21 7.61
CA LEU L 561 74.92 41.61 7.23
C LEU L 561 73.66 41.77 6.37
N GLU L 562 73.31 40.74 5.62
CA GLU L 562 72.04 40.70 4.94
C GLU L 562 70.87 40.66 5.92
N VAL L 563 71.00 39.87 7.00
CA VAL L 563 69.90 39.73 7.96
C VAL L 563 69.69 41.04 8.71
N LEU L 564 70.78 41.73 9.01
CA LEU L 564 70.68 42.99 9.74
C LEU L 564 70.02 44.08 8.89
N TYR L 565 70.17 44.01 7.58
CA TYR L 565 69.64 45.07 6.75
C TYR L 565 68.13 44.96 6.61
N CYS L 566 67.61 43.75 6.50
CA CYS L 566 66.18 43.60 6.34
C CYS L 566 65.43 43.83 7.63
N VAL L 567 66.06 43.64 8.79
CA VAL L 567 65.36 43.88 10.05
C VAL L 567 65.34 45.35 10.41
N LEU L 568 66.29 46.14 9.93
CA LEU L 568 66.39 47.54 10.28
C LEU L 568 65.65 48.45 9.33
N ILE L 569 64.72 47.92 8.54
CA ILE L 569 63.91 48.74 7.65
C ILE L 569 62.43 48.49 7.81
N GLU L 570 62.04 47.49 8.58
CA GLU L 570 60.64 47.15 8.73
C GLU L 570 60.03 47.57 10.05
N SER L 571 60.75 47.45 11.16
CA SER L 571 60.21 47.77 12.48
C SER L 571 61.07 48.85 13.10
N PRO L 572 60.58 50.09 13.20
CA PRO L 572 61.41 51.22 13.63
C PRO L 572 61.78 51.23 15.10
N GLU L 573 61.16 50.37 15.91
CA GLU L 573 61.47 50.30 17.33
C GLU L 573 62.85 49.70 17.59
N VAL L 574 63.45 49.07 16.58
CA VAL L 574 64.75 48.47 16.79
C VAL L 574 65.84 49.51 16.54
N LEU L 575 65.47 50.69 16.03
CA LEU L 575 66.45 51.76 15.91
C LEU L 575 66.89 52.32 17.24
N ASN L 576 65.95 52.83 18.05
CA ASN L 576 66.29 53.59 19.25
C ASN L 576 66.63 52.71 20.44
N ILE L 577 66.82 51.41 20.24
CA ILE L 577 67.37 50.54 21.25
C ILE L 577 68.82 50.19 20.96
N ILE L 578 69.52 51.02 20.21
CA ILE L 578 70.88 50.78 19.79
C ILE L 578 71.78 51.79 20.46
N GLN L 579 72.81 51.31 21.15
CA GLN L 579 73.74 52.17 21.85
C GLN L 579 75.03 52.28 21.07
N GLU L 580 75.98 53.01 21.62
CA GLU L 580 77.24 53.32 20.96
C GLU L 580 78.15 52.11 20.83
N ASN L 581 77.93 51.07 21.63
CA ASN L 581 78.73 49.87 21.50
C ASN L 581 78.41 49.11 20.22
N HIS L 582 77.21 49.30 19.67
CA HIS L 582 76.86 48.59 18.45
C HIS L 582 77.42 49.26 17.21
N ILE L 583 77.29 50.58 17.13
CA ILE L 583 77.76 51.34 15.98
C ILE L 583 79.27 51.23 15.83
N LYS L 584 79.98 51.14 16.95
CA LYS L 584 81.43 51.00 16.87
C LYS L 584 81.86 49.64 16.36
N SER L 585 80.96 48.66 16.34
CA SER L 585 81.32 47.41 15.69
C SER L 585 81.11 47.48 14.20
N ILE L 586 80.08 48.20 13.76
CA ILE L 586 79.74 48.28 12.33
C ILE L 586 80.81 49.04 11.56
N ILE L 587 81.28 50.17 12.10
CA ILE L 587 82.42 50.84 11.49
C ILE L 587 83.66 49.95 11.54
N SER L 588 83.80 49.17 12.61
CA SER L 588 84.88 48.19 12.65
C SER L 588 84.65 47.04 11.68
N LEU L 589 83.41 46.83 11.23
CA LEU L 589 83.20 45.85 10.17
C LEU L 589 83.66 46.39 8.83
N LEU L 590 83.36 47.67 8.58
CA LEU L 590 83.74 48.30 7.32
C LEU L 590 85.25 48.41 7.19
N ASP L 591 85.95 48.65 8.29
CA ASP L 591 87.40 48.77 8.30
C ASP L 591 88.11 47.45 8.11
N LYS L 592 87.40 46.32 8.24
CA LYS L 592 88.00 45.01 8.05
C LYS L 592 87.40 44.21 6.92
N HIS L 593 86.51 44.79 6.12
CA HIS L 593 85.89 44.06 5.04
C HIS L 593 85.76 44.92 3.80
N GLY L 594 86.72 45.82 3.59
CA GLY L 594 86.78 46.59 2.38
C GLY L 594 85.70 47.64 2.30
N ARG L 595 85.65 48.30 1.15
CA ARG L 595 84.67 49.34 0.91
C ARG L 595 83.41 48.69 0.37
N ASN L 596 82.74 47.92 1.21
CA ASN L 596 81.49 47.28 0.84
C ASN L 596 80.39 48.33 0.82
N HIS L 597 79.66 48.40 -0.29
CA HIS L 597 78.61 49.38 -0.43
C HIS L 597 77.32 48.97 0.26
N LYS L 598 77.24 47.76 0.81
CA LYS L 598 76.07 47.40 1.59
C LYS L 598 76.10 47.96 2.99
N VAL L 599 77.30 48.16 3.55
CA VAL L 599 77.42 48.72 4.88
C VAL L 599 76.95 50.16 4.92
N LEU L 600 77.06 50.89 3.81
CA LEU L 600 76.54 52.24 3.81
C LEU L 600 75.02 52.26 3.72
N ASP L 601 74.40 51.16 3.30
CA ASP L 601 72.94 51.11 3.31
C ASP L 601 72.39 51.04 4.73
N VAL L 602 72.95 50.16 5.56
CA VAL L 602 72.41 49.98 6.89
C VAL L 602 72.65 51.20 7.75
N LEU L 603 73.71 51.96 7.47
CA LEU L 603 73.87 53.22 8.17
C LEU L 603 72.93 54.28 7.62
N CYS L 604 72.50 54.15 6.37
CA CYS L 604 71.52 55.09 5.87
C CYS L 604 70.13 54.78 6.38
N SER L 605 69.89 53.56 6.82
CA SER L 605 68.63 53.25 7.46
C SER L 605 68.64 53.59 8.93
N LEU L 606 69.82 53.82 9.51
CA LEU L 606 69.94 54.07 10.92
C LEU L 606 69.67 55.51 11.30
N CYS L 607 69.65 56.41 10.33
CA CYS L 607 69.40 57.81 10.64
C CYS L 607 67.91 58.06 10.87
N VAL L 608 67.08 57.74 9.89
CA VAL L 608 65.68 58.06 9.96
C VAL L 608 64.86 56.78 10.06
N CYS L 609 63.59 56.95 10.44
CA CYS L 609 62.61 55.89 10.35
C CYS L 609 61.24 56.54 10.18
N ASN L 610 60.54 56.15 9.10
CA ASN L 610 59.19 56.62 8.77
C ASN L 610 59.13 58.14 8.66
N GLY L 611 60.20 58.73 8.12
CA GLY L 611 60.29 60.17 8.08
C GLY L 611 60.58 60.84 9.40
N VAL L 612 61.01 60.09 10.40
CA VAL L 612 61.33 60.65 11.71
C VAL L 612 62.77 60.30 12.05
N ALA L 613 63.58 61.32 12.30
CA ALA L 613 65.00 61.11 12.52
C ALA L 613 65.27 60.85 13.99
N VAL L 614 66.45 60.31 14.26
CA VAL L 614 66.89 60.00 15.61
C VAL L 614 68.14 60.81 15.88
N ARG L 615 68.00 61.89 16.63
CA ARG L 615 69.12 62.76 16.95
C ARG L 615 70.16 62.08 17.82
N SER L 616 69.81 61.02 18.53
CA SER L 616 70.82 60.28 19.27
C SER L 616 71.70 59.47 18.36
N ASN L 617 71.15 58.94 17.27
CA ASN L 617 71.95 58.18 16.33
C ASN L 617 72.65 59.03 15.30
N GLN L 618 72.14 60.23 15.01
CA GLN L 618 72.75 61.06 13.99
C GLN L 618 74.02 61.73 14.46
N ASP L 619 74.42 61.56 15.71
CA ASP L 619 75.72 62.06 16.12
C ASP L 619 76.69 60.95 16.46
N LEU L 620 76.19 59.76 16.80
CA LEU L 620 77.07 58.65 17.09
C LEU L 620 77.82 58.19 15.85
N ILE L 621 77.20 58.30 14.68
CA ILE L 621 77.90 58.03 13.43
C ILE L 621 78.93 59.11 13.17
N THR L 622 78.54 60.38 13.31
CA THR L 622 79.31 61.48 12.78
C THR L 622 80.62 61.70 13.50
N GLU L 623 80.60 61.77 14.82
CA GLU L 623 81.84 61.96 15.57
C GLU L 623 82.68 60.69 15.66
N ASN L 624 82.21 59.58 15.09
CA ASN L 624 83.04 58.39 14.96
C ASN L 624 83.61 58.23 13.57
N LEU L 625 82.76 58.25 12.54
CA LEU L 625 83.17 57.96 11.17
C LEU L 625 84.00 59.06 10.56
N LEU L 626 83.43 60.25 10.40
CA LEU L 626 84.06 61.42 9.81
C LEU L 626 85.41 61.88 10.35
N PRO L 627 85.61 62.10 11.67
CA PRO L 627 86.70 62.98 12.10
C PRO L 627 88.08 62.42 11.89
N GLY L 628 88.21 61.09 11.84
CA GLY L 628 89.49 60.51 11.49
C GLY L 628 89.88 60.81 10.05
N ARG L 629 88.88 60.96 9.18
CA ARG L 629 89.05 61.25 7.75
C ARG L 629 89.91 60.22 7.05
N GLU L 630 89.90 58.98 7.54
CA GLU L 630 90.82 57.96 7.09
C GLU L 630 90.15 56.65 6.72
N LEU L 631 88.86 56.65 6.44
CA LEU L 631 88.16 55.46 5.97
C LEU L 631 87.35 55.73 4.72
N LEU L 632 86.95 56.97 4.50
CA LEU L 632 86.17 57.37 3.35
C LEU L 632 87.05 58.08 2.34
N LEU L 633 86.43 58.56 1.27
CA LEU L 633 87.16 59.31 0.27
C LEU L 633 87.03 60.81 0.54
N GLN L 634 88.06 61.56 0.22
CA GLN L 634 88.03 63.00 0.41
C GLN L 634 88.14 63.70 -0.94
N THR L 635 87.44 64.82 -1.07
CA THR L 635 87.45 65.59 -2.31
C THR L 635 88.06 66.95 -2.05
N ASN L 636 88.71 67.50 -3.08
CA ASN L 636 89.32 68.81 -2.96
C ASN L 636 89.56 69.39 -4.34
N LEU L 637 89.56 70.71 -4.40
CA LEU L 637 90.03 71.42 -5.59
C LEU L 637 91.52 71.69 -5.44
N ILE L 638 92.29 71.36 -6.46
CA ILE L 638 93.72 71.64 -6.46
C ILE L 638 94.13 72.26 -7.79
N ASN L 639 95.36 72.72 -7.85
CA ASN L 639 95.87 73.39 -9.03
C ASN L 639 96.62 72.41 -9.92
N TYR L 640 96.81 72.82 -11.16
CA TYR L 640 97.66 72.10 -12.10
C TYR L 640 99.11 72.54 -11.94
N VAL L 641 100.03 71.62 -12.24
CA VAL L 641 101.45 71.95 -12.34
C VAL L 641 101.96 71.37 -13.65
N THR L 642 103.00 72.00 -14.18
CA THR L 642 103.79 71.46 -15.27
C THR L 642 105.26 71.54 -14.89
N SER L 643 106.11 71.10 -15.80
CA SER L 643 107.55 71.17 -15.60
C SER L 643 108.19 71.48 -16.94
N ILE L 644 109.23 72.29 -16.91
CA ILE L 644 109.96 72.66 -18.12
C ILE L 644 111.45 72.53 -17.86
N ARG L 645 112.21 72.42 -18.94
CA ARG L 645 113.65 72.21 -18.89
C ARG L 645 114.30 72.73 -20.16
N PRO L 646 115.58 73.03 -20.10
CA PRO L 646 116.38 73.12 -21.33
C PRO L 646 116.86 71.74 -21.72
N ASN L 647 117.61 71.68 -22.83
CA ASN L 647 118.11 70.41 -23.35
C ASN L 647 119.52 70.14 -22.84
N ILE L 648 119.70 70.25 -21.53
CA ILE L 648 121.02 70.23 -20.92
C ILE L 648 121.08 69.01 -20.00
N PHE L 649 121.51 67.88 -20.54
CA PHE L 649 121.47 66.61 -19.81
C PHE L 649 122.88 66.24 -19.40
N VAL L 650 123.26 66.57 -18.17
CA VAL L 650 124.59 66.30 -17.66
C VAL L 650 124.54 65.05 -16.81
N GLY L 651 125.44 64.10 -17.10
CA GLY L 651 125.60 62.93 -16.27
C GLY L 651 127.04 62.45 -16.32
N ARG L 652 127.40 61.66 -15.31
CA ARG L 652 128.75 61.13 -15.20
C ARG L 652 128.72 59.62 -15.25
N ALA L 653 129.88 59.03 -15.54
CA ALA L 653 130.03 57.59 -15.67
C ALA L 653 131.51 57.25 -15.49
N GLU L 654 131.88 56.03 -15.87
CA GLU L 654 133.29 55.69 -15.94
C GLU L 654 134.00 56.48 -17.04
N GLY L 655 133.60 56.27 -18.29
CA GLY L 655 134.16 57.05 -19.37
C GLY L 655 133.40 58.35 -19.49
N SER L 656 133.90 59.39 -18.85
CA SER L 656 133.16 60.63 -18.70
C SER L 656 133.80 61.71 -19.55
N THR L 657 133.11 62.11 -20.61
CA THR L 657 133.50 63.27 -21.39
C THR L 657 132.86 64.55 -20.89
N GLN L 658 132.27 64.53 -19.69
CA GLN L 658 131.53 65.65 -19.16
C GLN L 658 132.21 66.20 -17.90
N TYR L 659 131.74 67.37 -17.45
CA TYR L 659 132.45 68.09 -16.40
C TYR L 659 132.12 67.52 -15.02
N GLY L 660 130.88 67.63 -14.59
CA GLY L 660 130.44 67.10 -13.31
C GLY L 660 130.25 68.14 -12.22
N LYS L 661 130.29 69.43 -12.57
CA LYS L 661 130.10 70.51 -11.61
C LYS L 661 129.68 71.77 -12.34
N TRP L 662 128.39 72.11 -12.22
CA TRP L 662 127.74 73.10 -13.05
C TRP L 662 127.03 74.13 -12.19
N TYR L 663 126.34 75.05 -12.87
CA TYR L 663 125.77 76.22 -12.23
C TYR L 663 124.83 76.90 -13.19
N PHE L 664 123.74 77.44 -12.67
CA PHE L 664 122.82 78.29 -13.44
C PHE L 664 121.99 79.12 -12.47
N GLU L 665 121.37 80.16 -13.01
CA GLU L 665 120.61 81.11 -12.21
C GLU L 665 119.18 81.23 -12.74
N VAL L 666 118.27 81.59 -11.85
CA VAL L 666 116.87 81.82 -12.19
C VAL L 666 116.43 83.10 -11.48
N MET L 667 115.90 84.05 -12.25
CA MET L 667 115.42 85.32 -11.73
C MET L 667 113.91 85.35 -11.81
N VAL L 668 113.27 85.52 -10.67
CA VAL L 668 111.81 85.57 -10.59
C VAL L 668 111.37 87.02 -10.50
N ASP L 669 110.39 87.39 -11.30
CA ASP L 669 109.98 88.79 -11.40
C ASP L 669 108.48 89.03 -11.30
N GLU L 670 107.64 88.00 -11.40
CA GLU L 670 106.20 88.23 -11.39
C GLU L 670 105.52 86.98 -10.86
N VAL L 671 105.10 87.03 -9.59
CA VAL L 671 104.38 85.92 -8.96
C VAL L 671 103.19 86.49 -8.20
N VAL L 672 102.00 86.09 -8.59
CA VAL L 672 100.83 86.28 -7.73
C VAL L 672 100.86 85.20 -6.66
N PRO L 673 100.76 85.53 -5.38
CA PRO L 673 100.81 84.50 -4.34
C PRO L 673 99.55 83.66 -4.31
N PHE L 674 98.39 84.27 -4.58
CA PHE L 674 97.12 83.55 -4.51
C PHE L 674 96.25 83.99 -5.68
N LEU L 675 96.36 83.25 -6.78
CA LEU L 675 95.35 83.37 -7.84
C LEU L 675 94.19 82.43 -7.57
N THR L 676 94.47 81.24 -7.07
CA THR L 676 93.47 80.21 -6.84
C THR L 676 93.20 80.10 -5.35
N ALA L 677 92.40 79.10 -4.99
CA ALA L 677 92.19 78.80 -3.58
C ALA L 677 93.42 78.19 -2.95
N GLN L 678 94.23 77.48 -3.73
CA GLN L 678 95.43 76.85 -3.20
C GLN L 678 96.61 77.80 -3.42
N ALA L 679 97.71 77.56 -2.71
CA ALA L 679 98.88 78.39 -2.87
C ALA L 679 99.54 78.15 -4.22
N THR L 680 100.13 79.21 -4.78
CA THR L 680 100.72 79.14 -6.10
C THR L 680 102.03 78.38 -6.03
N HIS L 681 102.08 77.23 -6.69
CA HIS L 681 103.19 76.30 -6.58
C HIS L 681 104.32 76.76 -7.49
N LEU L 682 105.54 76.85 -6.94
CA LEU L 682 106.71 77.26 -7.72
C LEU L 682 107.96 76.76 -7.01
N ARG L 683 108.62 75.76 -7.58
CA ARG L 683 109.87 75.23 -7.04
C ARG L 683 110.90 75.14 -8.15
N VAL L 684 112.18 75.08 -7.75
CA VAL L 684 113.32 75.08 -8.67
C VAL L 684 114.34 74.07 -8.18
N GLY L 685 114.81 73.20 -9.08
CA GLY L 685 115.87 72.28 -8.71
C GLY L 685 116.38 71.47 -9.88
N TRP L 686 116.83 70.26 -9.57
CA TRP L 686 117.43 69.33 -10.51
C TRP L 686 116.64 68.03 -10.52
N ALA L 687 116.74 67.30 -11.62
CA ALA L 687 115.96 66.08 -11.79
C ALA L 687 116.71 65.11 -12.69
N LEU L 688 116.46 63.82 -12.49
CA LEU L 688 116.92 62.76 -13.37
C LEU L 688 116.09 62.75 -14.64
N THR L 689 116.47 61.85 -15.55
CA THR L 689 115.76 61.74 -16.83
C THR L 689 114.77 60.59 -16.80
N GLU L 690 115.25 59.39 -16.48
CA GLU L 690 114.44 58.18 -16.63
C GLU L 690 113.37 58.04 -15.56
N GLY L 691 113.45 58.79 -14.47
CA GLY L 691 112.54 58.57 -13.37
C GLY L 691 111.48 59.63 -13.17
N TYR L 692 111.84 60.89 -13.38
CA TYR L 692 110.92 61.98 -13.10
C TYR L 692 109.94 62.12 -14.25
N SER L 693 108.67 61.83 -14.00
CA SER L 693 107.62 61.89 -15.01
C SER L 693 106.40 62.58 -14.39
N PRO L 694 106.33 63.90 -14.48
CA PRO L 694 105.17 64.62 -13.93
C PRO L 694 103.97 64.51 -14.86
N TYR L 695 102.85 64.13 -14.30
CA TYR L 695 101.67 64.09 -15.15
C TYR L 695 100.68 65.16 -14.71
N PRO L 696 99.91 65.74 -15.64
CA PRO L 696 99.17 66.97 -15.32
C PRO L 696 98.02 66.78 -14.33
N GLY L 697 97.65 65.55 -14.01
CA GLY L 697 96.68 65.35 -12.96
C GLY L 697 96.99 64.10 -12.15
N GLY L 698 96.51 64.06 -10.92
CA GLY L 698 96.71 62.90 -10.07
C GLY L 698 98.16 62.75 -9.64
N GLY L 699 98.48 61.53 -9.24
CA GLY L 699 99.85 61.19 -8.92
C GLY L 699 100.03 60.94 -7.44
N GLU L 700 101.28 60.95 -7.01
CA GLU L 700 101.61 60.70 -5.63
C GLU L 700 101.31 61.94 -4.78
N GLY L 701 100.81 61.68 -3.58
CA GLY L 701 100.46 62.77 -2.70
C GLY L 701 99.04 63.25 -2.96
N TRP L 702 98.76 64.46 -2.47
CA TRP L 702 97.42 65.00 -2.64
C TRP L 702 97.20 65.49 -4.06
N GLY L 703 98.26 65.81 -4.76
CA GLY L 703 98.12 66.23 -6.14
C GLY L 703 98.94 67.46 -6.44
N GLY L 704 99.08 67.72 -7.73
CA GLY L 704 99.90 68.82 -8.18
C GLY L 704 101.37 68.55 -7.93
N ASN L 705 101.73 67.28 -7.97
CA ASN L 705 103.10 66.87 -7.71
C ASN L 705 104.05 67.32 -8.81
N GLY L 706 105.19 67.87 -8.42
CA GLY L 706 106.18 68.38 -9.34
C GLY L 706 107.61 68.09 -8.90
N VAL L 707 108.44 69.13 -8.85
CA VAL L 707 109.84 68.96 -8.48
C VAL L 707 109.95 68.64 -7.01
N GLY L 708 110.70 67.58 -6.69
CA GLY L 708 110.90 67.17 -5.32
C GLY L 708 109.79 66.30 -4.78
N ASP L 709 108.80 65.96 -5.59
CA ASP L 709 107.63 65.25 -5.11
C ASP L 709 107.81 63.74 -5.11
N ASP L 710 109.00 63.25 -5.42
CA ASP L 710 109.35 61.85 -5.27
C ASP L 710 110.86 61.73 -5.18
N LEU L 711 111.34 60.52 -5.41
CA LEU L 711 112.76 60.23 -5.26
C LEU L 711 113.56 60.52 -6.52
N TYR L 712 113.06 61.33 -7.42
CA TYR L 712 113.75 61.56 -8.68
C TYR L 712 114.13 63.01 -8.92
N SER L 713 113.77 63.91 -8.02
CA SER L 713 114.11 65.31 -8.16
C SER L 713 114.21 65.96 -6.80
N TYR L 714 114.85 67.13 -6.75
CA TYR L 714 115.20 67.79 -5.50
C TYR L 714 114.84 69.26 -5.64
N GLY L 715 113.87 69.73 -4.85
CA GLY L 715 113.28 71.03 -5.04
C GLY L 715 113.61 72.03 -3.94
N PHE L 716 113.52 73.30 -4.31
CA PHE L 716 113.67 74.40 -3.38
C PHE L 716 112.66 75.47 -3.75
N ASP L 717 111.99 76.03 -2.76
CA ASP L 717 110.93 77.01 -3.01
C ASP L 717 111.24 78.36 -2.39
N GLY L 718 112.38 78.51 -1.75
CA GLY L 718 112.63 79.71 -0.98
C GLY L 718 112.82 79.39 0.48
N LEU L 719 112.04 78.46 1.02
CA LEU L 719 112.22 78.12 2.42
C LEU L 719 112.00 76.64 2.74
N HIS L 720 111.98 75.77 1.74
CA HIS L 720 111.86 74.34 1.97
C HIS L 720 112.70 73.57 0.97
N LEU L 721 113.31 72.48 1.44
CA LEU L 721 114.01 71.56 0.56
C LEU L 721 113.04 70.43 0.24
N TRP L 722 112.55 70.42 -0.99
CA TRP L 722 111.58 69.43 -1.41
C TRP L 722 112.30 68.24 -2.03
N THR L 723 112.14 67.06 -1.42
CA THR L 723 112.64 65.81 -1.96
C THR L 723 111.88 64.67 -1.31
N GLY L 724 111.58 63.64 -2.11
CA GLY L 724 110.87 62.48 -1.59
C GLY L 724 109.47 62.74 -1.12
N HIS L 725 108.83 63.80 -1.65
CA HIS L 725 107.51 64.29 -1.24
C HIS L 725 107.43 64.59 0.26
N VAL L 726 108.26 65.51 0.73
CA VAL L 726 108.16 66.06 2.07
C VAL L 726 108.86 67.41 2.06
N ALA L 727 108.29 68.38 2.76
CA ALA L 727 108.94 69.66 2.97
C ALA L 727 110.03 69.50 4.02
N ARG L 728 111.13 70.23 3.85
CA ARG L 728 112.19 70.27 4.86
C ARG L 728 112.47 71.70 5.22
N PRO L 729 112.20 72.12 6.45
CA PRO L 729 112.41 73.53 6.83
C PRO L 729 113.88 73.89 6.90
N VAL L 730 114.22 74.99 6.26
CA VAL L 730 115.60 75.41 6.13
C VAL L 730 115.82 76.64 7.01
N THR L 731 117.09 77.02 7.16
CA THR L 731 117.48 78.21 7.89
C THR L 731 118.20 79.11 6.90
N SER L 732 117.45 80.00 6.28
CA SER L 732 118.06 80.94 5.36
C SER L 732 117.98 82.36 5.92
N PRO L 733 119.00 83.18 5.70
CA PRO L 733 118.95 84.57 6.14
C PRO L 733 117.98 85.38 5.30
N GLY L 734 116.95 85.92 5.95
CA GLY L 734 115.90 86.63 5.25
C GLY L 734 115.04 85.69 4.44
N GLN L 735 114.71 84.54 5.02
CA GLN L 735 114.03 83.48 4.30
C GLN L 735 112.58 83.86 4.02
N HIS L 736 112.15 83.62 2.79
CA HIS L 736 110.77 83.82 2.36
C HIS L 736 110.57 82.99 1.10
N LEU L 737 109.41 83.14 0.50
CA LEU L 737 109.14 82.42 -0.74
C LEU L 737 109.87 83.07 -1.90
N LEU L 738 109.63 82.54 -3.10
CA LEU L 738 110.22 83.13 -4.29
C LEU L 738 109.43 84.38 -4.64
N ALA L 739 109.78 85.48 -3.97
CA ALA L 739 109.19 86.76 -4.26
C ALA L 739 109.73 87.29 -5.58
N PRO L 740 109.04 88.26 -6.21
CA PRO L 740 109.62 88.91 -7.39
C PRO L 740 110.87 89.69 -7.03
N GLU L 741 111.67 89.96 -8.08
CA GLU L 741 113.00 90.56 -7.99
C GLU L 741 113.92 89.75 -7.07
N ASP L 742 113.86 88.43 -7.22
CA ASP L 742 114.77 87.52 -6.53
C ASP L 742 115.52 86.68 -7.54
N VAL L 743 116.76 86.35 -7.21
CA VAL L 743 117.61 85.54 -8.08
C VAL L 743 118.09 84.36 -7.27
N VAL L 744 117.73 83.16 -7.70
CA VAL L 744 118.14 81.94 -7.04
C VAL L 744 119.23 81.30 -7.89
N SER L 745 120.07 80.48 -7.28
CA SER L 745 121.13 79.76 -7.95
C SER L 745 121.19 78.34 -7.43
N CYS L 746 121.71 77.43 -8.25
CA CYS L 746 121.77 76.02 -7.92
C CYS L 746 123.19 75.52 -8.14
N CYS L 747 123.90 75.26 -7.05
CA CYS L 747 125.22 74.66 -7.13
C CYS L 747 125.08 73.15 -7.20
N LEU L 748 125.72 72.56 -8.21
CA LEU L 748 125.60 71.14 -8.48
C LEU L 748 126.97 70.50 -8.53
N ASP L 749 127.09 69.32 -7.91
CA ASP L 749 128.33 68.56 -7.97
C ASP L 749 127.99 67.11 -8.27
N LEU L 750 128.76 66.51 -9.19
CA LEU L 750 128.59 65.10 -9.52
C LEU L 750 129.72 64.23 -8.98
N SER L 751 130.87 64.82 -8.65
CA SER L 751 131.94 64.05 -8.04
C SER L 751 131.53 63.56 -6.67
N VAL L 752 131.30 64.49 -5.75
CA VAL L 752 130.57 64.20 -4.53
C VAL L 752 129.10 64.42 -4.88
N PRO L 753 128.19 63.57 -4.43
CA PRO L 753 126.76 63.84 -4.64
C PRO L 753 126.34 65.02 -3.78
N SER L 754 126.09 66.16 -4.43
CA SER L 754 125.91 67.40 -3.71
C SER L 754 125.11 68.39 -4.55
N ILE L 755 124.08 68.96 -3.93
CA ILE L 755 123.31 70.06 -4.52
C ILE L 755 123.22 71.15 -3.47
N SER L 756 123.64 72.36 -3.82
CA SER L 756 123.50 73.52 -2.96
C SER L 756 122.72 74.62 -3.66
N PHE L 757 122.38 75.66 -2.88
CA PHE L 757 121.60 76.77 -3.38
C PHE L 757 122.05 78.07 -2.75
N ARG L 758 121.98 79.16 -3.53
CA ARG L 758 122.06 80.51 -3.00
C ARG L 758 120.95 81.32 -3.64
N ILE L 759 120.33 82.19 -2.84
CA ILE L 759 119.29 83.09 -3.32
C ILE L 759 119.76 84.52 -3.06
N ASN L 760 119.78 85.32 -4.14
CA ASN L 760 120.19 86.73 -4.12
C ASN L 760 121.60 86.88 -3.55
N GLY L 761 122.49 85.99 -3.95
CA GLY L 761 123.84 85.96 -3.44
C GLY L 761 124.01 85.28 -2.10
N CYS L 762 122.93 84.97 -1.40
CA CYS L 762 123.01 84.46 -0.05
C CYS L 762 122.81 82.96 -0.03
N PRO L 763 123.79 82.20 0.45
CA PRO L 763 123.70 80.74 0.39
C PRO L 763 122.75 80.16 1.43
N VAL L 764 122.29 78.94 1.18
CA VAL L 764 121.34 78.28 2.05
C VAL L 764 122.08 77.30 2.95
N GLN L 765 121.48 77.00 4.10
CA GLN L 765 122.12 76.16 5.11
C GLN L 765 121.55 74.74 5.05
N GLY L 766 121.81 74.08 3.92
CA GLY L 766 121.38 72.71 3.73
C GLY L 766 121.65 72.18 2.34
N VAL L 767 122.10 70.93 2.25
CA VAL L 767 122.51 70.31 0.99
C VAL L 767 122.07 68.85 0.94
N PHE L 768 122.03 68.30 -0.27
CA PHE L 768 121.61 66.94 -0.52
C PHE L 768 122.83 66.07 -0.76
N GLU L 769 122.75 64.79 -0.40
CA GLU L 769 123.86 63.86 -0.53
C GLU L 769 123.38 62.49 -0.95
N ALA L 770 124.34 61.70 -1.44
CA ALA L 770 124.27 60.23 -1.51
C ALA L 770 123.16 59.71 -2.43
N PHE L 771 122.72 60.54 -3.36
CA PHE L 771 121.70 60.10 -4.30
C PHE L 771 122.33 59.23 -5.38
N ASN L 772 121.49 58.53 -6.12
CA ASN L 772 121.98 57.63 -7.16
C ASN L 772 122.52 58.42 -8.34
N LEU L 773 123.25 57.72 -9.21
CA LEU L 773 123.89 58.36 -10.36
C LEU L 773 123.66 57.57 -11.64
N ASP L 774 122.52 56.90 -11.76
CA ASP L 774 122.22 56.11 -12.96
C ASP L 774 121.31 56.93 -13.86
N GLY L 775 121.90 57.87 -14.57
CA GLY L 775 121.16 58.69 -15.50
C GLY L 775 121.74 60.10 -15.54
N LEU L 776 121.11 60.93 -16.36
CA LEU L 776 121.56 62.29 -16.60
C LEU L 776 120.78 63.24 -15.70
N PHE L 777 121.16 64.51 -15.73
CA PHE L 777 120.51 65.53 -14.90
C PHE L 777 120.25 66.79 -15.72
N PHE L 778 119.11 67.43 -15.46
CA PHE L 778 118.78 68.66 -16.16
C PHE L 778 118.04 69.58 -15.21
N PRO L 779 118.12 70.90 -15.42
CA PRO L 779 117.42 71.82 -14.52
C PRO L 779 115.92 71.77 -14.74
N VAL L 780 115.17 71.87 -13.66
CA VAL L 780 113.72 71.85 -13.69
C VAL L 780 113.16 72.97 -12.83
N VAL L 781 112.14 73.63 -13.36
CA VAL L 781 111.29 74.49 -12.56
C VAL L 781 109.83 74.07 -12.77
N SER L 782 109.17 73.76 -11.66
CA SER L 782 107.76 73.40 -11.71
C SER L 782 106.97 74.59 -11.22
N PHE L 783 105.94 74.96 -11.96
CA PHE L 783 105.17 76.15 -11.64
C PHE L 783 103.69 75.83 -11.72
N SER L 784 102.91 76.56 -10.92
CA SER L 784 101.47 76.60 -11.09
C SER L 784 101.12 77.73 -12.05
N ALA L 785 99.85 78.11 -12.14
CA ALA L 785 99.48 79.23 -12.98
C ALA L 785 99.86 80.54 -12.32
N GLY L 786 99.87 81.62 -13.10
CA GLY L 786 100.12 82.94 -12.56
C GLY L 786 101.56 83.21 -12.21
N VAL L 787 102.49 82.58 -12.92
CA VAL L 787 103.92 82.74 -12.64
C VAL L 787 104.63 83.08 -13.93
N LYS L 788 105.35 84.20 -13.93
CA LYS L 788 106.21 84.61 -15.04
C LYS L 788 107.65 84.62 -14.55
N VAL L 789 108.53 83.94 -15.27
CA VAL L 789 109.91 83.78 -14.81
C VAL L 789 110.82 83.65 -16.03
N ARG L 790 112.09 83.98 -15.83
CA ARG L 790 113.08 84.00 -16.89
C ARG L 790 114.25 83.08 -16.56
N PHE L 791 114.94 82.62 -17.60
CA PHE L 791 116.08 81.74 -17.46
C PHE L 791 117.40 82.51 -17.62
N LEU L 792 118.37 82.16 -16.79
CA LEU L 792 119.74 82.67 -16.86
C LEU L 792 120.64 81.45 -16.98
N LEU L 793 121.06 81.14 -18.20
CA LEU L 793 121.80 79.92 -18.50
C LEU L 793 123.29 80.15 -18.64
N GLY L 794 123.68 81.22 -19.32
CA GLY L 794 125.08 81.54 -19.55
C GLY L 794 125.14 82.80 -20.38
N GLY L 795 126.36 83.34 -20.52
CA GLY L 795 126.54 84.68 -21.04
C GLY L 795 126.13 84.85 -22.48
N ARG L 796 126.11 83.77 -23.26
CA ARG L 796 125.62 83.87 -24.63
C ARG L 796 124.11 83.99 -24.67
N HIS L 797 123.41 83.51 -23.65
CA HIS L 797 121.96 83.57 -23.62
C HIS L 797 121.42 84.40 -22.48
N GLY L 798 121.81 84.12 -21.24
CA GLY L 798 121.48 85.00 -20.15
C GLY L 798 122.63 85.92 -19.87
N GLU L 799 122.59 86.59 -18.72
CA GLU L 799 123.73 87.35 -18.20
C GLU L 799 123.74 87.11 -16.70
N PHE L 800 124.77 86.41 -16.22
CA PHE L 800 124.81 85.94 -14.85
C PHE L 800 124.85 87.10 -13.87
N LYS L 801 123.77 87.24 -13.08
CA LYS L 801 123.67 88.32 -12.12
C LYS L 801 124.57 88.11 -10.91
N PHE L 802 125.16 86.94 -10.77
CA PHE L 802 126.12 86.66 -9.73
C PHE L 802 127.27 85.84 -10.30
N LEU L 803 128.41 85.95 -9.66
CA LEU L 803 129.55 85.17 -10.10
C LEU L 803 129.39 83.72 -9.62
N PRO L 804 129.61 82.74 -10.49
CA PRO L 804 129.61 81.36 -10.05
C PRO L 804 130.79 81.10 -9.12
N PRO L 805 130.62 80.22 -8.14
CA PRO L 805 131.75 79.81 -7.32
C PRO L 805 132.76 79.04 -8.16
N PRO L 806 134.04 79.11 -7.83
CA PRO L 806 135.10 78.58 -8.71
C PRO L 806 135.02 77.07 -8.85
N GLY L 807 134.95 76.61 -10.10
CA GLY L 807 134.72 75.22 -10.40
C GLY L 807 133.36 74.96 -11.03
N TYR L 808 132.57 75.99 -11.29
CA TYR L 808 131.21 75.80 -11.75
C TYR L 808 131.04 76.48 -13.10
N ALA L 809 130.88 75.67 -14.13
CA ALA L 809 130.76 76.06 -15.53
C ALA L 809 129.39 76.69 -15.79
N PRO L 810 129.34 77.70 -16.66
CA PRO L 810 128.04 78.26 -17.07
C PRO L 810 127.28 77.24 -17.90
N CYS L 811 125.97 77.21 -17.66
CA CYS L 811 125.16 76.07 -18.06
C CYS L 811 124.93 75.98 -19.56
N HIS L 812 125.25 77.03 -20.32
CA HIS L 812 125.10 76.99 -21.76
C HIS L 812 126.25 76.29 -22.47
N GLU L 813 127.09 75.56 -21.74
CA GLU L 813 128.22 74.86 -22.33
C GLU L 813 127.94 73.41 -22.63
N ALA L 814 127.01 72.77 -21.93
CA ALA L 814 126.76 71.36 -22.13
C ALA L 814 125.75 71.07 -23.23
N VAL L 815 125.46 72.05 -24.08
CA VAL L 815 124.60 71.84 -25.23
C VAL L 815 125.29 70.92 -26.22
N LEU L 816 124.54 70.01 -26.77
CA LEU L 816 125.11 69.08 -27.71
C LEU L 816 125.31 69.77 -29.07
N PRO L 817 126.27 69.31 -29.87
CA PRO L 817 126.48 69.93 -31.19
C PRO L 817 125.33 69.72 -32.15
N ARG L 818 124.55 68.66 -31.99
CA ARG L 818 123.50 68.33 -32.93
C ARG L 818 122.24 69.17 -32.72
N GLU L 819 122.08 69.77 -31.54
CA GLU L 819 120.83 70.46 -31.24
C GLU L 819 121.12 71.79 -30.57
N ARG L 820 120.43 72.82 -31.01
CA ARG L 820 120.52 74.14 -30.38
C ARG L 820 119.79 74.12 -29.05
N LEU L 821 120.00 75.19 -28.27
CA LEU L 821 119.36 75.33 -26.97
C LEU L 821 117.87 75.63 -27.18
N ARG L 822 117.02 74.95 -26.42
CA ARG L 822 115.58 75.01 -26.61
C ARG L 822 114.91 74.75 -25.26
N LEU L 823 113.67 75.23 -25.12
CA LEU L 823 112.88 75.06 -23.91
C LEU L 823 111.74 74.11 -24.21
N GLU L 824 111.50 73.16 -23.32
CA GLU L 824 110.53 72.12 -23.61
C GLU L 824 109.88 71.60 -22.33
N PRO L 825 108.69 71.04 -22.44
CA PRO L 825 108.13 70.25 -21.34
C PRO L 825 108.76 68.86 -21.32
N ILE L 826 108.23 68.00 -20.45
CA ILE L 826 108.82 66.69 -20.19
C ILE L 826 107.76 65.62 -20.39
N LYS L 827 108.06 64.62 -21.22
CA LYS L 827 107.33 63.35 -21.29
C LYS L 827 105.89 63.53 -21.74
N GLU L 828 105.65 64.59 -22.51
CA GLU L 828 104.28 65.03 -22.79
C GLU L 828 103.59 64.09 -23.77
N TYR L 829 102.28 64.32 -23.92
CA TYR L 829 101.56 63.63 -24.97
C TYR L 829 100.75 64.55 -25.85
N ARG L 830 100.28 65.69 -25.35
CA ARG L 830 99.49 66.60 -26.15
C ARG L 830 100.42 67.68 -26.68
N ARG L 831 100.25 68.06 -27.93
CA ARG L 831 100.98 69.15 -28.52
C ARG L 831 100.06 69.88 -29.47
N GLU L 832 99.70 71.12 -29.14
CA GLU L 832 98.69 71.84 -29.89
C GLU L 832 99.19 72.22 -31.28
N GLY L 833 98.51 71.69 -32.30
CA GLY L 833 98.98 71.83 -33.65
C GLY L 833 98.17 72.82 -34.46
N PRO L 834 98.50 72.93 -35.74
CA PRO L 834 97.81 73.85 -36.62
C PRO L 834 96.42 73.30 -36.79
N ARG L 835 96.33 72.15 -37.43
CA ARG L 835 95.06 71.51 -37.68
C ARG L 835 94.28 71.33 -36.40
N GLY L 836 94.94 70.78 -35.40
CA GLY L 836 94.33 70.53 -34.12
C GLY L 836 95.14 69.51 -33.38
N PRO L 837 95.24 69.69 -32.09
CA PRO L 837 95.91 68.99 -31.01
C PRO L 837 96.61 67.73 -31.42
N HIS L 838 97.93 67.74 -31.56
CA HIS L 838 98.62 66.52 -31.93
C HIS L 838 98.90 65.65 -30.72
N LEU L 839 98.96 64.34 -30.96
CA LEU L 839 99.34 63.38 -29.95
C LEU L 839 100.71 62.83 -30.30
N VAL L 840 101.59 62.77 -29.31
CA VAL L 840 102.93 62.27 -29.53
C VAL L 840 103.11 60.98 -28.75
N GLY L 841 104.10 60.19 -29.15
CA GLY L 841 104.44 58.99 -28.45
C GLY L 841 105.48 59.30 -27.39
N PRO L 842 106.08 58.27 -26.81
CA PRO L 842 107.09 58.50 -25.78
C PRO L 842 108.37 59.04 -26.39
N SER L 843 108.99 59.96 -25.67
CA SER L 843 110.24 60.55 -26.13
C SER L 843 111.37 59.55 -26.00
N ARG L 844 112.28 59.56 -26.96
CA ARG L 844 113.44 58.67 -26.91
C ARG L 844 114.56 59.41 -26.17
N CYS L 845 114.85 58.95 -24.97
CA CYS L 845 115.83 59.63 -24.15
C CYS L 845 117.22 59.12 -24.46
N LEU L 846 118.19 60.02 -24.39
CA LEU L 846 119.59 59.64 -24.44
C LEU L 846 119.93 58.86 -23.17
N SER L 847 120.70 57.80 -23.33
CA SER L 847 120.96 56.94 -22.18
C SER L 847 122.03 57.55 -21.30
N HIS L 848 122.34 56.84 -20.22
CA HIS L 848 123.40 57.25 -19.31
C HIS L 848 124.77 57.15 -19.98
N THR L 849 125.06 56.01 -20.59
CA THR L 849 126.37 55.75 -21.18
C THR L 849 126.40 56.05 -22.67
N ASP L 850 125.63 57.03 -23.13
CA ASP L 850 125.72 57.48 -24.51
C ASP L 850 126.81 58.51 -24.72
N PHE L 851 127.66 58.74 -23.71
CA PHE L 851 128.70 59.73 -23.79
C PHE L 851 130.08 59.13 -23.69
N VAL L 852 130.19 57.88 -23.27
CA VAL L 852 131.48 57.18 -23.22
C VAL L 852 131.83 56.73 -24.64
N PRO L 853 133.05 56.98 -25.11
CA PRO L 853 133.45 56.48 -26.43
C PRO L 853 133.72 54.99 -26.44
N CYS L 854 134.16 54.50 -27.59
CA CYS L 854 134.42 53.08 -27.74
C CYS L 854 135.64 52.82 -28.60
N PRO L 855 136.40 51.74 -28.33
CA PRO L 855 137.52 51.36 -29.17
C PRO L 855 137.12 50.36 -30.25
N ILE L 861 146.42 43.93 -32.18
CA ILE L 861 146.45 42.53 -32.61
C ILE L 861 147.61 42.31 -33.59
N VAL L 862 147.68 41.10 -34.15
CA VAL L 862 148.76 40.75 -35.06
C VAL L 862 148.53 41.41 -36.42
N LEU L 863 149.57 41.40 -37.25
CA LEU L 863 149.51 42.04 -38.56
C LEU L 863 150.22 41.16 -39.59
N PRO L 864 149.57 40.81 -40.69
CA PRO L 864 150.18 39.90 -41.67
C PRO L 864 151.29 40.57 -42.44
N PRO L 865 152.26 39.80 -42.93
CA PRO L 865 153.42 40.42 -43.60
C PRO L 865 153.11 41.01 -44.97
N HIS L 866 152.07 40.54 -45.66
CA HIS L 866 151.71 41.12 -46.94
C HIS L 866 151.14 42.52 -46.80
N LEU L 867 150.60 42.85 -45.63
CA LEU L 867 150.20 44.20 -45.30
C LEU L 867 151.29 44.97 -44.58
N GLU L 868 152.38 44.32 -44.18
CA GLU L 868 153.47 45.00 -43.51
C GLU L 868 154.25 45.91 -44.45
N ARG L 869 154.51 45.46 -45.68
CA ARG L 869 155.21 46.27 -46.65
C ARG L 869 154.35 47.39 -47.22
N ILE L 870 153.05 47.15 -47.38
CA ILE L 870 152.15 48.15 -47.95
C ILE L 870 151.79 49.25 -46.95
N ARG L 871 152.14 49.06 -45.67
CA ARG L 871 151.83 50.06 -44.65
C ARG L 871 152.58 51.36 -44.85
N GLU L 872 153.86 51.28 -45.21
CA GLU L 872 154.60 52.49 -45.56
C GLU L 872 154.25 52.99 -46.94
N LYS L 873 153.73 52.10 -47.80
CA LYS L 873 153.31 52.50 -49.14
C LYS L 873 152.09 53.42 -49.09
N LEU L 874 151.10 53.09 -48.26
CA LEU L 874 149.99 53.99 -48.04
C LEU L 874 150.39 55.19 -47.20
N ALA L 875 151.43 55.04 -46.37
CA ALA L 875 151.92 56.16 -45.58
C ALA L 875 152.59 57.21 -46.46
N GLU L 876 153.38 56.77 -47.43
CA GLU L 876 153.92 57.70 -48.40
C GLU L 876 152.83 58.22 -49.32
N ASN L 877 151.76 57.43 -49.52
CA ASN L 877 150.61 57.90 -50.28
C ASN L 877 149.84 58.96 -49.51
N ILE L 878 149.75 58.81 -48.18
CA ILE L 878 148.95 59.73 -47.38
C ILE L 878 149.64 61.08 -47.24
N HIS L 879 150.95 61.10 -47.05
CA HIS L 879 151.67 62.37 -46.96
C HIS L 879 151.72 63.08 -48.30
N GLU L 880 151.83 62.32 -49.40
CA GLU L 880 151.78 62.92 -50.73
C GLU L 880 150.39 63.44 -51.04
N LEU L 881 149.35 62.76 -50.55
CA LEU L 881 148.01 63.30 -50.69
C LEU L 881 147.79 64.49 -49.76
N TRP L 882 148.48 64.51 -48.61
CA TRP L 882 148.35 65.67 -47.72
C TRP L 882 149.05 66.89 -48.29
N ALA L 883 150.24 66.72 -48.85
CA ALA L 883 150.95 67.84 -49.44
C ALA L 883 150.26 68.37 -50.68
N LEU L 884 149.56 67.51 -51.43
CA LEU L 884 148.69 67.97 -52.50
C LEU L 884 147.50 68.74 -51.94
N THR L 885 147.00 68.32 -50.79
CA THR L 885 145.97 69.09 -50.09
C THR L 885 146.55 70.35 -49.47
N ARG L 886 147.82 70.31 -49.05
CA ARG L 886 148.46 71.49 -48.50
C ARG L 886 148.74 72.52 -49.59
N ILE L 887 149.27 72.07 -50.74
CA ILE L 887 149.60 72.98 -51.83
C ILE L 887 148.36 73.54 -52.52
N GLU L 888 147.22 72.85 -52.41
CA GLU L 888 146.00 73.32 -53.05
C GLU L 888 145.43 74.56 -52.38
N GLN L 889 145.64 74.72 -51.07
CA GLN L 889 145.18 75.91 -50.38
C GLN L 889 146.23 77.01 -50.34
N GLY L 890 147.52 76.66 -50.33
CA GLY L 890 148.55 77.68 -50.32
C GLY L 890 149.73 77.39 -49.41
N TRP L 891 149.77 76.21 -48.80
CA TRP L 891 150.96 75.82 -48.06
C TRP L 891 152.10 75.50 -49.02
N THR L 892 153.27 76.04 -48.71
CA THR L 892 154.48 75.76 -49.45
C THR L 892 155.42 74.97 -48.56
N TYR L 893 156.54 74.55 -49.13
CA TYR L 893 157.57 73.89 -48.34
C TYR L 893 158.40 74.93 -47.59
N GLY L 894 158.26 74.93 -46.27
CA GLY L 894 159.01 75.84 -45.44
C GLY L 894 159.74 75.08 -44.36
N PRO L 895 160.85 75.65 -43.87
CA PRO L 895 161.61 74.98 -42.81
C PRO L 895 160.88 75.01 -41.47
N VAL L 896 160.06 76.03 -41.28
CA VAL L 896 159.23 76.14 -40.08
C VAL L 896 157.81 75.74 -40.45
N ARG L 897 157.00 75.49 -39.41
CA ARG L 897 155.59 75.13 -39.58
C ARG L 897 154.74 76.32 -39.14
N ASP L 898 154.37 77.16 -40.09
CA ASP L 898 153.54 78.33 -39.80
C ASP L 898 152.29 78.26 -40.66
N ASP L 899 151.14 78.04 -40.02
CA ASP L 899 149.89 77.96 -40.76
C ASP L 899 149.41 79.34 -41.19
N ASN L 900 149.66 80.37 -40.38
CA ASN L 900 149.29 81.73 -40.74
C ASN L 900 150.11 82.24 -41.92
N LYS L 901 151.38 81.86 -42.00
CA LYS L 901 152.21 82.13 -43.16
C LYS L 901 152.04 81.07 -44.24
N ARG L 902 151.20 80.06 -44.00
CA ARG L 902 150.94 78.92 -44.90
C ARG L 902 152.25 78.19 -45.23
N LEU L 903 152.86 77.62 -44.20
CA LEU L 903 154.11 76.88 -44.33
C LEU L 903 153.88 75.44 -43.95
N HIS L 904 154.38 74.52 -44.77
CA HIS L 904 154.26 73.09 -44.53
C HIS L 904 155.63 72.44 -44.60
N PRO L 905 156.17 71.93 -43.48
CA PRO L 905 157.48 71.25 -43.54
C PRO L 905 157.40 69.81 -44.04
N CYS L 906 156.19 69.34 -44.35
CA CYS L 906 155.97 68.05 -44.98
C CYS L 906 155.37 68.20 -46.38
N LEU L 907 155.77 69.24 -47.10
CA LEU L 907 155.20 69.56 -48.40
C LEU L 907 156.00 69.03 -49.58
N VAL L 908 157.21 68.50 -49.35
CA VAL L 908 158.03 68.03 -50.45
C VAL L 908 157.75 66.56 -50.75
N ASN L 909 158.00 65.70 -49.77
CA ASN L 909 157.78 64.26 -49.92
C ASN L 909 157.59 63.65 -48.54
N PHE L 910 157.26 62.37 -48.52
CA PHE L 910 157.12 61.66 -47.24
C PHE L 910 158.48 61.39 -46.62
N HIS L 911 159.51 61.18 -47.44
CA HIS L 911 160.86 61.08 -46.90
C HIS L 911 161.37 62.43 -46.43
N SER L 912 160.87 63.51 -47.01
CA SER L 912 161.20 64.85 -46.56
C SER L 912 160.45 65.25 -45.28
N LEU L 913 159.45 64.47 -44.88
CA LEU L 913 158.81 64.69 -43.61
C LEU L 913 159.76 64.30 -42.48
N PRO L 914 159.72 65.01 -41.35
CA PRO L 914 160.63 64.70 -40.24
C PRO L 914 160.30 63.36 -39.60
N GLU L 915 161.28 62.83 -38.88
CA GLU L 915 161.22 61.52 -38.25
C GLU L 915 160.11 61.35 -37.21
N PRO L 916 159.73 62.34 -36.40
CA PRO L 916 158.45 62.21 -35.67
C PRO L 916 157.24 62.17 -36.57
N GLU L 917 157.22 62.93 -37.67
CA GLU L 917 156.11 62.83 -38.61
C GLU L 917 156.24 61.58 -39.48
N ARG L 918 157.46 61.08 -39.68
CA ARG L 918 157.65 59.84 -40.43
C ARG L 918 157.24 58.64 -39.59
N ASN L 919 157.50 58.68 -38.28
CA ASN L 919 156.99 57.64 -37.40
C ASN L 919 155.49 57.76 -37.19
N TYR L 920 154.94 58.97 -37.27
CA TYR L 920 153.50 59.15 -37.13
C TYR L 920 152.75 58.59 -38.33
N ASN L 921 153.35 58.70 -39.52
CA ASN L 921 152.70 58.21 -40.73
C ASN L 921 152.66 56.68 -40.76
N LEU L 922 153.58 56.03 -40.05
CA LEU L 922 153.58 54.58 -39.99
C LEU L 922 152.69 54.05 -38.87
N GLN L 923 152.68 54.71 -37.71
CA GLN L 923 151.85 54.22 -36.61
C GLN L 923 150.38 54.54 -36.83
N MET L 924 150.07 55.52 -37.66
CA MET L 924 148.69 55.71 -38.10
C MET L 924 148.32 54.71 -39.18
N SER L 925 149.32 54.16 -39.88
CA SER L 925 149.05 53.12 -40.87
C SER L 925 148.76 51.78 -40.21
N GLY L 926 149.54 51.42 -39.19
CA GLY L 926 149.32 50.16 -38.51
C GLY L 926 148.08 50.12 -37.65
N GLU L 927 147.59 51.28 -37.22
CA GLU L 927 146.38 51.32 -36.40
C GLU L 927 145.13 51.06 -37.23
N THR L 928 145.03 51.71 -38.40
CA THR L 928 143.84 51.55 -39.23
C THR L 928 143.78 50.21 -39.94
N LEU L 929 144.86 49.46 -39.94
CA LEU L 929 144.87 48.14 -40.55
C LEU L 929 144.58 47.02 -39.56
N LYS L 930 145.07 47.15 -38.32
CA LYS L 930 144.79 46.14 -37.30
C LYS L 930 143.32 46.17 -36.88
N THR L 931 142.69 47.34 -36.99
CA THR L 931 141.25 47.43 -36.77
C THR L 931 140.44 47.09 -38.01
N LEU L 932 141.07 47.03 -39.18
CA LEU L 932 140.35 46.66 -40.40
C LEU L 932 140.03 45.18 -40.42
N LEU L 933 140.94 44.36 -39.92
CA LEU L 933 140.70 42.95 -39.72
C LEU L 933 139.86 42.69 -38.47
N ALA L 934 139.85 43.64 -37.53
CA ALA L 934 139.18 43.40 -36.25
C ALA L 934 137.66 43.47 -36.38
N LEU L 935 137.14 44.22 -37.36
CA LEU L 935 135.70 44.31 -37.50
C LEU L 935 135.13 43.11 -38.26
N GLY L 936 135.96 42.37 -38.97
CA GLY L 936 135.50 41.21 -39.69
C GLY L 936 135.69 41.32 -41.20
N CYS L 937 136.35 42.38 -41.64
CA CYS L 937 136.64 42.56 -43.06
C CYS L 937 137.86 41.74 -43.43
N HIS L 938 137.66 40.73 -44.27
CA HIS L 938 138.75 39.90 -44.74
C HIS L 938 139.48 40.61 -45.87
N VAL L 939 140.81 40.55 -45.84
CA VAL L 939 141.64 41.22 -46.85
C VAL L 939 142.54 40.17 -47.50
N GLY L 940 142.81 40.38 -48.79
CA GLY L 940 143.68 39.50 -49.53
C GLY L 940 144.52 40.29 -50.52
N MET L 941 145.62 39.67 -50.94
CA MET L 941 146.59 40.29 -51.83
C MET L 941 146.44 39.69 -53.22
N ALA L 942 146.18 40.54 -54.21
CA ALA L 942 146.03 40.10 -55.59
C ALA L 942 146.29 41.27 -56.53
N ASP L 943 146.73 40.93 -57.74
CA ASP L 943 146.89 41.86 -58.88
C ASP L 943 147.86 42.99 -58.56
N GLU L 944 149.07 42.61 -58.17
CA GLU L 944 150.13 43.59 -57.91
C GLU L 944 150.67 44.19 -59.20
N LYS L 945 150.47 43.50 -60.33
CA LYS L 945 150.93 44.02 -61.62
C LYS L 945 150.05 45.18 -62.09
N ALA L 946 148.73 45.03 -62.01
CA ALA L 946 147.84 46.13 -62.39
C ALA L 946 147.88 47.25 -61.36
N GLU L 947 148.25 46.94 -60.12
CA GLU L 947 148.48 47.99 -59.13
C GLU L 947 149.72 48.80 -59.46
N ASP L 948 150.81 48.13 -59.85
CA ASP L 948 152.02 48.84 -60.25
C ASP L 948 151.86 49.50 -61.61
N ASN L 949 151.00 48.95 -62.47
CA ASN L 949 150.73 49.58 -63.76
C ASN L 949 149.93 50.86 -63.64
N LEU L 950 149.18 51.03 -62.55
CA LEU L 950 148.51 52.29 -62.28
C LEU L 950 149.55 53.34 -61.89
N LYS L 951 149.60 54.43 -62.65
CA LYS L 951 150.57 55.49 -62.41
C LYS L 951 150.05 56.44 -61.34
N LYS L 952 150.73 57.57 -61.20
CA LYS L 952 150.31 58.56 -60.23
C LYS L 952 149.27 59.49 -60.83
N THR L 953 148.64 60.28 -59.97
CA THR L 953 147.73 61.32 -60.43
C THR L 953 148.53 62.44 -61.09
N LYS L 954 147.95 63.00 -62.16
CA LYS L 954 148.63 64.02 -62.94
C LYS L 954 148.67 65.34 -62.19
N LEU L 955 149.86 65.92 -62.08
CA LEU L 955 150.07 67.17 -61.36
C LEU L 955 150.41 68.26 -62.36
N PRO L 956 149.53 69.23 -62.58
CA PRO L 956 149.82 70.30 -63.55
C PRO L 956 150.74 71.36 -62.97
N LYS L 957 150.96 72.44 -63.71
CA LYS L 957 151.78 73.55 -63.22
C LYS L 957 151.11 74.29 -62.07
N THR L 958 149.78 74.26 -62.01
CA THR L 958 149.06 74.78 -60.86
C THR L 958 149.11 73.85 -59.66
N TYR L 959 149.40 72.57 -59.87
CA TYR L 959 149.47 71.62 -58.76
C TYR L 959 150.80 71.72 -58.02
N MET L 960 151.87 72.12 -58.70
CA MET L 960 153.16 72.30 -58.05
C MET L 960 153.14 73.58 -57.22
N MET L 961 153.63 73.48 -56.00
CA MET L 961 153.63 74.60 -55.05
C MET L 961 154.80 75.53 -55.35
N SER L 962 155.07 76.45 -54.42
CA SER L 962 156.15 77.41 -54.57
C SER L 962 157.53 76.76 -54.51
N ASN L 963 157.65 75.59 -53.89
CA ASN L 963 158.92 74.87 -53.89
C ASN L 963 159.19 74.21 -55.22
N GLY L 964 158.16 73.99 -56.04
CA GLY L 964 158.30 73.35 -57.32
C GLY L 964 158.22 71.84 -57.30
N TYR L 965 158.16 71.23 -56.12
CA TYR L 965 158.09 69.78 -55.99
C TYR L 965 156.66 69.38 -55.70
N LYS L 966 155.94 68.93 -56.72
CA LYS L 966 154.60 68.42 -56.53
C LYS L 966 154.65 66.93 -56.20
N PRO L 967 154.00 66.53 -55.11
CA PRO L 967 153.96 65.10 -54.77
C PRO L 967 153.10 64.33 -55.76
N ALA L 968 153.36 63.02 -55.86
CA ALA L 968 152.71 62.15 -56.83
C ALA L 968 152.09 60.98 -56.10
N PRO L 969 150.89 61.15 -55.53
CA PRO L 969 150.22 60.04 -54.86
C PRO L 969 149.62 59.07 -55.87
N LEU L 970 149.28 57.88 -55.37
CA LEU L 970 148.77 56.81 -56.22
C LEU L 970 147.37 57.14 -56.73
N ASP L 971 147.11 56.80 -57.99
CA ASP L 971 145.84 57.14 -58.62
C ASP L 971 144.75 56.15 -58.19
N LEU L 972 143.65 56.69 -57.68
CA LEU L 972 142.50 55.89 -57.27
C LEU L 972 141.26 56.22 -58.10
N SER L 973 141.44 56.77 -59.30
CA SER L 973 140.31 57.04 -60.18
C SER L 973 139.76 55.76 -60.80
N HIS L 974 140.54 54.67 -60.81
CA HIS L 974 140.06 53.41 -61.34
C HIS L 974 139.22 52.63 -60.34
N VAL L 975 139.42 52.84 -59.04
CA VAL L 975 138.73 52.10 -57.99
C VAL L 975 137.49 52.86 -57.57
N ARG L 976 136.34 52.20 -57.60
CA ARG L 976 135.08 52.74 -57.12
C ARG L 976 134.67 52.02 -55.85
N LEU L 977 134.39 52.78 -54.81
CA LEU L 977 134.05 52.19 -53.51
C LEU L 977 132.63 51.64 -53.52
N THR L 978 132.47 50.48 -52.89
CA THR L 978 131.19 49.80 -52.82
C THR L 978 130.33 50.40 -51.71
N PRO L 979 129.01 50.20 -51.76
CA PRO L 979 128.19 50.53 -50.58
C PRO L 979 128.53 49.70 -49.35
N ALA L 980 129.02 48.47 -49.52
CA ALA L 980 129.60 47.74 -48.40
C ALA L 980 130.85 48.44 -47.89
N GLN L 981 131.70 48.94 -48.80
CA GLN L 981 132.83 49.76 -48.40
C GLN L 981 132.38 51.12 -47.87
N THR L 982 131.30 51.69 -48.41
CA THR L 982 130.77 52.94 -47.88
C THR L 982 130.18 52.74 -46.49
N THR L 983 129.74 51.52 -46.17
CA THR L 983 129.39 51.20 -44.81
C THR L 983 130.62 51.04 -43.93
N LEU L 984 131.67 50.41 -44.46
CA LEU L 984 132.86 50.14 -43.66
C LEU L 984 133.72 51.38 -43.46
N VAL L 985 133.61 52.37 -44.36
CA VAL L 985 134.39 53.59 -44.20
C VAL L 985 133.85 54.45 -43.06
N ASP L 986 132.58 54.28 -42.71
CA ASP L 986 132.05 55.01 -41.57
C ASP L 986 132.39 54.34 -40.25
N ARG L 987 132.41 53.00 -40.23
CA ARG L 987 132.70 52.26 -39.00
C ARG L 987 134.15 52.43 -38.57
N LEU L 988 135.05 52.66 -39.53
CA LEU L 988 136.45 52.90 -39.18
C LEU L 988 136.64 54.31 -38.62
N ALA L 989 136.06 55.31 -39.28
CA ALA L 989 136.18 56.69 -38.81
C ALA L 989 135.43 56.92 -37.51
N GLU L 990 134.40 56.13 -37.25
CA GLU L 990 133.74 56.15 -35.94
C GLU L 990 134.67 55.63 -34.87
N ASN L 991 135.33 54.51 -35.13
CA ASN L 991 136.29 53.95 -34.18
C ASN L 991 137.50 54.84 -34.00
N GLY L 992 138.07 55.37 -35.09
CA GLY L 992 139.28 56.15 -34.99
C GLY L 992 139.09 57.46 -34.26
N HIS L 993 137.97 58.14 -34.48
CA HIS L 993 137.66 59.33 -33.72
C HIS L 993 137.37 59.04 -32.26
N ASN L 994 136.68 57.94 -31.98
CA ASN L 994 136.32 57.65 -30.59
C ASN L 994 137.50 57.08 -29.82
N VAL L 995 138.39 56.35 -30.49
CA VAL L 995 139.60 55.90 -29.81
C VAL L 995 140.57 57.07 -29.62
N TRP L 996 140.46 58.11 -30.45
CA TRP L 996 141.28 59.31 -30.24
C TRP L 996 140.80 60.10 -29.04
N ALA L 997 139.49 60.33 -28.94
CA ALA L 997 138.93 61.00 -27.78
C ALA L 997 139.06 60.14 -26.52
N ARG L 998 139.14 58.83 -26.67
CA ARG L 998 139.47 57.95 -25.56
C ARG L 998 140.85 58.27 -25.00
N ASP L 999 141.81 58.52 -25.88
CA ASP L 999 143.10 59.04 -25.43
C ASP L 999 142.97 60.45 -24.89
N ARG L 1000 142.08 61.25 -25.46
CA ARG L 1000 141.88 62.60 -24.94
C ARG L 1000 141.14 62.59 -23.62
N VAL L 1001 140.23 61.63 -23.42
CA VAL L 1001 139.58 61.51 -22.12
C VAL L 1001 140.55 61.02 -21.08
N ALA L 1002 141.48 60.13 -21.47
CA ALA L 1002 142.57 59.78 -20.59
C ALA L 1002 143.55 60.93 -20.40
N GLN L 1003 143.57 61.87 -21.34
CA GLN L 1003 144.39 63.06 -21.19
C GLN L 1003 143.78 64.08 -20.23
N GLY L 1004 142.58 63.80 -19.71
CA GLY L 1004 142.00 64.67 -18.71
C GLY L 1004 141.19 65.78 -19.33
N TRP L 1005 140.39 65.44 -20.33
CA TRP L 1005 139.63 66.42 -21.07
C TRP L 1005 138.13 66.12 -21.00
N SER L 1006 137.33 67.17 -21.09
CA SER L 1006 135.88 67.04 -21.05
C SER L 1006 135.28 67.97 -22.08
N TYR L 1007 134.01 67.76 -22.41
CA TYR L 1007 133.36 68.51 -23.47
C TYR L 1007 132.86 69.85 -22.94
N SER L 1008 132.92 70.86 -23.82
CA SER L 1008 132.09 72.05 -23.70
C SER L 1008 131.77 72.50 -25.11
N ALA L 1009 130.78 73.38 -25.23
CA ALA L 1009 130.48 73.97 -26.52
C ALA L 1009 131.57 74.96 -26.93
N VAL L 1010 132.07 75.74 -26.00
CA VAL L 1010 133.20 76.62 -26.26
C VAL L 1010 134.47 75.78 -26.23
N GLN L 1011 135.54 76.32 -26.81
CA GLN L 1011 136.82 75.63 -26.92
C GLN L 1011 137.78 76.25 -25.91
N ASP L 1012 137.98 75.58 -24.80
CA ASP L 1012 138.89 76.04 -23.74
C ASP L 1012 140.01 75.01 -23.62
N ILE L 1013 141.12 75.28 -24.30
CA ILE L 1013 142.24 74.33 -24.33
C ILE L 1013 142.97 74.22 -22.98
N PRO L 1014 143.32 75.31 -22.28
CA PRO L 1014 143.89 75.11 -20.93
C PRO L 1014 142.89 74.62 -19.92
N ALA L 1015 141.60 74.90 -20.10
CA ALA L 1015 140.56 74.36 -19.24
C ALA L 1015 140.02 73.03 -19.73
N ARG L 1016 140.76 72.37 -20.64
CA ARG L 1016 140.50 71.00 -21.10
C ARG L 1016 139.14 70.84 -21.75
N ARG L 1017 138.82 71.73 -22.69
CA ARG L 1017 137.57 71.67 -23.44
C ARG L 1017 137.88 71.61 -24.93
N ASN L 1018 137.35 70.59 -25.60
CA ASN L 1018 137.46 70.47 -27.04
C ASN L 1018 136.06 70.19 -27.54
N PRO L 1019 135.56 70.96 -28.51
CA PRO L 1019 134.15 70.83 -28.93
C PRO L 1019 133.83 69.59 -29.74
N ARG L 1020 134.74 68.63 -29.89
CA ARG L 1020 134.44 67.37 -30.55
C ARG L 1020 134.62 66.19 -29.61
N LEU L 1021 134.60 66.46 -28.30
CA LEU L 1021 134.82 65.42 -27.28
C LEU L 1021 133.54 64.65 -26.98
N VAL L 1022 132.91 64.10 -28.01
CA VAL L 1022 131.74 63.25 -27.87
C VAL L 1022 131.99 62.00 -28.68
N PRO L 1023 131.23 60.94 -28.45
CA PRO L 1023 131.20 59.82 -29.41
C PRO L 1023 130.69 60.26 -30.77
N TYR L 1024 130.97 59.41 -31.76
CA TYR L 1024 130.96 59.82 -33.16
C TYR L 1024 129.56 60.13 -33.68
N ARG L 1025 128.56 59.42 -33.19
CA ARG L 1025 127.20 59.72 -33.61
C ARG L 1025 126.66 60.99 -32.98
N LEU L 1026 127.26 61.46 -31.89
CA LEU L 1026 126.90 62.74 -31.29
C LEU L 1026 127.62 63.90 -31.95
N LEU L 1027 128.68 63.62 -32.69
CA LEU L 1027 129.37 64.62 -33.49
C LEU L 1027 128.47 65.10 -34.60
N ASP L 1028 128.54 66.39 -34.90
CA ASP L 1028 127.79 66.94 -36.02
C ASP L 1028 128.37 66.45 -37.34
N GLU L 1029 127.59 66.62 -38.40
CA GLU L 1029 127.89 66.03 -39.71
C GLU L 1029 129.15 66.59 -40.36
N ALA L 1030 129.52 67.84 -40.04
CA ALA L 1030 130.64 68.48 -40.70
C ALA L 1030 131.96 67.82 -40.33
N THR L 1031 132.22 67.66 -39.03
CA THR L 1031 133.39 66.94 -38.60
C THR L 1031 133.24 65.44 -38.88
N LYS L 1032 132.01 64.96 -38.89
CA LYS L 1032 131.74 63.57 -39.27
C LYS L 1032 132.11 63.31 -40.73
N ARG L 1033 131.81 64.26 -41.61
CA ARG L 1033 132.26 64.15 -42.99
C ARG L 1033 133.75 64.34 -43.11
N SER L 1034 134.34 65.18 -42.23
CA SER L 1034 135.74 65.56 -42.34
C SER L 1034 136.68 64.39 -42.11
N ASN L 1035 136.41 63.60 -41.07
CA ASN L 1035 137.17 62.37 -40.89
C ASN L 1035 136.78 61.30 -41.91
N ARG L 1036 135.56 61.38 -42.45
CA ARG L 1036 135.14 60.42 -43.46
C ARG L 1036 135.84 60.62 -44.79
N ASP L 1037 135.94 61.86 -45.28
CA ASP L 1037 136.71 62.10 -46.50
C ASP L 1037 138.20 61.90 -46.28
N SER L 1038 138.67 62.06 -45.04
CA SER L 1038 140.03 61.72 -44.68
C SER L 1038 140.32 60.23 -44.87
N LEU L 1039 139.39 59.37 -44.47
CA LEU L 1039 139.63 57.94 -44.52
C LEU L 1039 139.21 57.31 -45.84
N CYS L 1040 138.42 58.02 -46.66
CA CYS L 1040 138.13 57.55 -48.00
C CYS L 1040 139.34 57.59 -48.93
N GLN L 1041 140.38 58.36 -48.58
CA GLN L 1041 141.58 58.41 -49.41
C GLN L 1041 142.35 57.10 -49.33
N ALA L 1042 142.45 56.53 -48.14
CA ALA L 1042 143.26 55.32 -47.95
C ALA L 1042 142.57 54.06 -48.46
N VAL L 1043 141.28 54.12 -48.77
CA VAL L 1043 140.55 52.91 -49.15
C VAL L 1043 140.83 52.53 -50.60
N ARG L 1044 140.49 53.44 -51.53
CA ARG L 1044 140.55 53.10 -52.94
C ARG L 1044 141.98 53.07 -53.48
N THR L 1045 142.92 53.72 -52.80
CA THR L 1045 144.32 53.54 -53.15
C THR L 1045 144.83 52.18 -52.71
N LEU L 1046 144.34 51.68 -51.57
CA LEU L 1046 144.63 50.31 -51.19
C LEU L 1046 143.84 49.33 -52.04
N LEU L 1047 142.67 49.73 -52.51
CA LEU L 1047 142.02 49.00 -53.59
C LEU L 1047 142.76 49.19 -54.90
N GLY L 1048 143.41 50.35 -55.10
CA GLY L 1048 144.31 50.55 -56.21
C GLY L 1048 145.65 49.89 -56.02
N TYR L 1049 145.97 49.48 -54.79
CA TYR L 1049 147.10 48.61 -54.52
C TYR L 1049 146.77 47.13 -54.71
N GLY L 1050 145.53 46.84 -55.14
CA GLY L 1050 145.13 45.50 -55.48
C GLY L 1050 144.44 44.73 -54.38
N TYR L 1051 144.37 45.26 -53.17
CA TYR L 1051 143.85 44.52 -52.03
C TYR L 1051 142.34 44.67 -51.96
N ASN L 1052 141.66 43.54 -51.84
CA ASN L 1052 140.20 43.48 -51.79
C ASN L 1052 139.71 43.42 -50.35
N ILE L 1053 138.45 43.81 -50.15
CA ILE L 1053 137.85 43.91 -48.82
C ILE L 1053 136.56 43.09 -48.79
N GLU L 1054 136.52 42.11 -47.90
CA GLU L 1054 135.26 41.40 -47.74
C GLU L 1054 134.38 42.12 -46.71
N PRO L 1055 133.07 41.88 -46.71
CA PRO L 1055 132.21 42.58 -45.76
C PRO L 1055 131.67 41.67 -44.66
N ASP L 1070 111.44 52.97 -24.36
CA ASP L 1070 110.42 52.59 -23.40
C ASP L 1070 109.44 51.61 -24.01
N ARG L 1071 108.16 51.87 -23.83
CA ARG L 1071 107.10 51.05 -24.39
C ARG L 1071 106.30 51.90 -25.37
N VAL L 1072 105.16 51.36 -25.80
CA VAL L 1072 104.31 52.01 -26.79
C VAL L 1072 103.04 52.52 -26.10
N ARG L 1073 102.67 53.76 -26.40
CA ARG L 1073 101.48 54.34 -25.81
C ARG L 1073 100.24 53.95 -26.60
N ILE L 1074 99.15 53.70 -25.89
CA ILE L 1074 97.89 53.29 -26.49
C ILE L 1074 96.87 54.36 -26.19
N PHE L 1075 96.14 54.77 -27.21
CA PHE L 1075 95.20 55.89 -27.10
C PHE L 1075 93.83 55.37 -27.49
N ARG L 1076 92.80 55.77 -26.75
CA ARG L 1076 91.43 55.42 -27.10
C ARG L 1076 90.46 56.44 -26.54
N ALA L 1077 89.19 56.21 -26.83
CA ALA L 1077 88.12 57.04 -26.30
C ALA L 1077 87.51 56.36 -25.08
N GLU L 1078 86.73 57.12 -24.32
CA GLU L 1078 86.18 56.64 -23.06
C GLU L 1078 85.15 55.54 -23.31
N LYS L 1079 85.00 54.68 -22.31
CA LYS L 1079 84.21 53.46 -22.46
C LYS L 1079 82.71 53.72 -22.53
N SER L 1080 82.26 54.95 -22.27
CA SER L 1080 80.88 55.30 -22.55
C SER L 1080 80.57 55.34 -24.03
N TYR L 1081 81.54 55.68 -24.86
CA TYR L 1081 81.29 56.02 -26.26
C TYR L 1081 81.27 54.82 -27.17
N THR L 1082 81.03 53.63 -26.65
CA THR L 1082 81.02 52.42 -27.47
C THR L 1082 79.85 52.41 -28.44
N VAL L 1083 80.01 51.69 -29.54
CA VAL L 1083 78.97 51.58 -30.55
C VAL L 1083 78.50 50.14 -30.61
N GLN L 1084 77.24 49.97 -30.97
CA GLN L 1084 76.65 48.65 -31.12
C GLN L 1084 75.98 48.42 -32.46
N SER L 1085 75.83 49.46 -33.28
CA SER L 1085 75.08 49.34 -34.52
C SER L 1085 75.51 50.46 -35.46
N GLY L 1086 74.85 50.51 -36.60
CA GLY L 1086 75.11 51.55 -37.57
C GLY L 1086 76.43 51.36 -38.28
N ARG L 1087 76.81 52.42 -39.00
CA ARG L 1087 78.07 52.45 -39.72
C ARG L 1087 78.76 53.76 -39.36
N TRP L 1088 80.06 53.67 -39.07
CA TRP L 1088 80.77 54.80 -38.48
C TRP L 1088 82.09 55.01 -39.19
N TYR L 1089 82.74 56.13 -38.86
CA TYR L 1089 83.91 56.57 -39.60
C TYR L 1089 84.65 57.62 -38.80
N PHE L 1090 85.96 57.69 -38.97
CA PHE L 1090 86.76 58.82 -38.52
C PHE L 1090 87.96 58.96 -39.45
N GLU L 1091 88.90 59.81 -39.04
CA GLU L 1091 90.09 60.07 -39.83
C GLU L 1091 91.29 60.17 -38.89
N PHE L 1092 92.48 60.07 -39.48
CA PHE L 1092 93.71 60.09 -38.70
C PHE L 1092 94.87 60.53 -39.59
N GLU L 1093 95.39 61.71 -39.35
CA GLU L 1093 96.59 62.17 -40.04
C GLU L 1093 97.81 61.61 -39.32
N ALA L 1094 98.80 61.22 -40.11
CA ALA L 1094 100.06 60.68 -39.61
C ALA L 1094 101.16 61.62 -40.09
N VAL L 1095 101.79 62.31 -39.16
CA VAL L 1095 102.72 63.36 -39.57
C VAL L 1095 104.08 62.77 -39.93
N THR L 1096 104.74 62.11 -38.97
CA THR L 1096 106.03 61.47 -39.23
C THR L 1096 105.84 59.97 -39.15
N THR L 1097 106.03 59.28 -40.27
CA THR L 1097 105.75 57.86 -40.33
C THR L 1097 106.74 57.04 -39.53
N GLY L 1098 106.48 55.75 -39.47
CA GLY L 1098 107.22 54.86 -38.60
C GLY L 1098 106.26 53.86 -37.98
N GLU L 1099 106.54 53.52 -36.71
CA GLU L 1099 105.72 52.56 -35.99
C GLU L 1099 104.52 53.29 -35.39
N MET L 1100 103.38 53.15 -36.04
CA MET L 1100 102.10 53.58 -35.50
C MET L 1100 101.06 52.51 -35.85
N ARG L 1101 99.91 52.58 -35.20
CA ARG L 1101 98.87 51.58 -35.36
C ARG L 1101 97.53 52.23 -35.09
N VAL L 1102 96.58 52.10 -36.01
CA VAL L 1102 95.23 52.61 -35.79
C VAL L 1102 94.22 51.55 -36.22
N GLY L 1103 93.07 51.57 -35.58
CA GLY L 1103 92.01 50.62 -35.90
C GLY L 1103 90.85 50.72 -34.94
N TRP L 1104 90.29 49.56 -34.61
CA TRP L 1104 89.13 49.47 -33.74
C TRP L 1104 89.38 48.40 -32.68
N ALA L 1105 88.86 48.60 -31.47
CA ALA L 1105 89.13 47.68 -30.38
C ALA L 1105 87.87 47.41 -29.58
N ARG L 1106 87.86 46.25 -28.95
CA ARG L 1106 86.89 45.85 -27.95
C ARG L 1106 87.04 46.75 -26.72
N PRO L 1107 85.96 46.95 -25.94
CA PRO L 1107 86.05 47.88 -24.82
C PRO L 1107 86.91 47.39 -23.68
N GLU L 1108 86.93 46.09 -23.41
CA GLU L 1108 87.72 45.57 -22.29
C GLU L 1108 89.18 45.35 -22.69
N LEU L 1109 89.83 46.40 -23.17
CA LEU L 1109 91.17 46.28 -23.73
C LEU L 1109 92.22 46.43 -22.63
N ARG L 1110 93.07 45.43 -22.51
CA ARG L 1110 94.22 45.37 -21.63
C ARG L 1110 95.32 46.30 -22.15
N PRO L 1111 95.92 47.12 -21.29
CA PRO L 1111 96.99 48.03 -21.76
C PRO L 1111 98.37 47.42 -21.74
N ASP L 1112 98.50 46.15 -21.37
CA ASP L 1112 99.82 45.53 -21.31
C ASP L 1112 100.26 45.03 -22.67
N VAL L 1113 99.30 44.55 -23.46
CA VAL L 1113 99.61 43.80 -24.67
C VAL L 1113 99.93 44.77 -25.81
N GLU L 1114 100.67 44.26 -26.79
CA GLU L 1114 100.82 44.95 -28.07
C GLU L 1114 99.46 45.03 -28.74
N LEU L 1115 99.17 46.19 -29.35
CA LEU L 1115 97.86 46.48 -29.90
C LEU L 1115 97.57 45.57 -31.09
N GLY L 1116 96.68 44.62 -30.89
CA GLY L 1116 96.28 43.69 -31.94
C GLY L 1116 96.80 42.28 -31.76
N ALA L 1117 97.70 42.04 -30.80
CA ALA L 1117 98.23 40.71 -30.59
C ALA L 1117 97.22 39.76 -29.99
N ASP L 1118 96.30 40.27 -29.18
CA ASP L 1118 95.24 39.45 -28.60
C ASP L 1118 93.98 39.63 -29.42
N GLU L 1119 92.89 39.00 -28.96
CA GLU L 1119 91.63 38.99 -29.69
C GLU L 1119 90.75 40.18 -29.36
N LEU L 1120 91.33 41.30 -28.92
CA LEU L 1120 90.54 42.44 -28.50
C LEU L 1120 90.66 43.63 -29.42
N ALA L 1121 91.46 43.53 -30.48
CA ALA L 1121 91.68 44.68 -31.34
C ALA L 1121 91.64 44.25 -32.78
N TYR L 1122 91.30 45.20 -33.65
CA TYR L 1122 91.45 45.07 -35.10
C TYR L 1122 92.12 46.35 -35.55
N VAL L 1123 93.33 46.24 -36.09
CA VAL L 1123 94.18 47.41 -36.23
C VAL L 1123 95.16 47.21 -37.39
N PHE L 1124 95.20 48.21 -38.26
CA PHE L 1124 96.10 48.25 -39.40
C PHE L 1124 97.43 48.86 -38.95
N ASN L 1125 98.52 48.39 -39.55
CA ASN L 1125 99.84 48.95 -39.32
C ASN L 1125 100.37 49.65 -40.56
N GLY L 1126 100.77 50.90 -40.37
CA GLY L 1126 101.23 51.76 -41.46
C GLY L 1126 102.73 51.78 -41.68
N HIS L 1127 103.49 50.96 -40.93
CA HIS L 1127 104.93 50.97 -41.15
C HIS L 1127 105.30 50.12 -42.35
N ARG L 1128 104.82 48.89 -42.40
CA ARG L 1128 105.09 47.99 -43.51
C ARG L 1128 103.82 47.59 -44.26
N GLY L 1129 102.68 48.15 -43.91
CA GLY L 1129 101.46 47.86 -44.63
C GLY L 1129 100.89 46.49 -44.33
N GLN L 1130 100.45 46.27 -43.10
CA GLN L 1130 99.88 44.98 -42.74
C GLN L 1130 98.83 45.17 -41.65
N ARG L 1131 97.87 44.25 -41.61
CA ARG L 1131 96.85 44.29 -40.57
C ARG L 1131 97.27 43.43 -39.39
N TRP L 1132 96.84 43.86 -38.20
CA TRP L 1132 97.16 43.17 -36.95
C TRP L 1132 95.86 42.70 -36.32
N HIS L 1133 95.69 41.38 -36.24
CA HIS L 1133 94.71 40.78 -35.33
C HIS L 1133 95.12 39.32 -35.14
N LEU L 1134 95.51 38.96 -33.92
CA LEU L 1134 96.01 37.63 -33.57
C LEU L 1134 97.19 37.22 -34.44
N GLY L 1135 98.01 38.19 -34.81
CA GLY L 1135 99.07 37.98 -35.77
C GLY L 1135 99.00 39.02 -36.85
N SER L 1136 99.60 38.72 -38.00
CA SER L 1136 99.73 39.70 -39.05
C SER L 1136 99.48 39.08 -40.41
N GLU L 1137 99.13 39.93 -41.37
CA GLU L 1137 98.94 39.56 -42.75
C GLU L 1137 99.13 40.86 -43.54
N PRO L 1138 99.87 40.81 -44.64
CA PRO L 1138 100.22 42.06 -45.35
C PRO L 1138 99.02 42.68 -46.03
N PHE L 1139 98.95 44.01 -45.98
CA PHE L 1139 97.74 44.71 -46.35
C PHE L 1139 98.08 46.11 -46.81
N GLY L 1140 98.10 46.31 -48.12
CA GLY L 1140 98.18 47.67 -48.65
C GLY L 1140 99.57 48.27 -48.55
N ARG L 1141 99.65 49.52 -48.97
CA ARG L 1141 100.89 50.26 -49.11
C ARG L 1141 101.30 50.86 -47.78
N PRO L 1142 102.61 50.93 -47.50
CA PRO L 1142 103.08 51.70 -46.35
C PRO L 1142 102.96 53.20 -46.57
N TRP L 1143 103.44 53.94 -45.59
CA TRP L 1143 103.07 55.34 -45.42
C TRP L 1143 104.00 56.31 -46.14
N GLN L 1144 103.56 57.57 -46.15
CA GLN L 1144 104.37 58.73 -46.46
C GLN L 1144 104.26 59.65 -45.25
N SER L 1145 104.76 60.87 -45.36
CA SER L 1145 104.70 61.81 -44.26
C SER L 1145 103.67 62.88 -44.57
N GLY L 1146 102.44 62.69 -44.08
CA GLY L 1146 101.42 63.71 -44.27
C GLY L 1146 100.19 63.19 -44.98
N ASP L 1147 99.96 61.90 -44.91
CA ASP L 1147 98.82 61.27 -45.56
C ASP L 1147 97.76 60.87 -44.54
N VAL L 1148 96.52 60.90 -44.98
CA VAL L 1148 95.36 60.65 -44.14
C VAL L 1148 94.97 59.19 -44.22
N VAL L 1149 94.90 58.52 -43.07
CA VAL L 1149 94.47 57.14 -42.99
C VAL L 1149 93.13 57.10 -42.30
N GLY L 1150 92.06 56.98 -43.08
CA GLY L 1150 90.73 56.84 -42.53
C GLY L 1150 90.52 55.43 -42.01
N CYS L 1151 89.50 55.26 -41.18
CA CYS L 1151 89.01 53.96 -40.76
C CYS L 1151 87.50 54.03 -40.74
N MET L 1152 86.84 52.94 -41.07
CA MET L 1152 85.39 52.88 -41.02
C MET L 1152 84.94 51.49 -40.68
N ILE L 1153 83.79 51.41 -40.04
CA ILE L 1153 83.20 50.15 -39.61
C ILE L 1153 81.73 50.17 -39.99
N ASP L 1154 81.18 48.99 -40.27
CA ASP L 1154 79.76 48.86 -40.56
C ASP L 1154 79.26 47.65 -39.79
N LEU L 1155 78.65 47.89 -38.63
CA LEU L 1155 78.16 46.83 -37.76
C LEU L 1155 77.00 46.05 -38.35
N THR L 1156 76.32 46.60 -39.35
CA THR L 1156 75.19 45.89 -39.93
C THR L 1156 75.63 44.71 -40.78
N GLU L 1157 76.91 44.64 -41.12
CA GLU L 1157 77.42 43.59 -41.98
C GLU L 1157 78.73 43.00 -41.48
N ASN L 1158 79.18 43.40 -40.29
CA ASN L 1158 80.36 42.87 -39.61
C ASN L 1158 81.63 43.05 -40.47
N THR L 1159 81.84 44.28 -40.91
CA THR L 1159 82.92 44.58 -41.83
C THR L 1159 83.80 45.67 -41.24
N ILE L 1160 85.07 45.65 -41.63
CA ILE L 1160 86.02 46.71 -41.29
C ILE L 1160 86.75 47.09 -42.57
N ILE L 1161 86.76 48.38 -42.88
CA ILE L 1161 87.31 48.89 -44.12
C ILE L 1161 88.33 49.97 -43.78
N PHE L 1162 89.51 49.90 -44.39
CA PHE L 1162 90.52 50.93 -44.24
C PHE L 1162 90.70 51.67 -45.55
N THR L 1163 90.63 52.99 -45.51
CA THR L 1163 90.81 53.84 -46.67
C THR L 1163 92.09 54.64 -46.48
N LEU L 1164 92.90 54.75 -47.54
CA LEU L 1164 94.11 55.55 -47.50
C LEU L 1164 93.98 56.66 -48.53
N ASN L 1165 94.07 57.91 -48.04
CA ASN L 1165 94.07 59.13 -48.87
C ASN L 1165 92.82 59.25 -49.71
N GLY L 1166 91.70 58.74 -49.18
CA GLY L 1166 90.47 58.66 -49.93
C GLY L 1166 90.35 57.44 -50.82
N GLU L 1167 91.43 56.72 -51.05
CA GLU L 1167 91.40 55.51 -51.85
C GLU L 1167 91.29 54.30 -50.93
N VAL L 1168 90.48 53.33 -51.33
CA VAL L 1168 90.21 52.18 -50.48
C VAL L 1168 91.32 51.14 -50.63
N LEU L 1169 91.90 50.74 -49.51
CA LEU L 1169 92.95 49.72 -49.54
C LEU L 1169 92.34 48.36 -49.80
N MET L 1170 93.09 47.51 -50.48
CA MET L 1170 92.64 46.15 -50.77
C MET L 1170 93.65 45.14 -50.24
N SER L 1171 93.21 43.90 -50.17
CA SER L 1171 94.02 42.81 -49.66
C SER L 1171 94.95 42.31 -50.76
N ASP L 1172 95.63 41.20 -50.49
CA ASP L 1172 96.35 40.52 -51.56
C ASP L 1172 95.39 39.86 -52.53
N SER L 1173 94.21 39.47 -52.05
CA SER L 1173 93.19 38.87 -52.91
C SER L 1173 92.33 39.90 -53.62
N GLY L 1174 92.65 41.19 -53.50
CA GLY L 1174 91.87 42.25 -54.11
C GLY L 1174 90.68 42.71 -53.30
N SER L 1175 90.32 42.00 -52.23
CA SER L 1175 89.17 42.34 -51.43
C SER L 1175 89.47 43.59 -50.60
N GLU L 1176 88.49 44.50 -50.54
CA GLU L 1176 88.65 45.71 -49.75
C GLU L 1176 88.36 45.48 -48.28
N THR L 1177 87.41 44.62 -47.96
CA THR L 1177 87.03 44.35 -46.59
C THR L 1177 88.16 43.66 -45.85
N ALA L 1178 88.78 44.38 -44.93
CA ALA L 1178 89.95 43.88 -44.21
C ALA L 1178 89.59 42.73 -43.28
N PHE L 1179 88.44 42.80 -42.62
CA PHE L 1179 87.98 41.73 -41.75
C PHE L 1179 86.47 41.56 -41.92
N ARG L 1180 86.05 40.32 -42.05
CA ARG L 1180 84.64 39.98 -42.15
C ARG L 1180 84.27 39.08 -40.99
N GLU L 1181 82.95 38.93 -40.79
CA GLU L 1181 82.35 37.98 -39.86
C GLU L 1181 82.80 38.20 -38.42
N ILE L 1182 83.01 39.46 -38.06
CA ILE L 1182 83.36 39.79 -36.68
C ILE L 1182 82.11 39.80 -35.83
N GLU L 1183 82.19 39.18 -34.65
CA GLU L 1183 81.08 39.22 -33.73
C GLU L 1183 80.94 40.62 -33.15
N ILE L 1184 79.70 41.05 -32.99
CA ILE L 1184 79.41 42.40 -32.49
C ILE L 1184 79.78 42.46 -31.02
N GLY L 1185 79.13 41.64 -30.21
CA GLY L 1185 79.45 41.53 -28.80
C GLY L 1185 79.13 42.79 -28.01
N ASP L 1186 80.02 43.15 -27.09
CA ASP L 1186 79.82 44.33 -26.28
C ASP L 1186 80.04 45.62 -27.04
N GLY L 1187 80.76 45.60 -28.15
CA GLY L 1187 80.87 46.76 -29.00
C GLY L 1187 82.31 47.06 -29.38
N PHE L 1188 82.47 48.23 -29.98
CA PHE L 1188 83.78 48.71 -30.42
C PHE L 1188 83.90 50.20 -30.14
N LEU L 1189 85.13 50.70 -30.22
CA LEU L 1189 85.43 52.09 -29.98
C LEU L 1189 86.80 52.36 -30.57
N PRO L 1190 87.05 53.56 -31.11
CA PRO L 1190 88.26 53.78 -31.90
C PRO L 1190 89.50 53.82 -31.03
N VAL L 1191 90.62 53.42 -31.61
CA VAL L 1191 91.85 53.23 -30.87
C VAL L 1191 93.02 53.63 -31.76
N CYS L 1192 94.03 54.25 -31.17
CA CYS L 1192 95.26 54.58 -31.88
C CYS L 1192 96.42 54.00 -31.10
N SER L 1193 97.63 54.14 -31.64
CA SER L 1193 98.85 53.68 -31.00
C SER L 1193 100.04 54.40 -31.59
N LEU L 1194 100.86 54.98 -30.73
CA LEU L 1194 102.01 55.74 -31.16
C LEU L 1194 103.29 55.12 -30.61
N GLY L 1195 104.22 54.83 -31.51
CA GLY L 1195 105.54 54.40 -31.13
C GLY L 1195 106.39 55.57 -30.69
N PRO L 1196 107.67 55.32 -30.42
CA PRO L 1196 108.54 56.38 -29.93
C PRO L 1196 108.87 57.37 -31.04
N GLY L 1197 108.80 58.65 -30.72
CA GLY L 1197 109.09 59.70 -31.68
C GLY L 1197 107.94 60.06 -32.60
N GLN L 1198 107.01 59.16 -32.85
CA GLN L 1198 105.95 59.36 -33.82
C GLN L 1198 104.96 60.41 -33.36
N VAL L 1199 104.56 61.26 -34.29
CA VAL L 1199 103.63 62.36 -34.03
C VAL L 1199 102.48 62.23 -35.00
N GLY L 1200 101.25 62.30 -34.50
CA GLY L 1200 100.10 62.27 -35.37
C GLY L 1200 98.81 62.61 -34.65
N HIS L 1201 97.99 63.48 -35.22
CA HIS L 1201 96.77 63.86 -34.53
C HIS L 1201 95.60 63.03 -35.04
N LEU L 1202 94.57 62.97 -34.23
CA LEU L 1202 93.46 62.05 -34.41
C LEU L 1202 92.19 62.88 -34.54
N ASN L 1203 91.79 63.16 -35.77
CA ASN L 1203 90.54 63.87 -36.02
C ASN L 1203 89.39 62.89 -35.84
N LEU L 1204 88.76 62.91 -34.68
CA LEU L 1204 87.65 62.02 -34.39
C LEU L 1204 86.36 62.46 -35.08
N GLY L 1205 86.34 63.66 -35.66
CA GLY L 1205 85.21 64.06 -36.48
C GLY L 1205 84.16 64.83 -35.73
N GLN L 1206 84.53 65.90 -35.04
CA GLN L 1206 83.52 66.78 -34.49
C GLN L 1206 82.93 67.68 -35.57
N ASP L 1207 83.77 68.47 -36.22
CA ASP L 1207 83.35 69.31 -37.34
C ASP L 1207 83.50 68.52 -38.63
N VAL L 1208 82.41 68.44 -39.39
CA VAL L 1208 82.41 67.64 -40.62
C VAL L 1208 83.29 68.29 -41.67
N SER L 1209 83.28 69.61 -41.74
CA SER L 1209 84.14 70.32 -42.67
C SER L 1209 85.60 70.24 -42.29
N SER L 1210 85.90 69.99 -41.02
CA SER L 1210 87.29 69.80 -40.61
C SER L 1210 87.88 68.50 -41.13
N LEU L 1211 87.04 67.53 -41.49
CA LEU L 1211 87.54 66.34 -42.16
C LEU L 1211 87.94 66.67 -43.58
N ARG L 1212 88.76 65.80 -44.19
CA ARG L 1212 89.28 66.11 -45.51
C ARG L 1212 88.76 65.13 -46.55
N PHE L 1213 88.95 63.84 -46.34
CA PHE L 1213 88.69 62.85 -47.38
C PHE L 1213 87.41 62.08 -47.12
N PHE L 1214 86.59 62.57 -46.20
CA PHE L 1214 85.32 61.92 -45.91
C PHE L 1214 84.34 62.10 -47.05
N ALA L 1215 84.37 63.28 -47.69
CA ALA L 1215 83.53 63.52 -48.84
C ALA L 1215 83.93 62.68 -50.05
N ILE L 1216 85.21 62.32 -50.15
CA ILE L 1216 85.66 61.47 -51.25
C ILE L 1216 85.11 60.06 -51.10
N CYS L 1217 85.27 59.49 -49.92
CA CYS L 1217 84.74 58.16 -49.66
C CYS L 1217 84.23 58.10 -48.23
N GLY L 1218 83.09 57.46 -48.04
CA GLY L 1218 82.44 57.40 -46.74
C GLY L 1218 81.18 58.22 -46.63
N LEU L 1219 81.11 59.37 -47.30
CA LEU L 1219 79.97 60.25 -47.23
C LEU L 1219 78.74 59.66 -47.90
N GLN L 1220 78.82 59.39 -49.19
CA GLN L 1220 77.66 58.89 -49.90
C GLN L 1220 77.50 57.38 -49.76
N GLU L 1221 78.47 56.71 -49.15
CA GLU L 1221 78.29 55.31 -48.79
C GLU L 1221 77.24 55.14 -47.71
N GLY L 1222 77.22 56.05 -46.73
CA GLY L 1222 76.28 55.99 -45.62
C GLY L 1222 76.91 56.15 -44.27
N PHE L 1223 78.23 56.22 -44.19
CA PHE L 1223 78.92 56.26 -42.90
C PHE L 1223 78.79 57.63 -42.27
N GLU L 1224 78.34 57.65 -41.03
CA GLU L 1224 78.37 58.90 -40.30
C GLU L 1224 79.70 59.01 -39.55
N PRO L 1225 80.19 60.23 -39.30
CA PRO L 1225 81.38 60.37 -38.45
C PRO L 1225 81.05 60.09 -37.00
N PHE L 1226 82.08 60.14 -36.16
CA PHE L 1226 81.90 59.70 -34.78
C PHE L 1226 81.24 60.78 -33.94
N ALA L 1227 81.86 61.95 -33.87
CA ALA L 1227 81.32 63.05 -33.08
C ALA L 1227 80.45 63.96 -33.94
N ILE L 1228 79.38 63.38 -34.48
CA ILE L 1228 78.56 64.12 -35.42
C ILE L 1228 77.65 65.12 -34.71
N ASN L 1229 77.04 64.73 -33.60
CA ASN L 1229 76.22 65.64 -32.80
C ASN L 1229 76.68 65.52 -31.35
N MET L 1230 77.74 66.24 -31.02
CA MET L 1230 78.28 66.28 -29.68
C MET L 1230 78.87 67.67 -29.46
N GLN L 1231 78.25 68.44 -28.56
CA GLN L 1231 78.71 69.80 -28.34
C GLN L 1231 79.98 69.85 -27.50
N ARG L 1232 80.40 68.73 -26.93
CA ARG L 1232 81.65 68.65 -26.19
C ARG L 1232 82.55 67.61 -26.85
N PRO L 1233 83.85 67.79 -26.79
CA PRO L 1233 84.76 66.80 -27.40
C PRO L 1233 84.78 65.51 -26.61
N VAL L 1234 85.11 64.42 -27.31
CA VAL L 1234 85.14 63.11 -26.67
C VAL L 1234 86.39 63.00 -25.82
N THR L 1235 86.21 62.62 -24.55
CA THR L 1235 87.34 62.49 -23.64
C THR L 1235 88.17 61.27 -24.02
N THR L 1236 89.47 61.41 -23.91
CA THR L 1236 90.40 60.39 -24.37
C THR L 1236 91.14 59.77 -23.19
N TRP L 1237 91.38 58.47 -23.28
CA TRP L 1237 92.06 57.73 -22.22
C TRP L 1237 93.37 57.18 -22.75
N PHE L 1238 94.47 57.58 -22.14
CA PHE L 1238 95.76 57.06 -22.54
C PHE L 1238 96.30 56.09 -21.50
N SER L 1239 97.17 55.21 -21.95
CA SER L 1239 97.85 54.27 -21.08
C SER L 1239 99.08 54.91 -20.48
N LYS L 1240 99.18 54.85 -19.17
CA LYS L 1240 100.31 55.42 -18.44
C LYS L 1240 101.55 54.56 -18.61
N SER L 1241 102.64 55.03 -18.03
CA SER L 1241 103.85 54.24 -17.91
C SER L 1241 104.21 53.98 -16.46
N LEU L 1242 103.63 54.73 -15.53
CA LEU L 1242 103.95 54.62 -14.12
C LEU L 1242 103.31 53.36 -13.57
N PRO L 1243 104.07 52.41 -13.05
CA PRO L 1243 103.45 51.21 -12.49
C PRO L 1243 102.82 51.51 -11.15
N GLN L 1244 101.65 50.94 -10.93
CA GLN L 1244 100.94 51.09 -9.67
C GLN L 1244 100.51 49.73 -9.18
N PHE L 1245 100.24 49.65 -7.88
CA PHE L 1245 99.87 48.39 -7.30
C PHE L 1245 98.42 48.07 -7.60
N GLU L 1246 98.09 46.78 -7.56
CA GLU L 1246 96.77 46.28 -7.87
C GLU L 1246 96.65 44.89 -7.26
N PRO L 1247 95.46 44.48 -6.83
CA PRO L 1247 95.31 43.14 -6.28
C PRO L 1247 95.43 42.11 -7.38
N VAL L 1248 95.91 40.93 -6.99
CA VAL L 1248 96.14 39.87 -7.96
C VAL L 1248 94.81 39.24 -8.36
N PRO L 1249 94.52 39.09 -9.65
CA PRO L 1249 93.25 38.48 -10.04
C PRO L 1249 93.25 37.00 -9.74
N PRO L 1250 92.13 36.46 -9.27
CA PRO L 1250 92.12 35.03 -8.92
C PRO L 1250 92.17 34.13 -10.14
N GLU L 1251 91.77 34.62 -11.30
CA GLU L 1251 91.97 33.89 -12.54
C GLU L 1251 93.27 34.32 -13.22
N HIS L 1252 94.35 34.28 -12.46
CA HIS L 1252 95.62 34.59 -13.10
C HIS L 1252 96.26 33.31 -13.57
N PRO L 1253 96.82 33.28 -14.78
CA PRO L 1253 97.29 32.01 -15.34
C PRO L 1253 98.56 31.47 -14.71
N HIS L 1254 99.34 32.29 -14.02
CA HIS L 1254 100.61 31.83 -13.48
C HIS L 1254 100.66 31.90 -11.96
N TYR L 1255 100.14 32.97 -11.38
CA TYR L 1255 100.27 33.21 -9.96
C TYR L 1255 98.94 32.91 -9.30
N GLU L 1256 99.00 32.43 -8.06
CA GLU L 1256 97.79 32.23 -7.28
C GLU L 1256 98.16 32.28 -5.81
N VAL L 1257 97.23 32.75 -4.99
CA VAL L 1257 97.45 32.89 -3.57
C VAL L 1257 96.42 32.04 -2.83
N ALA L 1258 96.65 31.86 -1.54
CA ALA L 1258 95.75 31.08 -0.71
C ALA L 1258 95.92 31.52 0.72
N ARG L 1259 94.90 32.17 1.27
CA ARG L 1259 94.93 32.61 2.66
C ARG L 1259 94.55 31.42 3.52
N MET L 1260 95.54 30.86 4.21
CA MET L 1260 95.32 29.66 4.99
C MET L 1260 94.94 30.02 6.43
N ASP L 1261 94.21 29.12 7.07
CA ASP L 1261 93.68 29.33 8.41
C ASP L 1261 94.80 29.33 9.45
N GLY L 1262 94.55 30.02 10.56
CA GLY L 1262 95.49 30.06 11.67
C GLY L 1262 95.13 29.01 12.71
N THR L 1263 96.10 28.16 13.03
CA THR L 1263 95.88 27.05 13.93
C THR L 1263 96.49 27.36 15.29
N VAL L 1264 96.52 26.36 16.18
CA VAL L 1264 97.28 26.50 17.42
C VAL L 1264 98.76 26.36 17.15
N ASP L 1265 99.15 25.68 16.07
CA ASP L 1265 100.54 25.53 15.69
C ASP L 1265 100.99 26.56 14.66
N THR L 1266 100.05 27.18 13.97
CA THR L 1266 100.38 28.08 12.87
C THR L 1266 99.60 29.36 12.98
N PRO L 1267 100.22 30.52 12.76
CA PRO L 1267 99.46 31.78 12.70
C PRO L 1267 98.59 31.83 11.45
N PRO L 1268 97.65 32.77 11.38
CA PRO L 1268 96.97 33.03 10.10
C PRO L 1268 97.98 33.46 9.06
N CYS L 1269 97.86 32.86 7.88
CA CYS L 1269 98.93 32.97 6.89
C CYS L 1269 98.37 32.88 5.49
N LEU L 1270 99.15 33.38 4.54
CA LEU L 1270 98.81 33.36 3.13
C LEU L 1270 100.06 33.13 2.31
N ARG L 1271 99.93 32.35 1.24
CA ARG L 1271 101.06 31.86 0.47
C ARG L 1271 100.97 32.35 -0.97
N LEU L 1272 102.03 32.09 -1.71
CA LEU L 1272 102.07 32.34 -3.14
C LEU L 1272 102.74 31.15 -3.83
N ALA L 1273 101.95 30.40 -4.59
CA ALA L 1273 102.45 29.21 -5.26
C ALA L 1273 102.34 29.42 -6.75
N HIS L 1274 103.40 29.03 -7.47
CA HIS L 1274 103.40 29.13 -8.92
C HIS L 1274 102.50 28.06 -9.51
N ARG L 1275 101.64 28.44 -10.45
CA ARG L 1275 100.80 27.46 -11.10
C ARG L 1275 101.59 26.64 -12.11
N THR L 1276 102.17 27.30 -13.10
CA THR L 1276 102.85 26.64 -14.20
C THR L 1276 104.35 26.74 -13.96
N TRP L 1277 104.86 25.87 -13.10
CA TRP L 1277 106.29 25.80 -12.93
C TRP L 1277 106.91 24.70 -13.77
N GLY L 1278 106.09 23.82 -14.35
CA GLY L 1278 106.60 22.81 -15.24
C GLY L 1278 106.86 23.34 -16.63
N SER L 1279 106.42 22.61 -17.65
CA SER L 1279 106.58 23.05 -19.03
C SER L 1279 105.37 23.86 -19.48
N GLN L 1280 105.26 24.06 -20.79
CA GLN L 1280 104.15 24.73 -21.45
C GLN L 1280 104.01 26.18 -20.97
N ASN L 1281 105.01 26.97 -21.38
CA ASN L 1281 105.04 28.43 -21.24
C ASN L 1281 105.08 28.86 -19.78
N SER L 1282 106.04 28.30 -19.05
CA SER L 1282 106.28 28.68 -17.68
C SER L 1282 106.93 30.05 -17.65
N LEU L 1283 106.15 31.07 -17.31
CA LEU L 1283 106.63 32.43 -17.23
C LEU L 1283 107.25 32.62 -15.85
N VAL L 1284 108.39 33.30 -15.80
CA VAL L 1284 109.07 33.60 -14.55
C VAL L 1284 109.83 34.91 -14.73
N GLU L 1285 109.55 35.84 -13.82
CA GLU L 1285 110.25 37.12 -13.73
C GLU L 1285 110.03 37.67 -12.34
N MET L 1286 110.85 38.65 -11.96
CA MET L 1286 110.87 39.11 -10.59
C MET L 1286 109.64 39.96 -10.29
N LEU L 1287 108.70 39.40 -9.55
CA LEU L 1287 107.46 40.06 -9.20
C LEU L 1287 107.58 40.66 -7.81
N PHE L 1288 106.77 41.67 -7.54
CA PHE L 1288 106.89 42.48 -6.33
C PHE L 1288 105.59 42.40 -5.56
N LEU L 1289 105.64 41.86 -4.35
CA LEU L 1289 104.45 41.72 -3.53
C LEU L 1289 104.41 42.78 -2.46
N ARG L 1290 103.34 43.56 -2.47
CA ARG L 1290 103.07 44.53 -1.42
C ARG L 1290 101.77 44.12 -0.74
N LEU L 1291 101.69 44.32 0.57
CA LEU L 1291 100.40 44.09 1.19
C LEU L 1291 99.52 45.32 1.03
N SER L 1292 98.31 45.22 1.57
CA SER L 1292 97.27 46.19 1.25
C SER L 1292 97.06 47.22 2.34
N LEU L 1293 97.56 46.99 3.52
CA LEU L 1293 97.30 48.00 4.53
C LEU L 1293 98.60 48.54 5.09
N PRO L 1294 98.71 49.84 5.26
CA PRO L 1294 99.94 50.41 5.81
C PRO L 1294 99.94 50.35 7.33
N VAL L 1295 101.12 50.54 7.89
CA VAL L 1295 101.28 50.85 9.30
C VAL L 1295 101.67 52.32 9.39
N GLN L 1296 101.37 52.93 10.52
CA GLN L 1296 101.53 54.37 10.64
C GLN L 1296 102.45 54.66 11.80
N PHE L 1297 103.52 55.41 11.55
CA PHE L 1297 104.37 55.85 12.63
C PHE L 1297 103.74 57.05 13.32
N HIS L 1298 103.96 57.13 14.63
CA HIS L 1298 103.29 58.11 15.47
C HIS L 1298 103.77 59.52 15.17
N GLN L 1299 102.98 60.49 15.64
CA GLN L 1299 103.19 61.88 15.26
C GLN L 1299 104.44 62.47 15.84
N HIS L 1300 104.72 62.19 17.12
CA HIS L 1300 105.96 62.61 17.75
C HIS L 1300 106.62 61.37 18.34
N PHE L 1301 107.94 61.34 18.31
CA PHE L 1301 108.63 60.17 18.81
C PHE L 1301 108.73 60.21 20.33
N ARG L 1302 109.24 59.11 20.90
CA ARG L 1302 109.39 59.02 22.34
C ARG L 1302 110.48 59.94 22.85
N CYS L 1303 111.54 60.12 22.04
CA CYS L 1303 112.68 61.01 22.29
C CYS L 1303 113.40 60.72 23.61
N ASP L 1422 103.62 36.09 27.49
CA ASP L 1422 103.97 37.47 27.85
C ASP L 1422 103.26 37.93 29.10
N ASP L 1423 103.83 38.95 29.73
CA ASP L 1423 103.12 39.59 30.83
C ASP L 1423 102.02 40.48 30.28
N PRO L 1424 100.86 40.54 30.94
CA PRO L 1424 99.81 41.47 30.50
C PRO L 1424 100.15 42.93 30.71
N GLU L 1425 101.19 43.24 31.49
CA GLU L 1425 101.63 44.63 31.61
C GLU L 1425 102.41 45.06 30.37
N ILE L 1426 103.38 44.26 29.95
CA ILE L 1426 104.23 44.66 28.84
C ILE L 1426 103.50 44.61 27.51
N ILE L 1427 102.55 43.68 27.33
CA ILE L 1427 101.92 43.52 26.04
C ILE L 1427 100.80 44.54 25.81
N LEU L 1428 100.38 45.24 26.86
CA LEU L 1428 99.36 46.26 26.69
C LEU L 1428 99.93 47.67 26.67
N ASN L 1429 101.26 47.79 26.68
CA ASN L 1429 101.91 49.09 26.60
C ASN L 1429 102.92 49.15 25.47
N THR L 1430 103.26 48.03 24.87
CA THR L 1430 104.31 47.93 23.87
C THR L 1430 103.91 48.62 22.56
N THR L 1431 104.88 49.31 21.96
CA THR L 1431 104.76 49.79 20.59
C THR L 1431 105.95 49.25 19.81
N THR L 1432 105.83 47.98 19.41
CA THR L 1432 106.72 47.34 18.46
C THR L 1432 106.06 46.05 18.00
N TYR L 1433 106.17 45.79 16.70
CA TYR L 1433 105.34 44.79 16.04
C TYR L 1433 106.20 43.84 15.23
N TYR L 1434 105.63 42.68 14.93
CA TYR L 1434 106.34 41.62 14.25
C TYR L 1434 105.47 41.01 13.18
N TYR L 1435 106.05 40.81 11.99
CA TYR L 1435 105.48 39.93 11.00
C TYR L 1435 106.58 39.00 10.53
N SER L 1436 106.22 38.02 9.72
CA SER L 1436 107.13 36.95 9.38
C SER L 1436 106.85 36.42 7.99
N VAL L 1437 107.92 36.10 7.29
CA VAL L 1437 107.85 35.35 6.04
C VAL L 1437 108.72 34.12 6.18
N ARG L 1438 108.39 33.08 5.44
CA ARG L 1438 109.19 31.86 5.43
C ARG L 1438 109.42 31.46 3.99
N VAL L 1439 110.68 31.51 3.57
CA VAL L 1439 111.05 31.05 2.25
C VAL L 1439 111.07 29.53 2.25
N PHE L 1440 110.30 28.92 1.36
CA PHE L 1440 110.23 27.48 1.30
C PHE L 1440 111.50 26.90 0.69
N ALA L 1441 111.61 25.58 0.78
CA ALA L 1441 112.69 24.87 0.11
C ALA L 1441 112.49 24.94 -1.40
N GLY L 1442 113.59 24.85 -2.12
CA GLY L 1442 113.57 25.01 -3.56
C GLY L 1442 113.55 26.45 -4.02
N GLN L 1443 113.54 27.41 -3.09
CA GLN L 1443 113.65 28.82 -3.44
C GLN L 1443 114.94 29.37 -2.85
N GLU L 1444 115.73 30.01 -3.67
CA GLU L 1444 117.01 30.53 -3.21
C GLU L 1444 116.80 31.85 -2.50
N PRO L 1445 117.32 32.01 -1.28
CA PRO L 1445 117.34 33.34 -0.64
C PRO L 1445 118.24 34.35 -1.32
N SER L 1446 119.10 33.92 -2.25
CA SER L 1446 119.86 34.85 -3.08
C SER L 1446 118.95 35.70 -3.94
N CYS L 1447 117.80 35.18 -4.36
CA CYS L 1447 116.84 35.91 -5.17
C CYS L 1447 115.57 36.25 -4.39
N VAL L 1448 115.71 36.61 -3.11
CA VAL L 1448 114.59 36.97 -2.26
C VAL L 1448 114.96 38.25 -1.53
N TRP L 1449 114.09 39.24 -1.57
CA TRP L 1449 114.28 40.49 -0.85
C TRP L 1449 113.05 40.71 0.03
N VAL L 1450 113.27 40.96 1.32
CA VAL L 1450 112.20 41.10 2.28
C VAL L 1450 112.36 42.41 3.01
N GLY L 1451 111.27 43.16 3.16
CA GLY L 1451 111.30 44.35 4.00
C GLY L 1451 110.08 45.24 3.91
N TRP L 1452 110.30 46.53 3.74
CA TRP L 1452 109.25 47.53 3.84
C TRP L 1452 109.34 48.53 2.70
N VAL L 1453 108.19 49.05 2.28
CA VAL L 1453 108.07 49.90 1.11
C VAL L 1453 107.03 50.98 1.39
N THR L 1454 107.39 52.24 1.14
CA THR L 1454 106.51 53.39 1.22
C THR L 1454 105.78 53.58 -0.11
N PRO L 1455 104.59 54.21 -0.11
CA PRO L 1455 103.78 54.29 -1.35
C PRO L 1455 104.44 54.96 -2.54
N ASP L 1456 105.34 55.91 -2.38
CA ASP L 1456 105.97 56.54 -3.54
C ASP L 1456 107.19 55.74 -4.01
N TYR L 1457 106.91 54.55 -4.52
CA TYR L 1457 107.92 53.65 -5.03
C TYR L 1457 107.35 52.95 -6.26
N HIS L 1458 107.94 53.21 -7.42
CA HIS L 1458 107.44 52.65 -8.68
C HIS L 1458 108.58 52.15 -9.56
N GLN L 1459 109.49 51.35 -9.02
CA GLN L 1459 110.56 50.75 -9.79
C GLN L 1459 110.16 49.34 -10.21
N HIS L 1460 109.81 49.19 -11.47
CA HIS L 1460 109.43 47.89 -12.04
C HIS L 1460 110.53 47.48 -13.01
N ASP L 1461 111.46 46.66 -12.54
CA ASP L 1461 112.55 46.18 -13.36
C ASP L 1461 112.86 44.75 -13.00
N MET L 1462 113.39 44.00 -13.96
CA MET L 1462 113.78 42.63 -13.72
C MET L 1462 115.24 42.50 -13.32
N ASN L 1463 115.97 43.60 -13.27
CA ASN L 1463 117.39 43.55 -12.96
C ASN L 1463 117.65 44.20 -11.61
N PHE L 1464 116.68 44.13 -10.71
CA PHE L 1464 116.77 44.84 -9.45
C PHE L 1464 117.74 44.16 -8.49
N ASP L 1465 118.69 44.93 -8.00
CA ASP L 1465 119.50 44.56 -6.87
C ASP L 1465 119.41 45.70 -5.87
N LEU L 1466 119.95 45.46 -4.66
CA LEU L 1466 119.86 46.46 -3.59
C LEU L 1466 120.62 47.74 -3.88
N SER L 1467 121.55 47.71 -4.84
CA SER L 1467 122.16 48.95 -5.32
C SER L 1467 121.17 49.81 -6.08
N LYS L 1468 120.15 49.20 -6.69
CA LYS L 1468 119.15 49.94 -7.45
C LYS L 1468 117.99 50.38 -6.55
N VAL L 1469 118.31 51.01 -5.44
CA VAL L 1469 117.31 51.53 -4.50
C VAL L 1469 117.56 53.01 -4.37
N ARG L 1470 116.50 53.81 -4.53
CA ARG L 1470 116.63 55.24 -4.36
C ARG L 1470 116.88 55.55 -2.88
N ALA L 1471 117.83 56.43 -2.63
CA ALA L 1471 118.17 56.86 -1.29
C ALA L 1471 118.82 58.23 -1.39
N VAL L 1472 118.23 59.22 -0.73
CA VAL L 1472 118.68 60.60 -0.80
C VAL L 1472 118.98 61.06 0.63
N THR L 1473 120.19 61.54 0.85
CA THR L 1473 120.63 61.99 2.16
C THR L 1473 120.52 63.50 2.22
N VAL L 1474 119.74 63.99 3.18
CA VAL L 1474 119.56 65.41 3.40
C VAL L 1474 120.31 65.80 4.67
N THR L 1475 121.20 66.78 4.55
CA THR L 1475 121.95 67.31 5.69
C THR L 1475 121.70 68.81 5.77
N MET L 1476 121.64 69.33 6.98
CA MET L 1476 121.49 70.75 7.22
C MET L 1476 122.44 71.17 8.33
N GLY L 1477 122.91 72.41 8.26
CA GLY L 1477 123.79 72.92 9.28
C GLY L 1477 123.52 74.38 9.61
N ASP L 1478 124.44 74.99 10.33
CA ASP L 1478 124.33 76.40 10.67
C ASP L 1478 125.02 77.24 9.60
N GLU L 1479 125.05 78.56 9.82
CA GLU L 1479 125.84 79.44 8.99
C GLU L 1479 127.34 79.24 9.19
N GLN L 1480 127.75 78.66 10.32
CA GLN L 1480 129.15 78.32 10.53
C GLN L 1480 129.59 77.14 9.67
N GLY L 1481 128.65 76.36 9.15
CA GLY L 1481 128.95 75.20 8.35
C GLY L 1481 128.92 73.89 9.10
N ASN L 1482 128.94 73.93 10.43
CA ASN L 1482 128.82 72.72 11.22
C ASN L 1482 127.41 72.15 11.10
N VAL L 1483 127.33 70.85 10.86
CA VAL L 1483 126.05 70.22 10.55
C VAL L 1483 125.18 70.12 11.79
N HIS L 1484 123.88 70.01 11.56
CA HIS L 1484 122.89 69.87 12.62
C HIS L 1484 122.14 68.56 12.57
N SER L 1485 121.91 68.03 11.36
CA SER L 1485 121.15 66.82 11.17
C SER L 1485 121.56 66.22 9.84
N SER L 1486 121.38 64.89 9.73
CA SER L 1486 121.70 64.18 8.50
C SER L 1486 120.61 63.14 8.28
N LEU L 1487 119.60 63.49 7.50
CA LEU L 1487 118.45 62.63 7.29
C LEU L 1487 118.59 61.89 5.97
N LYS L 1488 118.23 60.62 5.97
CA LYS L 1488 118.22 59.80 4.76
C LYS L 1488 116.83 59.28 4.49
N CYS L 1489 116.22 59.73 3.40
CA CYS L 1489 114.94 59.20 2.94
C CYS L 1489 115.22 58.16 1.88
N SER L 1490 114.60 56.99 2.03
CA SER L 1490 114.64 55.97 1.00
C SER L 1490 113.22 55.53 0.70
N ASN L 1491 112.99 55.14 -0.55
CA ASN L 1491 111.68 54.65 -0.94
C ASN L 1491 111.50 53.17 -0.70
N CYS L 1492 112.40 52.55 0.05
CA CYS L 1492 112.44 51.09 0.21
C CYS L 1492 113.29 50.78 1.42
N TYR L 1493 112.80 49.87 2.27
CA TYR L 1493 113.52 49.47 3.47
C TYR L 1493 113.47 47.95 3.54
N MET L 1494 114.48 47.31 2.96
CA MET L 1494 114.54 45.85 2.90
C MET L 1494 115.92 45.35 3.27
N VAL L 1495 116.02 44.02 3.35
CA VAL L 1495 117.27 43.30 3.54
C VAL L 1495 117.41 42.32 2.38
N TRP L 1496 118.56 41.66 2.32
CA TRP L 1496 118.77 40.59 1.37
C TRP L 1496 118.74 39.26 2.10
N GLY L 1497 117.89 38.34 1.62
CA GLY L 1497 117.89 37.00 2.15
C GLY L 1497 119.12 36.20 1.85
N GLY L 1498 119.84 36.57 0.78
CA GLY L 1498 121.12 35.95 0.47
C GLY L 1498 122.24 36.38 1.38
N ASP L 1499 122.01 37.40 2.22
CA ASP L 1499 123.01 37.82 3.18
C ASP L 1499 123.00 37.01 4.47
N PHE L 1500 122.19 35.95 4.53
CA PHE L 1500 122.18 35.09 5.72
C PHE L 1500 122.49 33.65 5.37
N VAL L 1501 122.00 33.18 4.22
CA VAL L 1501 122.29 31.82 3.79
C VAL L 1501 123.18 31.88 2.57
N ILE L 1509 122.17 24.18 -2.48
CA ILE L 1509 120.95 23.40 -2.26
C ILE L 1509 120.70 23.22 -0.77
N SER L 1510 119.84 24.07 -0.21
CA SER L 1510 119.49 23.98 1.19
C SER L 1510 118.15 23.27 1.35
N HIS L 1511 118.10 22.27 2.21
CA HIS L 1511 116.87 21.55 2.50
C HIS L 1511 116.11 22.13 3.68
N THR L 1512 116.39 23.36 4.07
CA THR L 1512 115.73 24.00 5.19
C THR L 1512 115.20 25.36 4.80
N ASP L 1513 114.33 25.91 5.65
CA ASP L 1513 113.59 27.12 5.34
C ASP L 1513 114.13 28.31 6.10
N LEU L 1514 114.71 29.25 5.36
CA LEU L 1514 115.17 30.51 5.91
C LEU L 1514 113.96 31.37 6.27
N VAL L 1515 113.77 31.61 7.56
CA VAL L 1515 112.62 32.38 8.04
C VAL L 1515 113.13 33.75 8.45
N ILE L 1516 112.63 34.79 7.80
CA ILE L 1516 113.05 36.16 8.08
C ILE L 1516 111.88 36.89 8.72
N GLY L 1517 112.12 37.47 9.89
CA GLY L 1517 111.12 38.27 10.58
C GLY L 1517 111.65 39.67 10.83
N CYS L 1518 110.76 40.65 10.82
CA CYS L 1518 111.13 42.04 10.94
C CYS L 1518 110.47 42.65 12.16
N LEU L 1519 111.06 43.75 12.65
CA LEU L 1519 110.64 44.38 13.87
C LEU L 1519 110.59 45.88 13.66
N VAL L 1520 109.42 46.48 13.90
CA VAL L 1520 109.20 47.90 13.69
C VAL L 1520 108.63 48.50 14.97
N ASP L 1521 109.33 49.50 15.51
CA ASP L 1521 108.98 50.15 16.77
C ASP L 1521 108.36 51.50 16.44
N LEU L 1522 107.05 51.63 16.66
CA LEU L 1522 106.30 52.78 16.18
C LEU L 1522 106.60 54.07 16.93
N ALA L 1523 106.83 54.01 18.23
CA ALA L 1523 107.02 55.26 18.97
C ALA L 1523 108.42 55.81 18.80
N THR L 1524 109.33 55.04 18.20
CA THR L 1524 110.67 55.53 17.92
C THR L 1524 110.97 55.58 16.42
N GLY L 1525 110.21 54.86 15.62
CA GLY L 1525 110.54 54.77 14.20
C GLY L 1525 111.75 53.92 13.92
N LEU L 1526 112.14 53.06 14.85
CA LEU L 1526 113.31 52.22 14.71
C LEU L 1526 112.89 50.87 14.13
N MET L 1527 113.58 50.45 13.06
CA MET L 1527 113.25 49.21 12.38
C MET L 1527 114.46 48.28 12.41
N THR L 1528 114.25 47.06 12.88
CA THR L 1528 115.28 46.04 12.92
C THR L 1528 114.74 44.76 12.30
N PHE L 1529 115.64 43.82 12.02
CA PHE L 1529 115.32 42.62 11.27
C PHE L 1529 116.01 41.42 11.91
N THR L 1530 115.26 40.35 12.12
CA THR L 1530 115.78 39.15 12.75
C THR L 1530 115.85 38.02 11.74
N ALA L 1531 116.96 37.28 11.78
CA ALA L 1531 117.17 36.15 10.87
C ALA L 1531 117.20 34.88 11.71
N ASN L 1532 116.10 34.12 11.66
CA ASN L 1532 115.91 32.86 12.41
C ASN L 1532 116.13 33.06 13.91
N GLY L 1533 115.66 34.19 14.42
CA GLY L 1533 115.87 34.53 15.82
C GLY L 1533 117.24 35.08 16.15
N LYS L 1534 118.15 35.15 15.17
CA LYS L 1534 119.45 35.76 15.34
C LYS L 1534 119.42 37.13 14.68
N GLU L 1535 119.67 38.17 15.47
CA GLU L 1535 119.55 39.54 14.99
C GLU L 1535 120.64 39.86 13.97
N SER L 1536 120.24 40.53 12.90
CA SER L 1536 121.15 40.93 11.86
C SER L 1536 121.82 42.24 12.26
N ASN L 1537 122.90 42.57 11.55
CA ASN L 1537 123.66 43.77 11.85
C ASN L 1537 122.94 45.04 11.43
N THR L 1538 122.03 44.96 10.47
CA THR L 1538 121.41 46.16 9.93
C THR L 1538 120.27 46.64 10.82
N PHE L 1539 119.85 47.87 10.56
CA PHE L 1539 118.79 48.54 11.30
C PHE L 1539 118.38 49.77 10.50
N PHE L 1540 117.22 50.32 10.85
CA PHE L 1540 116.70 51.47 10.12
C PHE L 1540 115.90 52.37 11.03
N GLN L 1541 116.01 53.68 10.80
CA GLN L 1541 115.29 54.69 11.56
C GLN L 1541 114.74 55.73 10.61
N VAL L 1542 113.49 56.15 10.85
CA VAL L 1542 112.75 56.98 9.89
C VAL L 1542 112.27 58.28 10.51
N GLU L 1543 111.59 59.08 9.70
CA GLU L 1543 110.98 60.33 10.13
C GLU L 1543 109.77 60.05 11.03
N PRO L 1544 109.29 61.06 11.77
CA PRO L 1544 108.11 60.83 12.63
C PRO L 1544 106.82 60.48 11.88
N ASN L 1545 106.35 61.33 11.00
CA ASN L 1545 105.05 61.10 10.36
C ASN L 1545 105.29 60.47 9.00
N THR L 1546 105.43 59.15 8.98
CA THR L 1546 105.51 58.43 7.73
C THR L 1546 104.85 57.08 7.89
N LYS L 1547 104.46 56.50 6.76
CA LYS L 1547 103.81 55.20 6.75
C LYS L 1547 104.68 54.21 6.02
N LEU L 1548 104.31 52.94 6.08
CA LEU L 1548 105.09 51.88 5.50
C LEU L 1548 104.21 50.70 5.13
N PHE L 1549 104.45 50.11 4.00
CA PHE L 1549 103.78 48.87 3.69
C PHE L 1549 104.75 47.72 3.86
N PRO L 1550 104.30 46.58 4.39
CA PRO L 1550 105.14 45.39 4.40
C PRO L 1550 105.38 44.90 2.99
N ALA L 1551 106.59 44.46 2.68
CA ALA L 1551 106.96 44.19 1.30
C ALA L 1551 107.84 42.94 1.20
N VAL L 1552 107.65 42.19 0.11
CA VAL L 1552 108.50 41.06 -0.25
C VAL L 1552 108.71 41.12 -1.75
N PHE L 1553 109.95 41.11 -2.19
CA PHE L 1553 110.27 41.05 -3.61
C PHE L 1553 110.94 39.71 -3.86
N VAL L 1554 110.56 39.04 -4.94
CA VAL L 1554 111.04 37.68 -5.17
C VAL L 1554 111.04 37.39 -6.66
N LEU L 1555 112.06 36.67 -7.10
CA LEU L 1555 112.04 35.95 -8.36
C LEU L 1555 111.85 34.48 -8.03
N PRO L 1556 110.74 33.85 -8.44
CA PRO L 1556 110.42 32.51 -7.93
C PRO L 1556 111.20 31.44 -8.68
N THR L 1557 111.57 30.37 -7.97
CA THR L 1557 112.25 29.24 -8.57
C THR L 1557 111.73 27.90 -8.05
N HIS L 1558 110.44 27.80 -7.75
CA HIS L 1558 109.90 26.56 -7.22
C HIS L 1558 108.40 26.52 -7.52
N GLN L 1559 107.79 25.36 -7.26
CA GLN L 1559 106.34 25.28 -7.34
C GLN L 1559 105.69 26.01 -6.17
N ASN L 1560 106.33 25.98 -5.00
CA ASN L 1560 105.88 26.71 -3.83
C ASN L 1560 106.98 27.67 -3.40
N VAL L 1561 106.66 28.94 -3.26
CA VAL L 1561 107.75 29.90 -3.14
C VAL L 1561 107.87 30.48 -1.73
N ILE L 1562 106.90 31.29 -1.31
CA ILE L 1562 106.98 31.99 -0.03
C ILE L 1562 105.65 31.83 0.71
N GLN L 1563 105.64 32.27 1.95
CA GLN L 1563 104.42 32.29 2.74
C GLN L 1563 104.48 33.50 3.67
N PHE L 1564 103.49 34.37 3.57
CA PHE L 1564 103.35 35.46 4.53
C PHE L 1564 102.75 34.89 5.81
N GLU L 1565 103.46 35.01 6.92
CA GLU L 1565 103.02 34.46 8.20
C GLU L 1565 102.75 35.61 9.18
N LEU L 1566 101.48 35.77 9.55
CA LEU L 1566 101.06 36.90 10.37
C LEU L 1566 101.01 36.47 11.83
N GLY L 1567 102.20 36.38 12.42
CA GLY L 1567 102.32 35.91 13.77
C GLY L 1567 102.99 36.90 14.72
N LYS L 1568 102.96 36.56 16.00
CA LYS L 1568 103.53 37.37 17.05
C LYS L 1568 104.67 36.62 17.73
N GLN L 1569 105.58 37.36 18.33
CA GLN L 1569 106.67 36.78 19.10
C GLN L 1569 106.27 36.76 20.58
N LYS L 1570 107.27 36.55 21.45
CA LYS L 1570 107.00 36.14 22.83
C LYS L 1570 106.38 37.26 23.66
N ASN L 1571 106.66 38.53 23.31
CA ASN L 1571 106.13 39.61 24.13
C ASN L 1571 105.70 40.83 23.32
N ILE L 1572 105.35 40.66 22.05
CA ILE L 1572 104.98 41.77 21.18
C ILE L 1572 103.77 41.39 20.35
N MET L 1573 102.94 42.38 20.05
CA MET L 1573 101.65 42.13 19.43
C MET L 1573 101.78 42.01 17.92
N PRO L 1574 100.96 41.15 17.28
CA PRO L 1574 101.12 40.91 15.85
C PRO L 1574 100.58 42.04 15.00
N LEU L 1575 100.67 41.87 13.67
CA LEU L 1575 100.36 42.93 12.74
C LEU L 1575 98.87 43.24 12.65
N SER L 1576 98.02 42.35 13.14
CA SER L 1576 96.59 42.62 13.20
C SER L 1576 96.27 43.80 14.09
N ALA L 1577 96.94 43.94 15.22
CA ALA L 1577 96.66 45.05 16.12
C ALA L 1577 97.19 46.38 15.58
N ALA L 1578 98.15 46.33 14.65
CA ALA L 1578 98.76 47.55 14.17
C ALA L 1578 97.87 48.32 13.22
N MET L 1579 97.06 47.63 12.43
CA MET L 1579 96.42 48.26 11.28
C MET L 1579 94.92 48.38 11.41
N PHE L 1580 94.35 47.98 12.54
CA PHE L 1580 92.92 48.11 12.76
C PHE L 1580 92.68 48.73 14.12
N LEU L 1581 92.19 49.96 14.11
CA LEU L 1581 92.07 50.78 15.30
C LEU L 1581 91.10 50.20 16.33
N SER L 1582 90.17 49.35 15.90
CA SER L 1582 89.29 48.70 16.85
C SER L 1582 89.96 47.55 17.58
N GLU L 1583 91.12 47.11 17.13
CA GLU L 1583 91.75 45.92 17.69
C GLU L 1583 93.19 46.16 18.12
N ARG L 1584 93.50 47.37 18.56
CA ARG L 1584 94.87 47.68 18.96
C ARG L 1584 95.23 46.99 20.27
N LYS L 1585 94.23 46.62 21.07
CA LYS L 1585 94.47 46.00 22.36
C LYS L 1585 94.42 44.49 22.30
N ASN L 1586 94.01 43.92 21.17
CA ASN L 1586 93.94 42.48 21.04
C ASN L 1586 95.27 41.96 20.54
N PRO L 1587 95.91 41.02 21.24
CA PRO L 1587 97.11 40.39 20.71
C PRO L 1587 96.86 39.12 19.94
N ALA L 1588 95.61 38.75 19.71
CA ALA L 1588 95.37 37.57 18.91
C ALA L 1588 95.54 37.89 17.43
N PRO L 1589 96.37 37.15 16.72
CA PRO L 1589 96.60 37.46 15.29
C PRO L 1589 95.37 37.09 14.45
N GLN L 1590 94.96 38.02 13.62
CA GLN L 1590 93.80 37.85 12.75
C GLN L 1590 94.17 38.19 11.32
N CYS L 1591 93.33 37.76 10.39
CA CYS L 1591 93.49 38.12 8.97
C CYS L 1591 92.11 38.35 8.36
N PRO L 1592 91.57 39.55 8.50
CA PRO L 1592 90.28 39.85 7.88
C PRO L 1592 90.44 40.04 6.39
N PRO L 1593 89.36 39.93 5.60
CA PRO L 1593 89.53 39.90 4.14
C PRO L 1593 89.91 41.23 3.51
N ARG L 1594 89.88 42.34 4.27
CA ARG L 1594 90.39 43.58 3.71
C ARG L 1594 91.89 43.51 3.49
N LEU L 1595 92.59 42.73 4.30
CA LEU L 1595 94.01 42.48 4.08
C LEU L 1595 94.11 41.49 2.94
N GLU L 1596 94.95 41.79 1.96
CA GLU L 1596 95.32 40.85 0.92
C GLU L 1596 96.66 41.24 0.31
N VAL L 1597 97.12 40.42 -0.61
CA VAL L 1597 98.41 40.62 -1.26
C VAL L 1597 98.22 41.30 -2.60
N GLN L 1598 98.82 42.48 -2.73
CA GLN L 1598 98.82 43.23 -3.98
C GLN L 1598 99.99 42.75 -4.81
N MET L 1599 100.11 43.28 -6.02
CA MET L 1599 101.31 43.13 -6.81
C MET L 1599 101.42 44.31 -7.74
N LEU L 1600 102.51 44.36 -8.50
CA LEU L 1600 102.86 45.56 -9.26
C LEU L 1600 102.68 45.32 -10.74
N MET L 1601 101.56 45.74 -11.27
CA MET L 1601 101.35 45.69 -12.70
C MET L 1601 102.08 46.86 -13.37
N PRO L 1602 102.52 46.70 -14.62
CA PRO L 1602 103.42 47.71 -15.18
C PRO L 1602 102.73 48.97 -15.68
N VAL L 1603 101.54 48.88 -16.26
CA VAL L 1603 100.86 50.06 -16.78
C VAL L 1603 99.41 50.02 -16.34
N SER L 1604 98.72 51.14 -16.58
CA SER L 1604 97.32 51.26 -16.21
C SER L 1604 96.69 52.36 -17.03
N TRP L 1605 95.38 52.28 -17.18
CA TRP L 1605 94.62 53.23 -17.96
C TRP L 1605 94.28 54.44 -17.12
N SER L 1606 94.72 55.61 -17.57
CA SER L 1606 94.32 56.85 -16.92
C SER L 1606 93.56 57.70 -17.92
N ARG L 1607 93.20 58.90 -17.51
CA ARG L 1607 92.30 59.75 -18.27
C ARG L 1607 92.97 61.08 -18.57
N MET L 1608 92.94 61.48 -19.83
CA MET L 1608 93.44 62.80 -20.18
C MET L 1608 92.51 63.88 -19.65
N PRO L 1609 93.03 65.01 -19.23
CA PRO L 1609 92.17 66.14 -18.89
C PRO L 1609 91.68 66.83 -20.16
N ASN L 1610 90.67 67.67 -19.99
CA ASN L 1610 90.05 68.35 -21.12
C ASN L 1610 90.71 69.66 -21.48
N HIS L 1611 91.52 70.24 -20.58
CA HIS L 1611 92.27 71.45 -20.91
C HIS L 1611 93.65 71.34 -20.28
N PHE L 1612 94.59 72.10 -20.80
CA PHE L 1612 95.96 72.10 -20.33
C PHE L 1612 96.44 73.52 -20.09
N LEU L 1613 97.59 73.61 -19.45
CA LEU L 1613 98.19 74.91 -19.17
C LEU L 1613 98.73 75.53 -20.45
N GLN L 1614 98.32 76.76 -20.72
CA GLN L 1614 98.84 77.51 -21.86
C GLN L 1614 100.17 78.11 -21.46
N VAL L 1615 101.26 77.62 -22.03
CA VAL L 1615 102.60 78.04 -21.67
C VAL L 1615 103.17 78.90 -22.79
N GLU L 1616 103.75 80.03 -22.42
CA GLU L 1616 104.34 80.97 -23.38
C GLU L 1616 105.83 81.03 -23.12
N THR L 1617 106.62 80.29 -23.89
CA THR L 1617 108.07 80.29 -23.75
C THR L 1617 108.67 81.07 -24.91
N ARG L 1618 109.55 82.01 -24.60
CA ARG L 1618 110.20 82.82 -25.62
C ARG L 1618 111.48 83.39 -25.04
N ARG L 1619 112.57 83.24 -25.77
CA ARG L 1619 113.81 83.90 -25.43
C ARG L 1619 113.70 85.38 -25.75
N ALA L 1620 113.96 86.22 -24.76
CA ALA L 1620 113.93 87.67 -24.92
C ALA L 1620 115.31 88.20 -24.56
N GLY L 1621 116.01 88.76 -25.54
CA GLY L 1621 117.29 89.37 -25.32
C GLY L 1621 118.41 88.33 -25.19
N GLU L 1622 119.58 88.71 -25.69
CA GLU L 1622 120.75 87.87 -25.60
C GLU L 1622 121.43 87.91 -24.24
N ARG L 1623 120.91 88.71 -23.31
CA ARG L 1623 121.41 88.77 -21.95
C ARG L 1623 120.33 88.60 -20.89
N LEU L 1624 119.06 88.87 -21.22
CA LEU L 1624 118.00 88.52 -20.29
C LEU L 1624 117.73 87.04 -20.32
N GLY L 1625 117.65 86.45 -21.50
CA GLY L 1625 117.59 85.02 -21.65
C GLY L 1625 116.22 84.53 -22.08
N TRP L 1626 115.87 83.35 -21.58
CA TRP L 1626 114.66 82.65 -22.00
C TRP L 1626 113.55 82.89 -20.98
N ALA L 1627 112.44 83.43 -21.44
CA ALA L 1627 111.31 83.76 -20.57
C ALA L 1627 110.20 82.74 -20.73
N VAL L 1628 109.44 82.57 -19.66
CA VAL L 1628 108.33 81.61 -19.65
C VAL L 1628 107.28 82.11 -18.67
N GLN L 1629 106.01 82.02 -19.06
CA GLN L 1629 104.94 82.58 -18.26
C GLN L 1629 103.64 81.83 -18.51
N CYS L 1630 102.69 82.05 -17.61
CA CYS L 1630 101.32 81.57 -17.73
C CYS L 1630 100.46 82.38 -16.80
N GLN L 1631 99.22 82.65 -17.20
CA GLN L 1631 98.36 83.53 -16.41
C GLN L 1631 97.00 82.92 -16.07
N ASP L 1632 96.37 82.20 -16.97
CA ASP L 1632 95.04 81.65 -16.74
C ASP L 1632 95.11 80.44 -15.81
N PRO L 1633 94.27 80.38 -14.77
CA PRO L 1633 94.32 79.24 -13.84
C PRO L 1633 93.38 78.13 -14.28
N LEU L 1634 93.78 76.89 -14.03
CA LEU L 1634 92.95 75.74 -14.34
C LEU L 1634 93.03 74.72 -13.23
N THR L 1635 91.88 74.33 -12.70
CA THR L 1635 91.79 73.50 -11.51
C THR L 1635 90.98 72.26 -11.82
N MET L 1636 91.02 71.32 -10.87
CA MET L 1636 90.28 70.08 -11.01
C MET L 1636 89.90 69.58 -9.64
N MET L 1637 88.99 68.61 -9.61
CA MET L 1637 88.59 67.95 -8.38
C MET L 1637 89.41 66.68 -8.24
N ALA L 1638 89.62 66.23 -7.00
CA ALA L 1638 90.48 65.07 -6.82
C ALA L 1638 90.02 64.24 -5.63
N LEU L 1639 89.92 62.94 -5.83
CA LEU L 1639 89.74 62.01 -4.73
C LEU L 1639 91.08 61.70 -4.10
N HIS L 1640 91.06 60.95 -3.00
CA HIS L 1640 92.32 60.74 -2.31
C HIS L 1640 92.72 59.28 -2.14
N ILE L 1641 91.78 58.42 -1.75
CA ILE L 1641 92.04 57.05 -1.27
C ILE L 1641 93.11 57.10 -0.19
N PRO L 1642 92.75 57.48 1.04
CA PRO L 1642 93.76 57.87 2.03
C PRO L 1642 94.65 56.74 2.51
N GLU L 1643 94.24 55.49 2.32
CA GLU L 1643 95.08 54.37 2.71
C GLU L 1643 96.31 54.22 1.83
N GLU L 1644 96.32 54.84 0.65
CA GLU L 1644 97.44 54.71 -0.26
C GLU L 1644 98.05 56.05 -0.66
N ASN L 1645 97.44 57.18 -0.28
CA ASN L 1645 97.94 58.53 -0.52
C ASN L 1645 98.13 58.82 -2.00
N ARG L 1646 97.33 58.16 -2.82
CA ARG L 1646 97.41 58.27 -4.27
C ARG L 1646 96.14 58.92 -4.79
N CYS L 1647 96.23 60.20 -5.11
CA CYS L 1647 95.08 60.96 -5.57
C CYS L 1647 94.80 60.65 -7.02
N MET L 1648 93.58 60.93 -7.46
CA MET L 1648 93.21 60.73 -8.85
C MET L 1648 92.12 61.72 -9.23
N ASP L 1649 91.99 61.96 -10.53
CA ASP L 1649 90.95 62.84 -11.02
C ASP L 1649 89.60 62.20 -10.86
N ILE L 1650 88.60 63.00 -10.51
CA ILE L 1650 87.31 62.44 -10.16
C ILE L 1650 86.53 62.04 -11.39
N LEU L 1651 86.89 62.56 -12.56
CA LEU L 1651 86.22 62.18 -13.79
C LEU L 1651 86.53 60.75 -14.18
N GLU L 1652 87.58 60.16 -13.64
CA GLU L 1652 87.92 58.77 -13.86
C GLU L 1652 86.92 57.81 -13.27
N LEU L 1653 86.05 58.27 -12.38
CA LEU L 1653 84.97 57.41 -11.90
C LEU L 1653 83.98 57.06 -12.98
N SER L 1654 83.94 57.80 -14.09
CA SER L 1654 83.02 57.48 -15.17
C SER L 1654 83.29 56.14 -15.81
N GLU L 1655 84.51 55.63 -15.73
CA GLU L 1655 84.81 54.29 -16.19
C GLU L 1655 85.28 53.36 -15.09
N ARG L 1656 85.48 53.87 -13.88
CA ARG L 1656 85.93 53.01 -12.80
C ARG L 1656 84.83 52.05 -12.37
N LEU L 1657 83.60 52.55 -12.29
CA LEU L 1657 82.36 51.79 -12.15
C LEU L 1657 82.27 50.98 -10.86
N ASP L 1658 83.24 51.09 -9.96
CA ASP L 1658 83.11 50.53 -8.63
C ASP L 1658 83.27 51.58 -7.56
N LEU L 1659 84.30 52.40 -7.65
CA LEU L 1659 84.42 53.51 -6.74
C LEU L 1659 83.52 54.66 -7.12
N GLN L 1660 82.89 54.62 -8.29
CA GLN L 1660 81.75 55.49 -8.53
C GLN L 1660 80.61 55.14 -7.58
N ARG L 1661 80.33 53.84 -7.44
CA ARG L 1661 79.21 53.39 -6.64
C ARG L 1661 79.44 53.64 -5.17
N PHE L 1662 80.64 53.35 -4.67
CA PHE L 1662 80.91 53.52 -3.26
C PHE L 1662 81.05 54.99 -2.90
N HIS L 1663 81.40 55.83 -3.86
CA HIS L 1663 81.33 57.25 -3.57
C HIS L 1663 79.97 57.82 -3.88
N SER L 1664 79.11 57.06 -4.55
CA SER L 1664 77.72 57.49 -4.64
C SER L 1664 76.98 57.22 -3.36
N HIS L 1665 77.16 56.04 -2.79
CA HIS L 1665 76.46 55.68 -1.57
C HIS L 1665 76.99 56.42 -0.36
N THR L 1666 78.21 56.96 -0.44
CA THR L 1666 78.67 57.86 0.60
C THR L 1666 77.87 59.15 0.58
N LEU L 1667 77.48 59.61 -0.60
CA LEU L 1667 76.65 60.81 -0.67
C LEU L 1667 75.24 60.58 -0.16
N ARG L 1668 74.79 59.33 -0.13
CA ARG L 1668 73.53 59.08 0.55
C ARG L 1668 73.70 59.15 2.05
N LEU L 1669 74.86 58.73 2.56
CA LEU L 1669 75.12 58.86 3.98
C LEU L 1669 75.31 60.31 4.38
N TYR L 1670 75.81 61.14 3.48
CA TYR L 1670 75.92 62.55 3.80
C TYR L 1670 74.58 63.24 3.82
N ARG L 1671 73.67 62.88 2.92
CA ARG L 1671 72.36 63.52 2.97
C ARG L 1671 71.52 62.97 4.12
N ALA L 1672 71.74 61.73 4.51
CA ALA L 1672 70.93 61.17 5.58
C ALA L 1672 71.37 61.62 6.96
N VAL L 1673 72.63 62.01 7.13
CA VAL L 1673 73.09 62.45 8.43
C VAL L 1673 72.55 63.84 8.74
N CYS L 1674 72.71 64.79 7.80
CA CYS L 1674 72.14 66.11 8.03
C CYS L 1674 70.71 66.20 7.55
N ALA L 1675 69.89 65.24 7.91
CA ALA L 1675 68.53 65.18 7.42
C ALA L 1675 67.58 65.72 8.48
N LEU L 1676 66.54 66.39 7.99
CA LEU L 1676 65.46 66.93 8.80
C LEU L 1676 65.97 67.96 9.80
N GLY L 1677 66.69 68.95 9.29
CA GLY L 1677 67.03 70.10 10.08
C GLY L 1677 68.08 69.90 11.16
N ASN L 1678 68.85 68.83 11.08
CA ASN L 1678 69.94 68.60 12.04
C ASN L 1678 71.04 69.61 11.70
N ASN L 1679 70.99 70.76 12.35
CA ASN L 1679 71.85 71.84 11.90
C ASN L 1679 73.14 71.94 12.69
N ARG L 1680 73.27 71.25 13.80
CA ARG L 1680 74.58 71.20 14.43
C ARG L 1680 75.53 70.33 13.61
N VAL L 1681 74.99 69.26 13.01
CA VAL L 1681 75.84 68.44 12.15
C VAL L 1681 75.95 69.05 10.76
N ALA L 1682 75.06 70.00 10.42
CA ALA L 1682 75.11 70.58 9.10
C ALA L 1682 76.30 71.52 8.95
N HIS L 1683 76.80 72.05 10.06
CA HIS L 1683 78.08 72.75 9.99
C HIS L 1683 79.21 71.75 9.86
N ALA L 1684 79.06 70.57 10.45
CA ALA L 1684 80.16 69.61 10.47
C ALA L 1684 80.42 69.03 9.09
N LEU L 1685 79.38 68.95 8.25
CA LEU L 1685 79.64 68.53 6.89
C LEU L 1685 80.23 69.64 6.04
N CYS L 1686 80.02 70.90 6.42
CA CYS L 1686 80.51 72.00 5.61
C CYS L 1686 82.02 72.12 5.65
N SER L 1687 82.68 71.42 6.58
CA SER L 1687 84.12 71.26 6.49
C SER L 1687 84.52 70.26 5.43
N HIS L 1688 83.86 69.09 5.40
CA HIS L 1688 84.32 67.99 4.57
C HIS L 1688 84.07 68.23 3.10
N VAL L 1689 83.01 68.94 2.77
CA VAL L 1689 82.72 69.32 1.39
C VAL L 1689 82.57 70.84 1.35
N ASP L 1690 83.58 71.51 0.81
CA ASP L 1690 83.72 72.95 0.96
C ASP L 1690 82.67 73.69 0.12
N GLN L 1691 82.71 75.01 0.21
CA GLN L 1691 81.71 75.81 -0.45
C GLN L 1691 82.00 75.98 -1.93
N ALA L 1692 83.26 76.17 -2.30
CA ALA L 1692 83.56 76.43 -3.71
C ALA L 1692 83.48 75.15 -4.52
N GLN L 1693 84.01 74.05 -3.98
CA GLN L 1693 84.01 72.79 -4.71
C GLN L 1693 82.64 72.18 -4.85
N LEU L 1694 81.67 72.65 -4.08
CA LEU L 1694 80.30 72.26 -4.31
C LEU L 1694 79.70 73.10 -5.43
N LEU L 1695 79.96 74.40 -5.40
CA LEU L 1695 79.57 75.25 -6.51
C LEU L 1695 80.32 74.96 -7.79
N HIS L 1696 81.53 74.40 -7.70
CA HIS L 1696 82.20 74.02 -8.92
C HIS L 1696 81.57 72.79 -9.54
N ALA L 1697 81.08 71.88 -8.72
CA ALA L 1697 80.53 70.63 -9.23
C ALA L 1697 79.14 70.78 -9.81
N LEU L 1698 78.58 71.99 -9.83
CA LEU L 1698 77.24 72.12 -10.35
C LEU L 1698 77.22 72.20 -11.86
N GLU L 1699 78.36 72.48 -12.48
CA GLU L 1699 78.41 72.74 -13.91
C GLU L 1699 79.51 71.98 -14.64
N ASP L 1700 80.32 71.21 -13.92
CA ASP L 1700 81.32 70.37 -14.57
C ASP L 1700 80.58 69.24 -15.26
N ALA L 1701 80.33 69.41 -16.55
CA ALA L 1701 79.43 68.55 -17.30
C ALA L 1701 79.96 67.13 -17.49
N HIS L 1702 81.26 66.93 -17.35
CA HIS L 1702 81.84 65.61 -17.57
C HIS L 1702 81.72 64.69 -16.36
N LEU L 1703 81.00 65.11 -15.32
CA LEU L 1703 80.74 64.24 -14.21
C LEU L 1703 79.83 63.10 -14.66
N PRO L 1704 79.90 61.95 -14.02
CA PRO L 1704 79.04 60.84 -14.43
C PRO L 1704 77.59 61.01 -14.00
N GLY L 1705 76.82 59.95 -14.16
CA GLY L 1705 75.40 59.98 -13.91
C GLY L 1705 75.01 60.16 -12.46
N PRO L 1706 75.16 59.10 -11.64
CA PRO L 1706 74.64 59.18 -10.28
C PRO L 1706 75.46 60.02 -9.36
N LEU L 1707 76.57 60.58 -9.83
CA LEU L 1707 77.35 61.45 -9.00
C LEU L 1707 76.91 62.90 -9.19
N ARG L 1708 76.26 63.21 -10.30
CA ARG L 1708 75.75 64.55 -10.48
C ARG L 1708 74.51 64.77 -9.63
N ALA L 1709 73.64 63.75 -9.56
CA ALA L 1709 72.43 63.87 -8.76
C ALA L 1709 72.74 63.77 -7.28
N GLY L 1710 73.93 63.32 -6.93
CA GLY L 1710 74.36 63.43 -5.55
C GLY L 1710 74.77 64.82 -5.16
N TYR L 1711 75.70 65.43 -5.91
CA TYR L 1711 76.24 66.73 -5.51
C TYR L 1711 75.25 67.86 -5.67
N TYR L 1712 74.18 67.66 -6.44
CA TYR L 1712 73.13 68.66 -6.38
C TYR L 1712 72.27 68.43 -5.16
N ASP L 1713 71.89 67.19 -4.89
CA ASP L 1713 71.02 66.94 -3.75
C ASP L 1713 71.75 67.02 -2.42
N LEU L 1714 73.07 66.92 -2.43
CA LEU L 1714 73.80 67.22 -1.21
C LEU L 1714 73.69 68.69 -0.86
N LEU L 1715 73.71 69.56 -1.89
CA LEU L 1715 73.72 71.00 -1.67
C LEU L 1715 72.46 71.47 -0.97
N ILE L 1716 71.30 71.04 -1.42
CA ILE L 1716 70.08 71.49 -0.77
C ILE L 1716 69.91 70.86 0.60
N SER L 1717 70.49 69.68 0.82
CA SER L 1717 70.31 69.03 2.11
C SER L 1717 71.24 69.57 3.17
N ILE L 1718 72.17 70.46 2.83
CA ILE L 1718 72.93 71.12 3.87
C ILE L 1718 72.69 72.62 3.90
N HIS L 1719 72.03 73.18 2.91
CA HIS L 1719 71.83 74.62 2.92
C HIS L 1719 70.40 75.06 2.72
N LEU L 1720 69.65 74.38 1.87
CA LEU L 1720 68.37 74.88 1.41
C LEU L 1720 67.26 73.92 1.78
N GLU L 1721 67.34 73.34 2.96
CA GLU L 1721 66.27 72.47 3.42
C GLU L 1721 65.66 72.94 4.72
N SER L 1722 66.50 73.35 5.68
CA SER L 1722 66.00 73.85 6.94
C SER L 1722 65.18 75.11 6.76
N ALA L 1723 65.54 75.93 5.79
CA ALA L 1723 64.70 77.05 5.43
C ALA L 1723 63.56 76.66 4.52
N CYS L 1724 63.67 75.53 3.81
CA CYS L 1724 62.65 75.16 2.85
C CYS L 1724 61.37 74.71 3.52
N ARG L 1725 61.47 73.85 4.53
CA ARG L 1725 60.29 73.30 5.17
C ARG L 1725 59.53 74.35 5.96
N SER L 1726 60.25 75.31 6.55
CA SER L 1726 59.59 76.30 7.40
C SER L 1726 58.80 77.29 6.57
N ARG L 1727 59.28 77.65 5.38
CA ARG L 1727 58.49 78.56 4.58
C ARG L 1727 57.34 77.86 3.86
N ARG L 1728 57.56 76.63 3.40
CA ARG L 1728 56.48 75.88 2.76
C ARG L 1728 55.34 75.59 3.73
N SER L 1729 55.65 75.45 5.02
CA SER L 1729 54.62 75.37 6.04
C SER L 1729 53.75 76.62 6.11
N MET L 1730 54.34 77.81 6.03
CA MET L 1730 53.57 79.04 6.13
C MET L 1730 52.93 79.46 4.82
N LEU L 1731 53.01 78.65 3.78
CA LEU L 1731 52.39 79.03 2.53
C LEU L 1731 50.89 78.82 2.50
N SER L 1732 50.39 77.86 3.26
CA SER L 1732 48.97 77.51 3.15
C SER L 1732 48.08 78.54 3.84
N GLU L 1733 48.66 79.36 4.71
CA GLU L 1733 47.92 80.38 5.42
C GLU L 1733 48.35 81.75 4.93
N TYR L 1734 47.42 82.69 4.97
CA TYR L 1734 47.60 84.00 4.38
C TYR L 1734 47.28 85.06 5.42
N ILE L 1735 48.29 85.79 5.84
CA ILE L 1735 48.19 86.79 6.88
C ILE L 1735 48.61 88.11 6.27
N VAL L 1736 47.66 89.01 6.05
CA VAL L 1736 47.89 90.25 5.33
C VAL L 1736 47.73 91.41 6.30
N PRO L 1737 48.65 92.38 6.31
CA PRO L 1737 48.46 93.59 7.10
C PRO L 1737 47.82 94.70 6.27
N LEU L 1738 47.41 95.75 6.96
CA LEU L 1738 46.84 96.93 6.31
C LEU L 1738 47.88 98.03 6.12
N THR L 1739 48.86 97.74 5.32
CA THR L 1739 49.67 98.82 4.80
C THR L 1739 48.98 99.41 3.57
N PRO L 1740 49.25 100.67 3.22
CA PRO L 1740 48.74 101.20 1.95
C PRO L 1740 49.29 100.52 0.72
N GLU L 1741 50.45 99.86 0.81
CA GLU L 1741 50.91 99.02 -0.29
C GLU L 1741 49.97 97.86 -0.54
N THR L 1742 49.40 97.30 0.53
CA THR L 1742 48.35 96.30 0.41
C THR L 1742 47.10 96.88 -0.23
N ARG L 1743 46.73 98.10 0.16
CA ARG L 1743 45.50 98.75 -0.27
C ARG L 1743 45.40 98.96 -1.78
N ALA L 1744 46.53 99.07 -2.47
CA ALA L 1744 46.54 99.15 -3.92
C ALA L 1744 46.97 97.80 -4.47
N ILE L 1745 46.01 96.86 -4.50
CA ILE L 1745 46.20 95.56 -5.14
C ILE L 1745 44.90 95.21 -5.84
N THR L 1746 44.95 95.02 -7.14
CA THR L 1746 43.78 94.67 -7.92
C THR L 1746 43.90 93.24 -8.42
N LEU L 1747 42.80 92.72 -8.95
CA LEU L 1747 42.87 91.44 -9.63
C LEU L 1747 43.60 91.57 -10.95
N PHE L 1748 43.08 92.41 -11.85
CA PHE L 1748 43.76 92.60 -13.12
C PHE L 1748 44.70 93.79 -13.02
N PRO L 1749 45.84 93.73 -13.72
CA PRO L 1749 46.72 94.89 -13.76
C PRO L 1749 46.09 96.01 -14.57
N PRO L 1750 46.27 97.27 -14.16
CA PRO L 1750 45.64 98.37 -14.88
C PRO L 1750 46.35 98.70 -16.18
N GLY L 1751 45.56 98.75 -17.25
CA GLY L 1751 46.08 99.03 -18.56
C GLY L 1751 45.07 98.78 -19.65
N ARG L 1758 41.33 94.25 -19.10
CA ARG L 1758 40.86 92.89 -18.92
C ARG L 1758 41.92 91.87 -19.36
N ARG L 1759 43.15 92.36 -19.52
CA ARG L 1759 44.27 91.51 -19.89
C ARG L 1759 44.80 90.83 -18.63
N HIS L 1760 44.90 89.52 -18.66
CA HIS L 1760 45.27 88.74 -17.48
C HIS L 1760 46.75 88.93 -17.17
N GLY L 1761 47.05 89.26 -15.92
CA GLY L 1761 48.41 89.52 -15.51
C GLY L 1761 49.26 88.27 -15.43
N LEU L 1762 50.58 88.49 -15.27
CA LEU L 1762 51.51 87.38 -15.21
C LEU L 1762 51.50 86.74 -13.82
N PRO L 1763 51.52 85.40 -13.75
CA PRO L 1763 51.52 84.75 -12.45
C PRO L 1763 52.86 84.87 -11.76
N GLY L 1764 52.83 85.11 -10.46
CA GLY L 1764 54.02 85.23 -9.66
C GLY L 1764 54.76 86.54 -9.78
N VAL L 1765 54.32 87.44 -10.65
CA VAL L 1765 54.99 88.70 -10.89
C VAL L 1765 54.16 89.78 -10.22
N GLY L 1766 54.81 90.63 -9.46
CA GLY L 1766 54.14 91.71 -8.78
C GLY L 1766 54.60 91.81 -7.34
N VAL L 1767 53.73 92.36 -6.51
CA VAL L 1767 54.00 92.56 -5.10
C VAL L 1767 53.01 91.77 -4.27
N THR L 1768 53.54 90.95 -3.36
CA THR L 1768 52.73 90.25 -2.37
C THR L 1768 53.06 90.82 -1.00
N THR L 1769 52.15 90.63 -0.05
CA THR L 1769 52.26 91.28 1.25
C THR L 1769 52.04 90.31 2.40
N SER L 1770 51.84 89.03 2.11
CA SER L 1770 51.58 88.06 3.17
C SER L 1770 52.84 87.83 3.98
N LEU L 1771 52.67 87.69 5.27
CA LEU L 1771 53.81 87.67 6.17
C LEU L 1771 54.51 86.33 6.11
N ARG L 1772 55.84 86.38 6.09
CA ARG L 1772 56.69 85.22 6.17
C ARG L 1772 57.92 85.58 6.98
N PRO L 1773 58.44 84.65 7.78
CA PRO L 1773 59.62 84.94 8.57
C PRO L 1773 60.86 84.96 7.69
N PRO L 1774 61.86 85.75 8.07
CA PRO L 1774 63.17 85.64 7.41
C PRO L 1774 63.86 84.36 7.80
N HIS L 1775 64.97 84.09 7.12
CA HIS L 1775 65.50 82.74 7.12
C HIS L 1775 66.53 82.50 8.21
N HIS L 1776 67.29 83.52 8.61
CA HIS L 1776 68.29 83.46 9.68
C HIS L 1776 69.37 82.41 9.40
N PHE L 1777 70.12 82.66 8.33
CA PHE L 1777 71.29 81.85 8.12
C PHE L 1777 72.44 82.34 9.00
N SER L 1778 73.40 81.44 9.24
CA SER L 1778 74.58 81.82 9.98
C SER L 1778 75.78 81.31 9.19
N PRO L 1779 76.85 82.10 9.07
CA PRO L 1779 77.99 81.67 8.28
C PRO L 1779 78.80 80.63 9.05
N PRO L 1780 79.36 79.65 8.36
CA PRO L 1780 80.12 78.61 9.04
C PRO L 1780 81.50 79.11 9.43
N CYS L 1781 82.01 78.55 10.52
CA CYS L 1781 83.36 78.80 10.97
C CYS L 1781 83.81 77.57 11.72
N PHE L 1782 85.11 77.45 11.97
CA PHE L 1782 85.63 76.31 12.71
C PHE L 1782 86.70 76.69 13.70
N VAL L 1783 87.04 77.97 13.80
CA VAL L 1783 88.01 78.42 14.78
C VAL L 1783 87.35 79.10 15.95
N ALA L 1784 86.02 79.26 15.92
CA ALA L 1784 85.32 79.83 17.07
C ALA L 1784 85.36 78.85 18.24
N ALA L 1785 85.46 79.42 19.44
CA ALA L 1785 85.64 78.61 20.64
C ALA L 1785 84.34 77.91 21.01
N LEU L 1786 84.46 76.78 21.67
CA LEU L 1786 83.28 76.02 22.06
C LEU L 1786 82.71 76.52 23.37
N PRO L 1787 81.44 76.90 23.41
CA PRO L 1787 80.79 77.14 24.70
C PRO L 1787 80.18 75.87 25.25
N ALA L 1788 80.07 75.80 26.59
CA ALA L 1788 79.48 74.68 27.34
C ALA L 1788 80.08 73.32 27.01
N GLU L 1793 73.76 73.86 27.96
CA GLU L 1793 73.06 73.51 26.73
C GLU L 1793 73.03 74.68 25.76
N ALA L 1794 73.45 74.42 24.52
CA ALA L 1794 73.40 75.43 23.49
C ALA L 1794 71.94 75.68 23.09
N PRO L 1795 71.59 76.92 22.69
CA PRO L 1795 70.21 77.18 22.26
C PRO L 1795 69.81 76.42 21.02
N ALA L 1796 70.54 76.64 19.93
CA ALA L 1796 70.27 76.04 18.62
C ALA L 1796 71.43 76.37 17.71
N ARG L 1797 71.45 75.71 16.55
CA ARG L 1797 72.33 76.08 15.47
C ARG L 1797 71.47 76.39 14.26
N LEU L 1798 71.77 77.49 13.58
CA LEU L 1798 71.04 77.79 12.36
C LEU L 1798 71.55 76.92 11.22
N SER L 1799 70.88 77.04 10.09
CA SER L 1799 71.40 76.39 8.89
C SER L 1799 72.63 77.15 8.40
N PRO L 1800 73.69 76.45 8.01
CA PRO L 1800 74.90 77.12 7.54
C PRO L 1800 74.66 77.81 6.21
N ALA L 1801 75.34 78.93 6.01
CA ALA L 1801 74.96 79.87 4.97
C ALA L 1801 75.73 79.63 3.69
N ILE L 1802 75.30 80.32 2.63
CA ILE L 1802 75.86 80.25 1.28
C ILE L 1802 75.33 81.46 0.53
N PRO L 1803 76.15 82.18 -0.23
CA PRO L 1803 75.69 83.44 -0.82
C PRO L 1803 74.64 83.27 -1.91
N LEU L 1804 73.41 83.66 -1.60
CA LEU L 1804 72.26 83.38 -2.44
C LEU L 1804 72.19 84.23 -3.70
N GLU L 1805 72.55 85.51 -3.62
CA GLU L 1805 72.50 86.38 -4.80
C GLU L 1805 73.51 85.95 -5.85
N ALA L 1806 74.63 85.39 -5.42
CA ALA L 1806 75.52 84.70 -6.35
C ALA L 1806 74.92 83.42 -6.89
N LEU L 1807 74.09 82.74 -6.10
CA LEU L 1807 73.62 81.43 -6.50
C LEU L 1807 72.53 81.49 -7.55
N ARG L 1808 71.68 82.51 -7.51
CA ARG L 1808 70.57 82.58 -8.44
C ARG L 1808 71.04 82.87 -9.87
N ASP L 1809 72.14 83.58 -10.03
CA ASP L 1809 72.67 83.81 -11.36
C ASP L 1809 73.29 82.55 -11.94
N LYS L 1810 73.89 81.72 -11.08
CA LYS L 1810 74.48 80.47 -11.56
C LYS L 1810 73.40 79.46 -11.90
N ALA L 1811 72.35 79.40 -11.09
CA ALA L 1811 71.30 78.41 -11.32
C ALA L 1811 70.47 78.74 -12.54
N LEU L 1812 70.20 80.02 -12.77
CA LEU L 1812 69.50 80.44 -13.98
C LEU L 1812 70.29 80.14 -15.24
N ARG L 1813 71.60 80.27 -15.17
CA ARG L 1813 72.46 80.04 -16.32
C ARG L 1813 72.49 78.58 -16.71
N MET L 1814 72.57 77.68 -15.73
CA MET L 1814 72.63 76.26 -16.04
C MET L 1814 71.30 75.73 -16.54
N LEU L 1815 70.19 76.33 -16.11
CA LEU L 1815 68.92 76.02 -16.75
C LEU L 1815 68.88 76.62 -18.15
N GLY L 1816 69.36 77.85 -18.31
CA GLY L 1816 69.24 78.56 -19.56
C GLY L 1816 70.00 77.94 -20.70
N GLU L 1817 71.13 77.31 -20.41
CA GLU L 1817 71.82 76.55 -21.44
C GLU L 1817 71.11 75.24 -21.74
N ALA L 1818 70.47 74.64 -20.73
CA ALA L 1818 69.99 73.28 -20.87
C ALA L 1818 68.76 73.21 -21.75
N VAL L 1819 67.89 74.22 -21.66
CA VAL L 1819 66.76 74.28 -22.58
C VAL L 1819 67.23 74.63 -23.99
N ARG L 1820 68.38 75.30 -24.11
CA ARG L 1820 68.91 75.62 -25.43
C ARG L 1820 69.70 74.45 -25.99
N ASP L 1821 70.53 73.81 -25.17
CA ASP L 1821 71.30 72.67 -25.64
C ASP L 1821 70.43 71.44 -25.90
N GLY L 1822 69.30 71.34 -25.22
CA GLY L 1822 68.39 70.24 -25.48
C GLY L 1822 67.72 70.28 -26.83
N GLY L 1823 67.63 71.45 -27.44
CA GLY L 1823 67.06 71.57 -28.76
C GLY L 1823 68.02 71.09 -29.82
N GLN L 1824 69.31 71.07 -29.49
CA GLN L 1824 70.31 70.62 -30.46
C GLN L 1824 70.29 69.12 -30.67
N HIS L 1825 69.66 68.37 -29.77
CA HIS L 1825 69.50 66.91 -29.83
C HIS L 1825 70.86 66.21 -29.92
N ALA L 1826 71.76 66.63 -29.04
CA ALA L 1826 73.10 66.09 -29.04
C ALA L 1826 73.11 64.64 -28.58
N ARG L 1827 74.01 63.86 -29.17
CA ARG L 1827 74.13 62.46 -28.83
C ARG L 1827 74.78 62.21 -27.49
N ASP L 1828 75.58 63.16 -26.98
CA ASP L 1828 76.25 63.03 -25.69
C ASP L 1828 75.69 64.11 -24.77
N PRO L 1829 74.61 63.83 -24.08
CA PRO L 1829 74.04 64.81 -23.15
C PRO L 1829 74.90 64.89 -21.90
N VAL L 1830 74.68 65.95 -21.13
CA VAL L 1830 75.43 66.17 -19.90
C VAL L 1830 75.02 65.13 -18.88
N GLY L 1831 75.98 64.42 -18.33
CA GLY L 1831 75.72 63.48 -17.27
C GLY L 1831 75.17 62.15 -17.71
N GLY L 1832 75.12 61.89 -19.01
CA GLY L 1832 74.85 60.57 -19.51
C GLY L 1832 73.43 60.30 -19.92
N SER L 1833 72.53 61.26 -19.74
CA SER L 1833 71.15 61.11 -20.19
C SER L 1833 70.53 62.50 -20.31
N VAL L 1834 69.29 62.53 -20.79
CA VAL L 1834 68.51 63.75 -20.64
C VAL L 1834 67.83 63.77 -19.28
N GLU L 1835 67.75 62.61 -18.63
CA GLU L 1835 67.15 62.54 -17.30
C GLU L 1835 68.05 63.22 -16.28
N PHE L 1836 69.34 62.91 -16.28
CA PHE L 1836 70.24 63.56 -15.35
C PHE L 1836 70.62 64.97 -15.76
N GLN L 1837 70.19 65.43 -16.91
CA GLN L 1837 70.54 66.78 -17.28
C GLN L 1837 69.58 67.78 -16.66
N PHE L 1838 68.38 67.35 -16.31
CA PHE L 1838 67.35 68.28 -15.89
C PHE L 1838 66.81 68.04 -14.48
N VAL L 1839 66.75 66.79 -14.04
CA VAL L 1839 66.25 66.46 -12.71
C VAL L 1839 67.13 67.09 -11.61
N PRO L 1840 68.46 67.08 -11.68
CA PRO L 1840 69.20 67.86 -10.68
C PRO L 1840 69.36 69.32 -11.03
N VAL L 1841 68.59 69.88 -11.95
CA VAL L 1841 68.65 71.33 -12.04
C VAL L 1841 67.26 71.91 -11.84
N LEU L 1842 66.21 71.12 -12.02
CA LEU L 1842 64.89 71.62 -11.70
C LEU L 1842 64.64 71.60 -10.21
N LYS L 1843 64.99 70.51 -9.54
CA LYS L 1843 64.71 70.39 -8.11
C LYS L 1843 65.61 71.28 -7.27
N LEU L 1844 66.59 71.94 -7.88
CA LEU L 1844 67.20 73.07 -7.22
C LEU L 1844 66.46 74.36 -7.56
N VAL L 1845 66.03 74.51 -8.81
CA VAL L 1845 65.34 75.75 -9.18
C VAL L 1845 63.95 75.78 -8.56
N SER L 1846 63.31 74.62 -8.44
CA SER L 1846 62.04 74.54 -7.75
C SER L 1846 62.16 74.87 -6.27
N THR L 1847 63.29 74.53 -5.64
CA THR L 1847 63.42 74.85 -4.23
C THR L 1847 64.10 76.19 -4.00
N LEU L 1848 64.60 76.83 -5.05
CA LEU L 1848 64.88 78.26 -4.92
C LEU L 1848 63.69 79.10 -5.35
N LEU L 1849 62.69 78.51 -5.96
CA LEU L 1849 61.53 79.30 -6.30
C LEU L 1849 60.52 79.32 -5.17
N VAL L 1850 60.47 78.26 -4.37
CA VAL L 1850 59.55 78.25 -3.24
C VAL L 1850 60.10 79.07 -2.09
N MET L 1851 61.41 79.30 -2.04
CA MET L 1851 61.95 80.15 -0.98
C MET L 1851 61.84 81.62 -1.30
N GLY L 1852 61.34 81.95 -2.49
CA GLY L 1852 61.02 83.32 -2.83
C GLY L 1852 62.21 84.25 -3.02
N ILE L 1853 63.40 83.68 -3.12
CA ILE L 1853 64.60 84.50 -3.21
C ILE L 1853 64.88 84.97 -4.64
N PHE L 1854 64.02 84.65 -5.59
CA PHE L 1854 64.20 85.13 -6.95
C PHE L 1854 63.54 86.50 -7.11
N GLY L 1855 64.18 87.37 -7.87
CA GLY L 1855 63.56 88.60 -8.29
C GLY L 1855 62.47 88.33 -9.30
N ASP L 1856 61.61 89.33 -9.49
CA ASP L 1856 60.50 89.17 -10.43
C ASP L 1856 60.99 89.17 -11.87
N GLU L 1857 62.07 89.91 -12.15
CA GLU L 1857 62.65 89.87 -13.48
C GLU L 1857 63.34 88.53 -13.73
N ASP L 1858 63.73 87.83 -12.67
CA ASP L 1858 64.29 86.50 -12.83
C ASP L 1858 63.20 85.51 -13.23
N VAL L 1859 62.07 85.56 -12.54
CA VAL L 1859 60.98 84.66 -12.89
C VAL L 1859 60.28 85.11 -14.16
N LYS L 1860 60.49 86.35 -14.59
CA LYS L 1860 60.10 86.73 -15.93
C LYS L 1860 60.91 85.96 -16.97
N GLN L 1861 62.18 85.73 -16.70
CA GLN L 1861 63.00 84.91 -17.59
C GLN L 1861 62.61 83.44 -17.49
N ILE L 1862 62.23 82.98 -16.30
CA ILE L 1862 61.84 81.59 -16.12
C ILE L 1862 60.54 81.30 -16.86
N LEU L 1863 59.64 82.28 -16.90
CA LEU L 1863 58.42 82.13 -17.69
C LEU L 1863 58.72 82.06 -19.17
N LYS L 1864 59.74 82.76 -19.63
CA LYS L 1864 60.16 82.62 -21.03
C LYS L 1864 60.74 81.24 -21.28
N MET L 1865 61.46 80.68 -20.31
CA MET L 1865 62.13 79.41 -20.54
C MET L 1865 61.21 78.22 -20.45
N ILE L 1866 59.94 78.43 -20.13
CA ILE L 1866 58.99 77.33 -20.10
C ILE L 1866 58.22 77.27 -21.41
N GLU L 1867 57.54 78.35 -21.75
CA GLU L 1867 56.85 78.47 -23.04
C GLU L 1867 56.80 79.94 -23.37
N PRO L 1868 57.75 80.43 -24.17
CA PRO L 1868 57.83 81.88 -24.41
C PRO L 1868 56.73 82.42 -25.30
N GLU L 1869 56.01 81.56 -26.00
CA GLU L 1869 54.91 82.00 -26.86
C GLU L 1869 53.73 82.55 -26.07
N VAL L 1870 53.60 82.15 -24.80
CA VAL L 1870 52.46 82.60 -24.01
C VAL L 1870 52.86 83.75 -23.10
N PHE L 1871 53.93 83.60 -22.34
CA PHE L 1871 54.22 84.50 -21.25
C PHE L 1871 55.07 85.70 -21.66
N THR L 1872 55.20 85.96 -22.95
CA THR L 1872 55.94 87.13 -23.40
C THR L 1872 55.07 88.36 -23.24
N GLU L 1873 55.62 89.40 -22.60
CA GLU L 1873 54.90 90.63 -22.35
C GLU L 1873 54.67 91.41 -23.64
N GLU L 1923 63.50 80.52 -29.47
CA GLU L 1923 63.79 79.14 -29.10
C GLU L 1923 62.50 78.34 -28.92
N GLU L 1924 62.64 77.03 -28.86
CA GLU L 1924 61.50 76.16 -28.61
C GLU L 1924 61.17 76.14 -27.13
N GLY L 1925 59.86 76.09 -26.82
CA GLY L 1925 59.42 76.04 -25.45
C GLY L 1925 59.76 74.72 -24.80
N LEU L 1926 59.82 74.76 -23.46
CA LEU L 1926 60.24 73.59 -22.71
C LEU L 1926 59.17 72.51 -22.68
N LEU L 1927 57.89 72.90 -22.68
CA LEU L 1927 56.82 71.93 -22.64
C LEU L 1927 56.70 71.12 -23.92
N GLN L 1928 57.09 71.71 -25.06
CA GLN L 1928 57.03 70.97 -26.31
C GLN L 1928 58.11 69.92 -26.42
N MET L 1929 59.16 70.03 -25.62
CA MET L 1929 60.27 69.10 -25.69
C MET L 1929 59.85 67.73 -25.18
N LYS L 1930 60.28 66.68 -25.89
CA LYS L 1930 60.02 65.32 -25.46
C LYS L 1930 60.81 65.02 -24.19
N LEU L 1931 60.10 64.66 -23.14
CA LEU L 1931 60.71 64.49 -21.84
C LEU L 1931 60.42 63.10 -21.31
N PRO L 1932 61.39 62.47 -20.66
CA PRO L 1932 61.13 61.22 -19.96
C PRO L 1932 60.32 61.50 -18.69
N GLU L 1933 59.80 60.43 -18.10
CA GLU L 1933 58.71 60.50 -17.13
C GLU L 1933 59.07 61.26 -15.85
N SER L 1934 60.29 61.07 -15.34
CA SER L 1934 60.64 61.72 -14.07
C SER L 1934 60.86 63.20 -14.25
N VAL L 1935 61.18 63.64 -15.46
CA VAL L 1935 61.41 65.07 -15.66
C VAL L 1935 60.07 65.78 -15.78
N LYS L 1936 59.01 65.05 -16.14
CA LYS L 1936 57.69 65.62 -16.07
C LYS L 1936 57.26 65.89 -14.64
N LEU L 1937 57.80 65.12 -13.69
CA LEU L 1937 57.37 65.23 -12.31
C LEU L 1937 57.83 66.54 -11.69
N GLN L 1938 59.08 66.94 -11.96
CA GLN L 1938 59.55 68.22 -11.46
C GLN L 1938 58.91 69.38 -12.19
N MET L 1939 58.43 69.16 -13.42
CA MET L 1939 57.62 70.16 -14.07
C MET L 1939 56.32 70.42 -13.33
N CYS L 1940 55.71 69.37 -12.78
CA CYS L 1940 54.51 69.57 -11.97
C CYS L 1940 54.83 70.29 -10.68
N ASN L 1941 55.94 69.94 -10.03
CA ASN L 1941 56.31 70.66 -8.82
C ASN L 1941 56.81 72.06 -9.12
N LEU L 1942 57.21 72.35 -10.35
CA LEU L 1942 57.46 73.73 -10.68
C LEU L 1942 56.16 74.47 -10.96
N LEU L 1943 55.25 73.83 -11.69
CA LEU L 1943 54.00 74.47 -12.03
C LEU L 1943 53.06 74.62 -10.85
N GLU L 1944 53.18 73.77 -9.84
CA GLU L 1944 52.34 73.91 -8.66
C GLU L 1944 52.65 75.16 -7.87
N TYR L 1945 53.89 75.67 -7.96
CA TYR L 1945 54.18 76.94 -7.31
C TYR L 1945 53.44 78.08 -7.99
N PHE L 1946 53.27 77.99 -9.29
CA PHE L 1946 52.76 79.13 -10.04
C PHE L 1946 51.26 79.32 -9.85
N CYS L 1947 50.51 78.22 -9.78
CA CYS L 1947 49.08 78.37 -9.55
C CYS L 1947 48.78 78.88 -8.15
N ASP L 1948 49.66 78.60 -7.18
CA ASP L 1948 49.46 79.15 -5.86
C ASP L 1948 49.76 80.64 -5.83
N GLN L 1949 50.69 81.10 -6.67
CA GLN L 1949 50.95 82.53 -6.72
C GLN L 1949 49.80 83.26 -7.42
N GLU L 1950 49.02 82.57 -8.23
CA GLU L 1950 47.77 83.15 -8.71
C GLU L 1950 46.75 83.21 -7.60
N LEU L 1951 46.73 82.20 -6.74
CA LEU L 1951 45.71 82.15 -5.70
C LEU L 1951 46.03 83.10 -4.57
N GLN L 1952 47.31 83.16 -4.17
CA GLN L 1952 47.69 84.06 -3.08
C GLN L 1952 47.58 85.52 -3.51
N HIS L 1953 47.76 85.78 -4.80
CA HIS L 1953 47.49 87.11 -5.32
C HIS L 1953 46.00 87.42 -5.33
N ARG L 1954 45.18 86.40 -5.61
CA ARG L 1954 43.73 86.60 -5.62
C ARG L 1954 43.19 86.90 -4.23
N VAL L 1955 43.68 86.19 -3.22
CA VAL L 1955 43.26 86.47 -1.85
C VAL L 1955 43.73 87.85 -1.42
N GLU L 1956 44.98 88.19 -1.74
CA GLU L 1956 45.50 89.51 -1.39
C GLU L 1956 44.86 90.61 -2.21
N SER L 1957 44.23 90.26 -3.34
CA SER L 1957 43.38 91.21 -4.02
C SER L 1957 42.08 91.43 -3.26
N LEU L 1958 41.49 90.34 -2.76
CA LEU L 1958 40.20 90.46 -2.09
C LEU L 1958 40.33 91.11 -0.72
N ALA L 1959 41.46 90.92 -0.06
CA ALA L 1959 41.72 91.63 1.18
C ALA L 1959 41.92 93.12 0.92
N ALA L 1960 42.47 93.48 -0.23
CA ALA L 1960 42.59 94.89 -0.58
C ALA L 1960 41.23 95.50 -0.91
N PHE L 1961 40.31 94.69 -1.42
CA PHE L 1961 39.00 95.18 -1.78
C PHE L 1961 38.17 95.49 -0.55
N ALA L 1962 38.32 94.70 0.51
CA ALA L 1962 37.42 94.79 1.65
C ALA L 1962 37.70 96.02 2.49
N GLU L 1963 38.97 96.35 2.71
CA GLU L 1963 39.30 97.52 3.50
C GLU L 1963 38.95 98.81 2.77
N ARG L 1964 38.92 98.77 1.44
CA ARG L 1964 38.31 99.86 0.70
C ARG L 1964 36.79 99.85 0.80
N TYR L 1965 36.19 98.69 1.04
CA TYR L 1965 34.75 98.56 1.06
C TYR L 1965 34.14 98.86 2.42
N VAL L 1966 34.70 98.31 3.50
CA VAL L 1966 34.11 98.51 4.82
C VAL L 1966 34.42 99.89 5.39
N ASP L 1967 35.48 100.55 4.93
CA ASP L 1967 35.67 101.96 5.27
C ASP L 1967 34.60 102.81 4.62
N LYS L 1968 34.16 102.42 3.43
CA LYS L 1968 33.04 103.04 2.76
C LYS L 1968 31.70 102.62 3.37
N LEU L 1969 31.67 101.53 4.13
CA LEU L 1969 30.40 101.02 4.64
C LEU L 1969 30.09 101.56 6.02
N GLN L 1970 31.11 101.85 6.83
CA GLN L 1970 30.86 102.35 8.18
C GLN L 1970 30.30 103.78 8.17
N ALA L 1971 30.84 104.64 7.32
CA ALA L 1971 30.31 106.00 7.21
C ALA L 1971 28.91 106.00 6.63
N ASN L 1972 28.56 105.02 5.81
CA ASN L 1972 27.21 104.90 5.30
C ASN L 1972 26.23 104.52 6.40
N GLN L 1973 26.64 103.61 7.30
CA GLN L 1973 25.77 103.23 8.40
C GLN L 1973 25.61 104.36 9.42
N ARG L 1974 26.72 104.99 9.80
CA ARG L 1974 26.69 106.01 10.84
C ARG L 1974 25.96 107.27 10.38
N SER L 1975 25.98 107.55 9.07
CA SER L 1975 25.13 108.61 8.56
C SER L 1975 23.67 108.19 8.53
N ARG L 1976 23.39 106.94 8.17
CA ARG L 1976 22.04 106.42 8.16
C ARG L 1976 21.48 106.30 9.58
N TYR L 1977 22.32 105.96 10.55
CA TYR L 1977 21.86 105.89 11.93
C TYR L 1977 21.56 107.27 12.50
N ALA L 1978 22.35 108.28 12.12
CA ALA L 1978 22.08 109.64 12.57
C ALA L 1978 20.79 110.17 11.96
N LEU L 1979 20.49 109.79 10.71
CA LEU L 1979 19.19 110.08 10.14
C LEU L 1979 18.09 109.29 10.81
N LEU L 1980 18.40 108.07 11.27
CA LEU L 1980 17.46 107.34 12.09
C LEU L 1980 17.35 107.97 13.48
N MET L 1981 18.42 108.59 13.97
CA MET L 1981 18.41 109.22 15.28
C MET L 1981 17.58 110.50 15.30
N ARG L 1982 17.29 111.09 14.15
CA ARG L 1982 16.51 112.32 14.06
C ARG L 1982 15.13 112.10 13.46
N ALA L 1983 14.79 110.85 13.14
CA ALA L 1983 13.51 110.52 12.52
C ALA L 1983 12.52 110.17 13.62
N PHE L 1984 11.43 110.94 13.69
CA PHE L 1984 10.37 110.70 14.67
C PHE L 1984 9.03 110.47 13.98
N THR L 1985 9.03 110.27 12.67
CA THR L 1985 7.81 110.14 11.89
C THR L 1985 7.13 108.78 12.05
N MET L 1986 7.79 107.82 12.68
CA MET L 1986 7.20 106.50 12.88
C MET L 1986 7.73 105.93 14.19
N SER L 1987 6.95 105.02 14.76
CA SER L 1987 7.34 104.31 15.98
C SER L 1987 7.28 102.81 15.86
N ALA L 1988 6.22 102.27 15.24
CA ALA L 1988 6.13 100.83 15.07
C ALA L 1988 7.05 100.34 13.96
N ALA L 1989 7.27 101.16 12.94
CA ALA L 1989 8.24 100.84 11.90
C ALA L 1989 9.64 101.32 12.25
N GLU L 1990 9.78 102.16 13.27
CA GLU L 1990 11.10 102.64 13.67
C GLU L 1990 11.92 101.52 14.30
N THR L 1991 11.28 100.67 15.10
CA THR L 1991 11.99 99.57 15.73
C THR L 1991 12.35 98.46 14.73
N ALA L 1992 11.62 98.36 13.62
CA ALA L 1992 12.04 97.48 12.55
C ALA L 1992 13.28 98.01 11.85
N ARG L 1993 13.52 99.32 11.92
CA ARG L 1993 14.79 99.87 11.50
C ARG L 1993 15.81 99.91 12.63
N ARG L 1994 15.37 99.65 13.87
CA ARG L 1994 16.26 99.68 15.02
C ARG L 1994 16.66 98.28 15.48
N THR L 1995 16.12 97.23 14.85
CA THR L 1995 16.57 95.88 15.19
C THR L 1995 17.99 95.63 14.71
N ARG L 1996 18.42 96.36 13.67
CA ARG L 1996 19.72 96.15 13.08
C ARG L 1996 20.78 96.99 13.75
N GLU L 1997 20.41 98.16 14.26
CA GLU L 1997 21.40 99.17 14.62
C GLU L 1997 22.14 98.81 15.89
N PHE L 1998 21.41 98.55 16.97
CA PHE L 1998 22.03 98.18 18.23
C PHE L 1998 21.39 96.96 18.86
N ARG L 1999 20.38 96.37 18.23
CA ARG L 1999 19.72 95.21 18.80
C ARG L 1999 20.32 93.91 18.26
N SER L 2000 20.86 93.93 17.07
CA SER L 2000 21.46 92.73 16.51
C SER L 2000 22.95 92.70 16.80
N PRO L 2001 23.57 91.52 16.85
CA PRO L 2001 25.02 91.46 16.98
C PRO L 2001 25.69 91.92 15.68
N PRO L 2002 26.93 92.40 15.76
CA PRO L 2002 27.59 92.91 14.53
C PRO L 2002 27.87 91.83 13.50
N GLN L 2003 27.95 90.58 13.91
CA GLN L 2003 28.01 89.49 12.95
C GLN L 2003 26.71 89.39 12.17
N GLU L 2004 25.57 89.57 12.83
CA GLU L 2004 24.30 89.51 12.15
C GLU L 2004 24.04 90.75 11.31
N GLN L 2005 24.75 91.85 11.57
CA GLN L 2005 24.58 93.05 10.76
C GLN L 2005 25.11 92.83 9.35
N ILE L 2006 26.33 92.31 9.23
CA ILE L 2006 26.97 92.13 7.93
C ILE L 2006 26.26 91.05 7.13
N ASN L 2007 25.72 90.04 7.80
CA ASN L 2007 24.89 89.05 7.12
C ASN L 2007 23.63 89.67 6.57
N MET L 2008 23.02 90.58 7.32
CA MET L 2008 21.85 91.28 6.84
C MET L 2008 22.17 92.34 5.81
N LEU L 2009 23.34 92.99 5.94
CA LEU L 2009 23.71 94.04 5.01
C LEU L 2009 24.04 93.53 3.62
N LEU L 2010 24.49 92.29 3.50
CA LEU L 2010 25.04 91.76 2.26
C LEU L 2010 24.07 90.85 1.54
N HIS L 2011 22.79 91.20 1.51
CA HIS L 2011 21.77 90.30 1.01
C HIS L 2011 21.33 90.62 -0.41
N PHE L 2012 21.91 91.63 -1.04
CA PHE L 2012 21.35 92.17 -2.27
C PHE L 2012 21.83 91.43 -3.52
N LYS L 2013 21.72 90.12 -3.51
CA LYS L 2013 21.85 89.33 -4.72
C LYS L 2013 20.50 88.71 -5.02
N ASP L 2014 19.98 88.99 -6.22
CA ASP L 2014 18.66 88.56 -6.70
C ASP L 2014 17.51 88.94 -5.76
N ASP L 2020 15.26 93.92 0.96
CA ASP L 2020 15.20 94.29 2.37
C ASP L 2020 16.57 94.75 2.87
N CYS L 2021 17.28 95.51 2.03
CA CYS L 2021 18.64 95.94 2.33
C CYS L 2021 18.68 97.45 2.55
N PRO L 2022 19.25 97.93 3.65
CA PRO L 2022 19.32 99.37 3.89
C PRO L 2022 20.41 100.10 3.11
N LEU L 2023 21.00 99.49 2.13
CA LEU L 2023 22.12 100.13 1.47
C LEU L 2023 21.67 100.81 0.18
N PRO L 2024 22.28 101.94 -0.17
CA PRO L 2024 21.95 102.62 -1.42
C PRO L 2024 22.43 101.83 -2.63
N GLU L 2025 21.87 102.17 -3.79
CA GLU L 2025 22.21 101.50 -5.03
C GLU L 2025 23.60 101.84 -5.53
N ASP L 2026 24.22 102.90 -5.03
CA ASP L 2026 25.56 103.28 -5.47
C ASP L 2026 26.63 102.32 -4.97
N ILE L 2027 26.61 101.99 -3.68
CA ILE L 2027 27.63 101.13 -3.10
C ILE L 2027 27.14 99.69 -2.99
N ARG L 2028 25.98 99.38 -3.56
CA ARG L 2028 25.57 97.98 -3.69
C ARG L 2028 25.85 97.42 -5.08
N GLN L 2029 26.17 98.27 -6.04
CA GLN L 2029 26.45 97.81 -7.39
C GLN L 2029 27.92 97.51 -7.62
N ASP L 2030 28.82 98.28 -7.00
CA ASP L 2030 30.24 98.10 -7.23
C ASP L 2030 30.75 96.79 -6.66
N LEU L 2031 30.08 96.26 -5.64
CA LEU L 2031 30.35 94.91 -5.18
C LEU L 2031 30.04 93.89 -6.27
N GLN L 2032 28.87 94.01 -6.89
CA GLN L 2032 28.55 93.16 -8.04
C GLN L 2032 29.47 93.44 -9.22
N ASP L 2033 29.90 94.70 -9.39
CA ASP L 2033 30.92 94.99 -10.38
C ASP L 2033 32.25 94.33 -10.01
N PHE L 2034 32.58 94.31 -8.72
CA PHE L 2034 33.75 93.58 -8.26
C PHE L 2034 33.57 92.09 -8.42
N HIS L 2035 32.36 91.59 -8.18
CA HIS L 2035 32.09 90.16 -8.23
C HIS L 2035 32.22 89.64 -9.65
N GLN L 2036 31.86 90.45 -10.64
CA GLN L 2036 32.11 90.06 -12.02
C GLN L 2036 33.57 90.18 -12.39
N ASP L 2037 34.35 90.97 -11.66
CA ASP L 2037 35.78 91.05 -11.94
C ASP L 2037 36.51 89.81 -11.43
N LEU L 2038 35.89 89.05 -10.53
CA LEU L 2038 36.59 87.94 -9.92
C LEU L 2038 36.30 86.63 -10.62
N LEU L 2039 35.06 86.42 -11.08
CA LEU L 2039 34.74 85.19 -11.78
C LEU L 2039 35.43 85.14 -13.14
N ALA L 2040 35.50 86.28 -13.82
CA ALA L 2040 36.28 86.36 -15.04
C ALA L 2040 37.76 86.21 -14.78
N HIS L 2041 38.24 86.63 -13.60
CA HIS L 2041 39.61 86.35 -13.23
C HIS L 2041 39.82 84.86 -13.02
N CYS L 2042 38.79 84.16 -12.57
CA CYS L 2042 38.85 82.71 -12.51
C CYS L 2042 38.44 82.14 -13.85
N GLY L 2043 38.33 80.81 -13.93
CA GLY L 2043 38.09 80.13 -15.18
C GLY L 2043 36.69 80.29 -15.76
N ILE L 2044 35.73 80.79 -14.98
CA ILE L 2044 34.39 80.98 -15.49
C ILE L 2044 34.39 82.17 -16.45
N GLN L 2045 33.93 81.93 -17.67
CA GLN L 2045 33.89 83.00 -18.67
C GLN L 2045 32.84 84.04 -18.32
N LEU L 2046 31.73 83.61 -17.69
CA LEU L 2046 30.73 84.48 -17.07
C LEU L 2046 30.07 85.41 -18.08
N GLU L 2047 29.43 84.82 -19.10
CA GLU L 2047 28.74 85.59 -20.12
C GLU L 2047 27.46 86.19 -19.56
N PRO L 2091 46.90 79.58 -26.92
CA PRO L 2091 46.43 79.66 -25.53
C PRO L 2091 47.00 80.85 -24.81
N GLN L 2092 46.19 81.88 -24.59
CA GLN L 2092 46.64 83.10 -23.96
C GLN L 2092 46.39 83.12 -22.45
N SER L 2093 46.09 81.97 -21.86
CA SER L 2093 45.79 81.90 -20.43
C SER L 2093 46.59 80.76 -19.83
N LEU L 2094 46.87 80.90 -18.53
CA LEU L 2094 47.63 79.87 -17.82
C LEU L 2094 46.83 78.59 -17.68
N GLN L 2095 45.57 78.69 -17.28
CA GLN L 2095 44.74 77.50 -17.14
C GLN L 2095 44.40 76.91 -18.50
N GLU L 2096 44.34 77.75 -19.53
CA GLU L 2096 44.27 77.25 -20.89
C GLU L 2096 45.51 76.47 -21.28
N LEU L 2097 46.68 76.90 -20.78
CA LEU L 2097 47.92 76.21 -21.10
C LEU L 2097 48.01 74.86 -20.41
N VAL L 2098 47.69 74.83 -19.12
CA VAL L 2098 47.86 73.63 -18.31
C VAL L 2098 46.89 72.55 -18.77
N SER L 2099 45.63 72.93 -19.00
CA SER L 2099 44.60 71.96 -19.39
C SER L 2099 44.89 71.38 -20.76
N HIS L 2100 45.54 72.13 -21.63
CA HIS L 2100 46.06 71.54 -22.85
C HIS L 2100 47.22 70.62 -22.57
N MET L 2101 48.16 71.06 -21.73
CA MET L 2101 49.42 70.36 -21.60
C MET L 2101 49.27 69.05 -20.82
N VAL L 2102 48.41 69.05 -19.81
CA VAL L 2102 48.32 67.86 -18.96
C VAL L 2102 47.59 66.75 -19.69
N VAL L 2103 46.52 67.11 -20.41
CA VAL L 2103 45.77 66.11 -21.17
C VAL L 2103 46.63 65.54 -22.29
N ARG L 2104 47.41 66.38 -22.96
CA ARG L 2104 48.29 65.92 -24.04
C ARG L 2104 49.36 64.99 -23.52
N TRP L 2105 49.77 65.15 -22.25
CA TRP L 2105 50.72 64.22 -21.67
C TRP L 2105 50.11 62.85 -21.49
N ALA L 2106 48.80 62.76 -21.29
CA ALA L 2106 48.18 61.46 -21.23
C ALA L 2106 48.07 60.82 -22.60
N GLN L 2107 47.96 61.62 -23.64
CA GLN L 2107 47.93 61.07 -24.99
C GLN L 2107 49.31 60.67 -25.49
N GLU L 2108 50.38 61.08 -24.81
CA GLU L 2108 51.71 60.72 -25.25
C GLU L 2108 51.97 59.24 -25.04
N ASP L 2109 51.76 58.74 -23.83
CA ASP L 2109 52.04 57.34 -23.54
C ASP L 2109 51.20 56.90 -22.37
N TYR L 2110 51.34 55.63 -22.01
CA TYR L 2110 50.68 55.09 -20.84
C TYR L 2110 51.61 55.21 -19.64
N VAL L 2111 51.36 56.20 -18.79
CA VAL L 2111 52.27 56.52 -17.71
C VAL L 2111 52.16 55.46 -16.61
N GLN L 2112 53.31 54.96 -16.15
CA GLN L 2112 53.32 53.88 -15.16
C GLN L 2112 53.66 54.36 -13.76
N SER L 2113 54.40 55.46 -13.62
CA SER L 2113 54.82 55.92 -12.31
C SER L 2113 53.63 56.52 -11.58
N PRO L 2114 53.17 55.91 -10.49
CA PRO L 2114 51.94 56.38 -9.84
C PRO L 2114 52.07 57.72 -9.19
N GLU L 2115 53.30 58.18 -8.94
CA GLU L 2115 53.46 59.51 -8.37
C GLU L 2115 53.10 60.59 -9.37
N LEU L 2116 53.52 60.43 -10.62
CA LEU L 2116 53.26 61.45 -11.63
C LEU L 2116 51.78 61.54 -11.96
N VAL L 2117 51.08 60.41 -11.97
CA VAL L 2117 49.67 60.42 -12.33
C VAL L 2117 48.85 61.07 -11.23
N ARG L 2118 49.37 61.12 -10.01
CA ARG L 2118 48.67 61.86 -8.97
C ARG L 2118 48.97 63.34 -9.08
N ALA L 2119 50.21 63.69 -9.39
CA ALA L 2119 50.56 65.10 -9.49
C ALA L 2119 50.01 65.73 -10.76
N MET L 2120 49.68 64.93 -11.76
CA MET L 2120 49.02 65.49 -12.94
C MET L 2120 47.59 65.89 -12.62
N PHE L 2121 46.80 64.93 -12.18
CA PHE L 2121 45.36 65.12 -12.05
C PHE L 2121 45.02 66.08 -10.92
N SER L 2122 45.86 66.15 -9.89
CA SER L 2122 45.64 67.15 -8.85
C SER L 2122 45.91 68.55 -9.37
N LEU L 2123 46.79 68.67 -10.36
CA LEU L 2123 46.99 69.97 -10.97
C LEU L 2123 45.81 70.33 -11.87
N LEU L 2124 45.27 69.33 -12.57
CA LEU L 2124 44.25 69.61 -13.57
C LEU L 2124 42.92 69.99 -12.94
N HIS L 2125 42.54 69.30 -11.86
CA HIS L 2125 41.33 69.63 -11.13
C HIS L 2125 41.44 71.00 -10.47
N ARG L 2126 42.65 71.45 -10.17
CA ARG L 2126 42.86 72.75 -9.55
C ARG L 2126 42.51 73.90 -10.48
N GLN L 2127 42.55 73.67 -11.79
CA GLN L 2127 42.28 74.77 -12.70
C GLN L 2127 40.80 74.86 -13.06
N TYR L 2128 40.13 73.73 -13.17
CA TYR L 2128 38.76 73.74 -13.66
C TYR L 2128 37.79 74.20 -12.57
N ASP L 2129 37.98 73.72 -11.34
CA ASP L 2129 37.20 74.22 -10.21
C ASP L 2129 38.03 75.29 -9.51
N GLY L 2130 38.35 76.33 -10.28
CA GLY L 2130 39.14 77.43 -9.78
C GLY L 2130 38.41 78.25 -8.76
N LEU L 2131 37.07 78.22 -8.83
CA LEU L 2131 36.25 78.80 -7.78
C LEU L 2131 36.41 78.06 -6.46
N GLY L 2132 36.27 76.73 -6.49
CA GLY L 2132 36.42 75.94 -5.29
C GLY L 2132 37.83 75.93 -4.76
N GLU L 2133 38.82 76.11 -5.64
CA GLU L 2133 40.19 76.26 -5.17
C GLU L 2133 40.36 77.55 -4.38
N LEU L 2134 39.65 78.61 -4.76
CA LEU L 2134 39.67 79.83 -3.97
C LEU L 2134 38.94 79.64 -2.65
N LEU L 2135 37.88 78.84 -2.67
CA LEU L 2135 37.04 78.70 -1.49
C LEU L 2135 37.77 77.97 -0.37
N ARG L 2136 38.42 76.84 -0.68
CA ARG L 2136 39.01 76.00 0.35
C ARG L 2136 40.20 76.66 1.05
N ALA L 2137 40.81 77.66 0.43
CA ALA L 2137 41.87 78.40 1.10
C ALA L 2137 41.34 79.46 2.05
N LEU L 2138 40.18 80.02 1.74
CA LEU L 2138 39.60 81.16 2.45
C LEU L 2138 39.35 81.00 3.95
N PRO L 2139 39.11 79.79 4.50
CA PRO L 2139 39.17 79.67 5.96
C PRO L 2139 40.54 79.94 6.55
N ARG L 2140 41.61 79.78 5.79
CA ARG L 2140 42.93 80.13 6.28
C ARG L 2140 43.30 81.57 5.95
N ALA L 2141 42.31 82.41 5.66
CA ALA L 2141 42.54 83.82 5.39
C ALA L 2141 42.20 84.60 6.64
N TYR L 2142 43.13 85.45 7.08
CA TYR L 2142 42.92 86.30 8.23
C TYR L 2142 43.54 87.66 7.99
N THR L 2143 43.05 88.65 8.71
CA THR L 2143 43.42 90.03 8.44
C THR L 2143 43.74 90.72 9.74
N ILE L 2144 44.95 91.29 9.85
CA ILE L 2144 45.40 91.90 11.09
C ILE L 2144 45.66 93.38 10.88
N SER L 2145 45.97 94.06 11.98
CA SER L 2145 46.30 95.47 12.05
C SER L 2145 47.79 95.68 11.78
N PRO L 2146 48.14 96.76 11.07
CA PRO L 2146 49.56 97.01 10.77
C PRO L 2146 50.41 97.38 11.96
N SER L 2147 49.81 97.72 13.10
CA SER L 2147 50.57 97.96 14.30
C SER L 2147 50.90 96.67 15.05
N SER L 2148 50.37 95.53 14.61
CA SER L 2148 50.60 94.27 15.29
C SER L 2148 51.60 93.38 14.56
N VAL L 2149 52.12 93.83 13.42
CA VAL L 2149 53.01 93.01 12.60
C VAL L 2149 54.35 92.81 13.29
N GLU L 2150 54.82 93.82 14.04
CA GLU L 2150 56.12 93.73 14.70
C GLU L 2150 56.15 92.69 15.81
N ASP L 2151 54.99 92.28 16.31
CA ASP L 2151 54.92 91.16 17.23
C ASP L 2151 54.42 89.88 16.58
N THR L 2152 53.74 89.97 15.44
CA THR L 2152 53.17 88.78 14.82
C THR L 2152 54.23 87.92 14.17
N MET L 2153 55.19 88.55 13.48
CA MET L 2153 56.26 87.76 12.91
C MET L 2153 57.22 87.25 13.97
N SER L 2154 57.27 87.92 15.12
CA SER L 2154 57.99 87.34 16.26
C SER L 2154 57.25 86.14 16.82
N LEU L 2155 55.94 86.09 16.66
CA LEU L 2155 55.19 84.91 17.06
C LEU L 2155 55.44 83.74 16.11
N LEU L 2156 55.39 84.00 14.81
CA LEU L 2156 55.45 82.94 13.81
C LEU L 2156 56.77 82.21 13.78
N GLU L 2157 57.88 82.90 14.07
CA GLU L 2157 59.14 82.19 14.22
C GLU L 2157 59.13 81.28 15.43
N CYS L 2158 58.48 81.72 16.51
CA CYS L 2158 58.32 80.84 17.67
C CYS L 2158 57.27 79.78 17.43
N LEU L 2159 56.46 79.91 16.38
CA LEU L 2159 55.61 78.81 15.98
C LEU L 2159 56.38 77.76 15.20
N GLY L 2160 57.28 78.20 14.32
CA GLY L 2160 57.97 77.30 13.40
C GLY L 2160 58.86 76.29 14.07
N GLN L 2161 59.40 76.60 15.25
CA GLN L 2161 60.26 75.66 15.95
C GLN L 2161 59.48 74.45 16.42
N ILE L 2162 58.18 74.62 16.64
CA ILE L 2162 57.36 73.50 17.08
C ILE L 2162 57.14 72.52 15.93
N ARG L 2163 56.84 73.06 14.74
CA ARG L 2163 56.60 72.22 13.58
C ARG L 2163 57.86 71.54 13.11
N SER L 2164 59.02 72.16 13.33
CA SER L 2164 60.28 71.47 13.13
C SER L 2164 60.46 70.35 14.14
N LEU L 2165 59.92 70.49 15.33
CA LEU L 2165 59.98 69.41 16.31
C LEU L 2165 58.83 68.43 16.17
N LEU L 2166 57.97 68.59 15.17
CA LEU L 2166 56.96 67.58 14.91
C LEU L 2166 57.59 66.33 14.33
N ILE L 2167 58.64 66.48 13.51
CA ILE L 2167 59.16 65.40 12.70
C ILE L 2167 60.39 64.73 13.26
N VAL L 2168 60.90 65.19 14.38
CA VAL L 2168 62.07 64.57 15.01
C VAL L 2168 61.63 63.87 16.29
N GLN L 2169 62.13 62.66 16.49
CA GLN L 2169 61.86 61.92 17.72
C GLN L 2169 62.47 62.66 18.89
N MET L 2170 61.68 62.81 19.95
CA MET L 2170 62.00 63.76 21.00
C MET L 2170 63.10 63.25 21.92
N GLY L 2171 64.13 64.08 22.11
CA GLY L 2171 65.17 63.79 23.04
C GLY L 2171 65.24 64.84 24.13
N PRO L 2172 66.20 64.70 25.05
CA PRO L 2172 66.21 65.56 26.23
C PRO L 2172 66.63 66.99 25.97
N GLN L 2173 67.16 67.31 24.79
CA GLN L 2173 67.52 68.69 24.52
C GLN L 2173 66.38 69.51 23.95
N GLU L 2174 65.75 69.03 22.88
CA GLU L 2174 64.68 69.76 22.19
C GLU L 2174 63.44 69.90 23.04
N GLU L 2175 63.29 69.06 24.07
CA GLU L 2175 62.31 69.31 25.12
C GLU L 2175 62.50 70.70 25.70
N ASN L 2176 63.74 71.07 26.02
CA ASN L 2176 64.00 72.41 26.52
C ASN L 2176 63.84 73.46 25.44
N LEU L 2177 63.91 73.05 24.17
CA LEU L 2177 63.52 73.96 23.10
C LEU L 2177 62.02 74.12 23.03
N MET L 2178 61.28 73.05 23.31
CA MET L 2178 59.83 73.13 23.20
C MET L 2178 59.23 73.95 24.32
N ILE L 2179 59.71 73.75 25.56
CA ILE L 2179 59.18 74.48 26.70
C ILE L 2179 59.50 75.96 26.58
N GLN L 2180 60.73 76.28 26.18
CA GLN L 2180 61.11 77.66 25.99
C GLN L 2180 60.38 78.28 24.81
N SER L 2181 59.99 77.47 23.83
CA SER L 2181 59.14 77.97 22.77
C SER L 2181 57.76 78.31 23.31
N ILE L 2182 57.09 77.33 23.94
CA ILE L 2182 55.74 77.48 24.44
C ILE L 2182 55.65 78.58 25.49
N GLY L 2183 56.62 78.64 26.38
CA GLY L 2183 56.72 79.74 27.33
C GLY L 2183 56.97 81.09 26.70
N ASN L 2184 57.36 81.14 25.43
CA ASN L 2184 57.45 82.40 24.73
C ASN L 2184 56.22 82.66 23.87
N ILE L 2185 55.35 81.68 23.68
CA ILE L 2185 54.10 81.96 22.99
C ILE L 2185 53.10 82.62 23.91
N MET L 2186 52.93 82.11 25.12
CA MET L 2186 51.82 82.48 25.98
C MET L 2186 52.00 83.84 26.64
N ASN L 2187 53.05 84.57 26.32
CA ASN L 2187 53.19 85.96 26.75
C ASN L 2187 53.58 86.81 25.57
N ASN L 2188 52.88 86.62 24.45
CA ASN L 2188 53.17 87.34 23.22
C ASN L 2188 52.02 88.20 22.75
N LYS L 2189 50.91 88.23 23.50
CA LYS L 2189 49.82 89.22 23.48
C LYS L 2189 48.93 89.17 22.26
N VAL L 2190 49.30 88.44 21.20
CA VAL L 2190 48.45 88.40 20.03
C VAL L 2190 47.70 87.07 20.00
N PHE L 2191 48.25 86.06 20.67
CA PHE L 2191 47.59 84.78 20.91
C PHE L 2191 46.23 84.95 21.57
N TYR L 2192 46.05 85.98 22.39
CA TYR L 2192 44.76 86.27 22.99
C TYR L 2192 43.84 87.08 22.11
N GLN L 2193 44.31 88.19 21.54
CA GLN L 2193 43.38 89.12 20.92
C GLN L 2193 42.91 88.70 19.54
N HIS L 2194 43.36 87.55 19.03
CA HIS L 2194 42.83 87.00 17.79
C HIS L 2194 42.71 85.48 17.95
N PRO L 2195 41.71 85.00 18.68
CA PRO L 2195 41.60 83.55 18.90
C PRO L 2195 41.13 82.80 17.68
N ASN L 2196 40.52 83.49 16.72
CA ASN L 2196 40.23 82.84 15.45
C ASN L 2196 41.50 82.52 14.68
N LEU L 2197 42.49 83.42 14.70
CA LEU L 2197 43.73 83.23 13.97
C LEU L 2197 44.58 82.11 14.53
N MET L 2198 44.70 82.00 15.84
CA MET L 2198 45.44 80.90 16.44
C MET L 2198 44.77 79.57 16.15
N ARG L 2199 43.45 79.56 16.09
CA ARG L 2199 42.74 78.38 15.65
C ARG L 2199 42.93 78.16 14.15
N ALA L 2200 43.03 79.24 13.38
CA ALA L 2200 43.19 79.13 11.94
C ALA L 2200 44.56 78.58 11.55
N LEU L 2201 45.60 78.85 12.32
CA LEU L 2201 46.91 78.33 11.98
C LEU L 2201 47.12 76.89 12.41
N GLY L 2202 46.11 76.27 13.02
CA GLY L 2202 46.27 74.90 13.47
C GLY L 2202 47.23 74.77 14.63
N MET L 2203 47.42 75.84 15.40
CA MET L 2203 48.32 75.78 16.54
C MET L 2203 47.78 74.83 17.61
N HIS L 2204 46.46 74.83 17.80
CA HIS L 2204 45.87 73.92 18.77
C HIS L 2204 45.97 72.49 18.31
N GLU L 2205 46.03 72.24 17.01
CA GLU L 2205 46.27 70.90 16.55
C GLU L 2205 47.70 70.46 16.79
N THR L 2206 48.66 71.36 16.52
CA THR L 2206 50.06 71.02 16.56
C THR L 2206 50.54 70.60 17.94
N VAL L 2207 50.06 71.28 18.99
CA VAL L 2207 50.52 70.94 20.32
C VAL L 2207 49.91 69.63 20.80
N MET L 2208 48.82 69.19 20.15
CA MET L 2208 48.28 67.89 20.52
C MET L 2208 49.17 66.74 20.08
N GLU L 2209 49.68 66.77 18.85
CA GLU L 2209 50.44 65.64 18.34
C GLU L 2209 51.79 65.47 19.02
N VAL L 2210 52.38 66.54 19.53
CA VAL L 2210 53.60 66.34 20.31
C VAL L 2210 53.29 65.79 21.68
N MET L 2211 52.04 65.88 22.14
CA MET L 2211 51.64 65.11 23.30
C MET L 2211 51.25 63.69 22.92
N VAL L 2212 50.92 63.44 21.66
CA VAL L 2212 50.61 62.09 21.24
C VAL L 2212 51.87 61.23 21.23
N ASN L 2213 52.95 61.78 20.67
CA ASN L 2213 54.15 60.99 20.43
C ASN L 2213 54.86 60.63 21.71
N VAL L 2214 54.69 61.42 22.76
CA VAL L 2214 55.39 61.15 24.01
C VAL L 2214 54.67 60.11 24.84
N LEU L 2215 53.34 60.16 24.88
CA LEU L 2215 52.60 59.14 25.62
C LEU L 2215 52.62 57.79 24.92
N GLY L 2216 52.84 57.77 23.61
CA GLY L 2216 52.87 56.52 22.87
C GLY L 2216 51.49 55.93 22.68
N GLU L 2222 55.32 53.79 30.56
CA GLU L 2222 56.09 54.68 31.41
C GLU L 2222 56.36 56.02 30.73
N ILE L 2223 56.27 57.10 31.49
CA ILE L 2223 56.45 58.44 30.95
C ILE L 2223 57.93 58.72 30.78
N ARG L 2224 58.33 59.06 29.56
CA ARG L 2224 59.71 59.40 29.29
C ARG L 2224 60.06 60.81 29.74
N PHE L 2225 59.23 61.80 29.42
CA PHE L 2225 59.56 63.21 29.65
C PHE L 2225 58.37 63.92 30.28
N PRO L 2226 58.23 63.82 31.59
CA PRO L 2226 57.04 64.39 32.25
C PRO L 2226 57.04 65.90 32.33
N LYS L 2227 58.22 66.51 32.34
CA LYS L 2227 58.28 67.96 32.45
C LYS L 2227 57.81 68.63 31.17
N MET L 2228 57.85 67.91 30.06
CA MET L 2228 57.28 68.41 28.83
C MET L 2228 55.76 68.35 28.88
N VAL L 2229 55.21 67.20 29.24
CA VAL L 2229 53.79 66.93 29.04
C VAL L 2229 52.92 67.78 29.95
N THR L 2230 53.46 68.29 31.05
CA THR L 2230 52.72 69.24 31.86
C THR L 2230 52.56 70.57 31.15
N SER L 2231 53.66 71.11 30.62
CA SER L 2231 53.59 72.44 30.03
C SER L 2231 52.80 72.45 28.73
N CYS L 2232 52.68 71.31 28.07
CA CYS L 2232 51.78 71.27 26.93
C CYS L 2232 50.33 71.28 27.35
N CYS L 2233 49.97 70.43 28.31
CA CYS L 2233 48.57 70.40 28.74
C CYS L 2233 48.22 71.64 29.54
N ARG L 2234 49.22 72.29 30.13
CA ARG L 2234 48.98 73.60 30.74
C ARG L 2234 48.66 74.64 29.68
N PHE L 2235 49.27 74.52 28.51
CA PHE L 2235 48.99 75.46 27.44
C PHE L 2235 47.58 75.29 26.91
N LEU L 2236 47.12 74.04 26.77
CA LEU L 2236 45.78 73.81 26.27
C LEU L 2236 44.70 74.26 27.26
N CYS L 2237 44.93 74.08 28.56
CA CYS L 2237 43.99 74.55 29.55
C CYS L 2237 43.90 76.07 29.55
N TYR L 2238 45.03 76.75 29.36
CA TYR L 2238 44.99 78.18 29.19
C TYR L 2238 44.50 78.58 27.82
N PHE L 2239 44.44 77.65 26.88
CA PHE L 2239 43.88 77.97 25.57
C PHE L 2239 42.37 77.86 25.57
N CYS L 2240 41.82 76.92 26.31
CA CYS L 2240 40.40 76.59 26.24
C CYS L 2240 39.49 77.69 26.75
N ARG L 2241 40.01 78.64 27.54
CA ARG L 2241 39.21 79.72 28.08
C ARG L 2241 39.46 81.04 27.38
N ILE L 2242 40.10 81.03 26.21
CA ILE L 2242 40.30 82.28 25.50
C ILE L 2242 39.02 82.66 24.76
N SER L 2243 38.47 81.73 24.00
CA SER L 2243 37.15 81.93 23.42
C SER L 2243 36.39 80.63 23.55
N ARG L 2244 35.07 80.73 23.45
CA ARG L 2244 34.24 79.55 23.62
C ARG L 2244 34.33 78.61 22.44
N GLN L 2245 34.47 79.13 21.23
CA GLN L 2245 34.60 78.28 20.07
C GLN L 2245 35.93 77.57 19.99
N ASN L 2246 36.96 78.09 20.67
CA ASN L 2246 38.20 77.34 20.78
C ASN L 2246 38.01 76.15 21.69
N GLN L 2247 37.26 76.31 22.77
CA GLN L 2247 36.85 75.19 23.59
C GLN L 2247 35.99 74.21 22.81
N ARG L 2248 35.18 74.70 21.87
CA ARG L 2248 34.41 73.82 21.01
C ARG L 2248 35.30 72.94 20.16
N SER L 2249 36.39 73.50 19.64
CA SER L 2249 37.32 72.71 18.84
C SER L 2249 38.06 71.69 19.68
N MET L 2250 38.58 72.10 20.83
CA MET L 2250 39.32 71.20 21.70
C MET L 2250 38.47 70.08 22.26
N PHE L 2251 37.16 70.30 22.35
CA PHE L 2251 36.21 69.29 22.77
C PHE L 2251 36.21 68.07 21.86
N ASP L 2252 36.53 68.25 20.57
CA ASP L 2252 36.34 67.21 19.59
C ASP L 2252 37.34 66.07 19.73
N HIS L 2253 38.45 66.29 20.40
CA HIS L 2253 39.44 65.26 20.62
C HIS L 2253 39.25 64.56 21.96
N LEU L 2254 38.02 64.47 22.45
CA LEU L 2254 37.77 64.00 23.80
C LEU L 2254 38.09 62.54 24.00
N SER L 2255 37.65 61.67 23.08
CA SER L 2255 37.83 60.24 23.26
C SER L 2255 39.30 59.84 23.23
N TYR L 2256 40.11 60.53 22.43
CA TYR L 2256 41.53 60.31 22.52
C TYR L 2256 42.11 60.81 23.83
N LEU L 2257 41.75 62.03 24.24
CA LEU L 2257 42.15 62.57 25.54
C LEU L 2257 41.68 61.69 26.68
N LEU L 2258 40.53 61.05 26.53
CA LEU L 2258 40.03 60.15 27.54
C LEU L 2258 40.79 58.84 27.59
N GLU L 2259 41.38 58.41 26.47
CA GLU L 2259 42.05 57.11 26.45
C GLU L 2259 43.36 57.13 27.21
N ASN L 2260 43.88 58.32 27.51
CA ASN L 2260 45.14 58.47 28.23
C ASN L 2260 44.99 59.22 29.53
N SER L 2261 44.02 58.82 30.36
CA SER L 2261 43.89 59.42 31.69
C SER L 2261 45.05 59.05 32.59
N GLY L 2262 45.68 57.90 32.38
CA GLY L 2262 46.82 57.48 33.17
C GLY L 2262 48.08 58.27 32.89
N MET L 2267 49.82 61.12 38.94
CA MET L 2267 51.09 61.83 38.99
C MET L 2267 50.89 63.31 39.31
N GLN L 2268 51.92 63.95 39.85
CA GLN L 2268 51.82 65.33 40.31
C GLN L 2268 51.83 66.29 39.12
N GLY L 2269 51.56 67.57 39.41
CA GLY L 2269 51.44 68.56 38.37
C GLY L 2269 50.14 68.42 37.61
N SER L 2270 50.04 69.00 36.43
CA SER L 2270 48.84 68.87 35.62
C SER L 2270 48.82 67.54 34.89
N THR L 2271 47.88 67.41 33.96
CA THR L 2271 47.54 66.12 33.40
C THR L 2271 46.80 66.32 32.08
N PRO L 2272 46.78 65.32 31.19
CA PRO L 2272 45.90 65.37 30.03
C PRO L 2272 44.43 65.40 30.38
N LEU L 2273 44.04 64.92 31.56
CA LEU L 2273 42.62 64.87 31.88
C LEU L 2273 42.09 66.25 32.26
N ASP L 2274 42.93 67.12 32.82
CA ASP L 2274 42.45 68.46 33.13
C ASP L 2274 42.29 69.30 31.89
N VAL L 2275 42.90 68.90 30.78
CA VAL L 2275 42.54 69.45 29.49
C VAL L 2275 41.10 69.08 29.15
N ALA L 2276 40.74 67.81 29.36
CA ALA L 2276 39.39 67.36 29.05
C ALA L 2276 38.36 67.99 29.97
N ALA L 2277 38.75 68.29 31.21
CA ALA L 2277 37.85 68.98 32.12
C ALA L 2277 37.60 70.41 31.69
N ALA L 2278 38.65 71.13 31.30
CA ALA L 2278 38.47 72.51 30.85
C ALA L 2278 37.94 72.59 29.43
N SER L 2279 37.64 71.47 28.80
CA SER L 2279 36.99 71.48 27.50
C SER L 2279 35.47 71.42 27.60
N VAL L 2280 34.91 71.20 28.79
CA VAL L 2280 33.47 71.03 28.91
C VAL L 2280 32.89 71.96 29.97
N ILE L 2281 33.72 72.73 30.64
CA ILE L 2281 33.27 73.56 31.74
C ILE L 2281 32.53 74.75 31.17
N ASP L 2282 31.54 75.25 31.94
CA ASP L 2282 30.91 76.55 31.73
C ASP L 2282 30.15 76.65 30.42
N ASN L 2283 29.66 75.54 29.88
CA ASN L 2283 29.06 75.56 28.55
C ASN L 2283 27.96 74.52 28.47
N ASN L 2284 26.73 75.00 28.28
CA ASN L 2284 25.59 74.11 28.12
C ASN L 2284 25.58 73.39 26.77
N GLU L 2285 26.17 73.99 25.74
CA GLU L 2285 26.17 73.37 24.42
C GLU L 2285 26.94 72.06 24.42
N LEU L 2286 28.18 72.09 24.90
CA LEU L 2286 28.96 70.86 24.95
C LEU L 2286 28.41 69.85 25.93
N ALA L 2287 27.94 70.30 27.08
CA ALA L 2287 27.45 69.38 28.09
C ALA L 2287 26.19 68.67 27.63
N LEU L 2288 25.36 69.35 26.84
CA LEU L 2288 24.23 68.69 26.25
C LEU L 2288 24.63 67.75 25.13
N ALA L 2289 25.72 68.03 24.43
CA ALA L 2289 26.15 67.24 23.30
C ALA L 2289 27.17 66.18 23.68
N LEU L 2290 27.47 66.05 24.97
CA LEU L 2290 28.42 65.05 25.44
C LEU L 2290 27.84 63.66 25.24
N GLN L 2291 28.65 62.77 24.68
CA GLN L 2291 28.19 61.43 24.35
C GLN L 2291 27.97 60.59 25.59
N GLU L 2292 27.31 59.44 25.39
CA GLU L 2292 27.18 58.45 26.45
C GLU L 2292 28.34 57.49 26.47
N GLN L 2293 28.86 57.10 25.30
CA GLN L 2293 30.05 56.26 25.24
C GLN L 2293 31.27 56.99 25.77
N ASP L 2294 31.29 58.32 25.67
CA ASP L 2294 32.34 59.10 26.30
C ASP L 2294 32.16 59.22 27.80
N LEU L 2295 31.02 58.78 28.33
CA LEU L 2295 30.84 58.80 29.77
C LEU L 2295 31.24 57.48 30.43
N GLU L 2296 30.93 56.35 29.81
CA GLU L 2296 31.23 55.05 30.39
C GLU L 2296 32.72 54.75 30.48
N LYS L 2297 33.54 55.43 29.69
CA LYS L 2297 34.97 55.28 29.86
C LYS L 2297 35.45 55.95 31.14
N VAL L 2298 34.76 57.00 31.59
CA VAL L 2298 35.20 57.72 32.78
C VAL L 2298 34.95 56.89 34.02
N VAL L 2299 33.84 56.15 34.06
CA VAL L 2299 33.55 55.36 35.24
C VAL L 2299 34.35 54.07 35.27
N SER L 2300 34.83 53.59 34.13
CA SER L 2300 35.64 52.38 34.13
C SER L 2300 37.02 52.64 34.70
N TYR L 2301 37.53 53.86 34.56
CA TYR L 2301 38.77 54.20 35.27
C TYR L 2301 38.47 54.49 36.72
N LEU L 2302 37.25 54.95 37.01
CA LEU L 2302 36.80 54.99 38.39
C LEU L 2302 36.51 53.59 38.92
N ALA L 2303 36.28 52.62 38.04
CA ALA L 2303 36.09 51.25 38.49
C ALA L 2303 37.36 50.60 39.00
N GLY L 2304 38.53 51.14 38.65
CA GLY L 2304 39.78 50.54 39.09
C GLY L 2304 40.25 51.01 40.44
N CYS L 2305 40.09 52.31 40.73
CA CYS L 2305 40.74 52.94 41.86
C CYS L 2305 40.24 52.45 43.21
N GLY L 2306 39.00 51.98 43.29
CA GLY L 2306 38.49 51.48 44.56
C GLY L 2306 39.01 50.11 44.94
N LEU L 2307 39.72 49.43 44.04
CA LEU L 2307 40.18 48.07 44.27
C LEU L 2307 41.67 47.97 44.52
N GLN L 2308 42.47 48.88 43.95
CA GLN L 2308 43.90 48.85 44.12
C GLN L 2308 44.41 50.15 44.73
N SER L 2309 45.68 50.14 45.11
CA SER L 2309 46.31 51.27 45.76
C SER L 2309 47.08 52.09 44.72
N CYS L 2310 47.76 53.13 45.17
CA CYS L 2310 48.74 53.80 44.34
C CYS L 2310 50.08 53.09 44.48
N PRO L 2311 50.63 52.52 43.40
CA PRO L 2311 51.92 51.84 43.51
C PRO L 2311 53.07 52.78 43.80
N MET L 2312 52.94 54.06 43.42
CA MET L 2312 53.93 55.06 43.78
C MET L 2312 53.92 55.38 45.26
N LEU L 2313 52.78 55.21 45.93
CA LEU L 2313 52.69 55.58 47.34
C LEU L 2313 53.30 54.51 48.23
N LEU L 2314 53.10 53.24 47.90
CA LEU L 2314 53.76 52.19 48.64
C LEU L 2314 55.23 52.07 48.25
N ALA L 2315 55.60 52.54 47.06
CA ALA L 2315 57.00 52.76 46.75
C ALA L 2315 57.60 53.89 47.59
N LYS L 2316 56.78 54.84 48.03
CA LYS L 2316 57.24 55.91 48.90
C LYS L 2316 57.33 55.47 50.36
N GLY L 2317 56.90 54.25 50.69
CA GLY L 2317 57.02 53.76 52.05
C GLY L 2317 55.84 54.11 52.92
N TYR L 2318 54.72 54.39 52.29
CA TYR L 2318 53.52 54.77 53.02
C TYR L 2318 52.85 53.52 53.58
N PRO L 2319 51.91 53.67 54.52
CA PRO L 2319 51.05 52.54 54.87
C PRO L 2319 50.16 52.13 53.71
N ASP L 2320 49.72 50.88 53.74
CA ASP L 2320 48.95 50.31 52.64
C ASP L 2320 47.45 50.57 52.86
N ILE L 2321 46.79 51.07 51.82
CA ILE L 2321 45.34 51.24 51.80
C ILE L 2321 44.84 50.69 50.48
N GLY L 2322 43.90 49.75 50.55
CA GLY L 2322 43.52 48.93 49.41
C GLY L 2322 42.83 49.65 48.27
N TRP L 2323 42.37 50.90 48.48
CA TRP L 2323 41.69 51.68 47.45
C TRP L 2323 42.51 52.93 47.21
N ASN L 2324 41.94 53.87 46.43
CA ASN L 2324 42.74 55.03 46.03
C ASN L 2324 42.11 56.32 46.51
N PRO L 2325 42.51 56.85 47.67
CA PRO L 2325 42.00 58.16 48.11
C PRO L 2325 42.61 59.34 47.38
N CYS L 2326 43.64 59.11 46.56
CA CYS L 2326 44.23 60.22 45.82
C CYS L 2326 43.98 60.10 44.31
N GLY L 2327 44.03 58.89 43.78
CA GLY L 2327 43.90 58.73 42.34
C GLY L 2327 42.46 58.83 41.87
N GLY L 2328 41.55 58.20 42.61
CA GLY L 2328 40.14 58.27 42.26
C GLY L 2328 39.52 59.64 42.33
N GLU L 2329 40.09 60.54 43.12
CA GLU L 2329 39.61 61.91 43.16
C GLU L 2329 40.00 62.71 41.93
N ARG L 2330 40.79 62.13 41.02
CA ARG L 2330 41.09 62.83 39.77
C ARG L 2330 40.06 62.53 38.70
N TYR L 2331 38.98 61.85 39.02
CA TYR L 2331 37.88 61.71 38.08
C TYR L 2331 36.62 62.44 38.50
N LEU L 2332 36.36 62.53 39.80
CA LEU L 2332 35.10 63.10 40.25
C LEU L 2332 35.10 64.61 40.13
N ASP L 2333 36.27 65.24 40.26
CA ASP L 2333 36.40 66.65 39.96
C ASP L 2333 36.17 66.94 38.48
N PHE L 2334 36.42 65.97 37.61
CA PHE L 2334 36.00 66.10 36.22
C PHE L 2334 34.50 65.97 36.10
N LEU L 2335 33.93 64.89 36.62
CA LEU L 2335 32.51 64.60 36.46
C LEU L 2335 31.61 65.59 37.19
N ARG L 2336 32.12 66.31 38.18
CA ARG L 2336 31.31 67.37 38.78
C ARG L 2336 31.32 68.62 37.90
N PHE L 2337 32.11 68.63 36.85
CA PHE L 2337 31.90 69.60 35.79
C PHE L 2337 31.06 69.03 34.66
N ALA L 2338 30.72 67.74 34.74
CA ALA L 2338 29.99 67.11 33.65
C ALA L 2338 28.48 67.23 33.81
N VAL L 2339 27.99 67.49 35.02
CA VAL L 2339 26.54 67.58 35.24
C VAL L 2339 26.10 68.89 35.86
N PHE L 2340 27.01 69.71 36.34
CA PHE L 2340 26.63 70.96 37.02
C PHE L 2340 27.30 72.12 36.29
N VAL L 2341 26.49 73.01 35.74
CA VAL L 2341 26.98 74.14 34.95
C VAL L 2341 26.17 75.37 35.28
N ASN L 2342 26.85 76.52 35.37
CA ASN L 2342 26.23 77.84 35.60
C ASN L 2342 25.42 77.89 36.89
N GLY L 2343 25.84 77.13 37.88
CA GLY L 2343 25.05 77.00 39.09
C GLY L 2343 23.74 76.29 38.91
N GLU L 2344 23.67 75.31 38.02
CA GLU L 2344 22.44 74.58 37.75
C GLU L 2344 22.80 73.16 37.34
N SER L 2345 21.89 72.23 37.59
CA SER L 2345 22.13 70.85 37.19
C SER L 2345 21.53 70.59 35.82
N VAL L 2346 22.20 69.75 35.04
CA VAL L 2346 21.58 69.27 33.82
C VAL L 2346 20.66 68.12 34.15
N GLU L 2347 19.87 67.73 33.17
CA GLU L 2347 18.97 66.59 33.33
C GLU L 2347 19.46 65.35 32.62
N GLU L 2348 19.78 65.45 31.33
CA GLU L 2348 20.03 64.28 30.51
C GLU L 2348 21.32 63.57 30.88
N ASN L 2349 22.30 64.30 31.42
CA ASN L 2349 23.50 63.61 31.87
C ASN L 2349 23.33 63.07 33.28
N ALA L 2350 22.61 63.79 34.13
CA ALA L 2350 22.41 63.35 35.50
C ALA L 2350 21.57 62.08 35.56
N ASN L 2351 20.65 61.92 34.61
CA ASN L 2351 19.82 60.73 34.61
C ASN L 2351 20.54 59.54 34.00
N VAL L 2352 21.79 59.70 33.56
CA VAL L 2352 22.50 58.57 32.98
C VAL L 2352 23.85 58.31 33.64
N VAL L 2353 24.38 59.27 34.39
CA VAL L 2353 25.55 58.97 35.19
C VAL L 2353 25.19 58.09 36.39
N VAL L 2354 24.03 58.29 37.00
CA VAL L 2354 23.71 57.57 38.21
C VAL L 2354 23.12 56.20 37.87
N ARG L 2355 22.52 56.07 36.68
CA ARG L 2355 22.12 54.75 36.21
C ARG L 2355 23.32 53.87 35.93
N LEU L 2356 24.45 54.48 35.61
CA LEU L 2356 25.66 53.76 35.28
C LEU L 2356 26.58 53.60 36.48
N LEU L 2357 26.52 54.55 37.42
CA LEU L 2357 27.34 54.48 38.63
C LEU L 2357 26.91 53.35 39.55
N ILE L 2358 25.68 52.86 39.41
CA ILE L 2358 25.21 51.77 40.25
C ILE L 2358 25.32 50.42 39.57
N ARG L 2359 25.93 50.35 38.39
CA ARG L 2359 26.21 49.05 37.82
C ARG L 2359 27.48 48.45 38.37
N LYS L 2360 28.41 49.27 38.84
CA LYS L 2360 29.62 48.80 39.49
C LYS L 2360 29.69 49.42 40.86
N PRO L 2361 29.09 48.81 41.89
CA PRO L 2361 29.06 49.43 43.23
C PRO L 2361 30.41 49.48 43.91
N GLU L 2362 31.45 48.86 43.34
CA GLU L 2362 32.81 49.06 43.80
C GLU L 2362 33.29 50.48 43.57
N CYS L 2363 32.66 51.23 42.65
CA CYS L 2363 33.08 52.60 42.37
C CYS L 2363 32.84 53.53 43.54
N PHE L 2364 31.87 53.24 44.41
CA PHE L 2364 31.74 54.01 45.62
C PHE L 2364 32.86 53.64 46.58
N GLY L 2365 33.10 54.49 47.57
CA GLY L 2365 34.09 54.21 48.59
C GLY L 2365 33.65 53.06 49.45
N PRO L 2366 34.56 52.10 49.69
CA PRO L 2366 34.15 50.80 50.26
C PRO L 2366 33.73 50.85 51.71
N ALA L 2367 33.94 51.96 52.42
CA ALA L 2367 33.42 52.10 53.78
C ALA L 2367 31.91 52.23 53.77
N LEU L 2368 31.34 52.67 52.65
CA LEU L 2368 29.89 52.69 52.47
C LEU L 2368 29.42 51.76 51.37
N ARG L 2369 30.10 50.63 51.18
CA ARG L 2369 29.71 49.69 50.14
C ARG L 2369 29.29 48.35 50.74
N GLY L 2373 29.74 47.49 55.24
CA GLY L 2373 30.04 48.91 55.21
C GLY L 2373 30.06 49.56 56.59
N SER L 2374 30.98 50.50 56.79
CA SER L 2374 31.10 51.18 58.07
C SER L 2374 30.31 52.49 58.04
N GLY L 2375 30.38 53.22 59.15
CA GLY L 2375 29.68 54.48 59.24
C GLY L 2375 30.40 55.59 58.49
N LEU L 2376 29.60 56.48 57.91
CA LEU L 2376 30.16 57.59 57.13
C LEU L 2376 30.84 58.61 58.04
N LEU L 2377 30.23 58.95 59.17
CA LEU L 2377 30.97 59.70 60.18
C LEU L 2377 32.09 58.86 60.77
N ALA L 2378 31.87 57.55 60.89
CA ALA L 2378 32.92 56.66 61.38
C ALA L 2378 34.06 56.52 60.37
N ALA L 2379 33.78 56.63 59.07
CA ALA L 2379 34.85 56.60 58.08
C ALA L 2379 35.75 57.82 58.23
N ILE L 2380 35.16 59.00 58.44
CA ILE L 2380 35.96 60.18 58.74
C ILE L 2380 36.57 60.08 60.13
N GLU L 2381 35.85 59.45 61.07
CA GLU L 2381 36.45 59.17 62.38
C GLU L 2381 37.61 58.19 62.26
N GLU L 2382 37.51 57.19 61.37
CA GLU L 2382 38.65 56.35 61.03
C GLU L 2382 39.76 57.12 60.35
N ALA L 2383 39.45 58.28 59.76
CA ALA L 2383 40.48 59.07 59.11
C ALA L 2383 41.23 59.95 60.08
N ILE L 2384 40.56 60.44 61.13
CA ILE L 2384 41.21 61.38 62.04
C ILE L 2384 42.31 60.70 62.83
N ARG L 2385 42.12 59.44 63.22
CA ARG L 2385 43.18 58.72 63.93
C ARG L 2385 44.39 58.47 63.04
N ILE L 2386 44.16 58.02 61.80
CA ILE L 2386 45.28 57.72 60.92
C ILE L 2386 45.89 58.99 60.34
N SER L 2387 45.21 60.13 60.45
CA SER L 2387 45.83 61.39 60.06
C SER L 2387 46.57 62.04 61.23
N GLU L 2388 46.03 61.95 62.45
CA GLU L 2388 46.71 62.54 63.59
C GLU L 2388 47.90 61.69 64.03
N ASP L 2389 47.79 60.37 63.93
CA ASP L 2389 48.94 59.52 64.25
C ASP L 2389 49.87 59.46 63.05
N PRO L 2390 51.15 59.81 63.21
CA PRO L 2390 52.07 59.81 62.07
C PRO L 2390 52.46 58.42 61.60
N ALA L 2391 52.38 57.41 62.47
CA ALA L 2391 52.71 56.05 62.07
C ALA L 2391 51.68 55.47 61.12
N ARG L 2392 50.40 55.73 61.39
CA ARG L 2392 49.36 55.34 60.46
C ARG L 2392 49.22 56.32 59.30
N ASP L 2393 49.90 57.47 59.36
CA ASP L 2393 49.90 58.41 58.26
C ASP L 2393 50.99 58.08 57.26
N GLY L 2394 50.89 58.66 56.07
CA GLY L 2394 51.83 58.38 55.01
C GLY L 2394 53.17 59.08 55.20
N PRO L 2395 54.22 58.30 55.48
CA PRO L 2395 55.57 58.85 55.64
C PRO L 2395 56.57 58.19 54.69
N ASN L 2414 56.21 62.59 50.79
CA ASN L 2414 56.00 63.40 51.99
C ASN L 2414 54.84 64.35 51.80
N ARG L 2415 54.56 64.70 50.54
CA ARG L 2415 53.44 65.59 50.24
C ARG L 2415 52.10 64.87 50.35
N VAL L 2416 52.10 63.53 50.33
CA VAL L 2416 50.85 62.78 50.35
C VAL L 2416 50.68 62.16 51.73
N HIS L 2417 49.67 62.64 52.46
CA HIS L 2417 49.20 62.00 53.67
C HIS L 2417 47.91 61.26 53.33
N LEU L 2418 47.83 60.00 53.76
CA LEU L 2418 46.67 59.18 53.42
C LEU L 2418 45.41 59.70 54.11
N GLY L 2419 45.56 60.22 55.34
CA GLY L 2419 44.43 60.74 56.09
C GLY L 2419 43.81 61.99 55.50
N HIS L 2420 44.59 62.78 54.76
CA HIS L 2420 44.04 63.96 54.14
C HIS L 2420 43.36 63.67 52.82
N ALA L 2421 43.62 62.50 52.23
CA ALA L 2421 43.05 62.19 50.94
C ALA L 2421 41.77 61.37 51.06
N ILE L 2422 41.59 60.66 52.17
CA ILE L 2422 40.37 59.88 52.35
C ILE L 2422 39.18 60.80 52.62
N MET L 2423 39.37 61.82 53.48
CA MET L 2423 38.32 62.81 53.69
C MET L 2423 38.10 63.67 52.47
N SER L 2424 39.15 63.88 51.68
CA SER L 2424 39.01 64.64 50.44
C SER L 2424 38.31 63.82 49.37
N PHE L 2425 38.52 62.50 49.35
CA PHE L 2425 37.82 61.66 48.39
C PHE L 2425 36.33 61.61 48.69
N TYR L 2426 35.98 61.47 49.96
CA TYR L 2426 34.57 61.42 50.32
C TYR L 2426 33.95 62.81 50.25
N ALA L 2427 34.78 63.85 50.28
CA ALA L 2427 34.30 65.17 49.92
C ALA L 2427 33.96 65.26 48.43
N ALA L 2428 34.52 64.36 47.61
CA ALA L 2428 34.19 64.37 46.20
C ALA L 2428 33.02 63.46 45.85
N LEU L 2429 32.88 62.32 46.53
CA LEU L 2429 31.75 61.43 46.24
C LEU L 2429 30.44 62.02 46.73
N ILE L 2430 30.50 62.90 47.73
CA ILE L 2430 29.28 63.51 48.23
C ILE L 2430 28.78 64.60 47.29
N ASP L 2431 29.65 65.59 46.98
CA ASP L 2431 29.14 66.77 46.29
C ASP L 2431 28.91 66.53 44.81
N LEU L 2432 29.41 65.42 44.28
CA LEU L 2432 28.99 64.99 42.95
C LEU L 2432 27.51 64.66 42.93
N LEU L 2433 27.06 63.79 43.83
CA LEU L 2433 25.68 63.37 43.84
C LEU L 2433 24.75 64.48 44.29
N GLY L 2434 25.25 65.45 45.04
CA GLY L 2434 24.50 66.65 45.33
C GLY L 2434 24.27 67.44 44.06
N ARG L 2435 25.27 67.44 43.19
CA ARG L 2435 25.13 68.15 41.93
C ARG L 2435 24.51 67.28 40.84
N CYS L 2436 24.04 66.08 41.17
CA CYS L 2436 23.19 65.35 40.25
C CYS L 2436 21.76 65.25 40.76
N ALA L 2437 21.45 65.89 41.89
CA ALA L 2437 20.11 65.93 42.44
C ALA L 2437 19.19 66.71 41.52
N PRO L 2438 18.04 66.14 41.16
CA PRO L 2438 17.09 66.85 40.30
C PRO L 2438 16.56 68.11 40.96
N GLU L 2439 16.37 69.13 40.16
CA GLU L 2439 16.05 70.45 40.68
C GLU L 2439 14.63 70.49 41.23
N MET L 2440 14.39 71.50 42.06
CA MET L 2440 13.19 71.58 42.88
C MET L 2440 11.92 71.74 42.06
N HIS L 2441 11.98 72.54 40.99
CA HIS L 2441 10.81 72.76 40.16
C HIS L 2441 10.36 71.51 39.42
N LEU L 2442 11.26 70.57 39.17
CA LEU L 2442 10.85 69.28 38.63
C LEU L 2442 10.29 68.37 39.71
N ILE L 2443 10.52 68.70 40.98
CA ILE L 2443 9.94 67.91 42.05
C ILE L 2443 8.52 68.39 42.31
N GLN L 2444 8.26 69.68 42.09
CA GLN L 2444 6.91 70.21 42.17
C GLN L 2444 6.00 69.60 41.11
N ALA L 2445 6.54 69.31 39.94
CA ALA L 2445 5.82 68.50 38.97
C ALA L 2445 5.98 67.04 39.34
N GLY L 2446 5.09 66.21 38.82
CA GLY L 2446 5.10 64.80 39.14
C GLY L 2446 5.92 63.97 38.17
N LYS L 2447 7.13 64.43 37.87
CA LYS L 2447 8.02 63.66 37.01
C LYS L 2447 8.51 62.43 37.74
N GLY L 2448 7.89 61.28 37.44
CA GLY L 2448 8.19 60.03 38.14
C GLY L 2448 9.60 59.54 37.96
N GLU L 2449 10.21 59.77 36.80
CA GLU L 2449 11.62 59.49 36.61
C GLU L 2449 12.48 60.37 37.50
N ALA L 2450 12.17 61.66 37.56
CA ALA L 2450 12.97 62.60 38.34
C ALA L 2450 12.85 62.34 39.82
N LEU L 2451 11.69 61.85 40.27
CA LEU L 2451 11.59 61.52 41.68
C LEU L 2451 12.07 60.12 41.98
N ARG L 2452 12.26 59.29 40.96
CA ARG L 2452 12.88 57.98 41.18
C ARG L 2452 14.34 58.15 41.59
N ILE L 2453 15.03 59.09 40.96
CA ILE L 2453 16.42 59.37 41.31
C ILE L 2453 16.51 59.97 42.71
N ARG L 2454 15.60 60.88 43.04
CA ARG L 2454 15.63 61.51 44.36
C ARG L 2454 15.30 60.52 45.47
N ALA L 2455 14.64 59.42 45.13
CA ALA L 2455 14.54 58.31 46.06
C ALA L 2455 15.90 57.65 46.28
N ILE L 2456 16.65 57.43 45.21
CA ILE L 2456 17.84 56.58 45.27
C ILE L 2456 18.95 57.25 46.08
N LEU L 2457 19.19 58.53 45.81
CA LEU L 2457 20.22 59.27 46.55
C LEU L 2457 19.87 59.43 48.02
N ARG L 2458 18.59 59.60 48.34
CA ARG L 2458 18.18 59.65 49.73
C ARG L 2458 18.24 58.28 50.37
N SER L 2459 17.99 57.24 49.58
CA SER L 2459 18.08 55.87 50.07
C SER L 2459 19.50 55.46 50.40
N LEU L 2460 20.50 56.01 49.71
CA LEU L 2460 21.86 55.55 49.90
C LEU L 2460 22.45 56.02 51.23
N VAL L 2461 22.18 57.28 51.58
CA VAL L 2461 22.93 57.96 52.63
C VAL L 2461 22.00 58.18 53.82
N PRO L 2462 22.40 57.81 55.04
CA PRO L 2462 21.65 58.22 56.22
C PRO L 2462 21.90 59.68 56.56
N LEU L 2463 20.83 60.34 56.98
CA LEU L 2463 20.88 61.78 57.24
C LEU L 2463 21.70 62.08 58.49
N ASP L 2464 21.57 61.24 59.52
CA ASP L 2464 22.23 61.54 60.78
C ASP L 2464 23.73 61.30 60.72
N ASP L 2465 24.21 60.57 59.70
CA ASP L 2465 25.64 60.47 59.46
C ASP L 2465 26.22 61.83 59.13
N LEU L 2466 25.49 62.63 58.36
CA LEU L 2466 25.92 63.98 58.00
C LEU L 2466 25.98 64.90 59.21
N VAL L 2467 25.09 64.70 60.18
CA VAL L 2467 24.95 65.63 61.29
C VAL L 2467 26.15 65.54 62.22
N GLY L 2468 26.70 64.35 62.42
CA GLY L 2468 27.94 64.24 63.16
C GLY L 2468 29.12 64.79 62.38
N ILE L 2469 29.03 64.73 61.06
CA ILE L 2469 30.08 65.31 60.22
C ILE L 2469 29.94 66.83 60.20
N ILE L 2470 28.71 67.33 60.17
CA ILE L 2470 28.48 68.77 60.07
C ILE L 2470 28.77 69.48 61.39
N SER L 2471 28.98 68.73 62.47
CA SER L 2471 29.11 69.32 63.80
C SER L 2471 30.42 69.00 64.49
N LEU L 2472 31.36 68.36 63.81
CA LEU L 2472 32.60 67.97 64.47
C LEU L 2472 33.54 69.18 64.56
N PRO L 2473 34.05 69.51 65.74
CA PRO L 2473 34.85 70.73 65.89
C PRO L 2473 36.27 70.55 65.37
N LEU L 2474 36.94 71.68 65.14
CA LEU L 2474 38.20 71.70 64.42
C LEU L 2474 39.31 72.36 65.23
N GLN L 2475 40.54 72.06 64.86
CA GLN L 2475 41.71 72.64 65.52
C GLN L 2475 41.90 74.07 65.04
N ILE L 2476 41.25 75.01 65.74
CA ILE L 2476 41.32 76.43 65.41
C ILE L 2476 42.73 76.92 65.70
N PRO L 2477 43.31 77.77 64.84
CA PRO L 2477 44.66 78.28 65.10
C PRO L 2477 44.65 79.47 66.04
N THR L 2478 45.48 79.40 67.07
CA THR L 2478 45.71 80.49 67.99
C THR L 2478 47.09 80.32 68.59
N LEU L 2479 47.39 81.11 69.63
CA LEU L 2479 48.68 81.02 70.30
C LEU L 2479 48.62 80.00 71.44
N VAL L 2486 50.15 79.16 67.34
CA VAL L 2486 50.45 77.94 66.60
C VAL L 2486 49.46 77.81 65.44
N GLN L 2487 49.88 77.18 64.34
CA GLN L 2487 49.05 76.97 63.17
C GLN L 2487 49.11 75.49 62.80
N PRO L 2488 47.98 74.80 62.74
CA PRO L 2488 47.98 73.39 62.37
C PRO L 2488 48.20 73.22 60.87
N LYS L 2489 48.32 71.96 60.45
CA LYS L 2489 48.65 71.64 59.07
C LYS L 2489 47.38 71.43 58.25
N MET L 2490 47.31 72.12 57.11
CA MET L 2490 46.14 72.03 56.25
C MET L 2490 46.04 70.68 55.55
N SER L 2491 47.15 70.17 55.02
CA SER L 2491 47.11 68.96 54.23
C SER L 2491 47.35 67.70 55.05
N ALA L 2492 47.02 67.73 56.35
CA ALA L 2492 47.01 66.52 57.14
C ALA L 2492 45.85 66.49 58.13
N SER L 2493 44.97 67.49 58.11
CA SER L 2493 43.94 67.61 59.13
C SER L 2493 42.61 67.94 58.44
N PHE L 2494 41.59 68.23 59.25
CA PHE L 2494 40.26 68.52 58.75
C PHE L 2494 40.23 69.90 58.13
N VAL L 2495 39.59 70.04 56.97
CA VAL L 2495 39.49 71.34 56.31
C VAL L 2495 38.03 71.74 56.29
N PRO L 2496 37.71 73.05 56.20
CA PRO L 2496 36.31 73.44 56.04
C PRO L 2496 35.71 73.03 54.71
N ASP L 2497 36.56 72.73 53.73
CA ASP L 2497 36.06 72.22 52.45
C ASP L 2497 35.55 70.78 52.56
N HIS L 2498 35.91 70.06 53.62
CA HIS L 2498 35.27 68.77 53.86
C HIS L 2498 33.83 68.97 54.29
N LYS L 2499 33.57 69.98 55.12
CA LYS L 2499 32.20 70.29 55.52
C LYS L 2499 31.40 70.89 54.37
N ALA L 2500 32.07 71.59 53.46
CA ALA L 2500 31.39 72.28 52.36
C ALA L 2500 30.75 71.32 51.38
N SER L 2501 31.25 70.10 51.25
CA SER L 2501 30.63 69.14 50.36
C SER L 2501 29.34 68.59 50.95
N MET L 2502 29.30 68.39 52.25
CA MET L 2502 28.17 67.72 52.89
C MET L 2502 26.93 68.60 52.93
N VAL L 2503 27.10 69.89 53.21
CA VAL L 2503 25.98 70.82 53.31
C VAL L 2503 25.26 70.97 51.98
N LEU L 2504 25.98 70.83 50.87
CA LEU L 2504 25.35 70.86 49.56
C LEU L 2504 24.51 69.61 49.31
N PHE L 2505 24.82 68.51 49.96
CA PHE L 2505 24.05 67.29 49.71
C PHE L 2505 22.70 67.33 50.37
N LEU L 2506 22.65 67.71 51.65
CA LEU L 2506 21.39 67.75 52.36
C LEU L 2506 20.49 68.87 51.85
N ASP L 2507 21.08 70.00 51.47
CA ASP L 2507 20.31 71.13 50.96
C ASP L 2507 19.81 70.94 49.54
N ARG L 2508 20.04 69.78 48.94
CA ARG L 2508 19.62 69.56 47.56
C ARG L 2508 18.86 68.27 47.35
N VAL L 2509 18.96 67.29 48.26
CA VAL L 2509 18.21 66.06 48.07
C VAL L 2509 17.37 65.69 49.29
N TYR L 2510 17.70 66.19 50.48
CA TYR L 2510 16.95 65.87 51.67
C TYR L 2510 16.05 67.01 52.10
N GLY L 2511 16.60 68.21 52.27
CA GLY L 2511 15.78 69.38 52.49
C GLY L 2511 15.51 69.70 53.94
N ILE L 2512 15.31 70.98 54.23
CA ILE L 2512 14.99 71.46 55.56
C ILE L 2512 13.51 71.82 55.59
N GLU L 2513 12.73 71.04 56.32
CA GLU L 2513 11.29 71.20 56.29
C GLU L 2513 10.74 71.98 57.47
N ASN L 2514 10.93 71.46 58.68
CA ASN L 2514 10.30 71.96 59.89
C ASN L 2514 11.28 72.78 60.74
N GLN L 2515 10.75 73.50 61.71
CA GLN L 2515 11.54 74.41 62.52
C GLN L 2515 12.44 73.70 63.52
N ASP L 2516 12.03 72.55 64.03
CA ASP L 2516 12.84 71.86 65.03
C ASP L 2516 14.10 71.26 64.44
N PHE L 2517 13.98 70.59 63.28
CA PHE L 2517 15.13 69.98 62.64
C PHE L 2517 16.07 71.03 62.05
N LEU L 2518 15.52 72.19 61.69
CA LEU L 2518 16.33 73.36 61.42
C LEU L 2518 17.15 73.75 62.65
N LEU L 2519 16.48 73.90 63.79
CA LEU L 2519 17.19 74.23 65.01
C LEU L 2519 17.91 73.04 65.64
N HIS L 2520 17.68 71.82 65.13
CA HIS L 2520 18.40 70.67 65.66
C HIS L 2520 19.88 70.74 65.32
N VAL L 2521 20.21 70.87 64.03
CA VAL L 2521 21.61 70.91 63.65
C VAL L 2521 22.21 72.30 63.84
N LEU L 2522 21.39 73.29 64.18
CA LEU L 2522 21.83 74.68 64.20
C LEU L 2522 22.79 74.96 65.35
N ASP L 2523 22.45 74.54 66.56
CA ASP L 2523 23.29 74.85 67.71
C ASP L 2523 24.48 73.91 67.80
N VAL L 2524 24.31 72.70 67.25
CA VAL L 2524 25.36 71.69 67.38
C VAL L 2524 26.52 71.96 66.43
N GLY L 2525 26.26 72.37 65.20
CA GLY L 2525 27.32 72.49 64.24
C GLY L 2525 28.03 73.83 64.20
N PHE L 2526 27.26 74.89 64.02
CA PHE L 2526 27.76 76.10 63.41
C PHE L 2526 28.06 77.22 64.37
N LEU L 2527 27.26 77.41 65.40
CA LEU L 2527 27.60 78.26 66.51
C LEU L 2527 28.86 77.85 67.28
N PRO L 2528 29.28 76.56 67.31
CA PRO L 2528 30.68 76.29 67.63
C PRO L 2528 31.65 76.92 66.65
N ASP L 2529 31.36 76.87 65.36
CA ASP L 2529 32.31 77.34 64.35
C ASP L 2529 32.25 78.84 64.17
N MET L 2530 31.04 79.42 64.28
CA MET L 2530 30.85 80.86 64.14
C MET L 2530 31.62 81.67 65.16
N ARG L 2531 31.54 81.29 66.43
CA ARG L 2531 32.32 81.98 67.45
C ARG L 2531 33.78 81.58 67.40
N ALA L 2532 34.08 80.40 66.85
CA ALA L 2532 35.47 80.09 66.52
C ALA L 2532 35.96 81.00 65.40
N ALA L 2533 35.08 81.32 64.45
CA ALA L 2533 35.41 82.30 63.43
C ALA L 2533 35.37 83.72 63.98
N ALA L 2534 34.43 84.02 64.87
CA ALA L 2534 34.36 85.34 65.48
C ALA L 2534 35.50 85.56 66.47
N SER L 2535 36.19 84.51 66.89
CA SER L 2535 37.34 84.64 67.77
C SER L 2535 38.52 85.33 67.11
N LEU L 2536 38.80 85.01 65.85
CA LEU L 2536 40.04 85.44 65.21
C LEU L 2536 39.92 86.78 64.50
N ASP L 2537 38.90 87.56 64.81
CA ASP L 2537 38.73 88.86 64.17
C ASP L 2537 39.73 89.88 64.75
N THR L 2544 45.25 85.43 59.32
CA THR L 2544 45.23 84.11 59.95
C THR L 2544 44.83 83.07 58.91
N GLU L 2545 45.49 81.92 58.94
CA GLU L 2545 45.46 81.02 57.79
C GLU L 2545 44.15 80.26 57.64
N MET L 2546 43.77 79.42 58.61
CA MET L 2546 42.52 78.67 58.45
C MET L 2546 41.31 79.53 58.76
N ALA L 2547 41.52 80.72 59.31
CA ALA L 2547 40.43 81.70 59.39
C ALA L 2547 39.93 82.07 58.01
N LEU L 2548 40.82 82.18 57.03
CA LEU L 2548 40.40 82.45 55.66
C LEU L 2548 40.06 81.18 54.90
N ALA L 2549 40.40 80.01 55.44
CA ALA L 2549 39.89 78.77 54.87
C ALA L 2549 38.47 78.49 55.32
N LEU L 2550 38.02 79.19 56.35
CA LEU L 2550 36.70 78.96 56.91
C LEU L 2550 35.78 80.17 56.73
N ASN L 2551 36.34 81.37 56.56
CA ASN L 2551 35.53 82.55 56.26
C ASN L 2551 34.77 82.37 54.95
N ARG L 2552 35.47 81.96 53.89
CA ARG L 2552 34.82 81.71 52.62
C ARG L 2552 33.96 80.46 52.66
N TYR L 2553 34.23 79.52 53.58
CA TYR L 2553 33.38 78.36 53.71
C TYR L 2553 32.02 78.74 54.27
N LEU L 2554 31.99 79.63 55.26
CA LEU L 2554 30.73 80.04 55.84
C LEU L 2554 29.92 80.88 54.88
N CYS L 2555 30.56 81.81 54.20
CA CYS L 2555 29.87 82.73 53.30
C CYS L 2555 29.44 82.09 51.99
N LEU L 2556 29.77 80.82 51.75
CA LEU L 2556 29.40 80.16 50.50
C LEU L 2556 28.65 78.86 50.70
N ALA L 2557 28.51 78.37 51.93
CA ALA L 2557 27.86 77.09 52.13
C ALA L 2557 26.67 77.16 53.08
N VAL L 2558 26.84 77.78 54.24
CA VAL L 2558 25.80 77.71 55.27
C VAL L 2558 24.93 78.98 55.32
N LEU L 2559 25.50 80.18 55.29
CA LEU L 2559 24.73 81.42 55.30
C LEU L 2559 23.75 81.58 54.13
N PRO L 2560 23.96 80.97 52.96
CA PRO L 2560 22.82 80.74 52.06
C PRO L 2560 21.73 79.86 52.66
N LEU L 2561 22.10 78.73 53.28
CA LEU L 2561 21.11 77.78 53.74
C LEU L 2561 20.31 78.32 54.92
N ILE L 2562 20.91 79.21 55.70
CA ILE L 2562 20.16 79.94 56.72
C ILE L 2562 19.12 80.83 56.07
N THR L 2563 19.52 81.58 55.05
CA THR L 2563 18.59 82.45 54.35
C THR L 2563 17.59 81.69 53.49
N LYS L 2564 17.81 80.39 53.27
CA LYS L 2564 16.75 79.58 52.68
C LYS L 2564 15.65 79.31 53.69
N CYS L 2565 15.97 79.32 54.97
CA CYS L 2565 15.01 78.97 56.02
C CYS L 2565 14.79 80.10 57.00
N ALA L 2566 14.96 81.34 56.56
CA ALA L 2566 14.79 82.49 57.44
C ALA L 2566 13.32 82.78 57.80
N PRO L 2567 12.32 82.61 56.93
CA PRO L 2567 10.94 82.63 57.43
C PRO L 2567 10.53 81.38 58.17
N LEU L 2568 11.37 80.36 58.26
CA LEU L 2568 11.05 79.24 59.13
C LEU L 2568 11.35 79.56 60.60
N PHE L 2569 12.03 80.68 60.88
CA PHE L 2569 12.33 81.11 62.24
C PHE L 2569 11.20 81.91 62.87
N ALA L 2570 9.98 81.80 62.37
CA ALA L 2570 8.88 82.60 62.89
C ALA L 2570 8.42 82.04 64.23
N GLY L 2571 8.37 82.89 65.25
CA GLY L 2571 7.82 82.52 66.53
C GLY L 2571 8.70 81.59 67.34
N THR L 2572 9.86 82.07 67.78
CA THR L 2572 10.73 81.26 68.63
C THR L 2572 10.51 81.56 70.11
N GLU L 2573 9.33 81.21 70.60
CA GLU L 2573 9.12 81.06 72.03
C GLU L 2573 9.59 79.72 72.54
N HIS L 2574 10.00 78.82 71.63
CA HIS L 2574 10.65 77.57 72.02
C HIS L 2574 11.97 77.84 72.73
N ARG L 2575 12.71 78.83 72.25
CA ARG L 2575 14.07 79.08 72.71
C ARG L 2575 14.45 80.50 72.33
N ALA L 2576 15.11 81.20 73.24
CA ALA L 2576 15.49 82.59 73.01
C ALA L 2576 16.89 82.93 73.48
N ILE L 2577 17.67 81.94 73.89
CA ILE L 2577 19.05 82.17 74.31
C ILE L 2577 20.05 81.86 73.21
N MET L 2578 19.92 80.69 72.57
CA MET L 2578 20.74 80.33 71.41
C MET L 2578 20.58 81.33 70.28
N VAL L 2579 19.36 81.80 70.04
CA VAL L 2579 19.18 82.82 69.02
C VAL L 2579 19.67 84.17 69.49
N ASP L 2580 19.81 84.36 70.81
CA ASP L 2580 20.36 85.62 71.30
C ASP L 2580 21.87 85.66 71.14
N SER L 2581 22.52 84.52 71.37
CA SER L 2581 23.96 84.42 71.12
C SER L 2581 24.28 84.42 69.62
N MET L 2582 23.44 83.76 68.82
CA MET L 2582 23.66 83.72 67.38
C MET L 2582 23.47 85.08 66.74
N LEU L 2583 22.50 85.87 67.22
CA LEU L 2583 22.29 87.21 66.70
C LEU L 2583 23.44 88.16 67.02
N HIS L 2584 24.19 87.89 68.08
CA HIS L 2584 25.33 88.75 68.39
C HIS L 2584 26.56 88.40 67.56
N THR L 2585 26.87 87.11 67.40
CA THR L 2585 28.08 86.73 66.70
C THR L 2585 27.98 86.96 65.20
N VAL L 2586 26.76 87.11 64.68
CA VAL L 2586 26.59 87.58 63.30
C VAL L 2586 27.08 89.02 63.19
N TYR L 2587 26.60 89.90 64.08
CA TYR L 2587 27.05 91.28 64.03
C TYR L 2587 28.48 91.44 64.55
N ARG L 2588 28.97 90.45 65.29
CA ARG L 2588 30.40 90.41 65.57
C ARG L 2588 31.19 90.14 64.31
N LEU L 2589 30.66 89.29 63.43
CA LEU L 2589 31.29 89.04 62.14
C LEU L 2589 30.94 90.08 61.09
N SER L 2590 30.12 91.08 61.44
CA SER L 2590 29.74 92.11 60.48
C SER L 2590 30.91 93.01 60.11
N ARG L 2591 31.65 93.51 61.09
CA ARG L 2591 32.85 94.30 60.84
C ARG L 2591 34.04 93.45 61.22
N GLY L 2592 35.07 93.45 60.38
CA GLY L 2592 36.25 92.64 60.61
C GLY L 2592 37.35 93.03 59.66
N ARG L 2593 38.55 92.53 59.95
CA ARG L 2593 39.70 92.87 59.11
C ARG L 2593 39.96 91.86 58.02
N SER L 2594 39.52 90.61 58.20
CA SER L 2594 39.85 89.52 57.29
C SER L 2594 38.68 89.12 56.40
N LEU L 2595 37.90 90.08 55.91
CA LEU L 2595 36.79 89.79 55.03
C LEU L 2595 36.71 90.81 53.90
N THR L 2596 36.16 90.38 52.76
CA THR L 2596 36.07 91.23 51.59
C THR L 2596 34.68 91.83 51.45
N LYS L 2597 34.48 92.58 50.36
CA LYS L 2597 33.16 93.09 49.99
C LYS L 2597 32.19 91.97 49.67
N ALA L 2598 32.68 90.89 49.08
CA ALA L 2598 31.80 89.79 48.70
C ALA L 2598 31.32 88.99 49.89
N GLN L 2599 32.23 88.64 50.80
CA GLN L 2599 31.85 87.80 51.93
C GLN L 2599 30.99 88.56 52.94
N ARG L 2600 31.26 89.85 53.12
CA ARG L 2600 30.46 90.64 54.05
C ARG L 2600 29.08 90.93 53.51
N ASP L 2601 28.90 90.98 52.19
CA ASP L 2601 27.59 91.22 51.63
C ASP L 2601 26.70 89.99 51.77
N VAL L 2602 27.28 88.81 51.92
CA VAL L 2602 26.50 87.63 52.24
C VAL L 2602 25.95 87.73 53.66
N ILE L 2603 26.77 88.20 54.59
CA ILE L 2603 26.38 88.25 56.00
C ILE L 2603 25.39 89.38 56.24
N GLU L 2604 25.63 90.54 55.63
CA GLU L 2604 24.74 91.68 55.80
C GLU L 2604 23.39 91.42 55.16
N ASP L 2605 23.35 90.57 54.13
CA ASP L 2605 22.06 90.11 53.61
C ASP L 2605 21.50 88.99 54.47
N CYS L 2606 22.36 88.23 55.16
CA CYS L 2606 21.87 87.21 56.07
C CYS L 2606 21.34 87.82 57.35
N LEU L 2607 21.84 89.00 57.71
CA LEU L 2607 21.40 89.66 58.95
C LEU L 2607 19.99 90.21 58.82
N MET L 2608 19.73 91.01 57.77
CA MET L 2608 18.42 91.61 57.62
C MET L 2608 17.37 90.58 57.22
N ALA L 2609 17.80 89.44 56.68
CA ALA L 2609 16.89 88.32 56.49
C ALA L 2609 16.51 87.66 57.80
N LEU L 2610 17.31 87.86 58.85
CA LEU L 2610 16.94 87.38 60.16
C LEU L 2610 16.35 88.46 61.05
N CYS L 2611 16.53 89.74 60.69
CA CYS L 2611 15.84 90.82 61.38
C CYS L 2611 14.32 90.74 61.19
N ARG L 2612 13.87 90.18 60.08
CA ARG L 2612 12.48 89.85 59.87
C ARG L 2612 12.25 88.39 60.24
N TYR L 2613 10.98 87.99 60.25
CA TYR L 2613 10.51 86.62 60.51
C TYR L 2613 10.84 86.17 61.92
N ILE L 2614 10.82 87.10 62.87
CA ILE L 2614 10.94 86.82 64.29
C ILE L 2614 10.32 88.00 65.03
N ARG L 2615 9.69 87.72 66.17
CA ARG L 2615 8.93 88.73 66.89
C ARG L 2615 9.87 89.75 67.54
N PRO L 2616 9.47 91.02 67.60
CA PRO L 2616 10.34 92.06 68.21
C PRO L 2616 10.52 91.97 69.72
N SER L 2617 10.03 90.90 70.36
CA SER L 2617 10.44 90.59 71.72
C SER L 2617 11.94 90.34 71.80
N MET L 2618 12.47 89.44 70.97
CA MET L 2618 13.88 89.10 71.03
C MET L 2618 14.77 90.04 70.23
N LEU L 2619 14.18 90.97 69.47
CA LEU L 2619 14.93 91.94 68.68
C LEU L 2619 15.74 92.92 69.51
N GLN L 2620 15.27 93.28 70.71
CA GLN L 2620 15.96 94.31 71.48
C GLN L 2620 17.23 93.80 72.16
N HIS L 2621 17.52 92.51 72.01
CA HIS L 2621 18.74 91.93 72.58
C HIS L 2621 19.98 92.49 71.92
N LEU L 2622 19.91 92.87 70.65
CA LEU L 2622 21.03 93.50 69.97
C LEU L 2622 20.85 95.00 69.83
N LEU L 2623 19.59 95.48 69.88
CA LEU L 2623 19.30 96.89 69.75
C LEU L 2623 19.85 97.71 70.92
N ARG L 2624 20.01 97.07 72.07
CA ARG L 2624 20.74 97.68 73.18
C ARG L 2624 22.22 97.86 72.82
N ARG L 2625 22.75 96.98 71.97
CA ARG L 2625 24.18 97.01 71.68
C ARG L 2625 24.49 97.90 70.48
N LEU L 2626 23.53 98.06 69.56
CA LEU L 2626 23.78 98.88 68.38
C LEU L 2626 23.81 100.36 68.70
N VAL L 2627 22.81 100.85 69.44
CA VAL L 2627 22.75 102.28 69.80
C VAL L 2627 23.86 102.70 70.73
N PHE L 2628 24.55 101.74 71.36
CA PHE L 2628 25.82 102.01 72.01
C PHE L 2628 26.87 102.48 71.02
N ASP L 2629 26.91 101.89 69.82
CA ASP L 2629 28.03 102.09 68.90
C ASP L 2629 27.78 103.11 67.82
N VAL L 2630 26.75 102.92 66.99
CA VAL L 2630 26.62 103.69 65.75
C VAL L 2630 26.23 105.17 65.89
N PRO L 2631 25.17 105.58 66.60
CA PRO L 2631 24.51 106.85 66.22
C PRO L 2631 25.28 108.12 66.57
N ILE L 2632 26.39 108.01 67.29
CA ILE L 2632 27.24 109.16 67.58
C ILE L 2632 28.18 109.50 66.44
N LEU L 2633 28.38 108.58 65.49
CA LEU L 2633 29.36 108.77 64.43
C LEU L 2633 28.66 108.74 63.08
N ASN L 2634 29.15 109.54 62.16
CA ASN L 2634 28.59 109.61 60.81
C ASN L 2634 29.29 108.60 59.90
N LYS L 2638 30.02 98.77 57.67
CA LYS L 2638 30.26 99.22 59.02
C LYS L 2638 29.12 100.09 59.51
N MET L 2639 29.12 101.34 59.05
CA MET L 2639 28.13 102.33 59.50
C MET L 2639 26.74 102.04 58.97
N PRO L 2640 26.64 101.82 57.67
CA PRO L 2640 25.34 101.60 57.03
C PRO L 2640 24.76 100.23 57.35
N LEU L 2641 25.61 99.31 57.81
CA LEU L 2641 25.18 97.98 58.22
C LEU L 2641 24.33 98.05 59.47
N LYS L 2642 24.59 99.08 60.28
CA LYS L 2642 23.77 99.35 61.46
C LYS L 2642 22.48 100.04 61.05
N LEU L 2643 22.61 101.04 60.19
CA LEU L 2643 21.49 101.88 59.80
C LEU L 2643 20.45 101.11 58.98
N LEU L 2644 20.89 100.06 58.30
CA LEU L 2644 19.98 99.26 57.50
C LEU L 2644 19.13 98.37 58.39
N THR L 2645 19.76 97.68 59.33
CA THR L 2645 19.06 96.74 60.20
C THR L 2645 18.17 97.46 61.20
N ASN L 2646 18.51 98.73 61.48
CA ASN L 2646 17.75 99.55 62.41
C ASN L 2646 16.38 99.90 61.82
N HIS L 2647 16.39 100.33 60.56
CA HIS L 2647 15.16 100.80 59.93
C HIS L 2647 14.21 99.67 59.58
N TYR L 2648 14.71 98.43 59.60
CA TYR L 2648 13.88 97.28 59.27
C TYR L 2648 13.28 96.65 60.53
N GLU L 2649 13.41 97.34 61.65
CA GLU L 2649 12.91 96.83 62.92
C GLU L 2649 12.05 97.87 63.60
N ARG L 2650 12.33 99.13 63.31
CA ARG L 2650 11.58 100.23 63.90
C ARG L 2650 10.30 100.47 63.12
N CYS L 2651 10.24 99.93 61.91
CA CYS L 2651 9.02 99.99 61.10
C CYS L 2651 8.38 98.62 61.09
N TRP L 2652 8.61 97.87 62.16
CA TRP L 2652 8.16 96.50 62.25
C TRP L 2652 7.18 96.30 63.40
N LYS L 2653 6.83 97.37 64.09
CA LYS L 2653 5.91 97.30 65.21
C LYS L 2653 5.22 98.63 65.49
N TYR L 2654 5.37 99.57 64.56
CA TYR L 2654 4.81 100.92 64.73
C TYR L 2654 3.30 100.96 64.52
N TYR L 2655 2.74 99.86 64.05
CA TYR L 2655 1.30 99.70 63.97
C TYR L 2655 0.90 98.45 64.74
N ALA L 2662 12.63 100.90 78.43
CA ALA L 2662 13.79 100.02 78.28
C ALA L 2662 14.62 100.43 77.07
N ASN L 2663 14.31 99.81 75.94
CA ASN L 2663 15.04 100.09 74.71
C ASN L 2663 14.56 101.38 74.06
N PHE L 2664 13.39 101.85 74.48
CA PHE L 2664 12.78 103.05 73.95
C PHE L 2664 13.58 104.29 74.33
N GLY L 2665 14.16 104.26 75.53
CA GLY L 2665 14.99 105.35 76.00
C GLY L 2665 16.33 105.31 75.26
N VAL L 2666 16.75 104.12 74.89
CA VAL L 2666 18.00 103.93 74.17
C VAL L 2666 17.88 104.46 72.75
N THR L 2667 16.66 104.36 72.21
CA THR L 2667 16.37 104.84 70.86
C THR L 2667 16.36 106.35 70.82
N SER L 2668 15.77 106.95 71.85
CA SER L 2668 15.71 108.40 71.98
C SER L 2668 17.10 108.96 72.27
N GLU L 2669 17.91 108.15 72.92
CA GLU L 2669 19.31 108.48 73.14
C GLU L 2669 20.04 108.47 71.81
N GLU L 2670 19.69 107.51 70.96
CA GLU L 2670 20.25 107.41 69.64
C GLU L 2670 19.67 108.49 68.73
N GLU L 2671 18.44 108.88 69.00
CA GLU L 2671 17.72 109.89 68.21
C GLU L 2671 18.37 111.26 68.34
N LEU L 2672 18.85 111.55 69.55
CA LEU L 2672 19.55 112.80 69.79
C LEU L 2672 21.00 112.68 69.34
N HIS L 2673 21.51 111.45 69.36
CA HIS L 2673 22.89 111.18 68.93
C HIS L 2673 23.02 111.37 67.44
N LEU L 2674 21.99 110.96 66.72
CA LEU L 2674 21.96 111.14 65.27
C LEU L 2674 21.75 112.60 64.93
N THR L 2675 21.04 113.30 65.81
CA THR L 2675 20.86 114.74 65.66
C THR L 2675 22.18 115.44 65.92
N ARG L 2676 22.99 114.87 66.80
CA ARG L 2676 24.33 115.37 67.07
C ARG L 2676 25.25 115.08 65.89
N LYS L 2677 24.95 114.01 65.17
CA LYS L 2677 25.66 113.70 63.94
C LYS L 2677 25.20 114.64 62.84
N LEU L 2678 23.96 115.12 62.96
CA LEU L 2678 23.41 116.05 61.98
C LEU L 2678 23.55 117.49 62.46
N LEU L 2686 24.65 111.40 50.16
CA LEU L 2686 25.75 110.48 50.45
C LEU L 2686 25.47 109.72 51.75
N ALA L 2687 26.32 109.93 52.75
CA ALA L 2687 26.13 109.34 54.06
C ALA L 2687 25.05 110.11 54.80
N HIS L 2688 24.88 111.36 54.40
CA HIS L 2688 23.87 112.24 54.97
C HIS L 2688 22.46 111.80 54.59
N LYS L 2689 22.33 111.19 53.42
CA LYS L 2689 21.04 110.72 52.94
C LYS L 2689 20.77 109.30 53.41
N LYS L 2690 21.81 108.65 53.93
CA LYS L 2690 21.69 107.27 54.39
C LYS L 2690 21.28 107.22 55.86
N TYR L 2691 21.10 108.38 56.46
CA TYR L 2691 20.82 108.47 57.89
C TYR L 2691 19.37 108.82 58.19
N ASP L 2692 18.80 109.74 57.42
CA ASP L 2692 17.47 110.30 57.69
C ASP L 2692 16.35 109.28 57.52
N GLN L 2693 16.61 108.25 56.71
CA GLN L 2693 15.64 107.19 56.50
C GLN L 2693 15.53 106.33 57.75
N GLU L 2694 16.67 105.93 58.29
CA GLU L 2694 16.71 105.10 59.48
C GLU L 2694 16.33 105.89 60.71
N LEU L 2695 16.51 107.20 60.66
CA LEU L 2695 16.20 108.07 61.79
C LEU L 2695 14.70 108.30 61.90
N TYR L 2696 14.07 108.61 60.77
CA TYR L 2696 12.64 108.91 60.76
C TYR L 2696 11.80 107.64 60.92
N ARG L 2697 12.41 106.50 60.66
CA ARG L 2697 11.73 105.21 60.84
C ARG L 2697 11.64 104.88 62.31
N MET L 2698 12.56 105.41 63.10
CA MET L 2698 12.58 105.19 64.53
C MET L 2698 11.82 106.30 65.25
N ALA L 2699 11.16 107.16 64.50
CA ALA L 2699 10.45 108.31 65.08
C ALA L 2699 9.02 107.98 65.50
N MET L 2700 8.77 106.73 65.87
CA MET L 2700 7.47 106.29 66.35
C MET L 2700 7.61 105.05 67.22
N GLU L 2741 36.77 107.70 92.23
CA GLU L 2741 37.78 107.18 93.14
C GLU L 2741 37.14 106.60 94.39
N THR L 2742 37.45 105.35 94.70
CA THR L 2742 36.96 104.69 95.90
C THR L 2742 38.05 104.25 96.85
N LEU L 2743 39.27 104.01 96.37
CA LEU L 2743 40.38 103.66 97.25
C LEU L 2743 41.08 104.90 97.78
N ASN L 2744 41.00 106.02 97.06
CA ASN L 2744 41.60 107.28 97.47
C ASN L 2744 40.57 108.25 98.03
N VAL L 2745 39.34 107.80 98.22
CA VAL L 2745 38.27 108.60 98.81
C VAL L 2745 38.28 108.35 100.31
N ILE L 2746 38.29 109.43 101.08
CA ILE L 2746 38.41 109.34 102.54
C ILE L 2746 37.09 108.87 103.13
N ILE L 2747 37.18 108.03 104.16
CA ILE L 2747 35.99 107.57 104.89
C ILE L 2747 35.86 108.40 106.16
N PRO L 2748 34.68 108.94 106.44
CA PRO L 2748 34.49 109.73 107.67
C PRO L 2748 34.35 108.83 108.89
N GLU L 2749 34.04 109.46 110.03
CA GLU L 2749 33.90 108.72 111.28
C GLU L 2749 32.68 107.81 111.26
N LYS L 2750 31.53 108.31 110.81
CA LYS L 2750 30.35 107.46 110.69
C LYS L 2750 30.44 106.50 109.51
N LEU L 2751 31.31 106.81 108.52
CA LEU L 2751 31.48 105.90 107.39
C LEU L 2751 32.21 104.62 107.78
N ASP L 2752 33.05 104.67 108.81
CA ASP L 2752 33.60 103.45 109.38
C ASP L 2752 32.55 102.74 110.24
N SER L 2753 31.61 103.50 110.80
CA SER L 2753 30.48 102.92 111.51
C SER L 2753 29.39 102.44 110.56
N PHE L 2754 29.31 103.01 109.35
CA PHE L 2754 28.36 102.54 108.36
C PHE L 2754 28.89 101.37 107.55
N ILE L 2755 30.21 101.24 107.42
CA ILE L 2755 30.77 100.08 106.71
C ILE L 2755 30.65 98.82 107.56
N ASN L 2756 30.54 98.97 108.88
CA ASN L 2756 30.23 97.85 109.74
C ASN L 2756 28.74 97.62 109.86
N LYS L 2757 27.93 98.68 109.84
CA LYS L 2757 26.48 98.53 109.96
C LYS L 2757 25.85 98.03 108.67
N PHE L 2758 26.35 98.47 107.51
CA PHE L 2758 25.87 97.90 106.25
C PHE L 2758 26.46 96.52 106.01
N ALA L 2759 27.48 96.13 106.79
CA ALA L 2759 27.90 94.75 106.85
C ALA L 2759 27.08 93.95 107.85
N GLU L 2760 26.64 94.60 108.93
CA GLU L 2760 25.81 93.91 109.92
C GLU L 2760 24.37 93.77 109.43
N TYR L 2761 23.85 94.78 108.75
CA TYR L 2761 22.50 94.66 108.20
C TYR L 2761 22.46 93.74 106.99
N THR L 2762 23.60 93.55 106.32
CA THR L 2762 23.67 92.55 105.26
C THR L 2762 23.64 91.14 105.82
N HIS L 2763 24.31 90.91 106.95
CA HIS L 2763 24.20 89.62 107.61
C HIS L 2763 22.87 89.47 108.33
N GLU L 2764 22.19 90.59 108.63
CA GLU L 2764 20.87 90.53 109.24
C GLU L 2764 19.79 90.19 108.23
N LYS L 2765 19.99 90.53 106.96
CA LYS L 2765 19.00 90.21 105.93
C LYS L 2765 19.25 88.87 105.29
N TRP L 2766 20.52 88.43 105.23
CA TRP L 2766 20.85 87.18 104.55
C TRP L 2766 20.44 85.96 105.37
N ALA L 2767 20.60 86.01 106.69
CA ALA L 2767 20.15 84.91 107.53
C ALA L 2767 18.62 84.87 107.63
N PHE L 2768 17.96 86.01 107.39
CA PHE L 2768 16.50 86.03 107.36
C PHE L 2768 15.95 85.35 106.10
N ASP L 2769 16.74 85.33 105.03
CA ASP L 2769 16.26 84.80 103.76
C ASP L 2769 16.54 83.31 103.60
N LYS L 2770 17.74 82.85 103.99
CA LYS L 2770 18.14 81.47 103.80
C LYS L 2770 17.40 80.51 104.74
N ILE L 2771 17.18 80.90 105.99
CA ILE L 2771 16.57 80.01 106.98
C ILE L 2771 15.09 79.78 106.68
N GLN L 2772 14.47 80.67 105.90
CA GLN L 2772 13.10 80.45 105.46
C GLN L 2772 12.97 79.29 104.49
N ASN L 2773 14.02 79.01 103.71
CA ASN L 2773 14.03 77.90 102.78
C ASN L 2773 14.70 76.65 103.34
N ASN L 2774 14.68 76.49 104.68
CA ASN L 2774 15.24 75.34 105.41
C ASN L 2774 16.74 75.19 105.13
N TRP L 2775 17.51 76.21 105.52
CA TRP L 2775 18.96 76.19 105.43
C TRP L 2775 19.52 75.67 106.76
N SER L 2776 20.25 74.57 106.71
CA SER L 2776 20.82 73.98 107.91
C SER L 2776 22.08 74.73 108.33
N TYR L 2777 22.63 74.36 109.48
CA TYR L 2777 23.83 74.98 110.01
C TYR L 2777 24.98 73.98 109.96
N GLY L 2778 26.00 74.30 109.18
CA GLY L 2778 27.17 73.45 109.07
C GLY L 2778 28.43 74.26 109.20
N GLU L 2779 29.48 73.59 109.74
CA GLU L 2779 30.78 74.22 109.84
C GLU L 2779 31.40 74.42 108.46
N ASN L 2780 31.14 73.50 107.53
CA ASN L 2780 31.48 73.67 106.13
C ASN L 2780 30.19 73.93 105.35
N VAL L 2781 30.24 74.95 104.50
CA VAL L 2781 29.08 75.35 103.72
C VAL L 2781 28.83 74.33 102.61
N ASP L 2782 27.78 73.54 102.76
CA ASP L 2782 27.42 72.51 101.79
C ASP L 2782 26.15 72.95 101.06
N GLU L 2783 26.10 72.66 99.75
CA GLU L 2783 24.95 73.06 98.95
C GLU L 2783 23.79 72.10 99.10
N GLU L 2784 24.05 70.79 99.21
CA GLU L 2784 22.98 69.82 99.42
C GLU L 2784 22.44 69.91 100.84
N LEU L 2785 23.26 70.36 101.79
CA LEU L 2785 22.83 70.58 103.16
C LEU L 2785 22.33 71.99 103.40
N LYS L 2786 22.52 72.90 102.43
CA LYS L 2786 22.17 74.31 102.52
C LYS L 2786 22.81 74.98 103.74
N THR L 2787 24.08 74.66 103.99
CA THR L 2787 24.74 75.13 105.19
C THR L 2787 25.22 76.57 105.01
N HIS L 2788 25.01 77.38 106.05
CA HIS L 2788 25.46 78.76 106.06
C HIS L 2788 26.31 78.94 107.31
N PRO L 2789 27.63 78.77 107.23
CA PRO L 2789 28.49 78.96 108.41
C PRO L 2789 28.65 80.41 108.84
N MET L 2790 28.21 81.37 108.03
CA MET L 2790 28.18 82.78 108.39
C MET L 2790 26.86 83.19 109.03
N LEU L 2791 26.17 82.24 109.67
CA LEU L 2791 24.88 82.51 110.32
C LEU L 2791 25.13 83.14 111.69
N ARG L 2792 25.59 84.39 111.64
CA ARG L 2792 25.90 85.17 112.84
C ARG L 2792 25.94 86.63 112.44
N PRO L 2793 26.05 87.53 113.41
CA PRO L 2793 26.17 88.95 113.09
C PRO L 2793 27.59 89.33 112.71
N TYR L 2794 27.74 90.56 112.23
CA TYR L 2794 29.06 91.11 111.96
C TYR L 2794 29.81 91.47 113.24
N LYS L 2795 29.08 91.73 114.33
CA LYS L 2795 29.70 91.93 115.63
C LYS L 2795 30.09 90.62 116.30
N THR L 2796 29.54 89.49 115.83
CA THR L 2796 29.98 88.18 116.27
C THR L 2796 30.96 87.55 115.29
N PHE L 2797 31.39 88.31 114.29
CA PHE L 2797 32.36 87.85 113.31
C PHE L 2797 33.71 88.53 113.54
N SER L 2798 34.77 87.77 113.31
CA SER L 2798 36.14 88.24 113.44
C SER L 2798 36.61 88.85 112.13
N GLU L 2799 37.92 89.08 112.01
CA GLU L 2799 38.47 89.62 110.78
C GLU L 2799 38.49 88.57 109.67
N LYS L 2800 38.39 87.29 110.03
CA LYS L 2800 38.29 86.22 109.03
C LYS L 2800 36.86 85.96 108.59
N ASP L 2801 35.86 86.40 109.36
CA ASP L 2801 34.46 86.20 109.02
C ASP L 2801 33.73 87.50 108.68
N LYS L 2802 34.39 88.65 108.76
CA LYS L 2802 33.84 89.90 108.27
C LYS L 2802 34.63 90.46 107.10
N GLU L 2803 35.66 89.76 106.64
CA GLU L 2803 36.40 90.18 105.45
C GLU L 2803 35.60 90.02 104.17
N ILE L 2804 34.55 89.20 104.19
CA ILE L 2804 33.66 89.09 103.04
C ILE L 2804 32.78 90.32 102.87
N TYR L 2805 32.64 91.14 103.91
CA TYR L 2805 31.83 92.36 103.84
C TYR L 2805 32.61 93.58 104.33
N ARG L 2806 33.92 93.60 104.16
CA ARG L 2806 34.75 94.71 104.61
C ARG L 2806 34.97 95.72 103.49
N TRP L 2807 35.52 95.26 102.36
CA TRP L 2807 35.83 96.12 101.22
C TRP L 2807 34.55 96.57 100.52
N PRO L 2808 33.49 95.77 100.54
CA PRO L 2808 32.28 96.15 99.79
C PRO L 2808 31.49 97.27 100.43
N ILE L 2809 31.35 97.28 101.76
CA ILE L 2809 30.62 98.34 102.43
C ILE L 2809 31.47 99.57 102.69
N LYS L 2810 32.78 99.49 102.45
CA LYS L 2810 33.67 100.64 102.58
C LYS L 2810 33.92 101.36 101.27
N GLU L 2811 33.96 100.63 100.15
CA GLU L 2811 34.12 101.26 98.84
C GLU L 2811 32.84 101.91 98.36
N SER L 2812 31.69 101.34 98.70
CA SER L 2812 30.41 101.92 98.33
C SER L 2812 30.15 103.21 99.10
N LEU L 2813 30.53 103.25 100.38
CA LEU L 2813 30.47 104.50 101.14
C LEU L 2813 31.49 105.51 100.63
N LYS L 2814 32.63 105.04 100.12
CA LYS L 2814 33.59 105.94 99.51
C LYS L 2814 33.13 106.41 98.13
N ALA L 2815 32.43 105.54 97.40
CA ALA L 2815 31.86 105.97 96.12
C ALA L 2815 30.68 106.91 96.32
N MET L 2816 29.94 106.74 97.41
CA MET L 2816 28.89 107.69 97.76
C MET L 2816 29.46 109.01 98.24
N ILE L 2817 30.65 108.98 98.85
CA ILE L 2817 31.28 110.22 99.32
C ILE L 2817 32.00 110.94 98.19
N ALA L 2818 32.59 110.19 97.25
CA ALA L 2818 33.24 110.82 96.11
C ALA L 2818 32.24 111.40 95.12
N TRP L 2819 31.02 110.86 95.08
CA TRP L 2819 29.97 111.43 94.25
C TRP L 2819 29.37 112.67 94.90
N GLU L 2820 29.04 112.59 96.18
CA GLU L 2820 28.52 113.73 96.92
C GLU L 2820 29.11 113.69 98.32
N TRP L 2821 29.91 114.70 98.67
CA TRP L 2821 30.67 114.70 99.93
C TRP L 2821 29.72 114.99 101.08
N THR L 2822 28.93 113.97 101.44
CA THR L 2822 28.02 114.04 102.59
C THR L 2822 28.10 112.70 103.30
N ILE L 2823 29.03 112.60 104.25
CA ILE L 2823 29.16 111.43 105.11
C ILE L 2823 29.19 111.93 106.55
N GLU L 2824 28.02 112.03 107.16
CA GLU L 2824 27.88 112.50 108.53
C GLU L 2824 26.53 112.02 109.06
N LYS L 2825 26.42 111.97 110.38
CA LYS L 2825 25.19 111.52 111.04
C LYS L 2825 24.30 112.73 111.27
N ALA L 2826 23.07 112.67 110.74
CA ALA L 2826 22.10 113.73 110.90
C ALA L 2826 20.75 113.22 111.42
N ARG L 2827 20.66 111.94 111.76
CA ARG L 2827 19.43 111.35 112.26
C ARG L 2827 19.79 110.19 113.18
N GLU L 2828 18.78 109.71 113.91
CA GLU L 2828 18.99 108.62 114.86
C GLU L 2828 19.08 107.29 114.12
N GLY L 2829 19.49 106.26 114.86
CA GLY L 2829 19.63 104.93 114.27
C GLY L 2829 18.29 104.28 114.00
N GLU L 2830 18.33 103.22 113.19
CA GLU L 2830 17.13 102.48 112.83
C GLU L 2830 17.45 101.02 112.55
N TYR L 2855 21.41 80.86 114.39
CA TYR L 2855 21.00 82.24 114.60
C TYR L 2855 20.04 82.71 113.51
N ASN L 2856 18.98 83.39 113.92
CA ASN L 2856 17.95 83.90 113.02
C ASN L 2856 18.02 85.43 113.00
N PRO L 2857 18.99 86.00 112.28
CA PRO L 2857 19.08 87.46 112.18
C PRO L 2857 18.02 88.00 111.25
N GLN L 2858 17.37 89.09 111.65
CA GLN L 2858 16.30 89.69 110.86
C GLN L 2858 16.62 91.15 110.57
N PRO L 2859 16.51 91.61 109.34
CA PRO L 2859 16.76 93.03 109.06
C PRO L 2859 15.56 93.87 109.42
N PRO L 2860 15.77 95.15 109.75
CA PRO L 2860 14.66 95.99 110.20
C PRO L 2860 13.82 96.49 109.03
N ASP L 2861 12.78 97.25 109.37
CA ASP L 2861 11.87 97.83 108.39
C ASP L 2861 12.55 99.03 107.75
N LEU L 2862 13.44 98.77 106.79
CA LEU L 2862 14.16 99.82 106.10
C LEU L 2862 13.30 100.50 105.03
N SER L 2863 12.17 99.91 104.66
CA SER L 2863 11.27 100.49 103.66
C SER L 2863 10.14 101.30 104.30
N GLY L 2864 10.41 101.90 105.46
CA GLY L 2864 9.43 102.76 106.11
C GLY L 2864 9.24 104.06 105.37
N VAL L 2865 10.33 104.63 104.88
CA VAL L 2865 10.30 105.83 104.05
C VAL L 2865 10.77 105.45 102.65
N THR L 2866 10.02 105.87 101.63
CA THR L 2866 10.37 105.56 100.26
C THR L 2866 11.41 106.55 99.72
N LEU L 2867 11.61 106.51 98.41
CA LEU L 2867 12.57 107.39 97.76
C LEU L 2867 11.89 108.65 97.26
N SER L 2868 12.44 109.80 97.63
CA SER L 2868 11.92 111.10 97.20
C SER L 2868 12.57 111.48 95.87
N ARG L 2869 12.43 112.74 95.46
CA ARG L 2869 13.05 113.20 94.22
C ARG L 2869 14.57 113.26 94.31
N GLU L 2870 15.12 113.46 95.51
CA GLU L 2870 16.57 113.45 95.71
C GLU L 2870 17.07 112.10 96.20
N LEU L 2871 16.20 111.26 96.73
CA LEU L 2871 16.61 109.94 97.19
C LEU L 2871 16.60 108.90 96.07
N GLN L 2872 15.62 108.99 95.16
CA GLN L 2872 15.58 108.06 94.03
C GLN L 2872 16.69 108.37 93.03
N ALA L 2873 17.03 109.64 92.84
CA ALA L 2873 18.17 110.02 92.02
C ALA L 2873 19.49 109.59 92.64
N MET L 2874 19.60 109.65 93.98
CA MET L 2874 20.78 109.13 94.64
C MET L 2874 20.82 107.61 94.62
N ALA L 2875 19.65 106.96 94.68
CA ALA L 2875 19.61 105.51 94.51
C ALA L 2875 19.89 105.12 93.07
N GLU L 2876 19.53 105.98 92.12
CA GLU L 2876 19.97 105.80 90.75
C GLU L 2876 21.45 106.08 90.60
N GLN L 2877 22.00 106.96 91.44
CA GLN L 2877 23.44 107.21 91.41
C GLN L 2877 24.22 106.11 92.11
N LEU L 2878 23.58 105.36 93.00
CA LEU L 2878 24.27 104.29 93.71
C LEU L 2878 24.31 103.00 92.89
N ALA L 2879 23.32 102.79 92.02
CA ALA L 2879 23.33 101.60 91.16
C ALA L 2879 24.36 101.73 90.05
N GLU L 2880 24.46 102.91 89.44
CA GLU L 2880 25.44 103.12 88.38
C GLU L 2880 26.87 103.16 88.93
N ASN L 2881 27.06 103.68 90.13
CA ASN L 2881 28.39 103.68 90.73
C ASN L 2881 28.81 102.27 91.14
N TYR L 2882 27.86 101.46 91.61
CA TYR L 2882 28.14 100.04 91.83
C TYR L 2882 28.34 99.31 90.51
N HIS L 2883 27.72 99.79 89.43
CA HIS L 2883 27.96 99.24 88.12
C HIS L 2883 29.25 99.80 87.51
N ASN L 2884 29.67 101.00 87.93
CA ASN L 2884 30.90 101.58 87.40
C ASN L 2884 32.14 100.91 88.00
N THR L 2885 32.13 100.66 89.32
CA THR L 2885 33.26 100.02 89.96
C THR L 2885 33.37 98.55 89.59
N TRP L 2886 32.25 97.84 89.55
CA TRP L 2886 32.27 96.44 89.12
C TRP L 2886 32.48 96.33 87.61
N GLY L 2887 32.03 97.32 86.84
CA GLY L 2887 32.27 97.30 85.41
C GLY L 2887 33.70 97.61 85.04
N ARG L 2888 34.34 98.54 85.76
CA ARG L 2888 35.77 98.76 85.56
C ARG L 2888 36.59 97.60 86.07
N LYS L 2889 36.07 96.86 87.07
CA LYS L 2889 36.73 95.64 87.50
C LYS L 2889 36.65 94.55 86.45
N LYS L 2890 35.55 94.49 85.70
CA LYS L 2890 35.43 93.51 84.64
C LYS L 2890 36.27 93.89 83.43
N LYS L 2891 36.44 95.18 83.17
CA LYS L 2891 37.26 95.63 82.04
C LYS L 2891 38.75 95.48 82.34
N GLN L 2892 39.10 95.40 83.62
CA GLN L 2892 40.50 95.21 83.98
C GLN L 2892 40.85 93.73 84.09
N GLU L 2893 39.93 92.91 84.59
CA GLU L 2893 40.22 91.50 84.83
C GLU L 2893 40.29 90.69 83.54
N LEU L 2894 39.28 90.83 82.67
CA LEU L 2894 39.25 90.07 81.42
C LEU L 2894 40.31 90.52 80.43
N GLU L 2895 40.73 91.78 80.51
CA GLU L 2895 41.83 92.24 79.67
C GLU L 2895 43.18 91.72 80.16
N ALA L 2896 43.30 91.47 81.46
CA ALA L 2896 44.53 90.94 82.01
C ALA L 2896 44.48 89.42 82.12
N LEU L 2905 29.59 93.46 80.05
CA LEU L 2905 29.87 94.87 79.79
C LEU L 2905 28.59 95.64 79.50
N VAL L 2906 27.65 95.60 80.44
CA VAL L 2906 26.35 96.24 80.25
C VAL L 2906 26.26 97.48 81.15
N PRO L 2907 25.89 98.63 80.61
CA PRO L 2907 25.73 99.83 81.43
C PRO L 2907 24.41 99.81 82.21
N TYR L 2908 24.18 100.91 82.92
CA TYR L 2908 23.01 101.00 83.78
C TYR L 2908 21.78 101.55 83.06
N ASP L 2909 21.93 102.64 82.30
CA ASP L 2909 20.78 103.27 81.67
C ASP L 2909 20.28 102.46 80.47
N THR L 2910 21.19 101.82 79.74
CA THR L 2910 20.83 100.96 78.63
C THR L 2910 20.78 99.48 79.03
N LEU L 2911 20.50 99.20 80.29
CA LEU L 2911 20.40 97.83 80.76
C LEU L 2911 19.09 97.20 80.30
N THR L 2912 18.99 95.89 80.49
CA THR L 2912 17.81 95.14 80.08
C THR L 2912 16.66 95.37 81.06
N ALA L 2913 15.50 94.82 80.69
CA ALA L 2913 14.38 94.80 81.63
C ALA L 2913 14.56 93.73 82.70
N LYS L 2914 15.44 92.75 82.45
CA LYS L 2914 15.70 91.72 83.44
C LYS L 2914 17.03 91.97 84.16
N GLU L 2915 18.00 92.59 83.49
CA GLU L 2915 19.29 92.86 84.11
C GLU L 2915 19.22 94.01 85.10
N LYS L 2916 18.39 95.02 84.84
CA LYS L 2916 18.24 96.14 85.75
C LYS L 2916 17.38 95.81 86.96
N ALA L 2917 16.69 94.67 86.95
CA ALA L 2917 15.89 94.27 88.11
C ALA L 2917 16.77 93.67 89.20
N ARG L 2918 17.89 93.05 88.83
CA ARG L 2918 18.79 92.45 89.81
C ARG L 2918 19.87 93.42 90.28
N ASP L 2919 20.19 94.44 89.48
CA ASP L 2919 21.22 95.40 89.86
C ASP L 2919 20.69 96.50 90.74
N ARG L 2920 19.40 96.84 90.63
CA ARG L 2920 18.81 97.92 91.41
C ARG L 2920 18.62 97.57 92.88
N GLU L 2921 18.60 96.27 93.22
CA GLU L 2921 18.47 95.88 94.62
C GLU L 2921 19.78 96.07 95.38
N LYS L 2922 20.90 96.25 94.67
CA LYS L 2922 22.17 96.56 95.31
C LYS L 2922 22.26 98.02 95.72
N ALA L 2923 21.38 98.87 95.19
CA ALA L 2923 21.38 100.28 95.54
C ALA L 2923 20.19 100.67 96.40
N GLN L 2924 19.03 100.04 96.19
CA GLN L 2924 17.86 100.35 97.00
C GLN L 2924 18.00 99.80 98.41
N GLU L 2925 18.79 98.73 98.58
CA GLU L 2925 19.08 98.23 99.92
C GLU L 2925 20.27 98.96 100.54
N LEU L 2926 21.18 99.48 99.71
CA LEU L 2926 22.34 100.20 100.26
C LEU L 2926 21.96 101.61 100.69
N LEU L 2927 21.09 102.29 99.94
CA LEU L 2927 20.60 103.59 100.35
C LEU L 2927 19.67 103.50 101.54
N LYS L 2928 18.98 102.36 101.68
CA LYS L 2928 18.22 102.11 102.90
C LYS L 2928 19.12 101.76 104.07
N PHE L 2929 20.28 101.15 103.78
CA PHE L 2929 21.27 100.90 104.83
C PHE L 2929 22.05 102.15 105.17
N LEU L 2930 22.28 103.03 104.19
CA LEU L 2930 22.91 104.31 104.46
C LEU L 2930 21.97 105.27 105.19
N GLN L 2931 20.65 105.12 105.03
CA GLN L 2931 19.71 106.02 105.68
C GLN L 2931 19.66 105.81 107.19
N MET L 2932 20.02 104.62 107.66
CA MET L 2932 20.16 104.38 109.08
C MET L 2932 21.39 105.13 109.60
N ASN L 2933 21.32 105.53 110.88
CA ASN L 2933 22.32 106.30 111.61
C ASN L 2933 22.63 107.65 110.96
N GLY L 2934 21.69 108.18 110.17
CA GLY L 2934 21.79 109.54 109.66
C GLY L 2934 22.74 109.77 108.49
N TYR L 2935 23.37 108.73 107.97
CA TYR L 2935 24.39 108.90 106.93
C TYR L 2935 23.81 108.85 105.52
N ALA L 2936 22.77 109.65 105.28
CA ALA L 2936 22.11 109.67 103.97
C ALA L 2936 22.83 110.67 103.08
N VAL L 2937 23.53 110.15 102.08
CA VAL L 2937 24.26 111.01 101.14
C VAL L 2937 23.25 111.63 100.19
N THR L 2938 22.87 112.88 100.45
CA THR L 2938 21.88 113.59 99.67
C THR L 2938 22.51 114.82 99.04
N ARG L 2939 22.60 114.84 97.72
CA ARG L 2939 23.20 115.96 97.01
C ARG L 2939 22.26 117.16 96.98
N ILE L 2951 8.42 113.63 77.01
CA ILE L 2951 9.53 113.07 76.25
C ILE L 2951 9.69 113.76 74.91
N GLU L 2952 8.55 114.06 74.27
CA GLU L 2952 8.53 114.67 72.95
C GLU L 2952 8.76 116.17 73.01
N LYS L 2953 8.57 116.74 74.20
CA LYS L 2953 8.75 118.17 74.39
C LYS L 2953 10.22 118.55 74.36
N ARG L 2954 11.07 117.59 74.72
CA ARG L 2954 12.52 117.78 74.67
C ARG L 2954 12.98 117.88 73.22
N PHE L 2955 12.31 117.12 72.36
CA PHE L 2955 12.58 117.19 70.94
C PHE L 2955 12.04 118.49 70.38
N ALA L 2956 10.90 118.93 70.90
CA ALA L 2956 10.25 120.16 70.45
C ALA L 2956 11.03 121.38 70.91
N PHE L 2957 11.72 121.25 72.02
CA PHE L 2957 12.54 122.32 72.55
C PHE L 2957 13.75 122.54 71.66
N GLY L 2958 14.37 121.45 71.23
CA GLY L 2958 15.51 121.51 70.32
C GLY L 2958 15.03 121.93 68.93
N PHE L 2959 13.78 121.59 68.61
CA PHE L 2959 13.17 121.94 67.33
C PHE L 2959 12.98 123.45 67.22
N LEU L 2960 12.53 124.06 68.29
CA LEU L 2960 12.38 125.50 68.33
C LEU L 2960 13.74 126.16 68.43
N GLN L 2961 14.69 125.45 69.04
CA GLN L 2961 16.07 125.92 69.14
C GLN L 2961 16.72 125.91 67.76
N GLN L 2962 16.36 124.93 66.97
CA GLN L 2962 16.83 124.86 65.60
C GLN L 2962 16.08 125.88 64.74
N LEU L 2963 14.84 126.15 65.10
CA LEU L 2963 13.99 127.07 64.35
C LEU L 2963 14.47 128.51 64.47
N LEU L 2964 15.14 128.83 65.58
CA LEU L 2964 15.68 130.16 65.81
C LEU L 2964 16.92 130.38 64.96
N ARG L 2965 17.79 129.37 64.93
CA ARG L 2965 19.04 129.44 64.19
C ARG L 2965 18.80 129.32 62.69
N TRP L 2966 17.67 128.74 62.31
CA TRP L 2966 17.30 128.60 60.92
C TRP L 2966 16.94 129.94 60.31
N MET L 2967 16.03 130.65 60.96
CA MET L 2967 15.58 131.97 60.49
C MET L 2967 16.67 133.01 60.63
N ASP L 2968 17.60 132.77 61.57
CA ASP L 2968 18.77 133.61 61.71
C ASP L 2968 19.70 133.43 60.52
N ILE L 2969 19.85 132.18 60.08
CA ILE L 2969 20.69 131.87 58.94
C ILE L 2969 19.97 132.18 57.64
N SER L 2970 18.65 132.16 57.68
CA SER L 2970 17.82 132.43 56.51
C SER L 2970 17.94 133.90 56.11
N GLN L 2971 18.07 134.76 57.11
CA GLN L 2971 18.27 136.18 56.85
C GLN L 2971 19.74 136.46 56.57
N GLU L 2972 20.60 135.53 57.00
CA GLU L 2972 22.04 135.66 56.77
C GLU L 2972 22.37 135.43 55.31
N PHE L 2973 21.55 134.61 54.65
CA PHE L 2973 21.69 134.35 53.23
C PHE L 2973 20.86 135.34 52.42
N ILE L 2974 19.84 135.90 53.07
CA ILE L 2974 18.98 136.90 52.43
C ILE L 2974 19.69 138.23 52.31
N ALA L 2975 20.65 138.45 53.22
CA ALA L 2975 21.46 139.66 53.19
C ALA L 2975 22.42 139.62 52.01
N HIS L 2976 22.96 138.45 51.72
CA HIS L 2976 23.90 138.28 50.61
C HIS L 2976 23.16 138.29 49.28
N LYS L 2996 26.27 123.16 55.49
CA LYS L 2996 26.34 122.33 56.69
C LYS L 2996 25.00 122.27 57.40
N PHE L 2997 24.59 123.41 57.95
CA PHE L 2997 23.34 123.50 58.69
C PHE L 2997 22.12 123.45 57.76
N PHE L 2998 22.33 123.83 56.50
CA PHE L 2998 21.26 123.82 55.51
C PHE L 2998 20.85 122.40 55.18
N ALA L 2999 21.84 121.50 55.17
CA ALA L 2999 21.58 120.08 54.98
C ALA L 2999 20.93 119.52 56.23
N LYS L 3000 21.33 120.06 57.38
CA LYS L 3000 20.75 119.68 58.67
C LYS L 3000 19.33 120.20 58.77
N ILE L 3001 19.08 121.33 58.12
CA ILE L 3001 17.74 121.90 58.06
C ILE L 3001 16.87 121.03 57.15
N LEU L 3002 17.49 120.48 56.11
CA LEU L 3002 16.80 119.56 55.22
C LEU L 3002 16.59 118.23 55.93
N LEU L 3003 17.53 117.88 56.79
CA LEU L 3003 17.44 116.65 57.57
C LEU L 3003 16.36 116.77 58.64
N PRO L 3004 16.17 117.98 59.14
CA PRO L 3004 15.18 118.23 60.19
C PRO L 3004 13.78 118.31 59.63
N LEU L 3005 13.63 118.97 58.48
CA LEU L 3005 12.33 119.19 57.85
C LEU L 3005 11.71 117.89 57.36
N ILE L 3006 12.57 116.95 56.98
CA ILE L 3006 12.12 115.63 56.57
C ILE L 3006 11.63 114.86 57.79
N ASN L 3007 12.31 115.05 58.92
CA ASN L 3007 11.90 114.45 60.17
C ASN L 3007 10.67 115.18 60.70
N GLN L 3008 10.57 116.47 60.37
CA GLN L 3008 9.42 117.28 60.74
C GLN L 3008 8.20 116.82 59.97
N TYR L 3009 8.41 116.47 58.71
CA TYR L 3009 7.34 115.93 57.88
C TYR L 3009 7.04 114.50 58.29
N PHE L 3010 8.02 113.84 58.89
CA PHE L 3010 7.86 112.49 59.37
C PHE L 3010 7.00 112.46 60.64
N THR L 3011 7.38 113.28 61.61
CA THR L 3011 6.72 113.28 62.92
C THR L 3011 5.31 113.85 62.86
N ASN L 3012 5.06 114.74 61.91
CA ASN L 3012 3.73 115.33 61.73
C ASN L 3012 2.77 114.28 61.19
N HIS L 3013 3.29 113.41 60.32
CA HIS L 3013 2.49 112.32 59.78
C HIS L 3013 2.45 111.17 60.78
N CYS L 3014 3.45 111.10 61.64
CA CYS L 3014 3.51 110.07 62.67
C CYS L 3014 2.49 110.39 63.76
N LEU L 3015 2.24 111.68 63.94
CA LEU L 3015 1.29 112.14 64.93
C LEU L 3015 -0.14 111.85 64.49
N LEU L 3025 0.32 122.87 76.62
CA LEU L 3025 1.74 122.96 76.89
C LEU L 3025 2.54 122.64 75.63
N GLY L 3026 2.46 121.38 75.21
CA GLY L 3026 3.17 120.93 74.03
C GLY L 3026 2.50 121.47 72.77
N SER L 3027 1.21 121.74 72.87
CA SER L 3027 0.43 122.26 71.75
C SER L 3027 0.83 123.68 71.40
N GLY L 3028 1.28 124.41 72.41
CA GLY L 3028 1.74 125.78 72.20
C GLY L 3028 3.12 125.78 71.56
N GLY L 3029 3.95 124.82 71.94
CA GLY L 3029 5.33 124.74 71.47
C GLY L 3029 5.40 124.43 69.97
N HIS L 3030 4.45 123.62 69.52
CA HIS L 3030 4.33 123.34 68.10
C HIS L 3030 3.79 124.57 67.39
N ALA L 3031 2.87 125.26 68.06
CA ALA L 3031 2.28 126.48 67.52
C ALA L 3031 3.29 127.61 67.50
N SER L 3032 4.24 127.55 68.44
CA SER L 3032 5.32 128.51 68.49
C SER L 3032 6.24 128.31 67.30
N ASN L 3033 6.49 127.05 66.96
CA ASN L 3033 7.30 126.72 65.80
C ASN L 3033 6.53 126.96 64.52
N LYS L 3034 5.21 126.88 64.62
CA LYS L 3034 4.32 127.09 63.48
C LYS L 3034 4.36 128.54 63.01
N GLU L 3035 4.46 129.45 63.96
CA GLU L 3035 4.54 130.87 63.64
C GLU L 3035 5.99 131.27 63.37
N LYS L 3036 6.93 130.44 63.81
CA LYS L 3036 8.35 130.70 63.63
C LYS L 3036 8.75 130.48 62.17
N GLU L 3037 8.18 129.46 61.56
CA GLU L 3037 8.54 129.08 60.21
C GLU L 3037 7.83 129.95 59.18
N MET L 3038 6.68 130.49 59.54
CA MET L 3038 5.83 131.24 58.61
C MET L 3038 6.47 132.57 58.22
N ILE L 3039 7.24 133.16 59.11
CA ILE L 3039 7.90 134.42 58.85
C ILE L 3039 9.14 134.19 58.00
N THR L 3040 9.68 132.97 58.05
CA THR L 3040 10.85 132.61 57.26
C THR L 3040 10.45 132.45 55.78
N SER L 3041 9.17 132.17 55.56
CA SER L 3041 8.62 132.08 54.21
C SER L 3041 8.24 133.46 53.71
N LEU L 3042 8.03 134.39 54.64
CA LEU L 3042 7.65 135.75 54.30
C LEU L 3042 8.84 136.53 53.75
N LEU L 3049 9.05 124.57 49.14
CA LEU L 3049 8.43 123.35 48.68
C LEU L 3049 8.59 122.25 49.73
N VAL L 3050 9.83 121.95 50.07
CA VAL L 3050 10.16 120.92 51.05
C VAL L 3050 9.69 121.34 52.43
N ARG L 3051 9.88 122.61 52.74
CA ARG L 3051 9.38 123.18 53.98
C ARG L 3051 7.87 123.40 53.87
N HIS L 3052 7.42 123.71 52.66
CA HIS L 3052 6.01 123.99 52.42
C HIS L 3052 5.16 122.74 52.56
N ARG L 3053 5.76 121.60 52.24
CA ARG L 3053 5.11 120.31 52.45
C ARG L 3053 5.02 120.03 53.93
N VAL L 3054 6.08 120.42 54.66
CA VAL L 3054 6.10 120.30 56.11
C VAL L 3054 5.16 121.33 56.71
N SER L 3055 5.03 122.47 56.03
CA SER L 3055 4.11 123.52 56.46
C SER L 3055 2.67 123.08 56.24
N LEU L 3056 2.45 122.35 55.15
CA LEU L 3056 1.13 121.80 54.86
C LEU L 3056 0.82 120.68 55.84
N PHE L 3057 1.87 120.00 56.28
CA PHE L 3057 1.74 118.94 57.26
C PHE L 3057 1.42 119.52 58.63
N GLY L 3058 2.12 120.60 58.97
CA GLY L 3058 1.94 121.24 60.26
C GLY L 3058 0.60 121.95 60.33
N THR L 3059 0.10 122.41 59.18
CA THR L 3059 -1.22 123.01 59.11
C THR L 3059 -2.27 121.91 59.20
N ASP L 3060 -1.90 120.71 58.78
CA ASP L 3060 -2.76 119.55 58.90
C ASP L 3060 -2.69 118.97 60.31
N ALA L 3061 -1.66 119.36 61.05
CA ALA L 3061 -1.52 118.93 62.44
C ALA L 3061 -2.50 119.69 63.32
N PRO L 3062 -2.92 120.86 62.85
CA PRO L 3062 -3.90 121.67 63.54
C PRO L 3062 -5.30 121.06 63.41
N THR L 3141 -1.56 135.40 69.31
CA THR L 3141 -0.16 135.43 68.90
C THR L 3141 -0.03 135.22 67.40
N THR L 3142 -0.69 134.20 66.89
CA THR L 3142 -0.63 133.87 65.46
C THR L 3142 -1.60 134.71 64.66
N LEU L 3143 -2.52 135.38 65.34
CA LEU L 3143 -3.54 136.21 64.70
C LEU L 3143 -2.91 137.45 64.07
N PHE L 3144 -1.84 137.92 64.69
CA PHE L 3144 -1.09 139.04 64.14
C PHE L 3144 -0.35 138.58 62.89
N GLN L 3145 0.15 137.34 62.94
CA GLN L 3145 0.83 136.74 61.81
C GLN L 3145 -0.16 136.45 60.69
N HIS L 3146 -1.38 136.13 61.09
CA HIS L 3146 -2.46 135.86 60.13
C HIS L 3146 -2.91 137.15 59.46
N ILE L 3147 -3.03 138.22 60.25
CA ILE L 3147 -3.49 139.50 59.74
C ILE L 3147 -2.43 140.14 58.87
N ALA L 3148 -1.16 139.93 59.20
CA ALA L 3148 -0.05 140.45 58.41
C ALA L 3148 0.01 139.72 57.08
N GLN L 3149 -0.33 138.44 57.11
CA GLN L 3149 -0.39 137.64 55.89
C GLN L 3149 -1.57 138.07 55.06
N HIS L 3150 -2.68 138.37 55.73
CA HIS L 3150 -3.91 138.79 55.06
C HIS L 3150 -3.74 140.19 54.47
N GLN L 3151 -2.92 140.99 55.12
CA GLN L 3151 -2.58 142.31 54.60
C GLN L 3151 -1.63 142.16 53.42
N PHE L 3152 -0.74 141.18 53.50
CA PHE L 3152 0.20 140.90 52.43
C PHE L 3152 -0.53 140.28 51.25
N GLY L 3153 -1.62 139.57 51.54
CA GLY L 3153 -2.43 138.95 50.51
C GLY L 3153 -3.18 140.01 49.71
N ASP L 3154 -3.78 140.96 50.41
CA ASP L 3154 -4.55 142.02 49.77
C ASP L 3154 -3.62 142.97 49.01
N ASP L 3155 -2.40 143.12 49.52
CA ASP L 3155 -1.39 143.91 48.85
C ASP L 3155 -0.94 143.21 47.58
N VAL L 3156 -0.88 141.88 47.67
CA VAL L 3156 -0.58 141.07 46.51
C VAL L 3156 -1.78 141.09 45.57
N ILE L 3157 -2.97 141.18 46.15
CA ILE L 3157 -4.21 141.26 45.37
C ILE L 3157 -4.29 142.62 44.68
N LEU L 3158 -3.68 143.63 45.30
CA LEU L 3158 -3.54 144.93 44.68
C LEU L 3158 -2.55 144.83 43.53
N ASP L 3159 -1.52 144.01 43.72
CA ASP L 3159 -0.52 143.76 42.68
C ASP L 3159 -1.10 142.85 41.61
N ASP L 3160 -2.01 141.98 41.99
CA ASP L 3160 -2.68 141.08 41.05
C ASP L 3160 -3.65 141.85 40.19
N VAL L 3161 -4.27 142.86 40.78
CA VAL L 3161 -5.15 143.74 40.04
C VAL L 3161 -4.34 144.69 39.17
N GLN L 3162 -3.10 144.95 39.59
CA GLN L 3162 -2.19 145.79 38.82
C GLN L 3162 -1.66 145.03 37.61
N LEU L 3169 7.36 137.44 45.48
CA LEU L 3169 6.34 138.19 44.75
C LEU L 3169 5.09 137.34 44.55
N CYS L 3170 4.88 136.89 43.33
CA CYS L 3170 3.72 136.07 42.99
C CYS L 3170 3.91 134.65 43.49
N SER L 3171 5.17 134.20 43.53
CA SER L 3171 5.49 132.85 43.94
C SER L 3171 5.34 132.67 45.45
N ILE L 3172 5.74 133.68 46.20
CA ILE L 3172 5.67 133.63 47.66
C ILE L 3172 4.23 133.80 48.15
N TYR L 3173 3.38 134.34 47.28
CA TYR L 3173 1.99 134.59 47.61
C TYR L 3173 1.11 133.40 47.22
N SER L 3174 1.45 132.74 46.11
CA SER L 3174 0.65 131.62 45.62
C SER L 3174 0.77 130.40 46.52
N LEU L 3175 1.93 130.22 47.13
CA LEU L 3175 2.15 129.13 48.07
C LEU L 3175 1.46 129.46 49.38
N GLY L 3176 1.34 130.76 49.67
CA GLY L 3176 0.63 131.22 50.84
C GLY L 3176 -0.87 131.16 50.61
N THR L 3177 -1.26 131.21 49.34
CA THR L 3177 -2.68 131.20 48.96
C THR L 3177 -3.31 129.82 49.13
N THR L 3178 -2.47 128.80 49.24
CA THR L 3178 -2.94 127.44 49.41
C THR L 3178 -2.75 126.99 50.85
N LYS L 3179 -1.70 127.49 51.49
CA LYS L 3179 -1.39 127.16 52.88
C LYS L 3179 -2.42 127.78 53.82
N ASN L 3180 -2.95 128.93 53.41
CA ASN L 3180 -4.01 129.60 54.17
C ASN L 3180 -5.31 128.83 54.00
N THR L 3181 -5.59 128.41 52.76
CA THR L 3181 -6.80 127.65 52.46
C THR L 3181 -6.72 126.25 53.06
N TYR L 3182 -5.50 125.76 53.25
CA TYR L 3182 -5.27 124.53 53.99
C TYR L 3182 -5.63 124.76 55.45
N VAL L 3183 -5.21 125.92 55.97
CA VAL L 3183 -5.49 126.27 57.35
C VAL L 3183 -6.96 126.62 57.54
N GLU L 3184 -7.57 127.18 56.50
CA GLU L 3184 -8.97 127.59 56.56
C GLU L 3184 -9.91 126.39 56.50
N LYS L 3185 -9.38 125.25 56.10
CA LYS L 3185 -10.14 124.01 56.15
C LYS L 3185 -9.71 123.21 57.37
N LEU L 3186 -8.55 123.55 57.92
CA LEU L 3186 -8.01 122.86 59.08
C LEU L 3186 -8.76 123.25 60.35
N ARG L 3187 -8.97 124.55 60.51
CA ARG L 3187 -9.61 125.09 61.70
C ARG L 3187 -11.10 124.79 61.73
N PRO L 3188 -11.67 124.49 60.56
CA PRO L 3188 -13.08 124.13 60.46
C PRO L 3188 -13.31 122.73 61.01
N ALA L 3189 -12.26 121.92 61.02
CA ALA L 3189 -12.32 120.58 61.58
C ALA L 3189 -12.30 120.62 63.10
N ALA L 3198 -9.14 139.09 63.25
CA ALA L 3198 -8.74 139.54 61.93
C ALA L 3198 -9.79 139.16 60.89
N ALA L 3199 -11.06 139.27 61.27
CA ALA L 3199 -12.17 138.90 60.39
C ALA L 3199 -12.33 139.90 59.26
N ALA L 3200 -11.96 141.15 59.52
CA ALA L 3200 -12.06 142.20 58.53
C ALA L 3200 -10.98 142.04 57.46
N MET L 3201 -9.81 141.59 57.88
CA MET L 3201 -8.68 141.38 56.98
C MET L 3201 -8.97 140.23 56.02
N PRO L 3202 -9.73 139.26 56.51
CA PRO L 3202 -10.22 138.18 55.68
C PRO L 3202 -11.29 138.71 54.74
N VAL L 3203 -12.12 139.59 55.27
CA VAL L 3203 -13.21 140.20 54.49
C VAL L 3203 -12.67 141.17 53.46
N ALA L 3204 -11.51 141.74 53.76
CA ALA L 3204 -10.83 142.65 52.84
C ALA L 3204 -10.33 141.90 51.62
N PHE L 3205 -9.82 140.69 51.87
CA PHE L 3205 -9.31 139.86 50.79
C PHE L 3205 -10.46 139.29 49.97
N LEU L 3206 -11.62 139.14 50.62
CA LEU L 3206 -12.81 138.60 49.97
C LEU L 3206 -13.34 139.57 48.92
N GLU L 3207 -13.27 140.86 49.23
CA GLU L 3207 -13.67 141.90 48.29
C GLU L 3207 -12.63 142.01 47.19
N PRO L 3208 -11.38 141.76 47.55
CA PRO L 3208 -10.28 141.75 46.60
C PRO L 3208 -10.41 140.54 45.67
N GLN L 3209 -10.95 139.46 46.22
CA GLN L 3209 -11.23 138.27 45.43
C GLN L 3209 -12.42 138.52 44.53
N LEU L 3210 -13.35 139.33 45.02
CA LEU L 3210 -14.53 139.69 44.25
C LEU L 3210 -14.19 140.76 43.22
N ASN L 3211 -13.07 141.44 43.43
CA ASN L 3211 -12.64 142.53 42.54
C ASN L 3211 -12.17 142.00 41.19
N GLU L 3212 -11.09 141.23 41.21
CA GLU L 3212 -10.50 140.72 39.98
C GLU L 3212 -11.37 139.64 39.34
N THR L 3221 -4.72 131.97 37.25
CA THR L 3221 -4.92 131.55 38.62
C THR L 3221 -6.30 131.94 39.12
N LYS L 3222 -7.29 131.86 38.23
CA LYS L 3222 -8.66 132.24 38.56
C LYS L 3222 -9.31 131.18 39.45
N SER L 3223 -9.04 129.91 39.16
CA SER L 3223 -9.61 128.80 39.91
C SER L 3223 -8.99 128.72 41.30
N PRO L 3224 -7.71 129.06 41.40
CA PRO L 3224 -7.00 129.09 42.67
C PRO L 3224 -7.53 130.25 43.51
N ARG L 3225 -7.92 131.31 42.81
CA ARG L 3225 -8.58 132.45 43.44
C ARG L 3225 -9.99 132.05 43.84
N GLU L 3226 -10.57 131.12 43.09
CA GLU L 3226 -11.88 130.58 43.42
C GLU L 3226 -11.78 129.52 44.49
N ARG L 3227 -10.57 128.98 44.66
CA ARG L 3227 -10.33 127.87 45.58
C ARG L 3227 -10.41 128.29 47.04
N ALA L 3228 -9.62 129.29 47.40
CA ALA L 3228 -9.54 129.72 48.79
C ALA L 3228 -10.75 130.57 49.20
N ILE L 3229 -11.56 130.96 48.22
CA ILE L 3229 -12.71 131.83 48.44
C ILE L 3229 -13.79 131.18 49.30
N LEU L 3230 -14.09 129.91 49.03
CA LEU L 3230 -15.11 129.20 49.78
C LEU L 3230 -14.57 128.74 51.14
N GLY L 3231 -13.25 128.75 51.27
CA GLY L 3231 -12.60 128.33 52.51
C GLY L 3231 -12.79 129.36 53.62
N VAL L 3269 -24.74 137.50 53.51
CA VAL L 3269 -26.14 137.45 53.93
C VAL L 3269 -27.04 137.91 52.80
N ILE L 3270 -27.56 139.13 52.93
CA ILE L 3270 -28.43 139.71 51.91
C ILE L 3270 -27.63 140.09 50.67
N GLU L 3271 -26.36 140.42 50.88
CA GLU L 3271 -25.45 140.73 49.79
C GLU L 3271 -25.14 139.45 49.01
N ILE L 3272 -25.16 138.33 49.73
CA ILE L 3272 -25.03 137.03 49.11
C ILE L 3272 -26.35 136.62 48.47
N THR L 3273 -27.46 137.02 49.10
CA THR L 3273 -28.79 136.66 48.64
C THR L 3273 -29.15 137.34 47.33
N LEU L 3274 -28.66 138.57 47.16
CA LEU L 3274 -28.89 139.31 45.93
C LEU L 3274 -28.05 138.71 44.82
N PRO L 3275 -26.85 138.26 45.17
CA PRO L 3275 -25.95 137.62 44.22
C PRO L 3275 -26.43 136.21 43.90
N MET L 3276 -27.19 135.63 44.81
CA MET L 3276 -27.74 134.30 44.63
C MET L 3276 -28.78 134.29 43.52
N LEU L 3277 -29.63 135.32 43.51
CA LEU L 3277 -30.65 135.45 42.49
C LEU L 3277 -30.03 135.96 41.20
N CYS L 3278 -28.89 136.64 41.33
CA CYS L 3278 -28.19 137.21 40.18
C CYS L 3278 -27.61 136.13 39.29
N SER L 3279 -26.95 135.16 39.92
CA SER L 3279 -26.40 134.02 39.20
C SER L 3279 -27.53 133.12 38.72
N TYR L 3280 -28.63 133.13 39.47
CA TYR L 3280 -29.84 132.39 39.09
C TYR L 3280 -30.44 132.99 37.82
N LEU L 3281 -30.32 134.31 37.70
CA LEU L 3281 -30.74 135.00 36.50
C LEU L 3281 -29.74 134.72 35.38
N PRO L 3282 -28.47 134.58 35.77
CA PRO L 3282 -27.41 134.29 34.82
C PRO L 3282 -27.55 132.86 34.32
N ARG L 3283 -28.05 131.98 35.19
CA ARG L 3283 -28.33 130.61 34.81
C ARG L 3283 -29.62 130.56 34.03
N TRP L 3284 -30.47 131.55 34.24
CA TRP L 3284 -31.70 131.68 33.46
C TRP L 3284 -31.37 132.21 32.07
N TRP L 3285 -30.22 132.87 31.96
CA TRP L 3285 -29.72 133.34 30.67
C TRP L 3285 -29.07 132.20 29.90
N PRO L 3293 -15.95 133.59 34.18
CA PRO L 3293 -14.83 133.26 35.06
C PRO L 3293 -15.18 133.57 36.51
N PRO L 3294 -15.70 134.77 36.74
CA PRO L 3294 -16.11 135.18 38.08
C PRO L 3294 -17.43 134.53 38.44
N ALA L 3295 -18.15 134.06 37.42
CA ALA L 3295 -19.40 133.35 37.61
C ALA L 3295 -19.17 132.00 38.28
N LEU L 3296 -18.01 131.41 37.99
CA LEU L 3296 -17.64 130.13 38.60
C LEU L 3296 -17.08 130.35 40.01
N PRO L 3297 -16.45 131.50 40.21
CA PRO L 3297 -15.80 131.81 41.48
C PRO L 3297 -16.81 132.22 42.54
N ALA L 3298 -17.85 132.92 42.11
CA ALA L 3298 -18.85 133.45 43.03
C ALA L 3298 -19.73 132.35 43.61
N GLY L 3299 -19.92 131.28 42.85
CA GLY L 3299 -20.77 130.18 43.27
C GLY L 3299 -20.10 129.28 44.30
N ALA L 3300 -18.78 129.41 44.41
CA ALA L 3300 -17.99 128.58 45.31
C ALA L 3300 -18.28 128.87 46.78
N PRO L 3301 -18.14 130.14 47.16
CA PRO L 3301 -18.38 130.56 48.53
C PRO L 3301 -19.86 130.56 48.85
N PRO L 3302 -20.69 130.69 47.81
CA PRO L 3302 -22.14 130.66 47.96
C PRO L 3302 -22.59 129.27 48.38
N PRO L 3303 -21.87 128.26 47.88
CA PRO L 3303 -22.13 126.88 48.26
C PRO L 3303 -21.59 126.64 49.67
N CYS L 3304 -20.58 127.42 50.05
CA CYS L 3304 -19.98 127.30 51.36
C CYS L 3304 -20.80 128.03 52.41
N THR L 3305 -21.62 128.98 51.96
CA THR L 3305 -22.40 129.80 52.86
C THR L 3305 -23.74 129.17 53.22
N ALA L 3306 -24.40 128.58 52.22
CA ALA L 3306 -25.70 127.95 52.42
C ALA L 3306 -25.55 126.66 53.22
N VAL L 3307 -24.37 126.05 53.11
CA VAL L 3307 -24.07 124.83 53.84
C VAL L 3307 -23.78 125.13 55.31
N THR L 3308 -23.40 126.38 55.59
CA THR L 3308 -23.08 126.79 56.96
C THR L 3308 -24.35 126.92 57.80
N SER L 3309 -25.48 127.11 57.13
CA SER L 3309 -26.77 127.22 57.80
C SER L 3309 -27.21 125.86 58.34
N LEU L 3316 -33.03 126.21 53.14
CA LEU L 3316 -33.40 124.87 52.74
C LEU L 3316 -33.77 124.84 51.26
N GLY L 3317 -34.79 125.60 50.90
CA GLY L 3317 -35.21 125.72 49.51
C GLY L 3317 -34.25 126.64 48.75
N ASN L 3318 -33.49 127.44 49.50
CA ASN L 3318 -32.48 128.32 48.94
C ASN L 3318 -31.36 127.49 48.31
N ILE L 3319 -31.01 126.40 48.98
CA ILE L 3319 -30.02 125.47 48.46
C ILE L 3319 -30.62 124.66 47.32
N LEU L 3320 -31.93 124.46 47.37
CA LEU L 3320 -32.65 123.75 46.33
C LEU L 3320 -32.73 124.58 45.06
N ARG L 3321 -32.71 125.90 45.23
CA ARG L 3321 -32.69 126.81 44.10
C ARG L 3321 -31.29 126.91 43.52
N ILE L 3322 -30.29 126.82 44.39
CA ILE L 3322 -28.89 126.94 43.99
C ILE L 3322 -28.45 125.73 43.16
N ILE L 3323 -29.00 124.58 43.50
CA ILE L 3323 -28.71 123.34 42.77
C ILE L 3323 -29.33 123.39 41.38
N VAL L 3324 -30.55 123.92 41.32
CA VAL L 3324 -31.26 124.06 40.05
C VAL L 3324 -30.60 125.14 39.20
N ASN L 3325 -29.97 126.10 39.87
CA ASN L 3325 -29.18 127.12 39.19
C ASN L 3325 -27.90 126.49 38.66
N ASN L 3326 -27.37 125.56 39.44
CA ASN L 3326 -26.16 124.84 39.04
C ASN L 3326 -26.49 123.79 37.98
N LEU L 3327 -27.74 123.37 37.96
CA LEU L 3327 -28.19 122.35 37.00
C LEU L 3327 -28.25 122.91 35.59
N GLY L 3328 -28.87 124.06 35.44
CA GLY L 3328 -29.06 124.67 34.13
C GLY L 3328 -27.74 125.20 33.56
N ILE L 3329 -26.81 125.54 34.45
CA ILE L 3329 -25.51 126.05 34.04
C ILE L 3329 -24.69 124.95 33.36
N ASP L 3330 -24.89 123.73 33.83
CA ASP L 3330 -24.22 122.58 33.25
C ASP L 3330 -25.05 122.03 32.11
N GLU L 3331 -26.36 122.26 32.15
CA GLU L 3331 -27.26 121.84 31.09
C GLU L 3331 -26.99 122.67 29.85
N ALA L 3332 -26.60 123.92 30.07
CA ALA L 3332 -26.15 124.76 28.98
C ALA L 3332 -24.76 124.31 28.54
N THR L 3333 -23.91 124.02 29.51
CA THR L 3333 -22.55 123.59 29.22
C THR L 3333 -22.54 122.15 28.72
N VAL L 3340 -12.79 121.75 31.42
CA VAL L 3340 -13.26 123.07 31.84
C VAL L 3340 -13.13 123.21 33.35
N PHE L 3341 -13.92 124.12 33.91
CA PHE L 3341 -13.93 124.33 35.35
C PHE L 3341 -15.16 123.65 35.95
N ALA L 3342 -15.63 122.61 35.28
CA ALA L 3342 -16.77 121.84 35.75
C ALA L 3342 -16.35 120.86 36.84
N GLN L 3343 -15.06 120.60 36.93
CA GLN L 3343 -14.52 119.65 37.90
C GLN L 3343 -14.62 120.19 39.32
N PRO L 3344 -14.15 121.42 39.53
CA PRO L 3344 -14.23 122.06 40.84
C PRO L 3344 -15.67 122.50 41.10
N ILE L 3345 -16.44 122.67 40.03
CA ILE L 3345 -17.86 122.95 40.14
C ILE L 3345 -18.58 121.74 40.70
N VAL L 3346 -18.13 120.56 40.28
CA VAL L 3346 -18.72 119.31 40.75
C VAL L 3346 -18.25 118.98 42.16
N SER L 3347 -17.14 119.60 42.58
CA SER L 3347 -16.57 119.36 43.89
C SER L 3347 -17.47 119.90 45.00
N ARG L 3348 -18.17 120.98 44.69
CA ARG L 3348 -19.09 121.56 45.66
C ARG L 3348 -20.49 120.99 45.46
N ALA L 3349 -20.69 120.30 44.34
CA ALA L 3349 -22.00 119.76 43.99
C ALA L 3349 -22.42 118.62 44.90
N ARG L 3350 -21.48 117.72 45.16
CA ARG L 3350 -21.75 116.58 46.02
C ARG L 3350 -21.63 116.96 47.49
N PRO L 3351 -21.11 118.16 47.75
CA PRO L 3351 -20.89 118.63 49.11
C PRO L 3351 -22.21 118.92 49.82
N GLU L 3352 -23.23 119.31 49.06
CA GLU L 3352 -24.51 119.68 49.66
C GLU L 3352 -25.70 119.29 48.80
N LEU L 3353 -25.82 117.99 48.52
CA LEU L 3353 -27.00 117.48 47.82
C LEU L 3353 -27.91 116.80 48.83
N LEU L 3354 -27.88 117.30 50.06
CA LEU L 3354 -28.63 116.71 51.16
C LEU L 3354 -30.14 116.92 51.00
N HIS L 3355 -30.61 118.09 51.41
CA HIS L 3355 -32.04 118.38 51.37
C HIS L 3355 -32.51 118.63 49.94
N ILE L 3359 -39.87 116.31 46.36
CA ILE L 3359 -40.33 117.66 46.10
C ILE L 3359 -39.25 118.45 45.38
N PRO L 3360 -38.23 118.85 46.14
CA PRO L 3360 -37.08 119.54 45.57
C PRO L 3360 -36.29 118.55 44.73
N THR L 3361 -36.30 117.29 45.16
CA THR L 3361 -35.71 116.21 44.39
C THR L 3361 -36.54 115.95 43.14
N ILE L 3362 -37.85 116.10 43.25
CA ILE L 3362 -38.76 115.86 42.14
C ILE L 3362 -38.59 116.92 41.06
N GLY L 3363 -38.30 118.15 41.49
CA GLY L 3363 -38.00 119.22 40.57
C GLY L 3363 -36.64 118.95 39.94
N ARG L 3364 -35.75 118.38 40.73
CA ARG L 3364 -34.45 117.97 40.23
C ARG L 3364 -34.61 116.74 39.35
N LEU L 3365 -35.62 115.93 39.64
CA LEU L 3365 -35.88 114.74 38.83
C LEU L 3365 -36.37 115.12 37.45
N ARG L 3366 -37.25 116.11 37.39
CA ARG L 3366 -37.76 116.60 36.11
C ARG L 3366 -36.67 117.33 35.36
N LYS L 3367 -35.74 117.92 36.09
CA LYS L 3367 -34.62 118.63 35.49
C LYS L 3367 -33.58 117.66 34.93
N ARG L 3368 -33.19 116.68 35.75
CA ARG L 3368 -32.11 115.77 35.38
C ARG L 3368 -32.53 114.72 34.36
N ALA L 3369 -33.84 114.50 34.22
CA ALA L 3369 -34.34 113.55 33.23
C ALA L 3369 -34.12 114.10 31.84
N GLY L 3370 -34.20 115.41 31.73
CA GLY L 3370 -33.90 116.09 30.48
C GLY L 3370 -32.40 116.09 30.25
N LYS L 3371 -31.64 116.15 31.35
CA LYS L 3371 -30.19 116.18 31.28
C LYS L 3371 -29.65 114.85 30.81
N VAL L 3372 -30.32 113.77 31.22
CA VAL L 3372 -29.89 112.44 30.84
C VAL L 3372 -30.24 112.15 29.38
N VAL L 3373 -31.42 112.58 28.98
CA VAL L 3373 -31.92 112.32 27.62
C VAL L 3373 -31.11 113.08 26.58
N ALA L 3374 -30.65 114.27 26.95
CA ALA L 3374 -29.79 115.06 26.08
C ALA L 3374 -28.43 114.39 25.96
N GLU L 3375 -28.00 113.77 27.06
CA GLU L 3375 -26.77 113.01 27.06
C GLU L 3375 -27.00 111.69 26.31
N GLU L 3376 -28.21 111.18 26.39
CA GLU L 3376 -28.58 109.94 25.71
C GLU L 3376 -28.58 110.15 24.19
N GLU L 3377 -29.04 111.32 23.78
CA GLU L 3377 -29.06 111.67 22.36
C GLU L 3377 -27.64 111.94 21.88
N GLN L 3378 -26.82 112.49 22.76
CA GLN L 3378 -25.42 112.74 22.47
C GLN L 3378 -24.65 111.44 22.41
N LEU L 3379 -25.08 110.47 23.21
CA LEU L 3379 -24.46 109.16 23.20
C LEU L 3379 -24.85 108.40 21.96
N ARG L 3380 -26.12 108.53 21.56
CA ARG L 3380 -26.64 107.82 20.39
C ARG L 3380 -26.06 108.40 19.11
N LEU L 3381 -25.75 109.69 19.13
CA LEU L 3381 -25.14 110.36 17.99
C LEU L 3381 -23.71 109.87 17.81
N GLU L 3382 -23.00 109.69 18.92
CA GLU L 3382 -21.65 109.17 18.89
C GLU L 3382 -21.67 107.68 18.56
N ALA L 3383 -22.76 107.02 18.94
CA ALA L 3383 -22.97 105.62 18.63
C ALA L 3383 -23.22 105.48 17.13
N LYS L 3384 -23.96 106.44 16.58
CA LYS L 3384 -24.19 106.50 15.15
C LYS L 3384 -22.91 106.87 14.43
N ALA L 3385 -22.09 107.66 15.11
CA ALA L 3385 -20.77 108.02 14.60
C ALA L 3385 -19.85 106.80 14.68
N GLU L 3386 -20.09 105.96 15.67
CA GLU L 3386 -19.33 104.73 15.83
C GLU L 3386 -19.80 103.70 14.80
N ALA L 3387 -21.05 103.82 14.38
CA ALA L 3387 -21.60 102.94 13.36
C ALA L 3387 -20.99 103.21 12.00
N GLU L 3388 -20.58 104.46 11.79
CA GLU L 3388 -19.95 104.85 10.53
C GLU L 3388 -18.47 104.46 10.54
N ARG L 3395 -8.92 111.80 10.29
CA ARG L 3395 -10.11 111.04 9.90
C ARG L 3395 -11.27 111.35 10.83
N ASP L 3396 -12.40 110.70 10.58
CA ASP L 3396 -13.59 110.88 11.40
C ASP L 3396 -13.56 109.94 12.60
N GLU L 3397 -12.64 109.00 12.59
CA GLU L 3397 -12.48 108.03 13.67
C GLU L 3397 -11.92 108.72 14.92
N PHE L 3398 -10.91 109.57 14.71
CA PHE L 3398 -10.29 110.30 15.80
C PHE L 3398 -11.21 111.39 16.31
N SER L 3399 -12.02 111.94 15.42
CA SER L 3399 -12.97 113.00 15.77
C SER L 3399 -14.11 112.43 16.60
N VAL L 3400 -14.53 111.21 16.25
CA VAL L 3400 -15.57 110.52 17.01
C VAL L 3400 -15.01 110.11 18.36
N LEU L 3401 -13.73 109.78 18.38
CA LEU L 3401 -13.03 109.44 19.62
C LEU L 3401 -12.90 110.67 20.51
N CYS L 3402 -12.73 111.84 19.87
CA CYS L 3402 -12.63 113.10 20.59
C CYS L 3402 -14.00 113.51 21.11
N ARG L 3403 -15.02 113.28 20.29
CA ARG L 3403 -16.39 113.67 20.64
C ARG L 3403 -16.93 112.81 21.76
N ASP L 3404 -16.54 111.53 21.76
CA ASP L 3404 -16.94 110.62 22.82
C ASP L 3404 -16.21 110.97 24.10
N LEU L 3405 -14.97 111.46 23.95
CA LEU L 3405 -14.16 111.87 25.09
C LEU L 3405 -14.76 113.09 25.77
N TYR L 3406 -15.27 114.01 24.96
CA TYR L 3406 -15.94 115.19 25.46
C TYR L 3406 -17.28 114.77 26.08
N ALA L 3407 -17.90 113.77 25.47
CA ALA L 3407 -19.16 113.24 25.97
C ALA L 3407 -18.93 112.50 27.28
N LEU L 3408 -17.77 111.85 27.39
CA LEU L 3408 -17.41 111.16 28.62
C LEU L 3408 -17.03 112.18 29.69
N TYR L 3409 -16.49 113.31 29.25
CA TYR L 3409 -16.11 114.39 30.16
C TYR L 3409 -17.35 115.01 30.77
N PRO L 3410 -18.39 115.16 29.94
CA PRO L 3410 -19.64 115.72 30.39
C PRO L 3410 -20.39 114.73 31.27
N LEU L 3411 -20.21 113.44 30.98
CA LEU L 3411 -20.89 112.39 31.72
C LEU L 3411 -20.29 112.21 33.11
N LEU L 3412 -19.05 112.67 33.27
CA LEU L 3412 -18.33 112.57 34.53
C LEU L 3412 -18.99 113.43 35.61
N ILE L 3413 -19.25 114.69 35.27
CA ILE L 3413 -19.89 115.59 36.21
C ILE L 3413 -21.39 115.33 36.27
N ARG L 3414 -21.91 114.65 35.26
CA ARG L 3414 -23.32 114.33 35.19
C ARG L 3414 -23.72 113.28 36.23
N TYR L 3415 -22.97 112.18 36.27
CA TYR L 3415 -23.32 111.07 37.15
C TYR L 3415 -22.95 111.34 38.60
N VAL L 3416 -22.09 112.33 38.83
CA VAL L 3416 -21.57 112.62 40.16
C VAL L 3416 -22.63 113.15 41.11
N ASP L 3417 -23.58 113.90 40.56
CA ASP L 3417 -24.68 114.41 41.36
C ASP L 3417 -25.83 113.42 41.31
N ASN L 3418 -25.78 112.52 40.33
CA ASN L 3418 -26.84 111.53 40.16
C ASN L 3418 -26.79 110.47 41.25
N ASN L 3419 -25.60 110.28 41.82
CA ASN L 3419 -25.40 109.27 42.85
C ASN L 3419 -26.03 109.69 44.18
N ARG L 3420 -25.67 110.89 44.64
CA ARG L 3420 -26.13 111.37 45.93
C ARG L 3420 -27.62 111.68 45.92
N ALA L 3421 -28.14 112.02 44.75
CA ALA L 3421 -29.57 112.27 44.60
C ALA L 3421 -30.32 110.95 44.67
N HIS L 3422 -29.66 109.87 44.25
CA HIS L 3422 -30.24 108.54 44.31
C HIS L 3422 -30.21 108.00 45.73
N TRP L 3423 -29.42 108.64 46.59
CA TRP L 3423 -29.32 108.25 48.00
C TRP L 3423 -30.49 108.78 48.81
N LEU L 3424 -31.35 109.57 48.18
CA LEU L 3424 -32.57 110.05 48.82
C LEU L 3424 -33.80 109.53 48.08
N THR L 3425 -33.62 109.21 46.79
CA THR L 3425 -34.72 108.73 45.97
C THR L 3425 -35.16 107.33 46.38
N GLU L 3426 -34.19 106.47 46.63
CA GLU L 3426 -34.46 105.12 47.10
C GLU L 3426 -34.85 105.18 48.57
N PRO L 3427 -34.40 106.21 49.26
CA PRO L 3427 -34.79 106.45 50.64
C PRO L 3427 -36.26 106.82 50.67
N ASN L 3428 -36.67 107.66 49.72
CA ASN L 3428 -38.07 108.04 49.61
C ASN L 3428 -38.85 106.92 48.94
N ALA L 3429 -38.75 106.86 47.61
CA ALA L 3429 -39.49 105.89 46.83
C ALA L 3429 -38.90 104.49 46.96
N ASN L 3430 -39.57 103.66 47.74
CA ASN L 3430 -39.18 102.26 47.91
C ASN L 3430 -40.39 101.45 48.34
N PHE L 3435 -41.53 105.42 39.45
CA PHE L 3435 -42.26 106.60 39.01
C PHE L 3435 -41.40 107.43 38.05
N ARG L 3436 -40.88 108.54 38.56
CA ARG L 3436 -39.97 109.37 37.77
C ARG L 3436 -38.62 108.68 37.71
N MET L 3437 -38.33 107.89 38.75
CA MET L 3437 -37.10 107.11 38.81
C MET L 3437 -37.14 105.98 37.80
N VAL L 3438 -38.36 105.53 37.48
CA VAL L 3438 -38.57 104.48 36.48
C VAL L 3438 -38.16 104.98 35.11
N GLY L 3439 -38.36 106.27 34.88
CA GLY L 3439 -37.86 106.92 33.69
C GLY L 3439 -36.35 107.07 33.80
N GLU L 3440 -35.89 107.43 35.00
CA GLU L 3440 -34.48 107.68 35.26
C GLU L 3440 -33.66 106.40 35.17
N ILE L 3441 -34.29 105.29 35.52
CA ILE L 3441 -33.65 104.00 35.39
C ILE L 3441 -33.59 103.64 33.91
N PHE L 3442 -34.69 103.90 33.20
CA PHE L 3442 -34.79 103.57 31.79
C PHE L 3442 -33.86 104.44 30.96
N ILE L 3443 -33.67 105.67 31.39
CA ILE L 3443 -32.77 106.59 30.71
C ILE L 3443 -31.32 106.17 30.91
N TYR L 3444 -30.99 105.79 32.14
CA TYR L 3444 -29.62 105.42 32.46
C TYR L 3444 -29.30 104.00 32.01
N TRP L 3445 -30.34 103.27 31.61
CA TRP L 3445 -30.20 101.90 31.12
C TRP L 3445 -29.43 101.86 29.82
N SER L 3446 -29.81 102.73 28.89
CA SER L 3446 -29.17 102.80 27.59
C SER L 3446 -27.76 103.37 27.71
N LYS L 3447 -27.54 104.19 28.73
CA LYS L 3447 -26.25 104.78 29.00
C LYS L 3447 -25.24 103.71 29.38
N SER L 3448 -25.68 102.77 30.20
CA SER L 3448 -24.85 101.65 30.59
C SER L 3448 -24.71 100.69 29.42
N HIS L 3449 -25.75 100.63 28.59
CA HIS L 3449 -25.74 99.80 27.41
C HIS L 3449 -24.75 100.36 26.40
N ASN L 3450 -24.70 101.69 26.32
CA ASN L 3450 -23.76 102.37 25.45
C ASN L 3450 -22.36 102.28 26.03
N PHE L 3451 -22.29 102.16 27.36
CA PHE L 3451 -21.01 101.97 28.03
C PHE L 3451 -20.50 100.57 27.76
N LYS L 3452 -21.40 99.66 27.45
CA LYS L 3452 -21.04 98.30 27.08
C LYS L 3452 -20.66 98.23 25.60
N GLN L 3456 -14.55 100.62 22.92
CA GLN L 3456 -13.94 101.88 22.51
C GLN L 3456 -14.54 103.03 23.29
N ASN L 3457 -15.78 102.85 23.74
CA ASN L 3457 -16.47 103.85 24.54
C ASN L 3457 -15.81 103.94 25.91
N PHE L 3458 -15.38 102.79 26.40
CA PHE L 3458 -14.67 102.72 27.68
C PHE L 3458 -13.24 103.19 27.50
N VAL L 3459 -12.72 103.02 26.30
CA VAL L 3459 -11.34 103.40 25.98
C VAL L 3459 -11.18 104.91 26.07
N VAL L 3460 -12.20 105.63 25.61
CA VAL L 3460 -12.22 107.08 25.72
C VAL L 3460 -12.52 107.47 27.16
N GLN L 3461 -13.26 106.61 27.85
CA GLN L 3461 -13.66 106.88 29.23
C GLN L 3461 -12.48 106.74 30.18
N ASN L 3462 -11.64 105.74 29.94
CA ASN L 3462 -10.51 105.45 30.82
C ASN L 3462 -9.45 106.53 30.76
N GLU L 3463 -9.29 107.12 29.58
CA GLU L 3463 -8.36 108.21 29.39
C GLU L 3463 -8.88 109.46 30.07
N ILE L 3464 -10.21 109.59 30.09
CA ILE L 3464 -10.87 110.71 30.74
C ILE L 3464 -10.77 110.56 32.25
N ASN L 3465 -10.68 109.32 32.71
CA ASN L 3465 -10.55 109.02 34.12
C ASN L 3465 -9.17 109.43 34.62
N ASN L 3466 -8.15 109.15 33.81
CA ASN L 3466 -6.78 109.48 34.17
C ASN L 3466 -6.54 110.97 34.02
N THR L 3513 -16.34 102.48 38.29
CA THR L 3513 -16.47 103.94 38.21
C THR L 3513 -17.92 104.37 38.30
N LEU L 3514 -18.20 105.60 37.88
CA LEU L 3514 -19.54 106.17 37.97
C LEU L 3514 -20.50 105.53 36.97
N LYS L 3515 -19.93 104.93 35.92
CA LYS L 3515 -20.74 104.20 34.95
C LYS L 3515 -21.26 102.91 35.57
N LYS L 3516 -20.51 102.39 36.55
CA LYS L 3516 -20.89 101.16 37.21
C LYS L 3516 -21.92 101.39 38.30
N MET L 3517 -21.65 102.38 39.15
CA MET L 3517 -22.47 102.63 40.33
C MET L 3517 -23.85 103.16 39.99
N LEU L 3518 -23.96 103.77 38.81
CA LEU L 3518 -25.24 104.25 38.33
C LEU L 3518 -26.14 103.06 38.01
N PRO L 3519 -25.54 101.99 37.52
CA PRO L 3519 -26.28 100.78 37.21
C PRO L 3519 -26.65 100.03 38.49
N ILE L 3520 -25.90 100.30 39.55
CA ILE L 3520 -26.13 99.64 40.83
C ILE L 3520 -27.40 100.14 41.50
N GLY L 3521 -27.51 101.45 41.64
CA GLY L 3521 -28.65 102.04 42.33
C GLY L 3521 -29.93 101.94 41.50
N LEU L 3522 -29.78 101.88 40.18
CA LEU L 3522 -30.92 101.77 39.30
C LEU L 3522 -31.45 100.34 39.24
N ASN L 3523 -30.61 99.39 39.63
CA ASN L 3523 -30.96 97.98 39.59
C ASN L 3523 -32.05 97.64 40.59
N MET L 3524 -31.99 98.30 41.74
CA MET L 3524 -32.98 98.10 42.79
C MET L 3524 -34.33 98.70 42.38
N CYS L 3525 -34.27 99.83 41.70
CA CYS L 3525 -35.47 100.53 41.30
C CYS L 3525 -36.15 99.82 40.14
N ALA L 3526 -35.36 99.27 39.22
CA ALA L 3526 -35.89 98.60 38.04
C ALA L 3526 -36.46 97.24 38.41
N PRO L 3527 -35.94 96.65 39.47
CA PRO L 3527 -36.43 95.36 39.94
C PRO L 3527 -37.65 95.55 40.83
N THR L 3528 -37.95 96.79 41.17
CA THR L 3528 -39.13 97.09 41.98
C THR L 3528 -40.40 97.02 41.15
N ASP L 3529 -40.25 97.00 39.83
CA ASP L 3529 -41.37 96.86 38.92
C ASP L 3529 -41.37 95.48 38.27
N MET L 3534 -42.70 86.14 37.99
CA MET L 3534 -42.69 86.39 36.56
C MET L 3534 -41.28 86.65 36.07
N LEU L 3535 -40.30 86.26 36.89
CA LEU L 3535 -38.90 86.50 36.57
C LEU L 3535 -38.33 85.45 35.62
N ALA L 3536 -39.10 84.40 35.38
CA ALA L 3536 -38.68 83.35 34.45
C ALA L 3536 -38.72 83.88 33.03
N LYS L 3537 -39.70 84.73 32.76
CA LYS L 3537 -39.81 85.40 31.47
C LYS L 3537 -38.68 86.41 31.34
N THR L 3538 -38.30 87.00 32.47
CA THR L 3538 -37.17 87.91 32.53
C THR L 3538 -35.88 87.12 32.33
N ARG L 3539 -35.88 85.89 32.81
CA ARG L 3539 -34.75 84.99 32.61
C ARG L 3539 -34.70 84.55 31.16
N TYR L 3540 -35.88 84.37 30.58
CA TYR L 3540 -36.00 83.93 29.20
C TYR L 3540 -35.60 85.05 28.25
N ALA L 3541 -36.00 86.27 28.57
CA ALA L 3541 -35.72 87.41 27.71
C ALA L 3541 -34.28 87.87 27.85
N LEU L 3542 -33.63 87.47 28.94
CA LEU L 3542 -32.22 87.74 29.12
C LEU L 3542 -31.43 86.82 28.20
N LYS L 3543 -31.97 85.63 27.96
CA LYS L 3543 -31.32 84.64 27.11
C LYS L 3543 -31.32 85.08 25.66
N ASP L 3544 -32.41 85.72 25.23
CA ASP L 3544 -32.52 86.20 23.86
C ASP L 3544 -31.67 87.45 23.66
N THR L 3545 -31.40 88.15 24.75
CA THR L 3545 -30.51 89.30 24.74
C THR L 3545 -29.06 88.86 24.85
N ASP L 3546 -28.87 87.57 25.10
CA ASP L 3546 -27.55 86.97 25.11
C ASP L 3546 -27.46 85.95 23.98
N GLU L 3547 -28.43 86.00 23.07
CA GLU L 3547 -28.43 85.12 21.91
C GLU L 3547 -27.97 85.87 20.67
N LEU L 3553 -35.60 93.55 18.91
CA LEU L 3553 -35.22 92.22 18.45
C LEU L 3553 -35.91 91.16 19.30
N GLN L 3554 -35.61 91.18 20.59
CA GLN L 3554 -36.20 90.24 21.53
C GLN L 3554 -37.52 90.77 22.07
N ASN L 3555 -37.90 91.97 21.63
CA ASN L 3555 -39.16 92.60 22.03
C ASN L 3555 -40.34 91.82 21.45
N ASN L 3556 -40.12 91.24 20.28
CA ASN L 3556 -41.12 90.36 19.68
C ASN L 3556 -41.06 88.99 20.32
N LEU L 3557 -39.85 88.61 20.76
CA LEU L 3557 -39.65 87.35 21.46
C LEU L 3557 -40.25 87.45 22.87
N HIS L 3558 -40.30 88.67 23.40
CA HIS L 3558 -40.97 88.94 24.66
C HIS L 3558 -42.48 88.86 24.47
N LEU L 3559 -42.93 89.21 23.28
CA LEU L 3559 -44.33 89.10 22.94
C LEU L 3559 -44.67 87.65 22.60
N GLN L 3560 -43.64 86.88 22.25
CA GLN L 3560 -43.79 85.47 21.95
C GLN L 3560 -43.19 84.60 23.05
N LEU L 3569 -42.57 80.19 47.75
CA LEU L 3569 -42.06 81.50 48.13
C LEU L 3569 -42.68 82.57 47.27
N ARG L 3570 -43.22 82.13 46.13
CA ARG L 3570 -43.89 83.02 45.19
C ARG L 3570 -45.18 83.53 45.79
N TRP L 3571 -45.78 82.72 46.65
CA TRP L 3571 -46.98 83.11 47.38
C TRP L 3571 -46.66 84.25 48.34
N GLN L 3572 -45.46 84.23 48.91
CA GLN L 3572 -44.99 85.32 49.74
C GLN L 3572 -44.65 86.51 48.87
N MET L 3573 -44.11 86.21 47.69
CA MET L 3573 -43.68 87.24 46.75
C MET L 3573 -44.87 87.96 46.14
N ALA L 3574 -45.90 87.21 45.79
CA ALA L 3574 -47.11 87.79 45.21
C ALA L 3574 -47.89 88.54 46.28
N LEU L 3575 -47.68 88.16 47.53
CA LEU L 3575 -48.26 88.89 48.65
C LEU L 3575 -47.58 90.24 48.78
N TYR L 3576 -46.33 90.31 48.36
CA TYR L 3576 -45.56 91.54 48.44
C TYR L 3576 -45.74 92.41 47.20
N ARG L 3577 -45.67 91.79 46.02
CA ARG L 3577 -45.70 92.52 44.75
C ARG L 3577 -47.05 93.15 44.48
N GLY L 3578 -48.11 92.52 44.97
CA GLY L 3578 -49.45 93.07 44.82
C GLY L 3578 -49.69 94.14 45.87
N LEU L 3579 -48.94 94.07 46.97
CA LEU L 3579 -49.06 95.06 48.03
C LEU L 3579 -48.38 96.35 47.63
N GLU L 3590 -48.36 97.12 29.01
CA GLU L 3590 -47.08 97.80 28.92
C GLU L 3590 -45.98 96.92 29.50
N LYS L 3591 -46.37 95.72 29.90
CA LYS L 3591 -45.45 94.79 30.54
C LYS L 3591 -44.49 94.17 29.54
N ILE L 3592 -44.94 94.02 28.29
CA ILE L 3592 -44.20 93.31 27.27
C ILE L 3592 -42.93 94.03 26.86
N VAL L 3593 -42.92 95.35 27.00
CA VAL L 3593 -41.75 96.14 26.66
C VAL L 3593 -40.88 96.39 27.89
N ARG L 3594 -41.53 96.58 29.03
CA ARG L 3594 -40.84 96.90 30.27
C ARG L 3594 -40.02 95.72 30.78
N ARG L 3595 -40.56 94.51 30.59
CA ARG L 3595 -39.83 93.30 30.95
C ARG L 3595 -38.69 93.09 29.98
N VAL L 3596 -38.92 93.50 28.73
CA VAL L 3596 -37.88 93.42 27.70
C VAL L 3596 -36.81 94.46 27.96
N GLN L 3597 -37.20 95.54 28.62
CA GLN L 3597 -36.28 96.63 28.95
C GLN L 3597 -35.30 96.21 30.02
N GLU L 3598 -35.81 95.61 31.09
CA GLU L 3598 -34.98 95.27 32.24
C GLU L 3598 -34.11 94.05 31.98
N VAL L 3599 -34.54 93.20 31.06
CA VAL L 3599 -33.89 91.92 30.81
C VAL L 3599 -32.50 92.07 30.21
N SER L 3600 -32.39 92.92 29.20
CA SER L 3600 -31.13 93.14 28.51
C SER L 3600 -30.17 93.92 29.40
N ALA L 3601 -30.73 94.70 30.32
CA ALA L 3601 -29.94 95.45 31.28
C ALA L 3601 -29.23 94.50 32.23
N VAL L 3602 -29.90 93.39 32.54
CA VAL L 3602 -29.34 92.38 33.41
C VAL L 3602 -28.21 91.66 32.70
N LEU L 3603 -28.44 91.31 31.43
CA LEU L 3603 -27.46 90.56 30.65
C LEU L 3603 -26.24 91.42 30.35
N TYR L 3604 -26.47 92.72 30.23
CA TYR L 3604 -25.39 93.66 30.04
C TYR L 3604 -24.59 93.76 31.34
N HIS L 3605 -25.31 93.73 32.46
CA HIS L 3605 -24.68 93.77 33.76
C HIS L 3605 -24.02 92.43 34.06
N LEU L 3606 -24.58 91.37 33.47
CA LEU L 3606 -24.02 90.04 33.61
C LEU L 3606 -22.69 89.97 32.88
N GLU L 3607 -22.65 90.60 31.71
CA GLU L 3607 -21.43 90.66 30.94
C GLU L 3607 -20.44 91.62 31.60
N GLN L 3608 -20.98 92.61 32.30
CA GLN L 3608 -20.17 93.61 32.97
C GLN L 3608 -19.40 93.01 34.14
N THR L 3609 -20.07 92.13 34.87
CA THR L 3609 -19.47 91.48 36.03
C THR L 3609 -18.53 90.36 35.60
N GLU L 3610 -18.66 89.94 34.35
CA GLU L 3610 -17.85 88.86 33.81
C GLU L 3610 -16.40 89.32 33.62
N LEU L 3623 8.58 77.91 29.45
CA LEU L 3623 9.06 79.24 29.80
C LEU L 3623 10.40 79.54 29.15
N LEU L 3624 11.15 80.46 29.73
CA LEU L 3624 12.47 80.81 29.21
C LEU L 3624 13.55 80.09 30.01
N SER L 3625 14.52 79.53 29.28
CA SER L 3625 15.66 78.91 29.93
C SER L 3625 16.60 79.98 30.48
N LYS L 3626 17.53 79.53 31.32
CA LYS L 3626 18.39 80.45 32.07
C LYS L 3626 19.32 81.24 31.16
N GLN L 3627 19.99 80.59 30.21
CA GLN L 3627 20.85 81.30 29.28
C GLN L 3627 20.06 82.19 28.33
N ARG L 3628 18.80 81.88 28.08
CA ARG L 3628 17.97 82.76 27.27
C ARG L 3628 17.72 84.08 27.98
N ARG L 3629 17.62 84.05 29.30
CA ARG L 3629 17.45 85.28 30.07
C ARG L 3629 18.68 86.17 30.00
N ARG L 3630 19.88 85.62 30.12
CA ARG L 3630 21.05 86.47 29.97
C ARG L 3630 21.31 86.83 28.52
N ALA L 3631 20.78 86.05 27.58
CA ALA L 3631 20.92 86.40 26.17
C ALA L 3631 20.11 87.65 25.84
N VAL L 3632 18.86 87.70 26.29
CA VAL L 3632 18.02 88.83 25.95
C VAL L 3632 18.44 90.08 26.73
N VAL L 3633 19.15 89.91 27.84
CA VAL L 3633 19.70 91.06 28.56
C VAL L 3633 20.82 91.69 27.75
N ALA L 3634 21.80 90.89 27.34
CA ALA L 3634 22.95 91.42 26.60
C ALA L 3634 22.63 91.73 25.15
N CYS L 3635 21.40 91.44 24.70
CA CYS L 3635 21.04 91.70 23.32
C CYS L 3635 20.94 93.19 23.02
N PHE L 3636 20.83 94.02 24.06
CA PHE L 3636 20.62 95.45 23.86
C PHE L 3636 21.91 96.24 23.81
N ARG L 3637 22.99 95.73 24.39
CA ARG L 3637 24.23 96.46 24.47
C ARG L 3637 25.18 96.12 23.31
N MET L 3638 24.63 95.74 22.16
CA MET L 3638 25.46 95.35 21.02
C MET L 3638 26.07 96.58 20.36
N THR L 3639 27.38 96.56 20.22
CA THR L 3639 28.09 97.70 19.64
C THR L 3639 27.84 97.76 18.13
N PRO L 3640 27.84 98.96 17.55
CA PRO L 3640 27.67 99.08 16.10
C PRO L 3640 28.97 98.80 15.36
N LEU L 3641 28.86 98.72 14.04
CA LEU L 3641 29.98 98.35 13.19
C LEU L 3641 31.04 99.44 13.11
N TYR L 3642 30.62 100.70 13.09
CA TYR L 3642 31.59 101.79 12.94
C TYR L 3642 32.39 102.01 14.20
N ASN L 3643 31.94 101.48 15.33
CA ASN L 3643 32.74 101.48 16.55
C ASN L 3643 33.82 100.42 16.54
N LEU L 3644 33.71 99.42 15.68
CA LEU L 3644 34.65 98.32 15.66
C LEU L 3644 35.94 98.73 14.97
N PRO L 3645 37.06 98.11 15.34
CA PRO L 3645 38.27 98.25 14.52
C PRO L 3645 38.09 97.58 13.18
N THR L 3646 38.71 98.19 12.16
CA THR L 3646 38.42 97.85 10.78
C THR L 3646 38.91 96.46 10.38
N HIS L 3647 39.94 95.95 11.06
CA HIS L 3647 40.46 94.64 10.67
C HIS L 3647 39.51 93.53 11.07
N ARG L 3648 38.88 93.64 12.23
CA ARG L 3648 37.86 92.67 12.60
C ARG L 3648 36.63 92.81 11.74
N ALA L 3649 36.31 94.02 11.30
CA ALA L 3649 35.21 94.24 10.38
C ALA L 3649 35.44 93.57 9.04
N CYS L 3650 36.69 93.54 8.59
CA CYS L 3650 36.99 92.81 7.36
C CYS L 3650 36.88 91.31 7.58
N ASN L 3651 37.19 90.84 8.79
CA ASN L 3651 37.18 89.40 9.07
C ASN L 3651 35.78 88.81 8.98
N MET L 3652 34.80 89.45 9.61
CA MET L 3652 33.43 88.96 9.53
C MET L 3652 32.84 89.13 8.14
N PHE L 3653 33.37 90.07 7.36
CA PHE L 3653 32.94 90.23 5.98
C PHE L 3653 33.28 89.02 5.13
N LEU L 3654 34.50 88.50 5.27
CA LEU L 3654 34.90 87.32 4.51
C LEU L 3654 34.09 86.11 4.91
N GLU L 3655 33.77 85.98 6.19
CA GLU L 3655 32.87 84.93 6.63
C GLU L 3655 31.45 85.17 6.14
N SER L 3656 31.11 86.41 5.80
CA SER L 3656 29.82 86.68 5.22
C SER L 3656 29.85 86.58 3.70
N TYR L 3657 30.85 87.20 3.07
CA TYR L 3657 30.87 87.33 1.62
C TYR L 3657 31.04 85.99 0.93
N LYS L 3658 31.84 85.10 1.52
CA LYS L 3658 31.92 83.75 1.02
C LYS L 3658 30.61 83.01 1.23
N ALA L 3659 29.93 83.30 2.34
CA ALA L 3659 28.72 82.57 2.68
C ALA L 3659 27.53 82.94 1.82
N ALA L 3660 27.44 84.18 1.36
CA ALA L 3660 26.27 84.63 0.63
C ALA L 3660 26.50 84.82 -0.86
N TRP L 3661 27.74 84.85 -1.30
CA TRP L 3661 28.01 85.05 -2.72
C TRP L 3661 28.78 83.91 -3.36
N ILE L 3662 29.93 83.55 -2.80
CA ILE L 3662 30.80 82.59 -3.44
C ILE L 3662 30.26 81.18 -3.29
N LEU L 3663 29.73 80.84 -2.12
CA LEU L 3663 29.13 79.54 -1.92
C LEU L 3663 27.87 79.38 -2.76
N THR L 3664 27.13 80.45 -2.96
CA THR L 3664 25.90 80.39 -3.72
C THR L 3664 26.12 80.24 -5.22
N GLU L 3665 27.35 80.46 -5.70
CA GLU L 3665 27.60 80.51 -7.13
C GLU L 3665 27.57 79.12 -7.73
N ASP L 3666 26.96 79.02 -8.91
CA ASP L 3666 26.84 77.76 -9.63
C ASP L 3666 27.60 77.85 -10.95
N HIS L 3667 28.08 76.70 -11.41
CA HIS L 3667 28.79 76.58 -12.68
C HIS L 3667 28.77 75.12 -13.10
N SER L 3668 29.02 74.88 -14.37
CA SER L 3668 28.80 73.55 -14.93
C SER L 3668 30.07 72.97 -15.53
N PHE L 3669 31.18 73.07 -14.80
CA PHE L 3669 32.45 72.55 -15.30
C PHE L 3669 32.52 71.03 -15.27
N GLU L 3670 31.54 70.35 -14.68
CA GLU L 3670 31.64 68.92 -14.50
C GLU L 3670 31.42 68.15 -15.78
N ASP L 3671 30.83 68.76 -16.79
CA ASP L 3671 30.67 68.03 -18.05
C ASP L 3671 31.75 68.40 -19.05
N ARG L 3672 32.18 69.66 -19.07
CA ARG L 3672 33.20 70.06 -20.01
C ARG L 3672 34.60 69.63 -19.59
N MET L 3673 34.74 68.91 -18.47
CA MET L 3673 35.99 68.23 -18.19
C MET L 3673 36.00 66.83 -18.78
N ILE L 3674 34.92 66.07 -18.56
CA ILE L 3674 34.95 64.64 -18.78
C ILE L 3674 35.01 64.29 -20.26
N ASP L 3675 34.51 65.19 -21.12
CA ASP L 3675 34.60 65.00 -22.55
C ASP L 3675 36.04 64.96 -23.05
N ASP L 3676 36.87 65.91 -22.65
CA ASP L 3676 38.23 65.96 -23.16
C ASP L 3676 39.11 64.91 -22.52
N LEU L 3677 38.75 64.45 -21.32
CA LEU L 3677 39.43 63.27 -20.79
C LEU L 3677 39.00 62.00 -21.49
N SER L 3678 37.88 62.03 -22.21
CA SER L 3678 37.48 60.87 -22.98
C SER L 3678 37.84 60.99 -24.45
N LYS L 3679 37.77 62.18 -25.02
CA LYS L 3679 38.00 62.32 -26.46
C LYS L 3679 39.47 62.32 -26.83
N ALA L 3680 40.37 62.50 -25.87
CA ALA L 3680 41.77 62.66 -26.19
C ALA L 3680 42.48 61.35 -26.49
N GLY L 3681 41.78 60.20 -26.35
CA GLY L 3681 42.33 58.95 -26.84
C GLY L 3681 42.48 58.94 -28.34
N GLU L 3682 41.65 59.71 -29.03
CA GLU L 3682 41.82 59.98 -30.46
C GLU L 3682 43.00 60.93 -30.63
N GLN L 3683 43.96 60.54 -31.45
CA GLN L 3683 45.13 61.35 -31.75
C GLN L 3683 45.70 60.90 -33.08
N GLU L 3684 46.82 61.50 -33.46
CA GLU L 3684 47.49 61.12 -34.69
C GLU L 3684 48.39 59.92 -34.44
N LYS L 3693 45.52 50.66 -28.86
CA LYS L 3693 45.18 49.91 -27.66
C LYS L 3693 45.64 50.65 -26.42
N LYS L 3694 46.15 51.87 -26.60
CA LYS L 3694 46.57 52.63 -25.44
C LYS L 3694 45.35 53.20 -24.71
N PRO L 3695 45.40 53.26 -23.38
CA PRO L 3695 44.23 53.74 -22.63
C PRO L 3695 43.99 55.22 -22.80
N ASP L 3696 42.78 55.64 -22.48
CA ASP L 3696 42.36 57.01 -22.58
C ASP L 3696 42.87 57.79 -21.38
N PRO L 3697 42.87 59.14 -21.45
CA PRO L 3697 43.20 59.93 -20.26
C PRO L 3697 42.27 59.68 -19.10
N LEU L 3698 40.97 59.59 -19.34
CA LEU L 3698 40.05 59.18 -18.29
C LEU L 3698 40.30 57.74 -17.88
N HIS L 3699 40.60 56.88 -18.86
CA HIS L 3699 40.79 55.46 -18.57
C HIS L 3699 42.05 55.22 -17.76
N GLN L 3700 43.04 56.10 -17.90
CA GLN L 3700 44.20 56.02 -17.03
C GLN L 3700 43.84 56.34 -15.59
N LEU L 3701 42.91 57.28 -15.41
CA LEU L 3701 42.61 57.80 -14.08
C LEU L 3701 41.94 56.76 -13.21
N VAL L 3702 40.90 56.10 -13.72
CA VAL L 3702 40.20 55.15 -12.89
C VAL L 3702 40.98 53.87 -12.74
N LEU L 3703 41.98 53.65 -13.60
CA LEU L 3703 42.92 52.59 -13.33
C LEU L 3703 43.77 52.91 -12.11
N HIS L 3704 44.17 54.18 -11.97
CA HIS L 3704 45.01 54.56 -10.85
C HIS L 3704 44.25 54.51 -9.54
N PHE L 3705 42.98 54.93 -9.55
CA PHE L 3705 42.15 54.83 -8.36
C PHE L 3705 41.84 53.38 -8.03
N SER L 3706 41.82 52.50 -9.03
CA SER L 3706 41.66 51.10 -8.73
C SER L 3706 42.91 50.54 -8.06
N ARG L 3707 44.09 51.02 -8.46
CA ARG L 3707 45.33 50.48 -7.91
C ARG L 3707 45.51 50.88 -6.46
N THR L 3708 45.09 52.08 -6.07
CA THR L 3708 45.21 52.46 -4.68
C THR L 3708 44.15 51.83 -3.80
N ALA L 3709 43.17 51.15 -4.39
CA ALA L 3709 42.17 50.47 -3.59
C ALA L 3709 42.51 49.01 -3.36
N LEU L 3710 43.58 48.51 -3.95
CA LEU L 3710 43.91 47.11 -3.85
C LEU L 3710 45.12 46.84 -2.98
N THR L 3711 45.85 47.87 -2.58
CA THR L 3711 47.00 47.67 -1.70
C THR L 3711 46.53 47.30 -0.30
N GLU L 3712 47.23 46.35 0.31
CA GLU L 3712 46.80 45.79 1.59
C GLU L 3712 47.05 46.81 2.69
N LYS L 3713 45.97 47.42 3.17
CA LYS L 3713 46.03 48.28 4.33
C LYS L 3713 44.83 47.95 5.21
N SER L 3714 44.97 48.18 6.51
CA SER L 3714 43.89 47.88 7.43
C SER L 3714 42.73 48.85 7.23
N LYS L 3715 43.00 50.14 7.29
CA LYS L 3715 41.96 51.13 7.13
C LYS L 3715 42.04 51.71 5.73
N LEU L 3716 41.03 52.50 5.39
CA LEU L 3716 40.95 53.17 4.11
C LEU L 3716 41.16 54.66 4.34
N ASP L 3717 42.36 55.13 4.00
CA ASP L 3717 42.74 56.51 4.24
C ASP L 3717 41.89 57.48 3.42
N GLU L 3718 41.47 58.55 4.08
CA GLU L 3718 40.55 59.51 3.48
C GLU L 3718 41.31 60.43 2.54
N ASP L 3719 41.31 60.11 1.25
CA ASP L 3719 41.89 60.98 0.24
C ASP L 3719 40.88 62.03 -0.15
N TYR L 3720 41.29 63.30 -0.09
CA TYR L 3720 40.41 64.35 -0.56
C TYR L 3720 40.40 64.41 -2.09
N LEU L 3721 41.46 63.95 -2.73
CA LEU L 3721 41.53 64.02 -4.18
C LEU L 3721 40.56 63.07 -4.84
N TYR L 3722 40.45 61.84 -4.32
CA TYR L 3722 39.50 60.88 -4.85
C TYR L 3722 38.07 61.35 -4.64
N MET L 3723 37.80 61.98 -3.50
CA MET L 3723 36.47 62.54 -3.28
C MET L 3723 36.25 63.75 -4.17
N ALA L 3724 37.32 64.43 -4.57
CA ALA L 3724 37.16 65.52 -5.51
C ALA L 3724 36.86 65.02 -6.91
N TYR L 3725 37.19 63.76 -7.21
CA TYR L 3725 36.86 63.21 -8.51
C TYR L 3725 35.68 62.26 -8.46
N ALA L 3726 35.24 61.88 -7.26
CA ALA L 3726 34.10 60.99 -7.18
C ALA L 3726 32.82 61.70 -7.57
N ASP L 3727 32.66 62.95 -7.16
CA ASP L 3727 31.45 63.68 -7.48
C ASP L 3727 31.44 64.19 -8.92
N ILE L 3728 32.61 64.50 -9.47
CA ILE L 3728 32.68 65.04 -10.83
C ILE L 3728 32.26 63.99 -11.84
N MET L 3729 32.73 62.76 -11.64
CA MET L 3729 32.22 61.68 -12.47
C MET L 3729 30.78 61.32 -12.11
N ALA L 3730 30.34 61.62 -10.90
CA ALA L 3730 28.95 61.35 -10.55
C ALA L 3730 28.01 62.33 -11.24
N LYS L 3731 28.42 63.59 -11.36
CA LYS L 3731 27.59 64.59 -11.99
C LYS L 3731 27.57 64.51 -13.51
N SER L 3732 28.27 63.54 -14.10
CA SER L 3732 28.21 63.40 -15.55
C SER L 3732 26.95 62.68 -16.00
N CYS L 3733 26.20 62.12 -15.07
CA CYS L 3733 24.95 61.45 -15.40
C CYS L 3733 23.73 62.14 -14.81
N HIS L 3734 23.92 63.04 -13.85
CA HIS L 3734 22.79 63.72 -13.21
C HIS L 3734 22.21 64.82 -14.07
N LEU L 3735 22.88 65.20 -15.16
CA LEU L 3735 22.28 66.13 -16.11
C LEU L 3735 21.10 65.48 -16.82
N GLU L 3736 21.16 64.18 -17.03
CA GLU L 3736 20.06 63.42 -17.59
C GLU L 3736 19.25 62.67 -16.53
N GLU L 3737 19.73 62.62 -15.29
CA GLU L 3737 19.01 61.96 -14.22
C GLU L 3737 18.10 62.93 -13.48
N GLU L 3750 3.81 67.48 -19.21
CA GLU L 3750 3.42 66.54 -20.25
C GLU L 3750 4.56 66.33 -21.24
N VAL L 3751 5.01 65.08 -21.36
CA VAL L 3751 6.11 64.74 -22.23
C VAL L 3751 5.61 63.81 -23.34
N SER L 3752 6.34 63.82 -24.44
CA SER L 3752 6.06 62.95 -25.57
C SER L 3752 6.64 61.56 -25.31
N PHE L 3753 6.56 60.69 -26.32
CA PHE L 3753 7.14 59.37 -26.18
C PHE L 3753 8.59 59.35 -26.63
N GLU L 3754 8.88 59.96 -27.78
CA GLU L 3754 10.23 59.94 -28.33
C GLU L 3754 11.19 60.80 -27.51
N GLU L 3755 10.75 61.98 -27.05
CA GLU L 3755 11.67 62.94 -26.47
C GLU L 3755 12.17 62.50 -25.10
N LYS L 3756 11.47 61.58 -24.44
CA LYS L 3756 12.01 61.05 -23.21
C LYS L 3756 12.96 59.90 -23.46
N GLU L 3757 12.88 59.26 -24.64
CA GLU L 3757 13.82 58.20 -24.97
C GLU L 3757 15.21 58.74 -25.24
N MET L 3758 15.30 59.87 -25.93
CA MET L 3758 16.59 60.54 -26.07
C MET L 3758 17.07 61.12 -24.76
N GLU L 3759 16.15 61.50 -23.88
CA GLU L 3759 16.54 61.84 -22.52
C GLU L 3759 16.95 60.58 -21.76
N LYS L 3760 16.41 59.42 -22.14
CA LYS L 3760 16.89 58.17 -21.57
C LYS L 3760 18.22 57.75 -22.19
N GLN L 3761 18.30 57.73 -23.52
CA GLN L 3761 19.48 57.15 -24.17
C GLN L 3761 20.71 58.01 -24.03
N ARG L 3762 20.56 59.33 -23.84
CA ARG L 3762 21.74 60.14 -23.58
C ARG L 3762 22.29 59.84 -22.19
N LEU L 3763 21.46 59.30 -21.30
CA LEU L 3763 21.98 58.84 -20.03
C LEU L 3763 22.70 57.50 -20.20
N LEU L 3764 22.24 56.66 -21.13
CA LEU L 3764 23.03 55.47 -21.42
C LEU L 3764 24.29 55.78 -22.21
N TYR L 3765 24.38 56.96 -22.82
CA TYR L 3765 25.64 57.36 -23.43
C TYR L 3765 26.67 57.71 -22.36
N GLN L 3766 26.27 58.55 -21.41
CA GLN L 3766 27.19 58.95 -20.36
C GLN L 3766 27.46 57.80 -19.39
N GLN L 3767 26.52 56.87 -19.26
CA GLN L 3767 26.83 55.67 -18.49
C GLN L 3767 27.80 54.77 -19.22
N SER L 3768 27.77 54.78 -20.54
CA SER L 3768 28.75 54.02 -21.28
C SER L 3768 30.11 54.68 -21.26
N ARG L 3769 30.14 56.01 -21.13
CA ARG L 3769 31.39 56.75 -21.13
C ARG L 3769 32.22 56.47 -19.90
N LEU L 3770 31.61 55.98 -18.83
CA LEU L 3770 32.36 55.56 -17.67
C LEU L 3770 32.63 54.07 -17.65
N HIS L 3771 31.60 53.24 -17.76
CA HIS L 3771 31.73 51.84 -17.40
C HIS L 3771 32.35 50.97 -18.49
N THR L 3772 32.61 51.52 -19.68
CA THR L 3772 33.49 50.77 -20.58
C THR L 3772 34.95 51.08 -20.28
N ARG L 3773 35.21 52.13 -19.51
CA ARG L 3773 36.57 52.40 -19.06
C ARG L 3773 36.87 51.75 -17.73
N GLY L 3774 36.07 50.79 -17.30
CA GLY L 3774 36.32 50.10 -16.05
C GLY L 3774 35.87 50.85 -14.82
N ALA L 3775 34.86 51.70 -14.93
CA ALA L 3775 34.36 52.42 -13.76
C ALA L 3775 33.51 51.53 -12.86
N ALA L 3776 33.07 50.37 -13.36
CA ALA L 3776 32.15 49.55 -12.58
C ALA L 3776 32.86 48.80 -11.47
N GLU L 3777 34.09 48.37 -11.70
CA GLU L 3777 34.78 47.58 -10.69
C GLU L 3777 35.59 48.43 -9.74
N MET L 3778 35.89 49.68 -10.09
CA MET L 3778 36.48 50.59 -9.14
C MET L 3778 35.53 50.85 -7.99
N VAL L 3779 34.25 51.05 -8.29
CA VAL L 3779 33.29 51.35 -7.23
C VAL L 3779 32.91 50.07 -6.50
N LEU L 3780 33.25 48.91 -7.06
CA LEU L 3780 33.02 47.69 -6.33
C LEU L 3780 34.20 47.29 -5.47
N GLN L 3781 35.40 47.75 -5.81
CA GLN L 3781 36.56 47.38 -5.00
C GLN L 3781 36.63 48.19 -3.71
N MET L 3782 36.33 49.48 -3.77
CA MET L 3782 36.50 50.34 -2.61
C MET L 3782 35.48 50.10 -1.52
N ILE L 3783 34.35 49.48 -1.84
CA ILE L 3783 33.47 49.05 -0.77
C ILE L 3783 34.10 47.87 -0.04
N SER L 3784 34.82 47.01 -0.76
CA SER L 3784 35.57 45.96 -0.08
C SER L 3784 36.78 46.53 0.63
N ALA L 3785 37.29 47.67 0.18
CA ALA L 3785 38.41 48.32 0.83
C ALA L 3785 37.96 49.20 1.98
N CYS L 3786 36.67 49.45 2.13
CA CYS L 3786 36.19 50.13 3.33
C CYS L 3786 36.27 49.23 4.55
N LYS L 3787 35.71 48.02 4.44
CA LYS L 3787 35.54 47.10 5.55
C LYS L 3787 34.79 47.73 6.72
N GLY L 3788 33.76 48.51 6.39
CA GLY L 3788 32.82 48.93 7.41
C GLY L 3788 33.03 50.30 7.99
N GLU L 3789 34.11 50.97 7.63
CA GLU L 3789 34.41 52.27 8.21
C GLU L 3789 33.52 53.31 7.55
N THR L 3790 32.39 53.63 8.19
CA THR L 3790 31.40 54.53 7.62
C THR L 3790 31.85 55.99 7.65
N GLY L 3791 32.86 56.27 6.84
CA GLY L 3791 33.45 57.60 6.79
C GLY L 3791 32.87 58.45 5.69
N ALA L 3792 33.64 59.45 5.30
CA ALA L 3792 33.19 60.38 4.26
C ALA L 3792 33.42 59.86 2.86
N MET L 3793 34.37 58.95 2.67
CA MET L 3793 34.62 58.42 1.34
C MET L 3793 33.51 57.50 0.86
N VAL L 3794 32.99 56.65 1.75
CA VAL L 3794 31.92 55.77 1.34
C VAL L 3794 30.60 56.53 1.14
N SER L 3795 30.51 57.76 1.63
CA SER L 3795 29.46 58.62 1.11
C SER L 3795 29.73 58.98 -0.33
N SER L 3796 30.92 59.46 -0.64
CA SER L 3796 31.21 59.93 -1.98
C SER L 3796 31.41 58.81 -2.97
N THR L 3797 31.64 57.59 -2.52
CA THR L 3797 31.74 56.52 -3.50
C THR L 3797 30.38 55.95 -3.87
N LEU L 3798 29.34 56.21 -3.08
CA LEU L 3798 28.06 55.60 -3.41
C LEU L 3798 27.27 56.47 -4.36
N LYS L 3799 27.48 57.78 -4.33
CA LYS L 3799 26.83 58.66 -5.29
C LYS L 3799 27.35 58.42 -6.69
N LEU L 3800 28.59 57.95 -6.83
CA LEU L 3800 29.04 57.48 -8.13
C LEU L 3800 28.42 56.13 -8.47
N GLY L 3801 28.22 55.29 -7.45
CA GLY L 3801 27.65 53.98 -7.71
C GLY L 3801 26.20 54.02 -8.11
N ILE L 3802 25.49 55.07 -7.71
CA ILE L 3802 24.12 55.24 -8.16
C ILE L 3802 24.08 55.78 -9.58
N SER L 3803 24.90 56.79 -9.89
CA SER L 3803 24.82 57.44 -11.19
C SER L 3803 25.35 56.57 -12.32
N ILE L 3804 25.95 55.42 -12.01
CA ILE L 3804 26.22 54.44 -13.04
C ILE L 3804 25.06 53.47 -13.18
N LEU L 3805 24.48 53.04 -12.06
CA LEU L 3805 23.37 52.10 -12.09
C LEU L 3805 22.02 52.77 -12.00
N ASN L 3806 21.93 54.07 -12.29
CA ASN L 3806 20.65 54.74 -12.28
C ASN L 3806 19.84 54.30 -13.49
N GLY L 3807 18.52 54.28 -13.33
CA GLY L 3807 17.65 53.85 -14.41
C GLY L 3807 17.62 52.36 -14.66
N GLY L 3808 18.36 51.57 -13.89
CA GLY L 3808 18.36 50.15 -14.09
C GLY L 3808 19.10 49.71 -15.33
N ASN L 3809 20.38 50.08 -15.43
CA ASN L 3809 21.20 49.59 -16.52
C ASN L 3809 21.46 48.10 -16.34
N ALA L 3810 21.62 47.40 -17.46
CA ALA L 3810 21.73 45.95 -17.42
C ALA L 3810 23.16 45.46 -17.39
N GLU L 3811 24.01 45.90 -18.32
CA GLU L 3811 25.31 45.28 -18.47
C GLU L 3811 26.30 45.68 -17.39
N VAL L 3812 26.02 46.75 -16.64
CA VAL L 3812 26.86 47.03 -15.49
C VAL L 3812 26.65 46.00 -14.40
N GLN L 3813 25.45 45.42 -14.34
CA GLN L 3813 25.24 44.30 -13.43
C GLN L 3813 25.93 43.06 -13.96
N GLN L 3814 25.95 42.88 -15.28
CA GLN L 3814 26.69 41.77 -15.83
C GLN L 3814 28.18 42.01 -15.79
N LYS L 3815 28.59 43.27 -15.69
CA LYS L 3815 29.99 43.56 -15.38
C LYS L 3815 30.28 43.45 -13.90
N MET L 3816 29.26 43.24 -13.07
CA MET L 3816 29.49 43.15 -11.64
C MET L 3816 29.35 41.74 -11.09
N LEU L 3817 28.50 40.91 -11.69
CA LEU L 3817 28.31 39.56 -11.16
C LEU L 3817 29.54 38.70 -11.39
N ASP L 3818 30.10 38.77 -12.60
CA ASP L 3818 31.31 38.04 -12.92
C ASP L 3818 32.49 38.45 -12.05
N TYR L 3819 32.58 39.74 -11.69
CA TYR L 3819 33.65 40.19 -10.82
C TYR L 3819 33.51 39.60 -9.42
N LEU L 3820 32.29 39.38 -8.95
CA LEU L 3820 32.10 38.71 -7.68
C LEU L 3820 32.07 37.20 -7.80
N LYS L 3821 32.28 36.66 -9.00
CA LYS L 3821 32.29 35.22 -9.17
C LYS L 3821 33.64 34.67 -9.58
N ASP L 3822 34.47 35.45 -10.26
CA ASP L 3822 35.83 34.99 -10.48
C ASP L 3822 36.74 35.27 -9.29
N LYS L 3823 36.40 36.24 -8.45
CA LYS L 3823 37.30 36.61 -7.36
C LYS L 3823 36.96 35.86 -6.08
N LYS L 3824 35.70 35.44 -5.92
CA LYS L 3824 35.15 34.88 -4.68
C LYS L 3824 35.42 35.81 -3.50
N GLU L 3825 35.25 37.11 -3.71
CA GLU L 3825 35.71 38.12 -2.77
C GLU L 3825 34.75 38.23 -1.60
N VAL L 3826 34.88 37.34 -0.63
CA VAL L 3826 34.29 37.58 0.67
C VAL L 3826 35.02 38.76 1.31
N GLY L 3827 34.26 39.73 1.76
CA GLY L 3827 34.83 40.96 2.25
C GLY L 3827 34.06 42.13 1.70
N PHE L 3828 33.57 41.96 0.47
CA PHE L 3828 32.56 42.87 -0.03
C PHE L 3828 31.29 42.76 0.79
N PHE L 3829 30.72 41.55 0.80
CA PHE L 3829 29.46 41.29 1.45
C PHE L 3829 29.53 41.48 2.95
N GLN L 3830 30.68 41.22 3.56
CA GLN L 3830 30.83 41.53 4.97
C GLN L 3830 30.88 43.02 5.21
N SER L 3831 31.54 43.78 4.33
CA SER L 3831 31.50 45.22 4.47
C SER L 3831 30.13 45.79 4.14
N ILE L 3832 29.38 45.10 3.28
CA ILE L 3832 27.98 45.44 3.11
C ILE L 3832 27.22 45.22 4.41
N GLN L 3833 27.46 44.09 5.07
CA GLN L 3833 26.76 43.78 6.31
C GLN L 3833 27.21 44.70 7.43
N ALA L 3834 28.45 45.17 7.37
CA ALA L 3834 28.93 46.07 8.41
C ALA L 3834 28.29 47.45 8.33
N LEU L 3835 28.16 48.00 7.12
CA LEU L 3835 27.49 49.29 6.98
C LEU L 3835 26.00 49.21 7.32
N MET L 3836 25.39 48.03 7.19
CA MET L 3836 23.97 47.90 7.46
C MET L 3836 23.65 48.09 8.94
N GLN L 3837 24.46 47.51 9.82
CA GLN L 3837 24.16 47.59 11.24
C GLN L 3837 24.47 48.96 11.83
N THR L 3838 25.38 49.71 11.22
CA THR L 3838 25.70 51.06 11.71
C THR L 3838 24.85 52.10 11.00
N CYS L 3839 23.55 51.86 10.99
CA CYS L 3839 22.58 52.80 10.47
C CYS L 3839 21.72 53.29 11.61
N SER L 3840 21.80 54.59 11.89
CA SER L 3840 21.08 55.18 12.99
C SER L 3840 19.57 55.13 12.74
N VAL L 3841 18.81 55.10 13.83
CA VAL L 3841 17.37 55.09 13.77
C VAL L 3841 16.86 56.20 14.68
N LEU L 3842 15.54 56.30 14.83
CA LEU L 3842 14.93 57.29 15.73
C LEU L 3842 15.30 56.94 17.16
N ASP L 3843 15.85 57.89 17.90
CA ASP L 3843 16.06 57.65 19.31
C ASP L 3843 15.06 58.43 20.14
N LEU L 3844 15.11 58.21 21.45
CA LEU L 3844 14.32 59.00 22.37
C LEU L 3844 15.16 59.64 23.46
N ASN L 3845 16.45 59.83 23.20
CA ASN L 3845 17.33 60.46 24.18
C ASN L 3845 18.02 61.71 23.67
N ALA L 3846 18.67 61.62 22.52
CA ALA L 3846 19.28 62.80 21.91
C ALA L 3846 18.25 63.72 21.31
N PHE L 3847 17.03 63.22 21.10
CA PHE L 3847 15.95 64.03 20.57
C PHE L 3847 15.61 65.19 21.49
N GLU L 3848 15.46 64.93 22.78
CA GLU L 3848 15.25 66.02 23.72
C GLU L 3848 16.53 66.74 24.05
N ARG L 3849 17.69 66.10 23.84
CA ARG L 3849 18.95 66.83 23.93
C ARG L 3849 19.01 67.93 22.90
N GLN L 3850 18.61 67.61 21.67
CA GLN L 3850 18.44 68.63 20.64
C GLN L 3850 17.38 69.64 21.04
N ASN L 3851 16.32 69.19 21.68
CA ASN L 3851 15.23 70.09 22.04
C ASN L 3851 15.64 71.03 23.15
N LYS L 3852 16.38 70.52 24.14
CA LYS L 3852 16.94 71.40 25.16
C LYS L 3852 18.01 72.30 24.58
N ALA L 3853 18.76 71.80 23.60
CA ALA L 3853 19.66 72.67 22.85
C ALA L 3853 18.90 73.68 22.04
N GLU L 3854 17.71 73.34 21.56
CA GLU L 3854 16.91 74.27 20.77
C GLU L 3854 16.33 75.41 21.59
N GLY L 3855 16.44 75.35 22.92
CA GLY L 3855 15.99 76.46 23.75
C GLY L 3855 16.93 77.65 23.78
N LEU L 3856 18.05 77.57 23.05
CA LEU L 3856 19.02 78.64 22.99
C LEU L 3856 19.09 79.12 21.55
N GLY L 3857 18.98 80.44 21.35
CA GLY L 3857 18.92 80.96 19.99
C GLY L 3857 20.12 81.79 19.60
N MET L 3858 20.71 82.50 20.55
CA MET L 3858 21.88 83.33 20.28
C MET L 3858 22.75 83.36 21.51
N VAL L 3859 24.02 83.12 21.32
CA VAL L 3859 24.97 82.97 22.43
C VAL L 3859 25.62 84.32 22.71
N ASN L 3860 26.00 84.53 23.97
CA ASN L 3860 26.55 85.79 24.47
C ASN L 3860 27.86 86.15 23.77
N GLU L 3861 28.21 87.43 23.91
CA GLU L 3861 29.50 88.01 23.52
C GLU L 3861 29.74 87.91 22.01
N ASP L 3862 28.80 88.47 21.25
CA ASP L 3862 28.91 88.75 19.82
C ASP L 3862 29.08 87.47 18.99
N GLY L 3863 28.61 86.37 19.55
CA GLY L 3863 28.66 85.11 18.85
C GLY L 3863 27.28 84.69 18.39
N THR L 3864 27.21 83.83 17.39
CA THR L 3864 25.94 83.32 16.94
C THR L 3864 25.92 81.81 17.11
N VAL L 3865 24.80 81.27 17.59
CA VAL L 3865 24.63 79.83 17.65
C VAL L 3865 24.49 79.30 16.23
N ILE L 3866 25.54 78.65 15.74
CA ILE L 3866 25.50 78.07 14.41
C ILE L 3866 24.62 76.83 14.46
N ASN L 3867 23.39 76.96 13.98
CA ASN L 3867 22.44 75.86 14.02
C ASN L 3867 22.81 74.72 13.09
N ARG L 3868 23.67 74.98 12.10
CA ARG L 3868 24.20 73.91 11.27
C ARG L 3868 25.38 73.21 11.91
N GLN L 3869 26.03 73.83 12.89
CA GLN L 3869 27.12 73.17 13.59
C GLN L 3869 26.61 72.03 14.45
N ASN L 3870 25.59 72.30 15.27
CA ASN L 3870 24.87 71.21 15.91
C ASN L 3870 24.10 70.38 14.89
N GLY L 3871 23.37 71.04 13.99
CA GLY L 3871 22.65 70.36 12.94
C GLY L 3871 21.54 69.51 13.51
N GLU L 3872 21.40 68.31 12.97
CA GLU L 3872 20.52 67.30 13.53
C GLU L 3872 21.37 66.25 14.20
N LYS L 3873 21.43 66.28 15.53
CA LYS L 3873 22.14 65.23 16.26
C LYS L 3873 21.40 63.91 16.16
N VAL L 3874 20.09 63.97 15.98
CA VAL L 3874 19.27 62.77 15.77
C VAL L 3874 19.19 62.46 14.28
N MET L 3875 19.65 61.25 13.93
CA MET L 3875 19.62 60.70 12.56
C MET L 3875 20.32 61.62 11.55
N ALA L 3876 21.57 61.97 11.84
CA ALA L 3876 22.41 62.60 10.83
C ALA L 3876 22.94 61.58 9.84
N ASP L 3877 22.71 60.29 10.10
CA ASP L 3877 23.07 59.18 9.23
C ASP L 3877 22.07 58.98 8.11
N ASP L 3878 21.07 59.86 8.01
CA ASP L 3878 19.86 59.64 7.22
C ASP L 3878 20.13 59.51 5.73
N GLU L 3879 20.73 60.53 5.10
CA GLU L 3879 20.87 60.55 3.66
C GLU L 3879 21.87 59.51 3.20
N PHE L 3880 22.82 59.15 4.07
CA PHE L 3880 23.75 58.09 3.72
C PHE L 3880 23.05 56.74 3.74
N THR L 3881 22.33 56.42 4.82
CA THR L 3881 21.71 55.10 4.91
C THR L 3881 20.54 54.94 3.96
N GLN L 3882 19.96 56.04 3.51
CA GLN L 3882 19.01 55.97 2.41
C GLN L 3882 19.72 55.67 1.11
N ASP L 3883 20.94 56.20 0.97
CA ASP L 3883 21.65 56.07 -0.29
C ASP L 3883 22.17 54.67 -0.51
N LEU L 3884 22.42 53.93 0.57
CA LEU L 3884 22.93 52.58 0.41
C LEU L 3884 21.84 51.64 -0.07
N PHE L 3885 20.65 51.74 0.50
CA PHE L 3885 19.52 50.96 0.03
C PHE L 3885 19.09 51.37 -1.37
N ARG L 3886 19.21 52.66 -1.70
CA ARG L 3886 18.96 53.10 -3.07
C ARG L 3886 20.00 52.51 -4.02
N PHE L 3887 21.24 52.39 -3.57
CA PHE L 3887 22.20 51.59 -4.33
C PHE L 3887 21.78 50.13 -4.35
N LEU L 3888 21.37 49.60 -3.19
CA LEU L 3888 21.00 48.20 -3.10
C LEU L 3888 19.74 47.86 -3.89
N GLN L 3889 18.83 48.82 -4.04
CA GLN L 3889 17.68 48.60 -4.89
C GLN L 3889 18.10 48.45 -6.34
N LEU L 3890 19.10 49.22 -6.76
CA LEU L 3890 19.49 49.29 -8.16
C LEU L 3890 20.37 48.13 -8.60
N LEU L 3891 20.59 47.13 -7.76
CA LEU L 3891 21.35 45.98 -8.21
C LEU L 3891 20.44 44.91 -8.82
N CYS L 3892 19.14 44.95 -8.52
CA CYS L 3892 18.18 44.03 -9.10
C CYS L 3892 17.00 44.79 -9.69
N GLU L 3893 17.28 45.89 -10.38
CA GLU L 3893 16.20 46.69 -10.95
C GLU L 3893 15.58 46.03 -12.16
N GLY L 3894 16.41 45.46 -13.04
CA GLY L 3894 15.88 44.76 -14.20
C GLY L 3894 15.47 43.34 -13.93
N HIS L 3895 15.25 43.01 -12.64
CA HIS L 3895 14.78 41.70 -12.17
C HIS L 3895 15.78 40.61 -12.56
N ASN L 3896 17.06 40.94 -12.48
CA ASN L 3896 18.13 40.03 -12.87
C ASN L 3896 18.20 38.89 -11.88
N ASN L 3897 17.65 37.74 -12.28
CA ASN L 3897 17.33 36.67 -11.35
C ASN L 3897 18.55 36.03 -10.70
N ASP L 3898 19.71 36.15 -11.33
CA ASP L 3898 20.94 35.68 -10.72
C ASP L 3898 21.31 36.43 -9.44
N PHE L 3899 21.11 37.75 -9.40
CA PHE L 3899 21.35 38.50 -8.17
C PHE L 3899 20.32 38.17 -7.09
N GLN L 3900 19.11 37.81 -7.51
CA GLN L 3900 18.16 37.24 -6.57
C GLN L 3900 18.64 35.93 -5.98
N ASN L 3901 19.48 35.19 -6.69
CA ASN L 3901 20.08 34.01 -6.08
C ASN L 3901 21.52 34.26 -5.66
N TYR L 3902 22.03 35.48 -5.87
CA TYR L 3902 23.36 35.79 -5.37
C TYR L 3902 23.29 36.50 -4.03
N LEU L 3903 22.34 37.42 -3.88
CA LEU L 3903 22.27 38.24 -2.68
C LEU L 3903 21.77 37.48 -1.47
N ARG L 3904 21.29 36.25 -1.63
CA ARG L 3904 21.01 35.44 -0.46
C ARG L 3904 22.01 34.30 -0.35
N THR L 3905 22.74 34.00 -1.42
CA THR L 3905 23.71 32.93 -1.39
C THR L 3905 24.85 33.24 -2.33
N GLN L 3906 26.04 33.41 -1.78
CA GLN L 3906 27.25 33.54 -2.57
C GLN L 3906 27.83 32.16 -2.71
N THR L 3907 27.20 31.35 -3.57
CA THR L 3907 27.48 29.93 -3.63
C THR L 3907 28.88 29.58 -4.11
N GLY L 3908 29.52 30.46 -4.88
CA GLY L 3908 30.89 30.22 -5.27
C GLY L 3908 31.84 30.49 -4.12
N ASN L 3909 31.45 31.40 -3.24
CA ASN L 3909 32.26 31.82 -2.12
C ASN L 3909 32.28 30.74 -1.03
N THR L 3910 33.10 30.99 -0.02
CA THR L 3910 33.15 30.07 1.12
C THR L 3910 32.03 30.33 2.11
N THR L 3911 31.64 31.59 2.27
CA THR L 3911 30.79 32.00 3.37
C THR L 3911 29.68 32.91 2.85
N THR L 3912 28.44 32.46 2.97
CA THR L 3912 27.29 33.27 2.59
C THR L 3912 27.02 34.31 3.65
N ILE L 3913 26.34 35.38 3.25
CA ILE L 3913 25.95 36.45 4.15
C ILE L 3913 24.44 36.62 4.22
N ASN L 3914 23.77 36.49 3.07
CA ASN L 3914 22.31 36.62 2.93
C ASN L 3914 21.84 38.01 3.40
N ILE L 3915 22.25 39.00 2.61
CA ILE L 3915 21.88 40.41 2.81
C ILE L 3915 20.38 40.61 2.86
N ILE L 3916 19.64 39.77 2.14
CA ILE L 3916 18.18 39.76 2.20
C ILE L 3916 17.69 39.59 3.62
N ILE L 3917 18.28 38.66 4.37
CA ILE L 3917 17.97 38.55 5.78
C ILE L 3917 18.49 39.76 6.54
N CYS L 3918 19.67 40.26 6.17
CA CYS L 3918 20.23 41.44 6.80
C CYS L 3918 19.42 42.69 6.49
N THR L 3919 18.69 42.71 5.38
CA THR L 3919 17.81 43.82 5.10
C THR L 3919 16.57 43.78 5.99
N VAL L 3920 16.13 42.57 6.35
CA VAL L 3920 15.00 42.42 7.25
C VAL L 3920 15.36 42.93 8.64
N ASP L 3921 16.59 42.68 9.08
CA ASP L 3921 16.92 42.95 10.48
C ASP L 3921 17.11 44.44 10.73
N TYR L 3922 17.50 45.20 9.70
CA TYR L 3922 17.50 46.64 9.87
C TYR L 3922 16.07 47.16 9.95
N LEU L 3923 15.18 46.56 9.18
CA LEU L 3923 13.79 46.99 9.14
C LEU L 3923 13.10 46.78 10.48
N LEU L 3924 13.39 45.67 11.16
CA LEU L 3924 12.86 45.45 12.49
C LEU L 3924 13.40 46.46 13.49
N ARG L 3925 14.69 46.75 13.41
CA ARG L 3925 15.27 47.78 14.26
C ARG L 3925 14.71 49.15 13.93
N LEU L 3926 14.33 49.37 12.67
CA LEU L 3926 13.58 50.56 12.35
C LEU L 3926 12.18 50.50 12.91
N GLN L 3927 11.61 49.30 13.00
CA GLN L 3927 10.20 49.16 13.30
C GLN L 3927 9.89 49.52 14.74
N GLU L 3928 10.69 49.03 15.68
CA GLU L 3928 10.49 49.45 17.06
C GLU L 3928 10.87 50.91 17.26
N SER L 3929 11.84 51.40 16.51
CA SER L 3929 12.33 52.75 16.68
C SER L 3929 11.30 53.78 16.21
N ILE L 3930 10.49 53.42 15.23
CA ILE L 3930 9.43 54.33 14.84
C ILE L 3930 8.23 54.17 15.76
N SER L 3931 8.04 52.97 16.32
CA SER L 3931 6.87 52.72 17.15
C SER L 3931 7.00 53.40 18.51
N ASP L 3932 8.21 53.44 19.05
CA ASP L 3932 8.40 54.13 20.31
C ASP L 3932 8.36 55.63 20.14
N PHE L 3933 8.60 56.12 18.92
CA PHE L 3933 8.37 57.53 18.67
C PHE L 3933 6.89 57.86 18.67
N TYR L 3934 6.04 56.86 18.41
CA TYR L 3934 4.61 57.09 18.52
C TYR L 3934 4.19 57.19 19.97
N TRP L 3935 4.77 56.37 20.84
CA TRP L 3935 4.35 56.33 22.23
C TRP L 3935 4.75 57.57 22.99
N TYR L 3936 5.81 58.25 22.56
CA TYR L 3936 6.14 59.54 23.16
C TYR L 3936 5.10 60.58 22.80
N TYR L 3937 4.59 60.52 21.57
CA TYR L 3937 3.64 61.51 21.10
C TYR L 3937 2.21 61.06 21.25
N SER L 3938 1.98 59.86 21.77
CA SER L 3938 0.63 59.37 21.95
C SER L 3938 -0.10 60.10 23.07
N GLY L 3939 0.62 60.78 23.95
CA GLY L 3939 -0.02 61.56 24.98
C GLY L 3939 -0.19 63.01 24.57
N LYS L 3940 0.71 63.52 23.75
CA LYS L 3940 0.63 64.90 23.30
C LYS L 3940 -0.51 65.06 22.31
N ASP L 3941 -1.01 66.29 22.21
CA ASP L 3941 -2.13 66.56 21.32
C ASP L 3941 -1.64 67.06 19.96
N VAL L 3942 -0.93 68.17 19.95
CA VAL L 3942 -0.43 68.76 18.73
C VAL L 3942 1.03 68.35 18.54
N ILE L 3943 1.53 68.54 17.32
CA ILE L 3943 2.91 68.24 16.99
C ILE L 3943 3.58 69.53 16.54
N GLU L 3944 4.75 69.81 17.10
CA GLU L 3944 5.49 71.01 16.74
C GLU L 3944 6.28 70.78 15.45
N GLU L 3945 7.09 71.78 15.08
CA GLU L 3945 7.81 71.75 13.81
C GLU L 3945 8.91 70.70 13.78
N GLN L 3946 9.70 70.59 14.85
CA GLN L 3946 10.83 69.67 14.82
C GLN L 3946 10.40 68.23 14.98
N GLY L 3947 9.21 68.00 15.52
CA GLY L 3947 8.69 66.65 15.68
C GLY L 3947 8.37 66.00 14.36
N LYS L 3948 7.89 66.78 13.41
CA LYS L 3948 7.57 66.23 12.11
C LYS L 3948 8.79 66.04 11.24
N ARG L 3949 9.78 66.92 11.35
CA ARG L 3949 10.99 66.83 10.53
C ARG L 3949 11.75 65.55 10.82
N ASN L 3950 11.76 65.15 12.10
CA ASN L 3950 12.24 63.83 12.46
C ASN L 3950 11.39 62.73 11.86
N PHE L 3951 10.08 62.90 11.87
CA PHE L 3951 9.23 61.81 11.44
C PHE L 3951 9.12 61.80 9.92
N SER L 3952 9.36 62.94 9.29
CA SER L 3952 9.51 62.97 7.84
C SER L 3952 10.75 62.22 7.40
N LYS L 3953 11.80 62.24 8.23
CA LYS L 3953 13.04 61.57 7.88
C LYS L 3953 12.88 60.05 7.88
N ALA L 3954 12.28 59.51 8.95
CA ALA L 3954 12.28 58.07 9.15
C ALA L 3954 11.38 57.34 8.16
N MET L 3955 10.35 57.99 7.65
CA MET L 3955 9.53 57.32 6.65
C MET L 3955 10.12 57.43 5.25
N SER L 3956 10.86 58.51 4.99
CA SER L 3956 11.53 58.65 3.71
C SER L 3956 12.61 57.59 3.55
N VAL L 3957 13.21 57.13 4.65
CA VAL L 3957 14.14 56.03 4.53
C VAL L 3957 13.37 54.71 4.58
N ALA L 3958 12.15 54.73 5.09
CA ALA L 3958 11.36 53.52 5.12
C ALA L 3958 10.80 53.20 3.74
N LYS L 3959 10.39 54.23 2.99
CA LYS L 3959 9.93 54.00 1.63
C LYS L 3959 11.06 53.52 0.74
N GLN L 3960 12.28 53.96 1.03
CA GLN L 3960 13.44 53.48 0.31
C GLN L 3960 13.67 52.00 0.57
N VAL L 3961 13.44 51.54 1.79
CA VAL L 3961 13.83 50.18 2.08
C VAL L 3961 12.73 49.20 1.70
N PHE L 3962 11.45 49.62 1.72
CA PHE L 3962 10.42 48.73 1.18
C PHE L 3962 10.55 48.60 -0.33
N ASN L 3963 10.85 49.70 -1.01
CA ASN L 3963 11.18 49.61 -2.42
C ASN L 3963 12.42 48.77 -2.67
N SER L 3964 13.40 48.85 -1.79
CA SER L 3964 14.56 47.99 -1.95
C SER L 3964 14.25 46.57 -1.54
N LEU L 3965 13.26 46.37 -0.69
CA LEU L 3965 12.81 45.02 -0.41
C LEU L 3965 12.13 44.38 -1.61
N THR L 3966 11.23 45.10 -2.26
CA THR L 3966 10.39 44.44 -3.25
C THR L 3966 11.14 44.13 -4.52
N GLU L 3967 12.26 44.80 -4.78
CA GLU L 3967 13.06 44.44 -5.94
C GLU L 3967 13.86 43.16 -5.71
N TYR L 3968 13.89 42.66 -4.47
CA TYR L 3968 14.37 41.30 -4.27
C TYR L 3968 13.30 40.28 -4.64
N ILE L 3969 12.04 40.70 -4.74
CA ILE L 3969 10.95 39.77 -4.98
C ILE L 3969 10.01 40.21 -6.09
N GLN L 3970 10.33 41.30 -6.82
CA GLN L 3970 9.49 41.66 -7.97
C GLN L 3970 9.52 40.58 -9.04
N GLY L 3971 10.69 40.04 -9.33
CA GLY L 3971 10.77 38.84 -10.10
C GLY L 3971 10.16 37.72 -9.31
N PRO L 3972 9.54 36.75 -9.99
CA PRO L 3972 8.92 35.63 -9.29
C PRO L 3972 9.92 34.57 -8.85
N CYS L 3973 10.95 34.97 -8.11
CA CYS L 3973 11.97 34.05 -7.62
C CYS L 3973 11.52 33.53 -6.27
N THR L 3974 11.42 32.21 -6.15
CA THR L 3974 10.94 31.61 -4.92
C THR L 3974 11.95 31.73 -3.78
N GLY L 3975 13.24 31.74 -4.12
CA GLY L 3975 14.27 31.64 -3.09
C GLY L 3975 14.33 32.86 -2.19
N ASN L 3976 13.91 34.01 -2.70
CA ASN L 3976 13.68 35.14 -1.82
C ASN L 3976 12.34 35.03 -1.12
N GLN L 3977 11.32 34.53 -1.82
CA GLN L 3977 9.99 34.51 -1.23
C GLN L 3977 9.85 33.38 -0.22
N GLN L 3978 10.78 32.44 -0.20
CA GLN L 3978 10.85 31.52 0.92
C GLN L 3978 11.52 32.14 2.13
N SER L 3979 12.61 32.88 1.92
CA SER L 3979 13.35 33.45 3.03
C SER L 3979 12.57 34.58 3.70
N LEU L 3980 11.80 35.32 2.92
CA LEU L 3980 10.92 36.31 3.51
C LEU L 3980 9.76 35.66 4.25
N ALA L 3981 9.44 34.41 3.91
CA ALA L 3981 8.34 33.73 4.57
C ALA L 3981 8.76 33.07 5.88
N HIS L 3982 10.03 33.19 6.25
CA HIS L 3982 10.53 32.51 7.44
C HIS L 3982 11.23 33.43 8.42
N SER L 3983 11.36 34.71 8.10
CA SER L 3983 11.91 35.65 9.06
C SER L 3983 10.81 36.17 9.96
N ARG L 3984 11.09 37.25 10.68
CA ARG L 3984 10.08 37.95 11.46
C ARG L 3984 9.46 39.09 10.66
N LEU L 3985 9.42 38.92 9.33
CA LEU L 3985 8.92 39.96 8.44
C LEU L 3985 7.45 40.26 8.69
N TRP L 3986 6.66 39.23 8.95
CA TRP L 3986 5.28 39.45 9.38
C TRP L 3986 5.24 40.21 10.69
N ASP L 3987 6.10 39.84 11.64
CA ASP L 3987 6.17 40.56 12.90
C ASP L 3987 6.73 41.96 12.72
N ALA L 3988 7.49 42.20 11.65
CA ALA L 3988 7.80 43.57 11.28
C ALA L 3988 6.57 44.28 10.74
N VAL L 3989 5.81 43.58 9.88
CA VAL L 3989 4.63 44.15 9.26
C VAL L 3989 3.55 44.44 10.28
N VAL L 3990 3.38 43.54 11.26
CA VAL L 3990 2.39 43.71 12.33
C VAL L 3990 2.67 44.98 13.11
N GLY L 3991 3.93 45.25 13.41
CA GLY L 3991 4.29 46.50 14.03
C GLY L 3991 4.04 47.70 13.15
N PHE L 3992 4.26 47.54 11.84
CA PHE L 3992 3.89 48.62 10.93
C PHE L 3992 2.39 48.75 10.81
N LEU L 3993 1.66 47.64 10.94
CA LEU L 3993 0.21 47.73 10.94
C LEU L 3993 -0.30 48.46 12.17
N HIS L 3994 0.36 48.29 13.31
CA HIS L 3994 -0.14 48.94 14.51
C HIS L 3994 0.20 50.42 14.55
N VAL L 3995 1.32 50.81 13.95
CA VAL L 3995 1.63 52.24 13.94
C VAL L 3995 0.78 52.97 12.91
N PHE L 3996 0.32 52.29 11.87
CA PHE L 3996 -0.43 52.98 10.84
C PHE L 3996 -1.84 53.28 11.29
N ALA L 3997 -2.48 52.34 11.98
CA ALA L 3997 -3.85 52.55 12.42
C ALA L 3997 -3.96 53.60 13.51
N HIS L 3998 -2.86 53.90 14.19
CA HIS L 3998 -2.95 54.87 15.27
C HIS L 3998 -2.37 56.21 14.90
N MET L 3999 -1.47 56.26 13.92
CA MET L 3999 -0.91 57.55 13.54
C MET L 3999 -1.94 58.40 12.82
N MET L 4000 -2.70 57.81 11.89
CA MET L 4000 -3.69 58.56 11.13
C MET L 4000 -4.79 59.12 12.02
N MET L 4001 -5.39 58.26 12.84
CA MET L 4001 -6.51 58.63 13.70
C MET L 4001 -6.10 59.60 14.79
N LYS L 4002 -4.80 59.77 15.04
CA LYS L 4002 -4.33 60.95 15.75
C LYS L 4002 -4.05 62.11 14.80
N LEU L 4003 -3.48 61.84 13.63
CA LEU L 4003 -3.10 62.94 12.74
C LEU L 4003 -4.28 63.50 11.96
N ALA L 4004 -5.46 62.92 12.07
CA ALA L 4004 -6.61 63.42 11.34
C ALA L 4004 -7.29 64.59 12.03
N GLN L 4005 -6.67 65.23 13.02
CA GLN L 4005 -7.35 66.21 13.83
C GLN L 4005 -6.79 67.62 13.67
N ASP L 4006 -6.14 67.91 12.54
CA ASP L 4006 -5.70 69.27 12.28
C ASP L 4006 -5.53 69.46 10.78
N SER L 4007 -5.64 70.72 10.37
CA SER L 4007 -5.23 71.14 9.04
C SER L 4007 -3.73 71.23 8.88
N SER L 4008 -3.00 71.58 9.95
CA SER L 4008 -1.55 71.71 9.88
C SER L 4008 -0.82 70.40 10.09
N GLN L 4009 -1.53 69.27 10.05
CA GLN L 4009 -0.92 67.95 10.13
C GLN L 4009 -1.03 67.19 8.82
N ILE L 4010 -1.54 67.84 7.77
CA ILE L 4010 -1.88 67.10 6.57
C ILE L 4010 -0.65 66.84 5.70
N GLU L 4011 0.42 67.65 5.86
CA GLU L 4011 1.64 67.44 5.09
C GLU L 4011 2.29 66.12 5.44
N LEU L 4012 2.22 65.73 6.70
CA LEU L 4012 2.80 64.47 7.14
C LEU L 4012 1.97 63.28 6.69
N LEU L 4013 0.65 63.42 6.66
CA LEU L 4013 -0.19 62.24 6.49
C LEU L 4013 -0.20 61.74 5.05
N LYS L 4014 0.00 62.65 4.07
CA LYS L 4014 0.13 62.21 2.68
C LYS L 4014 1.34 61.32 2.50
N GLU L 4015 2.39 61.58 3.26
CA GLU L 4015 3.57 60.74 3.20
C GLU L 4015 3.31 59.35 3.76
N LEU L 4016 2.45 59.27 4.78
CA LEU L 4016 2.18 57.99 5.42
C LEU L 4016 1.37 57.07 4.51
N LEU L 4017 0.42 57.64 3.76
CA LEU L 4017 -0.37 56.84 2.85
C LEU L 4017 0.47 56.31 1.70
N ASP L 4018 1.40 57.11 1.20
CA ASP L 4018 2.30 56.65 0.15
C ASP L 4018 3.27 55.61 0.66
N LEU L 4019 3.53 55.58 1.97
CA LEU L 4019 4.39 54.54 2.52
C LEU L 4019 3.69 53.19 2.51
N GLN L 4020 2.48 53.12 3.06
CA GLN L 4020 1.78 51.85 3.13
C GLN L 4020 1.23 51.40 1.79
N LYS L 4021 1.11 52.32 0.83
CA LYS L 4021 0.94 51.90 -0.55
C LYS L 4021 2.11 51.06 -1.00
N ASP L 4022 3.32 51.50 -0.69
CA ASP L 4022 4.51 50.76 -1.07
C ASP L 4022 4.69 49.50 -0.22
N MET L 4023 4.07 49.44 0.95
CA MET L 4023 4.17 48.23 1.74
C MET L 4023 3.28 47.13 1.17
N VAL L 4024 2.06 47.47 0.78
CA VAL L 4024 1.16 46.43 0.34
C VAL L 4024 1.50 45.96 -1.07
N VAL L 4025 2.22 46.79 -1.84
CA VAL L 4025 2.67 46.31 -3.13
C VAL L 4025 3.83 45.35 -2.96
N MET L 4026 4.54 45.44 -1.82
CA MET L 4026 5.51 44.41 -1.50
C MET L 4026 4.81 43.11 -1.14
N LEU L 4027 3.66 43.21 -0.46
CA LEU L 4027 2.86 42.04 -0.17
C LEU L 4027 2.30 41.41 -1.44
N LEU L 4028 1.90 42.24 -2.40
CA LEU L 4028 1.42 41.74 -3.67
C LEU L 4028 2.53 41.08 -4.45
N SER L 4029 3.69 41.70 -4.54
CA SER L 4029 4.83 41.08 -5.21
C SER L 4029 5.39 39.92 -4.42
N LEU L 4030 5.12 39.84 -3.13
CA LEU L 4030 5.38 38.59 -2.42
C LEU L 4030 4.38 37.53 -2.81
N LEU L 4031 3.13 37.92 -3.06
CA LEU L 4031 2.07 36.98 -3.40
C LEU L 4031 1.94 36.77 -4.90
N GLU L 4032 3.00 37.00 -5.67
CA GLU L 4032 2.97 36.62 -7.08
C GLU L 4032 3.68 35.29 -7.24
N GLY L 4033 3.32 34.57 -8.30
CA GLY L 4033 3.72 33.18 -8.39
C GLY L 4033 3.00 32.34 -7.36
N ASN L 4034 1.82 32.76 -6.94
CA ASN L 4034 1.11 32.17 -5.83
C ASN L 4034 0.20 31.06 -6.33
N VAL L 4035 0.15 29.97 -5.59
CA VAL L 4035 -0.81 28.92 -5.87
C VAL L 4035 -2.11 29.29 -5.16
N VAL L 4036 -3.22 28.66 -5.57
CA VAL L 4036 -4.53 28.82 -4.96
C VAL L 4036 -4.54 28.59 -3.44
N ASN L 4037 -3.98 27.48 -2.97
CA ASN L 4037 -3.93 27.18 -1.54
C ASN L 4037 -2.46 26.93 -1.20
N GLY L 4038 -1.74 28.02 -0.94
CA GLY L 4038 -0.36 27.95 -0.56
C GLY L 4038 -0.12 28.61 0.77
N MET L 4039 0.94 28.20 1.45
CA MET L 4039 1.22 28.67 2.80
C MET L 4039 1.54 30.16 2.87
N ILE L 4040 2.06 30.73 1.77
CA ILE L 4040 2.26 32.18 1.72
C ILE L 4040 0.93 32.90 1.80
N ALA L 4041 -0.09 32.36 1.15
CA ALA L 4041 -1.43 32.92 1.28
C ALA L 4041 -1.98 32.70 2.68
N ARG L 4042 -1.66 31.56 3.29
CA ARG L 4042 -2.18 31.28 4.62
C ARG L 4042 -1.40 32.01 5.70
N GLN L 4043 -0.11 32.27 5.48
CA GLN L 4043 0.59 33.14 6.41
C GLN L 4043 0.23 34.60 6.22
N MET L 4044 -0.37 34.95 5.09
CA MET L 4044 -0.81 36.32 4.90
C MET L 4044 -2.09 36.60 5.68
N VAL L 4045 -2.97 35.61 5.79
CA VAL L 4045 -4.30 35.90 6.32
C VAL L 4045 -4.30 35.90 7.85
N ASP L 4046 -3.58 34.97 8.48
CA ASP L 4046 -3.56 34.95 9.94
C ASP L 4046 -2.75 36.09 10.52
N MET L 4047 -1.73 36.55 9.79
CA MET L 4047 -1.04 37.79 10.15
C MET L 4047 -1.99 38.97 10.11
N LEU L 4048 -2.94 38.96 9.17
CA LEU L 4048 -3.97 39.98 9.20
C LEU L 4048 -4.94 39.79 10.36
N VAL L 4049 -5.14 38.55 10.83
CA VAL L 4049 -6.04 38.36 11.98
C VAL L 4049 -5.28 38.31 13.29
N GLU L 4050 -3.95 38.10 13.27
CA GLU L 4050 -3.16 38.41 14.45
C GLU L 4050 -3.06 39.92 14.65
N SER L 4051 -3.31 40.69 13.61
CA SER L 4051 -3.37 42.15 13.65
C SER L 4051 -4.77 42.60 13.29
N SER L 4052 -5.75 42.03 14.00
CA SER L 4052 -7.14 42.34 13.71
C SER L 4052 -7.50 43.77 14.09
N SER L 4053 -7.44 44.08 15.39
CA SER L 4053 -8.17 45.22 15.97
C SER L 4053 -7.68 46.54 15.42
N ASN L 4054 -6.42 46.60 15.02
CA ASN L 4054 -5.95 47.74 14.25
C ASN L 4054 -6.34 47.70 12.78
N VAL L 4055 -6.41 46.52 12.14
CA VAL L 4055 -6.65 46.54 10.70
C VAL L 4055 -8.11 46.82 10.37
N GLU L 4056 -9.03 46.69 11.32
CA GLU L 4056 -10.36 47.21 11.05
C GLU L 4056 -10.41 48.71 11.30
N MET L 4057 -9.60 49.21 12.24
CA MET L 4057 -9.53 50.64 12.46
C MET L 4057 -8.98 51.39 11.26
N ILE L 4058 -8.09 50.77 10.49
CA ILE L 4058 -7.72 51.39 9.22
C ILE L 4058 -8.80 51.13 8.18
N LEU L 4059 -9.49 49.99 8.26
CA LEU L 4059 -10.59 49.71 7.36
C LEU L 4059 -11.79 50.59 7.61
N LYS L 4060 -12.13 50.84 8.88
CA LYS L 4060 -13.23 51.74 9.17
C LYS L 4060 -12.87 53.19 8.84
N PHE L 4061 -11.58 53.54 8.86
CA PHE L 4061 -11.18 54.87 8.45
C PHE L 4061 -11.40 55.08 6.96
N PHE L 4062 -11.06 54.07 6.16
CA PHE L 4062 -11.43 54.07 4.76
C PHE L 4062 -12.94 54.00 4.55
N ASP L 4063 -13.67 53.33 5.45
CA ASP L 4063 -15.09 53.16 5.27
C ASP L 4063 -15.87 54.42 5.63
N MET L 4064 -15.43 55.11 6.68
CA MET L 4064 -16.11 56.34 7.07
C MET L 4064 -15.79 57.51 6.15
N PHE L 4065 -14.56 57.60 5.65
CA PHE L 4065 -14.18 58.74 4.84
C PHE L 4065 -14.52 58.55 3.37
N LEU L 4066 -15.27 57.50 3.03
CA LEU L 4066 -15.76 57.29 1.68
C LEU L 4066 -17.26 57.52 1.57
N LYS L 4067 -18.02 57.10 2.59
CA LYS L 4067 -19.44 57.40 2.62
C LYS L 4067 -19.71 58.86 2.95
N LEU L 4068 -18.71 59.58 3.47
CA LEU L 4068 -18.85 61.00 3.75
C LEU L 4068 -19.08 61.80 2.48
N LYS L 4069 -18.47 61.40 1.36
CA LYS L 4069 -18.70 62.09 0.11
C LYS L 4069 -20.06 61.71 -0.48
N ASP L 4070 -20.48 60.47 -0.33
CA ASP L 4070 -21.76 60.05 -0.88
C ASP L 4070 -22.95 60.59 -0.10
N ILE L 4071 -22.78 60.81 1.20
CA ILE L 4071 -23.86 61.36 2.02
C ILE L 4071 -24.05 62.84 1.72
N VAL L 4072 -22.95 63.59 1.61
CA VAL L 4072 -23.04 65.03 1.41
C VAL L 4072 -23.52 65.39 0.01
N GLY L 4073 -23.52 64.43 -0.92
CA GLY L 4073 -24.13 64.63 -2.21
C GLY L 4073 -25.64 64.61 -2.21
N SER L 4074 -26.28 64.20 -1.12
CA SER L 4074 -27.72 64.18 -1.03
C SER L 4074 -28.26 65.58 -0.73
N GLU L 4075 -29.48 65.85 -1.22
CA GLU L 4075 -30.08 67.16 -1.07
C GLU L 4075 -30.72 67.35 0.31
N ALA L 4076 -30.79 66.29 1.12
CA ALA L 4076 -31.42 66.38 2.44
C ALA L 4076 -30.63 67.26 3.40
N PHE L 4077 -29.34 67.44 3.12
CA PHE L 4077 -28.47 68.20 4.00
C PHE L 4077 -28.10 69.55 3.41
N GLN L 4078 -28.13 69.68 2.08
CA GLN L 4078 -28.15 71.00 1.46
C GLN L 4078 -29.42 71.76 1.79
N ASP L 4079 -30.51 71.06 2.05
CA ASP L 4079 -31.67 71.65 2.67
C ASP L 4079 -31.50 71.89 4.17
N TYR L 4080 -30.61 71.15 4.81
CA TYR L 4080 -30.37 71.37 6.23
C TYR L 4080 -29.51 72.59 6.49
N VAL L 4081 -28.78 73.06 5.50
CA VAL L 4081 -28.05 74.33 5.58
C VAL L 4081 -28.90 75.42 4.96
N THR L 4082 -28.98 76.55 5.64
CA THR L 4082 -29.69 77.71 5.12
C THR L 4082 -28.76 78.88 4.87
N ASP L 4083 -27.46 78.70 5.10
CA ASP L 4083 -26.52 79.78 4.84
C ASP L 4083 -26.29 79.92 3.34
N PRO L 4084 -26.43 81.12 2.78
CA PRO L 4084 -26.11 81.30 1.36
C PRO L 4084 -24.62 81.22 1.08
N ARG L 4085 -23.79 81.46 2.09
CA ARG L 4085 -22.35 81.32 1.94
C ARG L 4085 -21.93 79.85 1.83
N GLY L 4086 -22.77 78.93 2.30
CA GLY L 4086 -22.44 77.52 2.32
C GLY L 4086 -21.89 77.03 3.64
N LEU L 4087 -21.69 77.93 4.59
CA LEU L 4087 -21.05 77.62 5.87
C LEU L 4087 -22.08 76.91 6.74
N ILE L 4088 -22.14 75.60 6.64
CA ILE L 4088 -23.14 74.81 7.37
C ILE L 4088 -22.79 74.78 8.85
N SER L 4089 -23.82 74.90 9.68
CA SER L 4089 -23.60 74.87 11.11
C SER L 4089 -23.26 73.45 11.57
N LYS L 4090 -22.41 73.39 12.60
CA LYS L 4090 -21.86 72.13 13.08
C LYS L 4090 -22.91 71.24 13.72
N LYS L 4091 -23.68 71.77 14.66
CA LYS L 4091 -24.76 70.99 15.26
C LYS L 4091 -25.87 70.72 14.26
N ASP L 4092 -26.06 71.61 13.28
CA ASP L 4092 -27.01 71.34 12.20
C ASP L 4092 -26.55 70.18 11.35
N PHE L 4093 -25.27 70.17 10.96
CA PHE L 4093 -24.74 69.04 10.23
C PHE L 4093 -24.47 67.83 11.13
N GLN L 4094 -24.47 68.03 12.45
CA GLN L 4094 -24.35 66.88 13.35
C GLN L 4094 -25.63 66.06 13.35
N LYS L 4095 -26.78 66.73 13.44
CA LYS L 4095 -28.06 66.04 13.33
C LYS L 4095 -28.33 65.56 11.92
N ALA L 4096 -27.64 66.13 10.93
CA ALA L 4096 -27.74 65.64 9.55
C ALA L 4096 -27.17 64.23 9.44
N MET L 4097 -25.96 64.01 9.96
CA MET L 4097 -25.40 62.67 10.01
C MET L 4097 -26.15 61.77 10.97
N ASP L 4098 -26.77 62.35 12.01
CA ASP L 4098 -27.63 61.58 12.90
C ASP L 4098 -28.94 61.21 12.23
N SER L 4099 -29.35 61.94 11.19
CA SER L 4099 -30.58 61.60 10.48
C SER L 4099 -30.42 60.33 9.65
N GLN L 4100 -29.32 60.21 8.91
CA GLN L 4100 -29.02 58.97 8.21
C GLN L 4100 -28.57 57.92 9.22
N LYS L 4101 -28.96 56.67 8.97
CA LYS L 4101 -28.67 55.59 9.89
C LYS L 4101 -27.56 54.67 9.42
N GLN L 4102 -26.50 55.21 8.80
CA GLN L 4102 -25.39 54.37 8.38
C GLN L 4102 -24.16 54.57 9.26
N PHE L 4103 -23.89 55.81 9.68
CA PHE L 4103 -22.76 56.12 10.55
C PHE L 4103 -23.10 55.78 11.99
N THR L 4104 -22.17 56.05 12.89
CA THR L 4104 -22.34 55.72 14.30
C THR L 4104 -22.35 56.99 15.14
N GLY L 4105 -22.71 56.80 16.41
CA GLY L 4105 -22.67 57.83 17.42
C GLY L 4105 -21.32 58.48 17.65
N PRO L 4106 -20.28 57.69 17.99
CA PRO L 4106 -18.93 58.28 18.12
C PRO L 4106 -18.35 58.81 16.81
N GLU L 4107 -18.91 58.44 15.66
CA GLU L 4107 -18.34 58.87 14.39
C GLU L 4107 -18.49 60.37 14.17
N ILE L 4108 -19.63 60.95 14.57
CA ILE L 4108 -19.91 62.34 14.20
C ILE L 4108 -19.04 63.30 15.03
N GLN L 4109 -18.81 63.00 16.31
CA GLN L 4109 -17.87 63.79 17.08
C GLN L 4109 -16.43 63.55 16.65
N PHE L 4110 -16.12 62.35 16.16
CA PHE L 4110 -14.86 62.14 15.48
C PHE L 4110 -14.78 62.98 14.21
N LEU L 4111 -15.91 63.14 13.52
CA LEU L 4111 -15.97 63.98 12.32
C LEU L 4111 -16.07 65.46 12.67
N LEU L 4112 -16.78 65.81 13.74
CA LEU L 4112 -16.78 67.19 14.21
C LEU L 4112 -15.40 67.64 14.67
N SER L 4113 -14.66 66.76 15.33
CA SER L 4113 -13.27 67.07 15.66
C SER L 4113 -12.41 67.12 14.42
N CYS L 4114 -12.73 66.33 13.41
CA CYS L 4114 -12.05 66.43 12.13
C CYS L 4114 -12.42 67.72 11.40
N SER L 4115 -13.58 68.27 11.67
CA SER L 4115 -14.02 69.51 11.05
C SER L 4115 -13.33 70.71 11.71
N GLU L 4116 -13.35 71.83 11.01
CA GLU L 4116 -12.96 73.08 11.61
C GLU L 4116 -14.17 73.69 12.32
N ALA L 4117 -13.93 74.32 13.47
CA ALA L 4117 -15.03 74.88 14.24
C ALA L 4117 -15.57 76.14 13.58
N ASP L 4118 -14.75 77.18 13.52
CA ASP L 4118 -15.03 78.47 12.85
C ASP L 4118 -16.31 79.11 13.40
N GLU L 4119 -16.26 79.46 14.68
CA GLU L 4119 -17.38 80.01 15.46
C GLU L 4119 -18.57 79.05 15.51
N ASN L 4120 -18.30 77.75 15.39
CA ASN L 4120 -19.25 76.64 15.60
C ASN L 4120 -20.45 76.68 14.65
N GLU L 4121 -20.34 77.42 13.55
CA GLU L 4121 -21.40 77.49 12.57
C GLU L 4121 -20.91 77.22 11.16
N MET L 4122 -19.70 76.70 11.00
CA MET L 4122 -19.05 76.60 9.70
C MET L 4122 -18.18 75.35 9.70
N ILE L 4123 -18.57 74.36 8.91
CA ILE L 4123 -17.72 73.19 8.74
C ILE L 4123 -17.25 73.11 7.28
N ASN L 4124 -17.99 73.77 6.37
CA ASN L 4124 -17.68 73.85 4.93
C ASN L 4124 -17.58 72.46 4.32
N PHE L 4125 -18.75 71.80 4.24
CA PHE L 4125 -18.88 70.41 3.83
C PHE L 4125 -18.32 70.10 2.46
N GLU L 4126 -18.20 71.10 1.58
CA GLU L 4126 -17.67 70.86 0.24
C GLU L 4126 -16.18 70.53 0.28
N GLU L 4127 -15.37 71.38 0.91
CA GLU L 4127 -13.94 71.09 1.00
C GLU L 4127 -13.64 69.95 1.95
N PHE L 4128 -14.53 69.71 2.92
CA PHE L 4128 -14.35 68.61 3.85
C PHE L 4128 -14.54 67.26 3.18
N ALA L 4129 -15.26 67.20 2.06
CA ALA L 4129 -15.47 65.93 1.39
C ALA L 4129 -14.21 65.46 0.68
N ASN L 4130 -13.62 66.33 -0.14
CA ASN L 4130 -12.53 65.94 -1.01
C ASN L 4130 -11.16 66.20 -0.43
N ARG L 4131 -11.08 66.63 0.84
CA ARG L 4131 -9.77 66.91 1.44
C ARG L 4131 -8.99 65.62 1.67
N PHE L 4132 -9.65 64.61 2.20
CA PHE L 4132 -9.01 63.35 2.55
C PHE L 4132 -9.41 62.24 1.60
N GLN L 4133 -9.65 62.59 0.33
CA GLN L 4133 -10.03 61.64 -0.71
C GLN L 4133 -8.94 61.46 -1.76
N GLU L 4134 -8.47 62.56 -2.34
CA GLU L 4134 -7.38 62.50 -3.32
C GLU L 4134 -6.07 61.95 -2.77
N PRO L 4135 -5.57 62.33 -1.58
CA PRO L 4135 -4.39 61.62 -1.07
C PRO L 4135 -4.66 60.18 -0.69
N ALA L 4136 -5.88 59.84 -0.31
CA ALA L 4136 -6.21 58.47 0.08
C ALA L 4136 -6.69 57.63 -1.09
N ARG L 4137 -6.48 58.11 -2.32
CA ARG L 4137 -7.14 57.52 -3.47
C ARG L 4137 -6.54 56.18 -3.85
N ASP L 4138 -5.25 56.16 -4.17
CA ASP L 4138 -4.60 54.97 -4.69
C ASP L 4138 -4.47 53.88 -3.63
N ILE L 4139 -4.25 54.28 -2.38
CA ILE L 4139 -4.05 53.33 -1.31
C ILE L 4139 -5.35 52.60 -0.99
N GLY L 4140 -6.48 53.31 -1.01
CA GLY L 4140 -7.76 52.68 -0.78
C GLY L 4140 -8.12 51.72 -1.89
N PHE L 4141 -7.67 51.98 -3.11
CA PHE L 4141 -7.79 51.00 -4.16
C PHE L 4141 -6.87 49.81 -3.91
N ASN L 4142 -5.63 50.09 -3.53
CA ASN L 4142 -4.61 49.07 -3.36
C ASN L 4142 -4.92 48.09 -2.23
N VAL L 4143 -5.54 48.56 -1.15
CA VAL L 4143 -5.88 47.64 -0.08
C VAL L 4143 -7.05 46.75 -0.51
N ALA L 4144 -7.90 47.23 -1.40
CA ALA L 4144 -8.99 46.41 -1.90
C ALA L 4144 -8.50 45.35 -2.84
N VAL L 4145 -7.37 45.59 -3.51
CA VAL L 4145 -6.76 44.60 -4.37
C VAL L 4145 -6.30 43.40 -3.56
N LEU L 4146 -5.55 43.66 -2.48
CA LEU L 4146 -4.99 42.59 -1.67
C LEU L 4146 -6.09 41.79 -0.97
N LEU L 4147 -7.14 42.46 -0.51
CA LEU L 4147 -8.28 41.76 0.07
C LEU L 4147 -8.99 40.91 -0.97
N THR L 4148 -9.19 41.45 -2.17
CA THR L 4148 -9.89 40.64 -3.16
C THR L 4148 -8.96 39.64 -3.83
N ASN L 4149 -7.65 39.81 -3.72
CA ASN L 4149 -6.75 38.81 -4.27
C ASN L 4149 -6.75 37.54 -3.42
N LEU L 4150 -6.58 37.72 -2.11
CA LEU L 4150 -6.48 36.61 -1.19
C LEU L 4150 -7.80 35.87 -1.05
N SER L 4151 -8.91 36.62 -1.03
CA SER L 4151 -10.23 36.00 -0.98
C SER L 4151 -10.51 35.21 -2.26
N GLU L 4152 -10.03 35.72 -3.39
CA GLU L 4152 -10.08 34.92 -4.61
C GLU L 4152 -9.03 33.82 -4.62
N HIS L 4153 -7.97 33.94 -3.84
CA HIS L 4153 -6.97 32.89 -3.87
C HIS L 4153 -7.35 31.72 -2.98
N VAL L 4154 -7.46 31.93 -1.67
CA VAL L 4154 -7.88 30.86 -0.77
C VAL L 4154 -9.39 30.98 -0.59
N PRO L 4155 -10.13 29.88 -0.67
CA PRO L 4155 -11.54 29.91 -0.29
C PRO L 4155 -11.74 29.48 1.15
N HIS L 4156 -12.97 29.68 1.66
CA HIS L 4156 -13.41 29.20 2.97
C HIS L 4156 -12.58 29.78 4.12
N ASP L 4157 -12.53 31.10 4.18
CA ASP L 4157 -11.92 31.80 5.32
C ASP L 4157 -12.96 32.78 5.83
N PRO L 4158 -13.64 32.48 6.95
CA PRO L 4158 -14.71 33.36 7.42
C PRO L 4158 -14.22 34.68 7.97
N ARG L 4159 -12.95 34.73 8.39
CA ARG L 4159 -12.32 35.99 8.76
C ARG L 4159 -12.21 36.92 7.55
N LEU L 4160 -11.82 36.37 6.41
CA LEU L 4160 -11.90 37.12 5.16
C LEU L 4160 -13.34 37.49 4.83
N ARG L 4161 -14.28 36.54 5.06
CA ARG L 4161 -15.68 36.87 4.92
C ARG L 4161 -16.13 37.92 5.92
N ASN L 4162 -15.54 37.94 7.11
CA ASN L 4162 -15.73 39.08 7.99
C ASN L 4162 -15.08 40.33 7.43
N PHE L 4163 -13.91 40.19 6.79
CA PHE L 4163 -13.19 41.35 6.29
C PHE L 4163 -13.89 41.99 5.09
N LEU L 4164 -14.35 41.17 4.14
CA LEU L 4164 -14.93 41.70 2.91
C LEU L 4164 -16.21 42.49 3.15
N GLU L 4165 -17.05 42.04 4.06
CA GLU L 4165 -18.24 42.83 4.39
C GLU L 4165 -17.88 44.08 5.17
N LEU L 4166 -16.77 44.06 5.92
CA LEU L 4166 -16.36 45.24 6.65
C LEU L 4166 -15.79 46.31 5.73
N ALA L 4167 -15.35 45.93 4.55
CA ALA L 4167 -14.74 46.85 3.59
C ALA L 4167 -15.54 46.85 2.29
N GLU L 4168 -16.87 46.89 2.42
CA GLU L 4168 -17.70 46.80 1.24
C GLU L 4168 -17.70 48.10 0.43
N SER L 4169 -17.62 49.24 1.09
CA SER L 4169 -17.73 50.50 0.36
C SER L 4169 -16.47 50.81 -0.42
N ILE L 4170 -15.30 50.40 0.10
CA ILE L 4170 -14.07 50.55 -0.67
C ILE L 4170 -13.98 49.54 -1.80
N LEU L 4171 -14.78 48.49 -1.77
CA LEU L 4171 -14.83 47.59 -2.91
C LEU L 4171 -15.61 48.20 -4.06
N GLU L 4172 -16.79 48.74 -3.77
CA GLU L 4172 -17.65 49.21 -4.85
C GLU L 4172 -17.23 50.58 -5.37
N TYR L 4173 -16.52 51.37 -4.58
CA TYR L 4173 -15.94 52.57 -5.14
C TYR L 4173 -14.73 52.24 -5.99
N PHE L 4174 -14.12 51.07 -5.78
CA PHE L 4174 -12.94 50.68 -6.51
C PHE L 4174 -13.11 49.37 -7.27
N ARG L 4175 -14.35 48.95 -7.52
CA ARG L 4175 -14.61 47.93 -8.53
C ARG L 4175 -14.65 48.43 -9.97
N PRO L 4176 -15.27 49.58 -10.32
CA PRO L 4176 -15.19 50.03 -11.73
C PRO L 4176 -13.79 50.43 -12.16
N TYR L 4177 -13.02 51.09 -11.30
CA TYR L 4177 -11.67 51.48 -11.69
C TYR L 4177 -10.71 50.31 -11.70
N LEU L 4178 -11.03 49.23 -11.00
CA LEU L 4178 -10.24 48.00 -11.08
C LEU L 4178 -10.51 47.33 -12.40
N GLY L 4179 -9.55 46.52 -12.84
CA GLY L 4179 -9.81 45.56 -13.90
C GLY L 4179 -9.09 44.27 -13.61
N ARG L 4180 -9.74 43.15 -13.85
CA ARG L 4180 -9.12 41.84 -13.72
C ARG L 4180 -8.70 41.34 -15.09
N ILE L 4181 -7.73 40.43 -15.12
CA ILE L 4181 -7.30 39.78 -16.35
C ILE L 4181 -6.59 38.50 -15.95
N GLU L 4182 -6.49 37.56 -16.88
CA GLU L 4182 -5.88 36.27 -16.62
C GLU L 4182 -4.99 35.89 -17.78
N ILE L 4183 -3.69 35.83 -17.53
CA ILE L 4183 -2.72 35.42 -18.52
C ILE L 4183 -2.03 34.16 -18.03
N MET L 4184 -1.49 33.39 -18.96
CA MET L 4184 -0.78 32.18 -18.62
C MET L 4184 0.66 32.32 -19.08
N GLY L 4185 1.56 32.53 -18.13
CA GLY L 4185 2.97 32.45 -18.36
C GLY L 4185 3.63 31.74 -17.19
N ALA L 4186 4.97 31.77 -17.20
CA ALA L 4186 5.82 31.27 -16.11
C ALA L 4186 5.53 29.79 -15.84
N SER L 4187 5.85 28.98 -16.86
CA SER L 4187 5.79 27.51 -16.82
C SER L 4187 4.38 27.00 -16.57
N ARG L 4188 3.48 27.33 -17.51
CA ARG L 4188 2.17 26.69 -17.66
C ARG L 4188 1.26 26.85 -16.45
N ARG L 4189 0.98 28.08 -16.04
CA ARG L 4189 0.01 28.35 -15.00
C ARG L 4189 -0.66 29.69 -15.29
N ILE L 4190 -1.97 29.73 -15.17
CA ILE L 4190 -2.69 30.97 -15.32
C ILE L 4190 -2.92 31.59 -13.95
N GLU L 4191 -2.85 32.91 -13.87
CA GLU L 4191 -3.01 33.60 -12.61
C GLU L 4191 -3.67 34.95 -12.85
N ARG L 4192 -4.45 35.38 -11.87
CA ARG L 4192 -5.21 36.61 -11.95
C ARG L 4192 -4.24 37.78 -11.80
N ILE L 4193 -4.27 38.69 -12.76
CA ILE L 4193 -3.44 39.88 -12.73
C ILE L 4193 -4.39 41.07 -12.56
N TYR L 4194 -3.97 42.07 -11.82
CA TYR L 4194 -4.85 43.15 -11.42
C TYR L 4194 -4.15 44.46 -11.74
N PHE L 4195 -4.93 45.53 -11.90
CA PHE L 4195 -4.38 46.79 -12.37
C PHE L 4195 -5.36 47.91 -12.09
N GLU L 4196 -4.90 49.13 -12.34
CA GLU L 4196 -5.71 50.33 -12.22
C GLU L 4196 -6.14 50.77 -13.60
N ILE L 4197 -7.37 51.24 -13.72
CA ILE L 4197 -7.88 51.87 -14.94
C ILE L 4197 -8.32 53.27 -14.58
N SER L 4198 -7.81 54.26 -15.31
CA SER L 4198 -8.14 55.64 -15.02
C SER L 4198 -9.58 55.95 -15.40
N GLU L 4199 -10.05 57.11 -14.94
CA GLU L 4199 -11.30 57.65 -15.45
C GLU L 4199 -11.16 58.07 -16.90
N THR L 4200 -9.97 58.49 -17.31
CA THR L 4200 -9.76 58.97 -18.67
C THR L 4200 -9.75 57.85 -19.69
N ASN L 4201 -9.23 56.68 -19.31
CA ASN L 4201 -9.17 55.56 -20.25
C ASN L 4201 -10.55 54.95 -20.47
N ARG L 4202 -11.42 55.00 -19.47
CA ARG L 4202 -12.77 54.49 -19.66
C ARG L 4202 -13.68 55.53 -20.29
N ALA L 4203 -13.33 56.81 -20.17
CA ALA L 4203 -14.15 57.86 -20.79
C ALA L 4203 -14.06 57.83 -22.31
N GLN L 4204 -12.86 57.69 -22.85
CA GLN L 4204 -12.69 57.65 -24.30
C GLN L 4204 -12.68 56.23 -24.84
N TRP L 4205 -13.10 55.25 -24.05
CA TRP L 4205 -13.36 53.93 -24.59
C TRP L 4205 -14.82 53.76 -24.98
N GLU L 4206 -15.73 54.33 -24.20
CA GLU L 4206 -17.16 54.21 -24.45
C GLU L 4206 -17.64 55.39 -25.30
N MET L 4207 -17.00 55.52 -26.46
CA MET L 4207 -17.41 56.45 -27.49
C MET L 4207 -17.86 55.65 -28.71
N PRO L 4208 -18.93 56.08 -29.37
CA PRO L 4208 -19.45 55.31 -30.51
C PRO L 4208 -18.52 55.30 -31.70
N GLN L 4209 -17.74 56.37 -31.90
CA GLN L 4209 -16.72 56.40 -32.94
C GLN L 4209 -15.63 55.36 -32.70
N VAL L 4210 -15.37 55.03 -31.43
CA VAL L 4210 -14.51 53.90 -31.12
C VAL L 4210 -15.29 52.60 -31.23
N LYS L 4211 -16.55 52.62 -30.79
CA LYS L 4211 -17.39 51.43 -30.77
C LYS L 4211 -17.72 50.91 -32.15
N GLU L 4212 -17.86 51.80 -33.15
CA GLU L 4212 -18.17 51.35 -34.51
C GLU L 4212 -17.01 50.56 -35.10
N SER L 4213 -15.78 50.90 -34.73
CA SER L 4213 -14.65 50.09 -35.15
C SER L 4213 -14.66 48.74 -34.46
N LYS L 4214 -15.18 48.68 -33.25
CA LYS L 4214 -15.16 47.41 -32.60
C LYS L 4214 -16.15 46.48 -33.22
N ARG L 4215 -17.34 46.97 -33.46
CA ARG L 4215 -18.37 46.09 -34.01
C ARG L 4215 -17.94 45.51 -35.35
N GLN L 4216 -17.23 46.30 -36.16
CA GLN L 4216 -16.61 45.75 -37.36
C GLN L 4216 -15.50 44.78 -37.03
N PHE L 4217 -14.69 45.08 -36.01
CA PHE L 4217 -13.58 44.22 -35.64
C PHE L 4217 -14.06 42.88 -35.10
N ILE L 4218 -15.21 42.88 -34.41
CA ILE L 4218 -15.87 41.63 -34.04
C ILE L 4218 -16.21 40.83 -35.28
N PHE L 4219 -16.68 41.50 -36.33
CA PHE L 4219 -17.21 40.80 -37.48
C PHE L 4219 -16.11 40.11 -38.29
N ASP L 4220 -15.18 40.88 -38.83
CA ASP L 4220 -14.23 40.36 -39.81
C ASP L 4220 -13.16 39.45 -39.21
N VAL L 4221 -13.14 39.26 -37.90
CA VAL L 4221 -12.19 38.39 -37.25
C VAL L 4221 -12.77 37.01 -37.02
N VAL L 4222 -13.97 36.95 -36.44
CA VAL L 4222 -14.58 35.65 -36.21
C VAL L 4222 -15.22 35.07 -37.47
N ASN L 4223 -15.30 35.84 -38.54
CA ASN L 4223 -15.90 35.33 -39.78
C ASN L 4223 -14.85 34.76 -40.70
N GLU L 4224 -13.91 35.58 -41.16
CA GLU L 4224 -12.92 35.16 -42.13
C GLU L 4224 -11.52 35.01 -41.55
N GLY L 4225 -11.26 35.56 -40.36
CA GLY L 4225 -9.96 35.41 -39.75
C GLY L 4225 -9.81 34.10 -39.01
N GLY L 4226 -8.68 33.45 -39.21
CA GLY L 4226 -8.38 32.22 -38.52
C GLY L 4226 -8.00 32.45 -37.07
N GLU L 4227 -7.74 31.35 -36.37
CA GLU L 4227 -7.40 31.40 -34.96
C GLU L 4227 -6.00 31.94 -34.72
N ALA L 4228 -5.15 31.90 -35.74
CA ALA L 4228 -3.79 32.38 -35.59
C ALA L 4228 -3.72 33.89 -35.48
N GLU L 4229 -4.16 34.60 -36.51
CA GLU L 4229 -4.08 36.06 -36.55
C GLU L 4229 -5.11 36.73 -35.65
N LYS L 4230 -6.00 35.92 -35.08
CA LYS L 4230 -7.02 36.47 -34.20
C LYS L 4230 -6.33 37.36 -33.21
N MET L 4231 -5.32 36.83 -32.54
CA MET L 4231 -4.63 37.61 -31.53
C MET L 4231 -3.78 38.70 -32.16
N GLU L 4232 -3.19 38.42 -33.33
CA GLU L 4232 -2.36 39.41 -34.00
C GLU L 4232 -3.19 40.58 -34.53
N LEU L 4233 -4.40 40.30 -35.01
CA LEU L 4233 -5.31 41.39 -35.36
C LEU L 4233 -5.82 42.11 -34.13
N PHE L 4234 -5.99 41.36 -33.03
CA PHE L 4234 -6.47 41.92 -31.78
C PHE L 4234 -5.53 42.99 -31.25
N VAL L 4235 -4.24 42.68 -31.17
CA VAL L 4235 -3.28 43.67 -30.69
C VAL L 4235 -3.10 44.76 -31.75
N SER L 4236 -3.29 44.43 -33.02
CA SER L 4236 -3.34 45.46 -34.05
C SER L 4236 -4.55 46.35 -33.88
N PHE L 4237 -5.70 45.74 -33.60
CA PHE L 4237 -6.88 46.51 -33.23
C PHE L 4237 -6.65 47.28 -31.95
N CYS L 4238 -5.96 46.66 -30.98
CA CYS L 4238 -5.60 47.38 -29.76
C CYS L 4238 -4.64 48.52 -30.07
N GLU L 4239 -3.81 48.35 -31.09
CA GLU L 4239 -2.97 49.47 -31.48
C GLU L 4239 -3.83 50.55 -32.11
N ASP L 4240 -4.65 50.18 -33.08
CA ASP L 4240 -5.46 51.18 -33.80
C ASP L 4240 -6.47 51.95 -32.94
N THR L 4241 -7.10 51.28 -32.00
CA THR L 4241 -8.06 51.96 -31.16
C THR L 4241 -7.31 52.90 -30.25
N ILE L 4242 -6.18 52.44 -29.71
CA ILE L 4242 -5.38 53.31 -28.87
C ILE L 4242 -5.08 54.55 -29.67
N PHE L 4243 -4.78 54.36 -30.95
CA PHE L 4243 -4.52 55.50 -31.81
C PHE L 4243 -5.70 56.44 -31.84
N GLU L 4244 -6.82 55.96 -32.38
CA GLU L 4244 -7.96 56.85 -32.52
C GLU L 4244 -8.20 57.61 -31.23
N MET L 4245 -7.89 56.98 -30.10
CA MET L 4245 -8.15 57.63 -28.83
C MET L 4245 -7.18 58.78 -28.57
N GLN L 4246 -5.95 58.66 -29.03
CA GLN L 4246 -5.01 59.77 -28.96
C GLN L 4246 -5.48 60.93 -29.83
N ILE L 4247 -5.95 60.63 -31.04
CA ILE L 4247 -6.35 61.70 -31.93
C ILE L 4247 -7.70 62.27 -31.54
N ALA L 4248 -8.50 61.53 -30.77
CA ALA L 4248 -9.73 62.09 -30.22
C ALA L 4248 -9.42 62.93 -29.00
N ALA L 4249 -8.37 62.58 -28.26
CA ALA L 4249 -7.88 63.44 -27.21
C ALA L 4249 -7.20 64.68 -27.77
N GLN L 4250 -6.70 64.61 -29.00
CA GLN L 4250 -6.11 65.78 -29.63
C GLN L 4250 -7.16 66.82 -30.00
N ILE L 4251 -8.38 66.37 -30.30
CA ILE L 4251 -9.44 67.26 -30.75
C ILE L 4251 -10.46 67.53 -29.65
N SER L 4252 -10.21 67.08 -28.43
CA SER L 4252 -11.16 67.27 -27.34
C SER L 4252 -11.18 68.73 -26.88
N GLU L 4253 -12.37 69.20 -26.56
CA GLU L 4253 -12.56 70.59 -26.16
C GLU L 4253 -12.04 70.85 -24.75
N GLY L 4542 -1.43 85.85 -37.53
CA GLY L 4542 -1.86 86.11 -36.17
C GLY L 4542 -3.18 85.41 -35.85
N GLU L 4543 -3.07 84.33 -35.08
CA GLU L 4543 -4.24 83.58 -34.64
C GLU L 4543 -4.91 82.85 -35.80
N LEU L 4544 -4.39 83.02 -37.01
CA LEU L 4544 -4.92 82.33 -38.16
C LEU L 4544 -4.91 80.83 -37.91
N GLU L 4545 -3.81 80.33 -37.34
CA GLU L 4545 -3.75 78.93 -36.93
C GLU L 4545 -4.78 78.64 -35.86
N VAL L 4546 -4.93 79.54 -34.89
CA VAL L 4546 -5.88 79.31 -33.79
C VAL L 4546 -7.31 79.28 -34.32
N GLN L 4547 -7.66 80.24 -35.16
CA GLN L 4547 -9.00 80.29 -35.72
C GLN L 4547 -9.28 79.05 -36.57
N ARG L 4548 -8.30 78.63 -37.38
CA ARG L 4548 -8.47 77.46 -38.21
C ARG L 4548 -8.63 76.20 -37.36
N VAL L 4549 -7.90 76.14 -36.24
CA VAL L 4549 -8.00 74.97 -35.36
C VAL L 4549 -9.37 74.95 -34.68
N LYS L 4550 -9.87 76.11 -34.28
CA LYS L 4550 -11.21 76.18 -33.73
C LYS L 4550 -12.23 75.71 -34.77
N PHE L 4551 -12.06 76.15 -36.02
CA PHE L 4551 -12.90 75.73 -37.13
C PHE L 4551 -12.90 74.21 -37.28
N LEU L 4552 -11.71 73.62 -37.33
CA LEU L 4552 -11.58 72.18 -37.48
C LEU L 4552 -12.21 71.43 -36.31
N ASN L 4553 -11.98 71.91 -35.09
CA ASN L 4553 -12.56 71.27 -33.91
C ASN L 4553 -14.08 71.32 -33.98
N TYR L 4554 -14.64 72.48 -34.33
CA TYR L 4554 -16.07 72.60 -34.51
C TYR L 4554 -16.58 71.59 -35.54
N LEU L 4555 -15.89 71.49 -36.67
CA LEU L 4555 -16.26 70.56 -37.72
C LEU L 4555 -16.28 69.13 -37.23
N SER L 4556 -15.14 68.64 -36.76
CA SER L 4556 -15.00 67.24 -36.37
C SER L 4556 -15.97 66.88 -35.24
N ARG L 4557 -16.17 67.80 -34.30
CA ARG L 4557 -17.06 67.55 -33.18
C ARG L 4557 -18.48 67.34 -33.67
N ASN L 4558 -18.94 68.15 -34.62
CA ASN L 4558 -20.27 67.98 -35.19
C ASN L 4558 -20.28 66.93 -36.28
N PHE L 4559 -19.12 66.64 -36.87
CA PHE L 4559 -19.05 65.71 -38.00
C PHE L 4559 -20.12 64.63 -38.00
N TYR L 4560 -20.35 63.78 -37.00
CA TYR L 4560 -21.49 62.81 -37.07
C TYR L 4560 -22.90 63.37 -37.48
N THR L 4561 -23.31 64.57 -37.03
CA THR L 4561 -24.56 65.27 -37.41
C THR L 4561 -24.53 66.11 -38.68
N LEU L 4562 -23.37 66.58 -39.13
CA LEU L 4562 -23.41 67.36 -40.37
C LEU L 4562 -23.84 66.50 -41.57
N LYS L 4563 -23.75 65.17 -41.48
CA LYS L 4563 -24.32 64.23 -42.45
C LYS L 4563 -25.85 64.18 -42.46
N TYR L 4564 -26.52 64.38 -41.32
CA TYR L 4564 -27.99 64.42 -41.31
C TYR L 4564 -28.53 65.67 -41.97
N LEU L 4565 -27.97 66.88 -41.72
CA LEU L 4565 -28.44 68.03 -42.46
C LEU L 4565 -28.12 67.85 -43.92
N ALA L 4566 -27.10 67.09 -44.34
CA ALA L 4566 -26.89 66.85 -45.77
C ALA L 4566 -27.95 65.91 -46.36
N LEU L 4567 -28.42 64.93 -45.58
CA LEU L 4567 -29.47 63.99 -45.98
C LEU L 4567 -30.83 64.68 -46.11
N PHE L 4568 -31.21 65.54 -45.16
CA PHE L 4568 -32.45 66.29 -45.19
C PHE L 4568 -32.47 67.09 -46.47
N LEU L 4569 -31.72 68.16 -46.52
CA LEU L 4569 -31.68 68.98 -47.71
C LEU L 4569 -31.93 68.12 -48.93
N ALA L 4570 -31.12 67.10 -49.14
CA ALA L 4570 -31.25 66.29 -50.35
C ALA L 4570 -32.60 65.64 -50.49
N PHE L 4571 -33.29 65.36 -49.39
CA PHE L 4571 -34.65 64.83 -49.53
C PHE L 4571 -35.59 65.99 -49.76
N ALA L 4572 -35.14 67.22 -49.56
CA ALA L 4572 -35.99 68.37 -49.87
C ALA L 4572 -35.83 68.89 -51.31
N ILE L 4573 -34.62 69.12 -51.76
CA ILE L 4573 -34.44 69.57 -53.12
C ILE L 4573 -35.15 68.62 -54.08
N ASN L 4574 -35.53 67.44 -53.62
CA ASN L 4574 -36.28 66.55 -54.49
C ASN L 4574 -37.78 66.87 -54.48
N PHE L 4575 -38.44 66.72 -53.35
CA PHE L 4575 -39.84 67.13 -53.31
C PHE L 4575 -40.06 68.42 -54.06
N ILE L 4576 -39.09 69.32 -54.11
CA ILE L 4576 -39.30 70.48 -54.94
C ILE L 4576 -39.21 70.07 -56.39
N LEU L 4577 -38.11 69.47 -56.78
CA LEU L 4577 -37.92 69.12 -58.20
C LEU L 4577 -39.04 68.26 -58.75
N LEU L 4578 -39.63 67.41 -57.92
CA LEU L 4578 -40.68 66.50 -58.37
C LEU L 4578 -41.81 67.31 -58.91
N PHE L 4579 -41.57 68.60 -59.00
CA PHE L 4579 -42.60 69.46 -59.59
C PHE L 4579 -42.15 70.19 -60.85
N TYR L 4580 -41.65 69.47 -61.86
CA TYR L 4580 -41.33 70.09 -63.14
C TYR L 4580 -42.36 69.73 -64.20
N LYS L 4581 -42.58 70.67 -65.12
CA LYS L 4581 -43.37 70.46 -66.33
C LYS L 4581 -42.58 70.99 -67.51
N VAL L 4582 -43.07 70.71 -68.72
CA VAL L 4582 -42.43 71.16 -69.94
C VAL L 4582 -43.47 71.78 -70.86
N SER L 4583 -43.03 72.67 -71.74
CA SER L 4583 -43.89 73.33 -72.70
C SER L 4583 -43.01 74.11 -73.67
N ASP L 4584 -43.62 74.55 -74.77
CA ASP L 4584 -42.87 75.29 -75.79
C ASP L 4584 -42.73 76.76 -75.40
N SER L 4585 -43.86 77.45 -75.25
CA SER L 4585 -43.85 78.85 -74.84
C SER L 4585 -43.39 78.95 -73.39
N PRO L 4586 -42.20 79.46 -73.14
CA PRO L 4586 -41.66 79.48 -71.77
C PRO L 4586 -42.31 80.57 -70.95
N PRO L 4587 -43.16 80.20 -69.97
CA PRO L 4587 -43.77 81.18 -69.06
C PRO L 4587 -42.73 81.80 -68.13
N ASN L 4626 -35.66 75.84 -77.50
CA ASN L 4626 -37.03 75.43 -77.81
C ASN L 4626 -37.81 75.11 -76.53
N MET L 4627 -37.97 73.83 -76.24
CA MET L 4627 -38.67 73.40 -75.05
C MET L 4627 -38.03 74.02 -73.81
N VAL L 4628 -38.83 74.67 -72.97
CA VAL L 4628 -38.32 75.45 -71.85
C VAL L 4628 -38.76 74.74 -70.57
N TYR L 4629 -37.83 74.00 -69.96
CA TYR L 4629 -38.07 73.42 -68.65
C TYR L 4629 -38.39 74.53 -67.67
N TYR L 4630 -39.44 74.36 -66.88
CA TYR L 4630 -39.81 75.33 -65.86
C TYR L 4630 -40.53 74.61 -64.72
N PHE L 4631 -40.96 75.38 -63.74
CA PHE L 4631 -41.47 74.81 -62.49
C PHE L 4631 -42.96 75.09 -62.37
N LEU L 4632 -43.69 74.12 -61.83
CA LEU L 4632 -45.16 74.18 -61.79
C LEU L 4632 -45.64 75.39 -61.00
N GLU L 4633 -44.86 75.84 -60.03
CA GLU L 4633 -45.26 76.96 -59.17
C GLU L 4633 -46.54 76.64 -58.42
N GLU L 4634 -46.48 75.66 -57.52
CA GLU L 4634 -47.65 75.21 -56.79
C GLU L 4634 -48.26 76.29 -55.91
N SER L 4635 -47.64 77.48 -55.90
CA SER L 4635 -48.14 78.67 -55.19
C SER L 4635 -47.80 78.65 -53.70
N THR L 4636 -46.95 77.75 -53.25
CA THR L 4636 -46.41 77.83 -51.89
C THR L 4636 -45.30 78.88 -51.89
N GLY L 4637 -44.56 78.99 -50.78
CA GLY L 4637 -43.38 79.81 -50.76
C GLY L 4637 -42.56 79.53 -52.01
N TYR L 4638 -42.11 80.58 -52.70
CA TYR L 4638 -41.51 80.40 -54.01
C TYR L 4638 -40.48 79.28 -53.99
N MET L 4639 -40.77 78.19 -54.71
CA MET L 4639 -39.96 76.99 -54.58
C MET L 4639 -38.61 77.12 -55.26
N GLU L 4640 -38.63 77.75 -56.44
CA GLU L 4640 -37.37 77.98 -57.16
C GLU L 4640 -36.37 78.59 -56.20
N PRO L 4641 -36.72 79.73 -55.61
CA PRO L 4641 -35.80 80.36 -54.66
C PRO L 4641 -35.30 79.40 -53.60
N ALA L 4642 -36.22 78.69 -52.94
CA ALA L 4642 -35.81 77.70 -51.93
C ALA L 4642 -34.98 76.60 -52.56
N LEU L 4643 -35.29 76.23 -53.81
CA LEU L 4643 -34.50 75.21 -54.49
C LEU L 4643 -33.05 75.67 -54.63
N TRP L 4644 -32.86 76.92 -55.05
CA TRP L 4644 -31.51 77.48 -55.19
C TRP L 4644 -30.81 77.53 -53.83
N CYS L 4645 -31.53 77.99 -52.80
CA CYS L 4645 -30.95 78.05 -51.46
C CYS L 4645 -30.48 76.69 -51.00
N LEU L 4646 -31.32 75.67 -51.14
CA LEU L 4646 -30.96 74.32 -50.70
C LEU L 4646 -29.84 73.75 -51.54
N SER L 4647 -29.80 74.05 -52.84
CA SER L 4647 -28.69 73.60 -53.67
C SER L 4647 -27.37 74.12 -53.12
N LEU L 4648 -27.37 75.44 -52.87
CA LEU L 4648 -26.18 76.05 -52.30
C LEU L 4648 -25.80 75.25 -51.10
N LEU L 4649 -26.62 75.32 -50.07
CA LEU L 4649 -26.35 74.54 -48.90
C LEU L 4649 -25.84 73.13 -49.29
N HIS L 4650 -26.62 72.31 -49.98
CA HIS L 4650 -26.15 70.93 -50.24
C HIS L 4650 -24.77 70.88 -50.88
N THR L 4651 -24.26 71.98 -51.42
CA THR L 4651 -22.90 72.02 -51.95
C THR L 4651 -21.91 72.52 -50.91
N LEU L 4652 -22.40 73.24 -49.90
CA LEU L 4652 -21.53 73.68 -48.80
C LEU L 4652 -21.46 72.56 -47.77
N VAL L 4653 -22.60 72.17 -47.20
CA VAL L 4653 -22.62 71.09 -46.24
C VAL L 4653 -22.15 69.77 -46.85
N ALA L 4654 -21.40 69.80 -47.96
CA ALA L 4654 -20.82 68.59 -48.50
C ALA L 4654 -19.38 68.85 -48.22
N PHE L 4655 -18.83 69.86 -48.83
CA PHE L 4655 -17.47 70.35 -48.55
C PHE L 4655 -17.12 70.16 -47.07
N LEU L 4656 -18.00 70.62 -46.19
CA LEU L 4656 -17.75 70.52 -44.76
C LEU L 4656 -18.08 69.11 -44.31
N ILE L 4657 -18.30 68.12 -45.10
CA ILE L 4657 -18.38 66.68 -44.84
C ILE L 4657 -17.09 66.10 -45.37
N ILE L 4658 -16.34 66.86 -46.18
CA ILE L 4658 -15.16 66.27 -46.79
C ILE L 4658 -14.08 66.63 -45.84
N ILE L 4659 -14.05 67.88 -45.44
CA ILE L 4659 -13.04 68.37 -44.51
C ILE L 4659 -13.06 67.56 -43.23
N GLY L 4660 -14.25 67.23 -42.71
CA GLY L 4660 -14.32 66.40 -41.52
C GLY L 4660 -13.67 65.05 -41.72
N TYR L 4661 -13.98 64.39 -42.84
CA TYR L 4661 -13.37 63.10 -43.11
C TYR L 4661 -11.85 63.22 -43.19
N ASN L 4662 -11.37 64.25 -43.90
CA ASN L 4662 -9.93 64.43 -44.04
C ASN L 4662 -9.26 64.64 -42.70
N CYS L 4663 -9.89 65.36 -41.78
CA CYS L 4663 -9.26 65.66 -40.50
C CYS L 4663 -9.53 64.61 -39.43
N LEU L 4664 -10.36 63.59 -39.70
CA LEU L 4664 -10.61 62.55 -38.72
C LEU L 4664 -10.12 61.18 -39.18
N LYS L 4665 -10.54 60.69 -40.35
CA LYS L 4665 -10.31 59.29 -40.67
C LYS L 4665 -9.03 59.08 -41.47
N VAL L 4666 -8.32 60.16 -41.80
CA VAL L 4666 -7.07 60.03 -42.54
C VAL L 4666 -5.97 59.45 -41.67
N PRO L 4667 -5.58 60.05 -40.55
CA PRO L 4667 -4.50 59.49 -39.73
C PRO L 4667 -4.62 58.00 -39.50
N LEU L 4668 -5.81 57.52 -39.13
CA LEU L 4668 -5.97 56.12 -38.81
C LEU L 4668 -5.74 55.21 -40.01
N VAL L 4669 -5.74 55.77 -41.22
CA VAL L 4669 -5.38 54.98 -42.41
C VAL L 4669 -3.91 55.13 -42.75
N ILE L 4670 -3.37 56.35 -42.64
CA ILE L 4670 -1.95 56.55 -42.88
C ILE L 4670 -1.22 56.14 -41.62
N PHE L 4671 -1.96 55.61 -40.64
CA PHE L 4671 -1.40 54.89 -39.52
C PHE L 4671 -1.37 53.40 -39.77
N LYS L 4672 -2.46 52.88 -40.33
CA LYS L 4672 -2.54 51.46 -40.64
C LYS L 4672 -1.50 51.07 -41.70
N ARG L 4673 -1.27 51.94 -42.67
CA ARG L 4673 -0.26 51.66 -43.69
C ARG L 4673 1.15 51.77 -43.12
N GLU L 4674 1.45 52.86 -42.40
CA GLU L 4674 2.80 53.02 -41.87
C GLU L 4674 3.16 51.89 -40.92
N LYS L 4675 2.25 51.53 -40.02
CA LYS L 4675 2.49 50.45 -39.07
C LYS L 4675 2.77 49.14 -39.79
N GLU L 4676 1.83 48.72 -40.63
CA GLU L 4676 1.98 47.45 -41.34
C GLU L 4676 3.28 47.42 -42.12
N LEU L 4677 3.60 48.51 -42.82
CA LEU L 4677 4.82 48.55 -43.60
C LEU L 4677 6.05 48.39 -42.73
N ALA L 4678 6.24 49.30 -41.76
CA ALA L 4678 7.40 49.26 -40.90
C ALA L 4678 7.55 47.88 -40.27
N ARG L 4679 6.43 47.28 -39.86
CA ARG L 4679 6.49 46.00 -39.16
C ARG L 4679 6.85 44.86 -40.11
N LYS L 4680 6.35 44.90 -41.34
CA LYS L 4680 6.73 43.90 -42.33
C LYS L 4680 8.09 44.23 -42.91
N LEU L 4681 8.72 45.28 -42.39
CA LEU L 4681 10.06 45.65 -42.82
C LEU L 4681 11.12 45.17 -41.83
N GLU L 4682 10.92 45.44 -40.54
CA GLU L 4682 11.92 45.12 -39.52
C GLU L 4682 11.79 43.69 -39.02
N PHE L 4683 10.77 42.96 -39.49
CA PHE L 4683 10.58 41.59 -39.05
C PHE L 4683 10.79 40.60 -40.20
N ASP L 4684 10.05 40.81 -41.29
CA ASP L 4684 10.15 39.92 -42.45
C ASP L 4684 11.23 40.37 -43.43
N GLY L 4685 11.80 41.56 -43.25
CA GLY L 4685 12.75 42.09 -44.21
C GLY L 4685 12.22 42.03 -45.63
N LEU L 4686 11.15 42.79 -45.88
CA LEU L 4686 10.44 42.68 -47.15
C LEU L 4686 11.30 43.10 -48.35
N TYR L 4687 12.00 44.23 -48.25
CA TYR L 4687 12.66 44.82 -49.41
C TYR L 4687 14.13 44.48 -49.50
N ILE L 4688 14.89 44.65 -48.41
CA ILE L 4688 16.34 44.49 -48.49
C ILE L 4688 16.71 43.04 -48.79
N THR L 4689 15.95 42.10 -48.24
CA THR L 4689 16.22 40.67 -48.46
C THR L 4689 15.33 40.08 -49.55
N GLU L 4690 14.01 40.22 -49.42
CA GLU L 4690 13.06 39.71 -50.40
C GLU L 4690 12.65 40.85 -51.33
N GLN L 4691 11.73 40.55 -52.25
CA GLN L 4691 11.26 41.55 -53.21
C GLN L 4691 9.78 41.33 -53.50
N PRO L 4692 8.98 42.39 -53.58
CA PRO L 4692 7.54 42.27 -53.82
C PRO L 4692 7.22 41.83 -55.24
N ASP L 4696 2.19 42.75 -56.24
CA ASP L 4696 1.47 43.61 -55.30
C ASP L 4696 1.71 45.08 -55.60
N VAL L 4697 0.74 45.73 -56.23
CA VAL L 4697 0.83 47.15 -56.55
C VAL L 4697 1.05 47.95 -55.27
N LYS L 4698 0.42 47.51 -54.19
CA LYS L 4698 0.55 48.18 -52.91
C LYS L 4698 2.03 48.30 -52.52
N GLY L 4699 2.75 47.19 -52.55
CA GLY L 4699 4.15 47.19 -52.20
C GLY L 4699 5.00 48.07 -53.09
N GLN L 4700 4.76 47.99 -54.40
CA GLN L 4700 5.53 48.81 -55.33
C GLN L 4700 5.32 50.29 -55.06
N TRP L 4701 4.07 50.69 -54.80
CA TRP L 4701 3.80 52.09 -54.47
C TRP L 4701 4.47 52.46 -53.15
N ASP L 4702 4.36 51.60 -52.14
CA ASP L 4702 5.01 51.88 -50.86
C ASP L 4702 6.52 52.03 -51.02
N ARG L 4703 7.10 51.41 -52.04
CA ARG L 4703 8.53 51.53 -52.21
C ARG L 4703 8.86 52.90 -52.76
N LEU L 4704 8.37 53.93 -52.09
CA LEU L 4704 8.61 55.33 -52.45
C LEU L 4704 8.92 56.23 -51.27
N VAL L 4705 8.46 55.90 -50.07
CA VAL L 4705 8.65 56.79 -48.92
C VAL L 4705 9.85 56.41 -48.09
N LEU L 4706 10.43 55.22 -48.29
CA LEU L 4706 11.54 54.76 -47.47
C LEU L 4706 12.65 55.80 -47.43
N ASN L 4707 12.89 56.47 -48.55
CA ASN L 4707 13.82 57.59 -48.59
C ASN L 4707 13.31 58.82 -47.86
N THR L 4708 12.03 58.90 -47.54
CA THR L 4708 11.48 60.11 -46.95
C THR L 4708 12.11 60.36 -45.59
N PRO L 4709 12.25 61.62 -45.17
CA PRO L 4709 12.86 61.90 -43.86
C PRO L 4709 11.90 61.70 -42.71
N SER L 4710 10.64 61.31 -43.01
CA SER L 4710 9.64 61.19 -41.97
C SER L 4710 8.78 59.94 -42.14
N PHE L 4711 9.36 58.85 -42.65
CA PHE L 4711 8.61 57.62 -42.88
C PHE L 4711 7.64 57.26 -41.75
N PRO L 4712 8.07 57.16 -40.49
CA PRO L 4712 7.12 56.89 -39.41
C PRO L 4712 6.47 58.17 -38.88
N SER L 4713 5.45 58.66 -39.57
CA SER L 4713 4.83 59.94 -39.25
C SER L 4713 3.65 59.80 -38.29
N ASN L 4714 3.05 58.61 -38.21
CA ASN L 4714 1.95 58.38 -37.27
C ASN L 4714 2.21 57.15 -36.43
N TYR L 4715 2.93 56.19 -37.00
CA TYR L 4715 3.35 55.00 -36.27
C TYR L 4715 4.32 55.42 -35.17
N TRP L 4716 3.88 55.32 -33.91
CA TRP L 4716 4.56 55.98 -32.79
C TRP L 4716 6.06 55.73 -32.85
N ASP L 4717 6.47 54.50 -33.12
CA ASP L 4717 7.88 54.18 -33.15
C ASP L 4717 8.57 54.99 -34.24
N LYS L 4718 9.39 55.95 -33.84
CA LYS L 4718 10.13 56.78 -34.77
C LYS L 4718 11.59 56.36 -34.91
N PHE L 4719 11.95 55.20 -34.35
CA PHE L 4719 13.31 54.67 -34.46
C PHE L 4719 13.35 53.40 -35.31
N VAL L 4720 12.28 53.10 -36.04
CA VAL L 4720 12.25 51.95 -36.91
C VAL L 4720 13.27 52.05 -38.03
N LYS L 4721 13.92 53.20 -38.19
CA LYS L 4721 15.00 53.34 -39.15
C LYS L 4721 16.22 52.56 -38.68
N ARG L 4722 16.72 52.88 -37.48
CA ARG L 4722 17.91 52.22 -36.96
C ARG L 4722 17.71 50.71 -36.91
N LYS L 4723 16.64 50.27 -36.24
CA LYS L 4723 16.37 48.86 -35.99
C LYS L 4723 16.69 47.98 -37.20
N VAL L 4724 16.09 48.30 -38.35
CA VAL L 4724 16.25 47.44 -39.54
C VAL L 4724 17.70 47.46 -40.01
N LEU L 4725 18.29 48.64 -40.14
CA LEU L 4725 19.69 48.77 -40.50
C LEU L 4725 20.53 47.84 -39.63
N ASP L 4726 20.47 48.06 -38.32
CA ASP L 4726 21.29 47.30 -37.38
C ASP L 4726 21.06 45.80 -37.52
N LYS L 4727 19.80 45.38 -37.67
CA LYS L 4727 19.52 43.95 -37.63
C LYS L 4727 20.00 43.29 -38.94
N HIS L 4728 19.98 44.03 -40.04
CA HIS L 4728 20.62 43.55 -41.26
C HIS L 4728 21.86 44.37 -41.59
N GLY L 4729 22.50 44.93 -40.58
CA GLY L 4729 23.69 45.74 -40.81
C GLY L 4729 24.58 45.29 -41.94
N ASP L 4730 25.25 44.16 -41.76
CA ASP L 4730 26.20 43.72 -42.77
C ASP L 4730 25.63 42.74 -43.78
N ILE L 4731 24.81 41.81 -43.33
CA ILE L 4731 24.28 40.79 -44.22
C ILE L 4731 23.96 41.34 -45.62
N PHE L 4732 23.45 42.56 -45.70
CA PHE L 4732 23.07 43.13 -47.00
C PHE L 4732 23.73 44.48 -47.24
N GLY L 4733 24.89 44.71 -46.64
CA GLY L 4733 25.63 45.94 -46.86
C GLY L 4733 25.05 47.14 -46.17
N ARG L 4734 25.73 47.62 -45.13
CA ARG L 4734 25.27 48.79 -44.40
C ARG L 4734 25.09 49.97 -45.33
N GLU L 4735 26.19 50.45 -45.90
CA GLU L 4735 26.10 51.62 -46.76
C GLU L 4735 24.95 51.48 -47.75
N ARG L 4736 24.77 50.31 -48.32
CA ARG L 4736 23.65 50.07 -49.23
C ARG L 4736 22.32 50.27 -48.54
N ILE L 4737 22.17 49.75 -47.32
CA ILE L 4737 20.93 49.94 -46.57
C ILE L 4737 20.73 51.40 -46.19
N ALA L 4738 21.77 52.10 -45.78
CA ALA L 4738 21.63 53.52 -45.45
C ALA L 4738 21.23 54.31 -46.68
N GLU L 4739 21.71 53.92 -47.86
CA GLU L 4739 21.27 54.58 -49.09
C GLU L 4739 19.81 54.27 -49.37
N LEU L 4740 19.39 53.01 -49.20
CA LEU L 4740 18.00 52.67 -49.44
C LEU L 4740 17.05 53.41 -48.50
N LEU L 4741 17.42 53.53 -47.23
CA LEU L 4741 16.57 54.16 -46.23
C LEU L 4741 16.81 55.65 -46.05
N GLY L 4742 17.75 56.23 -46.81
CA GLY L 4742 18.02 57.65 -46.68
C GLY L 4742 18.50 58.08 -45.32
N MET L 4743 19.07 57.17 -44.55
CA MET L 4743 19.55 57.49 -43.21
C MET L 4743 20.76 58.42 -43.20
N ASP L 4744 21.62 58.34 -44.20
CA ASP L 4744 22.91 59.03 -44.17
C ASP L 4744 23.85 58.40 -43.15
N LEU L 4745 23.80 57.06 -43.07
CA LEU L 4745 24.63 56.22 -42.21
C LEU L 4745 25.55 56.99 -41.27
N ALA L 4746 26.80 57.18 -41.70
CA ALA L 4746 27.83 57.75 -40.83
C ALA L 4746 27.36 59.02 -40.15
N SER L 4747 27.02 60.04 -40.94
CA SER L 4747 26.52 61.29 -40.37
C SER L 4747 25.29 61.02 -39.52
N LEU L 4748 24.46 60.07 -39.94
CA LEU L 4748 23.26 59.71 -39.19
C LEU L 4748 23.62 59.31 -37.77
N GLU L 4749 24.40 58.25 -37.62
CA GLU L 4749 24.88 57.86 -36.30
C GLU L 4749 25.75 58.93 -35.67
N ILE L 4750 26.29 59.84 -36.47
CA ILE L 4750 27.12 60.94 -35.99
C ILE L 4750 26.22 62.05 -35.44
N THR L 4751 24.91 61.81 -35.45
CA THR L 4751 23.94 62.80 -34.99
C THR L 4751 24.30 63.30 -33.60
N ALA L 4752 24.26 64.62 -33.43
CA ALA L 4752 24.63 65.23 -32.16
C ALA L 4752 23.73 64.76 -31.02
N HIS L 4753 22.48 64.41 -31.34
CA HIS L 4753 21.51 63.99 -30.33
C HIS L 4753 22.09 62.93 -29.41
N ASN L 4754 22.51 61.79 -29.98
CA ASN L 4754 23.10 60.73 -29.17
C ASN L 4754 24.29 61.24 -28.38
N GLU L 4755 25.21 61.93 -29.05
CA GLU L 4755 26.38 62.48 -28.39
C GLU L 4755 26.02 63.62 -27.45
N ARG L 4756 25.41 64.67 -27.99
CA ARG L 4756 25.05 65.84 -27.19
C ARG L 4756 23.69 66.39 -27.59
N THR L 4766 4.70 77.21 -39.63
CA THR L 4766 5.20 77.30 -40.99
C THR L 4766 5.20 75.94 -41.67
N TRP L 4767 4.11 75.20 -41.52
CA TRP L 4767 3.99 73.88 -42.13
C TRP L 4767 4.22 73.94 -43.63
N LEU L 4768 3.62 74.94 -44.30
CA LEU L 4768 3.81 75.10 -45.73
C LEU L 4768 5.27 75.42 -46.06
N MET L 4769 5.97 76.03 -45.11
CA MET L 4769 7.35 76.45 -45.35
C MET L 4769 8.24 75.26 -45.72
N SER L 4770 8.19 74.20 -44.93
CA SER L 4770 9.02 73.02 -45.12
C SER L 4770 8.19 71.75 -45.30
N ILE L 4771 7.14 71.84 -46.12
CA ILE L 4771 6.26 70.70 -46.37
C ILE L 4771 6.92 69.77 -47.38
N ASP L 4772 7.39 68.61 -46.90
CA ASP L 4772 8.01 67.63 -47.79
C ASP L 4772 7.04 67.21 -48.88
N VAL L 4773 7.51 67.23 -50.14
CA VAL L 4773 6.63 66.93 -51.26
C VAL L 4773 6.39 65.44 -51.38
N LYS L 4774 7.48 64.66 -51.45
CA LYS L 4774 7.36 63.25 -51.79
C LYS L 4774 6.49 62.49 -50.80
N TYR L 4775 6.65 62.77 -49.51
CA TYR L 4775 5.81 62.11 -48.51
C TYR L 4775 4.35 62.49 -48.71
N GLN L 4776 4.07 63.75 -49.05
CA GLN L 4776 2.70 64.14 -49.36
C GLN L 4776 2.17 63.36 -50.56
N ILE L 4777 3.00 63.17 -51.59
CA ILE L 4777 2.57 62.38 -52.74
C ILE L 4777 2.20 60.98 -52.31
N TRP L 4778 3.03 60.35 -51.48
CA TRP L 4778 2.73 58.99 -51.04
C TRP L 4778 1.43 58.96 -50.24
N LYS L 4779 1.24 59.93 -49.35
CA LYS L 4779 0.04 59.95 -48.52
C LYS L 4779 -1.21 60.12 -49.37
N PHE L 4780 -1.17 61.04 -50.33
CA PHE L 4780 -2.32 61.25 -51.19
C PHE L 4780 -2.59 60.01 -52.05
N GLY L 4781 -1.55 59.37 -52.55
CA GLY L 4781 -1.74 58.15 -53.31
C GLY L 4781 -2.46 57.11 -52.48
N VAL L 4782 -2.01 56.92 -51.23
CA VAL L 4782 -2.60 55.89 -50.40
C VAL L 4782 -4.04 56.23 -50.04
N ILE L 4783 -4.33 57.51 -49.79
CA ILE L 4783 -5.69 57.90 -49.44
C ILE L 4783 -6.63 57.75 -50.63
N PHE L 4784 -6.19 58.16 -51.82
CA PHE L 4784 -6.99 58.01 -53.02
C PHE L 4784 -7.19 56.53 -53.33
N THR L 4785 -6.24 55.69 -52.90
CA THR L 4785 -6.42 54.26 -52.97
C THR L 4785 -7.51 53.77 -52.01
N ASP L 4786 -7.95 54.60 -51.08
CA ASP L 4786 -8.96 54.22 -50.10
C ASP L 4786 -10.34 54.18 -50.76
N ASN L 4787 -11.27 53.44 -50.15
CA ASN L 4787 -12.61 53.32 -50.71
C ASN L 4787 -13.53 54.41 -50.18
N SER L 4788 -13.59 54.60 -48.85
CA SER L 4788 -14.54 55.54 -48.27
C SER L 4788 -14.23 56.98 -48.69
N PHE L 4789 -12.95 57.33 -48.90
CA PHE L 4789 -12.66 58.65 -49.43
C PHE L 4789 -13.15 58.79 -50.86
N LEU L 4790 -13.05 57.74 -51.66
CA LEU L 4790 -13.60 57.79 -53.01
C LEU L 4790 -15.11 58.00 -52.97
N TYR L 4791 -15.86 57.36 -52.08
CA TYR L 4791 -17.31 57.58 -52.03
C TYR L 4791 -17.64 59.02 -51.62
N SER L 4792 -16.96 59.57 -50.63
CA SER L 4792 -17.18 60.97 -50.26
C SER L 4792 -16.72 61.93 -51.36
N GLY L 4793 -15.70 61.59 -52.15
CA GLY L 4793 -15.36 62.38 -53.32
C GLY L 4793 -16.45 62.34 -54.36
N TRP L 4794 -17.04 61.16 -54.59
CA TRP L 4794 -18.17 61.05 -55.50
C TRP L 4794 -19.35 61.88 -55.00
N TYR L 4795 -19.67 61.85 -53.71
CA TYR L 4795 -20.79 62.64 -53.20
C TYR L 4795 -20.50 64.13 -53.36
N MET L 4796 -19.27 64.58 -53.12
CA MET L 4796 -18.95 65.98 -53.40
C MET L 4796 -19.06 66.32 -54.88
N VAL L 4797 -18.53 65.47 -55.75
CA VAL L 4797 -18.52 65.80 -57.18
C VAL L 4797 -19.94 65.87 -57.71
N MET L 4798 -20.79 64.93 -57.32
CA MET L 4798 -22.19 64.99 -57.74
C MET L 4798 -22.87 66.23 -57.20
N SER L 4799 -22.66 66.54 -55.91
CA SER L 4799 -23.27 67.74 -55.35
C SER L 4799 -22.86 68.98 -56.13
N LEU L 4800 -21.56 69.14 -56.39
CA LEU L 4800 -21.04 70.27 -57.14
C LEU L 4800 -21.66 70.31 -58.54
N LEU L 4801 -21.67 69.17 -59.22
CA LEU L 4801 -22.17 69.11 -60.59
C LEU L 4801 -23.66 69.43 -60.62
N GLY L 4802 -24.32 69.28 -59.48
CA GLY L 4802 -25.74 69.59 -59.40
C GLY L 4802 -26.08 71.01 -59.80
N HIS L 4803 -25.21 71.96 -59.44
CA HIS L 4803 -25.45 73.34 -59.87
C HIS L 4803 -25.45 73.46 -61.39
N TYR L 4804 -24.81 72.53 -62.09
CA TYR L 4804 -24.91 72.50 -63.54
C TYR L 4804 -26.33 72.20 -64.00
N ASN L 4805 -26.95 71.18 -63.40
CA ASN L 4805 -28.30 70.78 -63.76
C ASN L 4805 -28.93 70.08 -62.56
N ASN L 4806 -29.92 70.66 -61.88
CA ASN L 4806 -30.45 70.04 -60.61
C ASN L 4806 -30.81 68.53 -60.62
N PHE L 4807 -30.82 67.92 -61.75
CA PHE L 4807 -31.09 66.50 -61.64
C PHE L 4807 -29.96 65.75 -60.84
N PHE L 4808 -28.85 66.45 -60.70
CA PHE L 4808 -27.72 65.84 -60.02
C PHE L 4808 -27.98 65.89 -58.54
N PHE L 4809 -28.98 66.66 -58.15
CA PHE L 4809 -29.35 66.69 -56.75
C PHE L 4809 -30.32 65.54 -56.59
N ALA L 4810 -30.23 64.58 -57.50
CA ALA L 4810 -31.07 63.39 -57.42
C ALA L 4810 -30.11 62.23 -57.35
N ALA L 4811 -28.83 62.52 -57.26
CA ALA L 4811 -27.82 61.50 -57.12
C ALA L 4811 -27.36 61.51 -55.69
N HIS L 4812 -27.59 62.58 -54.93
CA HIS L 4812 -27.35 62.55 -53.51
C HIS L 4812 -28.60 61.94 -52.94
N LEU L 4813 -29.76 62.34 -53.44
CA LEU L 4813 -31.02 61.69 -53.07
C LEU L 4813 -30.69 60.30 -52.87
N LEU L 4814 -29.79 59.68 -53.64
CA LEU L 4814 -29.52 58.19 -53.52
C LEU L 4814 -28.63 57.63 -52.38
N ASP L 4815 -27.98 58.47 -51.59
CA ASP L 4815 -27.20 58.06 -50.42
C ASP L 4815 -28.06 57.45 -49.30
N ILE L 4816 -29.38 57.68 -49.26
CA ILE L 4816 -30.28 56.97 -48.34
C ILE L 4816 -29.96 55.49 -48.40
N ALA L 4817 -29.82 54.98 -49.62
CA ALA L 4817 -29.54 53.58 -49.88
C ALA L 4817 -28.24 53.11 -49.29
N MET L 4818 -27.07 53.48 -49.83
CA MET L 4818 -25.78 52.94 -49.42
C MET L 4818 -25.51 52.92 -47.91
N GLY L 4819 -26.18 53.73 -47.09
CA GLY L 4819 -26.10 53.69 -45.62
C GLY L 4819 -27.14 52.81 -44.88
N VAL L 4820 -28.32 52.53 -45.43
CA VAL L 4820 -29.47 51.96 -44.66
C VAL L 4820 -29.43 50.43 -44.50
N LYS L 4821 -28.33 49.89 -43.97
CA LYS L 4821 -28.17 48.51 -43.48
C LYS L 4821 -28.76 47.42 -44.40
N THR L 4822 -30.05 47.10 -44.25
CA THR L 4822 -30.87 46.19 -45.03
C THR L 4822 -30.72 46.43 -46.51
N LEU L 4823 -30.42 47.66 -46.91
CA LEU L 4823 -30.19 47.96 -48.32
C LEU L 4823 -28.75 47.64 -48.65
N ARG L 4824 -27.78 48.17 -47.88
CA ARG L 4824 -26.34 47.96 -48.11
C ARG L 4824 -26.02 46.49 -48.35
N THR L 4825 -26.69 45.57 -47.64
CA THR L 4825 -26.59 44.14 -47.96
C THR L 4825 -26.99 43.86 -49.39
N ILE L 4826 -28.18 44.31 -49.80
CA ILE L 4826 -28.67 44.03 -51.14
C ILE L 4826 -27.72 44.58 -52.20
N LEU L 4827 -26.93 45.58 -51.84
CA LEU L 4827 -26.00 46.20 -52.77
C LEU L 4827 -24.70 45.43 -52.86
N SER L 4828 -24.27 44.79 -51.77
CA SER L 4828 -23.06 43.98 -51.82
C SER L 4828 -23.33 42.60 -52.40
N SER L 4829 -24.59 42.20 -52.50
CA SER L 4829 -24.91 40.90 -53.06
C SER L 4829 -24.38 40.77 -54.48
N VAL L 4830 -24.57 41.81 -55.30
CA VAL L 4830 -24.15 41.75 -56.70
C VAL L 4830 -22.64 41.56 -56.80
N THR L 4831 -21.89 42.33 -55.99
CA THR L 4831 -20.44 42.31 -56.10
C THR L 4831 -19.79 41.21 -55.27
N HIS L 4832 -20.57 40.49 -54.45
CA HIS L 4832 -20.05 39.39 -53.65
C HIS L 4832 -19.57 38.22 -54.51
N ASN L 4833 -20.33 37.85 -55.54
CA ASN L 4833 -19.88 36.79 -56.43
C ASN L 4833 -20.03 37.15 -57.90
N GLY L 4834 -19.79 38.41 -58.29
CA GLY L 4834 -19.91 38.78 -59.69
C GLY L 4834 -19.06 37.93 -60.60
N LYS L 4835 -17.93 37.43 -60.10
CA LYS L 4835 -17.08 36.56 -60.91
C LYS L 4835 -17.79 35.28 -61.31
N GLN L 4836 -18.89 34.93 -60.63
CA GLN L 4836 -19.71 33.80 -61.01
C GLN L 4836 -21.13 34.16 -61.36
N LEU L 4837 -21.42 35.45 -61.58
CA LEU L 4837 -22.69 35.90 -62.14
C LEU L 4837 -22.48 36.52 -63.53
N VAL L 4838 -21.37 37.22 -63.72
CA VAL L 4838 -21.00 37.68 -65.04
C VAL L 4838 -20.87 36.50 -65.99
N MET L 4839 -20.36 35.38 -65.50
CA MET L 4839 -20.26 34.19 -66.34
C MET L 4839 -21.65 33.72 -66.77
N THR L 4840 -22.61 33.76 -65.85
CA THR L 4840 -23.96 33.36 -66.20
C THR L 4840 -24.57 34.29 -67.24
N VAL L 4841 -24.37 35.59 -67.09
CA VAL L 4841 -24.87 36.50 -68.09
C VAL L 4841 -24.24 36.11 -69.41
N GLY L 4842 -22.93 35.99 -69.43
CA GLY L 4842 -22.24 35.64 -70.66
C GLY L 4842 -22.81 34.38 -71.29
N LEU L 4843 -23.22 33.43 -70.45
CA LEU L 4843 -23.81 32.20 -70.95
C LEU L 4843 -25.15 32.50 -71.59
N LEU L 4844 -25.92 33.40 -71.00
CA LEU L 4844 -27.13 33.89 -71.68
C LEU L 4844 -26.80 34.51 -73.03
N ALA L 4845 -25.79 35.38 -73.08
CA ALA L 4845 -25.41 36.00 -74.34
C ALA L 4845 -25.11 34.93 -75.40
N VAL L 4846 -24.31 33.93 -75.04
CA VAL L 4846 -23.93 32.89 -76.00
C VAL L 4846 -25.10 32.00 -76.42
N VAL L 4847 -25.99 31.65 -75.49
CA VAL L 4847 -27.14 30.83 -75.86
C VAL L 4847 -28.06 31.59 -76.81
N VAL L 4848 -28.34 32.85 -76.49
CA VAL L 4848 -29.17 33.65 -77.39
C VAL L 4848 -28.47 33.83 -78.72
N TYR L 4849 -27.13 33.91 -78.72
CA TYR L 4849 -26.41 33.90 -79.98
C TYR L 4849 -26.71 32.64 -80.78
N LEU L 4850 -26.43 31.48 -80.22
CA LEU L 4850 -26.69 30.23 -80.93
C LEU L 4850 -28.12 30.11 -81.42
N TYR L 4851 -29.10 30.62 -80.69
CA TYR L 4851 -30.47 30.63 -81.21
C TYR L 4851 -30.74 31.76 -82.20
N THR L 4852 -29.79 32.66 -82.40
CA THR L 4852 -29.94 33.70 -83.40
C THR L 4852 -29.39 33.18 -84.70
N VAL L 4853 -28.30 32.42 -84.63
CA VAL L 4853 -27.64 31.94 -85.84
C VAL L 4853 -28.57 31.02 -86.62
N VAL L 4854 -29.23 30.08 -85.94
CA VAL L 4854 -30.16 29.18 -86.63
C VAL L 4854 -31.29 29.96 -87.28
N ALA L 4855 -31.84 30.95 -86.56
CA ALA L 4855 -32.85 31.82 -87.15
C ALA L 4855 -32.33 32.56 -88.37
N PHE L 4856 -31.03 32.89 -88.38
CA PHE L 4856 -30.46 33.55 -89.55
C PHE L 4856 -30.11 32.58 -90.67
N ASN L 4857 -30.26 31.27 -90.44
CA ASN L 4857 -29.96 30.30 -91.48
C ASN L 4857 -31.19 29.62 -92.05
N PHE L 4858 -32.28 29.54 -91.28
CA PHE L 4858 -33.48 28.85 -91.74
C PHE L 4858 -34.78 29.61 -91.53
N PHE L 4859 -34.85 30.55 -90.59
CA PHE L 4859 -36.12 31.12 -90.17
C PHE L 4859 -36.23 32.61 -90.46
N ARG L 4860 -35.39 33.15 -91.33
CA ARG L 4860 -35.47 34.58 -91.66
C ARG L 4860 -36.87 34.92 -92.15
N LYS L 4861 -37.52 33.96 -92.81
CA LYS L 4861 -38.84 34.16 -93.40
C LYS L 4861 -39.85 34.65 -92.38
N PHE L 4862 -39.84 34.06 -91.18
CA PHE L 4862 -40.86 34.39 -90.19
C PHE L 4862 -40.67 35.77 -89.57
N TYR L 4863 -39.45 36.28 -89.53
CA TYR L 4863 -39.12 37.45 -88.73
C TYR L 4863 -39.53 38.71 -89.49
N ASN L 4864 -40.84 38.96 -89.56
CA ASN L 4864 -41.35 40.17 -90.21
C ASN L 4864 -42.28 40.86 -89.22
N LYS L 4865 -41.71 41.74 -88.40
CA LYS L 4865 -42.46 42.42 -87.34
C LYS L 4865 -43.12 43.71 -87.80
N SER L 4866 -43.33 43.86 -89.12
CA SER L 4866 -43.93 45.06 -89.68
C SER L 4866 -45.27 44.69 -90.30
N GLU L 4867 -46.34 45.31 -89.82
CA GLU L 4867 -47.68 45.01 -90.31
C GLU L 4867 -47.91 45.59 -91.70
N ASP L 4868 -47.41 46.81 -91.93
CA ASP L 4868 -47.61 47.49 -93.20
C ASP L 4868 -47.32 46.55 -94.36
N GLU L 4869 -48.27 46.43 -95.29
CA GLU L 4869 -48.14 45.50 -96.41
C GLU L 4869 -46.86 45.77 -97.20
N ASP L 4870 -46.62 47.03 -97.56
CA ASP L 4870 -45.48 47.37 -98.40
C ASP L 4870 -44.18 47.36 -97.59
N GLU L 4871 -44.10 48.21 -96.57
CA GLU L 4871 -42.87 48.35 -95.81
C GLU L 4871 -42.50 47.04 -95.13
N PRO L 4872 -41.51 46.32 -95.63
CA PRO L 4872 -41.03 45.12 -94.93
C PRO L 4872 -39.91 45.43 -93.96
N ASP L 4873 -40.04 45.01 -92.71
CA ASP L 4873 -38.96 45.22 -91.74
C ASP L 4873 -37.88 44.15 -91.90
N MET L 4874 -38.27 42.88 -91.75
CA MET L 4874 -37.29 41.79 -91.84
C MET L 4874 -36.16 42.01 -90.86
N LYS L 4875 -36.46 42.00 -89.57
CA LYS L 4875 -35.44 42.24 -88.56
C LYS L 4875 -34.30 41.24 -88.67
N CYS L 4876 -34.58 40.05 -89.18
CA CYS L 4876 -33.53 39.04 -89.30
C CYS L 4876 -32.92 39.02 -90.70
N ASP L 4877 -32.27 40.10 -91.10
CA ASP L 4877 -31.41 40.09 -92.27
C ASP L 4877 -29.96 40.41 -91.94
N ASP L 4878 -29.69 41.52 -91.27
CA ASP L 4878 -28.37 41.81 -90.75
C ASP L 4878 -28.23 41.09 -89.42
N MET L 4879 -27.41 40.03 -89.40
CA MET L 4879 -27.34 39.20 -88.20
C MET L 4879 -27.07 40.03 -86.95
N MET L 4880 -26.29 41.10 -87.07
CA MET L 4880 -26.12 42.00 -85.94
C MET L 4880 -27.45 42.64 -85.54
N THR L 4881 -28.43 42.61 -86.44
CA THR L 4881 -29.74 43.14 -86.09
C THR L 4881 -30.63 42.05 -85.49
N CYS L 4882 -30.61 40.85 -86.08
CA CYS L 4882 -31.42 39.76 -85.54
C CYS L 4882 -30.98 39.39 -84.13
N TYR L 4883 -29.68 39.38 -83.88
CA TYR L 4883 -29.18 39.04 -82.55
C TYR L 4883 -29.66 40.04 -81.52
N LEU L 4884 -29.62 41.33 -81.85
CA LEU L 4884 -30.14 42.34 -80.94
C LEU L 4884 -31.65 42.21 -80.77
N PHE L 4885 -32.36 41.89 -81.84
CA PHE L 4885 -33.81 41.69 -81.71
C PHE L 4885 -34.11 40.57 -80.73
N HIS L 4886 -33.40 39.45 -80.83
CA HIS L 4886 -33.58 38.37 -79.88
C HIS L 4886 -33.24 38.81 -78.46
N MET L 4887 -32.03 39.33 -78.25
CA MET L 4887 -31.60 39.67 -76.89
C MET L 4887 -32.39 40.83 -76.31
N TYR L 4888 -33.16 41.54 -77.12
CA TYR L 4888 -33.97 42.66 -76.64
C TYR L 4888 -35.40 42.22 -76.32
N VAL L 4889 -36.08 41.60 -77.28
CA VAL L 4889 -37.43 41.12 -77.04
C VAL L 4889 -37.52 39.62 -76.86
N GLY L 4890 -36.39 38.92 -76.86
CA GLY L 4890 -36.40 37.49 -76.62
C GLY L 4890 -36.53 37.14 -75.15
N VAL L 4891 -35.56 37.56 -74.34
CA VAL L 4891 -35.54 37.16 -72.94
C VAL L 4891 -36.60 37.88 -72.12
N ARG L 4892 -37.33 38.83 -72.70
CA ARG L 4892 -38.35 39.57 -71.98
C ARG L 4892 -39.76 39.14 -72.35
N ALA L 4893 -39.91 38.19 -73.27
CA ALA L 4893 -41.24 37.83 -73.77
C ALA L 4893 -42.04 37.08 -72.70
N GLY L 4894 -41.36 36.40 -71.79
CA GLY L 4894 -42.02 35.56 -70.81
C GLY L 4894 -42.62 34.30 -71.38
N GLY L 4895 -42.76 34.21 -72.69
CA GLY L 4895 -43.19 32.99 -73.35
C GLY L 4895 -42.17 32.54 -74.37
N GLY L 4896 -40.99 33.16 -74.33
CA GLY L 4896 -39.95 32.88 -75.30
C GLY L 4896 -40.17 33.63 -76.60
N ILE L 4897 -39.18 33.51 -77.48
CA ILE L 4897 -39.22 34.22 -78.76
C ILE L 4897 -40.45 33.86 -79.58
N GLY L 4898 -40.83 32.59 -79.62
CA GLY L 4898 -41.98 32.19 -80.40
C GLY L 4898 -43.26 32.93 -80.12
N ASP L 4899 -43.30 33.70 -79.03
CA ASP L 4899 -44.47 34.49 -78.71
C ASP L 4899 -44.58 35.75 -79.56
N GLU L 4900 -43.50 36.11 -80.28
CA GLU L 4900 -43.46 37.37 -81.00
C GLU L 4900 -43.24 37.22 -82.50
N ILE L 4901 -43.60 36.08 -83.08
CA ILE L 4901 -43.48 35.87 -84.51
C ILE L 4901 -44.70 35.13 -85.02
N GLU L 4902 -44.81 35.04 -86.35
CA GLU L 4902 -45.97 34.43 -86.96
C GLU L 4902 -46.06 32.94 -86.60
N ASP L 4903 -47.28 32.44 -86.55
CA ASP L 4903 -47.52 31.06 -86.19
C ASP L 4903 -46.87 30.13 -87.20
N PRO L 4904 -46.40 28.96 -86.76
CA PRO L 4904 -45.87 27.96 -87.69
C PRO L 4904 -46.91 27.10 -88.37
N ALA L 4905 -48.18 27.51 -88.36
CA ALA L 4905 -49.26 26.75 -88.98
C ALA L 4905 -48.84 26.21 -90.35
N GLY L 4906 -48.12 27.02 -91.12
CA GLY L 4906 -47.59 26.55 -92.38
C GLY L 4906 -46.76 25.29 -92.20
N ASP L 4907 -47.08 24.25 -92.96
CA ASP L 4907 -46.43 22.96 -92.73
C ASP L 4907 -44.92 23.04 -92.95
N GLU L 4908 -44.46 23.99 -93.74
CA GLU L 4908 -43.03 24.12 -93.99
C GLU L 4908 -42.26 24.35 -92.69
N TYR L 4909 -41.46 23.36 -92.30
CA TYR L 4909 -40.66 23.46 -91.08
C TYR L 4909 -41.52 23.79 -89.86
N GLU L 4910 -42.79 23.38 -89.91
CA GLU L 4910 -43.67 23.62 -88.79
C GLU L 4910 -43.18 22.92 -87.53
N LEU L 4911 -42.87 21.63 -87.63
CA LEU L 4911 -42.39 20.87 -86.49
C LEU L 4911 -41.07 21.39 -85.93
N TYR L 4912 -40.12 21.74 -86.80
CA TYR L 4912 -38.85 22.28 -86.33
C TYR L 4912 -39.03 23.59 -85.57
N ARG L 4913 -39.89 24.48 -86.05
CA ARG L 4913 -40.15 25.71 -85.30
C ARG L 4913 -40.89 25.42 -84.00
N VAL L 4914 -41.77 24.41 -84.00
CA VAL L 4914 -42.45 24.04 -82.76
C VAL L 4914 -41.45 23.53 -81.73
N VAL L 4915 -40.26 23.13 -82.15
CA VAL L 4915 -39.23 22.74 -81.20
C VAL L 4915 -38.33 23.93 -80.89
N PHE L 4916 -38.06 24.78 -81.88
CA PHE L 4916 -37.27 25.98 -81.66
C PHE L 4916 -37.89 26.86 -80.58
N ASP L 4917 -39.19 27.12 -80.72
CA ASP L 4917 -39.90 27.93 -79.73
C ASP L 4917 -39.77 27.35 -78.33
N ILE L 4918 -40.12 26.08 -78.19
CA ILE L 4918 -40.18 25.45 -76.87
C ILE L 4918 -38.79 25.38 -76.25
N THR L 4919 -37.78 25.03 -77.05
CA THR L 4919 -36.43 24.97 -76.52
C THR L 4919 -35.89 26.34 -76.14
N PHE L 4920 -36.12 27.37 -76.96
CA PHE L 4920 -35.70 28.70 -76.56
C PHE L 4920 -36.36 29.13 -75.28
N PHE L 4921 -37.65 28.83 -75.11
CA PHE L 4921 -38.33 29.18 -73.88
C PHE L 4921 -37.73 28.43 -72.69
N PHE L 4922 -37.60 27.10 -72.81
N PHE L 4922 -37.64 27.10 -72.79
CA PHE L 4922 -37.20 26.31 -71.66
CA PHE L 4922 -37.17 26.28 -71.68
C PHE L 4922 -35.75 26.58 -71.25
C PHE L 4922 -35.75 26.66 -71.27
N PHE L 4923 -34.80 26.54 -72.19
CA PHE L 4923 -33.40 26.72 -71.83
C PHE L 4923 -33.14 28.11 -71.27
N VAL L 4924 -33.73 29.15 -71.88
CA VAL L 4924 -33.41 30.50 -71.45
C VAL L 4924 -34.33 30.94 -70.32
N ILE L 4925 -35.61 31.14 -70.61
CA ILE L 4925 -36.48 31.90 -69.71
C ILE L 4925 -36.92 31.07 -68.51
N VAL L 4926 -36.66 29.76 -68.52
CA VAL L 4926 -37.03 28.95 -67.37
C VAL L 4926 -35.79 28.55 -66.58
N ILE L 4927 -34.65 28.39 -67.24
CA ILE L 4927 -33.42 27.93 -66.59
C ILE L 4927 -32.52 29.10 -66.22
N LEU L 4928 -31.98 29.81 -67.21
CA LEU L 4928 -31.00 30.85 -66.93
C LEU L 4928 -31.58 32.11 -66.29
N LEU L 4929 -32.69 32.62 -66.83
CA LEU L 4929 -33.32 33.77 -66.20
C LEU L 4929 -33.84 33.34 -64.85
N ALA L 4930 -33.55 32.09 -64.45
CA ALA L 4930 -33.93 31.62 -63.13
C ALA L 4930 -32.68 31.56 -62.30
N ILE L 4931 -31.69 30.83 -62.79
CA ILE L 4931 -30.41 30.79 -62.09
C ILE L 4931 -30.02 32.20 -61.65
N ILE L 4932 -29.98 33.15 -62.58
CA ILE L 4932 -29.55 34.48 -62.22
C ILE L 4932 -30.28 34.91 -60.97
N GLN L 4933 -31.60 35.04 -61.12
CA GLN L 4933 -32.42 35.43 -59.99
C GLN L 4933 -31.96 34.60 -58.85
N GLY L 4934 -31.75 33.30 -59.10
CA GLY L 4934 -31.26 32.43 -58.06
C GLY L 4934 -30.03 33.03 -57.42
N LEU L 4935 -28.95 33.14 -58.18
CA LEU L 4935 -27.72 33.68 -57.64
C LEU L 4935 -28.02 34.91 -56.79
N ILE L 4936 -28.72 35.87 -57.35
CA ILE L 4936 -29.00 37.11 -56.64
C ILE L 4936 -29.65 36.88 -55.28
N ILE L 4937 -30.84 36.28 -55.28
CA ILE L 4937 -31.54 36.01 -54.03
C ILE L 4937 -30.64 35.30 -53.03
N ASP L 4938 -29.89 34.31 -53.49
CA ASP L 4938 -29.00 33.57 -52.60
C ASP L 4938 -27.98 34.49 -51.94
N ALA L 4939 -27.19 35.16 -52.76
CA ALA L 4939 -26.18 36.05 -52.22
C ALA L 4939 -26.81 36.97 -51.19
N PHE L 4940 -28.12 37.15 -51.27
CA PHE L 4940 -28.78 37.97 -50.27
C PHE L 4940 -29.01 37.15 -49.00
N GLY L 4941 -29.18 35.85 -49.14
CA GLY L 4941 -29.45 35.01 -47.98
C GLY L 4941 -28.21 34.70 -47.17
N GLU L 4942 -27.10 34.38 -47.85
CA GLU L 4942 -25.86 34.07 -47.14
C GLU L 4942 -25.35 35.28 -46.38
N LEU L 4943 -25.31 36.44 -47.01
CA LEU L 4943 -24.89 37.64 -46.30
C LEU L 4943 -25.79 37.99 -45.13
N ARG L 4944 -26.95 37.33 -45.02
CA ARG L 4944 -27.80 37.43 -43.84
C ARG L 4944 -27.52 36.32 -42.82
N ASP L 4945 -26.54 35.46 -43.10
CA ASP L 4945 -26.18 34.43 -42.13
C ASP L 4945 -24.80 34.71 -41.53
N GLN L 4946 -23.87 35.25 -42.30
CA GLN L 4946 -22.58 35.64 -41.75
C GLN L 4946 -22.76 36.61 -40.59
N GLN L 4947 -23.82 37.41 -40.64
CA GLN L 4947 -24.12 38.30 -39.53
C GLN L 4947 -24.86 37.54 -38.42
N GLU L 4948 -25.30 36.32 -38.73
CA GLU L 4948 -25.97 35.50 -37.72
C GLU L 4948 -24.97 34.72 -36.89
N GLN L 4949 -24.06 34.00 -37.56
CA GLN L 4949 -23.13 33.13 -36.85
C GLN L 4949 -22.35 33.88 -35.79
N VAL L 4950 -21.98 35.12 -36.07
CA VAL L 4950 -21.26 35.95 -35.10
C VAL L 4950 -22.05 36.07 -33.82
N LYS L 4951 -23.29 36.58 -33.93
CA LYS L 4951 -24.13 36.78 -32.76
C LYS L 4951 -24.37 35.47 -32.03
N GLU L 4952 -24.42 34.36 -32.78
CA GLU L 4952 -24.56 33.04 -32.15
C GLU L 4952 -23.35 32.73 -31.29
N ASP L 4953 -22.16 32.68 -31.89
CA ASP L 4953 -21.00 32.14 -31.20
C ASP L 4953 -20.48 33.08 -30.11
N MET L 4954 -20.62 34.39 -30.31
CA MET L 4954 -20.22 35.33 -29.25
C MET L 4954 -20.98 35.04 -27.97
N GLU L 4955 -22.15 34.39 -28.10
CA GLU L 4955 -22.87 33.91 -26.93
C GLU L 4955 -22.57 32.45 -26.64
N THR L 4956 -21.60 31.86 -27.34
CA THR L 4956 -21.30 30.43 -27.15
C THR L 4956 -19.83 30.20 -26.80
N LYS L 4957 -18.92 30.99 -27.37
CA LYS L 4957 -17.51 30.82 -27.09
C LYS L 4957 -16.97 32.02 -26.34
N CYS L 4958 -15.77 31.86 -25.74
CA CYS L 4958 -15.22 32.91 -24.90
C CYS L 4958 -14.48 33.96 -25.72
N PHE L 4959 -14.04 33.60 -26.92
CA PHE L 4959 -13.30 34.45 -27.84
C PHE L 4959 -11.85 34.65 -27.40
N ILE L 4960 -11.46 34.23 -26.20
CA ILE L 4960 -10.08 34.28 -25.77
C ILE L 4960 -9.57 32.85 -25.65
N CYS L 4961 -10.26 32.06 -24.84
CA CYS L 4961 -10.07 30.61 -24.83
C CYS L 4961 -11.21 29.97 -25.63
N GLY L 4962 -10.91 28.83 -26.24
CA GLY L 4962 -11.90 28.19 -27.10
C GLY L 4962 -12.82 27.25 -26.36
N ILE L 4963 -13.13 27.57 -25.11
CA ILE L 4963 -14.02 26.77 -24.28
C ILE L 4963 -15.44 27.25 -24.49
N GLY L 4964 -16.33 26.32 -24.81
CA GLY L 4964 -17.72 26.64 -25.06
C GLY L 4964 -18.43 27.15 -23.82
N SER L 4965 -19.75 27.25 -23.92
CA SER L 4965 -20.57 27.68 -22.80
C SER L 4965 -21.00 26.52 -21.92
N ASP L 4966 -20.91 25.28 -22.39
CA ASP L 4966 -21.28 24.14 -21.56
C ASP L 4966 -20.42 24.04 -20.32
N TYR L 4967 -19.10 24.16 -20.48
CA TYR L 4967 -18.19 24.03 -19.34
C TYR L 4967 -18.45 25.12 -18.30
N PHE L 4968 -19.09 26.21 -18.71
CA PHE L 4968 -19.39 27.31 -17.79
C PHE L 4968 -20.87 27.36 -17.51
N ASP L 4969 -21.58 26.29 -17.85
CA ASP L 4969 -23.01 26.18 -17.57
C ASP L 4969 -23.29 25.32 -16.35
N THR L 4970 -22.26 24.84 -15.65
CA THR L 4970 -22.47 24.00 -14.49
C THR L 4970 -22.67 24.84 -13.23
N THR L 4971 -23.10 26.08 -13.44
CA THR L 4971 -23.39 26.99 -12.34
C THR L 4971 -24.10 28.23 -12.90
N PRO L 4972 -25.00 28.84 -12.15
CA PRO L 4972 -25.73 30.00 -12.67
C PRO L 4972 -24.78 31.10 -13.09
N HIS L 4973 -25.04 31.67 -14.27
CA HIS L 4973 -24.23 32.75 -14.79
C HIS L 4973 -22.77 32.33 -14.94
N GLY L 4974 -22.52 31.02 -14.95
CA GLY L 4974 -21.15 30.54 -15.09
C GLY L 4974 -20.45 31.12 -16.30
N PHE L 4975 -21.01 30.88 -17.49
CA PHE L 4975 -20.44 31.48 -18.69
C PHE L 4975 -20.51 33.00 -18.64
N GLU L 4976 -21.63 33.53 -18.16
CA GLU L 4976 -21.79 34.98 -18.07
C GLU L 4976 -20.72 35.59 -17.19
N THR L 4977 -20.53 35.07 -15.98
CA THR L 4977 -19.51 35.59 -15.08
C THR L 4977 -18.11 35.42 -15.66
N HIS L 4978 -17.86 34.25 -16.26
CA HIS L 4978 -16.57 33.98 -16.87
C HIS L 4978 -16.24 35.05 -17.89
N THR L 4979 -17.16 35.30 -18.82
CA THR L 4979 -16.96 36.34 -19.82
C THR L 4979 -16.81 37.71 -19.18
N LEU L 4980 -17.66 38.02 -18.21
CA LEU L 4980 -17.76 39.37 -17.67
C LEU L 4980 -16.55 39.78 -16.85
N GLU L 4981 -15.86 38.83 -16.21
CA GLU L 4981 -14.69 39.24 -15.43
C GLU L 4981 -13.42 38.47 -15.77
N GLU L 4982 -13.53 37.19 -16.04
CA GLU L 4982 -12.35 36.40 -16.38
C GLU L 4982 -11.68 36.86 -17.66
N HIS L 4983 -12.48 37.20 -18.69
CA HIS L 4983 -11.91 37.45 -20.00
C HIS L 4983 -12.51 38.62 -20.77
N ASN L 4984 -13.09 39.62 -20.10
CA ASN L 4984 -13.52 40.77 -20.90
C ASN L 4984 -12.33 41.27 -21.69
N LEU L 4985 -12.40 41.16 -23.03
CA LEU L 4985 -11.30 41.63 -23.85
C LEU L 4985 -11.06 43.12 -23.68
N ALA L 4986 -12.09 43.87 -23.27
CA ALA L 4986 -11.87 45.24 -22.86
C ALA L 4986 -10.81 45.30 -21.77
N ASN L 4987 -10.82 44.33 -20.85
CA ASN L 4987 -9.78 44.27 -19.83
C ASN L 4987 -8.40 44.14 -20.45
N TYR L 4988 -8.25 43.26 -21.44
CA TYR L 4988 -6.95 43.11 -22.10
C TYR L 4988 -6.51 44.41 -22.76
N MET L 4989 -7.42 45.07 -23.48
CA MET L 4989 -7.02 46.30 -24.16
C MET L 4989 -6.68 47.40 -23.15
N PHE L 4990 -7.32 47.37 -21.97
CA PHE L 4990 -6.96 48.31 -20.92
C PHE L 4990 -5.58 47.98 -20.35
N PHE L 4991 -5.33 46.70 -20.08
CA PHE L 4991 -4.01 46.26 -19.63
C PHE L 4991 -2.93 46.75 -20.56
N LEU L 4992 -3.16 46.68 -21.87
CA LEU L 4992 -2.15 47.16 -22.79
C LEU L 4992 -1.89 48.66 -22.59
N MET L 4993 -2.95 49.45 -22.44
CA MET L 4993 -2.76 50.87 -22.17
C MET L 4993 -2.07 51.13 -20.85
N TYR L 4994 -2.46 50.40 -19.80
CA TYR L 4994 -1.82 50.58 -18.50
C TYR L 4994 -0.32 50.28 -18.58
N LEU L 4995 0.04 49.22 -19.28
CA LEU L 4995 1.46 48.93 -19.50
C LEU L 4995 2.14 50.07 -20.26
N ILE L 4996 1.54 50.53 -21.36
CA ILE L 4996 2.17 51.56 -22.16
C ILE L 4996 2.35 52.84 -21.35
N ASN L 4997 1.48 53.08 -20.36
CA ASN L 4997 1.52 54.35 -19.65
C ASN L 4997 2.58 54.41 -18.56
N LYS L 4998 2.69 53.38 -17.73
CA LYS L 4998 3.62 53.40 -16.61
C LYS L 4998 5.05 53.17 -17.07
N ASP L 4999 5.99 53.53 -16.21
CA ASP L 4999 7.41 53.41 -16.53
C ASP L 4999 7.80 51.95 -16.71
N GLU L 5000 9.06 51.73 -17.09
CA GLU L 5000 9.57 50.38 -17.14
C GLU L 5000 10.11 49.94 -15.78
N THR L 5001 10.72 50.86 -15.03
CA THR L 5001 11.30 50.52 -13.74
C THR L 5001 10.25 50.21 -12.68
N GLU L 5002 8.98 50.22 -13.03
CA GLU L 5002 7.91 49.91 -12.08
C GLU L 5002 7.11 48.68 -12.46
N HIS L 5003 7.29 48.15 -13.66
CA HIS L 5003 6.62 46.91 -14.02
C HIS L 5003 6.99 45.82 -13.02
N THR L 5004 5.96 45.16 -12.50
CA THR L 5004 6.17 44.04 -11.59
C THR L 5004 6.70 42.85 -12.38
N GLY L 5005 6.91 41.73 -11.70
CA GLY L 5005 7.43 40.56 -12.40
C GLY L 5005 6.55 40.14 -13.57
N GLN L 5006 5.30 39.81 -13.30
CA GLN L 5006 4.41 39.35 -14.36
C GLN L 5006 4.15 40.44 -15.38
N GLU L 5007 4.01 41.70 -14.93
CA GLU L 5007 3.85 42.79 -15.88
C GLU L 5007 5.02 42.88 -16.84
N SER L 5008 6.23 43.08 -16.33
CA SER L 5008 7.39 43.16 -17.20
C SER L 5008 7.54 41.92 -18.08
N TYR L 5009 7.17 40.74 -17.56
CA TYR L 5009 7.25 39.53 -18.35
C TYR L 5009 6.33 39.59 -19.56
N VAL L 5010 5.05 39.89 -19.32
CA VAL L 5010 4.11 39.98 -20.44
C VAL L 5010 4.52 41.11 -21.37
N TRP L 5011 4.96 42.23 -20.82
CA TRP L 5011 5.35 43.36 -21.67
C TRP L 5011 6.50 42.97 -22.60
N LYS L 5012 7.56 42.37 -22.05
CA LYS L 5012 8.69 41.98 -22.88
C LYS L 5012 8.36 40.83 -23.83
N MET L 5013 7.35 40.01 -23.53
CA MET L 5013 6.85 39.11 -24.56
C MET L 5013 5.95 39.84 -25.54
N TYR L 5014 5.64 41.10 -25.30
CA TYR L 5014 4.86 41.81 -26.31
C TYR L 5014 5.79 42.64 -27.16
N GLN L 5015 6.88 43.13 -26.59
CA GLN L 5015 7.72 44.01 -27.37
C GLN L 5015 8.49 43.28 -28.47
N GLU L 5016 8.25 41.99 -28.68
CA GLU L 5016 8.83 41.25 -29.80
C GLU L 5016 7.83 40.31 -30.47
N ARG L 5017 6.54 40.47 -30.20
CA ARG L 5017 5.48 39.83 -30.99
C ARG L 5017 5.49 38.31 -30.83
N CYS L 5018 5.40 37.85 -29.59
CA CYS L 5018 5.11 36.46 -29.26
C CYS L 5018 3.80 36.40 -28.49
N TRP L 5019 2.91 35.51 -28.91
CA TRP L 5019 1.54 35.54 -28.39
C TRP L 5019 1.22 34.29 -27.60
N ASP L 5020 2.19 33.84 -26.79
CA ASP L 5020 1.99 32.66 -25.96
C ASP L 5020 1.46 33.00 -24.57
N PHE L 5021 1.13 34.27 -24.29
CA PHE L 5021 0.64 34.63 -22.97
C PHE L 5021 -0.87 34.78 -22.93
N PHE L 5022 -1.59 34.34 -23.95
CA PHE L 5022 -3.03 34.30 -23.87
C PHE L 5022 -3.48 32.91 -23.43
N PRO L 5023 -4.54 32.81 -22.63
CA PRO L 5023 -4.90 31.51 -22.03
C PRO L 5023 -5.03 30.39 -23.06
N ALA L 5024 -5.93 30.56 -24.00
CA ALA L 5024 -6.11 29.64 -25.13
C ALA L 5024 -6.06 28.19 -24.69
N GLY L 5025 -7.05 27.79 -23.90
CA GLY L 5025 -7.19 26.39 -23.56
C GLY L 5025 -7.62 26.06 -22.15
N ASP L 5026 -7.48 27.00 -21.22
CA ASP L 5026 -7.88 26.76 -19.84
C ASP L 5026 -7.88 28.07 -19.07
N CYS L 5027 -8.90 28.28 -18.24
CA CYS L 5027 -9.07 29.53 -17.51
C CYS L 5027 -9.38 29.26 -16.03
N PHE L 5028 -8.35 29.05 -15.24
CA PHE L 5028 -8.43 29.15 -13.78
C PHE L 5028 -9.54 28.30 -13.19
N ARG L 5029 -10.16 27.45 -14.00
CA ARG L 5029 -11.18 26.52 -13.52
C ARG L 5029 -11.00 25.15 -14.15
N LYS L 5030 -9.89 24.94 -14.85
CA LYS L 5030 -9.49 23.62 -15.31
C LYS L 5030 -8.22 23.15 -14.62
N GLN L 5031 -7.40 24.08 -14.13
CA GLN L 5031 -6.26 23.71 -13.30
C GLN L 5031 -6.61 23.64 -11.83
N TYR L 5032 -7.37 24.62 -11.31
CA TYR L 5032 -7.70 24.68 -9.89
C TYR L 5032 -9.20 24.49 -9.66
N GLU L 5033 -9.87 23.78 -10.57
CA GLU L 5033 -11.31 23.57 -10.39
C GLU L 5033 -11.60 22.78 -9.12
N ASP L 5034 -10.83 21.73 -8.87
CA ASP L 5034 -11.09 20.91 -7.67
C ASP L 5034 -10.78 21.66 -6.39
N GLN L 5035 -9.62 22.33 -6.32
CA GLN L 5035 -9.14 22.92 -5.10
C GLN L 5035 -9.84 24.23 -4.73
N LEU L 5036 -10.87 24.62 -5.48
CA LEU L 5036 -11.65 25.80 -5.14
C LEU L 5036 -13.12 25.50 -5.36
N SER L 5037 -13.95 25.88 -4.39
CA SER L 5037 -15.38 25.65 -4.48
C SER L 5037 -16.08 26.85 -5.13
#